data_8SEN
#
_entry.id   8SEN
#
_cell.length_a   1.00
_cell.length_b   1.00
_cell.length_c   1.00
_cell.angle_alpha   90.00
_cell.angle_beta   90.00
_cell.angle_gamma   90.00
#
_symmetry.space_group_name_H-M   'P 1'
#
loop_
_entity.id
_entity.type
_entity.pdbx_description
1 polymer 'Ryanodine receptor 1'
2 polymer 'Glutathione S-transferase class-mu 26 kDa isozyme,Peptidyl-prolyl cis-trans isomerase FKBP1B'
3 non-polymer 'ZINC ION'
#
loop_
_entity_poly.entity_id
_entity_poly.type
_entity_poly.pdbx_seq_one_letter_code
_entity_poly.pdbx_strand_id
1 'polypeptide(L)'
;MGDGGEGEDEVQFLRTDDEVVLQCSATVLKEQLKLCLAAEGFGNRLCFLEPTSNAQNVPPDLAICCFTLEQSLSVRALQE
MLANTVEAGVESSQGGGHRTLLYGHAILLRHAHSRMYLSCLTTSRSMTDKLAFDVGLQEDATGEACWWTMHPASKQRSEG
EKVRVGDDLILVSVSSERYLHLSTASGELQVDASFMQTLWNMNPICSCCEEGYVTGGHVLRLFHGHMDECLTISAADSDD
QRRLVYYEGGAVCTHARSLWRLEPLRISWSGSHLRWGQPLRIRHVTTGRYLALTEDQGLVVVDACKAHTKATSFCFRVSK
EKLDTAPKRDVEGMGPPEIKYGESLCFVQHVASGLWLTYAAPDPKALRLGVLKKKAILHQEGHMDDALFLTRCQQEESQA
ARMIHSTAGLYNQFIKGLDSFSGKPRGSGPPAGPALPIEAVILSLQDLIGYFEPPSEELQHEEKQSKLRSLRNRQSLFQE
EGMLSLVLNCIDRLNVYTTAAHFAEYAGEEAAESWKEIVNLLYELLASLIRGNRANCALFSTNLDWVVSKLDRLEASSGI
LEVLYCVLIESPEVLNIIQENHIKSIISLLDKHGRNHKVLDVLCSLCVCNGVAVRSNQDLITENLLPGRELLLQTNLINY
VTSIRPNIFVGRAEGSTQYGKWYFEVMVDEVVPFLTAQATHLRVGWALTEGYSPYPGGGEGWGGNGVGDDLYSYGFDGLH
LWTGHVARPVTSPGQHLLAPEDVVSCCLDLSVPSISFRINGCPVQGVFEAFNLDGLFFPVVSFSAGVKVRFLLGGRHGEF
KFLPPPGYAPCHEAVLPRERLRLEPIKEYRREGPRGPHLVGPSRCLSHTDFVPCPVDTVQIVLPPHLERIREKLAENIHE
LWALTRIEQGWTYGPVRDDNKRLHPCLVNFHSLPEPERNYNLQMSGETLKTLLALGCHVGMADEKAEDNLKKTKLPKTYM
MSNGYKPAPLDLSHVRLTPAQTTLVDRLAENGHNVWARDRVAQGWSYSAVQDIPARRNPRLVPYRLLDEATKRSNRDSLC
QAVRTLLGYGYNIEPPDQEPSQVENQSRWDRVRIFRAEKSYTVQSGRWYFEFEAVTTGEMRVGWARPELRPDVELGADEL
AYVFNGHRGQRWHLGSEPFGRPWQSGDVVGCMIDLTENTIIFTLNGEVLMSDSGSETAFREIEIGDGFLPVCSLGPGQVG
HLNLGQDVSSLRFFAICGLQEGFEPFAINMQRPVTTWFSKSLPQFEPVPPEHPHYEVARMDGTVDTPPCLRLAHRTWGSQ
NSLVEMLFLRLSLPVQFHQHFRCTAGATPLAPPGLQPPAEDEARAAEPDPDYENLRRSAGGWGEAEGGKEGTAKEGTPGG
TPQPGVEAQPVRAENEKDATTEKNKKRGFLFKAKKAAMMTQPPATPALPRLPHDVVPADNRDDPEIILNTTTYYYSVRVF
AGQEPSCVWVGWVTPDYHQHDMNFDLSKVRAVTVTMGDEQGNVHSSLKCSNCYMVWGGDFVSPGQQGRISHTDLVIGCLV
DLATGLMTFTANGKESNTFFQVEPNTKLFPAVFVLPTHQNVIQFELGKQKNIMPLSAAMFLSERKNPAPQCPPRLEVQML
MPVSWSRMPNHFLQVETRRAGERLGWAVQCQDPLTMMALHIPEENRCMDILELSERLDLQRFHSHTLRLYRAVCALGNNR
VAHALCSHVDQAQLLHALEDAHLPGPLRAGYYDLLISIHLESACRSRRSMLSEYIVPLTPETRAITLFPPGRKGGNARRH
GLPGVGVTTSLRPPHHFSPPCFVAALPAAGVAEAPARLSPAIPLEALRDKALRMLGEAVRDGGQHARDPVGGSVEFQFVP
VLKLVSTLLVMGIFGDEDVKQILKMIEPEVFTEEEEEEEEEEEEEEEEEEDEEEKEEDEEEEEKEDAEKEEEEAPEGEKE
DLEEGLLQMKLPESVKLQMCNLLEYFCDQELQHRVESLAAFAERYVDKLQANQRSRYALLMRAFTMSAAETARRTREFRS
PPQEQINMLLHFKDEADEEDCPLPEDIRQDLQDFHQDLLAHCGIQLEGEEEEPEEETSLSSRLRSLLETVRLVKKKEEKP
EEELPAEEKKPQSLQELVSHMVVRWAQEDYVQSPELVRAMFSLLHRQYDGLGELLRALPRAYTISPSSVEDTMSLLECLG
QIRSLLIVQMGPQEENLMIQSIGNIMNNKVFYQHPNLMRALGMHETVMEVMVNVLGGGETKEIRFPKMVTSCCRFLCYFC
RISRQNQRSMFDHLSYLLENSGIGLGMQGSTPLDVAAASVIDNNELALALQEQDLEKVVSYLAGCGLQSCPMLLAKGYPD
IGWNPCGGERYLDFLRFAVFVNGESVEENANVVVRLLIRKPECFGPALRGEGGSGLLAAIEEAIRISEDPARDGPGVRRD
RRREHFGEEPPEENRVHLGHAIMSFYAALIDLLGRCAPEMHLIQAGKGEALRIRAILRSLVPLDDLVGIISLPLQIPTLG
KDGALVQPKMSASFVPDHKASMVLFLDRVYGIENQDFLLHVLDVGFLPDMRAAASLDTATFSTTEMALALNRYLCLAVLP
LITKCAPLFAGTEHRAIMVDSMLHTVYRLSRGRSLTKAQRDVIEDCLMALCRYIRPSMLQHLLRRLVFDVPILNEFAKMP
LKLLTNHYERCWKYYCLPTGWANFGVTSEEELHLTRKLFWGIFDSLAHKKYDQELYRMAMPCLCAIAGALPPDYVDASYS
SKAEKKATVDAEGNFDPRPVETLNVIIPEKLDSFINKFAEYTHEKWAFDKIQNNWSYGENVDEELKTHPMLRPYKTFSEK
DKEIYRWPIKESLKAMIAWEWTIEKAREGEEERTEKKKTRKISQTAQTYDPREGYNPQPPDLSGVTLSRELQAMAEQLAE
NYHNTWGRKKKQELEAKGGGTHPLLVPYDTLTAKEKARDREKAQELLKFLQMNGYAVTRGLKDMELDTSSIEKRFAFGFL
QQLLRWMDISQEFIAHLEAVVSSGRVEKSPHEQEIKFFAKILLPLINQYFTNHCLYFLSTPAKVLGSGGHASNKEKEMIT
SLFCKLAALVRHRVSLFGTDAPAVVNCLHILARSLDARTVMKSGPEIVKAGLRSFFESASEDIEKMVENLRLGKVSQART
QVKGVGQNLTYTTVALLPVLTTLFQHIAQHQFGDDVILDDVQVSCYRTLCSIYSLGTTKNTYVEKLRPALGECLARLAAA
MPVAFLEPQLNEYNACSVYTTKSPRERAILGLPNSVEEMCPDIPVLDRLMADIGGLAESGARYTEMPHVIEITLPMLCSY
LPRWWERGPEAPPPALPAGAPPPCTAVTSDHLNSLLGNILRIIVNNLGIDEATWMKRLAVFAQPIVSRARPELLHSHFIP
TIGRLRKRAGKVVAEEEQLRLEAKAEAEEGELLVRDEFSVLCRDLYALYPLLIRYVDNNRAHWLTEPNANAEELFRMVGE
IFIYWSKSHNFKREEQNFVVQNEINNMSFLTADSKSKMAKAGDAQSGGSDQERTKKKRRGDRYSVQTSLIVATLKKMLPI
GLNMCAPTDQDLIMLAKTRYALKDTDEEVREFLQNNLHLQGKVEGSPSLRWQMALYRGLPGREEDADDPEKIVRRVQEVS
AVLYHLEQTEHPYKSKKAVWHKLLSKQRRRAVVACFRMTPLYNLPTHRACNMFLESYKAAWILTEDHSFEDRMIDDLSKA
GEQEEEEEEVEEKKPDPLHQLVLHFSRTALTEKSKLDEDYLYMAYADIMAKSCHLEEGGENGEAEEEEVEVSFEEKEMEK
QRLLYQQSRLHTRGAAEMVLQMISACKGETGAMVSSTLKLGISILNGGNAEVQQKMLDYLKDKKEVGFFQSIQALMQTCS
VLDLNAFERQNKAEGLGMVNEDGTVINRQNGEKVMADDEFTQDLFRFLQLLCEGHNNDFQNYLRTQTGNTTTINIIICTV
DYLLRLQESISDFYWYYSGKDVIEEQGKRNFSKAMSVAKQVFNSLTEYIQGPCTGNQQSLAHSRLWDAVVGFLHVFAHMM
MKLAQDSSQIELLKELLDLQKDMVVMLLSLLEGNVVNGMIARQMVDMLVESSSNVEMILKFFDMFLKLKDIVGSEAFQDY
VTDPRGLISKKDFQKAMDSQKQFTGPEIQFLLSCSEADENEMINFEEFANRFQEPARDIGFNVAVLLTNLSEHVPHDPRL
RNFLELAESILEYFRPYLGRIEIMGASRRIERIYFEISETNRAQWEMPQVKESKRQFIFDVVNEGGEAEKMELFVSFCED
TIFEMQIAAQISEPEGEPEADEDEGMGEAAAEGAEEGAAGAEGAAGTVAAGATARLAAAAARALRGLSYRSLRRRVRRLR
RLTAREAATALAALLWAVVARAGAAGAGAAAGALRLLWGSLFGGGLVEGAKKVTVTELLAGMPDPTSDEVHGEQPAGPGG
DADGAGEGEGEGDAAEGDGDEEVAGHEAGPGGAEGVVAVADGGPFRPEGAGGLGDMGDTTPAEPPTPEGSPILKRKLGVD
GEEEELVPEPEPEPEPEPEKADEENGEKEEVPEAPPEPPKKAPPSPPAKKEEAGGAGMEFWGELEVQRVKFLNYLSRNFY
TLRFLALFLAFAINFILLFYKVSDSPPGEDDMEGSAAGDLAGAGSGGGSGWGSGAGEEAEGDEDENMVYYFLEESTGYME
PALWCLSLLHTLVAFLCIIGYNCLKVPLVIFKREKELARKLEFDGLYITEQPGDDDVKGQWDRLVLNTPSFPSNYWDKFV
KRKVLDKHGDIFGRERIAELLGMDLASLEITAHNERKPDPPPGLLTWLMSIDVKYQIWKFGVIFTDNSFLYLGWYMVMSL
LGHYNNFFFAAHLLDIAMGVKTLRTILSSVTHNGKQLVMTVGLLAVVVYLYTVVAFNFFRKFYNKSEDEDEPDMKCDDMM
TCYLFHMYVGVRAGGGIGDEIEDPAGDEYELYRVVFDITFFFFVIVILLAIIQGLIIDAFGELRDQQEQVKEDMETKCFI
CGIGSDYFDTTPHGFETHTLEEHNLANYMFFLMYLINKDETEHTGQESYVWKMYQERCWDFFPAGDCFRKQYEDQLS
;
A,B,C,D
2 'polypeptide(L)'
;MKSSHHHHHHGSSMSPILGYWKIKGLVQPTRLLLEYLEEKYEEHLYERDEGDKWRNKKFELGLEFPNLPYYIDGDVKLTQ
SMAIIRYIADKHNMLGGCPKERAEISMLEGAVLDIRYGVSRIAYSKDFETLKVDFLSKLPEMLKMFEDRLCHKTYLNGDH
VTHPDFMLYDALDVVLYMDPMCLDAFPKLVCFKKRIEAIPQIDKYLKSSKYIAWPLQGWQATFGGGDHPPKGIEENLYFQ
SNAGVEIETISPGDGRTFPKKGQTCVVHYTGMLQNGKKFDSSRDRNKPFKFRIGKQEVIKGFEEGAAQMSLGQRAKLTCT
PDVAYGATGHPGVIPPNATLIFDVELLNLE
;
E,F,G,H
#
# COMPACT_ATOMS: atom_id res chain seq x y z
N VAL A 11 -18.96 -18.18 15.40
CA VAL A 11 -19.63 -18.43 16.68
C VAL A 11 -21.12 -18.58 16.38
N GLN A 12 -21.86 -17.47 16.50
CA GLN A 12 -23.28 -17.35 16.14
C GLN A 12 -24.15 -18.37 16.89
N PHE A 13 -24.20 -18.22 18.21
CA PHE A 13 -25.08 -19.04 19.02
C PHE A 13 -26.54 -18.66 18.82
N LEU A 14 -27.41 -19.66 18.77
CA LEU A 14 -28.84 -19.42 18.63
C LEU A 14 -29.43 -18.87 19.92
N ARG A 15 -30.62 -18.29 19.81
CA ARG A 15 -31.28 -17.66 20.94
C ARG A 15 -32.77 -17.62 20.66
N THR A 16 -33.55 -17.38 21.72
CA THR A 16 -34.98 -17.18 21.56
C THR A 16 -35.24 -15.88 20.80
N ASP A 17 -36.39 -15.83 20.13
CA ASP A 17 -36.90 -14.76 19.26
C ASP A 17 -36.10 -14.63 17.97
N ASP A 18 -35.04 -15.40 17.78
CA ASP A 18 -34.39 -15.46 16.49
C ASP A 18 -35.22 -16.27 15.52
N GLU A 19 -35.05 -15.99 14.25
CA GLU A 19 -35.84 -16.63 13.20
C GLU A 19 -35.04 -17.72 12.51
N VAL A 20 -35.59 -18.94 12.46
CA VAL A 20 -34.89 -20.10 11.94
C VAL A 20 -35.77 -20.84 10.94
N VAL A 21 -35.17 -21.82 10.27
CA VAL A 21 -35.88 -22.73 9.35
C VAL A 21 -35.36 -24.14 9.57
N LEU A 22 -36.28 -25.11 9.56
CA LEU A 22 -35.94 -26.52 9.69
C LEU A 22 -35.66 -27.15 8.32
N GLN A 23 -34.56 -27.90 8.26
CA GLN A 23 -33.95 -28.33 7.00
C GLN A 23 -33.39 -29.75 7.10
N CYS A 24 -33.86 -30.63 6.22
CA CYS A 24 -33.20 -31.91 5.98
C CYS A 24 -32.41 -31.86 4.69
N SER A 25 -31.56 -32.88 4.52
CA SER A 25 -30.81 -33.11 3.28
C SER A 25 -31.05 -34.57 2.92
N ALA A 26 -32.15 -34.82 2.21
CA ALA A 26 -32.50 -36.19 1.86
C ALA A 26 -31.78 -36.64 0.59
N THR A 27 -31.89 -37.94 0.32
CA THR A 27 -31.26 -38.56 -0.83
C THR A 27 -32.30 -39.36 -1.59
N VAL A 28 -32.59 -38.94 -2.82
CA VAL A 28 -33.47 -39.68 -3.72
C VAL A 28 -32.78 -39.76 -5.09
N LEU A 29 -32.81 -40.94 -5.70
CA LEU A 29 -32.33 -41.20 -7.07
C LEU A 29 -30.88 -40.78 -7.28
N LYS A 30 -30.05 -40.99 -6.25
CA LYS A 30 -28.61 -40.73 -6.24
C LYS A 30 -28.31 -39.25 -6.48
N GLU A 31 -28.89 -38.43 -5.59
CA GLU A 31 -28.53 -37.02 -5.45
C GLU A 31 -28.96 -36.56 -4.06
N GLN A 32 -28.37 -35.44 -3.63
CA GLN A 32 -28.55 -34.90 -2.29
C GLN A 32 -29.39 -33.63 -2.40
N LEU A 33 -30.70 -33.77 -2.19
CA LEU A 33 -31.56 -32.59 -2.24
C LEU A 33 -31.78 -32.06 -0.84
N LYS A 34 -32.08 -30.76 -0.78
CA LYS A 34 -32.28 -30.05 0.48
C LYS A 34 -33.78 -29.77 0.61
N LEU A 35 -34.33 -30.03 1.79
CA LEU A 35 -35.75 -29.88 2.05
C LEU A 35 -35.96 -29.00 3.28
N CYS A 36 -37.14 -28.40 3.36
CA CYS A 36 -37.50 -27.56 4.49
C CYS A 36 -38.94 -27.82 4.86
N LEU A 37 -39.25 -27.62 6.14
CA LEU A 37 -40.65 -27.69 6.56
C LEU A 37 -41.43 -26.48 6.11
N ALA A 38 -42.66 -26.71 5.68
CA ALA A 38 -43.57 -25.63 5.29
C ALA A 38 -45.00 -26.10 5.49
N ALA A 39 -45.86 -25.18 5.95
CA ALA A 39 -47.27 -25.46 6.15
C ALA A 39 -48.01 -24.13 6.15
N GLU A 40 -49.07 -24.04 5.35
CA GLU A 40 -49.86 -22.80 5.27
C GLU A 40 -50.56 -22.50 6.58
N GLY A 41 -51.21 -23.49 7.17
CA GLY A 41 -51.95 -23.32 8.41
C GLY A 41 -53.40 -22.93 8.24
N PHE A 42 -53.68 -21.97 7.35
CA PHE A 42 -55.04 -21.55 7.06
C PHE A 42 -55.62 -22.50 6.02
N GLY A 43 -56.42 -23.47 6.47
CA GLY A 43 -57.04 -24.43 5.61
C GLY A 43 -56.28 -25.73 5.48
N ASN A 44 -55.00 -25.74 5.83
CA ASN A 44 -54.17 -26.94 5.79
C ASN A 44 -53.25 -26.92 7.00
N ARG A 45 -53.65 -27.63 8.05
CA ARG A 45 -52.85 -27.67 9.27
C ARG A 45 -51.63 -28.55 9.10
N LEU A 46 -51.74 -29.60 8.29
CA LEU A 46 -50.66 -30.57 8.12
C LEU A 46 -49.46 -29.96 7.42
N CYS A 47 -48.28 -30.45 7.77
CA CYS A 47 -47.03 -29.96 7.22
C CYS A 47 -46.65 -30.71 5.95
N PHE A 48 -45.69 -30.15 5.24
CA PHE A 48 -45.14 -30.75 4.03
C PHE A 48 -43.74 -30.22 3.82
N LEU A 49 -43.07 -30.76 2.80
CA LEU A 49 -41.68 -30.44 2.51
C LEU A 49 -41.59 -29.63 1.23
N GLU A 50 -40.91 -28.50 1.30
CA GLU A 50 -40.68 -27.69 0.11
C GLU A 50 -39.20 -27.74 -0.26
N PRO A 51 -38.82 -28.44 -1.33
CA PRO A 51 -37.40 -28.54 -1.70
C PRO A 51 -36.80 -27.18 -2.03
N THR A 52 -35.54 -27.01 -1.63
CA THR A 52 -34.83 -25.76 -1.84
C THR A 52 -33.46 -25.94 -2.47
N SER A 53 -33.08 -27.17 -2.84
CA SER A 53 -31.78 -27.41 -3.47
C SER A 53 -31.69 -26.72 -4.83
N ASN A 54 -32.77 -26.80 -5.63
CA ASN A 54 -32.81 -26.18 -6.95
C ASN A 54 -33.19 -24.71 -6.80
N ALA A 55 -32.24 -23.94 -6.27
CA ALA A 55 -32.44 -22.53 -5.94
C ALA A 55 -32.20 -21.59 -7.12
N GLN A 56 -31.85 -22.10 -8.29
CA GLN A 56 -31.57 -21.27 -9.45
C GLN A 56 -32.66 -21.36 -10.52
N ASN A 57 -33.09 -22.57 -10.87
CA ASN A 57 -34.14 -22.73 -11.87
C ASN A 57 -35.48 -22.22 -11.36
N VAL A 58 -35.84 -22.59 -10.13
CA VAL A 58 -37.07 -22.15 -9.50
C VAL A 58 -36.79 -21.54 -8.13
N PRO A 59 -37.17 -20.29 -7.88
CA PRO A 59 -36.99 -19.72 -6.56
C PRO A 59 -37.82 -20.47 -5.54
N PRO A 60 -37.33 -20.58 -4.31
CA PRO A 60 -38.04 -21.36 -3.29
C PRO A 60 -39.24 -20.58 -2.75
N ASP A 61 -39.99 -21.24 -1.87
CA ASP A 61 -41.16 -20.66 -1.22
C ASP A 61 -40.87 -20.53 0.27
N LEU A 62 -40.24 -19.43 0.66
CA LEU A 62 -39.89 -19.19 2.05
C LEU A 62 -40.93 -18.37 2.79
N ALA A 63 -42.04 -18.04 2.14
CA ALA A 63 -43.12 -17.33 2.83
C ALA A 63 -43.80 -18.18 3.88
N ILE A 64 -43.72 -19.51 3.76
CA ILE A 64 -44.36 -20.43 4.70
C ILE A 64 -43.38 -21.34 5.42
N CYS A 65 -42.11 -21.35 5.03
CA CYS A 65 -41.09 -22.14 5.72
C CYS A 65 -40.58 -21.48 6.98
N CYS A 66 -41.02 -20.27 7.29
CA CYS A 66 -40.46 -19.50 8.39
C CYS A 66 -40.98 -19.97 9.74
N PHE A 67 -40.07 -20.19 10.68
CA PHE A 67 -40.41 -20.61 12.04
C PHE A 67 -39.67 -19.77 13.08
N THR A 68 -40.39 -19.36 14.12
CA THR A 68 -39.87 -18.49 15.16
C THR A 68 -39.77 -19.25 16.48
N LEU A 69 -38.68 -19.04 17.20
CA LEU A 69 -38.42 -19.66 18.49
C LEU A 69 -39.02 -18.77 19.57
N GLU A 70 -40.14 -19.18 20.15
CA GLU A 70 -40.77 -18.32 21.15
C GLU A 70 -40.13 -18.48 22.52
N GLN A 71 -40.16 -19.68 23.08
CA GLN A 71 -39.62 -19.93 24.41
C GLN A 71 -38.75 -21.17 24.40
N SER A 72 -37.66 -21.13 25.16
CA SER A 72 -36.79 -22.28 25.34
C SER A 72 -36.63 -22.54 26.82
N LEU A 73 -37.01 -23.74 27.25
CA LEU A 73 -37.00 -24.12 28.66
C LEU A 73 -36.43 -25.52 28.80
N SER A 74 -35.87 -25.81 29.96
CA SER A 74 -35.45 -27.18 30.23
C SER A 74 -36.68 -28.06 30.44
N VAL A 75 -36.46 -29.37 30.21
CA VAL A 75 -37.55 -30.36 30.22
C VAL A 75 -38.24 -30.41 31.58
N ARG A 76 -37.45 -30.38 32.66
CA ARG A 76 -38.03 -30.49 33.98
C ARG A 76 -38.77 -29.21 34.36
N ALA A 77 -38.16 -28.06 34.10
CA ALA A 77 -38.81 -26.77 34.39
C ALA A 77 -40.06 -26.55 33.54
N LEU A 78 -40.17 -27.20 32.39
CA LEU A 78 -41.38 -27.14 31.57
C LEU A 78 -42.58 -27.73 32.29
N GLN A 79 -42.35 -28.71 33.17
CA GLN A 79 -43.43 -29.41 33.87
C GLN A 79 -44.21 -28.47 34.77
N GLU A 80 -43.52 -27.64 35.56
CA GLU A 80 -44.21 -26.75 36.49
C GLU A 80 -45.03 -25.71 35.74
N MET A 81 -44.48 -25.16 34.64
CA MET A 81 -45.21 -24.20 33.82
C MET A 81 -46.46 -24.83 33.21
N LEU A 82 -46.33 -26.08 32.72
CA LEU A 82 -47.49 -26.79 32.20
C LEU A 82 -48.52 -27.06 33.30
N ALA A 83 -48.04 -27.41 34.50
CA ALA A 83 -48.93 -27.72 35.62
C ALA A 83 -49.73 -26.50 36.04
N ASN A 84 -49.09 -25.34 36.09
CA ASN A 84 -49.78 -24.12 36.50
C ASN A 84 -50.50 -23.48 35.32
N HIS A 98 -34.60 -12.98 25.98
CA HIS A 98 -33.59 -13.49 25.05
C HIS A 98 -32.68 -14.53 25.71
N ARG A 99 -33.22 -15.72 25.90
CA ARG A 99 -32.47 -16.81 26.50
C ARG A 99 -31.76 -17.60 25.41
N THR A 100 -30.48 -17.88 25.62
CA THR A 100 -29.72 -18.67 24.67
C THR A 100 -30.23 -20.11 24.65
N LEU A 101 -30.31 -20.68 23.45
CA LEU A 101 -30.77 -22.05 23.30
C LEU A 101 -29.72 -23.01 23.82
N LEU A 102 -30.14 -23.90 24.71
CA LEU A 102 -29.26 -24.88 25.33
C LEU A 102 -29.68 -26.28 24.91
N TYR A 103 -28.69 -27.17 24.76
CA TYR A 103 -28.95 -28.54 24.38
C TYR A 103 -29.79 -29.25 25.43
N GLY A 104 -30.71 -30.10 24.97
CA GLY A 104 -31.61 -30.77 25.86
C GLY A 104 -32.78 -29.95 26.36
N HIS A 105 -32.93 -28.72 25.89
CA HIS A 105 -34.05 -27.88 26.31
C HIS A 105 -35.30 -28.23 25.50
N ALA A 106 -36.40 -27.56 25.83
CA ALA A 106 -37.66 -27.68 25.11
C ALA A 106 -37.99 -26.35 24.46
N ILE A 107 -38.33 -26.40 23.16
CA ILE A 107 -38.54 -25.19 22.37
C ILE A 107 -39.99 -25.13 21.91
N LEU A 108 -40.42 -23.92 21.56
CA LEU A 108 -41.76 -23.66 21.05
C LEU A 108 -41.67 -23.00 19.68
N LEU A 109 -42.00 -23.78 18.64
CA LEU A 109 -41.91 -23.33 17.25
C LEU A 109 -43.23 -22.72 16.80
N ARG A 110 -43.21 -21.44 16.47
CA ARG A 110 -44.39 -20.71 16.03
C ARG A 110 -44.22 -20.28 14.58
N HIS A 111 -45.19 -20.62 13.74
CA HIS A 111 -45.15 -20.23 12.34
C HIS A 111 -45.22 -18.70 12.22
N ALA A 112 -44.42 -18.15 11.32
CA ALA A 112 -44.39 -16.69 11.19
C ALA A 112 -45.64 -16.18 10.49
N HIS A 113 -46.08 -16.85 9.43
CA HIS A 113 -47.21 -16.36 8.65
C HIS A 113 -48.53 -16.58 9.38
N SER A 114 -48.83 -17.83 9.72
CA SER A 114 -50.15 -18.16 10.27
C SER A 114 -50.26 -18.02 11.77
N ARG A 115 -49.15 -17.78 12.48
CA ARG A 115 -49.07 -17.62 13.94
C ARG A 115 -49.52 -18.86 14.71
N MET A 116 -49.68 -20.00 14.06
CA MET A 116 -50.00 -21.25 14.71
C MET A 116 -48.73 -21.91 15.24
N TYR A 117 -48.90 -22.86 16.16
CA TYR A 117 -47.76 -23.50 16.78
C TYR A 117 -47.60 -24.91 16.21
N LEU A 118 -46.34 -25.27 15.92
CA LEU A 118 -46.04 -26.62 15.48
C LEU A 118 -46.26 -27.60 16.63
N SER A 119 -46.97 -28.69 16.35
CA SER A 119 -47.25 -29.68 17.37
C SER A 119 -47.45 -31.04 16.74
N CYS A 120 -47.30 -32.08 17.56
CA CYS A 120 -47.51 -33.46 17.14
C CYS A 120 -48.98 -33.77 17.27
N LEU A 121 -49.70 -33.79 16.14
CA LEU A 121 -51.13 -34.05 16.14
C LEU A 121 -51.42 -35.47 16.57
N THR A 122 -52.55 -35.65 17.25
CA THR A 122 -52.95 -36.97 17.74
C THR A 122 -53.46 -37.90 16.66
N THR A 123 -53.66 -37.41 15.44
CA THR A 123 -54.17 -38.23 14.34
C THR A 123 -53.00 -38.89 13.60
N SER A 124 -53.30 -39.52 12.47
CA SER A 124 -52.31 -40.14 11.59
C SER A 124 -52.95 -40.45 10.24
N ARG A 125 -52.30 -40.04 9.15
CA ARG A 125 -52.82 -40.27 7.80
C ARG A 125 -51.87 -41.04 6.91
N SER A 126 -50.70 -41.42 7.40
CA SER A 126 -49.78 -42.26 6.64
C SER A 126 -50.26 -43.70 6.72
N MET A 127 -50.77 -44.24 5.61
CA MET A 127 -51.30 -45.59 5.60
C MET A 127 -50.23 -46.65 5.43
N THR A 128 -49.01 -46.26 5.07
CA THR A 128 -47.92 -47.23 4.90
C THR A 128 -47.47 -47.80 6.24
N ASP A 129 -47.66 -47.05 7.32
CA ASP A 129 -47.15 -47.45 8.62
C ASP A 129 -48.11 -47.03 9.72
N LYS A 130 -48.03 -47.70 10.86
CA LYS A 130 -48.79 -47.29 12.02
C LYS A 130 -47.84 -46.59 12.99
N LEU A 131 -48.39 -46.17 14.14
CA LEU A 131 -47.68 -45.56 15.29
C LEU A 131 -46.78 -44.38 14.90
N ALA A 132 -47.01 -43.76 13.74
CA ALA A 132 -46.24 -42.62 13.26
C ALA A 132 -47.20 -41.45 13.05
N PHE A 133 -47.37 -40.64 14.08
CA PHE A 133 -48.29 -39.51 14.04
C PHE A 133 -47.78 -38.44 13.07
N ASP A 134 -48.72 -37.69 12.50
CA ASP A 134 -48.39 -36.67 11.52
C ASP A 134 -48.34 -35.30 12.20
N VAL A 135 -47.28 -34.57 11.94
CA VAL A 135 -47.07 -33.27 12.56
C VAL A 135 -47.96 -32.24 11.87
N GLY A 136 -48.36 -31.21 12.61
CA GLY A 136 -49.18 -30.17 12.05
C GLY A 136 -49.14 -28.92 12.90
N LEU A 137 -49.96 -27.95 12.51
CA LEU A 137 -50.03 -26.69 13.22
C LEU A 137 -51.21 -26.68 14.18
N GLN A 138 -50.99 -26.09 15.36
CA GLN A 138 -51.99 -26.00 16.41
C GLN A 138 -52.26 -24.54 16.72
N GLU A 139 -53.53 -24.25 17.05
CA GLU A 139 -53.98 -22.88 17.25
C GLU A 139 -53.30 -22.23 18.46
N ASP A 140 -53.20 -22.96 19.55
CA ASP A 140 -52.73 -22.40 20.81
C ASP A 140 -51.57 -23.22 21.36
N ALA A 141 -50.78 -22.59 22.22
CA ALA A 141 -49.61 -23.20 22.81
C ALA A 141 -49.92 -24.07 24.03
N THR A 142 -51.20 -24.19 24.40
CA THR A 142 -51.59 -24.99 25.55
C THR A 142 -51.32 -26.47 25.31
N GLY A 143 -51.00 -27.18 26.38
CA GLY A 143 -50.66 -28.58 26.32
C GLY A 143 -49.19 -28.82 26.02
N GLU A 144 -48.82 -30.09 26.08
CA GLU A 144 -47.44 -30.50 25.85
C GLU A 144 -47.16 -30.88 24.41
N ALA A 145 -48.16 -30.82 23.54
CA ALA A 145 -47.98 -31.22 22.15
C ALA A 145 -47.12 -30.22 21.38
N CYS A 146 -47.18 -28.95 21.76
CA CYS A 146 -46.48 -27.89 21.03
C CYS A 146 -45.02 -27.77 21.40
N TRP A 147 -44.52 -28.57 22.33
CA TRP A 147 -43.15 -28.46 22.81
C TRP A 147 -42.31 -29.58 22.22
N TRP A 148 -41.16 -29.22 21.66
CA TRP A 148 -40.20 -30.17 21.12
C TRP A 148 -38.89 -30.04 21.87
N THR A 149 -38.21 -31.17 22.05
CA THR A 149 -36.92 -31.19 22.71
C THR A 149 -35.82 -31.57 21.72
N MET A 150 -34.77 -30.76 21.67
CA MET A 150 -33.67 -31.00 20.75
C MET A 150 -32.51 -31.65 21.49
N HIS A 151 -31.87 -32.62 20.83
CA HIS A 151 -30.80 -33.37 21.43
C HIS A 151 -29.54 -33.26 20.58
N PRO A 152 -28.35 -33.41 21.16
CA PRO A 152 -27.12 -33.43 20.36
C PRO A 152 -27.13 -34.57 19.37
N ALA A 153 -26.57 -34.32 18.18
CA ALA A 153 -26.52 -35.33 17.13
C ALA A 153 -25.68 -36.54 17.53
N SER A 154 -24.51 -36.28 18.11
CA SER A 154 -23.61 -37.37 18.50
C SER A 154 -22.80 -36.88 19.69
N LYS A 155 -21.72 -37.60 19.99
CA LYS A 155 -20.85 -37.28 21.12
C LYS A 155 -20.08 -35.98 20.94
N GLN A 156 -20.05 -35.40 19.73
CA GLN A 156 -19.36 -34.13 19.52
C GLN A 156 -20.00 -32.97 20.27
N ARG A 157 -21.24 -33.13 20.72
CA ARG A 157 -21.95 -32.14 21.52
C ARG A 157 -22.58 -32.84 22.71
N SER A 158 -22.77 -32.08 23.78
CA SER A 158 -23.31 -32.61 25.02
C SER A 158 -24.46 -31.74 25.50
N GLU A 159 -25.34 -32.36 26.29
CA GLU A 159 -26.47 -31.63 26.86
C GLU A 159 -25.98 -30.58 27.85
N GLY A 160 -26.58 -29.40 27.79
CA GLY A 160 -26.24 -28.32 28.71
C GLY A 160 -25.34 -27.25 28.17
N GLU A 161 -24.97 -27.31 26.89
CA GLU A 161 -24.17 -26.28 26.26
C GLU A 161 -24.97 -25.65 25.13
N LYS A 162 -24.67 -24.37 24.88
CA LYS A 162 -25.39 -23.62 23.86
C LYS A 162 -25.11 -24.17 22.46
N VAL A 163 -26.13 -24.08 21.61
CA VAL A 163 -26.08 -24.59 20.25
C VAL A 163 -25.70 -23.47 19.29
N ARG A 164 -24.80 -23.77 18.37
CA ARG A 164 -24.36 -22.84 17.34
C ARG A 164 -25.12 -23.13 16.06
N VAL A 165 -25.07 -22.17 15.13
CA VAL A 165 -25.75 -22.33 13.85
C VAL A 165 -25.11 -23.47 13.06
N GLY A 166 -25.89 -24.07 12.17
CA GLY A 166 -25.41 -25.18 11.37
C GLY A 166 -25.22 -26.49 12.11
N ASP A 167 -25.51 -26.53 13.41
CA ASP A 167 -25.36 -27.76 14.17
C ASP A 167 -26.40 -28.79 13.74
N ASP A 168 -25.95 -30.04 13.63
CA ASP A 168 -26.87 -31.14 13.37
C ASP A 168 -27.67 -31.44 14.62
N LEU A 169 -28.99 -31.58 14.47
CA LEU A 169 -29.88 -31.71 15.61
C LEU A 169 -30.79 -32.92 15.46
N ILE A 170 -31.35 -33.34 16.59
CA ILE A 170 -32.37 -34.38 16.65
C ILE A 170 -33.49 -33.85 17.55
N LEU A 171 -34.70 -33.76 17.01
CA LEU A 171 -35.84 -33.17 17.71
C LEU A 171 -36.79 -34.25 18.19
N VAL A 172 -37.14 -34.20 19.47
CA VAL A 172 -38.00 -35.19 20.11
C VAL A 172 -39.21 -34.48 20.68
N SER A 173 -40.40 -35.02 20.41
CA SER A 173 -41.65 -34.51 20.94
C SER A 173 -41.70 -34.62 22.46
N VAL A 174 -42.47 -33.74 23.08
CA VAL A 174 -42.68 -33.86 24.52
C VAL A 174 -43.89 -34.73 24.81
N SER A 175 -44.96 -34.57 24.04
CA SER A 175 -46.21 -35.29 24.31
C SER A 175 -46.09 -36.77 23.97
N SER A 176 -45.50 -37.10 22.83
CA SER A 176 -45.43 -38.49 22.39
C SER A 176 -44.02 -39.06 22.39
N GLU A 177 -43.00 -38.21 22.56
CA GLU A 177 -41.57 -38.51 22.40
C GLU A 177 -41.27 -39.45 21.24
N ARG A 178 -41.85 -39.12 20.10
CA ARG A 178 -41.48 -39.70 18.82
C ARG A 178 -40.60 -38.70 18.09
N TYR A 179 -39.61 -39.22 17.38
CA TYR A 179 -38.68 -38.39 16.64
C TYR A 179 -39.38 -37.71 15.47
N LEU A 180 -38.93 -36.51 15.13
CA LEU A 180 -39.55 -35.75 14.05
C LEU A 180 -38.90 -36.24 12.75
N HIS A 181 -39.51 -37.25 12.16
CA HIS A 181 -38.98 -38.00 11.03
C HIS A 181 -39.56 -37.50 9.70
N LEU A 182 -38.99 -38.00 8.60
CA LEU A 182 -39.57 -37.85 7.28
C LEU A 182 -39.75 -39.25 6.70
N SER A 183 -40.98 -39.58 6.31
CA SER A 183 -41.30 -40.93 5.86
C SER A 183 -41.06 -40.99 4.36
N THR A 184 -39.78 -41.17 4.01
CA THR A 184 -39.34 -41.34 2.63
C THR A 184 -39.81 -42.65 2.01
N ALA A 185 -40.27 -43.61 2.83
CA ALA A 185 -40.74 -44.91 2.34
C ALA A 185 -41.94 -44.77 1.42
N SER A 186 -42.78 -43.77 1.64
CA SER A 186 -43.96 -43.52 0.82
C SER A 186 -43.55 -43.02 -0.57
N GLY A 187 -44.57 -42.82 -1.42
CA GLY A 187 -44.33 -42.36 -2.78
C GLY A 187 -43.68 -40.99 -2.83
N GLU A 188 -44.17 -40.06 -2.02
CA GLU A 188 -43.60 -38.73 -1.94
C GLU A 188 -42.75 -38.64 -0.67
N LEU A 189 -42.26 -37.45 -0.36
CA LEU A 189 -41.41 -37.21 0.80
C LEU A 189 -42.23 -36.47 1.85
N GLN A 190 -42.86 -37.23 2.75
CA GLN A 190 -43.73 -36.66 3.78
C GLN A 190 -42.91 -36.40 5.04
N VAL A 191 -43.60 -35.97 6.10
CA VAL A 191 -43.01 -35.79 7.42
C VAL A 191 -43.97 -36.40 8.44
N ASP A 192 -43.44 -37.20 9.36
CA ASP A 192 -44.26 -37.84 10.38
C ASP A 192 -43.45 -37.90 11.67
N ALA A 193 -44.15 -38.07 12.78
CA ALA A 193 -43.51 -38.25 14.08
C ALA A 193 -43.43 -39.74 14.37
N SER A 194 -42.25 -40.33 14.21
CA SER A 194 -42.07 -41.75 14.39
C SER A 194 -40.86 -42.00 15.29
N PHE A 195 -40.44 -43.26 15.39
CA PHE A 195 -39.36 -43.65 16.28
C PHE A 195 -37.99 -43.66 15.61
N MET A 196 -37.92 -43.36 14.33
CA MET A 196 -36.67 -43.31 13.58
C MET A 196 -36.19 -41.86 13.51
N GLN A 197 -35.05 -41.58 14.15
CA GLN A 197 -34.56 -40.21 14.25
C GLN A 197 -34.11 -39.67 12.90
N THR A 198 -34.21 -38.35 12.76
CA THR A 198 -33.76 -37.63 11.58
C THR A 198 -32.90 -36.45 12.01
N LEU A 199 -31.92 -36.12 11.19
CA LEU A 199 -30.94 -35.09 11.49
C LEU A 199 -31.42 -33.77 10.88
N TRP A 200 -31.87 -32.85 11.73
CA TRP A 200 -32.41 -31.58 11.29
C TRP A 200 -31.42 -30.44 11.47
N ASN A 201 -31.51 -29.46 10.58
CA ASN A 201 -30.69 -28.25 10.63
C ASN A 201 -31.58 -27.04 10.86
N MET A 202 -31.19 -26.19 11.81
CA MET A 202 -31.88 -24.94 12.08
C MET A 202 -31.07 -23.80 11.45
N ASN A 203 -31.31 -23.58 10.17
CA ASN A 203 -30.60 -22.48 9.51
C ASN A 203 -31.19 -21.13 9.91
N PRO A 204 -30.37 -20.20 10.38
CA PRO A 204 -30.89 -18.89 10.77
C PRO A 204 -31.34 -18.09 9.56
N ILE A 205 -32.29 -17.19 9.80
CA ILE A 205 -32.81 -16.28 8.79
C ILE A 205 -32.62 -14.83 9.21
N CYS A 206 -33.00 -14.51 10.44
CA CYS A 206 -32.88 -13.18 11.00
C CYS A 206 -32.67 -13.28 12.50
N SER A 207 -31.99 -12.28 13.07
CA SER A 207 -31.78 -12.20 14.50
C SER A 207 -32.49 -11.03 15.14
N CYS A 208 -32.21 -9.80 14.69
CA CYS A 208 -32.83 -8.57 15.17
C CYS A 208 -32.47 -7.43 14.24
N CYS A 209 -33.46 -6.62 13.90
CA CYS A 209 -33.28 -5.48 13.01
C CYS A 209 -33.51 -4.17 13.76
N GLU A 210 -32.72 -3.15 13.43
CA GLU A 210 -32.91 -1.85 14.03
C GLU A 210 -34.18 -1.20 13.50
N GLU A 211 -34.59 -0.11 14.15
CA GLU A 211 -35.80 0.60 13.77
C GLU A 211 -35.68 1.18 12.37
N GLY A 212 -36.60 0.79 11.50
CA GLY A 212 -36.69 1.34 10.16
C GLY A 212 -35.53 1.03 9.24
N TYR A 213 -35.09 -0.22 9.20
CA TYR A 213 -34.10 -0.65 8.22
C TYR A 213 -34.67 -1.79 7.40
N VAL A 214 -34.31 -1.81 6.11
CA VAL A 214 -34.89 -2.75 5.17
C VAL A 214 -34.04 -4.00 5.13
N THR A 215 -34.68 -5.17 5.23
CA THR A 215 -34.01 -6.45 5.25
C THR A 215 -34.67 -7.41 4.26
N GLY A 216 -33.96 -8.49 3.97
CA GLY A 216 -34.46 -9.49 3.05
C GLY A 216 -35.66 -10.24 3.61
N GLY A 217 -36.50 -10.74 2.70
CA GLY A 217 -37.70 -11.46 3.06
C GLY A 217 -38.88 -10.60 3.42
N HIS A 218 -38.69 -9.28 3.53
CA HIS A 218 -39.76 -8.38 3.92
C HIS A 218 -40.75 -8.16 2.78
N VAL A 219 -41.98 -7.81 3.18
CA VAL A 219 -43.06 -7.42 2.28
C VAL A 219 -43.28 -5.92 2.48
N LEU A 220 -43.23 -5.18 1.39
CA LEU A 220 -43.20 -3.72 1.48
C LEU A 220 -43.68 -3.12 0.16
N ARG A 221 -43.95 -1.82 0.22
CA ARG A 221 -44.35 -1.07 -0.96
C ARG A 221 -43.19 -0.19 -1.45
N LEU A 222 -43.12 -0.06 -2.78
CA LEU A 222 -42.10 0.72 -3.49
C LEU A 222 -42.73 2.04 -3.95
N PHE A 223 -42.58 3.08 -3.14
CA PHE A 223 -43.09 4.39 -3.56
C PHE A 223 -42.09 5.17 -4.38
N HIS A 224 -42.59 5.82 -5.43
CA HIS A 224 -41.77 6.76 -6.19
C HIS A 224 -41.43 7.96 -5.29
N GLY A 225 -40.43 8.76 -5.71
CA GLY A 225 -39.99 9.91 -4.94
C GLY A 225 -41.07 10.93 -4.63
N HIS A 226 -42.09 11.02 -5.50
CA HIS A 226 -43.21 11.93 -5.29
C HIS A 226 -44.08 11.55 -4.08
N MET A 227 -43.96 10.31 -3.58
CA MET A 227 -44.75 9.66 -2.54
C MET A 227 -46.20 9.41 -2.96
N ASP A 228 -46.52 9.53 -4.24
CA ASP A 228 -47.85 9.23 -4.73
C ASP A 228 -47.87 8.16 -5.81
N GLU A 229 -46.80 7.97 -6.56
CA GLU A 229 -46.72 6.86 -7.49
C GLU A 229 -46.09 5.66 -6.78
N CYS A 230 -46.51 4.47 -7.20
CA CYS A 230 -46.24 3.24 -6.47
C CYS A 230 -46.49 2.05 -7.38
N LEU A 231 -45.50 1.16 -7.43
CA LEU A 231 -45.47 0.06 -8.38
C LEU A 231 -46.61 -0.89 -8.10
N THR A 232 -47.48 -1.09 -9.09
CA THR A 232 -48.58 -2.05 -9.00
C THR A 232 -48.68 -2.80 -10.31
N ILE A 233 -49.08 -4.06 -10.23
CA ILE A 233 -49.48 -4.78 -11.44
C ILE A 233 -50.96 -4.51 -11.66
N SER A 234 -51.46 -4.87 -12.84
CA SER A 234 -52.87 -4.68 -13.20
C SER A 234 -53.82 -5.33 -12.20
N ALA A 235 -55.03 -4.77 -12.12
CA ALA A 235 -56.02 -5.25 -11.17
C ALA A 235 -56.53 -6.63 -11.58
N ALA A 236 -57.28 -7.25 -10.67
CA ALA A 236 -57.76 -8.60 -10.85
C ALA A 236 -58.77 -8.70 -11.99
N ASP A 237 -58.74 -9.85 -12.68
CA ASP A 237 -59.66 -10.21 -13.76
C ASP A 237 -59.61 -9.19 -14.90
N SER A 238 -58.44 -9.11 -15.53
CA SER A 238 -58.20 -8.17 -16.62
C SER A 238 -57.60 -8.89 -17.81
N ASP A 239 -57.71 -8.24 -18.97
CA ASP A 239 -57.17 -8.78 -20.22
C ASP A 239 -55.65 -8.91 -20.19
N ASP A 240 -54.97 -8.02 -19.47
CA ASP A 240 -53.51 -8.01 -19.36
C ASP A 240 -52.95 -9.24 -18.64
N GLN A 241 -53.82 -10.02 -17.96
CA GLN A 241 -53.46 -11.17 -17.13
C GLN A 241 -52.56 -10.77 -15.96
N ARG A 242 -52.66 -9.49 -15.55
CA ARG A 242 -51.93 -8.90 -14.43
C ARG A 242 -50.42 -9.08 -14.59
N ARG A 243 -49.92 -8.87 -15.81
CA ARG A 243 -48.52 -9.14 -16.13
C ARG A 243 -47.75 -7.89 -16.56
N LEU A 244 -48.25 -6.70 -16.29
CA LEU A 244 -47.54 -5.47 -16.63
C LEU A 244 -47.43 -4.59 -15.39
N VAL A 245 -46.22 -4.09 -15.13
CA VAL A 245 -45.97 -3.23 -13.98
C VAL A 245 -46.28 -1.79 -14.35
N TYR A 246 -46.79 -1.03 -13.37
CA TYR A 246 -47.13 0.37 -13.55
C TYR A 246 -46.70 1.15 -12.31
N TYR A 247 -46.42 2.43 -12.52
CA TYR A 247 -46.21 3.42 -11.47
C TYR A 247 -47.54 4.07 -11.11
N GLU A 248 -48.53 3.22 -10.78
CA GLU A 248 -49.89 3.70 -10.54
C GLU A 248 -49.96 4.52 -9.27
N GLY A 249 -50.99 5.37 -9.17
CA GLY A 249 -51.15 6.20 -7.99
C GLY A 249 -52.57 6.20 -7.49
N GLY A 250 -52.80 7.02 -6.47
CA GLY A 250 -54.11 7.15 -5.86
C GLY A 250 -54.31 6.20 -4.70
N ALA A 251 -55.50 5.60 -4.62
CA ALA A 251 -55.84 4.66 -3.56
C ALA A 251 -55.54 3.22 -3.94
N VAL A 252 -54.91 3.02 -5.11
CA VAL A 252 -54.62 1.67 -5.59
C VAL A 252 -53.59 0.98 -4.69
N CYS A 253 -52.58 1.70 -4.22
CA CYS A 253 -51.55 1.09 -3.40
C CYS A 253 -51.77 1.33 -1.90
N THR A 254 -53.03 1.37 -1.48
CA THR A 254 -53.42 0.99 -0.14
C THR A 254 -54.07 -0.39 -0.14
N HIS A 255 -54.18 -1.00 -1.32
CA HIS A 255 -54.74 -2.33 -1.48
C HIS A 255 -53.61 -3.36 -1.35
N ALA A 256 -53.90 -4.59 -1.76
CA ALA A 256 -52.93 -5.68 -1.66
C ALA A 256 -52.12 -5.90 -2.93
N ARG A 257 -52.50 -5.29 -4.05
CA ARG A 257 -51.83 -5.56 -5.31
C ARG A 257 -50.46 -4.92 -5.43
N SER A 258 -50.05 -4.07 -4.48
CA SER A 258 -48.79 -3.36 -4.58
C SER A 258 -47.75 -3.87 -3.60
N LEU A 259 -47.89 -5.10 -3.10
CA LEU A 259 -46.98 -5.60 -2.07
C LEU A 259 -45.94 -6.52 -2.69
N TRP A 260 -44.67 -6.13 -2.54
CA TRP A 260 -43.54 -6.89 -3.04
C TRP A 260 -42.71 -7.41 -1.89
N ARG A 261 -42.21 -8.62 -2.05
CA ARG A 261 -41.37 -9.30 -1.08
C ARG A 261 -39.96 -9.44 -1.68
N LEU A 262 -38.98 -8.91 -0.96
CA LEU A 262 -37.57 -8.92 -1.35
C LEU A 262 -37.00 -10.30 -1.03
N GLU A 263 -36.85 -11.15 -2.05
CA GLU A 263 -36.38 -12.51 -1.78
C GLU A 263 -34.96 -12.71 -2.26
N PRO A 264 -33.93 -12.65 -1.37
CA PRO A 264 -32.54 -12.78 -1.85
C PRO A 264 -32.18 -14.17 -2.36
N LEU A 265 -30.92 -14.31 -2.79
CA LEU A 265 -30.42 -15.54 -3.40
C LEU A 265 -29.82 -16.50 -2.38
N ARG A 266 -29.88 -16.16 -1.10
CA ARG A 266 -29.24 -16.94 -0.04
C ARG A 266 -30.31 -17.51 0.88
N ILE A 267 -30.22 -18.80 1.17
CA ILE A 267 -31.21 -19.42 2.05
C ILE A 267 -30.92 -19.05 3.49
N SER A 268 -29.75 -19.43 3.99
CA SER A 268 -29.34 -19.02 5.33
C SER A 268 -29.09 -17.52 5.36
N TRP A 269 -29.48 -16.89 6.48
CA TRP A 269 -29.39 -15.44 6.69
C TRP A 269 -30.13 -14.65 5.60
N SER A 270 -31.27 -15.18 5.17
CA SER A 270 -32.09 -14.51 4.16
C SER A 270 -32.74 -13.22 4.66
N GLY A 271 -32.71 -12.95 5.96
CA GLY A 271 -33.32 -11.75 6.49
C GLY A 271 -32.29 -10.78 7.03
N SER A 272 -31.05 -10.92 6.57
CA SER A 272 -29.98 -10.01 6.97
C SER A 272 -30.22 -8.63 6.37
N HIS A 273 -29.61 -7.63 7.00
CA HIS A 273 -29.75 -6.23 6.59
C HIS A 273 -29.30 -6.05 5.14
N LEU A 274 -30.11 -5.29 4.39
CA LEU A 274 -29.84 -5.09 2.98
C LEU A 274 -28.62 -4.22 2.76
N ARG A 275 -27.76 -4.64 1.85
CA ARG A 275 -26.60 -3.88 1.44
C ARG A 275 -26.80 -3.47 -0.01
N TRP A 276 -26.31 -2.27 -0.35
CA TRP A 276 -26.50 -1.77 -1.71
C TRP A 276 -25.81 -2.65 -2.74
N GLY A 277 -26.49 -2.85 -3.87
CA GLY A 277 -25.93 -3.61 -4.97
C GLY A 277 -25.74 -5.09 -4.71
N GLN A 278 -26.63 -5.71 -3.93
CA GLN A 278 -26.51 -7.16 -3.83
C GLN A 278 -27.70 -7.83 -4.50
N PRO A 279 -27.48 -8.98 -5.16
CA PRO A 279 -28.57 -9.63 -5.92
C PRO A 279 -29.72 -10.05 -5.02
N LEU A 280 -30.94 -9.89 -5.55
CA LEU A 280 -32.17 -10.30 -4.87
C LEU A 280 -33.30 -10.33 -5.88
N ARG A 281 -34.22 -11.27 -5.70
CA ARG A 281 -35.39 -11.31 -6.57
C ARG A 281 -36.48 -10.41 -5.99
N ILE A 282 -37.53 -10.24 -6.79
CA ILE A 282 -38.71 -9.46 -6.42
C ILE A 282 -39.94 -10.32 -6.64
N ARG A 283 -40.80 -10.42 -5.63
CA ARG A 283 -41.97 -11.29 -5.70
C ARG A 283 -43.21 -10.52 -5.29
N HIS A 284 -44.24 -10.59 -6.12
CA HIS A 284 -45.55 -10.02 -5.78
C HIS A 284 -46.30 -11.06 -4.96
N VAL A 285 -46.64 -10.71 -3.71
CA VAL A 285 -47.14 -11.74 -2.78
C VAL A 285 -48.48 -12.31 -3.23
N THR A 286 -49.43 -11.45 -3.64
CA THR A 286 -50.79 -11.92 -3.93
C THR A 286 -50.86 -12.76 -5.19
N THR A 287 -49.92 -12.60 -6.11
CA THR A 287 -49.91 -13.36 -7.35
C THR A 287 -48.84 -14.44 -7.39
N GLY A 288 -47.80 -14.32 -6.57
CA GLY A 288 -46.71 -15.29 -6.57
C GLY A 288 -45.93 -15.29 -7.86
N ARG A 289 -45.56 -14.10 -8.34
CA ARG A 289 -44.79 -13.97 -9.56
C ARG A 289 -43.59 -13.07 -9.31
N TYR A 290 -42.57 -13.23 -10.13
CA TYR A 290 -41.28 -12.57 -9.94
C TYR A 290 -41.02 -11.57 -11.06
N LEU A 291 -40.47 -10.42 -10.67
CA LEU A 291 -40.03 -9.42 -11.65
C LEU A 291 -38.93 -9.98 -12.55
N ALA A 292 -39.07 -9.76 -13.87
CA ALA A 292 -38.17 -10.35 -14.83
C ALA A 292 -38.04 -9.47 -16.06
N LEU A 293 -36.94 -9.69 -16.79
CA LEU A 293 -36.69 -9.08 -18.09
C LEU A 293 -36.80 -10.19 -19.13
N THR A 294 -37.97 -10.28 -19.76
CA THR A 294 -38.14 -11.29 -20.78
C THR A 294 -37.73 -10.72 -22.13
N GLU A 295 -37.52 -11.61 -23.10
CA GLU A 295 -37.01 -11.18 -24.40
C GLU A 295 -38.09 -10.49 -25.23
N ASP A 296 -39.33 -10.96 -25.17
CA ASP A 296 -40.38 -10.48 -26.05
C ASP A 296 -41.25 -9.38 -25.48
N GLN A 297 -41.24 -9.16 -24.17
CA GLN A 297 -42.05 -8.10 -23.57
C GLN A 297 -41.28 -7.27 -22.53
N GLY A 298 -39.95 -7.39 -22.49
CA GLY A 298 -39.14 -6.57 -21.58
C GLY A 298 -39.44 -6.84 -20.12
N LEU A 299 -39.65 -5.77 -19.36
CA LEU A 299 -39.87 -5.89 -17.92
C LEU A 299 -41.31 -6.31 -17.66
N VAL A 300 -41.51 -7.58 -17.28
CA VAL A 300 -42.81 -8.12 -16.89
C VAL A 300 -42.64 -8.94 -15.61
N VAL A 301 -43.72 -9.56 -15.16
CA VAL A 301 -43.69 -10.52 -14.06
C VAL A 301 -43.91 -11.91 -14.63
N VAL A 302 -43.04 -12.83 -14.27
CA VAL A 302 -43.04 -14.19 -14.79
C VAL A 302 -43.39 -15.13 -13.65
N ASP A 303 -43.94 -16.28 -14.00
CA ASP A 303 -44.25 -17.31 -13.02
C ASP A 303 -42.97 -17.81 -12.36
N ALA A 304 -43.11 -18.28 -11.12
CA ALA A 304 -41.97 -18.81 -10.37
C ALA A 304 -41.38 -20.07 -10.99
N CYS A 305 -42.12 -20.76 -11.87
CA CYS A 305 -41.60 -21.95 -12.51
C CYS A 305 -40.49 -21.64 -13.52
N LYS A 306 -40.38 -20.40 -13.99
CA LYS A 306 -39.44 -20.03 -15.05
C LYS A 306 -38.68 -18.77 -14.67
N ALA A 307 -38.16 -18.74 -13.45
CA ALA A 307 -37.32 -17.65 -12.97
C ALA A 307 -35.91 -18.24 -12.85
N HIS A 308 -35.16 -18.17 -13.95
CA HIS A 308 -33.84 -18.79 -14.06
C HIS A 308 -32.72 -17.98 -13.44
N THR A 309 -33.02 -16.98 -12.61
CA THR A 309 -32.12 -16.19 -11.75
C THR A 309 -31.20 -15.27 -12.57
N LYS A 310 -31.24 -15.34 -13.89
CA LYS A 310 -30.53 -14.39 -14.74
C LYS A 310 -31.39 -13.19 -15.05
N ALA A 311 -32.61 -13.42 -15.54
CA ALA A 311 -33.51 -12.32 -15.87
C ALA A 311 -34.23 -11.75 -14.66
N THR A 312 -34.19 -12.42 -13.51
CA THR A 312 -35.01 -12.04 -12.39
C THR A 312 -34.26 -11.34 -11.26
N SER A 313 -32.93 -11.45 -11.22
CA SER A 313 -32.17 -10.80 -10.16
C SER A 313 -32.16 -9.28 -10.33
N PHE A 314 -32.04 -8.58 -9.21
CA PHE A 314 -32.02 -7.12 -9.20
C PHE A 314 -31.10 -6.66 -8.07
N CYS A 315 -30.79 -5.37 -8.08
CA CYS A 315 -29.93 -4.76 -7.08
C CYS A 315 -30.43 -3.35 -6.78
N PHE A 316 -30.12 -2.88 -5.58
CA PHE A 316 -30.48 -1.55 -5.13
C PHE A 316 -29.20 -0.73 -4.98
N ARG A 317 -29.19 0.48 -5.52
CA ARG A 317 -27.98 1.28 -5.53
C ARG A 317 -28.29 2.75 -5.24
N VAL A 318 -27.40 3.39 -4.47
CA VAL A 318 -27.62 4.75 -4.03
C VAL A 318 -27.50 5.74 -5.20
N SER A 319 -26.52 5.54 -6.08
CA SER A 319 -26.26 6.45 -7.18
C SER A 319 -26.39 5.71 -8.51
N LYS A 320 -26.13 6.44 -9.59
CA LYS A 320 -26.32 5.93 -10.94
C LYS A 320 -25.00 5.56 -11.62
N GLU A 321 -23.88 5.59 -10.90
CA GLU A 321 -22.61 5.23 -11.48
C GLU A 321 -22.50 3.71 -11.58
N LYS A 322 -21.74 3.25 -12.57
CA LYS A 322 -21.61 1.82 -12.85
C LYS A 322 -20.78 1.13 -11.78
N LEU A 323 -21.39 0.19 -11.06
CA LEU A 323 -20.66 -0.64 -10.11
C LEU A 323 -20.55 -2.07 -10.63
N PRO A 327 -22.38 -7.29 -6.51
CA PRO A 327 -22.27 -8.51 -5.70
C PRO A 327 -21.00 -8.56 -4.85
N LYS A 328 -21.17 -8.63 -3.54
CA LYS A 328 -20.08 -8.72 -2.59
C LYS A 328 -20.07 -10.11 -1.96
N ARG A 329 -19.17 -10.30 -1.00
CA ARG A 329 -19.11 -11.57 -0.28
C ARG A 329 -20.14 -11.58 0.84
N ASP A 330 -20.86 -12.71 0.95
CA ASP A 330 -21.88 -12.86 1.97
C ASP A 330 -21.27 -12.87 3.36
N VAL A 331 -22.01 -12.30 4.32
CA VAL A 331 -21.61 -12.28 5.72
C VAL A 331 -22.54 -13.21 6.50
N GLU A 332 -21.97 -14.09 7.31
CA GLU A 332 -22.74 -15.01 8.15
C GLU A 332 -23.11 -14.29 9.44
N GLY A 333 -24.06 -13.37 9.31
CA GLY A 333 -24.49 -12.59 10.45
C GLY A 333 -25.64 -11.69 10.06
N MET A 334 -25.97 -10.78 10.98
CA MET A 334 -27.08 -9.84 10.77
C MET A 334 -26.84 -8.91 9.60
N GLY A 335 -25.57 -8.64 9.27
CA GLY A 335 -25.23 -7.76 8.18
C GLY A 335 -25.13 -6.32 8.63
N PRO A 336 -24.63 -5.46 7.76
CA PRO A 336 -24.52 -4.04 8.10
C PRO A 336 -25.81 -3.30 7.78
N PRO A 337 -26.34 -2.52 8.73
CA PRO A 337 -27.57 -1.77 8.46
C PRO A 337 -27.34 -0.59 7.52
N GLU A 338 -27.80 -0.74 6.27
CA GLU A 338 -27.51 0.25 5.23
C GLU A 338 -28.76 0.96 4.74
N ILE A 339 -29.76 0.23 4.27
CA ILE A 339 -30.95 0.83 3.68
C ILE A 339 -31.96 1.09 4.78
N LYS A 340 -32.60 2.26 4.73
CA LYS A 340 -33.59 2.65 5.71
C LYS A 340 -34.98 2.75 5.09
N TYR A 341 -35.98 2.78 5.96
CA TYR A 341 -37.38 2.84 5.55
C TYR A 341 -37.86 4.28 5.59
N GLY A 342 -38.34 4.78 4.46
CA GLY A 342 -38.82 6.14 4.34
C GLY A 342 -37.78 7.15 3.92
N GLU A 343 -36.50 6.77 3.90
CA GLU A 343 -35.41 7.62 3.44
C GLU A 343 -34.51 6.76 2.58
N SER A 344 -33.33 7.28 2.25
CA SER A 344 -32.27 6.57 1.51
C SER A 344 -32.79 6.10 0.15
N LEU A 345 -33.04 7.09 -0.71
CA LEU A 345 -33.52 6.90 -2.09
C LEU A 345 -32.74 5.84 -2.83
N CYS A 346 -33.45 4.82 -3.32
CA CYS A 346 -32.85 3.68 -3.98
C CYS A 346 -33.14 3.70 -5.48
N PHE A 347 -32.16 3.27 -6.26
CA PHE A 347 -32.33 3.05 -7.69
C PHE A 347 -32.24 1.54 -7.92
N VAL A 348 -33.24 0.99 -8.59
CA VAL A 348 -33.26 -0.45 -8.83
C VAL A 348 -32.64 -0.71 -10.19
N GLN A 349 -31.55 -1.48 -10.19
CA GLN A 349 -30.83 -1.84 -11.41
C GLN A 349 -30.82 -3.35 -11.57
N HIS A 350 -31.26 -3.82 -12.73
CA HIS A 350 -31.09 -5.21 -13.10
C HIS A 350 -29.60 -5.52 -13.19
N VAL A 351 -29.18 -6.60 -12.53
CA VAL A 351 -27.74 -6.83 -12.42
C VAL A 351 -27.20 -7.52 -13.68
N ALA A 352 -27.98 -8.38 -14.33
CA ALA A 352 -27.49 -9.08 -15.52
C ALA A 352 -27.48 -8.17 -16.74
N SER A 353 -28.38 -7.20 -16.81
CA SER A 353 -28.46 -6.34 -17.99
C SER A 353 -27.97 -4.92 -17.76
N GLY A 354 -27.89 -4.47 -16.51
CA GLY A 354 -27.43 -3.13 -16.20
C GLY A 354 -28.45 -2.04 -16.45
N LEU A 355 -29.66 -2.37 -16.87
CA LEU A 355 -30.66 -1.38 -17.22
C LEU A 355 -31.21 -0.71 -15.96
N TRP A 356 -32.12 0.25 -16.15
CA TRP A 356 -32.68 0.98 -15.01
C TRP A 356 -34.19 1.10 -15.19
N LEU A 357 -34.94 0.99 -14.10
CA LEU A 357 -36.39 1.05 -14.18
C LEU A 357 -36.84 2.48 -14.41
N THR A 358 -37.89 2.66 -15.20
CA THR A 358 -38.35 3.99 -15.58
C THR A 358 -39.79 3.89 -16.08
N TYR A 359 -40.57 4.93 -15.79
CA TYR A 359 -41.91 5.07 -16.33
C TYR A 359 -41.84 5.28 -17.84
N ALA A 360 -42.76 4.67 -18.57
CA ALA A 360 -42.75 4.80 -20.02
C ALA A 360 -43.23 6.18 -20.43
N ALA A 361 -42.48 6.84 -21.31
CA ALA A 361 -42.85 8.16 -21.80
C ALA A 361 -44.16 8.21 -22.62
N PRO A 362 -44.42 7.32 -23.62
CA PRO A 362 -45.64 7.48 -24.43
C PRO A 362 -46.93 7.40 -23.62
N ASP A 363 -47.91 8.21 -24.02
CA ASP A 363 -49.23 8.23 -23.37
C ASP A 363 -50.32 8.38 -24.43
N PRO A 364 -51.09 7.32 -24.70
CA PRO A 364 -52.12 7.37 -25.75
C PRO A 364 -53.37 8.14 -25.36
N LYS A 365 -54.38 8.06 -26.25
CA LYS A 365 -55.67 8.72 -26.05
C LYS A 365 -56.32 8.35 -24.72
N ALA A 366 -56.15 7.10 -24.27
CA ALA A 366 -56.73 6.68 -23.00
C ALA A 366 -56.14 7.48 -21.85
N LEU A 367 -54.82 7.69 -21.87
CA LEU A 367 -54.12 8.46 -20.85
C LEU A 367 -54.21 9.97 -21.07
N ARG A 368 -54.79 10.39 -22.21
CA ARG A 368 -55.01 11.83 -22.43
C ARG A 368 -55.96 12.40 -21.39
N LEU A 369 -57.02 11.67 -21.06
CA LEU A 369 -57.96 12.10 -20.02
C LEU A 369 -57.96 11.17 -18.80
N GLY A 370 -57.74 9.87 -18.99
CA GLY A 370 -57.70 8.96 -17.87
C GLY A 370 -56.47 9.13 -17.02
N VAL A 371 -56.47 8.41 -15.88
CA VAL A 371 -55.36 8.48 -14.93
C VAL A 371 -54.09 7.95 -15.60
N LEU A 372 -52.97 8.61 -15.33
CA LEU A 372 -51.70 8.22 -15.92
C LEU A 372 -51.19 6.96 -15.24
N LYS A 373 -51.49 5.81 -15.85
CA LYS A 373 -50.92 4.55 -15.40
C LYS A 373 -49.63 4.37 -16.21
N LYS A 374 -48.59 5.00 -15.70
CA LYS A 374 -47.27 5.04 -16.34
C LYS A 374 -46.65 3.65 -16.29
N LYS A 375 -46.62 2.96 -17.43
CA LYS A 375 -46.03 1.63 -17.48
C LYS A 375 -44.55 1.69 -17.16
N ALA A 376 -44.10 0.77 -16.31
CA ALA A 376 -42.70 0.73 -15.95
C ALA A 376 -41.92 -0.02 -17.03
N ILE A 377 -40.85 0.59 -17.52
CA ILE A 377 -39.97 -0.05 -18.49
C ILE A 377 -38.56 0.02 -17.96
N LEU A 378 -37.82 -1.07 -18.12
CA LEU A 378 -36.45 -1.15 -17.64
C LEU A 378 -35.56 -0.48 -18.69
N HIS A 379 -35.50 0.85 -18.61
CA HIS A 379 -34.76 1.66 -19.59
C HIS A 379 -33.26 1.40 -19.50
N GLN A 380 -32.58 1.57 -20.63
CA GLN A 380 -31.15 1.31 -20.71
C GLN A 380 -30.32 2.30 -19.90
N GLU A 381 -30.82 3.51 -19.68
CA GLU A 381 -30.10 4.43 -18.80
C GLU A 381 -30.99 5.00 -17.70
N GLY A 382 -32.25 5.26 -18.00
CA GLY A 382 -33.20 5.78 -17.03
C GLY A 382 -33.16 7.29 -16.88
N HIS A 383 -34.28 7.82 -16.40
CA HIS A 383 -34.41 9.26 -16.17
C HIS A 383 -33.85 9.61 -14.79
N MET A 384 -34.10 10.84 -14.35
CA MET A 384 -33.43 11.39 -13.18
C MET A 384 -34.16 11.09 -11.88
N ASP A 385 -35.49 11.22 -11.85
CA ASP A 385 -36.23 11.16 -10.60
C ASP A 385 -36.85 9.79 -10.32
N ASP A 386 -36.28 8.72 -10.89
CA ASP A 386 -36.85 7.40 -10.74
C ASP A 386 -36.40 6.68 -9.45
N ALA A 387 -35.87 7.42 -8.48
CA ALA A 387 -35.51 6.84 -7.20
C ALA A 387 -36.75 6.45 -6.40
N LEU A 388 -36.62 5.39 -5.61
CA LEU A 388 -37.76 4.84 -4.88
C LEU A 388 -37.55 4.86 -3.37
N PHE A 389 -38.58 5.27 -2.64
CA PHE A 389 -38.65 5.02 -1.22
C PHE A 389 -39.14 3.61 -0.97
N LEU A 390 -38.81 3.11 0.21
CA LEU A 390 -39.27 1.83 0.72
C LEU A 390 -40.12 2.02 1.96
N THR A 391 -41.34 1.46 1.95
CA THR A 391 -42.24 1.64 3.07
C THR A 391 -42.76 0.29 3.53
N ARG A 392 -42.68 0.05 4.84
CA ARG A 392 -43.16 -1.19 5.44
C ARG A 392 -44.69 -1.27 5.39
N CYS A 393 -45.18 -2.50 5.33
CA CYS A 393 -46.59 -2.80 5.48
C CYS A 393 -46.80 -3.59 6.76
N GLN A 394 -47.91 -3.34 7.43
CA GLN A 394 -48.19 -4.00 8.70
C GLN A 394 -48.40 -5.50 8.51
N GLN A 395 -48.15 -6.24 9.60
CA GLN A 395 -48.21 -7.70 9.57
C GLN A 395 -49.60 -8.19 9.18
N GLU A 396 -50.64 -7.44 9.55
CA GLU A 396 -52.01 -7.82 9.21
C GLU A 396 -52.20 -7.83 7.71
N GLU A 397 -51.70 -6.80 7.04
CA GLU A 397 -51.84 -6.70 5.59
C GLU A 397 -51.00 -7.74 4.89
N SER A 398 -49.74 -7.94 5.34
CA SER A 398 -48.87 -8.93 4.71
C SER A 398 -49.43 -10.35 4.86
N GLN A 399 -49.91 -10.69 6.06
CA GLN A 399 -50.53 -11.99 6.31
C GLN A 399 -51.79 -12.16 5.48
N ALA A 400 -52.62 -11.11 5.41
CA ALA A 400 -53.85 -11.16 4.64
C ALA A 400 -53.54 -11.39 3.17
N ALA A 401 -52.55 -10.65 2.65
CA ALA A 401 -52.18 -10.74 1.24
C ALA A 401 -51.76 -12.16 0.90
N ARG A 402 -50.92 -12.77 1.75
CA ARG A 402 -50.54 -14.16 1.51
C ARG A 402 -51.77 -15.08 1.56
N MET A 403 -52.78 -14.71 2.39
CA MET A 403 -53.98 -15.55 2.49
C MET A 403 -54.76 -15.55 1.20
N ILE A 404 -54.89 -14.38 0.54
CA ILE A 404 -55.62 -14.34 -0.75
C ILE A 404 -54.92 -15.24 -1.77
N HIS A 405 -53.59 -15.14 -1.85
CA HIS A 405 -52.83 -15.92 -2.83
C HIS A 405 -52.99 -17.43 -2.62
N SER A 406 -52.96 -17.90 -1.38
CA SER A 406 -53.26 -19.32 -1.13
C SER A 406 -54.74 -19.67 -1.37
N THR A 407 -55.64 -18.78 -0.97
CA THR A 407 -57.07 -19.04 -1.05
C THR A 407 -57.55 -19.08 -2.50
N ALA A 408 -57.01 -18.19 -3.33
CA ALA A 408 -57.39 -18.13 -4.73
C ALA A 408 -57.04 -19.42 -5.41
N GLY A 409 -55.84 -19.95 -5.15
CA GLY A 409 -55.43 -21.19 -5.78
C GLY A 409 -56.31 -22.35 -5.34
N LEU A 410 -56.73 -22.34 -4.06
CA LEU A 410 -57.53 -23.46 -3.55
C LEU A 410 -58.95 -23.40 -4.08
N TYR A 411 -59.46 -22.22 -4.37
CA TYR A 411 -60.81 -22.15 -4.90
C TYR A 411 -60.85 -22.21 -6.41
N ASN A 412 -59.84 -21.68 -7.09
CA ASN A 412 -59.74 -21.88 -8.54
C ASN A 412 -59.64 -23.37 -8.86
N GLN A 413 -58.80 -24.10 -8.10
CA GLN A 413 -58.72 -25.55 -8.25
C GLN A 413 -60.06 -26.22 -7.93
N PHE A 414 -60.76 -25.75 -6.89
CA PHE A 414 -62.08 -26.27 -6.57
C PHE A 414 -63.08 -26.00 -7.69
N ILE A 415 -63.03 -24.82 -8.28
CA ILE A 415 -63.95 -24.44 -9.36
C ILE A 415 -63.71 -25.32 -10.59
N LYS A 416 -62.44 -25.50 -10.97
CA LYS A 416 -62.11 -26.31 -12.14
C LYS A 416 -62.56 -27.76 -11.94
N GLY A 417 -62.39 -28.28 -10.72
CA GLY A 417 -62.88 -29.62 -10.44
C GLY A 417 -64.38 -29.67 -10.53
N LEU A 418 -65.05 -28.58 -10.09
CA LEU A 418 -66.51 -28.55 -10.04
C LEU A 418 -67.11 -28.63 -11.43
N ASP A 419 -66.66 -27.76 -12.34
CA ASP A 419 -67.27 -27.77 -13.66
C ASP A 419 -66.69 -28.88 -14.54
N SER A 420 -65.66 -29.60 -14.08
CA SER A 420 -65.17 -30.75 -14.83
C SER A 420 -66.26 -31.82 -14.96
N PHE A 421 -67.03 -32.05 -13.90
CA PHE A 421 -68.16 -32.97 -13.96
C PHE A 421 -69.51 -32.25 -14.06
N SER A 422 -69.54 -31.10 -14.77
CA SER A 422 -70.77 -30.30 -14.90
C SER A 422 -71.91 -31.11 -15.50
N GLY A 423 -71.65 -31.84 -16.58
CA GLY A 423 -72.61 -32.80 -17.06
C GLY A 423 -72.15 -34.19 -16.65
N LYS A 424 -72.21 -35.14 -17.60
CA LYS A 424 -71.69 -36.51 -17.47
C LYS A 424 -72.19 -37.23 -16.22
N PRO A 425 -73.45 -37.68 -16.18
CA PRO A 425 -73.94 -38.40 -15.00
C PRO A 425 -73.11 -39.65 -14.72
N ARG A 426 -72.64 -39.75 -13.47
CA ARG A 426 -71.76 -40.84 -13.07
C ARG A 426 -72.47 -42.19 -13.12
N GLY A 427 -73.71 -42.24 -12.65
CA GLY A 427 -74.43 -43.50 -12.61
C GLY A 427 -74.02 -44.33 -11.41
N SER A 428 -73.41 -45.49 -11.66
CA SER A 428 -72.94 -46.35 -10.60
C SER A 428 -71.44 -46.64 -10.71
N GLY A 429 -70.69 -45.79 -11.42
CA GLY A 429 -69.27 -45.99 -11.56
C GLY A 429 -68.46 -45.06 -10.68
N PRO A 430 -67.21 -44.79 -11.09
CA PRO A 430 -66.37 -43.86 -10.33
C PRO A 430 -66.60 -42.43 -10.76
N PRO A 431 -66.12 -41.44 -10.00
CA PRO A 431 -66.26 -40.03 -10.40
C PRO A 431 -65.53 -39.71 -11.71
N ALA A 432 -65.76 -38.49 -12.18
CA ALA A 432 -65.24 -38.03 -13.47
C ALA A 432 -63.71 -38.00 -13.49
N GLY A 433 -63.10 -37.18 -12.65
CA GLY A 433 -61.67 -37.02 -12.66
C GLY A 433 -61.06 -37.00 -11.28
N PRO A 434 -60.13 -36.07 -11.06
CA PRO A 434 -59.48 -35.94 -9.74
C PRO A 434 -60.48 -35.57 -8.64
N ALA A 435 -60.22 -36.09 -7.45
CA ALA A 435 -61.11 -35.88 -6.31
C ALA A 435 -61.15 -34.42 -5.90
N LEU A 436 -62.35 -33.96 -5.54
CA LEU A 436 -62.53 -32.59 -5.09
C LEU A 436 -61.84 -32.36 -3.74
N PRO A 437 -61.13 -31.25 -3.57
CA PRO A 437 -60.53 -30.94 -2.27
C PRO A 437 -61.58 -30.48 -1.26
N ILE A 438 -62.51 -31.39 -0.92
CA ILE A 438 -63.64 -31.06 -0.04
C ILE A 438 -63.16 -30.71 1.36
N GLU A 439 -62.29 -31.53 1.94
CA GLU A 439 -61.83 -31.31 3.31
C GLU A 439 -61.03 -30.02 3.42
N ALA A 440 -60.17 -29.76 2.44
CA ALA A 440 -59.37 -28.55 2.43
C ALA A 440 -60.25 -27.31 2.28
N VAL A 441 -61.26 -27.39 1.41
CA VAL A 441 -62.13 -26.23 1.20
C VAL A 441 -62.96 -25.96 2.45
N ILE A 442 -63.49 -27.02 3.08
CA ILE A 442 -64.30 -26.88 4.29
C ILE A 442 -63.49 -26.25 5.42
N LEU A 443 -62.24 -26.72 5.59
CA LEU A 443 -61.37 -26.15 6.61
C LEU A 443 -61.04 -24.69 6.31
N SER A 444 -60.78 -24.38 5.03
CA SER A 444 -60.45 -23.00 4.64
C SER A 444 -61.64 -22.07 4.87
N LEU A 445 -62.84 -22.54 4.56
CA LEU A 445 -64.05 -21.76 4.81
C LEU A 445 -64.24 -21.49 6.30
N GLN A 446 -64.05 -22.51 7.14
CA GLN A 446 -64.22 -22.31 8.57
C GLN A 446 -63.14 -21.40 9.14
N ASP A 447 -61.96 -21.40 8.51
CA ASP A 447 -60.90 -20.49 8.90
C ASP A 447 -61.23 -19.07 8.50
N LEU A 448 -61.75 -18.86 7.29
CA LEU A 448 -62.05 -17.50 6.87
C LEU A 448 -63.24 -16.93 7.63
N ILE A 449 -64.23 -17.77 7.96
CA ILE A 449 -65.37 -17.31 8.77
C ILE A 449 -64.89 -16.85 10.14
N GLY A 450 -64.00 -17.63 10.77
CA GLY A 450 -63.44 -17.12 12.01
C GLY A 450 -62.47 -15.97 11.80
N TYR A 451 -61.89 -15.85 10.61
CA TYR A 451 -61.03 -14.71 10.32
C TYR A 451 -61.84 -13.43 10.23
N PHE A 452 -63.08 -13.52 9.76
CA PHE A 452 -63.93 -12.36 9.56
C PHE A 452 -65.06 -12.27 10.57
N GLU A 453 -64.94 -12.95 11.72
CA GLU A 453 -66.01 -12.91 12.71
C GLU A 453 -66.14 -11.49 13.27
N PRO A 454 -67.35 -10.95 13.40
CA PRO A 454 -67.51 -9.62 13.96
C PRO A 454 -67.04 -9.58 15.40
N PRO A 455 -66.48 -8.46 15.85
CA PRO A 455 -66.02 -8.35 17.24
C PRO A 455 -67.18 -8.38 18.23
N SER A 456 -66.89 -8.87 19.43
CA SER A 456 -67.89 -8.99 20.47
C SER A 456 -68.31 -7.61 21.00
N GLU A 457 -69.55 -7.54 21.50
CA GLU A 457 -70.08 -6.29 21.99
C GLU A 457 -69.51 -5.89 23.35
N GLU A 458 -69.03 -6.85 24.14
CA GLU A 458 -68.51 -6.59 25.48
C GLU A 458 -67.19 -5.83 25.47
N LEU A 459 -66.54 -5.72 24.32
CA LEU A 459 -65.26 -5.02 24.21
C LEU A 459 -65.43 -3.54 24.47
N GLN A 460 -64.37 -2.93 25.01
CA GLN A 460 -64.36 -1.48 25.21
C GLN A 460 -64.43 -0.78 23.86
N HIS A 461 -64.98 0.44 23.87
CA HIS A 461 -65.19 1.20 22.65
C HIS A 461 -63.90 1.48 21.88
N GLU A 462 -62.82 1.81 22.60
CA GLU A 462 -61.53 2.05 21.97
C GLU A 462 -60.99 0.81 21.26
N GLU A 463 -61.12 -0.35 21.89
CA GLU A 463 -60.60 -1.57 21.29
C GLU A 463 -61.52 -2.02 20.15
N LYS A 464 -62.82 -1.81 20.35
CA LYS A 464 -63.83 -2.24 19.41
C LYS A 464 -63.67 -1.52 18.08
N GLN A 465 -63.50 -0.20 18.10
CA GLN A 465 -63.40 0.54 16.84
C GLN A 465 -62.16 0.11 16.05
N SER A 466 -61.04 -0.09 16.74
CA SER A 466 -59.84 -0.56 16.08
C SER A 466 -60.03 -1.95 15.47
N LYS A 467 -60.91 -2.77 16.08
CA LYS A 467 -61.19 -4.06 15.47
C LYS A 467 -62.14 -3.91 14.29
N LEU A 468 -63.01 -2.88 14.33
CA LEU A 468 -63.83 -2.58 13.17
C LEU A 468 -62.95 -2.17 12.00
N ARG A 469 -61.96 -1.30 12.24
CA ARG A 469 -61.02 -0.88 11.20
C ARG A 469 -60.28 -2.08 10.62
N SER A 470 -59.80 -2.97 11.48
CA SER A 470 -59.13 -4.19 11.02
C SER A 470 -60.07 -5.07 10.18
N LEU A 471 -61.32 -5.20 10.59
CA LEU A 471 -62.28 -6.04 9.88
C LEU A 471 -62.64 -5.44 8.53
N ARG A 472 -62.94 -4.13 8.50
CA ARG A 472 -63.31 -3.46 7.25
C ARG A 472 -62.15 -3.48 6.26
N ASN A 473 -60.94 -3.24 6.74
CA ASN A 473 -59.77 -3.25 5.87
C ASN A 473 -59.53 -4.63 5.28
N ARG A 474 -59.65 -5.68 6.10
CA ARG A 474 -59.44 -7.04 5.59
C ARG A 474 -60.50 -7.42 4.56
N GLN A 475 -61.75 -7.05 4.84
CA GLN A 475 -62.85 -7.37 3.92
C GLN A 475 -62.66 -6.66 2.59
N SER A 476 -62.29 -5.37 2.64
CA SER A 476 -62.09 -4.61 1.42
C SER A 476 -60.93 -5.17 0.62
N LEU A 477 -59.85 -5.58 1.31
CA LEU A 477 -58.70 -6.17 0.62
C LEU A 477 -59.09 -7.45 -0.11
N PHE A 478 -59.91 -8.30 0.53
CA PHE A 478 -60.37 -9.52 -0.11
C PHE A 478 -61.24 -9.24 -1.33
N GLN A 479 -62.19 -8.30 -1.19
CA GLN A 479 -63.05 -7.95 -2.31
C GLN A 479 -62.25 -7.34 -3.45
N GLU A 480 -61.32 -6.44 -3.12
CA GLU A 480 -60.53 -5.79 -4.15
C GLU A 480 -59.61 -6.77 -4.85
N GLU A 481 -59.20 -7.84 -4.16
CA GLU A 481 -58.41 -8.87 -4.81
C GLU A 481 -59.29 -9.92 -5.48
N GLY A 482 -60.60 -9.73 -5.51
CA GLY A 482 -61.44 -10.67 -6.23
C GLY A 482 -61.90 -11.91 -5.52
N MET A 483 -61.62 -12.07 -4.22
CA MET A 483 -62.08 -13.25 -3.51
C MET A 483 -63.61 -13.30 -3.43
N LEU A 484 -64.24 -12.13 -3.35
CA LEU A 484 -65.71 -12.07 -3.35
C LEU A 484 -66.29 -12.56 -4.67
N SER A 485 -65.66 -12.21 -5.80
CA SER A 485 -66.17 -12.71 -7.08
C SER A 485 -65.97 -14.22 -7.17
N LEU A 486 -64.83 -14.71 -6.67
CA LEU A 486 -64.53 -16.14 -6.76
C LEU A 486 -65.53 -16.93 -5.96
N VAL A 487 -65.88 -16.46 -4.76
CA VAL A 487 -66.86 -17.19 -3.98
C VAL A 487 -68.23 -17.10 -4.66
N LEU A 488 -68.56 -15.94 -5.30
CA LEU A 488 -69.86 -15.83 -5.99
C LEU A 488 -69.97 -16.90 -7.07
N ASN A 489 -68.85 -17.16 -7.78
CA ASN A 489 -68.83 -18.26 -8.74
C ASN A 489 -69.00 -19.60 -8.03
N CYS A 490 -68.45 -19.73 -6.81
CA CYS A 490 -68.57 -21.01 -6.11
C CYS A 490 -70.02 -21.33 -5.78
N ILE A 491 -70.78 -20.33 -5.31
CA ILE A 491 -72.22 -20.53 -5.09
C ILE A 491 -72.92 -20.80 -6.41
N ASP A 492 -72.51 -20.11 -7.49
CA ASP A 492 -73.14 -20.29 -8.79
C ASP A 492 -72.99 -21.73 -9.28
N ARG A 493 -71.78 -22.28 -9.18
CA ARG A 493 -71.53 -23.66 -9.58
C ARG A 493 -72.30 -24.65 -8.70
N LEU A 494 -72.31 -24.42 -7.37
CA LEU A 494 -72.99 -25.36 -6.48
C LEU A 494 -74.51 -25.31 -6.61
N ASN A 495 -75.09 -24.17 -7.01
CA ASN A 495 -76.53 -24.02 -6.95
C ASN A 495 -77.30 -24.75 -8.04
N VAL A 496 -76.63 -25.21 -9.10
CA VAL A 496 -77.33 -25.84 -10.22
C VAL A 496 -77.98 -27.16 -9.84
N TYR A 497 -77.56 -27.80 -8.76
CA TYR A 497 -78.11 -29.07 -8.31
C TYR A 497 -79.12 -28.83 -7.21
N THR A 498 -80.31 -29.42 -7.37
CA THR A 498 -81.41 -29.15 -6.43
C THR A 498 -81.14 -29.80 -5.07
N THR A 499 -80.74 -31.06 -5.06
CA THR A 499 -80.58 -31.80 -3.81
C THR A 499 -79.22 -32.47 -3.76
N ALA A 500 -78.88 -32.96 -2.57
CA ALA A 500 -77.62 -33.65 -2.34
C ALA A 500 -77.54 -34.92 -3.19
N ALA A 501 -78.64 -35.67 -3.27
CA ALA A 501 -78.68 -36.86 -4.13
C ALA A 501 -78.41 -36.50 -5.59
N HIS A 502 -78.96 -35.36 -6.04
CA HIS A 502 -78.70 -34.90 -7.39
C HIS A 502 -77.23 -34.53 -7.56
N PHE A 503 -76.60 -34.04 -6.49
CA PHE A 503 -75.16 -33.78 -6.58
C PHE A 503 -74.39 -35.09 -6.60
N ALA A 504 -74.91 -36.10 -5.89
CA ALA A 504 -74.27 -37.42 -5.84
C ALA A 504 -74.25 -38.06 -7.20
N GLU A 505 -75.30 -37.82 -8.00
CA GLU A 505 -75.38 -38.43 -9.32
C GLU A 505 -74.36 -37.87 -10.29
N TYR A 506 -73.70 -36.76 -9.95
CA TYR A 506 -72.75 -36.09 -10.81
C TYR A 506 -71.35 -36.00 -10.24
N ALA A 507 -71.17 -36.24 -8.93
CA ALA A 507 -69.84 -36.17 -8.33
C ALA A 507 -69.50 -37.32 -7.41
N GLY A 508 -70.47 -38.13 -7.01
CA GLY A 508 -70.18 -39.27 -6.15
C GLY A 508 -70.98 -39.21 -4.87
N GLU A 509 -71.22 -40.36 -4.25
CA GLU A 509 -71.97 -40.39 -3.00
C GLU A 509 -71.20 -39.77 -1.85
N GLU A 510 -69.86 -39.86 -1.87
CA GLU A 510 -69.05 -39.30 -0.80
C GLU A 510 -69.10 -37.77 -0.77
N ALA A 511 -69.36 -37.13 -1.91
CA ALA A 511 -69.50 -35.70 -1.98
C ALA A 511 -70.92 -35.22 -1.67
N ALA A 512 -71.86 -36.12 -1.48
CA ALA A 512 -73.24 -35.72 -1.18
C ALA A 512 -73.42 -35.24 0.25
N GLU A 513 -72.68 -35.82 1.20
CA GLU A 513 -72.82 -35.44 2.60
C GLU A 513 -72.32 -34.03 2.87
N SER A 514 -71.28 -33.61 2.15
CA SER A 514 -70.67 -32.31 2.37
C SER A 514 -71.30 -31.19 1.55
N TRP A 515 -72.23 -31.49 0.65
CA TRP A 515 -72.86 -30.48 -0.19
C TRP A 515 -73.64 -29.45 0.63
N LYS A 516 -74.46 -29.91 1.57
CA LYS A 516 -75.22 -29.01 2.42
C LYS A 516 -74.31 -28.17 3.29
N GLU A 517 -73.27 -28.79 3.87
CA GLU A 517 -72.35 -28.07 4.72
C GLU A 517 -71.57 -27.04 3.92
N ILE A 518 -71.17 -27.39 2.70
CA ILE A 518 -70.31 -26.49 1.96
C ILE A 518 -71.13 -25.35 1.35
N VAL A 519 -72.46 -25.50 1.24
CA VAL A 519 -73.22 -24.37 0.75
C VAL A 519 -73.58 -23.43 1.91
N ASN A 520 -73.81 -24.00 3.12
CA ASN A 520 -74.00 -23.15 4.29
C ASN A 520 -72.75 -22.33 4.58
N LEU A 521 -71.56 -22.96 4.51
CA LEU A 521 -70.33 -22.26 4.83
C LEU A 521 -70.08 -21.13 3.84
N LEU A 522 -70.38 -21.36 2.55
CA LEU A 522 -70.22 -20.31 1.55
C LEU A 522 -71.12 -19.13 1.83
N TYR A 523 -72.38 -19.40 2.21
CA TYR A 523 -73.28 -18.29 2.54
C TYR A 523 -72.82 -17.51 3.77
N GLU A 524 -72.35 -18.23 4.82
CA GLU A 524 -71.79 -17.54 5.99
C GLU A 524 -70.56 -16.73 5.66
N LEU A 525 -69.68 -17.25 4.80
CA LEU A 525 -68.52 -16.48 4.35
C LEU A 525 -68.92 -15.25 3.57
N LEU A 526 -69.92 -15.38 2.68
CA LEU A 526 -70.39 -14.23 1.92
C LEU A 526 -70.98 -13.16 2.83
N ALA A 527 -71.75 -13.59 3.84
CA ALA A 527 -72.32 -12.67 4.81
C ALA A 527 -71.22 -11.96 5.60
N SER A 528 -70.18 -12.70 5.99
CA SER A 528 -69.10 -12.07 6.75
C SER A 528 -68.31 -11.11 5.86
N LEU A 529 -68.13 -11.46 4.58
CA LEU A 529 -67.39 -10.61 3.66
C LEU A 529 -68.11 -9.31 3.36
N ILE A 530 -69.44 -9.28 3.51
CA ILE A 530 -70.19 -8.10 3.10
C ILE A 530 -70.80 -7.36 4.27
N ARG A 531 -70.85 -7.96 5.47
CA ARG A 531 -71.50 -7.37 6.63
C ARG A 531 -70.82 -6.07 7.07
N GLY A 532 -71.53 -4.96 6.93
CA GLY A 532 -71.05 -3.68 7.40
C GLY A 532 -70.36 -2.84 6.34
N ASN A 533 -70.04 -3.41 5.18
CA ASN A 533 -69.37 -2.66 4.13
C ASN A 533 -70.39 -2.02 3.21
N ARG A 534 -70.33 -0.69 3.11
CA ARG A 534 -71.12 0.02 2.12
C ARG A 534 -70.64 -0.32 0.72
N ALA A 535 -69.32 -0.43 0.54
CA ALA A 535 -68.76 -0.70 -0.78
C ALA A 535 -69.09 -2.13 -1.23
N ASN A 536 -68.86 -3.11 -0.36
CA ASN A 536 -69.09 -4.49 -0.78
C ASN A 536 -70.57 -4.77 -0.92
N CYS A 537 -71.40 -4.20 -0.03
CA CYS A 537 -72.85 -4.35 -0.18
C CYS A 537 -73.36 -3.69 -1.45
N ALA A 538 -72.72 -2.59 -1.89
CA ALA A 538 -73.12 -1.91 -3.11
C ALA A 538 -72.95 -2.75 -4.35
N LEU A 539 -72.06 -3.75 -4.31
CA LEU A 539 -71.78 -4.62 -5.45
C LEU A 539 -72.95 -5.51 -5.83
N PHE A 540 -73.95 -5.65 -4.96
CA PHE A 540 -75.11 -6.48 -5.25
C PHE A 540 -76.23 -5.70 -5.92
N SER A 541 -76.06 -4.38 -6.09
CA SER A 541 -77.07 -3.55 -6.74
C SER A 541 -77.27 -3.91 -8.21
N THR A 542 -76.27 -4.51 -8.84
CA THR A 542 -76.37 -4.89 -10.24
C THR A 542 -77.01 -6.26 -10.41
N ASN A 543 -76.67 -7.20 -9.55
CA ASN A 543 -77.17 -8.57 -9.61
C ASN A 543 -78.00 -8.91 -8.39
N LEU A 544 -78.89 -7.98 -8.00
CA LEU A 544 -79.75 -8.21 -6.84
C LEU A 544 -80.71 -9.38 -7.05
N ASP A 545 -81.10 -9.65 -8.29
CA ASP A 545 -81.98 -10.78 -8.59
C ASP A 545 -81.31 -12.13 -8.31
N TRP A 546 -79.97 -12.16 -8.30
CA TRP A 546 -79.22 -13.39 -8.04
C TRP A 546 -79.51 -13.93 -6.65
N VAL A 547 -79.59 -13.05 -5.65
CA VAL A 547 -79.83 -13.51 -4.29
C VAL A 547 -81.33 -13.68 -4.02
N VAL A 548 -82.17 -12.84 -4.64
CA VAL A 548 -83.61 -12.93 -4.42
C VAL A 548 -84.14 -14.23 -4.99
N SER A 549 -83.62 -14.64 -6.16
CA SER A 549 -84.06 -15.87 -6.79
C SER A 549 -83.73 -17.11 -5.96
N LYS A 550 -82.71 -17.04 -5.09
CA LYS A 550 -82.34 -18.18 -4.27
C LYS A 550 -83.11 -18.25 -2.96
N LEU A 551 -83.99 -17.29 -2.70
CA LEU A 551 -84.70 -17.21 -1.42
C LEU A 551 -85.63 -18.39 -1.15
N ASP A 552 -86.01 -19.13 -2.19
CA ASP A 552 -86.91 -20.27 -2.03
C ASP A 552 -86.18 -21.60 -1.84
N ARG A 553 -84.85 -21.61 -1.95
CA ARG A 553 -84.10 -22.84 -1.72
C ARG A 553 -84.17 -23.24 -0.26
N LEU A 554 -84.35 -24.53 0.00
CA LEU A 554 -84.53 -25.02 1.35
C LEU A 554 -83.25 -25.52 2.01
N GLU A 555 -82.23 -25.86 1.23
CA GLU A 555 -80.98 -26.37 1.80
C GLU A 555 -80.30 -25.33 2.68
N ALA A 556 -80.29 -24.06 2.26
CA ALA A 556 -79.74 -22.96 3.06
C ALA A 556 -80.69 -21.77 2.92
N SER A 557 -81.68 -21.68 3.80
CA SER A 557 -82.63 -20.58 3.81
C SER A 557 -82.22 -19.43 4.72
N SER A 558 -81.76 -19.75 5.93
CA SER A 558 -81.30 -18.71 6.84
C SER A 558 -80.03 -18.04 6.35
N GLY A 559 -79.14 -18.78 5.69
CA GLY A 559 -77.91 -18.18 5.22
C GLY A 559 -78.14 -17.11 4.18
N ILE A 560 -78.99 -17.42 3.18
CA ILE A 560 -79.29 -16.45 2.14
C ILE A 560 -80.11 -15.29 2.71
N LEU A 561 -81.02 -15.59 3.66
CA LEU A 561 -81.79 -14.54 4.29
C LEU A 561 -80.89 -13.57 5.06
N GLU A 562 -79.87 -14.11 5.73
CA GLU A 562 -78.88 -13.28 6.41
C GLU A 562 -78.08 -12.43 5.43
N VAL A 563 -77.74 -13.00 4.27
CA VAL A 563 -77.01 -12.24 3.24
C VAL A 563 -77.85 -11.08 2.74
N LEU A 564 -79.14 -11.34 2.48
CA LEU A 564 -80.05 -10.31 2.03
C LEU A 564 -80.21 -9.22 3.09
N TYR A 565 -80.32 -9.63 4.36
CA TYR A 565 -80.49 -8.68 5.45
C TYR A 565 -79.27 -7.78 5.56
N CYS A 566 -78.08 -8.36 5.41
CA CYS A 566 -76.84 -7.58 5.50
C CYS A 566 -76.75 -6.59 4.36
N VAL A 567 -77.20 -6.98 3.15
CA VAL A 567 -77.13 -6.07 2.01
C VAL A 567 -78.06 -4.89 2.25
N LEU A 568 -79.31 -5.19 2.62
CA LEU A 568 -80.35 -4.17 2.74
C LEU A 568 -80.03 -3.19 3.86
N ILE A 569 -79.53 -3.68 5.00
CA ILE A 569 -79.33 -2.81 6.16
C ILE A 569 -78.20 -1.81 5.92
N GLU A 570 -77.37 -2.04 4.90
CA GLU A 570 -76.16 -1.26 4.68
C GLU A 570 -76.23 -0.37 3.44
N SER A 571 -76.77 -0.85 2.32
CA SER A 571 -76.71 -0.02 1.12
C SER A 571 -78.08 0.51 0.73
N PRO A 572 -78.33 1.82 0.86
CA PRO A 572 -79.60 2.40 0.39
C PRO A 572 -79.79 2.30 -1.11
N GLU A 573 -78.71 2.33 -1.90
CA GLU A 573 -78.81 2.23 -3.35
C GLU A 573 -79.37 0.90 -3.82
N VAL A 574 -79.24 -0.15 -3.00
CA VAL A 574 -79.87 -1.43 -3.29
C VAL A 574 -81.39 -1.31 -3.20
N LEU A 575 -81.90 -0.48 -2.29
CA LEU A 575 -83.33 -0.32 -2.07
C LEU A 575 -84.03 0.22 -3.31
N ASN A 576 -83.41 1.17 -4.00
CA ASN A 576 -84.03 1.77 -5.17
C ASN A 576 -84.17 0.78 -6.33
N ILE A 577 -83.42 -0.33 -6.30
CA ILE A 577 -83.52 -1.38 -7.32
C ILE A 577 -84.67 -2.33 -7.03
N ILE A 578 -85.21 -2.32 -5.81
CA ILE A 578 -86.26 -3.26 -5.39
C ILE A 578 -87.52 -3.03 -6.21
N GLN A 579 -88.09 -4.12 -6.73
CA GLN A 579 -89.31 -4.10 -7.52
C GLN A 579 -90.40 -4.94 -6.88
N GLU A 580 -91.55 -4.94 -7.55
CA GLU A 580 -92.70 -5.72 -7.11
C GLU A 580 -92.42 -7.21 -7.13
N ASN A 581 -91.54 -7.65 -8.04
CA ASN A 581 -91.16 -9.06 -8.12
C ASN A 581 -90.47 -9.47 -6.83
N HIS A 582 -89.59 -8.60 -6.34
CA HIS A 582 -88.83 -8.91 -5.15
C HIS A 582 -89.71 -8.86 -3.92
N ILE A 583 -90.61 -7.87 -3.86
CA ILE A 583 -91.51 -7.78 -2.70
C ILE A 583 -92.41 -9.01 -2.63
N LYS A 584 -92.96 -9.44 -3.78
CA LYS A 584 -93.78 -10.64 -3.83
C LYS A 584 -92.97 -11.91 -3.61
N SER A 585 -91.66 -11.83 -3.72
CA SER A 585 -90.82 -12.99 -3.45
C SER A 585 -90.49 -13.09 -1.96
N ILE A 586 -90.17 -11.95 -1.34
CA ILE A 586 -89.87 -11.95 0.09
C ILE A 586 -91.12 -12.30 0.91
N ILE A 587 -92.29 -11.79 0.51
CA ILE A 587 -93.53 -12.10 1.22
C ILE A 587 -93.85 -13.60 1.14
N SER A 588 -93.52 -14.21 -0.01
CA SER A 588 -93.73 -15.65 -0.18
C SER A 588 -92.98 -16.45 0.86
N LEU A 589 -91.81 -15.96 1.32
CA LEU A 589 -91.08 -16.64 2.37
C LEU A 589 -91.87 -16.67 3.67
N LEU A 590 -92.59 -15.57 3.97
CA LEU A 590 -93.48 -15.56 5.12
C LEU A 590 -94.59 -16.59 4.96
N ASP A 591 -95.09 -16.73 3.73
CA ASP A 591 -96.16 -17.70 3.51
C ASP A 591 -95.68 -19.15 3.50
N LYS A 592 -94.45 -19.40 3.05
CA LYS A 592 -93.93 -20.75 2.84
C LYS A 592 -93.05 -21.26 3.97
N HIS A 593 -92.23 -20.42 4.59
CA HIS A 593 -91.27 -20.85 5.58
C HIS A 593 -91.72 -20.59 7.01
N GLY A 594 -92.96 -20.17 7.21
CA GLY A 594 -93.46 -19.94 8.55
C GLY A 594 -93.18 -18.54 9.05
N ARG A 595 -93.63 -18.30 10.28
CA ARG A 595 -93.51 -16.99 10.92
C ARG A 595 -92.08 -16.77 11.41
N ASN A 596 -91.22 -16.36 10.49
CA ASN A 596 -89.84 -16.02 10.79
C ASN A 596 -89.76 -14.50 10.94
N HIS A 597 -89.51 -14.04 12.17
CA HIS A 597 -89.48 -12.60 12.46
C HIS A 597 -88.34 -11.88 11.74
N LYS A 598 -87.27 -12.59 11.37
CA LYS A 598 -86.19 -11.96 10.62
C LYS A 598 -86.65 -11.48 9.25
N VAL A 599 -87.69 -12.11 8.70
CA VAL A 599 -88.27 -11.61 7.45
C VAL A 599 -88.91 -10.25 7.70
N LEU A 600 -89.59 -10.12 8.84
CA LEU A 600 -90.17 -8.83 9.21
C LEU A 600 -89.08 -7.78 9.42
N ASP A 601 -87.92 -8.21 9.92
CA ASP A 601 -86.77 -7.31 10.02
C ASP A 601 -86.30 -6.84 8.65
N VAL A 602 -86.29 -7.75 7.68
CA VAL A 602 -85.93 -7.41 6.30
C VAL A 602 -86.93 -6.43 5.73
N LEU A 603 -88.22 -6.67 5.99
CA LEU A 603 -89.27 -5.78 5.52
C LEU A 603 -89.15 -4.41 6.17
N CYS A 604 -88.80 -4.37 7.46
CA CYS A 604 -88.60 -3.09 8.13
C CYS A 604 -87.44 -2.34 7.51
N SER A 605 -86.38 -3.07 7.14
CA SER A 605 -85.22 -2.43 6.54
C SER A 605 -85.52 -1.93 5.13
N LEU A 606 -86.54 -2.50 4.48
CA LEU A 606 -86.88 -2.06 3.13
C LEU A 606 -87.60 -0.72 3.10
N CYS A 607 -88.22 -0.29 4.19
CA CYS A 607 -88.95 0.96 4.15
C CYS A 607 -88.01 2.16 4.31
N VAL A 608 -87.27 2.21 5.41
CA VAL A 608 -86.42 3.34 5.75
C VAL A 608 -84.98 2.89 5.76
N CYS A 609 -84.11 3.64 5.09
CA CYS A 609 -82.69 3.37 5.09
C CYS A 609 -81.97 4.68 5.39
N ASN A 610 -81.18 4.70 6.47
CA ASN A 610 -80.39 5.85 6.92
C ASN A 610 -81.26 7.08 7.14
N GLY A 611 -82.46 6.87 7.68
CA GLY A 611 -83.38 7.94 7.96
C GLY A 611 -84.08 8.53 6.77
N VAL A 612 -84.04 7.86 5.61
CA VAL A 612 -84.71 8.35 4.41
C VAL A 612 -85.73 7.30 3.99
N ALA A 613 -86.98 7.72 3.85
CA ALA A 613 -88.06 6.82 3.45
C ALA A 613 -87.99 6.52 1.96
N VAL A 614 -88.55 5.38 1.59
CA VAL A 614 -88.68 4.98 0.19
C VAL A 614 -90.16 4.62 0.01
N ARG A 615 -90.95 5.60 -0.43
CA ARG A 615 -92.39 5.42 -0.48
C ARG A 615 -92.84 4.43 -1.53
N SER A 616 -92.01 4.14 -2.54
CA SER A 616 -92.34 3.10 -3.50
C SER A 616 -92.36 1.74 -2.83
N ASN A 617 -91.38 1.49 -1.96
CA ASN A 617 -91.33 0.21 -1.28
C ASN A 617 -92.38 0.16 -0.20
N GLN A 618 -92.64 1.31 0.46
CA GLN A 618 -93.68 1.34 1.49
C GLN A 618 -95.03 1.00 0.87
N ASP A 619 -95.32 1.57 -0.31
CA ASP A 619 -96.61 1.33 -0.96
C ASP A 619 -96.72 -0.12 -1.41
N LEU A 620 -95.63 -0.71 -1.93
CA LEU A 620 -95.72 -2.09 -2.39
C LEU A 620 -95.96 -3.03 -1.21
N ILE A 621 -95.27 -2.78 -0.09
CA ILE A 621 -95.40 -3.63 1.09
C ILE A 621 -96.83 -3.56 1.63
N THR A 622 -97.35 -2.34 1.84
CA THR A 622 -98.72 -2.24 2.35
C THR A 622 -99.75 -2.71 1.33
N GLU A 623 -99.40 -2.73 0.04
CA GLU A 623 -100.33 -3.19 -0.98
C GLU A 623 -100.41 -4.72 -0.99
N ASN A 624 -99.30 -5.39 -0.73
CA ASN A 624 -99.25 -6.84 -0.88
C ASN A 624 -99.41 -7.61 0.42
N LEU A 625 -99.02 -7.05 1.55
CA LEU A 625 -99.01 -7.80 2.80
C LEU A 625 -100.29 -7.59 3.60
N LEU A 626 -100.73 -6.35 3.74
CA LEU A 626 -101.81 -6.02 4.68
C LEU A 626 -103.21 -6.45 4.24
N PRO A 627 -103.72 -6.12 3.03
CA PRO A 627 -105.16 -6.37 2.76
C PRO A 627 -105.61 -7.82 2.83
N GLY A 628 -104.72 -8.77 2.52
CA GLY A 628 -105.10 -10.18 2.53
C GLY A 628 -105.56 -10.67 3.89
N ARG A 629 -104.93 -10.18 4.96
CA ARG A 629 -105.25 -10.53 6.36
C ARG A 629 -105.18 -12.04 6.62
N GLU A 630 -104.17 -12.69 6.03
CA GLU A 630 -103.99 -14.12 6.21
C GLU A 630 -102.66 -14.52 6.82
N LEU A 631 -101.67 -13.63 6.84
CA LEU A 631 -100.37 -13.94 7.42
C LEU A 631 -100.19 -13.28 8.78
N LEU A 632 -100.37 -11.97 8.85
CA LEU A 632 -100.18 -11.23 10.09
C LEU A 632 -101.36 -11.48 11.01
N LEU A 633 -101.08 -11.62 12.30
CA LEU A 633 -102.12 -11.79 13.29
C LEU A 633 -103.01 -10.55 13.40
N GLN A 634 -104.31 -10.77 13.41
CA GLN A 634 -105.28 -9.68 13.56
C GLN A 634 -105.63 -9.47 15.02
N THR A 635 -106.14 -8.27 15.32
CA THR A 635 -106.58 -7.90 16.66
C THR A 635 -107.94 -7.21 16.58
N ASN A 636 -108.67 -7.28 17.68
CA ASN A 636 -109.97 -6.63 17.81
C ASN A 636 -110.36 -6.61 19.29
N LEU A 637 -111.33 -5.77 19.59
CA LEU A 637 -111.92 -5.70 20.93
C LEU A 637 -113.28 -6.38 20.90
N ILE A 638 -113.47 -7.38 21.76
CA ILE A 638 -114.72 -8.13 21.79
C ILE A 638 -115.21 -8.19 23.23
N ASN A 639 -116.50 -8.46 23.38
CA ASN A 639 -117.15 -8.55 24.67
C ASN A 639 -117.12 -9.97 25.19
N TYR A 640 -117.10 -10.10 26.51
CA TYR A 640 -117.20 -11.42 27.11
C TYR A 640 -118.61 -11.97 26.92
N VAL A 641 -118.69 -13.27 26.64
CA VAL A 641 -119.95 -13.96 26.39
C VAL A 641 -120.06 -15.12 27.36
N THR A 642 -121.17 -15.20 28.09
CA THR A 642 -121.36 -16.29 29.04
C THR A 642 -122.67 -17.01 28.77
N SER A 643 -122.83 -18.16 29.40
CA SER A 643 -124.03 -18.97 29.22
C SER A 643 -124.63 -19.33 30.57
N ILE A 644 -125.95 -19.48 30.57
CA ILE A 644 -126.75 -19.83 31.75
C ILE A 644 -127.76 -20.90 31.36
N ARG A 645 -127.85 -21.94 32.19
CA ARG A 645 -128.77 -23.04 31.95
C ARG A 645 -129.50 -23.40 33.24
N PRO A 646 -130.70 -23.94 33.13
CA PRO A 646 -131.34 -24.58 34.28
C PRO A 646 -130.88 -26.02 34.41
N ASN A 647 -130.85 -26.53 35.65
CA ASN A 647 -130.36 -27.90 35.88
C ASN A 647 -131.42 -28.91 35.45
N ILE A 648 -131.67 -28.95 34.15
CA ILE A 648 -132.61 -29.86 33.53
C ILE A 648 -131.86 -30.63 32.46
N PHE A 649 -131.99 -31.95 32.46
CA PHE A 649 -131.28 -32.78 31.51
C PHE A 649 -132.24 -33.79 30.93
N VAL A 650 -132.19 -33.96 29.60
CA VAL A 650 -133.00 -34.94 28.90
C VAL A 650 -132.11 -35.66 27.91
N GLY A 651 -132.56 -36.83 27.48
CA GLY A 651 -131.81 -37.64 26.53
C GLY A 651 -132.59 -38.87 26.18
N ARG A 652 -132.09 -39.57 25.16
CA ARG A 652 -132.69 -40.82 24.70
C ARG A 652 -131.67 -41.93 24.79
N ALA A 653 -132.13 -43.11 25.22
CA ALA A 653 -131.30 -44.30 25.30
C ALA A 653 -132.22 -45.51 25.27
N GLU A 654 -131.62 -46.66 24.97
CA GLU A 654 -132.34 -47.93 24.90
C GLU A 654 -132.91 -48.29 26.27
N GLY A 655 -134.23 -48.32 26.39
CA GLY A 655 -134.85 -48.58 27.69
C GLY A 655 -134.62 -47.49 28.72
N SER A 656 -134.57 -46.23 28.29
CA SER A 656 -134.39 -45.10 29.18
C SER A 656 -135.72 -44.65 29.77
N THR A 657 -135.65 -44.13 30.99
CA THR A 657 -136.82 -43.70 31.74
C THR A 657 -137.22 -42.26 31.45
N GLN A 658 -136.78 -41.71 30.32
CA GLN A 658 -136.95 -40.30 29.99
C GLN A 658 -137.83 -40.15 28.76
N TYR A 659 -138.68 -39.13 28.79
CA TYR A 659 -139.54 -38.81 27.67
C TYR A 659 -138.73 -38.19 26.54
N GLY A 660 -139.24 -38.32 25.32
CA GLY A 660 -138.44 -37.88 24.18
C GLY A 660 -138.95 -36.67 23.41
N LYS A 661 -139.60 -35.75 24.09
CA LYS A 661 -140.11 -34.51 23.50
C LYS A 661 -140.22 -33.49 24.61
N TRP A 662 -139.68 -32.29 24.38
CA TRP A 662 -139.66 -31.27 25.42
C TRP A 662 -139.78 -29.89 24.79
N TYR A 663 -140.18 -28.92 25.62
CA TYR A 663 -140.57 -27.60 25.16
C TYR A 663 -140.28 -26.56 26.23
N PHE A 664 -139.59 -25.48 25.86
CA PHE A 664 -139.40 -24.40 26.83
C PHE A 664 -139.48 -23.07 26.10
N GLU A 665 -139.57 -21.99 26.86
CA GLU A 665 -139.66 -20.67 26.26
C GLU A 665 -138.79 -19.67 27.00
N VAL A 666 -138.48 -18.56 26.33
CA VAL A 666 -137.75 -17.46 26.95
C VAL A 666 -138.46 -16.15 26.65
N MET A 667 -138.32 -15.21 27.57
CA MET A 667 -138.90 -13.88 27.46
C MET A 667 -137.79 -12.85 27.53
N VAL A 668 -137.86 -11.83 26.68
CA VAL A 668 -136.84 -10.80 26.59
C VAL A 668 -137.32 -9.58 27.35
N ASP A 669 -136.59 -9.16 28.38
CA ASP A 669 -137.01 -7.98 29.12
C ASP A 669 -136.33 -6.72 28.58
N GLU A 670 -135.00 -6.68 28.63
CA GLU A 670 -134.23 -5.53 28.15
C GLU A 670 -133.05 -6.02 27.35
N VAL A 671 -132.82 -5.38 26.20
CA VAL A 671 -131.68 -5.68 25.32
C VAL A 671 -131.17 -4.34 24.79
N VAL A 672 -129.97 -3.96 25.21
CA VAL A 672 -129.33 -2.76 24.68
C VAL A 672 -128.67 -3.16 23.37
N PRO A 673 -129.05 -2.53 22.24
CA PRO A 673 -128.47 -2.93 20.94
C PRO A 673 -126.96 -2.79 20.85
N PHE A 674 -126.39 -1.75 21.48
CA PHE A 674 -124.94 -1.56 21.46
C PHE A 674 -124.56 -0.92 22.80
N LEU A 675 -124.20 -1.77 23.76
CA LEU A 675 -123.58 -1.28 24.98
C LEU A 675 -122.13 -0.92 24.74
N THR A 676 -121.46 -1.64 23.85
CA THR A 676 -120.11 -1.33 23.40
C THR A 676 -120.10 -1.27 21.88
N ALA A 677 -118.90 -1.19 21.30
CA ALA A 677 -118.78 -1.16 19.84
C ALA A 677 -119.29 -2.46 19.21
N GLN A 678 -118.99 -3.60 19.83
CA GLN A 678 -119.43 -4.88 19.30
C GLN A 678 -120.94 -5.03 19.47
N ALA A 679 -121.55 -5.75 18.53
CA ALA A 679 -122.98 -6.00 18.58
C ALA A 679 -123.32 -6.87 19.78
N THR A 680 -124.46 -6.57 20.41
CA THR A 680 -124.91 -7.34 21.56
C THR A 680 -125.24 -8.78 21.14
N HIS A 681 -124.80 -9.74 21.93
CA HIS A 681 -124.96 -11.16 21.65
C HIS A 681 -126.04 -11.75 22.54
N LEU A 682 -126.99 -12.45 21.92
CA LEU A 682 -128.03 -13.15 22.66
C LEU A 682 -128.55 -14.30 21.81
N ARG A 683 -128.39 -15.52 22.30
CA ARG A 683 -128.83 -16.71 21.59
C ARG A 683 -129.49 -17.64 22.60
N VAL A 684 -130.48 -18.39 22.11
CA VAL A 684 -131.22 -19.36 22.91
C VAL A 684 -131.22 -20.69 22.16
N GLY A 685 -130.95 -21.78 22.86
CA GLY A 685 -130.95 -23.05 22.18
C GLY A 685 -130.67 -24.20 23.11
N TRP A 686 -130.49 -25.37 22.49
CA TRP A 686 -130.14 -26.59 23.18
C TRP A 686 -128.66 -26.89 22.99
N ALA A 687 -128.06 -27.51 23.99
CA ALA A 687 -126.66 -27.92 23.92
C ALA A 687 -126.51 -29.30 24.54
N LEU A 688 -125.32 -29.88 24.36
CA LEU A 688 -125.06 -31.25 24.74
C LEU A 688 -123.99 -31.26 25.83
N THR A 689 -124.09 -32.25 26.74
CA THR A 689 -123.32 -32.26 27.97
C THR A 689 -121.90 -32.82 27.82
N GLU A 690 -121.47 -33.19 26.63
CA GLU A 690 -120.18 -33.83 26.42
C GLU A 690 -119.36 -33.09 25.37
N GLY A 691 -119.20 -31.79 25.56
CA GLY A 691 -118.45 -31.02 24.58
C GLY A 691 -118.88 -29.58 24.41
N TYR A 692 -119.99 -29.19 25.05
CA TYR A 692 -120.32 -27.76 25.13
C TYR A 692 -119.76 -27.23 26.44
N SER A 693 -118.52 -26.75 26.39
CA SER A 693 -117.85 -26.14 27.54
C SER A 693 -117.29 -24.80 27.09
N PRO A 694 -118.14 -23.77 27.00
CA PRO A 694 -117.68 -22.46 26.52
C PRO A 694 -116.89 -21.68 27.56
N TYR A 695 -115.60 -21.97 27.61
CA TYR A 695 -114.67 -21.28 28.50
C TYR A 695 -114.67 -19.79 28.18
N PRO A 696 -114.70 -18.92 29.19
CA PRO A 696 -114.76 -17.48 28.93
C PRO A 696 -113.51 -16.96 28.23
N GLY A 697 -113.71 -15.95 27.41
CA GLY A 697 -112.62 -15.31 26.71
C GLY A 697 -112.52 -15.77 25.27
N GLY A 698 -111.31 -16.14 24.84
CA GLY A 698 -111.07 -16.54 23.48
C GLY A 698 -111.56 -17.95 23.18
N GLY A 699 -111.37 -18.33 21.91
CA GLY A 699 -111.79 -19.64 21.47
C GLY A 699 -111.92 -19.77 19.97
N GLU A 700 -113.02 -20.33 19.50
CA GLU A 700 -113.23 -20.51 18.07
C GLU A 700 -113.60 -19.18 17.41
N GLY A 701 -113.15 -19.03 16.16
CA GLY A 701 -113.46 -17.85 15.36
C GLY A 701 -112.92 -16.59 15.99
N TRP A 702 -113.77 -15.58 16.09
CA TRP A 702 -113.39 -14.29 16.65
C TRP A 702 -113.76 -14.16 18.11
N GLY A 703 -113.85 -15.27 18.84
CA GLY A 703 -114.10 -15.22 20.26
C GLY A 703 -115.55 -14.90 20.60
N GLY A 704 -115.78 -14.76 21.90
CA GLY A 704 -117.13 -14.56 22.44
C GLY A 704 -118.04 -15.73 22.11
N ASN A 705 -117.50 -16.94 22.20
CA ASN A 705 -118.24 -18.14 21.79
C ASN A 705 -119.38 -18.42 22.76
N GLY A 706 -120.49 -18.91 22.20
CA GLY A 706 -121.66 -19.28 23.00
C GLY A 706 -122.36 -20.45 22.36
N VAL A 707 -123.69 -20.43 22.40
CA VAL A 707 -124.49 -21.50 21.81
C VAL A 707 -124.39 -21.42 20.29
N GLY A 708 -124.14 -22.55 19.65
CA GLY A 708 -124.05 -22.60 18.20
C GLY A 708 -122.67 -22.36 17.62
N ASP A 709 -121.71 -21.96 18.45
CA ASP A 709 -120.34 -21.80 17.97
C ASP A 709 -119.62 -23.13 17.79
N ASP A 710 -120.24 -24.24 18.19
CA ASP A 710 -119.66 -25.57 18.08
C ASP A 710 -120.77 -26.57 17.83
N LEU A 711 -120.39 -27.75 17.34
CA LEU A 711 -121.39 -28.78 17.04
C LEU A 711 -121.99 -29.45 18.27
N TYR A 712 -121.73 -28.98 19.49
CA TYR A 712 -122.36 -29.49 20.69
C TYR A 712 -123.46 -28.58 21.19
N SER A 713 -123.88 -27.62 20.35
CA SER A 713 -124.98 -26.73 20.70
C SER A 713 -125.71 -26.38 19.41
N TYR A 714 -126.95 -25.91 19.56
CA TYR A 714 -127.81 -25.59 18.41
C TYR A 714 -128.67 -24.40 18.79
N GLY A 715 -128.24 -23.20 18.39
CA GLY A 715 -128.87 -22.00 18.90
C GLY A 715 -129.60 -21.15 17.88
N PHE A 716 -130.55 -20.35 18.39
CA PHE A 716 -131.35 -19.45 17.58
C PHE A 716 -131.25 -18.06 18.16
N ASP A 717 -131.08 -17.07 17.29
CA ASP A 717 -130.85 -15.69 17.70
C ASP A 717 -131.92 -14.71 17.25
N GLY A 718 -132.92 -15.16 16.51
CA GLY A 718 -133.92 -14.30 15.92
C GLY A 718 -133.78 -14.15 14.43
N LEU A 719 -132.59 -14.35 13.88
CA LEU A 719 -132.38 -14.27 12.44
C LEU A 719 -131.58 -15.43 11.86
N HIS A 720 -130.81 -16.16 12.66
CA HIS A 720 -129.93 -17.19 12.14
C HIS A 720 -130.07 -18.47 12.94
N LEU A 721 -129.73 -19.59 12.30
CA LEU A 721 -129.51 -20.84 13.02
C LEU A 721 -128.01 -21.01 13.19
N TRP A 722 -127.58 -21.08 14.44
CA TRP A 722 -126.17 -21.16 14.77
C TRP A 722 -125.80 -22.61 15.06
N THR A 723 -124.86 -23.15 14.28
CA THR A 723 -124.32 -24.48 14.50
C THR A 723 -122.95 -24.53 13.86
N GLY A 724 -121.97 -25.03 14.61
CA GLY A 724 -120.58 -25.10 14.15
C GLY A 724 -119.98 -23.77 13.76
N HIS A 725 -120.32 -22.71 14.50
CA HIS A 725 -119.90 -21.32 14.23
C HIS A 725 -120.26 -20.90 12.80
N VAL A 726 -121.47 -21.27 12.37
CA VAL A 726 -121.99 -20.90 11.05
C VAL A 726 -123.42 -20.40 11.25
N ALA A 727 -123.72 -19.25 10.66
CA ALA A 727 -125.04 -18.63 10.73
C ALA A 727 -125.74 -18.74 9.39
N ARG A 728 -127.00 -19.17 9.42
CA ARG A 728 -127.80 -19.34 8.20
C ARG A 728 -129.13 -18.62 8.42
N PRO A 729 -129.50 -17.67 7.55
CA PRO A 729 -130.73 -16.88 7.77
C PRO A 729 -131.99 -17.74 7.71
N VAL A 730 -132.98 -17.34 8.50
CA VAL A 730 -134.25 -18.06 8.58
C VAL A 730 -135.40 -17.10 8.28
N THR A 731 -136.32 -17.54 7.44
CA THR A 731 -137.50 -16.75 7.11
C THR A 731 -138.47 -16.79 8.28
N SER A 732 -138.97 -15.63 8.69
CA SER A 732 -139.95 -15.54 9.75
C SER A 732 -140.98 -14.49 9.38
N PRO A 733 -142.21 -14.62 9.88
CA PRO A 733 -143.23 -13.59 9.61
C PRO A 733 -142.96 -12.31 10.37
N GLY A 734 -142.07 -11.48 9.85
CA GLY A 734 -141.61 -10.31 10.58
C GLY A 734 -140.28 -10.58 11.25
N GLN A 735 -139.32 -11.11 10.48
CA GLN A 735 -138.02 -11.47 11.01
C GLN A 735 -137.25 -10.25 11.49
N HIS A 736 -136.57 -10.41 12.62
CA HIS A 736 -135.72 -9.39 13.22
C HIS A 736 -134.85 -10.02 14.30
N LEU A 737 -133.91 -9.23 14.81
CA LEU A 737 -133.16 -9.61 15.99
C LEU A 737 -134.10 -9.59 17.20
N LEU A 738 -133.70 -10.28 18.28
CA LEU A 738 -134.53 -10.38 19.47
C LEU A 738 -134.76 -9.01 20.11
N ALA A 739 -135.96 -8.50 19.96
CA ALA A 739 -136.42 -7.24 20.52
C ALA A 739 -137.00 -7.48 21.91
N PRO A 740 -137.17 -6.44 22.73
CA PRO A 740 -137.86 -6.63 24.03
C PRO A 740 -139.27 -7.14 23.84
N GLU A 741 -139.68 -8.04 24.76
CA GLU A 741 -140.98 -8.72 24.76
C GLU A 741 -141.21 -9.49 23.46
N ASP A 742 -140.35 -10.48 23.25
CA ASP A 742 -140.48 -11.43 22.16
C ASP A 742 -140.61 -12.84 22.72
N VAL A 743 -141.40 -13.67 22.05
CA VAL A 743 -141.67 -15.01 22.52
C VAL A 743 -140.88 -15.99 21.68
N VAL A 744 -139.98 -16.73 22.32
CA VAL A 744 -139.17 -17.74 21.66
C VAL A 744 -139.50 -19.08 22.31
N SER A 745 -139.91 -20.04 21.48
CA SER A 745 -140.33 -21.37 21.90
C SER A 745 -139.43 -22.41 21.26
N CYS A 746 -138.77 -23.22 22.07
CA CYS A 746 -137.89 -24.28 21.58
C CYS A 746 -138.56 -25.63 21.80
N CYS A 747 -138.72 -26.39 20.72
CA CYS A 747 -139.30 -27.73 20.68
C CYS A 747 -138.21 -28.73 20.31
N LEU A 748 -137.99 -29.72 21.16
CA LEU A 748 -136.96 -30.73 20.94
C LEU A 748 -137.62 -32.10 20.88
N ASP A 749 -137.31 -32.87 19.85
CA ASP A 749 -137.75 -34.25 19.76
C ASP A 749 -136.53 -35.14 19.85
N LEU A 750 -136.56 -36.11 20.75
CA LEU A 750 -135.45 -37.02 20.93
C LEU A 750 -135.59 -38.32 20.15
N SER A 751 -136.83 -38.78 19.95
CA SER A 751 -137.07 -40.01 19.19
C SER A 751 -136.56 -39.89 17.76
N VAL A 752 -136.91 -38.79 17.09
CA VAL A 752 -136.37 -38.44 15.78
C VAL A 752 -135.64 -37.12 15.97
N PRO A 753 -134.40 -36.97 15.47
CA PRO A 753 -133.68 -35.71 15.66
C PRO A 753 -134.35 -34.53 14.98
N SER A 754 -134.90 -33.61 15.76
CA SER A 754 -135.55 -32.42 15.22
C SER A 754 -135.60 -31.34 16.30
N ILE A 755 -135.14 -30.15 15.93
CA ILE A 755 -135.07 -28.99 16.80
C ILE A 755 -135.84 -27.87 16.08
N SER A 756 -137.02 -27.54 16.59
CA SER A 756 -137.89 -26.57 15.96
C SER A 756 -138.04 -25.34 16.86
N PHE A 757 -138.04 -24.17 16.24
CA PHE A 757 -138.19 -22.92 16.97
C PHE A 757 -139.49 -22.24 16.55
N ARG A 758 -140.03 -21.43 17.44
CA ARG A 758 -141.19 -20.60 17.17
C ARG A 758 -140.93 -19.20 17.70
N ILE A 759 -141.05 -18.19 16.83
CA ILE A 759 -140.89 -16.80 17.23
C ILE A 759 -142.27 -16.18 17.29
N ASN A 760 -142.66 -15.72 18.49
CA ASN A 760 -143.97 -15.12 18.78
C ASN A 760 -145.11 -16.03 18.34
N GLY A 761 -144.92 -17.34 18.52
CA GLY A 761 -145.87 -18.36 18.10
C GLY A 761 -145.72 -18.76 16.65
N CYS A 762 -145.29 -17.83 15.79
CA CYS A 762 -145.13 -18.10 14.38
C CYS A 762 -144.00 -19.11 14.15
N PRO A 763 -144.15 -20.04 13.22
CA PRO A 763 -143.10 -21.02 12.94
C PRO A 763 -141.83 -20.40 12.37
N VAL A 764 -140.70 -21.02 12.69
CA VAL A 764 -139.40 -20.66 12.14
C VAL A 764 -139.03 -21.73 11.12
N GLN A 765 -138.91 -21.32 9.86
CA GLN A 765 -138.72 -22.23 8.73
C GLN A 765 -137.28 -22.73 8.66
N GLY A 766 -136.92 -23.54 9.66
CA GLY A 766 -135.61 -24.15 9.73
C GLY A 766 -135.55 -25.11 10.91
N VAL A 767 -135.06 -26.34 10.68
CA VAL A 767 -135.00 -27.36 11.71
C VAL A 767 -133.67 -28.10 11.61
N PHE A 768 -133.00 -28.26 12.75
CA PHE A 768 -131.83 -29.13 12.82
C PHE A 768 -132.28 -30.58 12.84
N GLU A 769 -131.56 -31.44 12.13
CA GLU A 769 -131.93 -32.83 12.00
C GLU A 769 -130.67 -33.66 11.92
N ALA A 770 -130.81 -34.97 12.16
CA ALA A 770 -129.75 -35.98 12.00
C ALA A 770 -128.51 -35.63 12.83
N PHE A 771 -128.74 -35.29 14.09
CA PHE A 771 -127.66 -34.93 14.99
C PHE A 771 -127.48 -36.02 16.04
N ASN A 772 -126.22 -36.18 16.47
CA ASN A 772 -125.85 -37.19 17.45
C ASN A 772 -126.58 -36.95 18.77
N LEU A 773 -127.13 -38.02 19.33
CA LEU A 773 -127.96 -37.94 20.52
C LEU A 773 -127.21 -38.27 21.80
N ASP A 774 -126.03 -38.90 21.69
CA ASP A 774 -125.25 -39.30 22.85
C ASP A 774 -124.90 -38.11 23.75
N GLY A 775 -125.08 -38.30 25.05
CA GLY A 775 -125.02 -37.19 25.98
C GLY A 775 -126.41 -36.79 26.43
N LEU A 776 -126.47 -35.61 27.04
CA LEU A 776 -127.73 -35.08 27.56
C LEU A 776 -127.97 -33.70 26.97
N PHE A 777 -129.22 -33.45 26.59
CA PHE A 777 -129.62 -32.17 26.01
C PHE A 777 -130.23 -31.30 27.10
N PHE A 778 -129.92 -30.01 27.05
CA PHE A 778 -130.40 -29.07 28.05
C PHE A 778 -130.70 -27.71 27.44
N PRO A 779 -131.64 -26.96 28.00
CA PRO A 779 -131.82 -25.57 27.59
C PRO A 779 -130.63 -24.74 28.02
N VAL A 780 -130.28 -23.75 27.20
CA VAL A 780 -129.13 -22.89 27.49
C VAL A 780 -129.32 -21.57 26.75
N VAL A 781 -128.85 -20.48 27.38
CA VAL A 781 -128.87 -19.16 26.78
C VAL A 781 -127.46 -18.56 26.87
N SER A 782 -126.98 -18.06 25.73
CA SER A 782 -125.69 -17.40 25.66
C SER A 782 -125.90 -15.91 25.44
N PHE A 783 -125.32 -15.11 26.32
CA PHE A 783 -125.59 -13.68 26.33
C PHE A 783 -124.33 -12.90 26.63
N SER A 784 -124.29 -11.69 26.06
CA SER A 784 -123.26 -10.70 26.33
C SER A 784 -123.75 -9.82 27.49
N ALA A 785 -123.05 -8.72 27.74
CA ALA A 785 -123.42 -7.83 28.83
C ALA A 785 -124.64 -6.97 28.49
N GLY A 786 -125.33 -6.53 29.54
CA GLY A 786 -126.43 -5.60 29.39
C GLY A 786 -127.76 -6.17 28.95
N VAL A 787 -128.09 -7.40 29.33
CA VAL A 787 -129.35 -8.02 28.92
C VAL A 787 -130.10 -8.55 30.14
N LYS A 788 -131.41 -8.73 29.96
CA LYS A 788 -132.26 -9.38 30.94
C LYS A 788 -133.19 -10.33 30.20
N VAL A 789 -133.19 -11.60 30.60
CA VAL A 789 -134.07 -12.60 30.00
C VAL A 789 -134.75 -13.42 31.10
N ARG A 790 -135.82 -14.11 30.72
CA ARG A 790 -136.54 -14.95 31.65
C ARG A 790 -136.80 -16.33 31.05
N PHE A 791 -136.67 -17.35 31.87
CA PHE A 791 -136.94 -18.72 31.50
C PHE A 791 -138.38 -19.03 31.84
N LEU A 792 -139.05 -19.73 30.91
CA LEU A 792 -140.39 -20.28 31.05
C LEU A 792 -140.29 -21.78 30.87
N LEU A 793 -140.53 -22.53 31.93
CA LEU A 793 -140.38 -23.97 31.93
C LEU A 793 -141.69 -24.70 32.15
N GLY A 794 -142.81 -23.99 32.25
CA GLY A 794 -144.10 -24.60 32.48
C GLY A 794 -144.37 -24.82 33.96
N GLY A 795 -145.63 -25.15 34.25
CA GLY A 795 -146.07 -25.33 35.62
C GLY A 795 -145.91 -24.05 36.42
N ARG A 796 -145.25 -24.16 37.56
CA ARG A 796 -144.96 -23.01 38.41
C ARG A 796 -143.73 -22.24 37.96
N HIS A 797 -143.05 -22.69 36.93
CA HIS A 797 -141.82 -22.07 36.46
C HIS A 797 -141.98 -21.56 35.03
N GLY A 798 -143.18 -21.09 34.70
CA GLY A 798 -143.47 -20.54 33.39
C GLY A 798 -144.92 -20.77 33.01
N GLU A 799 -145.50 -19.80 32.30
CA GLU A 799 -146.86 -19.91 31.80
C GLU A 799 -146.94 -20.29 30.33
N PHE A 800 -145.84 -20.13 29.60
CA PHE A 800 -145.60 -20.47 28.20
C PHE A 800 -146.32 -19.58 27.19
N LYS A 801 -147.25 -18.73 27.64
CA LYS A 801 -147.93 -17.68 26.87
C LYS A 801 -148.54 -18.12 25.53
N PHE A 802 -148.67 -19.43 25.32
CA PHE A 802 -148.99 -20.06 24.06
C PHE A 802 -149.33 -21.51 24.37
N LEU A 803 -149.81 -22.22 23.35
CA LEU A 803 -150.10 -23.63 23.51
C LEU A 803 -148.98 -24.43 22.84
N PRO A 804 -148.20 -25.20 23.60
CA PRO A 804 -147.17 -26.03 22.98
C PRO A 804 -147.80 -27.09 22.10
N PRO A 805 -147.10 -27.51 21.04
CA PRO A 805 -147.58 -28.61 20.19
C PRO A 805 -147.76 -29.88 21.00
N PRO A 806 -148.78 -30.68 20.69
CA PRO A 806 -149.11 -31.86 21.51
C PRO A 806 -147.99 -32.88 21.56
N GLY A 807 -147.84 -33.50 22.72
CA GLY A 807 -146.81 -34.49 22.92
C GLY A 807 -145.49 -33.94 23.41
N TYR A 808 -145.36 -32.62 23.58
CA TYR A 808 -144.14 -32.02 24.10
C TYR A 808 -144.34 -31.68 25.57
N ALA A 809 -143.69 -32.45 26.44
CA ALA A 809 -143.82 -32.26 27.88
C ALA A 809 -143.16 -30.94 28.29
N PRO A 810 -143.82 -30.13 29.13
CA PRO A 810 -143.17 -28.94 29.67
C PRO A 810 -141.93 -29.28 30.46
N CYS A 811 -140.89 -28.45 30.31
CA CYS A 811 -139.56 -28.75 30.83
C CYS A 811 -139.45 -28.76 32.35
N HIS A 812 -140.45 -28.24 33.07
CA HIS A 812 -140.42 -28.30 34.53
C HIS A 812 -140.60 -29.71 35.08
N GLU A 813 -140.97 -30.68 34.25
CA GLU A 813 -141.19 -32.04 34.69
C GLU A 813 -139.93 -32.89 34.65
N ALA A 814 -138.84 -32.37 34.08
CA ALA A 814 -137.63 -33.15 33.91
C ALA A 814 -136.70 -33.08 35.13
N VAL A 815 -137.06 -32.32 36.15
CA VAL A 815 -136.21 -32.18 37.33
C VAL A 815 -136.18 -33.50 38.10
N LEU A 816 -135.00 -33.90 38.50
CA LEU A 816 -134.76 -35.11 39.28
C LEU A 816 -135.18 -34.92 40.74
N PRO A 817 -135.61 -36.01 41.41
CA PRO A 817 -136.12 -35.85 42.79
C PRO A 817 -135.10 -35.33 43.79
N ARG A 818 -133.83 -35.67 43.62
CA ARG A 818 -132.80 -35.28 44.57
C ARG A 818 -132.31 -33.84 44.38
N GLU A 819 -132.60 -33.23 43.24
CA GLU A 819 -132.10 -31.90 42.92
C GLU A 819 -133.22 -30.92 42.69
N ARG A 820 -133.09 -29.74 43.28
CA ARG A 820 -134.07 -28.68 43.08
C ARG A 820 -133.75 -27.92 41.78
N LEU A 821 -134.76 -27.24 41.26
CA LEU A 821 -134.56 -26.44 40.06
C LEU A 821 -133.75 -25.20 40.40
N ARG A 822 -132.70 -24.96 39.61
CA ARG A 822 -131.84 -23.80 39.80
C ARG A 822 -131.18 -23.46 38.48
N LEU A 823 -130.70 -22.23 38.38
CA LEU A 823 -129.98 -21.77 37.21
C LEU A 823 -128.49 -21.74 37.48
N GLU A 824 -127.74 -22.42 36.63
CA GLU A 824 -126.31 -22.55 36.81
C GLU A 824 -125.57 -22.15 35.54
N PRO A 825 -124.36 -21.62 35.67
CA PRO A 825 -123.48 -21.50 34.52
C PRO A 825 -122.93 -22.85 34.10
N ILE A 826 -122.47 -22.92 32.85
CA ILE A 826 -121.83 -24.12 32.32
C ILE A 826 -120.49 -24.25 33.05
N LYS A 827 -119.81 -25.41 32.92
CA LYS A 827 -118.61 -25.83 33.64
C LYS A 827 -117.60 -24.71 33.84
N GLU A 828 -117.29 -24.44 35.11
CA GLU A 828 -116.55 -23.25 35.49
C GLU A 828 -115.31 -23.61 36.29
N TYR A 829 -114.39 -22.66 36.35
CA TYR A 829 -113.17 -22.80 37.15
C TYR A 829 -113.05 -21.74 38.23
N ARG A 830 -114.11 -20.99 38.49
CA ARG A 830 -114.07 -19.92 39.47
C ARG A 830 -115.50 -19.55 39.83
N ARG A 831 -115.73 -19.28 41.11
CA ARG A 831 -116.98 -18.71 41.58
C ARG A 831 -116.67 -17.80 42.75
N GLU A 832 -117.43 -16.72 42.86
CA GLU A 832 -117.16 -15.73 43.90
C GLU A 832 -117.59 -16.26 45.26
N GLY A 833 -116.82 -15.92 46.28
CA GLY A 833 -117.09 -16.34 47.63
C GLY A 833 -116.99 -15.19 48.61
N PRO A 834 -117.23 -15.48 49.91
CA PRO A 834 -117.20 -14.44 50.94
C PRO A 834 -115.83 -13.80 51.12
N ARG A 835 -114.80 -14.61 51.36
CA ARG A 835 -113.46 -14.08 51.61
C ARG A 835 -112.64 -13.91 50.34
N GLY A 836 -113.14 -14.40 49.20
CA GLY A 836 -112.42 -14.28 47.95
C GLY A 836 -112.95 -15.27 46.92
N PRO A 837 -112.36 -15.26 45.72
CA PRO A 837 -112.78 -16.20 44.68
C PRO A 837 -112.50 -17.64 45.08
N HIS A 838 -113.35 -18.55 44.60
CA HIS A 838 -113.20 -19.98 44.88
C HIS A 838 -112.94 -20.71 43.58
N LEU A 839 -111.71 -21.22 43.43
CA LEU A 839 -111.37 -22.05 42.29
C LEU A 839 -112.14 -23.36 42.39
N VAL A 840 -112.77 -23.78 41.30
CA VAL A 840 -113.63 -24.95 41.29
C VAL A 840 -113.06 -25.94 40.30
N GLY A 841 -113.05 -27.21 40.69
CA GLY A 841 -112.57 -28.26 39.81
C GLY A 841 -113.67 -28.72 38.88
N PRO A 842 -113.42 -29.81 38.14
CA PRO A 842 -114.42 -30.36 37.23
C PRO A 842 -115.71 -30.75 37.95
N SER A 843 -116.82 -30.62 37.24
CA SER A 843 -118.13 -30.90 37.81
C SER A 843 -118.60 -32.27 37.33
N ARG A 844 -119.09 -33.09 38.26
CA ARG A 844 -119.66 -34.38 37.88
C ARG A 844 -120.93 -34.15 37.09
N CYS A 845 -121.01 -34.81 35.94
CA CYS A 845 -122.13 -34.61 35.02
C CYS A 845 -122.93 -35.90 34.94
N LEU A 846 -124.25 -35.76 35.00
CA LEU A 846 -125.14 -36.90 34.88
C LEU A 846 -125.13 -37.41 33.44
N SER A 847 -125.44 -38.68 33.27
CA SER A 847 -125.39 -39.33 31.96
C SER A 847 -126.70 -40.01 31.65
N HIS A 848 -126.98 -40.16 30.35
CA HIS A 848 -128.18 -40.87 29.89
C HIS A 848 -128.14 -42.32 30.34
N THR A 849 -126.95 -42.94 30.30
CA THR A 849 -126.74 -44.30 30.80
C THR A 849 -127.14 -44.48 32.27
N ASP A 850 -127.22 -43.39 33.05
CA ASP A 850 -127.66 -43.44 34.43
C ASP A 850 -129.17 -43.38 34.56
N PHE A 851 -129.92 -43.34 33.45
CA PHE A 851 -131.36 -43.42 33.49
C PHE A 851 -131.91 -44.75 33.02
N VAL A 852 -131.06 -45.67 32.57
CA VAL A 852 -131.57 -46.99 32.21
C VAL A 852 -131.45 -47.85 33.48
N PRO A 853 -132.53 -48.47 33.93
CA PRO A 853 -132.41 -49.35 35.10
C PRO A 853 -131.92 -50.71 34.64
N CYS A 854 -130.73 -51.10 35.10
CA CYS A 854 -130.09 -52.35 34.69
C CYS A 854 -129.97 -53.26 35.91
N PRO A 855 -130.95 -54.11 36.15
CA PRO A 855 -130.91 -55.00 37.31
C PRO A 855 -130.13 -56.27 36.94
N VAL A 856 -130.05 -57.17 37.90
CA VAL A 856 -129.51 -58.51 37.64
C VAL A 856 -130.67 -59.44 37.32
N ASP A 857 -130.55 -60.18 36.21
CA ASP A 857 -131.63 -61.05 35.75
C ASP A 857 -131.91 -62.14 36.79
N THR A 858 -133.18 -62.32 37.12
CA THR A 858 -133.59 -63.29 38.12
C THR A 858 -134.48 -64.38 37.51
N VAL A 859 -134.09 -64.90 36.35
CA VAL A 859 -134.86 -65.96 35.69
C VAL A 859 -134.11 -67.28 35.70
N GLN A 860 -132.88 -67.29 35.21
CA GLN A 860 -132.09 -68.54 35.09
C GLN A 860 -131.46 -68.90 36.44
N ILE A 861 -132.31 -69.21 37.40
CA ILE A 861 -131.91 -69.60 38.75
C ILE A 861 -132.79 -70.77 39.19
N VAL A 862 -132.20 -71.97 39.24
CA VAL A 862 -132.92 -73.10 39.82
C VAL A 862 -132.99 -72.91 41.33
N LEU A 863 -134.20 -73.07 41.87
CA LEU A 863 -134.46 -72.73 43.26
C LEU A 863 -133.94 -73.85 44.16
N PRO A 864 -133.10 -73.54 45.14
CA PRO A 864 -132.41 -74.59 45.93
C PRO A 864 -133.31 -75.24 46.96
N PRO A 865 -132.93 -76.44 47.45
CA PRO A 865 -133.73 -77.10 48.49
C PRO A 865 -133.77 -76.34 49.81
N HIS A 866 -132.66 -75.72 50.22
CA HIS A 866 -132.65 -75.02 51.50
C HIS A 866 -133.51 -73.76 51.44
N LEU A 867 -133.74 -73.25 50.23
CA LEU A 867 -134.61 -72.10 50.04
C LEU A 867 -136.08 -72.51 50.00
N GLU A 868 -136.43 -73.57 49.24
CA GLU A 868 -137.82 -74.03 49.28
C GLU A 868 -138.20 -74.54 50.67
N ARG A 869 -137.21 -74.99 51.45
CA ARG A 869 -137.44 -75.36 52.84
C ARG A 869 -137.85 -74.15 53.68
N ILE A 870 -137.39 -72.95 53.33
CA ILE A 870 -137.77 -71.76 54.09
C ILE A 870 -138.63 -70.82 53.22
N ARG A 871 -139.27 -71.38 52.19
CA ARG A 871 -140.09 -70.62 51.24
C ARG A 871 -141.33 -70.02 51.88
N GLU A 872 -141.74 -70.50 53.06
CA GLU A 872 -143.04 -70.16 53.62
C GLU A 872 -142.97 -69.05 54.66
N LYS A 873 -142.11 -69.19 55.68
CA LYS A 873 -142.06 -68.22 56.77
C LYS A 873 -141.65 -66.83 56.30
N LEU A 874 -140.65 -66.77 55.41
CA LEU A 874 -140.24 -65.51 54.79
C LEU A 874 -141.30 -64.88 53.89
N ALA A 875 -142.34 -65.63 53.51
CA ALA A 875 -143.49 -65.06 52.82
C ALA A 875 -144.57 -64.66 53.81
N GLU A 876 -144.80 -65.51 54.82
CA GLU A 876 -145.79 -65.23 55.86
C GLU A 876 -145.42 -63.96 56.60
N ASN A 877 -144.13 -63.66 56.71
CA ASN A 877 -143.70 -62.47 57.43
C ASN A 877 -143.77 -61.23 56.53
N ILE A 878 -144.04 -61.39 55.24
CA ILE A 878 -144.18 -60.23 54.37
C ILE A 878 -145.54 -60.22 53.67
N HIS A 879 -146.51 -60.92 54.25
CA HIS A 879 -147.86 -60.88 53.68
C HIS A 879 -148.68 -59.72 54.22
N GLU A 880 -148.43 -59.27 55.45
CA GLU A 880 -149.09 -58.08 55.98
C GLU A 880 -148.13 -57.17 56.74
N LEU A 881 -146.84 -57.24 56.44
CA LEU A 881 -145.88 -56.39 57.13
C LEU A 881 -146.15 -54.92 56.83
N TRP A 882 -146.51 -54.61 55.57
CA TRP A 882 -146.94 -53.25 55.25
C TRP A 882 -148.27 -52.90 55.93
N ALA A 883 -149.02 -53.90 56.38
CA ALA A 883 -150.30 -53.69 57.03
C ALA A 883 -150.18 -53.45 58.52
N LEU A 884 -149.04 -53.82 59.12
CA LEU A 884 -148.91 -53.76 60.58
C LEU A 884 -148.89 -52.33 61.11
N THR A 885 -148.33 -51.39 60.32
CA THR A 885 -148.10 -50.02 60.79
C THR A 885 -149.40 -49.29 61.11
N ARG A 886 -150.43 -49.47 60.29
CA ARG A 886 -151.62 -48.64 60.31
C ARG A 886 -152.80 -49.22 61.10
N ILE A 887 -152.64 -50.37 61.76
CA ILE A 887 -153.72 -50.91 62.58
C ILE A 887 -153.87 -50.03 63.82
N GLU A 888 -155.09 -49.98 64.36
CA GLU A 888 -155.50 -49.11 65.48
C GLU A 888 -155.35 -47.62 65.14
N GLN A 889 -155.51 -47.29 63.87
CA GLN A 889 -155.52 -45.91 63.39
C GLN A 889 -156.77 -45.68 62.57
N GLY A 890 -156.84 -44.56 61.82
CA GLY A 890 -157.93 -44.35 60.89
C GLY A 890 -158.05 -45.42 59.82
N TRP A 891 -156.94 -46.06 59.47
CA TRP A 891 -156.93 -47.18 58.54
C TRP A 891 -156.94 -48.50 59.30
N THR A 892 -158.02 -48.73 60.04
CA THR A 892 -158.21 -49.93 60.83
C THR A 892 -159.25 -50.81 60.13
N TYR A 893 -158.91 -52.08 59.97
CA TYR A 893 -159.64 -53.03 59.14
C TYR A 893 -161.07 -53.26 59.64
N GLY A 894 -161.89 -53.82 58.77
CA GLY A 894 -163.26 -54.18 59.05
C GLY A 894 -163.60 -55.44 58.30
N PRO A 895 -164.41 -56.31 58.91
CA PRO A 895 -164.78 -57.60 58.28
C PRO A 895 -165.52 -57.47 56.95
N VAL A 896 -166.27 -56.39 56.74
CA VAL A 896 -167.05 -56.23 55.52
C VAL A 896 -166.17 -56.06 54.28
N ARG A 897 -165.04 -55.36 54.41
CA ARG A 897 -164.20 -55.02 53.28
C ARG A 897 -162.87 -55.75 53.38
N ASP A 898 -161.96 -55.41 52.46
CA ASP A 898 -160.66 -56.06 52.34
C ASP A 898 -159.65 -54.96 52.07
N ASP A 899 -158.48 -55.35 51.56
CA ASP A 899 -157.39 -54.43 51.25
C ASP A 899 -157.83 -53.36 50.23
N ASN A 900 -157.08 -52.25 50.22
CA ASN A 900 -157.20 -51.13 49.29
C ASN A 900 -158.50 -50.35 49.43
N LYS A 901 -159.21 -50.49 50.56
CA LYS A 901 -160.49 -49.84 50.79
C LYS A 901 -160.42 -48.83 51.93
N ARG A 902 -159.27 -48.15 52.10
CA ARG A 902 -158.95 -47.17 53.14
C ARG A 902 -159.02 -47.73 54.57
N LEU A 903 -159.23 -49.03 54.72
CA LEU A 903 -159.25 -49.79 55.96
C LEU A 903 -158.52 -51.11 55.72
N HIS A 904 -157.36 -50.98 55.07
CA HIS A 904 -156.67 -52.12 54.45
C HIS A 904 -156.31 -53.35 55.30
N PRO A 905 -155.74 -53.25 56.61
CA PRO A 905 -154.86 -54.32 57.16
C PRO A 905 -155.13 -55.81 56.94
N CYS A 906 -156.29 -56.32 57.37
CA CYS A 906 -156.68 -57.73 57.30
C CYS A 906 -155.55 -58.65 57.79
N LEU A 907 -155.25 -58.52 59.08
CA LEU A 907 -154.13 -59.21 59.71
C LEU A 907 -154.34 -60.71 59.88
N VAL A 908 -155.53 -61.23 59.58
CA VAL A 908 -155.91 -62.60 59.92
C VAL A 908 -154.95 -63.60 59.29
N ASN A 909 -154.93 -63.65 57.97
CA ASN A 909 -154.08 -64.56 57.19
C ASN A 909 -154.24 -64.18 55.72
N PHE A 910 -153.37 -64.76 54.90
CA PHE A 910 -153.42 -64.61 53.46
C PHE A 910 -154.37 -65.61 52.81
N HIS A 911 -154.86 -66.60 53.57
CA HIS A 911 -155.91 -67.48 53.05
C HIS A 911 -157.20 -66.71 52.85
N SER A 912 -157.54 -65.83 53.79
CA SER A 912 -158.67 -64.93 53.61
C SER A 912 -158.44 -63.99 52.44
N LEU A 913 -157.18 -63.60 52.22
CA LEU A 913 -156.84 -62.73 51.12
C LEU A 913 -156.87 -63.52 49.81
N PRO A 914 -157.05 -62.84 48.65
CA PRO A 914 -157.17 -63.54 47.37
C PRO A 914 -155.95 -64.40 47.02
N GLU A 915 -156.23 -65.59 46.47
CA GLU A 915 -155.19 -66.58 46.14
C GLU A 915 -154.13 -66.12 45.15
N PRO A 916 -154.44 -65.46 43.99
CA PRO A 916 -153.35 -65.08 43.06
C PRO A 916 -152.32 -64.15 43.67
N GLU A 917 -152.74 -63.04 44.29
CA GLU A 917 -151.78 -62.17 44.96
C GLU A 917 -151.11 -62.88 46.15
N ARG A 918 -151.79 -63.88 46.74
CA ARG A 918 -151.21 -64.66 47.84
C ARG A 918 -149.98 -65.44 47.37
N ASN A 919 -150.17 -66.39 46.44
CA ASN A 919 -149.01 -67.13 45.94
C ASN A 919 -148.04 -66.25 45.16
N TYR A 920 -148.53 -65.11 44.64
CA TYR A 920 -147.64 -64.09 44.11
C TYR A 920 -146.71 -63.55 45.19
N ASN A 921 -147.24 -63.32 46.40
CA ASN A 921 -146.40 -62.86 47.50
C ASN A 921 -145.40 -63.93 47.92
N LEU A 922 -145.84 -65.20 47.94
CA LEU A 922 -144.92 -66.32 48.16
C LEU A 922 -143.77 -66.31 47.15
N GLN A 923 -144.09 -66.23 45.86
CA GLN A 923 -143.04 -66.28 44.86
C GLN A 923 -142.31 -64.94 44.72
N MET A 924 -142.83 -63.86 45.31
CA MET A 924 -142.02 -62.65 45.51
C MET A 924 -141.00 -62.80 46.63
N SER A 925 -141.36 -63.51 47.70
CA SER A 925 -140.35 -63.89 48.70
C SER A 925 -139.29 -64.79 48.07
N GLY A 926 -139.73 -65.76 47.27
CA GLY A 926 -138.80 -66.56 46.47
C GLY A 926 -137.97 -65.72 45.51
N GLU A 927 -138.57 -64.67 44.94
CA GLU A 927 -137.90 -63.77 44.01
C GLU A 927 -136.80 -62.99 44.71
N THR A 928 -137.08 -62.52 45.94
CA THR A 928 -136.04 -61.89 46.75
C THR A 928 -134.91 -62.86 47.08
N LEU A 929 -135.23 -64.11 47.43
CA LEU A 929 -134.18 -65.11 47.60
C LEU A 929 -133.41 -65.40 46.31
N LYS A 930 -134.07 -65.30 45.16
CA LYS A 930 -133.38 -65.48 43.88
C LYS A 930 -132.45 -64.33 43.58
N THR A 931 -132.87 -63.11 43.95
CA THR A 931 -131.99 -61.96 43.91
C THR A 931 -130.79 -62.14 44.83
N LEU A 932 -131.00 -62.74 46.01
CA LEU A 932 -129.89 -63.04 46.92
C LEU A 932 -128.91 -64.02 46.29
N LEU A 933 -129.44 -65.01 45.57
CA LEU A 933 -128.60 -65.96 44.85
C LEU A 933 -127.79 -65.26 43.76
N ALA A 934 -128.47 -64.49 42.90
CA ALA A 934 -127.79 -63.82 41.79
C ALA A 934 -126.78 -62.80 42.29
N LEU A 935 -127.03 -62.21 43.45
CA LEU A 935 -126.06 -61.29 44.05
C LEU A 935 -124.86 -62.05 44.59
N GLY A 936 -125.09 -63.26 45.13
CA GLY A 936 -124.01 -64.00 45.75
C GLY A 936 -124.20 -64.28 47.23
N CYS A 937 -125.46 -64.44 47.65
CA CYS A 937 -125.79 -64.77 49.04
C CYS A 937 -126.18 -66.24 49.15
N HIS A 938 -125.57 -66.94 50.11
CA HIS A 938 -125.84 -68.35 50.38
C HIS A 938 -126.02 -68.54 51.88
N VAL A 939 -126.75 -69.59 52.25
CA VAL A 939 -127.23 -69.74 53.63
C VAL A 939 -126.60 -70.97 54.26
N GLY A 940 -126.41 -70.88 55.58
CA GLY A 940 -125.91 -71.98 56.39
C GLY A 940 -126.49 -71.93 57.79
N MET A 941 -126.85 -73.08 58.34
CA MET A 941 -127.56 -73.17 59.61
C MET A 941 -126.60 -73.64 60.68
N ALA A 942 -126.48 -72.85 61.76
CA ALA A 942 -125.64 -73.22 62.89
C ALA A 942 -126.42 -73.36 64.19
N ASP A 943 -127.11 -72.31 64.64
CA ASP A 943 -127.47 -72.21 66.05
C ASP A 943 -128.87 -72.79 66.28
N GLU A 944 -129.44 -72.54 67.47
CA GLU A 944 -130.78 -72.98 67.85
C GLU A 944 -131.86 -72.48 66.90
N LYS A 945 -132.82 -73.35 66.60
CA LYS A 945 -133.90 -73.03 65.66
C LYS A 945 -134.75 -71.92 66.28
N ALA A 946 -134.85 -70.79 65.57
CA ALA A 946 -135.62 -69.64 66.07
C ALA A 946 -137.10 -69.95 66.27
N GLU A 947 -137.64 -70.96 65.56
CA GLU A 947 -139.02 -71.40 65.70
C GLU A 947 -139.38 -71.73 67.16
N ASP A 948 -138.43 -72.33 67.89
CA ASP A 948 -138.68 -72.65 69.29
C ASP A 948 -138.74 -71.40 70.15
N ASN A 949 -137.74 -70.51 70.00
CA ASN A 949 -137.54 -69.39 70.90
C ASN A 949 -138.20 -68.12 70.35
N LEU A 950 -139.07 -68.28 69.37
CA LEU A 950 -139.91 -67.20 68.86
C LEU A 950 -141.35 -67.43 69.30
N LYS A 951 -142.08 -66.33 69.49
CA LYS A 951 -143.48 -66.40 69.88
C LYS A 951 -144.25 -65.27 69.22
N LYS A 952 -145.56 -65.45 69.13
CA LYS A 952 -146.47 -64.42 68.62
C LYS A 952 -147.06 -63.66 69.79
N THR A 953 -147.08 -62.33 69.69
CA THR A 953 -147.46 -61.46 70.79
C THR A 953 -148.78 -60.78 70.42
N LYS A 954 -149.86 -61.19 71.07
CA LYS A 954 -151.15 -60.51 70.92
C LYS A 954 -151.08 -59.22 71.73
N LEU A 955 -150.57 -58.17 71.09
CA LEU A 955 -150.41 -56.88 71.73
C LEU A 955 -151.78 -56.24 71.96
N PRO A 956 -151.90 -55.34 72.96
CA PRO A 956 -153.12 -54.52 73.06
C PRO A 956 -153.39 -53.71 71.81
N LYS A 957 -152.34 -53.15 71.19
CA LYS A 957 -152.47 -52.60 69.85
C LYS A 957 -152.58 -53.74 68.84
N THR A 958 -153.13 -53.41 67.67
CA THR A 958 -153.42 -54.33 66.55
C THR A 958 -154.45 -55.39 66.93
N TYR A 959 -155.26 -55.13 67.96
CA TYR A 959 -156.35 -56.03 68.31
C TYR A 959 -157.50 -55.84 67.34
N MET A 960 -158.03 -56.94 66.82
CA MET A 960 -159.12 -56.92 65.86
C MET A 960 -160.19 -57.94 66.20
N MET A 961 -161.40 -57.65 65.70
CA MET A 961 -162.57 -58.49 65.94
C MET A 961 -162.73 -59.56 64.88
N SER A 962 -162.09 -59.40 63.72
CA SER A 962 -162.22 -60.34 62.61
C SER A 962 -161.27 -61.51 62.83
N ASN A 963 -161.83 -62.63 63.31
CA ASN A 963 -161.16 -63.93 63.46
C ASN A 963 -159.89 -63.81 64.30
N GLY A 964 -160.04 -63.25 65.50
CA GLY A 964 -158.95 -63.15 66.45
C GLY A 964 -157.94 -62.08 66.09
N TYR A 965 -157.03 -61.83 67.03
CA TYR A 965 -156.01 -60.80 66.86
C TYR A 965 -154.63 -61.43 66.94
N LYS A 966 -153.73 -60.90 66.10
CA LYS A 966 -152.35 -61.37 66.01
C LYS A 966 -151.54 -60.26 65.34
N PRO A 967 -150.20 -60.29 65.47
CA PRO A 967 -149.38 -59.39 64.64
C PRO A 967 -149.64 -59.66 63.17
N ALA A 968 -149.76 -58.57 62.39
CA ALA A 968 -150.05 -58.70 60.96
C ALA A 968 -148.98 -59.48 60.19
N PRO A 969 -147.64 -59.20 60.33
CA PRO A 969 -146.69 -60.18 59.80
C PRO A 969 -146.45 -61.27 60.84
N LEU A 970 -145.53 -62.19 60.58
CA LEU A 970 -145.18 -63.18 61.57
C LEU A 970 -144.23 -62.52 62.58
N ASP A 971 -144.47 -62.74 63.87
CA ASP A 971 -143.75 -62.03 64.91
C ASP A 971 -142.28 -62.49 64.97
N LEU A 972 -141.45 -61.66 65.59
CA LEU A 972 -140.03 -61.94 65.72
C LEU A 972 -139.52 -61.27 66.99
N SER A 973 -138.53 -61.89 67.62
CA SER A 973 -137.94 -61.39 68.85
C SER A 973 -136.68 -60.59 68.49
N HIS A 974 -135.89 -60.24 69.52
CA HIS A 974 -134.61 -59.54 69.38
C HIS A 974 -133.63 -60.21 68.42
N VAL A 975 -133.35 -59.52 67.32
CA VAL A 975 -132.46 -59.98 66.23
C VAL A 975 -131.77 -58.73 65.70
N ARG A 976 -130.50 -58.85 65.32
CA ARG A 976 -129.72 -57.71 64.87
C ARG A 976 -129.16 -57.99 63.47
N LEU A 977 -128.49 -56.99 62.89
CA LEU A 977 -127.99 -57.09 61.53
C LEU A 977 -126.65 -56.36 61.41
N THR A 978 -125.68 -57.01 60.79
CA THR A 978 -124.35 -56.46 60.59
C THR A 978 -124.32 -55.55 59.34
N PRO A 979 -123.30 -54.68 59.22
CA PRO A 979 -123.24 -53.80 58.03
C PRO A 979 -123.24 -54.50 56.69
N ALA A 980 -122.64 -55.69 56.57
CA ALA A 980 -122.73 -56.48 55.34
C ALA A 980 -124.17 -56.70 54.94
N GLN A 981 -125.03 -57.04 55.90
CA GLN A 981 -126.46 -57.19 55.65
C GLN A 981 -127.10 -55.86 55.30
N THR A 982 -126.62 -54.75 55.88
CA THR A 982 -127.19 -53.44 55.54
C THR A 982 -126.93 -53.08 54.07
N THR A 983 -125.67 -53.22 53.63
CA THR A 983 -125.34 -52.97 52.22
C THR A 983 -126.09 -53.93 51.31
N LEU A 984 -126.17 -55.21 51.69
CA LEU A 984 -126.84 -56.20 50.86
C LEU A 984 -128.32 -55.90 50.72
N VAL A 985 -128.99 -55.49 51.81
CA VAL A 985 -130.41 -55.17 51.70
C VAL A 985 -130.60 -53.87 50.91
N ASP A 986 -129.61 -52.96 50.98
CA ASP A 986 -129.65 -51.74 50.16
C ASP A 986 -129.67 -52.09 48.67
N ARG A 987 -128.71 -52.91 48.23
CA ARG A 987 -128.70 -53.27 46.81
C ARG A 987 -129.83 -54.22 46.45
N LEU A 988 -130.35 -54.98 47.42
CA LEU A 988 -131.53 -55.81 47.19
C LEU A 988 -132.76 -54.94 46.89
N ALA A 989 -132.91 -53.85 47.64
CA ALA A 989 -133.99 -52.90 47.36
C ALA A 989 -133.74 -52.19 46.04
N GLU A 990 -132.47 -51.90 45.73
CA GLU A 990 -132.11 -51.35 44.42
C GLU A 990 -132.56 -52.25 43.29
N ASN A 991 -132.30 -53.56 43.41
CA ASN A 991 -132.67 -54.48 42.35
C ASN A 991 -134.16 -54.76 42.34
N GLY A 992 -134.88 -54.37 43.39
CA GLY A 992 -136.32 -54.46 43.34
C GLY A 992 -136.89 -53.28 42.59
N HIS A 993 -136.38 -52.09 42.96
CA HIS A 993 -136.79 -50.85 42.34
C HIS A 993 -136.51 -50.84 40.84
N ASN A 994 -135.33 -51.33 40.43
CA ASN A 994 -134.95 -51.25 39.03
C ASN A 994 -135.73 -52.25 38.17
N VAL A 995 -136.23 -53.33 38.78
CA VAL A 995 -137.09 -54.26 38.05
C VAL A 995 -138.47 -53.66 37.92
N TRP A 996 -138.97 -53.01 38.98
CA TRP A 996 -140.26 -52.33 38.93
C TRP A 996 -140.25 -51.24 37.86
N ALA A 997 -139.19 -50.43 37.85
CA ALA A 997 -139.06 -49.34 36.88
C ALA A 997 -138.95 -49.89 35.47
N ARG A 998 -138.18 -50.98 35.28
CA ARG A 998 -138.06 -51.63 33.99
C ARG A 998 -139.42 -52.09 33.49
N ASP A 999 -140.21 -52.70 34.37
CA ASP A 999 -141.54 -53.18 34.01
C ASP A 999 -142.45 -52.02 33.61
N ARG A 1000 -142.45 -50.94 34.39
CA ARG A 1000 -143.29 -49.77 34.08
C ARG A 1000 -142.92 -49.17 32.73
N VAL A 1001 -141.61 -49.07 32.46
CA VAL A 1001 -141.14 -48.57 31.17
C VAL A 1001 -141.62 -49.51 30.06
N ALA A 1002 -141.50 -50.83 30.28
CA ALA A 1002 -142.02 -51.79 29.31
C ALA A 1002 -143.55 -51.69 29.13
N GLN A 1003 -144.27 -51.14 30.11
CA GLN A 1003 -145.67 -50.78 29.90
C GLN A 1003 -145.83 -49.34 29.43
N GLY A 1004 -144.75 -48.68 29.04
CA GLY A 1004 -144.82 -47.38 28.40
C GLY A 1004 -144.58 -46.18 29.29
N TRP A 1005 -144.69 -46.34 30.61
CA TRP A 1005 -144.59 -45.26 31.56
C TRP A 1005 -143.23 -44.53 31.48
N SER A 1006 -143.20 -43.31 32.04
CA SER A 1006 -141.97 -42.52 32.10
C SER A 1006 -141.99 -41.63 33.33
N TYR A 1007 -140.96 -40.82 33.46
CA TYR A 1007 -140.77 -39.96 34.62
C TYR A 1007 -141.40 -38.59 34.41
N SER A 1008 -141.94 -38.02 35.49
CA SER A 1008 -142.41 -36.64 35.54
C SER A 1008 -142.47 -36.26 37.02
N ALA A 1009 -141.89 -35.10 37.37
CA ALA A 1009 -141.87 -34.64 38.75
C ALA A 1009 -143.26 -34.40 39.34
N VAL A 1010 -144.28 -34.25 38.51
CA VAL A 1010 -145.67 -34.20 38.92
C VAL A 1010 -146.37 -35.44 38.40
N GLN A 1011 -147.15 -36.09 39.26
CA GLN A 1011 -147.72 -37.38 38.92
C GLN A 1011 -148.92 -37.21 37.99
N ASP A 1012 -148.93 -37.98 36.90
CA ASP A 1012 -150.02 -38.00 35.93
C ASP A 1012 -150.34 -39.45 35.62
N ILE A 1013 -151.34 -40.00 36.31
CA ILE A 1013 -151.75 -41.40 36.12
C ILE A 1013 -152.38 -41.61 34.73
N PRO A 1014 -153.39 -40.85 34.25
CA PRO A 1014 -153.90 -41.11 32.88
C PRO A 1014 -152.86 -40.90 31.78
N ALA A 1015 -151.91 -40.01 31.99
CA ALA A 1015 -150.78 -39.86 31.07
C ALA A 1015 -149.66 -40.84 31.35
N ARG A 1016 -149.80 -41.67 32.40
CA ARG A 1016 -148.90 -42.79 32.72
C ARG A 1016 -147.49 -42.30 33.02
N ARG A 1017 -147.39 -41.34 33.93
CA ARG A 1017 -146.10 -40.82 34.37
C ARG A 1017 -146.11 -40.72 35.89
N ASN A 1018 -144.94 -40.95 36.49
CA ASN A 1018 -144.78 -41.13 37.92
C ASN A 1018 -143.59 -40.31 38.38
N PRO A 1019 -143.61 -39.80 39.62
CA PRO A 1019 -142.43 -39.13 40.17
C PRO A 1019 -141.35 -40.07 40.69
N ARG A 1020 -141.53 -41.38 40.59
CA ARG A 1020 -140.56 -42.31 41.14
C ARG A 1020 -139.96 -43.21 40.08
N LEU A 1021 -140.30 -42.99 38.80
CA LEU A 1021 -139.66 -43.70 37.70
C LEU A 1021 -138.30 -43.09 37.37
N VAL A 1022 -137.38 -43.24 38.32
CA VAL A 1022 -135.97 -42.96 38.11
C VAL A 1022 -135.22 -44.13 38.73
N PRO A 1023 -134.01 -44.45 38.28
CA PRO A 1023 -133.20 -45.49 38.94
C PRO A 1023 -132.96 -45.16 40.41
N TYR A 1024 -132.78 -46.24 41.21
CA TYR A 1024 -132.66 -46.16 42.66
C TYR A 1024 -131.61 -45.15 43.08
N ARG A 1025 -130.48 -45.10 42.36
CA ARG A 1025 -129.39 -44.19 42.68
C ARG A 1025 -129.84 -42.73 42.57
N LEU A 1026 -130.88 -42.47 41.78
CA LEU A 1026 -131.41 -41.14 41.55
C LEU A 1026 -132.68 -40.91 42.35
N LEU A 1027 -133.22 -41.96 42.97
CA LEU A 1027 -134.42 -41.83 43.79
C LEU A 1027 -134.15 -40.94 45.01
N ASP A 1028 -135.23 -40.58 45.71
CA ASP A 1028 -135.07 -39.76 46.90
C ASP A 1028 -134.88 -40.64 48.12
N GLU A 1029 -134.29 -40.05 49.17
CA GLU A 1029 -133.94 -40.78 50.39
C GLU A 1029 -135.16 -41.29 51.13
N ALA A 1030 -136.27 -40.56 51.06
CA ALA A 1030 -137.52 -41.00 51.68
C ALA A 1030 -137.98 -42.32 51.07
N THR A 1031 -138.04 -42.38 49.74
CA THR A 1031 -138.46 -43.60 49.07
C THR A 1031 -137.42 -44.70 49.21
N LYS A 1032 -136.13 -44.34 49.19
CA LYS A 1032 -135.06 -45.30 49.46
C LYS A 1032 -135.26 -45.99 50.80
N ARG A 1033 -135.51 -45.19 51.84
CA ARG A 1033 -135.72 -45.72 53.18
C ARG A 1033 -136.99 -46.56 53.24
N SER A 1034 -138.06 -46.09 52.58
CA SER A 1034 -139.32 -46.83 52.59
C SER A 1034 -139.20 -48.19 51.93
N ASN A 1035 -138.48 -48.27 50.80
CA ASN A 1035 -138.23 -49.58 50.20
C ASN A 1035 -137.32 -50.44 51.08
N ARG A 1036 -136.25 -49.84 51.63
CA ARG A 1036 -135.28 -50.61 52.40
C ARG A 1036 -135.86 -51.15 53.71
N ASP A 1037 -136.87 -50.49 54.29
CA ASP A 1037 -137.42 -50.91 55.58
C ASP A 1037 -138.07 -52.30 55.51
N SER A 1038 -138.88 -52.54 54.48
CA SER A 1038 -139.60 -53.82 54.35
C SER A 1038 -138.64 -54.97 54.17
N LEU A 1039 -137.72 -54.85 53.21
CA LEU A 1039 -136.77 -55.91 52.96
C LEU A 1039 -135.73 -56.01 54.06
N CYS A 1040 -135.49 -54.93 54.82
CA CYS A 1040 -134.66 -55.02 56.01
C CYS A 1040 -135.33 -55.89 57.07
N GLN A 1041 -136.64 -55.73 57.23
CA GLN A 1041 -137.38 -56.63 58.13
C GLN A 1041 -137.31 -58.07 57.62
N ALA A 1042 -137.42 -58.26 56.31
CA ALA A 1042 -137.36 -59.59 55.71
C ALA A 1042 -136.01 -60.26 55.98
N VAL A 1043 -134.91 -59.56 55.69
CA VAL A 1043 -133.58 -60.14 55.90
C VAL A 1043 -133.32 -60.31 57.40
N ARG A 1044 -133.93 -59.47 58.26
CA ARG A 1044 -133.84 -59.65 59.70
C ARG A 1044 -134.51 -60.95 60.12
N THR A 1045 -135.70 -61.22 59.58
CA THR A 1045 -136.40 -62.47 59.87
C THR A 1045 -135.62 -63.67 59.37
N LEU A 1046 -134.94 -63.53 58.22
CA LEU A 1046 -134.05 -64.58 57.73
C LEU A 1046 -132.89 -64.81 58.69
N LEU A 1047 -132.31 -63.72 59.19
CA LEU A 1047 -131.16 -63.79 60.09
C LEU A 1047 -131.54 -64.43 61.42
N GLY A 1048 -132.78 -64.18 61.88
CA GLY A 1048 -133.26 -64.75 63.13
C GLY A 1048 -133.19 -66.27 63.15
N TYR A 1049 -133.52 -66.91 62.02
CA TYR A 1049 -133.42 -68.36 61.88
C TYR A 1049 -131.98 -68.85 61.77
N GLY A 1050 -130.99 -67.97 61.90
CA GLY A 1050 -129.59 -68.34 61.97
C GLY A 1050 -128.93 -68.62 60.65
N TYR A 1051 -129.66 -68.49 59.54
CA TYR A 1051 -129.07 -68.77 58.25
C TYR A 1051 -128.22 -67.60 57.81
N ASN A 1052 -126.95 -67.89 57.50
CA ASN A 1052 -125.97 -66.85 57.23
C ASN A 1052 -126.30 -66.06 55.98
N ILE A 1053 -126.05 -64.76 56.03
CA ILE A 1053 -126.13 -63.90 54.87
C ILE A 1053 -124.70 -63.69 54.40
N GLU A 1054 -124.30 -64.40 53.36
CA GLU A 1054 -122.90 -64.41 52.95
C GLU A 1054 -122.65 -63.28 51.95
N PRO A 1055 -121.77 -62.33 52.25
CA PRO A 1055 -121.41 -61.34 51.26
C PRO A 1055 -120.72 -61.98 50.07
N PRO A 1056 -120.96 -61.48 48.87
CA PRO A 1056 -120.25 -61.96 47.68
C PRO A 1056 -118.85 -61.37 47.63
N ASP A 1057 -118.10 -61.76 46.60
CA ASP A 1057 -116.79 -61.18 46.38
C ASP A 1057 -116.91 -59.71 45.98
N GLN A 1058 -115.85 -58.96 46.24
CA GLN A 1058 -115.80 -57.54 45.97
C GLN A 1058 -115.01 -57.26 44.69
N GLU A 1059 -115.61 -56.55 43.76
CA GLU A 1059 -114.96 -56.18 42.51
C GLU A 1059 -114.96 -54.66 42.41
N PRO A 1060 -113.80 -54.01 42.42
CA PRO A 1060 -113.75 -52.55 42.28
C PRO A 1060 -113.98 -52.10 40.84
N SER A 1061 -114.92 -51.18 40.67
CA SER A 1061 -115.27 -50.69 39.34
C SER A 1061 -115.34 -49.17 39.34
N GLN A 1062 -115.03 -48.60 38.19
CA GLN A 1062 -115.09 -47.16 37.95
C GLN A 1062 -116.15 -46.87 36.90
N VAL A 1063 -117.01 -45.88 37.20
CA VAL A 1063 -118.14 -45.56 36.32
C VAL A 1063 -117.63 -45.01 34.99
N GLU A 1064 -116.72 -44.05 35.02
CA GLU A 1064 -116.16 -43.46 33.82
C GLU A 1064 -114.64 -43.63 33.85
N ASN A 1065 -114.09 -44.19 32.79
CA ASN A 1065 -112.66 -44.46 32.72
C ASN A 1065 -111.97 -43.79 31.54
N GLN A 1066 -112.68 -43.65 30.42
CA GLN A 1066 -112.11 -43.14 29.17
C GLN A 1066 -111.56 -41.73 29.32
N SER A 1067 -112.36 -40.82 29.87
CA SER A 1067 -111.95 -39.42 29.98
C SER A 1067 -111.17 -39.23 31.28
N ARG A 1068 -109.93 -39.72 31.26
CA ARG A 1068 -109.03 -39.52 32.39
C ARG A 1068 -108.55 -38.08 32.51
N TRP A 1069 -108.70 -37.27 31.46
CA TRP A 1069 -108.17 -35.92 31.47
C TRP A 1069 -109.18 -34.92 32.02
N ASP A 1070 -110.48 -35.15 31.81
CA ASP A 1070 -111.52 -34.35 32.43
C ASP A 1070 -111.75 -34.76 33.88
N ARG A 1071 -110.69 -34.77 34.68
CA ARG A 1071 -110.73 -35.13 36.09
C ARG A 1071 -110.06 -34.10 36.98
N VAL A 1072 -108.97 -33.49 36.54
CA VAL A 1072 -108.25 -32.56 37.38
C VAL A 1072 -108.18 -31.23 36.64
N ARG A 1073 -107.86 -30.18 37.38
CA ARG A 1073 -107.72 -28.84 36.83
C ARG A 1073 -106.62 -28.14 37.60
N ILE A 1074 -105.50 -27.93 36.96
CA ILE A 1074 -104.33 -27.38 37.63
C ILE A 1074 -104.40 -25.88 37.55
N PHE A 1075 -104.01 -25.21 38.64
CA PHE A 1075 -103.93 -23.77 38.73
C PHE A 1075 -102.54 -23.40 39.19
N ARG A 1076 -101.97 -22.36 38.59
CA ARG A 1076 -100.65 -21.90 39.00
C ARG A 1076 -100.53 -20.43 38.67
N ALA A 1077 -99.58 -19.77 39.33
CA ALA A 1077 -99.35 -18.37 39.00
C ALA A 1077 -98.63 -18.27 37.66
N GLU A 1078 -98.61 -17.05 37.11
CA GLU A 1078 -97.94 -16.80 35.85
C GLU A 1078 -96.43 -16.99 36.02
N LYS A 1079 -95.76 -17.36 34.93
CA LYS A 1079 -94.32 -17.58 34.96
C LYS A 1079 -93.51 -16.34 35.30
N SER A 1080 -94.08 -15.15 35.11
CA SER A 1080 -93.38 -13.91 35.45
C SER A 1080 -93.30 -13.67 36.94
N TYR A 1081 -94.04 -14.43 37.75
CA TYR A 1081 -93.99 -14.32 39.20
C TYR A 1081 -93.06 -15.33 39.83
N THR A 1082 -92.21 -15.97 39.04
CA THR A 1082 -91.25 -16.97 39.52
C THR A 1082 -90.31 -16.38 40.57
N VAL A 1083 -90.13 -17.11 41.67
CA VAL A 1083 -89.27 -16.69 42.77
C VAL A 1083 -88.07 -17.63 42.84
N GLN A 1084 -86.89 -17.05 43.07
CA GLN A 1084 -85.65 -17.80 43.15
C GLN A 1084 -84.86 -17.50 44.42
N SER A 1085 -85.43 -16.74 45.36
CA SER A 1085 -84.73 -16.37 46.58
C SER A 1085 -85.75 -15.97 47.63
N GLY A 1086 -85.30 -15.90 48.88
CA GLY A 1086 -86.18 -15.52 49.96
C GLY A 1086 -87.05 -16.64 50.49
N ARG A 1087 -87.98 -16.24 51.35
CA ARG A 1087 -88.94 -17.14 51.97
C ARG A 1087 -90.34 -16.64 51.68
N TRP A 1088 -91.19 -17.54 51.21
CA TRP A 1088 -92.51 -17.16 50.74
C TRP A 1088 -93.58 -18.03 51.38
N TYR A 1089 -94.79 -17.47 51.46
CA TYR A 1089 -95.92 -18.11 52.14
C TYR A 1089 -97.23 -17.76 51.44
N PHE A 1090 -98.14 -18.73 51.41
CA PHE A 1090 -99.49 -18.51 50.89
C PHE A 1090 -100.42 -19.56 51.49
N GLU A 1091 -101.70 -19.25 51.50
CA GLU A 1091 -102.70 -20.13 52.10
C GLU A 1091 -103.51 -20.85 51.02
N PHE A 1092 -104.16 -21.92 51.47
CA PHE A 1092 -105.09 -22.64 50.60
C PHE A 1092 -106.20 -23.24 51.45
N GLU A 1093 -107.31 -22.52 51.54
CA GLU A 1093 -108.45 -22.93 52.35
C GLU A 1093 -109.22 -24.01 51.59
N ALA A 1094 -109.08 -25.25 52.05
CA ALA A 1094 -109.72 -26.40 51.46
C ALA A 1094 -111.21 -26.35 51.78
N VAL A 1095 -112.04 -25.91 50.83
CA VAL A 1095 -113.47 -25.85 51.11
C VAL A 1095 -114.06 -27.24 51.25
N THR A 1096 -113.71 -28.15 50.35
CA THR A 1096 -114.20 -29.51 50.40
C THR A 1096 -113.05 -30.42 50.82
N THR A 1097 -113.35 -31.72 50.96
CA THR A 1097 -112.39 -32.69 51.46
C THR A 1097 -112.06 -33.78 50.46
N GLY A 1098 -112.26 -33.52 49.17
CA GLY A 1098 -111.97 -34.50 48.14
C GLY A 1098 -110.50 -34.59 47.80
N GLU A 1099 -110.23 -34.93 46.54
CA GLU A 1099 -108.85 -35.09 46.07
C GLU A 1099 -108.38 -33.76 45.48
N MET A 1100 -107.72 -32.96 46.31
CA MET A 1100 -107.11 -31.72 45.87
C MET A 1100 -105.69 -31.69 46.39
N ARG A 1101 -104.82 -30.98 45.67
CA ARG A 1101 -103.41 -30.90 46.03
C ARG A 1101 -102.93 -29.45 45.96
N VAL A 1102 -101.90 -29.15 46.74
CA VAL A 1102 -101.38 -27.78 46.80
C VAL A 1102 -99.89 -27.86 47.16
N GLY A 1103 -99.09 -26.94 46.62
CA GLY A 1103 -97.67 -26.91 46.92
C GLY A 1103 -96.89 -25.95 46.04
N TRP A 1104 -95.73 -26.37 45.54
CA TRP A 1104 -94.94 -25.51 44.69
C TRP A 1104 -94.46 -26.29 43.48
N ALA A 1105 -94.20 -25.57 42.39
CA ALA A 1105 -93.86 -26.25 41.14
C ALA A 1105 -92.91 -25.40 40.31
N ARG A 1106 -92.19 -26.07 39.44
CA ARG A 1106 -91.28 -25.41 38.52
C ARG A 1106 -92.08 -24.84 37.35
N PRO A 1107 -91.57 -23.80 36.67
CA PRO A 1107 -92.35 -23.14 35.61
C PRO A 1107 -92.75 -24.01 34.43
N GLU A 1108 -91.97 -25.05 34.11
CA GLU A 1108 -92.21 -25.86 32.93
C GLU A 1108 -93.11 -27.06 33.20
N LEU A 1109 -94.01 -26.96 34.18
CA LEU A 1109 -94.89 -28.06 34.55
C LEU A 1109 -95.79 -28.48 33.38
N ARG A 1110 -95.85 -29.77 33.13
CA ARG A 1110 -96.70 -30.30 32.07
C ARG A 1110 -98.15 -30.26 32.50
N PRO A 1111 -99.05 -29.71 31.69
CA PRO A 1111 -100.45 -29.58 32.10
C PRO A 1111 -101.22 -30.89 32.12
N ASP A 1112 -100.72 -31.93 31.47
CA ASP A 1112 -101.44 -33.21 31.37
C ASP A 1112 -100.71 -34.31 32.13
N VAL A 1113 -100.09 -33.97 33.26
CA VAL A 1113 -99.45 -34.92 34.15
C VAL A 1113 -99.86 -34.57 35.56
N GLU A 1114 -100.28 -35.58 36.34
CA GLU A 1114 -100.65 -35.37 37.73
C GLU A 1114 -99.48 -34.83 38.54
N LEU A 1115 -99.79 -33.88 39.42
CA LEU A 1115 -98.77 -33.23 40.24
C LEU A 1115 -98.12 -34.21 41.21
N GLY A 1116 -96.79 -34.16 41.28
CA GLY A 1116 -96.03 -35.06 42.11
C GLY A 1116 -95.60 -36.34 41.41
N ALA A 1117 -96.22 -36.68 40.28
CA ALA A 1117 -95.82 -37.86 39.52
C ALA A 1117 -94.49 -37.68 38.82
N ASP A 1118 -93.98 -36.46 38.73
CA ASP A 1118 -92.69 -36.18 38.11
C ASP A 1118 -91.87 -35.28 39.01
N GLU A 1119 -90.75 -34.79 38.50
CA GLU A 1119 -89.82 -33.96 39.25
C GLU A 1119 -90.16 -32.48 39.16
N LEU A 1120 -91.23 -32.12 38.45
CA LEU A 1120 -91.56 -30.72 38.21
C LEU A 1120 -92.48 -30.14 39.27
N ALA A 1121 -92.83 -30.92 40.29
CA ALA A 1121 -93.73 -30.42 41.33
C ALA A 1121 -93.35 -31.03 42.67
N TYR A 1122 -93.44 -30.21 43.71
CA TYR A 1122 -93.25 -30.59 45.10
C TYR A 1122 -94.59 -30.27 45.74
N VAL A 1123 -95.51 -31.22 45.69
CA VAL A 1123 -96.90 -30.93 46.05
C VAL A 1123 -97.29 -31.81 47.22
N PHE A 1124 -98.24 -31.35 48.03
CA PHE A 1124 -98.68 -32.07 49.22
C PHE A 1124 -100.13 -32.48 49.01
N ASN A 1125 -100.35 -33.79 48.82
CA ASN A 1125 -101.69 -34.33 48.63
C ASN A 1125 -102.22 -34.62 50.01
N GLY A 1126 -102.92 -33.65 50.57
CA GLY A 1126 -103.44 -33.82 51.91
C GLY A 1126 -104.79 -34.48 52.00
N HIS A 1127 -105.29 -35.05 50.91
CA HIS A 1127 -106.54 -35.81 50.98
C HIS A 1127 -106.37 -37.01 51.91
N ARG A 1128 -105.22 -37.67 51.86
CA ARG A 1128 -104.90 -38.74 52.79
C ARG A 1128 -103.62 -38.46 53.59
N GLY A 1129 -103.06 -37.27 53.47
CA GLY A 1129 -101.83 -36.98 54.18
C GLY A 1129 -100.59 -37.58 53.53
N GLN A 1130 -100.31 -37.20 52.29
CA GLN A 1130 -99.18 -37.71 51.52
C GLN A 1130 -98.41 -36.54 50.93
N ARG A 1131 -97.11 -36.71 50.76
CA ARG A 1131 -96.30 -35.72 50.06
C ARG A 1131 -95.83 -36.34 48.74
N TRP A 1132 -96.05 -35.61 47.65
CA TRP A 1132 -95.83 -36.11 46.30
C TRP A 1132 -94.66 -35.38 45.63
N HIS A 1133 -93.65 -36.16 45.25
CA HIS A 1133 -92.57 -35.75 44.37
C HIS A 1133 -91.97 -37.02 43.82
N LEU A 1134 -92.15 -37.26 42.52
CA LEU A 1134 -91.73 -38.48 41.82
C LEU A 1134 -92.33 -39.75 42.43
N GLY A 1135 -93.54 -39.63 43.00
CA GLY A 1135 -94.19 -40.75 43.64
C GLY A 1135 -94.98 -40.27 44.84
N SER A 1136 -95.34 -41.20 45.72
CA SER A 1136 -96.14 -40.91 46.90
C SER A 1136 -95.51 -41.51 48.14
N GLU A 1137 -95.63 -40.77 49.25
CA GLU A 1137 -95.22 -41.24 50.56
C GLU A 1137 -95.95 -40.39 51.60
N PRO A 1138 -96.33 -40.98 52.74
CA PRO A 1138 -97.17 -40.25 53.70
C PRO A 1138 -96.46 -39.08 54.35
N PHE A 1139 -97.27 -38.09 54.77
CA PHE A 1139 -96.79 -36.91 55.45
C PHE A 1139 -97.97 -36.22 56.13
N GLY A 1140 -97.85 -35.99 57.44
CA GLY A 1140 -98.87 -35.26 58.18
C GLY A 1140 -100.19 -36.00 58.26
N ARG A 1141 -101.26 -35.21 58.38
CA ARG A 1141 -102.61 -35.73 58.56
C ARG A 1141 -103.54 -35.13 57.51
N PRO A 1142 -104.55 -35.88 57.07
CA PRO A 1142 -105.53 -35.33 56.12
C PRO A 1142 -106.32 -34.18 56.72
N TRP A 1143 -106.69 -33.20 55.89
CA TRP A 1143 -107.46 -32.08 56.42
C TRP A 1143 -108.91 -32.47 56.65
N GLN A 1144 -109.69 -31.46 57.06
CA GLN A 1144 -111.14 -31.52 57.05
C GLN A 1144 -111.67 -30.25 56.40
N SER A 1145 -113.00 -30.07 56.39
CA SER A 1145 -113.59 -28.90 55.77
C SER A 1145 -113.27 -27.64 56.56
N GLY A 1146 -113.00 -26.56 55.83
CA GLY A 1146 -112.66 -25.29 56.46
C GLY A 1146 -111.24 -25.17 56.93
N ASP A 1147 -110.36 -26.09 56.53
CA ASP A 1147 -108.97 -26.06 56.94
C ASP A 1147 -108.17 -25.17 55.99
N VAL A 1148 -107.04 -24.68 56.48
CA VAL A 1148 -106.14 -23.81 55.72
C VAL A 1148 -104.77 -24.47 55.65
N VAL A 1149 -104.27 -24.64 54.43
CA VAL A 1149 -102.97 -25.25 54.19
C VAL A 1149 -102.02 -24.13 53.78
N GLY A 1150 -101.26 -23.63 54.75
CA GLY A 1150 -100.30 -22.57 54.54
C GLY A 1150 -98.92 -23.07 54.15
N CYS A 1151 -98.63 -23.04 52.86
CA CYS A 1151 -97.36 -23.57 52.36
C CYS A 1151 -96.22 -22.60 52.62
N MET A 1152 -95.14 -23.08 53.24
CA MET A 1152 -93.90 -22.35 53.35
C MET A 1152 -93.10 -22.54 52.06
N ILE A 1153 -92.00 -21.78 51.96
CA ILE A 1153 -90.86 -22.12 51.07
C ILE A 1153 -89.68 -21.27 51.54
N ASP A 1154 -88.49 -21.88 51.51
CA ASP A 1154 -87.24 -21.27 51.96
C ASP A 1154 -86.19 -21.58 50.90
N LEU A 1155 -85.99 -20.66 49.97
CA LEU A 1155 -85.00 -20.84 48.93
C LEU A 1155 -83.57 -20.78 49.46
N THR A 1156 -83.34 -20.11 50.59
CA THR A 1156 -82.02 -20.05 51.18
C THR A 1156 -81.67 -21.36 51.89
N GLU A 1157 -82.64 -21.98 52.53
CA GLU A 1157 -82.44 -23.23 53.24
C GLU A 1157 -82.80 -24.44 52.40
N ASN A 1158 -83.32 -24.21 51.19
CA ASN A 1158 -83.74 -25.25 50.24
C ASN A 1158 -84.76 -26.19 50.88
N THR A 1159 -85.77 -25.60 51.52
CA THR A 1159 -86.74 -26.40 52.25
C THR A 1159 -88.18 -25.96 51.96
N ILE A 1160 -89.08 -26.95 51.98
CA ILE A 1160 -90.50 -26.73 51.80
C ILE A 1160 -91.22 -27.37 52.99
N ILE A 1161 -92.06 -26.57 53.66
CA ILE A 1161 -92.79 -26.98 54.85
C ILE A 1161 -94.28 -26.71 54.60
N PHE A 1162 -95.13 -27.66 54.97
CA PHE A 1162 -96.56 -27.47 54.84
C PHE A 1162 -97.16 -27.35 56.23
N THR A 1163 -97.92 -26.29 56.49
CA THR A 1163 -98.54 -26.09 57.79
C THR A 1163 -100.06 -26.14 57.66
N LEU A 1164 -100.70 -26.93 58.51
CA LEU A 1164 -102.14 -27.09 58.46
C LEU A 1164 -102.74 -26.47 59.72
N ASN A 1165 -103.65 -25.51 59.51
CA ASN A 1165 -104.38 -24.79 60.57
C ASN A 1165 -103.41 -24.14 61.56
N GLY A 1166 -102.30 -23.61 61.05
CA GLY A 1166 -101.32 -22.96 61.89
C GLY A 1166 -100.42 -23.89 62.66
N GLU A 1167 -100.47 -25.19 62.38
CA GLU A 1167 -99.63 -26.17 63.05
C GLU A 1167 -98.73 -26.84 62.03
N VAL A 1168 -97.43 -26.87 62.33
CA VAL A 1168 -96.47 -27.49 61.42
C VAL A 1168 -96.72 -28.98 61.35
N LEU A 1169 -96.84 -29.50 60.13
CA LEU A 1169 -97.09 -30.91 59.93
C LEU A 1169 -95.84 -31.73 60.20
N MET A 1170 -96.05 -32.96 60.64
CA MET A 1170 -94.97 -33.86 61.01
C MET A 1170 -94.96 -35.04 60.06
N SER A 1171 -93.78 -35.39 59.54
CA SER A 1171 -93.63 -36.57 58.72
C SER A 1171 -93.60 -37.82 59.60
N ASP A 1172 -93.40 -38.98 58.97
CA ASP A 1172 -93.28 -40.22 59.73
C ASP A 1172 -91.84 -40.44 60.21
N SER A 1173 -91.26 -39.40 60.82
CA SER A 1173 -89.91 -39.35 61.36
C SER A 1173 -89.81 -38.06 62.16
N GLY A 1174 -88.60 -37.74 62.62
CA GLY A 1174 -88.39 -36.50 63.34
C GLY A 1174 -88.22 -35.27 62.48
N SER A 1175 -88.30 -35.41 61.16
CA SER A 1175 -88.11 -34.27 60.27
C SER A 1175 -89.29 -33.31 60.34
N GLU A 1176 -89.00 -32.02 60.51
CA GLU A 1176 -90.00 -30.98 60.56
C GLU A 1176 -90.16 -30.24 59.22
N THR A 1177 -89.40 -30.64 58.20
CA THR A 1177 -89.48 -30.04 56.88
C THR A 1177 -89.85 -31.12 55.87
N ALA A 1178 -90.91 -30.87 55.09
CA ALA A 1178 -91.44 -31.87 54.17
C ALA A 1178 -90.45 -32.23 53.08
N PHE A 1179 -89.85 -31.24 52.45
CA PHE A 1179 -88.91 -31.50 51.36
C PHE A 1179 -87.60 -30.79 51.66
N ARG A 1180 -86.49 -31.48 51.40
CA ARG A 1180 -85.17 -31.01 51.75
C ARG A 1180 -84.24 -31.18 50.56
N GLU A 1181 -83.21 -30.33 50.51
CA GLU A 1181 -82.15 -30.33 49.48
C GLU A 1181 -82.74 -30.21 48.08
N ILE A 1182 -83.43 -29.09 47.86
CA ILE A 1182 -84.01 -28.75 46.56
C ILE A 1182 -83.16 -27.68 45.88
N GLU A 1183 -82.78 -27.97 44.64
CA GLU A 1183 -82.02 -27.00 43.86
C GLU A 1183 -82.92 -25.85 43.45
N ILE A 1184 -82.31 -24.66 43.34
CA ILE A 1184 -83.05 -23.47 42.96
C ILE A 1184 -83.64 -23.63 41.56
N GLY A 1185 -82.82 -24.11 40.62
CA GLY A 1185 -83.26 -24.37 39.25
C GLY A 1185 -83.79 -23.14 38.57
N ASP A 1186 -84.91 -23.30 37.88
CA ASP A 1186 -85.57 -22.16 37.25
C ASP A 1186 -86.31 -21.29 38.25
N GLY A 1187 -86.63 -21.83 39.41
CA GLY A 1187 -87.47 -21.18 40.39
C GLY A 1187 -88.74 -21.96 40.63
N PHE A 1188 -89.58 -21.43 41.52
CA PHE A 1188 -90.77 -22.13 41.95
C PHE A 1188 -92.00 -21.23 41.86
N LEU A 1189 -93.13 -21.84 41.55
CA LEU A 1189 -94.42 -21.19 41.46
C LEU A 1189 -95.40 -21.84 42.41
N PRO A 1190 -96.17 -21.06 43.17
CA PRO A 1190 -97.27 -21.63 43.97
C PRO A 1190 -98.29 -22.31 43.08
N VAL A 1191 -98.57 -23.58 43.38
CA VAL A 1191 -99.42 -24.39 42.51
C VAL A 1191 -100.47 -25.11 43.34
N CYS A 1192 -101.57 -25.46 42.69
CA CYS A 1192 -102.63 -26.26 43.28
C CYS A 1192 -103.45 -26.90 42.18
N SER A 1193 -104.20 -27.93 42.55
CA SER A 1193 -105.08 -28.63 41.62
C SER A 1193 -106.27 -29.16 42.39
N LEU A 1194 -107.36 -29.40 41.65
CA LEU A 1194 -108.60 -29.89 42.22
C LEU A 1194 -109.18 -31.01 41.39
N GLY A 1195 -109.64 -32.07 42.05
CA GLY A 1195 -110.32 -33.18 41.43
C GLY A 1195 -111.76 -32.84 41.16
N PRO A 1196 -112.55 -33.82 40.68
CA PRO A 1196 -113.96 -33.57 40.37
C PRO A 1196 -114.74 -33.14 41.60
N GLY A 1197 -115.65 -32.19 41.39
CA GLY A 1197 -116.53 -31.69 42.44
C GLY A 1197 -115.81 -31.11 43.64
N GLN A 1198 -114.83 -30.23 43.43
CA GLN A 1198 -114.06 -29.70 44.54
C GLN A 1198 -114.02 -28.18 44.49
N VAL A 1199 -113.91 -27.56 45.67
CA VAL A 1199 -113.82 -26.11 45.81
C VAL A 1199 -112.62 -25.76 46.69
N GLY A 1200 -111.79 -24.83 46.22
CA GLY A 1200 -110.61 -24.40 46.94
C GLY A 1200 -110.43 -22.89 46.91
N HIS A 1201 -110.02 -22.30 48.02
CA HIS A 1201 -109.79 -20.87 48.11
C HIS A 1201 -108.29 -20.66 48.22
N LEU A 1202 -107.70 -20.03 47.21
CA LEU A 1202 -106.26 -19.81 47.19
C LEU A 1202 -105.99 -18.37 47.55
N ASN A 1203 -105.25 -18.16 48.64
CA ASN A 1203 -104.92 -16.81 49.09
C ASN A 1203 -103.40 -16.64 48.98
N LEU A 1204 -102.97 -15.91 47.96
CA LEU A 1204 -101.55 -15.66 47.75
C LEU A 1204 -101.02 -14.53 48.63
N GLY A 1205 -101.86 -13.94 49.46
CA GLY A 1205 -101.42 -12.95 50.41
C GLY A 1205 -101.21 -11.57 49.83
N GLN A 1206 -102.06 -11.17 48.87
CA GLN A 1206 -102.00 -9.80 48.36
C GLN A 1206 -102.31 -8.80 49.47
N ASP A 1207 -103.30 -9.09 50.30
CA ASP A 1207 -103.56 -8.33 51.52
C ASP A 1207 -103.05 -9.14 52.71
N VAL A 1208 -102.07 -8.60 53.42
CA VAL A 1208 -101.43 -9.32 54.52
C VAL A 1208 -102.42 -9.55 55.66
N SER A 1209 -103.32 -8.58 55.90
CA SER A 1209 -104.30 -8.68 56.98
C SER A 1209 -105.31 -9.80 56.74
N SER A 1210 -105.64 -10.05 55.46
CA SER A 1210 -106.61 -11.08 55.11
C SER A 1210 -106.14 -12.49 55.46
N LEU A 1211 -104.82 -12.70 55.62
CA LEU A 1211 -104.32 -14.00 56.02
C LEU A 1211 -104.71 -14.30 57.47
N ARG A 1212 -104.86 -15.58 57.77
CA ARG A 1212 -105.34 -16.03 59.07
C ARG A 1212 -104.23 -16.60 59.94
N PHE A 1213 -103.50 -17.59 59.44
CA PHE A 1213 -102.50 -18.31 60.22
C PHE A 1213 -101.09 -17.79 60.00
N PHE A 1214 -100.94 -16.68 59.27
CA PHE A 1214 -99.62 -16.08 59.08
C PHE A 1214 -99.04 -15.59 60.39
N ALA A 1215 -99.88 -14.99 61.26
CA ALA A 1215 -99.41 -14.56 62.57
C ALA A 1215 -98.99 -15.76 63.42
N ILE A 1216 -99.78 -16.83 63.37
CA ILE A 1216 -99.47 -18.04 64.13
C ILE A 1216 -98.19 -18.68 63.61
N CYS A 1217 -98.06 -18.80 62.29
CA CYS A 1217 -96.88 -19.42 61.70
C CYS A 1217 -96.42 -18.61 60.51
N GLY A 1218 -95.13 -18.27 60.49
CA GLY A 1218 -94.56 -17.59 59.34
C GLY A 1218 -94.08 -16.18 59.62
N LEU A 1219 -94.85 -15.41 60.40
CA LEU A 1219 -94.52 -14.01 60.63
C LEU A 1219 -93.20 -13.84 61.37
N GLN A 1220 -92.95 -14.65 62.39
CA GLN A 1220 -91.74 -14.53 63.18
C GLN A 1220 -90.56 -15.28 62.58
N GLU A 1221 -90.78 -16.08 61.54
CA GLU A 1221 -89.70 -16.83 60.92
C GLU A 1221 -88.98 -16.06 59.83
N GLY A 1222 -89.34 -14.81 59.59
CA GLY A 1222 -88.79 -14.07 58.48
C GLY A 1222 -89.47 -14.30 57.15
N PHE A 1223 -90.58 -15.05 57.12
CA PHE A 1223 -91.28 -15.32 55.88
C PHE A 1223 -92.09 -14.11 55.44
N GLU A 1224 -92.41 -14.09 54.16
CA GLU A 1224 -93.16 -13.01 53.54
C GLU A 1224 -94.32 -13.57 52.73
N PRO A 1225 -95.42 -12.83 52.63
CA PRO A 1225 -96.49 -13.21 51.69
C PRO A 1225 -95.97 -13.17 50.27
N PHE A 1226 -96.50 -14.09 49.44
CA PHE A 1226 -96.03 -14.20 48.06
C PHE A 1226 -96.36 -12.97 47.23
N ALA A 1227 -97.40 -12.23 47.59
CA ALA A 1227 -97.84 -11.06 46.86
C ALA A 1227 -97.90 -9.86 47.80
N ILE A 1228 -96.83 -9.68 48.58
CA ILE A 1228 -96.83 -8.69 49.66
C ILE A 1228 -96.99 -7.26 49.14
N ASN A 1229 -96.31 -6.91 48.06
CA ASN A 1229 -96.40 -5.58 47.48
C ASN A 1229 -96.78 -5.77 46.02
N MET A 1230 -98.08 -5.89 45.76
CA MET A 1230 -98.60 -6.03 44.40
C MET A 1230 -99.93 -5.31 44.30
N GLN A 1231 -100.12 -4.57 43.19
CA GLN A 1231 -101.33 -3.80 43.00
CA GLN A 1231 -101.33 -3.80 43.00
C GLN A 1231 -102.44 -4.66 42.38
N ARG A 1232 -102.20 -5.21 41.21
CA ARG A 1232 -103.19 -6.05 40.58
C ARG A 1232 -103.15 -7.46 41.16
N PRO A 1233 -104.28 -8.17 41.15
CA PRO A 1233 -104.27 -9.58 41.57
C PRO A 1233 -103.34 -10.41 40.71
N VAL A 1234 -102.69 -11.38 41.34
CA VAL A 1234 -101.70 -12.22 40.65
C VAL A 1234 -102.39 -13.03 39.55
N THR A 1235 -101.87 -12.91 38.33
CA THR A 1235 -102.42 -13.64 37.20
C THR A 1235 -102.18 -15.12 37.36
N THR A 1236 -103.24 -15.91 37.19
CA THR A 1236 -103.18 -17.35 37.30
C THR A 1236 -103.48 -18.00 35.97
N TRP A 1237 -102.75 -19.07 35.68
CA TRP A 1237 -102.92 -19.85 34.48
C TRP A 1237 -103.48 -21.20 34.92
N PHE A 1238 -104.63 -21.55 34.37
CA PHE A 1238 -105.27 -22.83 34.63
C PHE A 1238 -105.05 -23.78 33.46
N SER A 1239 -105.32 -25.05 33.70
CA SER A 1239 -105.17 -26.05 32.65
C SER A 1239 -106.51 -26.26 31.97
N LYS A 1240 -106.57 -25.92 30.68
CA LYS A 1240 -107.79 -26.01 29.89
C LYS A 1240 -107.86 -27.41 29.28
N SER A 1241 -108.95 -28.11 29.56
CA SER A 1241 -109.16 -29.47 29.08
C SER A 1241 -109.87 -29.49 27.73
N LEU A 1242 -109.34 -28.74 26.77
CA LEU A 1242 -109.87 -28.71 25.42
C LEU A 1242 -108.77 -29.15 24.46
N PRO A 1243 -108.99 -30.22 23.68
CA PRO A 1243 -107.96 -30.70 22.75
C PRO A 1243 -107.60 -29.65 21.70
N GLN A 1244 -106.32 -29.60 21.36
CA GLN A 1244 -105.81 -28.68 20.35
C GLN A 1244 -104.79 -29.40 19.50
N PHE A 1245 -104.50 -28.85 18.33
CA PHE A 1245 -103.51 -29.45 17.44
C PHE A 1245 -102.17 -28.72 17.62
N GLU A 1246 -101.16 -29.46 18.03
CA GLU A 1246 -99.82 -28.88 18.18
C GLU A 1246 -98.83 -29.71 17.38
N PRO A 1247 -97.75 -29.09 16.89
CA PRO A 1247 -96.74 -29.86 16.15
C PRO A 1247 -96.08 -30.92 17.01
N VAL A 1248 -95.71 -32.02 16.36
CA VAL A 1248 -95.05 -33.14 17.02
C VAL A 1248 -93.69 -32.68 17.54
N PRO A 1249 -93.44 -32.78 18.84
CA PRO A 1249 -92.15 -32.35 19.41
C PRO A 1249 -91.00 -33.16 18.82
N PRO A 1250 -89.88 -32.51 18.51
CA PRO A 1250 -88.72 -33.25 17.99
C PRO A 1250 -88.11 -34.22 18.98
N GLU A 1251 -88.38 -34.07 20.28
CA GLU A 1251 -87.83 -34.93 21.31
C GLU A 1251 -88.79 -36.01 21.78
N HIS A 1252 -89.93 -36.19 21.09
CA HIS A 1252 -90.97 -37.11 21.52
C HIS A 1252 -90.46 -38.55 21.53
N PRO A 1253 -90.56 -39.26 22.65
CA PRO A 1253 -90.01 -40.63 22.71
C PRO A 1253 -90.67 -41.63 21.79
N HIS A 1254 -91.97 -41.51 21.53
CA HIS A 1254 -92.71 -42.53 20.80
C HIS A 1254 -92.87 -42.22 19.32
N TYR A 1255 -93.37 -41.03 19.00
CA TYR A 1255 -93.69 -40.66 17.62
C TYR A 1255 -92.61 -39.77 17.04
N GLU A 1256 -92.27 -40.01 15.78
CA GLU A 1256 -91.35 -39.15 15.05
C GLU A 1256 -91.86 -38.98 13.62
N VAL A 1257 -91.72 -37.78 13.09
CA VAL A 1257 -92.16 -37.45 11.74
C VAL A 1257 -90.94 -37.16 10.90
N ALA A 1258 -90.82 -37.84 9.77
CA ALA A 1258 -89.66 -37.72 8.90
C ALA A 1258 -90.07 -37.07 7.59
N ARG A 1259 -89.39 -35.99 7.23
CA ARG A 1259 -89.61 -35.32 5.97
C ARG A 1259 -88.69 -35.94 4.93
N MET A 1260 -89.27 -36.47 3.86
CA MET A 1260 -88.52 -37.16 2.83
C MET A 1260 -88.44 -36.29 1.58
N ASP A 1261 -87.23 -36.16 1.04
CA ASP A 1261 -87.04 -35.39 -0.18
C ASP A 1261 -87.74 -36.07 -1.34
N GLY A 1262 -88.39 -35.28 -2.18
CA GLY A 1262 -89.06 -35.81 -3.34
C GLY A 1262 -88.10 -36.14 -4.46
N THR A 1263 -88.05 -37.41 -4.87
CA THR A 1263 -87.14 -37.83 -5.93
C THR A 1263 -87.77 -37.53 -7.28
N VAL A 1264 -87.10 -37.97 -8.35
CA VAL A 1264 -87.62 -37.77 -9.70
C VAL A 1264 -88.90 -38.56 -9.93
N ASP A 1265 -89.02 -39.74 -9.33
CA ASP A 1265 -90.17 -40.61 -9.54
C ASP A 1265 -91.13 -40.65 -8.35
N THR A 1266 -90.73 -40.15 -7.18
CA THR A 1266 -91.60 -40.20 -6.03
C THR A 1266 -91.88 -38.80 -5.50
N PRO A 1267 -93.10 -38.54 -5.03
CA PRO A 1267 -93.43 -37.23 -4.47
C PRO A 1267 -92.81 -37.05 -3.10
N PRO A 1268 -92.69 -35.81 -2.62
CA PRO A 1268 -92.22 -35.59 -1.25
C PRO A 1268 -93.16 -36.22 -0.22
N CYS A 1269 -92.56 -36.70 0.87
CA CYS A 1269 -93.28 -37.49 1.84
C CYS A 1269 -93.10 -36.95 3.24
N LEU A 1270 -94.15 -37.12 4.05
CA LEU A 1270 -94.17 -36.83 5.48
C LEU A 1270 -94.50 -38.16 6.16
N ARG A 1271 -93.47 -38.92 6.46
CA ARG A 1271 -93.64 -40.27 6.97
C ARG A 1271 -93.68 -40.25 8.49
N LEU A 1272 -94.59 -41.03 9.07
CA LEU A 1272 -94.66 -41.23 10.50
C LEU A 1272 -94.09 -42.60 10.83
N ALA A 1273 -93.23 -42.67 11.83
CA ALA A 1273 -92.64 -43.94 12.24
C ALA A 1273 -92.65 -44.02 13.75
N HIS A 1274 -93.20 -45.11 14.28
CA HIS A 1274 -93.22 -45.32 15.72
C HIS A 1274 -91.84 -45.72 16.19
N ARG A 1275 -91.26 -44.93 17.11
CA ARG A 1275 -89.90 -45.18 17.56
C ARG A 1275 -89.82 -46.46 18.38
N THR A 1276 -90.71 -46.62 19.35
CA THR A 1276 -90.63 -47.70 20.32
C THR A 1276 -91.71 -48.76 20.12
N TRP A 1277 -92.12 -49.00 18.87
CA TRP A 1277 -93.14 -50.00 18.58
C TRP A 1277 -92.62 -51.40 18.88
N GLY A 1278 -93.28 -52.09 19.81
CA GLY A 1278 -92.96 -53.46 20.14
C GLY A 1278 -92.09 -53.61 21.36
N SER A 1279 -91.40 -52.56 21.77
CA SER A 1279 -90.53 -52.62 22.92
C SER A 1279 -91.33 -52.50 24.22
N GLN A 1280 -90.64 -52.69 25.34
CA GLN A 1280 -91.25 -52.52 26.64
C GLN A 1280 -91.53 -51.04 26.91
N ASN A 1281 -92.62 -50.79 27.67
CA ASN A 1281 -93.13 -49.44 27.98
C ASN A 1281 -93.51 -48.65 26.73
N SER A 1282 -93.89 -49.36 25.67
CA SER A 1282 -94.36 -48.69 24.47
C SER A 1282 -95.72 -48.06 24.69
N LEU A 1283 -95.94 -46.94 24.01
CA LEU A 1283 -97.20 -46.20 24.09
C LEU A 1283 -97.96 -46.46 22.80
N VAL A 1284 -99.16 -47.03 22.91
CA VAL A 1284 -100.04 -47.27 21.77
C VAL A 1284 -101.40 -46.72 22.12
N GLU A 1285 -101.91 -45.82 21.28
CA GLU A 1285 -103.20 -45.18 21.53
C GLU A 1285 -103.71 -44.56 20.24
N MET A 1286 -104.98 -44.16 20.26
CA MET A 1286 -105.62 -43.48 19.14
C MET A 1286 -104.93 -42.16 18.88
N LEU A 1287 -104.31 -42.00 17.70
CA LEU A 1287 -103.51 -40.82 17.39
C LEU A 1287 -104.19 -40.00 16.29
N PHE A 1288 -104.35 -38.70 16.55
CA PHE A 1288 -104.96 -37.79 15.60
C PHE A 1288 -103.88 -36.90 15.00
N LEU A 1289 -103.82 -36.87 13.66
CA LEU A 1289 -102.85 -36.10 12.91
C LEU A 1289 -103.55 -35.20 11.91
N ARG A 1290 -103.03 -33.98 11.77
CA ARG A 1290 -103.49 -33.06 10.75
C ARG A 1290 -102.32 -32.24 10.26
N LEU A 1291 -102.41 -31.77 9.04
CA LEU A 1291 -101.35 -30.93 8.50
C LEU A 1291 -101.49 -29.52 9.04
N SER A 1292 -100.39 -28.75 8.97
CA SER A 1292 -100.39 -27.44 9.58
C SER A 1292 -101.21 -26.44 8.76
N LEU A 1293 -101.08 -26.47 7.44
CA LEU A 1293 -101.80 -25.42 6.74
C LEU A 1293 -103.07 -25.97 6.09
N PRO A 1294 -104.16 -25.21 6.13
CA PRO A 1294 -105.41 -25.68 5.53
C PRO A 1294 -105.59 -25.24 4.09
N VAL A 1295 -106.68 -25.67 3.47
CA VAL A 1295 -107.09 -25.20 2.16
C VAL A 1295 -108.51 -24.64 2.29
N GLN A 1296 -108.76 -23.53 1.62
CA GLN A 1296 -110.04 -22.84 1.69
C GLN A 1296 -110.76 -22.92 0.35
N PHE A 1297 -112.05 -23.22 0.42
CA PHE A 1297 -112.84 -23.30 -0.81
C PHE A 1297 -113.19 -21.91 -1.33
N HIS A 1298 -113.45 -21.84 -2.63
CA HIS A 1298 -113.71 -20.58 -3.31
C HIS A 1298 -115.00 -19.93 -2.80
N GLN A 1299 -115.05 -18.61 -2.98
CA GLN A 1299 -116.15 -17.81 -2.44
C GLN A 1299 -117.48 -18.17 -3.09
N HIS A 1300 -117.50 -18.28 -4.42
CA HIS A 1300 -118.71 -18.57 -5.16
C HIS A 1300 -118.51 -19.84 -5.98
N PHE A 1301 -119.39 -20.81 -5.80
CA PHE A 1301 -119.29 -22.05 -6.54
C PHE A 1301 -119.68 -21.83 -8.00
N ARG A 1302 -119.12 -22.65 -8.88
CA ARG A 1302 -119.41 -22.54 -10.31
C ARG A 1302 -120.86 -22.91 -10.60
N CYS A 1303 -121.40 -22.28 -11.65
CA CYS A 1303 -122.81 -22.46 -12.00
C CYS A 1303 -123.06 -23.88 -12.49
N THR A 1304 -124.23 -24.41 -12.12
CA THR A 1304 -124.73 -25.75 -12.50
C THR A 1304 -123.76 -26.88 -12.13
N ASP A 1419 -97.16 -41.95 -20.56
CA ASP A 1419 -98.34 -41.09 -20.53
C ASP A 1419 -98.34 -40.30 -19.22
N ASN A 1420 -99.53 -40.11 -18.63
CA ASN A 1420 -99.77 -39.34 -17.40
C ASN A 1420 -99.24 -37.91 -17.52
N ARG A 1421 -99.22 -37.37 -18.74
CA ARG A 1421 -98.77 -36.00 -18.98
C ARG A 1421 -99.99 -35.10 -18.94
N ASP A 1422 -99.99 -34.14 -18.01
CA ASP A 1422 -101.10 -33.22 -17.87
C ASP A 1422 -101.24 -32.30 -19.08
N ASP A 1423 -102.47 -32.09 -19.51
CA ASP A 1423 -102.79 -31.18 -20.60
C ASP A 1423 -102.51 -29.77 -20.10
N PRO A 1424 -101.64 -28.99 -20.77
CA PRO A 1424 -101.32 -27.64 -20.26
C PRO A 1424 -102.51 -26.69 -20.07
N GLU A 1425 -103.47 -26.73 -20.99
CA GLU A 1425 -104.63 -25.86 -20.86
C GLU A 1425 -105.58 -26.34 -19.77
N ILE A 1426 -105.71 -27.65 -19.58
CA ILE A 1426 -106.55 -28.14 -18.50
C ILE A 1426 -105.89 -27.85 -17.16
N ILE A 1427 -104.57 -28.08 -17.07
CA ILE A 1427 -103.85 -27.96 -15.81
C ILE A 1427 -103.80 -26.51 -15.32
N LEU A 1428 -103.71 -25.54 -16.24
CA LEU A 1428 -103.65 -24.15 -15.80
C LEU A 1428 -104.99 -23.59 -15.38
N ASN A 1429 -106.09 -24.32 -15.62
CA ASN A 1429 -107.42 -23.84 -15.28
C ASN A 1429 -108.14 -24.68 -14.23
N THR A 1430 -107.74 -25.93 -14.02
CA THR A 1430 -108.43 -26.82 -13.09
C THR A 1430 -108.33 -26.33 -11.65
N THR A 1431 -109.38 -26.62 -10.87
CA THR A 1431 -109.46 -26.30 -9.45
C THR A 1431 -109.59 -27.56 -8.61
N THR A 1432 -108.96 -28.64 -9.05
CA THR A 1432 -108.97 -29.92 -8.37
C THR A 1432 -107.59 -30.20 -7.81
N TYR A 1433 -107.54 -30.64 -6.56
CA TYR A 1433 -106.30 -30.89 -5.83
C TYR A 1433 -106.36 -32.27 -5.18
N TYR A 1434 -105.23 -32.98 -5.27
CA TYR A 1434 -105.13 -34.38 -4.87
C TYR A 1434 -103.95 -34.57 -3.92
N TYR A 1435 -104.12 -35.48 -2.97
CA TYR A 1435 -102.99 -35.96 -2.19
C TYR A 1435 -103.17 -37.43 -1.90
N SER A 1436 -102.06 -38.15 -1.72
CA SER A 1436 -102.12 -39.58 -1.50
C SER A 1436 -101.47 -39.91 -0.17
N VAL A 1437 -102.09 -40.80 0.58
CA VAL A 1437 -101.53 -41.31 1.83
C VAL A 1437 -101.28 -42.80 1.67
N ARG A 1438 -100.13 -43.25 2.15
CA ARG A 1438 -99.73 -44.64 1.98
C ARG A 1438 -99.62 -45.25 3.37
N VAL A 1439 -100.59 -46.10 3.70
CA VAL A 1439 -100.57 -46.86 4.95
C VAL A 1439 -99.59 -48.00 4.75
N PHE A 1440 -98.60 -48.09 5.63
CA PHE A 1440 -97.55 -49.09 5.44
C PHE A 1440 -98.06 -50.50 5.71
N ALA A 1441 -97.34 -51.47 5.14
CA ALA A 1441 -97.60 -52.87 5.45
C ALA A 1441 -97.34 -53.15 6.92
N GLY A 1442 -98.20 -53.98 7.52
CA GLY A 1442 -98.14 -54.24 8.93
C GLY A 1442 -98.99 -53.32 9.76
N GLN A 1443 -99.41 -52.17 9.20
CA GLN A 1443 -100.33 -51.28 9.88
C GLN A 1443 -101.75 -51.65 9.44
N GLU A 1444 -102.61 -51.93 10.40
CA GLU A 1444 -103.95 -52.43 10.13
C GLU A 1444 -104.82 -51.35 9.50
N PRO A 1445 -105.38 -51.58 8.31
CA PRO A 1445 -106.38 -50.64 7.77
C PRO A 1445 -107.66 -50.55 8.59
N SER A 1446 -107.91 -51.48 9.52
CA SER A 1446 -109.10 -51.43 10.36
C SER A 1446 -109.10 -50.28 11.35
N CYS A 1447 -107.98 -49.58 11.53
CA CYS A 1447 -107.87 -48.46 12.46
C CYS A 1447 -107.22 -47.28 11.77
N VAL A 1448 -107.68 -46.97 10.55
CA VAL A 1448 -107.16 -45.87 9.74
C VAL A 1448 -108.34 -45.05 9.25
N TRP A 1449 -108.24 -43.73 9.36
CA TRP A 1449 -109.24 -42.82 8.84
C TRP A 1449 -108.56 -41.65 8.17
N VAL A 1450 -108.93 -41.39 6.91
CA VAL A 1450 -108.24 -40.41 6.07
C VAL A 1450 -109.26 -39.46 5.47
N GLY A 1451 -109.00 -38.15 5.57
CA GLY A 1451 -109.86 -37.15 4.98
C GLY A 1451 -109.48 -35.73 5.37
N TRP A 1452 -110.48 -34.92 5.75
CA TRP A 1452 -110.23 -33.53 6.08
C TRP A 1452 -111.03 -33.15 7.32
N VAL A 1453 -110.52 -32.15 8.05
CA VAL A 1453 -111.16 -31.65 9.26
C VAL A 1453 -111.21 -30.13 9.25
N THR A 1454 -112.34 -29.58 9.67
CA THR A 1454 -112.49 -28.15 9.86
C THR A 1454 -111.66 -27.74 11.08
N PRO A 1455 -111.27 -26.46 11.21
CA PRO A 1455 -110.42 -26.04 12.34
C PRO A 1455 -111.08 -26.11 13.72
N ASP A 1456 -112.32 -26.58 13.86
CA ASP A 1456 -112.97 -26.67 15.16
C ASP A 1456 -113.18 -28.11 15.61
N TYR A 1457 -112.35 -29.03 15.13
CA TYR A 1457 -112.40 -30.42 15.58
C TYR A 1457 -111.64 -30.54 16.90
N HIS A 1458 -112.35 -30.96 17.95
CA HIS A 1458 -111.73 -31.16 19.27
C HIS A 1458 -112.23 -32.45 19.90
N GLN A 1459 -112.29 -33.52 19.11
CA GLN A 1459 -112.82 -34.81 19.56
C GLN A 1459 -111.66 -35.75 19.80
N HIS A 1460 -111.29 -35.91 21.06
CA HIS A 1460 -110.15 -36.73 21.48
C HIS A 1460 -110.70 -37.97 22.16
N ASP A 1461 -110.96 -39.02 21.37
CA ASP A 1461 -111.51 -40.27 21.86
C ASP A 1461 -110.56 -41.42 21.57
N MET A 1462 -110.31 -42.24 22.60
CA MET A 1462 -109.51 -43.44 22.44
C MET A 1462 -110.23 -44.57 21.71
N ASN A 1463 -111.54 -44.46 21.52
CA ASN A 1463 -112.29 -45.50 20.83
C ASN A 1463 -112.94 -44.91 19.61
N PHE A 1464 -112.18 -44.14 18.84
CA PHE A 1464 -112.73 -43.38 17.73
C PHE A 1464 -113.26 -44.29 16.63
N ASP A 1465 -114.40 -43.92 16.09
CA ASP A 1465 -115.00 -44.56 14.92
C ASP A 1465 -115.89 -43.54 14.24
N LEU A 1466 -116.27 -43.84 12.99
CA LEU A 1466 -117.06 -42.91 12.16
C LEU A 1466 -118.42 -42.57 12.75
N SER A 1467 -118.94 -43.41 13.65
CA SER A 1467 -120.22 -43.10 14.31
C SER A 1467 -120.10 -41.87 15.19
N LYS A 1468 -118.98 -41.73 15.92
CA LYS A 1468 -118.78 -40.60 16.82
C LYS A 1468 -118.58 -39.27 16.11
N VAL A 1469 -118.39 -39.28 14.78
CA VAL A 1469 -118.22 -38.05 14.00
C VAL A 1469 -119.44 -37.16 14.18
N ARG A 1470 -119.22 -35.91 14.59
CA ARG A 1470 -120.31 -34.97 14.74
C ARG A 1470 -120.84 -34.55 13.37
N ALA A 1471 -122.16 -34.60 13.21
CA ALA A 1471 -122.78 -34.19 11.97
C ALA A 1471 -124.19 -33.69 12.29
N VAL A 1472 -124.68 -32.78 11.43
CA VAL A 1472 -126.02 -32.25 11.58
C VAL A 1472 -126.49 -31.77 10.21
N THR A 1473 -127.77 -31.95 9.92
CA THR A 1473 -128.37 -31.54 8.66
C THR A 1473 -129.35 -30.42 8.94
N VAL A 1474 -129.15 -29.29 8.28
CA VAL A 1474 -130.09 -28.18 8.40
C VAL A 1474 -131.13 -28.31 7.30
N THR A 1475 -132.40 -28.26 7.69
CA THR A 1475 -133.54 -28.42 6.79
C THR A 1475 -134.32 -27.11 6.75
N MET A 1476 -134.50 -26.57 5.55
CA MET A 1476 -135.19 -25.32 5.32
C MET A 1476 -136.24 -25.53 4.24
N GLY A 1477 -137.39 -24.92 4.46
CA GLY A 1477 -138.53 -25.00 3.56
C GLY A 1477 -139.32 -23.71 3.68
N ASP A 1478 -140.40 -23.61 2.92
CA ASP A 1478 -141.24 -22.42 2.98
C ASP A 1478 -142.19 -22.54 4.20
N GLU A 1479 -143.19 -21.66 4.24
CA GLU A 1479 -144.15 -21.59 5.34
C GLU A 1479 -144.87 -22.93 5.58
N GLN A 1480 -145.12 -23.70 4.52
CA GLN A 1480 -145.81 -24.98 4.63
C GLN A 1480 -144.91 -26.07 4.00
N GLY A 1481 -144.02 -26.60 4.83
CA GLY A 1481 -143.10 -27.67 4.45
C GLY A 1481 -142.23 -27.27 3.27
N ASN A 1482 -142.27 -28.09 2.22
CA ASN A 1482 -141.62 -27.88 0.93
C ASN A 1482 -140.13 -27.56 1.06
N VAL A 1483 -139.40 -28.56 1.55
CA VAL A 1483 -137.97 -28.46 1.81
C VAL A 1483 -137.24 -28.04 0.54
N HIS A 1484 -136.58 -26.87 0.58
CA HIS A 1484 -135.79 -26.39 -0.52
C HIS A 1484 -134.32 -26.21 -0.18
N SER A 1485 -133.91 -26.52 1.06
CA SER A 1485 -132.50 -26.38 1.42
C SER A 1485 -132.16 -27.40 2.49
N SER A 1486 -131.28 -28.34 2.19
CA SER A 1486 -130.89 -29.36 3.15
C SER A 1486 -129.39 -29.52 3.03
N LEU A 1487 -128.67 -29.00 4.03
CA LEU A 1487 -127.21 -29.08 4.04
C LEU A 1487 -126.71 -29.92 5.19
N LYS A 1488 -125.47 -30.38 5.07
CA LYS A 1488 -124.82 -31.16 6.13
C LYS A 1488 -123.60 -30.43 6.66
N CYS A 1489 -123.55 -30.27 7.97
CA CYS A 1489 -122.46 -29.60 8.68
C CYS A 1489 -121.74 -30.63 9.51
N SER A 1490 -120.40 -30.61 9.45
CA SER A 1490 -119.58 -31.54 10.19
C SER A 1490 -118.22 -30.90 10.41
N ASN A 1491 -117.59 -31.25 11.51
CA ASN A 1491 -116.22 -30.85 11.76
C ASN A 1491 -115.23 -31.90 11.31
N CYS A 1492 -115.72 -32.97 10.71
CA CYS A 1492 -114.90 -34.16 10.46
C CYS A 1492 -115.43 -34.85 9.22
N TYR A 1493 -114.58 -34.98 8.20
CA TYR A 1493 -114.93 -35.63 6.94
C TYR A 1493 -113.84 -36.62 6.58
N MET A 1494 -113.96 -37.86 7.07
CA MET A 1494 -113.05 -38.90 6.63
C MET A 1494 -113.83 -40.19 6.36
N VAL A 1495 -113.15 -41.14 5.74
CA VAL A 1495 -113.68 -42.46 5.51
C VAL A 1495 -112.96 -43.42 6.46
N TRP A 1496 -113.46 -44.65 6.53
CA TRP A 1496 -112.80 -45.70 7.29
C TRP A 1496 -111.92 -46.53 6.35
N GLY A 1497 -110.69 -46.81 6.79
CA GLY A 1497 -109.77 -47.61 6.00
C GLY A 1497 -110.17 -49.07 5.90
N GLY A 1498 -111.08 -49.53 6.76
CA GLY A 1498 -111.54 -50.90 6.70
C GLY A 1498 -112.51 -51.19 5.58
N ASP A 1499 -113.00 -50.16 4.90
CA ASP A 1499 -113.85 -50.34 3.74
C ASP A 1499 -113.05 -50.48 2.45
N PHE A 1500 -111.74 -50.26 2.50
CA PHE A 1500 -110.89 -50.34 1.32
C PHE A 1500 -110.04 -51.60 1.31
N VAL A 1501 -110.25 -52.50 2.26
CA VAL A 1501 -109.48 -53.74 2.37
C VAL A 1501 -110.40 -54.90 2.01
N SER A 1502 -109.90 -55.81 1.18
CA SER A 1502 -110.67 -56.97 0.77
C SER A 1502 -110.96 -57.86 1.98
N PRO A 1503 -112.14 -58.50 2.03
CA PRO A 1503 -112.45 -59.36 3.17
C PRO A 1503 -111.69 -60.69 3.19
N GLY A 1504 -110.37 -60.62 3.32
CA GLY A 1504 -109.58 -61.84 3.36
C GLY A 1504 -109.83 -62.63 4.62
N GLN A 1505 -109.75 -63.96 4.49
CA GLN A 1505 -109.96 -64.85 5.62
C GLN A 1505 -108.88 -64.67 6.68
N GLN A 1506 -107.64 -64.46 6.26
CA GLN A 1506 -106.52 -64.29 7.17
C GLN A 1506 -105.42 -63.56 6.40
N GLY A 1507 -104.39 -63.14 7.14
CA GLY A 1507 -103.31 -62.40 6.56
C GLY A 1507 -103.68 -60.94 6.34
N ARG A 1508 -104.25 -60.33 7.39
CA ARG A 1508 -104.68 -58.94 7.35
C ARG A 1508 -103.52 -57.97 7.15
N ILE A 1509 -102.29 -58.40 7.40
CA ILE A 1509 -101.10 -57.65 7.05
C ILE A 1509 -100.97 -57.70 5.53
N SER A 1510 -101.32 -56.59 4.88
CA SER A 1510 -101.37 -56.56 3.43
C SER A 1510 -99.97 -56.55 2.84
N HIS A 1511 -99.73 -57.44 1.87
CA HIS A 1511 -98.48 -57.42 1.13
C HIS A 1511 -98.32 -56.18 0.25
N THR A 1512 -99.43 -55.51 -0.07
CA THR A 1512 -99.42 -54.29 -0.86
C THR A 1512 -99.96 -53.16 0.00
N ASP A 1513 -99.24 -52.04 0.06
CA ASP A 1513 -99.62 -50.92 0.90
C ASP A 1513 -100.88 -50.26 0.34
N LEU A 1514 -101.83 -49.97 1.22
CA LEU A 1514 -103.03 -49.27 0.80
C LEU A 1514 -102.71 -47.79 0.56
N VAL A 1515 -103.00 -47.33 -0.66
CA VAL A 1515 -102.69 -45.95 -1.03
C VAL A 1515 -104.00 -45.20 -1.19
N ILE A 1516 -104.48 -44.61 -0.11
CA ILE A 1516 -105.75 -43.87 -0.16
C ILE A 1516 -105.48 -42.51 -0.78
N GLY A 1517 -106.23 -42.18 -1.82
CA GLY A 1517 -106.10 -40.89 -2.46
C GLY A 1517 -107.31 -40.03 -2.11
N CYS A 1518 -107.11 -38.72 -2.10
CA CYS A 1518 -108.20 -37.80 -1.84
C CYS A 1518 -108.13 -36.65 -2.82
N LEU A 1519 -109.31 -36.23 -3.27
CA LEU A 1519 -109.45 -35.11 -4.20
C LEU A 1519 -110.45 -34.12 -3.65
N VAL A 1520 -110.23 -32.85 -4.02
CA VAL A 1520 -111.15 -31.76 -3.73
C VAL A 1520 -111.23 -30.85 -4.95
N ASP A 1521 -112.37 -30.20 -5.10
CA ASP A 1521 -112.58 -29.19 -6.13
C ASP A 1521 -113.06 -27.93 -5.44
N LEU A 1522 -112.25 -26.87 -5.51
CA LEU A 1522 -112.60 -25.63 -4.82
C LEU A 1522 -113.77 -24.92 -5.47
N ALA A 1523 -113.92 -25.06 -6.78
CA ALA A 1523 -114.99 -24.35 -7.49
C ALA A 1523 -116.35 -25.01 -7.32
N THR A 1524 -116.42 -26.18 -6.70
CA THR A 1524 -117.70 -26.86 -6.47
C THR A 1524 -117.88 -27.30 -5.03
N GLY A 1525 -116.83 -27.31 -4.22
CA GLY A 1525 -116.95 -27.82 -2.86
C GLY A 1525 -117.13 -29.31 -2.76
N LEU A 1526 -116.67 -30.06 -3.76
CA LEU A 1526 -116.86 -31.50 -3.82
C LEU A 1526 -115.55 -32.20 -3.50
N MET A 1527 -115.63 -33.24 -2.68
CA MET A 1527 -114.47 -34.06 -2.34
C MET A 1527 -114.79 -35.52 -2.57
N THR A 1528 -113.76 -36.26 -2.99
CA THR A 1528 -113.86 -37.67 -3.33
C THR A 1528 -112.65 -38.41 -2.78
N PHE A 1529 -112.78 -39.74 -2.76
CA PHE A 1529 -111.76 -40.65 -2.28
C PHE A 1529 -111.53 -41.75 -3.30
N THR A 1530 -110.27 -42.18 -3.43
CA THR A 1530 -109.88 -43.25 -4.34
C THR A 1530 -109.16 -44.33 -3.55
N ALA A 1531 -109.52 -45.59 -3.80
CA ALA A 1531 -108.98 -46.70 -3.01
C ALA A 1531 -107.62 -47.15 -3.53
N ASN A 1532 -107.56 -47.67 -4.75
CA ASN A 1532 -106.27 -48.05 -5.34
C ASN A 1532 -106.23 -47.62 -6.80
N GLY A 1533 -106.70 -46.42 -7.08
CA GLY A 1533 -106.90 -45.97 -8.44
C GLY A 1533 -108.33 -46.10 -8.91
N LYS A 1534 -109.22 -46.59 -8.05
CA LYS A 1534 -110.64 -46.72 -8.35
C LYS A 1534 -111.42 -45.95 -7.29
N GLU A 1535 -112.48 -45.27 -7.73
CA GLU A 1535 -113.22 -44.38 -6.87
C GLU A 1535 -114.03 -45.16 -5.83
N SER A 1536 -114.59 -44.41 -4.88
CA SER A 1536 -115.42 -44.95 -3.82
C SER A 1536 -116.75 -44.22 -3.81
N ASN A 1537 -117.81 -44.96 -3.47
CA ASN A 1537 -119.17 -44.43 -3.55
C ASN A 1537 -119.39 -43.25 -2.60
N THR A 1538 -118.62 -43.19 -1.52
CA THR A 1538 -118.73 -42.07 -0.59
C THR A 1538 -118.22 -40.78 -1.25
N PHE A 1539 -118.93 -39.69 -1.01
CA PHE A 1539 -118.58 -38.39 -1.56
C PHE A 1539 -119.04 -37.32 -0.59
N PHE A 1540 -118.45 -36.13 -0.71
CA PHE A 1540 -118.82 -35.07 0.23
C PHE A 1540 -118.96 -33.76 -0.52
N GLN A 1541 -119.99 -33.00 -0.17
CA GLN A 1541 -120.17 -31.64 -0.67
C GLN A 1541 -120.27 -30.70 0.52
N VAL A 1542 -119.54 -29.59 0.45
CA VAL A 1542 -119.42 -28.65 1.54
C VAL A 1542 -119.72 -27.24 1.04
N GLU A 1543 -120.05 -26.37 1.98
CA GLU A 1543 -120.38 -24.98 1.71
C GLU A 1543 -119.12 -24.21 1.31
N PRO A 1544 -119.27 -23.07 0.62
CA PRO A 1544 -118.10 -22.22 0.35
C PRO A 1544 -117.53 -21.62 1.63
N ASN A 1545 -116.34 -21.02 1.47
CA ASN A 1545 -115.57 -20.39 2.55
C ASN A 1545 -115.26 -21.38 3.67
N THR A 1546 -114.93 -22.61 3.29
CA THR A 1546 -114.65 -23.68 4.22
C THR A 1546 -113.16 -23.96 4.25
N LYS A 1547 -112.60 -24.02 5.45
CA LYS A 1547 -111.19 -24.32 5.68
C LYS A 1547 -111.07 -25.77 6.12
N LEU A 1548 -110.26 -26.55 5.40
CA LEU A 1548 -110.09 -27.97 5.68
C LEU A 1548 -108.62 -28.33 5.77
N PHE A 1549 -108.25 -29.03 6.84
CA PHE A 1549 -106.91 -29.51 7.13
C PHE A 1549 -106.81 -30.98 6.76
N PRO A 1550 -105.82 -31.37 5.95
CA PRO A 1550 -105.60 -32.79 5.65
C PRO A 1550 -105.30 -33.57 6.91
N ALA A 1551 -106.12 -34.59 7.19
CA ALA A 1551 -106.01 -35.30 8.46
C ALA A 1551 -105.98 -36.80 8.26
N VAL A 1552 -105.27 -37.47 9.17
CA VAL A 1552 -105.20 -38.93 9.26
C VAL A 1552 -105.27 -39.34 10.72
N PHE A 1553 -106.27 -40.13 11.07
CA PHE A 1553 -106.42 -40.67 12.42
C PHE A 1553 -106.00 -42.13 12.35
N VAL A 1554 -105.04 -42.53 13.18
CA VAL A 1554 -104.49 -43.87 13.06
C VAL A 1554 -104.16 -44.44 14.44
N LEU A 1555 -104.41 -45.72 14.63
CA LEU A 1555 -103.95 -46.43 15.81
C LEU A 1555 -102.76 -47.27 15.41
N PRO A 1556 -101.56 -47.01 15.93
CA PRO A 1556 -100.35 -47.67 15.43
C PRO A 1556 -100.34 -49.17 15.69
N THR A 1557 -100.00 -49.94 14.65
CA THR A 1557 -99.83 -51.38 14.77
C THR A 1557 -98.59 -51.88 14.05
N HIS A 1558 -97.59 -51.02 13.84
CA HIS A 1558 -96.37 -51.38 13.14
C HIS A 1558 -95.33 -50.29 13.40
N GLN A 1559 -94.06 -50.62 13.11
CA GLN A 1559 -92.99 -49.64 13.23
C GLN A 1559 -93.18 -48.49 12.25
N ASN A 1560 -93.54 -48.81 11.02
CA ASN A 1560 -93.83 -47.81 9.99
C ASN A 1560 -95.34 -47.77 9.81
N VAL A 1561 -95.91 -46.58 9.92
CA VAL A 1561 -97.37 -46.49 10.06
C VAL A 1561 -98.00 -45.83 8.85
N ILE A 1562 -97.69 -44.54 8.63
CA ILE A 1562 -98.36 -43.67 7.67
C ILE A 1562 -97.29 -42.93 6.87
N GLN A 1563 -97.63 -42.52 5.65
CA GLN A 1563 -96.73 -41.69 4.85
C GLN A 1563 -97.59 -40.76 3.99
N PHE A 1564 -97.51 -39.46 4.26
CA PHE A 1564 -98.20 -38.46 3.43
C PHE A 1564 -97.40 -38.19 2.18
N GLU A 1565 -97.91 -38.59 1.02
CA GLU A 1565 -97.29 -38.32 -0.26
C GLU A 1565 -97.99 -37.12 -0.90
N LEU A 1566 -97.24 -36.04 -1.10
CA LEU A 1566 -97.78 -34.84 -1.74
C LEU A 1566 -97.62 -35.02 -3.25
N GLY A 1567 -98.48 -35.86 -3.80
CA GLY A 1567 -98.42 -36.20 -5.20
C GLY A 1567 -99.44 -35.44 -6.04
N LYS A 1568 -99.66 -35.94 -7.25
CA LYS A 1568 -100.59 -35.34 -8.19
C LYS A 1568 -101.03 -36.39 -9.19
N GLN A 1569 -102.30 -36.32 -9.59
CA GLN A 1569 -102.83 -37.21 -10.60
C GLN A 1569 -102.83 -36.48 -11.94
N LYS A 1570 -103.42 -37.10 -12.95
CA LYS A 1570 -103.46 -36.51 -14.28
C LYS A 1570 -104.39 -35.30 -14.28
N ASN A 1571 -103.87 -34.18 -14.79
CA ASN A 1571 -104.59 -32.89 -14.89
C ASN A 1571 -105.13 -32.41 -13.55
N ILE A 1572 -104.34 -32.61 -12.49
CA ILE A 1572 -104.71 -32.20 -11.13
C ILE A 1572 -103.51 -31.54 -10.47
N MET A 1573 -103.71 -30.35 -9.87
CA MET A 1573 -102.70 -29.56 -9.19
C MET A 1573 -102.40 -30.13 -7.79
N PRO A 1574 -101.18 -29.98 -7.29
CA PRO A 1574 -100.86 -30.46 -5.94
C PRO A 1574 -101.32 -29.55 -4.81
N LEU A 1575 -101.16 -30.09 -3.59
CA LEU A 1575 -101.51 -29.33 -2.39
C LEU A 1575 -100.61 -28.11 -2.22
N SER A 1576 -99.33 -28.24 -2.60
CA SER A 1576 -98.44 -27.09 -2.55
C SER A 1576 -98.90 -25.97 -3.48
N ALA A 1577 -99.69 -26.32 -4.49
CA ALA A 1577 -100.34 -25.36 -5.37
C ALA A 1577 -101.72 -24.99 -4.85
N ALA A 1578 -102.18 -25.65 -3.78
CA ALA A 1578 -103.50 -25.38 -3.23
C ALA A 1578 -103.46 -24.47 -2.02
N MET A 1579 -102.44 -24.59 -1.18
CA MET A 1579 -102.38 -23.86 0.08
C MET A 1579 -101.38 -22.71 0.07
N PHE A 1580 -100.63 -22.53 -1.00
CA PHE A 1580 -99.71 -21.41 -1.14
C PHE A 1580 -100.15 -20.52 -2.30
N LEU A 1581 -100.31 -19.23 -2.00
CA LEU A 1581 -100.88 -18.30 -2.98
C LEU A 1581 -99.90 -18.04 -4.13
N SER A 1582 -98.60 -18.00 -3.82
CA SER A 1582 -97.60 -17.73 -4.85
C SER A 1582 -97.19 -18.97 -5.63
N GLU A 1583 -97.97 -20.06 -5.54
CA GLU A 1583 -97.66 -21.31 -6.22
C GLU A 1583 -98.87 -21.87 -6.96
N ARG A 1584 -99.86 -21.01 -7.24
CA ARG A 1584 -101.14 -21.46 -7.81
C ARG A 1584 -101.00 -22.02 -9.22
N LYS A 1585 -99.91 -21.69 -9.93
CA LYS A 1585 -99.71 -22.16 -11.29
C LYS A 1585 -98.50 -23.08 -11.40
N ASN A 1586 -98.03 -23.63 -10.29
CA ASN A 1586 -96.89 -24.52 -10.30
C ASN A 1586 -97.37 -25.94 -10.05
N PRO A 1587 -97.34 -26.83 -11.04
CA PRO A 1587 -97.79 -28.21 -10.81
C PRO A 1587 -96.77 -29.08 -10.10
N ALA A 1588 -95.52 -28.63 -10.01
CA ALA A 1588 -94.47 -29.43 -9.37
C ALA A 1588 -94.71 -29.51 -7.87
N PRO A 1589 -94.72 -30.71 -7.28
CA PRO A 1589 -94.91 -30.83 -5.83
C PRO A 1589 -93.78 -30.17 -5.04
N GLN A 1590 -94.14 -29.54 -3.94
CA GLN A 1590 -93.20 -28.89 -3.03
C GLN A 1590 -93.62 -29.12 -1.60
N CYS A 1591 -92.65 -29.11 -0.69
CA CYS A 1591 -92.90 -29.29 0.74
C CYS A 1591 -92.15 -28.20 1.51
N PRO A 1592 -92.70 -26.97 1.53
CA PRO A 1592 -92.04 -25.91 2.28
C PRO A 1592 -92.09 -26.17 3.78
N PRO A 1593 -91.14 -25.63 4.56
CA PRO A 1593 -91.02 -26.00 5.99
C PRO A 1593 -92.23 -25.69 6.85
N ARG A 1594 -93.07 -24.71 6.49
CA ARG A 1594 -94.27 -24.42 7.27
C ARG A 1594 -95.27 -25.57 7.24
N LEU A 1595 -95.18 -26.45 6.24
CA LEU A 1595 -96.07 -27.59 6.15
C LEU A 1595 -95.48 -28.70 7.02
N GLU A 1596 -96.17 -29.02 8.11
CA GLU A 1596 -95.68 -30.01 9.04
C GLU A 1596 -96.85 -30.67 9.76
N VAL A 1597 -96.63 -31.94 10.14
CA VAL A 1597 -97.67 -32.71 10.78
C VAL A 1597 -97.85 -32.24 12.22
N GLN A 1598 -99.10 -32.16 12.66
CA GLN A 1598 -99.46 -31.80 14.02
C GLN A 1598 -100.33 -32.92 14.57
N MET A 1599 -100.24 -33.13 15.88
CA MET A 1599 -101.03 -34.16 16.53
C MET A 1599 -101.79 -33.54 17.69
N LEU A 1600 -102.89 -34.19 18.05
CA LEU A 1600 -103.86 -33.56 18.95
C LEU A 1600 -103.44 -33.73 20.40
N MET A 1601 -103.01 -32.63 21.04
CA MET A 1601 -102.86 -32.62 22.48
C MET A 1601 -104.23 -32.66 23.16
N PRO A 1602 -104.37 -33.43 24.23
CA PRO A 1602 -105.65 -33.45 24.96
C PRO A 1602 -105.88 -32.22 25.82
N VAL A 1603 -104.85 -31.73 26.52
CA VAL A 1603 -104.96 -30.64 27.48
C VAL A 1603 -103.93 -29.58 27.08
N SER A 1604 -104.20 -28.33 27.46
CA SER A 1604 -103.29 -27.23 27.17
C SER A 1604 -103.45 -26.18 28.26
N TRP A 1605 -102.50 -25.27 28.34
CA TRP A 1605 -102.60 -24.23 29.36
C TRP A 1605 -103.52 -23.10 28.88
N SER A 1606 -103.91 -22.24 29.81
CA SER A 1606 -104.75 -21.09 29.50
C SER A 1606 -104.61 -20.09 30.65
N ARG A 1607 -105.18 -18.91 30.45
CA ARG A 1607 -105.08 -17.81 31.38
C ARG A 1607 -106.45 -17.46 31.97
N MET A 1608 -106.52 -17.31 33.28
CA MET A 1608 -107.76 -16.90 33.92
C MET A 1608 -107.94 -15.40 33.74
N PRO A 1609 -109.05 -14.95 33.15
CA PRO A 1609 -109.29 -13.50 33.01
C PRO A 1609 -109.36 -12.79 34.36
N ASN A 1610 -108.90 -11.54 34.36
CA ASN A 1610 -108.84 -10.78 35.61
C ASN A 1610 -110.22 -10.34 36.09
N HIS A 1611 -111.23 -10.34 35.24
CA HIS A 1611 -112.59 -9.99 35.64
C HIS A 1611 -113.60 -10.83 34.88
N PHE A 1612 -114.74 -11.05 35.51
CA PHE A 1612 -115.79 -11.89 34.95
C PHE A 1612 -117.12 -11.13 34.98
N LEU A 1613 -118.02 -11.55 34.08
CA LEU A 1613 -119.33 -10.96 33.96
C LEU A 1613 -120.16 -11.20 35.21
N GLN A 1614 -120.86 -10.17 35.67
CA GLN A 1614 -121.71 -10.26 36.85
C GLN A 1614 -123.11 -10.66 36.39
N VAL A 1615 -123.48 -11.92 36.63
CA VAL A 1615 -124.77 -12.46 36.24
C VAL A 1615 -125.60 -12.70 37.48
N GLU A 1616 -126.81 -12.16 37.49
CA GLU A 1616 -127.75 -12.33 38.59
C GLU A 1616 -128.86 -13.28 38.15
N THR A 1617 -128.89 -14.45 38.75
CA THR A 1617 -129.89 -15.47 38.46
C THR A 1617 -130.80 -15.59 39.67
N ARG A 1618 -132.12 -15.57 39.43
CA ARG A 1618 -133.08 -15.64 40.54
C ARG A 1618 -134.43 -15.99 39.96
N ARG A 1619 -135.38 -16.33 40.82
CA ARG A 1619 -136.73 -16.58 40.37
C ARG A 1619 -137.53 -15.29 40.47
N ALA A 1620 -137.96 -14.77 39.32
CA ALA A 1620 -138.73 -13.53 39.30
C ALA A 1620 -140.08 -13.70 39.98
N GLY A 1621 -140.74 -14.82 39.73
CA GLY A 1621 -142.01 -15.10 40.37
C GLY A 1621 -142.57 -16.42 39.90
N GLU A 1622 -143.69 -16.81 40.51
CA GLU A 1622 -144.38 -18.05 40.12
C GLU A 1622 -144.98 -17.94 38.72
N ARG A 1623 -145.47 -16.75 38.36
CA ARG A 1623 -146.02 -16.49 37.04
C ARG A 1623 -144.96 -16.00 36.07
N LEU A 1624 -144.01 -15.20 36.54
CA LEU A 1624 -142.97 -14.64 35.68
C LEU A 1624 -141.98 -15.72 35.24
N GLY A 1625 -141.54 -16.56 36.16
CA GLY A 1625 -140.55 -17.58 35.84
C GLY A 1625 -139.19 -17.26 36.43
N TRP A 1626 -138.12 -17.63 35.74
CA TRP A 1626 -136.77 -17.39 36.24
C TRP A 1626 -136.07 -16.27 35.49
N ALA A 1627 -135.50 -15.30 36.21
CA ALA A 1627 -134.90 -14.18 35.52
C ALA A 1627 -133.38 -14.19 35.64
N VAL A 1628 -132.75 -13.76 34.55
CA VAL A 1628 -131.31 -13.62 34.39
C VAL A 1628 -131.02 -12.16 34.05
N GLN A 1629 -130.05 -11.57 34.76
CA GLN A 1629 -129.72 -10.16 34.61
C GLN A 1629 -128.22 -9.98 34.44
N CYS A 1630 -127.81 -9.08 33.55
CA CYS A 1630 -126.40 -8.76 33.38
C CYS A 1630 -126.29 -7.31 32.93
N GLN A 1631 -125.50 -6.52 33.65
CA GLN A 1631 -125.42 -5.08 33.40
C GLN A 1631 -124.03 -4.59 33.03
N ASP A 1632 -123.00 -4.97 33.81
CA ASP A 1632 -121.67 -4.39 33.64
C ASP A 1632 -121.02 -4.86 32.33
N PRO A 1633 -120.49 -3.95 31.52
CA PRO A 1633 -119.77 -4.37 30.31
C PRO A 1633 -118.32 -4.72 30.58
N LEU A 1634 -117.83 -5.71 29.85
CA LEU A 1634 -116.44 -6.15 29.96
C LEU A 1634 -115.91 -6.45 28.57
N THR A 1635 -114.77 -5.88 28.24
CA THR A 1635 -114.19 -5.99 26.91
C THR A 1635 -112.79 -6.59 27.00
N MET A 1636 -112.49 -7.48 26.08
CA MET A 1636 -111.19 -8.13 25.98
C MET A 1636 -110.58 -7.85 24.61
N MET A 1637 -109.26 -7.94 24.53
CA MET A 1637 -108.52 -7.73 23.29
C MET A 1637 -108.06 -9.09 22.77
N ALA A 1638 -108.65 -9.52 21.66
CA ALA A 1638 -108.40 -10.85 21.13
C ALA A 1638 -107.35 -10.82 20.04
N LEU A 1639 -106.55 -11.87 19.99
CA LEU A 1639 -105.52 -12.06 18.97
C LEU A 1639 -105.91 -13.27 18.13
N HIS A 1640 -106.33 -13.03 16.89
CA HIS A 1640 -106.89 -14.04 16.02
C HIS A 1640 -105.82 -14.59 15.08
N ILE A 1641 -105.56 -15.89 15.16
CA ILE A 1641 -104.65 -16.53 14.23
C ILE A 1641 -105.45 -16.81 12.97
N PRO A 1642 -105.01 -16.33 11.81
CA PRO A 1642 -105.79 -16.53 10.57
C PRO A 1642 -105.96 -17.99 10.17
N GLU A 1643 -104.85 -18.72 10.04
CA GLU A 1643 -104.91 -20.06 9.45
C GLU A 1643 -105.63 -21.04 10.37
N GLU A 1644 -105.48 -20.90 11.68
CA GLU A 1644 -106.14 -21.80 12.62
C GLU A 1644 -107.55 -21.35 12.98
N ASN A 1645 -107.95 -20.14 12.57
CA ASN A 1645 -109.31 -19.59 12.75
C ASN A 1645 -109.72 -19.56 14.23
N ARG A 1646 -108.76 -19.38 15.12
CA ARG A 1646 -109.02 -19.30 16.54
C ARG A 1646 -108.27 -18.12 17.14
N CYS A 1647 -108.85 -17.53 18.18
CA CYS A 1647 -108.28 -16.36 18.82
C CYS A 1647 -108.08 -16.63 20.30
N MET A 1648 -107.04 -16.01 20.85
CA MET A 1648 -106.73 -16.12 22.28
C MET A 1648 -106.59 -14.72 22.86
N ASP A 1649 -106.56 -14.65 24.19
CA ASP A 1649 -106.34 -13.37 24.86
C ASP A 1649 -104.94 -12.85 24.54
N ILE A 1650 -104.85 -11.54 24.35
CA ILE A 1650 -103.55 -10.94 24.05
C ILE A 1650 -102.64 -10.94 25.27
N LEU A 1651 -103.21 -11.03 26.48
CA LEU A 1651 -102.40 -11.14 27.69
C LEU A 1651 -101.66 -12.47 27.80
N GLU A 1652 -102.07 -13.47 27.02
CA GLU A 1652 -101.37 -14.76 27.00
C GLU A 1652 -99.98 -14.66 26.39
N LEU A 1653 -99.70 -13.58 25.66
CA LEU A 1653 -98.38 -13.40 25.06
C LEU A 1653 -97.30 -13.12 26.10
N SER A 1654 -97.68 -12.83 27.35
CA SER A 1654 -96.71 -12.70 28.43
C SER A 1654 -96.06 -14.04 28.79
N GLU A 1655 -96.61 -15.15 28.29
CA GLU A 1655 -96.05 -16.47 28.48
C GLU A 1655 -95.74 -17.16 27.16
N ARG A 1656 -96.51 -16.87 26.11
CA ARG A 1656 -96.19 -17.40 24.77
C ARG A 1656 -95.19 -16.46 24.12
N LEU A 1657 -93.93 -16.56 24.55
CA LEU A 1657 -92.87 -15.70 24.05
C LEU A 1657 -92.54 -15.92 22.58
N ASP A 1658 -92.93 -17.07 22.02
CA ASP A 1658 -92.69 -17.34 20.61
C ASP A 1658 -93.46 -16.38 19.72
N LEU A 1659 -94.71 -16.11 20.06
CA LEU A 1659 -95.54 -15.20 19.30
C LEU A 1659 -95.34 -13.74 19.71
N GLN A 1660 -94.83 -13.51 20.92
CA GLN A 1660 -94.60 -12.14 21.38
C GLN A 1660 -93.56 -11.42 20.54
N ARG A 1661 -92.47 -12.12 20.19
CA ARG A 1661 -91.45 -11.54 19.33
C ARG A 1661 -92.00 -11.20 17.96
N PHE A 1662 -92.82 -12.10 17.41
CA PHE A 1662 -93.42 -11.89 16.09
C PHE A 1662 -94.37 -10.71 16.11
N HIS A 1663 -95.19 -10.58 17.16
CA HIS A 1663 -96.15 -9.49 17.19
C HIS A 1663 -95.47 -8.15 17.46
N SER A 1664 -94.51 -8.13 18.37
CA SER A 1664 -93.75 -6.91 18.66
C SER A 1664 -92.96 -6.46 17.44
N HIS A 1665 -92.48 -7.40 16.62
CA HIS A 1665 -91.84 -7.01 15.37
C HIS A 1665 -92.87 -6.59 14.32
N THR A 1666 -94.07 -7.16 14.39
CA THR A 1666 -95.14 -6.76 13.46
C THR A 1666 -95.50 -5.30 13.67
N LEU A 1667 -95.61 -4.88 14.93
CA LEU A 1667 -95.86 -3.47 15.23
C LEU A 1667 -94.74 -2.58 14.71
N ARG A 1668 -93.49 -3.08 14.77
CA ARG A 1668 -92.37 -2.34 14.19
C ARG A 1668 -92.53 -2.18 12.69
N LEU A 1669 -92.99 -3.24 12.03
CA LEU A 1669 -93.27 -3.16 10.60
C LEU A 1669 -94.40 -2.16 10.30
N TYR A 1670 -95.39 -2.11 11.18
CA TYR A 1670 -96.46 -1.13 11.06
C TYR A 1670 -95.93 0.29 11.17
N ARG A 1671 -94.99 0.53 12.09
CA ARG A 1671 -94.40 1.87 12.14
C ARG A 1671 -93.45 2.13 10.99
N ALA A 1672 -92.93 1.06 10.38
CA ALA A 1672 -92.00 1.21 9.27
C ALA A 1672 -92.73 1.64 8.03
N VAL A 1673 -93.89 1.05 7.76
CA VAL A 1673 -94.61 1.37 6.53
C VAL A 1673 -95.17 2.79 6.63
N CYS A 1674 -95.70 3.17 7.79
CA CYS A 1674 -96.28 4.50 7.96
C CYS A 1674 -95.28 5.50 8.49
N ALA A 1675 -93.98 5.24 8.33
CA ALA A 1675 -92.97 6.13 8.89
C ALA A 1675 -92.68 7.26 7.92
N LEU A 1676 -92.28 8.40 8.49
CA LEU A 1676 -91.82 9.59 7.77
C LEU A 1676 -92.89 10.17 6.85
N GLY A 1677 -94.03 10.49 7.46
CA GLY A 1677 -95.07 11.26 6.80
C GLY A 1677 -95.84 10.55 5.70
N ASN A 1678 -95.89 9.23 5.73
CA ASN A 1678 -96.67 8.46 4.76
C ASN A 1678 -98.12 8.35 5.24
N ASN A 1679 -98.80 9.50 5.26
CA ASN A 1679 -100.16 9.57 5.79
C ASN A 1679 -101.17 8.76 4.97
N ARG A 1680 -100.84 8.45 3.72
CA ARG A 1680 -101.69 7.58 2.92
C ARG A 1680 -101.71 6.18 3.51
N VAL A 1681 -100.55 5.68 3.92
CA VAL A 1681 -100.49 4.36 4.55
C VAL A 1681 -101.05 4.45 5.95
N ALA A 1682 -100.79 5.58 6.64
CA ALA A 1682 -101.26 5.78 8.01
C ALA A 1682 -102.78 5.69 8.10
N HIS A 1683 -103.48 6.16 7.05
CA HIS A 1683 -104.93 5.98 7.00
C HIS A 1683 -105.29 4.51 6.86
N ALA A 1684 -104.52 3.76 6.06
CA ALA A 1684 -104.79 2.34 5.85
C ALA A 1684 -104.65 1.54 7.13
N LEU A 1685 -103.63 1.86 7.94
CA LEU A 1685 -103.40 1.17 9.20
C LEU A 1685 -104.53 1.32 10.20
N CYS A 1686 -105.31 2.41 10.10
CA CYS A 1686 -106.45 2.63 10.99
C CYS A 1686 -107.53 1.56 10.84
N SER A 1687 -107.56 0.86 9.70
CA SER A 1687 -108.48 -0.26 9.55
C SER A 1687 -107.98 -1.48 10.31
N HIS A 1688 -106.67 -1.73 10.25
CA HIS A 1688 -106.12 -2.91 10.93
C HIS A 1688 -106.13 -2.74 12.44
N VAL A 1689 -105.72 -1.58 12.93
CA VAL A 1689 -105.81 -1.28 14.36
C VAL A 1689 -106.74 -0.08 14.56
N ASP A 1690 -107.88 -0.33 15.21
CA ASP A 1690 -108.85 0.74 15.37
C ASP A 1690 -108.48 1.63 16.55
N GLN A 1691 -109.16 2.78 16.63
CA GLN A 1691 -108.95 3.72 17.73
C GLN A 1691 -109.32 3.10 19.06
N ALA A 1692 -110.35 2.25 19.09
CA ALA A 1692 -110.76 1.61 20.34
C ALA A 1692 -109.69 0.62 20.77
N GLN A 1693 -109.12 -0.10 19.80
CA GLN A 1693 -108.06 -1.07 20.08
C GLN A 1693 -106.87 -0.36 20.68
N LEU A 1694 -106.49 0.77 20.07
CA LEU A 1694 -105.35 1.55 20.57
C LEU A 1694 -105.60 2.03 21.99
N LEU A 1695 -106.75 2.68 22.24
CA LEU A 1695 -107.05 3.25 23.55
C LEU A 1695 -107.11 2.18 24.64
N HIS A 1696 -107.72 1.03 24.33
CA HIS A 1696 -107.73 -0.07 25.30
C HIS A 1696 -106.32 -0.58 25.55
N ALA A 1697 -105.51 -0.75 24.49
CA ALA A 1697 -104.14 -1.18 24.70
C ALA A 1697 -103.33 -0.12 25.45
N LEU A 1698 -103.74 1.15 25.38
CA LEU A 1698 -103.12 2.18 26.20
C LEU A 1698 -103.40 1.91 27.66
N GLU A 1699 -104.65 1.55 27.96
CA GLU A 1699 -105.04 1.41 29.36
C GLU A 1699 -104.64 0.07 29.97
N ASP A 1700 -104.39 -0.96 29.16
CA ASP A 1700 -104.20 -2.32 29.65
C ASP A 1700 -102.93 -2.43 30.50
N ALA A 1701 -103.11 -2.57 31.81
CA ALA A 1701 -101.97 -2.63 32.71
C ALA A 1701 -101.26 -3.98 32.70
N HIS A 1702 -101.90 -5.03 32.19
CA HIS A 1702 -101.28 -6.34 32.15
C HIS A 1702 -100.55 -6.63 30.85
N LEU A 1703 -100.53 -5.69 29.91
CA LEU A 1703 -99.82 -5.88 28.66
C LEU A 1703 -98.32 -6.01 28.91
N PRO A 1704 -97.62 -6.88 28.19
CA PRO A 1704 -96.16 -6.99 28.34
C PRO A 1704 -95.44 -5.71 27.91
N GLY A 1705 -94.16 -5.66 28.27
CA GLY A 1705 -93.28 -4.55 27.99
C GLY A 1705 -93.17 -4.14 26.54
N PRO A 1706 -92.62 -5.04 25.69
CA PRO A 1706 -92.47 -4.70 24.26
C PRO A 1706 -93.78 -4.37 23.58
N LEU A 1707 -94.88 -5.01 23.98
CA LEU A 1707 -96.14 -4.75 23.30
C LEU A 1707 -96.71 -3.41 23.75
N ARG A 1708 -96.49 -3.04 25.01
CA ARG A 1708 -96.99 -1.76 25.50
C ARG A 1708 -96.23 -0.61 24.85
N ALA A 1709 -94.90 -0.70 24.83
CA ALA A 1709 -94.11 0.33 24.17
C ALA A 1709 -94.35 0.35 22.67
N GLY A 1710 -94.58 -0.82 22.07
CA GLY A 1710 -94.88 -0.86 20.65
C GLY A 1710 -96.20 -0.21 20.33
N TYR A 1711 -97.18 -0.33 21.22
CA TYR A 1711 -98.49 0.20 20.90
C TYR A 1711 -98.52 1.71 21.12
N TYR A 1712 -97.80 2.22 22.14
CA TYR A 1712 -97.68 3.67 22.25
C TYR A 1712 -96.94 4.27 21.06
N ASP A 1713 -95.84 3.63 20.64
CA ASP A 1713 -95.09 4.14 19.51
C ASP A 1713 -95.87 4.02 18.22
N LEU A 1714 -96.72 3.00 18.09
CA LEU A 1714 -97.59 2.87 16.93
C LEU A 1714 -98.63 3.98 16.90
N LEU A 1715 -99.19 4.34 18.07
CA LEU A 1715 -100.14 5.44 18.12
C LEU A 1715 -99.48 6.75 17.70
N ILE A 1716 -98.25 6.98 18.19
CA ILE A 1716 -97.52 8.19 17.83
C ILE A 1716 -97.22 8.19 16.34
N SER A 1717 -96.79 7.05 15.80
CA SER A 1717 -96.40 6.98 14.39
C SER A 1717 -97.59 7.21 13.47
N ILE A 1718 -98.74 6.59 13.78
CA ILE A 1718 -99.90 6.74 12.91
C ILE A 1718 -100.47 8.15 13.00
N HIS A 1719 -100.63 8.67 14.21
CA HIS A 1719 -101.43 9.87 14.38
C HIS A 1719 -100.65 11.15 14.64
N LEU A 1720 -99.51 11.07 15.32
CA LEU A 1720 -98.91 12.27 15.88
C LEU A 1720 -97.58 12.69 15.26
N GLU A 1721 -96.79 11.76 14.75
CA GLU A 1721 -95.41 12.06 14.37
C GLU A 1721 -95.29 13.06 13.21
N SER A 1722 -96.16 12.99 12.20
CA SER A 1722 -96.06 13.90 11.05
C SER A 1722 -96.33 15.34 11.46
N ALA A 1723 -97.34 15.54 12.30
CA ALA A 1723 -97.66 16.87 12.79
C ALA A 1723 -96.62 17.36 13.78
N CYS A 1724 -96.12 16.44 14.63
CA CYS A 1724 -95.12 16.81 15.61
C CYS A 1724 -93.84 17.24 14.93
N ARG A 1725 -93.43 16.50 13.90
CA ARG A 1725 -92.19 16.79 13.19
C ARG A 1725 -92.28 18.13 12.47
N SER A 1726 -93.39 18.32 11.73
CA SER A 1726 -93.59 19.58 11.00
C SER A 1726 -93.67 20.78 11.94
N ARG A 1727 -94.31 20.61 13.10
CA ARG A 1727 -94.30 21.69 14.10
C ARG A 1727 -92.89 21.91 14.63
N ARG A 1728 -92.17 20.81 14.91
CA ARG A 1728 -90.86 20.84 15.57
C ARG A 1728 -89.87 21.61 14.72
N SER A 1729 -89.99 21.50 13.40
CA SER A 1729 -89.12 22.26 12.52
C SER A 1729 -89.40 23.75 12.68
N MET A 1730 -90.68 24.11 12.82
CA MET A 1730 -91.08 25.50 12.95
C MET A 1730 -90.77 26.09 14.32
N LEU A 1731 -90.40 25.27 15.31
CA LEU A 1731 -90.05 25.86 16.60
C LEU A 1731 -88.69 26.56 16.61
N SER A 1732 -87.89 26.44 15.57
CA SER A 1732 -86.61 27.14 15.52
C SER A 1732 -86.73 28.57 15.00
N GLU A 1733 -87.88 28.96 14.47
CA GLU A 1733 -88.09 30.28 13.92
C GLU A 1733 -89.13 31.03 14.75
N TYR A 1734 -88.91 32.33 14.92
CA TYR A 1734 -89.81 33.18 15.71
C TYR A 1734 -90.22 34.37 14.86
N ILE A 1735 -91.35 34.24 14.18
CA ILE A 1735 -91.95 35.32 13.42
C ILE A 1735 -93.03 35.93 14.30
N VAL A 1736 -92.76 37.13 14.81
CA VAL A 1736 -93.61 37.76 15.81
C VAL A 1736 -94.39 38.89 15.17
N PRO A 1737 -95.69 38.73 14.93
CA PRO A 1737 -96.51 39.85 14.45
C PRO A 1737 -96.69 40.91 15.53
N LEU A 1738 -96.91 42.15 15.09
CA LEU A 1738 -97.10 43.28 15.98
C LEU A 1738 -98.60 43.46 16.22
N THR A 1739 -99.07 42.94 17.34
CA THR A 1739 -100.46 42.94 17.76
C THR A 1739 -100.56 43.42 19.21
N PRO A 1740 -101.72 43.93 19.65
CA PRO A 1740 -101.84 44.36 21.07
C PRO A 1740 -101.56 43.27 22.09
N GLU A 1741 -101.94 42.03 21.79
CA GLU A 1741 -101.59 40.93 22.67
C GLU A 1741 -100.07 40.71 22.69
N THR A 1742 -99.41 40.92 21.55
CA THR A 1742 -97.94 40.87 21.54
C THR A 1742 -97.38 41.97 22.43
N ARG A 1743 -98.01 43.16 22.40
CA ARG A 1743 -97.56 44.28 23.23
CA ARG A 1743 -97.54 44.27 23.23
C ARG A 1743 -97.68 43.95 24.71
N ALA A 1744 -98.72 43.21 25.08
CA ALA A 1744 -98.97 42.87 26.49
C ALA A 1744 -97.90 41.95 27.07
N ILE A 1745 -97.11 41.28 26.23
CA ILE A 1745 -96.09 40.35 26.68
C ILE A 1745 -94.96 41.11 27.36
N THR A 1746 -94.58 40.66 28.56
CA THR A 1746 -93.47 41.24 29.31
C THR A 1746 -92.57 40.13 29.82
N LEU A 1747 -91.37 40.53 30.25
CA LEU A 1747 -90.38 39.57 30.73
C LEU A 1747 -90.83 38.89 32.01
N PHE A 1748 -91.41 39.65 32.94
CA PHE A 1748 -91.79 39.10 34.22
C PHE A 1748 -93.28 39.30 34.45
N PRO A 1749 -93.93 38.41 35.20
CA PRO A 1749 -95.35 38.62 35.50
C PRO A 1749 -95.52 39.82 36.42
N PRO A 1750 -96.69 40.50 36.35
CA PRO A 1750 -96.95 41.61 37.26
C PRO A 1750 -97.03 41.16 38.72
N GLY A 1751 -96.05 41.57 39.52
CA GLY A 1751 -96.00 41.15 40.90
C GLY A 1751 -95.41 42.18 41.83
N ARG A 1752 -94.88 41.73 42.97
CA ARG A 1752 -94.32 42.65 43.96
C ARG A 1752 -93.03 42.12 44.58
N LYS A 1753 -92.35 41.18 43.92
CA LYS A 1753 -91.14 40.58 44.48
C LYS A 1753 -89.98 41.57 44.45
N GLY A 1754 -89.61 42.03 43.26
CA GLY A 1754 -88.49 42.96 43.14
C GLY A 1754 -88.52 43.71 41.83
N GLY A 1755 -88.11 44.99 41.87
CA GLY A 1755 -88.14 45.82 40.67
C GLY A 1755 -87.19 45.32 39.58
N ASN A 1756 -85.97 44.95 39.97
CA ASN A 1756 -85.00 44.43 39.01
C ASN A 1756 -85.48 43.10 38.42
N ALA A 1757 -86.08 42.25 39.26
CA ALA A 1757 -86.55 40.95 38.79
C ALA A 1757 -87.61 40.43 39.75
N ARG A 1758 -88.83 40.23 39.25
CA ARG A 1758 -89.85 39.50 39.99
C ARG A 1758 -89.52 38.00 39.90
N ARG A 1759 -90.42 37.16 40.41
CA ARG A 1759 -90.24 35.73 40.25
C ARG A 1759 -90.49 35.35 38.80
N HIS A 1760 -89.73 34.38 38.30
CA HIS A 1760 -89.93 33.88 36.95
C HIS A 1760 -91.32 33.27 36.81
N GLY A 1761 -92.00 33.62 35.72
CA GLY A 1761 -93.24 32.95 35.40
C GLY A 1761 -93.03 31.49 35.09
N LEU A 1762 -94.11 30.73 35.21
CA LEU A 1762 -94.08 29.29 34.99
C LEU A 1762 -93.75 29.04 33.52
N PRO A 1763 -92.71 28.26 33.21
CA PRO A 1763 -92.32 28.04 31.81
C PRO A 1763 -93.42 27.37 31.01
N GLY A 1764 -93.60 27.85 29.78
CA GLY A 1764 -94.66 27.36 28.93
C GLY A 1764 -96.06 27.83 29.31
N VAL A 1765 -96.19 28.65 30.34
CA VAL A 1765 -97.48 29.16 30.81
C VAL A 1765 -97.55 30.63 30.45
N GLY A 1766 -98.60 31.01 29.74
CA GLY A 1766 -98.76 32.38 29.31
C GLY A 1766 -99.33 32.44 27.91
N VAL A 1767 -99.00 33.48 27.18
CA VAL A 1767 -99.46 33.67 25.81
C VAL A 1767 -98.23 33.82 24.92
N THR A 1768 -98.24 33.12 23.78
CA THR A 1768 -97.18 33.21 22.81
C THR A 1768 -97.79 33.60 21.47
N THR A 1769 -97.25 34.64 20.86
CA THR A 1769 -97.79 35.17 19.62
C THR A 1769 -96.99 34.77 18.40
N SER A 1770 -95.97 33.93 18.56
CA SER A 1770 -95.17 33.50 17.42
C SER A 1770 -96.02 32.67 16.46
N LEU A 1771 -95.70 32.79 15.17
CA LEU A 1771 -96.51 32.13 14.16
C LEU A 1771 -96.14 30.66 14.07
N ARG A 1772 -97.14 29.78 14.16
CA ARG A 1772 -97.00 28.37 13.91
C ARG A 1772 -98.25 27.96 13.14
N PRO A 1773 -98.11 27.33 11.97
CA PRO A 1773 -99.28 26.90 11.20
C PRO A 1773 -100.07 25.84 11.95
N PRO A 1774 -101.40 25.86 11.84
CA PRO A 1774 -102.21 24.89 12.57
C PRO A 1774 -102.09 23.50 11.97
N HIS A 1775 -102.38 22.51 12.81
CA HIS A 1775 -102.36 21.13 12.35
C HIS A 1775 -103.56 20.84 11.47
N HIS A 1776 -103.40 19.84 10.59
CA HIS A 1776 -104.45 19.40 9.69
C HIS A 1776 -104.63 17.91 9.83
N PHE A 1777 -105.86 17.48 10.12
CA PHE A 1777 -106.18 16.07 10.24
C PHE A 1777 -107.41 15.74 9.43
N SER A 1778 -107.46 14.51 8.93
CA SER A 1778 -108.60 14.01 8.18
C SER A 1778 -109.11 12.75 8.86
N PRO A 1779 -110.36 12.74 9.31
CA PRO A 1779 -110.92 11.53 9.94
C PRO A 1779 -110.94 10.36 8.99
N PRO A 1780 -110.62 9.16 9.47
CA PRO A 1780 -110.56 8.00 8.57
C PRO A 1780 -111.96 7.52 8.20
N CYS A 1781 -112.21 7.40 6.90
CA CYS A 1781 -113.47 6.90 6.38
C CYS A 1781 -113.15 6.00 5.20
N PHE A 1782 -113.38 4.71 5.35
CA PHE A 1782 -113.01 3.73 4.34
C PHE A 1782 -114.13 3.44 3.35
N VAL A 1783 -115.29 4.06 3.52
CA VAL A 1783 -116.40 3.89 2.59
C VAL A 1783 -116.54 5.05 1.62
N ALA A 1784 -115.72 6.09 1.77
CA ALA A 1784 -115.77 7.22 0.86
C ALA A 1784 -115.37 6.78 -0.54
N ALA A 1785 -115.99 7.42 -1.54
CA ALA A 1785 -115.74 7.06 -2.93
C ALA A 1785 -114.29 7.34 -3.31
N LEU A 1786 -113.77 6.50 -4.20
CA LEU A 1786 -112.41 6.66 -4.69
C LEU A 1786 -112.31 7.96 -5.47
N PRO A 1787 -111.30 8.78 -5.21
CA PRO A 1787 -111.16 10.04 -5.98
C PRO A 1787 -110.91 9.77 -7.45
N ALA A 1788 -111.51 10.61 -8.29
CA ALA A 1788 -111.29 10.51 -9.73
C ALA A 1788 -109.93 11.03 -10.16
N ALA A 1789 -109.23 11.73 -9.26
CA ALA A 1789 -107.89 12.20 -9.57
C ALA A 1789 -106.92 11.03 -9.56
N GLY A 1790 -106.08 10.96 -10.58
CA GLY A 1790 -105.11 9.89 -10.68
C GLY A 1790 -103.98 10.05 -9.67
N VAL A 1791 -103.11 9.04 -9.64
CA VAL A 1791 -101.96 9.06 -8.75
C VAL A 1791 -101.02 10.20 -9.17
N ALA A 1792 -100.33 10.78 -8.18
CA ALA A 1792 -99.42 11.92 -8.23
C ALA A 1792 -100.13 13.24 -8.55
N GLU A 1793 -101.45 13.24 -8.75
CA GLU A 1793 -102.20 14.45 -9.02
C GLU A 1793 -103.24 14.77 -7.96
N ALA A 1794 -103.63 13.80 -7.14
CA ALA A 1794 -104.56 14.04 -6.05
C ALA A 1794 -103.92 14.93 -4.98
N PRO A 1795 -104.71 15.72 -4.26
CA PRO A 1795 -104.16 16.51 -3.14
C PRO A 1795 -103.56 15.64 -2.05
N ALA A 1796 -102.50 16.19 -1.43
CA ALA A 1796 -101.73 15.48 -0.42
C ALA A 1796 -102.58 15.05 0.76
N ARG A 1797 -102.43 13.78 1.15
CA ARG A 1797 -103.21 13.24 2.26
C ARG A 1797 -102.74 13.84 3.58
N LEU A 1798 -103.69 13.99 4.49
CA LEU A 1798 -103.41 14.49 5.83
C LEU A 1798 -103.32 13.32 6.79
N SER A 1799 -102.80 13.59 7.98
CA SER A 1799 -102.70 12.57 9.00
C SER A 1799 -104.10 12.18 9.49
N PRO A 1800 -104.30 10.91 9.84
CA PRO A 1800 -105.60 10.49 10.42
C PRO A 1800 -105.89 11.20 11.73
N ALA A 1801 -107.17 11.52 11.93
CA ALA A 1801 -107.56 12.27 13.11
C ALA A 1801 -107.70 11.35 14.31
N ILE A 1802 -107.69 11.96 15.50
CA ILE A 1802 -107.89 11.29 16.79
C ILE A 1802 -108.27 12.35 17.81
N PRO A 1803 -109.28 12.10 18.70
CA PRO A 1803 -109.65 13.11 19.72
C PRO A 1803 -108.50 13.47 20.65
N LEU A 1804 -108.06 14.71 20.54
CA LEU A 1804 -106.90 15.13 21.31
C LEU A 1804 -107.25 15.62 22.70
N GLU A 1805 -108.46 16.15 22.90
CA GLU A 1805 -108.87 16.56 24.24
C GLU A 1805 -108.96 15.36 25.17
N ALA A 1806 -109.50 14.26 24.67
CA ALA A 1806 -109.56 13.04 25.45
C ALA A 1806 -108.20 12.38 25.53
N LEU A 1807 -107.41 12.43 24.44
CA LEU A 1807 -106.09 11.82 24.49
C LEU A 1807 -105.18 12.52 25.50
N ARG A 1808 -105.23 13.86 25.55
CA ARG A 1808 -104.44 14.60 26.54
C ARG A 1808 -104.96 14.42 27.96
N ASP A 1809 -106.26 14.15 28.12
CA ASP A 1809 -106.76 13.88 29.47
C ASP A 1809 -106.33 12.49 29.93
N LYS A 1810 -106.39 11.52 29.02
CA LYS A 1810 -105.98 10.16 29.36
C LYS A 1810 -104.48 10.13 29.65
N ALA A 1811 -103.68 10.87 28.87
CA ALA A 1811 -102.24 10.92 29.08
C ALA A 1811 -101.91 11.54 30.44
N LEU A 1812 -102.57 12.64 30.79
CA LEU A 1812 -102.33 13.29 32.08
C LEU A 1812 -102.71 12.38 33.24
N ARG A 1813 -103.87 11.71 33.13
CA ARG A 1813 -104.30 10.78 34.17
C ARG A 1813 -103.32 9.61 34.29
N MET A 1814 -102.84 9.11 33.15
CA MET A 1814 -101.95 7.96 33.12
C MET A 1814 -100.64 8.28 33.80
N LEU A 1815 -100.03 9.42 33.43
CA LEU A 1815 -98.77 9.81 34.06
C LEU A 1815 -98.97 10.10 35.55
N GLY A 1816 -100.13 10.65 35.94
CA GLY A 1816 -100.39 10.86 37.36
C GLY A 1816 -100.44 9.55 38.14
N GLU A 1817 -101.06 8.53 37.53
CA GLU A 1817 -101.09 7.20 38.13
C GLU A 1817 -99.68 6.64 38.24
N ALA A 1818 -98.87 6.80 37.19
CA ALA A 1818 -97.52 6.24 37.22
C ALA A 1818 -96.68 6.91 38.30
N VAL A 1819 -96.84 8.23 38.47
CA VAL A 1819 -96.10 9.00 39.46
C VAL A 1819 -96.45 8.53 40.86
N ARG A 1820 -97.74 8.34 41.12
CA ARG A 1820 -98.13 7.86 42.45
C ARG A 1820 -97.84 6.38 42.65
N ASP A 1821 -97.84 5.58 41.58
CA ASP A 1821 -97.48 4.18 41.67
C ASP A 1821 -96.01 3.99 42.02
N GLY A 1822 -95.13 4.81 41.43
CA GLY A 1822 -93.70 4.68 41.69
C GLY A 1822 -93.30 4.96 43.14
N GLY A 1823 -94.08 5.80 43.82
CA GLY A 1823 -93.78 6.10 45.21
C GLY A 1823 -93.93 4.90 46.13
N GLN A 1824 -94.92 4.04 45.84
CA GLN A 1824 -95.13 2.85 46.65
C GLN A 1824 -94.05 1.79 46.45
N HIS A 1825 -93.37 1.80 45.30
CA HIS A 1825 -92.31 0.85 44.93
C HIS A 1825 -92.82 -0.59 44.99
N ALA A 1826 -93.87 -0.84 44.21
CA ALA A 1826 -94.47 -2.16 44.13
C ALA A 1826 -93.54 -3.14 43.42
N ARG A 1827 -93.77 -4.43 43.66
CA ARG A 1827 -92.99 -5.48 43.03
C ARG A 1827 -93.54 -5.87 41.66
N ASP A 1828 -94.62 -5.24 41.20
CA ASP A 1828 -95.20 -5.52 39.89
C ASP A 1828 -95.44 -4.21 39.13
N PRO A 1829 -94.38 -3.56 38.65
CA PRO A 1829 -94.56 -2.33 37.86
C PRO A 1829 -95.26 -2.63 36.54
N VAL A 1830 -96.05 -1.65 36.08
CA VAL A 1830 -96.84 -1.80 34.86
C VAL A 1830 -95.94 -2.06 33.68
N GLY A 1831 -96.25 -3.11 32.92
CA GLY A 1831 -95.48 -3.49 31.77
C GLY A 1831 -94.29 -4.38 32.08
N GLY A 1832 -93.91 -4.51 33.35
CA GLY A 1832 -92.84 -5.38 33.76
C GLY A 1832 -91.65 -4.69 34.37
N SER A 1833 -91.47 -3.39 34.14
CA SER A 1833 -90.33 -2.68 34.66
C SER A 1833 -90.65 -1.19 34.74
N VAL A 1834 -89.80 -0.47 35.49
CA VAL A 1834 -89.94 0.97 35.64
C VAL A 1834 -89.75 1.65 34.30
N GLU A 1835 -88.78 1.17 33.51
CA GLU A 1835 -88.54 1.73 32.18
C GLU A 1835 -89.76 1.53 31.29
N PHE A 1836 -90.33 0.32 31.30
CA PHE A 1836 -91.50 0.02 30.48
C PHE A 1836 -92.74 0.73 30.99
N GLN A 1837 -92.70 1.28 32.20
CA GLN A 1837 -93.85 2.01 32.71
C GLN A 1837 -93.74 3.50 32.42
N PHE A 1838 -92.54 4.06 32.50
CA PHE A 1838 -92.36 5.50 32.37
C PHE A 1838 -91.91 6.00 31.01
N VAL A 1839 -90.97 5.30 30.33
CA VAL A 1839 -90.51 5.77 29.00
C VAL A 1839 -91.61 5.88 27.96
N PRO A 1840 -92.47 4.85 27.71
CA PRO A 1840 -93.51 5.02 26.68
C PRO A 1840 -94.50 6.13 26.99
N VAL A 1841 -94.87 6.34 28.25
CA VAL A 1841 -95.83 7.39 28.58
C VAL A 1841 -95.21 8.75 28.36
N LEU A 1842 -93.95 8.92 28.80
CA LEU A 1842 -93.27 10.20 28.67
C LEU A 1842 -93.03 10.57 27.21
N LYS A 1843 -92.91 9.57 26.33
CA LYS A 1843 -92.82 9.86 24.90
C LYS A 1843 -94.09 10.55 24.41
N LEU A 1844 -95.25 10.03 24.83
CA LEU A 1844 -96.53 10.60 24.45
C LEU A 1844 -96.71 12.00 25.03
N VAL A 1845 -96.27 12.19 26.27
CA VAL A 1845 -96.37 13.50 26.91
C VAL A 1845 -95.49 14.51 26.17
N SER A 1846 -94.27 14.10 25.81
CA SER A 1846 -93.34 14.98 25.10
C SER A 1846 -93.92 15.37 23.74
N THR A 1847 -94.53 14.40 23.05
CA THR A 1847 -95.13 14.66 21.75
C THR A 1847 -96.28 15.66 21.88
N LEU A 1848 -97.11 15.51 22.91
CA LEU A 1848 -98.23 16.44 23.05
C LEU A 1848 -97.77 17.84 23.41
N LEU A 1849 -96.69 17.95 24.21
CA LEU A 1849 -96.11 19.25 24.49
C LEU A 1849 -95.61 19.91 23.22
N VAL A 1850 -94.90 19.14 22.39
CA VAL A 1850 -94.33 19.72 21.17
C VAL A 1850 -95.45 20.17 20.24
N MET A 1851 -96.49 19.33 20.10
CA MET A 1851 -97.63 19.74 19.29
C MET A 1851 -98.50 20.81 19.95
N GLY A 1852 -98.19 21.24 21.18
CA GLY A 1852 -98.97 22.30 21.80
C GLY A 1852 -100.37 21.93 22.22
N ILE A 1853 -100.65 20.65 22.42
CA ILE A 1853 -102.00 20.20 22.75
C ILE A 1853 -102.41 20.70 24.13
N PHE A 1854 -101.51 20.62 25.11
CA PHE A 1854 -101.82 20.99 26.49
C PHE A 1854 -102.03 22.49 26.63
N GLY A 1855 -103.00 22.86 27.46
CA GLY A 1855 -103.28 24.24 27.75
C GLY A 1855 -102.43 24.77 28.90
N ASP A 1856 -102.77 25.99 29.32
CA ASP A 1856 -102.05 26.66 30.41
C ASP A 1856 -102.20 25.90 31.72
N GLU A 1857 -103.41 25.40 31.99
CA GLU A 1857 -103.64 24.67 33.24
C GLU A 1857 -102.90 23.34 33.20
N ASP A 1858 -102.94 22.67 32.05
CA ASP A 1858 -102.34 21.35 31.92
C ASP A 1858 -100.83 21.43 32.11
N VAL A 1859 -100.21 22.50 31.57
CA VAL A 1859 -98.77 22.66 31.73
C VAL A 1859 -98.44 22.85 33.21
N LYS A 1860 -99.32 23.56 33.94
CA LYS A 1860 -99.14 23.75 35.39
C LYS A 1860 -99.18 22.40 36.11
N GLN A 1861 -100.05 21.50 35.64
CA GLN A 1861 -100.15 20.17 36.21
C GLN A 1861 -98.87 19.38 35.98
N ILE A 1862 -98.36 19.43 34.74
CA ILE A 1862 -97.14 18.70 34.40
C ILE A 1862 -95.96 19.22 35.20
N LEU A 1863 -95.86 20.55 35.36
CA LEU A 1863 -94.80 21.15 36.17
C LEU A 1863 -94.90 20.72 37.64
N LYS A 1864 -96.13 20.65 38.17
CA LYS A 1864 -96.32 20.14 39.52
C LYS A 1864 -95.91 18.68 39.64
N MET A 1865 -96.21 17.88 38.62
CA MET A 1865 -95.90 16.47 38.71
C MET A 1865 -94.40 16.22 38.55
N ILE A 1866 -93.72 17.06 37.76
CA ILE A 1866 -92.28 16.94 37.61
C ILE A 1866 -91.58 17.39 38.90
N GLU A 1867 -91.81 18.63 39.31
CA GLU A 1867 -91.27 19.05 40.60
C GLU A 1867 -92.31 19.86 41.38
N PRO A 1868 -92.86 19.30 42.46
CA PRO A 1868 -94.01 19.95 43.10
C PRO A 1868 -93.69 21.24 43.84
N GLU A 1869 -92.49 21.38 44.41
CA GLU A 1869 -92.23 22.54 45.25
C GLU A 1869 -91.57 23.69 44.49
N VAL A 1870 -90.79 23.40 43.45
CA VAL A 1870 -90.11 24.46 42.70
C VAL A 1870 -91.11 25.28 41.91
N PHE A 1871 -92.11 24.63 41.34
CA PHE A 1871 -93.05 25.26 40.42
C PHE A 1871 -94.36 25.65 41.10
N THR A 1872 -94.30 26.08 42.36
CA THR A 1872 -95.49 26.58 43.04
C THR A 1872 -95.74 28.03 42.64
N GLU A 1873 -96.97 28.31 42.23
CA GLU A 1873 -97.38 29.64 41.83
C GLU A 1873 -98.07 30.35 43.00
N GLU A 1874 -97.91 31.67 43.03
CA GLU A 1874 -98.48 32.53 44.06
C GLU A 1874 -98.39 33.99 43.65
N LEU A 1922 -97.97 9.00 47.32
CA LEU A 1922 -96.80 9.82 47.59
C LEU A 1922 -96.59 10.87 46.50
N GLU A 1923 -96.79 12.14 46.85
CA GLU A 1923 -96.68 13.22 45.88
C GLU A 1923 -95.23 13.68 45.69
N GLU A 1924 -94.33 12.74 45.43
CA GLU A 1924 -92.94 13.06 45.18
C GLU A 1924 -92.73 13.32 43.70
N GLY A 1925 -91.93 14.32 43.39
CA GLY A 1925 -91.70 14.69 42.02
C GLY A 1925 -90.84 13.68 41.29
N LEU A 1926 -90.89 13.77 39.95
CA LEU A 1926 -90.15 12.85 39.08
C LEU A 1926 -88.65 12.99 39.18
N LEU A 1927 -88.14 14.05 39.77
CA LEU A 1927 -86.70 14.23 39.87
C LEU A 1927 -86.09 13.55 41.08
N GLN A 1928 -86.89 12.82 41.87
CA GLN A 1928 -86.39 12.18 43.08
C GLN A 1928 -86.86 10.74 43.23
N MET A 1929 -87.07 10.03 42.12
CA MET A 1929 -87.56 8.66 42.20
C MET A 1929 -86.52 7.61 41.78
N LYS A 1930 -85.25 8.01 41.64
CA LYS A 1930 -84.12 7.13 41.27
C LYS A 1930 -84.39 6.41 39.96
N LEU A 1931 -84.61 7.20 38.93
CA LEU A 1931 -84.95 6.72 37.60
C LEU A 1931 -83.74 6.06 36.93
N PRO A 1932 -83.99 5.08 36.05
CA PRO A 1932 -82.92 4.53 35.23
C PRO A 1932 -82.56 5.50 34.11
N GLU A 1933 -81.53 5.12 33.35
CA GLU A 1933 -80.98 6.00 32.32
C GLU A 1933 -81.97 6.28 31.19
N SER A 1934 -82.76 5.27 30.81
CA SER A 1934 -83.68 5.40 29.68
C SER A 1934 -84.78 6.43 29.94
N VAL A 1935 -85.27 6.51 31.18
CA VAL A 1935 -86.31 7.49 31.50
C VAL A 1935 -85.72 8.90 31.53
N LYS A 1936 -84.49 9.02 32.05
CA LYS A 1936 -83.80 10.30 32.15
C LYS A 1936 -83.67 11.00 30.81
N LEU A 1937 -83.54 10.24 29.72
CA LEU A 1937 -83.49 10.84 28.38
C LEU A 1937 -84.79 11.55 28.03
N GLN A 1938 -85.92 10.94 28.39
CA GLN A 1938 -87.20 11.59 28.16
C GLN A 1938 -87.39 12.79 29.07
N MET A 1939 -86.87 12.70 30.29
CA MET A 1939 -86.94 13.84 31.20
C MET A 1939 -86.14 15.01 30.65
N CYS A 1940 -84.97 14.72 30.07
CA CYS A 1940 -84.16 15.76 29.45
C CYS A 1940 -84.87 16.36 28.25
N ASN A 1941 -85.67 15.56 27.53
CA ASN A 1941 -86.44 16.11 26.43
C ASN A 1941 -87.56 17.02 26.93
N LEU A 1942 -88.11 16.70 28.10
CA LEU A 1942 -89.14 17.53 28.71
C LEU A 1942 -88.56 18.88 29.12
N LEU A 1943 -87.42 18.84 29.81
CA LEU A 1943 -86.77 20.08 30.21
C LEU A 1943 -86.29 20.87 29.00
N GLU A 1944 -85.94 20.17 27.91
CA GLU A 1944 -85.53 20.85 26.68
C GLU A 1944 -86.69 21.65 26.11
N TYR A 1945 -87.89 21.06 26.16
CA TYR A 1945 -89.08 21.76 25.67
C TYR A 1945 -89.37 23.00 26.50
N PHE A 1946 -89.25 22.89 27.83
CA PHE A 1946 -89.55 24.06 28.66
C PHE A 1946 -88.49 25.15 28.49
N CYS A 1947 -87.23 24.75 28.30
CA CYS A 1947 -86.17 25.73 28.04
C CYS A 1947 -86.40 26.45 26.71
N ASP A 1948 -86.89 25.72 25.70
CA ASP A 1948 -87.25 26.35 24.43
C ASP A 1948 -88.40 27.33 24.62
N GLN A 1949 -89.36 26.97 25.46
CA GLN A 1949 -90.49 27.88 25.74
C GLN A 1949 -90.00 29.16 26.41
N GLU A 1950 -89.05 29.03 27.34
CA GLU A 1950 -88.44 30.19 27.99
C GLU A 1950 -87.71 31.09 26.99
N LEU A 1951 -86.96 30.47 26.07
CA LEU A 1951 -86.25 31.24 25.04
C LEU A 1951 -87.24 31.98 24.14
N GLN A 1952 -88.32 31.31 23.74
CA GLN A 1952 -89.34 31.96 22.93
C GLN A 1952 -90.02 33.10 23.70
N HIS A 1953 -90.16 32.94 25.02
CA HIS A 1953 -90.72 33.99 25.86
C HIS A 1953 -89.81 35.22 25.86
N ARG A 1954 -88.50 35.00 25.96
CA ARG A 1954 -87.55 36.11 25.94
C ARG A 1954 -87.57 36.84 24.60
N VAL A 1955 -87.61 36.08 23.50
CA VAL A 1955 -87.64 36.68 22.17
C VAL A 1955 -88.92 37.49 21.97
N GLU A 1956 -90.06 36.94 22.39
CA GLU A 1956 -91.33 37.67 22.26
C GLU A 1956 -91.37 38.93 23.12
N SER A 1957 -90.81 38.86 24.33
CA SER A 1957 -90.71 40.03 25.20
C SER A 1957 -89.84 41.11 24.56
N LEU A 1958 -88.71 40.71 23.97
CA LEU A 1958 -87.81 41.64 23.30
C LEU A 1958 -88.50 42.30 22.12
N ALA A 1959 -89.27 41.53 21.34
CA ALA A 1959 -90.03 42.11 20.23
C ALA A 1959 -91.10 43.07 20.71
N ALA A 1960 -91.74 42.78 21.85
CA ALA A 1960 -92.71 43.71 22.42
C ALA A 1960 -92.06 45.02 22.84
N PHE A 1961 -90.90 44.94 23.52
CA PHE A 1961 -90.20 46.15 23.90
C PHE A 1961 -89.73 46.91 22.67
N ALA A 1962 -89.38 46.19 21.60
CA ALA A 1962 -89.02 46.83 20.35
C ALA A 1962 -90.19 47.62 19.80
N GLU A 1963 -91.40 47.04 19.90
CA GLU A 1963 -92.61 47.68 19.41
C GLU A 1963 -92.87 48.99 20.15
N ARG A 1964 -92.71 48.98 21.47
CA ARG A 1964 -92.97 50.20 22.23
C ARG A 1964 -91.87 51.23 22.04
N TYR A 1965 -90.61 50.77 22.00
CA TYR A 1965 -89.48 51.69 22.00
C TYR A 1965 -89.31 52.34 20.64
N VAL A 1966 -89.69 51.66 19.55
CA VAL A 1966 -89.62 52.28 18.24
C VAL A 1966 -90.62 53.44 18.16
N ASP A 1967 -91.82 53.25 18.71
CA ASP A 1967 -92.84 54.29 18.69
C ASP A 1967 -92.38 55.53 19.46
N LYS A 1968 -91.81 55.32 20.66
CA LYS A 1968 -91.25 56.45 21.41
C LYS A 1968 -90.03 57.07 20.75
N LEU A 1969 -89.24 56.27 20.03
CA LEU A 1969 -88.05 56.80 19.38
C LEU A 1969 -88.42 57.59 18.14
N GLN A 1970 -89.42 57.11 17.39
CA GLN A 1970 -89.91 57.81 16.21
C GLN A 1970 -90.51 59.14 16.62
N ALA A 1971 -91.29 59.14 17.71
CA ALA A 1971 -91.92 60.38 18.17
C ALA A 1971 -90.87 61.40 18.62
N ASN A 1972 -89.88 60.95 19.41
CA ASN A 1972 -88.85 61.86 19.89
C ASN A 1972 -87.98 62.40 18.76
N GLN A 1973 -87.63 61.54 17.79
CA GLN A 1973 -86.81 61.98 16.66
C GLN A 1973 -87.59 62.88 15.70
N ARG A 1974 -88.91 62.72 15.62
CA ARG A 1974 -89.73 63.64 14.84
C ARG A 1974 -89.82 64.99 15.53
N SER A 1975 -90.05 64.99 16.86
CA SER A 1975 -90.18 66.24 17.59
C SER A 1975 -88.86 67.01 17.55
N ARG A 1976 -87.73 66.31 17.73
CA ARG A 1976 -86.42 66.95 17.62
C ARG A 1976 -86.16 67.45 16.21
N TYR A 1977 -86.71 66.79 15.18
CA TYR A 1977 -86.56 67.29 13.82
C TYR A 1977 -87.32 68.59 13.62
N ALA A 1978 -88.54 68.65 14.17
CA ALA A 1978 -89.35 69.87 14.11
C ALA A 1978 -88.67 71.00 14.86
N LEU A 1979 -88.10 70.71 16.03
CA LEU A 1979 -87.34 71.71 16.77
C LEU A 1979 -86.10 72.16 15.98
N LEU A 1980 -85.50 71.24 15.21
CA LEU A 1980 -84.32 71.60 14.43
C LEU A 1980 -84.70 72.50 13.26
N MET A 1981 -85.93 72.39 12.77
CA MET A 1981 -86.36 73.27 11.68
C MET A 1981 -86.45 74.75 12.09
N ARG A 1982 -86.55 75.02 13.39
CA ARG A 1982 -86.55 76.39 13.89
C ARG A 1982 -85.19 76.82 14.45
N ALA A 1983 -84.15 75.98 14.27
CA ALA A 1983 -82.85 76.28 14.84
C ALA A 1983 -82.09 77.38 14.09
N PHE A 1984 -82.53 77.75 12.88
CA PHE A 1984 -81.83 78.74 12.07
C PHE A 1984 -81.85 80.15 12.65
N THR A 1985 -82.66 80.42 13.67
CA THR A 1985 -82.77 81.75 14.24
C THR A 1985 -81.82 81.99 15.41
N MET A 1986 -81.22 80.95 16.00
CA MET A 1986 -80.33 81.16 17.13
C MET A 1986 -79.08 80.29 17.09
N SER A 1987 -78.77 79.63 15.98
CA SER A 1987 -77.63 78.73 15.88
C SER A 1987 -76.65 79.23 14.82
N ALA A 1988 -75.66 78.40 14.52
CA ALA A 1988 -74.56 78.75 13.64
C ALA A 1988 -74.18 77.50 12.84
N ALA A 1989 -72.95 77.47 12.33
CA ALA A 1989 -72.47 76.43 11.42
C ALA A 1989 -72.33 75.04 12.05
N GLU A 1990 -72.66 74.86 13.33
CA GLU A 1990 -72.61 73.57 14.00
C GLU A 1990 -73.91 72.78 13.84
N THR A 1991 -74.86 73.29 13.05
CA THR A 1991 -76.08 72.54 12.76
C THR A 1991 -75.84 71.31 11.89
N ALA A 1992 -74.65 71.17 11.28
CA ALA A 1992 -74.37 70.00 10.46
C ALA A 1992 -74.36 68.73 11.30
N ARG A 1993 -73.95 68.82 12.56
CA ARG A 1993 -73.92 67.65 13.43
C ARG A 1993 -75.34 67.19 13.77
N ARG A 1994 -76.21 68.13 14.15
CA ARG A 1994 -77.56 67.74 14.50
C ARG A 1994 -78.37 67.33 13.27
N THR A 1995 -78.02 67.78 12.06
CA THR A 1995 -78.71 67.30 10.87
C THR A 1995 -77.99 66.12 10.20
N ARG A 1996 -76.90 65.65 10.81
CA ARG A 1996 -76.17 64.49 10.29
C ARG A 1996 -77.08 63.27 10.33
N GLU A 1997 -77.86 63.12 11.42
CA GLU A 1997 -78.75 61.98 11.59
C GLU A 1997 -79.73 61.93 10.43
N PHE A 1998 -80.42 63.06 10.20
CA PHE A 1998 -81.46 63.11 9.18
C PHE A 1998 -80.87 63.05 7.76
N ARG A 1999 -79.56 63.25 7.61
CA ARG A 1999 -78.91 63.04 6.33
C ARG A 1999 -78.20 61.69 6.29
N SER A 2000 -78.37 60.88 7.31
CA SER A 2000 -77.77 59.55 7.28
C SER A 2000 -78.87 58.50 7.24
N PRO A 2001 -78.66 57.42 6.47
CA PRO A 2001 -79.68 56.38 6.36
C PRO A 2001 -80.01 55.76 7.71
N PRO A 2002 -81.24 55.23 7.87
CA PRO A 2002 -81.75 54.93 9.23
C PRO A 2002 -80.96 53.93 10.07
N GLN A 2003 -80.34 52.91 9.47
CA GLN A 2003 -79.67 51.84 10.22
C GLN A 2003 -78.65 52.40 11.19
N GLU A 2004 -77.77 53.26 10.70
CA GLU A 2004 -76.81 53.83 11.61
C GLU A 2004 -77.41 54.95 12.44
N GLN A 2005 -78.59 55.47 12.07
CA GLN A 2005 -79.28 56.41 12.95
C GLN A 2005 -79.66 55.70 14.25
N ILE A 2006 -80.21 54.48 14.16
CA ILE A 2006 -80.48 53.73 15.39
C ILE A 2006 -79.17 53.35 16.08
N ASN A 2007 -78.14 53.00 15.29
CA ASN A 2007 -76.84 52.63 15.89
C ASN A 2007 -76.26 53.75 16.77
N MET A 2008 -76.26 54.99 16.26
CA MET A 2008 -75.77 56.09 17.07
C MET A 2008 -76.76 56.52 18.15
N LEU A 2009 -78.07 56.32 17.92
CA LEU A 2009 -79.05 56.59 18.95
C LEU A 2009 -78.84 55.68 20.15
N LEU A 2010 -78.64 54.39 19.90
CA LEU A 2010 -78.45 53.42 20.97
C LEU A 2010 -77.02 53.39 21.49
N HIS A 2011 -76.11 54.14 20.86
CA HIS A 2011 -74.69 54.08 21.21
C HIS A 2011 -74.37 54.87 22.48
N PHE A 2012 -74.97 54.43 23.60
CA PHE A 2012 -74.73 55.06 24.89
C PHE A 2012 -74.66 54.05 26.02
N LYS A 2013 -74.28 52.80 25.72
CA LYS A 2013 -74.31 51.74 26.72
C LYS A 2013 -73.30 51.98 27.84
N ASP A 2014 -72.07 52.31 27.50
CA ASP A 2014 -70.98 52.35 28.46
C ASP A 2014 -70.83 53.69 29.17
N GLU A 2015 -71.74 54.65 28.90
CA GLU A 2015 -71.90 55.95 29.57
C GLU A 2015 -70.77 56.93 29.22
N ALA A 2016 -69.76 56.47 28.49
CA ALA A 2016 -68.64 57.30 28.06
C ALA A 2016 -68.92 58.05 26.76
N ASP A 2017 -70.09 57.83 26.15
CA ASP A 2017 -70.43 58.46 24.88
C ASP A 2017 -71.87 58.96 24.87
N GLU A 2018 -72.38 59.39 26.03
CA GLU A 2018 -73.73 59.91 26.15
C GLU A 2018 -73.94 61.19 25.34
N GLU A 2019 -72.86 61.96 25.12
CA GLU A 2019 -72.95 63.27 24.48
C GLU A 2019 -73.46 63.18 23.05
N ASP A 2020 -72.98 62.18 22.29
CA ASP A 2020 -73.45 62.01 20.91
C ASP A 2020 -74.91 61.60 20.87
N CYS A 2021 -75.38 60.87 21.87
CA CYS A 2021 -76.77 60.45 21.94
C CYS A 2021 -77.68 61.65 22.20
N PRO A 2022 -78.65 61.94 21.33
CA PRO A 2022 -79.57 63.06 21.55
C PRO A 2022 -80.79 62.71 22.39
N LEU A 2023 -80.94 61.45 22.80
CA LEU A 2023 -82.13 61.04 23.53
C LEU A 2023 -82.19 61.67 24.92
N PRO A 2024 -83.38 61.99 25.39
CA PRO A 2024 -83.53 62.40 26.78
C PRO A 2024 -83.32 61.25 27.75
N GLU A 2025 -83.01 61.65 28.99
CA GLU A 2025 -82.66 60.70 30.04
C GLU A 2025 -83.79 59.75 30.37
N ASP A 2026 -85.04 60.19 30.26
CA ASP A 2026 -86.17 59.31 30.54
C ASP A 2026 -86.24 58.14 29.55
N ILE A 2027 -85.94 58.41 28.28
CA ILE A 2027 -85.88 57.35 27.28
C ILE A 2027 -84.68 56.44 27.53
N ARG A 2028 -83.52 57.05 27.86
CA ARG A 2028 -82.32 56.27 28.10
C ARG A 2028 -82.48 55.36 29.30
N GLN A 2029 -83.14 55.86 30.36
CA GLN A 2029 -83.42 55.06 31.53
C GLN A 2029 -84.33 53.90 31.18
N ASP A 2030 -85.29 54.12 30.28
CA ASP A 2030 -86.25 53.09 29.89
C ASP A 2030 -85.53 51.93 29.22
N LEU A 2031 -84.61 52.26 28.29
CA LEU A 2031 -83.83 51.22 27.63
C LEU A 2031 -82.95 50.47 28.62
N GLN A 2032 -82.25 51.20 29.51
CA GLN A 2032 -81.40 50.49 30.46
C GLN A 2032 -82.21 49.73 31.52
N ASP A 2033 -83.49 50.10 31.72
CA ASP A 2033 -84.38 49.32 32.56
C ASP A 2033 -84.71 47.99 31.91
N PHE A 2034 -84.99 48.01 30.59
CA PHE A 2034 -85.30 46.74 29.94
C PHE A 2034 -84.04 45.89 29.81
N HIS A 2035 -82.87 46.54 29.77
CA HIS A 2035 -81.63 45.77 29.70
C HIS A 2035 -81.36 45.06 31.02
N GLN A 2036 -81.69 45.73 32.14
CA GLN A 2036 -81.36 45.15 33.45
C GLN A 2036 -82.21 43.93 33.73
N ASP A 2037 -83.53 44.02 33.55
CA ASP A 2037 -84.34 42.85 33.84
C ASP A 2037 -84.16 41.78 32.78
N LEU A 2038 -83.76 42.14 31.54
CA LEU A 2038 -83.43 41.11 30.57
C LEU A 2038 -82.23 40.27 31.03
N LEU A 2039 -81.18 40.92 31.53
CA LEU A 2039 -80.06 40.18 32.10
C LEU A 2039 -80.46 39.40 33.36
N ALA A 2040 -81.32 39.98 34.20
CA ALA A 2040 -81.80 39.27 35.37
C ALA A 2040 -82.63 38.05 34.99
N HIS A 2041 -83.47 38.17 33.95
CA HIS A 2041 -84.24 37.04 33.47
C HIS A 2041 -83.32 35.96 32.94
N CYS A 2042 -82.27 36.35 32.21
CA CYS A 2042 -81.29 35.41 31.70
C CYS A 2042 -80.28 34.98 32.77
N GLY A 2043 -80.50 35.35 34.03
CA GLY A 2043 -79.64 34.92 35.13
C GLY A 2043 -78.22 35.41 35.07
N ILE A 2044 -78.01 36.68 34.73
CA ILE A 2044 -76.66 37.21 34.71
C ILE A 2044 -76.19 37.55 36.12
N GLN A 2045 -76.87 38.51 36.76
CA GLN A 2045 -76.58 38.95 38.12
C GLN A 2045 -77.72 39.83 38.60
N LEU A 2046 -78.10 39.68 39.85
CA LEU A 2046 -79.15 40.49 40.44
C LEU A 2046 -78.58 41.85 40.86
N GLU A 2088 -79.18 27.61 50.65
CA GLU A 2088 -79.90 27.92 49.43
C GLU A 2088 -80.20 26.66 48.62
N LYS A 2089 -80.70 25.63 49.31
CA LYS A 2089 -81.06 24.37 48.67
C LYS A 2089 -82.22 24.52 47.69
N LYS A 2090 -83.01 25.58 47.83
CA LYS A 2090 -84.18 25.79 46.98
C LYS A 2090 -83.73 26.31 45.62
N PRO A 2091 -83.99 25.59 44.53
CA PRO A 2091 -83.62 26.11 43.19
C PRO A 2091 -84.33 27.38 42.80
N GLN A 2092 -85.63 27.50 43.15
CA GLN A 2092 -86.51 28.66 42.99
C GLN A 2092 -86.88 28.98 41.54
N SER A 2093 -86.31 28.28 40.56
CA SER A 2093 -86.65 28.47 39.16
C SER A 2093 -86.04 27.34 38.33
N LEU A 2094 -86.31 27.41 37.03
CA LEU A 2094 -85.93 26.35 36.10
C LEU A 2094 -84.43 26.34 35.87
N GLN A 2095 -83.82 27.54 35.71
CA GLN A 2095 -82.41 27.61 35.32
C GLN A 2095 -81.50 27.01 36.38
N GLU A 2096 -81.75 27.30 37.66
CA GLU A 2096 -80.97 26.66 38.72
C GLU A 2096 -81.41 25.22 38.94
N LEU A 2097 -82.69 24.92 38.64
CA LEU A 2097 -83.20 23.56 38.82
C LEU A 2097 -82.49 22.59 37.89
N VAL A 2098 -82.46 22.91 36.60
CA VAL A 2098 -81.92 22.01 35.57
C VAL A 2098 -80.45 21.75 35.83
N SER A 2099 -79.70 22.83 36.10
CA SER A 2099 -78.26 22.72 36.31
C SER A 2099 -77.96 21.86 37.53
N HIS A 2100 -78.75 22.04 38.59
CA HIS A 2100 -78.54 21.28 39.82
CA HIS A 2100 -78.53 21.28 39.82
C HIS A 2100 -78.82 19.80 39.61
N MET A 2101 -79.94 19.49 38.94
CA MET A 2101 -80.30 18.08 38.79
C MET A 2101 -79.42 17.39 37.76
N VAL A 2102 -78.98 18.10 36.72
CA VAL A 2102 -78.06 17.52 35.74
C VAL A 2102 -76.73 17.18 36.40
N VAL A 2103 -76.20 18.11 37.22
CA VAL A 2103 -74.95 17.83 37.94
C VAL A 2103 -75.13 16.70 38.93
N ARG A 2104 -76.26 16.68 39.65
CA ARG A 2104 -76.54 15.61 40.60
C ARG A 2104 -76.64 14.26 39.92
N TRP A 2105 -77.28 14.20 38.74
CA TRP A 2105 -77.34 12.97 37.97
C TRP A 2105 -75.96 12.51 37.56
N ALA A 2106 -75.12 13.45 37.11
CA ALA A 2106 -73.79 13.09 36.62
C ALA A 2106 -72.93 12.55 37.75
N GLN A 2107 -73.01 13.15 38.94
CA GLN A 2107 -72.17 12.71 40.04
C GLN A 2107 -72.77 11.54 40.81
N GLU A 2108 -74.03 11.19 40.57
CA GLU A 2108 -74.59 10.03 41.26
C GLU A 2108 -74.10 8.70 40.70
N ASP A 2109 -73.80 8.64 39.40
CA ASP A 2109 -73.40 7.40 38.78
C ASP A 2109 -72.71 7.70 37.46
N TYR A 2110 -71.90 6.74 37.01
CA TYR A 2110 -71.23 6.83 35.72
C TYR A 2110 -72.27 6.59 34.65
N VAL A 2111 -72.75 7.68 34.04
CA VAL A 2111 -73.80 7.61 33.02
C VAL A 2111 -73.26 6.90 31.79
N GLN A 2112 -74.05 5.97 31.26
CA GLN A 2112 -73.56 5.12 30.19
C GLN A 2112 -74.08 5.50 28.81
N SER A 2113 -75.34 5.91 28.71
CA SER A 2113 -75.92 6.21 27.40
C SER A 2113 -75.33 7.47 26.79
N PRO A 2114 -74.69 7.38 25.61
CA PRO A 2114 -74.12 8.57 24.97
C PRO A 2114 -75.13 9.63 24.62
N GLU A 2115 -76.35 9.23 24.25
CA GLU A 2115 -77.38 10.21 23.92
C GLU A 2115 -77.84 10.93 25.17
N LEU A 2116 -77.92 10.20 26.29
CA LEU A 2116 -78.32 10.80 27.56
C LEU A 2116 -77.27 11.82 27.99
N VAL A 2117 -75.99 11.47 27.86
CA VAL A 2117 -74.90 12.36 28.23
C VAL A 2117 -74.92 13.62 27.37
N ARG A 2118 -75.14 13.45 26.06
CA ARG A 2118 -75.20 14.59 25.15
C ARG A 2118 -76.39 15.49 25.46
N ALA A 2119 -77.53 14.88 25.81
CA ALA A 2119 -78.73 15.67 26.12
C ALA A 2119 -78.56 16.46 27.39
N MET A 2120 -77.94 15.86 28.42
CA MET A 2120 -77.85 16.57 29.69
C MET A 2120 -76.79 17.65 29.61
N PHE A 2121 -75.70 17.41 28.89
CA PHE A 2121 -74.69 18.45 28.82
C PHE A 2121 -75.07 19.55 27.85
N SER A 2122 -76.02 19.28 26.95
CA SER A 2122 -76.58 20.38 26.16
C SER A 2122 -77.51 21.24 26.99
N LEU A 2123 -78.31 20.60 27.86
CA LEU A 2123 -79.16 21.36 28.77
C LEU A 2123 -78.33 22.22 29.70
N LEU A 2124 -77.25 21.64 30.25
CA LEU A 2124 -76.40 22.36 31.18
C LEU A 2124 -75.72 23.54 30.50
N HIS A 2125 -75.28 23.35 29.25
CA HIS A 2125 -74.63 24.43 28.53
C HIS A 2125 -75.61 25.56 28.27
N ARG A 2126 -76.88 25.23 28.01
CA ARG A 2126 -77.87 26.28 27.76
C ARG A 2126 -78.13 27.09 29.02
N GLN A 2127 -78.26 26.40 30.17
CA GLN A 2127 -78.58 27.12 31.41
C GLN A 2127 -77.44 28.02 31.82
N TYR A 2128 -76.20 27.53 31.73
CA TYR A 2128 -75.09 28.41 32.08
C TYR A 2128 -74.97 29.54 31.07
N ASP A 2129 -74.93 29.23 29.78
CA ASP A 2129 -74.84 30.26 28.75
C ASP A 2129 -76.24 30.66 28.29
N GLY A 2130 -77.02 31.17 29.25
CA GLY A 2130 -78.39 31.58 28.97
C GLY A 2130 -78.49 32.70 27.95
N LEU A 2131 -77.55 33.65 28.02
CA LEU A 2131 -77.52 34.75 27.05
C LEU A 2131 -77.02 34.32 25.67
N GLY A 2132 -76.11 33.35 25.63
CA GLY A 2132 -75.56 32.91 24.35
C GLY A 2132 -76.58 32.27 23.43
N GLU A 2133 -77.45 31.43 23.97
CA GLU A 2133 -78.49 30.80 23.17
C GLU A 2133 -79.48 31.85 22.64
N LEU A 2134 -79.75 32.89 23.45
CA LEU A 2134 -80.57 33.99 22.97
C LEU A 2134 -79.87 34.72 21.84
N LEU A 2135 -78.57 34.97 21.99
CA LEU A 2135 -77.80 35.70 20.99
C LEU A 2135 -77.78 34.93 19.68
N ARG A 2136 -77.74 33.59 19.78
CA ARG A 2136 -77.78 32.76 18.59
C ARG A 2136 -79.21 32.58 18.10
N ALA A 2137 -80.20 33.06 18.85
CA ALA A 2137 -81.58 32.94 18.45
C ALA A 2137 -82.11 34.18 17.75
N LEU A 2138 -81.51 35.35 18.03
CA LEU A 2138 -81.93 36.57 17.32
C LEU A 2138 -81.85 36.54 15.79
N PRO A 2139 -80.81 35.96 15.13
CA PRO A 2139 -80.81 35.96 13.64
C PRO A 2139 -82.03 35.31 12.99
N ARG A 2140 -82.66 34.35 13.66
CA ARG A 2140 -83.88 33.76 13.15
C ARG A 2140 -85.14 34.46 13.63
N ALA A 2141 -85.01 35.49 14.45
CA ALA A 2141 -86.16 36.26 14.89
C ALA A 2141 -86.49 37.33 13.85
N TYR A 2142 -87.77 37.67 13.77
CA TYR A 2142 -88.26 38.62 12.77
C TYR A 2142 -89.65 39.11 13.18
N THR A 2143 -89.97 40.34 12.80
CA THR A 2143 -91.25 40.95 13.09
C THR A 2143 -91.93 41.33 11.78
N ILE A 2144 -93.23 41.08 11.69
CA ILE A 2144 -94.01 41.36 10.50
C ILE A 2144 -95.26 42.14 10.88
N SER A 2145 -95.82 42.81 9.88
CA SER A 2145 -97.02 43.61 10.05
C SER A 2145 -98.21 42.71 10.34
N PRO A 2146 -99.15 43.15 11.20
CA PRO A 2146 -100.34 42.33 11.50
C PRO A 2146 -101.24 42.04 10.31
N SER A 2147 -101.15 42.81 9.23
CA SER A 2147 -101.96 42.59 8.05
C SER A 2147 -101.38 41.54 7.09
N SER A 2148 -100.24 40.94 7.41
CA SER A 2148 -99.61 39.97 6.52
C SER A 2148 -99.52 38.57 7.14
N VAL A 2149 -100.24 38.32 8.23
CA VAL A 2149 -100.16 37.01 8.89
C VAL A 2149 -100.83 35.94 8.05
N GLU A 2150 -102.00 36.22 7.46
CA GLU A 2150 -102.72 35.20 6.71
C GLU A 2150 -101.98 34.77 5.46
N ASP A 2151 -101.14 35.66 4.90
CA ASP A 2151 -100.26 35.28 3.80
C ASP A 2151 -99.05 34.51 4.32
N THR A 2152 -98.57 34.90 5.50
CA THR A 2152 -97.42 34.24 6.09
C THR A 2152 -97.75 32.80 6.43
N MET A 2153 -98.97 32.56 6.92
CA MET A 2153 -99.42 31.20 7.25
C MET A 2153 -99.33 30.28 6.04
N SER A 2154 -99.82 30.75 4.89
CA SER A 2154 -99.75 29.98 3.64
C SER A 2154 -98.32 29.75 3.21
N LEU A 2155 -97.45 30.72 3.50
CA LEU A 2155 -96.04 30.58 3.14
C LEU A 2155 -95.39 29.52 4.03
N LEU A 2156 -95.66 29.57 5.33
CA LEU A 2156 -95.10 28.61 6.26
C LEU A 2156 -95.60 27.21 5.97
N GLU A 2157 -96.87 27.06 5.60
CA GLU A 2157 -97.41 25.76 5.22
C GLU A 2157 -96.70 25.19 3.99
N CYS A 2158 -96.45 26.02 2.98
CA CYS A 2158 -95.72 25.53 1.81
C CYS A 2158 -94.27 25.22 2.14
N LEU A 2159 -93.66 26.03 3.02
CA LEU A 2159 -92.29 25.75 3.44
C LEU A 2159 -92.23 24.44 4.22
N GLY A 2160 -93.23 24.18 5.07
CA GLY A 2160 -93.28 22.91 5.77
C GLY A 2160 -93.42 21.74 4.84
N GLN A 2161 -94.14 21.93 3.72
CA GLN A 2161 -94.22 20.88 2.71
C GLN A 2161 -92.86 20.62 2.09
N ILE A 2162 -92.10 21.69 1.83
CA ILE A 2162 -90.78 21.51 1.23
C ILE A 2162 -89.83 20.85 2.23
N ARG A 2163 -89.84 21.31 3.49
CA ARG A 2163 -89.01 20.73 4.54
C ARG A 2163 -89.32 19.25 4.77
N SER A 2164 -90.57 18.85 4.55
CA SER A 2164 -90.94 17.45 4.74
C SER A 2164 -90.35 16.54 3.67
N LEU A 2165 -89.87 17.11 2.56
CA LEU A 2165 -89.29 16.35 1.48
C LEU A 2165 -87.80 16.07 1.66
N LEU A 2166 -87.18 16.61 2.71
CA LEU A 2166 -85.77 16.34 2.97
C LEU A 2166 -85.49 14.95 3.50
N ILE A 2167 -86.53 14.18 3.86
CA ILE A 2167 -86.37 12.90 4.51
C ILE A 2167 -87.01 11.78 3.70
N VAL A 2168 -87.45 12.07 2.48
CA VAL A 2168 -88.16 11.11 1.66
C VAL A 2168 -87.53 11.09 0.26
N GLN A 2169 -87.39 9.90 -0.30
CA GLN A 2169 -86.93 9.78 -1.68
C GLN A 2169 -87.98 10.36 -2.61
N MET A 2170 -87.51 11.10 -3.62
CA MET A 2170 -88.42 11.80 -4.51
C MET A 2170 -89.11 10.85 -5.46
N GLY A 2171 -90.42 11.07 -5.63
CA GLY A 2171 -91.21 10.31 -6.56
C GLY A 2171 -92.18 11.22 -7.28
N PRO A 2172 -92.99 10.64 -8.17
CA PRO A 2172 -94.00 11.43 -8.91
C PRO A 2172 -95.01 12.13 -8.01
N GLN A 2173 -95.41 11.48 -6.92
CA GLN A 2173 -96.38 12.08 -5.99
C GLN A 2173 -95.80 13.32 -5.33
N GLU A 2174 -94.55 13.25 -4.87
CA GLU A 2174 -93.95 14.40 -4.19
C GLU A 2174 -93.56 15.48 -5.20
N GLU A 2175 -93.31 15.07 -6.45
CA GLU A 2175 -92.92 16.00 -7.49
C GLU A 2175 -93.99 17.05 -7.74
N ASN A 2176 -95.25 16.61 -7.90
CA ASN A 2176 -96.29 17.59 -8.10
C ASN A 2176 -96.66 18.29 -6.82
N LEU A 2177 -96.28 17.72 -5.66
CA LEU A 2177 -96.55 18.37 -4.39
C LEU A 2177 -95.70 19.61 -4.26
N MET A 2178 -94.46 19.52 -4.72
CA MET A 2178 -93.58 20.65 -4.51
C MET A 2178 -93.59 21.62 -5.68
N ILE A 2179 -93.92 21.17 -6.90
CA ILE A 2179 -94.04 22.13 -8.00
C ILE A 2179 -95.15 23.13 -7.71
N GLN A 2180 -96.29 22.66 -7.20
CA GLN A 2180 -97.33 23.59 -6.78
C GLN A 2180 -96.98 24.31 -5.48
N SER A 2181 -96.18 23.69 -4.58
CA SER A 2181 -95.77 24.40 -3.38
C SER A 2181 -94.87 25.60 -3.73
N ILE A 2182 -93.94 25.38 -4.65
CA ILE A 2182 -93.06 26.44 -5.13
C ILE A 2182 -93.88 27.50 -5.85
N GLY A 2183 -94.81 27.08 -6.71
CA GLY A 2183 -95.67 28.02 -7.42
C GLY A 2183 -96.49 28.87 -6.47
N ASN A 2184 -96.93 28.29 -5.35
CA ASN A 2184 -97.63 29.05 -4.33
C ASN A 2184 -96.71 30.09 -3.70
N ILE A 2185 -95.42 29.74 -3.53
CA ILE A 2185 -94.47 30.73 -2.99
C ILE A 2185 -94.30 31.89 -3.96
N MET A 2186 -94.17 31.59 -5.26
CA MET A 2186 -94.09 32.64 -6.27
C MET A 2186 -95.35 33.51 -6.24
N ASN A 2187 -96.52 32.87 -6.11
CA ASN A 2187 -97.77 33.61 -6.04
C ASN A 2187 -97.93 34.37 -4.72
N ASN A 2188 -97.08 34.13 -3.74
CA ASN A 2188 -97.18 34.80 -2.44
C ASN A 2188 -96.42 36.13 -2.50
N LYS A 2189 -97.09 37.20 -2.06
CA LYS A 2189 -96.51 38.53 -2.08
C LYS A 2189 -95.44 38.75 -1.00
N VAL A 2190 -95.47 37.97 0.09
CA VAL A 2190 -94.47 38.12 1.14
C VAL A 2190 -93.09 37.71 0.65
N PHE A 2191 -93.04 36.79 -0.32
CA PHE A 2191 -91.79 36.34 -0.93
C PHE A 2191 -91.04 37.49 -1.63
N TYR A 2192 -91.75 38.54 -2.01
CA TYR A 2192 -91.15 39.72 -2.60
C TYR A 2192 -91.01 40.85 -1.60
N GLN A 2193 -91.98 40.99 -0.70
CA GLN A 2193 -91.98 42.09 0.26
C GLN A 2193 -90.87 41.94 1.29
N HIS A 2194 -90.56 40.70 1.69
CA HIS A 2194 -89.56 40.43 2.73
C HIS A 2194 -88.54 39.42 2.24
N PRO A 2195 -87.60 39.82 1.38
CA PRO A 2195 -86.49 38.90 1.01
C PRO A 2195 -85.63 38.51 2.19
N ASN A 2196 -85.52 39.37 3.20
CA ASN A 2196 -84.74 39.08 4.40
C ASN A 2196 -85.33 37.90 5.15
N LEU A 2197 -86.66 37.86 5.26
CA LEU A 2197 -87.34 36.77 5.97
C LEU A 2197 -87.12 35.43 5.30
N MET A 2198 -87.20 35.36 3.97
CA MET A 2198 -86.88 34.12 3.24
C MET A 2198 -85.44 33.66 3.48
N ARG A 2199 -84.53 34.61 3.66
CA ARG A 2199 -83.16 34.26 3.96
C ARG A 2199 -83.02 33.76 5.38
N ALA A 2200 -83.81 34.32 6.30
CA ALA A 2200 -83.75 33.82 7.67
C ALA A 2200 -84.37 32.44 7.76
N LEU A 2201 -85.43 32.19 7.00
CA LEU A 2201 -86.03 30.86 6.97
C LEU A 2201 -85.18 29.84 6.21
N GLY A 2202 -84.17 30.28 5.48
CA GLY A 2202 -83.37 29.35 4.69
C GLY A 2202 -84.10 28.60 3.60
N MET A 2203 -84.99 29.28 2.88
CA MET A 2203 -85.79 28.64 1.84
C MET A 2203 -84.92 28.14 0.69
N HIS A 2204 -83.94 28.95 0.29
CA HIS A 2204 -83.05 28.58 -0.79
C HIS A 2204 -82.19 27.38 -0.42
N GLU A 2205 -81.81 27.27 0.85
CA GLU A 2205 -81.00 26.14 1.31
C GLU A 2205 -81.76 24.83 1.13
N THR A 2206 -83.03 24.80 1.58
CA THR A 2206 -83.83 23.60 1.49
C THR A 2206 -84.10 23.22 0.03
N VAL A 2207 -84.39 24.22 -0.81
CA VAL A 2207 -84.62 23.95 -2.23
C VAL A 2207 -83.34 23.42 -2.88
N MET A 2208 -82.19 23.94 -2.44
CA MET A 2208 -80.90 23.46 -2.92
C MET A 2208 -80.71 21.99 -2.57
N GLU A 2209 -80.91 21.62 -1.30
CA GLU A 2209 -80.68 20.24 -0.88
C GLU A 2209 -81.63 19.28 -1.57
N VAL A 2210 -82.88 19.72 -1.80
CA VAL A 2210 -83.86 18.90 -2.53
C VAL A 2210 -83.38 18.67 -3.96
N MET A 2211 -82.89 19.71 -4.61
CA MET A 2211 -82.40 19.57 -5.99
C MET A 2211 -81.17 18.67 -6.03
N VAL A 2212 -80.21 18.89 -5.10
CA VAL A 2212 -78.94 18.16 -5.09
C VAL A 2212 -79.17 16.67 -4.88
N ASN A 2213 -80.14 16.31 -4.03
CA ASN A 2213 -80.44 14.89 -3.80
C ASN A 2213 -80.91 14.21 -5.08
N VAL A 2214 -81.77 14.87 -5.84
CA VAL A 2214 -82.27 14.32 -7.09
C VAL A 2214 -81.15 14.24 -8.12
N LEU A 2215 -80.30 15.27 -8.19
CA LEU A 2215 -79.14 15.21 -9.08
C LEU A 2215 -78.20 14.07 -8.71
N GLY A 2216 -78.08 13.78 -7.41
CA GLY A 2216 -77.31 12.62 -6.97
C GLY A 2216 -77.93 11.32 -7.43
N GLY A 2217 -79.26 11.23 -7.35
CA GLY A 2217 -79.96 10.05 -7.84
C GLY A 2217 -79.83 9.92 -9.35
N GLY A 2218 -79.30 8.79 -9.82
CA GLY A 2218 -79.02 8.64 -11.24
C GLY A 2218 -78.00 9.61 -11.78
N GLU A 2219 -76.94 9.86 -11.00
CA GLU A 2219 -75.92 10.86 -11.33
C GLU A 2219 -75.07 10.47 -12.55
N THR A 2220 -75.16 9.23 -13.01
CA THR A 2220 -74.38 8.80 -14.18
C THR A 2220 -75.25 8.44 -15.38
N LYS A 2221 -76.35 7.74 -15.17
CA LYS A 2221 -77.16 7.30 -16.30
C LYS A 2221 -78.03 8.43 -16.86
N GLU A 2222 -78.95 8.95 -16.05
CA GLU A 2222 -79.88 9.99 -16.46
C GLU A 2222 -80.54 10.56 -15.21
N ILE A 2223 -80.83 11.85 -15.24
CA ILE A 2223 -81.41 12.55 -14.09
C ILE A 2223 -82.94 12.42 -14.17
N ARG A 2224 -83.50 11.59 -13.30
CA ARG A 2224 -84.93 11.39 -13.27
C ARG A 2224 -85.61 12.62 -12.66
N PHE A 2225 -86.87 12.86 -13.07
CA PHE A 2225 -87.73 14.01 -12.74
C PHE A 2225 -87.15 15.33 -13.21
N PRO A 2226 -86.96 15.56 -14.52
CA PRO A 2226 -86.44 16.87 -14.95
C PRO A 2226 -87.39 18.04 -14.75
N LYS A 2227 -88.71 17.78 -14.75
CA LYS A 2227 -89.68 18.86 -14.63
C LYS A 2227 -89.60 19.56 -13.29
N MET A 2228 -89.27 18.81 -12.23
CA MET A 2228 -89.16 19.43 -10.93
C MET A 2228 -87.84 20.19 -10.81
N VAL A 2229 -86.77 19.63 -11.39
CA VAL A 2229 -85.46 20.26 -11.31
C VAL A 2229 -85.47 21.62 -12.00
N THR A 2230 -86.12 21.71 -13.17
CA THR A 2230 -86.18 23.01 -13.83
C THR A 2230 -87.12 23.99 -13.14
N SER A 2231 -87.93 23.53 -12.19
CA SER A 2231 -88.79 24.41 -11.42
C SER A 2231 -88.08 24.91 -10.19
N CYS A 2232 -87.21 24.08 -9.62
CA CYS A 2232 -86.38 24.53 -8.52
C CYS A 2232 -85.37 25.54 -9.03
N CYS A 2233 -84.71 25.23 -10.15
CA CYS A 2233 -83.73 26.15 -10.73
C CYS A 2233 -84.38 27.47 -11.17
N ARG A 2234 -85.61 27.40 -11.74
CA ARG A 2234 -86.36 28.61 -12.05
C ARG A 2234 -86.67 29.43 -10.80
N PHE A 2235 -87.06 28.74 -9.71
CA PHE A 2235 -87.30 29.43 -8.44
C PHE A 2235 -86.03 30.07 -7.91
N LEU A 2236 -84.91 29.36 -7.97
CA LEU A 2236 -83.66 29.88 -7.46
C LEU A 2236 -83.22 31.11 -8.23
N CYS A 2237 -83.36 31.09 -9.56
CA CYS A 2237 -83.04 32.26 -10.37
C CYS A 2237 -83.93 33.45 -10.02
N TYR A 2238 -85.24 33.20 -9.83
CA TYR A 2238 -86.13 34.27 -9.38
C TYR A 2238 -85.77 34.73 -7.98
N PHE A 2239 -85.18 33.84 -7.16
CA PHE A 2239 -84.72 34.25 -5.83
C PHE A 2239 -83.51 35.16 -5.94
N CYS A 2240 -82.64 34.89 -6.93
CA CYS A 2240 -81.45 35.72 -7.11
C CYS A 2240 -81.84 37.10 -7.56
N ARG A 2241 -82.86 37.19 -8.41
CA ARG A 2241 -83.21 38.48 -8.98
C ARG A 2241 -83.93 39.43 -8.03
N ILE A 2242 -84.32 38.95 -6.84
CA ILE A 2242 -85.05 39.82 -5.91
C ILE A 2242 -84.16 40.92 -5.34
N SER A 2243 -82.96 40.57 -4.89
CA SER A 2243 -82.07 41.55 -4.29
C SER A 2243 -80.64 41.06 -4.34
N ARG A 2244 -79.71 41.98 -4.11
CA ARG A 2244 -78.29 41.64 -4.08
C ARG A 2244 -77.95 40.73 -2.91
N GLN A 2245 -78.55 40.98 -1.75
CA GLN A 2245 -78.29 40.15 -0.57
C GLN A 2245 -78.72 38.71 -0.81
N ASN A 2246 -79.87 38.51 -1.46
CA ASN A 2246 -80.26 37.18 -1.89
C ASN A 2246 -79.25 36.60 -2.87
N GLN A 2247 -78.79 37.44 -3.80
CA GLN A 2247 -77.77 37.04 -4.76
C GLN A 2247 -76.44 36.75 -4.06
N ARG A 2248 -76.05 37.60 -3.10
CA ARG A 2248 -74.80 37.39 -2.38
C ARG A 2248 -74.85 36.11 -1.56
N SER A 2249 -75.99 35.84 -0.91
CA SER A 2249 -76.15 34.61 -0.15
C SER A 2249 -76.09 33.39 -1.07
N MET A 2250 -76.71 33.50 -2.25
CA MET A 2250 -76.64 32.45 -3.25
C MET A 2250 -75.22 32.26 -3.79
N PHE A 2251 -74.38 33.30 -3.70
CA PHE A 2251 -73.04 33.20 -4.28
C PHE A 2251 -72.14 32.24 -3.52
N ASP A 2252 -72.33 32.13 -2.20
CA ASP A 2252 -71.49 31.27 -1.37
C ASP A 2252 -71.56 29.80 -1.77
N HIS A 2253 -72.65 29.36 -2.40
CA HIS A 2253 -72.81 28.00 -2.87
C HIS A 2253 -72.39 27.82 -4.33
N LEU A 2254 -71.53 28.70 -4.84
CA LEU A 2254 -71.10 28.61 -6.24
C LEU A 2254 -70.35 27.32 -6.53
N SER A 2255 -69.37 27.00 -5.69
CA SER A 2255 -68.62 25.75 -5.83
C SER A 2255 -69.52 24.54 -5.66
N TYR A 2256 -70.48 24.65 -4.74
CA TYR A 2256 -71.48 23.59 -4.54
C TYR A 2256 -72.31 23.37 -5.80
N LEU A 2257 -72.72 24.45 -6.48
CA LEU A 2257 -73.52 24.31 -7.69
C LEU A 2257 -72.69 23.76 -8.84
N LEU A 2258 -71.42 24.18 -8.92
CA LEU A 2258 -70.59 23.84 -10.08
C LEU A 2258 -70.35 22.34 -10.16
N GLU A 2259 -70.02 21.70 -9.04
CA GLU A 2259 -69.69 20.28 -9.12
C GLU A 2259 -70.93 19.43 -9.31
N ASN A 2260 -72.12 19.96 -9.01
CA ASN A 2260 -73.35 19.26 -9.32
C ASN A 2260 -73.90 19.60 -10.69
N SER A 2261 -73.28 20.55 -11.40
CA SER A 2261 -73.80 21.00 -12.68
C SER A 2261 -73.16 20.29 -13.85
N GLY A 2262 -72.35 19.27 -13.59
CA GLY A 2262 -71.62 18.59 -14.66
C GLY A 2262 -72.46 17.69 -15.54
N ILE A 2263 -73.67 17.35 -15.13
CA ILE A 2263 -74.49 16.38 -15.83
C ILE A 2263 -75.83 16.93 -16.30
N GLY A 2264 -76.35 17.98 -15.67
CA GLY A 2264 -77.71 18.44 -15.91
C GLY A 2264 -77.94 19.13 -17.24
N LEU A 2265 -76.88 19.42 -17.99
CA LEU A 2265 -77.00 20.20 -19.23
C LEU A 2265 -77.77 19.46 -20.33
N GLY A 2266 -77.90 18.14 -20.23
CA GLY A 2266 -78.79 17.43 -21.15
C GLY A 2266 -80.22 17.86 -20.95
N MET A 2267 -80.63 18.03 -19.69
CA MET A 2267 -81.93 18.56 -19.34
C MET A 2267 -82.04 19.99 -19.85
N GLN A 2268 -83.19 20.33 -20.45
CA GLN A 2268 -83.39 21.60 -21.13
CA GLN A 2268 -83.39 21.60 -21.13
C GLN A 2268 -84.27 22.54 -20.31
N GLY A 2269 -83.89 23.82 -20.30
CA GLY A 2269 -84.61 24.82 -19.54
C GLY A 2269 -83.74 25.56 -18.55
N SER A 2270 -84.08 25.45 -17.27
CA SER A 2270 -83.30 26.08 -16.21
C SER A 2270 -82.46 24.99 -15.55
N THR A 2271 -81.19 24.98 -15.83
CA THR A 2271 -80.23 23.99 -15.36
C THR A 2271 -79.63 24.44 -14.04
N PRO A 2272 -78.98 23.54 -13.27
CA PRO A 2272 -78.24 24.00 -12.08
C PRO A 2272 -77.12 24.97 -12.39
N LEU A 2273 -76.58 24.96 -13.61
CA LEU A 2273 -75.59 25.96 -13.99
C LEU A 2273 -76.24 27.34 -14.11
N ASP A 2274 -77.47 27.41 -14.62
CA ASP A 2274 -78.16 28.69 -14.79
C ASP A 2274 -78.37 29.39 -13.45
N VAL A 2275 -78.50 28.61 -12.37
CA VAL A 2275 -78.55 29.17 -11.02
C VAL A 2275 -77.24 29.88 -10.70
N ALA A 2276 -76.11 29.25 -11.04
CA ALA A 2276 -74.80 29.87 -10.83
C ALA A 2276 -74.65 31.13 -11.66
N ALA A 2277 -75.12 31.09 -12.91
CA ALA A 2277 -75.06 32.26 -13.78
C ALA A 2277 -75.89 33.42 -13.23
N ALA A 2278 -77.11 33.13 -12.76
CA ALA A 2278 -77.90 34.19 -12.16
C ALA A 2278 -77.40 34.57 -10.77
N SER A 2279 -76.54 33.74 -10.19
CA SER A 2279 -75.97 34.04 -8.89
C SER A 2279 -74.88 35.09 -8.98
N VAL A 2280 -74.33 35.33 -10.17
CA VAL A 2280 -73.21 36.25 -10.31
C VAL A 2280 -73.53 37.25 -11.42
N ILE A 2281 -74.77 37.24 -11.92
CA ILE A 2281 -75.12 38.09 -13.05
C ILE A 2281 -75.06 39.57 -12.64
N ASP A 2282 -74.32 40.35 -13.44
CA ASP A 2282 -74.27 41.83 -13.39
C ASP A 2282 -73.95 42.37 -12.01
N ASN A 2283 -72.97 41.77 -11.34
CA ASN A 2283 -72.55 42.27 -10.04
C ASN A 2283 -71.03 42.32 -10.00
N ASN A 2284 -70.51 43.49 -9.62
CA ASN A 2284 -69.09 43.76 -9.65
C ASN A 2284 -68.36 42.98 -8.57
N GLU A 2285 -68.73 43.21 -7.30
CA GLU A 2285 -67.98 42.62 -6.19
C GLU A 2285 -68.07 41.10 -6.20
N LEU A 2286 -69.19 40.55 -6.68
CA LEU A 2286 -69.31 39.10 -6.79
C LEU A 2286 -68.45 38.56 -7.92
N ALA A 2287 -68.42 39.27 -9.06
CA ALA A 2287 -67.58 38.84 -10.17
C ALA A 2287 -66.11 38.90 -9.79
N LEU A 2288 -65.72 39.94 -9.06
CA LEU A 2288 -64.35 40.05 -8.58
C LEU A 2288 -64.04 38.95 -7.57
N ALA A 2289 -64.96 38.68 -6.65
CA ALA A 2289 -64.75 37.67 -5.63
C ALA A 2289 -64.81 36.24 -6.15
N LEU A 2290 -65.22 36.04 -7.41
CA LEU A 2290 -65.31 34.71 -7.99
C LEU A 2290 -63.94 34.05 -8.01
N GLN A 2291 -63.80 32.93 -7.29
CA GLN A 2291 -62.52 32.26 -7.11
C GLN A 2291 -61.99 31.68 -8.42
N GLU A 2292 -60.65 31.63 -8.51
CA GLU A 2292 -59.97 31.09 -9.68
C GLU A 2292 -60.26 29.60 -9.86
N GLN A 2293 -60.32 28.85 -8.75
CA GLN A 2293 -60.56 27.41 -8.84
C GLN A 2293 -61.95 27.08 -9.38
N ASP A 2294 -62.92 27.99 -9.20
CA ASP A 2294 -64.23 27.79 -9.79
C ASP A 2294 -64.16 27.84 -11.31
N LEU A 2295 -63.37 28.78 -11.83
CA LEU A 2295 -63.10 28.81 -13.26
C LEU A 2295 -62.28 27.62 -13.70
N GLU A 2296 -61.42 27.10 -12.81
CA GLU A 2296 -60.65 25.89 -13.13
C GLU A 2296 -61.58 24.71 -13.33
N LYS A 2297 -62.60 24.62 -12.47
CA LYS A 2297 -63.58 23.54 -12.58
C LYS A 2297 -64.39 23.68 -13.87
N VAL A 2298 -64.74 24.92 -14.22
CA VAL A 2298 -65.55 25.15 -15.41
C VAL A 2298 -64.76 24.82 -16.67
N VAL A 2299 -63.51 25.28 -16.75
CA VAL A 2299 -62.69 25.02 -17.94
C VAL A 2299 -62.39 23.53 -18.07
N SER A 2300 -62.15 22.83 -16.95
CA SER A 2300 -61.97 21.38 -17.01
C SER A 2300 -63.21 20.66 -17.51
N TYR A 2301 -64.39 21.11 -17.07
CA TYR A 2301 -65.64 20.60 -17.61
C TYR A 2301 -65.77 20.90 -19.10
N LEU A 2302 -65.35 22.10 -19.51
CA LEU A 2302 -65.43 22.48 -20.92
C LEU A 2302 -64.50 21.61 -21.74
N ALA A 2303 -63.30 21.31 -21.19
CA ALA A 2303 -62.34 20.47 -21.88
C ALA A 2303 -62.91 19.08 -22.10
N GLY A 2304 -63.61 18.55 -21.07
CA GLY A 2304 -64.27 17.26 -21.25
C GLY A 2304 -65.35 17.31 -22.30
N CYS A 2305 -66.07 18.44 -22.39
CA CYS A 2305 -67.07 18.62 -23.42
C CYS A 2305 -66.45 18.64 -24.81
N GLY A 2306 -65.28 19.27 -24.92
CA GLY A 2306 -64.58 19.34 -26.18
C GLY A 2306 -63.68 18.16 -26.46
N LEU A 2307 -63.71 17.15 -25.61
CA LEU A 2307 -62.83 16.00 -25.79
C LEU A 2307 -63.59 14.67 -25.87
N GLN A 2308 -64.78 14.57 -25.26
CA GLN A 2308 -65.55 13.33 -25.30
C GLN A 2308 -66.93 13.60 -25.84
N SER A 2309 -67.52 12.58 -26.45
CA SER A 2309 -68.90 12.66 -26.92
C SER A 2309 -69.89 12.56 -25.77
N CYS A 2310 -71.06 13.14 -25.98
CA CYS A 2310 -72.11 13.11 -24.97
C CYS A 2310 -72.85 11.77 -25.03
N PRO A 2311 -72.82 10.96 -23.97
CA PRO A 2311 -73.52 9.66 -24.00
C PRO A 2311 -75.02 9.78 -24.19
N MET A 2312 -75.62 10.85 -23.64
CA MET A 2312 -77.04 11.09 -23.81
C MET A 2312 -77.36 11.35 -25.27
N LEU A 2313 -76.47 12.09 -25.96
CA LEU A 2313 -76.69 12.30 -27.39
C LEU A 2313 -76.44 11.01 -28.15
N LEU A 2314 -75.51 10.17 -27.67
CA LEU A 2314 -75.18 8.93 -28.38
C LEU A 2314 -76.36 7.97 -28.38
N ALA A 2315 -77.03 7.84 -27.24
CA ALA A 2315 -78.09 6.84 -27.09
C ALA A 2315 -79.32 7.13 -27.95
N LYS A 2316 -79.52 8.37 -28.39
CA LYS A 2316 -80.67 8.74 -29.21
C LYS A 2316 -80.42 8.56 -30.70
N GLY A 2317 -79.43 7.76 -31.09
CA GLY A 2317 -79.16 7.49 -32.49
C GLY A 2317 -78.49 8.61 -33.25
N TYR A 2318 -77.89 9.56 -32.57
CA TYR A 2318 -77.18 10.66 -33.21
C TYR A 2318 -75.86 10.18 -33.78
N PRO A 2319 -75.45 10.68 -34.95
CA PRO A 2319 -74.10 10.37 -35.46
C PRO A 2319 -73.05 10.89 -34.51
N ASP A 2320 -71.97 10.14 -34.38
CA ASP A 2320 -70.98 10.39 -33.34
C ASP A 2320 -69.91 11.37 -33.80
N ILE A 2321 -69.65 12.37 -32.96
CA ILE A 2321 -68.50 13.24 -33.10
C ILE A 2321 -67.77 13.22 -31.78
N GLY A 2322 -66.47 13.47 -31.81
CA GLY A 2322 -65.64 13.28 -30.63
C GLY A 2322 -65.70 14.36 -29.56
N TRP A 2323 -66.78 15.14 -29.52
CA TRP A 2323 -66.91 16.23 -28.57
C TRP A 2323 -68.37 16.64 -28.45
N ASN A 2324 -68.67 17.37 -27.36
CA ASN A 2324 -70.05 17.74 -27.03
C ASN A 2324 -70.23 19.24 -27.26
N PRO A 2325 -70.89 19.64 -28.35
CA PRO A 2325 -71.08 21.07 -28.60
C PRO A 2325 -72.08 21.73 -27.66
N CYS A 2326 -73.22 21.09 -27.40
CA CYS A 2326 -74.25 21.72 -26.56
C CYS A 2326 -73.75 21.92 -25.14
N GLY A 2327 -73.06 20.91 -24.59
CA GLY A 2327 -72.50 21.05 -23.25
C GLY A 2327 -71.41 22.10 -23.22
N GLY A 2328 -70.62 22.18 -24.30
CA GLY A 2328 -69.57 23.17 -24.36
C GLY A 2328 -70.16 24.57 -24.39
N GLU A 2329 -71.25 24.75 -25.15
CA GLU A 2329 -71.92 26.03 -25.26
C GLU A 2329 -72.48 26.47 -23.91
N ARG A 2330 -73.12 25.53 -23.20
CA ARG A 2330 -73.71 25.84 -21.91
C ARG A 2330 -72.66 26.21 -20.88
N TYR A 2331 -71.44 25.68 -21.00
CA TYR A 2331 -70.36 26.19 -20.14
C TYR A 2331 -69.84 27.54 -20.61
N LEU A 2332 -69.83 27.76 -21.93
CA LEU A 2332 -69.28 28.98 -22.50
C LEU A 2332 -70.13 30.19 -22.14
N ASP A 2333 -71.46 30.08 -22.29
CA ASP A 2333 -72.31 31.24 -21.99
C ASP A 2333 -72.26 31.62 -20.51
N PHE A 2334 -71.95 30.65 -19.64
CA PHE A 2334 -71.73 30.97 -18.23
C PHE A 2334 -70.45 31.76 -18.08
N LEU A 2335 -69.37 31.32 -18.73
CA LEU A 2335 -68.14 32.10 -18.69
C LEU A 2335 -68.33 33.50 -19.29
N ARG A 2336 -69.19 33.60 -20.31
CA ARG A 2336 -69.59 34.88 -20.87
C ARG A 2336 -70.24 35.74 -19.80
N PHE A 2337 -71.01 35.13 -18.91
CA PHE A 2337 -71.66 35.93 -17.88
C PHE A 2337 -70.66 36.29 -16.79
N ALA A 2338 -69.62 35.47 -16.64
CA ALA A 2338 -68.65 35.66 -15.58
C ALA A 2338 -67.65 36.77 -15.89
N VAL A 2339 -67.31 36.98 -17.17
CA VAL A 2339 -66.24 37.91 -17.50
C VAL A 2339 -66.76 39.22 -18.08
N PHE A 2340 -68.07 39.46 -18.03
CA PHE A 2340 -68.64 40.68 -18.62
C PHE A 2340 -69.77 41.19 -17.74
N VAL A 2341 -69.48 42.23 -16.96
CA VAL A 2341 -70.42 42.80 -16.01
C VAL A 2341 -70.70 44.25 -16.39
N ASN A 2342 -71.99 44.57 -16.59
CA ASN A 2342 -72.49 45.92 -16.86
C ASN A 2342 -71.90 46.52 -18.14
N GLY A 2343 -71.54 45.69 -19.10
CA GLY A 2343 -70.97 46.17 -20.34
C GLY A 2343 -69.48 46.42 -20.33
N GLU A 2344 -68.82 46.28 -19.19
CA GLU A 2344 -67.38 46.49 -19.09
C GLU A 2344 -66.72 45.19 -18.65
N SER A 2345 -65.73 44.75 -19.42
CA SER A 2345 -65.03 43.50 -19.14
C SER A 2345 -64.29 43.56 -17.81
N VAL A 2346 -64.33 42.45 -17.08
CA VAL A 2346 -63.58 42.32 -15.83
C VAL A 2346 -62.20 41.78 -16.21
N GLU A 2347 -61.17 42.62 -16.02
CA GLU A 2347 -59.85 42.31 -16.54
C GLU A 2347 -59.24 41.07 -15.88
N GLU A 2348 -59.39 40.96 -14.56
CA GLU A 2348 -58.79 39.84 -13.83
C GLU A 2348 -59.38 38.50 -14.26
N ASN A 2349 -60.71 38.46 -14.42
CA ASN A 2349 -61.33 37.22 -14.81
C ASN A 2349 -61.11 36.94 -16.29
N ALA A 2350 -60.98 38.00 -17.09
CA ALA A 2350 -60.73 37.83 -18.52
C ALA A 2350 -59.37 37.19 -18.72
N ASN A 2351 -58.36 37.70 -18.00
CA ASN A 2351 -57.00 37.20 -18.13
C ASN A 2351 -56.91 35.77 -17.59
N VAL A 2352 -57.60 35.48 -16.48
CA VAL A 2352 -57.56 34.13 -15.93
C VAL A 2352 -58.19 33.14 -16.91
N VAL A 2353 -59.33 33.53 -17.52
CA VAL A 2353 -60.05 32.65 -18.43
C VAL A 2353 -59.21 32.37 -19.67
N VAL A 2354 -58.63 33.42 -20.27
CA VAL A 2354 -57.85 33.20 -21.48
C VAL A 2354 -56.56 32.44 -21.18
N ARG A 2355 -55.98 32.62 -19.99
CA ARG A 2355 -54.80 31.84 -19.62
C ARG A 2355 -55.15 30.36 -19.43
N LEU A 2356 -56.33 30.08 -18.89
CA LEU A 2356 -56.75 28.69 -18.76
C LEU A 2356 -57.02 28.09 -20.12
N LEU A 2357 -57.66 28.85 -21.00
CA LEU A 2357 -58.00 28.35 -22.32
C LEU A 2357 -56.75 28.05 -23.12
N ILE A 2358 -55.75 28.94 -23.07
CA ILE A 2358 -54.54 28.66 -23.83
C ILE A 2358 -53.79 27.48 -23.21
N ARG A 2359 -53.81 27.33 -21.87
CA ARG A 2359 -53.16 26.20 -21.24
C ARG A 2359 -53.84 24.87 -21.56
N LYS A 2360 -55.11 24.90 -21.95
CA LYS A 2360 -55.83 23.67 -22.33
C LYS A 2360 -56.45 23.87 -23.70
N PRO A 2361 -55.69 23.61 -24.77
CA PRO A 2361 -56.18 23.88 -26.14
C PRO A 2361 -57.40 23.07 -26.56
N GLU A 2362 -57.67 21.94 -25.92
CA GLU A 2362 -58.84 21.14 -26.29
C GLU A 2362 -60.16 21.84 -25.98
N CYS A 2363 -60.14 22.87 -25.12
CA CYS A 2363 -61.33 23.66 -24.84
C CYS A 2363 -61.84 24.39 -26.08
N PHE A 2364 -60.93 24.70 -27.03
CA PHE A 2364 -61.36 25.35 -28.26
C PHE A 2364 -62.07 24.40 -29.20
N GLY A 2365 -61.91 23.10 -29.03
CA GLY A 2365 -62.62 22.14 -29.85
C GLY A 2365 -61.70 21.38 -30.78
N PRO A 2366 -62.28 20.65 -31.74
CA PRO A 2366 -61.46 19.95 -32.73
C PRO A 2366 -60.72 20.90 -33.65
N ALA A 2367 -61.40 21.93 -34.15
CA ALA A 2367 -60.71 23.03 -34.82
C ALA A 2367 -59.95 23.84 -33.78
N LEU A 2368 -59.06 24.71 -34.29
CA LEU A 2368 -58.16 25.56 -33.49
C LEU A 2368 -57.23 24.73 -32.61
N ARG A 2369 -56.97 23.48 -33.01
CA ARG A 2369 -56.09 22.61 -32.27
CA ARG A 2369 -56.09 22.59 -32.26
C ARG A 2369 -54.66 22.65 -32.75
N GLY A 2370 -54.42 23.18 -33.94
CA GLY A 2370 -53.09 23.22 -34.51
C GLY A 2370 -52.89 22.03 -35.44
N GLU A 2371 -52.05 21.08 -35.01
CA GLU A 2371 -51.74 19.91 -35.83
C GLU A 2371 -52.99 19.07 -36.09
N GLY A 2372 -53.18 18.72 -37.36
CA GLY A 2372 -54.31 17.91 -37.79
C GLY A 2372 -55.67 18.55 -37.69
N GLY A 2373 -55.75 19.85 -37.42
CA GLY A 2373 -57.03 20.54 -37.28
C GLY A 2373 -57.17 21.61 -38.34
N SER A 2374 -58.38 21.75 -38.87
CA SER A 2374 -58.64 22.76 -39.87
C SER A 2374 -58.83 24.12 -39.20
N GLY A 2375 -59.11 25.14 -40.01
CA GLY A 2375 -59.35 26.45 -39.48
C GLY A 2375 -60.76 26.60 -38.93
N LEU A 2376 -60.96 27.73 -38.24
CA LEU A 2376 -62.27 28.05 -37.68
C LEU A 2376 -63.29 28.22 -38.79
N LEU A 2377 -62.87 28.88 -39.88
CA LEU A 2377 -63.73 29.02 -41.06
C LEU A 2377 -64.08 27.67 -41.64
N ALA A 2378 -63.07 26.81 -41.84
CA ALA A 2378 -63.34 25.48 -42.40
C ALA A 2378 -64.28 24.68 -41.51
N ALA A 2379 -64.24 24.94 -40.19
CA ALA A 2379 -65.18 24.32 -39.27
C ALA A 2379 -66.57 24.90 -39.45
N ILE A 2380 -66.65 26.12 -39.97
CA ILE A 2380 -67.95 26.76 -40.11
C ILE A 2380 -68.63 26.28 -41.37
N GLU A 2381 -67.94 26.37 -42.53
CA GLU A 2381 -68.56 25.82 -43.76
C GLU A 2381 -68.82 24.32 -43.66
N GLU A 2382 -67.96 23.58 -42.93
CA GLU A 2382 -68.24 22.18 -42.64
C GLU A 2382 -69.52 22.02 -41.83
N ALA A 2383 -69.72 22.87 -40.83
CA ALA A 2383 -70.93 22.78 -40.02
C ALA A 2383 -72.16 23.23 -40.79
N ILE A 2384 -72.00 24.24 -41.66
CA ILE A 2384 -73.11 24.74 -42.47
C ILE A 2384 -73.60 23.65 -43.42
N ARG A 2385 -72.66 22.95 -44.07
CA ARG A 2385 -73.02 21.83 -44.93
C ARG A 2385 -73.67 20.69 -44.15
N ILE A 2386 -73.15 20.39 -42.94
CA ILE A 2386 -73.79 19.40 -42.08
C ILE A 2386 -75.20 19.83 -41.69
N SER A 2387 -75.37 21.12 -41.39
CA SER A 2387 -76.66 21.65 -41.00
C SER A 2387 -77.69 21.55 -42.12
N GLU A 2388 -77.28 21.87 -43.35
CA GLU A 2388 -78.19 21.80 -44.48
C GLU A 2388 -78.34 20.40 -45.05
N ASP A 2389 -77.46 19.47 -44.70
CA ASP A 2389 -77.53 18.11 -45.19
C ASP A 2389 -78.07 17.21 -44.10
N PRO A 2390 -79.29 16.66 -44.21
CA PRO A 2390 -79.75 15.70 -43.19
C PRO A 2390 -78.99 14.38 -43.20
N ALA A 2391 -79.38 13.44 -42.33
CA ALA A 2391 -78.76 12.15 -42.02
C ALA A 2391 -77.41 12.29 -41.30
N ARG A 2392 -76.92 13.52 -41.10
CA ARG A 2392 -75.79 13.83 -40.25
C ARG A 2392 -76.08 14.92 -39.24
N ASP A 2393 -77.05 15.79 -39.50
CA ASP A 2393 -77.46 16.79 -38.51
C ASP A 2393 -78.11 16.14 -37.30
N GLY A 2394 -78.66 14.94 -37.46
CA GLY A 2394 -79.27 14.21 -36.38
C GLY A 2394 -79.66 12.82 -36.83
N PRO A 2395 -80.33 12.04 -35.97
CA PRO A 2395 -80.80 10.71 -36.37
C PRO A 2395 -81.78 10.73 -37.54
N GLY A 2396 -82.64 11.74 -37.59
CA GLY A 2396 -83.61 11.89 -38.67
C GLY A 2396 -84.60 10.77 -38.81
N VAL A 2397 -85.11 10.26 -37.70
CA VAL A 2397 -86.06 9.16 -37.72
C VAL A 2397 -87.26 9.47 -36.84
N PRO A 2410 -89.53 21.27 -33.43
CA PRO A 2410 -88.61 20.12 -33.52
C PRO A 2410 -89.34 18.79 -33.40
N PRO A 2411 -88.83 17.75 -34.08
CA PRO A 2411 -89.46 16.42 -34.00
C PRO A 2411 -89.56 15.85 -32.59
N GLU A 2412 -88.54 16.07 -31.76
CA GLU A 2412 -88.57 15.66 -30.37
C GLU A 2412 -88.92 16.81 -29.44
N GLU A 2413 -89.34 17.96 -30.00
CA GLU A 2413 -89.70 19.26 -29.45
C GLU A 2413 -88.59 19.93 -28.63
N ASN A 2414 -87.44 19.27 -28.52
CA ASN A 2414 -86.19 19.80 -27.96
C ASN A 2414 -85.00 19.26 -28.75
N ARG A 2415 -85.23 18.95 -30.03
CA ARG A 2415 -84.32 18.14 -30.84
C ARG A 2415 -82.96 18.82 -30.99
N VAL A 2416 -81.91 18.05 -30.75
CA VAL A 2416 -80.55 18.55 -30.91
C VAL A 2416 -80.17 18.45 -32.38
N HIS A 2417 -79.51 19.47 -32.89
CA HIS A 2417 -79.04 19.52 -34.27
C HIS A 2417 -77.55 19.78 -34.21
N LEU A 2418 -76.75 18.78 -34.63
CA LEU A 2418 -75.29 18.91 -34.57
C LEU A 2418 -74.77 20.04 -35.45
N GLY A 2419 -75.43 20.27 -36.58
CA GLY A 2419 -75.10 21.40 -37.45
C GLY A 2419 -75.24 22.73 -36.74
N HIS A 2420 -76.34 22.93 -36.04
CA HIS A 2420 -76.54 24.19 -35.34
C HIS A 2420 -75.69 24.26 -34.08
N ALA A 2421 -75.47 23.11 -33.45
CA ALA A 2421 -74.73 23.00 -32.19
C ALA A 2421 -73.29 23.43 -32.38
N ILE A 2422 -72.65 23.01 -33.48
CA ILE A 2422 -71.23 23.31 -33.69
C ILE A 2422 -71.03 24.81 -33.90
N MET A 2423 -71.87 25.41 -34.75
CA MET A 2423 -71.79 26.85 -35.00
C MET A 2423 -72.10 27.66 -33.76
N SER A 2424 -73.13 27.26 -33.00
CA SER A 2424 -73.45 28.01 -31.80
C SER A 2424 -72.36 27.87 -30.74
N PHE A 2425 -71.68 26.71 -30.70
CA PHE A 2425 -70.57 26.54 -29.78
C PHE A 2425 -69.44 27.49 -30.15
N TYR A 2426 -69.11 27.56 -31.45
CA TYR A 2426 -68.02 28.45 -31.86
C TYR A 2426 -68.40 29.91 -31.70
N ALA A 2427 -69.68 30.24 -31.92
CA ALA A 2427 -70.17 31.59 -31.67
C ALA A 2427 -70.02 31.99 -30.21
N ALA A 2428 -70.37 31.08 -29.30
CA ALA A 2428 -70.18 31.35 -27.88
C ALA A 2428 -68.70 31.47 -27.51
N LEU A 2429 -67.84 30.64 -28.12
CA LEU A 2429 -66.40 30.71 -27.88
C LEU A 2429 -65.82 32.04 -28.33
N ILE A 2430 -66.23 32.50 -29.51
CA ILE A 2430 -65.77 33.77 -30.04
C ILE A 2430 -66.30 34.92 -29.20
N ASP A 2431 -67.60 34.88 -28.85
CA ASP A 2431 -68.20 35.93 -28.05
C ASP A 2431 -67.57 36.03 -26.66
N LEU A 2432 -67.20 34.88 -26.07
CA LEU A 2432 -66.46 34.87 -24.82
C LEU A 2432 -65.09 35.51 -24.97
N LEU A 2433 -64.36 35.18 -26.05
CA LEU A 2433 -63.06 35.81 -26.27
C LEU A 2433 -63.21 37.31 -26.52
N GLY A 2434 -64.28 37.70 -27.23
CA GLY A 2434 -64.54 39.10 -27.49
C GLY A 2434 -64.78 39.86 -26.21
N ARG A 2435 -65.55 39.27 -25.29
CA ARG A 2435 -65.77 39.96 -24.04
C ARG A 2435 -64.60 39.79 -23.08
N CYS A 2436 -63.67 38.88 -23.38
CA CYS A 2436 -62.43 38.77 -22.64
C CYS A 2436 -61.39 39.78 -23.11
N ALA A 2437 -61.62 40.41 -24.26
CA ALA A 2437 -60.67 41.38 -24.79
C ALA A 2437 -60.60 42.61 -23.88
N PRO A 2438 -59.40 43.18 -23.68
CA PRO A 2438 -59.27 44.33 -22.78
C PRO A 2438 -59.99 45.56 -23.29
N GLU A 2439 -60.39 46.42 -22.34
CA GLU A 2439 -61.04 47.68 -22.67
C GLU A 2439 -60.09 48.58 -23.46
N MET A 2440 -60.68 49.46 -24.27
CA MET A 2440 -59.91 50.33 -25.15
C MET A 2440 -58.99 51.28 -24.38
N HIS A 2441 -59.42 51.74 -23.18
CA HIS A 2441 -58.62 52.70 -22.43
C HIS A 2441 -57.35 52.07 -21.89
N LEU A 2442 -57.35 50.76 -21.65
CA LEU A 2442 -56.13 50.07 -21.25
C LEU A 2442 -55.13 50.07 -22.40
N ILE A 2443 -55.63 49.90 -23.64
CA ILE A 2443 -54.76 49.92 -24.80
C ILE A 2443 -54.21 51.32 -25.01
N GLN A 2444 -55.05 52.35 -24.81
CA GLN A 2444 -54.57 53.73 -24.94
C GLN A 2444 -53.51 54.02 -23.89
N ALA A 2445 -53.71 53.54 -22.65
CA ALA A 2445 -52.69 53.63 -21.63
C ALA A 2445 -51.49 52.75 -21.92
N GLY A 2446 -51.59 51.83 -22.88
CA GLY A 2446 -50.48 50.98 -23.27
C GLY A 2446 -50.01 49.99 -22.23
N LYS A 2447 -50.94 49.40 -21.47
CA LYS A 2447 -50.55 48.41 -20.47
C LYS A 2447 -50.02 47.15 -21.14
N GLY A 2448 -48.99 46.57 -20.50
CA GLY A 2448 -48.29 45.43 -21.07
C GLY A 2448 -49.18 44.20 -21.16
N GLU A 2449 -49.92 43.92 -20.09
CA GLU A 2449 -50.75 42.72 -20.07
C GLU A 2449 -51.89 42.84 -21.07
N ALA A 2450 -52.47 44.05 -21.18
CA ALA A 2450 -53.57 44.27 -22.13
C ALA A 2450 -53.09 44.06 -23.56
N LEU A 2451 -51.90 44.57 -23.89
CA LEU A 2451 -51.34 44.35 -25.22
C LEU A 2451 -51.05 42.88 -25.46
N ARG A 2452 -50.47 42.21 -24.46
CA ARG A 2452 -50.11 40.80 -24.62
C ARG A 2452 -51.34 39.93 -24.83
N ILE A 2453 -52.40 40.19 -24.04
CA ILE A 2453 -53.63 39.41 -24.15
C ILE A 2453 -54.30 39.65 -25.50
N ARG A 2454 -54.38 40.91 -25.94
CA ARG A 2454 -54.95 41.18 -27.26
C ARG A 2454 -54.09 40.59 -28.38
N ALA A 2455 -52.78 40.48 -28.15
CA ALA A 2455 -51.90 39.83 -29.12
C ALA A 2455 -52.20 38.35 -29.21
N ILE A 2456 -52.52 37.75 -28.06
CA ILE A 2456 -52.88 36.34 -28.02
C ILE A 2456 -54.16 36.11 -28.79
N LEU A 2457 -55.18 36.94 -28.50
CA LEU A 2457 -56.48 36.78 -29.16
C LEU A 2457 -56.37 36.96 -30.66
N ARG A 2458 -55.48 37.88 -31.10
CA ARG A 2458 -55.23 38.06 -32.52
C ARG A 2458 -54.58 36.83 -33.13
N SER A 2459 -53.61 36.24 -32.42
CA SER A 2459 -52.97 35.03 -32.93
C SER A 2459 -53.94 33.86 -32.98
N LEU A 2460 -54.77 33.70 -31.95
CA LEU A 2460 -55.73 32.60 -31.90
C LEU A 2460 -56.78 32.71 -33.00
N VAL A 2461 -57.35 33.89 -33.19
CA VAL A 2461 -58.40 34.10 -34.17
C VAL A 2461 -57.93 35.13 -35.19
N PRO A 2462 -57.51 34.70 -36.38
CA PRO A 2462 -57.10 35.66 -37.41
C PRO A 2462 -58.28 36.47 -37.94
N LEU A 2463 -57.95 37.71 -38.36
CA LEU A 2463 -58.96 38.69 -38.76
C LEU A 2463 -59.71 38.26 -40.03
N ASP A 2464 -58.99 37.69 -41.00
CA ASP A 2464 -59.58 37.38 -42.32
C ASP A 2464 -60.71 36.35 -42.22
N ASP A 2465 -60.52 35.33 -41.37
CA ASP A 2465 -61.55 34.31 -41.23
C ASP A 2465 -62.79 34.90 -40.57
N LEU A 2466 -62.59 35.89 -39.70
CA LEU A 2466 -63.71 36.60 -39.08
C LEU A 2466 -64.50 37.33 -40.15
N VAL A 2467 -63.79 38.02 -41.06
CA VAL A 2467 -64.50 38.81 -42.07
C VAL A 2467 -65.24 37.88 -43.02
N GLY A 2468 -64.65 36.72 -43.33
CA GLY A 2468 -65.31 35.76 -44.20
C GLY A 2468 -66.60 35.23 -43.61
N ILE A 2469 -66.58 34.90 -42.31
CA ILE A 2469 -67.78 34.40 -41.65
C ILE A 2469 -68.85 35.49 -41.56
N ILE A 2470 -68.44 36.75 -41.35
CA ILE A 2470 -69.39 37.86 -41.44
C ILE A 2470 -69.95 37.94 -42.86
N SER A 2471 -69.11 37.66 -43.85
CA SER A 2471 -69.48 37.72 -45.25
C SER A 2471 -70.36 36.56 -45.70
N LEU A 2472 -70.51 35.54 -44.85
CA LEU A 2472 -71.24 34.34 -45.25
C LEU A 2472 -72.72 34.64 -45.47
N PRO A 2473 -73.36 33.98 -46.43
CA PRO A 2473 -74.79 34.23 -46.68
C PRO A 2473 -75.68 33.61 -45.62
N LEU A 2474 -76.90 34.14 -45.57
CA LEU A 2474 -77.94 33.70 -44.64
C LEU A 2474 -79.18 33.29 -45.43
N GLN A 2475 -79.76 32.16 -45.07
CA GLN A 2475 -80.99 31.68 -45.68
C GLN A 2475 -82.13 32.64 -45.35
N ILE A 2476 -82.64 33.32 -46.38
CA ILE A 2476 -83.67 34.35 -46.21
C ILE A 2476 -85.02 33.74 -46.55
N PRO A 2477 -86.07 33.98 -45.76
CA PRO A 2477 -87.40 33.48 -46.10
C PRO A 2477 -87.89 34.03 -47.43
N THR A 2478 -88.55 33.17 -48.21
CA THR A 2478 -89.02 33.53 -49.54
C THR A 2478 -90.54 33.51 -49.59
N LEU A 2479 -91.10 34.49 -50.28
CA LEU A 2479 -92.53 34.60 -50.47
C LEU A 2479 -92.95 33.87 -51.74
N GLY A 2480 -94.07 33.17 -51.66
CA GLY A 2480 -94.57 32.44 -52.81
C GLY A 2480 -95.47 31.30 -52.34
N LYS A 2481 -95.74 30.40 -53.28
CA LYS A 2481 -96.59 29.22 -53.10
C LYS A 2481 -97.96 29.60 -52.52
N ASP A 2482 -98.64 30.48 -53.28
CA ASP A 2482 -99.98 30.99 -52.96
C ASP A 2482 -100.00 31.68 -51.59
N GLY A 2483 -98.99 32.51 -51.33
CA GLY A 2483 -98.93 33.28 -50.10
C GLY A 2483 -98.33 32.57 -48.92
N ALA A 2484 -97.72 31.40 -49.11
CA ALA A 2484 -97.13 30.66 -48.00
C ALA A 2484 -95.76 31.26 -47.68
N LEU A 2485 -95.64 31.90 -46.52
CA LEU A 2485 -94.40 32.51 -46.10
C LEU A 2485 -93.47 31.41 -45.59
N VAL A 2486 -92.65 30.88 -46.49
CA VAL A 2486 -91.74 29.79 -46.16
C VAL A 2486 -90.56 30.35 -45.40
N GLN A 2487 -90.28 29.77 -44.23
CA GLN A 2487 -89.21 30.23 -43.36
C GLN A 2487 -88.27 29.08 -43.04
N PRO A 2488 -87.00 29.36 -42.75
CA PRO A 2488 -86.08 28.28 -42.42
C PRO A 2488 -86.28 27.78 -41.00
N LYS A 2489 -85.61 26.69 -40.68
CA LYS A 2489 -85.55 26.15 -39.33
C LYS A 2489 -84.34 26.75 -38.64
N MET A 2490 -84.55 27.88 -37.96
CA MET A 2490 -83.50 28.59 -37.24
C MET A 2490 -82.92 27.80 -36.06
N SER A 2491 -83.59 26.72 -35.64
CA SER A 2491 -83.02 25.84 -34.63
C SER A 2491 -82.01 24.87 -35.22
N ALA A 2492 -81.86 24.84 -36.55
CA ALA A 2492 -80.94 23.93 -37.21
C ALA A 2492 -80.21 24.59 -38.37
N SER A 2493 -79.95 25.90 -38.29
CA SER A 2493 -79.36 26.60 -39.42
C SER A 2493 -78.55 27.79 -38.91
N PHE A 2494 -77.91 28.48 -39.85
CA PHE A 2494 -77.08 29.64 -39.54
C PHE A 2494 -77.99 30.79 -39.10
N VAL A 2495 -77.65 31.41 -37.99
CA VAL A 2495 -78.52 32.44 -37.40
C VAL A 2495 -77.72 33.73 -37.32
N PRO A 2496 -78.41 34.89 -37.29
CA PRO A 2496 -77.72 36.17 -37.12
C PRO A 2496 -76.90 36.30 -35.83
N ASP A 2497 -77.28 35.62 -34.76
CA ASP A 2497 -76.54 35.72 -33.50
C ASP A 2497 -75.13 35.15 -33.59
N HIS A 2498 -74.87 34.22 -34.52
CA HIS A 2498 -73.52 33.76 -34.76
C HIS A 2498 -72.67 34.87 -35.39
N LYS A 2499 -73.31 35.68 -36.22
CA LYS A 2499 -72.59 36.80 -36.81
C LYS A 2499 -72.40 37.90 -35.78
N ALA A 2500 -73.41 38.14 -34.94
CA ALA A 2500 -73.27 39.16 -33.89
C ALA A 2500 -72.15 38.81 -32.93
N SER A 2501 -71.94 37.51 -32.71
CA SER A 2501 -70.80 37.05 -31.92
C SER A 2501 -69.49 37.27 -32.66
N MET A 2502 -69.51 37.19 -34.00
CA MET A 2502 -68.25 37.41 -34.71
C MET A 2502 -67.92 38.90 -34.76
N VAL A 2503 -68.96 39.72 -34.96
CA VAL A 2503 -68.81 41.17 -35.07
C VAL A 2503 -68.28 41.75 -33.76
N LEU A 2504 -68.72 41.21 -32.62
CA LEU A 2504 -68.27 41.72 -31.33
C LEU A 2504 -66.76 41.54 -31.18
N PHE A 2505 -66.26 40.35 -31.56
CA PHE A 2505 -64.84 40.05 -31.46
C PHE A 2505 -64.03 40.95 -32.37
N LEU A 2506 -64.53 41.19 -33.59
CA LEU A 2506 -63.86 42.13 -34.48
C LEU A 2506 -63.85 43.54 -33.91
N ASP A 2507 -64.95 43.96 -33.29
CA ASP A 2507 -65.07 45.29 -32.71
C ASP A 2507 -64.08 45.48 -31.56
N ARG A 2508 -63.95 44.47 -30.71
CA ARG A 2508 -63.19 44.63 -29.48
C ARG A 2508 -61.72 44.25 -29.59
N VAL A 2509 -61.36 43.34 -30.50
CA VAL A 2509 -59.96 42.90 -30.59
C VAL A 2509 -59.25 43.70 -31.67
N TYR A 2510 -59.72 43.56 -32.91
CA TYR A 2510 -59.07 44.23 -34.03
C TYR A 2510 -59.55 45.68 -34.15
N GLY A 2511 -60.85 45.87 -34.10
CA GLY A 2511 -61.44 47.19 -34.25
C GLY A 2511 -61.37 47.63 -35.70
N ILE A 2512 -61.78 48.88 -35.91
CA ILE A 2512 -61.75 49.50 -37.22
C ILE A 2512 -60.95 50.79 -37.13
N GLU A 2513 -59.86 50.87 -37.89
CA GLU A 2513 -58.97 52.02 -37.81
C GLU A 2513 -58.90 52.81 -39.11
N ASN A 2514 -58.94 52.12 -40.26
CA ASN A 2514 -58.79 52.76 -41.55
C ASN A 2514 -60.00 52.52 -42.46
N GLN A 2515 -60.18 53.49 -43.37
CA GLN A 2515 -61.39 53.56 -44.19
C GLN A 2515 -61.49 52.40 -45.15
N ASP A 2516 -60.39 52.02 -45.82
CA ASP A 2516 -60.46 51.02 -46.88
C ASP A 2516 -60.90 49.66 -46.33
N PHE A 2517 -60.33 49.26 -45.19
CA PHE A 2517 -60.75 48.02 -44.54
C PHE A 2517 -62.16 48.14 -44.00
N LEU A 2518 -62.56 49.32 -43.52
CA LEU A 2518 -63.94 49.52 -43.08
C LEU A 2518 -64.93 49.29 -44.20
N LEU A 2519 -64.66 49.85 -45.38
CA LEU A 2519 -65.54 49.64 -46.53
C LEU A 2519 -65.45 48.20 -47.03
N HIS A 2520 -64.28 47.58 -46.86
CA HIS A 2520 -64.13 46.20 -47.31
C HIS A 2520 -64.92 45.27 -46.41
N VAL A 2521 -65.02 45.57 -45.12
CA VAL A 2521 -65.86 44.76 -44.25
C VAL A 2521 -67.32 44.97 -44.61
N LEU A 2522 -67.68 46.22 -44.95
CA LEU A 2522 -69.06 46.57 -45.27
C LEU A 2522 -69.58 45.83 -46.50
N ASP A 2523 -68.95 46.05 -47.66
CA ASP A 2523 -69.52 45.59 -48.93
C ASP A 2523 -69.64 44.07 -49.09
N VAL A 2524 -68.96 43.29 -48.25
CA VAL A 2524 -69.05 41.83 -48.29
C VAL A 2524 -69.79 41.27 -47.07
N GLY A 2525 -69.63 41.90 -45.89
CA GLY A 2525 -70.16 41.36 -44.67
C GLY A 2525 -71.42 42.02 -44.13
N PHE A 2526 -71.50 43.35 -44.20
CA PHE A 2526 -72.64 44.07 -43.64
C PHE A 2526 -73.66 44.45 -44.71
N LEU A 2527 -73.20 45.08 -45.80
CA LEU A 2527 -74.11 45.59 -46.84
C LEU A 2527 -75.09 44.55 -47.38
N PRO A 2528 -74.72 43.27 -47.65
CA PRO A 2528 -75.77 42.28 -47.95
C PRO A 2528 -76.77 42.12 -46.82
N ASP A 2529 -76.33 42.27 -45.56
CA ASP A 2529 -77.24 42.04 -44.44
C ASP A 2529 -78.28 43.16 -44.36
N MET A 2530 -77.84 44.42 -44.53
CA MET A 2530 -78.81 45.52 -44.54
C MET A 2530 -79.78 45.42 -45.73
N ARG A 2531 -79.28 45.05 -46.92
CA ARG A 2531 -80.24 44.85 -48.02
C ARG A 2531 -81.17 43.66 -47.80
N ALA A 2532 -80.66 42.58 -47.20
CA ALA A 2532 -81.50 41.44 -46.84
C ALA A 2532 -82.58 41.81 -45.85
N ALA A 2533 -82.26 42.63 -44.85
CA ALA A 2533 -83.32 43.04 -43.93
C ALA A 2533 -84.21 44.11 -44.55
N ALA A 2534 -83.68 44.83 -45.56
CA ALA A 2534 -84.48 45.83 -46.26
C ALA A 2534 -85.62 45.14 -46.99
N SER A 2535 -85.31 44.02 -47.66
CA SER A 2535 -86.34 43.30 -48.40
C SER A 2535 -87.37 42.71 -47.43
N LEU A 2536 -86.89 42.17 -46.29
CA LEU A 2536 -87.76 41.53 -45.32
C LEU A 2536 -88.71 42.52 -44.65
N ASP A 2537 -88.30 43.77 -44.55
CA ASP A 2537 -89.17 44.80 -43.97
C ASP A 2537 -90.27 45.13 -44.97
N THR A 2538 -91.45 44.52 -44.77
CA THR A 2538 -92.61 44.74 -45.64
C THR A 2538 -93.85 44.33 -44.86
N ALA A 2539 -95.01 44.31 -45.53
CA ALA A 2539 -96.25 43.94 -44.87
C ALA A 2539 -96.35 42.46 -44.54
N THR A 2540 -95.44 41.62 -45.04
CA THR A 2540 -95.54 40.18 -44.86
C THR A 2540 -94.44 39.62 -43.96
N PHE A 2541 -93.17 39.86 -44.30
CA PHE A 2541 -92.06 39.23 -43.61
C PHE A 2541 -91.60 39.95 -42.35
N SER A 2542 -92.09 41.15 -42.07
CA SER A 2542 -91.56 41.98 -40.97
C SER A 2542 -91.74 41.31 -39.61
N THR A 2543 -92.86 40.65 -39.40
CA THR A 2543 -93.15 40.00 -38.13
C THR A 2543 -92.56 38.60 -38.03
N THR A 2544 -91.89 38.10 -39.06
CA THR A 2544 -91.33 36.77 -39.00
C THR A 2544 -90.10 36.71 -38.08
N GLU A 2545 -89.72 35.47 -37.73
CA GLU A 2545 -88.67 35.25 -36.74
C GLU A 2545 -87.30 35.65 -37.28
N MET A 2546 -87.04 35.35 -38.56
CA MET A 2546 -85.75 35.68 -39.14
C MET A 2546 -85.58 37.18 -39.24
N ALA A 2547 -86.67 37.88 -39.58
CA ALA A 2547 -86.63 39.33 -39.67
C ALA A 2547 -86.37 39.96 -38.31
N LEU A 2548 -87.02 39.45 -37.24
CA LEU A 2548 -86.74 39.97 -35.89
C LEU A 2548 -85.30 39.69 -35.48
N ALA A 2549 -84.78 38.51 -35.85
CA ALA A 2549 -83.39 38.15 -35.55
C ALA A 2549 -82.44 39.13 -36.24
N LEU A 2550 -82.73 39.45 -37.51
CA LEU A 2550 -81.89 40.39 -38.24
C LEU A 2550 -81.99 41.79 -37.66
N ASN A 2551 -83.19 42.19 -37.21
CA ASN A 2551 -83.38 43.51 -36.59
C ASN A 2551 -82.52 43.66 -35.34
N ARG A 2552 -82.58 42.66 -34.45
CA ARG A 2552 -81.74 42.67 -33.25
C ARG A 2552 -80.27 42.62 -33.60
N TYR A 2553 -79.91 41.82 -34.62
CA TYR A 2553 -78.52 41.69 -35.04
C TYR A 2553 -77.97 42.99 -35.58
N LEU A 2554 -78.77 43.74 -36.34
CA LEU A 2554 -78.24 44.98 -36.90
C LEU A 2554 -78.21 46.06 -35.83
N CYS A 2555 -79.32 46.24 -35.11
CA CYS A 2555 -79.47 47.33 -34.15
C CYS A 2555 -78.64 47.14 -32.91
N LEU A 2556 -78.02 45.97 -32.72
CA LEU A 2556 -77.26 45.73 -31.52
C LEU A 2556 -75.84 45.26 -31.83
N ALA A 2557 -75.52 44.94 -33.08
CA ALA A 2557 -74.18 44.45 -33.38
C ALA A 2557 -73.49 45.23 -34.48
N VAL A 2558 -74.23 45.68 -35.50
CA VAL A 2558 -73.62 46.28 -36.67
C VAL A 2558 -73.77 47.80 -36.67
N LEU A 2559 -75.01 48.27 -36.54
CA LEU A 2559 -75.28 49.71 -36.60
C LEU A 2559 -74.56 50.56 -35.54
N PRO A 2560 -74.46 50.18 -34.24
CA PRO A 2560 -73.62 50.97 -33.33
C PRO A 2560 -72.15 51.02 -33.75
N LEU A 2561 -71.64 49.95 -34.35
CA LEU A 2561 -70.28 49.95 -34.88
C LEU A 2561 -70.12 50.97 -36.00
N ILE A 2562 -71.11 51.04 -36.90
CA ILE A 2562 -71.06 52.01 -38.00
C ILE A 2562 -71.13 53.42 -37.43
N THR A 2563 -72.00 53.63 -36.42
CA THR A 2563 -72.11 54.94 -35.78
C THR A 2563 -70.79 55.34 -35.13
N LYS A 2564 -70.07 54.37 -34.57
CA LYS A 2564 -68.75 54.63 -34.01
C LYS A 2564 -67.76 55.01 -35.11
N CYS A 2565 -67.82 54.29 -36.23
CA CYS A 2565 -66.87 54.49 -37.32
C CYS A 2565 -67.38 55.45 -38.37
N ALA A 2566 -68.27 56.36 -38.00
CA ALA A 2566 -68.75 57.39 -38.93
C ALA A 2566 -67.66 58.33 -39.48
N PRO A 2567 -66.69 58.87 -38.71
CA PRO A 2567 -65.72 59.81 -39.32
C PRO A 2567 -64.87 59.26 -40.45
N LEU A 2568 -64.64 57.96 -40.51
CA LEU A 2568 -63.79 57.38 -41.55
C LEU A 2568 -64.38 57.45 -42.96
N PHE A 2569 -65.66 57.81 -43.08
CA PHE A 2569 -66.31 57.99 -44.38
C PHE A 2569 -66.08 59.38 -44.96
N ALA A 2570 -65.08 60.12 -44.50
CA ALA A 2570 -64.85 61.48 -45.00
C ALA A 2570 -64.40 61.48 -46.45
N GLY A 2571 -63.48 60.59 -46.81
CA GLY A 2571 -62.92 60.58 -48.15
C GLY A 2571 -63.32 59.38 -49.00
N THR A 2572 -64.59 58.98 -48.93
CA THR A 2572 -65.10 57.85 -49.68
C THR A 2572 -65.66 58.24 -51.04
N GLU A 2573 -65.17 59.34 -51.62
CA GLU A 2573 -65.69 59.87 -52.89
C GLU A 2573 -65.54 58.89 -54.04
N HIS A 2574 -64.52 58.03 -54.01
CA HIS A 2574 -64.39 57.00 -55.03
C HIS A 2574 -65.40 55.88 -54.88
N ARG A 2575 -66.13 55.81 -53.75
CA ARG A 2575 -67.17 54.82 -53.51
C ARG A 2575 -68.50 55.49 -53.23
N ALA A 2576 -68.78 56.57 -53.98
CA ALA A 2576 -70.00 57.36 -53.75
C ALA A 2576 -71.26 56.57 -54.07
N ILE A 2577 -71.19 55.64 -55.02
CA ILE A 2577 -72.36 54.89 -55.44
C ILE A 2577 -72.79 53.93 -54.32
N MET A 2578 -71.84 53.21 -53.75
CA MET A 2578 -72.16 52.23 -52.74
C MET A 2578 -72.48 52.91 -51.41
N VAL A 2579 -71.81 54.03 -51.08
CA VAL A 2579 -72.15 54.77 -49.88
C VAL A 2579 -73.57 55.34 -50.00
N ASP A 2580 -73.94 55.80 -51.21
CA ASP A 2580 -75.29 56.27 -51.45
C ASP A 2580 -76.31 55.15 -51.29
N SER A 2581 -75.97 53.94 -51.75
CA SER A 2581 -76.85 52.80 -51.59
C SER A 2581 -77.01 52.43 -50.11
N MET A 2582 -75.90 52.45 -49.36
CA MET A 2582 -75.95 52.03 -47.96
C MET A 2582 -76.77 53.02 -47.12
N LEU A 2583 -76.63 54.33 -47.41
CA LEU A 2583 -77.42 55.31 -46.66
C LEU A 2583 -78.88 55.26 -47.06
N HIS A 2584 -79.17 54.96 -48.34
CA HIS A 2584 -80.57 54.84 -48.76
CA HIS A 2584 -80.57 54.84 -48.76
C HIS A 2584 -81.22 53.61 -48.12
N THR A 2585 -80.49 52.50 -48.05
CA THR A 2585 -81.03 51.29 -47.45
C THR A 2585 -81.31 51.50 -45.97
N VAL A 2586 -80.37 52.13 -45.25
CA VAL A 2586 -80.60 52.31 -43.81
C VAL A 2586 -81.71 53.33 -43.58
N TYR A 2587 -81.87 54.32 -44.47
CA TYR A 2587 -82.99 55.26 -44.34
C TYR A 2587 -84.32 54.54 -44.53
N ARG A 2588 -84.41 53.65 -45.52
CA ARG A 2588 -85.63 52.89 -45.70
C ARG A 2588 -85.86 51.96 -44.51
N LEU A 2589 -84.78 51.40 -43.94
CA LEU A 2589 -84.89 50.60 -42.73
C LEU A 2589 -85.41 51.43 -41.56
N SER A 2590 -85.03 52.71 -41.50
CA SER A 2590 -85.59 53.61 -40.48
C SER A 2590 -87.08 53.78 -40.68
N ARG A 2591 -87.50 53.87 -41.94
CA ARG A 2591 -88.93 53.93 -42.25
C ARG A 2591 -89.53 52.53 -42.36
N GLY A 2592 -89.33 51.71 -41.32
CA GLY A 2592 -89.77 50.33 -41.33
C GLY A 2592 -90.78 50.03 -40.22
N ARG A 2593 -91.39 48.86 -40.32
CA ARG A 2593 -92.41 48.42 -39.37
C ARG A 2593 -91.88 47.24 -38.57
N SER A 2594 -92.61 46.94 -37.48
CA SER A 2594 -92.26 45.92 -36.47
C SER A 2594 -90.88 46.18 -35.88
N LEU A 2595 -90.55 47.46 -35.69
CA LEU A 2595 -89.29 47.88 -35.08
C LEU A 2595 -89.59 48.72 -33.85
N THR A 2596 -88.93 48.40 -32.74
CA THR A 2596 -89.15 49.10 -31.50
C THR A 2596 -88.53 50.49 -31.57
N LYS A 2597 -88.94 51.35 -30.63
CA LYS A 2597 -88.40 52.71 -30.54
C LYS A 2597 -86.91 52.69 -30.24
N ALA A 2598 -86.48 51.79 -29.35
CA ALA A 2598 -85.07 51.63 -29.03
C ALA A 2598 -84.27 51.18 -30.24
N GLN A 2599 -84.83 50.24 -31.03
CA GLN A 2599 -84.17 49.87 -32.28
C GLN A 2599 -84.13 51.05 -33.24
N ARG A 2600 -85.24 51.82 -33.29
CA ARG A 2600 -85.42 52.91 -34.24
C ARG A 2600 -84.36 54.00 -34.07
N ASP A 2601 -84.12 54.41 -32.82
CA ASP A 2601 -83.16 55.49 -32.62
C ASP A 2601 -81.73 55.06 -32.90
N VAL A 2602 -81.44 53.75 -32.92
CA VAL A 2602 -80.11 53.27 -33.29
C VAL A 2602 -79.81 53.62 -34.75
N ILE A 2603 -80.80 53.35 -35.63
CA ILE A 2603 -80.69 53.74 -37.04
C ILE A 2603 -80.66 55.26 -37.15
N GLU A 2604 -81.48 55.96 -36.35
CA GLU A 2604 -81.48 57.43 -36.39
C GLU A 2604 -80.10 58.00 -36.08
N ASP A 2605 -79.53 57.61 -34.93
CA ASP A 2605 -78.22 58.09 -34.51
C ASP A 2605 -77.13 57.70 -35.51
N CYS A 2606 -77.31 56.55 -36.18
CA CYS A 2606 -76.40 56.18 -37.25
C CYS A 2606 -76.57 57.12 -38.44
N LEU A 2607 -77.79 57.55 -38.71
CA LEU A 2607 -78.06 58.33 -39.90
C LEU A 2607 -77.46 59.71 -39.75
N MET A 2608 -77.72 60.39 -38.62
CA MET A 2608 -77.13 61.71 -38.44
C MET A 2608 -75.61 61.63 -38.28
N ALA A 2609 -75.10 60.56 -37.64
CA ALA A 2609 -73.65 60.40 -37.49
C ALA A 2609 -72.99 60.25 -38.86
N LEU A 2610 -73.60 59.45 -39.74
CA LEU A 2610 -73.04 59.27 -41.08
C LEU A 2610 -73.10 60.58 -41.86
N CYS A 2611 -74.25 61.27 -41.81
CA CYS A 2611 -74.43 62.48 -42.62
C CYS A 2611 -73.48 63.60 -42.23
N ARG A 2612 -73.11 63.67 -40.94
CA ARG A 2612 -72.18 64.72 -40.51
CA ARG A 2612 -72.18 64.72 -40.52
C ARG A 2612 -70.81 64.54 -41.16
N TYR A 2613 -70.33 63.30 -41.24
CA TYR A 2613 -69.01 63.04 -41.82
C TYR A 2613 -69.06 62.65 -43.29
N ILE A 2614 -70.23 62.70 -43.92
CA ILE A 2614 -70.35 62.42 -45.36
C ILE A 2614 -70.48 63.75 -46.10
N ARG A 2615 -69.65 63.92 -47.12
CA ARG A 2615 -69.61 65.13 -47.91
C ARG A 2615 -70.94 65.33 -48.67
N PRO A 2616 -71.35 66.59 -48.89
CA PRO A 2616 -72.65 66.84 -49.55
C PRO A 2616 -72.77 66.30 -50.96
N SER A 2617 -71.65 65.95 -51.61
CA SER A 2617 -71.64 65.40 -52.96
C SER A 2617 -72.33 64.03 -53.05
N MET A 2618 -72.58 63.36 -51.91
CA MET A 2618 -73.32 62.11 -51.88
C MET A 2618 -74.73 62.26 -51.32
N LEU A 2619 -75.06 63.42 -50.75
CA LEU A 2619 -76.31 63.60 -50.03
C LEU A 2619 -77.51 63.97 -50.91
N GLN A 2620 -77.30 64.21 -52.20
CA GLN A 2620 -78.39 64.63 -53.08
C GLN A 2620 -79.49 63.57 -53.20
N HIS A 2621 -79.11 62.29 -53.29
CA HIS A 2621 -80.11 61.21 -53.33
C HIS A 2621 -80.88 61.09 -52.02
N LEU A 2622 -80.19 61.26 -50.88
CA LEU A 2622 -80.90 61.23 -49.61
C LEU A 2622 -81.88 62.39 -49.49
N LEU A 2623 -81.47 63.60 -49.90
CA LEU A 2623 -82.39 64.72 -50.01
C LEU A 2623 -83.50 64.42 -51.00
N ARG A 2624 -83.19 63.65 -52.04
CA ARG A 2624 -84.14 63.38 -53.11
C ARG A 2624 -85.28 62.53 -52.60
N ARG A 2625 -84.95 61.54 -51.77
CA ARG A 2625 -86.00 60.75 -51.12
C ARG A 2625 -86.73 61.60 -50.08
N LEU A 2626 -86.02 62.55 -49.45
CA LEU A 2626 -86.69 63.47 -48.53
C LEU A 2626 -87.66 64.42 -49.23
N VAL A 2627 -87.48 64.64 -50.55
CA VAL A 2627 -88.32 65.55 -51.33
C VAL A 2627 -89.77 65.07 -51.29
N PHE A 2628 -89.96 63.75 -51.21
CA PHE A 2628 -91.30 63.20 -51.16
C PHE A 2628 -91.67 62.84 -49.71
N ASP A 2629 -90.74 62.26 -48.95
CA ASP A 2629 -91.11 61.77 -47.62
C ASP A 2629 -91.38 62.89 -46.63
N VAL A 2630 -90.54 63.93 -46.61
CA VAL A 2630 -90.72 65.03 -45.64
C VAL A 2630 -92.04 65.80 -45.77
N PRO A 2631 -92.55 66.16 -46.97
CA PRO A 2631 -93.85 66.89 -47.02
C PRO A 2631 -95.04 66.15 -46.44
N ILE A 2632 -94.99 64.82 -46.34
CA ILE A 2632 -96.06 64.04 -45.72
C ILE A 2632 -96.25 64.45 -44.26
N LEU A 2633 -95.14 64.72 -43.55
CA LEU A 2633 -95.11 65.17 -42.15
C LEU A 2633 -95.86 64.22 -41.20
N ASN A 2634 -95.61 62.93 -41.36
CA ASN A 2634 -96.20 61.92 -40.50
C ASN A 2634 -95.26 61.65 -39.32
N GLU A 2635 -95.60 60.64 -38.51
CA GLU A 2635 -94.79 60.29 -37.36
C GLU A 2635 -93.43 59.71 -37.74
N PHE A 2636 -93.27 59.22 -38.97
CA PHE A 2636 -91.96 58.78 -39.45
C PHE A 2636 -91.17 59.91 -40.10
N ALA A 2637 -91.76 61.09 -40.23
CA ALA A 2637 -91.09 62.26 -40.79
C ALA A 2637 -90.50 63.17 -39.73
N LYS A 2638 -90.65 62.82 -38.44
CA LYS A 2638 -90.10 63.65 -37.37
C LYS A 2638 -88.57 63.70 -37.43
N MET A 2639 -87.93 62.55 -37.62
CA MET A 2639 -86.48 62.47 -37.71
C MET A 2639 -85.88 63.20 -38.92
N PRO A 2640 -86.39 63.07 -40.16
CA PRO A 2640 -85.78 63.83 -41.28
C PRO A 2640 -85.75 65.33 -41.11
N LEU A 2641 -86.72 65.93 -40.40
CA LEU A 2641 -86.66 67.38 -40.16
C LEU A 2641 -85.42 67.72 -39.33
N LYS A 2642 -85.11 66.91 -38.33
CA LYS A 2642 -83.89 67.09 -37.54
C LYS A 2642 -82.65 66.90 -38.40
N LEU A 2643 -82.68 65.89 -39.27
CA LEU A 2643 -81.53 65.61 -40.13
C LEU A 2643 -81.28 66.77 -41.10
N LEU A 2644 -82.36 67.30 -41.68
CA LEU A 2644 -82.26 68.43 -42.59
C LEU A 2644 -81.76 69.67 -41.86
N THR A 2645 -82.20 69.86 -40.61
CA THR A 2645 -81.76 70.98 -39.79
C THR A 2645 -80.24 70.91 -39.59
N ASN A 2646 -79.74 69.73 -39.25
CA ASN A 2646 -78.31 69.55 -39.05
C ASN A 2646 -77.54 69.74 -40.35
N HIS A 2647 -78.06 69.16 -41.44
CA HIS A 2647 -77.35 69.17 -42.72
C HIS A 2647 -77.25 70.59 -43.27
N TYR A 2648 -78.33 71.36 -43.19
CA TYR A 2648 -78.29 72.70 -43.75
C TYR A 2648 -77.52 73.66 -42.84
N GLU A 2649 -77.69 73.53 -41.51
CA GLU A 2649 -76.92 74.34 -40.57
C GLU A 2649 -75.43 74.02 -40.61
N ARG A 2650 -75.05 72.86 -41.15
CA ARG A 2650 -73.65 72.54 -41.34
C ARG A 2650 -73.14 72.95 -42.71
N CYS A 2651 -73.94 72.70 -43.75
CA CYS A 2651 -73.54 72.90 -45.14
C CYS A 2651 -74.17 74.15 -45.76
N TRP A 2652 -74.41 75.20 -44.97
CA TRP A 2652 -75.08 76.39 -45.49
C TRP A 2652 -74.21 77.12 -46.53
N LYS A 2653 -72.89 77.12 -46.34
CA LYS A 2653 -71.98 77.73 -47.31
C LYS A 2653 -72.06 77.03 -48.67
N TYR A 2654 -72.18 75.70 -48.67
CA TYR A 2654 -72.24 74.93 -49.91
C TYR A 2654 -73.45 75.28 -50.76
N TYR A 2655 -74.54 75.72 -50.14
CA TYR A 2655 -75.76 76.03 -50.87
C TYR A 2655 -76.04 77.51 -51.02
N CYS A 2656 -75.57 78.36 -50.12
CA CYS A 2656 -75.91 79.78 -50.18
C CYS A 2656 -74.90 80.61 -50.95
N LEU A 2657 -73.61 80.33 -50.77
CA LEU A 2657 -72.55 81.12 -51.39
C LEU A 2657 -72.41 80.75 -52.86
N PRO A 2658 -72.45 81.72 -53.78
CA PRO A 2658 -72.11 81.42 -55.18
C PRO A 2658 -70.74 80.81 -55.36
N THR A 2659 -69.75 81.26 -54.57
CA THR A 2659 -68.43 80.64 -54.58
C THR A 2659 -68.44 79.24 -53.99
N GLY A 2660 -69.44 78.92 -53.16
CA GLY A 2660 -69.56 77.60 -52.59
C GLY A 2660 -68.69 77.43 -51.36
N TRP A 2661 -68.89 76.30 -50.69
CA TRP A 2661 -68.10 75.98 -49.51
C TRP A 2661 -66.67 75.65 -49.91
N ALA A 2662 -65.74 75.87 -48.98
CA ALA A 2662 -64.32 75.64 -49.22
C ALA A 2662 -64.06 74.17 -49.48
N ASN A 2663 -63.50 73.89 -50.67
CA ASN A 2663 -63.07 72.56 -51.16
C ASN A 2663 -64.12 71.44 -50.99
N PHE A 2664 -65.39 71.80 -50.92
CA PHE A 2664 -66.48 70.84 -50.81
C PHE A 2664 -67.35 70.83 -52.05
N GLY A 2665 -67.05 71.66 -53.04
CA GLY A 2665 -67.81 71.73 -54.27
C GLY A 2665 -68.83 72.86 -54.23
N VAL A 2666 -69.57 72.95 -55.34
CA VAL A 2666 -70.61 73.94 -55.54
C VAL A 2666 -71.84 73.18 -56.03
N THR A 2667 -73.02 73.57 -55.52
CA THR A 2667 -74.29 72.92 -55.86
C THR A 2667 -74.55 72.90 -57.37
N SER A 2668 -75.32 71.92 -57.80
CA SER A 2668 -75.54 71.66 -59.22
C SER A 2668 -76.77 72.33 -59.79
N GLU A 2669 -77.35 73.33 -59.07
CA GLU A 2669 -78.51 74.16 -59.43
C GLU A 2669 -79.82 73.35 -59.38
N GLU A 2670 -79.72 72.04 -59.17
CA GLU A 2670 -80.83 71.13 -58.97
C GLU A 2670 -81.05 70.83 -57.50
N GLU A 2671 -79.97 70.73 -56.71
CA GLU A 2671 -80.09 70.59 -55.26
C GLU A 2671 -80.80 71.79 -54.65
N LEU A 2672 -80.46 72.99 -55.11
CA LEU A 2672 -81.16 74.20 -54.68
C LEU A 2672 -82.64 74.19 -55.09
N HIS A 2673 -82.93 73.73 -56.30
CA HIS A 2673 -84.32 73.58 -56.74
C HIS A 2673 -85.09 72.59 -55.89
N LEU A 2674 -84.45 71.46 -55.54
CA LEU A 2674 -85.03 70.49 -54.63
C LEU A 2674 -85.25 71.10 -53.24
N THR A 2675 -84.29 71.88 -52.75
CA THR A 2675 -84.42 72.56 -51.47
C THR A 2675 -85.58 73.56 -51.47
N ARG A 2676 -85.73 74.33 -52.56
CA ARG A 2676 -86.87 75.24 -52.71
C ARG A 2676 -88.19 74.48 -52.77
N LYS A 2677 -88.20 73.33 -53.46
CA LYS A 2677 -89.35 72.44 -53.51
C LYS A 2677 -89.73 71.96 -52.11
N LEU A 2678 -88.74 71.53 -51.33
CA LEU A 2678 -89.00 71.03 -49.98
C LEU A 2678 -89.44 72.18 -49.08
N PHE A 2679 -88.86 73.36 -49.28
CA PHE A 2679 -89.19 74.53 -48.48
C PHE A 2679 -90.65 74.89 -48.65
N TRP A 2680 -91.09 74.98 -49.91
CA TRP A 2680 -92.49 75.32 -50.18
C TRP A 2680 -93.43 74.21 -49.72
N GLY A 2681 -93.05 72.94 -49.97
CA GLY A 2681 -93.90 71.83 -49.55
C GLY A 2681 -94.10 71.77 -48.05
N ILE A 2682 -93.04 72.02 -47.28
CA ILE A 2682 -93.15 72.08 -45.82
C ILE A 2682 -93.92 73.31 -45.37
N PHE A 2683 -93.70 74.47 -46.00
CA PHE A 2683 -94.45 75.66 -45.59
C PHE A 2683 -95.95 75.50 -45.85
N ASP A 2684 -96.31 74.95 -47.01
CA ASP A 2684 -97.72 74.66 -47.32
C ASP A 2684 -98.31 73.61 -46.38
N SER A 2685 -97.53 72.55 -46.09
CA SER A 2685 -98.01 71.49 -45.22
C SER A 2685 -98.19 71.99 -43.80
N LEU A 2686 -97.20 72.70 -43.25
CA LEU A 2686 -97.31 73.18 -41.88
C LEU A 2686 -98.34 74.30 -41.78
N ALA A 2687 -98.58 75.02 -42.88
CA ALA A 2687 -99.65 76.00 -42.94
C ALA A 2687 -101.01 75.34 -42.79
N HIS A 2688 -101.20 74.18 -43.41
CA HIS A 2688 -102.52 73.55 -43.27
C HIS A 2688 -102.61 72.63 -42.06
N LYS A 2689 -101.48 72.06 -41.63
CA LYS A 2689 -101.42 71.21 -40.45
C LYS A 2689 -101.77 71.98 -39.19
N LYS A 2690 -102.64 71.41 -38.36
CA LYS A 2690 -103.10 72.06 -37.15
C LYS A 2690 -101.94 72.20 -36.15
N TYR A 2691 -102.09 73.18 -35.26
CA TYR A 2691 -101.04 73.55 -34.31
C TYR A 2691 -100.70 72.41 -33.35
N ASP A 2692 -99.52 71.83 -33.52
CA ASP A 2692 -98.96 70.83 -32.62
C ASP A 2692 -97.64 71.39 -32.11
N GLN A 2693 -97.60 71.76 -30.83
CA GLN A 2693 -96.45 72.46 -30.26
C GLN A 2693 -95.18 71.61 -30.31
N GLU A 2694 -95.32 70.30 -30.09
CA GLU A 2694 -94.20 69.38 -30.24
C GLU A 2694 -93.67 69.39 -31.68
N LEU A 2695 -94.60 69.38 -32.65
CA LEU A 2695 -94.20 69.42 -34.05
C LEU A 2695 -93.59 70.77 -34.40
N TYR A 2696 -94.19 71.86 -33.90
CA TYR A 2696 -93.75 73.21 -34.26
C TYR A 2696 -92.36 73.53 -33.73
N ARG A 2697 -92.06 73.13 -32.46
CA ARG A 2697 -90.75 73.45 -31.86
C ARG A 2697 -89.60 72.73 -32.54
N MET A 2698 -89.89 71.66 -33.27
CA MET A 2698 -88.88 70.88 -33.95
C MET A 2698 -88.85 71.17 -35.45
N ALA A 2699 -89.97 71.58 -36.03
CA ALA A 2699 -90.03 71.89 -37.45
C ALA A 2699 -89.62 73.32 -37.77
N MET A 2700 -89.75 74.26 -36.83
CA MET A 2700 -89.34 75.64 -37.08
C MET A 2700 -87.85 75.80 -37.41
N PRO A 2701 -86.89 75.21 -36.66
CA PRO A 2701 -85.48 75.35 -37.08
C PRO A 2701 -85.20 74.75 -38.45
N CYS A 2702 -85.94 73.70 -38.84
CA CYS A 2702 -85.71 73.07 -40.13
C CYS A 2702 -86.00 74.06 -41.27
N LEU A 2703 -87.12 74.77 -41.16
CA LEU A 2703 -87.48 75.77 -42.15
C LEU A 2703 -86.50 76.94 -42.14
N CYS A 2704 -86.13 77.41 -40.95
CA CYS A 2704 -85.17 78.52 -40.88
C CYS A 2704 -83.80 78.13 -41.45
N ALA A 2705 -83.34 76.91 -41.16
CA ALA A 2705 -82.09 76.41 -41.73
C ALA A 2705 -82.16 76.26 -43.24
N ILE A 2706 -83.31 75.82 -43.77
CA ILE A 2706 -83.49 75.75 -45.22
C ILE A 2706 -83.44 77.16 -45.81
N ALA A 2707 -84.09 78.12 -45.14
CA ALA A 2707 -84.15 79.49 -45.64
C ALA A 2707 -82.76 80.11 -45.71
N GLY A 2708 -81.96 79.90 -44.65
CA GLY A 2708 -80.60 80.40 -44.63
C GLY A 2708 -79.72 79.73 -45.67
N ALA A 2709 -79.93 78.42 -45.88
CA ALA A 2709 -79.16 77.68 -46.88
C ALA A 2709 -79.48 78.14 -48.30
N LEU A 2710 -80.73 78.42 -48.58
CA LEU A 2710 -81.14 78.85 -49.92
C LEU A 2710 -80.75 80.30 -50.15
N PRO A 2711 -80.06 80.61 -51.26
CA PRO A 2711 -79.73 82.00 -51.55
C PRO A 2711 -81.00 82.80 -51.79
N PRO A 2712 -80.99 84.09 -51.44
CA PRO A 2712 -82.20 84.91 -51.62
C PRO A 2712 -82.65 85.05 -53.07
N ASP A 2713 -81.75 85.48 -53.95
CA ASP A 2713 -82.09 85.74 -55.35
C ASP A 2713 -82.11 84.49 -56.23
N TYR A 2714 -82.25 83.30 -55.62
CA TYR A 2714 -82.21 82.04 -56.38
C TYR A 2714 -83.36 81.96 -57.38
N VAL A 2715 -83.03 81.50 -58.58
CA VAL A 2715 -84.01 81.32 -59.66
C VAL A 2715 -83.94 79.87 -60.10
N ASP A 2716 -85.07 79.18 -60.04
CA ASP A 2716 -85.17 77.81 -60.53
C ASP A 2716 -85.29 77.81 -62.04
N ALA A 2717 -84.58 76.89 -62.68
CA ALA A 2717 -84.60 76.80 -64.14
C ALA A 2717 -85.98 76.41 -64.66
N SER A 2718 -86.64 75.45 -64.02
CA SER A 2718 -87.96 74.99 -64.43
C SER A 2718 -89.00 75.63 -63.52
N TYR A 2719 -89.61 76.71 -63.99
CA TYR A 2719 -90.61 77.44 -63.22
C TYR A 2719 -92.02 76.92 -63.51
N SER A 2720 -92.21 75.62 -63.36
CA SER A 2720 -93.51 74.99 -63.56
C SER A 2720 -93.73 74.01 -62.42
N SER A 2721 -94.88 74.14 -61.75
CA SER A 2721 -95.25 73.27 -60.64
C SER A 2721 -96.44 72.42 -61.07
N LYS A 2722 -96.27 71.09 -60.99
CA LYS A 2722 -97.32 70.16 -61.39
C LYS A 2722 -98.55 70.27 -60.47
N ALA A 2723 -98.33 70.67 -59.21
CA ALA A 2723 -99.36 70.78 -58.17
C ALA A 2723 -100.10 69.45 -57.98
N GLU A 2724 -99.32 68.42 -57.65
CA GLU A 2724 -99.82 67.08 -57.42
C GLU A 2724 -99.85 66.78 -55.93
N LYS A 2725 -100.86 66.01 -55.51
CA LYS A 2725 -101.17 65.69 -54.10
C LYS A 2725 -101.34 66.93 -53.24
N ASN A 2734 -96.08 55.17 -49.91
CA ASN A 2734 -94.94 55.05 -50.81
C ASN A 2734 -95.07 56.02 -51.99
N PHE A 2735 -94.38 55.73 -53.09
CA PHE A 2735 -94.45 56.53 -54.30
C PHE A 2735 -95.41 55.85 -55.27
N ASP A 2736 -96.57 56.47 -55.48
CA ASP A 2736 -97.56 55.93 -56.41
C ASP A 2736 -97.76 56.90 -57.58
N PRO A 2737 -97.13 56.65 -58.73
CA PRO A 2737 -97.36 57.49 -59.90
C PRO A 2737 -98.70 57.21 -60.55
N ARG A 2738 -99.40 58.29 -60.91
CA ARG A 2738 -100.72 58.16 -61.50
C ARG A 2738 -100.58 58.33 -63.01
N PRO A 2739 -100.79 57.28 -63.80
CA PRO A 2739 -100.78 57.46 -65.25
C PRO A 2739 -101.96 58.28 -65.73
N VAL A 2740 -101.72 59.05 -66.79
CA VAL A 2740 -102.79 59.83 -67.42
C VAL A 2740 -103.58 58.88 -68.31
N GLU A 2741 -104.86 58.72 -68.00
CA GLU A 2741 -105.70 57.75 -68.70
C GLU A 2741 -105.94 58.17 -70.16
N THR A 2742 -105.83 57.20 -71.06
CA THR A 2742 -105.98 57.44 -72.49
C THR A 2742 -107.06 56.61 -73.15
N LEU A 2743 -107.52 55.52 -72.53
CA LEU A 2743 -108.51 54.68 -73.18
C LEU A 2743 -109.89 55.34 -73.19
N ASN A 2744 -110.17 56.20 -72.19
CA ASN A 2744 -111.48 56.85 -72.11
C ASN A 2744 -111.67 57.84 -73.25
N VAL A 2745 -110.61 58.48 -73.72
CA VAL A 2745 -110.69 59.37 -74.88
C VAL A 2745 -110.43 58.53 -76.13
N ILE A 2746 -111.21 58.79 -77.16
CA ILE A 2746 -111.13 58.04 -78.41
C ILE A 2746 -110.12 58.69 -79.34
N ILE A 2747 -109.33 57.86 -80.02
CA ILE A 2747 -108.26 58.34 -80.90
C ILE A 2747 -108.88 59.07 -82.10
N PRO A 2748 -108.44 60.29 -82.39
CA PRO A 2748 -108.90 60.97 -83.61
C PRO A 2748 -108.20 60.36 -84.83
N GLU A 2749 -109.00 59.96 -85.81
CA GLU A 2749 -108.46 59.40 -87.04
C GLU A 2749 -108.37 60.45 -88.15
N LYS A 2750 -108.68 61.70 -87.84
CA LYS A 2750 -108.52 62.78 -88.81
C LYS A 2750 -107.05 63.01 -89.14
N LEU A 2751 -106.16 62.76 -88.19
CA LEU A 2751 -104.72 62.91 -88.39
C LEU A 2751 -104.02 61.55 -88.52
N ASP A 2752 -104.76 60.53 -88.98
CA ASP A 2752 -104.19 59.18 -89.14
C ASP A 2752 -103.04 59.17 -90.15
N SER A 2753 -103.04 60.13 -91.10
CA SER A 2753 -101.99 60.31 -92.08
C SER A 2753 -100.70 60.79 -91.42
N PHE A 2754 -100.79 61.25 -90.17
CA PHE A 2754 -99.64 61.66 -89.40
C PHE A 2754 -99.25 60.57 -88.41
N ILE A 2755 -100.24 59.86 -87.87
CA ILE A 2755 -99.96 58.79 -86.90
C ILE A 2755 -99.15 57.66 -87.55
N ASN A 2756 -99.58 57.21 -88.75
CA ASN A 2756 -98.82 56.19 -89.45
C ASN A 2756 -97.47 56.72 -89.94
N LYS A 2757 -97.44 57.98 -90.36
CA LYS A 2757 -96.21 58.62 -90.81
C LYS A 2757 -95.19 58.70 -89.69
N PHE A 2758 -95.63 59.13 -88.50
CA PHE A 2758 -94.74 59.15 -87.33
C PHE A 2758 -94.32 57.74 -86.92
N ALA A 2759 -95.16 56.74 -87.18
CA ALA A 2759 -94.79 55.37 -86.82
C ALA A 2759 -93.65 54.87 -87.72
N GLU A 2760 -93.81 55.06 -89.03
CA GLU A 2760 -92.75 54.63 -89.94
C GLU A 2760 -91.53 55.54 -89.83
N TYR A 2761 -91.72 56.80 -89.46
CA TYR A 2761 -90.58 57.68 -89.23
C TYR A 2761 -89.81 57.30 -87.97
N THR A 2762 -90.49 56.82 -86.92
CA THR A 2762 -89.79 56.28 -85.76
C THR A 2762 -88.97 55.05 -86.13
N HIS A 2763 -89.55 54.17 -86.97
CA HIS A 2763 -88.78 53.05 -87.52
C HIS A 2763 -87.60 53.52 -88.37
N GLU A 2764 -87.80 54.57 -89.17
CA GLU A 2764 -86.73 55.14 -89.99
C GLU A 2764 -85.65 55.78 -89.11
N LYS A 2765 -86.06 56.49 -88.05
CA LYS A 2765 -85.11 57.08 -87.11
C LYS A 2765 -84.34 56.00 -86.38
N TRP A 2766 -84.98 54.86 -86.10
CA TRP A 2766 -84.27 53.73 -85.51
C TRP A 2766 -83.18 53.25 -86.45
N ALA A 2767 -83.49 53.16 -87.74
CA ALA A 2767 -82.46 52.83 -88.73
C ALA A 2767 -81.40 53.92 -88.84
N PHE A 2768 -81.79 55.18 -88.63
CA PHE A 2768 -80.84 56.29 -88.59
C PHE A 2768 -79.87 56.14 -87.42
N ASP A 2769 -80.37 55.71 -86.26
CA ASP A 2769 -79.48 55.44 -85.13
C ASP A 2769 -78.58 54.25 -85.43
N LYS A 2770 -79.09 53.25 -86.16
CA LYS A 2770 -78.27 52.10 -86.45
C LYS A 2770 -77.13 52.45 -87.40
N ILE A 2771 -77.42 53.21 -88.47
CA ILE A 2771 -76.35 53.64 -89.36
C ILE A 2771 -75.42 54.66 -88.69
N GLN A 2772 -75.90 55.39 -87.68
CA GLN A 2772 -75.04 56.23 -86.85
C GLN A 2772 -74.40 55.48 -85.70
N ASN A 2773 -74.59 54.17 -85.63
CA ASN A 2773 -73.91 53.34 -84.64
C ASN A 2773 -72.68 52.66 -85.25
N ASN A 2774 -72.32 53.06 -86.48
CA ASN A 2774 -71.20 52.60 -87.32
C ASN A 2774 -71.35 51.17 -87.81
N TRP A 2775 -72.43 50.47 -87.48
CA TRP A 2775 -72.69 49.11 -87.93
C TRP A 2775 -73.97 49.08 -88.73
N SER A 2776 -73.96 48.38 -89.86
CA SER A 2776 -75.14 48.29 -90.71
C SER A 2776 -76.11 47.24 -90.16
N TYR A 2777 -77.13 46.91 -90.95
CA TYR A 2777 -78.12 45.93 -90.55
C TYR A 2777 -77.83 44.58 -91.21
N GLY A 2778 -78.75 43.64 -91.05
CA GLY A 2778 -78.62 42.30 -91.60
C GLY A 2778 -79.97 41.65 -91.83
N GLU A 2779 -79.95 40.38 -92.23
CA GLU A 2779 -81.18 39.61 -92.46
C GLU A 2779 -81.44 38.59 -91.38
N ASN A 2780 -80.48 37.71 -91.11
CA ASN A 2780 -80.65 36.70 -90.07
C ASN A 2780 -80.63 37.35 -88.68
N VAL A 2781 -81.50 36.86 -87.79
CA VAL A 2781 -81.61 37.41 -86.45
C VAL A 2781 -80.54 36.80 -85.57
N ASP A 2782 -79.63 37.64 -85.07
CA ASP A 2782 -78.55 37.18 -84.21
C ASP A 2782 -78.08 38.35 -83.34
N GLU A 2783 -77.61 38.04 -82.14
CA GLU A 2783 -77.12 39.05 -81.21
C GLU A 2783 -75.66 39.42 -81.43
N GLU A 2784 -74.97 38.77 -82.37
CA GLU A 2784 -73.55 39.06 -82.59
C GLU A 2784 -73.32 40.41 -83.27
N LEU A 2785 -74.35 40.98 -83.89
CA LEU A 2785 -74.23 42.28 -84.56
C LEU A 2785 -74.39 43.46 -83.60
N LYS A 2786 -74.72 43.19 -82.32
CA LYS A 2786 -74.97 44.18 -81.24
C LYS A 2786 -75.88 45.35 -81.65
N THR A 2787 -76.75 45.11 -82.62
CA THR A 2787 -77.76 46.05 -83.08
C THR A 2787 -79.04 45.27 -83.34
N HIS A 2788 -79.99 45.87 -84.03
CA HIS A 2788 -81.19 45.15 -84.43
C HIS A 2788 -80.91 44.34 -85.69
N PRO A 2789 -80.94 43.01 -85.64
CA PRO A 2789 -80.55 42.20 -86.79
C PRO A 2789 -81.65 41.91 -87.81
N MET A 2790 -82.92 42.17 -87.50
CA MET A 2790 -84.00 41.85 -88.42
C MET A 2790 -84.32 43.01 -89.36
N LEU A 2791 -83.71 44.18 -89.15
CA LEU A 2791 -83.92 45.35 -90.02
C LEU A 2791 -83.50 45.08 -91.46
N ARG A 2792 -84.47 45.15 -92.36
CA ARG A 2792 -84.30 44.94 -93.79
C ARG A 2792 -84.87 46.14 -94.53
N PRO A 2793 -84.44 46.39 -95.78
CA PRO A 2793 -85.02 47.49 -96.56
C PRO A 2793 -86.53 47.33 -96.73
N TYR A 2794 -87.23 48.47 -96.68
CA TYR A 2794 -88.70 48.50 -96.67
C TYR A 2794 -89.33 47.92 -97.94
N LYS A 2795 -88.56 47.77 -99.02
CA LYS A 2795 -89.07 47.11 -100.22
C LYS A 2795 -89.40 45.64 -99.93
N THR A 2796 -88.54 44.96 -99.16
CA THR A 2796 -88.73 43.56 -98.78
C THR A 2796 -88.68 43.41 -97.27
N PHE A 2797 -89.34 44.30 -96.53
CA PHE A 2797 -89.42 44.23 -95.07
C PHE A 2797 -90.83 43.82 -94.67
N SER A 2798 -90.92 42.82 -93.79
CA SER A 2798 -92.21 42.31 -93.33
C SER A 2798 -92.99 43.38 -92.58
N GLU A 2799 -94.29 43.46 -92.85
CA GLU A 2799 -95.14 44.46 -92.22
C GLU A 2799 -95.83 43.95 -90.97
N LYS A 2800 -95.52 42.72 -90.54
CA LYS A 2800 -96.11 42.16 -89.32
C LYS A 2800 -95.72 42.95 -88.09
N ASP A 2801 -94.53 43.57 -88.09
CA ASP A 2801 -94.15 44.43 -86.98
C ASP A 2801 -94.41 45.89 -87.28
N LYS A 2802 -94.53 46.26 -88.56
CA LYS A 2802 -94.91 47.62 -88.93
C LYS A 2802 -96.35 47.93 -88.53
N GLU A 2803 -97.19 46.91 -88.37
CA GLU A 2803 -98.55 47.12 -87.91
C GLU A 2803 -98.68 47.07 -86.38
N ILE A 2804 -97.60 46.75 -85.65
CA ILE A 2804 -97.64 46.71 -84.20
C ILE A 2804 -96.66 47.66 -83.55
N TYR A 2805 -95.78 48.31 -84.31
CA TYR A 2805 -94.83 49.28 -83.76
C TYR A 2805 -95.43 50.67 -83.57
N ARG A 2806 -96.68 50.88 -83.96
CA ARG A 2806 -97.31 52.18 -83.83
C ARG A 2806 -97.97 52.38 -82.46
N TRP A 2807 -97.97 51.35 -81.60
CA TRP A 2807 -98.55 51.47 -80.26
C TRP A 2807 -97.93 52.57 -79.40
N PRO A 2808 -96.58 52.74 -79.30
CA PRO A 2808 -96.07 53.92 -78.58
C PRO A 2808 -96.53 55.24 -79.19
N ILE A 2809 -96.63 55.29 -80.52
CA ILE A 2809 -97.09 56.49 -81.22
C ILE A 2809 -98.57 56.72 -80.95
N LYS A 2810 -99.36 55.63 -80.97
CA LYS A 2810 -100.80 55.72 -80.69
C LYS A 2810 -101.06 56.24 -79.29
N GLU A 2811 -100.39 55.64 -78.29
CA GLU A 2811 -100.63 56.04 -76.91
C GLU A 2811 -100.09 57.44 -76.62
N SER A 2812 -98.95 57.80 -77.23
CA SER A 2812 -98.39 59.13 -77.06
C SER A 2812 -99.31 60.21 -77.62
N LEU A 2813 -99.93 59.93 -78.79
CA LEU A 2813 -100.87 60.90 -79.34
C LEU A 2813 -102.21 60.89 -78.59
N LYS A 2814 -102.59 59.76 -78.00
CA LYS A 2814 -103.77 59.75 -77.14
C LYS A 2814 -103.54 60.61 -75.90
N ALA A 2815 -102.34 60.49 -75.32
CA ALA A 2815 -102.04 61.18 -74.09
C ALA A 2815 -101.81 62.67 -74.30
N MET A 2816 -101.34 63.07 -75.49
CA MET A 2816 -101.13 64.48 -75.72
C MET A 2816 -102.42 65.21 -76.11
N ILE A 2817 -103.55 64.50 -76.17
CA ILE A 2817 -104.84 65.10 -76.48
C ILE A 2817 -105.85 64.86 -75.37
N ALA A 2818 -105.58 63.92 -74.45
CA ALA A 2818 -106.53 63.63 -73.37
C ALA A 2818 -106.73 64.82 -72.43
N TRP A 2819 -105.65 65.56 -72.12
CA TRP A 2819 -105.77 66.73 -71.25
C TRP A 2819 -106.20 67.96 -72.05
N GLU A 2820 -107.31 67.86 -72.79
CA GLU A 2820 -107.98 68.88 -73.61
C GLU A 2820 -107.04 69.75 -74.46
N TRP A 2821 -105.94 69.16 -74.94
CA TRP A 2821 -105.03 69.81 -75.87
C TRP A 2821 -105.46 69.45 -77.29
N THR A 2822 -106.24 70.33 -77.91
CA THR A 2822 -106.66 70.07 -79.28
C THR A 2822 -105.49 70.24 -80.24
N ILE A 2823 -105.53 69.49 -81.33
CA ILE A 2823 -104.50 69.52 -82.36
C ILE A 2823 -105.13 69.92 -83.68
N GLU A 2824 -104.52 70.89 -84.35
CA GLU A 2824 -105.06 71.46 -85.57
C GLU A 2824 -104.07 71.29 -86.71
N LYS A 2825 -104.60 70.99 -87.90
CA LYS A 2825 -103.79 70.78 -89.11
C LYS A 2825 -103.87 72.03 -89.96
N ALA A 2826 -103.01 73.00 -89.64
CA ALA A 2826 -102.93 74.23 -90.42
C ALA A 2826 -102.42 73.95 -91.83
N ARG A 2827 -101.43 73.07 -91.96
CA ARG A 2827 -100.90 72.66 -93.25
C ARG A 2827 -101.85 71.67 -93.94
N GLU A 2828 -101.62 71.46 -95.24
CA GLU A 2828 -102.41 70.49 -96.00
C GLU A 2828 -101.49 69.87 -97.05
N GLY A 2829 -100.95 68.70 -96.72
CA GLY A 2829 -100.06 68.00 -97.63
C GLY A 2829 -100.25 66.50 -97.51
N GLU A 2830 -99.65 65.78 -98.47
CA GLU A 2830 -99.66 64.31 -98.57
C GLU A 2830 -101.07 63.72 -98.57
N TYR A 2855 -84.10 52.77 -99.26
CA TYR A 2855 -84.19 52.69 -97.80
C TYR A 2855 -83.01 53.44 -97.17
N ASN A 2856 -83.19 54.76 -96.99
CA ASN A 2856 -82.17 55.62 -96.43
C ASN A 2856 -82.87 56.66 -95.57
N PRO A 2857 -82.44 56.85 -94.31
CA PRO A 2857 -83.10 57.84 -93.44
C PRO A 2857 -82.77 59.29 -93.77
N GLN A 2858 -83.27 59.77 -94.91
CA GLN A 2858 -82.98 61.13 -95.36
C GLN A 2858 -83.52 62.24 -94.43
N PRO A 2859 -84.80 62.27 -94.01
CA PRO A 2859 -85.29 63.46 -93.26
C PRO A 2859 -84.68 63.54 -91.87
N PRO A 2860 -84.01 64.65 -91.54
CA PRO A 2860 -83.41 64.80 -90.21
C PRO A 2860 -84.35 65.42 -89.20
N ASP A 2861 -84.46 64.79 -88.02
CA ASP A 2861 -85.29 65.28 -86.93
C ASP A 2861 -84.35 65.50 -85.75
N LEU A 2862 -83.77 66.70 -85.68
CA LEU A 2862 -82.83 67.08 -84.65
C LEU A 2862 -83.53 67.94 -83.60
N SER A 2863 -83.34 67.58 -82.33
CA SER A 2863 -83.94 68.30 -81.22
C SER A 2863 -83.10 69.48 -80.75
N GLY A 2864 -81.98 69.78 -81.41
CA GLY A 2864 -81.10 70.85 -80.99
C GLY A 2864 -81.50 72.25 -81.40
N VAL A 2865 -82.62 72.42 -82.10
CA VAL A 2865 -83.09 73.74 -82.47
C VAL A 2865 -83.99 74.29 -81.36
N THR A 2866 -84.00 75.62 -81.22
CA THR A 2866 -84.77 76.28 -80.18
C THR A 2866 -86.27 76.16 -80.45
N LEU A 2867 -87.06 76.34 -79.39
CA LEU A 2867 -88.50 76.17 -79.48
C LEU A 2867 -89.15 76.95 -78.35
N SER A 2868 -90.42 77.34 -78.57
CA SER A 2868 -91.16 78.21 -77.67
C SER A 2868 -91.39 77.55 -76.31
N ARG A 2869 -91.42 78.41 -75.27
CA ARG A 2869 -91.57 77.93 -73.89
C ARG A 2869 -92.92 77.27 -73.65
N GLU A 2870 -94.00 77.83 -74.22
CA GLU A 2870 -95.34 77.27 -74.02
CA GLU A 2870 -95.34 77.27 -74.02
C GLU A 2870 -95.44 75.84 -74.54
N LEU A 2871 -94.91 75.59 -75.73
CA LEU A 2871 -94.93 74.25 -76.30
C LEU A 2871 -93.92 73.33 -75.59
N GLN A 2872 -92.76 73.88 -75.21
CA GLN A 2872 -91.76 73.07 -74.51
C GLN A 2872 -92.27 72.62 -73.14
N ALA A 2873 -93.06 73.46 -72.46
CA ALA A 2873 -93.64 73.08 -71.18
C ALA A 2873 -94.57 71.87 -71.35
N MET A 2874 -95.33 71.86 -72.45
CA MET A 2874 -96.16 70.71 -72.79
C MET A 2874 -95.31 69.48 -73.02
N ALA A 2875 -94.16 69.65 -73.70
CA ALA A 2875 -93.24 68.52 -73.92
C ALA A 2875 -92.71 67.99 -72.59
N GLU A 2876 -92.42 68.89 -71.65
CA GLU A 2876 -92.00 68.51 -70.30
C GLU A 2876 -93.09 67.72 -69.59
N GLN A 2877 -94.34 68.17 -69.70
CA GLN A 2877 -95.47 67.42 -69.12
C GLN A 2877 -95.62 66.05 -69.77
N LEU A 2878 -95.46 65.97 -71.10
CA LEU A 2878 -95.50 64.68 -71.77
C LEU A 2878 -94.37 63.76 -71.33
N ALA A 2879 -93.17 64.31 -71.12
CA ALA A 2879 -92.08 63.53 -70.52
C ALA A 2879 -92.41 63.08 -69.11
N GLU A 2880 -93.08 63.95 -68.34
CA GLU A 2880 -93.58 63.57 -67.02
C GLU A 2880 -94.60 62.43 -67.09
N ASN A 2881 -95.49 62.50 -68.09
CA ASN A 2881 -96.48 61.43 -68.27
C ASN A 2881 -95.81 60.13 -68.66
N TYR A 2882 -94.80 60.19 -69.54
CA TYR A 2882 -94.05 58.99 -69.93
C TYR A 2882 -93.35 58.40 -68.71
N HIS A 2883 -92.83 59.28 -67.84
CA HIS A 2883 -92.13 58.83 -66.64
C HIS A 2883 -93.09 58.17 -65.65
N ASN A 2884 -94.25 58.78 -65.42
CA ASN A 2884 -95.15 58.22 -64.41
C ASN A 2884 -95.84 56.95 -64.93
N THR A 2885 -96.14 56.88 -66.23
CA THR A 2885 -96.65 55.64 -66.80
C THR A 2885 -95.64 54.50 -66.70
N TRP A 2886 -94.35 54.80 -66.99
CA TRP A 2886 -93.30 53.81 -66.78
C TRP A 2886 -93.17 53.45 -65.31
N GLY A 2887 -93.31 54.44 -64.42
CA GLY A 2887 -93.23 54.17 -62.99
C GLY A 2887 -94.36 53.28 -62.53
N ARG A 2888 -95.57 53.52 -63.04
CA ARG A 2888 -96.75 52.73 -62.68
C ARG A 2888 -96.58 51.28 -63.10
N LYS A 2889 -96.11 51.05 -64.34
CA LYS A 2889 -95.82 49.68 -64.73
C LYS A 2889 -94.64 49.08 -63.99
N LYS A 2890 -93.70 49.91 -63.52
CA LYS A 2890 -92.59 49.40 -62.73
C LYS A 2890 -93.07 48.94 -61.36
N LYS A 2891 -93.89 49.79 -60.70
CA LYS A 2891 -94.40 49.42 -59.40
C LYS A 2891 -95.42 48.28 -59.47
N GLN A 2892 -95.99 48.00 -60.66
CA GLN A 2892 -96.83 46.81 -60.77
C GLN A 2892 -96.00 45.56 -60.52
N GLU A 2893 -94.78 45.52 -61.07
CA GLU A 2893 -93.83 44.45 -60.81
C GLU A 2893 -93.32 44.49 -59.38
N LEU A 2894 -93.12 45.70 -58.84
CA LEU A 2894 -92.54 45.85 -57.50
C LEU A 2894 -93.52 45.54 -56.37
N GLU A 2895 -94.82 45.78 -56.59
CA GLU A 2895 -95.84 45.62 -55.56
C GLU A 2895 -96.12 44.17 -55.19
N ALA A 2896 -95.59 43.20 -55.93
CA ALA A 2896 -95.78 41.78 -55.61
C ALA A 2896 -95.17 41.42 -54.26
N LYS A 2897 -94.12 42.12 -53.83
CA LYS A 2897 -93.49 41.85 -52.54
C LYS A 2897 -93.69 42.97 -51.52
N GLY A 2898 -93.86 44.20 -51.97
CA GLY A 2898 -94.04 45.32 -51.05
C GLY A 2898 -92.79 45.76 -50.32
N GLY A 2899 -91.61 45.54 -50.90
CA GLY A 2899 -90.38 45.92 -50.24
C GLY A 2899 -89.43 46.62 -51.20
N GLY A 2900 -88.66 47.55 -50.64
CA GLY A 2900 -87.70 48.30 -51.42
C GLY A 2900 -88.36 49.36 -52.29
N THR A 2901 -87.55 49.94 -53.17
CA THR A 2901 -88.04 50.95 -54.09
C THR A 2901 -87.18 50.93 -55.36
N HIS A 2902 -87.83 51.20 -56.48
CA HIS A 2902 -87.20 51.28 -57.79
C HIS A 2902 -86.44 52.59 -57.93
N PRO A 2903 -85.22 52.56 -58.48
CA PRO A 2903 -84.43 53.80 -58.64
C PRO A 2903 -85.09 54.86 -59.52
N LEU A 2904 -85.87 54.46 -60.51
CA LEU A 2904 -86.55 55.40 -61.39
C LEU A 2904 -87.96 55.76 -60.92
N LEU A 2905 -88.40 55.25 -59.78
CA LEU A 2905 -89.68 55.64 -59.16
C LEU A 2905 -89.51 56.98 -58.43
N VAL A 2906 -89.25 58.03 -59.22
CA VAL A 2906 -88.87 59.34 -58.74
C VAL A 2906 -89.66 60.44 -59.46
N PRO A 2907 -89.94 61.57 -58.81
CA PRO A 2907 -90.75 62.61 -59.46
C PRO A 2907 -90.02 63.29 -60.61
N TYR A 2908 -90.79 63.80 -61.58
CA TYR A 2908 -90.20 64.49 -62.72
C TYR A 2908 -89.61 65.83 -62.33
N ASP A 2909 -90.32 66.61 -61.50
CA ASP A 2909 -89.81 67.91 -61.06
C ASP A 2909 -88.60 67.79 -60.14
N THR A 2910 -88.28 66.59 -59.66
CA THR A 2910 -87.12 66.33 -58.84
C THR A 2910 -85.94 65.80 -59.66
N LEU A 2911 -86.19 65.06 -60.75
CA LEU A 2911 -85.11 64.40 -61.48
C LEU A 2911 -84.23 65.41 -62.22
N THR A 2912 -82.93 65.15 -62.20
CA THR A 2912 -81.92 65.97 -62.84
C THR A 2912 -81.65 65.53 -64.28
N ALA A 2913 -80.60 66.13 -64.87
CA ALA A 2913 -80.35 65.97 -66.29
C ALA A 2913 -79.78 64.61 -66.65
N LYS A 2914 -79.16 63.91 -65.69
CA LYS A 2914 -78.47 62.67 -66.03
C LYS A 2914 -79.49 61.60 -66.47
N GLU A 2915 -80.61 61.51 -65.75
CA GLU A 2915 -81.68 60.61 -66.13
C GLU A 2915 -82.81 61.33 -66.87
N LYS A 2916 -82.68 62.64 -67.14
CA LYS A 2916 -83.73 63.34 -67.86
C LYS A 2916 -83.62 63.13 -69.37
N ALA A 2917 -82.53 62.50 -69.83
CA ALA A 2917 -82.24 62.38 -71.25
C ALA A 2917 -83.25 61.52 -71.98
N ARG A 2918 -83.67 60.41 -71.36
CA ARG A 2918 -84.52 59.41 -72.02
C ARG A 2918 -85.86 60.02 -72.38
N ASP A 2919 -86.53 60.64 -71.41
CA ASP A 2919 -87.86 61.19 -71.68
C ASP A 2919 -87.76 62.49 -72.46
N ARG A 2920 -86.76 63.33 -72.14
CA ARG A 2920 -86.63 64.64 -72.77
C ARG A 2920 -86.30 64.53 -74.25
N GLU A 2921 -85.36 63.66 -74.62
CA GLU A 2921 -84.91 63.56 -76.00
C GLU A 2921 -86.04 63.09 -76.92
N LYS A 2922 -86.77 62.06 -76.49
CA LYS A 2922 -87.90 61.55 -77.27
C LYS A 2922 -89.03 62.58 -77.37
N ALA A 2923 -89.36 63.25 -76.25
CA ALA A 2923 -90.42 64.25 -76.29
C ALA A 2923 -90.03 65.45 -77.17
N GLN A 2924 -88.77 65.89 -77.05
CA GLN A 2924 -88.30 67.02 -77.86
C GLN A 2924 -88.29 66.64 -79.34
N GLU A 2925 -87.89 65.40 -79.66
CA GLU A 2925 -87.89 64.95 -81.05
C GLU A 2925 -89.31 64.95 -81.60
N LEU A 2926 -90.27 64.52 -80.78
CA LEU A 2926 -91.67 64.50 -81.20
C LEU A 2926 -92.15 65.92 -81.49
N LEU A 2927 -91.75 66.87 -80.62
CA LEU A 2927 -92.16 68.26 -80.80
C LEU A 2927 -91.52 68.89 -82.04
N LYS A 2928 -90.27 68.52 -82.36
CA LYS A 2928 -89.67 68.95 -83.62
C LYS A 2928 -90.43 68.38 -84.81
N PHE A 2929 -90.85 67.12 -84.72
CA PHE A 2929 -91.62 66.49 -85.80
C PHE A 2929 -92.96 67.21 -86.01
N LEU A 2930 -93.58 67.61 -84.89
CA LEU A 2930 -94.83 68.37 -84.96
C LEU A 2930 -94.60 69.74 -85.58
N GLN A 2931 -93.52 70.43 -85.17
CA GLN A 2931 -93.30 71.79 -85.65
C GLN A 2931 -92.87 71.80 -87.11
N MET A 2932 -92.04 70.83 -87.54
CA MET A 2932 -91.63 70.76 -88.94
C MET A 2932 -92.82 70.48 -89.83
N ASN A 2933 -93.74 69.59 -89.40
CA ASN A 2933 -94.93 69.39 -90.21
C ASN A 2933 -95.91 70.54 -90.12
N GLY A 2934 -95.86 71.32 -89.04
CA GLY A 2934 -96.79 72.43 -88.87
C GLY A 2934 -97.94 72.11 -87.95
N TYR A 2935 -97.64 71.50 -86.80
CA TYR A 2935 -98.63 71.12 -85.81
C TYR A 2935 -98.49 72.00 -84.58
N ALA A 2936 -99.42 72.95 -84.42
CA ALA A 2936 -99.45 73.82 -83.26
C ALA A 2936 -100.50 73.30 -82.29
N VAL A 2937 -100.08 72.94 -81.09
CA VAL A 2937 -100.96 72.36 -80.07
C VAL A 2937 -100.93 73.31 -78.88
N THR A 2938 -102.10 73.76 -78.45
CA THR A 2938 -102.20 74.72 -77.35
C THR A 2938 -103.35 74.31 -76.44
N ARG A 2939 -103.12 74.44 -75.13
CA ARG A 2939 -104.15 74.15 -74.13
C ARG A 2939 -105.34 75.11 -74.24
N LEU A 2946 -97.14 81.93 -66.89
CA LEU A 2946 -97.41 82.49 -68.21
C LEU A 2946 -96.58 83.76 -68.41
N ASP A 2947 -95.56 83.65 -69.27
CA ASP A 2947 -94.63 84.72 -69.63
C ASP A 2947 -93.98 85.33 -68.37
N THR A 2948 -93.56 84.47 -67.46
CA THR A 2948 -92.92 84.92 -66.23
C THR A 2948 -91.52 85.47 -66.51
N SER A 2949 -91.09 86.37 -65.64
CA SER A 2949 -89.76 86.98 -65.75
C SER A 2949 -88.88 86.50 -64.61
N SER A 2950 -87.59 86.83 -64.72
CA SER A 2950 -86.57 86.37 -63.77
C SER A 2950 -86.85 86.88 -62.37
N ILE A 2951 -87.32 88.14 -62.25
CA ILE A 2951 -87.62 88.71 -60.95
C ILE A 2951 -88.76 87.91 -60.32
N GLU A 2952 -89.78 87.56 -61.11
CA GLU A 2952 -90.85 86.72 -60.58
C GLU A 2952 -90.35 85.32 -60.24
N LYS A 2953 -89.23 84.89 -60.86
CA LYS A 2953 -88.66 83.58 -60.56
C LYS A 2953 -87.77 83.61 -59.33
N ARG A 2954 -87.43 84.79 -58.81
CA ARG A 2954 -86.49 84.87 -57.69
C ARG A 2954 -87.08 84.26 -56.43
N PHE A 2955 -86.23 83.53 -55.70
CA PHE A 2955 -86.65 82.90 -54.45
C PHE A 2955 -87.05 83.92 -53.39
N ALA A 2956 -86.29 85.01 -53.24
CA ALA A 2956 -86.68 86.07 -52.32
C ALA A 2956 -88.02 86.70 -52.70
N PHE A 2957 -88.21 86.97 -54.00
CA PHE A 2957 -89.48 87.49 -54.50
C PHE A 2957 -90.63 86.53 -54.26
N GLY A 2958 -90.40 85.24 -54.51
CA GLY A 2958 -91.37 84.20 -54.18
C GLY A 2958 -91.67 84.07 -52.70
N PHE A 2959 -90.69 84.33 -51.85
CA PHE A 2959 -90.95 84.32 -50.41
C PHE A 2959 -91.68 85.58 -49.97
N LEU A 2960 -91.32 86.73 -50.56
CA LEU A 2960 -91.91 88.01 -50.15
C LEU A 2960 -93.37 88.10 -50.55
N GLN A 2961 -93.73 87.55 -51.73
CA GLN A 2961 -95.12 87.57 -52.14
C GLN A 2961 -95.97 86.78 -51.14
N GLN A 2962 -95.48 85.60 -50.70
CA GLN A 2962 -96.22 84.79 -49.75
C GLN A 2962 -96.29 85.50 -48.40
N LEU A 2963 -95.24 86.26 -48.08
CA LEU A 2963 -95.22 87.03 -46.83
C LEU A 2963 -96.33 88.07 -46.84
N LEU A 2964 -96.52 88.75 -47.97
CA LEU A 2964 -97.62 89.72 -48.08
C LEU A 2964 -98.99 89.03 -48.07
N ARG A 2965 -99.09 87.85 -48.70
CA ARG A 2965 -100.34 87.10 -48.67
C ARG A 2965 -100.73 86.66 -47.26
N TRP A 2966 -99.75 86.22 -46.46
CA TRP A 2966 -100.07 85.95 -45.07
C TRP A 2966 -100.16 87.22 -44.24
N MET A 2967 -99.58 88.32 -44.70
CA MET A 2967 -99.66 89.59 -43.99
C MET A 2967 -101.09 90.13 -44.01
N ASP A 2968 -101.77 90.04 -45.15
CA ASP A 2968 -103.17 90.46 -45.17
C ASP A 2968 -104.05 89.57 -44.30
N ILE A 2969 -103.75 88.26 -44.22
CA ILE A 2969 -104.43 87.38 -43.28
C ILE A 2969 -104.15 87.82 -41.83
N SER A 2970 -102.93 88.27 -41.57
CA SER A 2970 -102.60 88.83 -40.26
C SER A 2970 -103.44 90.05 -39.97
N GLN A 2971 -103.61 90.94 -40.96
CA GLN A 2971 -104.54 92.06 -40.77
C GLN A 2971 -105.99 91.59 -40.65
N GLU A 2972 -106.29 90.40 -41.17
CA GLU A 2972 -107.66 89.91 -41.20
C GLU A 2972 -108.12 89.50 -39.81
N PHE A 2973 -107.27 88.76 -39.08
CA PHE A 2973 -107.76 88.25 -37.79
C PHE A 2973 -107.61 89.25 -36.64
N ILE A 2974 -106.65 90.17 -36.72
CA ILE A 2974 -106.44 91.15 -35.63
C ILE A 2974 -107.67 92.01 -35.40
N ALA A 2975 -108.38 92.39 -36.46
CA ALA A 2975 -109.63 93.16 -36.32
C ALA A 2975 -110.67 92.36 -35.54
N HIS A 2976 -110.75 91.06 -35.81
CA HIS A 2976 -111.65 90.18 -35.07
C HIS A 2976 -111.27 90.14 -33.60
N LEU A 2977 -109.98 89.95 -33.31
CA LEU A 2977 -109.55 89.85 -31.91
C LEU A 2977 -109.79 91.15 -31.15
N GLU A 2978 -109.54 92.30 -31.80
CA GLU A 2978 -109.78 93.61 -31.20
C GLU A 2978 -111.25 93.80 -30.89
N ALA A 2979 -112.12 93.34 -31.79
CA ALA A 2979 -113.54 93.54 -31.58
C ALA A 2979 -114.03 92.64 -30.46
N VAL A 2980 -113.64 91.35 -30.48
CA VAL A 2980 -114.22 90.38 -29.56
C VAL A 2980 -113.74 90.64 -28.13
N VAL A 2981 -112.47 91.05 -27.94
CA VAL A 2981 -111.99 91.26 -26.58
C VAL A 2981 -112.67 92.47 -25.93
N SER A 2982 -112.95 93.51 -26.71
CA SER A 2982 -113.62 94.69 -26.18
C SER A 2982 -115.10 94.42 -25.93
N SER A 2983 -115.79 93.79 -26.89
CA SER A 2983 -117.22 93.55 -26.74
C SER A 2983 -117.61 92.26 -27.44
N GLY A 2984 -118.64 91.60 -26.91
CA GLY A 2984 -119.09 90.33 -27.47
C GLY A 2984 -118.04 89.24 -27.38
N ARG A 2985 -117.70 88.84 -26.17
CA ARG A 2985 -116.60 87.90 -25.94
C ARG A 2985 -117.01 86.51 -26.42
N VAL A 2986 -116.35 86.04 -27.47
CA VAL A 2986 -116.50 84.68 -27.98
C VAL A 2986 -115.13 84.01 -27.96
N GLU A 2987 -115.07 82.81 -27.41
CA GLU A 2987 -113.82 82.09 -27.21
C GLU A 2987 -113.58 81.02 -28.26
N LYS A 2988 -114.36 81.00 -29.34
CA LYS A 2988 -114.16 80.02 -30.40
C LYS A 2988 -112.81 80.20 -31.09
N SER A 2989 -112.43 81.46 -31.37
CA SER A 2989 -111.20 81.88 -32.05
C SER A 2989 -111.02 81.14 -33.37
N PRO A 2990 -111.80 81.45 -34.42
CA PRO A 2990 -111.74 80.67 -35.67
C PRO A 2990 -110.38 80.70 -36.36
N HIS A 2991 -109.55 81.70 -36.09
CA HIS A 2991 -108.26 81.84 -36.77
C HIS A 2991 -107.12 81.32 -35.92
N GLU A 2992 -107.38 80.32 -35.06
CA GLU A 2992 -106.37 79.83 -34.10
C GLU A 2992 -105.16 79.24 -34.79
N GLN A 2993 -105.38 78.44 -35.84
CA GLN A 2993 -104.29 77.84 -36.59
C GLN A 2993 -103.46 78.91 -37.28
N GLU A 2994 -104.12 79.92 -37.86
CA GLU A 2994 -103.41 81.00 -38.53
C GLU A 2994 -102.61 81.83 -37.53
N ILE A 2995 -103.17 82.08 -36.34
CA ILE A 2995 -102.47 82.81 -35.28
C ILE A 2995 -101.21 82.07 -34.86
N LYS A 2996 -101.35 80.76 -34.61
CA LYS A 2996 -100.21 79.95 -34.19
C LYS A 2996 -99.15 79.84 -35.28
N PHE A 2997 -99.58 79.62 -36.53
CA PHE A 2997 -98.63 79.52 -37.63
C PHE A 2997 -97.90 80.83 -37.89
N PHE A 2998 -98.61 81.96 -37.86
CA PHE A 2998 -97.97 83.26 -38.03
C PHE A 2998 -97.02 83.59 -36.90
N ALA A 2999 -97.43 83.33 -35.66
CA ALA A 2999 -96.65 83.71 -34.49
C ALA A 2999 -95.44 82.81 -34.31
N LYS A 3000 -95.56 81.54 -34.64
CA LYS A 3000 -94.51 80.58 -34.34
C LYS A 3000 -93.70 80.20 -35.57
N ILE A 3001 -94.09 80.67 -36.76
CA ILE A 3001 -93.35 80.37 -37.97
C ILE A 3001 -92.87 81.65 -38.65
N LEU A 3002 -93.80 82.56 -38.97
CA LEU A 3002 -93.47 83.75 -39.75
C LEU A 3002 -92.46 84.65 -39.05
N LEU A 3003 -92.69 84.95 -37.76
CA LEU A 3003 -91.75 85.78 -37.02
C LEU A 3003 -90.35 85.16 -36.88
N PRO A 3004 -90.17 83.89 -36.46
CA PRO A 3004 -88.81 83.33 -36.50
C PRO A 3004 -88.22 83.23 -37.91
N LEU A 3005 -89.04 82.95 -38.93
CA LEU A 3005 -88.52 82.85 -40.29
C LEU A 3005 -88.00 84.20 -40.78
N ILE A 3006 -88.76 85.27 -40.53
CA ILE A 3006 -88.29 86.61 -40.89
C ILE A 3006 -87.06 86.97 -40.06
N ASN A 3007 -87.03 86.51 -38.80
CA ASN A 3007 -85.91 86.76 -37.90
C ASN A 3007 -84.61 86.18 -38.46
N GLN A 3008 -84.59 84.88 -38.72
CA GLN A 3008 -83.35 84.25 -39.15
C GLN A 3008 -83.03 84.60 -40.60
N TYR A 3009 -84.04 84.57 -41.48
CA TYR A 3009 -83.84 84.79 -42.91
C TYR A 3009 -83.31 86.20 -43.15
N PHE A 3010 -83.90 87.19 -42.48
CA PHE A 3010 -83.46 88.56 -42.66
C PHE A 3010 -82.15 88.80 -41.94
N THR A 3011 -81.89 88.11 -40.82
CA THR A 3011 -80.60 88.28 -40.15
C THR A 3011 -79.46 87.82 -41.04
N ASN A 3012 -79.62 86.66 -41.68
CA ASN A 3012 -78.61 86.16 -42.60
C ASN A 3012 -78.60 86.86 -43.96
N HIS A 3013 -79.69 87.52 -44.34
CA HIS A 3013 -79.80 88.12 -45.66
C HIS A 3013 -80.06 89.62 -45.61
N CYS A 3014 -79.68 90.28 -44.51
CA CYS A 3014 -79.82 91.73 -44.39
C CYS A 3014 -78.98 92.46 -45.43
N LEU A 3015 -77.76 91.98 -45.68
CA LEU A 3015 -76.86 92.63 -46.63
C LEU A 3015 -77.40 92.56 -48.05
N TYR A 3016 -78.09 91.47 -48.41
CA TYR A 3016 -78.63 91.31 -49.76
C TYR A 3016 -79.67 92.37 -50.08
N PHE A 3017 -80.59 92.61 -49.14
CA PHE A 3017 -81.62 93.63 -49.34
C PHE A 3017 -81.03 95.02 -49.35
N LEU A 3018 -79.97 95.25 -48.59
CA LEU A 3018 -79.27 96.52 -48.65
C LEU A 3018 -78.35 96.63 -49.85
N SER A 3019 -78.04 95.51 -50.51
CA SER A 3019 -77.15 95.52 -51.65
C SER A 3019 -77.81 96.19 -52.85
N THR A 3020 -77.04 97.02 -53.55
CA THR A 3020 -77.43 97.71 -54.76
C THR A 3020 -76.34 97.49 -55.79
N PRO A 3021 -76.66 97.51 -57.09
CA PRO A 3021 -75.62 97.32 -58.11
C PRO A 3021 -74.49 98.34 -58.06
N ALA A 3022 -74.75 99.57 -57.61
CA ALA A 3022 -73.71 100.58 -57.52
C ALA A 3022 -72.78 100.35 -56.32
N LYS A 3023 -73.21 99.56 -55.33
CA LYS A 3023 -72.40 99.36 -54.13
C LYS A 3023 -72.84 98.04 -53.51
N VAL A 3024 -71.95 97.04 -53.53
CA VAL A 3024 -72.28 95.70 -53.05
C VAL A 3024 -71.77 95.54 -51.63
N LEU A 3025 -72.52 94.80 -50.82
CA LEU A 3025 -72.13 94.46 -49.47
C LEU A 3025 -72.14 92.97 -49.20
N GLY A 3026 -73.11 92.24 -49.77
CA GLY A 3026 -73.22 90.81 -49.54
C GLY A 3026 -72.23 90.01 -50.38
N SER A 3027 -72.30 88.69 -50.18
CA SER A 3027 -71.41 87.78 -50.90
C SER A 3027 -71.66 87.83 -52.41
N GLY A 3028 -72.92 87.85 -52.81
CA GLY A 3028 -73.25 87.91 -54.23
C GLY A 3028 -74.72 88.23 -54.47
N GLY A 3029 -75.00 89.00 -55.52
CA GLY A 3029 -76.36 89.36 -55.84
C GLY A 3029 -76.93 90.49 -55.02
N HIS A 3030 -77.70 91.36 -55.66
CA HIS A 3030 -78.33 92.49 -55.01
C HIS A 3030 -79.84 92.40 -55.20
N ALA A 3031 -80.57 92.89 -54.20
CA ALA A 3031 -82.03 92.84 -54.23
C ALA A 3031 -82.59 93.70 -55.36
N SER A 3032 -83.65 93.22 -55.97
CA SER A 3032 -84.27 93.99 -57.04
C SER A 3032 -85.06 95.16 -56.45
N ASN A 3033 -85.52 96.03 -57.36
CA ASN A 3033 -86.32 97.17 -56.97
C ASN A 3033 -87.64 96.71 -56.36
N LYS A 3034 -88.25 95.68 -56.95
CA LYS A 3034 -89.52 95.14 -56.47
C LYS A 3034 -89.37 94.60 -55.06
N GLU A 3035 -88.26 93.87 -54.81
CA GLU A 3035 -88.04 93.29 -53.49
C GLU A 3035 -87.85 94.38 -52.45
N LYS A 3036 -87.08 95.44 -52.79
CA LYS A 3036 -86.86 96.53 -51.84
C LYS A 3036 -88.16 97.27 -51.54
N GLU A 3037 -89.06 97.34 -52.52
CA GLU A 3037 -90.34 97.99 -52.25
C GLU A 3037 -91.23 97.08 -51.41
N MET A 3038 -91.22 95.77 -51.69
CA MET A 3038 -92.06 94.86 -50.93
C MET A 3038 -91.63 94.78 -49.47
N ILE A 3039 -90.31 94.74 -49.21
CA ILE A 3039 -89.86 94.73 -47.81
C ILE A 3039 -90.22 96.05 -47.12
N THR A 3040 -90.14 97.18 -47.83
CA THR A 3040 -90.57 98.45 -47.22
C THR A 3040 -92.07 98.47 -46.92
N SER A 3041 -92.89 98.00 -47.88
CA SER A 3041 -94.33 97.93 -47.67
C SER A 3041 -94.68 96.97 -46.55
N LEU A 3042 -94.00 95.82 -46.50
CA LEU A 3042 -94.21 94.85 -45.42
C LEU A 3042 -93.84 95.46 -44.06
N PHE A 3043 -92.74 96.21 -44.00
CA PHE A 3043 -92.34 96.87 -42.76
C PHE A 3043 -93.42 97.85 -42.29
N CYS A 3044 -93.97 98.63 -43.22
CA CYS A 3044 -95.08 99.53 -42.87
C CYS A 3044 -96.30 98.74 -42.41
N LYS A 3045 -96.60 97.64 -43.10
CA LYS A 3045 -97.76 96.82 -42.76
C LYS A 3045 -97.61 96.21 -41.37
N LEU A 3046 -96.41 95.74 -41.03
CA LEU A 3046 -96.14 95.25 -39.67
C LEU A 3046 -96.28 96.36 -38.64
N ALA A 3047 -95.81 97.57 -38.97
CA ALA A 3047 -95.92 98.70 -38.06
C ALA A 3047 -97.38 99.04 -37.74
N ALA A 3048 -98.23 99.02 -38.77
CA ALA A 3048 -99.65 99.23 -38.52
C ALA A 3048 -100.29 98.00 -37.89
N LEU A 3049 -99.72 96.82 -38.11
CA LEU A 3049 -100.20 95.60 -37.48
C LEU A 3049 -99.99 95.64 -35.98
N VAL A 3050 -98.86 96.20 -35.54
CA VAL A 3050 -98.51 96.18 -34.13
C VAL A 3050 -99.02 97.44 -33.42
N ARG A 3051 -99.42 98.48 -34.17
CA ARG A 3051 -99.89 99.73 -33.57
C ARG A 3051 -101.10 99.50 -32.66
N HIS A 3052 -100.95 99.81 -31.37
CA HIS A 3052 -101.94 99.63 -30.30
C HIS A 3052 -102.32 98.17 -30.07
N ARG A 3053 -101.57 97.21 -30.63
CA ARG A 3053 -101.84 95.78 -30.48
C ARG A 3053 -100.68 95.05 -29.81
N VAL A 3054 -99.88 95.76 -29.01
CA VAL A 3054 -98.73 95.16 -28.34
C VAL A 3054 -99.15 94.18 -27.24
N SER A 3055 -100.13 94.53 -26.43
CA SER A 3055 -100.55 93.63 -25.36
C SER A 3055 -101.45 92.51 -25.85
N LEU A 3056 -102.05 92.66 -27.02
CA LEU A 3056 -102.92 91.60 -27.54
C LEU A 3056 -102.13 90.36 -27.92
N PHE A 3057 -100.94 90.55 -28.49
CA PHE A 3057 -100.12 89.42 -28.93
C PHE A 3057 -99.38 88.75 -27.78
N GLY A 3058 -99.23 89.42 -26.64
CA GLY A 3058 -98.59 88.83 -25.48
C GLY A 3058 -97.13 88.48 -25.67
N THR A 3059 -96.84 87.17 -25.71
CA THR A 3059 -95.49 86.65 -25.86
C THR A 3059 -94.99 86.71 -27.29
N ASP A 3060 -95.87 86.93 -28.26
CA ASP A 3060 -95.46 87.05 -29.65
C ASP A 3060 -94.96 88.45 -30.00
N ALA A 3061 -95.28 89.44 -29.15
CA ALA A 3061 -94.80 90.80 -29.36
C ALA A 3061 -93.27 90.94 -29.34
N PRO A 3062 -92.49 90.35 -28.42
CA PRO A 3062 -91.02 90.47 -28.57
C PRO A 3062 -90.48 89.94 -29.90
N ALA A 3063 -91.08 88.89 -30.44
CA ALA A 3063 -90.75 88.42 -31.78
C ALA A 3063 -91.11 89.46 -32.83
N VAL A 3064 -92.27 90.13 -32.65
CA VAL A 3064 -92.67 91.15 -33.61
C VAL A 3064 -91.69 92.31 -33.60
N VAL A 3065 -91.34 92.80 -32.41
CA VAL A 3065 -90.44 93.95 -32.31
C VAL A 3065 -89.04 93.59 -32.81
N ASN A 3066 -88.61 92.32 -32.66
CA ASN A 3066 -87.33 91.92 -33.23
C ASN A 3066 -87.39 91.89 -34.75
N CYS A 3067 -88.52 91.47 -35.33
CA CYS A 3067 -88.69 91.54 -36.77
C CYS A 3067 -88.67 92.99 -37.24
N LEU A 3068 -89.29 93.88 -36.48
CA LEU A 3068 -89.29 95.31 -36.82
C LEU A 3068 -87.88 95.89 -36.78
N HIS A 3069 -87.08 95.49 -35.78
CA HIS A 3069 -85.71 95.99 -35.67
C HIS A 3069 -84.87 95.53 -36.85
N ILE A 3070 -84.98 94.24 -37.21
CA ILE A 3070 -84.20 93.70 -38.31
C ILE A 3070 -84.64 94.33 -39.63
N LEU A 3071 -85.95 94.52 -39.82
CA LEU A 3071 -86.44 95.19 -41.04
C LEU A 3071 -85.92 96.62 -41.12
N ALA A 3072 -85.88 97.33 -39.99
CA ALA A 3072 -85.34 98.68 -39.95
C ALA A 3072 -83.87 98.68 -40.34
N ARG A 3073 -83.10 97.70 -39.85
CA ARG A 3073 -81.70 97.61 -40.23
C ARG A 3073 -81.51 97.05 -41.64
N SER A 3074 -82.57 96.53 -42.27
CA SER A 3074 -82.51 96.00 -43.62
C SER A 3074 -83.41 96.76 -44.59
N LEU A 3075 -83.62 98.05 -44.35
CA LEU A 3075 -84.50 98.87 -45.19
C LEU A 3075 -83.64 99.64 -46.19
N ASP A 3076 -83.88 99.41 -47.47
CA ASP A 3076 -83.28 100.21 -48.54
C ASP A 3076 -84.25 101.30 -49.00
N ALA A 3077 -84.62 102.12 -48.01
CA ALA A 3077 -85.59 103.19 -48.22
C ALA A 3077 -85.10 104.26 -49.18
N ARG A 3078 -83.77 104.43 -49.32
CA ARG A 3078 -83.24 105.38 -50.30
C ARG A 3078 -83.62 104.97 -51.72
N THR A 3079 -83.48 103.67 -52.01
CA THR A 3079 -83.87 103.13 -53.32
C THR A 3079 -85.36 103.22 -53.51
N VAL A 3080 -86.13 102.97 -52.44
CA VAL A 3080 -87.58 103.01 -52.57
C VAL A 3080 -88.05 104.44 -52.81
N MET A 3081 -87.48 105.41 -52.07
CA MET A 3081 -87.86 106.81 -52.21
C MET A 3081 -87.49 107.36 -53.58
N LYS A 3082 -86.29 107.02 -54.09
CA LYS A 3082 -85.91 107.46 -55.44
C LYS A 3082 -86.81 106.83 -56.50
N SER A 3083 -87.12 105.54 -56.36
CA SER A 3083 -87.99 104.88 -57.34
C SER A 3083 -88.77 103.79 -56.63
N GLY A 3084 -90.08 103.96 -56.54
CA GLY A 3084 -90.94 103.01 -55.89
C GLY A 3084 -92.41 103.35 -56.08
N PRO A 3085 -93.28 102.57 -55.45
CA PRO A 3085 -94.71 102.84 -55.54
C PRO A 3085 -95.14 103.98 -54.63
N GLU A 3086 -96.06 104.79 -55.16
CA GLU A 3086 -96.60 105.91 -54.38
C GLU A 3086 -97.35 105.42 -53.17
N ILE A 3087 -98.03 104.27 -53.30
CA ILE A 3087 -98.76 103.69 -52.17
C ILE A 3087 -97.79 103.29 -51.05
N VAL A 3088 -96.66 102.67 -51.40
CA VAL A 3088 -95.66 102.27 -50.41
C VAL A 3088 -95.02 103.49 -49.76
N LYS A 3089 -94.67 104.50 -50.56
CA LYS A 3089 -94.04 105.71 -50.03
C LYS A 3089 -95.00 106.48 -49.13
N ALA A 3090 -96.25 106.63 -49.56
CA ALA A 3090 -97.27 107.30 -48.76
C ALA A 3090 -97.55 106.53 -47.48
N GLY A 3091 -97.60 105.20 -47.56
CA GLY A 3091 -97.75 104.39 -46.35
C GLY A 3091 -96.62 104.59 -45.36
N LEU A 3092 -95.38 104.70 -45.86
CA LEU A 3092 -94.24 105.04 -45.02
C LEU A 3092 -94.40 106.41 -44.38
N ARG A 3093 -94.84 107.40 -45.16
CA ARG A 3093 -95.02 108.74 -44.61
C ARG A 3093 -96.15 108.76 -43.58
N SER A 3094 -97.24 108.02 -43.84
CA SER A 3094 -98.34 107.91 -42.89
C SER A 3094 -97.86 107.26 -41.60
N PHE A 3095 -96.92 106.31 -41.71
CA PHE A 3095 -96.30 105.73 -40.52
C PHE A 3095 -95.51 106.79 -39.75
N PHE A 3096 -94.82 107.68 -40.48
CA PHE A 3096 -94.09 108.76 -39.83
C PHE A 3096 -95.04 109.70 -39.08
N GLU A 3097 -96.18 110.02 -39.69
CA GLU A 3097 -97.20 110.82 -39.02
C GLU A 3097 -97.77 110.09 -37.81
N SER A 3098 -98.02 108.78 -37.94
CA SER A 3098 -98.58 107.99 -36.85
C SER A 3098 -97.63 107.95 -35.67
N ALA A 3099 -96.33 107.79 -35.95
CA ALA A 3099 -95.31 107.82 -34.91
C ALA A 3099 -95.26 109.18 -34.25
N SER A 3100 -95.38 110.25 -35.04
CA SER A 3100 -95.41 111.61 -34.48
C SER A 3100 -96.62 111.81 -33.58
N GLU A 3101 -97.79 111.31 -33.99
CA GLU A 3101 -98.99 111.42 -33.17
C GLU A 3101 -98.85 110.65 -31.86
N ASP A 3102 -98.27 109.45 -31.92
CA ASP A 3102 -98.08 108.64 -30.71
C ASP A 3102 -97.09 109.31 -29.76
N ILE A 3103 -95.98 109.83 -30.30
CA ILE A 3103 -94.99 110.43 -29.41
C ILE A 3103 -95.52 111.75 -28.86
N GLU A 3104 -96.34 112.50 -29.62
CA GLU A 3104 -96.94 113.72 -29.09
C GLU A 3104 -97.99 113.39 -28.03
N LYS A 3105 -98.64 112.23 -28.15
CA LYS A 3105 -99.50 111.78 -27.07
C LYS A 3105 -98.67 111.45 -25.84
N MET A 3106 -97.46 110.89 -26.04
CA MET A 3106 -96.59 110.58 -24.92
C MET A 3106 -96.17 111.87 -24.20
N VAL A 3107 -95.82 112.90 -24.97
CA VAL A 3107 -95.33 114.14 -24.37
C VAL A 3107 -96.45 114.87 -23.63
N GLU A 3108 -97.69 114.82 -24.13
CA GLU A 3108 -98.77 115.45 -23.37
C GLU A 3108 -99.20 114.62 -22.18
N ASN A 3109 -99.08 113.29 -22.25
CA ASN A 3109 -99.26 112.46 -21.07
C ASN A 3109 -98.19 112.74 -20.01
N LEU A 3110 -96.93 112.88 -20.44
CA LEU A 3110 -95.84 113.26 -19.56
C LEU A 3110 -95.90 114.70 -19.08
N ARG A 3111 -96.76 115.53 -19.68
CA ARG A 3111 -97.00 116.89 -19.22
C ARG A 3111 -97.98 116.94 -18.03
N LEU A 3112 -98.21 115.80 -17.37
CA LEU A 3112 -99.21 115.57 -16.31
C LEU A 3112 -100.64 115.77 -16.82
N GLY A 3113 -100.84 115.69 -18.14
CA GLY A 3113 -102.19 115.70 -18.68
C GLY A 3113 -103.00 114.49 -18.24
N LYS A 3114 -102.36 113.32 -18.21
CA LYS A 3114 -102.97 112.14 -17.63
C LYS A 3114 -101.89 111.38 -16.86
N VAL A 3115 -102.30 110.72 -15.77
CA VAL A 3115 -101.38 109.98 -14.90
C VAL A 3115 -100.73 108.82 -15.65
N SER A 3116 -101.41 108.27 -16.65
CA SER A 3116 -100.96 107.18 -17.52
C SER A 3116 -100.64 105.91 -16.74
N LYS A 3123 -107.27 102.63 -20.63
CA LYS A 3123 -107.88 103.13 -21.85
C LYS A 3123 -106.85 103.22 -22.97
N GLY A 3124 -107.08 104.13 -23.92
CA GLY A 3124 -106.18 104.27 -25.05
C GLY A 3124 -104.85 104.90 -24.69
N VAL A 3125 -104.80 105.67 -23.60
CA VAL A 3125 -103.55 106.28 -23.14
C VAL A 3125 -102.56 105.21 -22.71
N GLY A 3126 -103.03 104.22 -21.96
CA GLY A 3126 -102.16 103.15 -21.48
C GLY A 3126 -101.61 102.32 -22.62
N GLN A 3127 -102.49 101.97 -23.58
CA GLN A 3127 -102.09 101.20 -24.76
C GLN A 3127 -101.10 101.96 -25.62
N ASN A 3128 -101.32 103.27 -25.82
CA ASN A 3128 -100.35 104.07 -26.58
C ASN A 3128 -99.01 104.16 -25.86
N LEU A 3129 -99.04 104.32 -24.53
CA LEU A 3129 -97.81 104.38 -23.75
C LEU A 3129 -97.01 103.09 -23.87
N THR A 3130 -97.65 101.95 -23.62
CA THR A 3130 -96.93 100.68 -23.70
C THR A 3130 -96.60 100.31 -25.14
N TYR A 3131 -97.34 100.84 -26.12
CA TYR A 3131 -97.01 100.57 -27.50
C TYR A 3131 -95.75 101.30 -27.90
N THR A 3132 -95.68 102.59 -27.57
CA THR A 3132 -94.54 103.37 -28.02
C THR A 3132 -93.27 103.05 -27.25
N THR A 3133 -93.35 102.95 -25.91
CA THR A 3133 -92.16 102.80 -25.08
C THR A 3133 -91.50 101.44 -25.24
N VAL A 3134 -92.21 100.48 -25.80
CA VAL A 3134 -91.73 99.11 -25.97
C VAL A 3134 -91.35 98.86 -27.40
N ALA A 3135 -92.23 99.21 -28.34
CA ALA A 3135 -92.00 98.89 -29.74
C ALA A 3135 -91.61 100.10 -30.56
N LEU A 3136 -92.42 101.17 -30.56
CA LEU A 3136 -92.25 102.26 -31.53
C LEU A 3136 -90.92 102.99 -31.36
N LEU A 3137 -90.64 103.46 -30.14
CA LEU A 3137 -89.43 104.25 -29.90
C LEU A 3137 -88.13 103.49 -30.15
N PRO A 3138 -87.88 102.26 -29.60
CA PRO A 3138 -86.64 101.57 -29.98
C PRO A 3138 -86.52 101.24 -31.46
N VAL A 3139 -87.62 100.90 -32.12
CA VAL A 3139 -87.58 100.64 -33.56
C VAL A 3139 -87.30 101.93 -34.34
N LEU A 3140 -87.90 103.04 -33.92
CA LEU A 3140 -87.61 104.34 -34.53
C LEU A 3140 -86.14 104.72 -34.35
N THR A 3141 -85.59 104.45 -33.17
CA THR A 3141 -84.15 104.63 -32.93
C THR A 3141 -83.31 103.72 -33.83
N THR A 3142 -83.75 102.48 -34.02
CA THR A 3142 -83.06 101.54 -34.90
C THR A 3142 -83.08 102.03 -36.35
N LEU A 3143 -84.23 102.53 -36.80
CA LEU A 3143 -84.36 103.07 -38.15
C LEU A 3143 -83.49 104.30 -38.32
N PHE A 3144 -83.45 105.17 -37.30
CA PHE A 3144 -82.58 106.35 -37.34
C PHE A 3144 -81.11 105.97 -37.42
N GLN A 3145 -80.68 104.97 -36.65
CA GLN A 3145 -79.30 104.49 -36.74
C GLN A 3145 -78.99 103.93 -38.12
N HIS A 3146 -79.92 103.15 -38.68
CA HIS A 3146 -79.75 102.61 -40.04
C HIS A 3146 -79.68 103.71 -41.09
N ILE A 3147 -80.52 104.74 -40.95
CA ILE A 3147 -80.54 105.83 -41.90
C ILE A 3147 -79.28 106.70 -41.76
N ALA A 3148 -78.90 107.01 -40.53
CA ALA A 3148 -77.74 107.86 -40.29
C ALA A 3148 -76.45 107.20 -40.77
N GLN A 3149 -76.29 105.90 -40.47
CA GLN A 3149 -75.12 105.16 -40.92
C GLN A 3149 -75.10 105.02 -42.44
N HIS A 3150 -76.26 104.75 -43.05
CA HIS A 3150 -76.34 104.58 -44.50
C HIS A 3150 -76.47 105.89 -45.27
N GLN A 3151 -76.51 107.03 -44.56
CA GLN A 3151 -76.69 108.38 -45.12
C GLN A 3151 -77.97 108.47 -45.94
N PHE A 3152 -79.02 107.82 -45.45
CA PHE A 3152 -80.33 107.75 -46.09
C PHE A 3152 -81.20 108.98 -45.84
N GLY A 3153 -80.81 109.85 -44.91
CA GLY A 3153 -81.61 111.02 -44.58
C GLY A 3153 -81.74 112.01 -45.73
N ASP A 3154 -80.67 112.16 -46.51
CA ASP A 3154 -80.66 113.07 -47.65
C ASP A 3154 -81.58 112.64 -48.78
N ASP A 3155 -82.07 111.39 -48.78
CA ASP A 3155 -82.90 110.88 -49.87
C ASP A 3155 -84.28 110.41 -49.42
N VAL A 3156 -84.52 110.23 -48.13
CA VAL A 3156 -85.82 109.77 -47.63
C VAL A 3156 -86.55 110.87 -46.88
N ILE A 3157 -85.84 111.63 -46.05
CA ILE A 3157 -86.44 112.74 -45.30
C ILE A 3157 -86.39 113.96 -46.21
N LEU A 3158 -87.37 114.04 -47.12
CA LEU A 3158 -87.37 115.05 -48.16
C LEU A 3158 -88.55 116.02 -48.10
N ASP A 3159 -89.78 115.51 -48.05
CA ASP A 3159 -90.95 116.36 -48.27
C ASP A 3159 -91.79 116.57 -47.01
N ASP A 3160 -92.29 115.51 -46.39
CA ASP A 3160 -93.14 115.61 -45.21
C ASP A 3160 -92.55 114.95 -43.99
N VAL A 3161 -91.56 114.06 -44.18
CA VAL A 3161 -90.86 113.45 -43.06
C VAL A 3161 -90.10 114.52 -42.28
N GLN A 3162 -89.59 115.55 -42.98
CA GLN A 3162 -88.97 116.70 -42.33
C GLN A 3162 -89.94 117.43 -41.40
N VAL A 3163 -91.19 117.60 -41.85
CA VAL A 3163 -92.27 118.17 -41.02
C VAL A 3163 -92.55 117.27 -39.82
N SER A 3164 -92.61 115.96 -40.03
CA SER A 3164 -92.81 115.02 -38.94
C SER A 3164 -91.67 115.10 -37.93
N CYS A 3165 -90.45 115.27 -38.43
CA CYS A 3165 -89.28 115.46 -37.59
C CYS A 3165 -89.42 116.72 -36.74
N TYR A 3166 -89.81 117.84 -37.36
CA TYR A 3166 -89.92 119.10 -36.63
C TYR A 3166 -91.00 119.02 -35.54
N ARG A 3167 -92.13 118.38 -35.85
CA ARG A 3167 -93.19 118.16 -34.87
C ARG A 3167 -92.69 117.33 -33.70
N THR A 3168 -91.94 116.27 -34.01
CA THR A 3168 -91.38 115.45 -32.94
C THR A 3168 -90.35 116.23 -32.14
N LEU A 3169 -89.54 117.08 -32.80
CA LEU A 3169 -88.49 117.85 -32.14
C LEU A 3169 -89.08 118.77 -31.09
N CYS A 3170 -90.15 119.47 -31.48
CA CYS A 3170 -90.82 120.40 -30.57
C CYS A 3170 -91.44 119.65 -29.40
N SER A 3171 -92.07 118.51 -29.69
CA SER A 3171 -92.79 117.79 -28.64
C SER A 3171 -91.82 117.22 -27.61
N ILE A 3172 -90.75 116.57 -28.06
CA ILE A 3172 -89.89 115.90 -27.10
C ILE A 3172 -89.00 116.90 -26.37
N TYR A 3173 -88.60 118.01 -27.02
CA TYR A 3173 -87.85 119.00 -26.28
C TYR A 3173 -88.74 119.83 -25.36
N SER A 3174 -90.07 119.74 -25.50
CA SER A 3174 -90.96 120.48 -24.61
C SER A 3174 -90.91 119.98 -23.16
N LEU A 3175 -90.27 118.83 -22.90
CA LEU A 3175 -90.11 118.22 -21.58
C LEU A 3175 -88.95 118.81 -20.79
N GLY A 3176 -88.30 119.85 -21.29
CA GLY A 3176 -87.16 120.44 -20.59
C GLY A 3176 -87.53 121.01 -19.24
N THR A 3177 -88.66 121.71 -19.15
CA THR A 3177 -89.13 122.30 -17.91
C THR A 3177 -90.09 121.38 -17.16
N THR A 3178 -90.30 120.16 -17.63
CA THR A 3178 -91.24 119.23 -17.05
C THR A 3178 -90.48 118.16 -16.27
N LYS A 3179 -90.87 117.96 -15.01
CA LYS A 3179 -90.18 117.02 -14.10
C LYS A 3179 -91.19 116.07 -13.48
N ASN A 3180 -91.25 114.85 -14.01
CA ASN A 3180 -92.12 113.80 -13.50
C ASN A 3180 -91.35 112.48 -13.46
N THR A 3181 -91.88 111.53 -12.71
CA THR A 3181 -91.28 110.19 -12.63
C THR A 3181 -91.30 109.49 -13.98
N TYR A 3182 -92.42 109.62 -14.72
CA TYR A 3182 -92.50 109.05 -16.07
C TYR A 3182 -91.50 109.71 -17.00
N VAL A 3183 -91.27 111.01 -16.82
CA VAL A 3183 -90.25 111.72 -17.59
C VAL A 3183 -88.88 111.17 -17.26
N GLU A 3184 -88.61 110.95 -15.96
CA GLU A 3184 -87.29 110.47 -15.54
C GLU A 3184 -87.03 109.09 -16.10
N LYS A 3185 -88.03 108.19 -16.02
CA LYS A 3185 -87.83 106.84 -16.53
C LYS A 3185 -87.76 106.80 -18.05
N LEU A 3186 -88.16 107.87 -18.74
CA LEU A 3186 -88.09 107.88 -20.19
C LEU A 3186 -87.00 108.78 -20.77
N ARG A 3187 -86.26 109.51 -19.92
CA ARG A 3187 -85.19 110.41 -20.38
C ARG A 3187 -84.11 109.74 -21.24
N PRO A 3188 -83.51 108.58 -20.88
CA PRO A 3188 -82.49 108.01 -21.78
C PRO A 3188 -83.04 107.56 -23.12
N ALA A 3189 -84.24 106.95 -23.13
CA ALA A 3189 -84.79 106.40 -24.36
C ALA A 3189 -85.09 107.52 -25.36
N LEU A 3190 -85.70 108.61 -24.88
CA LEU A 3190 -86.01 109.72 -25.77
C LEU A 3190 -84.74 110.43 -26.19
N GLY A 3191 -83.76 110.53 -25.26
CA GLY A 3191 -82.51 111.21 -25.58
C GLY A 3191 -81.74 110.49 -26.67
N GLU A 3192 -81.62 109.16 -26.55
CA GLU A 3192 -80.92 108.40 -27.58
C GLU A 3192 -81.71 108.40 -28.89
N CYS A 3193 -83.05 108.39 -28.82
CA CYS A 3193 -83.87 108.43 -30.02
C CYS A 3193 -83.68 109.75 -30.78
N LEU A 3194 -83.64 110.87 -30.06
CA LEU A 3194 -83.41 112.16 -30.70
C LEU A 3194 -81.96 112.30 -31.16
N ALA A 3195 -81.00 111.77 -30.40
CA ALA A 3195 -79.62 111.78 -30.84
C ALA A 3195 -79.42 111.01 -32.15
N ARG A 3196 -80.06 109.86 -32.27
CA ARG A 3196 -80.07 109.15 -33.55
C ARG A 3196 -80.84 109.91 -34.62
N LEU A 3197 -81.89 110.66 -34.21
CA LEU A 3197 -82.65 111.48 -35.15
C LEU A 3197 -81.80 112.60 -35.72
N ALA A 3198 -80.98 113.23 -34.88
CA ALA A 3198 -80.17 114.37 -35.32
C ALA A 3198 -79.19 113.97 -36.40
N ALA A 3199 -78.55 112.80 -36.24
CA ALA A 3199 -77.66 112.28 -37.27
C ALA A 3199 -78.42 111.79 -38.49
N ALA A 3200 -79.64 111.26 -38.31
CA ALA A 3200 -80.39 110.76 -39.44
C ALA A 3200 -81.15 111.84 -40.20
N MET A 3201 -81.32 113.01 -39.63
CA MET A 3201 -82.09 114.13 -40.12
C MET A 3201 -81.22 115.10 -40.92
N PRO A 3202 -81.62 115.42 -42.16
CA PRO A 3202 -80.71 116.06 -43.13
C PRO A 3202 -80.73 117.58 -43.17
N VAL A 3203 -81.37 118.27 -42.24
CA VAL A 3203 -81.40 119.73 -42.27
C VAL A 3203 -80.77 120.29 -41.00
N ALA A 3204 -80.34 121.55 -41.10
CA ALA A 3204 -79.72 122.24 -39.98
C ALA A 3204 -80.82 122.90 -39.17
N PHE A 3205 -81.03 122.43 -37.94
CA PHE A 3205 -82.06 122.99 -37.08
C PHE A 3205 -81.50 123.94 -36.02
N LEU A 3206 -80.27 123.69 -35.56
CA LEU A 3206 -79.65 124.57 -34.57
C LEU A 3206 -79.30 125.94 -35.14
N GLU A 3207 -79.14 126.05 -36.45
CA GLU A 3207 -78.84 127.32 -37.11
C GLU A 3207 -79.77 127.52 -38.31
N PRO A 3208 -81.04 127.88 -38.05
CA PRO A 3208 -82.00 128.07 -39.15
C PRO A 3208 -81.66 129.24 -40.07
N GLN A 3209 -80.83 130.19 -39.63
CA GLN A 3209 -80.51 131.36 -40.44
C GLN A 3209 -79.70 131.01 -41.69
N LEU A 3210 -79.08 129.83 -41.73
CA LEU A 3210 -78.34 129.37 -42.90
C LEU A 3210 -79.08 128.27 -43.67
N ASN A 3211 -80.39 128.13 -43.43
CA ASN A 3211 -81.18 127.10 -44.11
C ASN A 3211 -81.23 127.31 -45.63
N GLU A 3212 -81.11 128.56 -46.08
CA GLU A 3212 -81.07 128.85 -47.51
C GLU A 3212 -79.83 128.28 -48.19
N TYR A 3213 -78.77 127.99 -47.43
CA TYR A 3213 -77.57 127.35 -47.94
C TYR A 3213 -77.68 125.85 -47.95
N ASN A 3214 -78.75 125.30 -47.38
CA ASN A 3214 -79.02 123.87 -47.39
C ASN A 3214 -79.97 123.59 -48.55
N ALA A 3215 -79.47 122.88 -49.56
CA ALA A 3215 -80.30 122.55 -50.72
C ALA A 3215 -81.41 121.57 -50.34
N CYS A 3216 -81.11 120.59 -49.50
CA CYS A 3216 -82.09 119.57 -49.11
C CYS A 3216 -82.95 120.06 -47.95
N SER A 3217 -83.70 121.13 -48.21
CA SER A 3217 -84.63 121.72 -47.26
C SER A 3217 -85.96 121.95 -47.95
N VAL A 3218 -87.05 121.81 -47.18
CA VAL A 3218 -88.39 121.98 -47.74
C VAL A 3218 -88.62 123.41 -48.21
N TYR A 3219 -88.04 124.39 -47.50
CA TYR A 3219 -88.14 125.80 -47.87
C TYR A 3219 -87.48 126.15 -49.19
N THR A 3220 -86.54 125.34 -49.67
CA THR A 3220 -85.89 125.60 -50.95
C THR A 3220 -86.34 124.64 -52.05
N THR A 3221 -86.51 123.36 -51.71
CA THR A 3221 -87.03 122.39 -52.67
C THR A 3221 -88.47 122.69 -53.05
N LYS A 3222 -89.30 123.09 -52.10
CA LYS A 3222 -90.71 123.33 -52.36
C LYS A 3222 -90.95 124.79 -52.74
N SER A 3223 -91.87 124.98 -53.69
CA SER A 3223 -92.24 126.28 -54.20
C SER A 3223 -92.95 127.12 -53.13
N PRO A 3224 -92.91 128.45 -53.25
CA PRO A 3224 -93.51 129.30 -52.20
C PRO A 3224 -95.01 129.11 -51.98
N ARG A 3225 -95.79 128.78 -53.02
CA ARG A 3225 -97.24 128.80 -52.87
C ARG A 3225 -97.78 127.62 -52.07
N GLU A 3226 -96.98 126.57 -51.83
CA GLU A 3226 -97.34 125.55 -50.86
C GLU A 3226 -96.74 125.97 -49.51
N ARG A 3227 -96.71 125.03 -48.55
CA ARG A 3227 -96.27 125.18 -47.15
C ARG A 3227 -97.21 126.03 -46.31
N ALA A 3228 -98.26 126.59 -46.89
CA ALA A 3228 -99.30 127.32 -46.16
C ALA A 3228 -100.61 126.55 -46.08
N ILE A 3229 -100.92 125.73 -47.10
CA ILE A 3229 -102.08 124.86 -47.04
C ILE A 3229 -101.93 123.82 -45.94
N LEU A 3230 -100.70 123.35 -45.70
CA LEU A 3230 -100.39 122.47 -44.59
C LEU A 3230 -99.80 123.31 -43.48
N GLY A 3231 -100.07 122.90 -42.23
CA GLY A 3231 -99.66 123.65 -41.04
C GLY A 3231 -98.17 123.88 -40.93
N LEU A 3232 -97.75 125.13 -41.13
CA LEU A 3232 -96.34 125.51 -41.05
C LEU A 3232 -96.30 127.03 -40.91
N PRO A 3233 -95.43 127.58 -40.05
CA PRO A 3233 -95.42 129.04 -39.85
C PRO A 3233 -94.82 129.85 -41.00
N ASN A 3234 -94.45 129.22 -42.11
CA ASN A 3234 -93.90 129.84 -43.33
C ASN A 3234 -92.57 130.55 -43.07
N SER A 3235 -91.86 130.17 -42.01
CA SER A 3235 -90.55 130.72 -41.70
C SER A 3235 -89.76 129.63 -40.98
N VAL A 3236 -88.59 129.30 -41.52
CA VAL A 3236 -87.77 128.20 -41.00
C VAL A 3236 -87.33 128.47 -39.56
N GLU A 3237 -87.18 129.73 -39.18
CA GLU A 3237 -86.78 130.07 -37.82
C GLU A 3237 -87.89 129.83 -36.80
N GLU A 3238 -89.12 129.54 -37.25
CA GLU A 3238 -90.27 129.34 -36.36
C GLU A 3238 -90.71 127.88 -36.29
N MET A 3239 -89.84 126.94 -36.67
CA MET A 3239 -90.14 125.51 -36.55
C MET A 3239 -90.34 125.11 -35.11
N CYS A 3240 -89.28 125.20 -34.31
CA CYS A 3240 -89.32 124.85 -32.89
C CYS A 3240 -88.68 125.99 -32.11
N PRO A 3241 -89.46 126.98 -31.69
CA PRO A 3241 -88.91 128.05 -30.83
C PRO A 3241 -88.41 127.54 -29.49
N ASP A 3242 -88.87 126.35 -29.06
CA ASP A 3242 -88.39 125.73 -27.84
C ASP A 3242 -86.90 125.45 -27.93
N ILE A 3243 -86.46 124.95 -29.09
CA ILE A 3243 -85.06 124.61 -29.35
C ILE A 3243 -84.22 125.88 -29.42
N PRO A 3244 -83.23 126.04 -28.55
CA PRO A 3244 -82.33 127.19 -28.66
C PRO A 3244 -81.42 127.05 -29.86
N VAL A 3245 -80.97 128.20 -30.38
CA VAL A 3245 -80.00 128.19 -31.48
C VAL A 3245 -78.66 127.63 -30.99
N LEU A 3246 -77.79 127.29 -31.94
CA LEU A 3246 -76.50 126.68 -31.59
C LEU A 3246 -75.64 127.62 -30.74
N ASP A 3247 -75.61 128.91 -31.09
CA ASP A 3247 -74.86 129.90 -30.31
C ASP A 3247 -75.39 130.04 -28.88
N ARG A 3248 -76.71 130.06 -28.72
CA ARG A 3248 -77.25 130.14 -27.37
C ARG A 3248 -77.05 128.83 -26.63
N LEU A 3249 -77.10 127.70 -27.34
CA LEU A 3249 -76.92 126.39 -26.71
C LEU A 3249 -75.52 126.25 -26.15
N MET A 3250 -74.51 126.67 -26.93
CA MET A 3250 -73.14 126.57 -26.42
C MET A 3250 -72.90 127.59 -25.32
N ALA A 3251 -73.56 128.76 -25.38
CA ALA A 3251 -73.47 129.71 -24.26
C ALA A 3251 -74.06 129.14 -22.97
N ASP A 3252 -75.20 128.45 -23.09
CA ASP A 3252 -75.85 127.79 -21.95
C ASP A 3252 -74.95 126.72 -21.35
N ILE A 3253 -74.44 125.81 -22.18
CA ILE A 3253 -73.61 124.72 -21.68
C ILE A 3253 -72.28 125.27 -21.15
N GLY A 3254 -71.72 126.29 -21.82
CA GLY A 3254 -70.50 126.93 -21.33
C GLY A 3254 -70.65 127.53 -19.95
N GLY A 3255 -71.77 128.21 -19.69
CA GLY A 3255 -72.06 128.66 -18.33
C GLY A 3255 -72.35 127.54 -17.35
N LEU A 3256 -73.08 126.51 -17.80
CA LEU A 3256 -73.43 125.39 -16.94
C LEU A 3256 -72.21 124.59 -16.51
N ALA A 3257 -71.22 124.48 -17.40
CA ALA A 3257 -70.01 123.71 -17.09
C ALA A 3257 -69.23 124.36 -15.96
N GLU A 3258 -68.98 125.67 -16.08
CA GLU A 3258 -68.24 126.38 -15.04
C GLU A 3258 -69.06 126.55 -13.78
N SER A 3259 -70.40 126.39 -13.85
CA SER A 3259 -71.20 126.52 -12.64
C SER A 3259 -70.92 125.38 -11.66
N GLY A 3260 -70.57 124.21 -12.17
CA GLY A 3260 -70.31 123.04 -11.34
C GLY A 3260 -71.55 122.39 -10.76
N ALA A 3261 -72.69 122.53 -11.42
CA ALA A 3261 -73.94 121.95 -10.93
C ALA A 3261 -73.90 120.42 -11.02
N ARG A 3262 -74.47 119.76 -10.01
CA ARG A 3262 -74.47 118.31 -9.95
C ARG A 3262 -75.56 117.73 -10.85
N TYR A 3263 -75.60 116.39 -10.92
CA TYR A 3263 -76.54 115.71 -11.82
C TYR A 3263 -77.99 115.90 -11.37
N THR A 3264 -78.22 115.99 -10.06
CA THR A 3264 -79.56 116.22 -9.54
C THR A 3264 -80.12 117.54 -10.04
N GLU A 3265 -79.30 118.60 -10.02
CA GLU A 3265 -79.66 119.87 -10.62
C GLU A 3265 -79.23 119.95 -12.09
N MET A 3266 -78.96 118.80 -12.73
CA MET A 3266 -78.74 118.72 -14.16
C MET A 3266 -79.58 117.62 -14.82
N PRO A 3267 -80.94 117.53 -14.54
CA PRO A 3267 -81.68 116.38 -15.08
C PRO A 3267 -81.89 116.41 -16.60
N HIS A 3268 -82.38 117.53 -17.12
CA HIS A 3268 -82.63 117.70 -18.55
C HIS A 3268 -81.36 117.94 -19.35
N VAL A 3269 -80.39 118.66 -18.77
CA VAL A 3269 -79.18 119.02 -19.50
C VAL A 3269 -78.34 117.80 -19.83
N ILE A 3270 -78.13 116.92 -18.85
CA ILE A 3270 -77.26 115.76 -19.04
C ILE A 3270 -77.96 114.70 -19.88
N GLU A 3271 -79.16 114.30 -19.47
CA GLU A 3271 -79.84 113.19 -20.11
C GLU A 3271 -80.38 113.57 -21.48
N ILE A 3272 -80.55 114.86 -21.76
CA ILE A 3272 -81.21 115.25 -23.01
C ILE A 3272 -80.37 116.19 -23.85
N THR A 3273 -79.90 117.32 -23.29
CA THR A 3273 -79.31 118.40 -24.08
C THR A 3273 -78.02 118.00 -24.78
N LEU A 3274 -77.11 117.33 -24.06
CA LEU A 3274 -75.79 116.99 -24.63
C LEU A 3274 -75.83 116.09 -25.86
N PRO A 3275 -76.63 114.99 -25.94
CA PRO A 3275 -76.56 114.11 -27.13
C PRO A 3275 -76.82 114.80 -28.46
N MET A 3276 -77.71 115.81 -28.53
CA MET A 3276 -77.95 116.45 -29.82
C MET A 3276 -76.68 117.12 -30.34
N LEU A 3277 -75.96 117.82 -29.46
CA LEU A 3277 -74.68 118.41 -29.85
C LEU A 3277 -73.68 117.34 -30.24
N CYS A 3278 -73.65 116.23 -29.47
CA CYS A 3278 -72.79 115.09 -29.75
C CYS A 3278 -73.13 114.39 -31.07
N SER A 3279 -74.32 114.62 -31.61
CA SER A 3279 -74.76 113.98 -32.84
C SER A 3279 -74.87 114.93 -34.01
N TYR A 3280 -75.03 116.24 -33.75
CA TYR A 3280 -75.12 117.28 -34.76
C TYR A 3280 -73.75 117.78 -35.18
N LEU A 3281 -72.83 118.00 -34.24
CA LEU A 3281 -71.51 118.52 -34.60
C LEU A 3281 -70.75 117.59 -35.56
N PRO A 3282 -70.60 116.26 -35.32
CA PRO A 3282 -69.90 115.43 -36.33
C PRO A 3282 -70.62 115.38 -37.67
N ARG A 3283 -71.96 115.42 -37.68
CA ARG A 3283 -72.72 115.31 -38.92
C ARG A 3283 -72.56 116.52 -39.83
N TRP A 3284 -72.24 117.68 -39.26
CA TRP A 3284 -72.17 118.91 -40.04
C TRP A 3284 -70.81 119.57 -40.01
N TRP A 3285 -69.85 119.01 -39.26
CA TRP A 3285 -68.50 119.55 -39.26
C TRP A 3285 -67.85 119.41 -40.64
N GLU A 3286 -68.05 118.27 -41.30
CA GLU A 3286 -67.49 118.10 -42.62
C GLU A 3286 -68.32 118.80 -43.68
N ARG A 3287 -69.55 119.20 -43.36
CA ARG A 3287 -70.40 119.93 -44.29
C ARG A 3287 -70.39 121.44 -44.03
N GLY A 3288 -69.56 121.90 -43.09
CA GLY A 3288 -69.53 123.31 -42.77
C GLY A 3288 -68.13 123.88 -42.76
N PRO A 3289 -67.85 124.75 -41.79
CA PRO A 3289 -66.54 125.40 -41.73
C PRO A 3289 -65.47 124.48 -41.18
N GLU A 3290 -64.22 124.85 -41.46
CA GLU A 3290 -62.96 124.22 -41.03
C GLU A 3290 -62.74 122.83 -41.63
N ALA A 3291 -63.66 122.31 -42.42
CA ALA A 3291 -63.48 121.04 -43.09
C ALA A 3291 -62.54 121.23 -44.28
N PRO A 3292 -61.79 120.20 -44.64
CA PRO A 3292 -60.98 120.23 -45.88
C PRO A 3292 -61.83 119.80 -47.07
N PRO A 3293 -62.55 120.72 -47.72
CA PRO A 3293 -63.60 120.33 -48.68
C PRO A 3293 -63.02 119.85 -50.00
N PRO A 3294 -63.26 118.56 -50.37
CA PRO A 3294 -62.84 118.06 -51.69
C PRO A 3294 -63.88 118.36 -52.77
N ALA A 3295 -64.33 119.61 -52.82
CA ALA A 3295 -65.46 120.01 -53.64
C ALA A 3295 -65.06 121.09 -54.64
N LEU A 3296 -63.97 120.87 -55.36
CA LEU A 3296 -63.58 121.81 -56.42
C LEU A 3296 -64.62 121.99 -57.54
N PRO A 3297 -65.51 121.01 -57.91
CA PRO A 3297 -66.63 121.39 -58.80
C PRO A 3297 -67.74 122.12 -58.06
N ALA A 3298 -67.93 121.78 -56.78
CA ALA A 3298 -69.03 122.29 -55.97
C ALA A 3298 -68.54 123.26 -54.91
N GLY A 3299 -67.62 124.15 -55.28
CA GLY A 3299 -67.15 125.20 -54.40
C GLY A 3299 -68.07 126.40 -54.30
N ALA A 3300 -69.08 126.48 -55.17
CA ALA A 3300 -70.00 127.62 -55.17
C ALA A 3300 -70.81 127.77 -53.87
N PRO A 3301 -71.53 126.77 -53.36
CA PRO A 3301 -72.41 127.02 -52.19
C PRO A 3301 -71.65 127.23 -50.90
N PRO A 3302 -72.07 128.21 -50.09
CA PRO A 3302 -71.38 128.47 -48.83
C PRO A 3302 -71.82 127.46 -47.77
N PRO A 3303 -71.09 127.33 -46.65
CA PRO A 3303 -71.50 126.38 -45.60
C PRO A 3303 -72.87 126.72 -45.02
N CYS A 3304 -73.63 125.68 -44.74
CA CYS A 3304 -74.97 125.78 -44.17
C CYS A 3304 -74.96 125.74 -42.65
N THR A 3305 -73.79 125.71 -42.03
CA THR A 3305 -73.66 125.71 -40.59
C THR A 3305 -72.36 126.39 -40.20
N ALA A 3306 -72.14 126.55 -38.90
CA ALA A 3306 -70.95 127.21 -38.37
C ALA A 3306 -70.30 126.36 -37.29
N VAL A 3307 -70.12 125.08 -37.57
CA VAL A 3307 -69.52 124.15 -36.61
C VAL A 3307 -68.02 124.11 -36.85
N THR A 3308 -67.25 124.72 -35.96
CA THR A 3308 -65.80 124.73 -36.02
C THR A 3308 -65.23 123.73 -35.02
N SER A 3309 -63.90 123.63 -35.00
CA SER A 3309 -63.23 122.74 -34.06
C SER A 3309 -63.30 123.28 -32.64
N ASP A 3310 -63.34 124.60 -32.49
CA ASP A 3310 -63.38 125.23 -31.17
C ASP A 3310 -64.65 124.86 -30.40
N HIS A 3311 -65.78 124.77 -31.09
CA HIS A 3311 -67.02 124.32 -30.46
C HIS A 3311 -66.92 122.90 -29.91
N LEU A 3312 -66.31 121.98 -30.68
CA LEU A 3312 -66.08 120.63 -30.18
C LEU A 3312 -65.06 120.60 -29.05
N ASN A 3313 -64.01 121.43 -29.15
CA ASN A 3313 -62.98 121.53 -28.11
C ASN A 3313 -63.59 122.00 -26.80
N SER A 3314 -64.44 123.03 -26.87
CA SER A 3314 -65.10 123.54 -25.68
C SER A 3314 -66.11 122.53 -25.15
N LEU A 3315 -66.84 121.85 -26.05
CA LEU A 3315 -67.82 120.86 -25.61
C LEU A 3315 -67.15 119.72 -24.86
N LEU A 3316 -66.00 119.25 -25.36
CA LEU A 3316 -65.23 118.20 -24.69
C LEU A 3316 -64.73 118.66 -23.33
N GLY A 3317 -64.26 119.91 -23.25
CA GLY A 3317 -63.85 120.44 -21.96
C GLY A 3317 -65.01 120.57 -20.99
N ASN A 3318 -66.18 120.99 -21.49
CA ASN A 3318 -67.37 121.09 -20.65
C ASN A 3318 -67.80 119.73 -20.11
N ILE A 3319 -67.79 118.70 -20.97
CA ILE A 3319 -68.19 117.37 -20.55
C ILE A 3319 -67.23 116.82 -19.51
N LEU A 3320 -65.91 117.03 -19.70
CA LEU A 3320 -64.94 116.59 -18.71
C LEU A 3320 -65.15 117.32 -17.38
N ARG A 3321 -65.38 118.64 -17.43
CA ARG A 3321 -65.62 119.41 -16.21
C ARG A 3321 -66.89 118.95 -15.50
N ILE A 3322 -67.92 118.58 -16.26
CA ILE A 3322 -69.17 118.07 -15.70
C ILE A 3322 -68.91 116.77 -14.95
N ILE A 3323 -68.14 115.86 -15.57
CA ILE A 3323 -67.93 114.55 -14.96
C ILE A 3323 -67.08 114.68 -13.70
N VAL A 3324 -66.01 115.47 -13.76
CA VAL A 3324 -65.17 115.65 -12.58
C VAL A 3324 -65.85 116.44 -11.47
N ASN A 3325 -66.83 117.28 -11.80
CA ASN A 3325 -67.63 117.89 -10.73
C ASN A 3325 -68.61 116.90 -10.14
N ASN A 3326 -69.15 116.00 -10.97
CA ASN A 3326 -69.94 114.87 -10.51
C ASN A 3326 -69.10 113.64 -10.16
N LEU A 3327 -67.80 113.83 -9.88
CA LEU A 3327 -66.96 112.68 -9.61
C LEU A 3327 -67.21 112.08 -8.23
N GLY A 3328 -67.56 112.91 -7.25
CA GLY A 3328 -67.76 112.44 -5.90
C GLY A 3328 -69.10 111.83 -5.55
N ILE A 3329 -70.06 111.80 -6.48
CA ILE A 3329 -71.37 111.23 -6.20
C ILE A 3329 -71.28 109.70 -6.09
N ASP A 3330 -72.33 109.09 -5.59
CA ASP A 3330 -72.35 107.65 -5.30
C ASP A 3330 -72.95 106.82 -6.41
N GLU A 3331 -73.97 107.31 -7.10
CA GLU A 3331 -74.64 106.54 -8.15
C GLU A 3331 -74.88 107.43 -9.36
N ALA A 3332 -74.68 106.87 -10.54
CA ALA A 3332 -74.89 107.60 -11.81
C ALA A 3332 -75.04 106.59 -12.93
N THR A 3333 -76.20 106.60 -13.59
CA THR A 3333 -76.42 105.80 -14.79
C THR A 3333 -76.19 106.59 -16.06
N TRP A 3334 -75.90 107.88 -15.96
CA TRP A 3334 -75.69 108.72 -17.13
C TRP A 3334 -74.24 108.73 -17.60
N MET A 3335 -73.32 108.20 -16.79
CA MET A 3335 -71.91 108.23 -17.15
C MET A 3335 -71.63 107.34 -18.36
N LYS A 3336 -72.23 106.15 -18.40
CA LYS A 3336 -71.99 105.22 -19.51
C LYS A 3336 -72.52 105.78 -20.83
N ARG A 3337 -73.75 106.33 -20.82
CA ARG A 3337 -74.31 106.89 -22.04
C ARG A 3337 -73.59 108.15 -22.47
N LEU A 3338 -73.11 108.96 -21.50
CA LEU A 3338 -72.28 110.11 -21.86
C LEU A 3338 -70.96 109.65 -22.47
N ALA A 3339 -70.35 108.60 -21.91
CA ALA A 3339 -69.07 108.11 -22.42
C ALA A 3339 -69.22 107.58 -23.84
N VAL A 3340 -70.28 106.81 -24.11
CA VAL A 3340 -70.47 106.27 -25.45
C VAL A 3340 -70.84 107.40 -26.43
N PHE A 3341 -71.49 108.46 -25.95
CA PHE A 3341 -71.90 109.53 -26.85
C PHE A 3341 -70.81 110.56 -27.10
N ALA A 3342 -69.84 110.69 -26.20
CA ALA A 3342 -68.74 111.62 -26.39
C ALA A 3342 -67.64 111.08 -27.29
N GLN A 3343 -67.68 109.78 -27.62
CA GLN A 3343 -66.68 109.22 -28.53
C GLN A 3343 -66.72 109.79 -29.97
N PRO A 3344 -67.87 109.98 -30.64
CA PRO A 3344 -67.81 110.59 -32.00
C PRO A 3344 -67.19 111.98 -32.06
N ILE A 3345 -67.38 112.83 -31.05
CA ILE A 3345 -66.88 114.20 -31.14
C ILE A 3345 -65.41 114.32 -30.77
N VAL A 3346 -64.88 113.43 -29.93
CA VAL A 3346 -63.50 113.53 -29.46
C VAL A 3346 -62.47 113.27 -30.56
N SER A 3347 -62.90 112.77 -31.73
CA SER A 3347 -61.98 112.55 -32.85
C SER A 3347 -61.40 113.83 -33.43
N ARG A 3348 -61.99 115.00 -33.11
CA ARG A 3348 -61.51 116.29 -33.57
C ARG A 3348 -60.76 117.05 -32.47
N ALA A 3349 -60.36 116.36 -31.41
CA ALA A 3349 -59.73 117.00 -30.26
C ALA A 3349 -58.38 117.63 -30.62
N ARG A 3350 -58.12 118.79 -30.06
CA ARG A 3350 -56.86 119.48 -30.21
C ARG A 3350 -55.86 118.94 -29.19
N PRO A 3351 -54.54 119.20 -29.37
CA PRO A 3351 -53.58 118.82 -28.33
C PRO A 3351 -53.77 119.52 -26.99
N GLU A 3352 -54.48 120.64 -26.95
CA GLU A 3352 -54.67 121.41 -25.72
C GLU A 3352 -55.49 120.68 -24.67
N LEU A 3353 -56.26 119.65 -25.06
CA LEU A 3353 -57.09 118.91 -24.10
C LEU A 3353 -56.24 118.23 -23.04
N LEU A 3354 -55.04 117.78 -23.42
CA LEU A 3354 -54.17 117.04 -22.51
C LEU A 3354 -53.76 117.93 -21.34
N HIS A 3355 -53.08 119.04 -21.65
CA HIS A 3355 -52.58 119.94 -20.62
C HIS A 3355 -53.72 120.61 -19.87
N SER A 3356 -54.76 121.03 -20.60
CA SER A 3356 -55.84 121.81 -20.00
C SER A 3356 -56.66 120.97 -19.02
N HIS A 3357 -57.09 119.78 -19.43
CA HIS A 3357 -57.96 118.97 -18.60
C HIS A 3357 -57.40 117.62 -18.18
N PHE A 3358 -56.75 116.88 -19.09
CA PHE A 3358 -56.38 115.50 -18.83
C PHE A 3358 -55.38 115.35 -17.68
N ILE A 3359 -54.36 116.21 -17.60
CA ILE A 3359 -53.42 116.12 -16.47
C ILE A 3359 -54.07 116.35 -15.11
N PRO A 3360 -54.87 117.43 -14.87
CA PRO A 3360 -55.54 117.51 -13.55
C PRO A 3360 -56.53 116.39 -13.29
N THR A 3361 -57.26 115.90 -14.30
CA THR A 3361 -58.24 114.86 -14.06
C THR A 3361 -57.56 113.57 -13.63
N ILE A 3362 -56.56 113.11 -14.39
CA ILE A 3362 -55.90 111.86 -14.02
C ILE A 3362 -55.13 112.06 -12.72
N GLY A 3363 -54.73 113.30 -12.40
CA GLY A 3363 -54.12 113.56 -11.10
C GLY A 3363 -55.07 113.33 -9.94
N ARG A 3364 -56.29 113.88 -10.04
CA ARG A 3364 -57.23 113.70 -8.92
C ARG A 3364 -57.76 112.26 -8.85
N LEU A 3365 -57.94 111.59 -9.99
CA LEU A 3365 -58.25 110.15 -9.96
C LEU A 3365 -57.10 109.35 -9.35
N ARG A 3366 -55.85 109.73 -9.65
CA ARG A 3366 -54.68 109.07 -9.10
C ARG A 3366 -54.68 109.16 -7.58
N LYS A 3367 -54.86 110.38 -7.07
CA LYS A 3367 -54.89 110.59 -5.61
C LYS A 3367 -56.08 109.90 -4.95
N ARG A 3368 -57.26 109.96 -5.59
CA ARG A 3368 -58.44 109.28 -5.06
C ARG A 3368 -58.27 107.76 -5.01
N ALA A 3369 -57.71 107.17 -6.08
CA ALA A 3369 -57.40 105.75 -6.08
C ALA A 3369 -56.33 105.41 -5.04
N GLY A 3370 -55.31 106.27 -4.91
CA GLY A 3370 -54.27 106.04 -3.92
C GLY A 3370 -54.82 106.04 -2.51
N LYS A 3371 -55.75 106.96 -2.23
CA LYS A 3371 -56.39 107.00 -0.93
C LYS A 3371 -57.26 105.76 -0.69
N VAL A 3372 -58.02 105.34 -1.71
CA VAL A 3372 -58.91 104.18 -1.57
C VAL A 3372 -58.11 102.91 -1.29
N VAL A 3373 -57.04 102.68 -2.07
CA VAL A 3373 -56.19 101.52 -1.84
C VAL A 3373 -55.43 101.64 -0.52
N ALA A 3374 -55.10 102.87 -0.10
CA ALA A 3374 -54.47 103.04 1.21
C ALA A 3374 -55.41 102.62 2.34
N GLU A 3375 -56.68 103.06 2.28
CA GLU A 3375 -57.67 102.61 3.27
C GLU A 3375 -57.85 101.10 3.22
N GLU A 3376 -57.73 100.53 2.02
CA GLU A 3376 -57.78 99.09 1.86
C GLU A 3376 -56.63 98.43 2.62
N GLU A 3377 -55.43 98.96 2.47
CA GLU A 3377 -54.30 98.23 3.03
C GLU A 3377 -54.11 98.51 4.53
N GLN A 3378 -54.70 99.59 5.07
CA GLN A 3378 -54.92 99.62 6.52
C GLN A 3378 -55.89 98.54 6.97
N LEU A 3379 -56.96 98.31 6.20
CA LEU A 3379 -57.92 97.31 6.66
C LEU A 3379 -57.35 95.90 6.53
N ARG A 3380 -56.57 95.65 5.47
CA ARG A 3380 -55.95 94.34 5.26
C ARG A 3380 -54.79 94.06 6.21
N LEU A 3381 -54.04 95.08 6.65
CA LEU A 3381 -52.91 94.80 7.54
C LEU A 3381 -53.37 94.27 8.90
N GLU A 3382 -54.56 94.65 9.34
CA GLU A 3382 -55.10 94.20 10.62
C GLU A 3382 -56.05 93.04 10.40
N ALA A 3383 -55.92 92.01 11.23
CA ALA A 3383 -56.83 90.87 11.22
C ALA A 3383 -57.71 90.96 12.45
N LYS A 3384 -59.02 90.95 12.23
CA LYS A 3384 -60.00 91.16 13.30
C LYS A 3384 -61.37 90.81 12.75
N ALA A 3385 -62.35 90.71 13.65
CA ALA A 3385 -63.76 90.65 13.27
C ALA A 3385 -64.28 91.98 12.73
N GLU A 3386 -63.50 93.06 12.84
CA GLU A 3386 -63.81 94.35 12.24
C GLU A 3386 -63.38 94.42 10.78
N ALA A 3387 -62.72 93.37 10.27
CA ALA A 3387 -62.26 93.36 8.87
C ALA A 3387 -63.41 93.48 7.89
N GLU A 3388 -64.49 92.73 8.10
CA GLU A 3388 -65.67 92.89 7.24
C GLU A 3388 -66.42 94.19 7.53
N GLU A 3389 -66.22 94.78 8.72
CA GLU A 3389 -66.79 96.09 9.07
C GLU A 3389 -65.94 97.15 8.38
N GLY A 3390 -66.27 97.49 7.15
CA GLY A 3390 -65.42 98.36 6.38
C GLY A 3390 -65.06 97.74 5.06
N GLU A 3391 -65.11 96.41 4.99
CA GLU A 3391 -64.92 95.72 3.72
C GLU A 3391 -66.00 96.10 2.72
N LEU A 3392 -67.26 96.19 3.17
CA LEU A 3392 -68.32 96.65 2.29
C LEU A 3392 -68.14 98.12 1.90
N LEU A 3393 -67.51 98.90 2.79
CA LEU A 3393 -67.27 100.31 2.49
C LEU A 3393 -66.21 100.44 1.40
N VAL A 3394 -65.10 99.72 1.54
CA VAL A 3394 -64.08 99.78 0.50
C VAL A 3394 -64.59 99.12 -0.79
N ARG A 3395 -65.54 98.18 -0.71
CA ARG A 3395 -66.22 97.67 -1.91
C ARG A 3395 -67.00 98.77 -2.62
N ASP A 3396 -67.70 99.61 -1.85
CA ASP A 3396 -68.36 100.78 -2.43
C ASP A 3396 -67.35 101.75 -3.04
N GLU A 3397 -66.23 101.99 -2.34
CA GLU A 3397 -65.19 102.88 -2.84
C GLU A 3397 -64.56 102.35 -4.12
N PHE A 3398 -64.38 101.03 -4.19
CA PHE A 3398 -63.95 100.39 -5.44
C PHE A 3398 -65.00 100.56 -6.53
N SER A 3399 -66.28 100.40 -6.18
CA SER A 3399 -67.33 100.45 -7.19
C SER A 3399 -67.44 101.84 -7.82
N VAL A 3400 -67.38 102.90 -6.99
CA VAL A 3400 -67.38 104.26 -7.52
C VAL A 3400 -66.11 104.55 -8.31
N LEU A 3401 -64.95 104.05 -7.84
CA LEU A 3401 -63.71 104.21 -8.60
C LEU A 3401 -63.76 103.48 -9.95
N CYS A 3402 -64.35 102.28 -9.97
CA CYS A 3402 -64.55 101.54 -11.22
C CYS A 3402 -65.48 102.28 -12.15
N ARG A 3403 -66.56 102.86 -11.62
CA ARG A 3403 -67.50 103.62 -12.43
C ARG A 3403 -66.84 104.83 -13.05
N ASP A 3404 -66.02 105.54 -12.27
CA ASP A 3404 -65.42 106.78 -12.76
C ASP A 3404 -64.35 106.46 -13.80
N LEU A 3405 -63.50 105.46 -13.51
CA LEU A 3405 -62.45 105.09 -14.45
C LEU A 3405 -63.05 104.55 -15.74
N TYR A 3406 -64.10 103.73 -15.64
CA TYR A 3406 -64.76 103.24 -16.85
C TYR A 3406 -65.56 104.31 -17.56
N ALA A 3407 -65.85 105.44 -16.90
CA ALA A 3407 -66.51 106.55 -17.57
C ALA A 3407 -65.53 107.54 -18.19
N LEU A 3408 -64.25 107.43 -17.84
CA LEU A 3408 -63.24 108.35 -18.36
C LEU A 3408 -62.24 107.70 -19.31
N TYR A 3409 -61.85 106.46 -19.05
CA TYR A 3409 -60.89 105.75 -19.89
C TYR A 3409 -61.28 105.59 -21.36
N PRO A 3410 -62.54 105.24 -21.75
CA PRO A 3410 -62.84 105.17 -23.20
C PRO A 3410 -62.59 106.46 -23.95
N LEU A 3411 -62.85 107.61 -23.33
CA LEU A 3411 -62.50 108.89 -23.94
C LEU A 3411 -60.99 109.14 -23.90
N LEU A 3412 -60.33 108.69 -22.85
CA LEU A 3412 -58.87 108.83 -22.76
C LEU A 3412 -58.16 108.00 -23.84
N ILE A 3413 -58.66 106.79 -24.11
CA ILE A 3413 -58.10 105.93 -25.14
C ILE A 3413 -58.25 106.57 -26.51
N ARG A 3414 -59.42 107.15 -26.78
CA ARG A 3414 -59.68 107.79 -28.07
C ARG A 3414 -58.77 108.99 -28.29
N TYR A 3415 -58.53 109.78 -27.24
CA TYR A 3415 -57.67 110.95 -27.35
C TYR A 3415 -56.22 110.55 -27.56
N VAL A 3416 -55.72 109.60 -26.76
CA VAL A 3416 -54.32 109.20 -26.81
C VAL A 3416 -53.99 108.54 -28.15
N ASP A 3417 -54.87 107.66 -28.64
CA ASP A 3417 -54.63 106.95 -29.90
C ASP A 3417 -54.57 107.91 -31.08
N ASN A 3418 -55.35 108.98 -31.06
CA ASN A 3418 -55.32 109.93 -32.15
C ASN A 3418 -54.06 110.79 -32.12
N ASN A 3419 -53.39 110.90 -30.97
CA ASN A 3419 -52.19 111.71 -30.84
C ASN A 3419 -50.97 110.90 -30.44
N ARG A 3420 -51.04 109.57 -30.52
CA ARG A 3420 -49.87 108.74 -30.17
C ARG A 3420 -48.76 108.93 -31.18
N ALA A 3421 -49.10 109.14 -32.45
CA ALA A 3421 -48.11 109.33 -33.50
C ALA A 3421 -47.30 110.58 -33.21
N HIS A 3422 -47.98 111.67 -32.87
CA HIS A 3422 -47.29 112.92 -32.57
CA HIS A 3422 -47.30 112.93 -32.56
C HIS A 3422 -46.47 112.80 -31.30
N TRP A 3423 -47.00 112.14 -30.27
CA TRP A 3423 -46.27 112.02 -29.01
C TRP A 3423 -45.03 111.14 -29.15
N LEU A 3424 -45.06 110.20 -30.10
CA LEU A 3424 -43.85 109.41 -30.36
C LEU A 3424 -42.86 110.15 -31.23
N THR A 3425 -43.33 110.85 -32.27
CA THR A 3425 -42.42 111.61 -33.13
C THR A 3425 -41.75 112.76 -32.39
N GLU A 3426 -42.52 113.53 -31.64
CA GLU A 3426 -42.02 114.62 -30.83
C GLU A 3426 -42.25 114.31 -29.37
N PRO A 3427 -41.22 114.37 -28.52
CA PRO A 3427 -41.41 114.13 -27.08
C PRO A 3427 -42.37 115.12 -26.44
N ASN A 3428 -43.19 114.61 -25.52
CA ASN A 3428 -44.23 115.40 -24.86
C ASN A 3428 -44.18 115.08 -23.37
N ALA A 3429 -43.61 116.00 -22.59
CA ALA A 3429 -43.51 115.80 -21.14
C ALA A 3429 -44.86 115.66 -20.47
N ASN A 3430 -45.90 116.31 -21.03
CA ASN A 3430 -47.26 116.14 -20.54
C ASN A 3430 -47.71 114.69 -20.67
N ALA A 3431 -47.41 114.07 -21.82
CA ALA A 3431 -47.71 112.65 -21.98
C ALA A 3431 -46.84 111.82 -21.05
N GLU A 3432 -45.59 112.23 -20.84
CA GLU A 3432 -44.68 111.49 -19.98
C GLU A 3432 -45.25 111.41 -18.56
N GLU A 3433 -45.75 112.54 -18.05
CA GLU A 3433 -46.38 112.57 -16.74
C GLU A 3433 -47.69 111.80 -16.74
N LEU A 3434 -48.44 111.83 -17.85
CA LEU A 3434 -49.68 111.05 -17.92
C LEU A 3434 -49.40 109.55 -17.81
N PHE A 3435 -48.33 109.10 -18.47
CA PHE A 3435 -47.88 107.72 -18.35
C PHE A 3435 -47.40 107.42 -16.94
N ARG A 3436 -46.79 108.42 -16.27
CA ARG A 3436 -46.40 108.22 -14.88
C ARG A 3436 -47.63 107.98 -14.02
N MET A 3437 -48.67 108.83 -14.20
CA MET A 3437 -49.89 108.73 -13.39
C MET A 3437 -50.57 107.38 -13.56
N VAL A 3438 -50.75 106.95 -14.81
CA VAL A 3438 -51.33 105.63 -15.02
C VAL A 3438 -50.38 104.52 -14.60
N GLY A 3439 -49.10 104.84 -14.37
CA GLY A 3439 -48.17 103.84 -13.87
C GLY A 3439 -48.57 103.37 -12.49
N GLU A 3440 -48.81 104.31 -11.55
CA GLU A 3440 -49.26 103.89 -10.23
C GLU A 3440 -50.70 103.43 -10.26
N ILE A 3441 -51.53 103.95 -11.18
CA ILE A 3441 -52.92 103.47 -11.26
C ILE A 3441 -52.94 101.98 -11.59
N PHE A 3442 -52.12 101.57 -12.55
CA PHE A 3442 -52.00 100.16 -12.90
C PHE A 3442 -51.30 99.35 -11.80
N ILE A 3443 -50.29 99.93 -11.14
CA ILE A 3443 -49.60 99.23 -10.07
C ILE A 3443 -50.54 98.95 -8.90
N TYR A 3444 -51.32 99.95 -8.49
CA TYR A 3444 -52.31 99.75 -7.44
C TYR A 3444 -53.41 98.78 -7.84
N TRP A 3445 -53.80 98.79 -9.12
CA TRP A 3445 -54.71 97.75 -9.63
C TRP A 3445 -54.10 96.35 -9.53
N SER A 3446 -52.81 96.22 -9.85
CA SER A 3446 -52.12 94.94 -9.73
C SER A 3446 -52.01 94.51 -8.26
N LYS A 3447 -51.75 95.46 -7.38
CA LYS A 3447 -51.55 95.14 -5.96
C LYS A 3447 -52.87 94.75 -5.31
N SER A 3448 -53.97 95.41 -5.67
CA SER A 3448 -55.23 95.20 -4.99
C SER A 3448 -56.01 94.12 -5.75
N HIS A 3449 -56.08 92.94 -5.15
CA HIS A 3449 -56.87 91.85 -5.71
C HIS A 3449 -58.36 92.14 -5.62
N ASN A 3450 -58.79 92.85 -4.57
CA ASN A 3450 -60.19 93.24 -4.43
C ASN A 3450 -60.61 94.21 -5.52
N PHE A 3451 -59.79 95.23 -5.81
CA PHE A 3451 -60.11 96.16 -6.90
C PHE A 3451 -60.21 95.44 -8.25
N LYS A 3452 -59.44 94.36 -8.41
CA LYS A 3452 -59.64 93.46 -9.54
C LYS A 3452 -61.00 92.81 -9.46
N ARG A 3453 -61.40 92.35 -8.27
CA ARG A 3453 -62.59 91.53 -8.13
C ARG A 3453 -63.86 92.33 -8.45
N GLU A 3454 -63.97 93.55 -7.91
CA GLU A 3454 -65.12 94.35 -8.36
C GLU A 3454 -64.87 95.13 -9.65
N GLU A 3455 -63.68 95.01 -10.27
CA GLU A 3455 -63.50 95.58 -11.60
C GLU A 3455 -64.42 94.92 -12.62
N GLN A 3456 -64.55 93.58 -12.58
CA GLN A 3456 -65.53 92.98 -13.48
C GLN A 3456 -66.93 93.03 -12.91
N ASN A 3457 -67.08 93.18 -11.60
CA ASN A 3457 -68.41 93.26 -11.00
C ASN A 3457 -69.17 94.48 -11.53
N PHE A 3458 -68.48 95.62 -11.63
CA PHE A 3458 -69.08 96.78 -12.28
C PHE A 3458 -69.39 96.51 -13.75
N VAL A 3459 -68.52 95.77 -14.43
CA VAL A 3459 -68.71 95.43 -15.84
C VAL A 3459 -69.96 94.57 -16.02
N VAL A 3460 -70.11 93.53 -15.21
CA VAL A 3460 -71.25 92.62 -15.36
C VAL A 3460 -72.54 93.30 -14.93
N GLN A 3461 -72.51 94.12 -13.87
CA GLN A 3461 -73.73 94.77 -13.41
C GLN A 3461 -74.20 95.87 -14.36
N ASN A 3462 -73.28 96.60 -14.99
CA ASN A 3462 -73.65 97.68 -15.91
C ASN A 3462 -73.55 97.28 -17.38
N GLU A 3463 -73.25 96.01 -17.67
CA GLU A 3463 -73.24 95.43 -19.03
C GLU A 3463 -72.28 96.16 -19.95
N ILE A 3464 -71.05 96.40 -19.47
CA ILE A 3464 -70.00 96.97 -20.29
C ILE A 3464 -69.58 95.95 -21.34
N ASN A 3465 -69.76 96.30 -22.62
CA ASN A 3465 -69.42 95.38 -23.69
C ASN A 3465 -67.92 95.16 -23.81
N ASN A 3466 -67.12 96.22 -23.61
CA ASN A 3466 -65.65 96.27 -23.64
C ASN A 3466 -65.07 96.07 -25.03
N MET A 3467 -65.87 95.82 -26.06
CA MET A 3467 -65.41 95.60 -27.41
C MET A 3467 -65.55 96.83 -28.31
N SER A 3468 -66.59 97.64 -28.11
CA SER A 3468 -66.76 98.84 -28.93
C SER A 3468 -65.79 99.94 -28.53
N PHE A 3469 -65.40 100.00 -27.25
CA PHE A 3469 -64.49 101.04 -26.76
C PHE A 3469 -63.10 100.96 -27.38
N LEU A 3470 -62.73 99.83 -27.99
CA LEU A 3470 -61.45 99.65 -28.65
C LEU A 3470 -61.50 99.82 -30.15
N THR A 3471 -62.61 99.46 -30.78
CA THR A 3471 -62.76 99.52 -32.23
C THR A 3471 -63.70 100.63 -32.69
N ALA A 3472 -64.06 101.56 -31.81
CA ALA A 3472 -64.99 102.64 -32.15
C ALA A 3472 -64.42 103.54 -33.25
N ASP A 3473 -63.15 103.93 -33.13
CA ASP A 3473 -62.51 104.69 -34.20
C ASP A 3473 -62.38 103.87 -35.47
N SER A 3474 -62.05 102.57 -35.34
CA SER A 3474 -61.93 101.70 -36.50
C SER A 3474 -63.26 101.57 -37.24
N LYS A 3475 -64.36 101.40 -36.49
CA LYS A 3475 -65.67 101.38 -37.14
C LYS A 3475 -66.05 102.76 -37.69
N SER A 3476 -65.55 103.83 -37.07
CA SER A 3476 -65.73 105.17 -37.62
C SER A 3476 -65.03 105.33 -38.96
N LYS A 3477 -63.95 104.57 -39.20
CA LYS A 3477 -63.28 104.62 -40.50
C LYS A 3477 -63.95 103.72 -41.55
N MET A 3478 -65.16 103.22 -41.28
CA MET A 3478 -65.92 102.32 -42.15
C MET A 3478 -65.14 101.04 -42.48
N ALA A 3479 -64.57 100.44 -41.44
CA ALA A 3479 -63.81 99.19 -41.61
C ALA A 3479 -64.76 98.01 -41.75
N ARG A 3498 -69.16 85.13 -27.09
CA ARG A 3498 -68.66 83.79 -27.36
C ARG A 3498 -67.83 83.28 -26.18
N ARG A 3499 -66.60 83.76 -26.06
CA ARG A 3499 -65.69 83.37 -24.98
C ARG A 3499 -65.56 84.46 -23.92
N GLY A 3500 -65.22 85.68 -24.32
CA GLY A 3500 -65.09 86.77 -23.37
C GLY A 3500 -66.14 87.84 -23.55
N ASP A 3501 -67.32 87.43 -24.01
CA ASP A 3501 -68.42 88.38 -24.24
C ASP A 3501 -68.88 89.01 -22.93
N ARG A 3502 -69.06 88.20 -21.89
CA ARG A 3502 -69.46 88.72 -20.59
C ARG A 3502 -68.38 89.62 -19.99
N TYR A 3503 -67.15 89.10 -19.93
CA TYR A 3503 -65.97 89.81 -19.41
C TYR A 3503 -64.73 88.99 -19.75
N SER A 3504 -63.64 89.69 -20.03
CA SER A 3504 -62.34 89.09 -20.26
C SER A 3504 -61.28 90.07 -19.82
N VAL A 3505 -60.20 89.55 -19.24
CA VAL A 3505 -59.12 90.38 -18.71
C VAL A 3505 -58.42 91.14 -19.83
N GLN A 3506 -58.30 90.51 -21.01
CA GLN A 3506 -57.70 91.16 -22.19
C GLN A 3506 -58.49 92.37 -22.65
N THR A 3507 -59.79 92.42 -22.37
CA THR A 3507 -60.64 93.55 -22.75
C THR A 3507 -60.82 94.57 -21.64
N SER A 3508 -60.11 94.41 -20.51
CA SER A 3508 -60.17 95.40 -19.44
C SER A 3508 -59.61 96.73 -19.92
N LEU A 3509 -60.31 97.80 -19.57
CA LEU A 3509 -59.94 99.12 -20.07
C LEU A 3509 -58.68 99.67 -19.42
N ILE A 3510 -58.41 99.32 -18.16
CA ILE A 3510 -57.22 99.83 -17.51
C ILE A 3510 -55.96 99.22 -18.13
N VAL A 3511 -55.98 97.92 -18.41
CA VAL A 3511 -54.83 97.27 -19.01
C VAL A 3511 -54.69 97.68 -20.46
N ALA A 3512 -55.81 97.85 -21.17
CA ALA A 3512 -55.75 98.25 -22.57
C ALA A 3512 -55.18 99.67 -22.69
N THR A 3513 -55.61 100.56 -21.79
CA THR A 3513 -55.14 101.94 -21.81
C THR A 3513 -53.65 101.98 -21.49
N LEU A 3514 -53.22 101.18 -20.52
CA LEU A 3514 -51.80 101.15 -20.16
C LEU A 3514 -50.95 100.65 -21.32
N LYS A 3515 -51.40 99.58 -21.99
CA LYS A 3515 -50.66 99.07 -23.14
C LYS A 3515 -50.59 100.07 -24.29
N LYS A 3516 -51.71 100.73 -24.58
CA LYS A 3516 -51.72 101.77 -25.62
C LYS A 3516 -50.82 102.94 -25.27
N MET A 3517 -50.76 103.32 -23.98
CA MET A 3517 -49.95 104.45 -23.57
C MET A 3517 -48.49 104.06 -23.35
N LEU A 3518 -48.19 102.75 -23.34
CA LEU A 3518 -46.84 102.26 -23.08
C LEU A 3518 -45.74 102.74 -24.05
N PRO A 3519 -45.91 102.78 -25.39
CA PRO A 3519 -44.81 103.25 -26.25
C PRO A 3519 -44.35 104.67 -25.95
N ILE A 3520 -45.26 105.52 -25.47
CA ILE A 3520 -44.91 106.89 -25.10
C ILE A 3520 -43.93 106.87 -23.94
N GLY A 3521 -44.21 106.04 -22.93
CA GLY A 3521 -43.30 105.96 -21.80
C GLY A 3521 -41.98 105.33 -22.19
N LEU A 3522 -42.02 104.32 -23.07
CA LEU A 3522 -40.80 103.64 -23.47
C LEU A 3522 -39.91 104.51 -24.36
N ASN A 3523 -40.49 105.51 -25.04
CA ASN A 3523 -39.67 106.46 -25.79
C ASN A 3523 -38.78 107.27 -24.86
N MET A 3524 -39.22 107.49 -23.61
CA MET A 3524 -38.49 108.29 -22.65
C MET A 3524 -37.25 107.55 -22.12
N CYS A 3525 -37.23 106.23 -22.21
CA CYS A 3525 -36.06 105.45 -21.83
C CYS A 3525 -35.02 105.41 -22.95
N ALA A 3526 -33.76 105.57 -22.56
CA ALA A 3526 -32.64 105.52 -23.46
C ALA A 3526 -32.26 104.07 -23.80
N PRO A 3527 -31.61 103.83 -24.94
CA PRO A 3527 -31.17 102.46 -25.29
C PRO A 3527 -30.22 101.83 -24.28
N THR A 3528 -29.34 102.62 -23.66
CA THR A 3528 -28.44 102.09 -22.64
C THR A 3528 -29.15 101.57 -21.40
N ASP A 3529 -30.38 102.01 -21.13
CA ASP A 3529 -31.09 101.64 -19.91
C ASP A 3529 -31.59 100.21 -19.92
N GLN A 3530 -31.49 99.50 -21.07
CA GLN A 3530 -32.08 98.18 -21.23
C GLN A 3530 -31.52 97.18 -20.24
N ASP A 3531 -30.19 97.20 -20.03
CA ASP A 3531 -29.57 96.30 -19.06
C ASP A 3531 -30.11 96.55 -17.65
N LEU A 3532 -30.45 97.80 -17.35
CA LEU A 3532 -31.01 98.13 -16.04
C LEU A 3532 -32.46 97.67 -15.93
N ILE A 3533 -33.17 97.53 -17.06
CA ILE A 3533 -34.60 97.18 -17.01
C ILE A 3533 -34.78 95.77 -16.46
N MET A 3534 -34.03 94.80 -16.98
CA MET A 3534 -34.26 93.42 -16.52
C MET A 3534 -33.78 93.24 -15.10
N LEU A 3535 -32.72 93.96 -14.69
CA LEU A 3535 -32.26 93.87 -13.31
C LEU A 3535 -33.31 94.38 -12.34
N ALA A 3536 -33.94 95.51 -12.67
CA ALA A 3536 -35.06 95.99 -11.85
C ALA A 3536 -36.24 95.03 -11.89
N LYS A 3537 -36.47 94.39 -13.04
CA LYS A 3537 -37.52 93.38 -13.16
C LYS A 3537 -37.27 92.20 -12.21
N THR A 3538 -36.02 91.76 -12.11
CA THR A 3538 -35.64 90.71 -11.17
C THR A 3538 -35.84 91.15 -9.72
N ARG A 3539 -35.48 92.40 -9.38
CA ARG A 3539 -35.71 92.89 -8.03
C ARG A 3539 -37.20 92.99 -7.70
N TYR A 3540 -38.01 93.45 -8.66
CA TYR A 3540 -39.46 93.48 -8.48
C TYR A 3540 -40.03 92.08 -8.31
N ALA A 3541 -39.50 91.11 -9.04
CA ALA A 3541 -39.90 89.73 -8.77
C ALA A 3541 -39.39 89.26 -7.42
N LEU A 3542 -38.26 89.82 -6.96
CA LEU A 3542 -37.68 89.55 -5.65
C LEU A 3542 -38.38 90.33 -4.53
N LYS A 3543 -39.50 90.98 -4.85
CA LYS A 3543 -40.34 91.76 -3.92
C LYS A 3543 -39.56 92.88 -3.24
N ASP A 3544 -39.09 93.82 -4.05
CA ASP A 3544 -38.35 94.97 -3.55
C ASP A 3544 -39.14 96.24 -3.82
N THR A 3545 -39.14 97.15 -2.83
CA THR A 3545 -39.91 98.38 -2.93
C THR A 3545 -39.25 99.35 -3.92
N ASP A 3546 -39.97 100.42 -4.25
CA ASP A 3546 -39.48 101.40 -5.20
C ASP A 3546 -38.23 102.11 -4.70
N GLU A 3547 -38.09 102.28 -3.38
CA GLU A 3547 -36.87 102.86 -2.85
C GLU A 3547 -35.71 101.89 -3.02
N GLU A 3548 -35.98 100.59 -2.84
CA GLU A 3548 -34.94 99.58 -2.98
C GLU A 3548 -34.43 99.53 -4.42
N VAL A 3549 -35.35 99.47 -5.39
CA VAL A 3549 -34.90 99.37 -6.79
C VAL A 3549 -34.16 100.64 -7.19
N ARG A 3550 -34.61 101.82 -6.69
CA ARG A 3550 -33.93 103.07 -7.00
C ARG A 3550 -32.50 103.08 -6.47
N GLU A 3551 -32.30 102.61 -5.24
CA GLU A 3551 -30.93 102.60 -4.74
C GLU A 3551 -30.09 101.48 -5.34
N PHE A 3552 -30.70 100.35 -5.72
CA PHE A 3552 -29.95 99.31 -6.44
C PHE A 3552 -29.47 99.83 -7.79
N LEU A 3553 -30.34 100.58 -8.50
CA LEU A 3553 -29.93 101.18 -9.77
C LEU A 3553 -28.80 102.19 -9.54
N GLN A 3554 -28.90 102.97 -8.46
CA GLN A 3554 -27.83 103.91 -8.11
C GLN A 3554 -26.53 103.17 -7.82
N ASN A 3555 -26.61 101.95 -7.29
CA ASN A 3555 -25.39 101.19 -7.02
C ASN A 3555 -24.78 100.69 -8.32
N ASN A 3556 -25.60 100.19 -9.24
CA ASN A 3556 -25.05 99.56 -10.44
C ASN A 3556 -25.31 100.38 -11.70
N LEU A 3557 -25.18 101.72 -11.60
CA LEU A 3557 -25.31 102.59 -12.77
C LEU A 3557 -24.18 102.37 -13.79
N HIS A 3558 -23.06 101.79 -13.37
CA HIS A 3558 -21.88 101.67 -14.22
C HIS A 3558 -22.08 100.68 -15.36
N LEU A 3559 -22.92 99.67 -15.17
CA LEU A 3559 -23.06 98.56 -16.10
C LEU A 3559 -24.03 98.82 -17.25
N GLN A 3560 -24.30 100.09 -17.56
CA GLN A 3560 -25.19 100.47 -18.67
C GLN A 3560 -24.67 99.93 -20.01
N GLY A 3561 -25.55 99.96 -21.01
CA GLY A 3561 -25.25 99.39 -22.31
C GLY A 3561 -24.11 100.09 -23.03
N LYS A 3562 -23.48 99.33 -23.92
CA LYS A 3562 -22.36 99.80 -24.72
C LYS A 3562 -22.80 99.90 -26.17
N VAL A 3563 -22.65 101.09 -26.76
CA VAL A 3563 -23.07 101.31 -28.14
C VAL A 3563 -22.17 100.54 -29.10
N GLU A 3564 -20.87 100.50 -28.85
CA GLU A 3564 -19.94 99.81 -29.74
C GLU A 3564 -19.99 98.30 -29.57
N GLY A 3565 -20.31 97.82 -28.37
CA GLY A 3565 -20.33 96.39 -28.11
C GLY A 3565 -21.50 95.64 -28.71
N SER A 3566 -22.53 96.37 -29.15
CA SER A 3566 -23.69 95.73 -29.77
C SER A 3566 -24.07 96.49 -31.03
N PRO A 3567 -24.06 95.84 -32.20
CA PRO A 3567 -24.48 96.52 -33.44
C PRO A 3567 -25.92 97.01 -33.43
N SER A 3568 -26.80 96.37 -32.64
CA SER A 3568 -28.17 96.85 -32.51
C SER A 3568 -28.20 98.23 -31.88
N LEU A 3569 -27.38 98.44 -30.86
CA LEU A 3569 -27.39 99.69 -30.13
C LEU A 3569 -26.75 100.80 -30.93
N ARG A 3570 -25.96 100.47 -31.96
CA ARG A 3570 -25.30 101.52 -32.73
C ARG A 3570 -26.32 102.29 -33.56
N TRP A 3571 -27.21 101.56 -34.25
CA TRP A 3571 -28.25 102.26 -35.00
C TRP A 3571 -29.34 102.79 -34.09
N GLN A 3572 -29.62 102.07 -32.98
CA GLN A 3572 -30.63 102.55 -32.04
C GLN A 3572 -30.22 103.88 -31.40
N MET A 3573 -28.94 104.01 -31.02
CA MET A 3573 -28.47 105.23 -30.38
C MET A 3573 -28.58 106.43 -31.31
N ALA A 3574 -28.21 106.24 -32.58
CA ALA A 3574 -28.33 107.29 -33.59
C ALA A 3574 -29.79 107.67 -33.83
N LEU A 3575 -30.68 106.68 -33.90
CA LEU A 3575 -32.11 106.96 -34.03
C LEU A 3575 -32.67 107.68 -32.82
N TYR A 3576 -32.26 107.26 -31.62
CA TYR A 3576 -32.71 107.88 -30.38
C TYR A 3576 -32.23 109.31 -30.25
N ARG A 3577 -30.97 109.57 -30.59
CA ARG A 3577 -30.43 110.92 -30.56
C ARG A 3577 -30.87 111.78 -31.74
N GLY A 3578 -31.47 111.18 -32.77
CA GLY A 3578 -31.97 111.97 -33.88
C GLY A 3578 -33.19 112.81 -33.56
N LEU A 3579 -33.82 112.57 -32.41
CA LEU A 3579 -34.98 113.36 -32.01
C LEU A 3579 -34.53 114.77 -31.63
N PRO A 3580 -35.16 115.81 -32.20
CA PRO A 3580 -34.81 117.19 -31.81
C PRO A 3580 -35.11 117.53 -30.36
N GLY A 3581 -35.99 116.78 -29.69
CA GLY A 3581 -36.28 116.98 -28.29
C GLY A 3581 -35.35 116.25 -27.35
N ARG A 3582 -34.29 115.63 -27.86
CA ARG A 3582 -33.35 114.89 -27.04
C ARG A 3582 -32.16 115.77 -26.66
N GLU A 3583 -31.83 115.78 -25.38
CA GLU A 3583 -30.70 116.53 -24.86
C GLU A 3583 -29.66 115.54 -24.35
N GLU A 3584 -28.39 115.84 -24.65
CA GLU A 3584 -27.30 114.94 -24.28
C GLU A 3584 -27.08 114.87 -22.77
N ASP A 3585 -27.47 115.91 -22.04
CA ASP A 3585 -27.34 115.93 -20.59
C ASP A 3585 -28.63 115.54 -19.87
N ALA A 3586 -29.69 115.21 -20.62
CA ALA A 3586 -31.00 114.91 -20.04
C ALA A 3586 -31.04 113.58 -19.30
N ASP A 3587 -30.02 112.73 -19.45
CA ASP A 3587 -29.97 111.44 -18.78
C ASP A 3587 -29.27 111.53 -17.42
N ASP A 3588 -29.82 112.39 -16.56
CA ASP A 3588 -29.27 112.57 -15.23
C ASP A 3588 -29.49 111.30 -14.41
N PRO A 3589 -28.63 111.04 -13.40
CA PRO A 3589 -28.76 109.80 -12.61
C PRO A 3589 -30.10 109.60 -11.92
N GLU A 3590 -30.68 110.68 -11.37
CA GLU A 3590 -31.98 110.53 -10.72
C GLU A 3590 -33.10 110.37 -11.75
N LYS A 3591 -32.94 111.00 -12.92
CA LYS A 3591 -33.94 110.90 -13.97
C LYS A 3591 -33.97 109.48 -14.52
N ILE A 3592 -32.79 108.89 -14.75
CA ILE A 3592 -32.74 107.56 -15.34
C ILE A 3592 -33.23 106.53 -14.33
N VAL A 3593 -32.82 106.63 -13.05
CA VAL A 3593 -33.25 105.63 -12.08
C VAL A 3593 -34.76 105.72 -11.86
N ARG A 3594 -35.33 106.93 -11.94
CA ARG A 3594 -36.79 107.08 -11.82
C ARG A 3594 -37.51 106.47 -13.01
N ARG A 3595 -37.08 106.79 -14.23
CA ARG A 3595 -37.79 106.29 -15.42
C ARG A 3595 -37.66 104.77 -15.55
N VAL A 3596 -36.47 104.22 -15.26
CA VAL A 3596 -36.27 102.77 -15.23
C VAL A 3596 -37.15 102.11 -14.17
N GLN A 3597 -37.22 102.69 -12.97
CA GLN A 3597 -38.06 102.11 -11.92
C GLN A 3597 -39.54 102.13 -12.30
N GLU A 3598 -40.01 103.22 -12.92
CA GLU A 3598 -41.40 103.33 -13.34
C GLU A 3598 -41.75 102.31 -14.42
N VAL A 3599 -40.92 102.26 -15.48
CA VAL A 3599 -41.24 101.37 -16.59
C VAL A 3599 -41.08 99.91 -16.17
N SER A 3600 -40.04 99.60 -15.38
CA SER A 3600 -39.77 98.23 -14.99
C SER A 3600 -40.92 97.69 -14.16
N ALA A 3601 -41.45 98.52 -13.24
CA ALA A 3601 -42.62 98.11 -12.46
C ALA A 3601 -43.84 97.91 -13.35
N VAL A 3602 -44.00 98.76 -14.38
CA VAL A 3602 -45.14 98.63 -15.30
C VAL A 3602 -45.06 97.31 -16.07
N LEU A 3603 -43.91 97.02 -16.68
CA LEU A 3603 -43.76 95.81 -17.48
C LEU A 3603 -43.82 94.58 -16.60
N TYR A 3604 -43.20 94.63 -15.40
CA TYR A 3604 -43.16 93.49 -14.51
C TYR A 3604 -44.57 93.08 -14.10
N HIS A 3605 -45.40 94.04 -13.71
CA HIS A 3605 -46.78 93.68 -13.41
C HIS A 3605 -47.57 93.33 -14.67
N LEU A 3606 -47.17 93.89 -15.82
CA LEU A 3606 -47.86 93.61 -17.08
C LEU A 3606 -47.73 92.14 -17.46
N GLU A 3607 -46.49 91.62 -17.44
CA GLU A 3607 -46.31 90.21 -17.79
C GLU A 3607 -47.01 89.29 -16.80
N GLN A 3608 -47.19 89.74 -15.54
CA GLN A 3608 -47.97 88.99 -14.57
C GLN A 3608 -49.42 88.97 -14.98
N THR A 3609 -49.86 89.97 -15.75
CA THR A 3609 -51.26 90.00 -16.14
C THR A 3609 -51.45 89.08 -17.34
N GLU A 3610 -50.71 89.33 -18.43
CA GLU A 3610 -50.82 88.46 -19.62
C GLU A 3610 -50.32 87.03 -19.42
N HIS A 3611 -49.81 86.65 -18.23
CA HIS A 3611 -49.40 85.26 -17.95
C HIS A 3611 -49.63 85.02 -16.46
N PRO A 3612 -50.90 84.84 -16.06
CA PRO A 3612 -51.20 84.67 -14.62
C PRO A 3612 -50.64 83.43 -13.95
N TYR A 3613 -50.69 82.25 -14.59
CA TYR A 3613 -50.15 80.96 -14.11
C TYR A 3613 -50.70 80.59 -12.73
N LYS A 3614 -52.00 80.87 -12.55
CA LYS A 3614 -52.66 80.74 -11.24
C LYS A 3614 -52.71 79.30 -10.72
N SER A 3615 -52.95 78.31 -11.60
CA SER A 3615 -53.25 76.91 -11.26
C SER A 3615 -52.25 76.17 -10.36
N LYS A 3616 -52.49 74.84 -10.17
CA LYS A 3616 -51.74 73.80 -9.43
C LYS A 3616 -52.28 73.65 -8.02
N LYS A 3617 -53.41 74.29 -7.70
CA LYS A 3617 -54.00 74.20 -6.37
C LYS A 3617 -55.36 73.52 -6.33
N ALA A 3618 -56.31 73.94 -7.15
CA ALA A 3618 -57.65 73.33 -7.15
C ALA A 3618 -57.91 72.75 -8.53
N VAL A 3619 -57.48 71.50 -8.72
CA VAL A 3619 -57.63 70.76 -9.96
C VAL A 3619 -58.68 69.68 -9.74
N TRP A 3620 -59.40 69.34 -10.82
CA TRP A 3620 -60.42 68.29 -10.84
C TRP A 3620 -59.83 66.95 -10.42
N HIS A 3621 -60.24 66.43 -9.25
CA HIS A 3621 -59.65 65.23 -8.70
C HIS A 3621 -60.60 64.05 -8.61
N LYS A 3622 -61.92 64.28 -8.63
CA LYS A 3622 -63.00 63.27 -8.61
C LYS A 3622 -62.78 62.15 -7.57
N LEU A 3623 -62.67 62.60 -6.31
CA LEU A 3623 -62.47 61.69 -5.17
C LEU A 3623 -63.60 60.68 -5.05
N LEU A 3624 -64.85 61.15 -5.02
CA LEU A 3624 -65.99 60.24 -4.95
C LEU A 3624 -67.16 60.68 -5.84
N SER A 3625 -66.98 61.71 -6.67
CA SER A 3625 -68.08 62.21 -7.49
C SER A 3625 -68.51 61.21 -8.56
N LYS A 3626 -67.55 60.55 -9.22
CA LYS A 3626 -67.89 59.62 -10.28
C LYS A 3626 -68.57 58.35 -9.78
N GLN A 3627 -68.39 57.99 -8.51
CA GLN A 3627 -68.92 56.74 -7.98
C GLN A 3627 -69.92 56.90 -6.85
N ARG A 3628 -70.08 58.11 -6.28
CA ARG A 3628 -70.96 58.25 -5.13
C ARG A 3628 -71.80 59.54 -5.26
N ARG A 3629 -72.14 59.93 -6.49
CA ARG A 3629 -73.06 61.04 -6.67
C ARG A 3629 -74.51 60.67 -6.40
N ARG A 3630 -74.83 59.37 -6.29
CA ARG A 3630 -76.18 58.97 -5.92
C ARG A 3630 -76.48 59.31 -4.47
N ALA A 3631 -75.54 59.01 -3.57
CA ALA A 3631 -75.76 59.21 -2.14
C ALA A 3631 -75.93 60.68 -1.78
N VAL A 3632 -75.10 61.56 -2.36
CA VAL A 3632 -75.18 62.98 -2.02
C VAL A 3632 -76.51 63.58 -2.46
N VAL A 3633 -77.05 63.10 -3.59
CA VAL A 3633 -78.36 63.55 -4.07
C VAL A 3633 -79.46 63.00 -3.17
N ALA A 3634 -79.37 61.71 -2.82
CA ALA A 3634 -80.45 61.06 -2.08
C ALA A 3634 -80.52 61.48 -0.62
N CYS A 3635 -79.38 61.54 0.08
CA CYS A 3635 -79.34 61.71 1.54
C CYS A 3635 -79.98 63.00 2.03
N PHE A 3636 -79.93 64.08 1.23
CA PHE A 3636 -80.59 65.33 1.62
C PHE A 3636 -82.10 65.20 1.64
N ARG A 3637 -82.66 64.35 0.79
CA ARG A 3637 -84.11 64.27 0.58
C ARG A 3637 -84.77 62.97 1.01
N MET A 3638 -84.00 61.92 1.32
CA MET A 3638 -84.54 60.59 1.52
C MET A 3638 -85.27 60.49 2.86
N THR A 3639 -85.83 59.31 3.10
CA THR A 3639 -86.79 59.12 4.17
C THR A 3639 -86.10 59.19 5.53
N PRO A 3640 -86.59 60.04 6.44
CA PRO A 3640 -86.10 60.01 7.83
C PRO A 3640 -86.58 58.77 8.56
N LEU A 3641 -86.02 58.59 9.77
CA LEU A 3641 -86.30 57.39 10.56
C LEU A 3641 -87.77 57.26 10.91
N TYR A 3642 -88.41 58.37 11.29
CA TYR A 3642 -89.77 58.31 11.83
C TYR A 3642 -90.83 57.95 10.78
N ASN A 3643 -90.48 57.94 9.49
CA ASN A 3643 -91.42 57.60 8.44
C ASN A 3643 -91.33 56.15 7.98
N LEU A 3644 -90.47 55.34 8.60
CA LEU A 3644 -90.37 53.93 8.22
C LEU A 3644 -91.58 53.15 8.73
N PRO A 3645 -91.90 52.02 8.08
CA PRO A 3645 -92.91 51.12 8.66
C PRO A 3645 -92.44 50.58 10.00
N THR A 3646 -93.41 50.34 10.89
CA THR A 3646 -93.13 49.94 12.26
C THR A 3646 -92.35 48.63 12.33
N HIS A 3647 -92.76 47.63 11.55
CA HIS A 3647 -92.09 46.34 11.58
C HIS A 3647 -90.65 46.42 11.06
N ARG A 3648 -90.42 47.18 9.98
CA ARG A 3648 -89.07 47.32 9.46
C ARG A 3648 -88.19 48.07 10.43
N ALA A 3649 -88.73 49.11 11.07
CA ALA A 3649 -87.99 49.87 12.05
C ALA A 3649 -87.64 49.00 13.25
N CYS A 3650 -88.58 48.12 13.64
CA CYS A 3650 -88.32 47.21 14.75
C CYS A 3650 -87.20 46.25 14.40
N ASN A 3651 -87.16 45.79 13.14
CA ASN A 3651 -86.09 44.90 12.70
C ASN A 3651 -84.73 45.58 12.81
N MET A 3652 -84.66 46.85 12.40
CA MET A 3652 -83.43 47.62 12.56
C MET A 3652 -83.06 47.77 14.02
N PHE A 3653 -84.05 48.02 14.88
CA PHE A 3653 -83.78 48.17 16.31
C PHE A 3653 -83.25 46.87 16.89
N LEU A 3654 -83.79 45.74 16.45
CA LEU A 3654 -83.36 44.44 16.95
C LEU A 3654 -81.91 44.18 16.62
N GLU A 3655 -81.54 44.33 15.34
CA GLU A 3655 -80.15 44.08 14.95
C GLU A 3655 -79.19 45.10 15.57
N SER A 3656 -79.64 46.35 15.74
CA SER A 3656 -78.79 47.33 16.39
C SER A 3656 -78.61 47.01 17.86
N TYR A 3657 -79.69 46.54 18.52
CA TYR A 3657 -79.65 46.26 19.94
C TYR A 3657 -78.70 45.10 20.21
N LYS A 3658 -78.82 44.02 19.42
CA LYS A 3658 -77.97 42.86 19.67
C LYS A 3658 -76.51 43.20 19.39
N ALA A 3659 -76.24 43.99 18.33
CA ALA A 3659 -74.87 44.34 18.02
C ALA A 3659 -74.27 45.34 19.02
N ALA A 3660 -75.11 46.15 19.67
CA ALA A 3660 -74.60 47.20 20.55
C ALA A 3660 -74.67 46.88 22.05
N TRP A 3661 -75.55 45.99 22.48
CA TRP A 3661 -75.76 45.72 23.90
C TRP A 3661 -75.60 44.26 24.30
N ILE A 3662 -75.76 43.31 23.39
CA ILE A 3662 -75.66 41.90 23.71
C ILE A 3662 -74.29 41.33 23.39
N LEU A 3663 -73.79 41.60 22.19
CA LEU A 3663 -72.43 41.20 21.82
C LEU A 3663 -71.40 41.88 22.71
N THR A 3664 -71.61 43.16 22.99
CA THR A 3664 -70.70 43.93 23.85
C THR A 3664 -70.73 43.45 25.30
N GLU A 3665 -71.81 42.81 25.74
CA GLU A 3665 -71.95 42.36 27.12
C GLU A 3665 -70.90 41.30 27.45
N ASP A 3666 -70.41 41.33 28.69
CA ASP A 3666 -69.42 40.38 29.18
C ASP A 3666 -70.06 39.49 30.22
N HIS A 3667 -69.81 38.18 30.12
CA HIS A 3667 -70.36 37.22 31.07
C HIS A 3667 -69.33 36.12 31.27
N SER A 3668 -68.64 36.15 32.41
CA SER A 3668 -67.61 35.16 32.73
C SER A 3668 -68.24 34.05 33.57
N PHE A 3669 -68.63 32.97 32.91
CA PHE A 3669 -69.27 31.82 33.55
C PHE A 3669 -68.43 30.55 33.49
N GLU A 3670 -67.31 30.56 32.77
CA GLU A 3670 -66.49 29.37 32.60
C GLU A 3670 -65.92 28.88 33.93
N ASP A 3671 -65.46 29.81 34.77
CA ASP A 3671 -64.84 29.43 36.04
C ASP A 3671 -65.86 28.74 36.94
N ARG A 3672 -67.08 29.24 36.97
CA ARG A 3672 -68.11 28.65 37.80
C ARG A 3672 -68.76 27.46 37.13
N MET A 3673 -68.45 27.22 35.86
CA MET A 3673 -68.89 25.97 35.24
C MET A 3673 -67.94 24.85 35.62
N ILE A 3674 -66.65 25.02 35.31
CA ILE A 3674 -65.65 23.99 35.62
C ILE A 3674 -65.53 23.75 37.13
N ASP A 3675 -65.80 24.78 37.95
CA ASP A 3675 -65.80 24.60 39.40
C ASP A 3675 -66.89 23.63 39.82
N ASP A 3676 -68.08 23.75 39.26
CA ASP A 3676 -69.15 22.83 39.60
C ASP A 3676 -68.88 21.45 39.02
N LEU A 3677 -68.38 21.40 37.78
CA LEU A 3677 -68.15 20.12 37.11
C LEU A 3677 -67.00 19.33 37.70
N SER A 3678 -66.14 19.96 38.51
CA SER A 3678 -64.97 19.27 39.03
C SER A 3678 -65.16 18.82 40.48
N LYS A 3679 -66.41 18.70 40.94
CA LYS A 3679 -66.72 18.28 42.29
C LYS A 3679 -67.52 16.97 42.25
N ALA A 3680 -67.02 15.96 42.93
CA ALA A 3680 -67.75 14.71 43.11
C ALA A 3680 -68.03 14.59 44.61
N GLY A 3681 -69.18 15.09 45.03
CA GLY A 3681 -69.50 15.20 46.44
C GLY A 3681 -70.59 14.25 46.89
N GLU A 3682 -70.60 13.92 48.19
CA GLU A 3682 -71.62 13.09 48.85
C GLU A 3682 -71.68 11.68 48.28
N GLN A 3683 -70.56 11.17 47.78
CA GLN A 3683 -70.46 9.80 47.33
C GLN A 3683 -69.36 9.04 48.07
N GLU A 3684 -68.80 9.62 49.13
CA GLU A 3684 -67.72 9.02 49.89
C GLU A 3684 -68.20 8.42 51.21
N GLU A 3685 -69.52 8.27 51.40
CA GLU A 3685 -70.05 7.70 52.63
C GLU A 3685 -69.64 6.23 52.80
N GLU A 3686 -69.61 5.47 51.71
CA GLU A 3686 -69.19 4.08 51.79
C GLU A 3686 -67.67 3.90 51.72
N GLU A 3687 -66.95 4.97 51.35
CA GLU A 3687 -65.47 5.03 51.20
C GLU A 3687 -64.86 3.78 50.56
N GLU A 3688 -65.47 3.37 49.44
CA GLU A 3688 -65.04 2.18 48.70
C GLU A 3688 -63.62 2.34 48.17
N GLU A 3689 -62.92 1.22 48.02
CA GLU A 3689 -61.53 1.21 47.60
C GLU A 3689 -61.30 1.03 46.10
N VAL A 3690 -62.37 0.93 45.30
CA VAL A 3690 -62.21 0.64 43.86
C VAL A 3690 -61.46 1.78 43.18
N GLU A 3691 -60.53 1.40 42.30
CA GLU A 3691 -59.60 2.37 41.69
C GLU A 3691 -60.33 3.40 40.84
N GLU A 3692 -61.34 2.98 40.07
CA GLU A 3692 -62.00 3.88 39.13
C GLU A 3692 -63.03 4.79 39.80
N LYS A 3693 -63.58 4.36 40.95
CA LYS A 3693 -64.66 5.02 41.71
C LYS A 3693 -65.76 5.40 40.72
N LYS A 3694 -66.19 6.66 40.66
CA LYS A 3694 -67.05 7.13 39.60
C LYS A 3694 -66.43 8.44 39.12
N PRO A 3695 -66.18 8.57 37.82
CA PRO A 3695 -65.67 9.84 37.29
C PRO A 3695 -66.58 11.02 37.57
N ASP A 3696 -65.97 12.13 37.97
CA ASP A 3696 -66.69 13.36 38.21
C ASP A 3696 -67.21 13.92 36.86
N PRO A 3697 -68.25 14.78 36.88
CA PRO A 3697 -68.93 15.20 35.63
C PRO A 3697 -68.04 15.72 34.52
N LEU A 3698 -66.97 16.46 34.88
CA LEU A 3698 -66.03 16.94 33.88
C LEU A 3698 -65.34 15.78 33.20
N HIS A 3699 -64.93 14.77 33.97
CA HIS A 3699 -64.28 13.59 33.40
C HIS A 3699 -65.23 12.83 32.50
N GLN A 3700 -66.49 12.71 32.91
CA GLN A 3700 -67.48 12.02 32.09
C GLN A 3700 -67.70 12.75 30.76
N LEU A 3701 -67.72 14.08 30.81
CA LEU A 3701 -67.87 14.88 29.60
C LEU A 3701 -66.69 14.68 28.65
N VAL A 3702 -65.47 14.68 29.21
CA VAL A 3702 -64.27 14.49 28.39
C VAL A 3702 -64.25 13.08 27.81
N LEU A 3703 -64.68 12.09 28.59
CA LEU A 3703 -64.76 10.71 28.09
C LEU A 3703 -65.75 10.62 26.94
N HIS A 3704 -66.88 11.32 27.05
CA HIS A 3704 -67.88 11.30 25.98
C HIS A 3704 -67.33 11.89 24.70
N PHE A 3705 -66.63 13.03 24.81
CA PHE A 3705 -66.05 13.64 23.61
C PHE A 3705 -64.90 12.81 23.04
N SER A 3706 -64.14 12.14 23.91
CA SER A 3706 -63.15 11.19 23.41
C SER A 3706 -63.81 10.03 22.70
N ARG A 3707 -64.94 9.56 23.21
CA ARG A 3707 -65.65 8.45 22.57
C ARG A 3707 -66.15 8.86 21.18
N THR A 3708 -66.73 10.07 21.09
CA THR A 3708 -67.23 10.50 19.78
C THR A 3708 -66.10 10.90 18.85
N ALA A 3709 -64.87 11.02 19.36
CA ALA A 3709 -63.75 11.27 18.47
C ALA A 3709 -63.09 9.97 18.06
N LEU A 3710 -63.15 8.96 18.91
CA LEU A 3710 -62.62 7.64 18.61
C LEU A 3710 -63.53 6.80 17.74
N THR A 3711 -64.81 7.19 17.60
CA THR A 3711 -65.70 6.44 16.73
C THR A 3711 -65.25 6.53 15.28
N GLU A 3712 -65.59 5.51 14.50
CA GLU A 3712 -65.12 5.42 13.12
C GLU A 3712 -66.10 6.09 12.18
N LYS A 3713 -65.67 7.20 11.60
CA LYS A 3713 -66.50 8.01 10.72
C LYS A 3713 -65.58 8.63 9.68
N SER A 3714 -66.06 8.67 8.43
CA SER A 3714 -65.24 9.18 7.32
C SER A 3714 -64.94 10.66 7.48
N LYS A 3715 -65.92 11.45 7.92
CA LYS A 3715 -65.76 12.88 8.06
C LYS A 3715 -66.20 13.30 9.45
N LEU A 3716 -65.50 14.27 10.01
CA LEU A 3716 -65.80 14.78 11.34
C LEU A 3716 -66.91 15.84 11.25
N ASP A 3717 -68.11 15.49 11.72
CA ASP A 3717 -69.20 16.43 11.70
C ASP A 3717 -69.00 17.49 12.79
N GLU A 3718 -69.62 18.65 12.58
CA GLU A 3718 -69.48 19.76 13.52
C GLU A 3718 -70.43 19.57 14.69
N ASP A 3719 -69.88 19.37 15.88
CA ASP A 3719 -70.67 19.32 17.12
C ASP A 3719 -70.63 20.70 17.76
N TYR A 3720 -71.76 21.42 17.68
CA TYR A 3720 -71.82 22.79 18.21
C TYR A 3720 -71.60 22.82 19.70
N LEU A 3721 -72.00 21.76 20.40
CA LEU A 3721 -71.81 21.73 21.84
C LEU A 3721 -70.35 21.43 22.17
N TYR A 3722 -69.69 20.57 21.39
CA TYR A 3722 -68.26 20.36 21.60
C TYR A 3722 -67.48 21.62 21.33
N MET A 3723 -67.87 22.38 20.30
CA MET A 3723 -67.27 23.68 20.02
C MET A 3723 -67.47 24.66 21.18
N ALA A 3724 -68.63 24.58 21.83
CA ALA A 3724 -68.88 25.47 22.95
C ALA A 3724 -68.15 25.02 24.20
N TYR A 3725 -68.05 23.71 24.42
CA TYR A 3725 -67.42 23.23 25.64
C TYR A 3725 -65.91 23.32 25.52
N ALA A 3726 -65.38 23.13 24.32
CA ALA A 3726 -63.96 23.34 24.08
C ALA A 3726 -63.60 24.80 24.27
N ASP A 3727 -64.43 25.72 23.78
CA ASP A 3727 -64.16 27.14 24.01
C ASP A 3727 -64.26 27.51 25.48
N ILE A 3728 -65.22 26.91 26.20
CA ILE A 3728 -65.38 27.15 27.62
C ILE A 3728 -64.17 26.64 28.41
N MET A 3729 -63.70 25.44 28.06
CA MET A 3729 -62.53 24.87 28.72
C MET A 3729 -61.29 25.68 28.42
N ALA A 3730 -61.12 26.12 27.16
CA ALA A 3730 -59.96 26.91 26.80
C ALA A 3730 -59.98 28.24 27.54
N LYS A 3731 -61.15 28.88 27.63
CA LYS A 3731 -61.25 30.15 28.33
C LYS A 3731 -61.18 30.00 29.84
N SER A 3732 -61.25 28.77 30.36
CA SER A 3732 -61.27 28.54 31.79
C SER A 3732 -59.91 28.17 32.35
N CYS A 3733 -58.83 28.42 31.59
CA CYS A 3733 -57.49 28.15 32.09
C CYS A 3733 -56.66 29.41 32.22
N HIS A 3734 -56.50 30.19 31.14
CA HIS A 3734 -55.57 31.32 31.16
C HIS A 3734 -56.02 32.42 32.11
N LEU A 3735 -57.29 32.85 32.00
CA LEU A 3735 -57.88 33.96 32.77
C LEU A 3735 -57.05 35.25 32.66
N GLU A 3736 -56.41 35.46 31.52
CA GLU A 3736 -55.52 36.59 31.33
C GLU A 3736 -55.43 36.99 29.86
N VAL A 3749 -44.92 48.75 37.47
CA VAL A 3749 -45.35 47.52 36.83
C VAL A 3749 -44.32 46.41 37.02
N GLU A 3750 -43.56 46.48 38.10
CA GLU A 3750 -42.53 45.49 38.40
C GLU A 3750 -43.09 44.48 39.40
N VAL A 3751 -43.64 43.40 38.86
CA VAL A 3751 -44.12 42.29 39.67
C VAL A 3751 -42.94 41.56 40.31
N SER A 3752 -43.02 41.36 41.62
CA SER A 3752 -41.92 40.74 42.35
C SER A 3752 -41.89 39.27 41.99
N PHE A 3753 -40.68 38.72 41.85
CA PHE A 3753 -40.46 37.34 41.39
C PHE A 3753 -41.19 36.28 42.23
N GLU A 3754 -41.38 36.55 43.52
CA GLU A 3754 -42.12 35.62 44.36
C GLU A 3754 -43.62 35.66 44.06
N GLU A 3755 -44.19 36.85 43.86
CA GLU A 3755 -45.60 36.87 43.52
C GLU A 3755 -45.83 36.55 42.04
N LYS A 3756 -44.82 36.79 41.21
CA LYS A 3756 -44.79 36.27 39.84
C LYS A 3756 -44.96 34.77 39.83
N GLU A 3757 -44.32 34.08 40.77
CA GLU A 3757 -44.44 32.63 40.84
C GLU A 3757 -45.84 32.18 41.26
N MET A 3758 -46.64 33.07 41.85
CA MET A 3758 -47.97 32.70 42.31
C MET A 3758 -48.92 32.51 41.13
N GLU A 3759 -48.96 33.46 40.19
CA GLU A 3759 -49.88 33.36 39.06
C GLU A 3759 -49.55 32.14 38.19
N LYS A 3760 -48.26 31.87 37.97
CA LYS A 3760 -47.86 30.65 37.27
C LYS A 3760 -48.29 29.41 38.03
N GLN A 3761 -47.96 29.32 39.32
CA GLN A 3761 -48.25 28.11 40.07
C GLN A 3761 -49.76 27.93 40.29
N ARG A 3762 -50.55 28.99 40.11
CA ARG A 3762 -52.00 28.89 40.02
C ARG A 3762 -52.42 28.39 38.63
N LEU A 3763 -51.72 28.83 37.58
CA LEU A 3763 -52.04 28.40 36.23
C LEU A 3763 -51.82 26.90 36.06
N LEU A 3764 -50.73 26.40 36.66
CA LEU A 3764 -50.43 24.98 36.57
C LEU A 3764 -51.53 24.14 37.20
N TYR A 3765 -52.03 24.58 38.37
CA TYR A 3765 -53.20 23.94 38.99
C TYR A 3765 -54.42 24.02 38.08
N GLN A 3766 -54.66 25.19 37.49
CA GLN A 3766 -55.86 25.39 36.69
C GLN A 3766 -55.83 24.54 35.42
N GLN A 3767 -54.64 24.34 34.84
CA GLN A 3767 -54.48 23.36 33.77
C GLN A 3767 -54.63 21.94 34.30
N SER A 3768 -54.08 21.67 35.49
CA SER A 3768 -54.13 20.34 36.08
C SER A 3768 -55.54 19.93 36.43
N ARG A 3769 -56.47 20.88 36.50
CA ARG A 3769 -57.87 20.52 36.69
C ARG A 3769 -58.42 19.83 35.45
N LEU A 3770 -57.83 20.09 34.29
CA LEU A 3770 -58.30 19.53 33.02
C LEU A 3770 -57.46 18.33 32.57
N HIS A 3771 -56.14 18.52 32.45
CA HIS A 3771 -55.30 17.49 31.84
C HIS A 3771 -55.23 16.20 32.66
N THR A 3772 -55.52 16.25 33.97
CA THR A 3772 -55.63 15.00 34.72
C THR A 3772 -56.89 14.23 34.36
N ARG A 3773 -57.80 14.82 33.59
CA ARG A 3773 -59.07 14.18 33.25
C ARG A 3773 -59.15 13.76 31.79
N GLY A 3774 -58.01 13.55 31.13
CA GLY A 3774 -58.00 13.07 29.76
C GLY A 3774 -58.14 14.11 28.66
N ALA A 3775 -58.19 15.41 29.00
CA ALA A 3775 -58.29 16.44 27.96
C ALA A 3775 -57.07 16.48 27.05
N ALA A 3776 -55.90 16.13 27.58
CA ALA A 3776 -54.69 16.10 26.77
C ALA A 3776 -54.79 15.03 25.69
N GLU A 3777 -55.33 13.87 26.03
CA GLU A 3777 -55.46 12.82 25.03
C GLU A 3777 -56.62 13.14 24.09
N MET A 3778 -57.63 13.83 24.62
CA MET A 3778 -58.80 14.20 23.83
C MET A 3778 -58.40 15.14 22.69
N VAL A 3779 -57.50 16.09 22.98
CA VAL A 3779 -57.06 17.04 21.97
C VAL A 3779 -56.35 16.31 20.84
N LEU A 3780 -55.49 15.35 21.20
CA LEU A 3780 -54.75 14.57 20.22
C LEU A 3780 -55.70 13.74 19.37
N GLN A 3781 -56.77 13.25 19.99
CA GLN A 3781 -57.73 12.43 19.25
C GLN A 3781 -58.52 13.29 18.28
N MET A 3782 -58.95 14.49 18.70
CA MET A 3782 -59.70 15.34 17.78
C MET A 3782 -58.83 15.82 16.61
N ILE A 3783 -57.55 16.07 16.88
CA ILE A 3783 -56.61 16.44 15.82
C ILE A 3783 -56.46 15.28 14.83
N SER A 3784 -56.34 14.05 15.33
CA SER A 3784 -56.23 12.94 14.40
C SER A 3784 -57.55 12.69 13.69
N ALA A 3785 -58.67 12.96 14.34
CA ALA A 3785 -59.98 12.69 13.78
C ALA A 3785 -60.35 13.67 12.68
N CYS A 3786 -59.83 14.90 12.73
CA CYS A 3786 -60.23 15.88 11.72
C CYS A 3786 -59.68 15.61 10.34
N LYS A 3787 -58.70 14.69 10.20
CA LYS A 3787 -58.15 14.23 8.92
C LYS A 3787 -57.53 15.34 8.08
N GLY A 3788 -57.19 16.48 8.67
CA GLY A 3788 -56.61 17.56 7.91
C GLY A 3788 -57.60 18.47 7.23
N GLU A 3789 -58.83 18.52 7.72
CA GLU A 3789 -59.87 19.39 7.16
C GLU A 3789 -59.94 20.64 8.02
N THR A 3790 -59.52 21.77 7.47
CA THR A 3790 -59.55 23.04 8.18
C THR A 3790 -60.97 23.45 8.54
N GLY A 3791 -61.13 23.99 9.73
CA GLY A 3791 -62.43 24.47 10.16
C GLY A 3791 -62.38 24.96 11.59
N ALA A 3792 -63.52 25.49 12.04
CA ALA A 3792 -63.61 25.93 13.42
C ALA A 3792 -63.60 24.77 14.40
N MET A 3793 -63.84 23.55 13.90
CA MET A 3793 -63.79 22.35 14.72
C MET A 3793 -62.35 22.06 15.12
N VAL A 3794 -61.43 22.08 14.16
CA VAL A 3794 -60.04 21.82 14.50
C VAL A 3794 -59.46 23.05 15.21
N SER A 3795 -59.94 24.26 14.88
CA SER A 3795 -59.42 25.47 15.50
C SER A 3795 -59.69 25.50 17.00
N SER A 3796 -60.91 25.12 17.40
CA SER A 3796 -61.22 25.09 18.83
C SER A 3796 -60.45 24.00 19.56
N THR A 3797 -60.01 22.97 18.84
CA THR A 3797 -59.19 21.95 19.46
C THR A 3797 -57.78 22.49 19.68
N LEU A 3798 -57.25 23.22 18.70
CA LEU A 3798 -55.93 23.82 18.84
C LEU A 3798 -55.92 24.83 19.97
N LYS A 3799 -56.98 25.65 20.07
CA LYS A 3799 -57.09 26.63 21.13
C LYS A 3799 -57.15 25.97 22.51
N LEU A 3800 -57.88 24.85 22.63
CA LEU A 3800 -57.89 24.11 23.88
C LEU A 3800 -56.52 23.51 24.20
N GLY A 3801 -55.82 23.00 23.18
CA GLY A 3801 -54.49 22.45 23.38
C GLY A 3801 -53.50 23.49 23.85
N ILE A 3802 -53.61 24.71 23.31
CA ILE A 3802 -52.72 25.77 23.75
C ILE A 3802 -53.09 26.18 25.17
N SER A 3803 -54.40 26.27 25.46
CA SER A 3803 -54.83 26.70 26.79
C SER A 3803 -54.36 25.74 27.87
N ILE A 3804 -54.23 24.44 27.54
CA ILE A 3804 -53.67 23.49 28.48
C ILE A 3804 -52.17 23.31 28.30
N LEU A 3805 -51.56 24.00 27.34
CA LEU A 3805 -50.12 23.92 27.12
C LEU A 3805 -49.37 25.22 27.34
N ASN A 3806 -50.04 26.26 27.83
CA ASN A 3806 -49.37 27.53 28.08
C ASN A 3806 -48.33 27.40 29.16
N GLY A 3807 -47.18 28.05 28.94
CA GLY A 3807 -46.04 27.94 29.82
C GLY A 3807 -45.24 26.68 29.66
N GLY A 3808 -45.51 25.88 28.63
CA GLY A 3808 -44.81 24.62 28.39
C GLY A 3808 -44.94 23.63 29.53
N ASN A 3809 -46.17 23.18 29.81
CA ASN A 3809 -46.40 22.23 30.88
C ASN A 3809 -45.67 20.91 30.63
N ALA A 3810 -44.90 20.48 31.63
CA ALA A 3810 -44.08 19.28 31.48
C ALA A 3810 -44.94 18.05 31.53
N GLU A 3811 -45.93 18.04 32.43
CA GLU A 3811 -46.81 16.90 32.58
C GLU A 3811 -47.63 16.70 31.32
N VAL A 3812 -48.17 17.79 30.75
CA VAL A 3812 -48.98 17.68 29.55
C VAL A 3812 -48.14 17.18 28.38
N GLN A 3813 -46.92 17.72 28.22
CA GLN A 3813 -46.02 17.24 27.17
C GLN A 3813 -45.63 15.78 27.36
N GLN A 3814 -45.53 15.32 28.60
CA GLN A 3814 -45.20 13.92 28.86
C GLN A 3814 -46.37 13.02 28.57
N LYS A 3815 -47.58 13.43 28.95
CA LYS A 3815 -48.77 12.63 28.69
C LYS A 3815 -49.03 12.52 27.20
N MET A 3816 -48.89 13.63 26.48
CA MET A 3816 -49.10 13.64 25.03
C MET A 3816 -48.08 12.76 24.32
N LEU A 3817 -46.81 12.83 24.76
CA LEU A 3817 -45.78 11.98 24.17
C LEU A 3817 -46.06 10.51 24.45
N ASP A 3818 -46.51 10.20 25.67
CA ASP A 3818 -46.84 8.83 26.04
C ASP A 3818 -47.99 8.29 25.19
N TYR A 3819 -49.03 9.10 25.00
CA TYR A 3819 -50.18 8.65 24.22
C TYR A 3819 -49.80 8.42 22.76
N LEU A 3820 -48.96 9.30 22.19
CA LEU A 3820 -48.58 9.07 20.80
C LEU A 3820 -47.66 7.87 20.67
N LYS A 3821 -46.82 7.63 21.69
CA LYS A 3821 -45.84 6.58 21.58
C LYS A 3821 -46.47 5.22 21.79
N ASP A 3822 -47.47 5.11 22.68
CA ASP A 3822 -48.04 3.79 22.87
C ASP A 3822 -49.12 3.50 21.83
N LYS A 3823 -49.91 4.52 21.41
CA LYS A 3823 -50.90 4.28 20.37
C LYS A 3823 -50.27 3.95 19.02
N LYS A 3824 -49.14 4.60 18.68
CA LYS A 3824 -48.40 4.37 17.42
C LYS A 3824 -49.27 4.53 16.17
N GLU A 3825 -50.12 5.55 16.17
CA GLU A 3825 -50.94 5.84 15.00
C GLU A 3825 -50.34 6.98 14.20
N VAL A 3826 -50.50 6.90 12.88
CA VAL A 3826 -49.96 7.91 11.98
C VAL A 3826 -50.99 8.96 11.59
N GLY A 3827 -52.22 8.84 12.08
CA GLY A 3827 -53.26 9.78 11.72
C GLY A 3827 -52.99 11.18 12.23
N PHE A 3828 -52.31 11.28 13.38
CA PHE A 3828 -52.06 12.56 14.01
C PHE A 3828 -51.11 13.40 13.15
N PHE A 3829 -50.00 12.81 12.74
CA PHE A 3829 -49.04 13.56 11.97
C PHE A 3829 -49.49 13.71 10.53
N GLN A 3830 -50.30 12.76 10.02
CA GLN A 3830 -50.85 12.94 8.67
C GLN A 3830 -51.82 14.12 8.63
N SER A 3831 -52.61 14.28 9.69
CA SER A 3831 -53.56 15.39 9.73
C SER A 3831 -52.82 16.70 9.98
N ILE A 3832 -51.76 16.67 10.79
CA ILE A 3832 -50.96 17.87 11.04
C ILE A 3832 -50.30 18.33 9.74
N GLN A 3833 -49.71 17.40 8.99
CA GLN A 3833 -49.07 17.72 7.73
C GLN A 3833 -50.06 18.27 6.71
N ALA A 3834 -51.26 17.66 6.62
CA ALA A 3834 -52.26 18.16 5.69
C ALA A 3834 -52.75 19.55 6.10
N LEU A 3835 -52.92 19.78 7.41
CA LEU A 3835 -53.34 21.08 7.90
C LEU A 3835 -52.30 22.13 7.55
N MET A 3836 -51.03 21.79 7.71
CA MET A 3836 -49.98 22.77 7.47
C MET A 3836 -49.85 23.04 5.98
N GLN A 3837 -50.09 22.03 5.13
CA GLN A 3837 -50.02 22.23 3.70
C GLN A 3837 -51.21 22.98 3.16
N THR A 3838 -52.29 23.10 3.93
CA THR A 3838 -53.45 23.87 3.49
C THR A 3838 -53.43 25.30 3.98
N CYS A 3839 -52.43 25.70 4.76
CA CYS A 3839 -52.32 27.09 5.21
C CYS A 3839 -51.98 28.02 4.04
N SER A 3840 -52.60 29.20 4.05
CA SER A 3840 -52.54 30.14 2.94
C SER A 3840 -51.39 31.12 3.11
N VAL A 3841 -51.01 31.74 1.99
CA VAL A 3841 -49.97 32.76 1.96
C VAL A 3841 -50.57 34.04 1.36
N LEU A 3842 -49.76 35.08 1.25
CA LEU A 3842 -50.21 36.33 0.63
C LEU A 3842 -50.50 36.13 -0.85
N ASP A 3843 -51.60 36.71 -1.33
CA ASP A 3843 -52.03 36.57 -2.72
C ASP A 3843 -52.21 37.96 -3.34
N LEU A 3844 -51.37 38.27 -4.33
CA LEU A 3844 -51.48 39.55 -5.02
C LEU A 3844 -52.78 39.68 -5.81
N ASN A 3845 -53.18 38.61 -6.50
CA ASN A 3845 -54.42 38.65 -7.28
C ASN A 3845 -55.62 38.90 -6.39
N ALA A 3846 -55.65 38.23 -5.23
CA ALA A 3846 -56.73 38.44 -4.26
C ALA A 3846 -56.68 39.85 -3.71
N PHE A 3847 -55.46 40.37 -3.48
CA PHE A 3847 -55.32 41.71 -2.95
C PHE A 3847 -55.83 42.74 -3.93
N GLU A 3848 -55.48 42.59 -5.21
CA GLU A 3848 -55.93 43.53 -6.23
C GLU A 3848 -57.45 43.48 -6.39
N ARG A 3849 -58.03 42.29 -6.30
CA ARG A 3849 -59.49 42.18 -6.29
C ARG A 3849 -60.09 42.88 -5.08
N GLN A 3850 -59.44 42.76 -3.91
CA GLN A 3850 -59.89 43.45 -2.71
C GLN A 3850 -59.83 44.96 -2.90
N ASN A 3851 -58.75 45.44 -3.52
CA ASN A 3851 -58.57 46.87 -3.74
C ASN A 3851 -59.63 47.42 -4.68
N LYS A 3852 -59.91 46.71 -5.78
CA LYS A 3852 -60.95 47.16 -6.68
C LYS A 3852 -62.33 47.05 -6.05
N ALA A 3853 -62.55 46.03 -5.22
CA ALA A 3853 -63.82 45.90 -4.51
C ALA A 3853 -64.04 47.08 -3.59
N GLU A 3854 -63.00 47.50 -2.86
CA GLU A 3854 -63.14 48.71 -2.06
C GLU A 3854 -63.19 49.96 -2.93
N GLY A 3855 -62.70 49.87 -4.18
CA GLY A 3855 -62.84 50.98 -5.11
C GLY A 3855 -64.29 51.24 -5.45
N LEU A 3856 -65.07 50.16 -5.57
CA LEU A 3856 -66.50 50.32 -5.80
C LEU A 3856 -67.19 50.94 -4.59
N GLY A 3857 -66.88 50.44 -3.39
CA GLY A 3857 -67.50 50.90 -2.16
C GLY A 3857 -69.00 50.76 -2.10
N MET A 3858 -69.55 49.64 -2.56
CA MET A 3858 -71.00 49.48 -2.72
C MET A 3858 -71.71 49.47 -1.37
N VAL A 3859 -73.01 49.81 -1.43
CA VAL A 3859 -73.83 49.99 -0.23
C VAL A 3859 -75.09 49.13 -0.37
N ASN A 3860 -75.67 48.80 0.79
CA ASN A 3860 -76.86 47.96 0.84
C ASN A 3860 -78.12 48.85 0.89
N GLU A 3861 -79.28 48.23 1.11
CA GLU A 3861 -80.57 48.88 1.00
C GLU A 3861 -81.18 49.24 2.35
N ASP A 3862 -81.20 48.30 3.30
CA ASP A 3862 -81.75 48.54 4.64
C ASP A 3862 -80.79 49.43 5.42
N GLY A 3863 -80.92 50.73 5.19
CA GLY A 3863 -79.96 51.69 5.70
C GLY A 3863 -78.74 51.71 4.79
N THR A 3864 -77.55 51.91 5.36
CA THR A 3864 -76.33 51.93 4.57
C THR A 3864 -75.15 51.62 5.48
N VAL A 3865 -74.30 50.68 5.05
CA VAL A 3865 -73.02 50.45 5.69
C VAL A 3865 -71.94 51.13 4.86
N ILE A 3866 -71.09 51.92 5.52
CA ILE A 3866 -70.03 52.67 4.87
C ILE A 3866 -68.71 52.01 5.22
N ASN A 3867 -67.95 51.58 4.21
CA ASN A 3867 -66.67 50.89 4.35
C ASN A 3867 -66.83 49.63 5.21
N ARG A 3868 -67.61 48.68 4.68
CA ARG A 3868 -67.93 47.44 5.38
C ARG A 3868 -66.66 46.63 5.68
N GLN A 3869 -66.66 46.01 6.85
CA GLN A 3869 -65.48 45.29 7.36
C GLN A 3869 -65.64 43.78 7.24
N ASN A 3870 -66.18 43.31 6.13
CA ASN A 3870 -66.36 41.88 5.88
C ASN A 3870 -65.01 41.16 5.79
N GLY A 3871 -65.08 39.83 5.74
CA GLY A 3871 -63.90 38.97 5.79
C GLY A 3871 -62.86 39.22 4.72
N GLU A 3872 -61.61 39.40 5.13
CA GLU A 3872 -60.54 39.65 4.18
C GLU A 3872 -60.19 38.37 3.44
N LYS A 3873 -59.92 38.50 2.14
CA LYS A 3873 -59.67 37.34 1.31
C LYS A 3873 -58.20 37.01 1.19
N VAL A 3874 -57.33 37.78 1.85
CA VAL A 3874 -55.90 37.50 1.89
C VAL A 3874 -55.54 37.21 3.34
N MET A 3875 -54.94 36.02 3.57
CA MET A 3875 -54.59 35.51 4.90
C MET A 3875 -55.78 35.50 5.86
N ALA A 3876 -56.90 34.94 5.39
CA ALA A 3876 -58.07 34.81 6.25
C ALA A 3876 -57.79 33.86 7.41
N ASP A 3877 -57.08 32.78 7.16
CA ASP A 3877 -56.74 31.77 8.17
C ASP A 3877 -55.44 32.08 8.89
N ASP A 3878 -55.03 33.34 8.93
CA ASP A 3878 -53.78 33.72 9.56
C ASP A 3878 -53.79 33.42 11.06
N GLU A 3879 -54.93 33.63 11.72
CA GLU A 3879 -55.06 33.32 13.14
C GLU A 3879 -54.95 31.82 13.37
N PHE A 3880 -55.49 31.03 12.43
CA PHE A 3880 -55.41 29.58 12.56
C PHE A 3880 -53.99 29.07 12.31
N THR A 3881 -53.25 29.74 11.41
CA THR A 3881 -51.87 29.32 11.20
C THR A 3881 -51.02 29.72 12.39
N GLN A 3882 -51.37 30.86 13.01
CA GLN A 3882 -50.65 31.34 14.18
C GLN A 3882 -50.80 30.37 15.34
N ASP A 3883 -52.03 29.99 15.68
CA ASP A 3883 -52.09 29.12 16.84
C ASP A 3883 -51.81 27.66 16.49
N LEU A 3884 -51.71 27.31 15.21
CA LEU A 3884 -51.19 26.00 14.86
C LEU A 3884 -49.70 25.92 15.17
N PHE A 3885 -48.95 26.95 14.77
CA PHE A 3885 -47.53 26.92 15.06
C PHE A 3885 -47.27 27.20 16.53
N ARG A 3886 -48.09 28.03 17.18
CA ARG A 3886 -47.98 28.23 18.62
C ARG A 3886 -48.20 26.92 19.37
N PHE A 3887 -49.14 26.09 18.91
CA PHE A 3887 -49.33 24.75 19.48
C PHE A 3887 -48.10 23.88 19.29
N LEU A 3888 -47.52 23.92 18.08
CA LEU A 3888 -46.30 23.14 17.81
C LEU A 3888 -45.14 23.63 18.66
N GLN A 3889 -45.01 24.95 18.81
CA GLN A 3889 -43.93 25.53 19.63
C GLN A 3889 -44.09 25.12 21.08
N LEU A 3890 -45.32 25.20 21.62
CA LEU A 3890 -45.56 24.84 23.01
C LEU A 3890 -45.28 23.37 23.25
N LEU A 3891 -45.45 22.54 22.22
CA LEU A 3891 -45.14 21.12 22.36
C LEU A 3891 -43.65 20.90 22.64
N CYS A 3892 -42.80 21.62 21.94
CA CYS A 3892 -41.35 21.49 22.10
C CYS A 3892 -40.76 22.44 23.13
N GLU A 3893 -41.58 23.27 23.78
CA GLU A 3893 -41.05 24.27 24.69
C GLU A 3893 -40.47 23.60 25.94
N GLY A 3894 -39.52 24.30 26.57
CA GLY A 3894 -38.87 23.79 27.75
C GLY A 3894 -37.76 22.81 27.48
N HIS A 3895 -37.24 22.78 26.25
CA HIS A 3895 -36.16 21.90 25.79
C HIS A 3895 -36.51 20.42 26.03
N ASN A 3896 -37.64 20.02 25.47
CA ASN A 3896 -38.11 18.63 25.60
C ASN A 3896 -37.52 17.83 24.44
N ASN A 3897 -36.26 17.41 24.64
CA ASN A 3897 -35.51 16.68 23.63
C ASN A 3897 -36.13 15.32 23.31
N ASP A 3898 -36.89 14.76 24.25
CA ASP A 3898 -37.60 13.51 24.00
C ASP A 3898 -38.64 13.69 22.90
N PHE A 3899 -39.34 14.81 22.90
CA PHE A 3899 -40.41 15.00 21.94
C PHE A 3899 -39.89 15.67 20.67
N GLN A 3900 -38.79 16.44 20.80
CA GLN A 3900 -38.20 17.09 19.64
C GLN A 3900 -37.71 16.06 18.63
N ASN A 3901 -37.14 14.95 19.12
CA ASN A 3901 -36.75 13.88 18.21
C ASN A 3901 -37.97 13.19 17.63
N TYR A 3902 -39.07 13.19 18.38
CA TYR A 3902 -40.29 12.51 17.94
C TYR A 3902 -40.90 13.23 16.74
N LEU A 3903 -40.85 14.56 16.75
CA LEU A 3903 -41.35 15.31 15.60
C LEU A 3903 -40.50 15.04 14.36
N ARG A 3904 -39.18 14.97 14.52
CA ARG A 3904 -38.30 14.74 13.37
C ARG A 3904 -38.51 13.35 12.80
N THR A 3905 -38.67 12.35 13.66
CA THR A 3905 -38.89 11.00 13.19
C THR A 3905 -39.72 10.24 14.21
N GLN A 3906 -40.55 9.33 13.71
CA GLN A 3906 -41.41 8.49 14.53
C GLN A 3906 -40.87 7.07 14.55
N THR A 3907 -40.32 6.67 15.70
CA THR A 3907 -39.72 5.36 15.83
C THR A 3907 -40.77 4.26 15.77
N GLY A 3908 -41.83 4.39 16.57
CA GLY A 3908 -42.83 3.35 16.65
C GLY A 3908 -43.66 3.21 15.38
N ASN A 3909 -44.00 4.34 14.76
CA ASN A 3909 -44.96 4.37 13.66
C ASN A 3909 -44.40 3.66 12.43
N THR A 3910 -45.33 3.23 11.57
CA THR A 3910 -44.94 2.60 10.31
C THR A 3910 -44.46 3.62 9.29
N THR A 3911 -45.02 4.83 9.32
CA THR A 3911 -44.68 5.90 8.39
C THR A 3911 -44.16 7.11 9.15
N THR A 3912 -43.05 7.67 8.70
CA THR A 3912 -42.39 8.80 9.36
C THR A 3912 -42.66 10.06 8.55
N ILE A 3913 -43.11 11.12 9.24
CA ILE A 3913 -43.39 12.42 8.64
C ILE A 3913 -42.50 13.46 9.29
N ASN A 3914 -41.72 14.18 8.48
CA ASN A 3914 -40.79 15.18 8.99
C ASN A 3914 -41.52 16.52 9.07
N ILE A 3915 -41.95 16.84 10.30
CA ILE A 3915 -42.65 18.09 10.57
C ILE A 3915 -41.71 19.27 10.36
N ILE A 3916 -40.43 19.10 10.68
CA ILE A 3916 -39.44 20.16 10.55
C ILE A 3916 -39.31 20.60 9.09
N ILE A 3917 -39.20 19.60 8.20
CA ILE A 3917 -39.13 19.86 6.76
C ILE A 3917 -40.41 20.51 6.26
N CYS A 3918 -41.58 20.00 6.71
CA CYS A 3918 -42.83 20.59 6.24
C CYS A 3918 -43.00 22.03 6.73
N THR A 3919 -42.48 22.32 7.92
CA THR A 3919 -42.46 23.68 8.46
C THR A 3919 -41.60 24.59 7.60
N VAL A 3920 -40.46 24.06 7.15
CA VAL A 3920 -39.58 24.83 6.27
C VAL A 3920 -40.31 25.11 4.95
N ASP A 3921 -41.00 24.11 4.41
CA ASP A 3921 -41.68 24.26 3.13
C ASP A 3921 -42.78 25.32 3.20
N TYR A 3922 -43.47 25.39 4.35
CA TYR A 3922 -44.44 26.47 4.53
C TYR A 3922 -43.73 27.81 4.66
N LEU A 3923 -42.55 27.81 5.30
CA LEU A 3923 -41.82 29.05 5.48
C LEU A 3923 -41.40 29.62 4.13
N LEU A 3924 -40.94 28.73 3.23
CA LEU A 3924 -40.62 29.13 1.87
C LEU A 3924 -41.83 29.70 1.15
N ARG A 3925 -43.00 29.04 1.29
CA ARG A 3925 -44.20 29.56 0.63
C ARG A 3925 -44.60 30.94 1.17
N LEU A 3926 -44.31 31.19 2.45
CA LEU A 3926 -44.61 32.47 3.05
C LEU A 3926 -43.65 33.54 2.56
N GLN A 3927 -42.36 33.21 2.49
CA GLN A 3927 -41.40 34.21 2.08
C GLN A 3927 -41.52 34.49 0.58
N GLU A 3928 -41.90 33.47 -0.21
CA GLU A 3928 -42.20 33.70 -1.62
C GLU A 3928 -43.35 34.69 -1.78
N SER A 3929 -44.38 34.54 -0.93
CA SER A 3929 -45.49 35.49 -0.95
C SER A 3929 -45.04 36.89 -0.59
N ILE A 3930 -44.22 37.01 0.46
CA ILE A 3930 -43.74 38.32 0.91
C ILE A 3930 -42.82 38.96 -0.13
N SER A 3931 -41.90 38.17 -0.71
CA SER A 3931 -41.02 38.65 -1.76
C SER A 3931 -41.79 39.11 -2.99
N ASP A 3932 -42.81 38.35 -3.39
CA ASP A 3932 -43.65 38.80 -4.50
C ASP A 3932 -44.58 39.94 -4.11
N PHE A 3933 -44.74 40.20 -2.81
CA PHE A 3933 -45.52 41.34 -2.37
C PHE A 3933 -44.66 42.60 -2.37
N TYR A 3934 -43.35 42.43 -2.18
CA TYR A 3934 -42.41 43.55 -2.31
C TYR A 3934 -42.44 44.18 -3.69
N TRP A 3935 -42.30 43.35 -4.74
CA TRP A 3935 -42.18 43.88 -6.11
C TRP A 3935 -43.41 44.66 -6.55
N TYR A 3936 -44.57 44.37 -5.97
CA TYR A 3936 -45.77 45.15 -6.27
C TYR A 3936 -45.68 46.55 -5.67
N TYR A 3937 -44.98 46.69 -4.55
CA TYR A 3937 -44.78 47.98 -3.91
C TYR A 3937 -43.43 48.57 -4.21
N SER A 3938 -42.65 47.94 -5.08
CA SER A 3938 -41.34 48.47 -5.46
C SER A 3938 -41.50 49.78 -6.23
N GLY A 3939 -42.43 49.82 -7.18
CA GLY A 3939 -42.68 51.04 -7.93
C GLY A 3939 -43.27 52.12 -7.05
N LYS A 3940 -44.23 51.75 -6.20
CA LYS A 3940 -44.89 52.70 -5.32
C LYS A 3940 -43.92 53.18 -4.24
N ASP A 3941 -44.17 54.40 -3.75
CA ASP A 3941 -43.37 54.98 -2.68
C ASP A 3941 -44.02 54.89 -1.31
N VAL A 3942 -45.35 54.96 -1.25
CA VAL A 3942 -46.09 54.92 0.01
C VAL A 3942 -46.94 53.66 0.03
N ILE A 3943 -46.98 53.00 1.19
CA ILE A 3943 -47.74 51.77 1.37
C ILE A 3943 -49.03 52.11 2.11
N GLU A 3944 -50.17 51.77 1.50
CA GLU A 3944 -51.48 52.14 2.02
C GLU A 3944 -51.83 51.30 3.26
N GLU A 3945 -53.04 51.56 3.78
CA GLU A 3945 -53.47 50.98 5.05
C GLU A 3945 -53.67 49.48 4.97
N GLN A 3946 -54.36 48.99 3.93
CA GLN A 3946 -54.59 47.55 3.82
C GLN A 3946 -53.27 46.81 3.63
N GLY A 3947 -52.36 47.39 2.83
CA GLY A 3947 -51.04 46.80 2.69
C GLY A 3947 -50.27 46.75 4.00
N LYS A 3948 -50.49 47.76 4.86
CA LYS A 3948 -49.92 47.72 6.21
C LYS A 3948 -50.48 46.57 7.01
N ARG A 3949 -51.81 46.40 6.96
CA ARG A 3949 -52.43 45.36 7.79
C ARG A 3949 -52.06 43.97 7.29
N ASN A 3950 -51.80 43.86 5.98
CA ASN A 3950 -51.29 42.62 5.40
C ASN A 3950 -49.89 42.32 5.88
N PHE A 3951 -49.01 43.34 5.90
CA PHE A 3951 -47.65 43.10 6.36
C PHE A 3951 -47.63 42.77 7.84
N SER A 3952 -48.51 43.40 8.63
CA SER A 3952 -48.56 43.16 10.07
C SER A 3952 -48.93 41.71 10.36
N LYS A 3953 -49.94 41.19 9.65
CA LYS A 3953 -50.33 39.80 9.93
C LYS A 3953 -49.34 38.82 9.32
N ALA A 3954 -48.77 39.13 8.15
CA ALA A 3954 -47.82 38.23 7.52
C ALA A 3954 -46.55 38.10 8.35
N MET A 3955 -46.09 39.21 8.94
CA MET A 3955 -44.89 39.16 9.74
C MET A 3955 -45.17 38.52 11.10
N SER A 3956 -46.36 38.75 11.68
CA SER A 3956 -46.70 38.04 12.92
C SER A 3956 -46.73 36.53 12.72
N VAL A 3957 -47.19 36.08 11.55
CA VAL A 3957 -47.13 34.66 11.22
C VAL A 3957 -45.69 34.20 11.03
N ALA A 3958 -44.87 35.02 10.37
CA ALA A 3958 -43.46 34.68 10.20
C ALA A 3958 -42.72 34.63 11.55
N LYS A 3959 -43.14 35.46 12.50
CA LYS A 3959 -42.60 35.41 13.85
C LYS A 3959 -42.93 34.09 14.51
N GLN A 3960 -44.20 33.66 14.40
CA GLN A 3960 -44.58 32.40 15.05
C GLN A 3960 -43.86 31.21 14.43
N VAL A 3961 -43.62 31.27 13.12
CA VAL A 3961 -42.85 30.22 12.45
C VAL A 3961 -41.40 30.21 12.93
N PHE A 3962 -40.79 31.40 13.04
CA PHE A 3962 -39.39 31.46 13.44
C PHE A 3962 -39.21 31.04 14.89
N ASN A 3963 -40.16 31.40 15.76
CA ASN A 3963 -40.11 30.94 17.15
C ASN A 3963 -40.24 29.42 17.23
N SER A 3964 -41.13 28.84 16.42
CA SER A 3964 -41.28 27.39 16.41
C SER A 3964 -40.01 26.72 15.92
N LEU A 3965 -39.40 27.26 14.86
CA LEU A 3965 -38.14 26.71 14.36
C LEU A 3965 -37.01 26.87 15.37
N THR A 3966 -37.07 27.91 16.20
CA THR A 3966 -36.10 28.06 17.28
C THR A 3966 -36.27 26.95 18.30
N GLU A 3967 -37.52 26.70 18.70
CA GLU A 3967 -37.80 25.69 19.71
C GLU A 3967 -37.47 24.29 19.23
N TYR A 3968 -37.54 24.07 17.91
CA TYR A 3968 -37.24 22.73 17.37
C TYR A 3968 -35.78 22.36 17.56
N ILE A 3969 -34.89 23.35 17.65
CA ILE A 3969 -33.45 23.12 17.67
C ILE A 3969 -32.80 23.51 18.99
N GLN A 3970 -33.46 24.28 19.84
CA GLN A 3970 -32.83 24.66 21.09
C GLN A 3970 -32.70 23.46 22.02
N GLY A 3971 -31.66 23.47 22.84
CA GLY A 3971 -31.40 22.40 23.78
C GLY A 3971 -29.98 21.83 23.84
N PRO A 3972 -29.28 21.59 22.69
CA PRO A 3972 -29.68 21.54 21.28
C PRO A 3972 -30.03 20.15 20.78
N CYS A 3973 -30.87 20.05 19.76
CA CYS A 3973 -31.21 18.78 19.13
C CYS A 3973 -30.35 18.63 17.88
N THR A 3974 -29.36 17.72 17.94
CA THR A 3974 -28.42 17.56 16.84
C THR A 3974 -29.13 17.09 15.57
N GLY A 3975 -30.10 16.18 15.71
CA GLY A 3975 -30.82 15.68 14.55
C GLY A 3975 -31.57 16.77 13.83
N ASN A 3976 -32.24 17.64 14.60
CA ASN A 3976 -32.96 18.76 14.02
C ASN A 3976 -32.00 19.72 13.35
N GLN A 3977 -30.83 19.95 13.96
CA GLN A 3977 -29.84 20.83 13.35
C GLN A 3977 -29.34 20.25 12.03
N GLN A 3978 -29.21 18.93 11.94
CA GLN A 3978 -28.80 18.30 10.68
C GLN A 3978 -29.89 18.42 9.62
N SER A 3979 -31.16 18.24 10.04
CA SER A 3979 -32.27 18.37 9.11
C SER A 3979 -32.34 19.79 8.56
N LEU A 3980 -32.22 20.79 9.43
CA LEU A 3980 -32.22 22.17 8.95
C LEU A 3980 -30.98 22.48 8.12
N ALA A 3981 -29.87 21.77 8.39
CA ALA A 3981 -28.64 21.98 7.63
C ALA A 3981 -28.83 21.53 6.19
N HIS A 3982 -29.42 20.35 6.02
CA HIS A 3982 -29.68 19.86 4.67
C HIS A 3982 -30.97 20.40 4.06
N SER A 3983 -31.74 21.19 4.79
CA SER A 3983 -33.04 21.64 4.30
C SER A 3983 -32.87 22.80 3.32
N ARG A 3984 -34.00 23.40 2.95
CA ARG A 3984 -34.11 24.51 2.03
C ARG A 3984 -34.11 25.86 2.78
N LEU A 3985 -33.81 25.78 4.09
CA LEU A 3985 -33.88 26.93 4.99
C LEU A 3985 -32.93 28.04 4.55
N TRP A 3986 -31.75 27.67 4.04
CA TRP A 3986 -30.78 28.65 3.57
C TRP A 3986 -31.35 29.51 2.45
N ASP A 3987 -32.05 28.86 1.51
CA ASP A 3987 -32.69 29.59 0.42
C ASP A 3987 -33.80 30.50 0.92
N ALA A 3988 -34.49 30.08 1.98
CA ALA A 3988 -35.49 30.96 2.55
C ALA A 3988 -34.86 32.12 3.31
N VAL A 3989 -33.72 31.87 3.96
CA VAL A 3989 -33.01 32.91 4.69
C VAL A 3989 -32.50 33.97 3.72
N VAL A 3990 -31.93 33.53 2.60
CA VAL A 3990 -31.40 34.46 1.58
C VAL A 3990 -32.53 35.34 1.05
N GLY A 3991 -33.67 34.72 0.73
CA GLY A 3991 -34.80 35.49 0.22
C GLY A 3991 -35.32 36.50 1.24
N PHE A 3992 -35.37 36.09 2.52
CA PHE A 3992 -35.78 37.00 3.58
C PHE A 3992 -34.83 38.18 3.69
N LEU A 3993 -33.52 37.90 3.67
CA LEU A 3993 -32.52 38.95 3.82
C LEU A 3993 -32.61 39.96 2.68
N HIS A 3994 -32.82 39.46 1.46
CA HIS A 3994 -32.96 40.32 0.29
C HIS A 3994 -34.17 41.23 0.41
N VAL A 3995 -35.29 40.72 0.91
CA VAL A 3995 -36.43 41.63 1.07
C VAL A 3995 -36.35 42.46 2.35
N PHE A 3996 -35.58 42.00 3.35
CA PHE A 3996 -35.39 42.76 4.58
C PHE A 3996 -34.61 44.02 4.31
N ALA A 3997 -33.58 43.92 3.44
CA ALA A 3997 -32.70 45.05 3.18
C ALA A 3997 -33.50 46.16 2.52
N HIS A 3998 -34.27 45.83 1.50
CA HIS A 3998 -34.96 46.86 0.75
C HIS A 3998 -36.11 47.45 1.56
N MET A 3999 -36.66 46.68 2.52
CA MET A 3999 -37.63 47.27 3.43
C MET A 3999 -36.98 48.24 4.41
N MET A 4000 -35.71 47.98 4.80
CA MET A 4000 -35.00 48.90 5.69
C MET A 4000 -34.93 50.29 5.08
N MET A 4001 -34.48 50.37 3.83
CA MET A 4001 -34.29 51.66 3.20
C MET A 4001 -35.63 52.31 2.87
N LYS A 4002 -36.56 51.56 2.27
CA LYS A 4002 -37.82 52.16 1.83
C LYS A 4002 -38.67 52.65 3.01
N LEU A 4003 -38.80 51.82 4.05
CA LEU A 4003 -39.67 52.16 5.18
C LEU A 4003 -39.10 53.19 6.14
N ALA A 4004 -37.81 53.50 6.05
CA ALA A 4004 -37.22 54.53 6.90
C ALA A 4004 -37.26 55.92 6.29
N GLN A 4005 -37.71 56.06 5.04
CA GLN A 4005 -37.78 57.37 4.40
C GLN A 4005 -38.81 58.30 5.04
N ASP A 4006 -39.79 57.75 5.75
CA ASP A 4006 -40.86 58.54 6.34
C ASP A 4006 -41.09 58.10 7.78
N SER A 4007 -41.70 58.99 8.56
CA SER A 4007 -42.04 58.73 9.95
C SER A 4007 -43.44 58.15 10.11
N SER A 4008 -44.15 57.94 9.01
CA SER A 4008 -45.48 57.34 9.03
C SER A 4008 -45.46 55.83 9.10
N GLN A 4009 -44.29 55.19 8.90
CA GLN A 4009 -44.21 53.74 8.86
C GLN A 4009 -43.35 53.20 9.99
N ILE A 4010 -43.27 53.94 11.10
CA ILE A 4010 -42.45 53.52 12.23
C ILE A 4010 -43.01 52.28 12.90
N GLU A 4011 -44.35 52.17 13.02
CA GLU A 4011 -44.96 51.02 13.67
C GLU A 4011 -44.65 49.74 12.90
N LEU A 4012 -44.97 49.73 11.60
CA LEU A 4012 -44.70 48.58 10.75
C LEU A 4012 -43.21 48.31 10.67
N LEU A 4013 -42.38 49.34 10.83
CA LEU A 4013 -40.95 49.10 10.82
C LEU A 4013 -40.48 48.43 12.11
N LYS A 4014 -41.07 48.78 13.26
CA LYS A 4014 -40.63 48.16 14.51
C LYS A 4014 -41.12 46.71 14.60
N GLU A 4015 -42.32 46.42 14.08
CA GLU A 4015 -42.75 45.03 13.91
C GLU A 4015 -41.87 44.32 12.90
N LEU A 4016 -41.40 45.01 11.88
CA LEU A 4016 -40.42 44.38 11.00
C LEU A 4016 -39.09 44.14 11.72
N LEU A 4017 -38.71 45.05 12.63
CA LEU A 4017 -37.43 44.96 13.33
C LEU A 4017 -37.35 43.71 14.19
N ASP A 4018 -38.41 43.45 14.96
CA ASP A 4018 -38.39 42.23 15.76
C ASP A 4018 -38.41 40.96 14.91
N LEU A 4019 -38.84 41.05 13.64
CA LEU A 4019 -38.79 39.88 12.78
C LEU A 4019 -37.34 39.48 12.48
N GLN A 4020 -36.46 40.46 12.21
CA GLN A 4020 -35.04 40.13 12.06
C GLN A 4020 -34.50 39.61 13.37
N LYS A 4021 -34.93 40.21 14.49
CA LYS A 4021 -34.41 39.78 15.79
C LYS A 4021 -34.74 38.31 16.09
N ASP A 4022 -35.97 37.90 15.79
CA ASP A 4022 -36.34 36.50 15.94
C ASP A 4022 -35.64 35.61 14.91
N MET A 4023 -35.40 36.15 13.71
CA MET A 4023 -34.66 35.42 12.69
C MET A 4023 -33.23 35.15 13.15
N VAL A 4024 -32.52 36.19 13.57
CA VAL A 4024 -31.12 36.04 13.93
C VAL A 4024 -30.98 35.16 15.16
N VAL A 4025 -31.95 35.25 16.09
CA VAL A 4025 -31.97 34.34 17.24
C VAL A 4025 -32.07 32.89 16.78
N MET A 4026 -32.89 32.64 15.74
CA MET A 4026 -32.97 31.29 15.16
C MET A 4026 -31.64 30.86 14.55
N LEU A 4027 -30.98 31.77 13.81
CA LEU A 4027 -29.68 31.46 13.23
C LEU A 4027 -28.62 31.18 14.28
N LEU A 4028 -28.60 31.96 15.37
CA LEU A 4028 -27.67 31.68 16.46
C LEU A 4028 -27.96 30.33 17.09
N SER A 4029 -29.25 30.02 17.30
CA SER A 4029 -29.65 28.75 17.89
C SER A 4029 -29.29 27.57 16.99
N LEU A 4030 -29.12 27.82 15.69
CA LEU A 4030 -28.62 26.77 14.81
C LEU A 4030 -27.15 26.45 15.07
N LEU A 4031 -26.40 27.41 15.62
CA LEU A 4031 -24.96 27.29 15.79
C LEU A 4031 -24.53 26.74 17.15
N GLU A 4032 -25.46 26.40 18.03
CA GLU A 4032 -25.08 25.84 19.33
C GLU A 4032 -24.35 24.51 19.16
N GLY A 4033 -23.23 24.38 19.87
CA GLY A 4033 -22.42 23.17 19.84
C GLY A 4033 -21.84 22.84 18.49
N ASN A 4034 -21.32 23.84 17.79
CA ASN A 4034 -20.73 23.63 16.47
C ASN A 4034 -19.22 23.43 16.57
N VAL A 4035 -18.72 22.41 15.89
CA VAL A 4035 -17.28 22.21 15.83
C VAL A 4035 -16.71 23.09 14.72
N VAL A 4036 -15.41 23.36 14.81
CA VAL A 4036 -14.75 24.16 13.78
C VAL A 4036 -14.79 23.42 12.45
N ASN A 4037 -14.92 24.20 11.37
CA ASN A 4037 -15.08 23.72 9.99
C ASN A 4037 -16.24 22.73 9.85
N GLY A 4038 -17.26 22.91 10.68
CA GLY A 4038 -18.43 22.05 10.60
C GLY A 4038 -19.25 22.27 9.35
N MET A 4039 -20.08 21.27 9.05
CA MET A 4039 -20.89 21.28 7.84
C MET A 4039 -21.86 22.45 7.86
N ILE A 4040 -22.62 22.58 8.96
CA ILE A 4040 -23.68 23.60 9.06
C ILE A 4040 -23.06 24.99 8.98
N ALA A 4041 -21.89 25.16 9.59
CA ALA A 4041 -21.19 26.43 9.55
C ALA A 4041 -20.76 26.74 8.12
N ARG A 4042 -20.32 25.71 7.39
CA ARG A 4042 -19.84 25.90 6.02
C ARG A 4042 -20.97 26.33 5.09
N GLN A 4043 -22.14 25.67 5.18
CA GLN A 4043 -23.29 26.13 4.40
C GLN A 4043 -23.74 27.51 4.86
N MET A 4044 -23.69 27.78 6.15
CA MET A 4044 -24.10 29.08 6.67
C MET A 4044 -23.21 30.21 6.14
N VAL A 4045 -21.92 29.91 5.98
CA VAL A 4045 -21.00 30.85 5.36
C VAL A 4045 -21.33 31.02 3.89
N ASP A 4046 -21.58 29.91 3.18
CA ASP A 4046 -21.94 30.01 1.76
C ASP A 4046 -23.23 30.78 1.55
N MET A 4047 -24.16 30.65 2.51
CA MET A 4047 -25.40 31.42 2.51
C MET A 4047 -25.10 32.90 2.63
N LEU A 4048 -24.18 33.27 3.54
CA LEU A 4048 -23.81 34.67 3.66
C LEU A 4048 -23.10 35.17 2.41
N VAL A 4049 -22.35 34.27 1.74
CA VAL A 4049 -21.66 34.63 0.51
C VAL A 4049 -22.68 35.02 -0.56
N GLU A 4050 -23.72 34.19 -0.72
CA GLU A 4050 -24.74 34.50 -1.72
C GLU A 4050 -25.52 35.75 -1.34
N SER A 4051 -25.83 35.91 -0.05
CA SER A 4051 -26.54 37.10 0.42
C SER A 4051 -25.61 38.23 0.85
N SER A 4052 -24.39 38.29 0.26
CA SER A 4052 -23.36 39.24 0.68
C SER A 4052 -23.80 40.69 0.55
N SER A 4053 -24.38 41.05 -0.59
CA SER A 4053 -24.79 42.43 -0.84
C SER A 4053 -25.88 42.89 0.12
N ASN A 4054 -26.83 42.00 0.41
CA ASN A 4054 -27.97 42.36 1.25
C ASN A 4054 -27.54 42.53 2.70
N VAL A 4055 -26.73 41.61 3.23
CA VAL A 4055 -26.30 41.69 4.62
C VAL A 4055 -25.38 42.89 4.82
N GLU A 4056 -24.54 43.20 3.83
CA GLU A 4056 -23.74 44.42 3.87
C GLU A 4056 -24.63 45.66 3.87
N MET A 4057 -25.70 45.64 3.07
CA MET A 4057 -26.68 46.73 3.09
C MET A 4057 -27.39 46.86 4.45
N ILE A 4058 -27.60 45.74 5.14
CA ILE A 4058 -28.08 45.75 6.53
C ILE A 4058 -27.08 46.44 7.45
N LEU A 4059 -25.81 46.03 7.36
CA LEU A 4059 -24.79 46.57 8.24
C LEU A 4059 -24.58 48.05 7.96
N LYS A 4060 -24.65 48.45 6.68
CA LYS A 4060 -24.52 49.86 6.34
C LYS A 4060 -25.70 50.64 6.90
N PHE A 4061 -26.88 50.00 6.99
CA PHE A 4061 -28.03 50.66 7.63
C PHE A 4061 -27.76 50.87 9.11
N PHE A 4062 -27.23 49.85 9.77
CA PHE A 4062 -27.08 49.93 11.22
C PHE A 4062 -26.01 50.94 11.59
N ASP A 4063 -24.84 50.87 10.95
CA ASP A 4063 -23.76 51.76 11.36
C ASP A 4063 -24.07 53.20 10.95
N MET A 4064 -24.93 53.44 9.93
CA MET A 4064 -25.14 54.86 9.63
C MET A 4064 -26.04 55.55 10.68
N PHE A 4065 -26.84 54.82 11.46
CA PHE A 4065 -27.36 55.36 12.72
C PHE A 4065 -26.38 55.30 13.89
N LEU A 4066 -25.47 54.33 13.91
CA LEU A 4066 -24.57 54.24 15.06
C LEU A 4066 -23.41 55.22 14.99
N LYS A 4067 -22.70 55.26 13.86
CA LYS A 4067 -21.59 56.19 13.70
C LYS A 4067 -22.08 57.63 13.76
N LEU A 4068 -23.22 57.92 13.12
CA LEU A 4068 -23.74 59.28 13.17
C LEU A 4068 -24.33 59.63 14.54
N LYS A 4069 -24.60 58.62 15.41
CA LYS A 4069 -25.06 58.89 16.77
C LYS A 4069 -23.99 59.64 17.56
N ASP A 4070 -22.71 59.42 17.23
CA ASP A 4070 -21.61 60.10 17.88
C ASP A 4070 -21.07 61.23 17.00
N ILE A 4071 -21.16 61.09 15.67
CA ILE A 4071 -20.68 62.12 14.74
C ILE A 4071 -21.47 63.41 14.92
N VAL A 4072 -22.77 63.31 15.30
CA VAL A 4072 -23.52 64.53 15.62
C VAL A 4072 -22.91 65.25 16.82
N GLY A 4073 -22.37 64.50 17.79
CA GLY A 4073 -21.68 65.03 18.93
C GLY A 4073 -20.24 65.44 18.70
N SER A 4074 -19.71 65.22 17.49
CA SER A 4074 -18.35 65.64 17.16
C SER A 4074 -18.26 67.15 17.10
N GLU A 4075 -17.06 67.67 17.43
CA GLU A 4075 -16.86 69.12 17.51
C GLU A 4075 -17.06 69.83 16.17
N ALA A 4076 -16.58 69.23 15.08
CA ALA A 4076 -16.74 69.84 13.75
C ALA A 4076 -18.21 69.99 13.36
N PHE A 4077 -19.02 68.97 13.65
CA PHE A 4077 -20.44 69.07 13.41
C PHE A 4077 -21.12 70.01 14.39
N GLN A 4078 -20.73 69.97 15.67
CA GLN A 4078 -21.34 70.87 16.65
C GLN A 4078 -21.06 72.33 16.34
N ASP A 4079 -19.83 72.63 15.89
CA ASP A 4079 -19.51 73.98 15.43
C ASP A 4079 -20.33 74.36 14.21
N TYR A 4080 -20.59 73.40 13.31
CA TYR A 4080 -21.48 73.70 12.20
C TYR A 4080 -22.91 73.94 12.67
N VAL A 4081 -23.31 73.28 13.75
CA VAL A 4081 -24.64 73.45 14.35
C VAL A 4081 -24.75 74.87 14.91
N THR A 4082 -25.76 75.60 14.48
CA THR A 4082 -25.92 76.99 14.87
C THR A 4082 -27.25 77.32 15.52
N ASP A 4083 -28.28 76.52 15.29
CA ASP A 4083 -29.62 76.87 15.78
C ASP A 4083 -29.72 76.59 17.27
N PRO A 4084 -30.22 77.54 18.07
CA PRO A 4084 -30.44 77.28 19.51
C PRO A 4084 -31.61 76.37 19.82
N ARG A 4085 -32.50 76.11 18.86
CA ARG A 4085 -33.61 75.20 19.08
C ARG A 4085 -33.21 73.73 19.01
N GLY A 4086 -31.99 73.44 18.61
CA GLY A 4086 -31.55 72.06 18.44
C GLY A 4086 -31.85 71.52 17.07
N LEU A 4087 -31.65 72.34 16.04
CA LEU A 4087 -31.98 71.97 14.68
C LEU A 4087 -30.76 72.25 13.80
N ILE A 4088 -30.86 71.87 12.53
CA ILE A 4088 -29.82 72.13 11.54
C ILE A 4088 -30.49 72.11 10.17
N SER A 4089 -30.09 73.01 9.29
CA SER A 4089 -30.71 73.02 7.98
C SER A 4089 -30.13 71.89 7.14
N LYS A 4090 -30.84 71.54 6.06
CA LYS A 4090 -30.39 70.48 5.15
C LYS A 4090 -29.06 70.82 4.48
N LYS A 4091 -28.90 72.07 4.04
CA LYS A 4091 -27.64 72.52 3.45
C LYS A 4091 -26.50 72.43 4.46
N ASP A 4092 -26.75 72.86 5.70
CA ASP A 4092 -25.76 72.77 6.76
C ASP A 4092 -25.42 71.33 7.09
N PHE A 4093 -26.44 70.46 7.08
CA PHE A 4093 -26.22 69.04 7.35
C PHE A 4093 -25.34 68.45 6.26
N GLN A 4094 -25.60 68.83 5.01
CA GLN A 4094 -24.86 68.30 3.86
C GLN A 4094 -23.39 68.72 3.96
N LYS A 4095 -23.14 70.00 4.22
CA LYS A 4095 -21.76 70.47 4.24
C LYS A 4095 -21.05 70.14 5.54
N ALA A 4096 -21.76 69.67 6.56
CA ALA A 4096 -21.11 69.23 7.80
C ALA A 4096 -20.82 67.74 7.82
N MET A 4097 -21.70 66.92 7.23
CA MET A 4097 -21.56 65.47 7.29
C MET A 4097 -20.32 64.99 6.55
N ASP A 4098 -20.04 65.56 5.37
CA ASP A 4098 -18.90 65.15 4.55
C ASP A 4098 -17.56 65.64 5.08
N SER A 4099 -17.57 66.51 6.11
CA SER A 4099 -16.33 67.01 6.70
C SER A 4099 -15.53 65.89 7.37
N GLN A 4100 -16.22 64.85 7.87
CA GLN A 4100 -15.56 63.73 8.51
C GLN A 4100 -14.77 62.85 7.54
N LYS A 4101 -14.97 63.04 6.22
CA LYS A 4101 -14.31 62.27 5.15
C LYS A 4101 -14.53 60.77 5.30
N GLN A 4102 -15.76 60.38 5.63
CA GLN A 4102 -16.12 58.99 5.83
C GLN A 4102 -17.29 58.52 4.97
N PHE A 4103 -18.27 59.38 4.72
CA PHE A 4103 -19.46 59.00 3.96
C PHE A 4103 -19.32 59.41 2.51
N THR A 4104 -19.72 58.52 1.60
CA THR A 4104 -19.64 58.81 0.18
C THR A 4104 -20.95 59.44 -0.28
N GLY A 4105 -21.01 59.84 -1.55
CA GLY A 4105 -22.17 60.52 -2.12
C GLY A 4105 -23.52 59.81 -2.06
N PRO A 4106 -23.57 58.51 -2.43
CA PRO A 4106 -24.82 57.75 -2.20
C PRO A 4106 -25.25 57.73 -0.75
N GLU A 4107 -24.29 57.67 0.18
CA GLU A 4107 -24.64 57.59 1.59
C GLU A 4107 -25.15 58.95 2.05
N ILE A 4108 -24.48 60.03 1.64
CA ILE A 4108 -24.83 61.37 2.08
C ILE A 4108 -26.23 61.72 1.60
N GLN A 4109 -26.50 61.46 0.33
CA GLN A 4109 -27.83 61.70 -0.24
C GLN A 4109 -28.89 60.82 0.41
N PHE A 4110 -28.58 59.53 0.61
CA PHE A 4110 -29.53 58.61 1.21
C PHE A 4110 -29.87 59.01 2.65
N LEU A 4111 -28.85 59.38 3.43
CA LEU A 4111 -29.08 59.77 4.82
C LEU A 4111 -29.85 61.08 4.89
N LEU A 4112 -29.58 62.00 3.95
CA LEU A 4112 -30.34 63.24 3.88
C LEU A 4112 -31.80 62.95 3.58
N SER A 4113 -32.07 62.00 2.68
CA SER A 4113 -33.44 61.64 2.37
C SER A 4113 -34.11 61.03 3.59
N CYS A 4114 -33.38 60.19 4.32
CA CYS A 4114 -33.89 59.55 5.54
C CYS A 4114 -34.18 60.56 6.64
N SER A 4115 -33.47 61.70 6.64
CA SER A 4115 -33.67 62.70 7.68
C SER A 4115 -35.07 63.29 7.63
N GLU A 4116 -35.62 63.58 8.81
CA GLU A 4116 -36.97 64.14 8.93
C GLU A 4116 -36.93 65.65 8.72
N ALA A 4117 -36.75 66.04 7.47
CA ALA A 4117 -36.79 67.43 7.09
C ALA A 4117 -38.21 67.97 7.24
N ASP A 4118 -38.35 69.08 7.96
CA ASP A 4118 -39.67 69.67 8.20
C ASP A 4118 -40.07 70.50 6.98
N GLU A 4119 -41.13 71.30 7.12
CA GLU A 4119 -41.54 72.22 6.06
C GLU A 4119 -40.51 73.32 5.79
N ASN A 4120 -39.60 73.58 6.72
CA ASN A 4120 -38.55 74.58 6.53
C ASN A 4120 -37.22 73.96 6.13
N GLU A 4121 -37.20 72.65 5.83
CA GLU A 4121 -36.00 71.88 5.49
C GLU A 4121 -34.94 72.00 6.59
N MET A 4122 -35.41 72.05 7.83
CA MET A 4122 -34.60 72.37 9.00
C MET A 4122 -34.59 71.06 9.80
N ILE A 4123 -33.56 70.25 9.59
CA ILE A 4123 -33.52 68.87 10.10
C ILE A 4123 -33.48 68.88 11.62
N ASN A 4124 -34.48 68.26 12.23
CA ASN A 4124 -34.55 68.09 13.68
C ASN A 4124 -33.73 66.84 14.02
N PHE A 4125 -32.40 67.03 14.08
CA PHE A 4125 -31.49 65.92 14.31
C PHE A 4125 -31.52 65.39 15.75
N GLU A 4126 -32.33 65.98 16.64
CA GLU A 4126 -32.46 65.50 18.00
C GLU A 4126 -33.05 64.08 18.04
N GLU A 4127 -34.04 63.80 17.20
CA GLU A 4127 -34.66 62.49 17.19
C GLU A 4127 -34.31 61.66 15.96
N PHE A 4128 -33.65 62.25 14.95
CA PHE A 4128 -33.23 61.51 13.77
C PHE A 4128 -32.26 60.39 14.15
N ALA A 4129 -31.28 60.71 15.00
CA ALA A 4129 -30.35 59.67 15.43
C ALA A 4129 -30.97 58.77 16.48
N ASN A 4130 -31.81 59.31 17.36
CA ASN A 4130 -32.30 58.58 18.53
C ASN A 4130 -33.61 57.83 18.27
N ARG A 4131 -34.11 57.83 17.03
CA ARG A 4131 -35.41 57.21 16.76
C ARG A 4131 -35.36 55.69 16.91
N PHE A 4132 -34.39 55.04 16.28
CA PHE A 4132 -34.31 53.58 16.23
C PHE A 4132 -33.11 52.99 16.94
N GLN A 4133 -32.39 53.78 17.77
CA GLN A 4133 -31.15 53.29 18.39
C GLN A 4133 -31.39 52.08 19.29
N GLU A 4134 -32.46 52.13 20.09
CA GLU A 4134 -32.77 51.02 21.00
C GLU A 4134 -33.11 49.73 20.26
N PRO A 4135 -34.10 49.66 19.34
CA PRO A 4135 -34.37 48.36 18.69
C PRO A 4135 -33.23 47.85 17.82
N ALA A 4136 -32.53 48.74 17.10
CA ALA A 4136 -31.45 48.30 16.22
C ALA A 4136 -30.20 47.88 16.97
N ARG A 4137 -30.14 48.12 18.28
CA ARG A 4137 -29.02 47.68 19.09
C ARG A 4137 -28.97 46.17 19.20
N ASP A 4138 -30.14 45.55 19.41
CA ASP A 4138 -30.19 44.11 19.65
C ASP A 4138 -29.81 43.34 18.39
N ILE A 4139 -30.40 43.72 17.25
CA ILE A 4139 -30.11 43.05 15.98
C ILE A 4139 -28.66 43.26 15.59
N GLY A 4140 -28.13 44.48 15.76
CA GLY A 4140 -26.71 44.72 15.45
C GLY A 4140 -25.80 43.89 16.34
N PHE A 4141 -26.18 43.71 17.60
CA PHE A 4141 -25.40 42.89 18.52
C PHE A 4141 -25.44 41.43 18.08
N ASN A 4142 -26.61 40.96 17.68
CA ASN A 4142 -26.74 39.54 17.37
C ASN A 4142 -26.04 39.20 16.07
N VAL A 4143 -26.09 40.09 15.07
CA VAL A 4143 -25.35 39.82 13.84
C VAL A 4143 -23.84 39.91 14.10
N ALA A 4144 -23.43 40.74 15.07
CA ALA A 4144 -22.03 40.75 15.50
C ALA A 4144 -21.64 39.41 16.13
N VAL A 4145 -22.52 38.86 16.98
CA VAL A 4145 -22.28 37.55 17.60
C VAL A 4145 -22.19 36.48 16.54
N LEU A 4146 -23.08 36.52 15.56
CA LEU A 4146 -23.10 35.56 14.47
C LEU A 4146 -21.82 35.61 13.65
N LEU A 4147 -21.37 36.83 13.33
CA LEU A 4147 -20.16 36.98 12.53
C LEU A 4147 -18.91 36.59 13.31
N THR A 4148 -18.88 36.89 14.62
CA THR A 4148 -17.77 36.45 15.46
C THR A 4148 -17.72 34.92 15.53
N ASN A 4149 -18.89 34.30 15.71
CA ASN A 4149 -18.97 32.85 15.84
C ASN A 4149 -18.52 32.17 14.56
N LEU A 4150 -18.97 32.67 13.41
CA LEU A 4150 -18.59 32.07 12.14
C LEU A 4150 -17.11 32.28 11.87
N SER A 4151 -16.57 33.46 12.20
CA SER A 4151 -15.17 33.75 11.95
C SER A 4151 -14.28 32.82 12.76
N GLU A 4152 -14.65 32.58 14.03
CA GLU A 4152 -13.83 31.72 14.87
C GLU A 4152 -13.95 30.26 14.48
N HIS A 4153 -15.15 29.81 14.11
CA HIS A 4153 -15.34 28.40 13.79
C HIS A 4153 -15.04 28.05 12.33
N VAL A 4154 -14.83 29.02 11.45
CA VAL A 4154 -14.39 28.72 10.10
C VAL A 4154 -13.20 29.66 9.88
N PRO A 4155 -12.00 29.26 10.31
CA PRO A 4155 -10.89 30.22 10.37
C PRO A 4155 -10.22 30.52 9.04
N HIS A 4156 -10.26 29.60 8.08
CA HIS A 4156 -9.47 29.72 6.86
C HIS A 4156 -10.34 29.92 5.62
N ASP A 4157 -11.37 30.76 5.73
CA ASP A 4157 -12.23 31.07 4.60
C ASP A 4157 -12.03 32.51 4.16
N PRO A 4158 -11.33 32.76 3.04
CA PRO A 4158 -11.17 34.14 2.55
C PRO A 4158 -12.48 34.83 2.21
N ARG A 4159 -13.47 34.05 1.74
CA ARG A 4159 -14.78 34.62 1.45
C ARG A 4159 -15.39 35.16 2.73
N LEU A 4160 -15.24 34.42 3.83
CA LEU A 4160 -15.67 34.89 5.14
C LEU A 4160 -14.86 36.10 5.57
N ARG A 4161 -13.55 36.10 5.24
CA ARG A 4161 -12.65 37.18 5.64
C ARG A 4161 -13.11 38.51 5.09
N ASN A 4162 -13.58 38.53 3.83
CA ASN A 4162 -14.03 39.78 3.20
C ASN A 4162 -15.18 40.43 3.98
N PHE A 4163 -16.02 39.61 4.61
CA PHE A 4163 -17.10 40.14 5.43
C PHE A 4163 -16.55 40.86 6.66
N LEU A 4164 -15.38 40.44 7.16
CA LEU A 4164 -14.85 41.05 8.37
C LEU A 4164 -14.55 42.54 8.14
N GLU A 4165 -13.94 42.86 6.99
CA GLU A 4165 -13.77 44.28 6.64
C GLU A 4165 -15.09 44.94 6.29
N LEU A 4166 -16.06 44.19 5.73
CA LEU A 4166 -17.36 44.82 5.52
C LEU A 4166 -18.12 45.09 6.81
N ALA A 4167 -17.86 44.31 7.86
CA ALA A 4167 -18.53 44.40 9.15
C ALA A 4167 -17.67 45.02 10.25
N GLU A 4168 -16.51 45.59 9.90
CA GLU A 4168 -15.57 46.08 10.91
C GLU A 4168 -16.10 47.24 11.75
N SER A 4169 -17.06 48.02 11.24
CA SER A 4169 -17.58 49.14 12.02
C SER A 4169 -18.43 48.65 13.19
N ILE A 4170 -19.30 47.68 12.93
CA ILE A 4170 -20.18 47.14 13.95
C ILE A 4170 -19.38 46.37 14.98
N LEU A 4171 -18.45 45.53 14.51
CA LEU A 4171 -17.66 44.70 15.42
C LEU A 4171 -16.83 45.56 16.34
N GLU A 4172 -16.25 46.65 15.82
CA GLU A 4172 -15.51 47.59 16.64
C GLU A 4172 -16.42 48.25 17.67
N TYR A 4173 -17.65 48.61 17.26
CA TYR A 4173 -18.58 49.25 18.18
C TYR A 4173 -18.99 48.31 19.30
N PHE A 4174 -19.21 47.03 18.99
CA PHE A 4174 -19.70 46.09 19.99
C PHE A 4174 -18.58 45.29 20.63
N ARG A 4175 -17.33 45.59 20.30
CA ARG A 4175 -16.20 44.94 20.95
C ARG A 4175 -16.18 45.10 22.48
N PRO A 4176 -16.42 46.28 23.10
CA PRO A 4176 -16.35 46.33 24.57
C PRO A 4176 -17.45 45.56 25.30
N TYR A 4177 -18.54 45.16 24.64
CA TYR A 4177 -19.68 44.56 25.33
C TYR A 4177 -19.86 43.08 25.03
N LEU A 4178 -19.21 42.57 24.01
CA LEU A 4178 -19.34 41.16 23.66
C LEU A 4178 -18.44 40.32 24.54
N GLY A 4179 -18.99 39.32 25.21
CA GLY A 4179 -18.20 38.48 26.10
C GLY A 4179 -18.25 37.04 25.64
N ARG A 4180 -17.12 36.37 25.73
CA ARG A 4180 -17.04 34.99 25.28
C ARG A 4180 -16.44 34.18 26.42
N ILE A 4181 -17.02 33.02 26.70
CA ILE A 4181 -16.51 32.10 27.71
C ILE A 4181 -16.44 30.72 27.10
N GLU A 4182 -15.59 29.88 27.68
CA GLU A 4182 -15.52 28.49 27.25
C GLU A 4182 -16.00 27.60 28.38
N ILE A 4183 -16.85 26.64 28.04
CA ILE A 4183 -17.36 25.67 29.00
C ILE A 4183 -17.14 24.27 28.48
N MET A 4184 -17.13 23.31 29.41
CA MET A 4184 -17.12 21.92 28.99
C MET A 4184 -18.57 21.55 28.75
N GLY A 4185 -18.94 21.35 27.50
CA GLY A 4185 -20.35 21.18 27.18
C GLY A 4185 -20.86 19.79 27.47
N ALA A 4186 -22.19 19.64 27.32
CA ALA A 4186 -22.83 18.35 27.55
C ALA A 4186 -22.36 17.31 26.56
N SER A 4187 -21.91 17.75 25.39
CA SER A 4187 -21.40 16.93 24.30
C SER A 4187 -20.08 16.25 24.63
N ARG A 4188 -19.44 16.67 25.74
CA ARG A 4188 -18.13 16.25 26.25
C ARG A 4188 -17.01 16.92 25.49
N ARG A 4189 -17.30 18.08 24.90
CA ARG A 4189 -16.30 18.89 24.22
C ARG A 4189 -16.48 20.35 24.63
N ILE A 4190 -15.37 21.08 24.61
CA ILE A 4190 -15.37 22.50 24.94
C ILE A 4190 -16.18 23.29 23.93
N GLU A 4191 -17.01 24.21 24.42
CA GLU A 4191 -17.89 25.04 23.60
C GLU A 4191 -17.79 26.49 24.04
N ARG A 4192 -17.87 27.41 23.07
CA ARG A 4192 -17.77 28.84 23.34
C ARG A 4192 -19.15 29.47 23.38
N ILE A 4193 -19.40 30.25 24.43
CA ILE A 4193 -20.68 30.92 24.68
C ILE A 4193 -20.47 32.42 24.55
N TYR A 4194 -21.35 33.10 23.82
CA TYR A 4194 -21.25 34.54 23.63
C TYR A 4194 -22.43 35.21 24.34
N PHE A 4195 -22.15 36.23 25.13
CA PHE A 4195 -23.13 36.91 25.97
C PHE A 4195 -22.93 38.42 25.93
N GLU A 4196 -23.88 39.13 26.55
CA GLU A 4196 -23.84 40.59 26.64
C GLU A 4196 -23.38 41.09 28.00
N ILE A 4197 -22.37 41.97 28.01
CA ILE A 4197 -21.92 42.60 29.24
C ILE A 4197 -22.52 44.00 29.30
N SER A 4198 -23.25 44.33 30.36
CA SER A 4198 -23.87 45.64 30.41
C SER A 4198 -22.80 46.71 30.66
N GLU A 4199 -23.12 47.95 30.24
CA GLU A 4199 -22.17 49.06 30.40
C GLU A 4199 -21.95 49.32 31.88
N THR A 4200 -23.04 49.28 32.66
CA THR A 4200 -22.97 49.56 34.09
C THR A 4200 -22.08 48.53 34.76
N ASN A 4201 -22.24 47.24 34.39
CA ASN A 4201 -21.46 46.18 35.02
C ASN A 4201 -20.00 46.38 34.69
N ARG A 4202 -19.71 46.76 33.43
CA ARG A 4202 -18.33 46.93 33.00
C ARG A 4202 -17.65 48.03 33.82
N ALA A 4203 -18.37 49.14 34.00
CA ALA A 4203 -17.81 50.27 34.76
C ALA A 4203 -17.59 49.87 36.23
N GLN A 4204 -18.59 49.20 36.82
CA GLN A 4204 -18.49 48.81 38.23
C GLN A 4204 -17.34 47.82 38.39
N TRP A 4205 -17.14 46.97 37.38
CA TRP A 4205 -16.05 46.00 37.45
C TRP A 4205 -14.73 46.72 37.44
N GLU A 4206 -14.63 47.80 36.66
CA GLU A 4206 -13.35 48.47 36.54
C GLU A 4206 -13.14 49.48 37.66
N MET A 4207 -14.11 49.61 38.57
CA MET A 4207 -13.96 50.50 39.71
C MET A 4207 -12.80 50.00 40.59
N PRO A 4208 -12.07 50.92 41.24
CA PRO A 4208 -10.87 50.53 42.02
C PRO A 4208 -11.10 49.56 43.17
N GLN A 4209 -12.22 49.71 43.89
CA GLN A 4209 -12.54 48.83 45.02
C GLN A 4209 -12.67 47.38 44.57
N VAL A 4210 -13.37 47.15 43.45
CA VAL A 4210 -13.57 45.79 42.96
C VAL A 4210 -12.23 45.21 42.55
N LYS A 4211 -11.33 46.05 42.02
CA LYS A 4211 -10.03 45.57 41.55
C LYS A 4211 -9.19 45.12 42.74
N GLU A 4212 -9.28 45.87 43.85
CA GLU A 4212 -8.57 45.46 45.06
C GLU A 4212 -9.16 44.17 45.61
N SER A 4213 -10.49 44.05 45.53
CA SER A 4213 -11.18 42.85 46.01
C SER A 4213 -10.73 41.64 45.21
N LYS A 4214 -10.58 41.81 43.89
CA LYS A 4214 -10.09 40.76 43.02
C LYS A 4214 -8.67 40.36 43.39
N ARG A 4215 -7.80 41.36 43.63
CA ARG A 4215 -6.40 41.05 43.89
C ARG A 4215 -6.27 40.33 45.23
N GLN A 4216 -7.10 40.73 46.19
CA GLN A 4216 -7.14 40.07 47.50
C GLN A 4216 -7.57 38.63 47.35
N PHE A 4217 -8.61 38.40 46.53
CA PHE A 4217 -9.13 37.04 46.34
C PHE A 4217 -8.07 36.17 45.69
N ILE A 4218 -7.39 36.69 44.67
CA ILE A 4218 -6.40 35.90 43.93
C ILE A 4218 -5.27 35.51 44.87
N PHE A 4219 -4.86 36.46 45.74
CA PHE A 4219 -3.77 36.20 46.67
C PHE A 4219 -4.17 35.09 47.64
N ASP A 4220 -5.38 35.19 48.19
CA ASP A 4220 -5.82 34.19 49.17
C ASP A 4220 -5.97 32.82 48.54
N VAL A 4221 -6.55 32.76 47.33
CA VAL A 4221 -6.80 31.49 46.66
C VAL A 4221 -5.50 30.79 46.26
N VAL A 4222 -4.51 31.54 45.75
CA VAL A 4222 -3.22 30.91 45.44
C VAL A 4222 -2.45 30.57 46.71
N ASN A 4223 -2.35 31.52 47.63
CA ASN A 4223 -1.51 31.30 48.81
C ASN A 4223 -2.12 30.30 49.78
N GLU A 4224 -3.42 30.40 50.06
CA GLU A 4224 -4.05 29.57 51.08
C GLU A 4224 -5.30 28.91 50.49
N GLY A 4225 -5.09 28.05 49.50
CA GLY A 4225 -6.21 27.44 48.81
C GLY A 4225 -5.80 26.18 48.09
N GLY A 4226 -6.79 25.34 47.82
CA GLY A 4226 -6.58 24.11 47.08
C GLY A 4226 -7.15 24.17 45.68
N GLU A 4227 -6.57 23.35 44.79
CA GLU A 4227 -7.05 23.28 43.42
C GLU A 4227 -8.47 22.75 43.37
N ALA A 4228 -8.79 21.79 44.26
CA ALA A 4228 -10.09 21.15 44.24
C ALA A 4228 -11.19 22.16 44.56
N GLU A 4229 -10.93 23.05 45.52
CA GLU A 4229 -11.92 24.00 45.97
C GLU A 4229 -11.80 25.33 45.25
N LYS A 4230 -10.83 25.44 44.32
CA LYS A 4230 -10.55 26.72 43.65
C LYS A 4230 -11.77 27.22 42.89
N MET A 4231 -12.47 26.32 42.20
CA MET A 4231 -13.61 26.72 41.38
C MET A 4231 -14.79 27.14 42.25
N GLU A 4232 -14.98 26.46 43.39
CA GLU A 4232 -16.05 26.83 44.32
C GLU A 4232 -15.77 28.19 44.93
N LEU A 4233 -14.51 28.43 45.32
CA LEU A 4233 -14.15 29.71 45.91
C LEU A 4233 -14.30 30.82 44.89
N PHE A 4234 -13.94 30.54 43.64
CA PHE A 4234 -14.10 31.53 42.57
C PHE A 4234 -15.57 31.87 42.33
N VAL A 4235 -16.47 30.88 42.42
CA VAL A 4235 -17.88 31.19 42.23
C VAL A 4235 -18.42 31.95 43.43
N SER A 4236 -17.91 31.67 44.63
CA SER A 4236 -18.31 32.43 45.81
C SER A 4236 -17.89 33.89 45.69
N PHE A 4237 -16.65 34.11 45.20
CA PHE A 4237 -16.16 35.45 44.94
C PHE A 4237 -17.02 36.16 43.89
N CYS A 4238 -17.40 35.44 42.83
CA CYS A 4238 -18.26 36.02 41.80
C CYS A 4238 -19.60 36.46 42.36
N GLU A 4239 -20.23 35.61 43.20
CA GLU A 4239 -21.52 35.95 43.77
C GLU A 4239 -21.42 37.17 44.69
N ASP A 4240 -20.36 37.22 45.50
CA ASP A 4240 -20.14 38.39 46.35
C ASP A 4240 -19.95 39.66 45.52
N THR A 4241 -19.20 39.57 44.41
CA THR A 4241 -19.00 40.73 43.56
C THR A 4241 -20.29 41.17 42.88
N ILE A 4242 -21.14 40.22 42.48
CA ILE A 4242 -22.44 40.58 41.89
C ILE A 4242 -23.31 41.30 42.90
N PHE A 4243 -23.36 40.80 44.14
CA PHE A 4243 -24.16 41.47 45.16
C PHE A 4243 -23.61 42.85 45.50
N GLU A 4244 -22.28 42.99 45.51
CA GLU A 4244 -21.63 44.28 45.69
C GLU A 4244 -22.03 45.26 44.58
N MET A 4245 -22.05 44.79 43.34
CA MET A 4245 -22.44 45.62 42.21
C MET A 4245 -23.90 46.05 42.33
N GLN A 4246 -24.77 45.14 42.74
CA GLN A 4246 -26.19 45.48 42.93
C GLN A 4246 -26.37 46.53 44.02
N ILE A 4247 -25.64 46.39 45.12
CA ILE A 4247 -25.70 47.37 46.20
C ILE A 4247 -25.18 48.73 45.74
N ALA A 4248 -24.07 48.73 44.99
CA ALA A 4248 -23.50 49.96 44.45
C ALA A 4248 -24.45 50.65 43.48
N ALA A 4249 -25.12 49.87 42.62
CA ALA A 4249 -26.10 50.42 41.70
C ALA A 4249 -27.29 51.00 42.44
N GLN A 4250 -27.72 50.33 43.52
CA GLN A 4250 -28.82 50.84 44.34
C GLN A 4250 -28.46 52.16 45.00
N ILE A 4251 -27.26 52.26 45.56
CA ILE A 4251 -26.88 53.49 46.25
C ILE A 4251 -26.44 54.59 45.31
N SER A 4252 -26.15 54.27 44.05
CA SER A 4252 -25.76 55.30 43.09
C SER A 4252 -26.92 56.24 42.79
N GLU A 4253 -26.57 57.48 42.46
CA GLU A 4253 -27.56 58.51 42.18
C GLU A 4253 -27.38 59.07 40.78
N PRO A 4254 -28.47 59.42 40.09
CA PRO A 4254 -28.37 59.98 38.74
C PRO A 4254 -27.85 61.41 38.74
N PHE A 4540 -46.90 63.39 54.46
CA PHE A 4540 -45.53 63.89 54.47
C PHE A 4540 -44.53 62.80 54.90
N TRP A 4541 -45.08 61.65 55.26
CA TRP A 4541 -44.25 60.49 55.60
C TRP A 4541 -43.45 60.03 54.39
N GLY A 4542 -44.05 60.10 53.20
CA GLY A 4542 -43.31 59.80 51.98
C GLY A 4542 -42.20 60.80 51.74
N GLU A 4543 -42.44 62.07 52.08
CA GLU A 4543 -41.47 63.14 51.85
C GLU A 4543 -40.23 62.91 52.70
N LEU A 4544 -40.43 62.66 54.01
CA LEU A 4544 -39.30 62.38 54.88
C LEU A 4544 -38.62 61.09 54.45
N GLU A 4545 -39.40 60.07 54.05
CA GLU A 4545 -38.80 58.79 53.66
C GLU A 4545 -37.88 59.00 52.46
N VAL A 4546 -38.31 59.83 51.50
CA VAL A 4546 -37.55 60.20 50.29
C VAL A 4546 -36.21 60.78 50.69
N GLN A 4547 -36.27 61.82 51.55
CA GLN A 4547 -35.04 62.50 51.94
C GLN A 4547 -34.15 61.55 52.71
N ARG A 4548 -34.76 60.64 53.49
CA ARG A 4548 -34.02 59.65 54.26
C ARG A 4548 -33.20 58.74 53.34
N VAL A 4549 -33.80 58.23 52.25
CA VAL A 4549 -33.00 57.43 51.31
C VAL A 4549 -31.92 58.27 50.67
N LYS A 4550 -32.23 59.55 50.37
CA LYS A 4550 -31.26 60.41 49.70
C LYS A 4550 -30.03 60.61 50.59
N PHE A 4551 -30.28 60.81 51.89
CA PHE A 4551 -29.22 60.97 52.88
C PHE A 4551 -28.43 59.68 53.00
N LEU A 4552 -29.14 58.55 53.13
CA LEU A 4552 -28.49 57.25 53.32
C LEU A 4552 -27.60 56.92 52.13
N ASN A 4553 -28.06 57.25 50.91
CA ASN A 4553 -27.26 57.04 49.72
C ASN A 4553 -26.03 57.93 49.75
N TYR A 4554 -26.17 59.15 50.28
CA TYR A 4554 -25.06 60.09 50.31
C TYR A 4554 -23.98 59.55 51.23
N LEU A 4555 -24.40 59.08 52.41
CA LEU A 4555 -23.48 58.53 53.41
C LEU A 4555 -22.76 57.31 52.86
N SER A 4556 -23.52 56.42 52.20
CA SER A 4556 -22.94 55.19 51.67
C SER A 4556 -21.96 55.50 50.55
N ARG A 4557 -22.29 56.46 49.69
CA ARG A 4557 -21.41 56.85 48.60
C ARG A 4557 -20.13 57.48 49.12
N ASN A 4558 -20.21 58.20 50.24
CA ASN A 4558 -19.06 58.92 50.77
C ASN A 4558 -18.59 58.36 52.11
N PHE A 4559 -18.73 57.04 52.30
CA PHE A 4559 -18.29 56.41 53.54
C PHE A 4559 -16.78 56.50 53.73
N TYR A 4560 -16.01 56.25 52.67
CA TYR A 4560 -14.56 56.24 52.77
C TYR A 4560 -14.01 57.64 53.04
N THR A 4561 -14.62 58.64 52.43
CA THR A 4561 -14.25 60.04 52.68
C THR A 4561 -14.56 60.43 54.11
N LEU A 4562 -15.68 59.94 54.65
CA LEU A 4562 -16.02 60.19 56.06
C LEU A 4562 -14.97 59.60 56.99
N ARG A 4563 -14.53 58.36 56.71
CA ARG A 4563 -13.53 57.71 57.54
C ARG A 4563 -12.18 58.44 57.48
N PHE A 4564 -11.83 58.94 56.29
CA PHE A 4564 -10.61 59.75 56.15
C PHE A 4564 -10.73 61.06 56.91
N LEU A 4565 -11.93 61.68 56.87
CA LEU A 4565 -12.15 62.90 57.63
C LEU A 4565 -12.02 62.62 59.12
N ALA A 4566 -12.51 61.47 59.57
CA ALA A 4566 -12.47 61.12 60.99
C ALA A 4566 -11.03 60.98 61.45
N LEU A 4567 -10.18 60.41 60.59
CA LEU A 4567 -8.75 60.31 60.89
C LEU A 4567 -8.10 61.69 60.96
N PHE A 4568 -8.47 62.58 60.03
CA PHE A 4568 -7.94 63.95 60.06
C PHE A 4568 -8.37 64.65 61.34
N LEU A 4569 -9.63 64.43 61.74
CA LEU A 4569 -10.20 65.12 62.89
C LEU A 4569 -9.52 64.66 64.17
N ALA A 4570 -9.17 63.38 64.23
CA ALA A 4570 -8.41 62.86 65.37
C ALA A 4570 -7.01 63.46 65.40
N PHE A 4571 -6.38 63.61 64.23
CA PHE A 4571 -5.03 64.18 64.19
C PHE A 4571 -5.05 65.63 64.64
N ALA A 4572 -6.09 66.36 64.27
CA ALA A 4572 -6.16 67.78 64.62
C ALA A 4572 -6.49 67.96 66.09
N ILE A 4573 -7.38 67.12 66.64
CA ILE A 4573 -7.65 67.17 68.08
C ILE A 4573 -6.40 66.86 68.88
N ASN A 4574 -5.63 65.85 68.44
CA ASN A 4574 -4.40 65.49 69.14
C ASN A 4574 -3.37 66.61 69.09
N PHE A 4575 -3.29 67.30 67.94
CA PHE A 4575 -2.41 68.45 67.81
C PHE A 4575 -2.82 69.54 68.79
N ILE A 4576 -4.13 69.78 68.92
CA ILE A 4576 -4.60 70.78 69.88
C ILE A 4576 -4.26 70.31 71.29
N LEU A 4577 -4.33 69.00 71.54
CA LEU A 4577 -4.09 68.42 72.86
C LEU A 4577 -2.63 68.42 73.23
N LEU A 4578 -1.75 68.81 72.31
CA LEU A 4578 -0.32 68.84 72.63
C LEU A 4578 0.07 70.16 73.28
N PHE A 4579 -0.90 71.03 73.55
CA PHE A 4579 -0.69 72.32 74.17
C PHE A 4579 -1.25 72.37 75.59
N TYR A 4580 -1.72 71.24 76.12
CA TYR A 4580 -2.29 71.20 77.44
C TYR A 4580 -1.24 71.33 78.53
N LYS A 4581 -1.58 72.10 79.57
CA LYS A 4581 -0.71 72.30 80.71
C LYS A 4581 -1.52 71.97 81.97
N VAL A 4582 -0.81 71.63 83.06
CA VAL A 4582 -1.44 71.38 84.35
C VAL A 4582 -0.90 72.37 85.36
N SER A 4583 -1.79 72.94 86.17
CA SER A 4583 -1.38 73.89 87.20
C SER A 4583 -2.13 73.60 88.48
N ASP A 4584 -1.48 73.86 89.62
CA ASP A 4584 -2.20 73.76 90.89
C ASP A 4584 -3.25 74.86 91.00
N SER A 4585 -2.89 76.09 90.61
CA SER A 4585 -3.81 77.21 90.66
C SER A 4585 -4.84 77.10 89.53
N PRO A 4586 -6.04 77.68 89.73
CA PRO A 4586 -7.00 77.73 88.63
C PRO A 4586 -6.51 78.65 87.54
N PRO A 4587 -6.89 78.41 86.24
CA PRO A 4587 -6.48 79.07 84.98
C PRO A 4587 -5.76 80.43 84.99
N ASN A 4626 -6.58 67.85 97.44
CA ASN A 4626 -5.94 68.72 96.46
C ASN A 4626 -6.56 68.54 95.09
N MET A 4627 -6.41 69.55 94.24
CA MET A 4627 -6.97 69.52 92.89
C MET A 4627 -6.02 70.22 91.94
N VAL A 4628 -5.85 69.64 90.75
CA VAL A 4628 -5.04 70.22 89.69
C VAL A 4628 -5.97 70.62 88.55
N TYR A 4629 -5.65 71.73 87.90
CA TYR A 4629 -6.47 72.28 86.83
C TYR A 4629 -5.75 72.07 85.51
N TYR A 4630 -6.38 71.31 84.62
CA TYR A 4630 -5.87 71.07 83.29
C TYR A 4630 -6.42 72.15 82.38
N PHE A 4631 -5.56 72.86 81.66
CA PHE A 4631 -6.08 73.85 80.73
C PHE A 4631 -5.15 74.02 79.55
N LEU A 4632 -5.73 74.43 78.42
CA LEU A 4632 -4.93 74.74 77.26
C LEU A 4632 -4.16 76.02 77.51
N GLU A 4633 -2.96 76.11 76.95
CA GLU A 4633 -2.19 77.36 77.02
C GLU A 4633 -1.66 77.68 75.63
N GLU A 4634 -2.35 78.60 74.95
CA GLU A 4634 -1.90 79.09 73.64
C GLU A 4634 -2.10 80.59 73.60
N SER A 4635 -1.15 81.29 72.98
CA SER A 4635 -1.22 82.74 72.87
C SER A 4635 -2.35 83.21 71.97
N THR A 4636 -2.57 82.53 70.84
CA THR A 4636 -3.55 82.96 69.84
C THR A 4636 -4.98 83.00 70.37
N GLY A 4637 -5.39 82.03 71.18
CA GLY A 4637 -6.74 81.99 71.69
C GLY A 4637 -7.70 81.22 70.81
N TYR A 4638 -7.29 80.89 69.59
CA TYR A 4638 -8.11 80.17 68.62
C TYR A 4638 -8.35 78.73 69.00
N MET A 4639 -7.33 78.07 69.56
CA MET A 4639 -7.38 76.62 69.81
C MET A 4639 -8.50 76.19 70.74
N GLU A 4640 -8.79 76.97 71.79
CA GLU A 4640 -9.85 76.57 72.72
C GLU A 4640 -11.22 76.48 72.03
N PRO A 4641 -11.69 77.48 71.25
CA PRO A 4641 -12.92 77.26 70.44
C PRO A 4641 -12.89 76.02 69.56
N ALA A 4642 -11.78 75.89 68.82
CA ALA A 4642 -11.61 74.80 67.85
C ALA A 4642 -11.69 73.44 68.51
N LEU A 4643 -11.14 73.28 69.72
CA LEU A 4643 -11.14 71.97 70.35
C LEU A 4643 -12.56 71.47 70.60
N TRP A 4644 -13.45 72.39 70.99
CA TRP A 4644 -14.86 72.07 71.19
C TRP A 4644 -15.59 71.79 69.88
N CYS A 4645 -15.33 72.62 68.86
CA CYS A 4645 -15.94 72.38 67.56
C CYS A 4645 -15.46 71.08 66.92
N LEU A 4646 -14.15 70.85 66.93
CA LEU A 4646 -13.59 69.63 66.35
C LEU A 4646 -14.05 68.39 67.11
N SER A 4647 -14.21 68.48 68.44
CA SER A 4647 -14.66 67.33 69.20
C SER A 4647 -16.11 66.99 68.87
N LEU A 4648 -16.96 68.01 68.71
CA LEU A 4648 -18.34 67.76 68.32
C LEU A 4648 -18.40 67.21 66.90
N LEU A 4649 -17.55 67.76 66.01
CA LEU A 4649 -17.52 67.31 64.63
C LEU A 4649 -17.02 65.88 64.54
N HIS A 4650 -16.13 65.49 65.43
CA HIS A 4650 -15.62 64.12 65.49
C HIS A 4650 -16.74 63.16 65.84
N THR A 4651 -17.51 63.50 66.88
CA THR A 4651 -18.60 62.62 67.30
C THR A 4651 -19.66 62.50 66.21
N LEU A 4652 -19.91 63.61 65.49
CA LEU A 4652 -20.85 63.58 64.37
C LEU A 4652 -20.35 62.68 63.25
N VAL A 4653 -19.07 62.81 62.87
CA VAL A 4653 -18.50 61.98 61.81
C VAL A 4653 -18.52 60.51 62.21
N ALA A 4654 -18.27 60.21 63.50
CA ALA A 4654 -18.33 58.83 63.98
C ALA A 4654 -19.73 58.25 63.85
N PHE A 4655 -20.75 59.06 64.15
CA PHE A 4655 -22.12 58.58 63.95
C PHE A 4655 -22.41 58.36 62.48
N LEU A 4656 -21.98 59.30 61.62
CA LEU A 4656 -22.21 59.20 60.19
C LEU A 4656 -21.53 57.95 59.62
N CYS A 4657 -20.38 57.57 60.17
CA CYS A 4657 -19.66 56.39 59.71
C CYS A 4657 -20.33 55.11 60.17
N ILE A 4658 -20.94 55.11 61.36
CA ILE A 4658 -21.70 53.95 61.79
C ILE A 4658 -22.92 53.75 60.90
N ILE A 4659 -23.61 54.85 60.57
CA ILE A 4659 -24.78 54.80 59.69
C ILE A 4659 -24.38 54.32 58.31
N GLY A 4660 -23.27 54.87 57.79
CA GLY A 4660 -22.80 54.51 56.47
C GLY A 4660 -22.43 53.04 56.40
N TYR A 4661 -21.77 52.53 57.45
CA TYR A 4661 -21.38 51.13 57.46
C TYR A 4661 -22.62 50.25 57.43
N ASN A 4662 -23.62 50.59 58.24
CA ASN A 4662 -24.82 49.77 58.35
C ASN A 4662 -25.54 49.70 57.01
N CYS A 4663 -25.63 50.84 56.32
CA CYS A 4663 -26.25 50.87 55.00
C CYS A 4663 -25.44 50.17 53.92
N LEU A 4664 -24.11 50.31 53.92
CA LEU A 4664 -23.32 49.79 52.81
C LEU A 4664 -22.72 48.40 53.00
N LYS A 4665 -22.06 48.10 54.13
CA LYS A 4665 -21.31 46.86 54.22
C LYS A 4665 -21.97 45.79 55.08
N VAL A 4666 -23.02 46.12 55.80
CA VAL A 4666 -23.81 45.13 56.53
C VAL A 4666 -24.62 44.24 55.58
N PRO A 4667 -25.22 44.74 54.44
CA PRO A 4667 -25.93 43.82 53.53
C PRO A 4667 -25.09 42.67 53.03
N LEU A 4668 -23.82 42.91 52.70
CA LEU A 4668 -23.01 41.82 52.15
C LEU A 4668 -22.76 40.74 53.20
N VAL A 4669 -22.63 41.13 54.47
CA VAL A 4669 -22.51 40.16 55.56
C VAL A 4669 -23.77 39.32 55.67
N ILE A 4670 -24.93 39.98 55.56
CA ILE A 4670 -26.21 39.26 55.62
C ILE A 4670 -26.33 38.32 54.43
N PHE A 4671 -25.92 38.80 53.26
CA PHE A 4671 -25.99 38.01 52.03
C PHE A 4671 -25.14 36.75 52.14
N LYS A 4672 -23.91 36.91 52.64
CA LYS A 4672 -23.00 35.76 52.78
C LYS A 4672 -23.56 34.77 53.79
N ARG A 4673 -24.13 35.28 54.89
CA ARG A 4673 -24.62 34.39 55.94
C ARG A 4673 -25.82 33.59 55.45
N GLU A 4674 -26.77 34.28 54.79
CA GLU A 4674 -27.95 33.60 54.28
C GLU A 4674 -27.57 32.61 53.20
N LYS A 4675 -26.64 32.99 52.32
CA LYS A 4675 -26.25 32.10 51.23
C LYS A 4675 -25.61 30.85 51.82
N GLU A 4676 -24.70 31.01 52.81
CA GLU A 4676 -24.00 29.87 53.40
C GLU A 4676 -24.97 28.97 54.14
N LEU A 4677 -26.08 29.55 54.61
CA LEU A 4677 -27.05 28.79 55.36
C LEU A 4677 -27.90 28.00 54.40
N ALA A 4678 -28.32 28.64 53.30
CA ALA A 4678 -29.12 27.96 52.28
C ALA A 4678 -28.35 26.76 51.73
N ARG A 4679 -27.04 26.95 51.42
CA ARG A 4679 -26.27 25.85 50.85
C ARG A 4679 -26.14 24.72 51.85
N LYS A 4680 -25.90 25.06 53.13
CA LYS A 4680 -25.75 24.02 54.15
C LYS A 4680 -27.06 23.27 54.35
N LEU A 4681 -28.19 23.97 54.33
CA LEU A 4681 -29.50 23.33 54.43
C LEU A 4681 -29.78 22.40 53.27
N GLU A 4682 -29.57 22.88 52.04
CA GLU A 4682 -29.91 22.08 50.87
C GLU A 4682 -28.95 20.91 50.64
N PHE A 4683 -27.65 21.15 50.73
CA PHE A 4683 -26.68 20.14 50.35
C PHE A 4683 -26.07 19.36 51.51
N ASP A 4684 -26.32 19.75 52.75
CA ASP A 4684 -25.66 19.07 53.86
C ASP A 4684 -26.62 18.60 54.95
N GLY A 4685 -27.91 18.97 54.88
CA GLY A 4685 -28.87 18.66 55.92
C GLY A 4685 -28.45 19.06 57.31
N LEU A 4686 -27.96 20.30 57.45
CA LEU A 4686 -27.34 20.75 58.70
C LEU A 4686 -28.31 20.69 59.86
N TYR A 4687 -29.56 21.12 59.67
CA TYR A 4687 -30.53 21.09 60.76
C TYR A 4687 -31.58 20.03 60.55
N ILE A 4688 -31.45 19.21 59.52
CA ILE A 4688 -32.35 18.09 59.28
C ILE A 4688 -31.65 16.77 59.54
N THR A 4689 -30.67 16.47 58.68
CA THR A 4689 -29.92 15.23 58.74
C THR A 4689 -28.99 15.13 59.96
N GLU A 4690 -28.32 16.22 60.33
CA GLU A 4690 -27.26 16.07 61.33
C GLU A 4690 -27.53 16.71 62.68
N GLN A 4691 -27.88 18.02 62.73
CA GLN A 4691 -28.07 18.94 63.86
C GLN A 4691 -26.69 19.50 64.19
N PRO A 4692 -26.57 20.80 64.53
CA PRO A 4692 -25.26 21.44 64.71
C PRO A 4692 -24.37 20.89 65.81
N GLY A 4693 -23.21 21.55 65.94
CA GLY A 4693 -22.22 21.18 66.93
C GLY A 4693 -22.69 21.29 68.36
N ASP A 4694 -23.57 22.27 68.65
CA ASP A 4694 -24.26 22.64 69.90
C ASP A 4694 -23.42 23.66 70.65
N ASP A 4695 -22.13 23.72 70.33
CA ASP A 4695 -21.23 24.74 70.84
C ASP A 4695 -20.88 25.76 69.77
N ASP A 4696 -21.49 25.67 68.59
CA ASP A 4696 -21.23 26.59 67.50
C ASP A 4696 -22.19 27.76 67.68
N VAL A 4697 -21.62 28.92 68.00
CA VAL A 4697 -22.39 30.13 68.30
C VAL A 4697 -23.18 30.54 67.06
N LYS A 4698 -22.54 30.43 65.89
CA LYS A 4698 -23.17 30.83 64.64
C LYS A 4698 -24.38 29.94 64.38
N GLY A 4699 -24.21 28.61 64.56
CA GLY A 4699 -25.30 27.68 64.28
C GLY A 4699 -26.48 27.94 65.19
N GLN A 4700 -26.21 28.15 66.49
CA GLN A 4700 -27.28 28.35 67.46
C GLN A 4700 -28.05 29.62 67.11
N TRP A 4701 -27.31 30.70 66.78
CA TRP A 4701 -28.00 31.94 66.45
C TRP A 4701 -28.80 31.75 65.18
N ASP A 4702 -28.24 31.00 64.21
CA ASP A 4702 -28.84 30.80 62.91
C ASP A 4702 -30.16 30.05 63.01
N ARG A 4703 -30.37 29.29 64.11
CA ARG A 4703 -31.58 28.50 64.24
C ARG A 4703 -32.83 29.38 64.20
N LEU A 4704 -32.72 30.60 64.73
CA LEU A 4704 -33.83 31.54 64.86
C LEU A 4704 -34.42 31.96 63.53
N VAL A 4705 -33.59 32.06 62.48
CA VAL A 4705 -34.03 32.63 61.22
C VAL A 4705 -34.70 31.60 60.30
N LEU A 4706 -34.55 30.31 60.60
CA LEU A 4706 -35.03 29.25 59.70
C LEU A 4706 -36.53 29.31 59.45
N ASN A 4707 -37.32 29.58 60.49
CA ASN A 4707 -38.76 29.55 60.35
C ASN A 4707 -39.36 30.86 59.87
N THR A 4708 -38.57 31.93 59.77
CA THR A 4708 -39.13 33.23 59.45
C THR A 4708 -39.62 33.28 58.00
N PRO A 4709 -40.67 34.06 57.73
CA PRO A 4709 -41.10 34.27 56.34
C PRO A 4709 -40.10 34.96 55.43
N SER A 4710 -39.15 35.72 55.99
CA SER A 4710 -38.24 36.51 55.16
C SER A 4710 -36.82 35.97 55.14
N PHE A 4711 -36.67 34.65 55.25
CA PHE A 4711 -35.35 34.03 55.34
C PHE A 4711 -34.43 34.38 54.17
N PRO A 4712 -34.86 34.40 52.87
CA PRO A 4712 -33.94 34.90 51.85
C PRO A 4712 -34.28 36.34 51.48
N SER A 4713 -34.06 37.25 52.41
CA SER A 4713 -34.30 38.67 52.15
C SER A 4713 -33.28 39.26 51.19
N ASN A 4714 -32.00 38.94 51.38
CA ASN A 4714 -30.96 39.48 50.50
C ASN A 4714 -30.50 38.50 49.43
N TYR A 4715 -30.34 37.22 49.76
CA TYR A 4715 -29.86 36.23 48.80
C TYR A 4715 -30.87 36.14 47.66
N TRP A 4716 -30.37 35.97 46.43
CA TRP A 4716 -31.24 36.03 45.26
C TRP A 4716 -32.26 34.91 45.21
N ASP A 4717 -31.85 33.68 45.51
CA ASP A 4717 -32.74 32.53 45.36
C ASP A 4717 -33.92 32.61 46.34
N LYS A 4718 -35.13 32.52 45.80
CA LYS A 4718 -36.33 32.51 46.62
C LYS A 4718 -36.93 31.12 46.76
N PHE A 4719 -36.31 30.11 46.14
CA PHE A 4719 -36.83 28.77 46.13
C PHE A 4719 -36.11 27.84 47.09
N VAL A 4720 -35.30 28.41 48.00
CA VAL A 4720 -34.45 27.61 48.90
C VAL A 4720 -35.30 26.66 49.73
N LYS A 4721 -36.40 27.17 50.29
CA LYS A 4721 -37.25 26.37 51.18
C LYS A 4721 -37.85 25.21 50.40
N ARG A 4722 -38.34 25.50 49.18
CA ARG A 4722 -38.98 24.49 48.37
C ARG A 4722 -37.99 23.42 47.98
N LYS A 4723 -36.76 23.83 47.60
CA LYS A 4723 -35.74 22.85 47.20
C LYS A 4723 -35.38 21.95 48.36
N VAL A 4724 -35.27 22.51 49.58
CA VAL A 4724 -34.93 21.71 50.76
C VAL A 4724 -36.05 20.73 51.05
N LEU A 4725 -37.30 21.20 50.90
CA LEU A 4725 -38.47 20.35 51.10
C LEU A 4725 -38.53 19.22 50.09
N ASP A 4726 -38.21 19.50 48.83
CA ASP A 4726 -38.18 18.43 47.82
C ASP A 4726 -37.07 17.44 48.11
N LYS A 4727 -35.85 17.93 48.36
CA LYS A 4727 -34.69 17.06 48.52
C LYS A 4727 -34.75 16.21 49.78
N HIS A 4728 -35.16 16.79 50.91
CA HIS A 4728 -35.13 16.09 52.19
C HIS A 4728 -36.48 15.73 52.79
N GLY A 4729 -37.55 16.34 52.30
CA GLY A 4729 -38.87 16.18 52.93
C GLY A 4729 -39.43 14.77 52.89
N ASP A 4730 -39.26 14.08 51.76
CA ASP A 4730 -39.86 12.76 51.59
C ASP A 4730 -39.28 11.75 52.58
N ILE A 4731 -37.96 11.66 52.68
CA ILE A 4731 -37.34 10.71 53.60
C ILE A 4731 -37.58 11.12 55.05
N PHE A 4732 -37.37 12.40 55.38
CA PHE A 4732 -37.42 12.89 56.74
C PHE A 4732 -38.78 13.40 57.21
N GLY A 4733 -39.80 13.43 56.37
CA GLY A 4733 -41.12 13.81 56.85
C GLY A 4733 -41.42 15.22 56.38
N ARG A 4734 -42.33 15.33 55.41
CA ARG A 4734 -42.71 16.63 54.82
C ARG A 4734 -43.28 17.57 55.86
N GLU A 4735 -44.15 17.07 56.75
CA GLU A 4735 -44.79 17.90 57.75
C GLU A 4735 -43.74 18.46 58.71
N ARG A 4736 -42.76 17.62 59.07
CA ARG A 4736 -41.68 18.05 59.95
C ARG A 4736 -40.84 19.12 59.26
N ILE A 4737 -40.55 18.92 57.96
CA ILE A 4737 -39.71 19.89 57.25
C ILE A 4737 -40.44 21.23 57.16
N ALA A 4738 -41.75 21.18 56.86
CA ALA A 4738 -42.51 22.42 56.70
C ALA A 4738 -42.66 23.17 58.01
N GLU A 4739 -42.85 22.45 59.12
CA GLU A 4739 -42.91 23.12 60.43
C GLU A 4739 -41.57 23.74 60.78
N LEU A 4740 -40.46 23.03 60.48
CA LEU A 4740 -39.14 23.58 60.75
C LEU A 4740 -38.87 24.83 59.92
N LEU A 4741 -39.23 24.80 58.64
CA LEU A 4741 -38.94 25.91 57.74
C LEU A 4741 -40.08 26.89 57.62
N GLY A 4742 -41.07 26.80 58.51
CA GLY A 4742 -42.19 27.73 58.62
C GLY A 4742 -42.96 28.02 57.36
N MET A 4743 -43.47 26.99 56.70
CA MET A 4743 -44.15 27.15 55.43
C MET A 4743 -45.51 26.47 55.50
N ASP A 4744 -46.41 26.91 54.62
CA ASP A 4744 -47.77 26.36 54.55
C ASP A 4744 -47.83 25.30 53.46
N LEU A 4745 -48.28 24.10 53.83
CA LEU A 4745 -48.31 22.98 52.90
C LEU A 4745 -49.57 22.97 52.05
N ALA A 4746 -50.47 23.93 52.26
CA ALA A 4746 -51.67 24.10 51.45
C ALA A 4746 -51.58 25.36 50.60
N SER A 4747 -50.41 25.60 50.01
CA SER A 4747 -50.13 26.83 49.28
C SER A 4747 -49.98 26.60 47.78
N LEU A 4748 -50.58 25.52 47.26
CA LEU A 4748 -50.41 25.15 45.86
C LEU A 4748 -51.49 25.70 44.94
N GLU A 4749 -52.47 26.43 45.47
CA GLU A 4749 -53.59 26.93 44.68
C GLU A 4749 -53.16 28.00 43.69
N ASP A 4772 -41.21 41.53 60.88
CA ASP A 4772 -40.65 40.23 61.23
C ASP A 4772 -39.67 40.38 62.39
N VAL A 4773 -40.21 40.20 63.61
CA VAL A 4773 -39.43 40.43 64.83
C VAL A 4773 -38.27 39.45 64.91
N LYS A 4774 -38.53 38.17 64.61
CA LYS A 4774 -37.50 37.14 64.75
C LYS A 4774 -36.37 37.37 63.76
N TYR A 4775 -36.72 37.83 62.55
CA TYR A 4775 -35.73 38.17 61.55
C TYR A 4775 -34.87 39.33 62.01
N GLN A 4776 -35.50 40.43 62.44
CA GLN A 4776 -34.76 41.62 62.86
C GLN A 4776 -33.83 41.31 64.04
N ILE A 4777 -34.28 40.45 64.96
CA ILE A 4777 -33.45 40.00 66.08
C ILE A 4777 -32.22 39.24 65.58
N TRP A 4778 -32.42 38.33 64.62
CA TRP A 4778 -31.28 37.60 64.06
C TRP A 4778 -30.33 38.56 63.32
N LYS A 4779 -30.91 39.47 62.53
CA LYS A 4779 -30.13 40.41 61.72
C LYS A 4779 -29.27 41.28 62.62
N PHE A 4780 -29.87 41.77 63.72
CA PHE A 4780 -29.14 42.55 64.70
C PHE A 4780 -28.04 41.73 65.35
N GLY A 4781 -28.31 40.45 65.64
CA GLY A 4781 -27.31 39.63 66.30
C GLY A 4781 -26.09 39.45 65.42
N VAL A 4782 -26.32 39.27 64.12
CA VAL A 4782 -25.21 39.13 63.16
C VAL A 4782 -24.44 40.44 63.04
N ILE A 4783 -25.16 41.57 63.07
CA ILE A 4783 -24.49 42.88 63.04
C ILE A 4783 -23.66 43.06 64.30
N PHE A 4784 -24.24 42.72 65.46
CA PHE A 4784 -23.56 42.93 66.72
C PHE A 4784 -22.39 41.97 66.89
N THR A 4785 -22.31 40.92 66.06
CA THR A 4785 -21.16 40.05 66.11
C THR A 4785 -20.20 40.33 64.96
N ASP A 4786 -20.50 41.34 64.13
CA ASP A 4786 -19.60 41.70 63.04
C ASP A 4786 -18.39 42.43 63.61
N ASN A 4787 -17.19 42.03 63.20
CA ASN A 4787 -15.96 42.62 63.76
C ASN A 4787 -15.82 44.10 63.45
N SER A 4788 -16.08 44.51 62.20
CA SER A 4788 -15.88 45.91 61.84
C SER A 4788 -16.96 46.78 62.45
N PHE A 4789 -18.15 46.22 62.68
CA PHE A 4789 -19.19 46.98 63.35
C PHE A 4789 -18.78 47.25 64.78
N LEU A 4790 -18.15 46.26 65.41
CA LEU A 4790 -17.76 46.38 66.81
C LEU A 4790 -16.64 47.40 66.94
N TYR A 4791 -15.74 47.42 65.95
CA TYR A 4791 -14.70 48.44 65.92
C TYR A 4791 -15.30 49.84 65.77
N LEU A 4792 -16.27 50.00 64.86
CA LEU A 4792 -16.82 51.33 64.63
C LEU A 4792 -17.62 51.79 65.85
N GLY A 4793 -18.24 50.82 66.54
CA GLY A 4793 -18.98 51.13 67.76
C GLY A 4793 -18.06 51.57 68.88
N TRP A 4794 -16.94 50.86 69.05
CA TRP A 4794 -15.95 51.27 70.05
C TRP A 4794 -15.37 52.64 69.71
N TYR A 4795 -15.19 52.92 68.40
CA TYR A 4795 -14.75 54.23 67.95
C TYR A 4795 -15.73 55.32 68.36
N MET A 4796 -17.03 55.01 68.26
CA MET A 4796 -18.06 55.94 68.72
C MET A 4796 -18.00 56.10 70.24
N VAL A 4797 -17.84 55.01 70.98
CA VAL A 4797 -17.84 55.07 72.45
C VAL A 4797 -16.69 55.94 72.93
N MET A 4798 -15.50 55.75 72.34
CA MET A 4798 -14.34 56.55 72.72
C MET A 4798 -14.53 58.01 72.34
N SER A 4799 -15.20 58.28 71.20
CA SER A 4799 -15.55 59.65 70.83
C SER A 4799 -16.50 60.29 71.84
N LEU A 4800 -17.44 59.50 72.35
CA LEU A 4800 -18.38 60.00 73.36
C LEU A 4800 -17.68 60.26 74.68
N LEU A 4801 -16.77 59.36 75.07
CA LEU A 4801 -15.99 59.56 76.29
C LEU A 4801 -15.04 60.74 76.17
N GLY A 4802 -14.62 61.07 74.96
CA GLY A 4802 -13.74 62.22 74.79
C GLY A 4802 -14.37 63.54 75.19
N HIS A 4803 -15.71 63.62 75.16
CA HIS A 4803 -16.40 64.79 75.65
C HIS A 4803 -16.28 64.90 77.17
N TYR A 4804 -16.35 63.76 77.84
CA TYR A 4804 -16.14 63.67 79.29
C TYR A 4804 -14.73 64.10 79.66
N ASN A 4805 -13.75 63.28 79.31
CA ASN A 4805 -12.35 63.64 79.52
C ASN A 4805 -11.71 63.86 78.16
N ASN A 4806 -11.01 65.00 78.00
CA ASN A 4806 -10.51 65.34 76.67
C ASN A 4806 -9.35 64.47 76.23
N PHE A 4807 -8.79 63.65 77.13
CA PHE A 4807 -7.60 62.88 76.82
C PHE A 4807 -7.97 61.51 76.33
N PHE A 4808 -9.26 61.29 76.09
CA PHE A 4808 -9.78 60.06 75.53
C PHE A 4808 -9.87 60.15 74.02
N PHE A 4809 -9.38 61.25 73.45
CA PHE A 4809 -9.39 61.46 72.02
C PHE A 4809 -8.07 61.01 71.42
N ALA A 4810 -7.25 60.32 72.20
CA ALA A 4810 -5.98 59.79 71.77
C ALA A 4810 -6.08 58.32 71.47
N ALA A 4811 -7.26 57.74 71.67
CA ALA A 4811 -7.53 56.36 71.34
C ALA A 4811 -7.96 56.23 69.89
N HIS A 4812 -8.04 57.36 69.20
CA HIS A 4812 -8.51 57.43 67.84
C HIS A 4812 -7.33 57.53 66.90
N LEU A 4813 -6.13 57.60 67.46
CA LEU A 4813 -4.91 57.69 66.70
C LEU A 4813 -4.38 56.31 66.38
N LEU A 4814 -5.06 55.28 66.89
CA LEU A 4814 -4.72 53.90 66.62
C LEU A 4814 -5.50 53.38 65.44
N ASP A 4815 -6.23 54.26 64.77
CA ASP A 4815 -7.03 53.90 63.61
C ASP A 4815 -6.21 54.04 62.34
N ILE A 4816 -4.97 54.52 62.47
CA ILE A 4816 -4.06 54.65 61.35
C ILE A 4816 -3.73 53.28 60.75
N ALA A 4817 -3.63 52.26 61.61
CA ALA A 4817 -3.31 50.91 61.17
C ALA A 4817 -4.37 50.38 60.22
N MET A 4818 -5.64 50.53 60.59
CA MET A 4818 -6.73 50.17 59.69
C MET A 4818 -6.81 51.11 58.48
N GLY A 4819 -6.66 52.43 58.69
CA GLY A 4819 -6.87 53.37 57.60
C GLY A 4819 -5.85 53.31 56.47
N VAL A 4820 -4.56 53.27 56.77
CA VAL A 4820 -3.55 53.25 55.71
C VAL A 4820 -3.13 51.80 55.49
N LYS A 4821 -3.11 51.39 54.21
CA LYS A 4821 -2.80 50.01 53.86
C LYS A 4821 -1.35 49.64 54.13
N THR A 4822 -0.42 50.57 53.87
CA THR A 4822 1.00 50.28 54.04
C THR A 4822 1.34 50.00 55.50
N LEU A 4823 0.66 50.66 56.44
CA LEU A 4823 0.97 50.45 57.83
C LEU A 4823 0.44 49.08 58.25
N ARG A 4824 -0.63 48.63 57.60
CA ARG A 4824 -1.12 47.27 57.83
C ARG A 4824 -0.13 46.25 57.31
N THR A 4825 0.50 46.54 56.15
CA THR A 4825 1.54 45.65 55.64
C THR A 4825 2.75 45.58 56.56
N ILE A 4826 3.17 46.73 57.10
CA ILE A 4826 4.28 46.72 58.06
C ILE A 4826 3.89 45.97 59.33
N LEU A 4827 2.68 46.21 59.83
CA LEU A 4827 2.25 45.60 61.09
C LEU A 4827 1.99 44.10 60.93
N SER A 4828 1.62 43.67 59.72
CA SER A 4828 1.43 42.25 59.44
C SER A 4828 2.73 41.47 59.62
N SER A 4829 3.88 42.10 59.43
CA SER A 4829 5.13 41.43 59.77
C SER A 4829 5.20 41.14 61.26
N VAL A 4830 4.79 42.10 62.09
CA VAL A 4830 4.78 41.93 63.54
C VAL A 4830 3.78 40.85 63.95
N THR A 4831 2.64 40.80 63.27
CA THR A 4831 1.56 39.91 63.68
C THR A 4831 1.52 38.59 62.92
N HIS A 4832 2.42 38.39 61.96
CA HIS A 4832 2.49 37.11 61.27
C HIS A 4832 2.95 36.03 62.22
N ASN A 4833 3.98 36.32 63.01
CA ASN A 4833 4.61 35.38 63.92
C ASN A 4833 4.31 35.78 65.35
N GLY A 4834 3.09 36.31 65.56
CA GLY A 4834 2.72 36.85 66.86
C GLY A 4834 2.63 35.81 67.96
N LYS A 4835 2.09 34.61 67.63
CA LYS A 4835 2.00 33.57 68.64
C LYS A 4835 3.39 33.13 69.09
N GLN A 4836 4.32 33.04 68.14
CA GLN A 4836 5.70 32.69 68.46
C GLN A 4836 6.36 33.77 69.29
N LEU A 4837 6.05 35.04 69.00
CA LEU A 4837 6.56 36.14 69.81
C LEU A 4837 6.03 36.08 71.24
N VAL A 4838 4.77 35.74 71.41
CA VAL A 4838 4.20 35.60 72.75
C VAL A 4838 4.87 34.46 73.51
N MET A 4839 5.11 33.34 72.83
CA MET A 4839 5.81 32.24 73.47
C MET A 4839 7.27 32.55 73.80
N THR A 4840 8.01 33.27 72.94
CA THR A 4840 9.38 33.62 73.33
C THR A 4840 9.39 34.63 74.48
N VAL A 4841 8.38 35.51 74.57
CA VAL A 4841 8.29 36.45 75.69
C VAL A 4841 7.71 35.75 76.92
N GLY A 4842 7.26 34.52 76.79
CA GLY A 4842 6.84 33.79 77.95
C GLY A 4842 7.86 32.71 78.28
N LEU A 4843 8.88 32.61 77.44
CA LEU A 4843 10.04 31.76 77.71
C LEU A 4843 11.13 32.57 78.40
N LEU A 4844 11.16 33.86 78.09
CA LEU A 4844 12.08 34.79 78.74
C LEU A 4844 11.78 34.87 80.23
N ALA A 4845 10.49 34.89 80.57
CA ALA A 4845 10.05 34.95 81.96
C ALA A 4845 10.49 33.71 82.74
N VAL A 4846 10.42 32.54 82.11
CA VAL A 4846 10.88 31.31 82.75
C VAL A 4846 12.40 31.31 82.94
N VAL A 4847 13.15 31.81 81.96
CA VAL A 4847 14.61 31.83 82.12
C VAL A 4847 15.01 32.83 83.20
N VAL A 4848 14.34 33.99 83.25
CA VAL A 4848 14.59 34.96 84.29
C VAL A 4848 14.14 34.41 85.65
N TYR A 4849 13.16 33.50 85.65
CA TYR A 4849 12.77 32.84 86.88
C TYR A 4849 13.87 31.92 87.38
N LEU A 4850 14.53 31.18 86.47
CA LEU A 4850 15.58 30.28 86.93
C LEU A 4850 16.80 31.03 87.42
N TYR A 4851 16.97 32.25 86.92
CA TYR A 4851 18.08 33.07 87.39
C TYR A 4851 17.73 33.69 88.72
N THR A 4852 16.44 34.00 88.91
CA THR A 4852 15.98 34.47 90.20
C THR A 4852 16.16 33.40 91.26
N VAL A 4853 15.85 32.14 90.93
CA VAL A 4853 15.99 31.06 91.91
C VAL A 4853 17.45 30.89 92.32
N VAL A 4854 18.36 30.97 91.34
CA VAL A 4854 19.79 30.82 91.63
C VAL A 4854 20.32 32.01 92.44
N ALA A 4855 19.89 33.23 92.10
CA ALA A 4855 20.29 34.40 92.86
C ALA A 4855 19.76 34.37 94.28
N PHE A 4856 18.49 33.99 94.45
CA PHE A 4856 17.86 34.00 95.77
C PHE A 4856 18.52 32.97 96.68
N ASN A 4857 18.80 31.79 96.15
CA ASN A 4857 19.45 30.75 96.95
C ASN A 4857 20.91 31.06 97.26
N PHE A 4858 21.67 31.61 96.31
CA PHE A 4858 23.11 31.71 96.47
C PHE A 4858 23.74 33.09 96.42
N PHE A 4859 23.06 34.12 95.92
CA PHE A 4859 23.74 35.39 95.71
C PHE A 4859 22.99 36.57 96.30
N ARG A 4860 22.22 36.32 97.37
CA ARG A 4860 21.41 37.36 98.01
C ARG A 4860 22.20 38.53 98.57
N LYS A 4861 23.51 38.38 98.74
CA LYS A 4861 24.30 39.38 99.43
C LYS A 4861 24.70 40.54 98.52
N PHE A 4862 24.45 40.42 97.23
CA PHE A 4862 24.88 41.41 96.26
C PHE A 4862 23.75 42.33 95.83
N TYR A 4863 22.56 42.17 96.40
CA TYR A 4863 21.38 42.87 95.90
C TYR A 4863 20.94 43.99 96.83
N ASN A 4864 21.88 44.63 97.51
CA ASN A 4864 21.55 45.82 98.31
C ASN A 4864 21.59 47.04 97.39
N LYS A 4865 20.44 47.69 97.22
CA LYS A 4865 20.32 48.83 96.33
C LYS A 4865 20.20 50.15 97.08
N SER A 4866 20.62 50.18 98.34
CA SER A 4866 20.61 51.40 99.13
C SER A 4866 22.03 51.85 99.38
N GLU A 4867 22.32 53.09 98.98
CA GLU A 4867 23.65 53.65 99.23
C GLU A 4867 23.84 53.94 100.71
N ASP A 4868 22.74 54.22 101.41
CA ASP A 4868 22.75 54.50 102.85
C ASP A 4868 23.34 53.32 103.62
N GLU A 4869 24.31 53.62 104.50
CA GLU A 4869 25.01 52.57 105.21
C GLU A 4869 24.12 51.83 106.21
N ASP A 4870 23.40 52.58 107.06
CA ASP A 4870 22.60 51.92 108.08
C ASP A 4870 21.35 51.26 107.49
N GLU A 4871 20.66 51.95 106.58
CA GLU A 4871 19.42 51.33 106.13
C GLU A 4871 19.64 50.55 104.85
N PRO A 4872 19.29 49.27 104.82
CA PRO A 4872 19.45 48.50 103.58
C PRO A 4872 18.17 48.23 102.80
N ASP A 4873 18.22 48.50 101.50
CA ASP A 4873 17.14 48.15 100.59
C ASP A 4873 17.61 46.87 99.92
N MET A 4874 17.13 45.74 100.40
CA MET A 4874 17.58 44.45 99.90
C MET A 4874 16.54 43.97 98.90
N LYS A 4875 16.94 43.83 97.66
CA LYS A 4875 16.01 43.53 96.59
C LYS A 4875 15.87 42.05 96.33
N CYS A 4876 16.44 41.21 97.18
CA CYS A 4876 16.25 39.78 97.04
C CYS A 4876 16.04 39.13 98.39
N ASP A 4877 15.23 39.75 99.24
CA ASP A 4877 14.87 39.11 100.49
C ASP A 4877 13.47 38.54 100.42
N ASP A 4878 12.85 38.66 99.26
CA ASP A 4878 11.54 38.13 98.96
C ASP A 4878 11.63 37.69 97.52
N MET A 4879 11.04 36.55 97.20
CA MET A 4879 11.18 36.01 95.86
C MET A 4879 10.46 36.86 94.83
N MET A 4880 9.33 37.45 95.19
CA MET A 4880 8.63 38.34 94.26
C MET A 4880 9.41 39.61 94.01
N THR A 4881 10.04 40.17 95.05
CA THR A 4881 10.87 41.35 94.86
C THR A 4881 12.09 41.05 94.01
N CYS A 4882 12.71 39.88 94.19
CA CYS A 4882 13.83 39.49 93.33
C CYS A 4882 13.37 39.29 91.89
N TYR A 4883 12.21 38.66 91.69
CA TYR A 4883 11.73 38.39 90.34
C TYR A 4883 11.40 39.68 89.63
N LEU A 4884 10.81 40.64 90.35
CA LEU A 4884 10.49 41.94 89.77
C LEU A 4884 11.77 42.71 89.47
N PHE A 4885 12.80 42.54 90.30
CA PHE A 4885 14.09 43.16 90.06
C PHE A 4885 14.69 42.64 88.77
N HIS A 4886 14.81 41.32 88.66
CA HIS A 4886 15.44 40.69 87.49
C HIS A 4886 14.69 41.03 86.20
N MET A 4887 13.35 40.95 86.25
CA MET A 4887 12.52 41.23 85.09
C MET A 4887 12.56 42.69 84.69
N TYR A 4888 12.63 43.59 85.66
CA TYR A 4888 12.60 45.01 85.34
C TYR A 4888 14.01 45.49 85.00
N VAL A 4889 14.87 45.59 86.00
CA VAL A 4889 16.22 46.14 85.81
C VAL A 4889 17.09 45.27 84.88
N GLY A 4890 17.07 43.93 85.02
CA GLY A 4890 18.01 43.11 84.26
C GLY A 4890 17.73 43.06 82.76
N VAL A 4891 16.47 42.86 82.38
CA VAL A 4891 16.14 42.76 80.97
C VAL A 4891 16.36 44.12 80.30
N ARG A 4892 16.05 45.19 81.00
CA ARG A 4892 16.21 46.54 80.47
C ARG A 4892 17.63 47.06 80.59
N ALA A 4893 18.55 46.28 81.13
CA ALA A 4893 19.95 46.72 81.20
C ALA A 4893 20.77 46.08 80.10
N GLY A 4894 21.74 46.84 79.59
CA GLY A 4894 22.53 46.38 78.46
C GLY A 4894 23.46 45.25 78.81
N GLY A 4895 24.03 45.28 80.01
CA GLY A 4895 24.87 44.22 80.50
C GLY A 4895 24.15 43.19 81.31
N GLY A 4896 22.83 43.32 81.45
CA GLY A 4896 22.06 42.39 82.24
C GLY A 4896 22.11 42.75 83.71
N ILE A 4897 21.96 41.73 84.55
CA ILE A 4897 21.83 41.97 85.98
C ILE A 4897 23.15 42.40 86.61
N GLY A 4898 24.28 42.05 85.99
CA GLY A 4898 25.59 42.35 86.57
C GLY A 4898 25.84 43.82 86.70
N ASP A 4899 25.35 44.61 85.74
CA ASP A 4899 25.59 46.04 85.71
C ASP A 4899 24.96 46.71 86.93
N GLU A 4900 23.71 46.33 87.23
CA GLU A 4900 23.00 46.92 88.36
C GLU A 4900 23.49 46.41 89.70
N ILE A 4901 23.74 45.09 89.83
CA ILE A 4901 24.06 44.62 91.18
C ILE A 4901 25.52 44.87 91.53
N GLU A 4902 25.84 44.72 92.82
CA GLU A 4902 27.15 45.06 93.38
C GLU A 4902 28.27 44.19 92.80
N ASP A 4903 29.46 44.80 92.71
CA ASP A 4903 30.62 44.20 92.08
C ASP A 4903 31.09 42.95 92.82
N PRO A 4904 31.41 41.88 92.11
CA PRO A 4904 31.73 40.59 92.75
C PRO A 4904 33.16 40.41 93.23
N ALA A 4905 34.06 41.37 92.99
CA ALA A 4905 35.48 41.17 93.28
C ALA A 4905 35.74 40.99 94.77
N GLY A 4906 36.78 40.23 95.07
CA GLY A 4906 37.17 39.92 96.44
C GLY A 4906 36.14 39.16 97.25
N ASP A 4907 35.46 38.20 96.65
CA ASP A 4907 34.48 37.38 97.35
C ASP A 4907 34.74 35.91 97.05
N GLU A 4908 34.28 35.05 97.96
CA GLU A 4908 34.43 33.60 97.82
C GLU A 4908 33.69 33.06 96.60
N TYR A 4909 32.54 33.64 96.27
CA TYR A 4909 31.68 33.15 95.21
C TYR A 4909 31.82 33.98 93.95
N GLU A 4910 32.95 34.68 93.81
CA GLU A 4910 33.18 35.59 92.69
C GLU A 4910 33.09 34.88 91.36
N LEU A 4911 33.73 33.71 91.23
CA LEU A 4911 33.77 33.02 89.93
C LEU A 4911 32.40 32.48 89.56
N TYR A 4912 31.62 32.09 90.57
CA TYR A 4912 30.25 31.67 90.32
C TYR A 4912 29.43 32.85 89.85
N ARG A 4913 29.72 34.04 90.37
CA ARG A 4913 28.94 35.20 90.00
C ARG A 4913 29.31 35.73 88.62
N VAL A 4914 30.58 35.60 88.21
CA VAL A 4914 30.95 35.93 86.83
C VAL A 4914 30.27 34.98 85.85
N VAL A 4915 30.24 33.68 86.16
CA VAL A 4915 29.52 32.74 85.28
C VAL A 4915 28.03 33.05 85.26
N PHE A 4916 27.47 33.45 86.41
CA PHE A 4916 26.05 33.84 86.49
C PHE A 4916 25.73 35.03 85.59
N ASP A 4917 26.59 36.06 85.62
CA ASP A 4917 26.35 37.24 84.80
C ASP A 4917 26.58 36.98 83.32
N ILE A 4918 27.65 36.26 82.96
CA ILE A 4918 27.92 35.98 81.55
C ILE A 4918 26.85 35.10 80.93
N THR A 4919 26.38 34.07 81.65
CA THR A 4919 25.30 33.25 81.13
C THR A 4919 23.98 34.02 81.04
N PHE A 4920 23.70 34.89 82.02
CA PHE A 4920 22.51 35.74 81.95
C PHE A 4920 22.59 36.64 80.72
N PHE A 4921 23.76 37.25 80.49
CA PHE A 4921 23.94 38.17 79.37
C PHE A 4921 23.71 37.44 78.05
N PHE A 4922 24.39 36.30 77.86
CA PHE A 4922 24.32 35.60 76.58
C PHE A 4922 22.93 35.03 76.33
N PHE A 4923 22.35 34.33 77.32
CA PHE A 4923 21.07 33.68 77.12
C PHE A 4923 19.90 34.66 77.03
N VAL A 4924 19.91 35.72 77.85
CA VAL A 4924 18.74 36.59 77.84
C VAL A 4924 18.91 37.81 76.94
N ILE A 4925 19.92 38.62 77.22
CA ILE A 4925 20.13 39.88 76.48
C ILE A 4925 20.46 39.62 75.02
N VAL A 4926 21.28 38.62 74.74
CA VAL A 4926 21.76 38.39 73.39
C VAL A 4926 20.93 37.42 72.55
N ILE A 4927 20.76 36.18 73.02
CA ILE A 4927 20.06 35.17 72.23
C ILE A 4927 18.56 35.44 72.14
N LEU A 4928 17.90 35.75 73.26
CA LEU A 4928 16.44 35.87 73.24
C LEU A 4928 15.98 37.10 72.48
N LEU A 4929 16.72 38.20 72.56
CA LEU A 4929 16.35 39.36 71.78
C LEU A 4929 16.65 39.14 70.31
N ALA A 4930 17.64 38.30 70.02
CA ALA A 4930 17.90 37.93 68.64
C ALA A 4930 16.77 37.08 68.10
N ILE A 4931 16.18 36.23 68.93
CA ILE A 4931 15.01 35.46 68.51
C ILE A 4931 13.82 36.39 68.25
N ILE A 4932 13.66 37.43 69.10
CA ILE A 4932 12.59 38.41 68.94
C ILE A 4932 12.78 39.25 67.68
N GLN A 4933 14.00 39.34 67.17
CA GLN A 4933 14.23 40.16 65.98
C GLN A 4933 14.36 39.33 64.71
N GLY A 4934 14.88 38.11 64.85
CA GLY A 4934 14.86 37.13 63.78
C GLY A 4934 13.49 36.68 63.38
N LEU A 4935 12.52 36.76 64.29
CA LEU A 4935 11.15 36.42 63.92
C LEU A 4935 10.54 37.49 63.02
N ILE A 4936 10.74 38.76 63.35
CA ILE A 4936 10.34 39.86 62.47
C ILE A 4936 11.07 39.81 61.13
N ILE A 4937 12.38 39.58 61.16
CA ILE A 4937 13.18 39.55 59.93
C ILE A 4937 12.74 38.39 59.04
N ASP A 4938 12.45 37.24 59.65
CA ASP A 4938 11.93 36.11 58.89
C ASP A 4938 10.57 36.43 58.30
N ALA A 4939 9.70 37.09 59.08
CA ALA A 4939 8.34 37.36 58.62
C ALA A 4939 8.34 38.25 57.38
N PHE A 4940 9.27 39.21 57.34
CA PHE A 4940 9.38 40.10 56.17
C PHE A 4940 9.72 39.31 54.90
N GLY A 4941 10.64 38.37 55.04
CA GLY A 4941 11.04 37.53 53.91
C GLY A 4941 9.93 36.58 53.49
N GLU A 4942 9.20 36.04 54.47
CA GLU A 4942 8.09 35.16 54.15
C GLU A 4942 7.01 35.92 53.38
N LEU A 4943 6.69 37.14 53.81
CA LEU A 4943 5.63 37.89 53.15
C LEU A 4943 6.04 38.24 51.73
N ARG A 4944 7.35 38.53 51.52
CA ARG A 4944 7.85 38.78 50.19
C ARG A 4944 7.73 37.53 49.31
N ASP A 4945 8.10 36.38 49.88
CA ASP A 4945 8.06 35.13 49.13
C ASP A 4945 6.63 34.79 48.74
N GLN A 4946 5.67 35.09 49.61
CA GLN A 4946 4.26 34.85 49.30
C GLN A 4946 3.80 35.70 48.12
N GLN A 4947 4.15 37.00 48.10
CA GLN A 4947 3.79 37.83 46.95
C GLN A 4947 4.46 37.33 45.67
N GLU A 4948 5.74 36.98 45.76
CA GLU A 4948 6.48 36.54 44.57
C GLU A 4948 5.87 35.25 44.01
N GLN A 4949 5.55 34.30 44.91
CA GLN A 4949 4.96 33.04 44.49
C GLN A 4949 3.60 33.22 43.83
N VAL A 4950 2.79 34.16 44.36
CA VAL A 4950 1.51 34.48 43.75
C VAL A 4950 1.71 35.07 42.35
N LYS A 4951 2.67 35.98 42.20
CA LYS A 4951 2.94 36.62 40.92
C LYS A 4951 3.44 35.60 39.90
N GLU A 4952 4.33 34.72 40.34
CA GLU A 4952 4.89 33.68 39.48
C GLU A 4952 3.82 32.70 39.02
N ASP A 4953 2.92 32.30 39.93
CA ASP A 4953 1.84 31.40 39.52
C ASP A 4953 0.91 32.11 38.55
N MET A 4954 0.64 33.40 38.77
CA MET A 4954 -0.31 34.09 37.92
C MET A 4954 0.33 34.57 36.62
N GLU A 4955 1.62 34.31 36.42
CA GLU A 4955 2.24 34.62 35.14
C GLU A 4955 2.84 33.39 34.50
N THR A 4956 2.66 32.22 35.12
CA THR A 4956 3.13 30.96 34.55
C THR A 4956 2.02 29.94 34.38
N LYS A 4957 0.81 30.21 34.87
CA LYS A 4957 -0.27 29.24 34.79
C LYS A 4957 -1.56 29.99 34.52
N CYS A 4958 -2.53 29.28 33.95
CA CYS A 4958 -3.83 29.87 33.73
C CYS A 4958 -4.72 29.50 34.91
N PHE A 4959 -5.45 30.49 35.42
CA PHE A 4959 -6.27 30.28 36.60
C PHE A 4959 -7.39 29.28 36.32
N ILE A 4960 -8.15 29.54 35.25
CA ILE A 4960 -9.34 28.74 34.94
C ILE A 4960 -9.01 27.30 34.57
N CYS A 4961 -7.97 27.07 33.77
CA CYS A 4961 -7.74 25.73 33.25
C CYS A 4961 -6.43 25.08 33.66
N GLY A 4962 -5.55 25.78 34.36
CA GLY A 4962 -4.30 25.22 34.88
C GLY A 4962 -3.39 24.61 33.84
N ILE A 4963 -3.27 25.24 32.68
CA ILE A 4963 -2.33 24.85 31.65
C ILE A 4963 -1.22 25.89 31.61
N GLY A 4964 0.03 25.43 31.52
CA GLY A 4964 1.16 26.31 31.61
C GLY A 4964 1.29 27.23 30.42
N SER A 4965 2.00 28.34 30.64
CA SER A 4965 2.23 29.34 29.60
C SER A 4965 3.04 28.81 28.42
N ASP A 4966 3.79 27.72 28.62
CA ASP A 4966 4.65 27.16 27.59
C ASP A 4966 3.84 26.73 26.36
N TYR A 4967 2.74 26.03 26.58
CA TYR A 4967 1.91 25.55 25.48
C TYR A 4967 1.31 26.72 24.71
N PHE A 4968 0.78 27.70 25.43
CA PHE A 4968 0.08 28.80 24.78
C PHE A 4968 1.05 29.75 24.09
N ASP A 4969 2.29 29.81 24.55
CA ASP A 4969 3.22 30.80 24.06
C ASP A 4969 3.92 30.42 22.77
N THR A 4970 3.60 29.26 22.16
CA THR A 4970 4.16 28.97 20.85
C THR A 4970 3.70 30.00 19.84
N THR A 4971 2.43 30.38 19.89
CA THR A 4971 1.92 31.48 19.11
C THR A 4971 2.38 32.77 19.78
N PRO A 4972 2.70 33.82 19.02
CA PRO A 4972 3.09 35.10 19.66
C PRO A 4972 1.97 35.68 20.51
N HIS A 4973 2.32 36.03 21.75
CA HIS A 4973 1.40 36.61 22.76
C HIS A 4973 0.25 35.65 23.09
N GLY A 4974 0.53 34.35 23.00
CA GLY A 4974 -0.52 33.35 23.19
C GLY A 4974 -1.08 33.34 24.59
N PHE A 4975 -0.19 33.42 25.60
CA PHE A 4975 -0.66 33.35 26.98
C PHE A 4975 -1.52 34.58 27.28
N GLU A 4976 -1.13 35.73 26.70
CA GLU A 4976 -1.86 36.96 26.93
C GLU A 4976 -3.27 36.84 26.35
N THR A 4977 -3.37 36.25 25.14
CA THR A 4977 -4.68 36.07 24.51
C THR A 4977 -5.52 35.10 25.31
N HIS A 4978 -4.91 34.01 25.81
CA HIS A 4978 -5.64 33.02 26.59
C HIS A 4978 -6.16 33.64 27.88
N THR A 4979 -5.36 34.47 28.53
CA THR A 4979 -5.75 35.00 29.83
C THR A 4979 -6.60 36.26 29.71
N LEU A 4980 -6.72 36.82 28.52
CA LEU A 4980 -7.49 38.04 28.32
C LEU A 4980 -8.79 37.83 27.57
N GLU A 4981 -8.86 36.82 26.70
CA GLU A 4981 -10.05 36.57 25.90
C GLU A 4981 -10.66 35.21 26.19
N GLU A 4982 -9.93 34.12 25.91
CA GLU A 4982 -10.46 32.76 26.01
C GLU A 4982 -10.88 32.39 27.43
N HIS A 4983 -10.03 32.66 28.42
CA HIS A 4983 -10.32 32.23 29.78
C HIS A 4983 -10.17 33.42 30.73
N ASN A 4984 -11.12 34.35 30.68
CA ASN A 4984 -11.02 35.57 31.46
C ASN A 4984 -11.92 35.47 32.69
N LEU A 4985 -11.31 35.66 33.87
CA LEU A 4985 -12.04 35.48 35.12
C LEU A 4985 -13.15 36.51 35.25
N ALA A 4986 -12.95 37.71 34.68
CA ALA A 4986 -14.00 38.72 34.66
C ALA A 4986 -15.17 38.22 33.82
N ASN A 4987 -14.85 37.57 32.69
CA ASN A 4987 -15.88 37.12 31.76
C ASN A 4987 -16.76 36.06 32.40
N TYR A 4988 -16.16 35.20 33.23
CA TYR A 4988 -16.99 34.18 33.88
C TYR A 4988 -17.94 34.79 34.91
N MET A 4989 -17.53 35.91 35.52
CA MET A 4989 -18.43 36.59 36.45
C MET A 4989 -19.54 37.29 35.67
N PHE A 4990 -19.20 37.82 34.51
CA PHE A 4990 -20.18 38.56 33.71
C PHE A 4990 -21.21 37.58 33.17
N PHE A 4991 -20.76 36.37 32.83
CA PHE A 4991 -21.68 35.32 32.41
C PHE A 4991 -22.60 34.93 33.54
N LEU A 4992 -22.05 34.74 34.76
CA LEU A 4992 -22.89 34.32 35.88
C LEU A 4992 -23.93 35.39 36.19
N MET A 4993 -23.53 36.67 36.07
CA MET A 4993 -24.45 37.79 36.27
C MET A 4993 -25.54 37.77 35.22
N TYR A 4994 -25.15 37.43 33.98
CA TYR A 4994 -26.08 37.33 32.87
C TYR A 4994 -27.12 36.25 33.12
N LEU A 4995 -26.68 35.06 33.57
CA LEU A 4995 -27.60 33.97 33.82
C LEU A 4995 -28.55 34.32 34.96
N ILE A 4996 -28.01 34.86 36.06
CA ILE A 4996 -28.81 35.17 37.24
C ILE A 4996 -29.86 36.22 36.91
N ASN A 4997 -29.46 37.27 36.18
CA ASN A 4997 -30.40 38.32 35.81
C ASN A 4997 -31.43 37.84 34.79
N LYS A 4998 -31.00 37.02 33.83
CA LYS A 4998 -31.88 36.54 32.77
C LYS A 4998 -32.99 35.65 33.29
N ASP A 4999 -34.18 35.83 32.72
CA ASP A 4999 -35.33 35.01 33.11
C ASP A 4999 -35.10 33.57 32.68
N GLU A 5000 -35.46 32.63 33.55
CA GLU A 5000 -35.14 31.22 33.35
C GLU A 5000 -35.80 30.66 32.09
N THR A 5001 -37.02 31.11 31.78
CA THR A 5001 -37.75 30.65 30.61
C THR A 5001 -37.03 30.99 29.31
N GLU A 5002 -36.38 32.14 29.26
CA GLU A 5002 -35.76 32.62 28.04
C GLU A 5002 -34.40 32.01 27.76
N HIS A 5003 -33.89 31.18 28.66
CA HIS A 5003 -32.54 30.62 28.54
C HIS A 5003 -32.43 29.71 27.31
N THR A 5004 -31.25 29.73 26.69
CA THR A 5004 -30.96 28.83 25.58
C THR A 5004 -30.52 27.49 26.14
N GLY A 5005 -30.23 26.53 25.26
CA GLY A 5005 -29.95 25.17 25.71
C GLY A 5005 -28.64 25.08 26.50
N GLN A 5006 -27.60 25.75 26.01
CA GLN A 5006 -26.32 25.76 26.70
C GLN A 5006 -26.43 26.55 27.99
N GLU A 5007 -27.18 27.66 27.95
CA GLU A 5007 -27.36 28.47 29.15
C GLU A 5007 -28.13 27.68 30.20
N SER A 5008 -29.10 26.86 29.77
CA SER A 5008 -29.87 26.06 30.71
C SER A 5008 -29.01 24.93 31.27
N TYR A 5009 -28.04 24.47 30.49
CA TYR A 5009 -27.10 23.46 30.95
C TYR A 5009 -26.23 24.02 32.07
N VAL A 5010 -25.71 25.23 31.85
CA VAL A 5010 -24.88 25.86 32.87
C VAL A 5010 -25.74 26.22 34.08
N TRP A 5011 -26.96 26.70 33.83
CA TRP A 5011 -27.86 27.12 34.90
C TRP A 5011 -28.17 25.94 35.81
N LYS A 5012 -28.44 24.77 35.22
CA LYS A 5012 -28.79 23.59 35.99
C LYS A 5012 -27.60 23.14 36.81
N MET A 5013 -26.42 23.15 36.19
CA MET A 5013 -25.21 22.71 36.89
C MET A 5013 -24.89 23.66 38.02
N TYR A 5014 -25.14 24.96 37.82
CA TYR A 5014 -24.91 25.94 38.89
C TYR A 5014 -25.87 25.71 40.03
N GLN A 5015 -27.18 25.56 39.72
CA GLN A 5015 -28.19 25.39 40.75
C GLN A 5015 -27.97 24.11 41.54
N GLU A 5016 -27.28 23.13 40.95
CA GLU A 5016 -26.99 21.89 41.65
C GLU A 5016 -25.54 21.83 42.11
N ARG A 5017 -24.81 22.95 41.98
CA ARG A 5017 -23.43 23.13 42.45
C ARG A 5017 -22.48 22.05 41.91
N CYS A 5018 -22.59 21.78 40.61
CA CYS A 5018 -21.68 20.88 39.94
C CYS A 5018 -20.73 21.73 39.11
N TRP A 5019 -19.50 21.86 39.57
CA TRP A 5019 -18.50 22.69 38.91
C TRP A 5019 -17.71 21.91 37.88
N ASP A 5020 -18.41 21.28 36.96
CA ASP A 5020 -17.78 20.45 35.95
C ASP A 5020 -17.82 21.12 34.59
N PHE A 5021 -18.50 22.27 34.48
CA PHE A 5021 -18.48 22.98 33.22
C PHE A 5021 -17.24 23.82 33.05
N PHE A 5022 -16.42 23.93 34.10
CA PHE A 5022 -15.26 24.80 34.04
C PHE A 5022 -14.12 24.01 33.42
N PRO A 5023 -13.53 24.46 32.31
CA PRO A 5023 -12.49 23.68 31.64
C PRO A 5023 -11.30 23.43 32.55
N ALA A 5024 -10.91 22.18 32.69
CA ALA A 5024 -9.71 21.82 33.45
C ALA A 5024 -8.87 20.90 32.60
N GLY A 5025 -7.64 21.32 32.29
CA GLY A 5025 -6.77 20.51 31.48
C GLY A 5025 -7.00 20.65 30.00
N ASP A 5026 -8.01 21.41 29.58
CA ASP A 5026 -8.35 21.53 28.17
C ASP A 5026 -8.75 22.95 27.83
N CYS A 5027 -8.55 23.30 26.57
CA CYS A 5027 -8.91 24.59 26.02
C CYS A 5027 -9.42 24.36 24.60
N PHE A 5028 -10.08 25.38 24.06
CA PHE A 5028 -10.59 25.32 22.69
C PHE A 5028 -9.45 25.08 21.71
N ARG A 5029 -8.31 25.75 21.96
CA ARG A 5029 -7.12 25.62 21.12
C ARG A 5029 -6.62 24.20 21.11
N LYS A 5030 -6.56 23.59 22.31
CA LYS A 5030 -6.04 22.23 22.45
C LYS A 5030 -6.97 21.23 21.81
N GLN A 5031 -8.28 21.42 21.99
CA GLN A 5031 -9.23 20.44 21.47
C GLN A 5031 -9.22 20.47 19.95
N TYR A 5032 -9.25 21.67 19.37
CA TYR A 5032 -9.34 21.78 17.92
C TYR A 5032 -8.01 22.17 17.30
N GLU A 5033 -6.89 21.74 17.89
CA GLU A 5033 -5.57 22.18 17.43
C GLU A 5033 -5.25 21.73 16.01
N ASP A 5034 -5.56 20.47 15.68
CA ASP A 5034 -5.20 19.91 14.36
C ASP A 5034 -5.95 20.62 13.24
N GLN A 5035 -7.26 20.81 13.42
CA GLN A 5035 -8.06 21.50 12.42
C GLN A 5035 -7.70 22.98 12.33
N LEU A 5036 -7.55 23.66 13.48
CA LEU A 5036 -7.24 25.09 13.48
C LEU A 5036 -5.86 25.36 12.91
N SER A 5037 -4.89 24.53 13.27
CA SER A 5037 -3.51 24.71 12.85
C SER A 5037 -2.91 23.41 12.34
N VAL B 11 -23.39 18.01 -7.26
CA VAL B 11 -24.09 19.26 -6.96
C VAL B 11 -24.23 20.01 -8.29
N GLN B 12 -23.27 20.92 -8.55
CA GLN B 12 -23.14 21.65 -9.81
C GLN B 12 -24.39 22.47 -10.15
N PHE B 13 -24.69 23.45 -9.30
CA PHE B 13 -25.81 24.35 -9.58
C PHE B 13 -25.45 25.31 -10.71
N LEU B 14 -26.44 25.57 -11.57
CA LEU B 14 -26.25 26.50 -12.67
C LEU B 14 -26.21 27.94 -12.16
N ARG B 15 -25.70 28.83 -13.01
CA ARG B 15 -25.53 30.23 -12.64
C ARG B 15 -25.48 31.06 -13.91
N THR B 16 -25.67 32.37 -13.75
CA THR B 16 -25.52 33.28 -14.88
C THR B 16 -24.06 33.31 -15.32
N ASP B 17 -23.86 33.65 -16.60
CA ASP B 17 -22.59 33.70 -17.34
C ASP B 17 -21.99 32.32 -17.58
N ASP B 18 -22.58 31.25 -17.05
CA ASP B 18 -22.16 29.92 -17.42
C ASP B 18 -22.65 29.59 -18.82
N GLU B 19 -21.94 28.68 -19.48
CA GLU B 19 -22.23 28.32 -20.85
C GLU B 19 -22.99 27.00 -20.90
N VAL B 20 -24.15 26.99 -21.57
CA VAL B 20 -25.03 25.82 -21.60
C VAL B 20 -25.44 25.52 -23.05
N VAL B 21 -26.10 24.37 -23.22
CA VAL B 21 -26.68 23.98 -24.50
C VAL B 21 -28.05 23.37 -24.25
N LEU B 22 -29.02 23.69 -25.11
CA LEU B 22 -30.37 23.14 -25.02
C LEU B 22 -30.47 21.84 -25.81
N GLN B 23 -31.09 20.84 -25.18
CA GLN B 23 -31.04 19.45 -25.63
C GLN B 23 -32.37 18.73 -25.43
N CYS B 24 -32.93 18.20 -26.50
CA CYS B 24 -34.01 17.23 -26.41
C CYS B 24 -33.49 15.82 -26.66
N SER B 25 -34.33 14.84 -26.32
CA SER B 25 -34.07 13.43 -26.63
C SER B 25 -35.34 12.92 -27.30
N ALA B 26 -35.42 13.10 -28.61
CA ALA B 26 -36.60 12.72 -29.36
C ALA B 26 -36.56 11.23 -29.73
N THR B 27 -37.70 10.75 -30.23
CA THR B 27 -37.86 9.36 -30.63
C THR B 27 -38.42 9.30 -32.04
N VAL B 28 -37.63 8.78 -32.97
CA VAL B 28 -38.07 8.55 -34.34
C VAL B 28 -37.63 7.14 -34.73
N LEU B 29 -38.55 6.40 -35.38
CA LEU B 29 -38.30 5.07 -35.97
C LEU B 29 -37.75 4.07 -34.95
N LYS B 30 -38.24 4.16 -33.71
CA LYS B 30 -37.91 3.26 -32.59
C LYS B 30 -36.41 3.33 -32.25
N GLU B 31 -35.98 4.56 -31.94
CA GLU B 31 -34.69 4.82 -31.33
C GLU B 31 -34.74 6.19 -30.67
N GLN B 32 -33.81 6.40 -29.75
CA GLN B 32 -33.75 7.60 -28.91
C GLN B 32 -32.58 8.45 -29.36
N LEU B 33 -32.86 9.44 -30.22
CA LEU B 33 -31.79 10.32 -30.67
C LEU B 33 -31.77 11.59 -29.82
N LYS B 34 -30.59 12.20 -29.77
CA LYS B 34 -30.36 13.39 -28.97
C LYS B 34 -30.23 14.58 -29.92
N LEU B 35 -30.90 15.67 -29.61
CA LEU B 35 -30.94 16.85 -30.47
C LEU B 35 -30.54 18.08 -29.66
N CYS B 36 -30.08 19.10 -30.37
CA CYS B 36 -29.69 20.35 -29.75
C CYS B 36 -30.14 21.50 -30.61
N LEU B 37 -30.41 22.64 -29.97
CA LEU B 37 -30.71 23.84 -30.74
C LEU B 37 -29.46 24.42 -31.39
N ALA B 38 -29.61 24.89 -32.63
CA ALA B 38 -28.53 25.54 -33.34
C ALA B 38 -29.12 26.51 -34.36
N ALA B 39 -28.47 27.66 -34.52
CA ALA B 39 -28.88 28.67 -35.48
C ALA B 39 -27.68 29.55 -35.78
N GLU B 40 -27.39 29.75 -37.08
CA GLU B 40 -26.26 30.57 -37.47
C GLU B 40 -26.44 32.03 -37.08
N GLY B 41 -27.63 32.58 -37.36
CA GLY B 41 -27.92 33.97 -37.06
C GLY B 41 -27.58 34.94 -38.17
N PHE B 42 -26.41 34.80 -38.77
CA PHE B 42 -26.01 35.65 -39.90
C PHE B 42 -26.58 35.06 -41.18
N GLY B 43 -27.69 35.62 -41.64
CA GLY B 43 -28.34 35.17 -42.84
C GLY B 43 -29.47 34.19 -42.60
N ASN B 44 -29.52 33.57 -41.43
CA ASN B 44 -30.58 32.64 -41.08
C ASN B 44 -30.91 32.85 -39.61
N ARG B 45 -31.95 33.63 -39.35
CA ARG B 45 -32.36 33.91 -37.97
C ARG B 45 -33.06 32.72 -37.34
N LEU B 46 -33.77 31.93 -38.14
CA LEU B 46 -34.57 30.82 -37.64
C LEU B 46 -33.67 29.70 -37.10
N CYS B 47 -34.18 29.01 -36.09
CA CYS B 47 -33.45 27.95 -35.43
C CYS B 47 -33.72 26.60 -36.12
N PHE B 48 -32.89 25.63 -35.76
CA PHE B 48 -33.01 24.27 -36.26
C PHE B 48 -32.34 23.33 -35.26
N LEU B 49 -32.47 22.04 -35.53
CA LEU B 49 -31.99 20.99 -34.64
C LEU B 49 -30.80 20.29 -35.26
N GLU B 50 -29.71 20.20 -34.51
CA GLU B 50 -28.54 19.47 -34.96
C GLU B 50 -28.37 18.22 -34.12
N PRO B 51 -28.63 17.03 -34.68
CA PRO B 51 -28.53 15.79 -33.88
C PRO B 51 -27.10 15.56 -33.39
N THR B 52 -26.99 15.03 -32.17
CA THR B 52 -25.70 14.76 -31.57
C THR B 52 -25.58 13.36 -30.99
N SER B 53 -26.58 12.50 -31.19
CA SER B 53 -26.51 11.12 -30.69
C SER B 53 -25.40 10.34 -31.38
N ASN B 54 -25.28 10.50 -32.69
CA ASN B 54 -24.25 9.80 -33.48
C ASN B 54 -22.95 10.59 -33.38
N ALA B 55 -22.35 10.53 -32.21
CA ALA B 55 -21.14 11.29 -31.88
C ALA B 55 -19.85 10.61 -32.28
N GLN B 56 -19.92 9.42 -32.89
CA GLN B 56 -18.72 8.69 -33.29
C GLN B 56 -18.51 8.66 -34.80
N ASN B 57 -19.56 8.37 -35.57
CA ASN B 57 -19.44 8.34 -37.02
C ASN B 57 -19.21 9.74 -37.58
N VAL B 58 -20.00 10.71 -37.11
CA VAL B 58 -19.87 12.10 -37.54
C VAL B 58 -19.74 13.01 -36.32
N PRO B 59 -18.67 13.80 -36.21
CA PRO B 59 -18.57 14.75 -35.11
C PRO B 59 -19.68 15.78 -35.19
N PRO B 60 -20.17 16.26 -34.06
CA PRO B 60 -21.28 17.21 -34.07
C PRO B 60 -20.81 18.61 -34.45
N ASP B 61 -21.76 19.52 -34.54
CA ASP B 61 -21.51 20.92 -34.89
C ASP B 61 -21.88 21.77 -33.68
N LEU B 62 -20.94 21.93 -32.76
CA LEU B 62 -21.16 22.71 -31.56
C LEU B 62 -20.69 24.16 -31.69
N ALA B 63 -20.24 24.56 -32.88
CA ALA B 63 -19.87 25.95 -33.10
C ALA B 63 -21.08 26.88 -33.06
N ILE B 64 -22.27 26.37 -33.31
CA ILE B 64 -23.48 27.17 -33.35
C ILE B 64 -24.52 26.74 -32.34
N CYS B 65 -24.33 25.61 -31.65
CA CYS B 65 -25.23 25.17 -30.60
C CYS B 65 -25.00 25.88 -29.27
N CYS B 66 -24.00 26.74 -29.18
CA CYS B 66 -23.61 27.32 -27.91
C CYS B 66 -24.54 28.46 -27.50
N PHE B 67 -25.02 28.42 -26.25
CA PHE B 67 -25.87 29.47 -25.70
C PHE B 67 -25.39 29.92 -24.33
N THR B 68 -25.41 31.22 -24.10
CA THR B 68 -24.91 31.83 -22.88
C THR B 68 -26.06 32.44 -22.10
N LEU B 69 -26.02 32.26 -20.78
CA LEU B 69 -27.03 32.79 -19.87
C LEU B 69 -26.60 34.18 -19.44
N GLU B 70 -27.25 35.22 -19.96
CA GLU B 70 -26.81 36.57 -19.62
C GLU B 70 -27.39 37.02 -18.28
N GLN B 71 -28.71 37.07 -18.16
CA GLN B 71 -29.36 37.55 -16.95
C GLN B 71 -30.46 36.59 -16.54
N SER B 72 -30.61 36.40 -15.23
CA SER B 72 -31.69 35.59 -14.69
C SER B 72 -32.44 36.43 -13.66
N LEU B 73 -33.73 36.63 -13.87
CA LEU B 73 -34.55 37.46 -13.02
C LEU B 73 -35.88 36.78 -12.77
N SER B 74 -36.51 37.11 -11.66
CA SER B 74 -37.85 36.61 -11.42
C SER B 74 -38.84 37.32 -12.35
N VAL B 75 -39.97 36.65 -12.59
CA VAL B 75 -40.97 37.11 -13.56
C VAL B 75 -41.52 38.48 -13.19
N ARG B 76 -41.81 38.68 -11.91
CA ARG B 76 -42.40 39.96 -11.49
C ARG B 76 -41.37 41.08 -11.55
N ALA B 77 -40.15 40.83 -11.07
CA ALA B 77 -39.08 41.82 -11.13
C ALA B 77 -38.67 42.16 -12.54
N LEU B 78 -38.91 41.26 -13.49
CA LEU B 78 -38.65 41.53 -14.91
C LEU B 78 -39.51 42.67 -15.44
N GLN B 79 -40.72 42.82 -14.88
CA GLN B 79 -41.67 43.82 -15.34
C GLN B 79 -41.14 45.24 -15.17
N GLU B 80 -40.59 45.55 -13.99
CA GLU B 80 -40.09 46.90 -13.73
C GLU B 80 -38.92 47.24 -14.64
N MET B 81 -38.01 46.28 -14.84
CA MET B 81 -36.88 46.49 -15.74
C MET B 81 -37.34 46.73 -17.17
N LEU B 82 -38.34 45.96 -17.62
CA LEU B 82 -38.90 46.18 -18.95
C LEU B 82 -39.59 47.54 -19.04
N ALA B 83 -40.30 47.93 -17.97
CA ALA B 83 -41.02 49.20 -17.96
C ALA B 83 -40.06 50.38 -18.05
N ASN B 84 -38.95 50.33 -17.32
CA ASN B 84 -37.98 51.41 -17.34
C ASN B 84 -37.03 51.27 -18.53
N HIS B 98 -23.03 37.24 -10.95
CA HIS B 98 -23.14 35.79 -10.91
C HIS B 98 -24.28 35.33 -10.00
N ARG B 99 -25.50 35.47 -10.49
CA ARG B 99 -26.69 35.06 -9.74
C ARG B 99 -27.01 33.61 -10.08
N THR B 100 -27.26 32.81 -9.05
CA THR B 100 -27.64 31.42 -9.25
C THR B 100 -29.01 31.33 -9.91
N LEU B 101 -29.15 30.42 -10.86
CA LEU B 101 -30.41 30.22 -11.54
C LEU B 101 -31.43 29.60 -10.60
N LEU B 102 -32.60 30.23 -10.49
CA LEU B 102 -33.67 29.78 -9.62
C LEU B 102 -34.87 29.36 -10.47
N TYR B 103 -35.59 28.34 -9.99
CA TYR B 103 -36.77 27.86 -10.69
C TYR B 103 -37.84 28.93 -10.75
N GLY B 104 -38.53 29.00 -11.88
CA GLY B 104 -39.53 30.02 -12.11
C GLY B 104 -39.00 31.38 -12.48
N HIS B 105 -37.68 31.52 -12.67
CA HIS B 105 -37.12 32.80 -13.07
C HIS B 105 -37.25 32.99 -14.58
N ALA B 106 -36.80 34.15 -15.06
CA ALA B 106 -36.76 34.48 -16.47
C ALA B 106 -35.30 34.63 -16.90
N ILE B 107 -34.93 33.96 -17.99
CA ILE B 107 -33.54 33.92 -18.44
C ILE B 107 -33.42 34.60 -19.80
N LEU B 108 -32.18 34.99 -20.13
CA LEU B 108 -31.86 35.63 -21.39
C LEU B 108 -30.77 34.81 -22.10
N LEU B 109 -31.17 34.11 -23.16
CA LEU B 109 -30.28 33.24 -23.91
C LEU B 109 -29.64 34.00 -25.07
N ARG B 110 -28.32 34.12 -25.03
CA ARG B 110 -27.56 34.83 -26.05
C ARG B 110 -26.66 33.84 -26.79
N HIS B 111 -26.75 33.84 -28.12
CA HIS B 111 -25.91 32.97 -28.93
C HIS B 111 -24.45 33.37 -28.78
N ALA B 112 -23.56 32.38 -28.68
CA ALA B 112 -22.15 32.68 -28.47
C ALA B 112 -21.51 33.21 -29.75
N HIS B 113 -21.82 32.58 -30.88
CA HIS B 113 -21.17 32.95 -32.14
C HIS B 113 -21.71 34.27 -32.67
N SER B 114 -23.02 34.35 -32.90
CA SER B 114 -23.58 35.50 -33.58
C SER B 114 -23.97 36.65 -32.66
N ARG B 115 -23.91 36.46 -31.34
CA ARG B 115 -24.25 37.44 -30.30
C ARG B 115 -25.70 37.92 -30.36
N MET B 116 -26.56 37.25 -31.11
CA MET B 116 -27.98 37.55 -31.14
C MET B 116 -28.70 36.87 -29.99
N TYR B 117 -29.91 37.33 -29.70
CA TYR B 117 -30.66 36.80 -28.57
C TYR B 117 -31.77 35.90 -29.07
N LEU B 118 -31.93 34.75 -28.41
CA LEU B 118 -33.04 33.87 -28.72
C LEU B 118 -34.36 34.51 -28.32
N SER B 119 -35.33 34.47 -29.22
CA SER B 119 -36.62 35.08 -28.94
C SER B 119 -37.70 34.39 -29.75
N CYS B 120 -38.93 34.55 -29.29
CA CYS B 120 -40.11 34.00 -29.98
C CYS B 120 -40.54 35.00 -31.04
N LEU B 121 -40.22 34.70 -32.30
CA LEU B 121 -40.55 35.59 -33.41
C LEU B 121 -42.05 35.68 -33.60
N THR B 122 -42.52 36.85 -34.03
CA THR B 122 -43.94 37.06 -34.24
C THR B 122 -44.49 36.41 -35.50
N THR B 123 -43.63 35.85 -36.35
CA THR B 123 -44.06 35.21 -37.59
C THR B 123 -44.36 33.74 -37.32
N SER B 124 -44.59 32.97 -38.40
CA SER B 124 -44.83 31.53 -38.37
C SER B 124 -44.69 30.95 -39.77
N ARG B 125 -43.91 29.89 -39.92
CA ARG B 125 -43.71 29.26 -41.22
C ARG B 125 -44.07 27.78 -41.24
N SER B 126 -44.51 27.22 -40.13
CA SER B 126 -44.99 25.85 -40.11
C SER B 126 -46.41 25.81 -40.66
N MET B 127 -46.57 25.25 -41.85
CA MET B 127 -47.86 25.20 -42.51
C MET B 127 -48.73 24.05 -42.03
N THR B 128 -48.18 23.11 -41.28
CA THR B 128 -48.95 21.98 -40.78
C THR B 128 -49.92 22.42 -39.67
N ASP B 129 -49.60 23.50 -38.97
CA ASP B 129 -50.37 23.92 -37.81
C ASP B 129 -50.40 25.45 -37.75
N LYS B 130 -51.41 25.97 -37.07
CA LYS B 130 -51.47 27.40 -36.79
C LYS B 130 -51.08 27.62 -35.34
N LEU B 131 -51.10 28.89 -34.92
CA LEU B 131 -50.87 29.37 -33.54
C LEU B 131 -49.57 28.84 -32.91
N ALA B 132 -48.62 28.38 -33.71
CA ALA B 132 -47.33 27.88 -33.26
C ALA B 132 -46.22 28.71 -33.89
N PHE B 133 -45.82 29.76 -33.18
CA PHE B 133 -44.80 30.67 -33.68
C PHE B 133 -43.44 29.98 -33.73
N ASP B 134 -42.60 30.44 -34.66
CA ASP B 134 -41.29 29.85 -34.88
C ASP B 134 -40.24 30.67 -34.15
N VAL B 135 -39.39 29.99 -33.40
CA VAL B 135 -38.36 30.65 -32.60
C VAL B 135 -37.22 31.07 -33.52
N GLY B 136 -36.53 32.14 -33.14
CA GLY B 136 -35.42 32.61 -33.92
C GLY B 136 -34.52 33.53 -33.10
N LEU B 137 -33.53 34.09 -33.78
CA LEU B 137 -32.58 34.99 -33.15
C LEU B 137 -32.97 36.44 -33.38
N GLN B 138 -32.80 37.26 -32.34
CA GLN B 138 -33.14 38.67 -32.39
C GLN B 138 -31.88 39.49 -32.12
N GLU B 139 -31.79 40.66 -32.77
CA GLU B 139 -30.60 41.49 -32.73
C GLU B 139 -30.35 42.03 -31.33
N ASP B 140 -31.40 42.51 -30.67
CA ASP B 140 -31.28 43.21 -29.41
C ASP B 140 -32.16 42.56 -28.35
N ALA B 141 -31.80 42.80 -27.09
CA ALA B 141 -32.52 42.23 -25.95
C ALA B 141 -33.75 43.03 -25.56
N THR B 142 -34.07 44.10 -26.27
CA THR B 142 -35.23 44.92 -25.95
C THR B 142 -36.53 44.15 -26.20
N GLY B 143 -37.54 44.46 -25.39
CA GLY B 143 -38.81 43.79 -25.44
C GLY B 143 -38.85 42.53 -24.59
N GLU B 144 -40.03 41.95 -24.52
CA GLU B 144 -40.26 40.75 -23.71
C GLU B 144 -40.11 39.47 -24.52
N ALA B 145 -39.82 39.57 -25.82
CA ALA B 145 -39.71 38.37 -26.66
C ALA B 145 -38.47 37.58 -26.34
N CYS B 146 -37.40 38.23 -25.90
CA CYS B 146 -36.12 37.56 -25.67
C CYS B 146 -36.03 36.87 -24.32
N TRP B 147 -37.08 36.93 -23.50
CA TRP B 147 -37.05 36.38 -22.16
C TRP B 147 -37.85 35.08 -22.13
N TRP B 148 -37.25 34.03 -21.59
CA TRP B 148 -37.90 32.75 -21.40
C TRP B 148 -37.95 32.41 -19.92
N THR B 149 -39.03 31.76 -19.51
CA THR B 149 -39.19 31.32 -18.13
C THR B 149 -39.15 29.81 -18.04
N MET B 150 -38.30 29.30 -17.14
CA MET B 150 -38.16 27.86 -16.98
C MET B 150 -38.94 27.39 -15.76
N HIS B 151 -39.58 26.24 -15.90
CA HIS B 151 -40.43 25.71 -14.85
C HIS B 151 -39.97 24.31 -14.47
N PRO B 152 -40.23 23.87 -13.23
CA PRO B 152 -39.90 22.49 -12.85
C PRO B 152 -40.64 21.49 -13.71
N ALA B 153 -39.97 20.38 -14.03
CA ALA B 153 -40.56 19.34 -14.86
C ALA B 153 -41.77 18.70 -14.20
N SER B 154 -41.65 18.37 -12.92
CA SER B 154 -42.75 17.73 -12.21
C SER B 154 -42.64 18.13 -10.74
N LYS B 155 -43.36 17.39 -9.88
CA LYS B 155 -43.37 17.68 -8.45
C LYS B 155 -42.04 17.41 -7.76
N GLN B 156 -41.09 16.73 -8.41
CA GLN B 156 -39.78 16.49 -7.81
C GLN B 156 -38.99 17.77 -7.58
N ARG B 157 -39.36 18.86 -8.23
CA ARG B 157 -38.74 20.16 -8.05
C ARG B 157 -39.84 21.20 -7.87
N SER B 158 -39.50 22.28 -7.17
CA SER B 158 -40.46 23.33 -6.86
C SER B 158 -39.88 24.68 -7.24
N GLU B 159 -40.77 25.64 -7.48
CA GLU B 159 -40.35 26.99 -7.81
C GLU B 159 -39.67 27.65 -6.61
N GLY B 160 -38.57 28.35 -6.87
CA GLY B 160 -37.86 29.06 -5.84
C GLY B 160 -36.61 28.38 -5.33
N GLU B 161 -36.21 27.25 -5.89
CA GLU B 161 -34.98 26.59 -5.52
C GLU B 161 -34.04 26.54 -6.73
N LYS B 162 -32.75 26.53 -6.44
CA LYS B 162 -31.74 26.53 -7.50
C LYS B 162 -31.77 25.24 -8.30
N VAL B 163 -31.47 25.37 -9.58
CA VAL B 163 -31.49 24.26 -10.53
C VAL B 163 -30.08 23.68 -10.67
N ARG B 164 -30.01 22.35 -10.66
CA ARG B 164 -28.76 21.62 -10.83
C ARG B 164 -28.64 21.18 -12.28
N VAL B 165 -27.42 20.79 -12.67
CA VAL B 165 -27.19 20.32 -14.03
C VAL B 165 -27.95 19.03 -14.29
N GLY B 166 -28.27 18.79 -15.56
CA GLY B 166 -29.02 17.60 -15.91
C GLY B 166 -30.48 17.59 -15.55
N ASP B 167 -30.98 18.65 -14.92
CA ASP B 167 -32.38 18.72 -14.54
C ASP B 167 -33.27 18.82 -15.77
N ASP B 168 -34.38 18.09 -15.74
CA ASP B 168 -35.37 18.21 -16.79
C ASP B 168 -36.14 19.51 -16.63
N LEU B 169 -36.30 20.26 -17.72
CA LEU B 169 -36.86 21.61 -17.67
C LEU B 169 -38.00 21.76 -18.66
N ILE B 170 -38.81 22.79 -18.41
CA ILE B 170 -39.87 23.22 -19.31
C ILE B 170 -39.75 24.73 -19.45
N LEU B 171 -39.55 25.20 -20.67
CA LEU B 171 -39.31 26.62 -20.95
C LEU B 171 -40.55 27.28 -21.55
N VAL B 172 -40.95 28.40 -20.95
CA VAL B 172 -42.15 29.13 -21.35
C VAL B 172 -41.75 30.54 -21.75
N SER B 173 -42.24 30.99 -22.91
CA SER B 173 -42.01 32.35 -23.38
C SER B 173 -42.63 33.39 -22.45
N VAL B 174 -42.05 34.58 -22.45
CA VAL B 174 -42.67 35.66 -21.69
C VAL B 174 -43.66 36.43 -22.55
N SER B 175 -43.32 36.67 -23.82
CA SER B 175 -44.16 37.49 -24.68
C SER B 175 -45.43 36.76 -25.10
N SER B 176 -45.32 35.48 -25.46
CA SER B 176 -46.48 34.73 -25.95
C SER B 176 -46.91 33.61 -25.02
N GLU B 177 -46.11 33.30 -24.00
CA GLU B 177 -46.25 32.14 -23.10
C GLU B 177 -46.73 30.87 -23.81
N ARG B 178 -46.08 30.59 -24.92
CA ARG B 178 -46.17 29.31 -25.59
C ARG B 178 -44.93 28.49 -25.24
N TYR B 179 -45.12 27.19 -25.06
CA TYR B 179 -44.03 26.30 -24.71
C TYR B 179 -43.04 26.17 -25.86
N LEU B 180 -41.77 25.98 -25.52
CA LEU B 180 -40.74 25.88 -26.54
C LEU B 180 -40.71 24.42 -27.00
N HIS B 181 -41.50 24.14 -28.03
CA HIS B 181 -41.80 22.79 -28.50
C HIS B 181 -40.91 22.43 -29.70
N LEU B 182 -40.98 21.15 -30.08
CA LEU B 182 -40.43 20.68 -31.35
C LEU B 182 -41.56 20.00 -32.11
N SER B 183 -41.81 20.48 -33.33
CA SER B 183 -42.95 19.99 -34.11
C SER B 183 -42.49 18.78 -34.92
N THR B 184 -42.46 17.64 -34.24
CA THR B 184 -42.12 16.35 -34.85
C THR B 184 -43.18 15.88 -35.84
N ALA B 185 -44.39 16.46 -35.82
CA ALA B 185 -45.47 16.06 -36.72
C ALA B 185 -45.11 16.29 -38.19
N SER B 186 -44.30 17.30 -38.47
CA SER B 186 -43.85 17.60 -39.83
C SER B 186 -42.89 16.53 -40.34
N GLY B 187 -42.49 16.69 -41.61
CA GLY B 187 -41.58 15.73 -42.23
C GLY B 187 -40.24 15.65 -41.54
N GLU B 188 -39.67 16.81 -41.19
CA GLU B 188 -38.41 16.86 -40.48
C GLU B 188 -38.70 17.18 -39.01
N LEU B 189 -37.65 17.40 -38.23
CA LEU B 189 -37.76 17.69 -36.80
C LEU B 189 -37.47 19.18 -36.59
N GLN B 190 -38.53 19.99 -36.62
CA GLN B 190 -38.40 21.43 -36.47
C GLN B 190 -38.51 21.82 -35.00
N VAL B 191 -38.52 23.13 -34.74
CA VAL B 191 -38.75 23.70 -33.41
C VAL B 191 -39.72 24.85 -33.58
N ASP B 192 -40.76 24.89 -32.73
CA ASP B 192 -41.75 25.95 -32.78
C ASP B 192 -42.19 26.27 -31.37
N ALA B 193 -42.77 27.45 -31.19
CA ALA B 193 -43.34 27.84 -29.90
C ALA B 193 -44.83 27.57 -29.93
N SER B 194 -45.24 26.49 -29.27
CA SER B 194 -46.64 26.08 -29.28
C SER B 194 -47.10 25.81 -27.85
N PHE B 195 -48.29 25.23 -27.71
CA PHE B 195 -48.90 25.00 -26.41
C PHE B 195 -48.59 23.62 -25.83
N MET B 196 -47.86 22.79 -26.56
CA MET B 196 -47.49 21.44 -26.12
C MET B 196 -46.08 21.49 -25.54
N GLN B 197 -45.97 21.24 -24.23
CA GLN B 197 -44.68 21.38 -23.56
C GLN B 197 -43.69 20.31 -24.00
N THR B 198 -42.41 20.66 -23.92
CA THR B 198 -41.30 19.77 -24.23
C THR B 198 -40.28 19.82 -23.10
N LEU B 199 -39.63 18.69 -22.84
CA LEU B 199 -38.71 18.54 -21.74
C LEU B 199 -37.30 18.83 -22.26
N TRP B 200 -36.74 19.97 -21.86
CA TRP B 200 -35.44 20.40 -22.31
C TRP B 200 -34.37 20.18 -21.24
N ASN B 201 -33.15 19.93 -21.71
CA ASN B 201 -31.98 19.75 -20.86
C ASN B 201 -30.97 20.86 -21.15
N MET B 202 -30.47 21.49 -20.09
CA MET B 202 -29.43 22.50 -20.19
C MET B 202 -28.10 21.85 -19.80
N ASN B 203 -27.47 21.20 -20.76
CA ASN B 203 -26.17 20.59 -20.47
C ASN B 203 -25.09 21.66 -20.38
N PRO B 204 -24.30 21.69 -19.31
CA PRO B 204 -23.24 22.68 -19.19
C PRO B 204 -22.11 22.40 -20.17
N ILE B 205 -21.40 23.45 -20.54
CA ILE B 205 -20.24 23.37 -21.41
C ILE B 205 -19.01 23.95 -20.74
N CYS B 206 -19.16 25.15 -20.16
CA CYS B 206 -18.08 25.83 -19.46
C CYS B 206 -18.66 26.68 -18.35
N SER B 207 -17.86 26.90 -17.30
CA SER B 207 -18.27 27.74 -16.20
C SER B 207 -17.42 29.01 -16.08
N CYS B 208 -16.10 28.85 -15.94
CA CYS B 208 -15.15 29.96 -15.87
C CYS B 208 -13.74 29.41 -16.00
N CYS B 209 -12.92 30.08 -16.80
CA CYS B 209 -11.54 29.68 -17.03
C CYS B 209 -10.59 30.72 -16.47
N GLU B 210 -9.47 30.26 -15.92
CA GLU B 210 -8.45 31.18 -15.43
C GLU B 210 -7.74 31.86 -16.60
N GLU B 211 -6.96 32.88 -16.28
CA GLU B 211 -6.24 33.66 -17.28
C GLU B 211 -5.22 32.78 -17.99
N GLY B 212 -5.36 32.69 -19.32
CA GLY B 212 -4.39 32.01 -20.15
C GLY B 212 -4.30 30.51 -19.95
N TYR B 213 -5.43 29.82 -19.88
CA TYR B 213 -5.45 28.37 -19.86
C TYR B 213 -6.28 27.86 -21.03
N VAL B 214 -5.84 26.74 -21.60
CA VAL B 214 -6.44 26.21 -22.82
C VAL B 214 -7.56 25.25 -22.45
N THR B 215 -8.72 25.42 -23.07
CA THR B 215 -9.90 24.60 -22.80
C THR B 215 -10.50 24.11 -24.11
N GLY B 216 -11.38 23.11 -23.97
CA GLY B 216 -12.04 22.54 -25.12
C GLY B 216 -13.00 23.51 -25.78
N GLY B 217 -13.22 23.31 -27.07
CA GLY B 217 -14.09 24.15 -27.86
C GLY B 217 -13.47 25.45 -28.34
N HIS B 218 -12.27 25.78 -27.89
CA HIS B 218 -11.61 27.02 -28.25
C HIS B 218 -11.08 26.97 -29.69
N VAL B 219 -10.96 28.18 -30.26
CA VAL B 219 -10.37 28.40 -31.58
C VAL B 219 -9.05 29.11 -31.32
N LEU B 220 -7.97 28.55 -31.87
CA LEU B 220 -6.63 29.01 -31.52
C LEU B 220 -5.65 28.61 -32.61
N ARG B 221 -4.46 29.21 -32.55
CA ARG B 221 -3.39 28.89 -33.47
C ARG B 221 -2.33 28.02 -32.77
N LEU B 222 -1.76 27.11 -33.56
CA LEU B 222 -0.72 26.17 -33.13
C LEU B 222 0.64 26.65 -33.64
N PHE B 223 1.35 27.41 -32.83
CA PHE B 223 2.69 27.85 -33.22
C PHE B 223 3.77 26.83 -32.88
N HIS B 224 4.70 26.65 -33.80
CA HIS B 224 5.89 25.86 -33.53
C HIS B 224 6.73 26.58 -32.47
N GLY B 225 7.68 25.85 -31.86
CA GLY B 225 8.54 26.41 -30.82
C GLY B 225 9.33 27.64 -31.23
N HIS B 226 9.63 27.77 -32.53
CA HIS B 226 10.35 28.92 -33.05
C HIS B 226 9.53 30.22 -32.98
N MET B 227 8.20 30.11 -32.79
CA MET B 227 7.19 31.18 -32.82
C MET B 227 7.02 31.79 -34.20
N ASP B 228 7.53 31.17 -35.24
CA ASP B 228 7.34 31.65 -36.61
C ASP B 228 6.69 30.62 -37.53
N GLU B 229 6.84 29.33 -37.25
CA GLU B 229 6.11 28.32 -37.99
C GLU B 229 4.79 28.03 -37.30
N CYS B 230 3.78 27.69 -38.09
CA CYS B 230 2.40 27.65 -37.65
C CYS B 230 1.57 26.86 -38.65
N LEU B 231 0.81 25.90 -38.10
CA LEU B 231 0.10 24.92 -38.90
C LEU B 231 -0.97 25.60 -39.75
N THR B 232 -0.87 25.45 -41.06
CA THR B 232 -1.86 25.98 -42.00
C THR B 232 -2.15 24.94 -43.05
N ILE B 233 -3.38 24.90 -43.54
CA ILE B 233 -3.67 24.14 -44.75
C ILE B 233 -3.42 25.06 -45.93
N SER B 234 -3.41 24.48 -47.14
CA SER B 234 -3.19 25.24 -48.37
C SER B 234 -4.20 26.38 -48.53
N ALA B 235 -3.78 27.40 -49.27
CA ALA B 235 -4.62 28.58 -49.48
C ALA B 235 -5.80 28.25 -50.39
N ALA B 236 -6.73 29.20 -50.45
CA ALA B 236 -7.98 29.01 -51.18
C ALA B 236 -7.75 28.88 -52.67
N ASP B 237 -8.60 28.06 -53.31
CA ASP B 237 -8.63 27.83 -54.76
C ASP B 237 -7.28 27.32 -55.27
N SER B 238 -6.92 26.13 -54.80
CA SER B 238 -5.66 25.50 -55.17
C SER B 238 -5.91 24.07 -55.63
N ASP B 239 -4.91 23.54 -56.34
CA ASP B 239 -4.97 22.18 -56.86
C ASP B 239 -5.01 21.14 -55.75
N ASP B 240 -4.37 21.42 -54.61
CA ASP B 240 -4.29 20.52 -53.46
C ASP B 240 -5.66 20.28 -52.81
N GLN B 241 -6.67 21.11 -53.15
CA GLN B 241 -8.02 21.10 -52.55
C GLN B 241 -7.97 21.40 -51.06
N ARG B 242 -6.90 22.12 -50.63
CA ARG B 242 -6.69 22.56 -49.26
C ARG B 242 -6.70 21.38 -48.28
N ARG B 243 -6.07 20.27 -48.67
CA ARG B 243 -6.13 19.04 -47.89
C ARG B 243 -4.77 18.58 -47.36
N LEU B 244 -3.76 19.46 -47.35
CA LEU B 244 -2.45 19.10 -46.82
C LEU B 244 -2.04 20.12 -45.78
N VAL B 245 -1.58 19.63 -44.62
CA VAL B 245 -1.14 20.49 -43.53
C VAL B 245 0.32 20.87 -43.73
N TYR B 246 0.67 22.09 -43.32
CA TYR B 246 2.02 22.60 -43.43
C TYR B 246 2.37 23.38 -42.18
N TYR B 247 3.65 23.42 -41.86
CA TYR B 247 4.25 24.28 -40.85
C TYR B 247 4.65 25.61 -41.48
N GLU B 248 3.69 26.25 -42.14
CA GLU B 248 3.96 27.46 -42.91
C GLU B 248 4.31 28.63 -41.98
N GLY B 249 5.01 29.62 -42.52
CA GLY B 249 5.38 30.77 -41.71
C GLY B 249 5.12 32.07 -42.44
N GLY B 250 5.54 33.16 -41.79
CA GLY B 250 5.37 34.49 -42.34
C GLY B 250 4.07 35.14 -41.90
N ALA B 251 3.41 35.83 -42.83
CA ALA B 251 2.16 36.51 -42.57
C ALA B 251 0.95 35.62 -42.87
N VAL B 252 1.18 34.35 -43.19
CA VAL B 252 0.10 33.44 -43.54
C VAL B 252 -0.79 33.16 -42.34
N CYS B 253 -0.21 33.01 -41.15
CA CYS B 253 -0.99 32.70 -39.96
C CYS B 253 -1.28 33.93 -39.12
N THR B 254 -1.45 35.07 -39.76
CA THR B 254 -2.30 36.14 -39.24
C THR B 254 -3.63 36.19 -39.97
N HIS B 255 -3.83 35.29 -40.93
CA HIS B 255 -5.05 35.17 -41.68
C HIS B 255 -5.99 34.20 -40.98
N ALA B 256 -7.03 33.75 -41.66
CA ALA B 256 -8.02 32.86 -41.10
C ALA B 256 -7.76 31.39 -41.36
N ARG B 257 -6.82 31.07 -42.25
CA ARG B 257 -6.61 29.67 -42.64
C ARG B 257 -5.88 28.86 -41.58
N SER B 258 -5.38 29.47 -40.52
CA SER B 258 -4.60 28.75 -39.51
C SER B 258 -5.34 28.56 -38.20
N LEU B 259 -6.68 28.65 -38.21
CA LEU B 259 -7.44 28.60 -36.97
C LEU B 259 -8.03 27.21 -36.77
N TRP B 260 -7.63 26.57 -35.66
CA TRP B 260 -8.11 25.25 -35.30
C TRP B 260 -8.93 25.32 -34.02
N ARG B 261 -9.99 24.53 -33.98
CA ARG B 261 -10.90 24.42 -32.85
C ARG B 261 -10.75 23.03 -32.25
N LEU B 262 -10.43 23.02 -30.95
CA LEU B 262 -10.22 21.80 -30.17
C LEU B 262 -11.58 21.23 -29.79
N GLU B 263 -12.03 20.19 -30.50
CA GLU B 263 -13.37 19.67 -30.23
C GLU B 263 -13.31 18.32 -29.53
N PRO B 264 -13.49 18.26 -28.19
CA PRO B 264 -13.37 16.96 -27.49
C PRO B 264 -14.47 15.96 -27.83
N LEU B 265 -14.38 14.79 -27.20
CA LEU B 265 -15.30 13.69 -27.45
C LEU B 265 -16.51 13.70 -26.52
N ARG B 266 -16.63 14.71 -25.66
CA ARG B 266 -17.67 14.77 -24.65
C ARG B 266 -18.58 15.96 -24.95
N ILE B 267 -19.89 15.72 -24.93
CA ILE B 267 -20.83 16.80 -25.20
C ILE B 267 -20.95 17.70 -23.99
N SER B 268 -21.40 17.15 -22.87
CA SER B 268 -21.44 17.90 -21.61
C SER B 268 -20.02 18.18 -21.14
N TRP B 269 -19.84 19.38 -20.58
CA TRP B 269 -18.54 19.88 -20.11
C TRP B 269 -17.48 19.87 -21.22
N SER B 270 -17.90 20.20 -22.45
CA SER B 270 -16.98 20.26 -23.57
C SER B 270 -15.97 21.40 -23.49
N GLY B 271 -16.15 22.35 -22.57
CA GLY B 271 -15.24 23.47 -22.46
C GLY B 271 -14.45 23.41 -21.17
N SER B 272 -14.35 22.23 -20.57
CA SER B 272 -13.56 22.05 -19.37
C SER B 272 -12.08 22.18 -19.68
N HIS B 273 -11.31 22.50 -18.63
CA HIS B 273 -9.87 22.72 -18.75
C HIS B 273 -9.19 21.48 -19.33
N LEU B 274 -8.28 21.74 -20.27
CA LEU B 274 -7.59 20.65 -20.95
C LEU B 274 -6.62 19.93 -20.03
N ARG B 275 -6.66 18.61 -20.07
CA ARG B 275 -5.73 17.77 -19.33
C ARG B 275 -4.87 17.03 -20.35
N TRP B 276 -3.61 16.82 -20.01
CA TRP B 276 -2.69 16.16 -20.92
C TRP B 276 -3.13 14.74 -21.25
N GLY B 277 -2.98 14.38 -22.52
CA GLY B 277 -3.28 13.03 -22.97
C GLY B 277 -4.75 12.65 -22.93
N GLN B 278 -5.65 13.59 -23.20
CA GLN B 278 -7.03 13.18 -23.30
C GLN B 278 -7.52 13.33 -24.74
N PRO B 279 -8.36 12.39 -25.22
CA PRO B 279 -8.78 12.43 -26.63
C PRO B 279 -9.56 13.68 -26.97
N LEU B 280 -9.31 14.20 -28.18
CA LEU B 280 -10.00 15.36 -28.72
C LEU B 280 -9.76 15.43 -30.22
N ARG B 281 -10.75 15.90 -30.96
CA ARG B 281 -10.57 16.08 -32.39
C ARG B 281 -9.98 17.47 -32.66
N ILE B 282 -9.63 17.69 -33.92
CA ILE B 282 -9.09 18.96 -34.40
C ILE B 282 -9.90 19.38 -35.61
N ARG B 283 -10.39 20.63 -35.61
CA ARG B 283 -11.26 21.12 -36.67
C ARG B 283 -10.75 22.45 -37.19
N HIS B 284 -10.59 22.57 -38.50
CA HIS B 284 -10.26 23.83 -39.13
C HIS B 284 -11.56 24.59 -39.35
N VAL B 285 -11.67 25.78 -38.71
CA VAL B 285 -12.98 26.44 -38.67
C VAL B 285 -13.45 26.89 -40.06
N THR B 286 -12.57 27.49 -40.86
CA THR B 286 -12.98 28.07 -42.13
C THR B 286 -13.36 27.02 -43.17
N THR B 287 -12.84 25.80 -43.04
CA THR B 287 -13.14 24.74 -43.99
C THR B 287 -14.07 23.67 -43.42
N GLY B 288 -14.17 23.58 -42.09
CA GLY B 288 -15.01 22.57 -41.48
C GLY B 288 -14.54 21.15 -41.74
N ARG B 289 -13.24 20.92 -41.55
CA ARG B 289 -12.65 19.61 -41.75
C ARG B 289 -11.81 19.24 -40.54
N TYR B 290 -11.62 17.94 -40.36
CA TYR B 290 -10.98 17.40 -39.17
C TYR B 290 -9.66 16.74 -39.50
N LEU B 291 -8.66 16.96 -38.64
CA LEU B 291 -7.38 16.29 -38.77
C LEU B 291 -7.53 14.78 -38.66
N ALA B 292 -6.90 14.04 -39.57
CA ALA B 292 -7.07 12.60 -39.64
C ALA B 292 -5.82 11.93 -40.18
N LEU B 293 -5.71 10.63 -39.88
CA LEU B 293 -4.68 9.75 -40.43
C LEU B 293 -5.38 8.80 -41.40
N THR B 294 -5.33 9.13 -42.68
CA THR B 294 -5.95 8.26 -43.66
C THR B 294 -4.92 7.24 -44.14
N GLU B 295 -5.43 6.17 -44.77
CA GLU B 295 -4.55 5.07 -45.16
C GLU B 295 -3.69 5.43 -46.37
N ASP B 296 -4.24 6.17 -47.32
CA ASP B 296 -3.55 6.41 -48.60
C ASP B 296 -2.75 7.70 -48.66
N GLN B 297 -3.00 8.66 -47.76
CA GLN B 297 -2.25 9.91 -47.76
C GLN B 297 -1.77 10.34 -46.37
N GLY B 298 -1.81 9.45 -45.39
CA GLY B 298 -1.31 9.75 -44.06
C GLY B 298 -2.07 10.87 -43.38
N LEU B 299 -1.33 11.84 -42.83
CA LEU B 299 -1.95 12.94 -42.09
C LEU B 299 -2.52 13.96 -43.06
N VAL B 300 -3.85 13.99 -43.17
CA VAL B 300 -4.56 14.96 -43.99
C VAL B 300 -5.75 15.49 -43.18
N VAL B 301 -6.55 16.35 -43.81
CA VAL B 301 -7.82 16.80 -43.24
C VAL B 301 -8.95 16.16 -44.03
N VAL B 302 -9.89 15.56 -43.31
CA VAL B 302 -10.98 14.80 -43.91
C VAL B 302 -12.27 15.55 -43.60
N ASP B 303 -13.28 15.35 -44.44
CA ASP B 303 -14.58 15.93 -44.22
C ASP B 303 -15.20 15.37 -42.94
N ALA B 304 -16.07 16.18 -42.32
CA ALA B 304 -16.75 15.76 -41.10
C ALA B 304 -17.69 14.58 -41.30
N CYS B 305 -18.09 14.28 -42.54
CA CYS B 305 -18.96 13.14 -42.79
C CYS B 305 -18.27 11.81 -42.57
N LYS B 306 -16.94 11.77 -42.57
CA LYS B 306 -16.17 10.53 -42.50
C LYS B 306 -15.07 10.63 -41.46
N ALA B 307 -15.40 11.13 -40.28
CA ALA B 307 -14.49 11.20 -39.14
C ALA B 307 -15.00 10.16 -38.14
N HIS B 308 -14.52 8.93 -38.28
CA HIS B 308 -14.98 7.78 -37.51
C HIS B 308 -14.37 7.68 -36.11
N THR B 309 -13.73 8.75 -35.61
CA THR B 309 -13.21 8.95 -34.25
C THR B 309 -12.01 8.05 -33.94
N LYS B 310 -11.64 7.14 -34.84
CA LYS B 310 -10.42 6.36 -34.70
C LYS B 310 -9.24 7.07 -35.31
N ALA B 311 -9.36 7.50 -36.57
CA ALA B 311 -8.28 8.19 -37.25
C ALA B 311 -8.19 9.67 -36.88
N THR B 312 -9.21 10.23 -36.22
CA THR B 312 -9.27 11.67 -36.03
C THR B 312 -8.96 12.11 -34.61
N SER B 313 -8.97 11.22 -33.63
CA SER B 313 -8.68 11.62 -32.27
C SER B 313 -7.20 11.93 -32.09
N PHE B 314 -6.91 12.82 -31.14
CA PHE B 314 -5.54 13.24 -30.85
C PHE B 314 -5.43 13.51 -29.36
N CYS B 315 -4.18 13.67 -28.89
CA CYS B 315 -3.90 13.96 -27.49
C CYS B 315 -2.72 14.89 -27.41
N PHE B 316 -2.65 15.64 -26.32
CA PHE B 316 -1.57 16.58 -26.04
C PHE B 316 -0.78 16.05 -24.85
N ARG B 317 0.55 16.03 -24.98
CA ARG B 317 1.38 15.44 -23.94
C ARG B 317 2.63 16.26 -23.71
N VAL B 318 3.03 16.36 -22.44
CA VAL B 318 4.16 17.22 -22.07
C VAL B 318 5.48 16.62 -22.55
N SER B 319 5.64 15.30 -22.45
CA SER B 319 6.89 14.64 -22.80
C SER B 319 6.64 13.61 -23.89
N LYS B 320 7.70 12.91 -24.28
CA LYS B 320 7.66 11.97 -25.38
C LYS B 320 7.63 10.52 -24.92
N GLU B 321 7.49 10.27 -23.62
CA GLU B 321 7.42 8.91 -23.12
C GLU B 321 6.04 8.33 -23.39
N LYS B 322 5.98 7.00 -23.56
CA LYS B 322 4.74 6.32 -23.90
C LYS B 322 3.78 6.29 -22.73
N LEU B 323 2.62 6.92 -22.88
CA LEU B 323 1.56 6.84 -21.88
C LEU B 323 0.41 6.00 -22.40
N PRO B 327 -6.00 8.53 -22.02
CA PRO B 327 -7.41 8.66 -21.64
C PRO B 327 -7.67 8.37 -20.17
N LYS B 328 -8.19 9.35 -19.46
CA LYS B 328 -8.52 9.24 -18.04
C LYS B 328 -10.04 9.26 -17.89
N ARG B 329 -10.48 9.26 -16.63
CA ARG B 329 -11.91 9.34 -16.35
C ARG B 329 -12.37 10.79 -16.39
N ASP B 330 -13.50 11.02 -17.05
CA ASP B 330 -14.06 12.36 -17.17
C ASP B 330 -14.50 12.90 -15.82
N VAL B 331 -14.33 14.21 -15.63
CA VAL B 331 -14.76 14.90 -14.43
C VAL B 331 -15.94 15.80 -14.78
N GLU B 332 -17.02 15.70 -13.99
CA GLU B 332 -18.21 16.53 -14.18
C GLU B 332 -17.99 17.87 -13.49
N GLY B 333 -17.14 18.69 -14.10
CA GLY B 333 -16.82 19.98 -13.53
C GLY B 333 -15.91 20.74 -14.46
N MET B 334 -15.38 21.85 -13.94
CA MET B 334 -14.51 22.73 -14.72
C MET B 334 -13.22 22.03 -15.13
N GLY B 335 -12.78 21.04 -14.37
CA GLY B 335 -11.56 20.32 -14.66
C GLY B 335 -10.35 20.97 -14.02
N PRO B 336 -9.21 20.29 -14.07
CA PRO B 336 -8.00 20.86 -13.51
C PRO B 336 -7.27 21.72 -14.53
N PRO B 337 -6.90 22.95 -14.15
CA PRO B 337 -6.18 23.81 -15.11
C PRO B 337 -4.74 23.35 -15.33
N GLU B 338 -4.48 22.77 -16.50
CA GLU B 338 -3.19 22.15 -16.78
C GLU B 338 -2.43 22.86 -17.90
N ILE B 339 -3.02 23.00 -19.07
CA ILE B 339 -2.33 23.58 -20.22
C ILE B 339 -2.52 25.09 -20.20
N LYS B 340 -1.45 25.81 -20.49
CA LYS B 340 -1.47 27.26 -20.52
C LYS B 340 -1.27 27.80 -21.93
N TYR B 341 -1.59 29.08 -22.09
CA TYR B 341 -1.47 29.76 -23.37
C TYR B 341 -0.16 30.52 -23.43
N GLY B 342 0.65 30.22 -24.43
CA GLY B 342 1.95 30.85 -24.63
C GLY B 342 3.10 30.16 -23.93
N GLU B 343 2.83 29.18 -23.09
CA GLU B 343 3.85 28.38 -22.41
C GLU B 343 3.39 26.93 -22.48
N SER B 344 4.06 26.06 -21.72
CA SER B 344 3.71 24.65 -21.55
C SER B 344 3.69 23.94 -22.91
N LEU B 345 4.90 23.79 -23.47
CA LEU B 345 5.15 23.14 -24.75
C LEU B 345 4.45 21.79 -24.85
N CYS B 346 3.61 21.65 -25.89
CA CYS B 346 2.81 20.46 -26.08
C CYS B 346 3.30 19.65 -27.26
N PHE B 347 3.23 18.33 -27.14
CA PHE B 347 3.48 17.40 -28.23
C PHE B 347 2.16 16.76 -28.59
N VAL B 348 1.80 16.80 -29.86
CA VAL B 348 0.53 16.25 -30.30
C VAL B 348 0.77 14.82 -30.77
N GLN B 349 0.13 13.87 -30.12
CA GLN B 349 0.25 12.46 -30.44
C GLN B 349 -1.12 11.90 -30.82
N HIS B 350 -1.19 11.27 -31.98
CA HIS B 350 -2.38 10.51 -32.35
C HIS B 350 -2.54 9.36 -31.37
N VAL B 351 -3.74 9.20 -30.82
CA VAL B 351 -3.91 8.24 -29.74
C VAL B 351 -4.11 6.82 -30.28
N ALA B 352 -4.75 6.66 -31.44
CA ALA B 352 -4.98 5.32 -31.98
C ALA B 352 -3.71 4.73 -32.60
N SER B 353 -2.83 5.58 -33.13
CA SER B 353 -1.63 5.07 -33.80
C SER B 353 -0.34 5.32 -33.02
N GLY B 354 -0.34 6.24 -32.06
CA GLY B 354 0.85 6.53 -31.29
C GLY B 354 1.90 7.36 -31.99
N LEU B 355 1.64 7.79 -33.23
CA LEU B 355 2.63 8.51 -34.01
C LEU B 355 2.81 9.93 -33.47
N TRP B 356 3.73 10.69 -34.08
CA TRP B 356 3.99 12.05 -33.63
C TRP B 356 4.06 12.98 -34.84
N LEU B 357 3.55 14.20 -34.69
CA LEU B 357 3.54 15.15 -35.81
C LEU B 357 4.94 15.70 -36.02
N THR B 358 5.30 15.92 -37.28
CA THR B 358 6.66 16.35 -37.62
C THR B 358 6.64 16.95 -39.02
N TYR B 359 7.47 17.97 -39.22
CA TYR B 359 7.69 18.54 -40.54
C TYR B 359 8.41 17.53 -41.42
N ALA B 360 8.02 17.48 -42.70
CA ALA B 360 8.64 16.52 -43.61
C ALA B 360 10.04 16.97 -43.98
N ALA B 361 11.00 16.05 -43.86
CA ALA B 361 12.39 16.35 -44.22
C ALA B 361 12.62 16.67 -45.70
N PRO B 362 12.10 15.93 -46.71
CA PRO B 362 12.46 16.24 -48.11
C PRO B 362 12.03 17.63 -48.55
N ASP B 363 12.86 18.26 -49.38
CA ASP B 363 12.58 19.58 -49.93
C ASP B 363 13.01 19.65 -51.39
N PRO B 364 12.05 19.67 -52.33
CA PRO B 364 12.40 19.66 -53.76
C PRO B 364 12.91 20.99 -54.29
N LYS B 365 13.07 21.05 -55.63
CA LYS B 365 13.55 22.23 -56.32
C LYS B 365 12.70 23.48 -56.01
N ALA B 366 11.39 23.31 -55.83
CA ALA B 366 10.52 24.44 -55.49
C ALA B 366 10.93 25.06 -54.16
N LEU B 367 11.22 24.22 -53.17
CA LEU B 367 11.64 24.67 -51.85
C LEU B 367 13.12 25.01 -51.79
N ARG B 368 13.88 24.74 -52.86
CA ARG B 368 15.28 25.15 -52.92
C ARG B 368 15.41 26.67 -52.84
N LEU B 369 14.55 27.40 -53.54
CA LEU B 369 14.54 28.86 -53.47
C LEU B 369 13.27 29.43 -52.85
N GLY B 370 12.12 28.78 -53.04
CA GLY B 370 10.89 29.25 -52.46
C GLY B 370 10.84 29.05 -50.96
N VAL B 371 9.78 29.61 -50.36
CA VAL B 371 9.60 29.53 -48.91
C VAL B 371 9.39 28.08 -48.51
N LEU B 372 9.99 27.70 -47.38
CA LEU B 372 9.91 26.33 -46.91
C LEU B 372 8.52 26.08 -46.32
N LYS B 373 7.63 25.55 -47.15
CA LYS B 373 6.33 25.10 -46.66
C LYS B 373 6.51 23.62 -46.27
N LYS B 374 7.00 23.45 -45.06
CA LYS B 374 7.33 22.14 -44.50
C LYS B 374 6.06 21.35 -44.27
N LYS B 375 5.79 20.36 -45.12
CA LYS B 375 4.59 19.54 -44.96
C LYS B 375 4.64 18.78 -43.64
N ALA B 376 3.52 18.80 -42.92
CA ALA B 376 3.44 18.07 -41.66
C ALA B 376 3.15 16.61 -41.94
N ILE B 377 3.96 15.74 -41.35
CA ILE B 377 3.74 14.30 -41.45
C ILE B 377 3.72 13.72 -40.05
N LEU B 378 2.79 12.81 -39.82
CA LEU B 378 2.64 12.19 -38.50
C LEU B 378 3.67 11.07 -38.40
N HIS B 379 4.90 11.46 -38.07
CA HIS B 379 6.04 10.54 -38.01
C HIS B 379 5.85 9.52 -36.89
N GLN B 380 6.44 8.33 -37.10
CA GLN B 380 6.31 7.24 -36.14
C GLN B 380 7.02 7.52 -34.82
N GLU B 381 8.05 8.35 -34.84
CA GLU B 381 8.67 8.74 -33.56
C GLU B 381 8.77 10.24 -33.39
N GLY B 382 9.04 10.97 -34.47
CA GLY B 382 9.14 12.42 -34.44
C GLY B 382 10.51 12.93 -34.03
N HIS B 383 10.78 14.16 -34.45
CA HIS B 383 12.04 14.82 -34.12
C HIS B 383 11.95 15.48 -32.75
N MET B 384 12.94 16.31 -32.43
CA MET B 384 13.11 16.81 -31.07
C MET B 384 12.33 18.10 -30.83
N ASP B 385 12.38 19.05 -31.76
CA ASP B 385 11.85 20.39 -31.51
C ASP B 385 10.43 20.59 -32.03
N ASP B 386 9.66 19.52 -32.17
CA ASP B 386 8.32 19.62 -32.74
C ASP B 386 7.25 19.99 -31.70
N ALA B 387 7.65 20.51 -30.55
CA ALA B 387 6.68 20.97 -29.56
C ALA B 387 5.97 22.24 -30.03
N LEU B 388 4.72 22.39 -29.61
CA LEU B 388 3.89 23.49 -30.07
C LEU B 388 3.42 24.38 -28.93
N PHE B 389 3.49 25.69 -29.15
CA PHE B 389 2.78 26.64 -28.31
C PHE B 389 1.33 26.72 -28.77
N LEU B 390 0.49 27.16 -27.85
CA LEU B 390 -0.91 27.45 -28.10
C LEU B 390 -1.20 28.92 -27.89
N THR B 391 -1.80 29.57 -28.89
CA THR B 391 -2.07 31.00 -28.79
C THR B 391 -3.52 31.27 -29.12
N ARG B 392 -4.18 32.04 -28.26
CA ARG B 392 -5.57 32.41 -28.45
C ARG B 392 -5.74 33.38 -29.61
N CYS B 393 -6.90 33.32 -30.24
CA CYS B 393 -7.33 34.29 -31.24
C CYS B 393 -8.52 35.07 -30.71
N GLN B 394 -8.57 36.35 -31.04
CA GLN B 394 -9.64 37.21 -30.56
C GLN B 394 -10.99 36.79 -31.11
N GLN B 395 -12.04 37.15 -30.36
CA GLN B 395 -13.40 36.74 -30.68
C GLN B 395 -13.82 37.27 -32.05
N GLU B 396 -13.30 38.44 -32.44
CA GLU B 396 -13.63 39.03 -33.73
C GLU B 396 -13.15 38.13 -34.86
N GLU B 397 -11.92 37.64 -34.74
CA GLU B 397 -11.35 36.78 -35.76
C GLU B 397 -12.04 35.42 -35.79
N SER B 398 -12.29 34.83 -34.62
CA SER B 398 -12.97 33.54 -34.56
C SER B 398 -14.38 33.60 -35.14
N GLN B 399 -15.14 34.65 -34.77
CA GLN B 399 -16.48 34.86 -35.30
C GLN B 399 -16.43 35.09 -36.81
N ALA B 400 -15.47 35.91 -37.26
CA ALA B 400 -15.34 36.20 -38.68
C ALA B 400 -15.06 34.92 -39.45
N ALA B 401 -14.12 34.11 -38.92
CA ALA B 401 -13.71 32.88 -39.58
C ALA B 401 -14.90 31.95 -39.76
N ARG B 402 -15.70 31.79 -38.69
CA ARG B 402 -16.90 30.97 -38.83
C ARG B 402 -17.86 31.57 -39.88
N MET B 403 -17.86 32.91 -40.02
CA MET B 403 -18.75 33.55 -40.98
C MET B 403 -18.36 33.19 -42.40
N ILE B 404 -17.05 33.17 -42.71
CA ILE B 404 -16.63 32.80 -44.07
C ILE B 404 -17.09 31.38 -44.39
N HIS B 405 -16.89 30.45 -43.44
CA HIS B 405 -17.25 29.04 -43.66
C HIS B 405 -18.74 28.86 -43.93
N SER B 406 -19.60 29.55 -43.18
CA SER B 406 -21.04 29.52 -43.50
C SER B 406 -21.38 30.24 -44.81
N THR B 407 -20.73 31.38 -45.05
CA THR B 407 -21.04 32.20 -46.21
C THR B 407 -20.62 31.54 -47.50
N ALA B 408 -19.47 30.86 -47.48
CA ALA B 408 -18.96 30.19 -48.67
C ALA B 408 -19.92 29.10 -49.09
N GLY B 409 -20.44 28.33 -48.14
CA GLY B 409 -21.37 27.27 -48.47
C GLY B 409 -22.65 27.83 -49.04
N LEU B 410 -23.11 28.97 -48.51
CA LEU B 410 -24.37 29.54 -48.98
C LEU B 410 -24.24 30.16 -50.37
N TYR B 411 -23.05 30.64 -50.71
CA TYR B 411 -22.89 31.21 -52.04
C TYR B 411 -22.46 30.19 -53.06
N ASN B 412 -21.66 29.19 -52.67
CA ASN B 412 -21.36 28.09 -53.57
C ASN B 412 -22.64 27.37 -53.97
N GLN B 413 -23.53 27.11 -53.00
CA GLN B 413 -24.84 26.54 -53.30
C GLN B 413 -25.66 27.47 -54.21
N PHE B 414 -25.61 28.78 -53.95
CA PHE B 414 -26.29 29.74 -54.81
C PHE B 414 -25.73 29.72 -56.23
N ILE B 415 -24.40 29.62 -56.37
CA ILE B 415 -23.75 29.62 -57.67
C ILE B 415 -24.15 28.38 -58.46
N LYS B 416 -24.11 27.20 -57.80
CA LYS B 416 -24.46 25.95 -58.47
C LYS B 416 -25.91 25.97 -58.94
N GLY B 417 -26.80 26.54 -58.11
CA GLY B 417 -28.18 26.66 -58.54
C GLY B 417 -28.29 27.61 -59.72
N LEU B 418 -27.47 28.67 -59.72
CA LEU B 418 -27.55 29.69 -60.76
C LEU B 418 -27.19 29.12 -62.12
N ASP B 419 -26.03 28.46 -62.22
CA ASP B 419 -25.64 27.96 -63.53
C ASP B 419 -26.35 26.66 -63.88
N SER B 420 -27.12 26.09 -62.95
CA SER B 420 -27.91 24.91 -63.29
C SER B 420 -28.94 25.23 -64.37
N PHE B 421 -29.57 26.41 -64.30
CA PHE B 421 -30.48 26.87 -65.34
C PHE B 421 -29.85 27.91 -66.25
N SER B 422 -28.55 27.78 -66.53
CA SER B 422 -27.82 28.74 -67.38
C SER B 422 -28.45 28.88 -68.76
N GLY B 423 -28.76 27.75 -69.40
CA GLY B 423 -29.56 27.80 -70.61
C GLY B 423 -30.96 27.36 -70.25
N LYS B 424 -31.55 26.48 -71.09
CA LYS B 424 -32.84 25.83 -70.87
C LYS B 424 -33.98 26.80 -70.56
N PRO B 425 -34.48 27.56 -71.54
CA PRO B 425 -35.59 28.48 -71.28
C PRO B 425 -36.81 27.75 -70.71
N ARG B 426 -37.29 28.26 -69.57
CA ARG B 426 -38.40 27.63 -68.86
C ARG B 426 -39.69 27.68 -69.66
N GLY B 427 -39.98 28.82 -70.28
CA GLY B 427 -41.21 28.96 -71.02
C GLY B 427 -42.37 29.27 -70.09
N SER B 428 -43.33 28.35 -70.01
CA SER B 428 -44.49 28.51 -69.13
C SER B 428 -44.62 27.35 -68.15
N GLY B 429 -43.54 26.61 -67.90
CA GLY B 429 -43.59 25.50 -66.99
C GLY B 429 -42.97 25.81 -65.65
N PRO B 430 -42.49 24.77 -64.95
CA PRO B 430 -41.84 24.99 -63.66
C PRO B 430 -40.35 25.27 -63.85
N PRO B 431 -39.65 25.75 -62.81
CA PRO B 431 -38.19 25.97 -62.92
C PRO B 431 -37.41 24.68 -63.17
N ALA B 432 -36.11 24.88 -63.42
CA ALA B 432 -35.22 23.78 -63.79
C ALA B 432 -35.09 22.74 -62.68
N GLY B 433 -34.55 23.15 -61.54
CA GLY B 433 -34.31 22.22 -60.46
C GLY B 433 -34.72 22.75 -59.10
N PRO B 434 -33.86 22.55 -58.09
CA PRO B 434 -34.15 23.04 -56.74
C PRO B 434 -34.23 24.56 -56.69
N ALA B 435 -35.10 25.05 -55.82
CA ALA B 435 -35.35 26.49 -55.70
C ALA B 435 -34.11 27.22 -55.20
N LEU B 436 -33.87 28.40 -55.76
CA LEU B 436 -32.75 29.23 -55.35
C LEU B 436 -32.95 29.75 -53.93
N PRO B 437 -31.91 29.70 -53.08
CA PRO B 437 -32.02 30.28 -51.74
C PRO B 437 -32.01 31.81 -51.76
N ILE B 438 -33.03 32.41 -52.39
CA ILE B 438 -33.08 33.85 -52.60
C ILE B 438 -33.19 34.59 -51.27
N GLU B 439 -34.11 34.16 -50.41
CA GLU B 439 -34.33 34.85 -49.13
C GLU B 439 -33.11 34.75 -48.23
N ALA B 440 -32.48 33.58 -48.20
CA ALA B 440 -31.28 33.38 -47.39
C ALA B 440 -30.13 34.22 -47.90
N VAL B 441 -29.97 34.31 -49.23
CA VAL B 441 -28.87 35.07 -49.79
C VAL B 441 -29.09 36.56 -49.53
N ILE B 442 -30.33 37.04 -49.72
CA ILE B 442 -30.65 38.46 -49.50
C ILE B 442 -30.38 38.85 -48.05
N LEU B 443 -30.81 38.00 -47.11
CA LEU B 443 -30.56 38.26 -45.70
C LEU B 443 -29.07 38.25 -45.38
N SER B 444 -28.33 37.31 -45.96
CA SER B 444 -26.89 37.21 -45.73
C SER B 444 -26.17 38.43 -46.28
N LEU B 445 -26.57 38.91 -47.46
CA LEU B 445 -26.00 40.12 -48.03
C LEU B 445 -26.26 41.33 -47.16
N GLN B 446 -27.49 41.48 -46.67
CA GLN B 446 -27.79 42.63 -45.82
C GLN B 446 -27.06 42.56 -44.48
N ASP B 447 -26.78 41.33 -44.03
CA ASP B 447 -25.98 41.14 -42.82
C ASP B 447 -24.53 41.50 -43.06
N LEU B 448 -23.97 41.09 -44.20
CA LEU B 448 -22.56 41.40 -44.44
C LEU B 448 -22.36 42.88 -44.72
N ILE B 449 -23.32 43.53 -45.39
CA ILE B 449 -23.23 44.98 -45.62
C ILE B 449 -23.23 45.72 -44.29
N GLY B 450 -24.12 45.34 -43.37
CA GLY B 450 -24.02 45.94 -42.05
C GLY B 450 -22.81 45.49 -41.26
N TYR B 451 -22.26 44.32 -41.59
CA TYR B 451 -21.04 43.86 -40.93
C TYR B 451 -19.85 44.72 -41.34
N PHE B 452 -19.87 45.20 -42.59
CA PHE B 452 -18.77 45.98 -43.13
C PHE B 452 -19.10 47.46 -43.29
N GLU B 453 -20.10 47.96 -42.59
CA GLU B 453 -20.47 49.38 -42.72
C GLU B 453 -19.32 50.24 -42.19
N PRO B 454 -18.93 51.30 -42.90
CA PRO B 454 -17.88 52.17 -42.39
C PRO B 454 -18.30 52.86 -41.11
N PRO B 455 -17.36 53.11 -40.21
CA PRO B 455 -17.70 53.78 -38.95
C PRO B 455 -18.12 55.22 -39.15
N SER B 456 -18.98 55.70 -38.25
CA SER B 456 -19.50 57.06 -38.34
C SER B 456 -18.42 58.09 -38.04
N GLU B 457 -18.59 59.28 -38.62
CA GLU B 457 -17.62 60.35 -38.46
C GLU B 457 -17.66 60.99 -37.08
N GLU B 458 -18.80 60.93 -36.40
CA GLU B 458 -18.97 61.57 -35.09
C GLU B 458 -18.17 60.90 -33.98
N LEU B 459 -17.64 59.70 -34.23
CA LEU B 459 -16.87 58.97 -33.24
C LEU B 459 -15.57 59.70 -32.91
N GLN B 460 -15.11 59.51 -31.68
CA GLN B 460 -13.82 60.07 -31.28
C GLN B 460 -12.72 59.39 -32.06
N HIS B 461 -11.61 60.12 -32.24
CA HIS B 461 -10.49 59.65 -33.05
C HIS B 461 -9.89 58.34 -32.55
N GLU B 462 -9.76 58.20 -31.23
CA GLU B 462 -9.23 56.96 -30.63
C GLU B 462 -10.12 55.77 -30.93
N GLU B 463 -11.44 55.94 -30.83
CA GLU B 463 -12.35 54.83 -31.07
C GLU B 463 -12.46 54.55 -32.56
N LYS B 464 -12.40 55.62 -33.35
CA LYS B 464 -12.55 55.54 -34.80
C LYS B 464 -11.42 54.72 -35.41
N GLN B 465 -10.17 55.00 -35.01
CA GLN B 465 -9.04 54.30 -35.64
C GLN B 465 -9.10 52.81 -35.31
N SER B 466 -9.47 52.46 -34.08
CA SER B 466 -9.61 51.06 -33.70
C SER B 466 -10.72 50.38 -34.51
N LYS B 467 -11.75 51.15 -34.90
CA LYS B 467 -12.77 50.55 -35.75
C LYS B 467 -12.29 50.44 -37.18
N LEU B 468 -11.40 51.33 -37.60
CA LEU B 468 -10.76 51.19 -38.91
C LEU B 468 -9.94 49.91 -38.96
N ARG B 469 -9.14 49.68 -37.91
CA ARG B 469 -8.35 48.45 -37.81
C ARG B 469 -9.22 47.21 -37.87
N SER B 470 -10.33 47.21 -37.11
CA SER B 470 -11.27 46.10 -37.15
C SER B 470 -11.88 45.89 -38.53
N LEU B 471 -12.22 47.00 -39.22
CA LEU B 471 -12.81 46.90 -40.55
C LEU B 471 -11.82 46.40 -41.58
N ARG B 472 -10.60 46.95 -41.59
CA ARG B 472 -9.58 46.55 -42.54
C ARG B 472 -9.20 45.09 -42.33
N ASN B 473 -9.04 44.68 -41.08
CA ASN B 473 -8.69 43.29 -40.79
C ASN B 473 -9.77 42.33 -41.26
N ARG B 474 -11.05 42.67 -41.00
CA ARG B 474 -12.14 41.79 -41.42
C ARG B 474 -12.22 41.69 -42.93
N GLN B 475 -12.04 42.82 -43.62
CA GLN B 475 -12.10 42.85 -45.08
C GLN B 475 -10.98 42.02 -45.68
N SER B 476 -9.76 42.18 -45.13
CA SER B 476 -8.62 41.43 -45.64
C SER B 476 -8.81 39.94 -45.40
N LEU B 477 -9.36 39.57 -44.24
CA LEU B 477 -9.61 38.16 -43.95
C LEU B 477 -10.59 37.54 -44.95
N PHE B 478 -11.65 38.30 -45.30
CA PHE B 478 -12.62 37.81 -46.28
C PHE B 478 -11.99 37.65 -47.66
N GLN B 479 -11.22 38.66 -48.09
CA GLN B 479 -10.58 38.57 -49.40
C GLN B 479 -9.57 37.44 -49.43
N GLU B 480 -8.77 37.29 -48.36
CA GLU B 480 -7.75 36.25 -48.34
C GLU B 480 -8.40 34.87 -48.29
N GLU B 481 -9.60 34.76 -47.73
CA GLU B 481 -10.31 33.48 -47.77
C GLU B 481 -11.12 33.31 -49.04
N GLY B 482 -11.02 34.24 -49.98
CA GLY B 482 -11.71 34.04 -51.25
C GLY B 482 -13.15 34.46 -51.36
N MET B 483 -13.70 35.11 -50.34
CA MET B 483 -15.08 35.57 -50.44
C MET B 483 -15.25 36.64 -51.51
N LEU B 484 -14.22 37.46 -51.72
CA LEU B 484 -14.26 38.46 -52.78
C LEU B 484 -14.30 37.81 -54.16
N SER B 485 -13.56 36.73 -54.37
CA SER B 485 -13.64 36.05 -55.66
C SER B 485 -15.00 35.42 -55.86
N LEU B 486 -15.57 34.85 -54.78
CA LEU B 486 -16.85 34.17 -54.88
C LEU B 486 -17.94 35.16 -55.25
N VAL B 487 -17.91 36.35 -54.63
CA VAL B 487 -18.92 37.34 -55.00
C VAL B 487 -18.69 37.81 -56.42
N LEU B 488 -17.42 37.94 -56.87
CA LEU B 488 -17.16 38.37 -58.25
C LEU B 488 -17.81 37.41 -59.23
N ASN B 489 -17.74 36.10 -58.92
CA ASN B 489 -18.45 35.12 -59.73
C ASN B 489 -19.95 35.33 -59.65
N CYS B 490 -20.45 35.74 -58.47
CA CYS B 490 -21.90 35.93 -58.32
C CYS B 490 -22.40 37.05 -59.25
N ILE B 491 -21.66 38.17 -59.31
CA ILE B 491 -22.01 39.23 -60.28
C ILE B 491 -21.88 38.72 -61.70
N ASP B 492 -20.84 37.91 -61.97
CA ASP B 492 -20.60 37.39 -63.32
C ASP B 492 -21.79 36.55 -63.78
N ARG B 493 -22.26 35.64 -62.94
CA ARG B 493 -23.41 34.80 -63.27
C ARG B 493 -24.69 35.63 -63.43
N LEU B 494 -24.91 36.61 -62.54
CA LEU B 494 -26.13 37.40 -62.64
C LEU B 494 -26.14 38.36 -63.83
N ASN B 495 -24.98 38.79 -64.30
CA ASN B 495 -24.95 39.86 -65.30
C ASN B 495 -25.32 39.42 -66.70
N VAL B 496 -25.34 38.11 -66.99
CA VAL B 496 -25.60 37.64 -68.35
C VAL B 496 -27.01 37.96 -68.83
N TYR B 497 -27.96 38.23 -67.93
CA TYR B 497 -29.33 38.52 -68.28
C TYR B 497 -29.54 40.03 -68.26
N THR B 498 -30.12 40.56 -69.35
CA THR B 498 -30.25 42.00 -69.50
C THR B 498 -31.29 42.57 -68.54
N THR B 499 -32.46 41.95 -68.46
CA THR B 499 -33.56 42.47 -67.68
C THR B 499 -34.13 41.39 -66.76
N ALA B 500 -34.97 41.84 -65.83
CA ALA B 500 -35.62 40.94 -64.88
C ALA B 500 -36.52 39.95 -65.59
N ALA B 501 -37.26 40.42 -66.61
CA ALA B 501 -38.09 39.52 -67.41
C ALA B 501 -37.25 38.45 -68.09
N HIS B 502 -36.07 38.84 -68.59
CA HIS B 502 -35.16 37.87 -69.18
C HIS B 502 -34.66 36.88 -68.15
N PHE B 503 -34.51 37.32 -66.90
CA PHE B 503 -34.16 36.37 -65.84
C PHE B 503 -35.33 35.46 -65.53
N ALA B 504 -36.56 36.00 -65.64
CA ALA B 504 -37.76 35.23 -65.37
C ALA B 504 -37.92 34.10 -66.36
N GLU B 505 -37.49 34.32 -67.61
CA GLU B 505 -37.62 33.31 -68.65
C GLU B 505 -36.70 32.12 -68.42
N TYR B 506 -35.73 32.23 -67.51
CA TYR B 506 -34.75 31.19 -67.24
C TYR B 506 -34.78 30.66 -65.82
N ALA B 507 -35.43 31.37 -64.89
CA ALA B 507 -35.48 30.90 -63.51
C ALA B 507 -36.85 30.97 -62.87
N GLY B 508 -37.81 31.66 -63.48
CA GLY B 508 -39.14 31.73 -62.91
C GLY B 508 -39.57 33.16 -62.65
N GLU B 509 -40.88 33.41 -62.64
CA GLU B 509 -41.38 34.75 -62.38
C GLU B 509 -41.13 35.20 -60.95
N GLU B 510 -41.14 34.26 -59.99
CA GLU B 510 -40.91 34.60 -58.59
C GLU B 510 -39.48 35.10 -58.33
N ALA B 511 -38.52 34.68 -59.15
CA ALA B 511 -37.15 35.14 -59.03
C ALA B 511 -36.89 36.44 -59.78
N ALA B 512 -37.87 36.95 -60.53
CA ALA B 512 -37.68 38.19 -61.27
C ALA B 512 -37.71 39.43 -60.38
N GLU B 513 -38.53 39.41 -59.34
CA GLU B 513 -38.66 40.57 -58.45
C GLU B 513 -37.40 40.82 -57.66
N SER B 514 -36.69 39.76 -57.28
CA SER B 514 -35.50 39.86 -56.44
C SER B 514 -34.22 40.05 -57.23
N TRP B 515 -34.26 39.99 -58.57
CA TRP B 515 -33.06 40.12 -59.39
C TRP B 515 -32.41 41.50 -59.24
N LYS B 516 -33.22 42.56 -59.31
CA LYS B 516 -32.70 43.92 -59.16
C LYS B 516 -32.15 44.14 -57.76
N GLU B 517 -32.86 43.65 -56.74
CA GLU B 517 -32.41 43.81 -55.37
C GLU B 517 -31.13 43.06 -55.13
N ILE B 518 -31.02 41.85 -55.69
CA ILE B 518 -29.87 41.02 -55.38
C ILE B 518 -28.66 41.49 -56.16
N VAL B 519 -28.84 42.26 -57.24
CA VAL B 519 -27.65 42.76 -57.91
C VAL B 519 -27.19 44.06 -57.25
N ASN B 520 -28.14 44.88 -56.74
CA ASN B 520 -27.75 46.06 -55.96
C ASN B 520 -27.00 45.65 -54.70
N LEU B 521 -27.50 44.62 -54.00
CA LEU B 521 -26.86 44.21 -52.75
C LEU B 521 -25.46 43.69 -53.00
N LEU B 522 -25.26 42.95 -54.10
CA LEU B 522 -23.93 42.46 -54.44
C LEU B 522 -22.97 43.61 -54.70
N TYR B 523 -23.42 44.63 -55.43
CA TYR B 523 -22.55 45.78 -55.67
C TYR B 523 -22.22 46.53 -54.39
N GLU B 524 -23.20 46.72 -53.50
CA GLU B 524 -22.92 47.35 -52.20
C GLU B 524 -21.96 46.52 -51.36
N LEU B 525 -22.11 45.19 -51.37
CA LEU B 525 -21.17 44.34 -50.66
C LEU B 525 -19.77 44.42 -51.24
N LEU B 526 -19.65 44.45 -52.58
CA LEU B 526 -18.35 44.58 -53.21
C LEU B 526 -17.69 45.91 -52.85
N ALA B 527 -18.48 46.99 -52.85
CA ALA B 527 -17.98 48.30 -52.46
C ALA B 527 -17.50 48.30 -51.02
N SER B 528 -18.26 47.65 -50.12
CA SER B 528 -17.86 47.63 -48.72
C SER B 528 -16.61 46.77 -48.53
N LEU B 529 -16.50 45.67 -49.30
CA LEU B 529 -15.34 44.79 -49.21
C LEU B 529 -14.06 45.45 -49.68
N ILE B 530 -14.17 46.44 -50.57
CA ILE B 530 -12.97 47.02 -51.16
C ILE B 530 -12.70 48.44 -50.71
N ARG B 531 -13.68 49.12 -50.09
CA ARG B 531 -13.55 50.51 -49.70
C ARG B 531 -12.44 50.73 -48.68
N GLY B 532 -11.39 51.44 -49.08
CA GLY B 532 -10.31 51.80 -48.19
C GLY B 532 -9.12 50.87 -48.21
N ASN B 533 -9.25 49.69 -48.83
CA ASN B 533 -8.16 48.74 -48.90
C ASN B 533 -7.30 48.97 -50.12
N ARG B 534 -6.02 49.26 -49.89
CA ARG B 534 -5.06 49.32 -50.99
C ARG B 534 -4.89 47.94 -51.61
N ALA B 535 -4.85 46.90 -50.78
CA ALA B 535 -4.63 45.54 -51.27
C ALA B 535 -5.82 45.04 -52.07
N ASN B 536 -7.03 45.20 -51.51
CA ASN B 536 -8.20 44.67 -52.21
C ASN B 536 -8.52 45.50 -53.45
N CYS B 537 -8.33 46.83 -53.37
CA CYS B 537 -8.50 47.65 -54.56
C CYS B 537 -7.49 47.32 -55.64
N ALA B 538 -6.27 46.91 -55.25
CA ALA B 538 -5.24 46.56 -56.23
C ALA B 538 -5.62 45.34 -57.06
N LEU B 539 -6.51 44.48 -56.55
CA LEU B 539 -6.92 43.28 -57.26
C LEU B 539 -7.71 43.55 -58.53
N PHE B 540 -8.20 44.77 -58.73
CA PHE B 540 -8.94 45.11 -59.92
C PHE B 540 -8.05 45.64 -61.04
N SER B 541 -6.75 45.78 -60.78
CA SER B 541 -5.82 46.26 -61.80
C SER B 541 -5.67 45.29 -62.96
N THR B 542 -5.96 44.01 -62.75
CA THR B 542 -5.85 43.02 -63.81
C THR B 542 -7.11 42.94 -64.65
N ASN B 543 -8.28 43.03 -64.00
CA ASN B 543 -9.56 42.92 -64.66
C ASN B 543 -10.35 44.22 -64.54
N LEU B 544 -9.67 45.35 -64.77
CA LEU B 544 -10.33 46.65 -64.69
C LEU B 544 -11.42 46.81 -65.75
N ASP B 545 -11.28 46.14 -66.90
CA ASP B 545 -12.30 46.22 -67.95
C ASP B 545 -13.61 45.56 -67.52
N TRP B 546 -13.56 44.67 -66.53
CA TRP B 546 -14.75 43.99 -66.04
C TRP B 546 -15.75 44.98 -65.44
N VAL B 547 -15.26 45.96 -64.68
CA VAL B 547 -16.18 46.92 -64.07
C VAL B 547 -16.50 48.05 -65.02
N VAL B 548 -15.57 48.45 -65.89
CA VAL B 548 -15.81 49.54 -66.83
C VAL B 548 -16.87 49.13 -67.84
N SER B 549 -16.84 47.87 -68.28
CA SER B 549 -17.81 47.38 -69.24
C SER B 549 -19.23 47.35 -68.69
N LYS B 550 -19.40 47.29 -67.37
CA LYS B 550 -20.72 47.27 -66.75
C LYS B 550 -21.28 48.66 -66.49
N LEU B 551 -20.52 49.71 -66.80
CA LEU B 551 -20.91 51.08 -66.48
C LEU B 551 -22.17 51.54 -67.20
N ASP B 552 -22.55 50.88 -68.29
CA ASP B 552 -23.72 51.26 -69.05
C ASP B 552 -24.99 50.52 -68.64
N ARG B 553 -24.89 49.55 -67.74
CA ARG B 553 -26.06 48.84 -67.26
C ARG B 553 -26.93 49.77 -66.43
N LEU B 554 -28.25 49.70 -66.63
CA LEU B 554 -29.17 50.61 -65.98
C LEU B 554 -29.79 50.05 -64.71
N GLU B 555 -29.78 48.72 -64.52
CA GLU B 555 -30.38 48.14 -63.32
C GLU B 555 -29.65 48.57 -62.05
N ALA B 556 -28.32 48.64 -62.09
CA ALA B 556 -27.52 49.14 -60.97
C ALA B 556 -26.40 50.02 -61.53
N SER B 557 -26.68 51.31 -61.67
CA SER B 557 -25.70 52.27 -62.17
C SER B 557 -24.91 52.96 -61.07
N SER B 558 -25.59 53.38 -60.00
CA SER B 558 -24.89 53.99 -58.87
C SER B 558 -24.02 53.00 -58.12
N GLY B 559 -24.43 51.73 -58.04
CA GLY B 559 -23.63 50.75 -57.32
C GLY B 559 -22.29 50.51 -57.98
N ILE B 560 -22.30 50.31 -59.31
CA ILE B 560 -21.05 50.08 -60.03
C ILE B 560 -20.22 51.35 -60.05
N LEU B 561 -20.87 52.53 -60.16
CA LEU B 561 -20.14 53.79 -60.13
C LEU B 561 -19.44 53.98 -58.78
N GLU B 562 -20.10 53.59 -57.69
CA GLU B 562 -19.50 53.63 -56.36
C GLU B 562 -18.31 52.67 -56.27
N VAL B 563 -18.43 51.48 -56.86
CA VAL B 563 -17.34 50.51 -56.86
C VAL B 563 -16.13 51.07 -57.59
N LEU B 564 -16.37 51.67 -58.76
CA LEU B 564 -15.30 52.29 -59.53
C LEU B 564 -14.65 53.42 -58.75
N TYR B 565 -15.47 54.25 -58.09
CA TYR B 565 -14.95 55.39 -57.34
C TYR B 565 -14.06 54.91 -56.20
N CYS B 566 -14.48 53.83 -55.53
CA CYS B 566 -13.70 53.28 -54.41
C CYS B 566 -12.38 52.72 -54.90
N VAL B 567 -12.37 52.09 -56.09
CA VAL B 567 -11.13 51.54 -56.61
C VAL B 567 -10.15 52.66 -56.93
N LEU B 568 -10.64 53.67 -57.67
CA LEU B 568 -9.78 54.74 -58.15
C LEU B 568 -9.22 55.58 -57.02
N ILE B 569 -10.04 55.87 -56.00
CA ILE B 569 -9.60 56.78 -54.93
C ILE B 569 -8.51 56.13 -54.07
N GLU B 570 -8.33 54.82 -54.16
CA GLU B 570 -7.44 54.09 -53.28
C GLU B 570 -6.20 53.54 -53.96
N SER B 571 -6.30 53.01 -55.18
CA SER B 571 -5.12 52.39 -55.78
C SER B 571 -4.57 53.20 -56.94
N PRO B 572 -3.40 53.84 -56.79
CA PRO B 572 -2.77 54.53 -57.93
C PRO B 572 -2.37 53.60 -59.07
N GLU B 573 -2.02 52.36 -58.77
CA GLU B 573 -1.63 51.41 -59.81
C GLU B 573 -2.76 51.08 -60.77
N VAL B 574 -4.01 51.25 -60.34
CA VAL B 574 -5.16 51.11 -61.23
C VAL B 574 -5.16 52.22 -62.27
N LEU B 575 -4.72 53.42 -61.89
CA LEU B 575 -4.74 54.59 -62.79
C LEU B 575 -3.86 54.36 -64.01
N ASN B 576 -2.69 53.75 -63.81
CA ASN B 576 -1.78 53.54 -64.93
C ASN B 576 -2.33 52.57 -65.97
N ILE B 577 -3.32 51.75 -65.60
CA ILE B 577 -3.98 50.84 -66.53
C ILE B 577 -5.05 51.53 -67.37
N ILE B 578 -5.48 52.74 -66.96
CA ILE B 578 -6.56 53.45 -67.63
C ILE B 578 -6.16 53.80 -69.06
N GLN B 579 -7.04 53.52 -70.01
CA GLN B 579 -6.82 53.81 -71.42
C GLN B 579 -7.91 54.74 -71.96
N GLU B 580 -7.75 55.05 -73.26
CA GLU B 580 -8.70 55.90 -73.95
C GLU B 580 -10.07 55.26 -74.05
N ASN B 581 -10.13 53.93 -74.05
CA ASN B 581 -11.41 53.22 -74.09
C ASN B 581 -12.18 53.51 -72.82
N HIS B 582 -11.48 53.50 -71.69
CA HIS B 582 -12.13 53.70 -70.41
C HIS B 582 -12.54 55.15 -70.26
N ILE B 583 -11.69 56.09 -70.69
CA ILE B 583 -12.06 57.51 -70.59
C ILE B 583 -13.28 57.82 -71.43
N LYS B 584 -13.33 57.27 -72.67
CA LYS B 584 -14.49 57.44 -73.54
C LYS B 584 -15.71 56.68 -73.03
N SER B 585 -15.52 55.74 -72.10
CA SER B 585 -16.64 55.04 -71.53
C SER B 585 -17.21 55.80 -70.34
N ILE B 586 -16.35 56.33 -69.48
CA ILE B 586 -16.80 57.11 -68.34
C ILE B 586 -17.49 58.40 -68.79
N ILE B 587 -16.95 59.07 -69.82
CA ILE B 587 -17.55 60.30 -70.33
C ILE B 587 -18.94 60.02 -70.89
N SER B 588 -19.12 58.85 -71.51
CA SER B 588 -20.42 58.46 -72.04
C SER B 588 -21.48 58.42 -70.95
N LEU B 589 -21.10 58.09 -69.71
CA LEU B 589 -22.05 58.12 -68.59
C LEU B 589 -22.56 59.53 -68.34
N LEU B 590 -21.68 60.52 -68.48
CA LEU B 590 -22.11 61.92 -68.39
C LEU B 590 -23.09 62.25 -69.50
N ASP B 591 -22.85 61.71 -70.69
CA ASP B 591 -23.75 62.01 -71.80
C ASP B 591 -25.07 61.26 -71.72
N LYS B 592 -25.08 60.06 -71.16
CA LYS B 592 -26.24 59.17 -71.15
C LYS B 592 -27.06 59.21 -69.86
N HIS B 593 -26.41 59.31 -68.71
CA HIS B 593 -27.10 59.22 -67.43
C HIS B 593 -27.36 60.58 -66.79
N GLY B 594 -27.11 61.66 -67.49
CA GLY B 594 -27.37 62.97 -66.95
C GLY B 594 -26.21 63.54 -66.16
N ARG B 595 -26.43 64.75 -65.64
CA ARG B 595 -25.40 65.47 -64.90
C ARG B 595 -25.28 64.91 -63.49
N ASN B 596 -24.53 63.83 -63.37
CA ASN B 596 -24.22 63.20 -62.10
C ASN B 596 -22.84 63.68 -61.66
N HIS B 597 -22.80 64.48 -60.60
CA HIS B 597 -21.55 65.07 -60.13
C HIS B 597 -20.56 64.03 -59.61
N LYS B 598 -21.04 62.86 -59.20
CA LYS B 598 -20.12 61.80 -58.77
C LYS B 598 -19.24 61.32 -59.92
N VAL B 599 -19.70 61.45 -61.17
CA VAL B 599 -18.86 61.14 -62.31
C VAL B 599 -17.71 62.13 -62.36
N LEU B 600 -18.01 63.41 -62.10
CA LEU B 600 -16.96 64.42 -62.05
C LEU B 600 -15.98 64.13 -60.92
N ASP B 601 -16.47 63.57 -59.81
CA ASP B 601 -15.59 63.13 -58.74
C ASP B 601 -14.66 62.00 -59.19
N VAL B 602 -15.19 61.07 -59.99
CA VAL B 602 -14.38 59.99 -60.55
C VAL B 602 -13.32 60.56 -61.49
N LEU B 603 -13.72 61.53 -62.31
CA LEU B 603 -12.79 62.17 -63.23
C LEU B 603 -11.71 62.93 -62.47
N CYS B 604 -12.09 63.58 -61.36
CA CYS B 604 -11.10 64.28 -60.54
C CYS B 604 -10.11 63.30 -59.95
N SER B 605 -10.60 62.12 -59.54
CA SER B 605 -9.73 61.11 -58.95
C SER B 605 -8.81 60.49 -60.00
N LEU B 606 -9.19 60.58 -61.28
CA LEU B 606 -8.34 60.01 -62.33
C LEU B 606 -7.12 60.86 -62.64
N CYS B 607 -7.12 62.14 -62.30
CA CYS B 607 -5.97 62.97 -62.63
C CYS B 607 -4.85 62.80 -61.63
N VAL B 608 -5.13 63.06 -60.35
CA VAL B 608 -4.11 63.05 -59.30
C VAL B 608 -4.46 61.95 -58.31
N CYS B 609 -3.48 61.13 -57.97
CA CYS B 609 -3.64 60.09 -56.96
C CYS B 609 -2.46 60.18 -56.01
N ASN B 610 -2.76 60.40 -54.72
CA ASN B 610 -1.79 60.51 -53.63
C ASN B 610 -0.75 61.59 -53.91
N GLY B 611 -1.21 62.71 -54.48
CA GLY B 611 -0.35 63.84 -54.77
C GLY B 611 0.56 63.66 -55.96
N VAL B 612 0.33 62.65 -56.81
CA VAL B 612 1.14 62.43 -57.99
C VAL B 612 0.24 62.52 -59.21
N ALA B 613 0.60 63.40 -60.13
CA ALA B 613 -0.18 63.59 -61.36
C ALA B 613 0.04 62.44 -62.33
N VAL B 614 -0.95 62.23 -63.20
CA VAL B 614 -0.85 61.24 -64.28
C VAL B 614 -1.23 62.01 -65.55
N ARG B 615 -0.20 62.53 -66.24
CA ARG B 615 -0.44 63.43 -67.36
C ARG B 615 -1.05 62.72 -68.57
N SER B 616 -0.92 61.39 -68.65
CA SER B 616 -1.60 60.66 -69.72
C SER B 616 -3.10 60.73 -69.55
N ASN B 617 -3.57 60.61 -68.31
CA ASN B 617 -5.00 60.66 -68.06
C ASN B 617 -5.49 62.09 -68.14
N GLN B 618 -4.64 63.04 -67.71
CA GLN B 618 -5.03 64.45 -67.79
C GLN B 618 -5.21 64.86 -69.24
N ASP B 619 -4.30 64.40 -70.12
CA ASP B 619 -4.39 64.74 -71.54
C ASP B 619 -5.60 64.10 -72.18
N LEU B 620 -5.92 62.84 -71.83
CA LEU B 620 -7.07 62.19 -72.44
C LEU B 620 -8.36 62.89 -72.03
N ILE B 621 -8.46 63.26 -70.74
CA ILE B 621 -9.66 63.91 -70.23
C ILE B 621 -9.87 65.26 -70.91
N THR B 622 -8.83 66.10 -70.94
CA THR B 622 -8.99 67.40 -71.60
C THR B 622 -9.15 67.26 -73.11
N GLU B 623 -8.71 66.14 -73.70
CA GLU B 623 -8.87 65.94 -75.13
C GLU B 623 -10.30 65.55 -75.47
N ASN B 624 -10.95 64.78 -74.60
CA ASN B 624 -12.25 64.23 -74.94
C ASN B 624 -13.42 65.00 -74.36
N LEU B 625 -13.25 65.67 -73.22
CA LEU B 625 -14.37 66.30 -72.54
C LEU B 625 -14.53 67.77 -72.93
N LEU B 626 -13.44 68.51 -72.92
CA LEU B 626 -13.51 69.97 -73.05
C LEU B 626 -13.85 70.50 -74.45
N PRO B 627 -13.17 70.11 -75.56
CA PRO B 627 -13.40 70.83 -76.84
C PRO B 627 -14.82 70.75 -77.39
N GLY B 628 -15.55 69.67 -77.12
CA GLY B 628 -16.90 69.52 -77.63
C GLY B 628 -17.85 70.62 -77.19
N ARG B 629 -17.71 71.07 -75.94
CA ARG B 629 -18.53 72.14 -75.33
C ARG B 629 -20.03 71.83 -75.39
N GLU B 630 -20.39 70.56 -75.13
CA GLU B 630 -21.77 70.16 -75.16
C GLU B 630 -22.27 69.56 -73.85
N LEU B 631 -21.38 69.16 -72.94
CA LEU B 631 -21.79 68.59 -71.67
C LEU B 631 -21.62 69.59 -70.53
N LEU B 632 -20.41 70.12 -70.37
CA LEU B 632 -20.14 71.06 -69.30
C LEU B 632 -20.74 72.41 -69.61
N LEU B 633 -21.29 73.06 -68.59
CA LEU B 633 -21.86 74.39 -68.75
C LEU B 633 -20.79 75.42 -69.10
N GLN B 634 -21.07 76.24 -70.11
CA GLN B 634 -20.15 77.29 -70.51
C GLN B 634 -20.47 78.60 -69.78
N THR B 635 -19.47 79.49 -69.74
CA THR B 635 -19.61 80.80 -69.13
C THR B 635 -19.01 81.85 -70.05
N ASN B 636 -19.49 83.09 -69.89
CA ASN B 636 -19.01 84.24 -70.64
C ASN B 636 -19.51 85.51 -69.96
N LEU B 637 -18.89 86.63 -70.33
CA LEU B 637 -19.30 87.94 -69.88
C LEU B 637 -20.02 88.64 -71.03
N ILE B 638 -21.26 89.06 -70.79
CA ILE B 638 -22.05 89.71 -71.82
C ILE B 638 -22.63 91.01 -71.26
N ASN B 639 -23.00 91.89 -72.18
CA ASN B 639 -23.56 93.19 -71.83
C ASN B 639 -25.07 93.11 -71.73
N TYR B 640 -25.65 93.96 -70.88
CA TYR B 640 -27.09 94.06 -70.81
C TYR B 640 -27.63 94.71 -72.07
N VAL B 641 -28.76 94.20 -72.55
CA VAL B 641 -29.41 94.68 -73.77
C VAL B 641 -30.83 95.08 -73.42
N THR B 642 -31.22 96.30 -73.78
CA THR B 642 -32.57 96.77 -73.50
C THR B 642 -33.24 97.25 -74.78
N SER B 643 -34.55 97.46 -74.71
CA SER B 643 -35.32 97.91 -75.86
C SER B 643 -36.15 99.13 -75.49
N ILE B 644 -36.37 99.97 -76.48
CA ILE B 644 -37.14 101.21 -76.37
C ILE B 644 -38.09 101.32 -77.55
N ARG B 645 -39.34 101.65 -77.29
CA ARG B 645 -40.36 101.79 -78.32
C ARG B 645 -41.17 103.05 -78.09
N PRO B 646 -41.72 103.63 -79.14
CA PRO B 646 -42.75 104.67 -78.98
C PRO B 646 -44.12 104.02 -78.83
N ASN B 647 -45.01 104.69 -78.09
CA ASN B 647 -46.34 104.14 -77.82
C ASN B 647 -47.21 104.27 -79.08
N ILE B 648 -46.83 103.52 -80.11
CA ILE B 648 -47.53 103.48 -81.38
C ILE B 648 -47.85 102.02 -81.67
N PHE B 649 -49.10 101.73 -82.00
CA PHE B 649 -49.51 100.36 -82.25
C PHE B 649 -50.33 100.32 -83.52
N VAL B 650 -50.04 99.34 -84.37
CA VAL B 650 -50.78 99.12 -85.61
C VAL B 650 -51.07 97.64 -85.73
N GLY B 651 -52.05 97.32 -86.56
CA GLY B 651 -52.44 95.93 -86.76
C GLY B 651 -53.53 95.86 -87.80
N ARG B 652 -53.82 94.63 -88.22
CA ARG B 652 -54.87 94.36 -89.19
C ARG B 652 -55.89 93.41 -88.58
N ALA B 653 -57.15 93.68 -88.87
CA ALA B 653 -58.25 92.85 -88.42
C ALA B 653 -59.44 93.08 -89.34
N GLU B 654 -60.38 92.14 -89.31
CA GLU B 654 -61.60 92.21 -90.11
C GLU B 654 -62.43 93.43 -89.71
N GLY B 655 -62.58 94.40 -90.61
CA GLY B 655 -63.29 95.62 -90.28
C GLY B 655 -62.61 96.47 -89.24
N SER B 656 -61.28 96.51 -89.25
CA SER B 656 -60.50 97.32 -88.32
C SER B 656 -60.35 98.75 -88.83
N THR B 657 -60.28 99.69 -87.89
CA THR B 657 -60.20 101.11 -88.20
C THR B 657 -58.77 101.59 -88.40
N GLN B 658 -57.85 100.68 -88.72
CA GLN B 658 -56.43 100.98 -88.80
C GLN B 658 -55.92 100.79 -90.22
N TYR B 659 -55.02 101.67 -90.63
CA TYR B 659 -54.41 101.58 -91.95
C TYR B 659 -53.39 100.44 -91.97
N GLY B 660 -53.13 99.90 -93.15
CA GLY B 660 -52.29 98.73 -93.24
C GLY B 660 -50.93 98.89 -93.89
N LYS B 661 -50.33 100.06 -93.75
CA LYS B 661 -49.00 100.35 -94.29
C LYS B 661 -48.41 101.48 -93.45
N TRP B 662 -47.19 101.31 -92.99
CA TRP B 662 -46.57 102.30 -92.10
C TRP B 662 -45.07 102.35 -92.35
N TYR B 663 -44.47 103.45 -91.93
CA TYR B 663 -43.10 103.79 -92.28
C TYR B 663 -42.46 104.62 -91.17
N PHE B 664 -41.28 104.22 -90.71
CA PHE B 664 -40.58 105.05 -89.73
C PHE B 664 -39.09 104.99 -90.02
N GLU B 665 -38.33 105.90 -89.40
CA GLU B 665 -36.89 105.93 -89.61
C GLU B 665 -36.16 106.13 -88.30
N VAL B 666 -34.87 105.80 -88.31
CA VAL B 666 -33.99 106.04 -87.17
C VAL B 666 -32.70 106.68 -87.64
N MET B 667 -32.12 107.49 -86.76
CA MET B 667 -30.86 108.19 -87.02
C MET B 667 -29.85 107.79 -85.96
N VAL B 668 -28.62 107.55 -86.39
CA VAL B 668 -27.55 107.09 -85.50
C VAL B 668 -26.69 108.30 -85.14
N ASP B 669 -26.61 108.63 -83.85
CA ASP B 669 -25.76 109.75 -83.46
C ASP B 669 -24.35 109.29 -83.09
N GLU B 670 -24.25 108.44 -82.06
CA GLU B 670 -22.96 107.93 -81.59
C GLU B 670 -23.08 106.44 -81.34
N VAL B 671 -22.08 105.68 -81.80
CA VAL B 671 -21.99 104.25 -81.58
C VAL B 671 -20.53 103.92 -81.31
N VAL B 672 -20.24 103.50 -80.08
CA VAL B 672 -18.89 103.06 -79.73
C VAL B 672 -18.79 101.61 -80.17
N PRO B 673 -17.84 101.28 -81.07
CA PRO B 673 -17.73 99.89 -81.55
C PRO B 673 -17.47 98.85 -80.48
N PHE B 674 -16.69 99.19 -79.46
CA PHE B 674 -16.40 98.26 -78.37
C PHE B 674 -16.23 99.10 -77.10
N LEU B 675 -17.33 99.27 -76.36
CA LEU B 675 -17.24 99.83 -75.03
C LEU B 675 -16.73 98.78 -74.03
N THR B 676 -17.08 97.52 -74.27
CA THR B 676 -16.54 96.40 -73.50
C THR B 676 -15.97 95.37 -74.47
N ALA B 677 -15.63 94.19 -73.95
CA ALA B 677 -15.11 93.12 -74.81
C ALA B 677 -16.14 92.66 -75.83
N GLN B 678 -17.40 92.55 -75.42
CA GLN B 678 -18.46 92.12 -76.32
C GLN B 678 -18.74 93.21 -77.35
N ALA B 679 -19.14 92.77 -78.55
CA ALA B 679 -19.49 93.70 -79.62
C ALA B 679 -20.74 94.49 -79.24
N THR B 680 -20.74 95.77 -79.62
CA THR B 680 -21.88 96.64 -79.35
C THR B 680 -23.10 96.16 -80.14
N HIS B 681 -24.25 96.13 -79.46
CA HIS B 681 -25.49 95.63 -80.03
C HIS B 681 -26.41 96.80 -80.35
N LEU B 682 -26.92 96.81 -81.58
CA LEU B 682 -27.89 97.82 -82.00
C LEU B 682 -28.71 97.26 -83.15
N ARG B 683 -30.02 97.13 -82.93
CA ARG B 683 -30.93 96.59 -83.93
C ARG B 683 -32.17 97.46 -83.95
N VAL B 684 -32.79 97.57 -85.12
CA VAL B 684 -34.01 98.34 -85.33
C VAL B 684 -35.00 97.45 -86.06
N GLY B 685 -36.25 97.43 -85.60
CA GLY B 685 -37.22 96.60 -86.28
C GLY B 685 -38.60 96.71 -85.68
N TRP B 686 -39.47 95.82 -86.16
CA TRP B 686 -40.83 95.72 -85.68
C TRP B 686 -40.94 94.50 -84.77
N ALA B 687 -41.84 94.60 -83.78
CA ALA B 687 -42.11 93.49 -82.88
C ALA B 687 -43.61 93.41 -82.63
N LEU B 688 -44.01 92.33 -81.97
CA LEU B 688 -45.42 92.01 -81.78
C LEU B 688 -45.73 92.03 -80.29
N THR B 689 -46.96 92.44 -79.96
CA THR B 689 -47.34 92.74 -78.58
C THR B 689 -47.73 91.54 -77.74
N GLU B 690 -47.65 90.32 -78.27
CA GLU B 690 -48.10 89.13 -77.56
C GLU B 690 -47.01 88.08 -77.52
N GLY B 691 -45.83 88.47 -77.02
CA GLY B 691 -44.73 87.53 -76.97
C GLY B 691 -43.35 88.12 -77.14
N TYR B 692 -43.26 89.41 -77.47
CA TYR B 692 -41.97 90.09 -77.40
C TYR B 692 -41.89 90.76 -76.04
N SER B 693 -41.33 90.03 -75.07
CA SER B 693 -41.11 90.54 -73.71
C SER B 693 -39.66 90.25 -73.33
N PRO B 694 -38.72 91.05 -73.84
CA PRO B 694 -37.29 90.80 -73.58
C PRO B 694 -36.85 91.20 -72.17
N TYR B 695 -37.07 90.28 -71.24
CA TYR B 695 -36.66 90.45 -69.86
C TYR B 695 -35.15 90.66 -69.78
N PRO B 696 -34.69 91.63 -68.99
CA PRO B 696 -33.25 91.91 -68.93
C PRO B 696 -32.45 90.74 -68.37
N GLY B 697 -31.23 90.61 -68.87
CA GLY B 697 -30.32 89.58 -68.41
C GLY B 697 -30.27 88.39 -69.35
N GLY B 698 -30.41 87.19 -68.80
CA GLY B 698 -30.30 85.98 -69.58
C GLY B 698 -31.55 85.70 -70.41
N GLY B 699 -31.47 84.60 -71.16
CA GLY B 699 -32.58 84.20 -72.00
C GLY B 699 -32.20 83.23 -73.09
N GLU B 700 -32.65 83.49 -74.31
CA GLU B 700 -32.34 82.61 -75.43
C GLU B 700 -30.90 82.79 -75.88
N GLY B 701 -30.31 81.68 -76.34
CA GLY B 701 -28.95 81.69 -76.88
C GLY B 701 -27.94 82.10 -75.83
N TRP B 702 -27.08 83.04 -76.21
CA TRP B 702 -26.03 83.53 -75.33
C TRP B 702 -26.42 84.82 -74.62
N GLY B 703 -27.72 85.05 -74.42
CA GLY B 703 -28.17 86.21 -73.67
C GLY B 703 -28.07 87.51 -74.45
N GLY B 704 -28.38 88.59 -73.75
CA GLY B 704 -28.47 89.91 -74.36
C GLY B 704 -29.51 89.98 -75.46
N ASN B 705 -30.64 89.32 -75.25
CA ASN B 705 -31.67 89.20 -76.26
C ASN B 705 -32.34 90.54 -76.54
N GLY B 706 -32.67 90.77 -77.80
CA GLY B 706 -33.37 91.98 -78.22
C GLY B 706 -34.31 91.69 -79.35
N VAL B 707 -34.37 92.62 -80.31
CA VAL B 707 -35.23 92.43 -81.47
C VAL B 707 -34.64 91.36 -82.38
N GLY B 708 -35.47 90.43 -82.82
CA GLY B 708 -35.03 89.37 -83.70
C GLY B 708 -34.53 88.12 -83.02
N ASP B 709 -34.37 88.14 -81.71
CA ASP B 709 -33.97 86.95 -80.97
C ASP B 709 -35.12 85.95 -80.80
N ASP B 710 -36.32 86.32 -81.20
CA ASP B 710 -37.50 85.47 -81.09
C ASP B 710 -38.42 85.77 -82.25
N LEU B 711 -39.35 84.84 -82.52
CA LEU B 711 -40.27 85.00 -83.64
C LEU B 711 -41.37 86.06 -83.40
N TYR B 712 -41.31 86.85 -82.33
CA TYR B 712 -42.23 87.94 -82.10
C TYR B 712 -41.60 89.29 -82.43
N SER B 713 -40.47 89.29 -83.10
CA SER B 713 -39.80 90.51 -83.52
C SER B 713 -39.08 90.23 -84.83
N TYR B 714 -38.78 91.30 -85.57
CA TYR B 714 -38.15 91.18 -86.89
C TYR B 714 -37.20 92.36 -87.05
N GLY B 715 -35.92 92.15 -86.77
CA GLY B 715 -35.00 93.27 -86.70
C GLY B 715 -33.89 93.32 -87.73
N PHE B 716 -33.37 94.52 -87.95
CA PHE B 716 -32.31 94.77 -88.91
C PHE B 716 -31.19 95.51 -88.20
N ASP B 717 -29.95 95.09 -88.46
CA ASP B 717 -28.79 95.61 -87.76
C ASP B 717 -27.78 96.30 -88.67
N GLY B 718 -28.02 96.33 -89.98
CA GLY B 718 -27.07 96.85 -90.94
C GLY B 718 -26.41 95.78 -91.78
N LEU B 719 -26.35 94.56 -91.28
CA LEU B 719 -25.79 93.46 -92.05
C LEU B 719 -26.62 92.19 -92.06
N HIS B 720 -27.53 92.00 -91.11
CA HIS B 720 -28.26 90.76 -90.99
C HIS B 720 -29.75 91.04 -90.79
N LEU B 721 -30.56 90.05 -91.17
CA LEU B 721 -31.96 90.02 -90.77
C LEU B 721 -32.09 89.08 -89.58
N TRP B 722 -32.55 89.62 -88.47
CA TRP B 722 -32.67 88.88 -87.23
C TRP B 722 -34.10 88.41 -87.03
N THR B 723 -34.27 87.09 -86.94
CA THR B 723 -35.57 86.49 -86.66
C THR B 723 -35.32 85.11 -86.08
N GLY B 724 -35.97 84.83 -84.95
CA GLY B 724 -35.80 83.55 -84.24
C GLY B 724 -34.38 83.27 -83.81
N HIS B 725 -33.65 84.31 -83.38
CA HIS B 725 -32.23 84.24 -82.99
C HIS B 725 -31.38 83.64 -84.11
N VAL B 726 -31.66 84.05 -85.35
CA VAL B 726 -30.90 83.61 -86.52
C VAL B 726 -30.57 84.85 -87.35
N ALA B 727 -29.31 84.99 -87.75
CA ALA B 727 -28.84 86.10 -88.55
C ALA B 727 -28.54 85.62 -89.97
N ARG B 728 -29.04 86.37 -90.96
CA ARG B 728 -28.83 86.03 -92.36
C ARG B 728 -28.32 87.28 -93.08
N PRO B 729 -27.15 87.21 -93.74
CA PRO B 729 -26.56 88.41 -94.35
C PRO B 729 -27.42 88.97 -95.48
N VAL B 730 -27.38 90.30 -95.62
CA VAL B 730 -28.16 91.01 -96.64
C VAL B 730 -27.22 91.83 -97.51
N THR B 731 -27.42 91.77 -98.82
CA THR B 731 -26.64 92.55 -99.75
C THR B 731 -27.14 93.99 -99.71
N SER B 732 -26.20 94.93 -99.61
CA SER B 732 -26.55 96.35 -99.62
C SER B 732 -25.49 97.10 -100.43
N PRO B 733 -25.86 98.23 -101.04
CA PRO B 733 -24.86 99.03 -101.77
C PRO B 733 -23.90 99.74 -100.84
N GLY B 734 -22.89 99.02 -100.37
CA GLY B 734 -22.01 99.53 -99.34
C GLY B 734 -22.41 99.03 -97.98
N GLN B 735 -22.58 97.71 -97.87
CA GLN B 735 -23.03 97.09 -96.63
C GLN B 735 -21.99 97.24 -95.52
N HIS B 736 -22.48 97.51 -94.31
CA HIS B 736 -21.66 97.64 -93.12
C HIS B 736 -22.56 97.62 -91.89
N LEU B 737 -21.93 97.56 -90.72
CA LEU B 737 -22.64 97.75 -89.47
C LEU B 737 -23.09 99.21 -89.37
N LEU B 738 -24.07 99.46 -88.50
CA LEU B 738 -24.61 100.81 -88.35
C LEU B 738 -23.57 101.80 -87.85
N ALA B 739 -23.11 102.65 -88.74
CA ALA B 739 -22.15 103.71 -88.49
C ALA B 739 -22.87 104.98 -88.05
N PRO B 740 -22.18 105.95 -87.45
CA PRO B 740 -22.83 107.24 -87.15
C PRO B 740 -23.35 107.92 -88.42
N GLU B 741 -24.52 108.55 -88.28
CA GLU B 741 -25.24 109.24 -89.35
C GLU B 741 -25.54 108.28 -90.51
N ASP B 742 -26.35 107.28 -90.21
CA ASP B 742 -26.88 106.34 -91.18
C ASP B 742 -28.40 106.42 -91.17
N VAL B 743 -29.00 106.24 -92.34
CA VAL B 743 -30.45 106.36 -92.49
C VAL B 743 -31.04 104.97 -92.64
N VAL B 744 -31.89 104.59 -91.69
CA VAL B 744 -32.56 103.30 -91.70
C VAL B 744 -34.06 103.59 -91.78
N SER B 745 -34.71 103.02 -92.79
CA SER B 745 -36.13 103.20 -93.07
C SER B 745 -36.83 101.86 -93.01
N CYS B 746 -37.83 101.74 -92.14
CA CYS B 746 -38.61 100.51 -92.02
C CYS B 746 -39.99 100.72 -92.61
N CYS B 747 -40.34 99.87 -93.57
CA CYS B 747 -41.62 99.85 -94.27
C CYS B 747 -42.37 98.58 -93.90
N LEU B 748 -43.57 98.72 -93.37
CA LEU B 748 -44.39 97.59 -92.94
C LEU B 748 -45.70 97.60 -93.70
N ASP B 749 -46.05 96.45 -94.28
CA ASP B 749 -47.35 96.31 -94.93
C ASP B 749 -48.14 95.27 -94.13
N LEU B 750 -49.36 95.64 -93.75
CA LEU B 750 -50.21 94.74 -92.97
C LEU B 750 -51.17 93.94 -93.83
N SER B 751 -51.61 94.50 -94.97
CA SER B 751 -52.52 93.79 -95.86
C SER B 751 -51.90 92.51 -96.40
N VAL B 752 -50.67 92.61 -96.88
CA VAL B 752 -49.87 91.46 -97.27
C VAL B 752 -48.64 91.47 -96.37
N PRO B 753 -48.26 90.34 -95.76
CA PRO B 753 -47.09 90.35 -94.86
C PRO B 753 -45.79 90.67 -95.59
N SER B 754 -45.23 91.84 -95.31
CA SER B 754 -43.96 92.25 -95.92
C SER B 754 -43.32 93.33 -95.06
N ILE B 755 -42.04 93.11 -94.74
CA ILE B 755 -41.24 94.00 -93.92
C ILE B 755 -40.01 94.35 -94.74
N SER B 756 -39.94 95.58 -95.21
CA SER B 756 -38.86 96.03 -96.09
C SER B 756 -38.02 97.08 -95.39
N PHE B 757 -36.70 97.00 -95.58
CA PHE B 757 -35.79 97.96 -95.00
C PHE B 757 -35.09 98.74 -96.10
N ARG B 758 -34.67 99.95 -95.76
CA ARG B 758 -33.85 100.79 -96.64
C ARG B 758 -32.70 101.38 -95.85
N ILE B 759 -31.48 101.16 -96.32
CA ILE B 759 -30.30 101.72 -95.67
C ILE B 759 -29.81 102.87 -96.55
N ASN B 760 -29.82 104.08 -95.96
CA ASN B 760 -29.43 105.33 -96.64
C ASN B 760 -30.20 105.54 -97.94
N GLY B 761 -31.49 105.16 -97.91
CA GLY B 761 -32.36 105.21 -99.06
C GLY B 761 -32.24 104.01 -99.97
N CYS B 762 -31.05 103.41 -100.06
CA CYS B 762 -30.82 102.24 -100.90
C CYS B 762 -31.63 101.05 -100.39
N PRO B 763 -32.19 100.25 -101.30
CA PRO B 763 -32.95 99.06 -100.87
C PRO B 763 -32.10 98.01 -100.20
N VAL B 764 -32.72 97.28 -99.27
CA VAL B 764 -32.12 96.14 -98.60
C VAL B 764 -32.76 94.89 -99.18
N GLN B 765 -31.93 94.06 -99.84
CA GLN B 765 -32.40 92.91 -100.61
C GLN B 765 -32.76 91.74 -99.68
N GLY B 766 -33.84 91.95 -98.92
CA GLY B 766 -34.36 90.94 -98.02
C GLY B 766 -35.64 91.42 -97.38
N VAL B 767 -36.69 90.58 -97.40
CA VAL B 767 -38.00 90.95 -96.88
C VAL B 767 -38.58 89.77 -96.09
N PHE B 768 -39.07 90.05 -94.89
CA PHE B 768 -39.84 89.06 -94.13
C PHE B 768 -41.23 88.96 -94.73
N GLU B 769 -41.76 87.74 -94.82
CA GLU B 769 -43.05 87.51 -95.43
C GLU B 769 -43.71 86.36 -94.70
N ALA B 770 -45.04 86.24 -94.90
CA ALA B 770 -45.86 85.13 -94.39
C ALA B 770 -45.74 84.96 -92.88
N PHE B 771 -45.86 86.07 -92.17
CA PHE B 771 -45.76 86.06 -90.72
C PHE B 771 -47.12 86.34 -90.11
N ASN B 772 -47.34 85.74 -88.93
CA ASN B 772 -48.59 85.87 -88.20
C ASN B 772 -48.85 87.33 -87.84
N LEU B 773 -50.08 87.77 -88.08
CA LEU B 773 -50.45 89.16 -87.90
C LEU B 773 -51.16 89.42 -86.58
N ASP B 774 -51.64 88.38 -85.90
CA ASP B 774 -52.36 88.54 -84.63
C ASP B 774 -51.52 89.27 -83.58
N GLY B 775 -52.15 90.20 -82.90
CA GLY B 775 -51.42 91.12 -82.04
C GLY B 775 -51.28 92.47 -82.70
N LEU B 776 -50.38 93.27 -82.13
CA LEU B 776 -50.13 94.62 -82.62
C LEU B 776 -48.65 94.78 -82.93
N PHE B 777 -48.36 95.44 -84.06
CA PHE B 777 -47.00 95.69 -84.49
C PHE B 777 -46.57 97.09 -84.07
N PHE B 778 -45.32 97.21 -83.64
CA PHE B 778 -44.81 98.49 -83.17
C PHE B 778 -43.34 98.67 -83.53
N PRO B 779 -42.90 99.90 -83.73
CA PRO B 779 -41.46 100.15 -83.87
C PRO B 779 -40.74 99.87 -82.56
N VAL B 780 -39.52 99.37 -82.66
CA VAL B 780 -38.74 99.03 -81.46
C VAL B 780 -37.26 99.04 -81.83
N VAL B 781 -36.43 99.47 -80.89
CA VAL B 781 -34.99 99.46 -81.04
C VAL B 781 -34.36 98.74 -79.84
N SER B 782 -33.47 97.79 -80.12
CA SER B 782 -32.75 97.05 -79.09
C SER B 782 -31.29 97.48 -79.12
N PHE B 783 -30.79 97.92 -77.98
CA PHE B 783 -29.47 98.51 -77.91
C PHE B 783 -28.75 98.10 -76.64
N SER B 784 -27.43 98.03 -76.76
CA SER B 784 -26.52 97.82 -75.65
C SER B 784 -26.12 99.19 -75.09
N ALA B 785 -25.13 99.20 -74.22
CA ALA B 785 -24.68 100.45 -73.61
C ALA B 785 -23.83 101.28 -74.57
N GLY B 786 -23.82 102.59 -74.32
CA GLY B 786 -22.96 103.50 -75.06
C GLY B 786 -23.43 103.93 -76.42
N VAL B 787 -24.74 104.05 -76.65
CA VAL B 787 -25.26 104.45 -77.95
C VAL B 787 -26.22 105.63 -77.81
N LYS B 788 -26.40 106.34 -78.93
CA LYS B 788 -27.39 107.39 -79.04
C LYS B 788 -28.09 107.24 -80.38
N VAL B 789 -29.43 107.14 -80.35
CA VAL B 789 -30.22 107.05 -81.57
C VAL B 789 -31.39 108.01 -81.51
N ARG B 790 -31.99 108.27 -82.67
CA ARG B 790 -33.14 109.15 -82.76
C ARG B 790 -34.24 108.52 -83.60
N PHE B 791 -35.48 108.69 -83.14
CA PHE B 791 -36.66 108.23 -83.85
C PHE B 791 -37.15 109.34 -84.74
N LEU B 792 -37.55 108.95 -85.96
CA LEU B 792 -38.18 109.79 -86.97
C LEU B 792 -39.53 109.16 -87.29
N LEU B 793 -40.61 109.84 -86.90
CA LEU B 793 -41.95 109.32 -87.06
C LEU B 793 -42.79 110.14 -88.02
N GLY B 794 -42.23 111.17 -88.64
CA GLY B 794 -42.96 112.02 -89.55
C GLY B 794 -43.68 113.14 -88.84
N GLY B 795 -44.16 114.09 -89.64
CA GLY B 795 -44.82 115.27 -89.10
C GLY B 795 -43.87 116.08 -88.23
N ARG B 796 -44.32 116.38 -87.02
CA ARG B 796 -43.50 117.10 -86.05
C ARG B 796 -42.56 116.19 -85.29
N HIS B 797 -42.59 114.88 -85.54
CA HIS B 797 -41.77 113.92 -84.82
C HIS B 797 -40.82 113.21 -85.78
N GLY B 798 -40.35 113.93 -86.79
CA GLY B 798 -39.41 113.39 -87.76
C GLY B 798 -39.58 114.04 -89.12
N GLU B 799 -38.46 114.22 -89.83
CA GLU B 799 -38.49 114.77 -91.17
C GLU B 799 -38.36 113.71 -92.26
N PHE B 800 -37.89 112.51 -91.89
CA PHE B 800 -37.74 111.30 -92.70
C PHE B 800 -36.60 111.35 -93.71
N LYS B 801 -36.01 112.53 -93.95
CA LYS B 801 -34.81 112.77 -94.76
C LYS B 801 -34.80 112.13 -96.16
N PHE B 802 -35.97 111.70 -96.63
CA PHE B 802 -36.16 110.88 -97.81
C PHE B 802 -37.64 110.91 -98.13
N LEU B 803 -38.00 110.33 -99.27
CA LEU B 803 -39.40 110.23 -99.64
C LEU B 803 -39.86 108.79 -99.40
N PRO B 804 -40.78 108.56 -98.47
CA PRO B 804 -41.30 107.21 -98.27
C PRO B 804 -42.03 106.72 -99.50
N PRO B 805 -42.02 105.40 -99.75
CA PRO B 805 -42.81 104.84 -100.85
C PRO B 805 -44.28 105.14 -100.70
N PRO B 806 -44.99 105.38 -101.80
CA PRO B 806 -46.39 105.83 -101.72
C PRO B 806 -47.31 104.81 -101.05
N GLY B 807 -48.27 105.32 -100.31
CA GLY B 807 -49.20 104.48 -99.59
C GLY B 807 -48.77 104.09 -98.20
N TYR B 808 -47.58 104.48 -97.75
CA TYR B 808 -47.11 104.19 -96.40
C TYR B 808 -47.30 105.43 -95.53
N ALA B 809 -48.28 105.36 -94.63
CA ALA B 809 -48.58 106.49 -93.75
C ALA B 809 -47.44 106.71 -92.76
N PRO B 810 -47.01 107.96 -92.55
CA PRO B 810 -46.02 108.23 -91.50
C PRO B 810 -46.55 107.83 -90.13
N CYS B 811 -45.64 107.26 -89.31
CA CYS B 811 -46.01 106.64 -88.05
C CYS B 811 -46.52 107.60 -86.99
N HIS B 812 -46.35 108.91 -87.15
CA HIS B 812 -46.89 109.88 -86.20
C HIS B 812 -48.40 109.96 -86.23
N GLU B 813 -49.06 109.36 -87.23
CA GLU B 813 -50.51 109.43 -87.35
C GLU B 813 -51.21 108.30 -86.60
N ALA B 814 -50.47 107.33 -86.08
CA ALA B 814 -51.07 106.17 -85.43
C ALA B 814 -51.35 106.39 -83.96
N VAL B 815 -51.00 107.56 -83.40
CA VAL B 815 -51.22 107.82 -81.98
C VAL B 815 -52.71 107.95 -81.71
N LEU B 816 -53.16 107.31 -80.64
CA LEU B 816 -54.54 107.33 -80.19
C LEU B 816 -54.88 108.66 -79.52
N PRO B 817 -56.15 109.10 -79.59
CA PRO B 817 -56.50 110.43 -79.04
C PRO B 817 -56.28 110.57 -77.54
N ARG B 818 -56.46 109.49 -76.77
CA ARG B 818 -56.35 109.57 -75.32
C ARG B 818 -54.91 109.52 -74.84
N GLU B 819 -53.96 109.13 -75.69
CA GLU B 819 -52.58 108.94 -75.26
C GLU B 819 -51.65 109.84 -76.07
N ARG B 820 -50.73 110.49 -75.37
CA ARG B 820 -49.73 111.31 -76.02
C ARG B 820 -48.57 110.43 -76.49
N LEU B 821 -47.81 110.95 -77.45
CA LEU B 821 -46.64 110.23 -77.94
C LEU B 821 -45.53 110.26 -76.89
N ARG B 822 -44.98 109.10 -76.59
CA ARG B 822 -43.90 108.98 -75.62
C ARG B 822 -43.09 107.75 -75.93
N LEU B 823 -41.88 107.71 -75.41
CA LEU B 823 -41.00 106.55 -75.57
C LEU B 823 -40.97 105.74 -74.28
N GLU B 824 -41.28 104.45 -74.40
CA GLU B 824 -41.37 103.59 -73.25
C GLU B 824 -40.53 102.34 -73.47
N PRO B 825 -40.01 101.76 -72.39
CA PRO B 825 -39.44 100.42 -72.46
C PRO B 825 -40.54 99.38 -72.58
N ILE B 826 -40.15 98.19 -73.06
CA ILE B 826 -41.07 97.05 -73.17
C ILE B 826 -41.35 96.62 -71.72
N LYS B 827 -42.35 95.73 -71.52
CA LYS B 827 -42.91 95.30 -70.24
C LYS B 827 -41.87 95.07 -69.17
N GLU B 828 -42.02 95.81 -68.06
CA GLU B 828 -40.98 95.91 -67.05
C GLU B 828 -41.52 95.52 -65.69
N TYR B 829 -40.59 95.22 -64.79
CA TYR B 829 -40.91 94.89 -63.41
C TYR B 829 -40.27 95.86 -62.41
N ARG B 830 -39.72 96.97 -62.89
CA ARG B 830 -39.04 97.92 -62.02
C ARG B 830 -38.90 99.23 -62.77
N ARG B 831 -39.09 100.33 -62.05
CA ARG B 831 -38.79 101.66 -62.57
C ARG B 831 -38.32 102.50 -61.41
N GLU B 832 -37.38 103.41 -61.70
CA GLU B 832 -36.78 104.21 -60.65
C GLU B 832 -37.77 105.28 -60.18
N GLY B 833 -37.74 105.55 -58.88
CA GLY B 833 -38.60 106.54 -58.28
C GLY B 833 -37.85 107.47 -57.35
N PRO B 834 -38.57 108.42 -56.75
CA PRO B 834 -37.94 109.41 -55.86
C PRO B 834 -37.31 108.79 -54.62
N ARG B 835 -38.10 108.04 -53.84
CA ARG B 835 -37.60 107.46 -52.61
C ARG B 835 -36.96 106.10 -52.80
N GLY B 836 -37.06 105.51 -53.99
CA GLY B 836 -36.49 104.21 -54.26
C GLY B 836 -37.11 103.58 -55.49
N PRO B 837 -36.65 102.37 -55.84
CA PRO B 837 -37.22 101.67 -57.00
C PRO B 837 -38.69 101.33 -56.79
N HIS B 838 -39.43 101.32 -57.89
CA HIS B 838 -40.85 101.00 -57.87
C HIS B 838 -41.10 99.72 -58.66
N LEU B 839 -41.44 98.65 -57.95
CA LEU B 839 -41.82 97.41 -58.60
C LEU B 839 -43.14 97.62 -59.33
N VAL B 840 -43.20 97.18 -60.58
CA VAL B 840 -44.34 97.42 -61.44
C VAL B 840 -44.92 96.07 -61.85
N GLY B 841 -46.24 95.95 -61.82
CA GLY B 841 -46.89 94.74 -62.23
C GLY B 841 -47.09 94.71 -63.74
N PRO B 842 -47.84 93.72 -64.22
CA PRO B 842 -48.12 93.62 -65.66
C PRO B 842 -48.80 94.86 -66.21
N SER B 843 -48.51 95.16 -67.46
CA SER B 843 -49.05 96.35 -68.11
C SER B 843 -50.20 95.95 -69.03
N ARG B 844 -51.32 96.68 -68.93
CA ARG B 844 -52.44 96.44 -69.83
C ARG B 844 -52.04 96.80 -71.25
N CYS B 845 -52.27 95.89 -72.18
CA CYS B 845 -51.85 96.07 -73.55
C CYS B 845 -53.08 96.18 -74.44
N LEU B 846 -53.05 97.16 -75.34
CA LEU B 846 -54.14 97.35 -76.28
C LEU B 846 -54.13 96.21 -77.31
N SER B 847 -55.29 95.92 -77.88
CA SER B 847 -55.45 94.83 -78.82
C SER B 847 -56.08 95.31 -80.12
N HIS B 848 -55.80 94.56 -81.19
CA HIS B 848 -56.38 94.84 -82.50
C HIS B 848 -57.90 94.71 -82.45
N THR B 849 -58.40 93.71 -81.71
CA THR B 849 -59.83 93.51 -81.48
C THR B 849 -60.51 94.72 -80.85
N ASP B 850 -59.76 95.62 -80.21
CA ASP B 850 -60.29 96.85 -79.64
C ASP B 850 -60.37 97.97 -80.66
N PHE B 851 -60.01 97.72 -81.92
CA PHE B 851 -60.18 98.70 -82.98
C PHE B 851 -61.32 98.37 -83.93
N VAL B 852 -61.97 97.23 -83.77
CA VAL B 852 -63.12 96.95 -84.62
C VAL B 852 -64.34 97.49 -83.86
N PRO B 853 -65.15 98.34 -84.49
CA PRO B 853 -66.36 98.80 -83.79
C PRO B 853 -67.46 97.77 -83.98
N CYS B 854 -67.90 97.16 -82.88
CA CYS B 854 -68.90 96.11 -82.90
C CYS B 854 -70.16 96.57 -82.19
N PRO B 855 -71.10 97.16 -82.92
CA PRO B 855 -72.33 97.66 -82.29
C PRO B 855 -73.34 96.53 -82.18
N VAL B 856 -74.52 96.86 -81.67
CA VAL B 856 -75.65 95.94 -81.69
C VAL B 856 -76.48 96.23 -82.93
N ASP B 857 -76.79 95.19 -83.69
CA ASP B 857 -77.53 95.34 -84.94
C ASP B 857 -78.92 95.92 -84.68
N THR B 858 -79.27 96.96 -85.42
CA THR B 858 -80.56 97.63 -85.26
C THR B 858 -81.42 97.50 -86.51
N VAL B 859 -81.50 96.31 -87.08
CA VAL B 859 -82.32 96.07 -88.27
C VAL B 859 -83.53 95.19 -87.96
N GLN B 860 -83.30 94.01 -87.36
CA GLN B 860 -84.37 93.05 -87.10
C GLN B 860 -85.13 93.43 -85.82
N ILE B 861 -85.79 94.58 -85.88
CA ILE B 861 -86.59 95.11 -84.77
C ILE B 861 -87.89 95.66 -85.35
N VAL B 862 -89.00 94.96 -85.11
CA VAL B 862 -90.30 95.51 -85.46
C VAL B 862 -90.65 96.65 -84.50
N LEU B 863 -91.04 97.77 -85.08
CA LEU B 863 -91.21 98.99 -84.30
C LEU B 863 -92.54 98.94 -83.54
N PRO B 864 -92.52 99.13 -82.22
CA PRO B 864 -93.72 98.90 -81.40
C PRO B 864 -94.74 100.02 -81.51
N PRO B 865 -96.01 99.75 -81.13
CA PRO B 865 -97.03 100.81 -81.15
C PRO B 865 -96.76 101.95 -80.19
N HIS B 866 -96.24 101.66 -78.99
CA HIS B 866 -96.02 102.73 -78.03
C HIS B 866 -94.87 103.63 -78.47
N LEU B 867 -93.99 103.11 -79.33
CA LEU B 867 -92.90 103.90 -79.88
C LEU B 867 -93.37 104.74 -81.07
N GLU B 868 -94.12 104.15 -82.02
CA GLU B 868 -94.66 104.98 -83.10
C GLU B 868 -95.63 106.04 -82.57
N ARG B 869 -96.26 105.78 -81.41
CA ARG B 869 -97.08 106.77 -80.75
C ARG B 869 -96.25 107.97 -80.28
N ILE B 870 -94.98 107.76 -79.95
CA ILE B 870 -94.14 108.88 -79.51
C ILE B 870 -93.02 109.13 -80.54
N ARG B 871 -93.25 108.70 -81.79
CA ARG B 871 -92.26 108.83 -82.87
C ARG B 871 -91.98 110.28 -83.25
N GLU B 872 -92.85 111.21 -82.88
CA GLU B 872 -92.81 112.56 -83.40
C GLU B 872 -92.10 113.54 -82.47
N LYS B 873 -92.54 113.62 -81.20
CA LYS B 873 -91.99 114.62 -80.27
C LYS B 873 -90.50 114.41 -80.03
N LEU B 874 -90.07 113.15 -79.87
CA LEU B 874 -88.65 112.82 -79.74
C LEU B 874 -87.84 113.11 -80.98
N ALA B 875 -88.47 113.33 -82.14
CA ALA B 875 -87.79 113.80 -83.33
C ALA B 875 -87.80 115.32 -83.40
N GLU B 876 -88.95 115.91 -83.07
CA GLU B 876 -89.10 117.36 -83.06
C GLU B 876 -88.13 118.00 -82.08
N ASN B 877 -87.80 117.29 -81.00
CA ASN B 877 -86.90 117.83 -80.02
C ASN B 877 -85.45 117.63 -80.41
N ILE B 878 -85.17 116.88 -81.48
CA ILE B 878 -83.80 116.71 -81.94
C ILE B 878 -83.64 117.15 -83.38
N HIS B 879 -84.55 118.00 -83.86
CA HIS B 879 -84.41 118.53 -85.21
C HIS B 879 -83.55 119.78 -85.26
N GLU B 880 -83.53 120.58 -84.18
CA GLU B 880 -82.62 121.72 -84.11
C GLU B 880 -81.96 121.87 -82.74
N LEU B 881 -81.84 120.77 -82.00
CA LEU B 881 -81.22 120.84 -80.68
C LEU B 881 -79.76 121.25 -80.81
N TRP B 882 -79.06 120.72 -81.84
CA TRP B 882 -77.71 121.19 -82.12
C TRP B 882 -77.69 122.63 -82.58
N ALA B 883 -78.83 123.17 -83.03
CA ALA B 883 -78.93 124.53 -83.51
C ALA B 883 -79.20 125.53 -82.41
N LEU B 884 -79.68 125.06 -81.25
CA LEU B 884 -80.11 125.98 -80.19
C LEU B 884 -78.94 126.74 -79.57
N THR B 885 -77.76 126.11 -79.50
CA THR B 885 -76.61 126.66 -78.78
C THR B 885 -76.11 127.97 -79.38
N ARG B 886 -76.06 128.05 -80.71
CA ARG B 886 -75.37 129.11 -81.42
C ARG B 886 -76.25 130.27 -81.88
N ILE B 887 -77.54 130.27 -81.55
CA ILE B 887 -78.40 131.41 -81.91
C ILE B 887 -78.00 132.60 -81.05
N GLU B 888 -78.21 133.82 -81.60
CA GLU B 888 -77.80 135.10 -81.00
C GLU B 888 -76.27 135.20 -80.84
N GLN B 889 -75.54 134.54 -81.73
CA GLN B 889 -74.08 134.62 -81.79
C GLN B 889 -73.67 134.97 -83.21
N GLY B 890 -72.38 134.83 -83.53
CA GLY B 890 -71.93 134.99 -84.91
C GLY B 890 -72.58 134.02 -85.89
N TRP B 891 -72.99 132.85 -85.41
CA TRP B 891 -73.73 131.89 -86.22
C TRP B 891 -75.24 132.04 -85.97
N THR B 892 -75.76 133.20 -86.34
CA THR B 892 -77.17 133.52 -86.18
C THR B 892 -77.82 133.49 -87.56
N TYR B 893 -78.95 132.78 -87.64
CA TYR B 893 -79.61 132.43 -88.89
C TYR B 893 -80.07 133.68 -89.67
N GLY B 894 -80.35 133.47 -90.95
CA GLY B 894 -80.87 134.48 -91.84
C GLY B 894 -81.84 133.83 -92.81
N PRO B 895 -82.91 134.55 -93.17
CA PRO B 895 -83.92 133.99 -94.09
C PRO B 895 -83.41 133.63 -95.48
N VAL B 896 -82.35 134.29 -95.96
CA VAL B 896 -81.86 134.04 -97.32
C VAL B 896 -81.22 132.65 -97.43
N ARG B 897 -80.53 132.18 -96.39
CA ARG B 897 -79.78 130.95 -96.43
C ARG B 897 -80.43 129.90 -95.53
N ASP B 898 -79.74 128.77 -95.39
CA ASP B 898 -80.23 127.63 -94.63
C ASP B 898 -79.04 127.07 -93.86
N ASP B 899 -79.16 125.83 -93.40
CA ASP B 899 -78.12 125.15 -92.64
C ASP B 899 -76.81 125.05 -93.42
N ASN B 900 -75.71 124.85 -92.67
CA ASN B 900 -74.35 124.62 -93.16
C ASN B 900 -73.75 125.83 -93.88
N LYS B 901 -74.31 127.04 -93.70
CA LYS B 901 -73.84 128.25 -94.37
C LYS B 901 -73.27 129.27 -93.39
N ARG B 902 -72.63 128.80 -92.31
CA ARG B 902 -72.04 129.58 -91.22
C ARG B 902 -73.04 130.44 -90.45
N LEU B 903 -74.33 130.30 -90.74
CA LEU B 903 -75.47 130.95 -90.09
C LEU B 903 -76.58 129.90 -89.95
N HIS B 904 -76.17 128.72 -89.50
CA HIS B 904 -76.99 127.50 -89.59
C HIS B 904 -78.41 127.50 -89.00
N PRO B 905 -78.71 128.02 -87.72
CA PRO B 905 -79.85 127.50 -86.91
C PRO B 905 -81.19 127.10 -87.52
N CYS B 906 -81.89 128.04 -88.19
CA CYS B 906 -83.22 127.84 -88.78
C CYS B 906 -84.18 127.15 -87.80
N LEU B 907 -84.47 127.87 -86.71
CA LEU B 907 -85.26 127.34 -85.60
C LEU B 907 -86.74 127.16 -85.92
N VAL B 908 -87.20 127.61 -87.10
CA VAL B 908 -88.63 127.70 -87.42
C VAL B 908 -89.30 126.34 -87.29
N ASN B 909 -88.90 125.40 -88.15
CA ASN B 909 -89.43 124.05 -88.19
C ASN B 909 -88.60 123.26 -89.20
N PHE B 910 -88.81 121.94 -89.19
CA PHE B 910 -88.19 121.04 -90.15
C PHE B 910 -88.97 120.96 -91.45
N HIS B 911 -90.18 121.51 -91.50
CA HIS B 911 -90.90 121.61 -92.76
C HIS B 911 -90.19 122.57 -93.72
N SER B 912 -89.70 123.70 -93.18
CA SER B 912 -88.87 124.60 -93.97
C SER B 912 -87.58 123.91 -94.39
N LEU B 913 -87.05 123.02 -93.55
CA LEU B 913 -85.85 122.29 -93.84
C LEU B 913 -86.15 121.19 -94.86
N PRO B 914 -85.13 120.73 -95.61
CA PRO B 914 -85.37 119.72 -96.67
C PRO B 914 -85.99 118.42 -96.15
N GLU B 915 -86.93 117.89 -96.93
CA GLU B 915 -87.68 116.69 -96.57
C GLU B 915 -86.85 115.42 -96.35
N PRO B 916 -85.86 115.04 -97.20
CA PRO B 916 -85.12 113.78 -96.94
C PRO B 916 -84.39 113.77 -95.62
N GLU B 917 -83.58 114.80 -95.32
CA GLU B 917 -82.94 114.85 -94.00
C GLU B 917 -83.96 115.01 -92.88
N ARG B 918 -85.13 115.59 -93.17
CA ARG B 918 -86.21 115.71 -92.18
C ARG B 918 -86.70 114.35 -91.72
N ASN B 919 -87.29 113.56 -92.64
CA ASN B 919 -87.76 112.23 -92.24
C ASN B 919 -86.60 111.30 -91.89
N TYR B 920 -85.38 111.60 -92.36
CA TYR B 920 -84.19 110.94 -91.87
C TYR B 920 -83.98 111.20 -90.38
N ASN B 921 -84.21 112.44 -89.94
CA ASN B 921 -84.09 112.77 -88.51
C ASN B 921 -85.18 112.07 -87.71
N LEU B 922 -86.41 112.01 -88.26
CA LEU B 922 -87.49 111.22 -87.65
C LEU B 922 -87.06 109.77 -87.44
N GLN B 923 -86.58 109.13 -88.50
CA GLN B 923 -86.22 107.72 -88.39
C GLN B 923 -84.87 107.52 -87.71
N MET B 924 -84.08 108.59 -87.49
CA MET B 924 -82.95 108.52 -86.56
C MET B 924 -83.42 108.55 -85.10
N SER B 925 -84.46 109.32 -84.79
CA SER B 925 -85.10 109.22 -83.48
C SER B 925 -85.67 107.82 -83.26
N GLY B 926 -86.34 107.28 -84.30
CA GLY B 926 -86.74 105.88 -84.27
C GLY B 926 -85.59 104.92 -84.13
N GLU B 927 -84.45 105.24 -84.75
CA GLU B 927 -83.26 104.41 -84.69
C GLU B 927 -82.68 104.37 -83.28
N THR B 928 -82.67 105.52 -82.61
CA THR B 928 -82.29 105.56 -81.19
C THR B 928 -83.24 104.74 -80.32
N LEU B 929 -84.56 104.84 -80.57
CA LEU B 929 -85.49 103.96 -79.87
C LEU B 929 -85.28 102.48 -80.19
N LYS B 930 -84.83 102.17 -81.41
CA LYS B 930 -84.54 100.78 -81.77
C LYS B 930 -83.29 100.28 -81.06
N THR B 931 -82.31 101.18 -80.91
CA THR B 931 -81.15 100.88 -80.07
C THR B 931 -81.56 100.65 -78.62
N LEU B 932 -82.53 101.42 -78.12
CA LEU B 932 -83.05 101.21 -76.76
C LEU B 932 -83.69 99.84 -76.63
N LEU B 933 -84.42 99.41 -77.66
CA LEU B 933 -85.02 98.08 -77.70
C LEU B 933 -83.95 97.01 -77.69
N ALA B 934 -82.96 97.10 -78.60
CA ALA B 934 -81.93 96.07 -78.71
C ALA B 934 -81.08 96.03 -77.44
N LEU B 935 -80.93 97.16 -76.75
CA LEU B 935 -80.20 97.18 -75.49
C LEU B 935 -81.02 96.52 -74.39
N GLY B 936 -82.34 96.70 -74.43
CA GLY B 936 -83.19 96.18 -73.37
C GLY B 936 -83.96 97.23 -72.61
N CYS B 937 -84.34 98.31 -73.28
CA CYS B 937 -85.13 99.38 -72.68
C CYS B 937 -86.58 99.30 -73.17
N HIS B 938 -87.51 99.35 -72.22
CA HIS B 938 -88.93 99.30 -72.50
C HIS B 938 -89.64 100.39 -71.70
N VAL B 939 -90.80 100.84 -72.19
CA VAL B 939 -91.43 102.05 -71.68
C VAL B 939 -92.76 101.71 -71.02
N GLY B 940 -93.11 102.50 -70.01
CA GLY B 940 -94.38 102.40 -69.32
C GLY B 940 -94.84 103.75 -68.82
N MET B 941 -96.13 104.05 -68.94
CA MET B 941 -96.68 105.36 -68.66
C MET B 941 -97.43 105.32 -67.33
N ALA B 942 -97.05 106.19 -66.41
CA ALA B 942 -97.71 106.29 -65.12
C ALA B 942 -98.33 107.66 -64.88
N ASP B 943 -97.54 108.74 -64.90
CA ASP B 943 -97.95 109.97 -64.23
C ASP B 943 -98.65 110.90 -65.22
N GLU B 944 -98.85 112.16 -64.82
CA GLU B 944 -99.48 113.20 -65.63
C GLU B 944 -98.76 113.42 -66.96
N LYS B 945 -99.54 113.61 -68.03
CA LYS B 945 -98.99 113.79 -69.36
C LYS B 945 -98.20 115.10 -69.39
N ALA B 946 -96.90 115.02 -69.72
CA ALA B 946 -96.04 116.20 -69.76
C ALA B 946 -96.50 117.24 -70.77
N GLU B 947 -97.24 116.82 -71.81
CA GLU B 947 -97.79 117.73 -72.81
C GLU B 947 -98.61 118.86 -72.19
N ASP B 948 -99.35 118.57 -71.13
CA ASP B 948 -100.15 119.59 -70.47
C ASP B 948 -99.26 120.57 -69.71
N ASN B 949 -98.32 120.06 -68.92
CA ASN B 949 -97.55 120.86 -67.97
C ASN B 949 -96.21 121.29 -68.58
N LEU B 950 -96.09 121.17 -69.90
CA LEU B 950 -94.96 121.70 -70.65
C LEU B 950 -95.41 122.90 -71.46
N LYS B 951 -94.49 123.83 -71.68
CA LYS B 951 -94.78 125.02 -72.47
C LYS B 951 -93.53 125.41 -73.26
N LYS B 952 -93.75 126.19 -74.31
CA LYS B 952 -92.67 126.75 -75.12
C LYS B 952 -92.38 128.17 -74.65
N THR B 953 -91.10 128.48 -74.49
CA THR B 953 -90.68 129.75 -73.90
C THR B 953 -90.00 130.58 -74.99
N LYS B 954 -90.67 131.64 -75.44
CA LYS B 954 -90.06 132.60 -76.36
C LYS B 954 -89.12 133.48 -75.55
N LEU B 955 -87.89 132.99 -75.39
CA LEU B 955 -86.87 133.69 -74.62
C LEU B 955 -86.44 134.96 -75.36
N PRO B 956 -85.94 135.97 -74.63
CA PRO B 956 -85.28 137.10 -75.32
C PRO B 956 -84.11 136.67 -76.18
N LYS B 957 -83.30 135.70 -75.71
CA LYS B 957 -82.36 135.03 -76.57
C LYS B 957 -83.09 134.09 -77.53
N THR B 958 -82.41 133.76 -78.63
CA THR B 958 -82.92 132.93 -79.74
C THR B 958 -84.12 133.58 -80.44
N TYR B 959 -84.28 134.89 -80.32
CA TYR B 959 -85.30 135.61 -81.06
C TYR B 959 -84.85 135.77 -82.51
N MET B 960 -85.76 135.45 -83.44
CA MET B 960 -85.48 135.54 -84.87
C MET B 960 -86.62 136.21 -85.61
N MET B 961 -86.27 136.76 -86.78
CA MET B 961 -87.20 137.47 -87.64
C MET B 961 -87.86 136.54 -88.66
N SER B 962 -87.28 135.36 -88.90
CA SER B 962 -87.80 134.43 -89.89
C SER B 962 -88.90 133.61 -89.27
N ASN B 963 -90.16 133.99 -89.57
CA ASN B 963 -91.39 133.27 -89.22
C ASN B 963 -91.49 133.02 -87.71
N GLY B 964 -91.36 134.09 -86.94
CA GLY B 964 -91.53 134.03 -85.50
C GLY B 964 -90.34 133.42 -84.79
N TYR B 965 -90.36 133.52 -83.47
CA TYR B 965 -89.27 133.01 -82.64
C TYR B 965 -89.79 131.95 -81.68
N LYS B 966 -88.98 130.93 -81.46
CA LYS B 966 -89.29 129.80 -80.60
C LYS B 966 -87.99 129.13 -80.23
N PRO B 967 -87.97 128.31 -79.17
CA PRO B 967 -86.79 127.45 -78.93
C PRO B 967 -86.56 126.54 -80.14
N ALA B 968 -85.28 126.40 -80.52
CA ALA B 968 -84.95 125.59 -81.69
C ALA B 968 -85.35 124.12 -81.55
N PRO B 969 -85.05 123.39 -80.42
CA PRO B 969 -85.74 122.11 -80.24
C PRO B 969 -87.10 122.34 -79.59
N LEU B 970 -87.81 121.28 -79.25
CA LEU B 970 -89.06 121.44 -78.53
C LEU B 970 -88.71 121.68 -77.06
N ASP B 971 -89.37 122.66 -76.44
CA ASP B 971 -89.01 123.07 -75.09
C ASP B 971 -89.37 122.00 -74.06
N LEU B 972 -88.75 122.10 -72.89
CA LEU B 972 -88.97 121.15 -71.81
C LEU B 972 -88.73 121.86 -70.48
N SER B 973 -89.47 121.46 -69.46
CA SER B 973 -89.37 122.03 -68.13
C SER B 973 -88.42 121.17 -67.29
N HIS B 974 -88.39 121.45 -65.98
CA HIS B 974 -87.61 120.70 -64.99
C HIS B 974 -87.85 119.19 -65.03
N VAL B 975 -86.82 118.44 -65.40
CA VAL B 975 -86.82 116.97 -65.54
C VAL B 975 -85.43 116.51 -65.15
N ARG B 976 -85.33 115.36 -64.47
CA ARG B 976 -84.06 114.85 -63.98
C ARG B 976 -83.82 113.45 -64.52
N LEU B 977 -82.64 112.89 -64.23
CA LEU B 977 -82.26 111.59 -64.76
C LEU B 977 -81.44 110.83 -63.73
N THR B 978 -81.78 109.55 -63.53
CA THR B 978 -81.11 108.70 -62.58
C THR B 978 -79.85 108.08 -63.20
N PRO B 979 -78.91 107.55 -62.37
CA PRO B 979 -77.68 106.97 -62.94
C PRO B 979 -77.89 105.84 -63.93
N ALA B 980 -78.93 105.02 -63.78
CA ALA B 980 -79.26 104.01 -64.80
C ALA B 980 -79.42 104.64 -66.17
N GLN B 981 -80.13 105.78 -66.24
CA GLN B 981 -80.27 106.53 -67.48
C GLN B 981 -78.95 107.11 -67.94
N THR B 982 -78.06 107.50 -67.01
CA THR B 982 -76.75 108.03 -67.40
C THR B 982 -75.91 106.96 -68.10
N THR B 983 -75.81 105.77 -67.48
CA THR B 983 -75.08 104.66 -68.11
C THR B 983 -75.72 104.26 -69.44
N LEU B 984 -77.06 104.22 -69.48
CA LEU B 984 -77.76 103.81 -70.69
C LEU B 984 -77.52 104.80 -71.82
N VAL B 985 -77.54 106.10 -71.53
CA VAL B 985 -77.29 107.07 -72.60
C VAL B 985 -75.82 107.04 -73.01
N ASP B 986 -74.92 106.69 -72.07
CA ASP B 986 -73.50 106.51 -72.40
C ASP B 986 -73.33 105.41 -73.45
N ARG B 987 -73.89 104.22 -73.19
CA ARG B 987 -73.75 103.15 -74.17
C ARG B 987 -74.61 103.39 -75.42
N LEU B 988 -75.67 104.19 -75.31
CA LEU B 988 -76.44 104.58 -76.47
C LEU B 988 -75.61 105.45 -77.42
N ALA B 989 -74.84 106.38 -76.83
CA ALA B 989 -73.92 107.18 -77.63
C ALA B 989 -72.79 106.32 -78.18
N GLU B 990 -72.33 105.34 -77.40
CA GLU B 990 -71.35 104.37 -77.87
C GLU B 990 -71.85 103.64 -79.11
N ASN B 991 -73.11 103.17 -79.08
CA ASN B 991 -73.64 102.43 -80.20
C ASN B 991 -74.00 103.36 -81.37
N GLY B 992 -74.02 104.66 -81.15
CA GLY B 992 -74.19 105.57 -82.27
C GLY B 992 -72.85 105.79 -82.95
N HIS B 993 -71.83 106.04 -82.11
CA HIS B 993 -70.47 106.25 -82.60
C HIS B 993 -69.95 105.03 -83.35
N ASN B 994 -70.21 103.82 -82.84
CA ASN B 994 -69.64 102.64 -83.46
C ASN B 994 -70.34 102.29 -84.77
N VAL B 995 -71.59 102.73 -84.95
CA VAL B 995 -72.27 102.54 -86.23
C VAL B 995 -71.74 103.56 -87.23
N TRP B 996 -71.52 104.80 -86.78
CA TRP B 996 -70.95 105.83 -87.64
C TRP B 996 -69.55 105.42 -88.13
N ALA B 997 -68.73 104.92 -87.20
CA ALA B 997 -67.38 104.49 -87.53
C ALA B 997 -67.39 103.29 -88.47
N ARG B 998 -68.32 102.34 -88.23
CA ARG B 998 -68.49 101.18 -89.10
C ARG B 998 -68.84 101.63 -90.52
N ASP B 999 -69.75 102.59 -90.63
CA ASP B 999 -70.16 103.09 -91.93
C ASP B 999 -69.00 103.77 -92.65
N ARG B 1000 -68.24 104.62 -91.94
CA ARG B 1000 -67.10 105.31 -92.55
C ARG B 1000 -66.05 104.31 -93.04
N VAL B 1001 -65.78 103.27 -92.24
CA VAL B 1001 -64.86 102.22 -92.64
C VAL B 1001 -65.39 101.52 -93.89
N ALA B 1002 -66.70 101.21 -93.91
CA ALA B 1002 -67.30 100.62 -95.09
C ALA B 1002 -67.26 101.55 -96.30
N GLN B 1003 -67.10 102.86 -96.10
CA GLN B 1003 -66.78 103.76 -97.21
C GLN B 1003 -65.29 103.97 -97.37
N GLY B 1004 -64.46 103.17 -96.70
CA GLY B 1004 -63.04 103.16 -96.93
C GLY B 1004 -62.20 103.94 -95.95
N TRP B 1005 -62.80 104.86 -95.21
CA TRP B 1005 -62.08 105.76 -94.31
C TRP B 1005 -61.29 105.01 -93.24
N SER B 1006 -60.34 105.72 -92.62
CA SER B 1006 -59.54 105.15 -91.54
C SER B 1006 -59.11 106.27 -90.59
N TYR B 1007 -58.32 105.89 -89.59
CA TYR B 1007 -57.91 106.81 -88.53
C TYR B 1007 -56.58 107.49 -88.88
N SER B 1008 -56.45 108.75 -88.48
CA SER B 1008 -55.20 109.49 -88.53
C SER B 1008 -55.33 110.64 -87.56
N ALA B 1009 -54.32 110.83 -86.69
CA ALA B 1009 -54.36 111.89 -85.68
C ALA B 1009 -54.42 113.30 -86.28
N VAL B 1010 -54.07 113.46 -87.55
CA VAL B 1010 -54.23 114.69 -88.29
C VAL B 1010 -55.28 114.44 -89.37
N GLN B 1011 -56.22 115.38 -89.52
CA GLN B 1011 -57.36 115.15 -90.39
C GLN B 1011 -56.96 115.38 -91.85
N ASP B 1012 -57.31 114.42 -92.70
CA ASP B 1012 -57.07 114.48 -94.14
C ASP B 1012 -58.35 114.07 -94.85
N ILE B 1013 -59.17 115.06 -95.23
CA ILE B 1013 -60.44 114.81 -95.92
C ILE B 1013 -60.21 114.21 -97.32
N PRO B 1014 -59.40 114.80 -98.24
CA PRO B 1014 -59.22 114.12 -99.56
C PRO B 1014 -58.59 112.74 -99.47
N ALA B 1015 -57.75 112.49 -98.46
CA ALA B 1015 -57.23 111.16 -98.21
C ALA B 1015 -58.19 110.31 -97.38
N ARG B 1016 -59.33 110.88 -96.95
CA ARG B 1016 -60.42 110.17 -96.29
C ARG B 1016 -59.98 109.56 -94.97
N ARG B 1017 -59.38 110.39 -94.12
CA ARG B 1017 -58.95 109.97 -92.79
C ARG B 1017 -59.38 111.04 -91.79
N ASN B 1018 -59.72 110.59 -90.58
CA ASN B 1018 -60.36 111.42 -89.57
C ASN B 1018 -59.66 111.17 -88.24
N PRO B 1019 -59.61 112.17 -87.35
CA PRO B 1019 -59.09 111.94 -85.99
C PRO B 1019 -60.08 111.30 -85.03
N ARG B 1020 -61.28 110.98 -85.48
CA ARG B 1020 -62.29 110.43 -84.57
C ARG B 1020 -62.73 109.04 -85.00
N LEU B 1021 -62.13 108.47 -86.03
CA LEU B 1021 -62.38 107.08 -86.40
C LEU B 1021 -61.61 106.12 -85.50
N VAL B 1022 -62.02 106.10 -84.23
CA VAL B 1022 -61.60 105.08 -83.28
C VAL B 1022 -62.87 104.66 -82.55
N PRO B 1023 -62.93 103.44 -82.00
CA PRO B 1023 -64.07 103.06 -81.17
C PRO B 1023 -64.24 103.99 -79.97
N TYR B 1024 -65.52 104.10 -79.53
CA TYR B 1024 -65.92 105.04 -78.48
C TYR B 1024 -65.05 104.91 -77.23
N ARG B 1025 -64.70 103.68 -76.87
CA ARG B 1025 -63.88 103.43 -75.69
C ARG B 1025 -62.50 104.06 -75.81
N LEU B 1026 -62.05 104.29 -77.06
CA LEU B 1026 -60.76 104.89 -77.35
C LEU B 1026 -60.88 106.36 -77.73
N LEU B 1027 -62.11 106.85 -77.91
CA LEU B 1027 -62.36 108.24 -78.24
C LEU B 1027 -61.90 109.16 -77.09
N ASP B 1028 -61.87 110.45 -77.35
CA ASP B 1028 -61.49 111.39 -76.31
C ASP B 1028 -62.71 111.84 -75.54
N GLU B 1029 -62.47 112.33 -74.31
CA GLU B 1029 -63.55 112.71 -73.40
C GLU B 1029 -64.36 113.89 -73.92
N ALA B 1030 -63.71 114.80 -74.64
CA ALA B 1030 -64.41 115.94 -75.24
C ALA B 1030 -65.48 115.46 -76.22
N THR B 1031 -65.09 114.57 -77.14
CA THR B 1031 -66.04 114.05 -78.12
C THR B 1031 -67.05 113.12 -77.45
N LYS B 1032 -66.62 112.34 -76.44
CA LYS B 1032 -67.56 111.53 -75.66
C LYS B 1032 -68.66 112.37 -75.06
N ARG B 1033 -68.27 113.49 -74.42
CA ARG B 1033 -69.25 114.39 -73.81
C ARG B 1033 -70.14 115.04 -74.86
N SER B 1034 -69.54 115.44 -75.99
CA SER B 1034 -70.30 116.10 -77.05
C SER B 1034 -71.36 115.16 -77.65
N ASN B 1035 -71.01 113.89 -77.86
CA ASN B 1035 -72.02 112.93 -78.30
C ASN B 1035 -73.07 112.68 -77.22
N ARG B 1036 -72.62 112.51 -75.97
CA ARG B 1036 -73.55 112.16 -74.89
C ARG B 1036 -74.53 113.27 -74.56
N ASP B 1037 -74.16 114.54 -74.81
CA ASP B 1037 -75.02 115.67 -74.46
C ASP B 1037 -76.35 115.65 -75.23
N SER B 1038 -76.29 115.43 -76.54
CA SER B 1038 -77.47 115.46 -77.40
C SER B 1038 -78.45 114.35 -77.02
N LEU B 1039 -77.95 113.13 -76.93
CA LEU B 1039 -78.81 112.00 -76.60
C LEU B 1039 -79.21 112.02 -75.13
N CYS B 1040 -78.44 112.70 -74.27
CA CYS B 1040 -78.86 112.93 -72.89
C CYS B 1040 -80.08 113.84 -72.86
N GLN B 1041 -80.08 114.88 -73.69
CA GLN B 1041 -81.25 115.73 -73.82
C GLN B 1041 -82.44 114.93 -74.35
N ALA B 1042 -82.18 114.05 -75.34
CA ALA B 1042 -83.23 113.22 -75.92
C ALA B 1042 -83.86 112.30 -74.88
N VAL B 1043 -83.04 111.57 -74.12
CA VAL B 1043 -83.57 110.65 -73.11
C VAL B 1043 -84.22 111.45 -71.98
N ARG B 1044 -83.75 112.67 -71.72
CA ARG B 1044 -84.40 113.55 -70.74
C ARG B 1044 -85.80 113.91 -71.19
N THR B 1045 -85.96 114.26 -72.48
CA THR B 1045 -87.27 114.58 -73.04
C THR B 1045 -88.19 113.36 -73.00
N LEU B 1046 -87.61 112.17 -73.22
CA LEU B 1046 -88.39 110.93 -73.09
C LEU B 1046 -88.85 110.73 -71.65
N LEU B 1047 -87.96 110.99 -70.69
CA LEU B 1047 -88.25 110.82 -69.27
C LEU B 1047 -89.33 111.79 -68.80
N GLY B 1048 -89.33 113.01 -69.37
CA GLY B 1048 -90.32 114.02 -69.02
C GLY B 1048 -91.74 113.55 -69.24
N TYR B 1049 -91.99 112.82 -70.32
CA TYR B 1049 -93.30 112.23 -70.61
C TYR B 1049 -93.64 111.05 -69.71
N GLY B 1050 -92.79 110.72 -68.73
CA GLY B 1050 -93.07 109.73 -67.72
C GLY B 1050 -92.85 108.31 -68.16
N TYR B 1051 -92.40 108.08 -69.38
CA TYR B 1051 -92.19 106.71 -69.86
C TYR B 1051 -90.88 106.19 -69.29
N ASN B 1052 -90.98 105.04 -68.61
CA ASN B 1052 -89.85 104.49 -67.86
C ASN B 1052 -88.72 104.09 -68.79
N ILE B 1053 -87.49 104.34 -68.33
CA ILE B 1053 -86.29 103.85 -68.99
C ILE B 1053 -85.85 102.62 -68.19
N GLU B 1054 -86.14 101.43 -68.71
CA GLU B 1054 -85.93 100.22 -67.95
C GLU B 1054 -84.53 99.70 -68.21
N PRO B 1055 -83.67 99.59 -67.18
CA PRO B 1055 -82.37 98.95 -67.38
C PRO B 1055 -82.54 97.49 -67.77
N PRO B 1056 -81.68 96.98 -68.63
CA PRO B 1056 -81.69 95.55 -68.97
C PRO B 1056 -81.02 94.74 -67.86
N ASP B 1057 -81.00 93.43 -68.05
CA ASP B 1057 -80.31 92.55 -67.12
C ASP B 1057 -78.80 92.79 -67.20
N GLN B 1058 -78.11 92.46 -66.12
CA GLN B 1058 -76.68 92.66 -65.98
C GLN B 1058 -75.94 91.34 -66.18
N GLU B 1059 -74.99 91.32 -67.11
CA GLU B 1059 -74.19 90.14 -67.37
C GLU B 1059 -72.72 90.50 -67.17
N PRO B 1060 -72.05 89.92 -66.17
CA PRO B 1060 -70.62 90.21 -65.96
C PRO B 1060 -69.73 89.51 -66.98
N SER B 1061 -68.86 90.29 -67.61
CA SER B 1061 -67.99 89.77 -68.66
C SER B 1061 -66.56 90.24 -68.42
N GLN B 1062 -65.61 89.42 -68.84
CA GLN B 1062 -64.19 89.71 -68.77
C GLN B 1062 -63.63 89.80 -70.18
N VAL B 1063 -62.86 90.87 -70.45
CA VAL B 1063 -62.33 91.11 -71.79
C VAL B 1063 -61.33 90.02 -72.18
N GLU B 1064 -60.38 89.72 -71.30
CA GLU B 1064 -59.39 88.68 -71.56
C GLU B 1064 -59.47 87.65 -70.46
N ASN B 1065 -59.60 86.39 -70.83
CA ASN B 1065 -59.74 85.30 -69.88
C ASN B 1065 -58.67 84.22 -70.02
N GLN B 1066 -58.21 83.97 -71.24
CA GLN B 1066 -57.28 82.88 -71.54
C GLN B 1066 -55.97 83.03 -70.78
N SER B 1067 -55.33 84.20 -70.86
CA SER B 1067 -54.03 84.41 -70.22
C SER B 1067 -54.25 84.82 -68.77
N ARG B 1068 -54.63 83.83 -67.95
CA ARG B 1068 -54.76 84.05 -66.52
C ARG B 1068 -53.42 84.23 -65.81
N TRP B 1069 -52.32 83.85 -66.46
CA TRP B 1069 -51.01 83.89 -65.82
C TRP B 1069 -50.32 85.23 -66.02
N ASP B 1070 -50.56 85.88 -67.15
CA ASP B 1070 -50.07 87.25 -67.37
C ASP B 1070 -50.96 88.27 -66.67
N ARG B 1071 -51.17 88.11 -65.38
CA ARG B 1071 -51.98 88.99 -64.56
C ARG B 1071 -51.28 89.43 -63.29
N VAL B 1072 -50.48 88.58 -62.67
CA VAL B 1072 -49.86 88.93 -61.41
C VAL B 1072 -48.35 88.77 -61.60
N ARG B 1073 -47.59 89.35 -60.69
CA ARG B 1073 -46.13 89.27 -60.70
C ARG B 1073 -45.66 89.27 -59.25
N ILE B 1074 -45.19 88.13 -58.81
CA ILE B 1074 -44.83 87.96 -57.40
C ILE B 1074 -43.38 88.38 -57.24
N PHE B 1075 -43.11 89.05 -56.12
CA PHE B 1075 -41.77 89.48 -55.74
C PHE B 1075 -41.50 88.96 -54.34
N ARG B 1076 -40.28 88.46 -54.12
CA ARG B 1076 -39.91 88.00 -52.80
C ARG B 1076 -38.41 88.11 -52.65
N ALA B 1077 -37.95 88.11 -51.40
CA ALA B 1077 -36.51 88.13 -51.19
C ALA B 1077 -35.91 86.77 -51.52
N GLU B 1078 -34.59 86.73 -51.63
CA GLU B 1078 -33.87 85.49 -51.91
C GLU B 1078 -34.03 84.54 -50.72
N LYS B 1079 -33.96 83.23 -51.01
CA LYS B 1079 -34.11 82.22 -49.97
C LYS B 1079 -32.99 82.27 -48.93
N SER B 1080 -31.84 82.87 -49.25
CA SER B 1080 -30.75 82.99 -48.29
C SER B 1080 -31.02 84.03 -47.21
N TYR B 1081 -32.06 84.84 -47.36
CA TYR B 1081 -32.43 85.83 -46.37
C TYR B 1081 -33.54 85.34 -45.46
N THR B 1082 -33.82 84.05 -45.47
CA THR B 1082 -34.86 83.45 -44.63
C THR B 1082 -34.60 83.70 -43.15
N VAL B 1083 -35.65 84.11 -42.43
CA VAL B 1083 -35.57 84.40 -41.00
C VAL B 1083 -36.40 83.38 -40.25
N GLN B 1084 -35.86 82.91 -39.12
CA GLN B 1084 -36.52 81.91 -38.29
C GLN B 1084 -36.61 82.32 -36.83
N SER B 1085 -36.25 83.56 -36.50
CA SER B 1085 -36.26 84.04 -35.12
C SER B 1085 -36.31 85.55 -35.12
N GLY B 1086 -36.64 86.12 -33.96
CA GLY B 1086 -36.70 87.56 -33.83
C GLY B 1086 -37.98 88.19 -34.33
N ARG B 1087 -37.94 89.51 -34.40
CA ARG B 1087 -39.06 90.33 -34.85
C ARG B 1087 -38.58 91.21 -35.99
N TRP B 1088 -39.33 91.20 -37.09
CA TRP B 1088 -38.89 91.89 -38.29
C TRP B 1088 -39.99 92.78 -38.83
N TYR B 1089 -39.56 93.82 -39.56
CA TYR B 1089 -40.46 94.85 -40.07
C TYR B 1089 -39.98 95.36 -41.42
N PHE B 1090 -40.94 95.68 -42.29
CA PHE B 1090 -40.65 96.29 -43.58
C PHE B 1090 -41.90 97.01 -44.08
N GLU B 1091 -41.68 97.98 -44.97
CA GLU B 1091 -42.76 98.80 -45.46
C GLU B 1091 -43.14 98.42 -46.89
N PHE B 1092 -44.33 98.84 -47.29
CA PHE B 1092 -44.77 98.66 -48.67
C PHE B 1092 -45.70 99.83 -49.04
N GLU B 1093 -45.12 100.85 -49.67
CA GLU B 1093 -45.84 102.04 -50.06
C GLU B 1093 -46.65 101.73 -51.31
N ALA B 1094 -47.95 101.58 -51.13
CA ALA B 1094 -48.89 101.28 -52.21
C ALA B 1094 -49.05 102.52 -53.09
N VAL B 1095 -48.37 102.56 -54.24
CA VAL B 1095 -48.48 103.74 -55.10
C VAL B 1095 -49.89 103.83 -55.70
N THR B 1096 -50.40 102.71 -56.20
CA THR B 1096 -51.73 102.68 -56.77
C THR B 1096 -52.66 101.93 -55.82
N THR B 1097 -53.94 101.86 -56.19
CA THR B 1097 -54.96 101.27 -55.32
C THR B 1097 -55.63 100.05 -55.94
N GLY B 1098 -54.97 99.38 -56.88
CA GLY B 1098 -55.52 98.21 -57.52
C GLY B 1098 -55.40 96.96 -56.68
N GLU B 1099 -55.28 95.82 -57.35
CA GLU B 1099 -55.18 94.52 -56.68
C GLU B 1099 -53.71 94.19 -56.46
N MET B 1100 -53.20 94.54 -55.29
CA MET B 1100 -51.84 94.20 -54.90
C MET B 1100 -51.90 93.59 -53.50
N ARG B 1101 -50.94 92.73 -53.20
CA ARG B 1101 -50.90 92.04 -51.91
C ARG B 1101 -49.49 92.10 -51.34
N VAL B 1102 -49.39 92.02 -50.02
CA VAL B 1102 -48.10 92.10 -49.34
C VAL B 1102 -48.20 91.33 -48.03
N GLY B 1103 -47.10 90.68 -47.62
CA GLY B 1103 -47.09 89.94 -46.38
C GLY B 1103 -45.84 89.09 -46.19
N TRP B 1104 -46.00 87.85 -45.74
CA TRP B 1104 -44.85 86.98 -45.55
C TRP B 1104 -45.15 85.62 -46.13
N ALA B 1105 -44.09 84.90 -46.52
CA ALA B 1105 -44.28 83.64 -47.20
C ALA B 1105 -43.15 82.68 -46.88
N ARG B 1106 -43.44 81.39 -47.05
CA ARG B 1106 -42.46 80.34 -46.86
C ARG B 1106 -41.58 80.25 -48.10
N PRO B 1107 -40.35 79.75 -47.97
CA PRO B 1107 -39.41 79.74 -49.12
C PRO B 1107 -39.87 78.95 -50.34
N GLU B 1108 -40.68 77.91 -50.16
CA GLU B 1108 -41.06 77.04 -51.26
C GLU B 1108 -42.33 77.48 -51.97
N LEU B 1109 -42.63 78.79 -51.97
CA LEU B 1109 -43.84 79.31 -52.58
C LEU B 1109 -43.89 78.99 -54.08
N ARG B 1110 -45.03 78.50 -54.53
CA ARG B 1110 -45.22 78.19 -55.94
C ARG B 1110 -45.41 79.48 -56.72
N PRO B 1111 -44.69 79.68 -57.82
CA PRO B 1111 -44.80 80.95 -58.54
C PRO B 1111 -46.07 81.10 -59.35
N ASP B 1112 -46.81 80.02 -59.60
CA ASP B 1112 -48.02 80.06 -60.42
C ASP B 1112 -49.27 79.78 -59.60
N VAL B 1113 -49.28 80.22 -58.34
CA VAL B 1113 -50.44 80.12 -57.46
C VAL B 1113 -50.61 81.48 -56.78
N GLU B 1114 -51.84 81.99 -56.78
CA GLU B 1114 -52.14 83.25 -56.11
C GLU B 1114 -51.84 83.17 -54.62
N LEU B 1115 -51.26 84.25 -54.09
CA LEU B 1115 -50.86 84.31 -52.70
C LEU B 1115 -52.06 84.25 -51.77
N GLY B 1116 -51.96 83.42 -50.72
CA GLY B 1116 -53.04 83.21 -49.80
C GLY B 1116 -53.97 82.08 -50.16
N ALA B 1117 -53.95 81.62 -51.41
CA ALA B 1117 -54.78 80.50 -51.84
C ALA B 1117 -54.30 79.17 -51.27
N ASP B 1118 -53.08 79.13 -50.74
CA ASP B 1118 -52.52 77.92 -50.14
C ASP B 1118 -51.93 78.23 -48.79
N GLU B 1119 -51.23 77.27 -48.20
CA GLU B 1119 -50.65 77.40 -46.88
C GLU B 1119 -49.24 78.00 -46.92
N LEU B 1120 -48.73 78.33 -48.10
CA LEU B 1120 -47.36 78.79 -48.23
C LEU B 1120 -47.23 80.30 -48.11
N ALA B 1121 -48.32 81.01 -47.85
CA ALA B 1121 -48.26 82.46 -47.75
C ALA B 1121 -49.26 82.95 -46.72
N TYR B 1122 -48.84 83.96 -45.95
CA TYR B 1122 -49.67 84.66 -44.98
C TYR B 1122 -49.66 86.10 -45.49
N VAL B 1123 -50.60 86.40 -46.38
CA VAL B 1123 -50.53 87.67 -47.11
C VAL B 1123 -51.77 88.47 -46.79
N PHE B 1124 -51.67 89.80 -46.88
CA PHE B 1124 -52.78 90.70 -46.57
C PHE B 1124 -53.18 91.41 -47.86
N ASN B 1125 -54.36 91.06 -48.38
CA ASN B 1125 -54.89 91.67 -49.60
C ASN B 1125 -55.66 92.88 -49.14
N GLY B 1126 -54.99 94.02 -49.11
CA GLY B 1126 -55.62 95.23 -48.65
C GLY B 1126 -56.35 96.01 -49.71
N HIS B 1127 -56.55 95.43 -50.90
CA HIS B 1127 -57.36 96.11 -51.90
C HIS B 1127 -58.80 96.28 -51.41
N ARG B 1128 -59.33 95.28 -50.71
CA ARG B 1128 -60.63 95.39 -50.06
C ARG B 1128 -60.56 95.15 -48.56
N GLY B 1129 -59.36 95.04 -47.99
CA GLY B 1129 -59.25 94.77 -46.57
C GLY B 1129 -59.52 93.33 -46.19
N GLN B 1130 -58.73 92.40 -46.72
CA GLN B 1130 -58.88 90.97 -46.48
C GLN B 1130 -57.53 90.39 -46.09
N ARG B 1131 -57.55 89.35 -45.26
CA ARG B 1131 -56.35 88.60 -44.94
C ARG B 1131 -56.45 87.22 -45.56
N TRP B 1132 -55.41 86.84 -46.30
CA TRP B 1132 -55.41 85.63 -47.11
C TRP B 1132 -54.42 84.60 -46.56
N HIS B 1133 -54.96 83.44 -46.20
CA HIS B 1133 -54.21 82.23 -45.90
C HIS B 1133 -55.20 81.07 -46.05
N LEU B 1134 -55.00 80.24 -47.08
CA LEU B 1134 -55.88 79.12 -47.44
C LEU B 1134 -57.31 79.60 -47.73
N GLY B 1135 -57.47 80.82 -48.21
CA GLY B 1135 -58.77 81.38 -48.50
C GLY B 1135 -58.78 82.86 -48.20
N SER B 1136 -59.97 83.42 -48.07
CA SER B 1136 -60.14 84.85 -47.83
C SER B 1136 -61.08 85.11 -46.67
N GLU B 1137 -60.77 86.15 -45.90
CA GLU B 1137 -61.62 86.63 -44.83
C GLU B 1137 -61.23 88.08 -44.55
N PRO B 1138 -62.19 88.94 -44.19
CA PRO B 1138 -61.88 90.37 -44.05
C PRO B 1138 -60.94 90.69 -42.89
N PHE B 1139 -60.21 91.79 -43.04
CA PHE B 1139 -59.30 92.28 -42.01
C PHE B 1139 -58.95 93.73 -42.32
N GLY B 1140 -59.17 94.60 -41.33
CA GLY B 1140 -58.80 96.00 -41.47
C GLY B 1140 -59.60 96.75 -42.53
N ARG B 1141 -58.97 97.78 -43.09
CA ARG B 1141 -59.59 98.64 -44.07
C ARG B 1141 -58.74 98.72 -45.32
N PRO B 1142 -59.35 98.89 -46.50
CA PRO B 1142 -58.58 99.06 -47.73
C PRO B 1142 -57.76 100.34 -47.71
N TRP B 1143 -56.58 100.29 -48.35
CA TRP B 1143 -55.76 101.49 -48.36
C TRP B 1143 -56.28 102.53 -49.36
N GLN B 1144 -55.53 103.62 -49.47
CA GLN B 1144 -55.66 104.58 -50.56
C GLN B 1144 -54.29 104.86 -51.15
N SER B 1145 -54.20 105.79 -52.09
CA SER B 1145 -52.93 106.11 -52.72
C SER B 1145 -51.99 106.79 -51.74
N GLY B 1146 -50.71 106.43 -51.80
CA GLY B 1146 -49.71 107.00 -50.92
C GLY B 1146 -49.66 106.38 -49.54
N ASP B 1147 -50.35 105.27 -49.32
CA ASP B 1147 -50.36 104.61 -48.03
C ASP B 1147 -49.16 103.68 -47.89
N VAL B 1148 -48.80 103.40 -46.65
CA VAL B 1148 -47.67 102.53 -46.32
C VAL B 1148 -48.17 101.37 -45.49
N VAL B 1149 -47.89 100.15 -45.94
CA VAL B 1149 -48.31 98.94 -45.26
C VAL B 1149 -47.06 98.34 -44.61
N GLY B 1150 -46.87 98.64 -43.32
CA GLY B 1150 -45.75 98.15 -42.56
C GLY B 1150 -46.00 96.81 -41.88
N CYS B 1151 -45.50 95.74 -42.50
CA CYS B 1151 -45.77 94.41 -41.99
C CYS B 1151 -44.86 94.09 -40.80
N MET B 1152 -45.46 93.64 -39.70
CA MET B 1152 -44.74 93.09 -38.58
C MET B 1152 -44.43 91.62 -38.85
N ILE B 1153 -43.62 91.02 -37.97
CA ILE B 1153 -43.56 89.57 -37.77
C ILE B 1153 -42.85 89.33 -36.45
N ASP B 1154 -43.34 88.35 -35.70
CA ASP B 1154 -42.83 87.98 -34.38
C ASP B 1154 -42.72 86.47 -34.34
N LEU B 1155 -41.51 85.95 -34.63
CA LEU B 1155 -41.28 84.52 -34.61
C LEU B 1155 -41.31 83.95 -33.20
N THR B 1156 -41.04 84.76 -32.18
CA THR B 1156 -41.11 84.28 -30.81
C THR B 1156 -42.55 84.15 -30.33
N GLU B 1157 -43.41 85.06 -30.74
CA GLU B 1157 -44.81 85.05 -30.36
C GLU B 1157 -45.69 84.37 -31.39
N ASN B 1158 -45.10 83.97 -32.53
CA ASN B 1158 -45.78 83.31 -33.64
C ASN B 1158 -46.94 84.15 -34.16
N THR B 1159 -46.67 85.44 -34.37
CA THR B 1159 -47.73 86.36 -34.77
C THR B 1159 -47.31 87.26 -35.93
N ILE B 1160 -48.29 87.59 -36.76
CA ILE B 1160 -48.12 88.50 -37.89
C ILE B 1160 -49.15 89.60 -37.75
N ILE B 1161 -48.69 90.85 -37.80
CA ILE B 1161 -49.53 92.04 -37.63
C ILE B 1161 -49.28 92.93 -38.84
N PHE B 1162 -50.34 93.49 -39.41
CA PHE B 1162 -50.21 94.43 -40.52
C PHE B 1162 -50.61 95.81 -40.02
N THR B 1163 -49.74 96.81 -40.22
CA THR B 1163 -50.04 98.16 -39.79
C THR B 1163 -50.13 99.08 -41.00
N LEU B 1164 -51.19 99.87 -41.07
CA LEU B 1164 -51.42 100.76 -42.20
C LEU B 1164 -51.30 102.20 -41.70
N ASN B 1165 -50.39 102.95 -42.34
CA ASN B 1165 -50.10 104.36 -42.04
C ASN B 1165 -49.77 104.57 -40.57
N GLY B 1166 -49.03 103.63 -39.99
CA GLY B 1166 -48.63 103.73 -38.61
C GLY B 1166 -49.71 103.37 -37.61
N GLU B 1167 -50.84 102.85 -38.07
CA GLU B 1167 -51.94 102.46 -37.19
C GLU B 1167 -52.17 100.97 -37.32
N VAL B 1168 -52.22 100.28 -36.18
CA VAL B 1168 -52.43 98.84 -36.16
C VAL B 1168 -53.83 98.52 -36.67
N LEU B 1169 -53.92 97.63 -37.65
CA LEU B 1169 -55.19 97.26 -38.23
C LEU B 1169 -55.97 96.36 -37.28
N MET B 1170 -57.29 96.44 -37.37
CA MET B 1170 -58.19 95.71 -36.50
C MET B 1170 -58.99 94.72 -37.33
N SER B 1171 -59.06 93.48 -36.87
CA SER B 1171 -59.89 92.46 -37.50
C SER B 1171 -61.35 92.68 -37.13
N ASP B 1172 -62.23 91.80 -37.62
CA ASP B 1172 -63.64 91.87 -37.26
C ASP B 1172 -63.91 91.18 -35.92
N SER B 1173 -63.11 91.49 -34.91
CA SER B 1173 -63.16 90.96 -33.55
C SER B 1173 -62.20 91.82 -32.72
N GLY B 1174 -61.98 91.41 -31.48
CA GLY B 1174 -61.05 92.12 -30.62
C GLY B 1174 -59.59 91.77 -30.83
N SER B 1175 -59.28 90.89 -31.77
CA SER B 1175 -57.90 90.47 -32.00
C SER B 1175 -57.10 91.60 -32.65
N GLU B 1176 -55.93 91.88 -32.08
CA GLU B 1176 -55.02 92.89 -32.61
C GLU B 1176 -53.89 92.30 -33.44
N THR B 1177 -53.87 90.98 -33.63
CA THR B 1177 -52.88 90.31 -34.44
C THR B 1177 -53.57 89.56 -35.57
N ALA B 1178 -53.13 89.81 -36.81
CA ALA B 1178 -53.80 89.26 -37.98
C ALA B 1178 -53.71 87.74 -38.02
N PHE B 1179 -52.52 87.19 -37.82
CA PHE B 1179 -52.35 85.75 -37.87
C PHE B 1179 -51.71 85.27 -36.59
N ARG B 1180 -52.20 84.15 -36.07
CA ARG B 1180 -51.79 83.63 -34.77
C ARG B 1180 -51.49 82.15 -34.90
N GLU B 1181 -50.62 81.66 -34.01
CA GLU B 1181 -50.21 80.26 -33.90
C GLU B 1181 -49.65 79.74 -35.23
N ILE B 1182 -48.56 80.37 -35.67
CA ILE B 1182 -47.86 79.97 -36.88
C ILE B 1182 -46.57 79.25 -36.50
N GLU B 1183 -46.40 78.06 -37.08
CA GLU B 1183 -45.17 77.30 -36.84
C GLU B 1183 -44.01 77.95 -37.56
N ILE B 1184 -42.82 77.82 -36.97
CA ILE B 1184 -41.61 78.39 -37.54
C ILE B 1184 -41.33 77.79 -38.91
N GLY B 1185 -41.41 76.46 -39.02
CA GLY B 1185 -41.23 75.75 -40.28
C GLY B 1185 -39.87 75.99 -40.88
N ASP B 1186 -39.86 76.24 -42.19
CA ASP B 1186 -38.63 76.58 -42.88
C ASP B 1186 -38.19 78.00 -42.61
N GLY B 1187 -39.11 78.86 -42.19
CA GLY B 1187 -38.87 80.28 -42.05
C GLY B 1187 -39.78 81.08 -42.98
N PHE B 1188 -39.62 82.39 -42.91
CA PHE B 1188 -40.50 83.28 -43.65
C PHE B 1188 -39.70 84.31 -44.43
N LEU B 1189 -40.24 84.69 -45.59
CA LEU B 1189 -39.67 85.68 -46.48
C LEU B 1189 -40.67 86.80 -46.71
N PRO B 1190 -40.25 88.06 -46.64
CA PRO B 1190 -41.11 89.18 -47.03
C PRO B 1190 -41.52 89.07 -48.48
N VAL B 1191 -42.83 89.10 -48.73
CA VAL B 1191 -43.35 88.83 -50.07
C VAL B 1191 -44.38 89.90 -50.44
N CYS B 1192 -44.55 90.10 -51.74
CA CYS B 1192 -45.57 90.99 -52.27
C CYS B 1192 -45.85 90.60 -53.72
N SER B 1193 -46.99 91.06 -54.22
CA SER B 1193 -47.38 90.81 -55.60
C SER B 1193 -48.22 91.99 -56.08
N LEU B 1194 -48.27 92.16 -57.40
CA LEU B 1194 -48.99 93.25 -58.03
C LEU B 1194 -49.80 92.73 -59.21
N GLY B 1195 -51.05 93.19 -59.31
CA GLY B 1195 -51.93 92.90 -60.42
C GLY B 1195 -51.61 93.79 -61.61
N PRO B 1196 -52.42 93.71 -62.67
CA PRO B 1196 -52.16 94.51 -63.87
C PRO B 1196 -52.23 96.01 -63.56
N GLY B 1197 -51.31 96.76 -64.18
CA GLY B 1197 -51.24 98.20 -64.07
C GLY B 1197 -51.06 98.71 -62.65
N GLN B 1198 -50.11 98.14 -61.90
CA GLN B 1198 -49.93 98.54 -60.51
C GLN B 1198 -48.48 98.92 -60.24
N VAL B 1199 -48.29 99.83 -59.28
CA VAL B 1199 -46.97 100.28 -58.86
C VAL B 1199 -46.87 100.17 -57.33
N GLY B 1200 -45.78 99.57 -56.86
CA GLY B 1200 -45.54 99.39 -55.44
C GLY B 1200 -44.11 99.68 -55.04
N HIS B 1201 -43.91 100.33 -53.91
CA HIS B 1201 -42.57 100.65 -53.42
C HIS B 1201 -42.31 99.77 -52.20
N LEU B 1202 -41.35 98.87 -52.31
CA LEU B 1202 -41.04 97.95 -51.23
C LEU B 1202 -39.79 98.43 -50.53
N ASN B 1203 -39.91 98.73 -49.23
CA ASN B 1203 -38.79 99.21 -48.44
C ASN B 1203 -38.48 98.16 -47.37
N LEU B 1204 -37.44 97.38 -47.58
CA LEU B 1204 -37.03 96.36 -46.63
C LEU B 1204 -36.24 96.92 -45.47
N GLY B 1205 -36.01 98.23 -45.43
CA GLY B 1205 -35.37 98.86 -44.30
C GLY B 1205 -33.87 98.72 -44.27
N GLN B 1206 -33.22 98.76 -45.45
CA GLN B 1206 -31.76 98.77 -45.48
C GLN B 1206 -31.21 100.02 -44.81
N ASP B 1207 -31.83 101.17 -45.04
CA ASP B 1207 -31.55 102.39 -44.31
C ASP B 1207 -32.68 102.62 -43.31
N VAL B 1208 -32.34 102.61 -42.01
CA VAL B 1208 -33.35 102.71 -40.96
C VAL B 1208 -34.01 104.10 -41.00
N SER B 1209 -33.24 105.14 -41.32
CA SER B 1209 -33.76 106.51 -41.36
C SER B 1209 -34.78 106.69 -42.47
N SER B 1210 -34.61 105.98 -43.59
CA SER B 1210 -35.53 106.08 -44.72
C SER B 1210 -36.94 105.61 -44.41
N LEU B 1211 -37.10 104.77 -43.38
CA LEU B 1211 -38.43 104.34 -42.98
C LEU B 1211 -39.22 105.50 -42.39
N ARG B 1212 -40.54 105.44 -42.53
CA ARG B 1212 -41.43 106.52 -42.12
C ARG B 1212 -42.19 106.20 -40.84
N PHE B 1213 -42.91 105.07 -40.82
CA PHE B 1213 -43.78 104.72 -39.71
C PHE B 1213 -43.13 103.78 -38.71
N PHE B 1214 -41.83 103.50 -38.87
CA PHE B 1214 -41.11 102.66 -37.91
C PHE B 1214 -41.07 103.30 -36.53
N ALA B 1215 -40.85 104.63 -36.48
CA ALA B 1215 -40.86 105.33 -35.20
C ALA B 1215 -42.24 105.27 -34.57
N ILE B 1216 -43.28 105.47 -35.38
CA ILE B 1216 -44.66 105.43 -34.87
C ILE B 1216 -45.00 104.02 -34.39
N CYS B 1217 -44.66 103.01 -35.17
CA CYS B 1217 -44.98 101.64 -34.79
C CYS B 1217 -43.78 100.75 -35.09
N GLY B 1218 -43.38 99.96 -34.09
CA GLY B 1218 -42.32 99.00 -34.28
C GLY B 1218 -41.05 99.26 -33.50
N LEU B 1219 -40.64 100.53 -33.41
CA LEU B 1219 -39.38 100.89 -32.76
C LEU B 1219 -39.38 100.54 -31.28
N GLN B 1220 -40.48 100.83 -30.59
CA GLN B 1220 -40.56 100.59 -29.16
C GLN B 1220 -40.97 99.17 -28.81
N GLU B 1221 -41.39 98.39 -29.79
CA GLU B 1221 -41.84 97.02 -29.54
C GLU B 1221 -40.70 96.00 -29.57
N GLY B 1222 -39.46 96.44 -29.77
CA GLY B 1222 -38.36 95.52 -29.95
C GLY B 1222 -38.17 95.03 -31.37
N PHE B 1223 -38.93 95.53 -32.32
CA PHE B 1223 -38.82 95.08 -33.71
C PHE B 1223 -37.57 95.66 -34.37
N GLU B 1224 -37.15 95.02 -35.44
CA GLU B 1224 -35.97 95.43 -36.19
C GLU B 1224 -36.30 95.49 -37.66
N PRO B 1225 -35.64 96.37 -38.42
CA PRO B 1225 -35.76 96.34 -39.88
C PRO B 1225 -35.20 95.03 -40.42
N PHE B 1226 -35.81 94.57 -41.51
CA PHE B 1226 -35.43 93.28 -42.09
C PHE B 1226 -34.01 93.28 -42.64
N ALA B 1227 -33.51 94.45 -43.04
CA ALA B 1227 -32.18 94.58 -43.61
C ALA B 1227 -31.38 95.60 -42.84
N ILE B 1228 -31.40 95.47 -41.51
CA ILE B 1228 -30.84 96.49 -40.62
C ILE B 1228 -29.33 96.66 -40.82
N ASN B 1229 -28.60 95.56 -40.96
CA ASN B 1229 -27.15 95.61 -41.15
C ASN B 1229 -26.86 94.82 -42.41
N MET B 1230 -26.97 95.48 -43.57
CA MET B 1230 -26.68 94.87 -44.85
C MET B 1230 -26.05 95.90 -45.77
N GLN B 1231 -25.00 95.50 -46.49
CA GLN B 1231 -24.29 96.40 -47.38
CA GLN B 1231 -24.29 96.40 -47.38
C GLN B 1231 -24.95 96.47 -48.75
N ARG B 1232 -25.06 95.35 -49.43
CA ARG B 1232 -25.70 95.35 -50.73
C ARG B 1232 -27.22 95.31 -50.58
N PRO B 1233 -27.96 95.85 -51.56
CA PRO B 1233 -29.42 95.74 -51.53
C PRO B 1233 -29.85 94.27 -51.56
N VAL B 1234 -30.93 93.98 -50.85
CA VAL B 1234 -31.43 92.61 -50.73
C VAL B 1234 -31.86 92.10 -52.09
N THR B 1235 -31.31 90.95 -52.48
CA THR B 1235 -31.64 90.34 -53.76
C THR B 1235 -33.09 89.86 -53.76
N THR B 1236 -33.83 90.23 -54.79
CA THR B 1236 -35.22 89.85 -54.93
C THR B 1236 -35.40 88.95 -56.15
N TRP B 1237 -36.26 87.96 -55.98
CA TRP B 1237 -36.60 87.03 -57.04
C TRP B 1237 -38.04 87.32 -57.41
N PHE B 1238 -38.27 87.63 -58.69
CA PHE B 1238 -39.60 87.86 -59.21
C PHE B 1238 -40.08 86.64 -59.99
N SER B 1239 -41.37 86.62 -60.27
CA SER B 1239 -41.96 85.52 -61.02
C SER B 1239 -41.99 85.89 -62.50
N LYS B 1240 -41.25 85.16 -63.31
CA LYS B 1240 -41.14 85.41 -64.74
C LYS B 1240 -42.26 84.64 -65.45
N SER B 1241 -43.08 85.36 -66.20
CA SER B 1241 -44.22 84.77 -66.91
C SER B 1241 -43.82 84.34 -68.32
N LEU B 1242 -42.76 83.53 -68.41
CA LEU B 1242 -42.30 82.98 -69.68
C LEU B 1242 -42.33 81.46 -69.58
N PRO B 1243 -43.09 80.78 -70.43
CA PRO B 1243 -43.16 79.30 -70.37
C PRO B 1243 -41.80 78.66 -70.60
N GLN B 1244 -41.57 77.58 -69.86
CA GLN B 1244 -40.32 76.81 -69.98
C GLN B 1244 -40.65 75.33 -69.91
N PHE B 1245 -39.73 74.49 -70.36
CA PHE B 1245 -39.92 73.06 -70.32
C PHE B 1245 -39.23 72.49 -69.09
N GLU B 1246 -39.99 71.87 -68.20
CA GLU B 1246 -39.42 71.24 -67.01
C GLU B 1246 -39.86 69.79 -66.96
N PRO B 1247 -39.05 68.90 -66.36
CA PRO B 1247 -39.45 67.50 -66.24
C PRO B 1247 -40.70 67.34 -65.41
N VAL B 1248 -41.49 66.33 -65.75
CA VAL B 1248 -42.73 66.01 -65.03
C VAL B 1248 -42.39 65.58 -63.61
N PRO B 1249 -42.90 66.27 -62.60
CA PRO B 1249 -42.62 65.92 -61.20
C PRO B 1249 -43.10 64.52 -60.88
N PRO B 1250 -42.31 63.74 -60.13
CA PRO B 1250 -42.76 62.38 -59.75
C PRO B 1250 -43.97 62.36 -58.84
N GLU B 1251 -44.28 63.48 -58.18
CA GLU B 1251 -45.39 63.56 -57.25
C GLU B 1251 -46.63 64.22 -57.86
N HIS B 1252 -46.64 64.46 -59.17
CA HIS B 1252 -47.72 65.18 -59.84
C HIS B 1252 -49.04 64.44 -59.73
N PRO B 1253 -50.09 65.06 -59.20
CA PRO B 1253 -51.37 64.34 -58.99
C PRO B 1253 -52.03 63.86 -60.27
N HIS B 1254 -51.92 64.61 -61.37
CA HIS B 1254 -52.68 64.31 -62.57
C HIS B 1254 -51.90 63.50 -63.60
N TYR B 1255 -50.71 63.95 -63.96
CA TYR B 1255 -49.92 63.34 -65.02
C TYR B 1255 -48.81 62.47 -64.44
N GLU B 1256 -48.60 61.31 -65.06
CA GLU B 1256 -47.48 60.45 -64.70
C GLU B 1256 -46.88 59.87 -65.98
N VAL B 1257 -45.55 59.76 -65.99
CA VAL B 1257 -44.83 59.24 -67.13
C VAL B 1257 -44.19 57.92 -66.72
N ALA B 1258 -44.45 56.87 -67.49
CA ALA B 1258 -43.97 55.54 -67.18
C ALA B 1258 -42.94 55.11 -68.22
N ARG B 1259 -41.76 54.72 -67.75
CA ARG B 1259 -40.72 54.19 -68.61
C ARG B 1259 -40.90 52.69 -68.73
N MET B 1260 -41.07 52.20 -69.95
CA MET B 1260 -41.33 50.79 -70.20
C MET B 1260 -40.09 50.15 -70.79
N ASP B 1261 -39.71 49.00 -70.23
CA ASP B 1261 -38.56 48.26 -70.73
C ASP B 1261 -38.85 47.74 -72.13
N GLY B 1262 -37.86 47.84 -73.01
CA GLY B 1262 -38.02 47.35 -74.36
C GLY B 1262 -37.89 45.84 -74.44
N THR B 1263 -38.94 45.16 -74.90
CA THR B 1263 -38.93 43.71 -74.99
C THR B 1263 -38.23 43.29 -76.28
N VAL B 1264 -38.24 41.99 -76.57
CA VAL B 1264 -37.63 41.47 -77.79
C VAL B 1264 -38.38 41.95 -79.03
N ASP B 1265 -39.70 42.10 -78.95
CA ASP B 1265 -40.51 42.50 -80.09
C ASP B 1265 -41.01 43.93 -80.03
N THR B 1266 -40.90 44.60 -78.88
CA THR B 1266 -41.40 45.95 -78.77
C THR B 1266 -40.28 46.91 -78.39
N PRO B 1267 -40.28 48.13 -78.93
CA PRO B 1267 -39.24 49.10 -78.57
C PRO B 1267 -39.49 49.67 -77.19
N PRO B 1268 -38.48 50.28 -76.56
CA PRO B 1268 -38.72 50.96 -75.28
C PRO B 1268 -39.71 52.10 -75.42
N CYS B 1269 -40.50 52.31 -74.37
CA CYS B 1269 -41.61 53.23 -74.41
C CYS B 1269 -41.55 54.22 -73.25
N LEU B 1270 -42.05 55.42 -73.54
CA LEU B 1270 -42.26 56.50 -72.58
C LEU B 1270 -43.75 56.80 -72.62
N ARG B 1271 -44.52 56.08 -71.81
CA ARG B 1271 -45.96 56.16 -71.85
C ARG B 1271 -46.46 57.23 -70.88
N LEU B 1272 -47.43 58.02 -71.33
CA LEU B 1272 -48.12 58.98 -70.48
C LEU B 1272 -49.48 58.42 -70.10
N ALA B 1273 -49.82 58.50 -68.82
CA ALA B 1273 -51.12 58.02 -68.35
C ALA B 1273 -51.71 59.03 -67.39
N HIS B 1274 -52.94 59.45 -67.66
CA HIS B 1274 -53.62 60.39 -66.78
C HIS B 1274 -54.06 59.65 -65.52
N ARG B 1275 -53.60 60.13 -64.36
CA ARG B 1275 -53.90 59.44 -63.11
C ARG B 1275 -55.38 59.58 -62.74
N THR B 1276 -55.91 60.79 -62.80
CA THR B 1276 -57.25 61.09 -62.31
C THR B 1276 -58.25 61.37 -63.43
N TRP B 1277 -58.08 60.73 -64.59
CA TRP B 1277 -58.99 60.94 -65.71
C TRP B 1277 -60.36 60.38 -65.40
N GLY B 1278 -61.37 61.25 -65.40
CA GLY B 1278 -62.74 60.88 -65.21
C GLY B 1278 -63.25 61.07 -63.79
N SER B 1279 -62.34 61.20 -62.83
CA SER B 1279 -62.75 61.37 -61.44
C SER B 1279 -63.12 62.83 -61.17
N GLN B 1280 -63.62 63.08 -59.96
CA GLN B 1280 -63.94 64.43 -59.54
C GLN B 1280 -62.66 65.22 -59.30
N ASN B 1281 -62.74 66.54 -59.57
CA ASN B 1281 -61.62 67.49 -59.49
C ASN B 1281 -60.48 67.11 -60.44
N SER B 1282 -60.80 66.45 -61.55
CA SER B 1282 -59.81 66.13 -62.54
C SER B 1282 -59.36 67.39 -63.28
N LEU B 1283 -58.10 67.40 -63.69
CA LEU B 1283 -57.52 68.51 -64.43
C LEU B 1283 -57.37 68.06 -65.87
N VAL B 1284 -58.02 68.79 -66.79
CA VAL B 1284 -57.92 68.53 -68.22
C VAL B 1284 -57.60 69.85 -68.90
N GLU B 1285 -56.51 69.88 -69.65
CA GLU B 1285 -56.06 71.10 -70.32
C GLU B 1285 -55.09 70.73 -71.43
N MET B 1286 -54.80 71.72 -72.27
CA MET B 1286 -53.82 71.58 -73.35
C MET B 1286 -52.44 71.32 -72.76
N LEU B 1287 -51.85 70.16 -73.05
CA LEU B 1287 -50.59 69.74 -72.45
C LEU B 1287 -49.49 69.69 -73.50
N PHE B 1288 -48.37 70.34 -73.21
CA PHE B 1288 -47.23 70.38 -74.12
C PHE B 1288 -46.14 69.49 -73.55
N LEU B 1289 -45.66 68.55 -74.37
CA LEU B 1289 -44.62 67.60 -74.00
C LEU B 1289 -43.48 67.67 -75.00
N ARG B 1290 -42.25 67.57 -74.49
CA ARG B 1290 -41.07 67.45 -75.33
C ARG B 1290 -40.07 66.56 -74.62
N LEU B 1291 -39.21 65.92 -75.40
CA LEU B 1291 -38.18 65.09 -74.81
C LEU B 1291 -37.04 65.96 -74.30
N SER B 1292 -36.24 65.39 -73.40
CA SER B 1292 -35.20 66.19 -72.76
C SER B 1292 -34.04 66.46 -73.71
N LEU B 1293 -33.63 65.46 -74.49
CA LEU B 1293 -32.44 65.77 -75.28
C LEU B 1293 -32.81 66.04 -76.73
N PRO B 1294 -32.17 67.01 -77.37
CA PRO B 1294 -32.49 67.32 -78.77
C PRO B 1294 -31.61 66.57 -79.76
N VAL B 1295 -31.88 66.77 -81.05
CA VAL B 1295 -31.02 66.29 -82.12
C VAL B 1295 -30.62 67.49 -82.97
N GLN B 1296 -29.37 67.52 -83.39
CA GLN B 1296 -28.83 68.63 -84.16
C GLN B 1296 -28.50 68.18 -85.57
N PHE B 1297 -28.88 69.00 -86.55
CA PHE B 1297 -28.59 68.68 -87.94
C PHE B 1297 -27.13 68.96 -88.27
N HIS B 1298 -26.65 68.27 -89.30
CA HIS B 1298 -25.26 68.35 -89.70
C HIS B 1298 -24.89 69.75 -90.20
N GLN B 1299 -23.60 70.04 -90.11
CA GLN B 1299 -23.10 71.39 -90.43
C GLN B 1299 -23.29 71.73 -91.90
N HIS B 1300 -22.95 70.81 -92.79
CA HIS B 1300 -23.06 71.03 -94.23
C HIS B 1300 -23.95 69.97 -94.84
N PHE B 1301 -24.98 70.40 -95.55
CA PHE B 1301 -25.89 69.47 -96.19
C PHE B 1301 -25.22 68.82 -97.38
N ARG B 1302 -25.66 67.59 -97.70
CA ARG B 1302 -25.09 66.85 -98.81
C ARG B 1302 -25.43 67.52 -100.14
N CYS B 1303 -24.53 67.36 -101.10
CA CYS B 1303 -24.67 68.01 -102.41
C CYS B 1303 -25.85 67.43 -103.17
N THR B 1304 -26.54 68.32 -103.89
CA THR B 1304 -27.70 68.00 -104.75
C THR B 1304 -28.83 67.29 -104.02
N ASP B 1419 -38.50 39.31 -92.66
CA ASP B 1419 -37.78 40.36 -93.35
C ASP B 1419 -37.48 41.48 -92.34
N ASN B 1420 -37.57 42.74 -92.82
CA ASN B 1420 -37.28 43.95 -92.04
C ASN B 1420 -35.85 43.93 -91.46
N ARG B 1421 -34.94 43.24 -92.14
CA ARG B 1421 -33.54 43.18 -91.71
C ARG B 1421 -32.78 44.28 -92.43
N ASP B 1422 -32.20 45.18 -91.65
CA ASP B 1422 -31.44 46.30 -92.21
C ASP B 1422 -30.18 45.84 -92.91
N ASP B 1423 -29.93 46.42 -94.07
CA ASP B 1423 -28.72 46.15 -94.85
C ASP B 1423 -27.53 46.72 -94.06
N PRO B 1424 -26.52 45.91 -93.72
CA PRO B 1424 -25.40 46.43 -92.89
C PRO B 1424 -24.66 47.62 -93.47
N GLU B 1425 -24.46 47.64 -94.79
CA GLU B 1425 -23.75 48.76 -95.39
C GLU B 1425 -24.62 50.01 -95.48
N ILE B 1426 -25.93 49.84 -95.69
CA ILE B 1426 -26.80 51.00 -95.70
C ILE B 1426 -26.94 51.56 -94.28
N ILE B 1427 -27.09 50.66 -93.29
CA ILE B 1427 -27.37 51.08 -91.92
C ILE B 1427 -26.17 51.78 -91.31
N LEU B 1428 -24.94 51.38 -91.65
CA LEU B 1428 -23.78 52.04 -91.06
C LEU B 1428 -23.47 53.38 -91.68
N ASN B 1429 -24.15 53.76 -92.77
CA ASN B 1429 -23.89 55.02 -93.44
C ASN B 1429 -25.08 55.97 -93.46
N THR B 1430 -26.30 55.48 -93.25
CA THR B 1430 -27.49 56.34 -93.32
C THR B 1430 -27.51 57.40 -92.22
N THR B 1431 -28.11 58.55 -92.55
CA THR B 1431 -28.30 59.66 -91.62
C THR B 1431 -29.77 59.94 -91.39
N THR B 1432 -30.60 58.90 -91.42
CA THR B 1432 -32.04 59.02 -91.22
C THR B 1432 -32.40 58.38 -89.88
N TYR B 1433 -33.22 59.09 -89.12
CA TYR B 1433 -33.63 58.67 -87.79
C TYR B 1433 -35.15 58.75 -87.64
N TYR B 1434 -35.72 57.73 -87.00
CA TYR B 1434 -37.16 57.53 -86.92
C TYR B 1434 -37.59 57.33 -85.48
N TYR B 1435 -38.78 57.82 -85.16
CA TYR B 1435 -39.41 57.46 -83.89
C TYR B 1435 -40.91 57.35 -84.11
N SER B 1436 -41.57 56.53 -83.32
CA SER B 1436 -42.99 56.30 -83.48
C SER B 1436 -43.71 56.67 -82.19
N VAL B 1437 -44.84 57.35 -82.33
CA VAL B 1437 -45.69 57.68 -81.20
C VAL B 1437 -47.03 56.97 -81.38
N ARG B 1438 -47.55 56.39 -80.32
CA ARG B 1438 -48.77 55.61 -80.38
C ARG B 1438 -49.81 56.31 -79.51
N VAL B 1439 -50.77 56.93 -80.17
CA VAL B 1439 -51.90 57.55 -79.48
C VAL B 1439 -52.86 56.44 -79.10
N PHE B 1440 -53.18 56.34 -77.81
CA PHE B 1440 -53.97 55.21 -77.34
C PHE B 1440 -55.43 55.33 -77.80
N ALA B 1441 -56.11 54.18 -77.82
CA ALA B 1441 -57.54 54.16 -78.07
C ALA B 1441 -58.28 54.90 -76.97
N GLY B 1442 -59.31 55.65 -77.37
CA GLY B 1442 -60.03 56.50 -76.45
C GLY B 1442 -59.49 57.91 -76.37
N GLN B 1443 -58.26 58.14 -76.83
CA GLN B 1443 -57.70 59.47 -76.91
C GLN B 1443 -57.99 60.02 -78.31
N GLU B 1444 -58.63 61.17 -78.37
CA GLU B 1444 -59.09 61.75 -79.63
C GLU B 1444 -57.92 62.21 -80.48
N PRO B 1445 -57.77 61.72 -81.71
CA PRO B 1445 -56.77 62.29 -82.62
C PRO B 1445 -57.04 63.74 -83.02
N SER B 1446 -58.23 64.28 -82.77
CA SER B 1446 -58.56 65.66 -83.09
C SER B 1446 -57.80 66.67 -82.23
N CYS B 1447 -57.13 66.24 -81.16
CA CYS B 1447 -56.39 67.11 -80.27
C CYS B 1447 -55.00 66.55 -80.02
N VAL B 1448 -54.33 66.12 -81.09
CA VAL B 1448 -53.00 65.53 -81.03
C VAL B 1448 -52.14 66.23 -82.07
N TRP B 1449 -50.93 66.61 -81.68
CA TRP B 1449 -49.96 67.21 -82.60
C TRP B 1449 -48.59 66.61 -82.32
N VAL B 1450 -47.95 66.08 -83.35
CA VAL B 1450 -46.70 65.33 -83.21
C VAL B 1450 -45.66 65.89 -84.19
N GLY B 1451 -44.45 66.16 -83.68
CA GLY B 1451 -43.37 66.62 -84.52
C GLY B 1451 -42.14 67.04 -83.73
N TRP B 1452 -41.57 68.20 -84.07
CA TRP B 1452 -40.36 68.67 -83.41
C TRP B 1452 -40.47 70.15 -83.12
N VAL B 1453 -39.75 70.60 -82.09
CA VAL B 1453 -39.73 72.01 -81.68
C VAL B 1453 -38.29 72.46 -81.45
N THR B 1454 -37.98 73.66 -81.92
CA THR B 1454 -36.72 74.31 -81.62
C THR B 1454 -36.68 74.71 -80.15
N PRO B 1455 -35.50 74.89 -79.55
CA PRO B 1455 -35.44 75.22 -78.11
C PRO B 1455 -36.01 76.58 -77.71
N ASP B 1456 -36.58 77.37 -78.62
CA ASP B 1456 -37.14 78.67 -78.27
C ASP B 1456 -38.66 78.70 -78.39
N TYR B 1457 -39.31 77.55 -78.26
CA TYR B 1457 -40.77 77.49 -78.26
C TYR B 1457 -41.27 77.85 -76.87
N HIS B 1458 -42.07 78.92 -76.77
CA HIS B 1458 -42.66 79.35 -75.50
C HIS B 1458 -44.12 79.74 -75.70
N GLN B 1459 -44.86 78.94 -76.45
CA GLN B 1459 -46.25 79.23 -76.80
C GLN B 1459 -47.15 78.33 -75.95
N HIS B 1460 -47.70 78.89 -74.89
CA HIS B 1460 -48.54 78.17 -73.93
C HIS B 1460 -49.98 78.66 -74.12
N ASP B 1461 -50.70 77.98 -75.02
CA ASP B 1461 -52.08 78.33 -75.34
C ASP B 1461 -53.01 77.17 -75.02
N MET B 1462 -54.11 77.46 -74.33
CA MET B 1462 -55.13 76.46 -74.06
C MET B 1462 -55.99 76.13 -75.27
N ASN B 1463 -55.90 76.91 -76.34
CA ASN B 1463 -56.70 76.65 -77.53
C ASN B 1463 -55.78 76.42 -78.70
N PHE B 1464 -54.74 75.61 -78.49
CA PHE B 1464 -53.69 75.45 -79.48
C PHE B 1464 -54.21 74.79 -80.75
N ASP B 1465 -53.74 75.29 -81.89
CA ASP B 1465 -53.99 74.71 -83.20
C ASP B 1465 -52.86 75.15 -84.12
N LEU B 1466 -52.75 74.46 -85.26
CA LEU B 1466 -51.65 74.69 -86.21
C LEU B 1466 -51.62 76.11 -86.77
N SER B 1467 -52.73 76.85 -86.72
CA SER B 1467 -52.75 78.23 -87.18
C SER B 1467 -51.87 79.11 -86.29
N LYS B 1468 -51.92 78.90 -84.98
CA LYS B 1468 -51.15 79.70 -84.02
C LYS B 1468 -49.65 79.47 -84.10
N VAL B 1469 -49.20 78.43 -84.82
CA VAL B 1469 -47.77 78.14 -84.97
C VAL B 1469 -47.06 79.34 -85.61
N ARG B 1470 -46.02 79.82 -84.94
CA ARG B 1470 -45.25 80.93 -85.46
C ARG B 1470 -44.43 80.48 -86.67
N ALA B 1471 -44.51 81.24 -87.76
CA ALA B 1471 -43.75 80.94 -88.95
C ALA B 1471 -43.46 82.25 -89.69
N VAL B 1472 -42.36 82.25 -90.44
CA VAL B 1472 -41.99 83.41 -91.24
C VAL B 1472 -41.11 82.93 -92.38
N THR B 1473 -41.26 83.55 -93.54
CA THR B 1473 -40.49 83.20 -94.73
C THR B 1473 -39.58 84.37 -95.07
N VAL B 1474 -38.29 84.12 -95.15
CA VAL B 1474 -37.35 85.15 -95.55
C VAL B 1474 -37.17 85.06 -97.07
N THR B 1475 -37.33 86.21 -97.73
CA THR B 1475 -37.24 86.31 -99.18
C THR B 1475 -36.05 87.18 -99.55
N MET B 1476 -35.15 86.64 -100.36
CA MET B 1476 -33.94 87.31 -100.79
C MET B 1476 -33.84 87.22 -102.30
N GLY B 1477 -33.42 88.33 -102.91
CA GLY B 1477 -33.26 88.47 -104.33
C GLY B 1477 -32.13 89.44 -104.60
N ASP B 1478 -31.85 89.67 -105.88
CA ASP B 1478 -30.81 90.64 -106.24
C ASP B 1478 -31.38 92.06 -106.16
N GLU B 1479 -30.64 93.02 -106.72
CA GLU B 1479 -31.01 94.44 -106.69
C GLU B 1479 -32.38 94.69 -107.32
N GLN B 1480 -32.76 93.92 -108.33
CA GLN B 1480 -34.05 94.08 -109.01
C GLN B 1480 -34.81 92.74 -108.95
N GLY B 1481 -35.54 92.55 -107.85
CA GLY B 1481 -36.35 91.36 -107.62
C GLY B 1481 -35.53 90.09 -107.67
N ASN B 1482 -35.95 89.17 -108.54
CA ASN B 1482 -35.27 87.91 -108.87
C ASN B 1482 -34.93 87.10 -107.62
N VAL B 1483 -35.99 86.65 -106.95
CA VAL B 1483 -35.87 85.89 -105.70
C VAL B 1483 -35.01 84.65 -105.91
N HIS B 1484 -33.90 84.58 -105.19
CA HIS B 1484 -33.01 83.43 -105.23
C HIS B 1484 -32.88 82.72 -103.89
N SER B 1485 -33.56 83.20 -102.84
CA SER B 1485 -33.46 82.54 -101.54
C SER B 1485 -34.76 82.75 -100.78
N SER B 1486 -35.47 81.68 -100.50
CA SER B 1486 -36.74 81.77 -99.78
C SER B 1486 -36.77 80.64 -98.77
N LEU B 1487 -36.57 80.98 -97.50
CA LEU B 1487 -36.54 79.99 -96.44
C LEU B 1487 -37.70 80.18 -95.48
N LYS B 1488 -38.02 79.14 -94.72
CA LYS B 1488 -39.05 79.20 -93.70
C LYS B 1488 -38.47 78.95 -92.32
N CYS B 1489 -38.76 79.85 -91.39
CA CYS B 1489 -38.30 79.81 -90.02
C CYS B 1489 -39.51 79.57 -89.12
N SER B 1490 -39.37 78.65 -88.19
CA SER B 1490 -40.45 78.33 -87.26
C SER B 1490 -39.84 77.74 -86.01
N ASN B 1491 -40.51 77.98 -84.88
CA ASN B 1491 -40.13 77.34 -83.63
C ASN B 1491 -40.90 76.06 -83.39
N CYS B 1492 -41.74 75.67 -84.34
CA CYS B 1492 -42.72 74.62 -84.12
C CYS B 1492 -42.99 73.92 -85.44
N TYR B 1493 -42.70 72.61 -85.51
CA TYR B 1493 -42.91 71.82 -86.71
C TYR B 1493 -43.66 70.54 -86.31
N MET B 1494 -44.99 70.59 -86.31
CA MET B 1494 -45.77 69.38 -86.12
C MET B 1494 -46.93 69.36 -87.10
N VAL B 1495 -47.58 68.21 -87.19
CA VAL B 1495 -48.79 68.03 -87.96
C VAL B 1495 -49.96 67.91 -87.00
N TRP B 1496 -51.16 67.93 -87.55
CA TRP B 1496 -52.37 67.70 -86.76
C TRP B 1496 -52.77 66.24 -86.87
N GLY B 1497 -53.11 65.64 -85.73
CA GLY B 1497 -53.54 64.25 -85.72
C GLY B 1497 -54.89 64.02 -86.34
N GLY B 1498 -55.68 65.09 -86.54
CA GLY B 1498 -56.97 64.96 -87.17
C GLY B 1498 -56.93 64.77 -88.67
N ASP B 1499 -55.76 64.93 -89.27
CA ASP B 1499 -55.59 64.66 -90.70
C ASP B 1499 -55.25 63.20 -90.98
N PHE B 1500 -54.98 62.42 -89.93
CA PHE B 1500 -54.60 61.02 -90.09
C PHE B 1500 -55.72 60.07 -89.69
N VAL B 1501 -56.91 60.60 -89.40
CA VAL B 1501 -58.06 59.82 -88.99
C VAL B 1501 -59.08 59.84 -90.12
N SER B 1502 -59.63 58.67 -90.45
CA SER B 1502 -60.63 58.58 -91.50
C SER B 1502 -61.88 59.35 -91.09
N PRO B 1503 -62.58 59.99 -92.04
CA PRO B 1503 -63.80 60.73 -91.70
C PRO B 1503 -65.00 59.85 -91.36
N GLY B 1504 -64.90 59.07 -90.29
CA GLY B 1504 -66.00 58.21 -89.90
C GLY B 1504 -67.20 59.01 -89.42
N GLN B 1505 -68.40 58.48 -89.69
CA GLN B 1505 -69.63 59.14 -89.27
C GLN B 1505 -69.74 59.19 -87.76
N GLN B 1506 -69.32 58.12 -87.08
CA GLN B 1506 -69.40 58.03 -85.63
C GLN B 1506 -68.39 57.00 -85.18
N GLY B 1507 -68.17 56.92 -83.87
CA GLY B 1507 -67.21 56.00 -83.31
C GLY B 1507 -65.80 56.53 -83.46
N ARG B 1508 -65.62 57.81 -83.09
CA ARG B 1508 -64.32 58.47 -83.16
C ARG B 1508 -63.27 57.82 -82.27
N ILE B 1509 -63.69 57.05 -81.28
CA ILE B 1509 -62.77 56.23 -80.48
C ILE B 1509 -62.31 55.11 -81.39
N SER B 1510 -61.07 55.20 -81.86
CA SER B 1510 -60.56 54.26 -82.84
C SER B 1510 -60.26 52.92 -82.19
N HIS B 1511 -60.75 51.84 -82.80
CA HIS B 1511 -60.41 50.50 -82.36
C HIS B 1511 -58.95 50.14 -82.60
N THR B 1512 -58.27 50.87 -83.49
CA THR B 1512 -56.86 50.68 -83.78
C THR B 1512 -56.12 51.96 -83.41
N ASP B 1513 -55.04 51.83 -82.63
CA ASP B 1513 -54.30 52.99 -82.17
C ASP B 1513 -53.57 53.65 -83.32
N LEU B 1514 -53.66 54.97 -83.40
CA LEU B 1514 -52.92 55.69 -84.43
C LEU B 1514 -51.43 55.73 -84.09
N VAL B 1515 -50.60 55.23 -85.00
CA VAL B 1515 -49.17 55.17 -84.77
C VAL B 1515 -48.49 56.16 -85.70
N ILE B 1516 -48.33 57.39 -85.24
CA ILE B 1516 -47.71 58.42 -86.06
C ILE B 1516 -46.20 58.21 -86.03
N GLY B 1517 -45.58 58.09 -87.19
CA GLY B 1517 -44.14 57.96 -87.28
C GLY B 1517 -43.53 59.24 -87.78
N CYS B 1518 -42.30 59.50 -87.39
CA CYS B 1518 -41.58 60.68 -87.86
C CYS B 1518 -40.17 60.30 -88.22
N LEU B 1519 -39.69 60.90 -89.32
CA LEU B 1519 -38.35 60.67 -89.82
C LEU B 1519 -37.65 62.01 -90.01
N VAL B 1520 -36.33 61.99 -89.85
CA VAL B 1520 -35.44 63.11 -90.13
C VAL B 1520 -34.19 62.59 -90.82
N ASP B 1521 -33.61 63.44 -91.65
CA ASP B 1521 -32.32 63.18 -92.28
C ASP B 1521 -31.40 64.34 -91.95
N LEU B 1522 -30.33 64.05 -91.21
CA LEU B 1522 -29.42 65.12 -90.79
C LEU B 1522 -28.61 65.67 -91.95
N ALA B 1523 -28.30 64.83 -92.94
CA ALA B 1523 -27.47 65.27 -94.06
C ALA B 1523 -28.23 66.11 -95.06
N THR B 1524 -29.55 66.24 -94.94
CA THR B 1524 -30.33 67.06 -95.85
C THR B 1524 -31.25 68.04 -95.13
N GLY B 1525 -31.47 67.89 -93.83
CA GLY B 1525 -32.41 68.75 -93.13
C GLY B 1525 -33.86 68.51 -93.48
N LEU B 1526 -34.19 67.30 -93.91
CA LEU B 1526 -35.53 66.97 -94.36
C LEU B 1526 -36.22 66.10 -93.33
N MET B 1527 -37.48 66.42 -93.04
CA MET B 1527 -38.29 65.62 -92.11
C MET B 1527 -39.61 65.26 -92.77
N THR B 1528 -40.09 64.07 -92.41
CA THR B 1528 -41.31 63.51 -92.98
C THR B 1528 -42.12 62.85 -91.86
N PHE B 1529 -43.39 62.57 -92.19
CA PHE B 1529 -44.34 61.94 -91.28
C PHE B 1529 -45.01 60.78 -91.97
N THR B 1530 -45.30 59.73 -91.21
CA THR B 1530 -45.97 58.53 -91.72
C THR B 1530 -47.21 58.27 -90.87
N ALA B 1531 -48.33 57.99 -91.53
CA ALA B 1531 -49.60 57.83 -90.82
C ALA B 1531 -49.76 56.43 -90.23
N ASN B 1532 -49.84 55.41 -91.08
CA ASN B 1532 -49.91 54.04 -90.59
C ASN B 1532 -49.03 53.14 -91.43
N GLY B 1533 -47.82 53.61 -91.73
CA GLY B 1533 -46.95 52.95 -92.69
C GLY B 1533 -47.02 53.56 -94.08
N LYS B 1534 -47.82 54.60 -94.26
CA LYS B 1534 -47.93 55.32 -95.52
C LYS B 1534 -47.60 56.78 -95.27
N GLU B 1535 -46.90 57.39 -96.22
CA GLU B 1535 -46.39 58.73 -96.04
C GLU B 1535 -47.51 59.76 -96.10
N SER B 1536 -47.17 60.99 -95.75
CA SER B 1536 -48.09 62.12 -95.78
C SER B 1536 -47.49 63.23 -96.61
N ASN B 1537 -48.36 63.97 -97.31
CA ASN B 1537 -47.92 64.99 -98.26
C ASN B 1537 -47.15 66.11 -97.60
N THR B 1538 -47.40 66.36 -96.31
CA THR B 1538 -46.66 67.38 -95.58
C THR B 1538 -45.21 66.96 -95.40
N PHE B 1539 -44.30 67.92 -95.57
CA PHE B 1539 -42.88 67.68 -95.43
C PHE B 1539 -42.23 68.95 -94.94
N PHE B 1540 -41.03 68.83 -94.36
CA PHE B 1540 -40.38 70.02 -93.84
C PHE B 1540 -38.90 69.99 -94.17
N GLN B 1541 -38.37 71.13 -94.56
CA GLN B 1541 -36.94 71.30 -94.78
C GLN B 1541 -36.46 72.45 -93.90
N VAL B 1542 -35.34 72.23 -93.21
CA VAL B 1542 -34.81 73.17 -92.24
C VAL B 1542 -33.34 73.43 -92.52
N GLU B 1543 -32.87 74.56 -92.00
CA GLU B 1543 -31.49 74.99 -92.16
C GLU B 1543 -30.55 74.08 -91.36
N PRO B 1544 -29.27 74.04 -91.70
CA PRO B 1544 -28.31 73.31 -90.86
C PRO B 1544 -28.13 73.98 -89.49
N ASN B 1545 -27.43 73.24 -88.61
CA ASN B 1545 -27.16 73.64 -87.23
C ASN B 1545 -28.44 73.91 -86.46
N THR B 1546 -29.44 73.07 -86.68
CA THR B 1546 -30.76 73.22 -86.07
C THR B 1546 -30.93 72.15 -85.00
N LYS B 1547 -31.35 72.57 -83.81
CA LYS B 1547 -31.63 71.69 -82.69
C LYS B 1547 -33.14 71.49 -82.57
N LEU B 1548 -33.57 70.23 -82.59
CA LEU B 1548 -34.99 69.90 -82.55
C LEU B 1548 -35.26 68.87 -81.47
N PHE B 1549 -36.26 69.15 -80.63
CA PHE B 1549 -36.73 68.31 -79.55
C PHE B 1549 -37.98 67.56 -79.98
N PRO B 1550 -38.01 66.23 -79.86
CA PRO B 1550 -39.23 65.46 -80.15
C PRO B 1550 -40.38 65.91 -79.25
N ALA B 1551 -41.47 66.35 -79.85
CA ALA B 1551 -42.56 66.94 -79.09
C ALA B 1551 -43.90 66.34 -79.47
N VAL B 1552 -44.80 66.30 -78.47
CA VAL B 1552 -46.19 65.89 -78.63
C VAL B 1552 -47.07 66.81 -77.80
N PHE B 1553 -48.00 67.50 -78.45
CA PHE B 1553 -48.97 68.36 -77.79
C PHE B 1553 -50.30 67.61 -77.80
N VAL B 1554 -50.88 67.41 -76.63
CA VAL B 1554 -52.08 66.58 -76.55
C VAL B 1554 -53.04 67.14 -75.50
N LEU B 1555 -54.34 67.06 -75.80
CA LEU B 1555 -55.36 67.35 -74.83
C LEU B 1555 -55.95 66.03 -74.36
N PRO B 1556 -55.80 65.66 -73.09
CA PRO B 1556 -56.18 64.31 -72.65
C PRO B 1556 -57.68 64.04 -72.75
N THR B 1557 -58.02 62.88 -73.31
CA THR B 1557 -59.41 62.45 -73.38
C THR B 1557 -59.56 60.97 -73.02
N HIS B 1558 -58.62 60.40 -72.26
CA HIS B 1558 -58.65 58.99 -71.89
C HIS B 1558 -57.65 58.79 -70.75
N GLN B 1559 -57.78 57.65 -70.07
CA GLN B 1559 -56.84 57.29 -69.01
C GLN B 1559 -55.43 57.08 -69.58
N ASN B 1560 -55.34 56.39 -70.71
CA ASN B 1560 -54.08 56.17 -71.40
C ASN B 1560 -54.07 57.07 -72.63
N VAL B 1561 -53.03 57.88 -72.76
CA VAL B 1561 -53.08 58.98 -73.72
C VAL B 1561 -52.09 58.78 -74.86
N ILE B 1562 -50.78 58.79 -74.53
CA ILE B 1562 -49.69 58.83 -75.49
C ILE B 1562 -48.65 57.78 -75.08
N GLN B 1563 -47.88 57.30 -76.05
CA GLN B 1563 -46.77 56.40 -75.77
C GLN B 1563 -45.67 56.66 -76.78
N PHE B 1564 -44.52 57.16 -76.31
CA PHE B 1564 -43.36 57.35 -77.18
C PHE B 1564 -42.63 56.02 -77.35
N GLU B 1565 -42.65 55.47 -78.55
CA GLU B 1565 -41.92 54.26 -78.88
C GLU B 1565 -40.63 54.64 -79.59
N LEU B 1566 -39.50 54.31 -78.98
CA LEU B 1566 -38.19 54.58 -79.56
C LEU B 1566 -37.84 53.40 -80.46
N GLY B 1567 -38.50 53.35 -81.61
CA GLY B 1567 -38.34 52.27 -82.55
C GLY B 1567 -37.41 52.59 -83.68
N LYS B 1568 -37.49 51.77 -84.73
CA LYS B 1568 -36.66 51.94 -85.92
C LYS B 1568 -37.34 51.26 -87.09
N GLN B 1569 -37.21 51.85 -88.27
CA GLN B 1569 -37.75 51.26 -89.48
C GLN B 1569 -36.62 50.56 -90.22
N LYS B 1570 -36.89 50.08 -91.43
CA LYS B 1570 -35.89 49.38 -92.20
C LYS B 1570 -34.81 50.35 -92.68
N ASN B 1571 -33.56 49.99 -92.42
CA ASN B 1571 -32.35 50.76 -92.77
C ASN B 1571 -32.40 52.18 -92.21
N ILE B 1572 -32.88 52.32 -90.98
CA ILE B 1572 -32.98 53.62 -90.30
C ILE B 1572 -32.51 53.44 -88.85
N MET B 1573 -31.60 54.33 -88.40
CA MET B 1573 -31.02 54.33 -87.06
C MET B 1573 -32.01 54.93 -86.04
N PRO B 1574 -31.96 54.49 -84.78
CA PRO B 1574 -32.85 55.05 -83.76
C PRO B 1574 -32.41 56.40 -83.20
N LEU B 1575 -33.30 56.97 -82.37
CA LEU B 1575 -33.01 58.24 -81.72
C LEU B 1575 -31.88 58.10 -80.72
N SER B 1576 -31.79 56.94 -80.05
CA SER B 1576 -30.67 56.71 -79.13
C SER B 1576 -29.34 56.70 -79.89
N ALA B 1577 -29.37 56.45 -81.20
CA ALA B 1577 -28.23 56.57 -82.06
C ALA B 1577 -28.13 57.95 -82.67
N ALA B 1578 -29.13 58.80 -82.44
CA ALA B 1578 -29.14 60.14 -83.01
C ALA B 1578 -28.70 61.22 -82.02
N MET B 1579 -29.04 61.06 -80.75
CA MET B 1579 -28.77 62.08 -79.75
C MET B 1579 -27.63 61.74 -78.81
N PHE B 1580 -27.04 60.55 -78.92
CA PHE B 1580 -25.89 60.16 -78.13
C PHE B 1580 -24.70 59.93 -79.03
N LEU B 1581 -23.59 60.61 -78.72
CA LEU B 1581 -22.42 60.59 -79.60
C LEU B 1581 -21.74 59.23 -79.59
N SER B 1582 -21.71 58.57 -78.43
CA SER B 1582 -21.06 57.28 -78.31
C SER B 1582 -21.94 56.11 -78.74
N GLU B 1583 -23.03 56.38 -79.46
CA GLU B 1583 -23.96 55.34 -79.89
C GLU B 1583 -24.30 55.50 -81.37
N ARG B 1584 -23.48 56.23 -82.13
CA ARG B 1584 -23.79 56.56 -83.52
C ARG B 1584 -23.82 55.34 -84.44
N LYS B 1585 -23.21 54.23 -84.05
CA LYS B 1585 -23.19 53.03 -84.87
C LYS B 1585 -23.93 51.88 -84.21
N ASN B 1586 -24.80 52.17 -83.25
CA ASN B 1586 -25.56 51.13 -82.57
C ASN B 1586 -27.00 51.22 -83.03
N PRO B 1587 -27.51 50.26 -83.81
CA PRO B 1587 -28.91 50.32 -84.25
C PRO B 1587 -29.90 49.88 -83.19
N ALA B 1588 -29.44 49.21 -82.14
CA ALA B 1588 -30.34 48.72 -81.10
C ALA B 1588 -30.93 49.88 -80.31
N PRO B 1589 -32.25 49.94 -80.15
CA PRO B 1589 -32.87 51.02 -79.37
C PRO B 1589 -32.44 50.99 -77.91
N GLN B 1590 -32.24 52.17 -77.34
CA GLN B 1590 -31.88 52.33 -75.94
C GLN B 1590 -32.61 53.53 -75.36
N CYS B 1591 -32.84 53.50 -74.04
CA CYS B 1591 -33.50 54.59 -73.34
C CYS B 1591 -32.69 54.92 -72.09
N PRO B 1592 -31.58 55.66 -72.23
CA PRO B 1592 -30.78 56.04 -71.07
C PRO B 1592 -31.55 57.01 -70.18
N PRO B 1593 -31.23 57.06 -68.88
CA PRO B 1593 -32.05 57.84 -67.93
C PRO B 1593 -32.13 59.35 -68.20
N ARG B 1594 -31.14 59.93 -68.88
CA ARG B 1594 -31.21 61.37 -69.20
C ARG B 1594 -32.34 61.68 -70.16
N LEU B 1595 -32.81 60.69 -70.91
CA LEU B 1595 -33.92 60.90 -71.83
C LEU B 1595 -35.22 60.78 -71.04
N GLU B 1596 -35.93 61.89 -70.89
CA GLU B 1596 -37.15 61.90 -70.12
C GLU B 1596 -38.08 62.99 -70.64
N VAL B 1597 -39.38 62.74 -70.46
CA VAL B 1597 -40.39 63.65 -70.95
C VAL B 1597 -40.44 64.89 -70.06
N GLN B 1598 -40.60 66.05 -70.67
CA GLN B 1598 -40.74 67.33 -69.99
C GLN B 1598 -42.03 67.96 -70.48
N MET B 1599 -42.66 68.74 -69.61
CA MET B 1599 -43.89 69.42 -69.95
C MET B 1599 -43.74 70.90 -69.64
N LEU B 1600 -44.55 71.69 -70.34
CA LEU B 1600 -44.33 73.13 -70.36
C LEU B 1600 -44.94 73.80 -69.12
N MET B 1601 -44.10 74.26 -68.19
CA MET B 1601 -44.56 75.15 -67.14
C MET B 1601 -44.91 76.51 -67.72
N PRO B 1602 -46.01 77.11 -67.27
CA PRO B 1602 -46.35 78.47 -67.74
C PRO B 1602 -45.49 79.56 -67.12
N VAL B 1603 -45.21 79.49 -65.82
CA VAL B 1603 -44.52 80.53 -65.07
C VAL B 1603 -43.32 79.87 -64.39
N SER B 1604 -42.29 80.67 -64.11
CA SER B 1604 -41.10 80.17 -63.43
C SER B 1604 -40.49 81.33 -62.64
N TRP B 1605 -39.60 81.01 -61.72
CA TRP B 1605 -38.98 82.07 -60.94
C TRP B 1605 -37.81 82.68 -61.73
N SER B 1606 -37.34 83.83 -61.24
CA SER B 1606 -36.21 84.52 -61.84
C SER B 1606 -35.64 85.49 -60.81
N ARG B 1607 -34.51 86.08 -61.16
CA ARG B 1607 -33.77 86.98 -60.27
C ARG B 1607 -33.73 88.39 -60.83
N MET B 1608 -34.03 89.38 -60.00
CA MET B 1608 -33.93 90.76 -60.42
C MET B 1608 -32.47 91.19 -60.40
N PRO B 1609 -31.92 91.67 -61.52
CA PRO B 1609 -30.53 92.14 -61.52
C PRO B 1609 -30.32 93.32 -60.57
N ASN B 1610 -29.12 93.38 -59.98
CA ASN B 1610 -28.83 94.41 -59.00
C ASN B 1610 -28.67 95.79 -59.62
N HIS B 1611 -28.44 95.89 -60.92
CA HIS B 1611 -28.33 97.18 -61.59
C HIS B 1611 -28.92 97.09 -62.98
N PHE B 1612 -29.42 98.23 -63.46
CA PHE B 1612 -30.07 98.32 -64.76
C PHE B 1612 -29.46 99.45 -65.58
N LEU B 1613 -29.61 99.32 -66.89
CA LEU B 1613 -29.09 100.30 -67.83
C LEU B 1613 -29.79 101.63 -67.68
N GLN B 1614 -29.02 102.71 -67.70
CA GLN B 1614 -29.56 104.05 -67.58
C GLN B 1614 -29.86 104.58 -68.98
N VAL B 1615 -31.15 104.61 -69.33
CA VAL B 1615 -31.61 105.06 -70.63
C VAL B 1615 -32.30 106.41 -70.48
N GLU B 1616 -31.88 107.38 -71.28
CA GLU B 1616 -32.45 108.72 -71.28
C GLU B 1616 -33.28 108.89 -72.56
N THR B 1617 -34.58 108.98 -72.40
CA THR B 1617 -35.50 109.16 -73.52
C THR B 1617 -36.07 110.56 -73.43
N ARG B 1618 -36.06 111.29 -74.54
CA ARG B 1618 -36.56 112.67 -74.55
C ARG B 1618 -36.78 113.08 -75.99
N ARG B 1619 -37.45 114.21 -76.19
CA ARG B 1619 -37.61 114.75 -77.52
C ARG B 1619 -36.48 115.72 -77.81
N ALA B 1620 -35.63 115.38 -78.78
CA ALA B 1620 -34.51 116.23 -79.13
C ALA B 1620 -34.98 117.56 -79.72
N GLY B 1621 -36.00 117.52 -80.57
CA GLY B 1621 -36.55 118.73 -81.14
C GLY B 1621 -37.67 118.39 -82.10
N GLU B 1622 -38.30 119.45 -82.61
CA GLU B 1622 -39.38 119.30 -83.59
C GLU B 1622 -38.84 118.78 -84.92
N ARG B 1623 -37.64 119.21 -85.30
CA ARG B 1623 -36.99 118.75 -86.51
C ARG B 1623 -36.12 117.52 -86.28
N LEU B 1624 -35.49 117.43 -85.12
CA LEU B 1624 -34.61 116.31 -84.81
C LEU B 1624 -35.40 115.03 -84.57
N GLY B 1625 -36.48 115.11 -83.80
CA GLY B 1625 -37.26 113.95 -83.47
C GLY B 1625 -37.08 113.51 -82.03
N TRP B 1626 -37.13 112.22 -81.75
CA TRP B 1626 -36.99 111.73 -80.38
C TRP B 1626 -35.63 111.07 -80.16
N ALA B 1627 -34.93 111.44 -79.09
CA ALA B 1627 -33.60 110.89 -78.89
C ALA B 1627 -33.57 109.95 -77.69
N VAL B 1628 -32.74 108.91 -77.85
CA VAL B 1628 -32.47 107.87 -76.87
C VAL B 1628 -30.97 107.87 -76.61
N GLN B 1629 -30.60 107.87 -75.33
CA GLN B 1629 -29.20 107.96 -74.92
C GLN B 1629 -28.89 106.87 -73.88
N CYS B 1630 -27.72 106.25 -74.01
CA CYS B 1630 -27.27 105.29 -73.01
C CYS B 1630 -25.75 105.32 -72.95
N GLN B 1631 -25.20 105.51 -71.76
CA GLN B 1631 -23.76 105.70 -71.60
C GLN B 1631 -23.08 104.65 -70.73
N ASP B 1632 -23.64 104.38 -69.54
CA ASP B 1632 -22.96 103.53 -68.56
C ASP B 1632 -22.92 102.08 -69.01
N PRO B 1633 -21.76 101.43 -68.98
CA PRO B 1633 -21.69 100.00 -69.32
C PRO B 1633 -22.03 99.10 -68.13
N LEU B 1634 -22.68 97.99 -68.43
CA LEU B 1634 -23.05 97.01 -67.42
C LEU B 1634 -22.83 95.62 -67.99
N THR B 1635 -22.11 94.78 -67.25
CA THR B 1635 -21.73 93.46 -67.71
C THR B 1635 -22.24 92.41 -66.74
N MET B 1636 -22.75 91.31 -67.28
CA MET B 1636 -23.24 90.19 -66.51
C MET B 1636 -22.48 88.93 -66.90
N MET B 1637 -22.45 87.96 -65.99
CA MET B 1637 -21.80 86.68 -66.22
C MET B 1637 -22.86 85.62 -66.47
N ALA B 1638 -22.94 85.13 -67.69
CA ALA B 1638 -24.00 84.23 -68.10
C ALA B 1638 -23.53 82.77 -68.03
N LEU B 1639 -24.46 81.90 -67.67
CA LEU B 1639 -24.23 80.47 -67.61
C LEU B 1639 -25.11 79.80 -68.66
N HIS B 1640 -24.49 79.32 -69.73
CA HIS B 1640 -25.18 78.81 -70.90
C HIS B 1640 -25.31 77.29 -70.82
N ILE B 1641 -26.55 76.80 -70.82
CA ILE B 1641 -26.78 75.36 -70.87
C ILE B 1641 -26.67 74.96 -72.34
N PRO B 1642 -25.80 74.00 -72.68
CA PRO B 1642 -25.62 73.64 -74.10
C PRO B 1642 -26.87 73.06 -74.75
N GLU B 1643 -27.45 72.02 -74.15
CA GLU B 1643 -28.51 71.26 -74.82
C GLU B 1643 -29.79 72.09 -74.94
N GLU B 1644 -30.09 72.93 -73.94
CA GLU B 1644 -31.28 73.76 -73.99
C GLU B 1644 -31.07 75.08 -74.70
N ASN B 1645 -29.82 75.41 -75.05
CA ASN B 1645 -29.45 76.60 -75.83
C ASN B 1645 -29.93 77.90 -75.17
N ARG B 1646 -30.01 77.91 -73.84
CA ARG B 1646 -30.43 79.09 -73.10
C ARG B 1646 -29.48 79.32 -71.93
N CYS B 1647 -29.31 80.59 -71.58
CA CYS B 1647 -28.39 80.98 -70.52
C CYS B 1647 -29.13 81.78 -69.46
N MET B 1648 -28.66 81.62 -68.23
CA MET B 1648 -29.22 82.36 -67.10
C MET B 1648 -28.10 83.06 -66.35
N ASP B 1649 -28.48 83.98 -65.46
CA ASP B 1649 -27.49 84.65 -64.62
C ASP B 1649 -26.81 83.64 -63.71
N ILE B 1650 -25.50 83.82 -63.52
CA ILE B 1650 -24.76 82.92 -62.64
C ILE B 1650 -25.12 83.14 -61.18
N LEU B 1651 -25.64 84.31 -60.83
CA LEU B 1651 -26.10 84.57 -59.47
C LEU B 1651 -27.34 83.76 -59.10
N GLU B 1652 -28.05 83.22 -60.09
CA GLU B 1652 -29.21 82.36 -59.83
C GLU B 1652 -28.81 81.04 -59.17
N LEU B 1653 -27.54 80.66 -59.24
CA LEU B 1653 -27.10 79.42 -58.63
C LEU B 1653 -27.11 79.49 -57.11
N SER B 1654 -27.28 80.67 -56.52
CA SER B 1654 -27.46 80.79 -55.08
C SER B 1654 -28.80 80.21 -54.62
N GLU B 1655 -29.71 79.93 -55.55
CA GLU B 1655 -30.98 79.30 -55.25
C GLU B 1655 -31.16 77.99 -56.01
N ARG B 1656 -30.58 77.88 -57.21
CA ARG B 1656 -30.62 76.60 -57.94
C ARG B 1656 -29.45 75.75 -57.45
N LEU B 1657 -29.61 75.17 -56.26
CA LEU B 1657 -28.56 74.37 -55.65
C LEU B 1657 -28.26 73.08 -56.40
N ASP B 1658 -29.18 72.63 -57.28
CA ASP B 1658 -28.95 71.42 -58.05
C ASP B 1658 -27.79 71.60 -59.03
N LEU B 1659 -27.72 72.76 -59.68
CA LEU B 1659 -26.65 73.07 -60.61
C LEU B 1659 -25.42 73.63 -59.94
N GLN B 1660 -25.57 74.18 -58.72
CA GLN B 1660 -24.43 74.74 -58.01
C GLN B 1660 -23.41 73.67 -57.65
N ARG B 1661 -23.88 72.50 -57.21
CA ARG B 1661 -22.99 71.39 -56.90
C ARG B 1661 -22.24 70.93 -58.15
N PHE B 1662 -22.95 70.83 -59.26
CA PHE B 1662 -22.35 70.42 -60.52
C PHE B 1662 -21.30 71.40 -61.00
N HIS B 1663 -21.58 72.70 -60.90
CA HIS B 1663 -20.62 73.69 -61.39
C HIS B 1663 -19.42 73.79 -60.47
N SER B 1664 -19.65 73.79 -59.15
CA SER B 1664 -18.55 73.82 -58.20
C SER B 1664 -17.67 72.58 -58.31
N HIS B 1665 -18.24 71.44 -58.67
CA HIS B 1665 -17.42 70.26 -58.94
C HIS B 1665 -16.74 70.36 -60.29
N THR B 1666 -17.36 71.05 -61.25
CA THR B 1666 -16.75 71.25 -62.56
C THR B 1666 -15.47 72.06 -62.43
N LEU B 1667 -15.51 73.11 -61.60
CA LEU B 1667 -14.29 73.89 -61.34
C LEU B 1667 -13.21 73.04 -60.68
N ARG B 1668 -13.62 72.10 -59.82
CA ARG B 1668 -12.66 71.17 -59.23
C ARG B 1668 -12.02 70.29 -60.30
N LEU B 1669 -12.82 69.85 -61.27
CA LEU B 1669 -12.29 69.08 -62.40
C LEU B 1669 -11.32 69.91 -63.22
N TYR B 1670 -11.63 71.21 -63.37
CA TYR B 1670 -10.73 72.13 -64.06
C TYR B 1670 -9.40 72.26 -63.34
N ARG B 1671 -9.42 72.32 -62.01
CA ARG B 1671 -8.15 72.35 -61.29
C ARG B 1671 -7.46 71.00 -61.30
N ALA B 1672 -8.23 69.92 -61.49
CA ALA B 1672 -7.65 68.59 -61.50
C ALA B 1672 -6.87 68.36 -62.78
N VAL B 1673 -7.42 68.78 -63.92
CA VAL B 1673 -6.75 68.52 -65.18
C VAL B 1673 -5.48 69.37 -65.28
N CYS B 1674 -5.55 70.64 -64.84
CA CYS B 1674 -4.40 71.52 -64.92
C CYS B 1674 -3.56 71.50 -63.64
N ALA B 1675 -3.67 70.44 -62.84
CA ALA B 1675 -2.97 70.40 -61.57
C ALA B 1675 -1.55 69.87 -61.78
N LEU B 1676 -0.65 70.32 -60.90
CA LEU B 1676 0.74 69.85 -60.81
C LEU B 1676 1.52 70.12 -62.10
N GLY B 1677 1.55 71.39 -62.48
CA GLY B 1677 2.43 71.87 -63.54
C GLY B 1677 2.09 71.43 -64.94
N ASN B 1678 0.83 71.10 -65.21
CA ASN B 1678 0.39 70.74 -66.55
C ASN B 1678 0.03 72.02 -67.33
N ASN B 1679 1.06 72.82 -67.60
CA ASN B 1679 0.87 74.12 -68.25
C ASN B 1679 0.32 74.01 -69.67
N ARG B 1680 0.47 72.84 -70.30
CA ARG B 1680 -0.14 72.62 -71.62
C ARG B 1680 -1.65 72.63 -71.51
N VAL B 1681 -2.18 71.98 -70.47
CA VAL B 1681 -3.63 71.98 -70.26
C VAL B 1681 -4.05 73.35 -69.75
N ALA B 1682 -3.21 73.97 -68.89
CA ALA B 1682 -3.51 75.28 -68.32
C ALA B 1682 -3.71 76.33 -69.40
N HIS B 1683 -2.96 76.23 -70.50
CA HIS B 1683 -3.22 77.11 -71.64
C HIS B 1683 -4.58 76.84 -72.27
N ALA B 1684 -4.97 75.57 -72.36
CA ALA B 1684 -6.24 75.19 -72.95
C ALA B 1684 -7.42 75.74 -72.16
N LEU B 1685 -7.31 75.69 -70.83
CA LEU B 1685 -8.39 76.19 -69.97
C LEU B 1685 -8.64 77.69 -70.12
N CYS B 1686 -7.63 78.45 -70.56
CA CYS B 1686 -7.80 79.88 -70.78
C CYS B 1686 -8.82 80.20 -71.87
N SER B 1687 -9.09 79.26 -72.77
CA SER B 1687 -10.15 79.44 -73.75
C SER B 1687 -11.52 79.27 -73.12
N HIS B 1688 -11.66 78.29 -72.22
CA HIS B 1688 -12.95 78.03 -71.60
C HIS B 1688 -13.31 79.12 -70.59
N VAL B 1689 -12.36 79.51 -69.75
CA VAL B 1689 -12.56 80.63 -68.83
C VAL B 1689 -11.56 81.74 -69.18
N ASP B 1690 -12.07 82.87 -69.64
CA ASP B 1690 -11.20 83.94 -70.05
C ASP B 1690 -10.73 84.75 -68.84
N GLN B 1691 -9.72 85.60 -69.08
CA GLN B 1691 -9.20 86.47 -68.05
C GLN B 1691 -10.24 87.45 -67.55
N ALA B 1692 -11.12 87.93 -68.45
CA ALA B 1692 -12.16 88.86 -68.07
C ALA B 1692 -13.17 88.15 -67.18
N GLN B 1693 -13.49 86.91 -67.52
CA GLN B 1693 -14.43 86.10 -66.74
C GLN B 1693 -13.89 85.91 -65.34
N LEU B 1694 -12.59 85.56 -65.24
CA LEU B 1694 -11.96 85.36 -63.94
C LEU B 1694 -12.01 86.64 -63.11
N LEU B 1695 -11.55 87.76 -63.68
CA LEU B 1695 -11.48 89.03 -62.93
C LEU B 1695 -12.85 89.51 -62.48
N HIS B 1696 -13.87 89.37 -63.33
CA HIS B 1696 -15.22 89.72 -62.91
C HIS B 1696 -15.70 88.79 -61.81
N ALA B 1697 -15.45 87.48 -61.93
CA ALA B 1697 -15.84 86.58 -60.85
C ALA B 1697 -15.04 86.85 -59.58
N LEU B 1698 -13.85 87.45 -59.70
CA LEU B 1698 -13.12 87.87 -58.52
C LEU B 1698 -13.90 88.98 -57.83
N GLU B 1699 -14.41 89.92 -58.61
CA GLU B 1699 -15.03 91.10 -58.02
C GLU B 1699 -16.47 90.86 -57.58
N ASP B 1700 -17.14 89.85 -58.11
CA ASP B 1700 -18.58 89.66 -57.89
C ASP B 1700 -18.89 89.36 -56.43
N ALA B 1701 -19.48 90.32 -55.73
CA ALA B 1701 -19.77 90.15 -54.32
C ALA B 1701 -20.98 89.28 -54.05
N HIS B 1702 -21.83 89.06 -55.05
CA HIS B 1702 -23.02 88.24 -54.85
C HIS B 1702 -22.81 86.78 -55.22
N LEU B 1703 -21.60 86.40 -55.64
CA LEU B 1703 -21.34 85.01 -55.97
C LEU B 1703 -21.43 84.13 -54.72
N PRO B 1704 -21.96 82.91 -54.84
CA PRO B 1704 -22.03 82.01 -53.68
C PRO B 1704 -20.64 81.60 -53.20
N GLY B 1705 -20.64 81.00 -52.00
CA GLY B 1705 -19.44 80.53 -51.33
C GLY B 1705 -18.56 79.59 -52.13
N PRO B 1706 -19.09 78.39 -52.44
CA PRO B 1706 -18.28 77.41 -53.20
C PRO B 1706 -17.83 77.92 -54.54
N LEU B 1707 -18.63 78.74 -55.21
CA LEU B 1707 -18.23 79.21 -56.53
C LEU B 1707 -17.16 80.28 -56.42
N ARG B 1708 -17.22 81.10 -55.37
CA ARG B 1708 -16.21 82.14 -55.17
C ARG B 1708 -14.86 81.52 -54.83
N ALA B 1709 -14.86 80.58 -53.88
CA ALA B 1709 -13.62 79.91 -53.53
C ALA B 1709 -13.11 79.04 -54.68
N GLY B 1710 -14.02 78.46 -55.47
CA GLY B 1710 -13.60 77.67 -56.61
C GLY B 1710 -12.96 78.54 -57.67
N TYR B 1711 -13.44 79.76 -57.84
CA TYR B 1711 -12.91 80.59 -58.91
C TYR B 1711 -11.57 81.19 -58.52
N TYR B 1712 -11.40 81.55 -57.24
CA TYR B 1712 -10.05 81.96 -56.81
C TYR B 1712 -9.05 80.82 -56.92
N ASP B 1713 -9.44 79.61 -56.50
CA ASP B 1713 -8.52 78.48 -56.58
C ASP B 1713 -8.26 78.09 -58.03
N LEU B 1714 -9.23 78.28 -58.92
CA LEU B 1714 -9.01 78.03 -60.34
C LEU B 1714 -8.03 79.05 -60.93
N LEU B 1715 -8.12 80.31 -60.51
CA LEU B 1715 -7.15 81.31 -60.99
C LEU B 1715 -5.75 80.95 -60.53
N ILE B 1716 -5.62 80.53 -59.26
CA ILE B 1716 -4.32 80.14 -58.72
C ILE B 1716 -3.78 78.93 -59.48
N SER B 1717 -4.66 77.94 -59.72
CA SER B 1717 -4.23 76.69 -60.36
C SER B 1717 -3.78 76.94 -61.79
N ILE B 1718 -4.52 77.74 -62.55
CA ILE B 1718 -4.18 77.97 -63.95
C ILE B 1718 -2.92 78.81 -64.05
N HIS B 1719 -2.84 79.90 -63.29
CA HIS B 1719 -1.82 80.92 -63.54
C HIS B 1719 -0.66 80.93 -62.56
N LEU B 1720 -0.89 80.59 -61.30
CA LEU B 1720 0.09 80.92 -60.27
C LEU B 1720 0.78 79.73 -59.61
N GLU B 1721 0.12 78.57 -59.54
CA GLU B 1721 0.61 77.47 -58.71
C GLU B 1721 1.95 76.90 -59.20
N SER B 1722 2.16 76.77 -60.51
CA SER B 1722 3.42 76.18 -61.00
C SER B 1722 4.63 77.06 -60.68
N ALA B 1723 4.47 78.38 -60.84
CA ALA B 1723 5.54 79.31 -60.52
C ALA B 1723 5.72 79.43 -59.02
N CYS B 1724 4.61 79.40 -58.26
CA CYS B 1724 4.69 79.50 -56.82
C CYS B 1724 5.40 78.30 -56.24
N ARG B 1725 5.07 77.10 -56.73
CA ARG B 1725 5.66 75.87 -56.23
C ARG B 1725 7.15 75.83 -56.53
N SER B 1726 7.51 76.13 -57.80
CA SER B 1726 8.92 76.13 -58.18
C SER B 1726 9.72 77.17 -57.40
N ARG B 1727 9.14 78.35 -57.15
CA ARG B 1727 9.82 79.32 -56.30
C ARG B 1727 9.94 78.80 -54.87
N ARG B 1728 8.85 78.19 -54.37
CA ARG B 1728 8.75 77.77 -52.97
C ARG B 1728 9.82 76.75 -52.65
N SER B 1729 10.15 75.89 -53.62
CA SER B 1729 11.22 74.92 -53.40
C SER B 1729 12.55 75.65 -53.23
N MET B 1730 12.76 76.71 -54.02
CA MET B 1730 14.00 77.48 -53.98
C MET B 1730 14.11 78.38 -52.75
N LEU B 1731 13.03 78.54 -51.99
CA LEU B 1731 13.17 79.36 -50.77
C LEU B 1731 13.91 78.66 -49.64
N SER B 1732 14.20 77.38 -49.74
CA SER B 1732 14.95 76.69 -48.70
C SER B 1732 16.45 76.82 -48.86
N GLU B 1733 16.92 77.35 -49.99
CA GLU B 1733 18.35 77.50 -50.26
C GLU B 1733 18.70 78.98 -50.34
N TYR B 1734 19.88 79.33 -49.84
CA TYR B 1734 20.35 80.71 -49.82
C TYR B 1734 21.74 80.75 -50.46
N ILE B 1735 21.77 81.00 -51.76
CA ILE B 1735 23.01 81.21 -52.50
C ILE B 1735 23.23 82.70 -52.62
N VAL B 1736 24.19 83.23 -51.86
CA VAL B 1736 24.39 84.67 -51.71
C VAL B 1736 25.62 85.08 -52.50
N PRO B 1737 25.48 85.74 -53.65
CA PRO B 1737 26.64 86.29 -54.35
C PRO B 1737 27.26 87.45 -53.59
N LEU B 1738 28.56 87.65 -53.82
CA LEU B 1738 29.32 88.72 -53.17
C LEU B 1738 29.30 89.94 -54.09
N THR B 1739 28.41 90.88 -53.80
CA THR B 1739 28.19 92.10 -54.56
C THR B 1739 28.13 93.28 -53.60
N PRO B 1740 28.39 94.51 -54.07
CA PRO B 1740 28.32 95.69 -53.16
C PRO B 1740 26.96 95.87 -52.48
N GLU B 1741 25.87 95.57 -53.18
CA GLU B 1741 24.56 95.61 -52.56
C GLU B 1741 24.45 94.54 -51.47
N THR B 1742 25.08 93.38 -51.68
CA THR B 1742 25.12 92.38 -50.62
C THR B 1742 25.89 92.92 -49.42
N ARG B 1743 26.98 93.67 -49.68
CA ARG B 1743 27.78 94.25 -48.62
CA ARG B 1743 27.78 94.24 -48.60
C ARG B 1743 26.97 95.24 -47.79
N ALA B 1744 26.08 95.99 -48.46
CA ALA B 1744 25.28 97.01 -47.79
C ALA B 1744 24.28 96.42 -46.79
N ILE B 1745 23.99 95.12 -46.88
CA ILE B 1745 23.01 94.48 -46.00
C ILE B 1745 23.58 94.41 -44.59
N THR B 1746 22.77 94.83 -43.61
CA THR B 1746 23.14 94.76 -42.21
C THR B 1746 21.98 94.18 -41.41
N LEU B 1747 22.28 93.78 -40.18
CA LEU B 1747 21.29 93.17 -39.30
C LEU B 1747 20.18 94.15 -38.93
N PHE B 1748 20.54 95.39 -38.61
CA PHE B 1748 19.58 96.36 -38.16
C PHE B 1748 19.61 97.58 -39.07
N PRO B 1749 18.47 98.27 -39.23
CA PRO B 1749 18.47 99.49 -40.04
C PRO B 1749 19.27 100.58 -39.36
N PRO B 1750 19.86 101.51 -40.13
CA PRO B 1750 20.60 102.63 -39.51
C PRO B 1750 19.67 103.54 -38.72
N GLY B 1751 19.85 103.55 -37.40
CA GLY B 1751 18.99 104.34 -36.55
C GLY B 1751 19.69 104.87 -35.31
N ARG B 1752 18.91 105.16 -34.27
CA ARG B 1752 19.48 105.72 -33.05
C ARG B 1752 18.86 105.11 -31.78
N LYS B 1753 18.23 103.94 -31.89
CA LYS B 1753 17.56 103.33 -30.74
C LYS B 1753 18.57 102.82 -29.72
N GLY B 1754 19.42 101.89 -30.13
CA GLY B 1754 20.41 101.32 -29.23
C GLY B 1754 21.56 100.67 -29.95
N GLY B 1755 22.76 100.78 -29.40
CA GLY B 1755 23.94 100.23 -30.04
C GLY B 1755 23.91 98.71 -30.14
N ASN B 1756 23.51 98.05 -29.05
CA ASN B 1756 23.39 96.58 -29.06
C ASN B 1756 22.32 96.14 -30.04
N ALA B 1757 21.19 96.85 -30.09
CA ALA B 1757 20.10 96.48 -30.99
C ALA B 1757 19.23 97.69 -31.24
N ARG B 1758 19.14 98.12 -32.51
CA ARG B 1758 18.13 99.09 -32.91
C ARG B 1758 16.78 98.39 -33.00
N ARG B 1759 15.76 99.10 -33.48
CA ARG B 1759 14.48 98.46 -33.72
C ARG B 1759 14.60 97.53 -34.92
N HIS B 1760 13.89 96.39 -34.85
CA HIS B 1760 13.86 95.46 -35.98
C HIS B 1760 13.26 96.13 -37.20
N GLY B 1761 13.90 95.95 -38.34
CA GLY B 1761 13.32 96.37 -39.59
C GLY B 1761 12.05 95.59 -39.91
N LEU B 1762 11.24 96.19 -40.76
CA LEU B 1762 9.96 95.60 -41.16
C LEU B 1762 10.24 94.30 -41.92
N PRO B 1763 9.67 93.17 -41.49
CA PRO B 1763 9.96 91.89 -42.15
C PRO B 1763 9.53 91.88 -43.61
N GLY B 1764 10.38 91.32 -44.45
CA GLY B 1764 10.15 91.30 -45.88
C GLY B 1764 10.37 92.63 -46.58
N VAL B 1765 10.78 93.66 -45.85
CA VAL B 1765 11.03 95.00 -46.40
C VAL B 1765 12.53 95.23 -46.41
N GLY B 1766 13.06 95.56 -47.59
CA GLY B 1766 14.47 95.77 -47.73
C GLY B 1766 14.96 95.22 -49.04
N VAL B 1767 16.22 94.80 -49.08
CA VAL B 1767 16.82 94.22 -50.28
C VAL B 1767 17.34 92.83 -49.93
N THR B 1768 17.05 91.86 -50.80
CA THR B 1768 17.54 90.50 -50.64
C THR B 1768 18.32 90.14 -51.89
N THR B 1769 19.54 89.66 -51.70
CA THR B 1769 20.42 89.32 -52.80
C THR B 1769 20.51 87.83 -53.08
N SER B 1770 19.72 87.01 -52.38
CA SER B 1770 19.75 85.57 -52.61
C SER B 1770 19.24 85.25 -54.01
N LEU B 1771 19.81 84.21 -54.59
CA LEU B 1771 19.47 83.86 -55.97
C LEU B 1771 18.15 83.12 -56.02
N ARG B 1772 17.24 83.62 -56.86
CA ARG B 1772 16.00 82.93 -57.19
C ARG B 1772 15.79 83.14 -58.68
N PRO B 1773 15.61 82.07 -59.45
CA PRO B 1773 15.38 82.20 -60.89
C PRO B 1773 14.10 82.95 -61.18
N PRO B 1774 14.07 83.77 -62.24
CA PRO B 1774 12.86 84.53 -62.54
C PRO B 1774 11.75 83.64 -63.10
N HIS B 1775 10.53 84.11 -62.95
CA HIS B 1775 9.38 83.40 -63.47
C HIS B 1775 9.33 83.52 -64.99
N HIS B 1776 8.71 82.53 -65.62
CA HIS B 1776 8.53 82.50 -67.07
C HIS B 1776 7.07 82.28 -67.39
N PHE B 1777 6.49 83.18 -68.18
CA PHE B 1777 5.10 83.08 -68.59
C PHE B 1777 4.98 83.26 -70.09
N SER B 1778 4.00 82.58 -70.68
CA SER B 1778 3.71 82.70 -72.10
C SER B 1778 2.27 83.15 -72.27
N PRO B 1779 2.02 84.30 -72.90
CA PRO B 1779 0.65 84.76 -73.12
C PRO B 1779 -0.14 83.77 -73.97
N PRO B 1780 -1.41 83.54 -73.65
CA PRO B 1780 -2.19 82.56 -74.40
C PRO B 1780 -2.60 83.11 -75.76
N CYS B 1781 -2.30 82.35 -76.81
CA CYS B 1781 -2.67 82.71 -78.17
C CYS B 1781 -3.10 81.41 -78.86
N PHE B 1782 -4.38 81.32 -79.17
CA PHE B 1782 -4.93 80.10 -79.74
C PHE B 1782 -4.95 80.09 -81.26
N VAL B 1783 -4.48 81.17 -81.89
CA VAL B 1783 -4.41 81.21 -83.34
C VAL B 1783 -3.01 81.00 -83.86
N ALA B 1784 -2.02 80.85 -82.97
CA ALA B 1784 -0.66 80.59 -83.39
C ALA B 1784 -0.58 79.24 -84.10
N ALA B 1785 0.32 79.15 -85.07
CA ALA B 1785 0.47 77.95 -85.86
C ALA B 1785 0.95 76.79 -85.00
N LEU B 1786 0.49 75.59 -85.35
CA LEU B 1786 0.89 74.38 -84.63
C LEU B 1786 2.38 74.16 -84.83
N PRO B 1787 3.13 73.89 -83.76
CA PRO B 1787 4.58 73.64 -83.91
C PRO B 1787 4.84 72.39 -84.75
N ALA B 1788 5.87 72.47 -85.58
CA ALA B 1788 6.28 71.32 -86.38
C ALA B 1788 6.99 70.26 -85.56
N ALA B 1789 7.39 70.59 -84.33
CA ALA B 1789 8.02 69.62 -83.45
C ALA B 1789 6.97 68.63 -82.95
N GLY B 1790 7.31 67.35 -83.00
CA GLY B 1790 6.39 66.32 -82.54
C GLY B 1790 6.28 66.29 -81.03
N VAL B 1791 5.36 65.43 -80.56
CA VAL B 1791 5.16 65.27 -79.13
C VAL B 1791 6.44 64.70 -78.50
N ALA B 1792 6.68 65.06 -77.24
CA ALA B 1792 7.84 64.74 -76.39
C ALA B 1792 9.14 65.38 -76.88
N GLU B 1793 9.12 66.14 -77.98
CA GLU B 1793 10.31 66.81 -78.50
C GLU B 1793 10.19 68.33 -78.50
N ALA B 1794 8.97 68.86 -78.45
CA ALA B 1794 8.78 70.31 -78.38
C ALA B 1794 9.29 70.85 -77.04
N PRO B 1795 9.74 72.11 -77.01
CA PRO B 1795 10.14 72.73 -75.73
C PRO B 1795 9.00 72.81 -74.74
N ALA B 1796 9.36 72.69 -73.46
CA ALA B 1796 8.42 72.64 -72.35
C ALA B 1796 7.55 73.90 -72.30
N ARG B 1797 6.24 73.70 -72.17
CA ARG B 1797 5.32 74.82 -72.11
C ARG B 1797 5.46 75.58 -70.81
N LEU B 1798 5.24 76.88 -70.88
CA LEU B 1798 5.27 77.75 -69.72
C LEU B 1798 3.85 78.01 -69.23
N SER B 1799 3.75 78.54 -68.03
CA SER B 1799 2.45 78.88 -67.49
C SER B 1799 1.83 80.05 -68.27
N PRO B 1800 0.50 80.06 -68.42
CA PRO B 1800 -0.17 81.19 -69.07
C PRO B 1800 0.05 82.49 -68.32
N ALA B 1801 0.20 83.58 -69.06
CA ALA B 1801 0.48 84.86 -68.44
C ALA B 1801 -0.80 85.52 -67.93
N ILE B 1802 -0.62 86.49 -67.05
CA ILE B 1802 -1.70 87.30 -66.48
C ILE B 1802 -1.07 88.57 -65.90
N PRO B 1803 -1.67 89.77 -66.11
CA PRO B 1803 -1.09 91.01 -65.54
C PRO B 1803 -0.99 90.97 -64.03
N LEU B 1804 0.25 90.96 -63.53
CA LEU B 1804 0.45 90.82 -62.10
C LEU B 1804 0.42 92.14 -61.37
N GLU B 1805 0.78 93.25 -62.03
CA GLU B 1805 0.70 94.55 -61.38
C GLU B 1805 -0.75 94.90 -61.07
N ALA B 1806 -1.66 94.61 -61.99
CA ALA B 1806 -3.08 94.84 -61.76
C ALA B 1806 -3.62 93.78 -60.82
N LEU B 1807 -3.17 92.54 -60.93
CA LEU B 1807 -3.67 91.49 -60.05
C LEU B 1807 -3.30 91.77 -58.59
N ARG B 1808 -2.07 92.22 -58.34
CA ARG B 1808 -1.65 92.58 -57.00
C ARG B 1808 -2.33 93.84 -56.48
N ASP B 1809 -2.73 94.76 -57.38
CA ASP B 1809 -3.47 95.93 -56.92
C ASP B 1809 -4.89 95.55 -56.56
N LYS B 1810 -5.51 94.70 -57.38
CA LYS B 1810 -6.86 94.25 -57.11
C LYS B 1810 -6.90 93.44 -55.82
N ALA B 1811 -5.89 92.59 -55.60
CA ALA B 1811 -5.83 91.78 -54.39
C ALA B 1811 -5.68 92.64 -53.15
N LEU B 1812 -4.80 93.66 -53.21
CA LEU B 1812 -4.62 94.55 -52.07
C LEU B 1812 -5.89 95.34 -51.76
N ARG B 1813 -6.55 95.85 -52.80
CA ARG B 1813 -7.80 96.58 -52.63
C ARG B 1813 -8.88 95.67 -52.03
N MET B 1814 -8.94 94.43 -52.51
CA MET B 1814 -9.95 93.48 -52.09
C MET B 1814 -9.80 93.14 -50.61
N LEU B 1815 -8.56 92.81 -50.20
CA LEU B 1815 -8.33 92.51 -48.80
C LEU B 1815 -8.57 93.73 -47.92
N GLY B 1816 -8.25 94.94 -48.42
CA GLY B 1816 -8.55 96.15 -47.65
C GLY B 1816 -10.04 96.33 -47.43
N GLU B 1817 -10.84 96.04 -48.46
CA GLU B 1817 -12.29 96.08 -48.34
C GLU B 1817 -12.77 95.05 -47.34
N ALA B 1818 -12.22 93.84 -47.38
CA ALA B 1818 -12.66 92.78 -46.47
C ALA B 1818 -12.35 93.15 -45.03
N VAL B 1819 -11.16 93.75 -44.80
CA VAL B 1819 -10.74 94.15 -43.46
C VAL B 1819 -11.68 95.21 -42.90
N ARG B 1820 -12.02 96.20 -43.71
CA ARG B 1820 -12.94 97.23 -43.23
C ARG B 1820 -14.38 96.74 -43.16
N ASP B 1821 -14.77 95.78 -44.00
CA ASP B 1821 -16.10 95.19 -43.93
C ASP B 1821 -16.30 94.39 -42.65
N GLY B 1822 -15.28 93.64 -42.23
CA GLY B 1822 -15.40 92.81 -41.04
C GLY B 1822 -15.60 93.60 -39.76
N GLY B 1823 -15.08 94.84 -39.72
CA GLY B 1823 -15.26 95.68 -38.54
C GLY B 1823 -16.70 96.05 -38.28
N GLN B 1824 -17.47 96.27 -39.36
CA GLN B 1824 -18.88 96.62 -39.21
C GLN B 1824 -19.74 95.45 -38.73
N HIS B 1825 -19.30 94.22 -38.98
CA HIS B 1825 -20.01 92.98 -38.62
C HIS B 1825 -21.41 92.94 -39.22
N ALA B 1826 -21.45 93.05 -40.54
CA ALA B 1826 -22.70 93.02 -41.27
C ALA B 1826 -23.32 91.62 -41.24
N ARG B 1827 -24.63 91.58 -41.48
CA ARG B 1827 -25.36 90.32 -41.53
C ARG B 1827 -25.30 89.64 -42.88
N ASP B 1828 -24.62 90.24 -43.86
CA ASP B 1828 -24.47 89.66 -45.19
C ASP B 1828 -23.00 89.68 -45.63
N PRO B 1829 -22.15 88.82 -45.03
CA PRO B 1829 -20.76 88.76 -45.46
C PRO B 1829 -20.64 88.25 -46.88
N VAL B 1830 -19.60 88.75 -47.58
CA VAL B 1830 -19.39 88.41 -48.99
C VAL B 1830 -19.18 86.92 -49.14
N GLY B 1831 -19.93 86.31 -50.06
CA GLY B 1831 -19.84 84.89 -50.30
C GLY B 1831 -20.71 84.05 -49.39
N GLY B 1832 -21.23 84.62 -48.31
CA GLY B 1832 -22.14 83.93 -47.41
C GLY B 1832 -21.61 83.74 -46.01
N SER B 1833 -20.30 83.84 -45.80
CA SER B 1833 -19.74 83.64 -44.48
C SER B 1833 -18.40 84.34 -44.39
N VAL B 1834 -17.92 84.48 -43.14
CA VAL B 1834 -16.62 85.08 -42.89
C VAL B 1834 -15.52 84.24 -43.50
N GLU B 1835 -15.64 82.92 -43.38
CA GLU B 1835 -14.65 82.01 -43.96
C GLU B 1835 -14.61 82.17 -45.48
N PHE B 1836 -15.79 82.21 -46.12
CA PHE B 1836 -15.87 82.36 -47.56
C PHE B 1836 -15.46 83.74 -48.02
N GLN B 1837 -15.34 84.69 -47.10
CA GLN B 1837 -14.90 86.03 -47.48
C GLN B 1837 -13.39 86.18 -47.32
N PHE B 1838 -12.81 85.59 -46.28
CA PHE B 1838 -11.41 85.80 -45.96
C PHE B 1838 -10.45 84.71 -46.43
N VAL B 1839 -10.82 83.42 -46.31
CA VAL B 1839 -9.91 82.33 -46.75
C VAL B 1839 -9.53 82.40 -48.21
N PRO B 1840 -10.46 82.50 -49.19
CA PRO B 1840 -10.02 82.56 -50.60
C PRO B 1840 -9.14 83.75 -50.93
N VAL B 1841 -9.40 84.93 -50.33
CA VAL B 1841 -8.59 86.10 -50.64
C VAL B 1841 -7.18 85.93 -50.07
N LEU B 1842 -7.09 85.41 -48.83
CA LEU B 1842 -5.81 85.24 -48.18
C LEU B 1842 -4.95 84.20 -48.88
N LYS B 1843 -5.58 83.22 -49.55
CA LYS B 1843 -4.83 82.27 -50.36
C LYS B 1843 -4.10 83.00 -51.48
N LEU B 1844 -4.79 83.91 -52.16
CA LEU B 1844 -4.21 84.68 -53.25
C LEU B 1844 -3.11 85.60 -52.75
N VAL B 1845 -3.32 86.21 -51.58
CA VAL B 1845 -2.30 87.08 -51.00
C VAL B 1845 -1.06 86.28 -50.64
N SER B 1846 -1.24 85.09 -50.05
CA SER B 1846 -0.12 84.24 -49.68
C SER B 1846 0.67 83.81 -50.91
N THR B 1847 -0.05 83.47 -51.99
CA THR B 1847 0.60 83.07 -53.23
C THR B 1847 1.42 84.21 -53.81
N LEU B 1848 0.88 85.44 -53.77
CA LEU B 1848 1.63 86.55 -54.35
C LEU B 1848 2.86 86.90 -53.50
N LEU B 1849 2.75 86.74 -52.17
CA LEU B 1849 3.93 86.92 -51.32
C LEU B 1849 5.00 85.91 -51.66
N VAL B 1850 4.60 84.63 -51.82
CA VAL B 1850 5.59 83.59 -52.09
C VAL B 1850 6.26 83.84 -53.43
N MET B 1851 5.46 84.21 -54.44
CA MET B 1851 6.05 84.54 -55.74
C MET B 1851 6.78 85.88 -55.75
N GLY B 1852 6.78 86.64 -54.65
CA GLY B 1852 7.52 87.88 -54.61
C GLY B 1852 6.95 89.01 -55.45
N ILE B 1853 5.65 88.97 -55.76
CA ILE B 1853 5.03 89.97 -56.61
C ILE B 1853 5.02 91.33 -55.93
N PHE B 1854 4.67 91.37 -54.65
CA PHE B 1854 4.53 92.62 -53.91
C PHE B 1854 5.89 93.30 -53.70
N GLY B 1855 5.89 94.62 -53.81
CA GLY B 1855 7.08 95.41 -53.57
C GLY B 1855 7.24 95.76 -52.10
N ASP B 1856 8.22 96.63 -51.85
CA ASP B 1856 8.52 97.08 -50.49
C ASP B 1856 7.37 97.86 -49.88
N GLU B 1857 6.73 98.72 -50.69
CA GLU B 1857 5.60 99.51 -50.19
C GLU B 1857 4.41 98.60 -49.91
N ASP B 1858 4.16 97.65 -50.82
CA ASP B 1858 3.01 96.77 -50.69
C ASP B 1858 3.13 95.92 -49.45
N VAL B 1859 4.35 95.43 -49.15
CA VAL B 1859 4.54 94.63 -47.95
C VAL B 1859 4.23 95.46 -46.71
N LYS B 1860 4.60 96.76 -46.74
CA LYS B 1860 4.30 97.67 -45.64
C LYS B 1860 2.80 97.80 -45.45
N GLN B 1861 2.05 97.81 -46.57
CA GLN B 1861 0.60 97.89 -46.51
C GLN B 1861 0.02 96.65 -45.86
N ILE B 1862 0.51 95.47 -46.28
CA ILE B 1862 0.02 94.20 -45.74
C ILE B 1862 0.31 94.11 -44.25
N LEU B 1863 1.51 94.52 -43.83
CA LEU B 1863 1.86 94.54 -42.41
C LEU B 1863 0.97 95.49 -41.61
N LYS B 1864 0.64 96.64 -42.19
CA LYS B 1864 -0.30 97.55 -41.53
C LYS B 1864 -1.69 96.93 -41.43
N MET B 1865 -2.11 96.21 -42.47
CA MET B 1865 -3.46 95.66 -42.43
C MET B 1865 -3.54 94.47 -41.48
N ILE B 1866 -2.45 93.72 -41.33
CA ILE B 1866 -2.42 92.61 -40.38
C ILE B 1866 -2.39 93.15 -38.95
N GLU B 1867 -1.37 93.94 -38.63
CA GLU B 1867 -1.38 94.58 -37.31
C GLU B 1867 -0.95 96.04 -37.43
N PRO B 1868 -1.86 96.98 -37.23
CA PRO B 1868 -1.54 98.38 -37.54
C PRO B 1868 -0.56 99.05 -36.59
N GLU B 1869 -0.55 98.67 -35.31
CA GLU B 1869 0.28 99.39 -34.36
C GLU B 1869 1.66 98.77 -34.15
N VAL B 1870 1.79 97.45 -34.31
CA VAL B 1870 3.07 96.79 -34.09
C VAL B 1870 4.06 97.15 -35.20
N PHE B 1871 3.56 97.25 -36.43
CA PHE B 1871 4.40 97.44 -37.61
C PHE B 1871 4.46 98.90 -38.05
N THR B 1872 4.46 99.84 -37.11
CA THR B 1872 4.62 101.25 -37.45
C THR B 1872 6.09 101.57 -37.64
N GLU B 1873 6.41 102.19 -38.76
CA GLU B 1873 7.78 102.58 -39.07
C GLU B 1873 8.01 104.04 -38.68
N GLU B 1874 9.25 104.34 -38.30
CA GLU B 1874 9.68 105.68 -37.90
C GLU B 1874 11.20 105.75 -37.84
N LEU B 1922 -13.50 100.76 -39.73
CA LEU B 1922 -12.74 100.40 -38.54
C LEU B 1922 -11.39 99.82 -38.91
N GLU B 1923 -10.32 100.55 -38.60
CA GLU B 1923 -8.96 100.14 -38.94
C GLU B 1923 -8.38 99.16 -37.91
N GLU B 1924 -9.13 98.11 -37.59
CA GLU B 1924 -8.64 97.10 -36.67
C GLU B 1924 -7.90 96.02 -37.42
N GLY B 1925 -6.80 95.55 -36.85
CA GLY B 1925 -5.98 94.57 -37.51
C GLY B 1925 -6.62 93.21 -37.54
N LEU B 1926 -6.11 92.36 -38.43
CA LEU B 1926 -6.62 91.00 -38.63
C LEU B 1926 -6.43 90.09 -37.42
N LEU B 1927 -5.60 90.46 -36.47
CA LEU B 1927 -5.37 89.61 -35.31
C LEU B 1927 -6.39 89.84 -34.19
N GLN B 1928 -7.38 90.70 -34.41
CA GLN B 1928 -8.36 91.00 -33.36
C GLN B 1928 -9.80 91.00 -33.89
N MET B 1929 -10.10 90.19 -34.89
CA MET B 1929 -11.45 90.17 -35.45
C MET B 1929 -12.22 88.89 -35.15
N LYS B 1930 -11.72 88.06 -34.23
CA LYS B 1930 -12.35 86.79 -33.80
C LYS B 1930 -12.62 85.86 -34.99
N LEU B 1931 -11.53 85.55 -35.67
CA LEU B 1931 -11.56 84.72 -36.87
C LEU B 1931 -11.89 83.27 -36.55
N PRO B 1932 -12.52 82.56 -37.47
CA PRO B 1932 -12.70 81.11 -37.33
C PRO B 1932 -11.39 80.39 -37.61
N GLU B 1933 -11.42 79.07 -37.41
CA GLU B 1933 -10.22 78.25 -37.51
C GLU B 1933 -9.64 78.23 -38.93
N SER B 1934 -10.51 78.20 -39.95
CA SER B 1934 -10.06 78.09 -41.34
C SER B 1934 -9.24 79.31 -41.79
N VAL B 1935 -9.62 80.50 -41.34
CA VAL B 1935 -8.87 81.70 -41.70
C VAL B 1935 -7.52 81.74 -40.99
N LYS B 1936 -7.51 81.30 -39.73
CA LYS B 1936 -6.29 81.27 -38.91
C LYS B 1936 -5.17 80.47 -39.56
N LEU B 1937 -5.51 79.42 -40.31
CA LEU B 1937 -4.50 78.65 -41.04
C LEU B 1937 -3.80 79.50 -42.09
N GLN B 1938 -4.56 80.33 -42.81
CA GLN B 1938 -3.96 81.21 -43.79
C GLN B 1938 -3.15 82.30 -43.11
N MET B 1939 -3.60 82.76 -41.95
CA MET B 1939 -2.84 83.76 -41.20
C MET B 1939 -1.51 83.19 -40.74
N CYS B 1940 -1.51 81.92 -40.31
CA CYS B 1940 -0.28 81.25 -39.94
C CYS B 1940 0.65 81.08 -41.13
N ASN B 1941 0.09 80.90 -42.33
CA ASN B 1941 0.93 80.82 -43.52
C ASN B 1941 1.54 82.18 -43.85
N LEU B 1942 0.81 83.25 -43.55
CA LEU B 1942 1.33 84.60 -43.76
C LEU B 1942 2.49 84.88 -42.83
N LEU B 1943 2.30 84.57 -41.53
CA LEU B 1943 3.37 84.77 -40.57
C LEU B 1943 4.55 83.84 -40.85
N GLU B 1944 4.27 82.66 -41.43
CA GLU B 1944 5.35 81.75 -41.81
C GLU B 1944 6.22 82.37 -42.88
N TYR B 1945 5.59 83.04 -43.85
CA TYR B 1945 6.33 83.71 -44.91
C TYR B 1945 7.20 84.83 -44.35
N PHE B 1946 6.64 85.63 -43.43
CA PHE B 1946 7.45 86.72 -42.88
C PHE B 1946 8.60 86.22 -42.02
N CYS B 1947 8.37 85.12 -41.29
CA CYS B 1947 9.44 84.52 -40.50
C CYS B 1947 10.55 83.97 -41.40
N ASP B 1948 10.17 83.41 -42.55
CA ASP B 1948 11.17 82.96 -43.52
C ASP B 1948 11.96 84.14 -44.06
N GLN B 1949 11.27 85.27 -44.30
CA GLN B 1949 11.96 86.47 -44.77
C GLN B 1949 12.97 86.97 -43.74
N GLU B 1950 12.60 86.93 -42.46
CA GLU B 1950 13.51 87.29 -41.39
C GLU B 1950 14.73 86.38 -41.33
N LEU B 1951 14.51 85.07 -41.49
CA LEU B 1951 15.62 84.12 -41.50
C LEU B 1951 16.56 84.37 -42.67
N GLN B 1952 15.99 84.64 -43.85
CA GLN B 1952 16.82 84.97 -45.01
C GLN B 1952 17.58 86.27 -44.80
N HIS B 1953 16.98 87.22 -44.07
CA HIS B 1953 17.66 88.46 -43.75
C HIS B 1953 18.86 88.21 -42.86
N ARG B 1954 18.71 87.33 -41.87
CA ARG B 1954 19.82 87.01 -40.97
C ARG B 1954 20.94 86.33 -41.72
N VAL B 1955 20.60 85.38 -42.61
CA VAL B 1955 21.61 84.66 -43.39
C VAL B 1955 22.37 85.62 -44.31
N GLU B 1956 21.64 86.52 -44.99
CA GLU B 1956 22.28 87.50 -45.87
C GLU B 1956 23.17 88.47 -45.10
N SER B 1957 22.73 88.89 -43.91
CA SER B 1957 23.56 89.75 -43.06
C SER B 1957 24.83 89.05 -42.63
N LEU B 1958 24.72 87.77 -42.27
CA LEU B 1958 25.88 86.98 -41.86
C LEU B 1958 26.86 86.83 -43.02
N ALA B 1959 26.35 86.59 -44.23
CA ALA B 1959 27.22 86.51 -45.41
C ALA B 1959 27.89 87.84 -45.71
N ALA B 1960 27.20 88.96 -45.49
CA ALA B 1960 27.82 90.26 -45.67
C ALA B 1960 28.95 90.50 -44.67
N PHE B 1961 28.72 90.16 -43.39
CA PHE B 1961 29.77 90.30 -42.40
C PHE B 1961 30.93 89.36 -42.71
N ALA B 1962 30.63 88.19 -43.29
CA ALA B 1962 31.68 87.27 -43.72
C ALA B 1962 32.53 87.91 -44.80
N GLU B 1963 31.88 88.62 -45.73
CA GLU B 1963 32.57 89.29 -46.82
C GLU B 1963 33.53 90.35 -46.29
N ARG B 1964 33.09 91.14 -45.32
CA ARG B 1964 33.96 92.19 -44.80
C ARG B 1964 35.07 91.61 -43.90
N TYR B 1965 34.72 90.61 -43.09
CA TYR B 1965 35.66 90.11 -42.09
C TYR B 1965 36.74 89.26 -42.73
N VAL B 1966 36.44 88.58 -43.85
CA VAL B 1966 37.48 87.82 -44.54
C VAL B 1966 38.52 88.77 -45.09
N ASP B 1967 38.08 89.90 -45.67
CA ASP B 1967 39.01 90.86 -46.24
C ASP B 1967 39.94 91.44 -45.17
N LYS B 1968 39.37 91.81 -44.01
CA LYS B 1968 40.22 92.28 -42.90
C LYS B 1968 41.10 91.17 -42.32
N LEU B 1969 40.64 89.93 -42.35
CA LEU B 1969 41.44 88.84 -41.80
C LEU B 1969 42.57 88.47 -42.74
N GLN B 1970 42.31 88.49 -44.04
CA GLN B 1970 43.33 88.22 -45.05
C GLN B 1970 44.41 89.29 -44.99
N ALA B 1971 44.00 90.55 -44.84
CA ALA B 1971 44.96 91.66 -44.78
C ALA B 1971 45.83 91.54 -43.52
N ASN B 1972 45.20 91.29 -42.37
CA ASN B 1972 45.96 91.18 -41.13
C ASN B 1972 46.91 89.98 -41.13
N GLN B 1973 46.46 88.84 -41.65
CA GLN B 1973 47.29 87.65 -41.71
C GLN B 1973 48.41 87.77 -42.73
N ARG B 1974 48.20 88.57 -43.79
CA ARG B 1974 49.28 88.84 -44.73
C ARG B 1974 50.32 89.77 -44.10
N SER B 1975 49.86 90.82 -43.42
CA SER B 1975 50.78 91.77 -42.79
C SER B 1975 51.60 91.09 -41.71
N ARG B 1976 50.94 90.24 -40.89
CA ARG B 1976 51.67 89.48 -39.89
C ARG B 1976 52.63 88.47 -40.51
N TYR B 1977 52.32 87.96 -41.71
CA TYR B 1977 53.25 87.07 -42.40
C TYR B 1977 54.49 87.83 -42.84
N ALA B 1978 54.28 89.04 -43.37
CA ALA B 1978 55.40 89.88 -43.78
C ALA B 1978 56.26 90.28 -42.59
N LEU B 1979 55.62 90.61 -41.46
CA LEU B 1979 56.37 90.88 -40.23
C LEU B 1979 57.12 89.64 -39.75
N LEU B 1980 56.56 88.44 -39.98
CA LEU B 1980 57.23 87.22 -39.55
C LEU B 1980 58.45 86.94 -40.42
N MET B 1981 58.44 87.40 -41.67
CA MET B 1981 59.61 87.21 -42.54
C MET B 1981 60.84 87.97 -42.05
N ARG B 1982 60.67 89.00 -41.24
CA ARG B 1982 61.78 89.74 -40.66
C ARG B 1982 62.08 89.32 -39.22
N ALA B 1983 61.42 88.27 -38.72
CA ALA B 1983 61.58 87.85 -37.34
C ALA B 1983 62.92 87.16 -37.07
N PHE B 1984 63.65 86.74 -38.11
CA PHE B 1984 64.89 86.00 -37.94
C PHE B 1984 66.02 86.81 -37.31
N THR B 1985 65.88 88.13 -37.20
CA THR B 1985 66.94 88.98 -36.66
C THR B 1985 66.83 89.20 -35.16
N MET B 1986 65.69 88.90 -34.53
CA MET B 1986 65.56 89.14 -33.10
C MET B 1986 64.84 88.01 -32.35
N SER B 1987 64.61 86.86 -32.98
CA SER B 1987 63.86 85.77 -32.36
C SER B 1987 64.75 84.53 -32.25
N ALA B 1988 64.13 83.42 -31.86
CA ALA B 1988 64.83 82.17 -31.55
C ALA B 1988 63.94 81.03 -32.02
N ALA B 1989 64.17 79.83 -31.47
CA ALA B 1989 63.53 78.59 -31.88
C ALA B 1989 62.02 78.52 -31.62
N GLU B 1990 61.40 79.57 -31.06
CA GLU B 1990 59.96 79.62 -30.84
C GLU B 1990 59.19 80.15 -32.04
N THR B 1991 59.87 80.40 -33.16
CA THR B 1991 59.20 80.80 -34.40
C THR B 1991 58.34 79.70 -35.01
N ALA B 1992 58.49 78.44 -34.56
CA ALA B 1992 57.69 77.35 -35.09
C ALA B 1992 56.21 77.56 -34.78
N ARG B 1993 55.90 78.17 -33.63
CA ARG B 1993 54.50 78.40 -33.27
C ARG B 1993 53.88 79.45 -34.17
N ARG B 1994 54.57 80.57 -34.38
CA ARG B 1994 54.01 81.61 -35.24
C ARG B 1994 53.99 81.20 -36.71
N THR B 1995 54.84 80.27 -37.15
CA THR B 1995 54.74 79.78 -38.53
C THR B 1995 53.91 78.50 -38.64
N ARG B 1996 53.32 78.05 -37.53
CA ARG B 1996 52.45 76.87 -37.54
C ARG B 1996 51.23 77.16 -38.41
N GLU B 1997 50.69 78.39 -38.30
CA GLU B 1997 49.50 78.76 -39.06
C GLU B 1997 49.79 78.62 -40.55
N PHE B 1998 50.87 79.25 -41.00
CA PHE B 1998 51.20 79.27 -42.42
C PHE B 1998 51.66 77.90 -42.91
N ARG B 1999 51.98 76.97 -42.01
CA ARG B 1999 52.25 75.60 -42.41
C ARG B 1999 51.04 74.70 -42.16
N SER B 2000 49.93 75.27 -41.78
CA SER B 2000 48.72 74.48 -41.59
C SER B 2000 47.68 74.88 -42.62
N PRO B 2001 46.95 73.91 -43.17
CA PRO B 2001 45.93 74.22 -44.18
C PRO B 2001 44.88 75.17 -43.65
N PRO B 2002 44.25 75.97 -44.55
CA PRO B 2002 43.48 77.14 -44.10
C PRO B 2002 42.31 76.90 -43.16
N GLN B 2003 41.59 75.77 -43.28
CA GLN B 2003 40.37 75.54 -42.50
C GLN B 2003 40.64 75.67 -41.00
N GLU B 2004 41.67 74.98 -40.53
CA GLU B 2004 41.95 75.11 -39.12
C GLU B 2004 42.69 76.41 -38.81
N GLN B 2005 43.23 77.11 -39.83
CA GLN B 2005 43.76 78.45 -39.58
C GLN B 2005 42.65 79.39 -39.15
N ILE B 2006 41.50 79.33 -39.84
CA ILE B 2006 40.36 80.13 -39.38
C ILE B 2006 39.86 79.62 -38.04
N ASN B 2007 39.86 78.28 -37.85
CA ASN B 2007 39.39 77.72 -36.57
C ASN B 2007 40.18 78.25 -35.38
N MET B 2008 41.52 78.26 -35.47
CA MET B 2008 42.31 78.80 -34.38
C MET B 2008 42.29 80.32 -34.34
N LEU B 2009 42.09 80.98 -35.48
CA LEU B 2009 41.94 82.44 -35.49
C LEU B 2009 40.70 82.85 -34.72
N LEU B 2010 39.57 82.16 -34.97
CA LEU B 2010 38.32 82.48 -34.31
C LEU B 2010 38.21 81.87 -32.93
N HIS B 2011 39.17 81.05 -32.52
CA HIS B 2011 39.09 80.30 -31.26
C HIS B 2011 39.43 81.19 -30.06
N PHE B 2012 38.61 82.23 -29.86
CA PHE B 2012 38.79 83.13 -28.72
C PHE B 2012 37.45 83.56 -28.12
N LYS B 2013 36.41 82.75 -28.26
CA LYS B 2013 35.06 83.12 -27.83
C LYS B 2013 34.97 83.29 -26.31
N ASP B 2014 35.48 82.31 -25.57
CA ASP B 2014 35.26 82.24 -24.13
C ASP B 2014 36.29 83.02 -23.32
N GLU B 2015 37.22 83.73 -23.98
CA GLU B 2015 38.21 84.66 -23.43
C GLU B 2015 39.32 83.95 -22.64
N ALA B 2016 39.20 82.64 -22.46
CA ALA B 2016 40.20 81.84 -21.77
C ALA B 2016 41.31 81.36 -22.67
N ASP B 2017 41.24 81.66 -23.97
CA ASP B 2017 42.24 81.21 -24.93
C ASP B 2017 42.63 82.31 -25.91
N GLU B 2018 42.61 83.56 -25.45
CA GLU B 2018 42.98 84.71 -26.28
C GLU B 2018 44.43 84.67 -26.72
N GLU B 2019 45.29 84.01 -25.93
CA GLU B 2019 46.73 84.02 -26.16
C GLU B 2019 47.10 83.35 -27.49
N ASP B 2020 46.46 82.23 -27.82
CA ASP B 2020 46.71 81.55 -29.08
C ASP B 2020 46.26 82.40 -30.27
N CYS B 2021 45.20 83.18 -30.09
CA CYS B 2021 44.70 84.04 -31.15
C CYS B 2021 45.68 85.17 -31.43
N PRO B 2022 46.19 85.32 -32.66
CA PRO B 2022 47.11 86.41 -32.98
C PRO B 2022 46.43 87.71 -33.40
N LEU B 2023 45.10 87.73 -33.47
CA LEU B 2023 44.40 88.90 -33.96
C LEU B 2023 44.51 90.06 -32.99
N PRO B 2024 44.58 91.29 -33.50
CA PRO B 2024 44.49 92.46 -32.62
C PRO B 2024 43.10 92.64 -32.05
N GLU B 2025 43.07 93.39 -30.94
CA GLU B 2025 41.84 93.58 -30.17
C GLU B 2025 40.77 94.31 -30.97
N ASP B 2026 41.15 95.20 -31.89
CA ASP B 2026 40.15 95.90 -32.70
C ASP B 2026 39.39 94.94 -33.61
N ILE B 2027 40.09 93.94 -34.15
CA ILE B 2027 39.42 92.92 -34.96
C ILE B 2027 38.57 92.02 -34.08
N ARG B 2028 39.10 91.64 -32.91
CA ARG B 2028 38.36 90.76 -32.00
C ARG B 2028 37.08 91.43 -31.50
N GLN B 2029 37.17 92.74 -31.22
CA GLN B 2029 36.00 93.50 -30.81
C GLN B 2029 34.97 93.54 -31.92
N ASP B 2030 35.43 93.64 -33.17
CA ASP B 2030 34.53 93.71 -34.32
C ASP B 2030 33.71 92.44 -34.44
N LEU B 2031 34.38 91.28 -34.30
CA LEU B 2031 33.67 90.01 -34.36
C LEU B 2031 32.69 89.87 -33.20
N GLN B 2032 33.12 90.22 -31.97
CA GLN B 2032 32.19 90.10 -30.85
C GLN B 2032 31.07 91.14 -30.90
N ASP B 2033 31.27 92.23 -31.64
CA ASP B 2033 30.20 93.19 -31.90
C ASP B 2033 29.16 92.58 -32.81
N PHE B 2034 29.60 91.89 -33.87
CA PHE B 2034 28.60 91.28 -34.75
C PHE B 2034 27.93 90.09 -34.07
N HIS B 2035 28.61 89.47 -33.11
CA HIS B 2035 28.00 88.36 -32.39
C HIS B 2035 26.91 88.88 -31.45
N GLN B 2036 27.13 90.06 -30.85
CA GLN B 2036 26.18 90.56 -29.86
C GLN B 2036 24.87 90.96 -30.53
N ASP B 2037 24.94 91.76 -31.61
CA ASP B 2037 23.69 92.17 -32.22
C ASP B 2037 23.06 91.01 -32.98
N LEU B 2038 23.83 90.01 -33.44
CA LEU B 2038 23.21 88.82 -34.01
C LEU B 2038 22.34 88.09 -32.98
N LEU B 2039 22.85 87.92 -31.76
CA LEU B 2039 22.03 87.33 -30.70
C LEU B 2039 20.85 88.24 -30.31
N ALA B 2040 21.07 89.55 -30.30
CA ALA B 2040 19.97 90.47 -30.03
C ALA B 2040 18.90 90.42 -31.11
N HIS B 2041 19.31 90.30 -32.37
CA HIS B 2041 18.36 90.17 -33.47
C HIS B 2041 17.58 88.88 -33.33
N CYS B 2042 18.27 87.79 -32.96
CA CYS B 2042 17.61 86.51 -32.73
C CYS B 2042 16.92 86.43 -31.37
N GLY B 2043 16.82 87.55 -30.66
CA GLY B 2043 16.10 87.59 -29.39
C GLY B 2043 16.66 86.74 -28.28
N ILE B 2044 17.99 86.73 -28.12
CA ILE B 2044 18.58 85.96 -27.04
C ILE B 2044 18.45 86.71 -25.71
N GLN B 2045 19.10 87.88 -25.62
CA GLN B 2045 19.06 88.74 -24.44
C GLN B 2045 19.67 90.08 -24.81
N LEU B 2046 19.07 91.15 -24.30
CA LEU B 2046 19.58 92.50 -24.55
C LEU B 2046 20.74 92.78 -23.60
N GLU B 2088 4.04 95.75 -20.28
CA GLU B 2088 4.69 95.49 -21.56
C GLU B 2088 3.76 94.78 -22.54
N LYS B 2089 2.54 95.30 -22.64
CA LYS B 2089 1.54 94.73 -23.56
C LYS B 2089 1.94 94.88 -25.02
N LYS B 2090 2.83 95.82 -25.33
CA LYS B 2090 3.25 96.09 -26.70
C LYS B 2090 4.22 95.02 -27.15
N PRO B 2091 3.90 94.23 -28.19
CA PRO B 2091 4.86 93.23 -28.69
C PRO B 2091 6.15 93.82 -29.24
N GLN B 2092 6.05 94.95 -29.95
CA GLN B 2092 7.14 95.76 -30.49
C GLN B 2092 7.91 95.13 -31.64
N SER B 2093 7.62 93.86 -31.98
CA SER B 2093 8.25 93.20 -33.13
C SER B 2093 7.50 91.90 -33.41
N LEU B 2094 7.99 91.22 -34.45
CA LEU B 2094 7.34 90.03 -34.96
C LEU B 2094 7.50 88.85 -34.01
N GLN B 2095 8.70 88.67 -33.44
CA GLN B 2095 9.00 87.49 -32.65
C GLN B 2095 8.12 87.42 -31.39
N GLU B 2096 7.95 88.54 -30.69
CA GLU B 2096 7.05 88.55 -29.56
C GLU B 2096 5.58 88.59 -30.00
N LEU B 2097 5.33 89.15 -31.18
CA LEU B 2097 3.96 89.23 -31.70
C LEU B 2097 3.40 87.85 -31.96
N VAL B 2098 4.14 87.03 -32.72
CA VAL B 2098 3.67 85.72 -33.15
C VAL B 2098 3.44 84.82 -31.95
N SER B 2099 4.41 84.82 -31.02
CA SER B 2099 4.33 83.96 -29.85
C SER B 2099 3.13 84.34 -28.99
N HIS B 2100 2.88 85.65 -28.84
CA HIS B 2100 1.77 86.12 -28.03
CA HIS B 2100 1.77 86.12 -28.03
C HIS B 2100 0.44 85.74 -28.65
N MET B 2101 0.30 85.95 -29.96
CA MET B 2101 -0.99 85.68 -30.59
C MET B 2101 -1.24 84.19 -30.74
N VAL B 2102 -0.20 83.38 -30.95
CA VAL B 2102 -0.36 81.93 -31.02
C VAL B 2102 -0.82 81.39 -29.67
N VAL B 2103 -0.19 81.85 -28.57
CA VAL B 2103 -0.61 81.42 -27.24
C VAL B 2103 -2.02 81.90 -26.94
N ARG B 2104 -2.35 83.14 -27.31
CA ARG B 2104 -3.70 83.68 -27.08
C ARG B 2104 -4.75 82.89 -27.86
N TRP B 2105 -4.44 82.49 -29.10
CA TRP B 2105 -5.34 81.65 -29.88
C TRP B 2105 -5.55 80.31 -29.21
N ALA B 2106 -4.46 79.72 -28.71
CA ALA B 2106 -4.55 78.39 -28.12
C ALA B 2106 -5.38 78.42 -26.84
N GLN B 2107 -5.22 79.45 -26.02
CA GLN B 2107 -5.96 79.51 -24.76
C GLN B 2107 -7.36 80.10 -24.92
N GLU B 2108 -7.69 80.68 -26.07
CA GLU B 2108 -9.04 81.20 -26.25
C GLU B 2108 -10.07 80.11 -26.50
N ASP B 2109 -9.66 79.01 -27.13
CA ASP B 2109 -10.60 77.95 -27.47
C ASP B 2109 -9.83 76.67 -27.77
N TYR B 2110 -10.54 75.55 -27.64
CA TYR B 2110 -9.98 74.25 -27.97
C TYR B 2110 -9.90 74.14 -29.48
N VAL B 2111 -8.71 74.37 -30.02
CA VAL B 2111 -8.49 74.35 -31.47
C VAL B 2111 -8.71 72.96 -32.01
N GLN B 2112 -9.45 72.85 -33.11
CA GLN B 2112 -9.86 71.54 -33.59
C GLN B 2112 -9.08 71.07 -34.81
N SER B 2113 -8.74 71.97 -35.73
CA SER B 2113 -8.05 71.55 -36.95
C SER B 2113 -6.63 71.10 -36.68
N PRO B 2114 -6.28 69.85 -37.00
CA PRO B 2114 -4.90 69.36 -36.77
C PRO B 2114 -3.85 70.12 -37.54
N GLU B 2115 -4.18 70.57 -38.76
CA GLU B 2115 -3.21 71.32 -39.55
C GLU B 2115 -2.99 72.69 -38.96
N LEU B 2116 -4.05 73.29 -38.41
CA LEU B 2116 -3.93 74.59 -37.77
C LEU B 2116 -3.06 74.49 -36.53
N VAL B 2117 -3.27 73.43 -35.73
CA VAL B 2117 -2.49 73.20 -34.53
C VAL B 2117 -1.01 72.99 -34.87
N ARG B 2118 -0.75 72.20 -35.91
CA ARG B 2118 0.63 71.95 -36.34
C ARG B 2118 1.30 73.22 -36.85
N ALA B 2119 0.54 74.06 -37.58
CA ALA B 2119 1.09 75.29 -38.12
C ALA B 2119 1.42 76.28 -37.00
N MET B 2120 0.54 76.39 -36.00
CA MET B 2120 0.80 77.40 -34.98
C MET B 2120 1.92 76.94 -34.06
N PHE B 2121 1.98 75.64 -33.76
CA PHE B 2121 3.05 75.22 -32.85
C PHE B 2121 4.38 75.14 -33.58
N SER B 2122 4.39 75.08 -34.92
CA SER B 2122 5.64 75.23 -35.64
C SER B 2122 6.11 76.68 -35.63
N LEU B 2123 5.16 77.62 -35.76
CA LEU B 2123 5.53 79.04 -35.66
C LEU B 2123 6.07 79.36 -34.28
N LEU B 2124 5.41 78.84 -33.24
CA LEU B 2124 5.83 79.11 -31.87
C LEU B 2124 7.20 78.54 -31.60
N HIS B 2125 7.47 77.32 -32.12
CA HIS B 2125 8.77 76.71 -31.91
C HIS B 2125 9.86 77.52 -32.59
N ARG B 2126 9.56 78.10 -33.77
CA ARG B 2126 10.57 78.89 -34.45
C ARG B 2126 10.89 80.17 -33.68
N GLN B 2127 9.85 80.83 -33.15
CA GLN B 2127 10.08 82.10 -32.45
C GLN B 2127 10.86 81.87 -31.18
N TYR B 2128 10.52 80.83 -30.41
CA TYR B 2128 11.30 80.58 -29.21
C TYR B 2128 12.70 80.14 -29.56
N ASP B 2129 12.84 79.14 -30.44
CA ASP B 2129 14.17 78.68 -30.85
C ASP B 2129 14.61 79.43 -32.11
N GLY B 2130 14.72 80.75 -31.98
CA GLY B 2130 15.11 81.61 -33.08
C GLY B 2130 16.50 81.29 -33.61
N LEU B 2131 17.43 80.98 -32.71
CA LEU B 2131 18.79 80.63 -33.12
C LEU B 2131 18.88 79.22 -33.71
N GLY B 2132 18.04 78.29 -33.25
CA GLY B 2132 18.09 76.93 -33.76
C GLY B 2132 17.74 76.81 -35.23
N GLU B 2133 16.70 77.52 -35.67
CA GLU B 2133 16.33 77.49 -37.08
C GLU B 2133 17.42 78.11 -37.95
N LEU B 2134 18.11 79.14 -37.43
CA LEU B 2134 19.26 79.68 -38.15
C LEU B 2134 20.36 78.64 -38.23
N LEU B 2135 20.62 77.95 -37.12
CA LEU B 2135 21.70 76.95 -37.08
C LEU B 2135 21.41 75.83 -38.05
N ARG B 2136 20.13 75.48 -38.21
CA ARG B 2136 19.75 74.46 -39.17
C ARG B 2136 19.66 75.03 -40.57
N ALA B 2137 19.80 76.35 -40.73
CA ALA B 2137 19.72 76.97 -42.04
C ALA B 2137 21.09 77.20 -42.64
N LEU B 2138 22.14 77.33 -41.81
CA LEU B 2138 23.50 77.48 -42.35
C LEU B 2138 23.97 76.37 -43.29
N PRO B 2139 23.73 75.06 -43.06
CA PRO B 2139 24.23 74.05 -44.03
C PRO B 2139 23.76 74.24 -45.46
N ARG B 2140 22.60 74.85 -45.68
CA ARG B 2140 22.13 75.14 -47.02
C ARG B 2140 22.56 76.52 -47.51
N ALA B 2141 23.25 77.28 -46.68
CA ALA B 2141 23.76 78.59 -47.11
C ALA B 2141 25.09 78.41 -47.83
N TYR B 2142 25.36 79.32 -48.77
CA TYR B 2142 26.55 79.23 -49.60
C TYR B 2142 26.78 80.58 -50.26
N THR B 2143 28.06 80.89 -50.51
CA THR B 2143 28.45 82.13 -51.17
C THR B 2143 29.21 81.81 -52.44
N ILE B 2144 28.91 82.56 -53.51
CA ILE B 2144 29.54 82.35 -54.81
C ILE B 2144 30.07 83.68 -55.35
N SER B 2145 31.00 83.56 -56.28
CA SER B 2145 31.61 84.72 -56.91
C SER B 2145 30.60 85.46 -57.76
N PRO B 2146 30.68 86.80 -57.81
CA PRO B 2146 29.72 87.57 -58.64
C PRO B 2146 29.79 87.28 -60.13
N SER B 2147 30.88 86.71 -60.62
CA SER B 2147 31.02 86.39 -62.04
C SER B 2147 30.40 85.05 -62.43
N SER B 2148 29.80 84.31 -61.49
CA SER B 2148 29.21 83.01 -61.77
C SER B 2148 27.71 82.96 -61.58
N VAL B 2149 27.06 84.12 -61.43
CA VAL B 2149 25.62 84.14 -61.19
C VAL B 2149 24.84 83.71 -62.43
N GLU B 2150 25.24 84.19 -63.62
CA GLU B 2150 24.48 83.86 -64.82
C GLU B 2150 24.56 82.37 -65.17
N ASP B 2151 25.62 81.68 -64.76
CA ASP B 2151 25.69 80.24 -64.88
C ASP B 2151 24.87 79.55 -63.80
N THR B 2152 24.88 80.15 -62.60
CA THR B 2152 24.11 79.59 -61.49
C THR B 2152 22.63 79.62 -61.79
N MET B 2153 22.15 80.71 -62.41
CA MET B 2153 20.74 80.84 -62.77
C MET B 2153 20.29 79.69 -63.66
N SER B 2154 21.09 79.39 -64.70
CA SER B 2154 20.79 78.26 -65.60
C SER B 2154 20.81 76.93 -64.86
N LEU B 2155 21.68 76.83 -63.85
CA LEU B 2155 21.76 75.59 -63.07
C LEU B 2155 20.50 75.46 -62.21
N LEU B 2156 20.10 76.54 -61.55
CA LEU B 2156 18.91 76.53 -60.71
C LEU B 2156 17.66 76.25 -61.53
N GLU B 2157 17.57 76.82 -62.73
CA GLU B 2157 16.44 76.54 -63.63
C GLU B 2157 16.36 75.06 -63.99
N CYS B 2158 17.50 74.44 -64.32
CA CYS B 2158 17.48 73.01 -64.63
C CYS B 2158 17.17 72.18 -63.40
N LEU B 2159 17.67 72.60 -62.23
CA LEU B 2159 17.35 71.88 -61.00
C LEU B 2159 15.86 71.99 -60.69
N GLY B 2160 15.26 73.17 -60.93
CA GLY B 2160 13.84 73.32 -60.73
C GLY B 2160 13.04 72.44 -61.67
N GLN B 2161 13.55 72.22 -62.88
CA GLN B 2161 12.90 71.28 -63.80
C GLN B 2161 12.94 69.87 -63.24
N ILE B 2162 14.09 69.48 -62.67
CA ILE B 2162 14.20 68.14 -62.11
C ILE B 2162 13.30 67.99 -60.88
N ARG B 2163 13.32 68.98 -59.98
CA ARG B 2163 12.47 68.99 -58.79
C ARG B 2163 10.99 68.92 -59.15
N SER B 2164 10.59 69.50 -60.29
CA SER B 2164 9.20 69.47 -60.68
C SER B 2164 8.74 68.08 -61.12
N LEU B 2165 9.67 67.17 -61.37
CA LEU B 2165 9.36 65.82 -61.80
C LEU B 2165 9.12 64.86 -60.64
N LEU B 2166 9.32 65.30 -59.40
CA LEU B 2166 9.07 64.46 -58.23
C LEU B 2166 7.60 64.24 -57.94
N ILE B 2167 6.69 64.96 -58.61
CA ILE B 2167 5.28 64.92 -58.31
C ILE B 2167 4.46 64.47 -59.51
N VAL B 2168 5.11 64.03 -60.58
CA VAL B 2168 4.45 63.66 -61.81
C VAL B 2168 4.94 62.28 -62.25
N GLN B 2169 4.01 61.46 -62.74
CA GLN B 2169 4.39 60.18 -63.32
C GLN B 2169 5.19 60.42 -64.58
N MET B 2170 6.25 59.64 -64.76
CA MET B 2170 7.15 59.85 -65.89
C MET B 2170 6.53 59.39 -67.19
N GLY B 2171 6.72 60.21 -68.22
CA GLY B 2171 6.28 59.89 -69.55
C GLY B 2171 7.31 60.32 -70.57
N PRO B 2172 7.02 60.08 -71.86
CA PRO B 2172 7.94 60.49 -72.93
C PRO B 2172 8.23 61.98 -72.96
N GLN B 2173 7.23 62.81 -72.67
CA GLN B 2173 7.41 64.26 -72.66
C GLN B 2173 8.40 64.69 -71.58
N GLU B 2174 8.25 64.14 -70.37
CA GLU B 2174 9.14 64.52 -69.28
C GLU B 2174 10.52 63.90 -69.45
N GLU B 2175 10.58 62.76 -70.16
CA GLU B 2175 11.83 62.05 -70.37
C GLU B 2175 12.83 62.90 -71.14
N ASN B 2176 12.38 63.52 -72.23
CA ASN B 2176 13.31 64.36 -72.97
C ASN B 2176 13.52 65.69 -72.27
N LEU B 2177 12.63 66.06 -71.34
CA LEU B 2177 12.78 67.29 -70.60
C LEU B 2177 13.96 67.17 -69.65
N MET B 2178 14.10 65.99 -69.05
CA MET B 2178 15.16 65.87 -68.07
C MET B 2178 16.45 65.35 -68.65
N ILE B 2179 16.42 64.62 -69.78
CA ILE B 2179 17.68 64.22 -70.39
C ILE B 2179 18.46 65.46 -70.85
N GLN B 2180 17.78 66.44 -71.44
CA GLN B 2180 18.44 67.69 -71.76
C GLN B 2180 18.70 68.54 -70.52
N SER B 2181 17.88 68.44 -69.47
CA SER B 2181 18.16 69.20 -68.25
C SER B 2181 19.45 68.70 -67.60
N ILE B 2182 19.62 67.37 -67.54
CA ILE B 2182 20.84 66.76 -67.02
C ILE B 2182 22.02 67.13 -67.89
N GLY B 2183 21.85 67.06 -69.22
CA GLY B 2183 22.92 67.41 -70.13
C GLY B 2183 23.35 68.86 -69.96
N ASN B 2184 22.40 69.75 -69.67
CA ASN B 2184 22.73 71.14 -69.38
C ASN B 2184 23.56 71.24 -68.10
N ILE B 2185 23.25 70.40 -67.11
CA ILE B 2185 24.06 70.41 -65.88
C ILE B 2185 25.48 69.96 -66.17
N MET B 2186 25.64 68.90 -66.97
CA MET B 2186 26.99 68.47 -67.38
C MET B 2186 27.70 69.58 -68.13
N ASN B 2187 26.99 70.27 -69.02
CA ASN B 2187 27.58 71.38 -69.77
C ASN B 2187 27.84 72.61 -68.89
N ASN B 2188 27.34 72.63 -67.66
CA ASN B 2188 27.53 73.78 -66.78
C ASN B 2188 28.84 73.61 -66.00
N LYS B 2189 29.66 74.66 -66.01
CA LYS B 2189 30.95 74.64 -65.35
C LYS B 2189 30.86 74.73 -63.83
N VAL B 2190 29.76 75.25 -63.28
CA VAL B 2190 29.61 75.35 -61.83
C VAL B 2190 29.47 73.97 -61.21
N PHE B 2191 28.94 73.01 -61.97
CA PHE B 2191 28.80 71.62 -61.53
C PHE B 2191 30.15 70.98 -61.22
N TYR B 2192 31.24 71.50 -61.80
CA TYR B 2192 32.58 71.02 -61.53
C TYR B 2192 33.31 71.95 -60.55
N GLN B 2193 33.09 73.25 -60.67
CA GLN B 2193 33.80 74.22 -59.83
C GLN B 2193 33.38 74.12 -58.37
N HIS B 2194 32.09 73.84 -58.12
CA HIS B 2194 31.57 73.79 -56.76
C HIS B 2194 30.83 72.48 -56.51
N PRO B 2195 31.56 71.37 -56.29
CA PRO B 2195 30.89 70.13 -55.89
C PRO B 2195 30.17 70.23 -54.56
N ASN B 2196 30.66 71.09 -53.66
CA ASN B 2196 30.02 71.30 -52.36
C ASN B 2196 28.62 71.87 -52.53
N LEU B 2197 28.46 72.83 -53.44
CA LEU B 2197 27.16 73.45 -53.69
C LEU B 2197 26.13 72.46 -54.21
N MET B 2198 26.51 71.58 -55.15
CA MET B 2198 25.62 70.52 -55.61
C MET B 2198 25.20 69.59 -54.48
N ARG B 2199 26.09 69.37 -53.51
CA ARG B 2199 25.74 68.54 -52.37
C ARG B 2199 24.81 69.28 -51.44
N ALA B 2200 24.97 70.60 -51.32
CA ALA B 2200 24.05 71.35 -50.48
C ALA B 2200 22.68 71.42 -51.12
N LEU B 2201 22.63 71.55 -52.46
CA LEU B 2201 21.36 71.54 -53.15
C LEU B 2201 20.70 70.17 -53.21
N GLY B 2202 21.43 69.11 -52.86
CA GLY B 2202 20.86 67.77 -52.95
C GLY B 2202 20.48 67.31 -54.34
N MET B 2203 21.31 67.62 -55.34
CA MET B 2203 21.01 67.26 -56.72
C MET B 2203 20.97 65.75 -56.92
N HIS B 2204 21.93 65.04 -56.31
CA HIS B 2204 22.00 63.59 -56.43
C HIS B 2204 20.80 62.92 -55.78
N GLU B 2205 20.31 63.50 -54.68
CA GLU B 2205 19.13 62.95 -54.00
C GLU B 2205 17.92 62.97 -54.91
N THR B 2206 17.67 64.11 -55.56
CA THR B 2206 16.52 64.24 -56.44
C THR B 2206 16.63 63.32 -57.64
N VAL B 2207 17.84 63.22 -58.22
CA VAL B 2207 18.04 62.34 -59.37
C VAL B 2207 17.85 60.88 -58.95
N MET B 2208 18.26 60.55 -57.72
CA MET B 2208 18.04 59.23 -57.16
C MET B 2208 16.56 58.91 -57.07
N GLU B 2209 15.77 59.81 -56.46
CA GLU B 2209 14.35 59.54 -56.27
C GLU B 2209 13.62 59.42 -57.60
N VAL B 2210 14.03 60.25 -58.58
CA VAL B 2210 13.45 60.17 -59.93
C VAL B 2210 13.73 58.80 -60.54
N MET B 2211 14.97 58.33 -60.43
CA MET B 2211 15.32 57.02 -60.97
C MET B 2211 14.57 55.90 -60.25
N VAL B 2212 14.53 55.96 -58.92
CA VAL B 2212 13.92 54.91 -58.11
C VAL B 2212 12.43 54.77 -58.41
N ASN B 2213 11.75 55.89 -58.65
CA ASN B 2213 10.32 55.85 -58.97
C ASN B 2213 10.07 55.09 -60.27
N VAL B 2214 10.91 55.35 -61.29
CA VAL B 2214 10.77 54.67 -62.57
C VAL B 2214 11.12 53.20 -62.44
N LEU B 2215 12.16 52.87 -61.66
CA LEU B 2215 12.47 51.47 -61.39
C LEU B 2215 11.33 50.76 -60.68
N GLY B 2216 10.63 51.48 -59.79
CA GLY B 2216 9.45 50.92 -59.15
C GLY B 2216 8.34 50.65 -60.14
N GLY B 2217 8.14 51.57 -61.09
CA GLY B 2217 7.16 51.37 -62.14
C GLY B 2217 7.55 50.22 -63.05
N GLY B 2218 6.69 49.22 -63.18
CA GLY B 2218 7.03 48.02 -63.93
C GLY B 2218 8.20 47.25 -63.34
N GLU B 2219 8.23 47.13 -62.00
CA GLU B 2219 9.33 46.51 -61.28
C GLU B 2219 9.43 45.00 -61.52
N THR B 2220 8.43 44.38 -62.12
CA THR B 2220 8.46 42.94 -62.38
C THR B 2220 8.48 42.61 -63.86
N LYS B 2221 7.67 43.29 -64.68
CA LYS B 2221 7.59 42.93 -66.09
C LYS B 2221 8.78 43.46 -66.89
N GLU B 2222 8.95 44.78 -66.95
CA GLU B 2222 10.00 45.44 -67.71
C GLU B 2222 10.07 46.89 -67.27
N ILE B 2223 11.28 47.44 -67.26
CA ILE B 2223 11.51 48.82 -66.82
C ILE B 2223 11.33 49.76 -68.02
N ARG B 2224 10.22 50.48 -68.02
CA ARG B 2224 9.92 51.41 -69.09
C ARG B 2224 10.83 52.64 -68.97
N PHE B 2225 11.12 53.27 -70.11
CA PHE B 2225 12.03 54.41 -70.34
C PHE B 2225 13.48 54.08 -69.96
N PRO B 2226 14.15 53.13 -70.63
CA PRO B 2226 15.56 52.85 -70.28
C PRO B 2226 16.52 53.97 -70.64
N LYS B 2227 16.21 54.78 -71.66
CA LYS B 2227 17.11 55.83 -72.10
C LYS B 2227 17.32 56.89 -71.03
N MET B 2228 16.29 57.17 -70.25
CA MET B 2228 16.43 58.17 -69.21
C MET B 2228 17.20 57.58 -68.02
N VAL B 2229 16.93 56.30 -67.71
CA VAL B 2229 17.58 55.65 -66.58
C VAL B 2229 19.09 55.59 -66.78
N THR B 2230 19.52 55.26 -68.00
CA THR B 2230 20.96 55.22 -68.24
C THR B 2230 21.59 56.60 -68.30
N SER B 2231 20.78 57.66 -68.36
CA SER B 2231 21.30 59.02 -68.34
C SER B 2231 21.40 59.52 -66.92
N CYS B 2232 20.49 59.08 -66.07
CA CYS B 2232 20.60 59.41 -64.66
C CYS B 2232 21.77 58.66 -64.05
N CYS B 2233 21.90 57.37 -64.35
CA CYS B 2233 23.02 56.58 -63.84
C CYS B 2233 24.36 57.11 -64.37
N ARG B 2234 24.42 57.52 -65.65
CA ARG B 2234 25.61 58.17 -66.18
C ARG B 2234 25.94 59.46 -65.44
N PHE B 2235 24.91 60.26 -65.15
CA PHE B 2235 25.11 61.49 -64.38
C PHE B 2235 25.61 61.19 -62.98
N LEU B 2236 25.04 60.18 -62.32
CA LEU B 2236 25.44 59.84 -60.96
C LEU B 2236 26.88 59.37 -60.92
N CYS B 2237 27.29 58.56 -61.91
CA CYS B 2237 28.69 58.12 -61.97
C CYS B 2237 29.63 59.31 -62.18
N TYR B 2238 29.24 60.24 -63.06
CA TYR B 2238 30.04 61.45 -63.23
C TYR B 2238 30.04 62.30 -61.97
N PHE B 2239 28.97 62.22 -61.17
CA PHE B 2239 28.93 62.92 -59.90
C PHE B 2239 29.88 62.30 -58.90
N CYS B 2240 30.03 60.96 -58.95
CA CYS B 2240 30.94 60.29 -58.04
C CYS B 2240 32.37 60.62 -58.37
N ARG B 2241 32.67 60.78 -59.66
CA ARG B 2241 34.06 60.97 -60.05
C ARG B 2241 34.57 62.38 -59.78
N ILE B 2242 33.71 63.33 -59.39
CA ILE B 2242 34.16 64.70 -59.16
C ILE B 2242 35.07 64.80 -57.93
N SER B 2243 34.66 64.20 -56.82
CA SER B 2243 35.44 64.29 -55.59
C SER B 2243 35.07 63.15 -54.66
N ARG B 2244 35.92 62.95 -53.65
CA ARG B 2244 35.69 61.92 -52.66
C ARG B 2244 34.46 62.22 -51.81
N GLN B 2245 34.26 63.49 -51.44
CA GLN B 2245 33.10 63.88 -50.65
C GLN B 2245 31.80 63.59 -51.38
N ASN B 2246 31.76 63.86 -52.69
CA ASN B 2246 30.62 63.45 -53.50
C ASN B 2246 30.48 61.94 -53.50
N GLN B 2247 31.61 61.23 -53.61
CA GLN B 2247 31.62 59.78 -53.56
C GLN B 2247 31.20 59.28 -52.18
N ARG B 2248 31.69 59.92 -51.12
CA ARG B 2248 31.33 59.51 -49.76
C ARG B 2248 29.85 59.72 -49.50
N SER B 2249 29.30 60.86 -49.95
CA SER B 2249 27.88 61.13 -49.82
C SER B 2249 27.06 60.11 -50.59
N MET B 2250 27.51 59.76 -51.80
CA MET B 2250 26.88 58.71 -52.59
C MET B 2250 26.96 57.35 -51.93
N PHE B 2251 27.96 57.13 -51.07
CA PHE B 2251 28.15 55.81 -50.47
C PHE B 2251 27.04 55.45 -49.49
N ASP B 2252 26.49 56.45 -48.79
CA ASP B 2252 25.45 56.20 -47.79
C ASP B 2252 24.20 55.55 -48.37
N HIS B 2253 23.94 55.73 -49.66
CA HIS B 2253 22.80 55.12 -50.34
C HIS B 2253 23.14 53.80 -51.01
N LEU B 2254 24.21 53.12 -50.55
CA LEU B 2254 24.62 51.86 -51.16
C LEU B 2254 23.54 50.79 -51.03
N SER B 2255 23.02 50.59 -49.82
CA SER B 2255 21.94 49.63 -49.58
C SER B 2255 20.69 50.01 -50.36
N TYR B 2256 20.42 51.31 -50.47
CA TYR B 2256 19.30 51.82 -51.25
C TYR B 2256 19.46 51.45 -52.73
N LEU B 2257 20.68 51.58 -53.26
CA LEU B 2257 20.91 51.26 -54.67
C LEU B 2257 20.83 49.76 -54.91
N LEU B 2258 21.34 48.96 -53.96
CA LEU B 2258 21.45 47.52 -54.17
C LEU B 2258 20.09 46.87 -54.31
N GLU B 2259 19.12 47.22 -53.45
CA GLU B 2259 17.85 46.54 -53.52
C GLU B 2259 17.02 47.00 -54.71
N ASN B 2260 17.36 48.16 -55.30
CA ASN B 2260 16.72 48.58 -56.53
C ASN B 2260 17.48 48.11 -57.77
N SER B 2261 18.63 47.48 -57.59
CA SER B 2261 19.46 47.10 -58.74
C SER B 2261 19.23 45.65 -59.16
N GLY B 2262 18.22 44.99 -58.58
CA GLY B 2262 17.99 43.59 -58.86
C GLY B 2262 17.38 43.28 -60.21
N ILE B 2263 16.86 44.29 -60.90
CA ILE B 2263 16.12 44.07 -62.14
C ILE B 2263 16.72 44.80 -63.33
N GLY B 2264 17.46 45.90 -63.12
CA GLY B 2264 17.90 46.78 -64.19
C GLY B 2264 18.97 46.23 -65.09
N LEU B 2265 19.57 45.09 -64.75
CA LEU B 2265 20.70 44.55 -65.50
C LEU B 2265 20.34 44.10 -66.91
N GLY B 2266 19.05 43.88 -67.19
CA GLY B 2266 18.64 43.65 -68.57
C GLY B 2266 18.89 44.88 -69.42
N MET B 2267 18.61 46.05 -68.87
CA MET B 2267 18.90 47.32 -69.51
C MET B 2267 20.42 47.46 -69.66
N GLN B 2268 20.85 47.92 -70.83
CA GLN B 2268 22.26 47.97 -71.18
CA GLN B 2268 22.26 47.97 -71.18
C GLN B 2268 22.83 49.38 -71.13
N GLY B 2269 24.04 49.50 -70.61
CA GLY B 2269 24.69 50.79 -70.46
C GLY B 2269 25.09 51.10 -69.04
N SER B 2270 24.54 52.17 -68.48
CA SER B 2270 24.82 52.53 -67.10
C SER B 2270 23.63 52.11 -66.25
N THR B 2271 23.80 51.07 -65.49
CA THR B 2271 22.77 50.45 -64.67
C THR B 2271 22.78 51.08 -63.27
N PRO B 2272 21.72 50.90 -62.47
CA PRO B 2272 21.80 51.35 -61.07
C PRO B 2272 22.89 50.67 -60.26
N LEU B 2273 23.31 49.47 -60.66
CA LEU B 2273 24.45 48.84 -60.00
C LEU B 2273 25.74 49.58 -60.29
N ASP B 2274 25.90 50.09 -61.52
CA ASP B 2274 27.12 50.80 -61.90
C ASP B 2274 27.31 52.06 -61.06
N VAL B 2275 26.21 52.65 -60.59
CA VAL B 2275 26.29 53.76 -59.65
C VAL B 2275 26.93 53.32 -58.35
N ALA B 2276 26.52 52.14 -57.86
CA ALA B 2276 27.10 51.58 -56.64
C ALA B 2276 28.58 51.28 -56.83
N ALA B 2277 28.94 50.74 -58.01
CA ALA B 2277 30.33 50.44 -58.31
C ALA B 2277 31.18 51.70 -58.34
N ALA B 2278 30.68 52.75 -59.00
CA ALA B 2278 31.42 54.01 -59.00
C ALA B 2278 31.34 54.71 -57.65
N SER B 2279 30.42 54.31 -56.79
CA SER B 2279 30.31 54.89 -55.47
C SER B 2279 31.39 54.40 -54.53
N VAL B 2280 32.04 53.28 -54.85
CA VAL B 2280 33.03 52.70 -53.95
C VAL B 2280 34.32 52.46 -54.72
N ILE B 2281 34.40 52.95 -55.97
CA ILE B 2281 35.57 52.66 -56.81
C ILE B 2281 36.82 53.31 -56.22
N ASP B 2282 37.87 52.50 -56.05
CA ASP B 2282 39.23 52.93 -55.72
C ASP B 2282 39.31 53.81 -54.48
N ASN B 2283 38.58 53.44 -53.44
CA ASN B 2283 38.63 54.18 -52.19
C ASN B 2283 38.76 53.20 -51.03
N ASN B 2284 39.76 53.45 -50.18
CA ASN B 2284 40.11 52.54 -49.10
C ASN B 2284 39.07 52.57 -48.01
N GLU B 2285 38.83 53.74 -47.41
CA GLU B 2285 37.96 53.82 -46.24
C GLU B 2285 36.52 53.44 -46.60
N LEU B 2286 36.09 53.71 -47.84
CA LEU B 2286 34.76 53.30 -48.26
C LEU B 2286 34.69 51.79 -48.46
N ALA B 2287 35.73 51.21 -49.06
CA ALA B 2287 35.76 49.76 -49.24
C ALA B 2287 35.78 49.04 -47.90
N LEU B 2288 36.55 49.58 -46.94
CA LEU B 2288 36.57 49.02 -45.60
C LEU B 2288 35.23 49.17 -44.91
N ALA B 2289 34.59 50.34 -45.05
CA ALA B 2289 33.31 50.61 -44.42
C ALA B 2289 32.15 49.87 -45.06
N LEU B 2290 32.35 49.24 -46.21
CA LEU B 2290 31.29 48.52 -46.90
C LEU B 2290 30.76 47.38 -46.03
N GLN B 2291 29.48 47.48 -45.66
CA GLN B 2291 28.87 46.54 -44.72
C GLN B 2291 28.80 45.12 -45.28
N GLU B 2292 28.86 44.14 -44.37
CA GLU B 2292 28.79 42.74 -44.73
C GLU B 2292 27.43 42.38 -45.34
N GLN B 2293 26.35 42.96 -44.81
CA GLN B 2293 25.01 42.64 -45.30
C GLN B 2293 24.80 43.12 -46.73
N ASP B 2294 25.53 44.15 -47.16
CA ASP B 2294 25.46 44.58 -48.56
C ASP B 2294 26.02 43.51 -49.48
N LEU B 2295 27.14 42.89 -49.07
CA LEU B 2295 27.66 41.74 -49.79
C LEU B 2295 26.73 40.55 -49.70
N GLU B 2296 26.01 40.42 -48.57
CA GLU B 2296 25.03 39.34 -48.43
C GLU B 2296 23.92 39.50 -49.47
N LYS B 2297 23.48 40.73 -49.69
CA LYS B 2297 22.44 41.01 -50.68
C LYS B 2297 22.96 40.72 -52.07
N VAL B 2298 24.22 41.06 -52.33
CA VAL B 2298 24.79 40.88 -53.67
C VAL B 2298 24.95 39.39 -53.97
N VAL B 2299 25.49 38.62 -53.00
CA VAL B 2299 25.69 37.19 -53.23
C VAL B 2299 24.35 36.46 -53.36
N SER B 2300 23.33 36.87 -52.59
CA SER B 2300 22.01 36.28 -52.76
C SER B 2300 21.42 36.58 -54.13
N TYR B 2301 21.62 37.80 -54.63
CA TYR B 2301 21.25 38.13 -56.00
C TYR B 2301 22.02 37.28 -57.01
N LEU B 2302 23.31 37.07 -56.75
CA LEU B 2302 24.14 36.27 -57.64
C LEU B 2302 23.66 34.83 -57.65
N ALA B 2303 23.26 34.33 -56.48
CA ALA B 2303 22.76 32.96 -56.37
C ALA B 2303 21.49 32.80 -57.19
N GLY B 2304 20.60 33.80 -57.13
CA GLY B 2304 19.42 33.76 -57.97
C GLY B 2304 19.75 33.78 -59.45
N CYS B 2305 20.80 34.53 -59.81
CA CYS B 2305 21.25 34.56 -61.21
C CYS B 2305 21.77 33.20 -61.64
N GLY B 2306 22.48 32.52 -60.74
CA GLY B 2306 23.01 31.21 -61.02
C GLY B 2306 22.05 30.08 -60.77
N LEU B 2307 20.81 30.38 -60.41
CA LEU B 2307 19.84 29.33 -60.09
C LEU B 2307 18.59 29.41 -60.95
N GLN B 2308 18.21 30.59 -61.46
CA GLN B 2308 17.01 30.73 -62.27
C GLN B 2308 17.36 31.38 -63.60
N SER B 2309 16.56 31.06 -64.61
CA SER B 2309 16.71 31.68 -65.92
C SER B 2309 16.18 33.11 -65.92
N CYS B 2310 16.72 33.93 -66.82
CA CYS B 2310 16.28 35.31 -66.94
C CYS B 2310 15.00 35.37 -67.76
N PRO B 2311 13.88 35.85 -67.20
CA PRO B 2311 12.62 35.92 -67.97
C PRO B 2311 12.71 36.84 -69.18
N MET B 2312 13.49 37.92 -69.07
CA MET B 2312 13.68 38.83 -70.19
C MET B 2312 14.41 38.12 -71.32
N LEU B 2313 15.38 37.28 -70.98
CA LEU B 2313 16.05 36.50 -72.03
C LEU B 2313 15.11 35.45 -72.59
N LEU B 2314 14.21 34.91 -71.74
CA LEU B 2314 13.31 33.85 -72.17
C LEU B 2314 12.34 34.36 -73.23
N ALA B 2315 11.78 35.55 -73.01
CA ALA B 2315 10.73 36.08 -73.88
C ALA B 2315 11.21 36.40 -75.29
N LYS B 2316 12.52 36.59 -75.49
CA LYS B 2316 13.06 36.92 -76.80
C LYS B 2316 13.41 35.68 -77.63
N GLY B 2317 12.86 34.52 -77.29
CA GLY B 2317 13.09 33.32 -78.06
C GLY B 2317 14.44 32.66 -77.85
N TYR B 2318 15.13 32.99 -76.79
CA TYR B 2318 16.44 32.41 -76.48
C TYR B 2318 16.25 30.98 -75.96
N PRO B 2319 17.14 30.05 -76.34
CA PRO B 2319 17.11 28.72 -75.74
C PRO B 2319 17.34 28.81 -74.23
N ASP B 2320 16.66 27.94 -73.49
CA ASP B 2320 16.60 28.05 -72.05
C ASP B 2320 17.74 27.30 -71.38
N ILE B 2321 18.43 27.99 -70.46
CA ILE B 2321 19.37 27.37 -69.54
C ILE B 2321 18.94 27.79 -68.14
N GLY B 2322 19.26 26.95 -67.16
CA GLY B 2322 18.75 27.14 -65.81
C GLY B 2322 19.39 28.23 -64.97
N TRP B 2323 20.05 29.20 -65.59
CA TRP B 2323 20.74 30.26 -64.86
C TRP B 2323 21.00 31.44 -65.78
N ASN B 2324 21.30 32.59 -65.17
CA ASN B 2324 21.45 33.85 -65.90
C ASN B 2324 22.93 34.25 -65.90
N PRO B 2325 23.63 34.06 -67.03
CA PRO B 2325 25.05 34.44 -67.08
C PRO B 2325 25.29 35.94 -67.07
N CYS B 2326 24.53 36.70 -67.87
CA CYS B 2326 24.77 38.14 -67.96
C CYS B 2326 24.52 38.83 -66.63
N GLY B 2327 23.42 38.46 -65.95
CA GLY B 2327 23.14 39.03 -64.64
C GLY B 2327 24.19 38.62 -63.62
N GLY B 2328 24.67 37.37 -63.74
CA GLY B 2328 25.69 36.91 -62.81
C GLY B 2328 26.97 37.69 -63.01
N GLU B 2329 27.33 37.96 -64.28
CA GLU B 2329 28.54 38.71 -64.61
C GLU B 2329 28.45 40.13 -64.06
N ARG B 2330 27.29 40.77 -64.24
CA ARG B 2330 27.11 42.14 -63.79
C ARG B 2330 27.18 42.24 -62.26
N TYR B 2331 26.81 41.18 -61.54
CA TYR B 2331 27.06 41.19 -60.10
C TYR B 2331 28.52 40.91 -59.77
N LEU B 2332 29.16 40.07 -60.59
CA LEU B 2332 30.54 39.66 -60.32
C LEU B 2332 31.50 40.83 -60.50
N ASP B 2333 31.37 41.59 -61.59
CA ASP B 2333 32.30 42.69 -61.81
C ASP B 2333 32.16 43.78 -60.74
N PHE B 2334 30.98 43.89 -60.13
CA PHE B 2334 30.82 44.79 -58.99
C PHE B 2334 31.60 44.27 -57.80
N LEU B 2335 31.46 42.96 -57.51
CA LEU B 2335 32.26 42.38 -56.43
C LEU B 2335 33.76 42.51 -56.70
N ARG B 2336 34.15 42.41 -57.98
CA ARG B 2336 35.52 42.68 -58.41
C ARG B 2336 35.93 44.09 -58.03
N PHE B 2337 35.00 45.05 -58.13
CA PHE B 2337 35.36 46.41 -57.79
C PHE B 2337 35.40 46.59 -56.29
N ALA B 2338 34.65 45.75 -55.57
CA ALA B 2338 34.53 45.87 -54.12
C ALA B 2338 35.74 45.31 -53.40
N VAL B 2339 36.38 44.28 -53.93
CA VAL B 2339 37.44 43.58 -53.19
C VAL B 2339 38.84 43.93 -53.70
N PHE B 2340 38.96 44.91 -54.59
CA PHE B 2340 40.26 45.24 -55.18
C PHE B 2340 40.38 46.75 -55.34
N VAL B 2341 41.12 47.38 -54.43
CA VAL B 2341 41.27 48.84 -54.41
C VAL B 2341 42.75 49.18 -54.59
N ASN B 2342 43.04 50.00 -55.61
CA ASN B 2342 44.36 50.54 -55.91
C ASN B 2342 45.40 49.46 -56.19
N GLY B 2343 44.96 48.31 -56.70
CA GLY B 2343 45.86 47.22 -57.00
C GLY B 2343 46.19 46.30 -55.85
N GLU B 2344 45.71 46.59 -54.65
CA GLU B 2344 45.96 45.76 -53.48
C GLU B 2344 44.64 45.23 -52.95
N SER B 2345 44.55 43.91 -52.80
CA SER B 2345 43.32 43.28 -52.34
C SER B 2345 42.97 43.71 -50.91
N VAL B 2346 41.68 43.90 -50.67
CA VAL B 2346 41.19 44.20 -49.33
C VAL B 2346 40.90 42.88 -48.66
N GLU B 2347 41.68 42.55 -47.62
CA GLU B 2347 41.66 41.21 -47.03
C GLU B 2347 40.31 40.89 -46.39
N GLU B 2348 39.74 41.86 -45.66
CA GLU B 2348 38.48 41.64 -44.95
C GLU B 2348 37.33 41.36 -45.91
N ASN B 2349 37.26 42.13 -46.99
CA ASN B 2349 36.18 41.92 -47.95
C ASN B 2349 36.44 40.69 -48.80
N ALA B 2350 37.72 40.36 -49.03
CA ALA B 2350 38.05 39.18 -49.80
C ALA B 2350 37.60 37.93 -49.05
N ASN B 2351 37.90 37.90 -47.74
CA ASN B 2351 37.55 36.74 -46.92
C ASN B 2351 36.04 36.62 -46.76
N VAL B 2352 35.35 37.76 -46.61
CA VAL B 2352 33.89 37.73 -46.47
C VAL B 2352 33.26 37.20 -47.75
N VAL B 2353 33.76 37.67 -48.91
CA VAL B 2353 33.19 37.28 -50.20
C VAL B 2353 33.40 35.79 -50.44
N VAL B 2354 34.62 35.29 -50.21
CA VAL B 2354 34.88 33.88 -50.46
C VAL B 2354 34.14 32.99 -49.45
N ARG B 2355 33.94 33.47 -48.22
CA ARG B 2355 33.15 32.70 -47.26
C ARG B 2355 31.69 32.63 -47.66
N LEU B 2356 31.16 33.72 -48.23
CA LEU B 2356 29.79 33.69 -48.70
C LEU B 2356 29.66 32.77 -49.91
N LEU B 2357 30.64 32.82 -50.80
CA LEU B 2357 30.59 32.01 -52.02
C LEU B 2357 30.66 30.53 -51.67
N ILE B 2358 31.54 30.15 -50.73
CA ILE B 2358 31.60 28.74 -50.37
C ILE B 2358 30.34 28.32 -49.64
N ARG B 2359 29.75 29.20 -48.81
CA ARG B 2359 28.50 28.87 -48.13
C ARG B 2359 27.32 28.72 -49.08
N LYS B 2360 27.40 29.31 -50.28
CA LYS B 2360 26.33 29.19 -51.27
C LYS B 2360 26.93 28.74 -52.59
N PRO B 2361 27.11 27.42 -52.77
CA PRO B 2361 27.79 26.90 -53.97
C PRO B 2361 27.09 27.19 -55.29
N GLU B 2362 25.79 27.49 -55.30
CA GLU B 2362 25.09 27.80 -56.54
C GLU B 2362 25.56 29.10 -57.18
N CYS B 2363 26.24 29.96 -56.41
CA CYS B 2363 26.82 31.18 -56.96
C CYS B 2363 27.90 30.88 -58.00
N PHE B 2364 28.56 29.73 -57.91
CA PHE B 2364 29.56 29.36 -58.89
C PHE B 2364 28.94 28.93 -60.21
N GLY B 2365 27.66 28.55 -60.22
CA GLY B 2365 27.00 28.19 -61.45
C GLY B 2365 26.65 26.72 -61.52
N PRO B 2366 26.25 26.25 -62.71
CA PRO B 2366 25.97 24.82 -62.87
C PRO B 2366 27.23 23.97 -62.75
N ALA B 2367 28.33 24.39 -63.39
CA ALA B 2367 29.62 23.79 -63.11
C ALA B 2367 30.09 24.21 -61.72
N LEU B 2368 31.13 23.53 -61.24
CA LEU B 2368 31.72 23.70 -59.90
C LEU B 2368 30.69 23.44 -58.80
N ARG B 2369 29.68 22.63 -59.10
CA ARG B 2369 28.65 22.29 -58.12
CA ARG B 2369 28.64 22.30 -58.12
C ARG B 2369 28.95 21.00 -57.37
N GLY B 2370 29.86 20.19 -57.88
CA GLY B 2370 30.18 18.92 -57.28
C GLY B 2370 29.38 17.81 -57.93
N GLU B 2371 28.40 17.27 -57.22
CA GLU B 2371 27.59 16.16 -57.73
C GLU B 2371 26.82 16.58 -58.99
N GLY B 2372 26.89 15.74 -60.02
CA GLY B 2372 26.21 15.97 -61.27
C GLY B 2372 26.69 17.15 -62.09
N GLY B 2373 27.81 17.76 -61.73
CA GLY B 2373 28.33 18.91 -62.46
C GLY B 2373 29.69 18.59 -63.05
N SER B 2374 29.93 19.08 -64.27
CA SER B 2374 31.20 18.88 -64.93
C SER B 2374 32.24 19.85 -64.37
N GLY B 2375 33.45 19.78 -64.92
CA GLY B 2375 34.49 20.68 -64.51
C GLY B 2375 34.36 22.05 -65.17
N LEU B 2376 35.18 22.98 -64.66
CA LEU B 2376 35.20 24.34 -65.20
C LEU B 2376 35.67 24.31 -66.64
N LEU B 2377 36.68 23.49 -66.92
CA LEU B 2377 37.16 23.29 -68.29
C LEU B 2377 36.06 22.75 -69.18
N ALA B 2378 35.38 21.69 -68.72
CA ALA B 2378 34.31 21.10 -69.53
C ALA B 2378 33.20 22.11 -69.79
N ALA B 2379 33.00 23.06 -68.86
CA ALA B 2379 32.05 24.13 -69.07
C ALA B 2379 32.58 25.12 -70.10
N ILE B 2380 33.89 25.17 -70.27
CA ILE B 2380 34.45 26.13 -71.20
C ILE B 2380 34.39 25.58 -72.61
N GLU B 2381 34.90 24.37 -72.85
CA GLU B 2381 34.76 23.79 -74.20
C GLU B 2381 33.30 23.60 -74.60
N GLU B 2382 32.41 23.30 -73.63
CA GLU B 2382 30.99 23.28 -73.90
C GLU B 2382 30.48 24.65 -74.35
N ALA B 2383 30.94 25.72 -73.68
CA ALA B 2383 30.50 27.05 -74.07
C ALA B 2383 31.11 27.47 -75.39
N ILE B 2384 32.36 27.07 -75.66
CA ILE B 2384 33.03 27.42 -76.92
C ILE B 2384 32.30 26.78 -78.09
N ARG B 2385 31.92 25.50 -77.94
CA ARG B 2385 31.13 24.83 -78.97
C ARG B 2385 29.76 25.48 -79.16
N ILE B 2386 29.10 25.87 -78.05
CA ILE B 2386 27.84 26.59 -78.15
C ILE B 2386 28.03 27.93 -78.85
N SER B 2387 29.12 28.63 -78.55
CA SER B 2387 29.41 29.92 -79.15
C SER B 2387 29.63 29.81 -80.65
N GLU B 2388 30.37 28.80 -81.09
CA GLU B 2388 30.63 28.61 -82.50
C GLU B 2388 29.50 27.92 -83.24
N ASP B 2389 28.55 27.31 -82.54
CA ASP B 2389 27.44 26.62 -83.16
C ASP B 2389 26.19 27.48 -83.01
N PRO B 2390 25.63 28.05 -84.09
CA PRO B 2390 24.37 28.78 -83.94
C PRO B 2390 23.18 27.88 -83.63
N ALA B 2391 21.98 28.48 -83.52
CA ALA B 2391 20.69 27.90 -83.10
C ALA B 2391 20.68 27.52 -81.61
N ARG B 2392 21.79 27.68 -80.90
CA ARG B 2392 21.86 27.58 -79.44
C ARG B 2392 22.53 28.78 -78.80
N ASP B 2393 23.38 29.51 -79.53
CA ASP B 2393 23.96 30.75 -79.01
C ASP B 2393 22.90 31.83 -78.82
N GLY B 2394 21.78 31.74 -79.54
CA GLY B 2394 20.70 32.67 -79.43
C GLY B 2394 19.53 32.22 -80.27
N PRO B 2395 18.47 33.05 -80.34
CA PRO B 2395 17.32 32.70 -81.19
C PRO B 2395 17.66 32.57 -82.66
N GLY B 2396 18.58 33.40 -83.16
CA GLY B 2396 19.04 33.35 -84.55
C GLY B 2396 17.96 33.62 -85.58
N VAL B 2397 17.07 34.57 -85.31
CA VAL B 2397 15.98 34.87 -86.23
C VAL B 2397 15.90 36.37 -86.49
N PRO B 2410 25.70 43.62 -83.77
CA PRO B 2410 24.72 42.62 -83.37
C PRO B 2410 23.38 42.79 -84.08
N PRO B 2411 22.66 41.69 -84.33
CA PRO B 2411 21.34 41.79 -84.99
C PRO B 2411 20.33 42.65 -84.24
N GLU B 2412 20.32 42.59 -82.91
CA GLU B 2412 19.46 43.44 -82.10
C GLU B 2412 20.22 44.65 -81.54
N GLU B 2413 21.45 44.88 -82.02
CA GLU B 2413 22.47 45.88 -81.68
C GLU B 2413 22.90 45.87 -80.21
N ASN B 2414 22.32 44.97 -79.40
CA ASN B 2414 22.69 44.67 -78.03
C ASN B 2414 22.53 43.19 -77.76
N ARG B 2415 22.65 42.38 -78.82
CA ARG B 2415 22.23 40.97 -78.82
C ARG B 2415 22.99 40.16 -77.80
N VAL B 2416 22.26 39.39 -77.00
CA VAL B 2416 22.87 38.51 -76.03
C VAL B 2416 23.29 37.22 -76.71
N HIS B 2417 24.47 36.72 -76.37
CA HIS B 2417 25.01 35.48 -76.92
C HIS B 2417 25.31 34.60 -75.72
N LEU B 2418 24.58 33.49 -75.59
CA LEU B 2418 24.76 32.58 -74.45
C LEU B 2418 26.15 31.96 -74.44
N GLY B 2419 26.71 31.69 -75.63
CA GLY B 2419 28.07 31.21 -75.72
C GLY B 2419 29.08 32.16 -75.13
N HIS B 2420 28.96 33.45 -75.45
CA HIS B 2420 29.90 34.42 -74.90
C HIS B 2420 29.59 34.73 -73.44
N ALA B 2421 28.31 34.68 -73.09
CA ALA B 2421 27.85 35.01 -71.74
C ALA B 2421 28.39 34.03 -70.72
N ILE B 2422 28.41 32.73 -71.05
CA ILE B 2422 28.85 31.72 -70.08
C ILE B 2422 30.34 31.87 -69.80
N MET B 2423 31.14 32.03 -70.85
CA MET B 2423 32.59 32.21 -70.70
C MET B 2423 32.90 33.50 -69.97
N SER B 2424 32.21 34.60 -70.30
CA SER B 2424 32.50 35.85 -69.62
C SER B 2424 32.07 35.80 -68.16
N PHE B 2425 31.01 35.05 -67.85
CA PHE B 2425 30.61 34.86 -66.45
C PHE B 2425 31.70 34.12 -65.69
N TYR B 2426 32.23 33.04 -66.28
CA TYR B 2426 33.25 32.28 -65.58
C TYR B 2426 34.56 33.07 -65.49
N ALA B 2427 34.86 33.87 -66.51
CA ALA B 2427 36.02 34.76 -66.46
C ALA B 2427 35.91 35.76 -65.33
N ALA B 2428 34.73 36.36 -65.16
CA ALA B 2428 34.51 37.28 -64.04
C ALA B 2428 34.59 36.57 -62.69
N LEU B 2429 34.07 35.35 -62.61
CA LEU B 2429 34.15 34.55 -61.38
C LEU B 2429 35.59 34.25 -61.00
N ILE B 2430 36.38 33.85 -61.99
CA ILE B 2430 37.79 33.54 -61.75
C ILE B 2430 38.56 34.80 -61.40
N ASP B 2431 38.31 35.90 -62.13
CA ASP B 2431 39.00 37.16 -61.86
C ASP B 2431 38.67 37.70 -60.48
N LEU B 2432 37.42 37.53 -60.04
CA LEU B 2432 37.02 37.88 -58.67
C LEU B 2432 37.76 37.03 -57.65
N LEU B 2433 37.87 35.72 -57.87
CA LEU B 2433 38.62 34.88 -56.94
C LEU B 2433 40.11 35.24 -56.94
N GLY B 2434 40.64 35.59 -58.12
CA GLY B 2434 42.03 35.99 -58.22
C GLY B 2434 42.29 37.25 -57.42
N ARG B 2435 41.38 38.21 -57.50
CA ARG B 2435 41.59 39.42 -56.71
C ARG B 2435 41.19 39.23 -55.26
N CYS B 2436 40.49 38.13 -54.94
CA CYS B 2436 40.21 37.78 -53.57
C CYS B 2436 41.39 37.05 -52.93
N ALA B 2437 42.35 36.60 -53.73
CA ALA B 2437 43.49 35.88 -53.18
C ALA B 2437 44.34 36.81 -52.31
N PRO B 2438 44.89 36.30 -51.20
CA PRO B 2438 45.68 37.16 -50.30
C PRO B 2438 46.97 37.65 -50.94
N GLU B 2439 47.42 38.81 -50.46
CA GLU B 2439 48.69 39.38 -50.92
C GLU B 2439 49.86 38.48 -50.57
N MET B 2440 50.92 38.57 -51.37
CA MET B 2440 52.08 37.70 -51.21
C MET B 2440 52.77 37.89 -49.86
N HIS B 2441 52.77 39.12 -49.31
CA HIS B 2441 53.47 39.37 -48.06
C HIS B 2441 52.77 38.70 -46.88
N LEU B 2442 51.45 38.50 -46.97
CA LEU B 2442 50.76 37.73 -45.94
C LEU B 2442 51.20 36.28 -45.96
N ILE B 2443 51.42 35.73 -47.15
CA ILE B 2443 51.89 34.36 -47.26
C ILE B 2443 53.32 34.24 -46.74
N GLN B 2444 54.16 35.24 -47.04
CA GLN B 2444 55.52 35.24 -46.51
C GLN B 2444 55.51 35.33 -44.99
N ALA B 2445 54.64 36.16 -44.44
CA ALA B 2445 54.44 36.19 -43.00
C ALA B 2445 53.78 34.93 -42.46
N GLY B 2446 53.23 34.08 -43.33
CA GLY B 2446 52.64 32.82 -42.93
C GLY B 2446 51.38 32.93 -42.09
N LYS B 2447 50.52 33.91 -42.38
CA LYS B 2447 49.28 34.04 -41.63
C LYS B 2447 48.35 32.86 -41.90
N GLY B 2448 47.67 32.43 -40.83
CA GLY B 2448 46.82 31.25 -40.90
C GLY B 2448 45.65 31.43 -41.84
N GLU B 2449 44.97 32.58 -41.74
CA GLU B 2449 43.79 32.81 -42.55
C GLU B 2449 44.17 32.94 -44.02
N ALA B 2450 45.30 33.59 -44.30
CA ALA B 2450 45.75 33.74 -45.68
C ALA B 2450 46.07 32.39 -46.31
N LEU B 2451 46.73 31.51 -45.55
CA LEU B 2451 47.02 30.17 -46.05
C LEU B 2451 45.73 29.37 -46.25
N ARG B 2452 44.80 29.46 -45.30
CA ARG B 2452 43.55 28.72 -45.39
C ARG B 2452 42.73 29.16 -46.60
N ILE B 2453 42.64 30.48 -46.82
CA ILE B 2453 41.88 31.01 -47.95
C ILE B 2453 42.51 30.61 -49.27
N ARG B 2454 43.84 30.73 -49.38
CA ARG B 2454 44.49 30.29 -50.61
C ARG B 2454 44.38 28.78 -50.81
N ALA B 2455 44.28 28.01 -49.72
CA ALA B 2455 44.05 26.57 -49.83
C ALA B 2455 42.66 26.29 -50.37
N ILE B 2456 41.69 27.13 -49.97
CA ILE B 2456 40.32 26.98 -50.47
C ILE B 2456 40.30 27.26 -51.96
N LEU B 2457 40.92 28.38 -52.37
CA LEU B 2457 40.90 28.76 -53.78
C LEU B 2457 41.59 27.71 -54.65
N ARG B 2458 42.65 27.09 -54.12
CA ARG B 2458 43.31 25.99 -54.82
C ARG B 2458 42.41 24.79 -54.96
N SER B 2459 41.67 24.44 -53.89
CA SER B 2459 40.74 23.32 -53.97
C SER B 2459 39.60 23.60 -54.94
N LEU B 2460 39.06 24.81 -54.91
CA LEU B 2460 37.94 25.17 -55.78
C LEU B 2460 38.35 25.18 -57.25
N VAL B 2461 39.49 25.76 -57.58
CA VAL B 2461 39.96 25.87 -58.95
C VAL B 2461 41.29 25.15 -59.07
N PRO B 2462 41.31 23.94 -59.62
CA PRO B 2462 42.59 23.23 -59.82
C PRO B 2462 43.46 23.90 -60.87
N LEU B 2463 44.78 23.75 -60.68
CA LEU B 2463 45.77 24.43 -61.52
C LEU B 2463 45.76 23.96 -62.97
N ASP B 2464 45.59 22.64 -63.17
CA ASP B 2464 45.70 22.05 -64.51
C ASP B 2464 44.63 22.59 -65.47
N ASP B 2465 43.39 22.74 -64.98
CA ASP B 2465 42.33 23.23 -65.83
C ASP B 2465 42.58 24.69 -66.20
N LEU B 2466 43.24 25.44 -65.30
CA LEU B 2466 43.63 26.81 -65.60
C LEU B 2466 44.61 26.83 -66.75
N VAL B 2467 45.61 25.94 -66.69
CA VAL B 2467 46.66 25.94 -67.72
C VAL B 2467 46.05 25.53 -69.06
N GLY B 2468 45.11 24.58 -69.03
CA GLY B 2468 44.45 24.16 -70.26
C GLY B 2468 43.67 25.28 -70.93
N ILE B 2469 42.93 26.06 -70.13
CA ILE B 2469 42.16 27.17 -70.68
C ILE B 2469 43.09 28.26 -71.21
N ILE B 2470 44.23 28.49 -70.53
CA ILE B 2470 45.25 29.39 -71.09
C ILE B 2470 45.77 28.82 -72.41
N SER B 2471 45.88 27.50 -72.49
CA SER B 2471 46.39 26.81 -73.66
C SER B 2471 45.39 26.76 -74.81
N LEU B 2472 44.14 27.15 -74.56
CA LEU B 2472 43.10 27.03 -75.58
C LEU B 2472 43.37 27.96 -76.75
N PRO B 2473 43.03 27.55 -77.98
CA PRO B 2473 43.26 28.41 -79.14
C PRO B 2473 42.26 29.56 -79.23
N LEU B 2474 42.67 30.57 -80.00
CA LEU B 2474 41.89 31.77 -80.23
C LEU B 2474 41.69 31.95 -81.73
N GLN B 2475 40.46 32.26 -82.14
CA GLN B 2475 40.15 32.53 -83.54
C GLN B 2475 40.86 33.80 -83.99
N ILE B 2476 41.82 33.65 -84.90
CA ILE B 2476 42.66 34.75 -85.36
C ILE B 2476 42.12 35.25 -86.70
N PRO B 2477 42.02 36.56 -86.89
CA PRO B 2477 41.57 37.08 -88.20
C PRO B 2477 42.51 36.66 -89.33
N THR B 2478 41.92 36.33 -90.47
CA THR B 2478 42.67 35.83 -91.61
C THR B 2478 42.58 36.81 -92.78
N LEU B 2479 43.71 37.01 -93.46
CA LEU B 2479 43.78 37.88 -94.62
C LEU B 2479 43.50 37.08 -95.88
N GLY B 2480 42.74 37.69 -96.79
CA GLY B 2480 42.40 37.04 -98.03
C GLY B 2480 41.13 37.63 -98.60
N LYS B 2481 40.58 36.92 -99.58
CA LYS B 2481 39.35 37.27 -100.31
C LYS B 2481 39.44 38.68 -100.87
N ASP B 2482 40.46 38.88 -101.70
CA ASP B 2482 40.76 40.16 -102.38
C ASP B 2482 40.95 41.30 -101.39
N GLY B 2483 41.71 41.03 -100.33
CA GLY B 2483 42.02 42.05 -99.34
C GLY B 2483 40.99 42.25 -98.25
N ALA B 2484 39.99 41.37 -98.14
CA ALA B 2484 38.97 41.51 -97.12
C ALA B 2484 39.50 40.98 -95.80
N LEU B 2485 39.72 41.89 -94.85
CA LEU B 2485 40.23 41.51 -93.52
C LEU B 2485 39.07 40.92 -92.73
N VAL B 2486 38.94 39.59 -92.80
CA VAL B 2486 37.85 38.90 -92.13
C VAL B 2486 38.19 38.78 -90.65
N GLN B 2487 37.27 39.21 -89.79
CA GLN B 2487 37.49 39.23 -88.35
C GLN B 2487 36.36 38.48 -87.66
N PRO B 2488 36.61 37.91 -86.49
CA PRO B 2488 35.53 37.19 -85.78
C PRO B 2488 34.58 38.16 -85.10
N LYS B 2489 33.48 37.59 -84.60
CA LYS B 2489 32.53 38.34 -83.78
C LYS B 2489 32.93 38.16 -82.32
N MET B 2490 33.75 39.10 -81.83
CA MET B 2490 34.24 39.08 -80.46
C MET B 2490 33.14 39.26 -79.42
N SER B 2491 31.95 39.69 -79.83
CA SER B 2491 30.81 39.74 -78.92
C SER B 2491 30.15 38.38 -78.74
N ALA B 2492 30.59 37.36 -79.50
CA ALA B 2492 30.02 36.03 -79.41
C ALA B 2492 31.07 34.94 -79.51
N SER B 2493 32.29 35.20 -79.03
CA SER B 2493 33.37 34.24 -79.20
C SER B 2493 34.35 34.38 -78.05
N PHE B 2494 35.36 33.51 -78.05
CA PHE B 2494 36.41 33.49 -77.04
C PHE B 2494 37.28 34.74 -77.20
N VAL B 2495 37.51 35.45 -76.11
CA VAL B 2495 38.22 36.72 -76.17
C VAL B 2495 39.47 36.62 -75.31
N PRO B 2496 40.49 37.44 -75.59
CA PRO B 2496 41.69 37.45 -74.72
C PRO B 2496 41.43 37.82 -73.27
N ASP B 2497 40.39 38.61 -72.97
CA ASP B 2497 40.11 38.99 -71.60
C ASP B 2497 39.71 37.82 -70.72
N HIS B 2498 39.16 36.75 -71.30
CA HIS B 2498 38.89 35.53 -70.54
C HIS B 2498 40.19 34.86 -70.12
N LYS B 2499 41.21 34.95 -70.99
CA LYS B 2499 42.50 34.40 -70.64
C LYS B 2499 43.20 35.28 -69.63
N ALA B 2500 43.08 36.61 -69.76
CA ALA B 2500 43.70 37.52 -68.80
C ALA B 2500 43.11 37.32 -67.41
N SER B 2501 41.82 36.96 -67.35
CA SER B 2501 41.20 36.59 -66.09
C SER B 2501 41.73 35.28 -65.57
N MET B 2502 42.10 34.35 -66.47
CA MET B 2502 42.63 33.08 -65.96
C MET B 2502 44.07 33.26 -65.47
N VAL B 2503 44.85 34.05 -66.21
CA VAL B 2503 46.26 34.30 -65.90
C VAL B 2503 46.38 34.99 -64.55
N LEU B 2504 45.46 35.91 -64.25
CA LEU B 2504 45.55 36.63 -62.98
C LEU B 2504 45.41 35.67 -61.80
N PHE B 2505 44.46 34.74 -61.90
CA PHE B 2505 44.22 33.76 -60.85
C PHE B 2505 45.43 32.86 -60.67
N LEU B 2506 46.04 32.43 -61.79
CA LEU B 2506 47.26 31.63 -61.71
C LEU B 2506 48.39 32.43 -61.06
N ASP B 2507 48.51 33.72 -61.40
CA ASP B 2507 49.56 34.57 -60.86
C ASP B 2507 49.41 34.75 -59.35
N ARG B 2508 48.18 34.94 -58.88
CA ARG B 2508 47.97 35.32 -57.49
C ARG B 2508 47.74 34.13 -56.55
N VAL B 2509 47.22 33.02 -57.04
CA VAL B 2509 46.93 31.89 -56.15
C VAL B 2509 48.07 30.91 -56.19
N TYR B 2510 48.34 30.34 -57.37
CA TYR B 2510 49.38 29.33 -57.49
C TYR B 2510 50.74 29.98 -57.66
N GLY B 2511 50.84 30.96 -58.55
CA GLY B 2511 52.08 31.62 -58.83
C GLY B 2511 52.99 30.73 -59.65
N ILE B 2512 54.21 31.21 -59.85
CA ILE B 2512 55.25 30.48 -60.58
C ILE B 2512 56.47 30.37 -59.68
N GLU B 2513 56.88 29.14 -59.37
CA GLU B 2513 57.98 28.92 -58.45
C GLU B 2513 59.16 28.23 -59.10
N ASN B 2514 58.90 27.28 -59.98
CA ASN B 2514 59.95 26.48 -60.61
C ASN B 2514 59.95 26.60 -62.14
N GLN B 2515 61.16 26.39 -62.68
CA GLN B 2515 61.42 26.67 -64.09
C GLN B 2515 60.64 25.74 -65.01
N ASP B 2516 60.59 24.44 -64.69
CA ASP B 2516 60.00 23.48 -65.63
C ASP B 2516 58.52 23.75 -65.84
N PHE B 2517 57.78 24.02 -64.75
CA PHE B 2517 56.37 24.39 -64.86
C PHE B 2517 56.21 25.74 -65.55
N LEU B 2518 57.15 26.68 -65.29
CA LEU B 2518 57.10 27.97 -65.98
C LEU B 2518 57.18 27.81 -67.50
N LEU B 2519 58.13 26.99 -67.96
CA LEU B 2519 58.27 26.73 -69.39
C LEU B 2519 57.09 25.92 -69.91
N HIS B 2520 56.52 25.06 -69.06
CA HIS B 2520 55.38 24.26 -69.50
C HIS B 2520 54.15 25.14 -69.67
N VAL B 2521 54.00 26.17 -68.84
CA VAL B 2521 52.89 27.09 -69.04
C VAL B 2521 53.12 27.89 -70.32
N LEU B 2522 54.38 28.26 -70.57
CA LEU B 2522 54.74 29.06 -71.73
C LEU B 2522 54.42 28.37 -73.06
N ASP B 2523 55.06 27.21 -73.30
CA ASP B 2523 55.02 26.60 -74.64
C ASP B 2523 53.64 26.13 -75.10
N VAL B 2524 52.66 26.03 -74.21
CA VAL B 2524 51.30 25.64 -74.56
C VAL B 2524 50.33 26.81 -74.42
N GLY B 2525 50.52 27.69 -73.42
CA GLY B 2525 49.57 28.72 -73.11
C GLY B 2525 49.93 30.13 -73.56
N PHE B 2526 51.21 30.51 -73.43
CA PHE B 2526 51.62 31.87 -73.78
C PHE B 2526 52.27 31.94 -75.15
N LEU B 2527 53.26 31.07 -75.40
CA LEU B 2527 54.03 31.12 -76.65
C LEU B 2527 53.17 31.11 -77.93
N PRO B 2528 52.09 30.32 -78.06
CA PRO B 2528 51.18 30.53 -79.21
C PRO B 2528 50.60 31.93 -79.24
N ASP B 2529 50.34 32.53 -78.08
CA ASP B 2529 49.69 33.84 -78.06
C ASP B 2529 50.65 34.91 -78.57
N MET B 2530 51.93 34.86 -78.12
CA MET B 2530 52.90 35.82 -78.64
C MET B 2530 53.15 35.64 -80.13
N ARG B 2531 53.22 34.39 -80.63
CA ARG B 2531 53.35 34.23 -82.09
C ARG B 2531 52.10 34.66 -82.84
N ALA B 2532 50.91 34.42 -82.28
CA ALA B 2532 49.67 34.89 -82.88
C ALA B 2532 49.62 36.41 -82.95
N ALA B 2533 50.06 37.11 -81.90
CA ALA B 2533 50.08 38.56 -82.02
C ALA B 2533 51.24 39.05 -82.88
N ALA B 2534 52.29 38.21 -83.03
CA ALA B 2534 53.41 38.56 -83.88
C ALA B 2534 52.95 38.63 -85.33
N SER B 2535 52.14 37.64 -85.73
CA SER B 2535 51.65 37.63 -87.10
C SER B 2535 50.70 38.81 -87.34
N LEU B 2536 49.85 39.11 -86.35
CA LEU B 2536 48.85 40.18 -86.48
C LEU B 2536 49.50 41.55 -86.56
N ASP B 2537 50.68 41.71 -85.96
CA ASP B 2537 51.39 42.98 -86.05
C ASP B 2537 51.96 43.14 -87.44
N THR B 2538 51.26 43.89 -88.29
CA THR B 2538 51.67 44.15 -89.67
C THR B 2538 50.95 45.40 -90.15
N ALA B 2539 51.09 45.70 -91.45
CA ALA B 2539 50.44 46.89 -92.00
C ALA B 2539 48.93 46.75 -92.13
N THR B 2540 48.37 45.56 -91.94
CA THR B 2540 46.95 45.33 -92.16
C THR B 2540 46.19 45.04 -90.86
N PHE B 2541 46.60 44.03 -90.11
CA PHE B 2541 45.85 43.57 -88.95
C PHE B 2541 46.13 44.32 -87.66
N SER B 2542 47.14 45.20 -87.62
CA SER B 2542 47.57 45.82 -86.37
C SER B 2542 46.48 46.68 -85.73
N THR B 2543 45.71 47.38 -86.56
CA THR B 2543 44.67 48.25 -86.05
C THR B 2543 43.35 47.53 -85.81
N THR B 2544 43.27 46.23 -86.07
CA THR B 2544 42.03 45.51 -85.87
C THR B 2544 41.75 45.30 -84.38
N GLU B 2545 40.50 44.90 -84.10
CA GLU B 2545 40.01 44.81 -82.73
C GLU B 2545 40.65 43.64 -81.99
N MET B 2546 40.81 42.51 -82.69
CA MET B 2546 41.40 41.34 -82.05
C MET B 2546 42.86 41.59 -81.72
N ALA B 2547 43.57 42.30 -82.62
CA ALA B 2547 44.96 42.63 -82.37
C ALA B 2547 45.11 43.56 -81.18
N LEU B 2548 44.23 44.58 -81.06
CA LEU B 2548 44.28 45.45 -79.88
C LEU B 2548 43.97 44.68 -78.61
N ALA B 2549 43.01 43.74 -78.68
CA ALA B 2549 42.68 42.92 -77.53
C ALA B 2549 43.87 42.08 -77.09
N LEU B 2550 44.59 41.51 -78.06
CA LEU B 2550 45.76 40.72 -77.76
C LEU B 2550 46.88 41.59 -77.20
N ASN B 2551 47.04 42.82 -77.71
CA ASN B 2551 48.05 43.74 -77.21
C ASN B 2551 47.82 44.06 -75.74
N ARG B 2552 46.58 44.41 -75.38
CA ARG B 2552 46.25 44.67 -73.99
C ARG B 2552 46.41 43.43 -73.13
N TYR B 2553 46.02 42.26 -73.67
CA TYR B 2553 46.13 41.00 -72.95
C TYR B 2553 47.57 40.63 -72.65
N LEU B 2554 48.47 40.88 -73.60
CA LEU B 2554 49.86 40.50 -73.35
C LEU B 2554 50.52 41.52 -72.44
N CYS B 2555 50.36 42.81 -72.76
CA CYS B 2555 51.06 43.87 -72.04
C CYS B 2555 50.52 44.11 -70.64
N LEU B 2556 49.39 43.48 -70.29
CA LEU B 2556 48.81 43.71 -68.99
C LEU B 2556 48.56 42.42 -68.23
N ALA B 2557 48.71 41.25 -68.87
CA ALA B 2557 48.43 40.02 -68.17
C ALA B 2557 49.58 39.03 -68.24
N VAL B 2558 50.30 38.96 -69.36
CA VAL B 2558 51.30 37.92 -69.56
C VAL B 2558 52.71 38.45 -69.39
N LEU B 2559 53.03 39.51 -70.12
CA LEU B 2559 54.38 40.07 -70.10
C LEU B 2559 54.87 40.55 -68.72
N PRO B 2560 54.09 41.26 -67.89
CA PRO B 2560 54.58 41.54 -66.51
C PRO B 2560 54.87 40.28 -65.71
N LEU B 2561 54.09 39.22 -65.91
CA LEU B 2561 54.35 37.94 -65.26
C LEU B 2561 55.69 37.37 -65.69
N ILE B 2562 56.00 37.44 -66.98
CA ILE B 2562 57.28 36.94 -67.48
C ILE B 2562 58.42 37.79 -66.90
N THR B 2563 58.21 39.12 -66.84
CA THR B 2563 59.22 40.01 -66.27
C THR B 2563 59.47 39.67 -64.81
N LYS B 2564 58.40 39.29 -64.08
CA LYS B 2564 58.54 38.86 -62.70
C LYS B 2564 59.33 37.56 -62.63
N CYS B 2565 59.04 36.63 -63.52
CA CYS B 2565 59.65 35.29 -63.50
C CYS B 2565 60.88 35.20 -64.37
N ALA B 2566 61.54 36.32 -64.62
CA ALA B 2566 62.79 36.31 -65.38
C ALA B 2566 63.93 35.46 -64.78
N PRO B 2567 64.24 35.49 -63.45
CA PRO B 2567 65.39 34.70 -62.97
C PRO B 2567 65.31 33.19 -63.18
N LEU B 2568 64.11 32.62 -63.30
CA LEU B 2568 63.98 31.17 -63.44
C LEU B 2568 64.47 30.65 -64.78
N PHE B 2569 64.78 31.51 -65.74
CA PHE B 2569 65.34 31.12 -67.03
C PHE B 2569 66.87 30.97 -66.99
N ALA B 2570 67.46 30.82 -65.81
CA ALA B 2570 68.92 30.72 -65.71
C ALA B 2570 69.43 29.43 -66.34
N GLY B 2571 68.78 28.31 -66.05
CA GLY B 2571 69.25 27.01 -66.51
C GLY B 2571 68.39 26.36 -67.57
N THR B 2572 67.91 27.15 -68.53
CA THR B 2572 67.06 26.66 -69.61
C THR B 2572 67.87 26.22 -70.84
N GLU B 2573 69.12 25.81 -70.65
CA GLU B 2573 70.00 25.44 -71.76
C GLU B 2573 69.47 24.28 -72.58
N HIS B 2574 68.72 23.37 -71.96
CA HIS B 2574 68.11 22.28 -72.73
C HIS B 2574 66.94 22.75 -73.58
N ARG B 2575 66.46 23.99 -73.40
CA ARG B 2575 65.38 24.56 -74.17
C ARG B 2575 65.83 25.85 -74.87
N ALA B 2576 67.08 25.84 -75.35
CA ALA B 2576 67.67 27.04 -75.95
C ALA B 2576 66.96 27.44 -77.24
N ILE B 2577 66.42 26.47 -77.98
CA ILE B 2577 65.77 26.77 -79.25
C ILE B 2577 64.47 27.54 -79.03
N MET B 2578 63.66 27.08 -78.07
CA MET B 2578 62.37 27.71 -77.84
C MET B 2578 62.55 29.03 -77.08
N VAL B 2579 63.53 29.11 -76.17
CA VAL B 2579 63.81 30.38 -75.51
C VAL B 2579 64.29 31.41 -76.52
N ASP B 2580 65.10 30.97 -77.50
CA ASP B 2580 65.55 31.85 -78.56
C ASP B 2580 64.38 32.33 -79.41
N SER B 2581 63.42 31.43 -79.68
CA SER B 2581 62.23 31.81 -80.44
C SER B 2581 61.38 32.81 -79.66
N MET B 2582 61.21 32.59 -78.36
CA MET B 2582 60.35 33.46 -77.56
C MET B 2582 60.95 34.85 -77.44
N LEU B 2583 62.28 34.95 -77.28
CA LEU B 2583 62.90 36.27 -77.20
C LEU B 2583 62.90 36.97 -78.54
N HIS B 2584 63.03 36.21 -79.64
CA HIS B 2584 62.97 36.83 -80.96
CA HIS B 2584 62.96 36.82 -80.96
C HIS B 2584 61.56 37.35 -81.26
N THR B 2585 60.53 36.58 -80.87
CA THR B 2585 59.16 37.00 -81.10
C THR B 2585 58.84 38.26 -80.30
N VAL B 2586 59.24 38.30 -79.03
CA VAL B 2586 58.94 39.48 -78.23
C VAL B 2586 59.74 40.69 -78.72
N TYR B 2587 60.96 40.48 -79.23
CA TYR B 2587 61.72 41.59 -79.80
C TYR B 2587 61.03 42.15 -81.03
N ARG B 2588 60.52 41.27 -81.90
CA ARG B 2588 59.79 41.75 -83.06
C ARG B 2588 58.50 42.45 -82.63
N LEU B 2589 57.85 41.94 -81.57
CA LEU B 2589 56.69 42.62 -81.01
C LEU B 2589 57.04 44.01 -80.47
N SER B 2590 58.26 44.16 -79.92
CA SER B 2590 58.71 45.48 -79.50
C SER B 2590 58.84 46.40 -80.71
N ARG B 2591 59.33 45.86 -81.82
CA ARG B 2591 59.41 46.63 -83.05
C ARG B 2591 58.09 46.55 -83.83
N GLY B 2592 56.98 46.88 -83.16
CA GLY B 2592 55.66 46.79 -83.74
C GLY B 2592 54.95 48.13 -83.81
N ARG B 2593 53.84 48.13 -84.55
CA ARG B 2593 53.04 49.33 -84.77
C ARG B 2593 51.69 49.19 -84.07
N SER B 2594 51.00 50.34 -83.95
CA SER B 2594 49.72 50.49 -83.23
C SER B 2594 49.85 50.04 -81.78
N LEU B 2595 51.01 50.32 -81.17
CA LEU B 2595 51.28 50.01 -79.78
C LEU B 2595 51.63 51.28 -79.04
N THR B 2596 51.00 51.49 -77.89
CA THR B 2596 51.24 52.71 -77.11
C THR B 2596 52.61 52.64 -76.45
N LYS B 2597 53.07 53.81 -75.99
CA LYS B 2597 54.35 53.89 -75.28
C LYS B 2597 54.33 53.08 -73.99
N ALA B 2598 53.21 53.14 -73.26
CA ALA B 2598 53.04 52.37 -72.04
C ALA B 2598 53.06 50.88 -72.33
N GLN B 2599 52.43 50.44 -73.41
CA GLN B 2599 52.54 49.04 -73.81
C GLN B 2599 53.97 48.71 -74.20
N ARG B 2600 54.64 49.64 -74.90
CA ARG B 2600 55.98 49.43 -75.45
C ARG B 2600 57.00 49.14 -74.37
N ASP B 2601 56.98 49.94 -73.30
CA ASP B 2601 57.99 49.75 -72.26
C ASP B 2601 57.76 48.47 -71.47
N VAL B 2602 56.56 47.89 -71.52
CA VAL B 2602 56.32 46.60 -70.85
C VAL B 2602 57.15 45.51 -71.52
N ILE B 2603 57.14 45.49 -72.87
CA ILE B 2603 57.99 44.57 -73.63
C ILE B 2603 59.45 44.91 -73.40
N GLU B 2604 59.79 46.21 -73.35
CA GLU B 2604 61.18 46.61 -73.12
C GLU B 2604 61.70 46.06 -71.79
N ASP B 2605 60.99 46.34 -70.70
CA ASP B 2605 61.37 45.89 -69.37
C ASP B 2605 61.41 44.36 -69.29
N CYS B 2606 60.55 43.69 -70.06
CA CYS B 2606 60.62 42.24 -70.16
C CYS B 2606 61.89 41.81 -70.88
N LEU B 2607 62.30 42.59 -71.89
CA LEU B 2607 63.42 42.19 -72.72
C LEU B 2607 64.72 42.27 -71.92
N MET B 2608 64.95 43.41 -71.25
CA MET B 2608 66.16 43.52 -70.45
C MET B 2608 66.13 42.58 -69.24
N ALA B 2609 64.94 42.37 -68.66
CA ALA B 2609 64.84 41.45 -67.52
C ALA B 2609 65.19 40.04 -67.95
N LEU B 2610 64.70 39.61 -69.12
CA LEU B 2610 65.02 38.28 -69.61
C LEU B 2610 66.50 38.15 -69.92
N CYS B 2611 67.07 39.16 -70.61
CA CYS B 2611 68.47 39.08 -71.05
C CYS B 2611 69.44 39.03 -69.88
N ARG B 2612 69.11 39.68 -68.76
CA ARG B 2612 70.00 39.65 -67.60
CA ARG B 2612 70.00 39.65 -67.61
C ARG B 2612 70.14 38.24 -67.04
N TYR B 2613 69.03 37.49 -66.97
CA TYR B 2613 69.06 36.14 -66.42
C TYR B 2613 69.18 35.06 -67.49
N ILE B 2614 69.38 35.42 -68.75
CA ILE B 2614 69.58 34.46 -69.83
C ILE B 2614 71.07 34.42 -70.16
N ARG B 2615 71.63 33.21 -70.18
CA ARG B 2615 73.04 33.00 -70.46
C ARG B 2615 73.39 33.43 -71.88
N PRO B 2616 74.63 33.91 -72.10
CA PRO B 2616 75.00 34.42 -73.44
C PRO B 2616 74.96 33.38 -74.55
N SER B 2617 74.92 32.08 -74.20
CA SER B 2617 74.85 31.00 -75.18
C SER B 2617 73.55 31.01 -75.98
N MET B 2618 72.54 31.76 -75.57
CA MET B 2618 71.31 31.92 -76.32
C MET B 2618 71.16 33.29 -76.96
N LEU B 2619 72.03 34.24 -76.62
CA LEU B 2619 71.89 35.63 -77.05
C LEU B 2619 72.46 35.93 -78.42
N GLN B 2620 73.14 34.98 -79.07
CA GLN B 2620 73.75 35.24 -80.37
C GLN B 2620 72.73 35.59 -81.45
N HIS B 2621 71.58 34.91 -81.47
CA HIS B 2621 70.52 35.24 -82.43
C HIS B 2621 69.91 36.61 -82.17
N LEU B 2622 69.74 36.97 -80.89
CA LEU B 2622 69.24 38.31 -80.59
C LEU B 2622 70.21 39.39 -81.02
N LEU B 2623 71.52 39.17 -80.76
CA LEU B 2623 72.56 40.05 -81.30
C LEU B 2623 72.54 40.04 -82.82
N ARG B 2624 72.19 38.90 -83.41
CA ARG B 2624 72.24 38.73 -84.86
C ARG B 2624 71.19 39.60 -85.53
N ARG B 2625 69.99 39.66 -84.92
CA ARG B 2625 68.98 40.58 -85.41
C ARG B 2625 69.38 42.03 -85.13
N LEU B 2626 70.11 42.25 -84.01
CA LEU B 2626 70.62 43.59 -83.74
C LEU B 2626 71.69 44.03 -84.73
N VAL B 2627 72.35 43.08 -85.42
CA VAL B 2627 73.41 43.39 -86.38
C VAL B 2627 72.86 44.24 -87.51
N PHE B 2628 71.58 44.05 -87.85
CA PHE B 2628 70.96 44.83 -88.89
C PHE B 2628 70.12 45.95 -88.30
N ASP B 2629 69.37 45.68 -87.22
CA ASP B 2629 68.44 46.69 -86.71
C ASP B 2629 69.14 47.88 -86.07
N VAL B 2630 70.18 47.62 -85.24
CA VAL B 2630 70.86 48.72 -84.55
C VAL B 2630 71.54 49.74 -85.46
N PRO B 2631 72.27 49.38 -86.54
CA PRO B 2631 72.87 50.42 -87.41
C PRO B 2631 71.91 51.41 -88.04
N ILE B 2632 70.63 51.05 -88.19
CA ILE B 2632 69.63 51.98 -88.71
C ILE B 2632 69.51 53.21 -87.83
N LEU B 2633 69.59 53.02 -86.50
CA LEU B 2633 69.54 54.09 -85.48
C LEU B 2633 68.29 54.96 -85.59
N ASN B 2634 67.15 54.31 -85.76
CA ASN B 2634 65.87 55.01 -85.82
C ASN B 2634 65.28 55.11 -84.41
N GLU B 2635 64.04 55.60 -84.32
CA GLU B 2635 63.37 55.73 -83.03
C GLU B 2635 63.03 54.39 -82.39
N PHE B 2636 63.00 53.30 -83.16
CA PHE B 2636 62.83 51.96 -82.59
C PHE B 2636 64.16 51.33 -82.22
N ALA B 2637 65.28 51.97 -82.52
CA ALA B 2637 66.60 51.47 -82.17
C ALA B 2637 67.14 52.07 -80.88
N LYS B 2638 66.37 52.94 -80.21
CA LYS B 2638 66.83 53.54 -78.96
C LYS B 2638 66.99 52.48 -77.86
N MET B 2639 66.01 51.60 -77.73
CA MET B 2639 66.05 50.52 -76.73
C MET B 2639 67.19 49.51 -76.94
N PRO B 2640 67.45 48.97 -78.15
CA PRO B 2640 68.57 48.02 -78.28
C PRO B 2640 69.93 48.55 -77.88
N LEU B 2641 70.20 49.85 -78.02
CA LEU B 2641 71.47 50.40 -77.55
C LEU B 2641 71.61 50.22 -76.04
N LYS B 2642 70.52 50.47 -75.30
CA LYS B 2642 70.51 50.24 -73.86
C LYS B 2642 70.68 48.76 -73.54
N LEU B 2643 70.03 47.89 -74.31
CA LEU B 2643 70.13 46.45 -74.07
C LEU B 2643 71.55 45.97 -74.31
N LEU B 2644 72.18 46.45 -75.40
CA LEU B 2644 73.56 46.08 -75.70
C LEU B 2644 74.52 46.60 -74.63
N THR B 2645 74.24 47.80 -74.11
CA THR B 2645 75.04 48.38 -73.04
C THR B 2645 75.01 47.49 -71.81
N ASN B 2646 73.81 47.03 -71.43
CA ASN B 2646 73.67 46.16 -70.27
C ASN B 2646 74.33 44.81 -70.54
N HIS B 2647 74.11 44.24 -71.73
CA HIS B 2647 74.60 42.90 -72.03
C HIS B 2647 76.13 42.87 -72.05
N TYR B 2648 76.77 43.87 -72.66
CA TYR B 2648 78.22 43.85 -72.74
C TYR B 2648 78.85 44.24 -71.41
N GLU B 2649 78.27 45.22 -70.69
CA GLU B 2649 78.76 45.57 -69.37
C GLU B 2649 78.57 44.45 -68.35
N ARG B 2650 77.69 43.49 -68.63
CA ARG B 2650 77.52 42.33 -67.78
C ARG B 2650 78.41 41.17 -68.23
N CYS B 2651 78.48 40.93 -69.54
CA CYS B 2651 79.16 39.78 -70.11
C CYS B 2651 80.50 40.12 -70.75
N TRP B 2652 81.21 41.13 -70.22
CA TRP B 2652 82.47 41.57 -70.83
C TRP B 2652 83.54 40.50 -70.73
N LYS B 2653 83.57 39.73 -69.64
CA LYS B 2653 84.53 38.63 -69.49
C LYS B 2653 84.33 37.55 -70.55
N TYR B 2654 83.06 37.25 -70.89
CA TYR B 2654 82.75 36.22 -71.88
C TYR B 2654 83.29 36.56 -73.26
N TYR B 2655 83.43 37.84 -73.57
CA TYR B 2655 83.89 38.27 -74.90
C TYR B 2655 85.32 38.77 -74.93
N CYS B 2656 85.84 39.31 -73.84
CA CYS B 2656 87.17 39.92 -73.87
C CYS B 2656 88.27 38.95 -73.47
N LEU B 2657 88.03 38.13 -72.46
CA LEU B 2657 89.05 37.22 -71.93
C LEU B 2657 89.20 36.01 -72.85
N PRO B 2658 90.42 35.69 -73.31
CA PRO B 2658 90.63 34.43 -74.02
C PRO B 2658 90.21 33.20 -73.23
N THR B 2659 90.43 33.20 -71.92
CA THR B 2659 89.93 32.13 -71.07
C THR B 2659 88.42 32.14 -70.94
N GLY B 2660 87.77 33.28 -71.19
CA GLY B 2660 86.33 33.36 -71.16
C GLY B 2660 85.80 33.57 -69.75
N TRP B 2661 84.51 33.84 -69.66
CA TRP B 2661 83.85 34.01 -68.38
C TRP B 2661 83.77 32.68 -67.64
N ALA B 2662 83.73 32.76 -66.31
CA ALA B 2662 83.69 31.59 -65.46
C ALA B 2662 82.40 30.80 -65.71
N ASN B 2663 82.56 29.53 -66.12
CA ASN B 2663 81.52 28.52 -66.37
C ASN B 2663 80.35 29.02 -67.24
N PHE B 2664 80.58 30.03 -68.07
CA PHE B 2664 79.57 30.56 -68.98
C PHE B 2664 79.93 30.30 -70.43
N GLY B 2665 81.05 29.66 -70.69
CA GLY B 2665 81.50 29.36 -72.03
C GLY B 2665 82.47 30.39 -72.56
N VAL B 2666 82.88 30.17 -73.80
CA VAL B 2666 83.81 31.02 -74.53
C VAL B 2666 83.19 31.28 -75.89
N THR B 2667 83.30 32.54 -76.36
CA THR B 2667 82.74 32.98 -77.63
C THR B 2667 83.20 32.12 -78.80
N SER B 2668 82.38 32.06 -79.83
CA SER B 2668 82.59 31.17 -80.97
C SER B 2668 83.35 31.81 -82.12
N GLU B 2669 84.00 32.97 -81.90
CA GLU B 2669 84.83 33.74 -82.84
C GLU B 2669 83.99 34.43 -83.92
N GLU B 2670 82.69 34.12 -83.95
CA GLU B 2670 81.69 34.75 -84.80
C GLU B 2670 80.89 35.81 -84.07
N GLU B 2671 80.61 35.58 -82.77
CA GLU B 2671 79.98 36.62 -81.95
C GLU B 2671 80.86 37.86 -81.85
N LEU B 2672 82.18 37.66 -81.68
CA LEU B 2672 83.12 38.77 -81.70
C LEU B 2672 83.16 39.48 -83.05
N HIS B 2673 83.11 38.72 -84.14
CA HIS B 2673 83.03 39.31 -85.48
C HIS B 2673 81.76 40.13 -85.67
N LEU B 2674 80.62 39.61 -85.19
CA LEU B 2674 79.36 40.35 -85.18
C LEU B 2674 79.46 41.62 -84.34
N THR B 2675 80.09 41.52 -83.17
CA THR B 2675 80.29 42.68 -82.32
C THR B 2675 81.17 43.74 -82.98
N ARG B 2676 82.24 43.33 -83.65
CA ARG B 2676 83.07 44.25 -84.43
C ARG B 2676 82.29 44.89 -85.58
N LYS B 2677 81.45 44.09 -86.24
CA LYS B 2677 80.55 44.57 -87.29
C LYS B 2677 79.62 45.65 -86.75
N LEU B 2678 79.01 45.38 -85.59
CA LEU B 2678 78.08 46.34 -85.00
C LEU B 2678 78.81 47.58 -84.52
N PHE B 2679 80.03 47.39 -84.00
CA PHE B 2679 80.85 48.50 -83.52
C PHE B 2679 81.15 49.47 -84.64
N TRP B 2680 81.63 48.93 -85.77
CA TRP B 2680 81.94 49.78 -86.91
C TRP B 2680 80.69 50.40 -87.51
N GLY B 2681 79.60 49.62 -87.62
CA GLY B 2681 78.37 50.15 -88.18
C GLY B 2681 77.79 51.30 -87.37
N ILE B 2682 77.84 51.19 -86.04
CA ILE B 2682 77.40 52.27 -85.16
C ILE B 2682 78.35 53.45 -85.20
N PHE B 2683 79.68 53.20 -85.24
CA PHE B 2683 80.60 54.33 -85.31
C PHE B 2683 80.44 55.12 -86.61
N ASP B 2684 80.29 54.41 -87.74
CA ASP B 2684 80.04 55.06 -89.02
C ASP B 2684 78.70 55.80 -89.03
N SER B 2685 77.66 55.17 -88.47
CA SER B 2685 76.33 55.77 -88.45
C SER B 2685 76.32 57.01 -87.57
N LEU B 2686 76.86 56.92 -86.35
CA LEU B 2686 76.84 58.07 -85.46
C LEU B 2686 77.80 59.15 -85.94
N ALA B 2687 78.84 58.76 -86.71
CA ALA B 2687 79.71 59.73 -87.36
C ALA B 2687 78.95 60.55 -88.38
N HIS B 2688 78.06 59.93 -89.14
CA HIS B 2688 77.34 60.73 -90.13
C HIS B 2688 76.06 61.35 -89.58
N LYS B 2689 75.45 60.73 -88.57
CA LYS B 2689 74.25 61.24 -87.91
C LYS B 2689 74.54 62.56 -87.21
N LYS B 2690 73.66 63.54 -87.41
CA LYS B 2690 73.84 64.86 -86.85
C LYS B 2690 73.72 64.80 -85.32
N TYR B 2691 74.33 65.80 -84.67
CA TYR B 2691 74.41 65.84 -83.21
C TYR B 2691 73.05 65.94 -82.55
N ASP B 2692 72.63 64.86 -81.89
CA ASP B 2692 71.43 64.81 -81.08
C ASP B 2692 71.85 64.42 -79.67
N GLN B 2693 71.78 65.38 -78.74
CA GLN B 2693 72.32 65.19 -77.40
C GLN B 2693 71.61 64.07 -76.64
N GLU B 2694 70.29 63.92 -76.85
CA GLU B 2694 69.55 62.79 -76.29
C GLU B 2694 70.09 61.49 -76.84
N LEU B 2695 70.33 61.43 -78.15
CA LEU B 2695 70.88 60.22 -78.76
C LEU B 2695 72.30 59.96 -78.29
N TYR B 2696 73.12 61.02 -78.21
CA TYR B 2696 74.53 60.87 -77.87
C TYR B 2696 74.74 60.39 -76.43
N ARG B 2697 73.97 60.92 -75.47
CA ARG B 2697 74.14 60.55 -74.06
C ARG B 2697 73.75 59.11 -73.78
N MET B 2698 72.98 58.50 -74.66
CA MET B 2698 72.55 57.12 -74.51
C MET B 2698 73.32 56.17 -75.40
N ALA B 2699 73.83 56.65 -76.54
CA ALA B 2699 74.60 55.81 -77.44
C ALA B 2699 76.07 55.72 -77.09
N MET B 2700 76.63 56.73 -76.41
CA MET B 2700 78.04 56.69 -76.01
C MET B 2700 78.39 55.50 -75.09
N PRO B 2701 77.65 55.19 -74.01
CA PRO B 2701 78.01 53.99 -73.22
C PRO B 2701 77.92 52.70 -74.01
N CYS B 2702 77.02 52.63 -75.00
CA CYS B 2702 76.89 51.41 -75.80
C CYS B 2702 78.17 51.13 -76.56
N LEU B 2703 78.73 52.16 -77.19
CA LEU B 2703 79.99 52.02 -77.91
C LEU B 2703 81.13 51.69 -76.97
N CYS B 2704 81.21 52.39 -75.83
CA CYS B 2704 82.28 52.11 -74.87
C CYS B 2704 82.20 50.69 -74.31
N ALA B 2705 80.98 50.23 -74.00
CA ALA B 2705 80.77 48.85 -73.55
C ALA B 2705 81.15 47.83 -74.61
N ILE B 2706 80.82 48.11 -75.89
CA ILE B 2706 81.25 47.24 -76.97
C ILE B 2706 82.77 47.19 -77.05
N ALA B 2707 83.40 48.37 -76.93
CA ALA B 2707 84.86 48.47 -77.04
C ALA B 2707 85.54 47.67 -75.95
N GLY B 2708 85.05 47.79 -74.72
CA GLY B 2708 85.60 47.03 -73.61
C GLY B 2708 85.37 45.53 -73.76
N ALA B 2709 84.20 45.15 -74.29
CA ALA B 2709 83.89 43.75 -74.50
C ALA B 2709 84.77 43.12 -75.58
N LEU B 2710 85.05 43.85 -76.63
CA LEU B 2710 85.89 43.34 -77.72
C LEU B 2710 87.35 43.34 -77.32
N PRO B 2711 88.06 42.21 -77.47
CA PRO B 2711 89.48 42.19 -77.16
C PRO B 2711 90.23 43.11 -78.10
N PRO B 2712 91.33 43.72 -77.64
CA PRO B 2712 92.08 44.65 -78.50
C PRO B 2712 92.68 44.00 -79.75
N ASP B 2713 93.43 42.92 -79.58
CA ASP B 2713 94.13 42.27 -80.69
C ASP B 2713 93.24 41.33 -81.51
N TYR B 2714 91.92 41.49 -81.43
CA TYR B 2714 90.99 40.59 -82.13
C TYR B 2714 91.18 40.65 -83.64
N VAL B 2715 91.16 39.48 -84.27
CA VAL B 2715 91.30 39.35 -85.72
C VAL B 2715 90.10 38.58 -86.22
N ASP B 2716 89.35 39.19 -87.14
CA ASP B 2716 88.23 38.52 -87.77
C ASP B 2716 88.73 37.58 -88.87
N ALA B 2717 88.11 36.40 -88.92
CA ALA B 2717 88.52 35.39 -89.90
C ALA B 2717 88.24 35.85 -91.33
N SER B 2718 87.09 36.46 -91.57
CA SER B 2718 86.71 36.93 -92.90
C SER B 2718 86.94 38.44 -92.96
N TYR B 2719 88.08 38.84 -93.51
CA TYR B 2719 88.45 40.25 -93.62
C TYR B 2719 87.97 40.85 -94.94
N SER B 2720 86.68 40.70 -95.22
CA SER B 2720 86.07 41.26 -96.42
C SER B 2720 84.75 41.90 -96.03
N SER B 2721 84.59 43.17 -96.41
CA SER B 2721 83.37 43.92 -96.13
C SER B 2721 82.64 44.19 -97.44
N LYS B 2722 81.38 43.74 -97.50
CA LYS B 2722 80.56 43.91 -98.70
C LYS B 2722 80.29 45.40 -98.99
N ALA B 2723 80.25 46.22 -97.94
CA ALA B 2723 79.93 47.66 -98.00
C ALA B 2723 78.58 47.89 -98.67
N GLU B 2724 77.55 47.31 -98.07
CA GLU B 2724 76.18 47.41 -98.54
C GLU B 2724 75.39 48.36 -97.64
N LYS B 2725 74.47 49.10 -98.26
CA LYS B 2725 73.68 50.17 -97.63
C LYS B 2725 74.56 51.24 -96.96
N ASN B 2734 62.69 46.58 -93.08
CA ASN B 2734 62.97 45.16 -92.86
C ASN B 2734 64.26 44.73 -93.53
N PHE B 2735 64.40 43.43 -93.79
CA PHE B 2735 65.55 42.88 -94.49
C PHE B 2735 65.18 42.68 -95.95
N ASP B 2736 65.76 43.48 -96.83
CA ASP B 2736 65.51 43.37 -98.26
C ASP B 2736 66.80 42.98 -99.00
N PRO B 2737 66.98 41.70 -99.32
CA PRO B 2737 68.16 41.30 -100.10
C PRO B 2737 68.03 41.68 -101.56
N ARG B 2738 69.12 42.22 -102.12
CA ARG B 2738 69.12 42.67 -103.50
C ARG B 2738 69.79 41.60 -104.34
N PRO B 2739 69.06 40.90 -105.20
CA PRO B 2739 69.71 39.95 -106.11
C PRO B 2739 70.58 40.65 -107.14
N VAL B 2740 71.67 39.99 -107.51
CA VAL B 2740 72.54 40.51 -108.56
C VAL B 2740 71.90 40.16 -109.89
N GLU B 2741 71.57 41.18 -110.67
CA GLU B 2741 70.84 40.99 -111.93
C GLU B 2741 71.71 40.29 -112.97
N THR B 2742 71.11 39.32 -113.65
CA THR B 2742 71.81 38.51 -114.64
C THR B 2742 71.19 38.54 -116.04
N LEU B 2743 69.92 38.96 -116.16
CA LEU B 2743 69.29 38.96 -117.47
C LEU B 2743 69.83 40.06 -118.37
N ASN B 2744 70.28 41.17 -117.77
CA ASN B 2744 70.79 42.30 -118.56
C ASN B 2744 72.08 41.95 -119.27
N VAL B 2745 72.90 41.09 -118.67
CA VAL B 2745 74.13 40.61 -119.32
C VAL B 2745 73.79 39.35 -120.10
N ILE B 2746 74.32 39.24 -121.30
CA ILE B 2746 74.04 38.12 -122.18
C ILE B 2746 75.02 36.99 -121.92
N ILE B 2747 74.52 35.76 -121.93
CA ILE B 2747 75.34 34.58 -121.64
C ILE B 2747 76.39 34.39 -122.74
N PRO B 2748 77.66 34.26 -122.38
CA PRO B 2748 78.68 33.91 -123.38
C PRO B 2748 78.56 32.45 -123.78
N GLU B 2749 78.47 32.20 -125.08
CA GLU B 2749 78.39 30.84 -125.58
C GLU B 2749 79.75 30.32 -126.04
N LYS B 2750 80.81 31.10 -125.84
CA LYS B 2750 82.16 30.66 -126.15
C LYS B 2750 82.58 29.51 -125.24
N LEU B 2751 82.08 29.48 -124.00
CA LEU B 2751 82.37 28.41 -123.05
C LEU B 2751 81.19 27.46 -122.87
N ASP B 2752 80.32 27.34 -123.91
CA ASP B 2752 79.16 26.47 -123.84
C ASP B 2752 79.56 25.00 -123.66
N SER B 2753 80.77 24.64 -124.10
CA SER B 2753 81.34 23.32 -123.91
C SER B 2753 81.65 23.04 -122.45
N PHE B 2754 81.66 24.07 -121.62
CA PHE B 2754 81.85 23.95 -120.19
C PHE B 2754 80.52 24.05 -119.47
N ILE B 2755 79.60 24.88 -119.98
CA ILE B 2755 78.29 25.03 -119.33
C ILE B 2755 77.51 23.72 -119.37
N ASN B 2756 77.47 23.06 -120.55
CA ASN B 2756 76.78 21.77 -120.63
C ASN B 2756 77.52 20.70 -119.85
N LYS B 2757 78.86 20.74 -119.89
CA LYS B 2757 79.68 19.80 -119.15
C LYS B 2757 79.44 19.90 -117.65
N PHE B 2758 79.42 21.13 -117.11
CA PHE B 2758 79.10 21.33 -115.70
C PHE B 2758 77.67 20.92 -115.39
N ALA B 2759 76.76 21.03 -116.36
CA ALA B 2759 75.38 20.62 -116.11
C ALA B 2759 75.28 19.11 -115.94
N GLU B 2760 75.89 18.37 -116.88
CA GLU B 2760 75.86 16.92 -116.77
C GLU B 2760 76.74 16.44 -115.62
N TYR B 2761 77.80 17.18 -115.29
CA TYR B 2761 78.63 16.82 -114.14
C TYR B 2761 77.89 17.05 -112.83
N THR B 2762 77.05 18.09 -112.74
CA THR B 2762 76.19 18.24 -111.56
C THR B 2762 75.21 17.08 -111.43
N HIS B 2763 74.63 16.65 -112.55
CA HIS B 2763 73.80 15.43 -112.56
C HIS B 2763 74.61 14.19 -112.15
N GLU B 2764 75.85 14.09 -112.63
CA GLU B 2764 76.73 12.98 -112.26
C GLU B 2764 77.10 13.04 -110.78
N LYS B 2765 77.38 14.23 -110.26
CA LYS B 2765 77.69 14.40 -108.85
C LYS B 2765 76.47 14.07 -107.99
N TRP B 2766 75.27 14.36 -108.51
CA TRP B 2766 74.05 13.97 -107.80
C TRP B 2766 73.98 12.45 -107.70
N ALA B 2767 74.32 11.75 -108.79
CA ALA B 2767 74.40 10.30 -108.73
C ALA B 2767 75.53 9.82 -107.81
N PHE B 2768 76.62 10.59 -107.73
CA PHE B 2768 77.71 10.30 -106.80
C PHE B 2768 77.23 10.39 -105.35
N ASP B 2769 76.40 11.39 -105.05
CA ASP B 2769 75.83 11.49 -103.72
C ASP B 2769 74.86 10.35 -103.46
N LYS B 2770 74.14 9.90 -104.50
CA LYS B 2770 73.20 8.81 -104.29
C LYS B 2770 73.93 7.50 -104.00
N ILE B 2771 74.98 7.19 -104.78
CA ILE B 2771 75.75 5.98 -104.49
C ILE B 2771 76.55 6.11 -103.17
N GLN B 2772 76.86 7.34 -102.73
CA GLN B 2772 77.43 7.56 -101.41
C GLN B 2772 76.37 7.70 -100.32
N ASN B 2773 75.11 7.50 -100.66
CA ASN B 2773 74.03 7.47 -99.67
C ASN B 2773 73.68 6.04 -99.28
N ASN B 2774 74.49 5.07 -99.74
CA ASN B 2774 74.41 3.62 -99.55
C ASN B 2774 73.22 2.96 -100.25
N TRP B 2775 72.38 3.72 -100.96
CA TRP B 2775 71.25 3.19 -101.68
C TRP B 2775 71.41 3.50 -103.17
N SER B 2776 71.13 2.52 -104.02
CA SER B 2776 71.26 2.71 -105.46
C SER B 2776 70.02 3.44 -106.00
N TYR B 2777 69.91 3.48 -107.33
CA TYR B 2777 68.80 4.14 -107.99
C TYR B 2777 67.77 3.11 -108.45
N GLY B 2778 66.77 3.57 -109.19
CA GLY B 2778 65.71 2.72 -109.70
C GLY B 2778 65.09 3.27 -110.97
N GLU B 2779 64.03 2.63 -111.44
CA GLU B 2779 63.32 3.08 -112.64
C GLU B 2779 61.97 3.70 -112.32
N ASN B 2780 61.11 2.98 -111.59
CA ASN B 2780 59.81 3.52 -111.23
C ASN B 2780 59.95 4.64 -110.20
N VAL B 2781 59.13 5.67 -110.34
CA VAL B 2781 59.20 6.83 -109.46
C VAL B 2781 58.40 6.53 -108.19
N ASP B 2782 59.07 6.50 -107.05
CA ASP B 2782 58.42 6.24 -105.78
C ASP B 2782 59.26 6.85 -104.66
N GLU B 2783 58.59 7.24 -103.58
CA GLU B 2783 59.25 7.84 -102.44
C GLU B 2783 59.77 6.83 -101.43
N GLU B 2784 59.52 5.54 -101.65
CA GLU B 2784 59.95 4.51 -100.71
C GLU B 2784 61.46 4.28 -100.72
N LEU B 2785 62.15 4.72 -101.78
CA LEU B 2785 63.59 4.55 -101.89
C LEU B 2785 64.37 5.66 -101.17
N LYS B 2786 63.67 6.67 -100.62
CA LYS B 2786 64.22 7.86 -99.91
C LYS B 2786 65.40 8.53 -100.64
N THR B 2787 65.45 8.40 -101.96
CA THR B 2787 66.43 9.03 -102.83
C THR B 2787 65.69 9.48 -104.08
N HIS B 2788 66.44 9.83 -105.13
CA HIS B 2788 65.82 10.17 -106.41
C HIS B 2788 65.50 8.88 -107.17
N PRO B 2789 64.23 8.55 -107.40
CA PRO B 2789 63.88 7.27 -108.02
C PRO B 2789 63.89 7.23 -109.54
N MET B 2790 63.94 8.36 -110.22
CA MET B 2790 63.87 8.38 -111.67
C MET B 2790 65.27 8.29 -112.31
N LEU B 2791 66.34 8.36 -111.51
CA LEU B 2791 67.71 8.25 -112.02
C LEU B 2791 67.96 6.90 -112.69
N ARG B 2792 68.28 6.96 -113.97
CA ARG B 2792 68.57 5.81 -114.82
C ARG B 2792 69.91 6.04 -115.50
N PRO B 2793 70.59 4.97 -115.95
CA PRO B 2793 71.85 5.15 -116.68
C PRO B 2793 71.67 6.00 -117.93
N TYR B 2794 72.68 6.84 -118.22
CA TYR B 2794 72.62 7.83 -119.28
C TYR B 2794 72.45 7.23 -120.67
N LYS B 2795 72.72 5.93 -120.85
CA LYS B 2795 72.47 5.26 -122.12
C LYS B 2795 70.98 5.26 -122.44
N THR B 2796 70.14 5.02 -121.43
CA THR B 2796 68.69 5.02 -121.59
C THR B 2796 68.02 5.96 -120.60
N PHE B 2797 68.58 7.15 -120.43
CA PHE B 2797 68.02 8.18 -119.57
C PHE B 2797 67.41 9.29 -120.41
N SER B 2798 66.17 9.66 -120.09
CA SER B 2798 65.45 10.69 -120.84
C SER B 2798 66.16 12.04 -120.72
N GLU B 2799 66.24 12.75 -121.84
CA GLU B 2799 66.92 14.04 -121.89
C GLU B 2799 65.98 15.21 -121.67
N LYS B 2800 64.69 14.94 -121.38
CA LYS B 2800 63.72 16.01 -121.13
C LYS B 2800 64.09 16.81 -119.89
N ASP B 2801 64.74 16.19 -118.91
CA ASP B 2801 65.19 16.93 -117.74
C ASP B 2801 66.65 17.32 -117.86
N LYS B 2802 67.43 16.64 -118.72
CA LYS B 2802 68.80 17.04 -118.98
C LYS B 2802 68.87 18.37 -119.74
N GLU B 2803 67.80 18.74 -120.43
CA GLU B 2803 67.75 20.04 -121.11
C GLU B 2803 67.19 21.14 -120.21
N ILE B 2804 66.72 20.82 -119.00
CA ILE B 2804 66.18 21.83 -118.09
C ILE B 2804 66.93 21.89 -116.77
N TYR B 2805 67.84 20.96 -116.50
CA TYR B 2805 68.61 20.99 -115.26
C TYR B 2805 69.82 21.92 -115.32
N ARG B 2806 70.08 22.55 -116.46
CA ARG B 2806 71.22 23.44 -116.60
C ARG B 2806 70.91 24.87 -116.16
N TRP B 2807 69.65 25.16 -115.79
CA TRP B 2807 69.27 26.50 -115.33
C TRP B 2807 70.06 26.98 -114.10
N PRO B 2808 70.27 26.19 -113.01
CA PRO B 2808 71.17 26.68 -111.95
C PRO B 2808 72.58 26.96 -112.45
N ILE B 2809 73.07 26.13 -113.38
CA ILE B 2809 74.40 26.31 -113.95
C ILE B 2809 74.43 27.56 -114.82
N LYS B 2810 73.37 27.77 -115.61
CA LYS B 2810 73.28 28.94 -116.48
C LYS B 2810 73.27 30.22 -115.66
N GLU B 2811 72.42 30.29 -114.63
CA GLU B 2811 72.30 31.50 -113.84
C GLU B 2811 73.56 31.73 -113.00
N SER B 2812 74.17 30.66 -112.48
CA SER B 2812 75.41 30.79 -111.71
C SER B 2812 76.55 31.33 -112.57
N LEU B 2813 76.65 30.87 -113.82
CA LEU B 2813 77.67 31.41 -114.70
C LEU B 2813 77.34 32.81 -115.20
N LYS B 2814 76.05 33.15 -115.31
CA LYS B 2814 75.68 34.52 -115.62
C LYS B 2814 76.08 35.46 -114.48
N ALA B 2815 75.86 35.02 -113.25
CA ALA B 2815 76.11 35.86 -112.09
C ALA B 2815 77.60 35.98 -111.80
N MET B 2816 78.40 34.98 -112.15
CA MET B 2816 79.82 35.08 -111.88
C MET B 2816 80.55 35.89 -112.95
N ILE B 2817 79.83 36.41 -113.95
CA ILE B 2817 80.42 37.24 -114.99
C ILE B 2817 79.75 38.61 -115.07
N ALA B 2818 78.59 38.78 -114.43
CA ALA B 2818 77.88 40.07 -114.49
C ALA B 2818 78.67 41.18 -113.81
N TRP B 2819 79.33 40.89 -112.68
CA TRP B 2819 80.13 41.89 -111.98
C TRP B 2819 81.52 42.00 -112.59
N GLU B 2820 81.62 42.21 -113.91
CA GLU B 2820 82.82 42.39 -114.75
C GLU B 2820 83.98 41.43 -114.44
N TRP B 2821 83.64 40.20 -114.06
CA TRP B 2821 84.63 39.13 -113.87
C TRP B 2821 84.74 38.36 -115.18
N THR B 2822 85.72 38.71 -116.00
CA THR B 2822 85.92 37.99 -117.25
C THR B 2822 86.48 36.60 -116.98
N ILE B 2823 86.14 35.66 -117.86
CA ILE B 2823 86.57 34.28 -117.76
C ILE B 2823 87.35 33.92 -119.01
N GLU B 2824 88.53 33.33 -118.81
CA GLU B 2824 89.44 33.02 -119.90
C GLU B 2824 89.73 31.53 -119.94
N LYS B 2825 89.81 31.00 -121.16
CA LYS B 2825 90.06 29.57 -121.39
C LYS B 2825 91.53 29.40 -121.78
N ALA B 2826 92.37 29.32 -120.75
CA ALA B 2826 93.80 29.08 -120.97
C ALA B 2826 94.05 27.71 -121.57
N ARG B 2827 93.33 26.70 -121.09
CA ARG B 2827 93.42 25.34 -121.62
C ARG B 2827 92.65 25.23 -122.94
N GLU B 2828 92.90 24.12 -123.65
CA GLU B 2828 92.20 23.87 -124.91
C GLU B 2828 92.04 22.35 -125.02
N GLY B 2829 90.85 21.86 -124.63
CA GLY B 2829 90.55 20.45 -124.70
C GLY B 2829 89.10 20.23 -125.02
N GLU B 2830 88.78 18.97 -125.34
CA GLU B 2830 87.43 18.48 -125.68
C GLU B 2830 86.79 19.25 -126.84
N TYR B 2855 77.78 4.21 -116.79
CA TYR B 2855 77.21 5.24 -115.92
C TYR B 2855 77.78 5.10 -114.51
N ASN B 2856 78.94 5.72 -114.29
CA ASN B 2856 79.64 5.65 -113.01
C ASN B 2856 80.28 7.01 -112.77
N PRO B 2857 80.05 7.64 -111.60
CA PRO B 2857 80.65 8.96 -111.34
C PRO B 2857 82.14 8.93 -111.04
N GLN B 2858 82.94 8.63 -112.07
CA GLN B 2858 84.40 8.53 -111.89
C GLN B 2858 85.09 9.84 -111.49
N PRO B 2859 84.90 10.99 -112.15
CA PRO B 2859 85.72 12.18 -111.80
C PRO B 2859 85.38 12.74 -110.43
N PRO B 2860 86.36 12.82 -109.52
CA PRO B 2860 86.09 13.37 -108.18
C PRO B 2860 86.27 14.88 -108.11
N ASP B 2861 85.29 15.57 -107.53
CA ASP B 2861 85.31 17.02 -107.35
C ASP B 2861 85.19 17.25 -105.85
N LEU B 2862 86.32 17.25 -105.17
CA LEU B 2862 86.39 17.43 -103.72
C LEU B 2862 86.80 18.86 -103.40
N SER B 2863 86.06 19.50 -102.50
CA SER B 2863 86.32 20.86 -102.08
C SER B 2863 87.32 20.97 -100.94
N GLY B 2864 87.89 19.85 -100.50
CA GLY B 2864 88.81 19.84 -99.38
C GLY B 2864 90.24 20.24 -99.67
N VAL B 2865 90.57 20.57 -100.92
CA VAL B 2865 91.92 21.02 -101.27
C VAL B 2865 91.99 22.53 -101.11
N THR B 2866 93.20 23.01 -100.78
CA THR B 2866 93.42 24.44 -100.56
C THR B 2866 93.32 25.22 -101.86
N LEU B 2867 93.06 26.52 -101.72
CA LEU B 2867 92.85 27.38 -102.87
C LEU B 2867 93.16 28.82 -102.47
N SER B 2868 93.52 29.64 -103.48
CA SER B 2868 93.98 31.00 -103.28
C SER B 2868 92.90 31.90 -102.68
N ARG B 2869 93.35 32.87 -101.87
CA ARG B 2869 92.44 33.77 -101.17
C ARG B 2869 91.64 34.64 -102.13
N GLU B 2870 92.29 35.15 -103.19
CA GLU B 2870 91.61 36.03 -104.15
CA GLU B 2870 91.62 36.03 -104.15
C GLU B 2870 90.45 35.33 -104.83
N LEU B 2871 90.65 34.09 -105.26
CA LEU B 2871 89.57 33.32 -105.89
C LEU B 2871 88.53 32.87 -104.86
N GLN B 2872 88.98 32.50 -103.66
CA GLN B 2872 88.06 32.07 -102.61
C GLN B 2872 87.15 33.22 -102.17
N ALA B 2873 87.66 34.45 -102.17
CA ALA B 2873 86.83 35.62 -101.83
C ALA B 2873 85.70 35.77 -102.84
N MET B 2874 86.01 35.54 -104.12
CA MET B 2874 84.99 35.53 -105.17
C MET B 2874 83.96 34.43 -104.92
N ALA B 2875 84.43 33.26 -104.48
CA ALA B 2875 83.49 32.17 -104.15
C ALA B 2875 82.59 32.55 -102.98
N GLU B 2876 83.14 33.27 -102.01
CA GLU B 2876 82.35 33.78 -100.89
C GLU B 2876 81.30 34.78 -101.36
N GLN B 2877 81.68 35.68 -102.29
CA GLN B 2877 80.72 36.61 -102.87
C GLN B 2877 79.64 35.88 -103.67
N LEU B 2878 80.01 34.85 -104.42
CA LEU B 2878 79.02 34.03 -105.14
C LEU B 2878 78.07 33.32 -104.19
N ALA B 2879 78.59 32.81 -103.06
CA ALA B 2879 77.74 32.26 -102.01
C ALA B 2879 76.82 33.31 -101.41
N GLU B 2880 77.33 34.54 -101.25
CA GLU B 2880 76.50 35.67 -100.82
C GLU B 2880 75.40 35.96 -101.84
N ASN B 2881 75.73 35.91 -103.13
CA ASN B 2881 74.73 36.15 -104.17
C ASN B 2881 73.67 35.04 -104.17
N TYR B 2882 74.10 33.79 -103.98
CA TYR B 2882 73.14 32.68 -103.90
C TYR B 2882 72.22 32.86 -102.70
N HIS B 2883 72.78 33.36 -101.60
CA HIS B 2883 72.00 33.57 -100.38
C HIS B 2883 71.00 34.70 -100.57
N ASN B 2884 71.42 35.83 -101.15
CA ASN B 2884 70.51 36.96 -101.27
C ASN B 2884 69.44 36.70 -102.34
N THR B 2885 69.79 36.00 -103.43
CA THR B 2885 68.78 35.60 -104.41
C THR B 2885 67.75 34.65 -103.79
N TRP B 2886 68.20 33.67 -102.99
CA TRP B 2886 67.27 32.82 -102.26
C TRP B 2886 66.44 33.63 -101.27
N GLY B 2887 67.06 34.62 -100.62
CA GLY B 2887 66.33 35.45 -99.68
C GLY B 2887 65.27 36.28 -100.37
N ARG B 2888 65.60 36.82 -101.55
CA ARG B 2888 64.66 37.63 -102.32
C ARG B 2888 63.44 36.81 -102.75
N LYS B 2889 63.68 35.58 -103.24
CA LYS B 2889 62.53 34.73 -103.55
C LYS B 2889 61.80 34.26 -102.29
N LYS B 2890 62.49 34.19 -101.15
CA LYS B 2890 61.81 33.82 -99.91
C LYS B 2890 60.89 34.96 -99.45
N LYS B 2891 61.41 36.19 -99.48
CA LYS B 2891 60.59 37.33 -99.07
C LYS B 2891 59.48 37.62 -100.08
N GLN B 2892 59.58 37.13 -101.32
CA GLN B 2892 58.45 37.27 -102.24
C GLN B 2892 57.24 36.53 -101.69
N GLU B 2893 57.47 35.32 -101.16
CA GLU B 2893 56.43 34.55 -100.49
C GLU B 2893 56.02 35.19 -99.17
N LEU B 2894 56.99 35.77 -98.44
CA LEU B 2894 56.71 36.33 -97.12
C LEU B 2894 55.98 37.68 -97.18
N GLU B 2895 56.20 38.47 -98.23
CA GLU B 2895 55.64 39.82 -98.33
C GLU B 2895 54.13 39.84 -98.58
N ALA B 2896 53.50 38.69 -98.85
CA ALA B 2896 52.06 38.63 -99.03
C ALA B 2896 51.29 39.04 -97.77
N LYS B 2897 51.87 38.83 -96.60
CA LYS B 2897 51.23 39.20 -95.34
C LYS B 2897 51.91 40.35 -94.62
N GLY B 2898 53.23 40.52 -94.80
CA GLY B 2898 53.95 41.59 -94.13
C GLY B 2898 54.20 41.37 -92.66
N GLY B 2899 54.26 40.12 -92.21
CA GLY B 2899 54.48 39.84 -90.80
C GLY B 2899 55.51 38.76 -90.60
N GLY B 2900 56.25 38.89 -89.49
CA GLY B 2900 57.27 37.92 -89.15
C GLY B 2900 58.51 38.09 -90.01
N THR B 2901 59.41 37.11 -89.88
CA THR B 2901 60.64 37.09 -90.66
C THR B 2901 61.09 35.66 -90.85
N HIS B 2902 61.69 35.40 -92.01
CA HIS B 2902 62.25 34.11 -92.39
C HIS B 2902 63.58 33.88 -91.68
N PRO B 2903 63.80 32.68 -91.13
CA PRO B 2903 65.07 32.39 -90.43
C PRO B 2903 66.32 32.54 -91.29
N LEU B 2904 66.23 32.28 -92.58
CA LEU B 2904 67.37 32.41 -93.49
C LEU B 2904 67.46 33.78 -94.17
N LEU B 2905 66.57 34.71 -93.83
CA LEU B 2905 66.66 36.10 -94.31
C LEU B 2905 67.67 36.87 -93.46
N VAL B 2906 68.94 36.46 -93.58
CA VAL B 2906 70.04 36.92 -92.74
C VAL B 2906 71.26 37.26 -93.59
N PRO B 2907 72.09 38.23 -93.17
CA PRO B 2907 73.24 38.63 -94.00
C PRO B 2907 74.31 37.55 -94.08
N TYR B 2908 75.06 37.56 -95.19
CA TYR B 2908 76.13 36.58 -95.37
C TYR B 2908 77.30 36.84 -94.43
N ASP B 2909 77.70 38.11 -94.27
CA ASP B 2909 78.81 38.43 -93.37
C ASP B 2909 78.46 38.21 -91.90
N THR B 2910 77.19 37.97 -91.58
CA THR B 2910 76.74 37.68 -90.23
C THR B 2910 76.59 36.17 -89.99
N LEU B 2911 76.25 35.39 -91.02
CA LEU B 2911 75.95 33.98 -90.82
C LEU B 2911 77.20 33.17 -90.47
N THR B 2912 77.02 32.24 -89.54
CA THR B 2912 78.08 31.35 -89.08
C THR B 2912 78.16 30.06 -89.89
N ALA B 2913 78.98 29.13 -89.39
CA ALA B 2913 79.34 27.95 -90.16
C ALA B 2913 78.21 26.93 -90.23
N LYS B 2914 77.27 26.95 -89.27
CA LYS B 2914 76.26 25.90 -89.21
C LYS B 2914 75.35 25.99 -90.44
N GLU B 2915 74.94 27.20 -90.82
CA GLU B 2915 74.16 27.40 -92.03
C GLU B 2915 75.01 27.86 -93.20
N LYS B 2916 76.34 27.98 -93.03
CA LYS B 2916 77.18 28.39 -94.16
C LYS B 2916 77.50 27.23 -95.09
N ALA B 2917 77.13 26.01 -94.70
CA ALA B 2917 77.52 24.80 -95.43
C ALA B 2917 76.89 24.75 -96.81
N ARG B 2918 75.60 25.12 -96.92
CA ARG B 2918 74.85 24.96 -98.16
C ARG B 2918 75.44 25.79 -99.28
N ASP B 2919 75.67 27.08 -99.03
CA ASP B 2919 76.18 27.95 -100.07
C ASP B 2919 77.68 27.73 -100.27
N ARG B 2920 78.43 27.52 -99.16
CA ARG B 2920 79.87 27.38 -99.24
C ARG B 2920 80.29 26.11 -99.98
N GLU B 2921 79.65 24.97 -99.70
CA GLU B 2921 80.05 23.70 -100.28
C GLU B 2921 79.85 23.71 -101.79
N LYS B 2922 78.69 24.20 -102.25
CA LYS B 2922 78.40 24.28 -103.67
C LYS B 2922 79.32 25.27 -104.39
N ALA B 2923 79.56 26.44 -103.78
CA ALA B 2923 80.46 27.42 -104.40
C ALA B 2923 81.89 26.90 -104.46
N GLN B 2924 82.36 26.26 -103.38
CA GLN B 2924 83.71 25.72 -103.35
C GLN B 2924 83.86 24.60 -104.36
N GLU B 2925 82.83 23.75 -104.52
CA GLU B 2925 82.88 22.67 -105.51
C GLU B 2925 82.98 23.25 -106.91
N LEU B 2926 82.22 24.34 -107.16
CA LEU B 2926 82.26 24.99 -108.47
C LEU B 2926 83.67 25.52 -108.74
N LEU B 2927 84.29 26.12 -107.72
CA LEU B 2927 85.63 26.67 -107.87
C LEU B 2927 86.67 25.58 -108.10
N LYS B 2928 86.52 24.42 -107.45
CA LYS B 2928 87.38 23.27 -107.76
C LYS B 2928 87.20 22.81 -109.20
N PHE B 2929 85.95 22.79 -109.68
CA PHE B 2929 85.68 22.40 -111.05
C PHE B 2929 86.34 23.36 -112.04
N LEU B 2930 86.31 24.66 -111.71
CA LEU B 2930 86.97 25.67 -112.53
C LEU B 2930 88.48 25.48 -112.51
N GLN B 2931 89.06 25.24 -111.33
CA GLN B 2931 90.51 25.16 -111.22
C GLN B 2931 91.04 23.87 -111.86
N MET B 2932 90.32 22.75 -111.70
CA MET B 2932 90.75 21.49 -112.31
C MET B 2932 90.70 21.60 -113.83
N ASN B 2933 89.68 22.26 -114.38
CA ASN B 2933 89.68 22.44 -115.83
C ASN B 2933 90.67 23.51 -116.28
N GLY B 2934 91.06 24.43 -115.40
CA GLY B 2934 91.98 25.49 -115.77
C GLY B 2934 91.29 26.80 -116.08
N TYR B 2935 90.36 27.20 -115.22
CA TYR B 2935 89.60 28.44 -115.39
C TYR B 2935 90.02 29.44 -114.32
N ALA B 2936 90.80 30.44 -114.72
CA ALA B 2936 91.23 31.50 -113.82
C ALA B 2936 90.35 32.72 -114.07
N VAL B 2937 89.62 33.15 -113.04
CA VAL B 2937 88.70 34.27 -113.13
C VAL B 2937 89.18 35.34 -112.17
N THR B 2938 89.40 36.55 -112.66
CA THR B 2938 89.91 37.63 -111.84
C THR B 2938 89.15 38.92 -112.17
N ARG B 2939 88.85 39.70 -111.14
CA ARG B 2939 88.19 40.99 -111.29
C ARG B 2939 89.04 41.99 -112.06
N LEU B 2946 93.49 43.43 -99.98
CA LEU B 2946 94.44 42.89 -100.94
C LEU B 2946 95.76 42.56 -100.23
N ASP B 2947 95.99 41.25 -100.06
CA ASP B 2947 97.19 40.69 -99.40
C ASP B 2947 97.38 41.28 -98.00
N THR B 2948 96.28 41.37 -97.25
CA THR B 2948 96.34 41.91 -95.91
C THR B 2948 97.04 40.94 -94.95
N SER B 2949 97.62 41.49 -93.90
CA SER B 2949 98.31 40.70 -92.88
C SER B 2949 97.53 40.74 -91.57
N SER B 2950 97.96 39.90 -90.63
CA SER B 2950 97.27 39.74 -89.35
C SER B 2950 97.26 41.02 -88.54
N ILE B 2951 98.37 41.77 -88.59
CA ILE B 2951 98.45 43.04 -87.87
C ILE B 2951 97.42 43.99 -88.43
N GLU B 2952 97.29 44.05 -89.77
CA GLU B 2952 96.26 44.88 -90.37
C GLU B 2952 94.87 44.38 -90.03
N LYS B 2953 94.73 43.08 -89.70
CA LYS B 2953 93.44 42.53 -89.32
C LYS B 2953 93.10 42.76 -87.86
N ARG B 2954 94.06 43.23 -87.05
CA ARG B 2954 93.83 43.38 -85.62
C ARG B 2954 92.78 44.47 -85.35
N PHE B 2955 91.91 44.19 -84.38
CA PHE B 2955 90.87 45.14 -83.98
C PHE B 2955 91.45 46.42 -83.41
N ALA B 2956 92.46 46.32 -82.54
CA ALA B 2956 93.14 47.51 -82.04
C ALA B 2956 93.76 48.33 -83.16
N PHE B 2957 94.44 47.67 -84.09
CA PHE B 2957 95.03 48.33 -85.26
C PHE B 2957 93.97 48.99 -86.14
N GLY B 2958 92.85 48.29 -86.35
CA GLY B 2958 91.71 48.86 -87.04
C GLY B 2958 91.07 50.04 -86.34
N PHE B 2959 91.09 50.04 -85.01
CA PHE B 2959 90.58 51.18 -84.26
C PHE B 2959 91.57 52.33 -84.28
N LEU B 2960 92.87 52.04 -84.19
CA LEU B 2960 93.90 53.08 -84.13
C LEU B 2960 94.03 53.82 -85.45
N GLN B 2961 93.88 53.09 -86.57
CA GLN B 2961 93.95 53.76 -87.88
C GLN B 2961 92.82 54.77 -87.99
N GLN B 2962 91.60 54.40 -87.56
CA GLN B 2962 90.48 55.33 -87.64
C GLN B 2962 90.68 56.49 -86.68
N LEU B 2963 91.35 56.22 -85.56
CA LEU B 2963 91.67 57.28 -84.59
C LEU B 2963 92.57 58.32 -85.22
N LEU B 2964 93.58 57.87 -85.97
CA LEU B 2964 94.45 58.82 -86.67
C LEU B 2964 93.72 59.55 -87.80
N ARG B 2965 92.81 58.85 -88.50
CA ARG B 2965 92.02 59.49 -89.55
C ARG B 2965 91.11 60.59 -88.99
N TRP B 2966 90.49 60.35 -87.84
CA TRP B 2966 89.75 61.43 -87.21
C TRP B 2966 90.66 62.43 -86.51
N MET B 2967 91.88 62.02 -86.17
CA MET B 2967 92.83 62.94 -85.55
C MET B 2967 93.25 64.05 -86.51
N ASP B 2968 93.51 63.70 -87.77
CA ASP B 2968 93.83 64.75 -88.75
C ASP B 2968 92.64 65.67 -88.98
N ILE B 2969 91.41 65.15 -88.94
CA ILE B 2969 90.21 66.00 -89.00
C ILE B 2969 90.16 66.92 -87.78
N SER B 2970 90.58 66.41 -86.62
CA SER B 2970 90.67 67.25 -85.42
C SER B 2970 91.68 68.36 -85.63
N GLN B 2971 92.83 68.06 -86.24
CA GLN B 2971 93.77 69.13 -86.59
C GLN B 2971 93.19 70.05 -87.66
N GLU B 2972 92.22 69.56 -88.44
CA GLU B 2972 91.70 70.32 -89.56
C GLU B 2972 90.81 71.46 -89.07
N PHE B 2973 89.92 71.16 -88.11
CA PHE B 2973 88.99 72.23 -87.73
C PHE B 2973 89.54 73.20 -86.68
N ILE B 2974 90.50 72.77 -85.86
CA ILE B 2974 91.06 73.64 -84.82
C ILE B 2974 91.71 74.88 -85.42
N ALA B 2975 92.39 74.75 -86.57
CA ALA B 2975 92.98 75.90 -87.25
C ALA B 2975 91.91 76.90 -87.66
N HIS B 2976 90.77 76.40 -88.12
CA HIS B 2976 89.64 77.26 -88.47
C HIS B 2976 89.13 77.99 -87.25
N LEU B 2977 88.94 77.27 -86.13
CA LEU B 2977 88.39 77.90 -84.93
C LEU B 2977 89.35 78.96 -84.37
N GLU B 2978 90.66 78.67 -84.39
CA GLU B 2978 91.68 79.62 -83.94
C GLU B 2978 91.66 80.87 -84.80
N ALA B 2979 91.48 80.71 -86.11
CA ALA B 2979 91.51 81.88 -86.98
C ALA B 2979 90.25 82.71 -86.77
N VAL B 2980 89.08 82.06 -86.74
CA VAL B 2980 87.81 82.79 -86.73
C VAL B 2980 87.60 83.53 -85.41
N VAL B 2981 88.01 82.92 -84.28
CA VAL B 2981 87.77 83.58 -82.99
C VAL B 2981 88.64 84.83 -82.86
N SER B 2982 89.88 84.78 -83.39
CA SER B 2982 90.76 85.94 -83.31
C SER B 2982 90.34 87.04 -84.29
N SER B 2983 90.02 86.66 -85.53
CA SER B 2983 89.66 87.65 -86.54
C SER B 2983 88.66 87.07 -87.52
N GLY B 2984 87.80 87.92 -88.06
CA GLY B 2984 86.76 87.48 -88.98
C GLY B 2984 85.78 86.52 -88.35
N ARG B 2985 85.01 87.00 -87.38
CA ARG B 2985 84.11 86.14 -86.60
C ARG B 2985 82.95 85.69 -87.47
N VAL B 2986 82.89 84.40 -87.76
CA VAL B 2986 81.78 83.77 -88.44
C VAL B 2986 81.24 82.66 -87.54
N GLU B 2987 79.91 82.66 -87.36
CA GLU B 2987 79.26 81.74 -86.44
C GLU B 2987 78.62 80.56 -87.14
N LYS B 2988 78.93 80.33 -88.43
CA LYS B 2988 78.37 79.20 -89.15
C LYS B 2988 78.85 77.87 -88.57
N SER B 2989 80.16 77.78 -88.24
CA SER B 2989 80.85 76.62 -87.71
C SER B 2989 80.60 75.39 -88.56
N PRO B 2990 81.21 75.29 -89.76
CA PRO B 2990 80.90 74.16 -90.67
C PRO B 2990 81.24 72.79 -90.12
N HIS B 2991 82.14 72.70 -89.15
CA HIS B 2991 82.58 71.42 -88.61
C HIS B 2991 81.88 71.07 -87.31
N GLU B 2992 80.64 71.54 -87.12
CA GLU B 2992 79.92 71.38 -85.86
C GLU B 2992 79.67 69.92 -85.51
N GLN B 2993 79.25 69.13 -86.51
CA GLN B 2993 79.02 67.70 -86.30
C GLN B 2993 80.30 66.99 -85.94
N GLU B 2994 81.41 67.33 -86.62
CA GLU B 2994 82.69 66.71 -86.34
C GLU B 2994 83.19 67.09 -84.94
N ILE B 2995 82.98 68.34 -84.53
CA ILE B 2995 83.36 68.80 -83.20
C ILE B 2995 82.59 68.04 -82.13
N LYS B 2996 81.28 67.92 -82.31
CA LYS B 2996 80.45 67.20 -81.35
C LYS B 2996 80.78 65.72 -81.30
N PHE B 2997 80.97 65.09 -82.47
CA PHE B 2997 81.30 63.67 -82.50
C PHE B 2997 82.65 63.38 -81.88
N PHE B 2998 83.66 64.21 -82.18
CA PHE B 2998 84.98 64.04 -81.59
C PHE B 2998 84.98 64.26 -80.09
N ALA B 2999 84.28 65.30 -79.64
CA ALA B 2999 84.29 65.68 -78.22
C ALA B 2999 83.48 64.73 -77.38
N LYS B 3000 82.37 64.22 -77.91
CA LYS B 3000 81.44 63.45 -77.13
C LYS B 3000 81.54 61.96 -77.40
N ILE B 3001 82.35 61.55 -78.38
CA ILE B 3001 82.54 60.13 -78.67
C ILE B 3001 84.00 59.72 -78.53
N LEU B 3002 84.91 60.39 -79.26
CA LEU B 3002 86.31 59.98 -79.29
C LEU B 3002 86.97 60.03 -77.92
N LEU B 3003 86.81 61.15 -77.21
CA LEU B 3003 87.40 61.27 -75.88
C LEU B 3003 86.86 60.24 -74.87
N PRO B 3004 85.53 60.04 -74.70
CA PRO B 3004 85.10 58.92 -73.83
C PRO B 3004 85.52 57.56 -74.33
N LEU B 3005 85.56 57.33 -75.65
CA LEU B 3005 85.94 56.02 -76.16
C LEU B 3005 87.41 55.73 -75.84
N ILE B 3006 88.29 56.71 -76.05
CA ILE B 3006 89.70 56.55 -75.69
C ILE B 3006 89.83 56.38 -74.18
N ASN B 3007 88.98 57.08 -73.43
CA ASN B 3007 88.98 57.02 -71.96
C ASN B 3007 88.71 55.59 -71.48
N GLN B 3008 87.57 55.03 -71.88
CA GLN B 3008 87.19 53.71 -71.37
C GLN B 3008 88.04 52.62 -72.00
N TYR B 3009 88.24 52.69 -73.33
CA TYR B 3009 88.94 51.64 -74.06
C TYR B 3009 90.37 51.53 -73.57
N PHE B 3010 91.05 52.68 -73.39
CA PHE B 3010 92.42 52.65 -72.93
C PHE B 3010 92.50 52.33 -71.45
N THR B 3011 91.48 52.72 -70.65
CA THR B 3011 91.49 52.36 -69.24
C THR B 3011 91.43 50.84 -69.06
N ASN B 3012 90.55 50.18 -69.81
CA ASN B 3012 90.45 48.72 -69.75
C ASN B 3012 91.56 48.01 -70.51
N HIS B 3013 92.24 48.67 -71.45
CA HIS B 3013 93.25 48.02 -72.28
C HIS B 3013 94.63 48.66 -72.15
N CYS B 3014 94.90 49.34 -71.03
CA CYS B 3014 96.22 49.93 -70.79
C CYS B 3014 97.30 48.87 -70.72
N LEU B 3015 97.01 47.74 -70.06
CA LEU B 3015 97.99 46.68 -69.90
C LEU B 3015 98.38 46.05 -71.24
N TYR B 3016 97.42 45.96 -72.17
CA TYR B 3016 97.70 45.35 -73.48
C TYR B 3016 98.73 46.15 -74.26
N PHE B 3017 98.59 47.48 -74.28
CA PHE B 3017 99.54 48.32 -74.99
C PHE B 3017 100.91 48.32 -74.30
N LEU B 3018 100.92 48.19 -72.98
CA LEU B 3018 102.19 48.04 -72.27
C LEU B 3018 102.74 46.63 -72.36
N SER B 3019 101.94 45.66 -72.76
CA SER B 3019 102.38 44.28 -72.84
C SER B 3019 103.37 44.10 -73.99
N THR B 3020 104.43 43.35 -73.73
CA THR B 3020 105.47 42.99 -74.66
C THR B 3020 105.68 41.48 -74.58
N PRO B 3021 106.12 40.83 -75.66
CA PRO B 3021 106.34 39.37 -75.59
C PRO B 3021 107.35 38.94 -74.53
N ALA B 3022 108.34 39.78 -74.22
CA ALA B 3022 109.32 39.43 -73.20
C ALA B 3022 108.77 39.56 -71.78
N LYS B 3023 107.66 40.28 -71.58
CA LYS B 3023 107.12 40.51 -70.25
C LYS B 3023 105.64 40.84 -70.41
N VAL B 3024 104.76 39.94 -69.96
CA VAL B 3024 103.33 40.10 -70.13
C VAL B 3024 102.73 40.68 -68.86
N LEU B 3025 101.72 41.52 -69.03
CA LEU B 3025 100.96 42.09 -67.91
C LEU B 3025 99.47 41.85 -68.03
N GLY B 3026 98.92 41.90 -69.25
CA GLY B 3026 97.49 41.72 -69.44
C GLY B 3026 97.08 40.26 -69.40
N SER B 3027 95.77 40.04 -69.57
CA SER B 3027 95.21 38.69 -69.55
C SER B 3027 95.75 37.85 -70.70
N GLY B 3028 95.82 38.43 -71.90
CA GLY B 3028 96.34 37.71 -73.05
C GLY B 3028 96.63 38.62 -74.22
N GLY B 3029 97.69 38.32 -74.97
CA GLY B 3029 98.04 39.12 -76.12
C GLY B 3029 98.80 40.39 -75.79
N HIS B 3030 99.78 40.72 -76.62
CA HIS B 3030 100.59 41.92 -76.45
C HIS B 3030 100.48 42.78 -77.71
N ALA B 3031 100.55 44.10 -77.51
CA ALA B 3031 100.43 45.04 -78.61
C ALA B 3031 101.57 44.89 -79.59
N SER B 3032 101.26 45.06 -80.88
CA SER B 3032 102.31 44.97 -81.88
C SER B 3032 103.17 46.23 -81.86
N ASN B 3033 104.26 46.17 -82.63
CA ASN B 3033 105.15 47.31 -82.77
C ASN B 3033 104.43 48.48 -83.42
N LYS B 3034 103.62 48.18 -84.45
CA LYS B 3034 102.88 49.22 -85.17
C LYS B 3034 101.90 49.91 -84.23
N GLU B 3035 101.20 49.13 -83.39
CA GLU B 3035 100.22 49.71 -82.48
C GLU B 3035 100.92 50.61 -81.46
N LYS B 3036 102.06 50.16 -80.92
CA LYS B 3036 102.79 50.98 -79.94
C LYS B 3036 103.30 52.28 -80.56
N GLU B 3037 103.65 52.24 -81.85
CA GLU B 3037 104.08 53.47 -82.52
C GLU B 3037 102.89 54.37 -82.77
N MET B 3038 101.76 53.80 -83.20
CA MET B 3038 100.59 54.62 -83.50
C MET B 3038 100.05 55.30 -82.23
N ILE B 3039 100.00 54.58 -81.10
CA ILE B 3039 99.56 55.22 -79.86
C ILE B 3039 100.54 56.32 -79.43
N THR B 3040 101.85 56.11 -79.63
CA THR B 3040 102.81 57.17 -79.32
C THR B 3040 102.64 58.39 -80.22
N SER B 3041 102.46 58.16 -81.53
CA SER B 3041 102.24 59.25 -82.48
C SER B 3041 100.93 59.97 -82.18
N LEU B 3042 99.88 59.22 -81.86
CA LEU B 3042 98.60 59.82 -81.48
C LEU B 3042 98.73 60.66 -80.23
N PHE B 3043 99.49 60.18 -79.23
CA PHE B 3043 99.71 60.95 -78.01
C PHE B 3043 100.41 62.28 -78.31
N CYS B 3044 101.42 62.25 -79.18
CA CYS B 3044 102.07 63.48 -79.61
C CYS B 3044 101.11 64.39 -80.36
N LYS B 3045 100.28 63.81 -81.23
CA LYS B 3045 99.32 64.58 -82.01
C LYS B 3045 98.30 65.26 -81.11
N LEU B 3046 97.81 64.54 -80.09
CA LEU B 3046 96.92 65.15 -79.10
C LEU B 3046 97.60 66.26 -78.33
N ALA B 3047 98.88 66.07 -77.97
CA ALA B 3047 99.62 67.09 -77.25
C ALA B 3047 99.75 68.38 -78.06
N ALA B 3048 100.03 68.25 -79.35
CA ALA B 3048 100.05 69.44 -80.21
C ALA B 3048 98.64 69.95 -80.50
N LEU B 3049 97.64 69.06 -80.43
CA LEU B 3049 96.25 69.47 -80.61
C LEU B 3049 95.81 70.37 -79.46
N VAL B 3050 96.25 70.05 -78.24
CA VAL B 3050 95.78 70.79 -77.07
C VAL B 3050 96.69 71.97 -76.75
N ARG B 3051 97.91 72.03 -77.34
CA ARG B 3051 98.84 73.12 -77.07
C ARG B 3051 98.24 74.47 -77.42
N HIS B 3052 98.11 75.35 -76.41
CA HIS B 3052 97.52 76.69 -76.47
C HIS B 3052 96.04 76.68 -76.87
N ARG B 3053 95.38 75.53 -76.86
CA ARG B 3053 93.97 75.40 -77.22
C ARG B 3053 93.12 74.86 -76.07
N VAL B 3054 93.57 75.07 -74.83
CA VAL B 3054 92.87 74.57 -73.66
C VAL B 3054 91.54 75.33 -73.43
N SER B 3055 91.54 76.65 -73.56
CA SER B 3055 90.31 77.40 -73.33
C SER B 3055 89.36 77.35 -74.52
N LEU B 3056 89.86 77.00 -75.71
CA LEU B 3056 88.99 76.92 -76.88
C LEU B 3056 88.00 75.77 -76.76
N PHE B 3057 88.44 74.64 -76.23
CA PHE B 3057 87.58 73.46 -76.12
C PHE B 3057 86.61 73.55 -74.95
N GLY B 3058 86.86 74.43 -73.97
CA GLY B 3058 85.96 74.61 -72.85
C GLY B 3058 85.78 73.41 -71.96
N THR B 3059 84.59 72.80 -72.02
CA THR B 3059 84.23 71.64 -71.21
C THR B 3059 84.79 70.34 -71.78
N ASP B 3060 85.28 70.33 -73.01
CA ASP B 3060 85.89 69.14 -73.59
C ASP B 3060 87.34 68.98 -73.19
N ALA B 3061 87.96 70.06 -72.69
CA ALA B 3061 89.35 69.98 -72.22
C ALA B 3061 89.58 69.01 -71.07
N PRO B 3062 88.75 68.93 -69.99
CA PRO B 3062 89.01 67.88 -68.98
C PRO B 3062 88.99 66.46 -69.54
N ALA B 3063 88.14 66.20 -70.53
CA ALA B 3063 88.18 64.92 -71.25
C ALA B 3063 89.49 64.76 -72.01
N VAL B 3064 89.98 65.83 -72.62
CA VAL B 3064 91.24 65.76 -73.36
C VAL B 3064 92.40 65.45 -72.41
N VAL B 3065 92.47 66.15 -71.28
CA VAL B 3065 93.58 65.95 -70.34
C VAL B 3065 93.49 64.56 -69.71
N ASN B 3066 92.28 64.01 -69.53
CA ASN B 3066 92.17 62.64 -69.03
C ASN B 3066 92.64 61.63 -70.06
N CYS B 3067 92.36 61.89 -71.35
CA CYS B 3067 92.92 61.03 -72.41
C CYS B 3067 94.44 61.11 -72.43
N LEU B 3068 94.99 62.32 -72.22
CA LEU B 3068 96.44 62.49 -72.19
C LEU B 3068 97.06 61.74 -71.02
N HIS B 3069 96.40 61.76 -69.85
CA HIS B 3069 96.91 61.06 -68.67
C HIS B 3069 96.92 59.55 -68.90
N ILE B 3070 95.83 59.03 -69.46
CA ILE B 3070 95.74 57.59 -69.70
C ILE B 3070 96.75 57.16 -70.77
N LEU B 3071 96.91 57.97 -71.83
CA LEU B 3071 97.92 57.67 -72.85
C LEU B 3071 99.33 57.67 -72.27
N ALA B 3072 99.61 58.63 -71.36
CA ALA B 3072 100.90 58.67 -70.69
C ALA B 3072 101.13 57.41 -69.86
N ARG B 3073 100.10 56.96 -69.15
CA ARG B 3073 100.23 55.73 -68.39
C ARG B 3073 100.17 54.48 -69.27
N SER B 3074 99.84 54.62 -70.55
CA SER B 3074 99.80 53.49 -71.48
C SER B 3074 100.78 53.66 -72.64
N LEU B 3075 101.90 54.34 -72.40
CA LEU B 3075 102.89 54.60 -73.44
C LEU B 3075 104.01 53.57 -73.31
N ASP B 3076 104.21 52.77 -74.37
CA ASP B 3076 105.36 51.88 -74.48
C ASP B 3076 106.48 52.54 -75.30
N ALA B 3077 106.90 53.70 -74.77
CA ALA B 3077 107.91 54.52 -75.43
C ALA B 3077 109.26 53.83 -75.49
N ARG B 3078 109.56 52.90 -74.57
CA ARG B 3078 110.81 52.15 -74.65
C ARG B 3078 110.88 51.32 -75.92
N THR B 3079 109.77 50.64 -76.25
CA THR B 3079 109.68 49.86 -77.48
C THR B 3079 109.72 50.76 -78.70
N VAL B 3080 109.09 51.93 -78.61
CA VAL B 3080 109.08 52.84 -79.75
C VAL B 3080 110.48 53.41 -79.99
N MET B 3081 111.17 53.79 -78.91
CA MET B 3081 112.51 54.37 -79.03
C MET B 3081 113.51 53.34 -79.55
N LYS B 3082 113.44 52.09 -79.06
CA LYS B 3082 114.32 51.04 -79.57
C LYS B 3082 114.04 50.74 -81.04
N SER B 3083 112.76 50.67 -81.42
CA SER B 3083 112.42 50.40 -82.81
C SER B 3083 111.11 51.09 -83.13
N GLY B 3084 111.16 52.09 -84.01
CA GLY B 3084 109.99 52.84 -84.39
C GLY B 3084 110.28 53.80 -85.53
N PRO B 3085 109.28 54.58 -85.91
CA PRO B 3085 109.47 55.57 -86.97
C PRO B 3085 110.21 56.80 -86.49
N GLU B 3086 111.09 57.30 -87.35
CA GLU B 3086 111.85 58.50 -87.04
C GLU B 3086 110.93 59.70 -86.90
N ILE B 3087 109.86 59.74 -87.70
CA ILE B 3087 108.88 60.82 -87.61
C ILE B 3087 108.19 60.83 -86.24
N VAL B 3088 107.81 59.65 -85.74
CA VAL B 3088 107.16 59.53 -84.43
C VAL B 3088 108.12 59.90 -83.32
N LYS B 3089 109.36 59.41 -83.40
CA LYS B 3089 110.36 59.70 -82.36
C LYS B 3089 110.71 61.18 -82.34
N ALA B 3090 110.94 61.77 -83.53
CA ALA B 3090 111.23 63.19 -83.62
C ALA B 3090 110.05 64.03 -83.15
N GLY B 3091 108.83 63.62 -83.48
CA GLY B 3091 107.65 64.31 -82.95
C GLY B 3091 107.57 64.28 -81.43
N LEU B 3092 107.92 63.14 -80.84
CA LEU B 3092 108.03 63.05 -79.38
C LEU B 3092 109.09 63.99 -78.82
N ARG B 3093 110.27 64.03 -79.47
CA ARG B 3093 111.32 64.93 -79.00
C ARG B 3093 110.93 66.39 -79.17
N SER B 3094 110.26 66.72 -80.27
CA SER B 3094 109.76 68.08 -80.47
C SER B 3094 108.74 68.46 -79.41
N PHE B 3095 107.94 67.47 -78.97
CA PHE B 3095 107.04 67.70 -77.84
C PHE B 3095 107.83 67.99 -76.57
N PHE B 3096 108.95 67.29 -76.37
CA PHE B 3096 109.80 67.55 -75.20
C PHE B 3096 110.37 68.97 -75.24
N GLU B 3097 110.80 69.42 -76.43
CA GLU B 3097 111.26 70.79 -76.59
C GLU B 3097 110.13 71.78 -76.36
N SER B 3098 108.94 71.49 -76.87
CA SER B 3098 107.79 72.38 -76.72
C SER B 3098 107.41 72.53 -75.26
N ALA B 3099 107.43 71.42 -74.52
CA ALA B 3099 107.18 71.45 -73.08
C ALA B 3099 108.25 72.26 -72.36
N SER B 3100 109.51 72.12 -72.77
CA SER B 3100 110.59 72.90 -72.17
C SER B 3100 110.40 74.40 -72.44
N GLU B 3101 110.00 74.75 -73.66
CA GLU B 3101 109.75 76.16 -74.00
C GLU B 3101 108.59 76.73 -73.18
N ASP B 3102 107.51 75.95 -73.02
CA ASP B 3102 106.38 76.41 -72.24
C ASP B 3102 106.74 76.59 -70.77
N ILE B 3103 107.47 75.63 -70.20
CA ILE B 3103 107.80 75.74 -68.79
C ILE B 3103 108.83 76.85 -68.57
N GLU B 3104 109.73 77.10 -69.54
CA GLU B 3104 110.66 78.21 -69.41
C GLU B 3104 109.94 79.55 -69.56
N LYS B 3105 108.85 79.57 -70.33
CA LYS B 3105 108.00 80.75 -70.34
C LYS B 3105 107.33 80.93 -68.99
N MET B 3106 106.95 79.82 -68.33
CA MET B 3106 106.33 79.93 -67.01
C MET B 3106 107.33 80.48 -66.00
N VAL B 3107 108.59 80.03 -66.05
CA VAL B 3107 109.58 80.46 -65.07
C VAL B 3107 109.94 81.94 -65.28
N GLU B 3108 109.99 82.41 -66.54
CA GLU B 3108 110.26 83.84 -66.73
C GLU B 3108 109.04 84.70 -66.41
N ASN B 3109 107.83 84.18 -66.63
CA ASN B 3109 106.64 84.88 -66.13
C ASN B 3109 106.61 84.95 -64.60
N LEU B 3110 106.97 83.86 -63.93
CA LEU B 3110 107.09 83.82 -62.48
C LEU B 3110 108.28 84.62 -61.95
N ARG B 3111 109.21 85.01 -62.82
CA ARG B 3111 110.32 85.90 -62.46
C ARG B 3111 109.91 87.38 -62.39
N LEU B 3112 108.59 87.66 -62.34
CA LEU B 3112 107.98 88.98 -62.43
C LEU B 3112 108.24 89.65 -63.78
N GLY B 3113 108.59 88.87 -64.80
CA GLY B 3113 108.70 89.41 -66.15
C GLY B 3113 107.37 89.90 -66.67
N LYS B 3114 106.30 89.17 -66.40
CA LYS B 3114 104.94 89.63 -66.69
C LYS B 3114 104.04 89.20 -65.53
N VAL B 3115 103.03 90.04 -65.24
CA VAL B 3115 102.11 89.79 -64.14
C VAL B 3115 101.31 88.51 -64.36
N SER B 3116 101.08 88.13 -65.62
CA SER B 3116 100.38 86.92 -66.06
C SER B 3116 98.95 86.86 -65.55
N LYS B 3123 96.75 87.73 -73.56
CA LYS B 3123 97.59 87.45 -74.71
C LYS B 3123 98.12 86.03 -74.66
N GLY B 3124 99.28 85.80 -75.30
CA GLY B 3124 99.86 84.46 -75.33
C GLY B 3124 100.40 83.99 -74.00
N VAL B 3125 100.76 84.93 -73.11
CA VAL B 3125 101.26 84.57 -71.78
C VAL B 3125 100.17 83.88 -70.97
N GLY B 3126 98.95 84.43 -71.01
CA GLY B 3126 97.85 83.86 -70.25
C GLY B 3126 97.49 82.47 -70.75
N GLN B 3127 97.42 82.32 -72.07
CA GLN B 3127 97.12 81.03 -72.68
C GLN B 3127 98.19 79.99 -72.38
N ASN B 3128 99.47 80.37 -72.44
CA ASN B 3128 100.54 79.44 -72.07
C ASN B 3128 100.46 79.06 -70.60
N LEU B 3129 100.16 80.03 -69.72
CA LEU B 3129 100.04 79.75 -68.29
C LEU B 3129 98.92 78.75 -68.02
N THR B 3130 97.72 79.02 -68.54
CA THR B 3130 96.61 78.12 -68.29
C THR B 3130 96.76 76.81 -69.06
N TYR B 3131 97.53 76.80 -70.14
CA TYR B 3131 97.77 75.55 -70.85
C TYR B 3131 98.67 74.64 -70.04
N THR B 3132 99.77 75.19 -69.53
CA THR B 3132 100.72 74.34 -68.85
C THR B 3132 100.25 73.92 -67.47
N THR B 3133 99.69 74.86 -66.68
CA THR B 3133 99.35 74.58 -65.28
C THR B 3133 98.17 73.64 -65.15
N VAL B 3134 97.40 73.46 -66.22
CA VAL B 3134 96.21 72.63 -66.22
C VAL B 3134 96.49 71.32 -66.93
N ALA B 3135 97.07 71.37 -68.13
CA ALA B 3135 97.25 70.18 -68.91
C ALA B 3135 98.70 69.70 -68.94
N LEU B 3136 99.65 70.56 -69.34
CA LEU B 3136 101.01 70.08 -69.65
C LEU B 3136 101.72 69.53 -68.43
N LEU B 3137 101.77 70.30 -67.34
CA LEU B 3137 102.50 69.89 -66.14
C LEU B 3137 101.95 68.61 -65.48
N PRO B 3138 100.64 68.47 -65.17
CA PRO B 3138 100.18 67.17 -64.63
C PRO B 3138 100.39 65.99 -65.57
N VAL B 3139 100.22 66.19 -66.87
CA VAL B 3139 100.46 65.10 -67.83
C VAL B 3139 101.94 64.75 -67.89
N LEU B 3140 102.81 65.77 -67.86
CA LEU B 3140 104.25 65.53 -67.80
C LEU B 3140 104.65 64.77 -66.53
N THR B 3141 104.04 65.13 -65.40
CA THR B 3141 104.21 64.37 -64.16
C THR B 3141 103.72 62.93 -64.29
N THR B 3142 102.58 62.74 -64.97
CA THR B 3142 102.03 61.41 -65.21
C THR B 3142 102.98 60.57 -66.07
N LEU B 3143 103.53 61.19 -67.11
CA LEU B 3143 104.49 60.51 -67.99
C LEU B 3143 105.76 60.16 -67.23
N PHE B 3144 106.23 61.08 -66.37
CA PHE B 3144 107.40 60.81 -65.56
C PHE B 3144 107.17 59.65 -64.59
N GLN B 3145 106.00 59.60 -63.95
CA GLN B 3145 105.66 58.47 -63.09
C GLN B 3145 105.62 57.16 -63.86
N HIS B 3146 105.02 57.18 -65.05
CA HIS B 3146 104.98 56.00 -65.90
C HIS B 3146 106.37 55.54 -66.32
N ILE B 3147 107.23 56.50 -66.67
CA ILE B 3147 108.59 56.18 -67.11
C ILE B 3147 109.42 55.68 -65.93
N ALA B 3148 109.33 56.34 -64.79
CA ALA B 3148 110.12 55.98 -63.61
C ALA B 3148 109.73 54.59 -63.10
N GLN B 3149 108.43 54.31 -63.02
CA GLN B 3149 107.96 53.00 -62.60
C GLN B 3149 108.34 51.92 -63.60
N HIS B 3150 108.23 52.20 -64.90
CA HIS B 3150 108.54 51.21 -65.92
C HIS B 3150 110.02 51.16 -66.28
N GLN B 3151 110.85 52.00 -65.65
CA GLN B 3151 112.30 52.13 -65.90
C GLN B 3151 112.57 52.46 -67.36
N PHE B 3152 111.73 53.32 -67.93
CA PHE B 3152 111.80 53.74 -69.32
C PHE B 3152 112.82 54.84 -69.57
N GLY B 3153 113.35 55.47 -68.52
CA GLY B 3153 114.29 56.57 -68.69
C GLY B 3153 115.59 56.16 -69.34
N ASP B 3154 116.07 54.95 -69.03
CA ASP B 3154 117.31 54.43 -69.60
C ASP B 3154 117.22 54.15 -71.10
N ASP B 3155 116.02 54.12 -71.69
CA ASP B 3155 115.86 53.80 -73.10
C ASP B 3155 115.18 54.89 -73.92
N VAL B 3156 114.56 55.89 -73.29
CA VAL B 3156 113.89 56.96 -73.99
C VAL B 3156 114.61 58.29 -73.84
N ILE B 3157 115.09 58.59 -72.64
CA ILE B 3157 115.85 59.83 -72.40
C ILE B 3157 117.30 59.53 -72.73
N LEU B 3158 117.62 59.60 -74.03
CA LEU B 3158 118.93 59.17 -74.51
C LEU B 3158 119.74 60.28 -75.17
N ASP B 3159 119.18 61.00 -76.14
CA ASP B 3159 119.97 61.88 -76.98
C ASP B 3159 119.70 63.36 -76.74
N ASP B 3160 118.45 63.81 -76.90
CA ASP B 3160 118.10 65.22 -76.75
C ASP B 3160 117.09 65.47 -75.64
N VAL B 3161 116.39 64.42 -75.20
CA VAL B 3161 115.49 64.53 -74.07
C VAL B 3161 116.28 64.86 -72.80
N GLN B 3162 117.52 64.34 -72.69
CA GLN B 3162 118.42 64.70 -71.60
C GLN B 3162 118.72 66.20 -71.58
N VAL B 3163 118.96 66.77 -72.76
CA VAL B 3163 119.15 68.22 -72.90
C VAL B 3163 117.89 68.98 -72.50
N SER B 3164 116.72 68.49 -72.93
CA SER B 3164 115.44 69.10 -72.53
C SER B 3164 115.26 69.05 -71.02
N CYS B 3165 115.67 67.93 -70.41
CA CYS B 3165 115.63 67.77 -68.97
C CYS B 3165 116.52 68.80 -68.30
N TYR B 3166 117.76 68.97 -68.77
CA TYR B 3166 118.69 69.91 -68.15
C TYR B 3166 118.18 71.35 -68.25
N ARG B 3167 117.62 71.71 -69.41
CA ARG B 3167 117.01 73.04 -69.59
C ARG B 3167 115.88 73.26 -68.61
N THR B 3168 115.02 72.24 -68.45
CA THR B 3168 113.93 72.33 -67.50
C THR B 3168 114.46 72.42 -66.07
N LEU B 3169 115.53 71.67 -65.76
CA LEU B 3169 116.09 71.64 -64.41
C LEU B 3169 116.57 73.03 -63.99
N CYS B 3170 117.31 73.68 -64.90
CA CYS B 3170 117.82 75.01 -64.63
C CYS B 3170 116.68 76.01 -64.46
N SER B 3171 115.66 75.91 -65.34
CA SER B 3171 114.60 76.90 -65.31
C SER B 3171 113.77 76.79 -64.04
N ILE B 3172 113.38 75.57 -63.65
CA ILE B 3172 112.48 75.45 -62.52
C ILE B 3172 113.23 75.64 -61.20
N TYR B 3173 114.52 75.25 -61.13
CA TYR B 3173 115.24 75.54 -59.91
C TYR B 3173 115.67 77.00 -59.82
N SER B 3174 115.54 77.77 -60.90
CA SER B 3174 115.88 79.19 -60.85
C SER B 3174 114.93 80.00 -59.96
N LEU B 3175 113.81 79.42 -59.52
CA LEU B 3175 112.79 80.02 -58.67
C LEU B 3175 113.15 79.96 -57.19
N GLY B 3176 114.35 79.48 -56.84
CA GLY B 3176 114.73 79.36 -55.44
C GLY B 3176 114.79 80.70 -54.72
N THR B 3177 115.35 81.71 -55.38
CA THR B 3177 115.46 83.05 -54.81
C THR B 3177 114.28 83.94 -55.19
N THR B 3178 113.28 83.41 -55.87
CA THR B 3178 112.14 84.18 -56.37
C THR B 3178 110.93 83.88 -55.49
N LYS B 3179 110.28 84.95 -54.99
CA LYS B 3179 109.16 84.83 -54.07
C LYS B 3179 107.98 85.66 -54.60
N ASN B 3180 107.01 84.99 -55.20
CA ASN B 3180 105.79 85.61 -55.70
C ASN B 3180 104.60 84.74 -55.35
N THR B 3181 103.41 85.33 -55.43
CA THR B 3181 102.17 84.60 -55.18
C THR B 3181 101.96 83.49 -56.21
N TYR B 3182 102.26 83.78 -57.48
CA TYR B 3182 102.17 82.75 -58.52
C TYR B 3182 103.16 81.62 -58.27
N VAL B 3183 104.35 81.97 -57.75
CA VAL B 3183 105.33 80.98 -57.37
C VAL B 3183 104.79 80.11 -56.25
N GLU B 3184 104.16 80.75 -55.25
CA GLU B 3184 103.66 80.02 -54.08
C GLU B 3184 102.56 79.05 -54.51
N LYS B 3185 101.62 79.52 -55.35
CA LYS B 3185 100.54 78.66 -55.79
C LYS B 3185 101.02 77.56 -56.74
N LEU B 3186 102.24 77.67 -57.28
CA LEU B 3186 102.74 76.64 -58.18
C LEU B 3186 103.84 75.77 -57.57
N ARG B 3187 104.29 76.06 -56.34
CA ARG B 3187 105.36 75.28 -55.69
C ARG B 3187 105.08 73.78 -55.58
N PRO B 3188 103.91 73.28 -55.12
CA PRO B 3188 103.73 71.82 -55.06
C PRO B 3188 103.73 71.16 -56.41
N ALA B 3189 103.09 71.77 -57.41
CA ALA B 3189 102.96 71.15 -58.73
C ALA B 3189 104.32 70.99 -59.38
N LEU B 3190 105.14 72.04 -59.32
CA LEU B 3190 106.47 71.96 -59.93
C LEU B 3190 107.36 71.03 -59.13
N GLY B 3191 107.19 71.04 -57.79
CA GLY B 3191 108.01 70.18 -56.95
C GLY B 3191 107.76 68.71 -57.23
N GLU B 3192 106.48 68.32 -57.30
CA GLU B 3192 106.16 66.92 -57.59
C GLU B 3192 106.55 66.56 -59.03
N CYS B 3193 106.43 67.51 -59.97
CA CYS B 3193 106.83 67.26 -61.36
C CYS B 3193 108.32 67.00 -61.47
N LEU B 3194 109.14 67.79 -60.77
CA LEU B 3194 110.58 67.56 -60.77
C LEU B 3194 110.96 66.32 -59.97
N ALA B 3195 110.27 66.03 -58.88
CA ALA B 3195 110.51 64.80 -58.13
C ALA B 3195 110.25 63.56 -58.98
N ARG B 3196 109.15 63.57 -59.75
CA ARG B 3196 108.92 62.51 -60.72
C ARG B 3196 109.95 62.52 -61.84
N LEU B 3197 110.45 63.71 -62.21
CA LEU B 3197 111.49 63.82 -63.23
C LEU B 3197 112.78 63.18 -62.77
N ALA B 3198 113.15 63.39 -61.50
CA ALA B 3198 114.42 62.87 -60.98
C ALA B 3198 114.46 61.35 -61.04
N ALA B 3199 113.35 60.71 -60.67
CA ALA B 3199 113.26 59.26 -60.78
C ALA B 3199 113.16 58.80 -62.23
N ALA B 3200 112.54 59.58 -63.10
CA ALA B 3200 112.39 59.17 -64.49
C ALA B 3200 113.61 59.48 -65.35
N MET B 3201 114.51 60.32 -64.88
CA MET B 3201 115.69 60.83 -65.56
C MET B 3201 116.92 59.97 -65.27
N PRO B 3202 117.61 59.50 -66.30
CA PRO B 3202 118.59 58.40 -66.15
C PRO B 3202 120.03 58.82 -65.91
N VAL B 3203 120.33 60.09 -65.65
CA VAL B 3203 121.71 60.51 -65.43
C VAL B 3203 121.85 61.11 -64.03
N ALA B 3204 123.08 61.12 -63.55
CA ALA B 3204 123.41 61.66 -62.24
C ALA B 3204 123.69 63.15 -62.39
N PHE B 3205 122.81 63.99 -61.84
CA PHE B 3205 122.99 65.43 -61.93
C PHE B 3205 123.56 66.05 -60.66
N LEU B 3206 123.25 65.47 -59.50
CA LEU B 3206 123.78 65.97 -58.24
C LEU B 3206 125.28 65.75 -58.10
N GLU B 3207 125.83 64.77 -58.81
CA GLU B 3207 127.27 64.48 -58.79
C GLU B 3207 127.80 64.37 -60.22
N PRO B 3208 127.96 65.49 -60.91
CA PRO B 3208 128.46 65.44 -62.30
C PRO B 3208 129.90 64.93 -62.44
N GLN B 3209 130.69 64.95 -61.36
CA GLN B 3209 132.08 64.51 -61.44
C GLN B 3209 132.23 63.02 -61.71
N LEU B 3210 131.16 62.23 -61.51
CA LEU B 3210 131.17 60.80 -61.80
C LEU B 3210 130.36 60.46 -63.05
N ASN B 3211 130.05 61.46 -63.89
CA ASN B 3211 129.26 61.23 -65.10
C ASN B 3211 129.97 60.30 -66.09
N GLU B 3212 131.31 60.27 -66.07
CA GLU B 3212 132.08 59.34 -66.91
C GLU B 3212 131.83 57.89 -66.54
N TYR B 3213 131.38 57.62 -65.32
CA TYR B 3213 131.03 56.27 -64.89
C TYR B 3213 129.60 55.90 -65.25
N ASN B 3214 128.82 56.85 -65.77
CA ASN B 3214 127.46 56.62 -66.24
C ASN B 3214 127.54 56.39 -67.74
N ALA B 3215 127.25 55.16 -68.16
CA ALA B 3215 127.27 54.83 -69.59
C ALA B 3215 126.16 55.55 -70.34
N CYS B 3216 124.97 55.64 -69.74
CA CYS B 3216 123.82 56.27 -70.41
C CYS B 3216 123.84 57.79 -70.19
N SER B 3217 124.88 58.41 -70.72
CA SER B 3217 125.06 59.86 -70.67
C SER B 3217 125.42 60.35 -72.07
N VAL B 3218 124.96 61.56 -72.40
CA VAL B 3218 125.22 62.14 -73.72
C VAL B 3218 126.72 62.40 -73.92
N TYR B 3219 127.44 62.75 -72.86
CA TYR B 3219 128.88 62.99 -72.93
C TYR B 3219 129.69 61.74 -73.23
N THR B 3220 129.15 60.55 -72.99
CA THR B 3220 129.87 59.31 -73.30
C THR B 3220 129.31 58.59 -74.52
N THR B 3221 127.98 58.57 -74.67
CA THR B 3221 127.35 57.98 -75.84
C THR B 3221 127.68 58.77 -77.11
N LYS B 3222 127.68 60.11 -77.01
CA LYS B 3222 127.90 60.94 -78.18
C LYS B 3222 129.39 61.26 -78.34
N SER B 3223 129.82 61.30 -79.60
CA SER B 3223 131.20 61.57 -79.97
C SER B 3223 131.58 63.02 -79.64
N PRO B 3224 132.89 63.30 -79.45
CA PRO B 3224 133.28 64.66 -79.04
C PRO B 3224 132.95 65.76 -80.04
N ARG B 3225 132.94 65.48 -81.35
CA ARG B 3225 132.81 66.56 -82.33
C ARG B 3225 131.40 67.14 -82.42
N GLU B 3226 130.39 66.46 -81.86
CA GLU B 3226 129.08 67.06 -81.69
C GLU B 3226 129.05 67.70 -80.29
N ARG B 3227 127.85 68.06 -79.81
CA ARG B 3227 127.55 68.76 -78.55
C ARG B 3227 128.00 70.22 -78.54
N ALA B 3228 128.67 70.70 -79.59
CA ALA B 3228 129.03 72.09 -79.75
C ALA B 3228 128.21 72.81 -80.80
N ILE B 3229 127.76 72.09 -81.85
CA ILE B 3229 126.85 72.66 -82.83
C ILE B 3229 125.51 73.01 -82.17
N LEU B 3230 125.07 72.20 -81.22
CA LEU B 3230 123.89 72.51 -80.43
C LEU B 3230 124.33 73.11 -79.10
N GLY B 3231 123.52 74.02 -78.57
CA GLY B 3231 123.85 74.77 -77.36
C GLY B 3231 124.11 73.92 -76.14
N LEU B 3232 125.38 73.84 -75.74
CA LEU B 3232 125.81 73.07 -74.58
C LEU B 3232 127.18 73.57 -74.18
N PRO B 3233 127.47 73.73 -72.88
CA PRO B 3233 128.77 74.28 -72.46
C PRO B 3233 129.96 73.33 -72.62
N ASN B 3234 129.76 72.13 -73.20
CA ASN B 3234 130.79 71.12 -73.47
C ASN B 3234 131.45 70.60 -72.19
N SER B 3235 130.78 70.75 -71.05
CA SER B 3235 131.27 70.23 -69.78
C SER B 3235 130.06 69.87 -68.93
N VAL B 3236 130.01 68.62 -68.47
CA VAL B 3236 128.85 68.11 -67.74
C VAL B 3236 128.63 68.86 -66.43
N GLU B 3237 129.72 69.39 -65.83
CA GLU B 3237 129.60 70.15 -64.59
C GLU B 3237 128.97 71.51 -64.80
N GLU B 3238 128.77 71.96 -66.04
CA GLU B 3238 128.21 73.27 -66.34
C GLU B 3238 126.78 73.20 -66.89
N MET B 3239 126.08 72.09 -66.68
CA MET B 3239 124.68 71.96 -67.09
C MET B 3239 123.79 72.95 -66.36
N CYS B 3240 123.68 72.82 -65.05
CA CYS B 3240 122.87 73.72 -64.22
C CYS B 3240 123.72 74.13 -63.03
N PRO B 3241 124.47 75.24 -63.16
CA PRO B 3241 125.22 75.76 -62.00
C PRO B 3241 124.31 76.19 -60.84
N ASP B 3242 123.04 76.44 -61.12
CA ASP B 3242 122.07 76.77 -60.08
C ASP B 3242 121.92 75.62 -59.10
N ILE B 3243 121.87 74.39 -59.62
CA ILE B 3243 121.72 73.18 -58.82
C ILE B 3243 123.00 72.93 -58.02
N PRO B 3244 122.92 72.92 -56.69
CA PRO B 3244 124.09 72.57 -55.89
C PRO B 3244 124.42 71.09 -56.02
N VAL B 3245 125.70 70.77 -55.81
CA VAL B 3245 126.13 69.36 -55.82
C VAL B 3245 125.52 68.64 -54.62
N LEU B 3246 125.56 67.30 -54.66
CA LEU B 3246 124.96 66.49 -53.59
C LEU B 3246 125.60 66.76 -52.23
N ASP B 3247 126.94 66.88 -52.20
CA ASP B 3247 127.65 67.19 -50.96
C ASP B 3247 127.27 68.55 -50.39
N ARG B 3248 127.15 69.56 -51.26
CA ARG B 3248 126.74 70.87 -50.76
C ARG B 3248 125.27 70.86 -50.36
N LEU B 3249 124.45 70.08 -51.07
CA LEU B 3249 123.02 70.02 -50.78
C LEU B 3249 122.79 69.42 -49.40
N MET B 3250 123.50 68.32 -49.08
CA MET B 3250 123.32 67.72 -47.77
C MET B 3250 123.92 68.61 -46.69
N ALA B 3251 125.01 69.35 -46.99
CA ALA B 3251 125.53 70.31 -46.03
C ALA B 3251 124.53 71.43 -45.73
N ASP B 3252 123.85 71.92 -46.78
CA ASP B 3252 122.80 72.93 -46.63
C ASP B 3252 121.64 72.44 -45.78
N ILE B 3253 121.10 71.27 -46.12
CA ILE B 3253 119.96 70.73 -45.37
C ILE B 3253 120.39 70.35 -43.96
N GLY B 3254 121.60 69.82 -43.78
CA GLY B 3254 122.12 69.52 -42.45
C GLY B 3254 122.20 70.73 -41.54
N GLY B 3255 122.68 71.85 -42.08
CA GLY B 3255 122.64 73.11 -41.32
C GLY B 3255 121.23 73.64 -41.11
N LEU B 3256 120.37 73.54 -42.13
CA LEU B 3256 119.01 74.04 -42.03
C LEU B 3256 118.19 73.26 -41.00
N ALA B 3257 118.44 71.97 -40.86
CA ALA B 3257 117.69 71.15 -39.93
C ALA B 3257 117.98 71.58 -38.50
N GLU B 3258 119.27 71.70 -38.14
CA GLU B 3258 119.62 72.12 -36.79
C GLU B 3258 119.31 73.59 -36.54
N SER B 3259 119.10 74.39 -37.60
CA SER B 3259 118.76 75.79 -37.39
C SER B 3259 117.38 75.94 -36.75
N GLY B 3260 116.47 75.01 -37.04
CA GLY B 3260 115.11 75.08 -36.52
C GLY B 3260 114.23 76.11 -37.18
N ALA B 3261 114.52 76.47 -38.43
CA ALA B 3261 113.72 77.47 -39.13
C ALA B 3261 112.32 76.95 -39.44
N ARG B 3262 111.33 77.83 -39.33
CA ARG B 3262 109.95 77.44 -39.55
C ARG B 3262 109.62 77.41 -41.05
N TYR B 3263 108.40 77.00 -41.38
CA TYR B 3263 108.00 76.83 -42.78
C TYR B 3263 107.94 78.15 -43.52
N THR B 3264 107.55 79.24 -42.81
CA THR B 3264 107.52 80.56 -43.43
C THR B 3264 108.90 80.97 -43.92
N GLU B 3265 109.93 80.73 -43.11
CA GLU B 3265 111.31 80.93 -43.52
C GLU B 3265 111.91 79.67 -44.16
N MET B 3266 111.05 78.73 -44.59
CA MET B 3266 111.48 77.58 -45.37
C MET B 3266 110.61 77.37 -46.62
N PRO B 3267 110.34 78.44 -47.44
CA PRO B 3267 109.40 78.25 -48.56
C PRO B 3267 109.93 77.37 -49.69
N HIS B 3268 111.13 77.67 -50.19
CA HIS B 3268 111.75 76.91 -51.27
C HIS B 3268 112.33 75.58 -50.82
N VAL B 3269 112.86 75.53 -49.59
CA VAL B 3269 113.53 74.32 -49.11
C VAL B 3269 112.54 73.17 -48.94
N ILE B 3270 111.41 73.46 -48.31
CA ILE B 3270 110.43 72.41 -47.99
C ILE B 3270 109.67 72.00 -49.24
N GLU B 3271 109.09 72.97 -49.94
CA GLU B 3271 108.21 72.67 -51.06
C GLU B 3271 108.99 72.20 -52.28
N ILE B 3272 110.29 72.50 -52.36
CA ILE B 3272 111.03 72.22 -53.58
C ILE B 3272 112.27 71.34 -53.33
N THR B 3273 113.16 71.73 -52.41
CA THR B 3273 114.48 71.11 -52.30
C THR B 3273 114.42 69.65 -51.87
N LEU B 3274 113.60 69.33 -50.87
CA LEU B 3274 113.56 67.97 -50.32
C LEU B 3274 113.12 66.89 -51.33
N PRO B 3275 112.06 67.06 -52.16
CA PRO B 3275 111.65 65.95 -53.04
C PRO B 3275 112.71 65.41 -53.98
N MET B 3276 113.64 66.25 -54.50
CA MET B 3276 114.66 65.72 -55.39
C MET B 3276 115.54 64.71 -54.67
N LEU B 3277 115.95 65.03 -53.43
CA LEU B 3277 116.71 64.07 -52.63
C LEU B 3277 115.89 62.82 -52.34
N CYS B 3278 114.61 63.01 -52.02
CA CYS B 3278 113.68 61.90 -51.80
C CYS B 3278 113.43 61.04 -53.02
N SER B 3279 113.76 61.54 -54.21
CA SER B 3279 113.55 60.81 -55.45
C SER B 3279 114.83 60.36 -56.12
N TYR B 3280 115.95 61.02 -55.83
CA TYR B 3280 117.27 60.70 -56.37
C TYR B 3280 117.97 59.63 -55.54
N LEU B 3281 117.92 59.72 -54.20
CA LEU B 3281 118.61 58.73 -53.37
C LEU B 3281 118.11 57.29 -53.60
N PRO B 3282 116.79 56.97 -53.58
CA PRO B 3282 116.40 55.58 -53.88
C PRO B 3282 116.74 55.14 -55.29
N ARG B 3283 116.72 56.04 -56.27
CA ARG B 3283 116.97 55.68 -57.67
C ARG B 3283 118.43 55.30 -57.90
N TRP B 3284 119.35 55.80 -57.09
CA TRP B 3284 120.77 55.59 -57.33
C TRP B 3284 121.46 54.88 -56.18
N TRP B 3285 120.75 54.58 -55.09
CA TRP B 3285 121.33 53.83 -53.99
C TRP B 3285 121.70 52.42 -54.43
N GLU B 3286 120.84 51.78 -55.22
CA GLU B 3286 121.16 50.44 -55.70
C GLU B 3286 122.13 50.48 -56.87
N ARG B 3287 122.32 51.64 -57.50
CA ARG B 3287 123.27 51.79 -58.59
C ARG B 3287 124.58 52.40 -58.13
N GLY B 3288 124.77 52.61 -56.83
CA GLY B 3288 125.98 53.21 -56.34
C GLY B 3288 126.61 52.44 -55.19
N PRO B 3289 127.11 53.16 -54.20
CA PRO B 3289 127.78 52.51 -53.07
C PRO B 3289 126.79 51.90 -52.10
N GLU B 3290 127.31 50.98 -51.29
CA GLU B 3290 126.67 50.23 -50.20
C GLU B 3290 125.57 49.27 -50.68
N ALA B 3291 125.29 49.23 -51.97
CA ALA B 3291 124.34 48.27 -52.50
C ALA B 3291 124.96 46.88 -52.55
N PRO B 3292 124.16 45.82 -52.42
CA PRO B 3292 124.66 44.46 -52.64
C PRO B 3292 124.61 44.09 -54.12
N PRO B 3293 125.65 44.40 -54.89
CA PRO B 3293 125.54 44.34 -56.35
C PRO B 3293 125.56 42.92 -56.89
N PRO B 3294 124.47 42.45 -57.53
CA PRO B 3294 124.46 41.13 -58.18
C PRO B 3294 125.04 41.18 -59.59
N ALA B 3295 126.21 41.81 -59.72
CA ALA B 3295 126.79 42.12 -61.02
C ALA B 3295 128.16 41.48 -61.17
N LEU B 3296 128.28 40.19 -60.87
CA LEU B 3296 129.53 39.48 -61.11
C LEU B 3296 130.02 39.47 -62.57
N PRO B 3297 129.16 39.53 -63.65
CA PRO B 3297 129.74 39.79 -64.98
C PRO B 3297 130.12 41.25 -65.18
N ALA B 3298 129.36 42.15 -64.55
CA ALA B 3298 129.49 43.59 -64.75
C ALA B 3298 130.08 44.27 -63.51
N GLY B 3299 131.10 43.65 -62.92
CA GLY B 3299 131.82 44.23 -61.81
C GLY B 3299 132.85 45.26 -62.20
N ALA B 3300 133.15 45.39 -63.49
CA ALA B 3300 134.17 46.34 -63.96
C ALA B 3300 133.83 47.81 -63.68
N PRO B 3301 132.67 48.35 -64.06
CA PRO B 3301 132.45 49.81 -63.91
C PRO B 3301 132.27 50.23 -62.47
N PRO B 3302 132.89 51.34 -62.07
CA PRO B 3302 132.75 51.83 -60.70
C PRO B 3302 131.42 52.54 -60.51
N PRO B 3303 130.97 52.78 -59.27
CA PRO B 3303 129.70 53.50 -59.08
C PRO B 3303 129.73 54.92 -59.64
N CYS B 3304 128.61 55.32 -60.21
CA CYS B 3304 128.43 56.63 -60.81
C CYS B 3304 127.88 57.65 -59.82
N THR B 3305 127.72 57.27 -58.55
CA THR B 3305 127.24 58.18 -57.53
C THR B 3305 127.84 57.75 -56.19
N ALA B 3306 127.56 58.53 -55.15
CA ALA B 3306 128.08 58.29 -53.81
C ALA B 3306 126.96 58.34 -52.78
N VAL B 3307 125.85 57.66 -53.07
CA VAL B 3307 124.70 57.65 -52.17
C VAL B 3307 124.84 56.45 -51.23
N THR B 3308 125.16 56.73 -49.97
CA THR B 3308 125.29 55.72 -48.94
C THR B 3308 124.04 55.71 -48.05
N SER B 3309 124.03 54.81 -47.07
CA SER B 3309 122.90 54.74 -46.15
C SER B 3309 122.93 55.90 -45.17
N ASP B 3310 124.12 56.42 -44.85
CA ASP B 3310 124.28 57.53 -43.91
C ASP B 3310 123.59 58.80 -44.40
N HIS B 3311 123.65 59.07 -45.72
CA HIS B 3311 122.95 60.21 -46.31
C HIS B 3311 121.44 60.10 -46.14
N LEU B 3312 120.87 58.91 -46.35
CA LEU B 3312 119.44 58.70 -46.10
C LEU B 3312 119.11 58.77 -44.62
N ASN B 3313 119.98 58.23 -43.76
CA ASN B 3313 119.79 58.28 -42.31
C ASN B 3313 119.75 59.72 -41.82
N SER B 3314 120.69 60.54 -42.30
CA SER B 3314 120.73 61.93 -41.92
C SER B 3314 119.54 62.69 -42.51
N LEU B 3315 119.16 62.38 -43.76
CA LEU B 3315 118.01 63.04 -44.38
C LEU B 3315 116.73 62.78 -43.59
N LEU B 3316 116.54 61.53 -43.16
CA LEU B 3316 115.37 61.17 -42.36
C LEU B 3316 115.37 61.89 -41.01
N GLY B 3317 116.56 61.99 -40.38
CA GLY B 3317 116.65 62.74 -39.15
C GLY B 3317 116.36 64.22 -39.34
N ASN B 3318 116.85 64.79 -40.45
CA ASN B 3318 116.60 66.18 -40.77
C ASN B 3318 115.12 66.45 -40.99
N ILE B 3319 114.44 65.56 -41.73
CA ILE B 3319 113.00 65.73 -42.00
C ILE B 3319 112.20 65.65 -40.71
N LEU B 3320 112.55 64.69 -39.84
CA LEU B 3320 111.86 64.58 -38.55
C LEU B 3320 112.09 65.83 -37.70
N ARG B 3321 113.33 66.34 -37.66
CA ARG B 3321 113.63 67.55 -36.90
C ARG B 3321 112.88 68.76 -37.46
N ILE B 3322 112.73 68.82 -38.79
CA ILE B 3322 111.98 69.90 -39.44
C ILE B 3322 110.52 69.86 -39.00
N ILE B 3323 109.93 68.66 -39.00
CA ILE B 3323 108.51 68.56 -38.69
C ILE B 3323 108.25 68.88 -37.21
N VAL B 3324 109.09 68.35 -36.31
CA VAL B 3324 108.90 68.63 -34.90
C VAL B 3324 109.22 70.08 -34.54
N ASN B 3325 110.07 70.76 -35.32
CA ASN B 3325 110.24 72.19 -35.10
C ASN B 3325 109.04 72.97 -35.63
N ASN B 3326 108.44 72.51 -36.72
CA ASN B 3326 107.17 73.04 -37.21
C ASN B 3326 105.96 72.35 -36.59
N LEU B 3327 106.12 71.73 -35.42
CA LEU B 3327 105.00 71.00 -34.83
C LEU B 3327 103.96 71.94 -34.24
N GLY B 3328 104.39 73.08 -33.70
CA GLY B 3328 103.49 74.00 -33.05
C GLY B 3328 102.72 74.96 -33.93
N ILE B 3329 102.93 74.97 -35.24
CA ILE B 3329 102.21 75.88 -36.14
C ILE B 3329 100.75 75.45 -36.28
N ASP B 3330 99.94 76.33 -36.85
CA ASP B 3330 98.50 76.12 -36.92
C ASP B 3330 98.04 75.53 -38.25
N GLU B 3331 98.69 75.88 -39.36
CA GLU B 3331 98.27 75.40 -40.67
C GLU B 3331 99.50 75.00 -41.48
N ALA B 3332 99.38 73.89 -42.21
CA ALA B 3332 100.46 73.38 -43.04
C ALA B 3332 99.90 72.43 -44.07
N THR B 3333 100.05 72.77 -45.36
CA THR B 3333 99.69 71.86 -46.43
C THR B 3333 100.88 71.07 -46.95
N TRP B 3334 102.07 71.32 -46.43
CA TRP B 3334 103.27 70.61 -46.89
C TRP B 3334 103.53 69.33 -46.12
N MET B 3335 102.81 69.10 -45.02
CA MET B 3335 103.04 67.92 -44.20
C MET B 3335 102.63 66.65 -44.95
N LYS B 3336 101.49 66.69 -45.65
CA LYS B 3336 101.01 65.50 -46.35
C LYS B 3336 101.94 65.12 -47.50
N ARG B 3337 102.38 66.11 -48.29
CA ARG B 3337 103.28 65.82 -49.40
C ARG B 3337 104.66 65.40 -48.91
N LEU B 3338 105.12 65.97 -47.78
CA LEU B 3338 106.37 65.50 -47.19
C LEU B 3338 106.24 64.06 -46.71
N ALA B 3339 105.10 63.73 -46.09
CA ALA B 3339 104.89 62.39 -45.57
C ALA B 3339 104.86 61.37 -46.70
N VAL B 3340 104.15 61.68 -47.79
CA VAL B 3340 104.10 60.73 -48.90
C VAL B 3340 105.45 60.64 -49.61
N PHE B 3341 106.26 61.71 -49.57
CA PHE B 3341 107.53 61.68 -50.27
C PHE B 3341 108.66 61.07 -49.44
N ALA B 3342 108.53 61.08 -48.12
CA ALA B 3342 109.53 60.47 -47.25
C ALA B 3342 109.41 58.96 -47.13
N GLN B 3343 108.30 58.39 -47.61
CA GLN B 3343 108.13 56.94 -47.58
C GLN B 3343 109.14 56.15 -48.44
N PRO B 3344 109.48 56.51 -49.69
CA PRO B 3344 110.51 55.72 -50.41
C PRO B 3344 111.88 55.66 -49.73
N ILE B 3345 112.33 56.73 -49.06
CA ILE B 3345 113.68 56.73 -48.50
C ILE B 3345 113.76 56.02 -47.15
N VAL B 3346 112.67 55.98 -46.39
CA VAL B 3346 112.69 55.40 -45.04
C VAL B 3346 112.89 53.89 -45.04
N SER B 3347 112.78 53.23 -46.21
CA SER B 3347 113.00 51.79 -46.31
C SER B 3347 114.44 51.38 -46.03
N ARG B 3348 115.39 52.32 -46.04
CA ARG B 3348 116.79 52.06 -45.73
C ARG B 3348 117.18 52.52 -44.34
N ALA B 3349 116.20 52.77 -43.47
CA ALA B 3349 116.45 53.32 -42.15
C ALA B 3349 117.24 52.35 -41.27
N ARG B 3350 118.17 52.89 -40.50
CA ARG B 3350 118.95 52.15 -39.53
C ARG B 3350 118.16 52.00 -38.24
N PRO B 3351 118.55 51.08 -37.34
CA PRO B 3351 117.90 51.01 -36.02
C PRO B 3351 118.10 52.26 -35.16
N GLU B 3352 119.10 53.10 -35.46
CA GLU B 3352 119.39 54.28 -34.65
C GLU B 3352 118.30 55.34 -34.70
N LEU B 3353 117.41 55.30 -35.71
CA LEU B 3353 116.35 56.29 -35.83
C LEU B 3353 115.39 56.25 -34.66
N LEU B 3354 115.18 55.06 -34.10
CA LEU B 3354 114.24 54.87 -32.99
C LEU B 3354 114.70 55.64 -31.77
N HIS B 3355 115.89 55.30 -31.27
CA HIS B 3355 116.42 55.92 -30.06
C HIS B 3355 116.73 57.39 -30.30
N SER B 3356 117.31 57.72 -31.45
CA SER B 3356 117.77 59.08 -31.73
C SER B 3356 116.60 60.05 -31.84
N HIS B 3357 115.58 59.71 -32.64
CA HIS B 3357 114.49 60.65 -32.89
C HIS B 3357 113.13 60.16 -32.45
N PHE B 3358 112.78 58.89 -32.71
CA PHE B 3358 111.40 58.42 -32.51
C PHE B 3358 110.93 58.48 -31.06
N ILE B 3359 111.79 58.11 -30.10
CA ILE B 3359 111.39 58.21 -28.68
C ILE B 3359 111.10 59.65 -28.23
N PRO B 3360 111.99 60.65 -28.46
CA PRO B 3360 111.58 62.03 -28.10
C PRO B 3360 110.37 62.55 -28.86
N THR B 3361 110.22 62.21 -30.14
CA THR B 3361 109.09 62.74 -30.91
C THR B 3361 107.77 62.20 -30.35
N ILE B 3362 107.66 60.88 -30.21
CA ILE B 3362 106.40 60.33 -29.70
C ILE B 3362 106.20 60.74 -28.25
N GLY B 3363 107.28 61.06 -27.53
CA GLY B 3363 107.12 61.59 -26.18
C GLY B 3363 106.46 62.97 -26.17
N ARG B 3364 106.94 63.89 -27.03
CA ARG B 3364 106.34 65.22 -27.03
C ARG B 3364 104.93 65.21 -27.63
N LEU B 3365 104.67 64.36 -28.63
CA LEU B 3365 103.29 64.17 -29.10
C LEU B 3365 102.40 63.58 -28.02
N ARG B 3366 102.94 62.65 -27.23
CA ARG B 3366 102.20 62.04 -26.11
C ARG B 3366 101.79 63.11 -25.11
N LYS B 3367 102.74 63.94 -24.69
CA LYS B 3367 102.45 65.00 -23.73
C LYS B 3367 101.52 66.06 -24.30
N ARG B 3368 101.69 66.44 -25.58
CA ARG B 3368 100.81 67.39 -26.23
C ARG B 3368 99.37 66.87 -26.34
N ALA B 3369 99.21 65.61 -26.74
CA ALA B 3369 97.90 64.98 -26.76
C ALA B 3369 97.30 64.87 -25.37
N GLY B 3370 98.12 64.52 -24.37
CA GLY B 3370 97.64 64.42 -23.01
C GLY B 3370 97.13 65.76 -22.50
N LYS B 3371 97.84 66.83 -22.82
CA LYS B 3371 97.40 68.17 -22.45
C LYS B 3371 96.11 68.56 -23.16
N VAL B 3372 96.01 68.26 -24.46
CA VAL B 3372 94.82 68.62 -25.23
C VAL B 3372 93.58 67.90 -24.69
N VAL B 3373 93.69 66.59 -24.47
CA VAL B 3373 92.57 65.84 -23.90
C VAL B 3373 92.30 66.25 -22.45
N ALA B 3374 93.33 66.68 -21.71
CA ALA B 3374 93.07 67.20 -20.37
C ALA B 3374 92.24 68.47 -20.41
N GLU B 3375 92.60 69.42 -21.29
CA GLU B 3375 91.79 70.63 -21.46
C GLU B 3375 90.37 70.28 -21.90
N GLU B 3376 90.25 69.22 -22.71
CA GLU B 3376 88.94 68.73 -23.11
C GLU B 3376 88.15 68.29 -21.89
N GLU B 3377 88.77 67.51 -20.99
CA GLU B 3377 87.96 66.93 -19.93
C GLU B 3377 87.73 67.90 -18.78
N GLN B 3378 88.52 68.99 -18.67
CA GLN B 3378 88.07 70.13 -17.87
C GLN B 3378 86.84 70.78 -18.50
N LEU B 3379 86.80 70.90 -19.83
CA LEU B 3379 85.65 71.58 -20.41
C LEU B 3379 84.40 70.69 -20.34
N ARG B 3380 84.58 69.37 -20.49
CA ARG B 3380 83.45 68.44 -20.43
C ARG B 3380 82.94 68.22 -19.01
N LEU B 3381 83.80 68.32 -17.97
CA LEU B 3381 83.31 68.08 -16.61
C LEU B 3381 82.32 69.16 -16.17
N GLU B 3382 82.47 70.38 -16.69
CA GLU B 3382 81.59 71.48 -16.34
C GLU B 3382 80.50 71.63 -17.41
N ALA B 3383 79.26 71.82 -16.95
CA ALA B 3383 78.13 72.08 -17.83
C ALA B 3383 77.75 73.55 -17.66
N LYS B 3384 77.73 74.28 -18.77
CA LYS B 3384 77.51 75.73 -18.76
C LYS B 3384 77.28 76.17 -20.20
N ALA B 3385 76.83 77.42 -20.35
CA ALA B 3385 76.81 78.09 -21.65
C ALA B 3385 78.22 78.45 -22.14
N GLU B 3386 79.23 78.32 -21.29
CA GLU B 3386 80.63 78.49 -21.67
C GLU B 3386 81.21 77.22 -22.30
N ALA B 3387 80.44 76.13 -22.34
CA ALA B 3387 80.92 74.86 -22.90
C ALA B 3387 81.30 75.01 -24.38
N GLU B 3388 80.46 75.66 -25.17
CA GLU B 3388 80.82 75.92 -26.55
C GLU B 3388 81.90 76.99 -26.68
N GLU B 3389 82.07 77.82 -25.66
CA GLU B 3389 83.14 78.83 -25.62
C GLU B 3389 84.42 78.10 -25.23
N GLY B 3390 85.13 77.58 -26.23
CA GLY B 3390 86.26 76.74 -25.93
C GLY B 3390 86.16 75.41 -26.65
N GLU B 3391 84.92 75.02 -26.97
CA GLU B 3391 84.71 73.82 -27.78
C GLU B 3391 85.34 73.98 -29.16
N LEU B 3392 85.19 75.16 -29.77
CA LEU B 3392 85.86 75.40 -31.06
C LEU B 3392 87.37 75.45 -30.90
N LEU B 3393 87.85 75.85 -29.71
CA LEU B 3393 89.29 75.89 -29.48
C LEU B 3393 89.85 74.48 -29.37
N VAL B 3394 89.19 73.61 -28.61
CA VAL B 3394 89.66 72.23 -28.52
C VAL B 3394 89.44 71.51 -29.85
N ARG B 3395 88.47 71.92 -30.67
CA ARG B 3395 88.36 71.43 -32.04
C ARG B 3395 89.58 71.79 -32.88
N ASP B 3396 90.07 73.02 -32.74
CA ASP B 3396 91.32 73.41 -33.39
C ASP B 3396 92.50 72.59 -32.85
N GLU B 3397 92.55 72.38 -31.53
CA GLU B 3397 93.63 71.60 -30.93
C GLU B 3397 93.60 70.15 -31.40
N PHE B 3398 92.39 69.60 -31.56
CA PHE B 3398 92.24 68.28 -32.17
C PHE B 3398 92.70 68.29 -33.61
N SER B 3399 92.35 69.35 -34.37
CA SER B 3399 92.68 69.38 -35.79
C SER B 3399 94.19 69.43 -36.01
N VAL B 3400 94.90 70.25 -35.24
CA VAL B 3400 96.36 70.29 -35.34
C VAL B 3400 96.98 68.98 -34.85
N LEU B 3401 96.43 68.37 -33.79
CA LEU B 3401 96.91 67.06 -33.34
C LEU B 3401 96.67 65.98 -34.39
N CYS B 3402 95.51 66.00 -35.05
CA CYS B 3402 95.23 65.07 -36.15
C CYS B 3402 96.18 65.27 -37.31
N ARG B 3403 96.48 66.54 -37.64
CA ARG B 3403 97.40 66.84 -38.74
C ARG B 3403 98.79 66.32 -38.43
N ASP B 3404 99.25 66.50 -37.18
CA ASP B 3404 100.61 66.12 -36.84
C ASP B 3404 100.73 64.60 -36.79
N LEU B 3405 99.75 63.94 -36.15
CA LEU B 3405 99.77 62.49 -36.05
C LEU B 3405 99.66 61.86 -37.43
N TYR B 3406 98.80 62.39 -38.30
CA TYR B 3406 98.70 61.87 -39.65
C TYR B 3406 99.90 62.23 -40.52
N ALA B 3407 100.72 63.20 -40.10
CA ALA B 3407 101.96 63.52 -40.80
C ALA B 3407 103.14 62.72 -40.30
N LEU B 3408 103.00 62.06 -39.15
CA LEU B 3408 104.11 61.29 -38.58
C LEU B 3408 103.88 59.79 -38.58
N TYR B 3409 102.64 59.35 -38.35
CA TYR B 3409 102.33 57.91 -38.32
C TYR B 3409 102.64 57.14 -39.60
N PRO B 3410 102.36 57.61 -40.84
CA PRO B 3410 102.77 56.81 -42.02
C PRO B 3410 104.25 56.50 -42.09
N LEU B 3411 105.11 57.43 -41.67
CA LEU B 3411 106.54 57.15 -41.57
C LEU B 3411 106.85 56.23 -40.39
N LEU B 3412 106.12 56.38 -39.28
CA LEU B 3412 106.31 55.50 -38.14
C LEU B 3412 105.94 54.05 -38.46
N ILE B 3413 104.86 53.85 -39.23
CA ILE B 3413 104.43 52.52 -39.65
C ILE B 3413 105.49 51.87 -40.53
N ARG B 3414 106.05 52.64 -41.47
CA ARG B 3414 107.08 52.13 -42.38
C ARG B 3414 108.33 51.71 -41.62
N TYR B 3415 108.73 52.49 -40.62
CA TYR B 3415 109.92 52.17 -39.85
C TYR B 3415 109.71 50.94 -38.99
N VAL B 3416 108.58 50.87 -38.27
CA VAL B 3416 108.30 49.77 -37.35
C VAL B 3416 108.16 48.45 -38.09
N ASP B 3417 107.44 48.46 -39.22
CA ASP B 3417 107.21 47.24 -39.99
C ASP B 3417 108.51 46.66 -40.55
N ASN B 3418 109.46 47.52 -40.90
CA ASN B 3418 110.73 47.02 -41.42
C ASN B 3418 111.60 46.44 -40.32
N ASN B 3419 111.35 46.81 -39.06
CA ASN B 3419 112.15 46.32 -37.94
C ASN B 3419 111.33 45.54 -36.92
N ARG B 3420 110.09 45.16 -37.27
CA ARG B 3420 109.28 44.37 -36.35
C ARG B 3420 109.87 42.98 -36.14
N ALA B 3421 110.47 42.42 -37.19
CA ALA B 3421 111.07 41.08 -37.09
C ALA B 3421 112.20 41.09 -36.08
N HIS B 3422 113.06 42.11 -36.16
CA HIS B 3422 114.18 42.20 -35.23
CA HIS B 3422 114.17 42.21 -35.23
C HIS B 3422 113.68 42.47 -33.82
N TRP B 3423 112.68 43.35 -33.67
CA TRP B 3423 112.20 43.68 -32.33
C TRP B 3423 111.50 42.49 -31.67
N LEU B 3424 110.92 41.59 -32.47
CA LEU B 3424 110.34 40.39 -31.90
C LEU B 3424 111.40 39.33 -31.60
N THR B 3425 112.38 39.14 -32.49
CA THR B 3425 113.43 38.16 -32.26
C THR B 3425 114.30 38.54 -31.06
N GLU B 3426 114.73 39.80 -31.01
CA GLU B 3426 115.52 40.33 -29.90
C GLU B 3426 114.71 41.39 -29.17
N PRO B 3427 114.55 41.29 -27.85
CA PRO B 3427 113.83 42.33 -27.10
C PRO B 3427 114.49 43.70 -27.21
N ASN B 3428 113.65 44.73 -27.32
CA ASN B 3428 114.10 46.11 -27.51
C ASN B 3428 113.30 46.99 -26.56
N ALA B 3429 113.93 47.41 -25.46
CA ALA B 3429 113.27 48.26 -24.47
C ALA B 3429 112.83 49.60 -25.06
N ASN B 3430 113.57 50.09 -26.08
CA ASN B 3430 113.16 51.31 -26.78
C ASN B 3430 111.81 51.11 -27.47
N ALA B 3431 111.64 49.94 -28.10
CA ALA B 3431 110.34 49.62 -28.70
C ALA B 3431 109.29 49.43 -27.61
N GLU B 3432 109.69 48.84 -26.48
CA GLU B 3432 108.76 48.61 -25.37
C GLU B 3432 108.17 49.93 -24.89
N GLU B 3433 109.03 50.93 -24.72
CA GLU B 3433 108.58 52.27 -24.33
C GLU B 3433 107.77 52.93 -25.43
N LEU B 3434 108.12 52.69 -26.71
CA LEU B 3434 107.34 53.24 -27.81
C LEU B 3434 105.91 52.70 -27.80
N PHE B 3435 105.77 51.40 -27.53
CA PHE B 3435 104.47 50.77 -27.37
C PHE B 3435 103.75 51.33 -26.16
N ARG B 3436 104.50 51.67 -25.09
CA ARG B 3436 103.87 52.29 -23.93
C ARG B 3436 103.28 53.64 -24.32
N MET B 3437 104.05 54.46 -25.05
CA MET B 3437 103.62 55.81 -25.44
C MET B 3437 102.37 55.76 -26.30
N VAL B 3438 102.38 54.90 -27.33
CA VAL B 3438 101.17 54.77 -28.14
C VAL B 3438 100.04 54.10 -27.37
N GLY B 3439 100.35 53.49 -26.21
CA GLY B 3439 99.31 52.91 -25.38
C GLY B 3439 98.37 53.99 -24.87
N GLU B 3440 98.92 55.05 -24.26
CA GLU B 3440 98.05 56.13 -23.80
C GLU B 3440 97.54 56.95 -24.97
N ILE B 3441 98.29 57.05 -26.09
CA ILE B 3441 97.78 57.78 -27.25
C ILE B 3441 96.48 57.14 -27.75
N PHE B 3442 96.48 55.81 -27.85
CA PHE B 3442 95.28 55.08 -28.25
C PHE B 3442 94.19 55.14 -27.18
N ILE B 3443 94.58 55.06 -25.89
CA ILE B 3443 93.60 55.13 -24.80
C ILE B 3443 92.88 56.48 -24.81
N TYR B 3444 93.63 57.57 -24.92
CA TYR B 3444 93.03 58.91 -25.00
C TYR B 3444 92.19 59.09 -26.25
N TRP B 3445 92.60 58.48 -27.38
CA TRP B 3445 91.74 58.44 -28.56
C TRP B 3445 90.44 57.70 -28.31
N SER B 3446 90.50 56.58 -27.59
CA SER B 3446 89.30 55.83 -27.24
C SER B 3446 88.41 56.62 -26.29
N LYS B 3447 89.02 57.32 -25.33
CA LYS B 3447 88.26 58.07 -24.33
C LYS B 3447 87.58 59.28 -24.95
N SER B 3448 88.27 59.96 -25.87
CA SER B 3448 87.76 61.22 -26.40
C SER B 3448 86.94 60.92 -27.66
N HIS B 3449 85.63 61.03 -27.54
CA HIS B 3449 84.74 60.87 -28.70
C HIS B 3449 84.89 62.02 -29.68
N ASN B 3450 85.18 63.22 -29.18
CA ASN B 3450 85.42 64.37 -30.05
C ASN B 3450 86.67 64.19 -30.90
N PHE B 3451 87.77 63.74 -30.30
CA PHE B 3451 89.00 63.47 -31.06
C PHE B 3451 88.76 62.43 -32.14
N LYS B 3452 87.86 61.49 -31.88
CA LYS B 3452 87.38 60.59 -32.93
C LYS B 3452 86.65 61.37 -34.00
N ARG B 3453 85.80 62.31 -33.60
CA ARG B 3453 84.91 62.99 -34.55
C ARG B 3453 85.68 63.85 -35.53
N GLU B 3454 86.64 64.63 -35.05
CA GLU B 3454 87.47 65.33 -36.04
C GLU B 3454 88.65 64.52 -36.55
N GLU B 3455 88.83 63.27 -36.10
CA GLU B 3455 89.82 62.39 -36.72
C GLU B 3455 89.48 62.13 -38.18
N GLN B 3456 88.21 61.84 -38.50
CA GLN B 3456 87.89 61.73 -39.92
C GLN B 3456 87.65 63.07 -40.57
N ASN B 3457 87.34 64.12 -39.80
CA ASN B 3457 87.14 65.44 -40.38
C ASN B 3457 88.40 65.94 -41.06
N PHE B 3458 89.56 65.74 -40.41
CA PHE B 3458 90.83 66.04 -41.06
C PHE B 3458 91.06 65.16 -42.29
N VAL B 3459 90.64 63.89 -42.22
CA VAL B 3459 90.78 62.97 -43.36
C VAL B 3459 89.95 63.44 -44.55
N VAL B 3460 88.69 63.79 -44.32
CA VAL B 3460 87.82 64.19 -45.42
C VAL B 3460 88.23 65.55 -45.97
N GLN B 3461 88.65 66.49 -45.11
CA GLN B 3461 89.03 67.81 -45.58
C GLN B 3461 90.35 67.80 -46.36
N ASN B 3462 91.31 66.96 -45.95
CA ASN B 3462 92.61 66.89 -46.63
C ASN B 3462 92.74 65.71 -47.57
N GLU B 3463 91.66 64.95 -47.79
CA GLU B 3463 91.57 63.85 -48.75
C GLU B 3463 92.64 62.78 -48.52
N ILE B 3464 92.76 62.35 -47.26
CA ILE B 3464 93.65 61.25 -46.91
C ILE B 3464 93.07 59.96 -47.47
N ASN B 3465 93.81 59.31 -48.37
CA ASN B 3465 93.33 58.09 -48.99
C ASN B 3465 93.25 56.93 -48.00
N ASN B 3466 94.24 56.83 -47.09
CA ASN B 3466 94.39 55.85 -46.01
C ASN B 3466 94.70 54.43 -46.52
N MET B 3467 94.76 54.22 -47.83
CA MET B 3467 95.04 52.91 -48.41
C MET B 3467 96.49 52.75 -48.87
N SER B 3468 97.12 53.82 -49.36
CA SER B 3468 98.50 53.73 -49.80
C SER B 3468 99.47 53.67 -48.62
N PHE B 3469 99.12 54.29 -47.48
CA PHE B 3469 99.99 54.30 -46.31
C PHE B 3469 100.20 52.92 -45.70
N LEU B 3470 99.38 51.94 -46.05
CA LEU B 3470 99.50 50.57 -45.55
C LEU B 3470 100.17 49.64 -46.53
N THR B 3471 99.97 49.84 -47.83
CA THR B 3471 100.51 48.98 -48.88
C THR B 3471 101.65 49.61 -49.66
N ALA B 3472 102.19 50.74 -49.18
CA ALA B 3472 103.27 51.44 -49.88
C ALA B 3472 104.51 50.56 -50.03
N ASP B 3473 104.92 49.90 -48.94
CA ASP B 3473 106.04 48.96 -49.02
C ASP B 3473 105.71 47.77 -49.90
N SER B 3474 104.47 47.27 -49.81
CA SER B 3474 104.04 46.14 -50.64
C SER B 3474 104.09 46.50 -52.12
N LYS B 3475 103.61 47.69 -52.48
CA LYS B 3475 103.72 48.12 -53.87
C LYS B 3475 105.17 48.40 -54.25
N SER B 3476 106.00 48.80 -53.28
CA SER B 3476 107.44 48.94 -53.54
C SER B 3476 108.09 47.59 -53.84
N LYS B 3477 107.52 46.49 -53.35
CA LYS B 3477 108.05 45.17 -53.70
C LYS B 3477 107.52 44.64 -55.03
N MET B 3478 106.88 45.50 -55.84
CA MET B 3478 106.28 45.15 -57.14
C MET B 3478 105.24 44.04 -57.01
N ALA B 3479 104.35 44.18 -56.02
CA ALA B 3479 103.29 43.20 -55.81
C ALA B 3479 102.16 43.40 -56.81
N ARG B 3498 84.86 52.65 -52.88
CA ARG B 3498 83.72 51.73 -52.94
C ARG B 3498 82.89 51.84 -51.67
N ARG B 3499 83.38 51.22 -50.59
CA ARG B 3499 82.71 51.23 -49.29
C ARG B 3499 83.39 52.18 -48.31
N GLY B 3500 84.68 52.03 -48.08
CA GLY B 3500 85.40 52.90 -47.18
C GLY B 3500 86.40 53.80 -47.87
N ASP B 3501 86.10 54.16 -49.12
CA ASP B 3501 87.00 55.02 -49.90
C ASP B 3501 87.13 56.40 -49.27
N ARG B 3502 86.00 57.00 -48.88
CA ARG B 3502 86.02 58.31 -48.23
C ARG B 3502 86.74 58.23 -46.89
N TYR B 3503 86.31 57.31 -46.03
CA TYR B 3503 86.87 57.07 -44.70
C TYR B 3503 86.29 55.77 -44.15
N SER B 3504 87.11 55.06 -43.40
CA SER B 3504 86.70 53.84 -42.70
C SER B 3504 87.55 53.71 -41.45
N VAL B 3505 86.93 53.23 -40.37
CA VAL B 3505 87.60 53.10 -39.08
C VAL B 3505 88.73 52.09 -39.15
N GLN B 3506 88.54 51.02 -39.95
CA GLN B 3506 89.58 50.00 -40.15
C GLN B 3506 90.83 50.57 -40.81
N THR B 3507 90.70 51.65 -41.58
CA THR B 3507 91.83 52.29 -42.25
C THR B 3507 92.40 53.46 -41.46
N SER B 3508 91.93 53.70 -40.24
CA SER B 3508 92.49 54.76 -39.41
C SER B 3508 93.94 54.44 -39.06
N LEU B 3509 94.79 55.46 -39.14
CA LEU B 3509 96.22 55.24 -38.96
C LEU B 3509 96.59 55.00 -37.52
N ILE B 3510 95.86 55.58 -36.55
CA ILE B 3510 96.19 55.37 -35.15
C ILE B 3510 95.91 53.92 -34.75
N VAL B 3511 94.77 53.37 -35.19
CA VAL B 3511 94.44 51.99 -34.84
C VAL B 3511 95.33 51.03 -35.60
N ALA B 3512 95.65 51.35 -36.87
CA ALA B 3512 96.50 50.47 -37.66
C ALA B 3512 97.91 50.42 -37.05
N THR B 3513 98.41 51.58 -36.63
CA THR B 3513 99.74 51.65 -36.03
C THR B 3513 99.78 50.88 -34.72
N LEU B 3514 98.72 51.01 -33.92
CA LEU B 3514 98.66 50.29 -32.65
C LEU B 3514 98.63 48.79 -32.85
N LYS B 3515 97.83 48.32 -33.83
CA LYS B 3515 97.78 46.89 -34.13
C LYS B 3515 99.10 46.36 -34.63
N LYS B 3516 99.77 47.10 -35.53
CA LYS B 3516 101.08 46.70 -36.02
C LYS B 3516 102.12 46.68 -34.91
N MET B 3517 102.05 47.62 -33.98
CA MET B 3517 103.02 47.67 -32.89
C MET B 3517 102.67 46.73 -31.74
N LEU B 3518 101.46 46.17 -31.75
CA LEU B 3518 100.99 45.28 -30.68
C LEU B 3518 101.84 44.03 -30.41
N PRO B 3519 102.32 43.24 -31.41
CA PRO B 3519 103.12 42.04 -31.06
C PRO B 3519 104.37 42.35 -30.27
N ILE B 3520 104.96 43.54 -30.48
CA ILE B 3520 106.14 43.94 -29.72
C ILE B 3520 105.80 44.08 -28.25
N GLY B 3521 104.67 44.71 -27.94
CA GLY B 3521 104.25 44.84 -26.57
C GLY B 3521 103.88 43.50 -25.96
N LEU B 3522 103.23 42.64 -26.75
CA LEU B 3522 102.80 41.35 -26.23
C LEU B 3522 103.96 40.40 -26.00
N ASN B 3523 105.10 40.61 -26.68
CA ASN B 3523 106.29 39.83 -26.38
C ASN B 3523 106.80 40.10 -24.97
N MET B 3524 106.56 41.30 -24.45
CA MET B 3524 107.03 41.70 -23.13
C MET B 3524 106.25 41.02 -22.02
N CYS B 3525 105.04 40.56 -22.31
CA CYS B 3525 104.25 39.81 -21.34
C CYS B 3525 104.65 38.33 -21.31
N ALA B 3526 104.74 37.79 -20.10
CA ALA B 3526 105.07 36.41 -19.86
C ALA B 3526 103.84 35.51 -20.08
N PRO B 3527 104.05 34.22 -20.39
CA PRO B 3527 102.90 33.30 -20.54
C PRO B 3527 102.03 33.16 -19.30
N THR B 3528 102.61 33.23 -18.10
CA THR B 3528 101.83 33.15 -16.87
C THR B 3528 100.88 34.33 -16.67
N ASP B 3529 101.13 35.47 -17.33
CA ASP B 3529 100.32 36.66 -17.12
C ASP B 3529 98.94 36.58 -17.77
N GLN B 3530 98.68 35.54 -18.57
CA GLN B 3530 97.46 35.43 -19.36
C GLN B 3530 96.21 35.45 -18.48
N ASP B 3531 96.24 34.71 -17.37
CA ASP B 3531 95.11 34.68 -16.43
C ASP B 3531 94.84 36.07 -15.87
N LEU B 3532 95.89 36.87 -15.70
CA LEU B 3532 95.72 38.24 -15.20
C LEU B 3532 95.17 39.16 -16.28
N ILE B 3533 95.37 38.82 -17.56
CA ILE B 3533 94.94 39.71 -18.65
C ILE B 3533 93.42 39.82 -18.69
N MET B 3534 92.72 38.67 -18.65
CA MET B 3534 91.27 38.74 -18.77
C MET B 3534 90.64 39.34 -17.52
N LEU B 3535 91.25 39.11 -16.35
CA LEU B 3535 90.73 39.71 -15.13
C LEU B 3535 90.82 41.23 -15.18
N ALA B 3536 91.95 41.76 -15.66
CA ALA B 3536 92.06 43.20 -15.84
C ALA B 3536 91.09 43.69 -16.92
N LYS B 3537 90.87 42.88 -17.96
CA LYS B 3537 89.89 43.21 -19.00
C LYS B 3537 88.48 43.36 -18.42
N THR B 3538 88.11 42.45 -17.51
CA THR B 3538 86.83 42.54 -16.80
C THR B 3538 86.75 43.79 -15.93
N ARG B 3539 87.83 44.12 -15.22
CA ARG B 3539 87.82 45.35 -14.41
C ARG B 3539 87.70 46.61 -15.28
N TYR B 3540 88.41 46.63 -16.42
CA TYR B 3540 88.29 47.73 -17.36
C TYR B 3540 86.89 47.83 -17.93
N ALA B 3541 86.25 46.70 -18.19
CA ALA B 3541 84.84 46.75 -18.57
C ALA B 3541 83.98 47.20 -17.39
N LEU B 3542 84.41 46.91 -16.16
CA LEU B 3542 83.75 47.34 -14.94
C LEU B 3542 84.07 48.79 -14.57
N LYS B 3543 84.73 49.51 -15.49
CA LYS B 3543 85.08 50.93 -15.36
C LYS B 3543 85.97 51.20 -14.14
N ASP B 3544 87.15 50.60 -14.15
CA ASP B 3544 88.10 50.78 -13.07
C ASP B 3544 89.34 51.49 -13.59
N THR B 3545 89.86 52.42 -12.78
CA THR B 3545 91.00 53.22 -13.19
C THR B 3545 92.28 52.38 -13.16
N ASP B 3546 93.35 52.97 -13.72
CA ASP B 3546 94.63 52.26 -13.78
C ASP B 3546 95.20 51.97 -12.41
N GLU B 3547 94.93 52.82 -11.42
CA GLU B 3547 95.37 52.53 -10.07
C GLU B 3547 94.60 51.35 -9.50
N GLU B 3548 93.30 51.28 -9.82
CA GLU B 3548 92.45 50.20 -9.33
C GLU B 3548 92.93 48.87 -9.90
N VAL B 3549 93.14 48.80 -11.23
CA VAL B 3549 93.54 47.52 -11.82
C VAL B 3549 94.92 47.11 -11.30
N ARG B 3550 95.83 48.09 -11.10
CA ARG B 3550 97.16 47.77 -10.57
C ARG B 3550 97.08 47.18 -9.16
N GLU B 3551 96.23 47.75 -8.30
CA GLU B 3551 96.14 47.17 -6.96
C GLU B 3551 95.33 45.87 -6.95
N PHE B 3552 94.36 45.70 -7.85
CA PHE B 3552 93.68 44.40 -7.96
C PHE B 3552 94.65 43.31 -8.39
N LEU B 3553 95.53 43.62 -9.35
CA LEU B 3553 96.56 42.66 -9.76
C LEU B 3553 97.49 42.35 -8.60
N GLN B 3554 97.86 43.37 -7.82
CA GLN B 3554 98.69 43.17 -6.64
C GLN B 3554 97.98 42.28 -5.62
N ASN B 3555 96.65 42.35 -5.56
CA ASN B 3555 95.92 41.48 -4.63
C ASN B 3555 95.94 40.04 -5.12
N ASN B 3556 95.71 39.82 -6.41
CA ASN B 3556 95.56 38.45 -6.91
C ASN B 3556 96.75 38.00 -7.76
N LEU B 3557 97.97 38.38 -7.36
CA LEU B 3557 99.17 37.91 -8.04
C LEU B 3557 99.38 36.40 -7.93
N HIS B 3558 98.76 35.76 -6.93
CA HIS B 3558 99.01 34.36 -6.63
C HIS B 3558 98.45 33.43 -7.70
N LEU B 3559 97.39 33.84 -8.39
CA LEU B 3559 96.64 32.97 -9.29
C LEU B 3559 97.22 32.92 -10.71
N GLN B 3560 98.51 33.24 -10.89
CA GLN B 3560 99.17 33.20 -12.19
C GLN B 3560 99.16 31.78 -12.77
N GLY B 3561 99.46 31.70 -14.08
CA GLY B 3561 99.38 30.45 -14.80
C GLY B 3561 100.35 29.40 -14.30
N LYS B 3562 99.98 28.15 -14.54
CA LYS B 3562 100.76 26.98 -14.16
C LYS B 3562 101.31 26.32 -15.41
N VAL B 3563 102.63 26.16 -15.47
CA VAL B 3563 103.27 25.57 -16.63
C VAL B 3563 102.93 24.08 -16.74
N GLU B 3564 102.90 23.37 -15.62
CA GLU B 3564 102.61 21.94 -15.65
C GLU B 3564 101.12 21.65 -15.85
N GLY B 3565 100.25 22.54 -15.38
CA GLY B 3565 98.82 22.32 -15.50
C GLY B 3565 98.25 22.50 -16.89
N SER B 3566 99.01 23.09 -17.80
CA SER B 3566 98.54 23.27 -19.18
C SER B 3566 99.67 22.89 -20.14
N PRO B 3567 99.44 21.90 -21.01
CA PRO B 3567 100.48 21.53 -21.99
C PRO B 3567 100.84 22.64 -22.96
N SER B 3568 99.92 23.59 -23.21
CA SER B 3568 100.24 24.74 -24.06
C SER B 3568 101.33 25.60 -23.41
N LEU B 3569 101.23 25.79 -22.10
CA LEU B 3569 102.16 26.65 -21.41
C LEU B 3569 103.52 26.00 -21.26
N ARG B 3570 103.60 24.68 -21.40
CA ARG B 3570 104.88 24.00 -21.23
C ARG B 3570 105.82 24.34 -22.38
N TRP B 3571 105.32 24.28 -23.61
CA TRP B 3571 106.16 24.66 -24.73
C TRP B 3571 106.27 26.17 -24.85
N GLN B 3572 105.21 26.90 -24.47
CA GLN B 3572 105.29 28.37 -24.51
C GLN B 3572 106.34 28.90 -23.55
N MET B 3573 106.42 28.34 -22.34
CA MET B 3573 107.38 28.81 -21.35
C MET B 3573 108.82 28.60 -21.82
N ALA B 3574 109.09 27.42 -22.40
CA ALA B 3574 110.40 27.12 -22.95
C ALA B 3574 110.75 28.04 -24.12
N LEU B 3575 109.78 28.31 -25.00
CA LEU B 3575 110.01 29.27 -26.09
C LEU B 3575 110.25 30.67 -25.57
N TYR B 3576 109.47 31.10 -24.57
CA TYR B 3576 109.60 32.44 -23.99
C TYR B 3576 110.94 32.60 -23.28
N ARG B 3577 111.38 31.59 -22.53
CA ARG B 3577 112.66 31.64 -21.86
C ARG B 3577 113.84 31.39 -22.80
N GLY B 3578 113.58 30.92 -24.02
CA GLY B 3578 114.68 30.72 -24.96
C GLY B 3578 115.28 32.00 -25.50
N LEU B 3579 114.63 33.14 -25.26
CA LEU B 3579 115.16 34.43 -25.71
C LEU B 3579 116.39 34.79 -24.87
N PRO B 3580 117.52 35.12 -25.51
CA PRO B 3580 118.71 35.54 -24.75
C PRO B 3580 118.52 36.84 -23.97
N GLY B 3581 117.54 37.66 -24.31
CA GLY B 3581 117.23 38.87 -23.59
C GLY B 3581 116.28 38.68 -22.42
N ARG B 3582 115.94 37.44 -22.09
CA ARG B 3582 115.03 37.15 -20.99
C ARG B 3582 115.80 36.86 -19.71
N GLU B 3583 115.41 37.51 -18.64
CA GLU B 3583 116.00 37.32 -17.32
C GLU B 3583 114.97 36.68 -16.40
N GLU B 3584 115.43 35.72 -15.61
CA GLU B 3584 114.52 34.97 -14.72
C GLU B 3584 113.97 35.84 -13.60
N ASP B 3585 114.68 36.90 -13.21
CA ASP B 3585 114.20 37.81 -12.18
C ASP B 3585 113.52 39.05 -12.74
N ALA B 3586 113.40 39.15 -14.07
CA ALA B 3586 112.84 40.34 -14.71
C ALA B 3586 111.34 40.49 -14.50
N ASP B 3587 110.66 39.46 -14.01
CA ASP B 3587 109.22 39.51 -13.77
C ASP B 3587 108.90 39.99 -12.35
N ASP B 3588 109.38 41.19 -12.03
CA ASP B 3588 109.14 41.79 -10.74
C ASP B 3588 107.66 42.13 -10.59
N PRO B 3589 107.12 42.15 -9.35
CA PRO B 3589 105.68 42.42 -9.16
C PRO B 3589 105.18 43.74 -9.74
N GLU B 3590 105.97 44.81 -9.62
CA GLU B 3590 105.54 46.08 -10.18
C GLU B 3590 105.66 46.08 -11.70
N LYS B 3591 106.65 45.37 -12.22
CA LYS B 3591 106.84 45.30 -13.67
C LYS B 3591 105.70 44.54 -14.31
N ILE B 3592 105.30 43.42 -13.69
CA ILE B 3592 104.25 42.60 -14.29
C ILE B 3592 102.91 43.32 -14.18
N VAL B 3593 102.60 43.94 -13.02
CA VAL B 3593 101.30 44.61 -12.89
C VAL B 3593 101.22 45.80 -13.86
N ARG B 3594 102.35 46.48 -14.10
CA ARG B 3594 102.37 47.58 -15.06
C ARG B 3594 102.14 47.07 -16.48
N ARG B 3595 102.89 46.05 -16.91
CA ARG B 3595 102.76 45.58 -18.28
C ARG B 3595 101.39 44.96 -18.55
N VAL B 3596 100.85 44.19 -17.59
CA VAL B 3596 99.49 43.67 -17.69
C VAL B 3596 98.46 44.79 -17.77
N GLN B 3597 98.59 45.82 -16.94
CA GLN B 3597 97.65 46.94 -16.98
C GLN B 3597 97.70 47.67 -18.32
N GLU B 3598 98.91 47.88 -18.86
CA GLU B 3598 99.06 48.57 -20.14
C GLU B 3598 98.45 47.76 -21.29
N VAL B 3599 98.80 46.48 -21.38
CA VAL B 3599 98.32 45.68 -22.51
C VAL B 3599 96.83 45.44 -22.37
N SER B 3600 96.33 45.19 -21.16
CA SER B 3600 94.92 44.88 -20.96
C SER B 3600 94.07 46.06 -21.35
N ALA B 3601 94.51 47.29 -21.00
CA ALA B 3601 93.79 48.48 -21.43
C ALA B 3601 93.82 48.64 -22.95
N VAL B 3602 94.95 48.30 -23.58
CA VAL B 3602 95.07 48.39 -25.04
C VAL B 3602 94.09 47.43 -25.73
N LEU B 3603 94.10 46.16 -25.32
CA LEU B 3603 93.24 45.17 -25.96
C LEU B 3603 91.78 45.45 -25.66
N TYR B 3604 91.47 45.87 -24.41
CA TYR B 3604 90.10 46.12 -24.01
C TYR B 3604 89.49 47.23 -24.85
N HIS B 3605 90.21 48.32 -25.05
CA HIS B 3605 89.68 49.37 -25.93
C HIS B 3605 89.73 48.93 -27.40
N LEU B 3606 90.67 48.04 -27.75
CA LEU B 3606 90.79 47.56 -29.12
C LEU B 3606 89.54 46.80 -29.54
N GLU B 3607 89.11 45.83 -28.72
CA GLU B 3607 87.92 45.05 -29.07
C GLU B 3607 86.68 45.93 -29.11
N GLN B 3608 86.68 47.04 -28.34
CA GLN B 3608 85.59 48.01 -28.42
C GLN B 3608 85.61 48.71 -29.77
N THR B 3609 86.79 48.77 -30.40
CA THR B 3609 86.86 49.45 -31.69
C THR B 3609 86.39 48.50 -32.77
N GLU B 3610 87.04 47.33 -32.89
CA GLU B 3610 86.62 46.35 -33.91
C GLU B 3610 85.23 45.73 -33.66
N HIS B 3611 84.51 46.09 -32.59
CA HIS B 3611 83.13 45.61 -32.35
C HIS B 3611 82.39 46.70 -31.61
N PRO B 3612 82.01 47.78 -32.32
CA PRO B 3612 81.35 48.92 -31.63
C PRO B 3612 79.99 48.63 -31.00
N TYR B 3613 79.10 47.89 -31.68
CA TYR B 3613 77.76 47.48 -31.21
C TYR B 3613 76.91 48.69 -30.79
N LYS B 3614 77.02 49.76 -31.57
CA LYS B 3614 76.43 51.06 -31.23
C LYS B 3614 74.90 51.04 -31.20
N SER B 3615 74.25 50.31 -32.12
CA SER B 3615 72.81 50.34 -32.39
C SER B 3615 71.85 50.07 -31.20
N LYS B 3616 70.53 49.98 -31.50
CA LYS B 3616 69.36 49.68 -30.65
C LYS B 3616 68.70 50.96 -30.16
N LYS B 3617 69.12 52.12 -30.67
CA LYS B 3617 68.56 53.40 -30.25
C LYS B 3617 67.82 54.14 -31.36
N ALA B 3618 68.44 54.35 -32.52
CA ALA B 3618 67.78 55.07 -33.60
C ALA B 3618 67.68 54.15 -34.81
N VAL B 3619 66.60 53.37 -34.84
CA VAL B 3619 66.31 52.41 -35.90
C VAL B 3619 65.15 52.94 -36.72
N TRP B 3620 65.14 52.61 -38.02
CA TRP B 3620 64.11 52.97 -38.99
C TRP B 3620 62.74 52.47 -38.52
N HIS B 3621 61.85 53.39 -38.16
CA HIS B 3621 60.56 53.03 -37.58
C HIS B 3621 59.36 53.38 -38.44
N LYS B 3622 59.50 54.32 -39.38
CA LYS B 3622 58.48 54.78 -40.35
C LYS B 3622 57.10 55.02 -39.72
N LEU B 3623 57.10 55.92 -38.73
CA LEU B 3623 55.87 56.30 -38.02
C LEU B 3623 54.81 56.86 -38.95
N LEU B 3624 55.17 57.84 -39.78
CA LEU B 3624 54.22 58.40 -40.73
C LEU B 3624 54.86 58.72 -42.08
N SER B 3625 56.12 58.32 -42.31
CA SER B 3625 56.80 58.65 -43.56
C SER B 3625 56.18 57.93 -44.76
N LYS B 3626 55.84 56.65 -44.60
CA LYS B 3626 55.31 55.88 -45.73
C LYS B 3626 53.91 56.31 -46.14
N GLN B 3627 53.15 56.95 -45.24
CA GLN B 3627 51.77 57.31 -45.52
C GLN B 3627 51.48 58.80 -45.48
N ARG B 3628 52.40 59.64 -45.01
CA ARG B 3628 52.09 61.06 -44.89
C ARG B 3628 53.31 61.90 -45.35
N ARG B 3629 54.06 61.41 -46.33
CA ARG B 3629 55.12 62.23 -46.92
C ARG B 3629 54.58 63.28 -47.88
N ARG B 3630 53.31 63.19 -48.27
CA ARG B 3630 52.72 64.23 -49.11
C ARG B 3630 52.53 65.53 -48.33
N ALA B 3631 52.01 65.42 -47.11
CA ALA B 3631 51.70 66.60 -46.29
C ALA B 3631 52.95 67.39 -45.92
N VAL B 3632 54.02 66.69 -45.52
CA VAL B 3632 55.24 67.38 -45.09
C VAL B 3632 55.87 68.15 -46.25
N VAL B 3633 55.77 67.60 -47.47
CA VAL B 3633 56.26 68.28 -48.66
C VAL B 3633 55.37 69.48 -49.00
N ALA B 3634 54.04 69.29 -48.94
CA ALA B 3634 53.13 70.33 -49.38
C ALA B 3634 53.02 71.50 -48.40
N CYS B 3635 52.92 71.23 -47.09
CA CYS B 3635 52.58 72.24 -46.08
C CYS B 3635 53.61 73.37 -46.00
N PHE B 3636 54.88 73.11 -46.28
CA PHE B 3636 55.88 74.18 -46.28
C PHE B 3636 55.67 75.17 -47.42
N ARG B 3637 55.11 74.73 -48.54
CA ARG B 3637 55.02 75.54 -49.75
C ARG B 3637 53.61 75.89 -50.20
N MET B 3638 52.58 75.29 -49.63
CA MET B 3638 51.22 75.41 -50.13
C MET B 3638 50.62 76.78 -49.81
N THR B 3639 49.41 76.98 -50.30
CA THR B 3639 48.81 78.30 -50.34
C THR B 3639 48.45 78.79 -48.93
N PRO B 3640 48.92 79.97 -48.54
CA PRO B 3640 48.45 80.58 -47.28
C PRO B 3640 47.01 81.03 -47.38
N LEU B 3641 46.47 81.44 -46.24
CA LEU B 3641 45.06 81.82 -46.14
C LEU B 3641 44.73 83.02 -47.02
N TYR B 3642 45.61 84.02 -47.04
CA TYR B 3642 45.29 85.28 -47.71
C TYR B 3642 45.22 85.17 -49.23
N ASN B 3643 45.67 84.06 -49.81
CA ASN B 3643 45.65 83.88 -51.26
C ASN B 3643 44.45 83.09 -51.75
N LEU B 3644 43.52 82.70 -50.87
CA LEU B 3644 42.34 81.97 -51.29
C LEU B 3644 41.36 82.91 -52.00
N PRO B 3645 40.50 82.37 -52.87
CA PRO B 3645 39.39 83.16 -53.40
C PRO B 3645 38.47 83.61 -52.28
N THR B 3646 37.87 84.80 -52.47
CA THR B 3646 37.06 85.43 -51.43
C THR B 3646 35.86 84.58 -51.05
N HIS B 3647 35.15 84.02 -52.05
CA HIS B 3647 33.97 83.22 -51.77
C HIS B 3647 34.31 81.93 -51.03
N ARG B 3648 35.40 81.26 -51.43
CA ARG B 3648 35.80 80.03 -50.75
C ARG B 3648 36.22 80.31 -49.32
N ALA B 3649 36.96 81.42 -49.13
CA ALA B 3649 37.38 81.81 -47.79
C ALA B 3649 36.18 82.14 -46.92
N CYS B 3650 35.17 82.79 -47.52
CA CYS B 3650 33.96 83.10 -46.77
C CYS B 3650 33.24 81.84 -46.35
N ASN B 3651 33.24 80.82 -47.23
CA ASN B 3651 32.61 79.54 -46.89
C ASN B 3651 33.30 78.89 -45.69
N MET B 3652 34.65 78.94 -45.67
CA MET B 3652 35.40 78.42 -44.52
C MET B 3652 35.06 79.22 -43.27
N PHE B 3653 34.94 80.55 -43.40
CA PHE B 3653 34.62 81.38 -42.24
C PHE B 3653 33.24 81.05 -41.71
N LEU B 3654 32.28 80.78 -42.60
CA LEU B 3654 30.92 80.47 -42.19
C LEU B 3654 30.87 79.18 -41.39
N GLU B 3655 31.48 78.11 -41.93
CA GLU B 3655 31.46 76.84 -41.20
C GLU B 3655 32.27 76.91 -39.91
N SER B 3656 33.36 77.69 -39.89
CA SER B 3656 34.12 77.84 -38.66
C SER B 3656 33.33 78.63 -37.63
N TYR B 3657 32.60 79.67 -38.09
CA TYR B 3657 31.86 80.52 -37.18
C TYR B 3657 30.74 79.74 -36.53
N LYS B 3658 29.98 78.97 -37.33
CA LYS B 3658 28.86 78.23 -36.75
C LYS B 3658 29.37 77.16 -35.79
N ALA B 3659 30.48 76.49 -36.14
CA ALA B 3659 31.00 75.45 -35.25
C ALA B 3659 31.64 76.02 -33.99
N ALA B 3660 32.14 77.26 -34.03
CA ALA B 3660 32.86 77.83 -32.89
C ALA B 3660 32.05 78.80 -32.03
N TRP B 3661 31.00 79.41 -32.57
CA TRP B 3661 30.26 80.44 -31.84
C TRP B 3661 28.78 80.20 -31.74
N ILE B 3662 28.18 79.40 -32.62
CA ILE B 3662 26.74 79.16 -32.60
C ILE B 3662 26.41 77.85 -31.89
N LEU B 3663 27.09 76.77 -32.27
CA LEU B 3663 26.92 75.49 -31.57
C LEU B 3663 27.33 75.60 -30.11
N THR B 3664 28.43 76.31 -29.84
CA THR B 3664 28.90 76.50 -28.48
C THR B 3664 27.98 77.37 -27.64
N GLU B 3665 27.16 78.21 -28.27
CA GLU B 3665 26.27 79.11 -27.55
C GLU B 3665 25.22 78.33 -26.77
N ASP B 3666 24.86 78.85 -25.59
CA ASP B 3666 23.88 78.24 -24.71
C ASP B 3666 22.64 79.13 -24.68
N HIS B 3667 21.46 78.51 -24.79
CA HIS B 3667 20.20 79.25 -24.76
C HIS B 3667 19.16 78.37 -24.07
N SER B 3668 18.85 78.69 -22.83
CA SER B 3668 17.88 77.93 -22.04
C SER B 3668 16.51 78.61 -22.16
N PHE B 3669 15.69 78.11 -23.08
CA PHE B 3669 14.36 78.64 -23.33
C PHE B 3669 13.23 77.68 -22.99
N GLU B 3670 13.56 76.43 -22.64
CA GLU B 3670 12.55 75.42 -22.36
C GLU B 3670 11.68 75.80 -21.16
N ASP B 3671 12.29 76.33 -20.11
CA ASP B 3671 11.56 76.68 -18.90
C ASP B 3671 10.54 77.77 -19.19
N ARG B 3672 10.93 78.76 -19.98
CA ARG B 3672 10.03 79.85 -20.30
C ARG B 3672 9.09 79.48 -21.44
N MET B 3673 9.31 78.34 -22.08
CA MET B 3673 8.33 77.86 -23.04
C MET B 3673 7.19 77.16 -22.30
N ILE B 3674 7.54 76.13 -21.51
CA ILE B 3674 6.53 75.37 -20.76
C ILE B 3674 5.81 76.25 -19.75
N ASP B 3675 6.49 77.28 -19.21
CA ASP B 3675 5.83 78.21 -18.30
C ASP B 3675 4.70 78.95 -19.01
N ASP B 3676 4.94 79.41 -20.23
CA ASP B 3676 3.89 80.10 -20.96
C ASP B 3676 2.80 79.13 -21.39
N LEU B 3677 3.20 77.93 -21.85
CA LEU B 3677 2.24 76.94 -22.35
C LEU B 3677 1.37 76.34 -21.26
N SER B 3678 1.74 76.50 -19.99
CA SER B 3678 0.99 75.87 -18.92
C SER B 3678 0.07 76.86 -18.19
N LYS B 3679 -0.27 77.97 -18.84
CA LYS B 3679 -1.15 78.98 -18.27
C LYS B 3679 -2.41 79.12 -19.12
N ALA B 3680 -3.56 78.96 -18.49
CA ALA B 3680 -4.84 79.21 -19.15
C ALA B 3680 -5.48 80.37 -18.40
N GLY B 3681 -5.22 81.58 -18.88
CA GLY B 3681 -5.62 82.78 -18.18
C GLY B 3681 -6.71 83.56 -18.87
N GLU B 3682 -7.46 84.36 -18.09
CA GLU B 3682 -8.53 85.25 -18.56
C GLU B 3682 -9.67 84.50 -19.24
N GLN B 3683 -9.90 83.25 -18.83
CA GLN B 3683 -11.05 82.49 -19.30
C GLN B 3683 -11.93 82.03 -18.15
N GLU B 3684 -11.70 82.55 -16.94
CA GLU B 3684 -12.46 82.17 -15.77
C GLU B 3684 -13.50 83.22 -15.36
N GLU B 3685 -13.78 84.18 -16.24
CA GLU B 3685 -14.77 85.22 -15.94
C GLU B 3685 -16.18 84.63 -15.80
N GLU B 3686 -16.53 83.64 -16.62
CA GLU B 3686 -17.84 83.01 -16.52
C GLU B 3686 -17.88 81.90 -15.48
N GLU B 3687 -16.72 81.47 -14.98
CA GLU B 3687 -16.51 80.39 -13.99
C GLU B 3687 -17.43 79.18 -14.19
N GLU B 3688 -17.48 78.71 -15.44
CA GLU B 3688 -18.32 77.57 -15.81
C GLU B 3688 -17.90 76.31 -15.07
N GLU B 3689 -18.86 75.42 -14.87
CA GLU B 3689 -18.64 74.18 -14.12
C GLU B 3689 -18.29 72.96 -14.97
N VAL B 3690 -18.19 73.10 -16.29
CA VAL B 3690 -17.97 71.94 -17.16
C VAL B 3690 -16.62 71.30 -16.84
N GLU B 3691 -16.61 69.96 -16.81
CA GLU B 3691 -15.45 69.20 -16.33
C GLU B 3691 -14.23 69.40 -17.24
N GLU B 3692 -14.44 69.45 -18.56
CA GLU B 3692 -13.32 69.50 -19.48
C GLU B 3692 -12.76 70.92 -19.64
N LYS B 3693 -13.58 71.95 -19.38
CA LYS B 3693 -13.27 73.39 -19.57
C LYS B 3693 -12.66 73.56 -20.95
N LYS B 3694 -11.48 74.17 -21.07
CA LYS B 3694 -10.74 74.16 -22.31
C LYS B 3694 -9.31 73.79 -21.92
N PRO B 3695 -8.73 72.78 -22.56
CA PRO B 3695 -7.33 72.43 -22.30
C PRO B 3695 -6.37 73.58 -22.57
N ASP B 3696 -5.42 73.76 -21.65
CA ASP B 3696 -4.38 74.77 -21.81
C ASP B 3696 -3.45 74.35 -22.96
N PRO B 3697 -2.71 75.33 -23.56
CA PRO B 3697 -1.93 75.05 -24.80
C PRO B 3697 -1.01 73.84 -24.76
N LEU B 3698 -0.38 73.58 -23.61
CA LEU B 3698 0.47 72.41 -23.48
C LEU B 3698 -0.36 71.13 -23.62
N HIS B 3699 -1.54 71.10 -23.00
CA HIS B 3699 -2.41 69.94 -23.11
C HIS B 3699 -2.87 69.74 -24.54
N GLN B 3700 -3.20 70.83 -25.22
CA GLN B 3700 -3.64 70.74 -26.61
C GLN B 3700 -2.53 70.20 -27.50
N LEU B 3701 -1.29 70.63 -27.24
CA LEU B 3701 -0.14 70.13 -27.99
C LEU B 3701 0.07 68.64 -27.77
N VAL B 3702 -0.05 68.20 -26.51
CA VAL B 3702 0.12 66.78 -26.19
C VAL B 3702 -1.00 65.96 -26.82
N LEU B 3703 -2.23 66.49 -26.80
CA LEU B 3703 -3.35 65.81 -27.44
C LEU B 3703 -3.12 65.67 -28.94
N HIS B 3704 -2.57 66.70 -29.58
CA HIS B 3704 -2.29 66.65 -31.00
C HIS B 3704 -1.27 65.58 -31.32
N PHE B 3705 -0.20 65.50 -30.54
CA PHE B 3705 0.82 64.47 -30.77
C PHE B 3705 0.31 63.08 -30.45
N SER B 3706 -0.57 62.95 -29.45
CA SER B 3706 -1.23 61.67 -29.21
C SER B 3706 -2.13 61.29 -30.38
N ARG B 3707 -2.82 62.27 -30.97
CA ARG B 3707 -3.68 62.00 -32.11
C ARG B 3707 -2.85 61.50 -33.30
N THR B 3708 -1.73 62.18 -33.58
CA THR B 3708 -0.92 61.75 -34.71
C THR B 3708 -0.14 60.47 -34.41
N ALA B 3709 -0.13 60.03 -33.15
CA ALA B 3709 0.46 58.74 -32.85
C ALA B 3709 -0.58 57.63 -32.88
N LEU B 3710 -1.82 57.97 -32.55
CA LEU B 3710 -2.92 57.03 -32.59
C LEU B 3710 -3.47 56.81 -33.99
N THR B 3711 -3.14 57.67 -34.95
CA THR B 3711 -3.61 57.47 -36.31
C THR B 3711 -3.00 56.21 -36.91
N GLU B 3712 -3.73 55.61 -37.85
CA GLU B 3712 -3.33 54.33 -38.43
C GLU B 3712 -2.43 54.55 -39.64
N LYS B 3713 -1.16 54.18 -39.49
CA LYS B 3713 -0.15 54.36 -40.52
C LYS B 3713 0.83 53.22 -40.41
N SER B 3714 1.26 52.70 -41.56
CA SER B 3714 2.15 51.55 -41.60
C SER B 3714 3.52 51.88 -40.99
N LYS B 3715 4.04 53.07 -41.29
CA LYS B 3715 5.35 53.46 -40.81
C LYS B 3715 5.26 54.83 -40.16
N LEU B 3716 6.02 55.02 -39.09
CA LEU B 3716 6.04 56.28 -38.36
C LEU B 3716 6.98 57.26 -39.05
N ASP B 3717 6.43 58.29 -39.67
CA ASP B 3717 7.25 59.29 -40.32
C ASP B 3717 7.90 60.20 -39.28
N GLU B 3718 9.02 60.81 -39.65
CA GLU B 3718 9.75 61.67 -38.74
C GLU B 3718 9.12 63.06 -38.71
N ASP B 3719 8.56 63.45 -37.57
CA ASP B 3719 8.06 64.79 -37.37
C ASP B 3719 9.14 65.60 -36.66
N TYR B 3720 9.77 66.52 -37.41
CA TYR B 3720 10.87 67.30 -36.86
C TYR B 3720 10.41 68.19 -35.71
N LEU B 3721 9.15 68.63 -35.75
CA LEU B 3721 8.66 69.47 -34.68
C LEU B 3721 8.36 68.63 -33.45
N TYR B 3722 7.86 67.40 -33.63
CA TYR B 3722 7.67 66.52 -32.49
C TYR B 3722 9.00 66.19 -31.84
N MET B 3723 10.03 65.95 -32.66
CA MET B 3723 11.39 65.74 -32.16
C MET B 3723 11.90 66.94 -31.37
N ALA B 3724 11.54 68.14 -31.82
CA ALA B 3724 11.99 69.34 -31.11
C ALA B 3724 11.17 69.56 -29.85
N TYR B 3725 9.89 69.28 -29.87
CA TYR B 3725 9.07 69.55 -28.70
C TYR B 3725 9.28 68.48 -27.65
N ALA B 3726 9.54 67.24 -28.07
CA ALA B 3726 9.90 66.18 -27.15
C ALA B 3726 11.23 66.49 -26.47
N ASP B 3727 12.22 66.99 -27.24
CA ASP B 3727 13.50 67.36 -26.63
C ASP B 3727 13.34 68.54 -25.68
N ILE B 3728 12.48 69.49 -26.04
CA ILE B 3728 12.20 70.65 -25.18
C ILE B 3728 11.55 70.22 -23.88
N MET B 3729 10.56 69.32 -23.97
CA MET B 3729 9.87 68.82 -22.79
C MET B 3729 10.82 68.02 -21.92
N ALA B 3730 11.66 67.17 -22.54
CA ALA B 3730 12.60 66.37 -21.77
C ALA B 3730 13.60 67.27 -21.06
N LYS B 3731 14.10 68.30 -21.74
CA LYS B 3731 15.06 69.21 -21.13
C LYS B 3731 14.40 70.15 -20.13
N SER B 3732 13.08 70.20 -20.06
CA SER B 3732 12.38 71.13 -19.19
C SER B 3732 11.92 70.48 -17.89
N CYS B 3733 12.47 69.31 -17.54
CA CYS B 3733 12.14 68.67 -16.28
C CYS B 3733 13.33 68.55 -15.35
N HIS B 3734 14.43 67.94 -15.79
CA HIS B 3734 15.54 67.65 -14.90
C HIS B 3734 16.23 68.92 -14.40
N LEU B 3735 16.60 69.83 -15.33
CA LEU B 3735 17.35 71.07 -15.05
C LEU B 3735 18.64 70.82 -14.28
N GLU B 3736 19.26 69.66 -14.51
CA GLU B 3736 20.45 69.26 -13.77
C GLU B 3736 21.32 68.31 -14.60
N VAL B 3749 30.47 69.82 0.27
CA VAL B 3749 29.50 69.31 -0.70
C VAL B 3749 28.46 68.42 -0.01
N GLU B 3750 28.21 68.66 1.27
CA GLU B 3750 27.24 67.90 2.04
C GLU B 3750 25.92 68.67 2.09
N VAL B 3751 25.05 68.36 1.13
CA VAL B 3751 23.71 68.91 1.10
C VAL B 3751 22.88 68.35 2.25
N SER B 3752 22.24 69.23 3.01
CA SER B 3752 21.49 68.81 4.18
C SER B 3752 20.23 68.12 3.69
N PHE B 3753 19.83 67.05 4.39
CA PHE B 3753 18.71 66.20 4.01
C PHE B 3753 17.39 66.95 3.83
N GLU B 3754 17.20 68.04 4.58
CA GLU B 3754 15.99 68.84 4.39
C GLU B 3754 16.04 69.65 3.11
N GLU B 3755 17.19 70.24 2.77
CA GLU B 3755 17.22 70.96 1.51
C GLU B 3755 17.41 70.03 0.33
N LYS B 3756 17.99 68.84 0.57
CA LYS B 3756 17.96 67.74 -0.38
C LYS B 3756 16.54 67.42 -0.80
N GLU B 3757 15.61 67.42 0.16
CA GLU B 3757 14.21 67.13 -0.15
C GLU B 3757 13.56 68.23 -1.00
N MET B 3758 14.15 69.44 -1.02
CA MET B 3758 13.58 70.53 -1.79
C MET B 3758 13.72 70.31 -3.28
N GLU B 3759 14.94 69.97 -3.75
CA GLU B 3759 15.16 69.79 -5.18
C GLU B 3759 14.33 68.63 -5.73
N LYS B 3760 14.23 67.53 -4.96
CA LYS B 3760 13.35 66.43 -5.35
C LYS B 3760 11.90 66.88 -5.41
N GLN B 3761 11.40 67.51 -4.34
CA GLN B 3761 9.99 67.88 -4.30
C GLN B 3761 9.65 68.98 -5.29
N ARG B 3762 10.66 69.70 -5.80
CA ARG B 3762 10.51 70.58 -6.94
C ARG B 3762 10.48 69.78 -8.25
N LEU B 3763 11.29 68.73 -8.33
CA LEU B 3763 11.32 67.90 -9.54
C LEU B 3763 9.99 67.20 -9.74
N LEU B 3764 9.38 66.72 -8.66
CA LEU B 3764 8.09 66.05 -8.75
C LEU B 3764 7.02 66.99 -9.31
N TYR B 3765 7.01 68.24 -8.84
CA TYR B 3765 6.13 69.25 -9.41
C TYR B 3765 6.43 69.49 -10.89
N GLN B 3766 7.71 69.59 -11.23
CA GLN B 3766 8.10 69.91 -12.60
C GLN B 3766 7.72 68.78 -13.56
N GLN B 3767 7.81 67.53 -13.09
CA GLN B 3767 7.25 66.40 -13.85
C GLN B 3767 5.74 66.45 -13.87
N SER B 3768 5.11 66.81 -12.74
CA SER B 3768 3.66 66.87 -12.65
C SER B 3768 3.06 67.95 -13.53
N ARG B 3769 3.88 68.89 -14.00
CA ARG B 3769 3.40 69.86 -14.96
C ARG B 3769 3.12 69.19 -16.31
N LEU B 3770 3.80 68.07 -16.59
CA LEU B 3770 3.67 67.36 -17.85
C LEU B 3770 2.75 66.15 -17.75
N HIS B 3771 3.05 65.22 -16.82
CA HIS B 3771 2.33 63.95 -16.79
C HIS B 3771 0.85 64.10 -16.43
N THR B 3772 0.45 65.20 -15.80
CA THR B 3772 -0.99 65.43 -15.62
C THR B 3772 -1.67 65.79 -16.93
N ARG B 3773 -0.91 66.06 -17.99
CA ARG B 3773 -1.48 66.49 -19.25
C ARG B 3773 -1.38 65.43 -20.34
N GLY B 3774 -1.29 64.15 -19.98
CA GLY B 3774 -1.27 63.08 -20.95
C GLY B 3774 0.06 62.72 -21.57
N ALA B 3775 1.16 63.35 -21.15
CA ALA B 3775 2.47 63.03 -21.72
C ALA B 3775 2.89 61.60 -21.40
N ALA B 3776 2.46 61.06 -20.25
CA ALA B 3776 2.78 59.68 -19.89
C ALA B 3776 2.14 58.70 -20.86
N GLU B 3777 0.89 58.97 -21.25
CA GLU B 3777 0.24 58.08 -22.20
C GLU B 3777 0.78 58.30 -23.60
N MET B 3778 1.18 59.55 -23.88
CA MET B 3778 1.73 59.90 -25.18
C MET B 3778 3.01 59.13 -25.46
N VAL B 3779 3.86 59.00 -24.43
CA VAL B 3779 5.13 58.29 -24.58
C VAL B 3779 4.87 56.84 -24.94
N LEU B 3780 3.89 56.21 -24.24
CA LEU B 3780 3.53 54.83 -24.47
C LEU B 3780 2.98 54.64 -25.88
N GLN B 3781 2.24 55.64 -26.36
CA GLN B 3781 1.67 55.55 -27.70
C GLN B 3781 2.75 55.66 -28.75
N MET B 3782 3.71 56.58 -28.58
CA MET B 3782 4.77 56.71 -29.57
C MET B 3782 5.67 55.47 -29.60
N ILE B 3783 5.90 54.86 -28.43
CA ILE B 3783 6.65 53.61 -28.37
C ILE B 3783 5.92 52.51 -29.11
N SER B 3784 4.59 52.41 -28.92
CA SER B 3784 3.86 51.39 -29.65
C SER B 3784 3.79 51.71 -31.14
N ALA B 3785 3.76 53.00 -31.48
CA ALA B 3785 3.60 53.41 -32.87
C ALA B 3785 4.88 53.20 -33.68
N CYS B 3786 6.04 53.24 -33.04
CA CYS B 3786 7.29 53.11 -33.80
C CYS B 3786 7.53 51.71 -34.35
N LYS B 3787 6.78 50.69 -33.89
CA LYS B 3787 6.81 49.32 -34.40
C LYS B 3787 8.17 48.65 -34.29
N GLY B 3788 9.06 49.15 -33.43
CA GLY B 3788 10.37 48.55 -33.31
C GLY B 3788 11.39 49.02 -34.31
N GLU B 3789 11.20 50.20 -34.89
CA GLU B 3789 12.14 50.77 -35.86
C GLU B 3789 13.02 51.77 -35.12
N THR B 3790 14.30 51.42 -34.97
CA THR B 3790 15.24 52.29 -34.29
C THR B 3790 15.42 53.61 -35.03
N GLY B 3791 15.52 54.70 -34.27
CA GLY B 3791 15.74 56.00 -34.86
C GLY B 3791 15.72 57.07 -33.80
N ALA B 3792 16.00 58.30 -34.25
CA ALA B 3792 15.95 59.43 -33.34
C ALA B 3792 14.52 59.76 -32.91
N MET B 3793 13.54 59.23 -33.64
CA MET B 3793 12.13 59.40 -33.29
C MET B 3793 11.81 58.63 -32.02
N VAL B 3794 12.22 57.36 -31.96
CA VAL B 3794 11.95 56.59 -30.77
C VAL B 3794 12.89 57.03 -29.65
N SER B 3795 14.12 57.48 -30.01
CA SER B 3795 15.08 57.90 -28.98
C SER B 3795 14.58 59.11 -28.21
N SER B 3796 14.02 60.10 -28.92
CA SER B 3796 13.49 61.27 -28.21
C SER B 3796 12.26 60.93 -27.38
N THR B 3797 11.57 59.85 -27.71
CA THR B 3797 10.45 59.41 -26.88
C THR B 3797 10.97 58.78 -25.61
N LEU B 3798 12.03 57.97 -25.73
CA LEU B 3798 12.62 57.35 -24.54
C LEU B 3798 13.20 58.40 -23.61
N LYS B 3799 13.86 59.41 -24.18
CA LYS B 3799 14.41 60.50 -23.38
C LYS B 3799 13.33 61.28 -22.66
N LEU B 3800 12.19 61.54 -23.33
CA LEU B 3800 11.07 62.18 -22.65
C LEU B 3800 10.49 61.30 -21.54
N GLY B 3801 10.39 59.99 -21.80
CA GLY B 3801 9.89 59.07 -20.79
C GLY B 3801 10.78 59.02 -19.56
N ILE B 3802 12.09 59.08 -19.77
CA ILE B 3802 13.00 59.10 -18.63
C ILE B 3802 12.89 60.43 -17.90
N SER B 3803 12.79 61.53 -18.65
CA SER B 3803 12.72 62.85 -18.03
C SER B 3803 11.48 62.99 -17.16
N ILE B 3804 10.39 62.30 -17.52
CA ILE B 3804 9.21 62.30 -16.67
C ILE B 3804 9.19 61.11 -15.72
N LEU B 3805 10.21 60.24 -15.75
CA LEU B 3805 10.29 59.09 -14.86
C LEU B 3805 11.49 59.12 -13.93
N ASN B 3806 12.26 60.21 -13.91
CA ASN B 3806 13.41 60.30 -13.03
C ASN B 3806 12.99 60.28 -11.57
N GLY B 3807 13.74 59.55 -10.75
CA GLY B 3807 13.42 59.36 -9.37
C GLY B 3807 12.33 58.34 -9.10
N GLY B 3808 11.90 57.59 -10.12
CA GLY B 3808 10.86 56.60 -9.98
C GLY B 3808 9.53 57.17 -9.53
N ASN B 3809 8.94 58.06 -10.33
CA ASN B 3809 7.67 58.67 -9.98
C ASN B 3809 6.56 57.63 -9.86
N ALA B 3810 5.86 57.67 -8.72
CA ALA B 3810 4.85 56.67 -8.43
C ALA B 3810 3.61 56.93 -9.26
N GLU B 3811 3.24 58.21 -9.40
CA GLU B 3811 2.06 58.57 -10.17
C GLU B 3811 2.24 58.21 -11.63
N VAL B 3812 3.43 58.49 -12.18
CA VAL B 3812 3.69 58.19 -13.59
C VAL B 3812 3.66 56.68 -13.82
N GLN B 3813 4.29 55.91 -12.92
CA GLN B 3813 4.26 54.46 -13.03
C GLN B 3813 2.84 53.89 -12.89
N GLN B 3814 2.00 54.54 -12.09
CA GLN B 3814 0.63 54.09 -11.94
C GLN B 3814 -0.20 54.43 -13.16
N LYS B 3815 -0.02 55.62 -13.73
CA LYS B 3815 -0.77 56.01 -14.92
C LYS B 3815 -0.38 55.14 -16.10
N MET B 3816 0.92 54.88 -16.26
CA MET B 3816 1.40 54.03 -17.36
C MET B 3816 0.87 52.61 -17.22
N LEU B 3817 0.86 52.07 -15.99
CA LEU B 3817 0.33 50.74 -15.78
C LEU B 3817 -1.16 50.69 -16.06
N ASP B 3818 -1.89 51.74 -15.67
CA ASP B 3818 -3.33 51.81 -15.93
C ASP B 3818 -3.61 51.85 -17.41
N TYR B 3819 -2.84 52.66 -18.16
CA TYR B 3819 -3.08 52.76 -19.60
C TYR B 3819 -2.78 51.46 -20.31
N LEU B 3820 -1.72 50.75 -19.90
CA LEU B 3820 -1.44 49.49 -20.57
C LEU B 3820 -2.47 48.43 -20.19
N LYS B 3821 -2.99 48.50 -18.96
CA LYS B 3821 -3.87 47.45 -18.51
C LYS B 3821 -5.27 47.63 -19.07
N ASP B 3822 -5.72 48.87 -19.25
CA ASP B 3822 -7.06 49.01 -19.80
C ASP B 3822 -7.05 48.94 -21.32
N LYS B 3823 -6.01 49.47 -21.98
CA LYS B 3823 -5.95 49.37 -23.44
C LYS B 3823 -5.75 47.93 -23.91
N LYS B 3824 -4.96 47.12 -23.18
CA LYS B 3824 -4.71 45.71 -23.50
C LYS B 3824 -4.19 45.49 -24.91
N GLU B 3825 -3.29 46.35 -25.36
CA GLU B 3825 -2.68 46.19 -26.67
C GLU B 3825 -1.29 45.57 -26.54
N VAL B 3826 -0.93 44.75 -27.53
CA VAL B 3826 0.35 44.06 -27.53
C VAL B 3826 1.40 44.79 -28.35
N GLY B 3827 1.05 45.93 -28.96
CA GLY B 3827 1.99 46.66 -29.79
C GLY B 3827 3.15 47.22 -29.00
N PHE B 3828 2.90 47.57 -27.74
CA PHE B 3828 3.91 48.21 -26.90
C PHE B 3828 5.04 47.23 -26.61
N PHE B 3829 4.69 46.03 -26.16
CA PHE B 3829 5.72 45.07 -25.83
C PHE B 3829 6.32 44.43 -27.07
N GLN B 3830 5.55 44.35 -28.17
CA GLN B 3830 6.13 43.86 -29.41
C GLN B 3830 7.19 44.83 -29.93
N SER B 3831 6.94 46.13 -29.81
CA SER B 3831 7.91 47.11 -30.27
C SER B 3831 9.10 47.17 -29.33
N ILE B 3832 8.86 47.00 -28.02
CA ILE B 3832 9.95 46.97 -27.05
C ILE B 3832 10.87 45.78 -27.32
N GLN B 3833 10.28 44.60 -27.54
CA GLN B 3833 11.05 43.40 -27.84
C GLN B 3833 11.85 43.54 -29.12
N ALA B 3834 11.23 44.10 -30.18
CA ALA B 3834 11.96 44.29 -31.44
C ALA B 3834 13.09 45.30 -31.28
N LEU B 3835 12.85 46.37 -30.50
CA LEU B 3835 13.88 47.36 -30.25
C LEU B 3835 15.06 46.72 -29.52
N MET B 3836 14.76 45.87 -28.53
CA MET B 3836 15.83 45.29 -27.74
C MET B 3836 16.60 44.26 -28.58
N GLN B 3837 15.91 43.57 -29.49
CA GLN B 3837 16.58 42.59 -30.32
C GLN B 3837 17.40 43.25 -31.43
N THR B 3838 17.18 44.54 -31.70
CA THR B 3838 17.98 45.23 -32.69
C THR B 3838 19.16 45.97 -32.10
N CYS B 3839 19.34 45.94 -30.77
CA CYS B 3839 20.50 46.57 -30.15
C CYS B 3839 21.78 45.82 -30.50
N SER B 3840 22.85 46.57 -30.72
CA SER B 3840 24.11 46.06 -31.22
C SER B 3840 25.05 45.68 -30.09
N VAL B 3841 26.03 44.84 -30.41
CA VAL B 3841 27.07 44.42 -29.49
C VAL B 3841 28.43 44.77 -30.08
N LEU B 3842 29.51 44.46 -29.37
CA LEU B 3842 30.86 44.70 -29.87
C LEU B 3842 31.15 43.82 -31.09
N ASP B 3843 31.78 44.41 -32.09
CA ASP B 3843 32.10 43.71 -33.34
C ASP B 3843 33.59 43.82 -33.62
N LEU B 3844 34.28 42.67 -33.60
CA LEU B 3844 35.70 42.62 -33.89
C LEU B 3844 36.01 43.00 -35.33
N ASN B 3845 35.21 42.50 -36.28
CA ASN B 3845 35.43 42.81 -37.70
C ASN B 3845 35.29 44.30 -37.95
N ALA B 3846 34.27 44.92 -37.35
CA ALA B 3846 34.07 46.36 -37.47
C ALA B 3846 35.22 47.10 -36.81
N PHE B 3847 35.71 46.59 -35.68
CA PHE B 3847 36.79 47.25 -34.98
C PHE B 3847 38.07 47.22 -35.81
N GLU B 3848 38.38 46.07 -36.40
CA GLU B 3848 39.58 45.95 -37.23
C GLU B 3848 39.50 46.85 -38.45
N ARG B 3849 38.29 46.97 -39.05
CA ARG B 3849 38.10 47.92 -40.13
C ARG B 3849 38.32 49.35 -39.66
N GLN B 3850 37.85 49.67 -38.44
CA GLN B 3850 38.07 50.99 -37.87
C GLN B 3850 39.55 51.26 -37.67
N ASN B 3851 40.28 50.25 -37.19
CA ASN B 3851 41.71 50.38 -36.94
C ASN B 3851 42.47 50.62 -38.24
N LYS B 3852 42.16 49.85 -39.28
CA LYS B 3852 42.83 50.07 -40.56
C LYS B 3852 42.42 51.40 -41.19
N ALA B 3853 41.17 51.82 -40.98
CA ALA B 3853 40.73 53.12 -41.49
C ALA B 3853 41.52 54.24 -40.83
N GLU B 3854 41.73 54.16 -39.51
CA GLU B 3854 42.59 55.13 -38.87
C GLU B 3854 44.06 54.93 -39.25
N GLY B 3855 44.42 53.73 -39.72
CA GLY B 3855 45.76 53.51 -40.21
C GLY B 3855 46.04 54.33 -41.46
N LEU B 3856 45.01 54.47 -42.31
CA LEU B 3856 45.15 55.32 -43.49
C LEU B 3856 45.28 56.78 -43.09
N GLY B 3857 44.43 57.24 -42.18
CA GLY B 3857 44.41 58.64 -41.75
C GLY B 3857 44.16 59.65 -42.85
N MET B 3858 43.23 59.38 -43.76
CA MET B 3858 43.04 60.19 -44.94
C MET B 3858 42.54 61.59 -44.60
N VAL B 3859 42.79 62.53 -45.52
CA VAL B 3859 42.50 63.94 -45.33
C VAL B 3859 41.67 64.45 -46.50
N ASN B 3860 40.93 65.53 -46.24
CA ASN B 3860 40.06 66.13 -47.24
C ASN B 3860 40.80 67.26 -47.96
N GLU B 3861 40.06 68.02 -48.79
CA GLU B 3861 40.63 69.01 -49.71
C GLU B 3861 40.49 70.44 -49.20
N ASP B 3862 39.28 70.82 -48.78
CA ASP B 3862 39.02 72.17 -48.26
C ASP B 3862 39.65 72.31 -46.88
N GLY B 3863 40.94 72.62 -46.89
CA GLY B 3863 41.73 72.59 -45.68
C GLY B 3863 42.13 71.18 -45.37
N THR B 3864 42.20 70.82 -44.09
CA THR B 3864 42.56 69.46 -43.68
C THR B 3864 42.04 69.19 -42.29
N VAL B 3865 41.36 68.06 -42.11
CA VAL B 3865 41.00 67.56 -40.79
C VAL B 3865 42.00 66.47 -40.41
N ILE B 3866 42.55 66.58 -39.22
CA ILE B 3866 43.55 65.63 -38.72
C ILE B 3866 42.89 64.80 -37.63
N ASN B 3867 42.88 63.48 -37.82
CA ASN B 3867 42.25 62.51 -36.91
C ASN B 3867 40.77 62.84 -36.70
N ARG B 3868 40.02 62.73 -37.79
CA ARG B 3868 38.60 63.07 -37.79
C ARG B 3868 37.82 62.18 -36.83
N GLN B 3869 36.83 62.79 -36.16
CA GLN B 3869 36.07 62.14 -35.10
C GLN B 3869 34.67 61.73 -35.57
N ASN B 3870 34.57 61.21 -36.79
CA ASN B 3870 33.30 60.74 -37.34
C ASN B 3870 32.74 59.56 -36.54
N GLY B 3871 31.50 59.19 -36.86
CA GLY B 3871 30.75 58.18 -36.12
C GLY B 3871 31.42 56.82 -36.01
N GLU B 3872 31.52 56.32 -34.78
CA GLU B 3872 32.14 55.02 -34.57
C GLU B 3872 31.21 53.91 -35.02
N LYS B 3873 31.79 52.89 -35.64
CA LYS B 3873 30.98 51.82 -36.22
C LYS B 3873 30.81 50.65 -35.27
N VAL B 3874 31.36 50.73 -34.06
CA VAL B 3874 31.18 49.73 -33.03
C VAL B 3874 30.44 50.38 -31.87
N MET B 3875 29.29 49.79 -31.50
CA MET B 3875 28.38 50.32 -30.47
C MET B 3875 27.97 51.76 -30.73
N ALA B 3876 27.52 52.03 -31.96
CA ALA B 3876 27.04 53.38 -32.29
C ALA B 3876 25.78 53.71 -31.50
N ASP B 3877 24.88 52.74 -31.34
CA ASP B 3877 23.63 52.92 -30.63
C ASP B 3877 23.75 52.61 -29.14
N ASP B 3878 24.96 52.73 -28.58
CA ASP B 3878 25.18 52.43 -27.16
C ASP B 3878 24.38 53.37 -26.26
N GLU B 3879 24.30 54.65 -26.63
CA GLU B 3879 23.51 55.61 -25.86
C GLU B 3879 22.03 55.27 -25.91
N PHE B 3880 21.57 54.76 -27.06
CA PHE B 3880 20.18 54.37 -27.19
C PHE B 3880 19.88 53.11 -26.41
N THR B 3881 20.85 52.20 -26.31
CA THR B 3881 20.61 50.99 -25.52
C THR B 3881 20.64 51.35 -24.04
N GLN B 3882 21.47 52.33 -23.68
CA GLN B 3882 21.58 52.77 -22.30
C GLN B 3882 20.28 53.39 -21.84
N ASP B 3883 19.72 54.35 -22.60
CA ASP B 3883 18.52 54.93 -22.05
C ASP B 3883 17.28 54.09 -22.33
N LEU B 3884 17.39 53.03 -23.15
CA LEU B 3884 16.29 52.07 -23.24
C LEU B 3884 16.22 51.25 -21.96
N PHE B 3885 17.36 50.77 -21.48
CA PHE B 3885 17.33 50.01 -20.24
C PHE B 3885 17.12 50.92 -19.04
N ARG B 3886 17.63 52.16 -19.08
CA ARG B 3886 17.33 53.11 -18.02
C ARG B 3886 15.83 53.40 -17.93
N PHE B 3887 15.15 53.47 -19.08
CA PHE B 3887 13.69 53.60 -19.08
C PHE B 3887 13.01 52.39 -18.47
N LEU B 3888 13.50 51.19 -18.82
CA LEU B 3888 12.93 49.97 -18.25
C LEU B 3888 13.18 49.90 -16.75
N GLN B 3889 14.37 50.31 -16.30
CA GLN B 3889 14.71 50.30 -14.89
C GLN B 3889 13.82 51.27 -14.12
N LEU B 3890 13.64 52.50 -14.66
CA LEU B 3890 12.82 53.50 -14.00
C LEU B 3890 11.37 53.05 -13.91
N LEU B 3891 10.92 52.23 -14.86
CA LEU B 3891 9.57 51.70 -14.80
C LEU B 3891 9.37 50.83 -13.56
N CYS B 3892 10.33 49.98 -13.24
CA CYS B 3892 10.24 49.08 -12.11
C CYS B 3892 10.83 49.66 -10.84
N GLU B 3893 11.33 50.89 -10.86
CA GLU B 3893 11.99 51.44 -9.69
C GLU B 3893 11.00 51.72 -8.57
N GLY B 3894 11.50 51.70 -7.34
CA GLY B 3894 10.66 51.93 -6.18
C GLY B 3894 9.89 50.71 -5.72
N HIS B 3895 10.31 49.51 -6.14
CA HIS B 3895 9.70 48.22 -5.80
C HIS B 3895 8.22 48.19 -6.18
N ASN B 3896 7.95 48.44 -7.46
CA ASN B 3896 6.59 48.45 -7.97
C ASN B 3896 6.25 47.04 -8.43
N ASN B 3897 5.87 46.22 -7.46
CA ASN B 3897 5.57 44.80 -7.69
C ASN B 3897 4.37 44.61 -8.61
N ASP B 3898 3.47 45.60 -8.66
CA ASP B 3898 2.34 45.55 -9.58
C ASP B 3898 2.80 45.55 -11.03
N PHE B 3899 3.83 46.35 -11.34
CA PHE B 3899 4.26 46.47 -12.72
C PHE B 3899 5.35 45.44 -13.03
N GLN B 3900 6.10 45.02 -12.00
CA GLN B 3900 7.14 44.01 -12.19
C GLN B 3900 6.53 42.70 -12.69
N ASN B 3901 5.36 42.33 -12.14
CA ASN B 3901 4.69 41.14 -12.65
C ASN B 3901 4.16 41.37 -14.05
N TYR B 3902 3.83 42.63 -14.37
CA TYR B 3902 3.27 42.94 -15.68
C TYR B 3902 4.30 42.74 -16.77
N LEU B 3903 5.56 43.11 -16.49
CA LEU B 3903 6.62 42.87 -17.47
C LEU B 3903 6.83 41.38 -17.70
N ARG B 3904 6.80 40.58 -16.63
CA ARG B 3904 7.02 39.15 -16.77
C ARG B 3904 5.90 38.49 -17.55
N THR B 3905 4.66 38.90 -17.29
CA THR B 3905 3.53 38.33 -18.02
C THR B 3905 2.42 39.37 -18.11
N GLN B 3906 1.69 39.32 -19.21
CA GLN B 3906 0.57 40.23 -19.46
C GLN B 3906 -0.74 39.48 -19.31
N THR B 3907 -1.46 39.76 -18.24
CA THR B 3907 -2.70 39.06 -17.95
C THR B 3907 -3.79 39.41 -18.96
N GLY B 3908 -3.99 40.71 -19.19
CA GLY B 3908 -5.07 41.13 -20.08
C GLY B 3908 -4.82 40.78 -21.54
N ASN B 3909 -3.57 40.92 -21.99
CA ASN B 3909 -3.23 40.82 -23.40
C ASN B 3909 -3.45 39.41 -23.93
N THR B 3910 -3.62 39.32 -25.24
CA THR B 3910 -3.76 38.02 -25.89
C THR B 3910 -2.43 37.30 -26.03
N THR B 3911 -1.34 38.05 -26.19
CA THR B 3911 -0.01 37.48 -26.34
C THR B 3911 0.91 38.00 -25.25
N THR B 3912 1.66 37.11 -24.62
CA THR B 3912 2.54 37.44 -23.51
C THR B 3912 3.98 37.43 -23.98
N ILE B 3913 4.71 38.52 -23.67
CA ILE B 3913 6.11 38.67 -24.03
C ILE B 3913 6.94 38.82 -22.76
N ASN B 3914 7.93 37.94 -22.59
CA ASN B 3914 8.77 37.95 -21.39
C ASN B 3914 9.95 38.90 -21.62
N ILE B 3915 9.81 40.11 -21.07
CA ILE B 3915 10.85 41.12 -21.18
C ILE B 3915 12.09 40.69 -20.42
N ILE B 3916 11.89 40.00 -19.30
CA ILE B 3916 13.00 39.54 -18.45
C ILE B 3916 13.90 38.59 -19.23
N ILE B 3917 13.28 37.62 -19.92
CA ILE B 3917 14.01 36.67 -20.75
C ILE B 3917 14.71 37.39 -21.90
N CYS B 3918 14.01 38.32 -22.55
CA CYS B 3918 14.64 39.02 -23.68
C CYS B 3918 15.82 39.87 -23.22
N THR B 3919 15.72 40.43 -22.01
CA THR B 3919 16.81 41.17 -21.39
C THR B 3919 18.01 40.27 -21.15
N VAL B 3920 17.75 39.03 -20.71
CA VAL B 3920 18.81 38.07 -20.50
C VAL B 3920 19.48 37.75 -21.83
N ASP B 3921 18.67 37.55 -22.87
CA ASP B 3921 19.21 37.17 -24.17
C ASP B 3921 20.10 38.27 -24.75
N TYR B 3922 19.74 39.54 -24.49
CA TYR B 3922 20.63 40.63 -24.90
C TYR B 3922 21.90 40.63 -24.04
N LEU B 3923 21.76 40.27 -22.76
CA LEU B 3923 22.91 40.25 -21.86
C LEU B 3923 23.91 39.21 -22.34
N LEU B 3924 23.42 38.05 -22.75
CA LEU B 3924 24.28 37.01 -23.32
C LEU B 3924 24.97 37.51 -24.58
N ARG B 3925 24.23 38.19 -25.46
CA ARG B 3925 24.87 38.70 -26.68
C ARG B 3925 25.96 39.73 -26.37
N LEU B 3926 25.77 40.48 -25.29
CA LEU B 3926 26.77 41.47 -24.89
C LEU B 3926 27.99 40.79 -24.29
N GLN B 3927 27.78 39.78 -23.45
CA GLN B 3927 28.93 39.14 -22.83
C GLN B 3927 29.68 38.30 -23.84
N GLU B 3928 28.97 37.71 -24.82
CA GLU B 3928 29.64 37.02 -25.92
C GLU B 3928 30.55 37.97 -26.68
N SER B 3929 30.06 39.20 -26.92
CA SER B 3929 30.89 40.20 -27.58
C SER B 3929 32.12 40.55 -26.74
N ILE B 3930 31.93 40.74 -25.45
CA ILE B 3930 33.04 41.11 -24.56
C ILE B 3930 34.05 39.97 -24.44
N SER B 3931 33.55 38.73 -24.28
CA SER B 3931 34.41 37.56 -24.22
C SER B 3931 35.20 37.36 -25.51
N ASP B 3932 34.57 37.56 -26.66
CA ASP B 3932 35.31 37.51 -27.92
C ASP B 3932 36.19 38.71 -28.14
N PHE B 3933 35.99 39.78 -27.36
CA PHE B 3933 36.87 40.94 -27.45
C PHE B 3933 38.09 40.73 -26.58
N TYR B 3934 37.96 39.92 -25.52
CA TYR B 3934 39.12 39.53 -24.71
C TYR B 3934 40.16 38.79 -25.52
N TRP B 3935 39.76 37.74 -26.24
CA TRP B 3935 40.71 36.89 -26.94
C TRP B 3935 41.53 37.64 -27.99
N TYR B 3936 40.97 38.72 -28.54
CA TYR B 3936 41.74 39.55 -29.46
C TYR B 3936 42.85 40.30 -28.75
N TYR B 3937 42.66 40.63 -27.49
CA TYR B 3937 43.67 41.31 -26.69
C TYR B 3937 44.42 40.37 -25.76
N SER B 3938 44.15 39.07 -25.88
CA SER B 3938 44.87 38.08 -25.06
C SER B 3938 46.34 38.04 -25.44
N GLY B 3939 46.63 38.02 -26.74
CA GLY B 3939 48.02 38.04 -27.18
C GLY B 3939 48.71 39.35 -26.85
N LYS B 3940 48.02 40.47 -27.07
CA LYS B 3940 48.57 41.79 -26.80
C LYS B 3940 48.72 42.01 -25.30
N ASP B 3941 49.69 42.85 -24.94
CA ASP B 3941 49.91 43.21 -23.55
C ASP B 3941 49.33 44.56 -23.16
N VAL B 3942 49.29 45.52 -24.09
CA VAL B 3942 48.79 46.86 -23.82
C VAL B 3942 47.54 47.09 -24.67
N ILE B 3943 46.53 47.70 -24.06
CA ILE B 3943 45.27 48.00 -24.73
C ILE B 3943 45.26 49.46 -25.14
N GLU B 3944 45.08 49.71 -26.43
CA GLU B 3944 45.17 51.05 -26.98
C GLU B 3944 43.94 51.90 -26.61
N GLU B 3945 43.93 53.14 -27.11
CA GLU B 3945 42.94 54.13 -26.70
C GLU B 3945 41.52 53.77 -27.18
N GLN B 3946 41.39 53.38 -28.45
CA GLN B 3946 40.06 53.05 -28.96
C GLN B 3946 39.51 51.82 -28.25
N GLY B 3947 40.37 50.83 -27.99
CA GLY B 3947 39.95 49.68 -27.21
C GLY B 3947 39.51 50.04 -25.81
N LYS B 3948 40.15 51.07 -25.22
CA LYS B 3948 39.70 51.59 -23.93
C LYS B 3948 38.31 52.18 -24.04
N ARG B 3949 38.09 53.00 -25.08
CA ARG B 3949 36.80 53.67 -25.19
C ARG B 3949 35.67 52.68 -25.51
N ASN B 3950 36.03 51.59 -26.18
CA ASN B 3950 35.10 50.49 -26.41
C ASN B 3950 34.74 49.78 -25.12
N PHE B 3951 35.75 49.51 -24.29
CA PHE B 3951 35.46 48.83 -23.02
C PHE B 3951 34.64 49.73 -22.10
N SER B 3952 34.92 51.04 -22.12
CA SER B 3952 34.20 51.98 -21.26
C SER B 3952 32.72 52.02 -21.61
N LYS B 3953 32.40 52.06 -22.92
CA LYS B 3953 30.99 52.12 -23.27
C LYS B 3953 30.33 50.75 -23.12
N ALA B 3954 31.05 49.66 -23.40
CA ALA B 3954 30.48 48.31 -23.28
C ALA B 3954 30.15 48.01 -21.83
N MET B 3955 31.02 48.42 -20.91
CA MET B 3955 30.78 48.15 -19.50
C MET B 3955 29.70 49.07 -18.95
N SER B 3956 29.65 50.33 -19.40
CA SER B 3956 28.55 51.21 -18.97
C SER B 3956 27.19 50.66 -19.41
N VAL B 3957 27.14 50.03 -20.59
CA VAL B 3957 25.91 49.36 -21.02
C VAL B 3957 25.63 48.12 -20.17
N ALA B 3958 26.68 47.36 -19.84
CA ALA B 3958 26.51 46.20 -18.97
C ALA B 3958 26.05 46.60 -17.57
N LYS B 3959 26.49 47.78 -17.10
CA LYS B 3959 26.02 48.32 -15.83
C LYS B 3959 24.54 48.61 -15.89
N GLN B 3960 24.09 49.26 -16.98
CA GLN B 3960 22.67 49.60 -17.06
C GLN B 3960 21.80 48.35 -17.16
N VAL B 3961 22.31 47.31 -17.82
CA VAL B 3961 21.60 46.03 -17.89
C VAL B 3961 21.52 45.39 -16.51
N PHE B 3962 22.63 45.39 -15.76
CA PHE B 3962 22.64 44.74 -14.46
C PHE B 3962 21.77 45.48 -13.46
N ASN B 3963 21.76 46.81 -13.53
CA ASN B 3963 20.87 47.59 -12.68
C ASN B 3963 19.40 47.32 -13.00
N SER B 3964 19.07 47.18 -14.29
CA SER B 3964 17.70 46.86 -14.67
C SER B 3964 17.30 45.47 -14.18
N LEU B 3965 18.22 44.50 -14.32
CA LEU B 3965 17.94 43.16 -13.82
C LEU B 3965 17.83 43.12 -12.30
N THR B 3966 18.53 44.03 -11.60
CA THR B 3966 18.37 44.16 -10.16
C THR B 3966 16.97 44.64 -9.83
N GLU B 3967 16.52 45.69 -10.54
CA GLU B 3967 15.22 46.27 -10.27
C GLU B 3967 14.08 45.32 -10.60
N TYR B 3968 14.31 44.40 -11.55
CA TYR B 3968 13.26 43.45 -11.92
C TYR B 3968 12.94 42.49 -10.79
N ILE B 3969 13.89 42.25 -9.90
CA ILE B 3969 13.75 41.22 -8.86
C ILE B 3969 13.72 41.79 -7.46
N GLN B 3970 14.11 43.04 -7.25
CA GLN B 3970 14.09 43.58 -5.90
C GLN B 3970 12.66 43.77 -5.43
N GLY B 3971 12.46 43.64 -4.12
CA GLY B 3971 11.15 43.79 -3.51
C GLY B 3971 10.68 42.72 -2.53
N PRO B 3972 10.89 41.39 -2.81
CA PRO B 3972 11.29 40.68 -4.03
C PRO B 3972 10.13 40.17 -4.87
N CYS B 3973 10.33 40.01 -6.17
CA CYS B 3973 9.33 39.45 -7.06
C CYS B 3973 9.65 37.98 -7.27
N THR B 3974 8.84 37.09 -6.67
CA THR B 3974 9.11 35.66 -6.72
C THR B 3974 9.06 35.13 -8.15
N GLY B 3975 8.10 35.62 -8.95
CA GLY B 3975 7.97 35.17 -10.32
C GLY B 3975 9.20 35.51 -11.15
N ASN B 3976 9.71 36.74 -10.98
CA ASN B 3976 10.91 37.15 -11.68
C ASN B 3976 12.11 36.32 -11.23
N GLN B 3977 12.19 36.01 -9.92
CA GLN B 3977 13.28 35.18 -9.43
C GLN B 3977 13.22 33.78 -10.03
N GLN B 3978 12.00 33.25 -10.24
CA GLN B 3978 11.87 31.94 -10.88
C GLN B 3978 12.27 31.99 -12.34
N SER B 3979 11.88 33.07 -13.03
CA SER B 3979 12.25 33.22 -14.44
C SER B 3979 13.75 33.31 -14.60
N LEU B 3980 14.42 34.11 -13.75
CA LEU B 3980 15.87 34.18 -13.81
C LEU B 3980 16.51 32.86 -13.37
N ALA B 3981 15.84 32.10 -12.51
CA ALA B 3981 16.36 30.82 -12.06
C ALA B 3981 16.41 29.84 -13.22
N HIS B 3982 15.32 29.77 -13.99
CA HIS B 3982 15.29 28.88 -15.14
C HIS B 3982 15.93 29.49 -16.39
N SER B 3983 16.37 30.75 -16.34
CA SER B 3983 16.89 31.40 -17.54
C SER B 3983 18.31 30.95 -17.84
N ARG B 3984 18.93 31.65 -18.79
CA ARG B 3984 20.28 31.41 -19.27
C ARG B 3984 21.30 32.31 -18.53
N LEU B 3985 20.81 32.97 -17.48
CA LEU B 3985 21.57 33.96 -16.74
C LEU B 3985 22.82 33.35 -16.11
N TRP B 3986 22.72 32.10 -15.65
CA TRP B 3986 23.86 31.41 -15.05
C TRP B 3986 25.00 31.27 -16.05
N ASP B 3987 24.67 30.93 -17.29
CA ASP B 3987 25.68 30.82 -18.35
C ASP B 3987 26.30 32.17 -18.67
N ALA B 3988 25.51 33.24 -18.56
CA ALA B 3988 26.08 34.55 -18.77
C ALA B 3988 26.96 34.98 -17.60
N VAL B 3989 26.57 34.59 -16.38
CA VAL B 3989 27.35 34.90 -15.19
C VAL B 3989 28.70 34.21 -15.24
N VAL B 3990 28.71 32.92 -15.63
CA VAL B 3990 29.94 32.15 -15.73
C VAL B 3990 30.88 32.79 -16.75
N GLY B 3991 30.34 33.18 -17.92
CA GLY B 3991 31.17 33.81 -18.93
C GLY B 3991 31.74 35.14 -18.47
N PHE B 3992 30.91 35.93 -17.75
CA PHE B 3992 31.39 37.19 -17.19
C PHE B 3992 32.51 36.97 -16.20
N LEU B 3993 32.35 36.00 -15.31
CA LEU B 3993 33.35 35.73 -14.27
C LEU B 3993 34.68 35.30 -14.89
N HIS B 3994 34.61 34.46 -15.94
CA HIS B 3994 35.80 34.01 -16.64
C HIS B 3994 36.54 35.17 -17.29
N VAL B 3995 35.80 36.11 -17.89
CA VAL B 3995 36.54 37.25 -18.45
C VAL B 3995 36.90 38.31 -17.41
N PHE B 3996 36.18 38.35 -16.29
CA PHE B 3996 36.50 39.27 -15.20
C PHE B 3996 37.83 38.91 -14.57
N ALA B 3997 38.07 37.62 -14.39
CA ALA B 3997 39.28 37.17 -13.71
C ALA B 3997 40.51 37.57 -14.51
N HIS B 3998 40.49 37.30 -15.82
CA HIS B 3998 41.67 37.55 -16.62
C HIS B 3998 41.86 39.05 -16.83
N MET B 3999 40.79 39.85 -16.76
CA MET B 3999 40.98 41.30 -16.77
C MET B 3999 41.60 41.80 -15.47
N MET B 4000 41.31 41.14 -14.34
CA MET B 4000 41.92 41.53 -13.06
C MET B 4000 43.43 41.47 -13.16
N MET B 4001 43.95 40.34 -13.62
CA MET B 4001 45.39 40.15 -13.65
C MET B 4001 46.03 41.02 -14.72
N LYS B 4002 45.47 41.02 -15.95
CA LYS B 4002 46.09 41.75 -17.05
C LYS B 4002 46.10 43.25 -16.82
N LEU B 4003 44.98 43.82 -16.39
CA LEU B 4003 44.86 45.26 -16.24
C LEU B 4003 45.54 45.83 -15.00
N ALA B 4004 45.94 44.99 -14.05
CA ALA B 4004 46.66 45.47 -12.88
C ALA B 4004 48.17 45.49 -13.04
N GLN B 4005 48.70 44.97 -14.16
CA GLN B 4005 50.14 44.96 -14.39
C GLN B 4005 50.72 46.37 -14.56
N ASP B 4006 49.91 47.35 -14.92
CA ASP B 4006 50.39 48.70 -15.18
C ASP B 4006 49.47 49.71 -14.51
N SER B 4007 50.01 50.90 -14.28
CA SER B 4007 49.28 52.00 -13.68
C SER B 4007 48.60 52.88 -14.70
N SER B 4008 48.72 52.55 -15.98
CA SER B 4008 48.08 53.29 -17.06
C SER B 4008 46.63 52.89 -17.28
N GLN B 4009 46.17 51.79 -16.66
CA GLN B 4009 44.82 51.28 -16.89
C GLN B 4009 43.99 51.32 -15.62
N ILE B 4010 44.32 52.24 -14.71
CA ILE B 4010 43.59 52.33 -13.44
C ILE B 4010 42.16 52.81 -13.66
N GLU B 4011 41.94 53.76 -14.58
CA GLU B 4011 40.59 54.28 -14.82
C GLU B 4011 39.67 53.18 -15.33
N LEU B 4012 40.09 52.51 -16.41
CA LEU B 4012 39.31 51.42 -16.97
C LEU B 4012 39.17 50.27 -15.99
N LEU B 4013 40.14 50.13 -15.07
CA LEU B 4013 40.00 49.08 -14.07
C LEU B 4013 38.97 49.47 -13.01
N LYS B 4014 38.88 50.74 -12.64
CA LYS B 4014 37.90 51.12 -11.61
C LYS B 4014 36.47 51.09 -12.18
N GLU B 4015 36.31 51.46 -13.45
CA GLU B 4015 35.04 51.23 -14.13
C GLU B 4015 34.74 49.75 -14.27
N LEU B 4016 35.78 48.93 -14.47
CA LEU B 4016 35.56 47.49 -14.43
C LEU B 4016 35.16 47.03 -13.03
N LEU B 4017 35.73 47.64 -11.99
CA LEU B 4017 35.49 47.23 -10.61
C LEU B 4017 34.03 47.41 -10.23
N ASP B 4018 33.46 48.58 -10.55
CA ASP B 4018 32.05 48.75 -10.23
C ASP B 4018 31.14 47.83 -11.04
N LEU B 4019 31.63 47.26 -12.16
CA LEU B 4019 30.82 46.30 -12.90
C LEU B 4019 30.62 45.02 -12.10
N GLN B 4020 31.70 44.51 -11.45
CA GLN B 4020 31.53 43.37 -10.55
C GLN B 4020 30.63 43.75 -9.40
N LYS B 4021 30.80 44.97 -8.88
CA LYS B 4021 29.98 45.39 -7.73
C LYS B 4021 28.49 45.38 -8.05
N ASP B 4022 28.12 45.89 -9.23
CA ASP B 4022 26.72 45.84 -9.66
C ASP B 4022 26.28 44.41 -9.98
N MET B 4023 27.21 43.59 -10.48
CA MET B 4023 26.91 42.19 -10.74
C MET B 4023 26.58 41.45 -9.44
N VAL B 4024 27.47 41.56 -8.45
CA VAL B 4024 27.30 40.82 -7.21
C VAL B 4024 26.07 41.32 -6.47
N VAL B 4025 25.77 42.64 -6.55
CA VAL B 4025 24.54 43.16 -5.99
C VAL B 4025 23.32 42.50 -6.64
N MET B 4026 23.38 42.27 -7.96
CA MET B 4026 22.30 41.54 -8.64
C MET B 4026 22.20 40.10 -8.14
N LEU B 4027 23.34 39.42 -7.97
CA LEU B 4027 23.32 38.05 -7.44
C LEU B 4027 22.77 37.98 -6.02
N LEU B 4028 23.14 38.94 -5.16
CA LEU B 4028 22.57 38.97 -3.82
C LEU B 4028 21.07 39.21 -3.87
N SER B 4029 20.63 40.14 -4.74
CA SER B 4029 19.20 40.43 -4.89
C SER B 4029 18.43 39.23 -5.43
N LEU B 4030 19.11 38.30 -6.10
CA LEU B 4030 18.45 37.06 -6.49
C LEU B 4030 18.16 36.17 -5.30
N LEU B 4031 18.91 36.32 -4.22
CA LEU B 4031 18.84 35.42 -3.07
C LEU B 4031 17.90 35.90 -1.97
N GLU B 4032 17.21 37.03 -2.14
CA GLU B 4032 16.27 37.50 -1.13
C GLU B 4032 15.13 36.51 -0.94
N GLY B 4033 14.83 36.20 0.32
CA GLY B 4033 13.76 35.29 0.69
C GLY B 4033 13.93 33.88 0.17
N ASN B 4034 15.14 33.33 0.29
CA ASN B 4034 15.43 31.99 -0.19
C ASN B 4034 15.30 30.98 0.95
N VAL B 4035 14.60 29.89 0.69
CA VAL B 4035 14.53 28.82 1.68
C VAL B 4035 15.76 27.94 1.54
N VAL B 4036 16.07 27.19 2.62
CA VAL B 4036 17.20 26.28 2.58
C VAL B 4036 16.96 25.19 1.55
N ASN B 4037 18.04 24.77 0.88
CA ASN B 4037 18.04 23.79 -0.21
C ASN B 4037 17.09 24.20 -1.35
N GLY B 4038 16.91 25.50 -1.53
CA GLY B 4038 16.06 25.99 -2.59
C GLY B 4038 16.64 25.75 -3.97
N MET B 4039 15.75 25.81 -4.96
CA MET B 4039 16.12 25.54 -6.34
C MET B 4039 17.14 26.55 -6.83
N ILE B 4040 16.85 27.84 -6.66
CA ILE B 4040 17.70 28.90 -7.18
C ILE B 4040 19.08 28.84 -6.52
N ALA B 4041 19.10 28.52 -5.22
CA ALA B 4041 20.36 28.38 -4.50
C ALA B 4041 21.16 27.22 -5.06
N ARG B 4042 20.46 26.13 -5.39
CA ARG B 4042 21.12 24.93 -5.91
C ARG B 4042 21.77 25.18 -7.26
N GLN B 4043 21.05 25.83 -8.18
CA GLN B 4043 21.68 26.21 -9.45
C GLN B 4043 22.79 27.22 -9.24
N MET B 4044 22.62 28.15 -8.30
CA MET B 4044 23.64 29.15 -8.03
C MET B 4044 24.93 28.51 -7.52
N VAL B 4045 24.79 27.45 -6.72
CA VAL B 4045 25.94 26.68 -6.27
C VAL B 4045 26.56 25.95 -7.45
N ASP B 4046 25.75 25.32 -8.30
CA ASP B 4046 26.29 24.61 -9.47
C ASP B 4046 27.01 25.57 -10.41
N MET B 4047 26.50 26.81 -10.50
CA MET B 4047 27.16 27.86 -11.27
C MET B 4047 28.52 28.17 -10.69
N LEU B 4048 28.62 28.27 -9.36
CA LEU B 4048 29.91 28.52 -8.76
C LEU B 4048 30.85 27.32 -8.95
N VAL B 4049 30.28 26.11 -9.00
CA VAL B 4049 31.07 24.91 -9.23
C VAL B 4049 31.73 24.98 -10.60
N GLU B 4050 30.94 25.34 -11.62
CA GLU B 4050 31.51 25.43 -12.96
C GLU B 4050 32.51 26.58 -13.07
N SER B 4051 32.22 27.71 -12.43
CA SER B 4051 33.12 28.84 -12.43
C SER B 4051 34.10 28.83 -11.26
N SER B 4052 34.43 27.64 -10.73
CA SER B 4052 35.24 27.50 -9.52
C SER B 4052 36.63 28.13 -9.65
N SER B 4053 37.31 27.85 -10.77
CA SER B 4053 38.67 28.34 -10.98
C SER B 4053 38.70 29.86 -11.07
N ASN B 4054 37.71 30.45 -11.74
CA ASN B 4054 37.70 31.88 -11.96
C ASN B 4054 37.40 32.64 -10.67
N VAL B 4055 36.40 32.19 -9.92
CA VAL B 4055 36.04 32.88 -8.68
C VAL B 4055 37.15 32.73 -7.64
N GLU B 4056 37.83 31.58 -7.61
CA GLU B 4056 39.02 31.42 -6.77
C GLU B 4056 40.13 32.38 -7.19
N MET B 4057 40.31 32.56 -8.50
CA MET B 4057 41.27 33.53 -9.01
C MET B 4057 40.89 34.97 -8.64
N ILE B 4058 39.59 35.27 -8.54
CA ILE B 4058 39.10 36.54 -8.00
C ILE B 4058 39.49 36.69 -6.53
N LEU B 4059 39.22 35.66 -5.73
CA LEU B 4059 39.50 35.73 -4.30
C LEU B 4059 41.00 35.83 -4.06
N LYS B 4060 41.79 35.11 -4.86
CA LYS B 4060 43.24 35.21 -4.73
C LYS B 4060 43.72 36.61 -5.09
N PHE B 4061 43.02 37.28 -6.03
CA PHE B 4061 43.35 38.66 -6.33
C PHE B 4061 43.07 39.56 -5.14
N PHE B 4062 41.91 39.35 -4.50
CA PHE B 4062 41.51 40.26 -3.43
C PHE B 4062 42.41 40.09 -2.22
N ASP B 4063 42.62 38.84 -1.79
CA ASP B 4063 43.40 38.65 -0.56
C ASP B 4063 44.87 39.01 -0.79
N MET B 4064 45.39 38.96 -2.04
CA MET B 4064 46.80 39.30 -2.13
C MET B 4064 47.04 40.82 -1.99
N PHE B 4065 46.04 41.68 -2.21
CA PHE B 4065 46.09 43.04 -1.66
C PHE B 4065 45.71 43.17 -0.20
N LEU B 4066 44.85 42.28 0.31
CA LEU B 4066 44.43 42.42 1.71
C LEU B 4066 45.45 41.88 2.69
N LYS B 4067 45.91 40.66 2.49
CA LYS B 4067 46.90 40.06 3.37
C LYS B 4067 48.20 40.86 3.32
N LEU B 4068 48.63 41.26 2.11
CA LEU B 4068 49.85 42.04 2.01
C LEU B 4068 49.68 43.47 2.54
N LYS B 4069 48.43 43.96 2.70
CA LYS B 4069 48.19 45.26 3.31
C LYS B 4069 48.70 45.30 4.75
N ASP B 4070 48.69 44.16 5.43
CA ASP B 4070 49.18 44.05 6.79
C ASP B 4070 50.56 43.41 6.84
N ILE B 4071 50.87 42.53 5.87
CA ILE B 4071 52.18 41.87 5.81
C ILE B 4071 53.28 42.91 5.59
N VAL B 4072 52.99 44.00 4.87
CA VAL B 4072 53.98 45.08 4.73
C VAL B 4072 54.29 45.69 6.09
N GLY B 4073 53.29 45.77 6.98
CA GLY B 4073 53.44 46.23 8.34
C GLY B 4073 53.99 45.23 9.32
N SER B 4074 54.24 43.98 8.89
CA SER B 4074 54.82 42.96 9.75
C SER B 4074 56.28 43.31 10.06
N GLU B 4075 56.73 42.87 11.24
CA GLU B 4075 58.06 43.21 11.72
C GLU B 4075 59.17 42.63 10.83
N ALA B 4076 59.02 41.39 10.36
CA ALA B 4076 60.02 40.77 9.49
C ALA B 4076 60.20 41.53 8.18
N PHE B 4077 59.09 41.99 7.59
CA PHE B 4077 59.17 42.80 6.40
C PHE B 4077 59.68 44.20 6.71
N GLN B 4078 59.25 44.80 7.83
CA GLN B 4078 59.72 46.14 8.18
C GLN B 4078 61.22 46.16 8.45
N ASP B 4079 61.73 45.11 9.12
CA ASP B 4079 63.16 44.97 9.30
C ASP B 4079 63.88 44.81 7.98
N TYR B 4080 63.26 44.08 7.02
CA TYR B 4080 63.88 44.01 5.70
C TYR B 4080 63.85 45.37 5.00
N VAL B 4081 62.84 46.19 5.28
CA VAL B 4081 62.72 47.54 4.72
C VAL B 4081 63.85 48.40 5.27
N THR B 4082 64.63 49.00 4.37
CA THR B 4082 65.79 49.77 4.77
C THR B 4082 65.79 51.21 4.27
N ASP B 4083 65.05 51.52 3.22
CA ASP B 4083 65.14 52.84 2.61
C ASP B 4083 64.36 53.86 3.45
N PRO B 4084 64.96 55.01 3.78
CA PRO B 4084 64.23 56.06 4.51
C PRO B 4084 63.18 56.78 3.68
N ARG B 4085 63.20 56.66 2.35
CA ARG B 4085 62.20 57.31 1.51
C ARG B 4085 60.88 56.56 1.48
N GLY B 4086 60.81 55.37 2.08
CA GLY B 4086 59.61 54.57 2.04
C GLY B 4086 59.54 53.69 0.81
N LEU B 4087 60.67 53.09 0.45
CA LEU B 4087 60.76 52.27 -0.74
C LEU B 4087 61.40 50.94 -0.37
N ILE B 4088 61.45 50.03 -1.34
CA ILE B 4088 62.09 48.73 -1.17
C ILE B 4088 62.49 48.24 -2.56
N SER B 4089 63.66 47.63 -2.67
CA SER B 4089 64.09 47.15 -3.97
C SER B 4089 63.33 45.86 -4.31
N LYS B 4090 63.32 45.52 -5.60
CA LYS B 4090 62.66 44.29 -6.04
C LYS B 4090 63.29 43.03 -5.44
N LYS B 4091 64.62 42.98 -5.38
CA LYS B 4091 65.31 41.85 -4.75
C LYS B 4091 64.97 41.75 -3.26
N ASP B 4092 64.94 42.89 -2.57
CA ASP B 4092 64.56 42.94 -1.16
C ASP B 4092 63.12 42.51 -0.96
N PHE B 4093 62.23 42.93 -1.88
CA PHE B 4093 60.83 42.55 -1.80
C PHE B 4093 60.69 41.06 -1.98
N GLN B 4094 61.46 40.49 -2.92
CA GLN B 4094 61.40 39.06 -3.20
C GLN B 4094 61.84 38.25 -1.99
N LYS B 4095 62.97 38.63 -1.40
CA LYS B 4095 63.50 37.85 -0.28
C LYS B 4095 62.80 38.16 1.04
N ALA B 4096 61.96 39.21 1.08
CA ALA B 4096 61.18 39.48 2.28
C ALA B 4096 59.79 38.86 2.24
N MET B 4097 59.16 38.83 1.06
CA MET B 4097 57.78 38.36 0.94
C MET B 4097 57.66 36.88 1.28
N ASP B 4098 58.61 36.05 0.83
CA ASP B 4098 58.57 34.61 1.05
C ASP B 4098 58.92 34.21 2.48
N SER B 4099 59.41 35.16 3.30
CA SER B 4099 59.74 34.87 4.69
C SER B 4099 58.53 34.47 5.50
N GLN B 4100 57.35 34.98 5.13
CA GLN B 4100 56.11 34.65 5.83
C GLN B 4100 55.66 33.21 5.61
N LYS B 4101 56.26 32.49 4.65
CA LYS B 4101 55.95 31.10 4.30
C LYS B 4101 54.47 30.91 3.96
N GLN B 4102 53.92 31.86 3.19
CA GLN B 4102 52.52 31.83 2.80
C GLN B 4102 52.30 31.90 1.30
N PHE B 4103 53.13 32.63 0.57
CA PHE B 4103 52.95 32.81 -0.87
C PHE B 4103 53.84 31.84 -1.64
N THR B 4104 53.28 31.23 -2.69
CA THR B 4104 54.04 30.29 -3.49
C THR B 4104 54.69 31.05 -4.65
N GLY B 4105 55.51 30.35 -5.44
CA GLY B 4105 56.26 30.93 -6.55
C GLY B 4105 55.49 31.67 -7.63
N PRO B 4106 54.38 31.09 -8.16
CA PRO B 4106 53.51 31.85 -9.07
C PRO B 4106 52.99 33.13 -8.44
N GLU B 4107 52.67 33.10 -7.14
CA GLU B 4107 52.10 34.28 -6.50
C GLU B 4107 53.20 35.32 -6.32
N ILE B 4108 54.39 34.90 -5.89
CA ILE B 4108 55.48 35.83 -5.61
C ILE B 4108 55.87 36.55 -6.90
N GLN B 4109 56.05 35.78 -7.98
CA GLN B 4109 56.38 36.35 -9.28
C GLN B 4109 55.27 37.26 -9.80
N PHE B 4110 54.01 36.81 -9.68
CA PHE B 4110 52.89 37.60 -10.16
C PHE B 4110 52.76 38.92 -9.40
N LEU B 4111 52.90 38.87 -8.07
CA LEU B 4111 52.79 40.09 -7.27
C LEU B 4111 53.95 41.03 -7.55
N LEU B 4112 55.14 40.47 -7.79
CA LEU B 4112 56.29 41.30 -8.17
C LEU B 4112 56.02 41.99 -9.49
N SER B 4113 55.42 41.28 -10.44
CA SER B 4113 55.10 41.90 -11.73
C SER B 4113 54.07 43.01 -11.53
N CYS B 4114 53.08 42.76 -10.68
CA CYS B 4114 52.05 43.75 -10.38
C CYS B 4114 52.61 44.99 -9.70
N SER B 4115 53.72 44.85 -8.97
CA SER B 4115 54.30 45.96 -8.24
C SER B 4115 54.79 47.05 -9.20
N GLU B 4116 54.62 48.31 -8.78
CA GLU B 4116 55.02 49.45 -9.60
C GLU B 4116 56.51 49.72 -9.43
N ALA B 4117 57.30 48.86 -10.05
CA ALA B 4117 58.75 49.03 -10.06
C ALA B 4117 59.11 50.24 -10.91
N ASP B 4118 59.90 51.15 -10.34
CA ASP B 4118 60.30 52.37 -11.04
C ASP B 4118 61.46 52.04 -11.98
N GLU B 4119 62.10 53.09 -12.52
CA GLU B 4119 63.30 52.90 -13.35
C GLU B 4119 64.48 52.35 -12.56
N ASN B 4120 64.47 52.44 -11.24
CA ASN B 4120 65.54 51.90 -10.40
C ASN B 4120 65.18 50.56 -9.80
N GLU B 4121 64.05 49.96 -10.21
CA GLU B 4121 63.51 48.70 -9.70
C GLU B 4121 63.33 48.76 -8.18
N MET B 4122 62.93 49.94 -7.71
CA MET B 4122 62.87 50.28 -6.30
C MET B 4122 61.38 50.44 -6.01
N ILE B 4123 60.75 49.37 -5.54
CA ILE B 4123 59.29 49.30 -5.43
C ILE B 4123 58.79 50.31 -4.41
N ASN B 4124 57.93 51.23 -4.87
CA ASN B 4124 57.28 52.21 -4.00
C ASN B 4124 56.05 51.53 -3.41
N PHE B 4125 56.28 50.73 -2.36
CA PHE B 4125 55.22 49.95 -1.73
C PHE B 4125 54.25 50.80 -0.92
N GLU B 4126 54.45 52.11 -0.83
CA GLU B 4126 53.52 52.99 -0.12
C GLU B 4126 52.15 53.00 -0.79
N GLU B 4127 52.11 53.02 -2.12
CA GLU B 4127 50.84 53.05 -2.84
C GLU B 4127 50.50 51.74 -3.52
N PHE B 4128 51.43 50.78 -3.58
CA PHE B 4128 51.16 49.48 -4.18
C PHE B 4128 50.04 48.76 -3.42
N ALA B 4129 50.11 48.77 -2.09
CA ALA B 4129 49.05 48.14 -1.31
C ALA B 4129 47.81 49.01 -1.26
N ASN B 4130 47.97 50.33 -1.20
CA ASN B 4130 46.86 51.25 -0.94
C ASN B 4130 46.16 51.74 -2.22
N ARG B 4131 46.54 51.24 -3.39
CA ARG B 4131 45.97 51.74 -4.63
C ARG B 4131 44.50 51.37 -4.78
N PHE B 4132 44.16 50.10 -4.59
CA PHE B 4132 42.81 49.60 -4.84
C PHE B 4132 42.09 49.09 -3.59
N GLN B 4133 42.60 49.41 -2.38
CA GLN B 4133 42.01 48.86 -1.16
C GLN B 4133 40.55 49.29 -0.97
N GLU B 4134 40.27 50.56 -1.23
CA GLU B 4134 38.90 51.07 -1.07
C GLU B 4134 37.91 50.42 -2.04
N PRO B 4135 38.09 50.45 -3.39
CA PRO B 4135 37.08 49.81 -4.24
C PRO B 4135 36.96 48.30 -4.07
N ALA B 4136 38.08 47.60 -3.84
CA ALA B 4136 38.03 46.15 -3.71
C ALA B 4136 37.45 45.69 -2.37
N ARG B 4137 37.25 46.61 -1.44
CA ARG B 4137 36.63 46.28 -0.16
C ARG B 4137 35.18 45.89 -0.34
N ASP B 4138 34.45 46.63 -1.17
CA ASP B 4138 33.02 46.42 -1.32
C ASP B 4138 32.74 45.08 -2.00
N ILE B 4139 33.44 44.82 -3.10
CA ILE B 4139 33.25 43.57 -3.84
C ILE B 4139 33.68 42.38 -2.98
N GLY B 4140 34.80 42.49 -2.26
CA GLY B 4140 35.21 41.40 -1.37
C GLY B 4140 34.20 41.14 -0.28
N PHE B 4141 33.58 42.21 0.23
CA PHE B 4141 32.55 42.07 1.25
C PHE B 4141 31.32 41.39 0.67
N ASN B 4142 30.94 41.76 -0.54
CA ASN B 4142 29.71 41.23 -1.10
C ASN B 4142 29.86 39.77 -1.49
N VAL B 4143 31.03 39.38 -2.01
CA VAL B 4143 31.25 37.97 -2.32
C VAL B 4143 31.33 37.17 -1.02
N ALA B 4144 31.81 37.79 0.07
CA ALA B 4144 31.76 37.15 1.38
C ALA B 4144 30.32 36.93 1.83
N VAL B 4145 29.46 37.93 1.64
CA VAL B 4145 28.04 37.82 1.97
C VAL B 4145 27.38 36.72 1.15
N LEU B 4146 27.71 36.67 -0.14
CA LEU B 4146 27.16 35.65 -1.03
C LEU B 4146 27.58 34.26 -0.61
N LEU B 4147 28.85 34.08 -0.27
CA LEU B 4147 29.34 32.76 0.14
C LEU B 4147 28.78 32.35 1.48
N THR B 4148 28.62 33.30 2.42
CA THR B 4148 28.00 33.00 3.70
C THR B 4148 26.55 32.59 3.51
N ASN B 4149 25.83 33.30 2.65
CA ASN B 4149 24.42 33.04 2.40
C ASN B 4149 24.23 31.66 1.78
N LEU B 4150 25.07 31.33 0.79
CA LEU B 4150 24.96 30.03 0.14
C LEU B 4150 25.33 28.90 1.09
N SER B 4151 26.37 29.12 1.92
CA SER B 4151 26.81 28.08 2.84
C SER B 4151 25.72 27.77 3.85
N GLU B 4152 25.04 28.81 4.36
CA GLU B 4152 24.01 28.59 5.36
C GLU B 4152 22.75 27.99 4.75
N HIS B 4153 22.38 28.40 3.53
CA HIS B 4153 21.15 27.90 2.93
C HIS B 4153 21.33 26.62 2.14
N VAL B 4154 22.54 26.16 1.90
CA VAL B 4154 22.75 24.85 1.29
C VAL B 4154 23.78 24.16 2.20
N PRO B 4155 23.33 23.53 3.28
CA PRO B 4155 24.29 23.10 4.31
C PRO B 4155 25.06 21.84 4.00
N HIS B 4156 24.51 20.94 3.18
CA HIS B 4156 25.08 19.62 2.99
C HIS B 4156 25.63 19.42 1.58
N ASP B 4157 26.33 20.42 1.06
CA ASP B 4157 26.94 20.33 -0.27
C ASP B 4157 28.45 20.31 -0.14
N PRO B 4158 29.10 19.14 -0.30
CA PRO B 4158 30.58 19.10 -0.26
C PRO B 4158 31.26 19.94 -1.31
N ARG B 4159 30.63 20.07 -2.49
CA ARG B 4159 31.18 20.93 -3.53
C ARG B 4159 31.22 22.35 -3.06
N LEU B 4160 30.16 22.79 -2.36
CA LEU B 4160 30.14 24.11 -1.75
C LEU B 4160 31.18 24.20 -0.65
N ARG B 4161 31.36 23.11 0.10
CA ARG B 4161 32.30 23.08 1.22
C ARG B 4161 33.71 23.39 0.77
N ASN B 4162 34.12 22.86 -0.38
CA ASN B 4162 35.48 23.10 -0.90
C ASN B 4162 35.76 24.58 -1.12
N PHE B 4163 34.72 25.34 -1.48
CA PHE B 4163 34.88 26.78 -1.64
C PHE B 4163 35.17 27.46 -0.32
N LEU B 4164 34.69 26.88 0.80
CA LEU B 4164 34.89 27.54 2.09
C LEU B 4164 36.38 27.60 2.43
N GLU B 4165 37.12 26.51 2.20
CA GLU B 4165 38.57 26.56 2.35
C GLU B 4165 39.22 27.40 1.28
N LEU B 4166 38.66 27.46 0.07
CA LEU B 4166 39.23 28.36 -0.92
C LEU B 4166 39.01 29.84 -0.59
N ALA B 4167 37.93 30.15 0.14
CA ALA B 4167 37.55 31.51 0.51
C ALA B 4167 37.81 31.85 1.96
N GLU B 4168 38.54 31.01 2.70
CA GLU B 4168 38.72 31.20 4.14
C GLU B 4168 39.49 32.47 4.50
N SER B 4169 40.33 32.99 3.61
CA SER B 4169 41.10 34.19 3.94
C SER B 4169 40.19 35.41 3.99
N ILE B 4170 39.31 35.54 2.99
CA ILE B 4170 38.40 36.68 2.91
C ILE B 4170 37.38 36.62 4.03
N LEU B 4171 36.82 35.43 4.26
CA LEU B 4171 35.78 35.27 5.27
C LEU B 4171 36.32 35.59 6.65
N GLU B 4172 37.56 35.17 6.92
CA GLU B 4172 38.22 35.50 8.19
C GLU B 4172 38.44 37.00 8.30
N TYR B 4173 38.83 37.65 7.19
CA TYR B 4173 39.06 39.09 7.23
C TYR B 4173 37.78 39.86 7.49
N PHE B 4174 36.67 39.43 6.89
CA PHE B 4174 35.42 40.16 7.00
C PHE B 4174 34.51 39.63 8.10
N ARG B 4175 34.98 38.64 8.86
CA ARG B 4175 34.22 38.13 10.00
C ARG B 4175 33.87 39.20 11.03
N PRO B 4176 34.75 40.12 11.47
CA PRO B 4176 34.32 41.11 12.49
C PRO B 4176 33.27 42.11 12.01
N TYR B 4177 33.05 42.27 10.70
CA TYR B 4177 32.18 43.35 10.21
C TYR B 4177 30.88 42.85 9.61
N LEU B 4178 30.78 41.56 9.33
CA LEU B 4178 29.57 41.00 8.74
C LEU B 4178 28.55 40.75 9.82
N GLY B 4179 27.34 41.29 9.67
CA GLY B 4179 26.30 41.13 10.68
C GLY B 4179 25.10 40.43 10.08
N ARG B 4180 24.51 39.53 10.84
CA ARG B 4180 23.37 38.77 10.36
C ARG B 4180 22.27 38.92 11.40
N ILE B 4181 21.05 39.16 10.93
CA ILE B 4181 19.89 39.24 11.79
C ILE B 4181 18.78 38.39 11.20
N GLU B 4182 17.85 37.96 12.04
CA GLU B 4182 16.70 37.22 11.56
C GLU B 4182 15.45 38.06 11.78
N ILE B 4183 14.60 38.13 10.76
CA ILE B 4183 13.34 38.85 10.83
C ILE B 4183 12.21 37.94 10.40
N MET B 4184 11.00 38.27 10.83
CA MET B 4184 9.83 37.59 10.31
C MET B 4184 9.48 38.30 9.01
N GLY B 4185 9.68 37.64 7.89
CA GLY B 4185 9.55 38.32 6.62
C GLY B 4185 8.12 38.46 6.17
N ALA B 4186 7.94 39.20 5.07
CA ALA B 4186 6.62 39.43 4.51
C ALA B 4186 5.99 38.13 4.02
N SER B 4187 6.83 37.15 3.68
CA SER B 4187 6.45 35.84 3.18
C SER B 4187 5.79 34.98 4.25
N ARG B 4188 5.85 35.43 5.52
CA ARG B 4188 5.37 34.78 6.75
C ARG B 4188 6.33 33.68 7.20
N ARG B 4189 7.59 33.81 6.81
CA ARG B 4189 8.64 32.92 7.25
C ARG B 4189 9.87 33.73 7.65
N ILE B 4190 10.63 33.18 8.60
CA ILE B 4190 11.85 33.83 9.07
C ILE B 4190 12.89 33.90 7.96
N GLU B 4191 13.53 35.07 7.84
CA GLU B 4191 14.54 35.33 6.81
C GLU B 4191 15.76 35.99 7.43
N ARG B 4192 16.93 35.64 6.91
CA ARG B 4192 18.20 36.17 7.42
C ARG B 4192 18.70 37.32 6.56
N ILE B 4193 19.06 38.43 7.20
CA ILE B 4193 19.52 39.64 6.54
C ILE B 4193 20.99 39.85 6.88
N TYR B 4194 21.82 40.13 5.89
CA TYR B 4194 23.24 40.36 6.09
C TYR B 4194 23.56 41.83 5.81
N PHE B 4195 24.27 42.48 6.73
CA PHE B 4195 24.57 43.90 6.67
C PHE B 4195 26.01 44.17 7.07
N GLU B 4196 26.42 45.44 6.91
CA GLU B 4196 27.76 45.90 7.26
C GLU B 4196 27.80 46.65 8.58
N ILE B 4197 28.67 46.23 9.49
CA ILE B 4197 28.89 46.95 10.75
C ILE B 4197 30.16 47.80 10.60
N SER B 4198 30.04 49.11 10.81
CA SER B 4198 31.23 49.94 10.62
C SER B 4198 32.21 49.71 11.77
N GLU B 4199 33.49 49.98 11.49
CA GLU B 4199 34.55 49.78 12.49
C GLU B 4199 34.31 50.71 13.67
N THR B 4200 33.94 51.96 13.37
CA THR B 4200 33.73 52.96 14.40
C THR B 4200 32.60 52.53 15.31
N ASN B 4201 31.50 52.02 14.71
CA ASN B 4201 30.34 51.61 15.49
C ASN B 4201 30.73 50.46 16.39
N ARG B 4202 31.53 49.52 15.86
CA ARG B 4202 31.91 48.33 16.63
C ARG B 4202 32.71 48.76 17.86
N ALA B 4203 33.66 49.69 17.66
CA ALA B 4203 34.49 50.16 18.77
C ALA B 4203 33.65 50.90 19.81
N GLN B 4204 32.75 51.78 19.34
CA GLN B 4204 31.91 52.55 20.26
C GLN B 4204 31.00 51.61 21.03
N TRP B 4205 30.55 50.54 20.36
CA TRP B 4205 29.69 49.58 21.02
C TRP B 4205 30.46 48.89 22.13
N GLU B 4206 31.74 48.60 21.89
CA GLU B 4206 32.48 47.84 22.89
C GLU B 4206 33.07 48.75 23.95
N MET B 4207 32.83 50.06 23.84
CA MET B 4207 33.28 51.00 24.87
C MET B 4207 32.59 50.69 26.21
N PRO B 4208 33.28 50.90 27.34
CA PRO B 4208 32.72 50.51 28.65
C PRO B 4208 31.42 51.18 29.05
N GLN B 4209 31.24 52.46 28.72
CA GLN B 4209 30.01 53.18 29.06
C GLN B 4209 28.80 52.55 28.41
N VAL B 4210 28.92 52.19 27.12
CA VAL B 4210 27.80 51.60 26.39
C VAL B 4210 27.47 50.24 27.02
N LYS B 4211 28.49 49.53 27.49
CA LYS B 4211 28.29 48.19 28.05
C LYS B 4211 27.52 48.30 29.36
N GLU B 4212 27.83 49.34 30.15
CA GLU B 4212 27.10 49.56 31.39
C GLU B 4212 25.66 49.97 31.08
N SER B 4213 25.49 50.77 30.03
CA SER B 4213 24.16 51.22 29.60
C SER B 4213 23.31 50.02 29.20
N LYS B 4214 23.93 49.07 28.48
CA LYS B 4214 23.26 47.84 28.08
C LYS B 4214 22.85 47.03 29.30
N ARG B 4215 23.76 46.89 30.28
CA ARG B 4215 23.46 46.04 31.42
C ARG B 4215 22.35 46.65 32.26
N GLN B 4216 22.35 47.98 32.35
CA GLN B 4216 21.30 48.72 33.04
C GLN B 4216 19.96 48.48 32.36
N PHE B 4217 19.95 48.57 31.02
CA PHE B 4217 18.71 48.39 30.27
C PHE B 4217 18.17 46.99 30.46
N ILE B 4218 19.05 45.98 30.39
CA ILE B 4218 18.61 44.58 30.50
C ILE B 4218 18.01 44.35 31.87
N PHE B 4219 18.64 44.93 32.91
CA PHE B 4219 18.14 44.76 34.27
C PHE B 4219 16.76 45.38 34.41
N ASP B 4220 16.57 46.60 33.89
CA ASP B 4220 15.29 47.27 34.02
C ASP B 4220 14.19 46.54 33.25
N VAL B 4221 14.51 46.10 32.02
CA VAL B 4221 13.53 45.44 31.16
C VAL B 4221 13.10 44.09 31.73
N VAL B 4222 14.02 43.29 32.28
CA VAL B 4222 13.62 42.03 32.90
C VAL B 4222 12.92 42.27 34.23
N ASN B 4223 13.50 43.12 35.09
CA ASN B 4223 12.95 43.29 36.43
C ASN B 4223 11.64 44.07 36.43
N GLU B 4224 11.57 45.17 35.67
CA GLU B 4224 10.41 46.05 35.72
C GLU B 4224 9.91 46.30 34.29
N GLY B 4225 9.46 45.23 33.64
CA GLY B 4225 9.04 45.34 32.25
C GLY B 4225 8.12 44.21 31.86
N GLY B 4226 7.36 44.45 30.80
CA GLY B 4226 6.46 43.45 30.25
C GLY B 4226 6.96 42.90 28.92
N GLU B 4227 6.53 41.67 28.62
CA GLU B 4227 6.90 41.03 27.36
C GLU B 4227 6.32 41.80 26.18
N ALA B 4228 5.11 42.34 26.36
CA ALA B 4228 4.42 43.03 25.27
C ALA B 4228 5.19 44.27 24.86
N GLU B 4229 5.72 45.01 25.83
CA GLU B 4229 6.41 46.26 25.55
C GLU B 4229 7.91 46.07 25.44
N LYS B 4230 8.38 44.82 25.57
CA LYS B 4230 9.82 44.54 25.57
C LYS B 4230 10.48 44.98 24.27
N MET B 4231 9.82 44.73 23.14
CA MET B 4231 10.40 45.06 21.84
C MET B 4231 10.42 46.56 21.62
N GLU B 4232 9.39 47.27 22.09
CA GLU B 4232 9.36 48.72 21.97
C GLU B 4232 10.45 49.34 22.82
N LEU B 4233 10.62 48.83 24.05
CA LEU B 4233 11.65 49.36 24.94
C LEU B 4233 13.03 49.10 24.36
N PHE B 4234 13.21 47.92 23.76
CA PHE B 4234 14.48 47.58 23.13
C PHE B 4234 14.79 48.50 21.96
N VAL B 4235 13.78 48.88 21.18
CA VAL B 4235 14.05 49.78 20.06
C VAL B 4235 14.33 51.20 20.59
N SER B 4236 13.69 51.58 21.69
CA SER B 4236 13.98 52.88 22.31
C SER B 4236 15.42 52.93 22.80
N PHE B 4237 15.87 51.83 23.44
CA PHE B 4237 17.25 51.71 23.87
C PHE B 4237 18.22 51.78 22.69
N CYS B 4238 17.88 51.11 21.58
CA CYS B 4238 18.72 51.15 20.39
C CYS B 4238 18.85 52.56 19.85
N GLU B 4239 17.74 53.30 19.78
CA GLU B 4239 17.78 54.66 19.26
C GLU B 4239 18.62 55.57 20.16
N ASP B 4240 18.47 55.43 21.48
CA ASP B 4240 19.29 56.19 22.40
C ASP B 4240 20.77 55.87 22.23
N THR B 4241 21.10 54.58 22.04
CA THR B 4241 22.49 54.20 21.86
C THR B 4241 23.06 54.74 20.55
N ILE B 4242 22.25 54.76 19.48
CA ILE B 4242 22.71 55.34 18.21
C ILE B 4242 22.99 56.81 18.36
N PHE B 4243 22.10 57.55 19.04
CA PHE B 4243 22.33 58.98 19.23
C PHE B 4243 23.55 59.23 20.11
N GLU B 4244 23.75 58.38 21.14
CA GLU B 4244 24.96 58.45 21.96
C GLU B 4244 26.22 58.25 21.12
N MET B 4245 26.19 57.27 20.22
CA MET B 4245 27.33 57.02 19.34
C MET B 4245 27.60 58.19 18.42
N GLN B 4246 26.56 58.80 17.88
CA GLN B 4246 26.73 59.98 17.02
C GLN B 4246 27.34 61.14 17.79
N ILE B 4247 26.88 61.36 19.03
CA ILE B 4247 27.44 62.43 19.87
C ILE B 4247 28.89 62.15 20.20
N ALA B 4248 29.22 60.89 20.52
CA ALA B 4248 30.59 60.51 20.82
C ALA B 4248 31.51 60.68 19.62
N ALA B 4249 31.02 60.31 18.42
CA ALA B 4249 31.79 60.51 17.20
C ALA B 4249 32.01 61.98 16.92
N GLN B 4250 30.99 62.81 17.16
CA GLN B 4250 31.13 64.25 16.98
C GLN B 4250 32.17 64.84 17.92
N ILE B 4251 32.15 64.44 19.19
CA ILE B 4251 33.09 65.02 20.15
C ILE B 4251 34.47 64.40 20.07
N SER B 4252 34.62 63.25 19.39
CA SER B 4252 35.93 62.63 19.24
C SER B 4252 36.84 63.48 18.38
N GLU B 4253 38.14 63.38 18.65
CA GLU B 4253 39.13 64.15 17.93
C GLU B 4253 40.14 63.23 17.25
N PRO B 4254 40.64 63.60 16.06
CA PRO B 4254 41.62 62.78 15.36
C PRO B 4254 43.00 62.83 16.00
N PHE B 4540 38.39 86.93 12.56
CA PHE B 4540 38.93 86.16 13.67
C PHE B 4540 37.84 85.47 14.49
N TRP B 4541 36.58 85.76 14.10
CA TRP B 4541 35.44 85.09 14.72
C TRP B 4541 35.47 83.60 14.44
N GLY B 4542 35.89 83.21 13.22
CA GLY B 4542 36.07 81.80 12.93
C GLY B 4542 37.16 81.18 13.78
N GLU B 4543 38.23 81.93 14.04
CA GLU B 4543 39.37 81.43 14.81
C GLU B 4543 38.94 81.12 16.24
N LEU B 4544 38.26 82.08 16.89
CA LEU B 4544 37.77 81.82 18.24
C LEU B 4544 36.76 80.69 18.23
N GLU B 4545 35.87 80.66 17.21
CA GLU B 4545 34.84 79.62 17.15
C GLU B 4545 35.49 78.24 17.09
N VAL B 4546 36.57 78.12 16.30
CA VAL B 4546 37.37 76.89 16.15
C VAL B 4546 37.88 76.42 17.50
N GLN B 4547 38.56 77.35 18.20
CA GLN B 4547 39.14 76.99 19.50
C GLN B 4547 38.04 76.63 20.47
N ARG B 4548 36.89 77.31 20.36
CA ARG B 4548 35.75 77.05 21.23
C ARG B 4548 35.25 75.61 21.07
N VAL B 4549 35.10 75.12 19.82
CA VAL B 4549 34.71 73.72 19.65
C VAL B 4549 35.78 72.80 20.19
N LYS B 4550 37.06 73.17 20.00
CA LYS B 4550 38.16 72.31 20.44
C LYS B 4550 38.12 72.14 21.96
N PHE B 4551 37.86 73.25 22.66
CA PHE B 4551 37.75 73.26 24.11
C PHE B 4551 36.54 72.44 24.54
N LEU B 4552 35.39 72.68 23.88
CA LEU B 4552 34.15 72.00 24.25
C LEU B 4552 34.29 70.49 24.07
N ASN B 4553 34.98 70.07 23.00
CA ASN B 4553 35.24 68.65 22.78
C ASN B 4553 36.14 68.10 23.87
N TYR B 4554 37.10 68.92 24.32
CA TYR B 4554 38.04 68.45 25.35
C TYR B 4554 37.30 68.20 26.64
N LEU B 4555 36.43 69.15 27.00
CA LEU B 4555 35.64 69.06 28.23
C LEU B 4555 34.72 67.85 28.18
N SER B 4556 34.06 67.65 27.03
CA SER B 4556 33.11 66.55 26.89
C SER B 4556 33.84 65.21 26.95
N ARG B 4557 35.01 65.13 26.31
CA ARG B 4557 35.80 63.90 26.33
C ARG B 4557 36.30 63.58 27.73
N ASN B 4558 36.59 64.60 28.53
CA ASN B 4558 37.16 64.40 29.85
C ASN B 4558 36.22 64.84 30.97
N PHE B 4559 34.91 64.68 30.74
CA PHE B 4559 33.92 65.04 31.75
C PHE B 4559 34.03 64.18 33.01
N TYR B 4560 34.21 62.87 32.84
CA TYR B 4560 34.25 61.96 33.99
C TYR B 4560 35.51 62.17 34.82
N THR B 4561 36.62 62.47 34.15
CA THR B 4561 37.87 62.78 34.84
C THR B 4561 37.73 64.08 35.62
N LEU B 4562 37.02 65.06 35.06
CA LEU B 4562 36.77 66.31 35.76
C LEU B 4562 35.96 66.09 37.03
N ARG B 4563 34.92 65.24 36.95
CA ARG B 4563 34.09 64.93 38.11
C ARG B 4563 34.89 64.20 39.19
N PHE B 4564 35.77 63.30 38.78
CA PHE B 4564 36.66 62.62 39.72
C PHE B 4564 37.63 63.60 40.37
N LEU B 4565 38.14 64.55 39.58
CA LEU B 4565 39.02 65.57 40.13
C LEU B 4565 38.28 66.41 41.15
N ALA B 4566 37.00 66.72 40.86
CA ALA B 4566 36.21 67.55 41.75
C ALA B 4566 36.01 66.86 43.09
N LEU B 4567 35.82 65.54 43.05
CA LEU B 4567 35.72 64.75 44.28
C LEU B 4567 37.02 64.76 45.06
N PHE B 4568 38.16 64.63 44.35
CA PHE B 4568 39.46 64.69 45.01
C PHE B 4568 39.65 66.05 45.65
N LEU B 4569 39.24 67.11 44.94
CA LEU B 4569 39.46 68.48 45.39
C LEU B 4569 38.65 68.75 46.65
N ALA B 4570 37.44 68.19 46.71
CA ALA B 4570 36.62 68.31 47.92
C ALA B 4570 37.26 67.57 49.08
N PHE B 4571 37.83 66.38 48.81
CA PHE B 4571 38.46 65.61 49.88
C PHE B 4571 39.67 66.34 50.43
N ALA B 4572 40.42 67.01 49.55
CA ALA B 4572 41.63 67.70 49.99
C ALA B 4572 41.29 68.99 50.74
N ILE B 4573 40.25 69.71 50.29
CA ILE B 4573 39.82 70.89 51.03
C ILE B 4573 39.32 70.50 52.42
N ASN B 4574 38.57 69.39 52.52
CA ASN B 4574 38.07 68.94 53.81
C ASN B 4574 39.22 68.53 54.75
N PHE B 4575 40.24 67.89 54.18
CA PHE B 4575 41.43 67.54 54.96
C PHE B 4575 42.10 68.80 55.48
N ILE B 4576 42.19 69.84 54.65
CA ILE B 4576 42.78 71.10 55.11
C ILE B 4576 41.89 71.70 56.20
N LEU B 4577 40.57 71.54 56.07
CA LEU B 4577 39.58 72.10 56.98
C LEU B 4577 39.57 71.38 58.32
N LEU B 4578 40.29 70.27 58.44
CA LEU B 4578 40.30 69.54 59.69
C LEU B 4578 41.34 70.09 60.65
N PHE B 4579 42.01 71.18 60.28
CA PHE B 4579 43.03 71.84 61.08
C PHE B 4579 42.56 73.19 61.59
N TYR B 4580 41.30 73.54 61.38
CA TYR B 4580 40.78 74.83 61.81
C TYR B 4580 40.60 74.89 63.32
N LYS B 4581 40.96 76.04 63.88
CA LYS B 4581 40.80 76.29 65.32
C LYS B 4581 40.04 77.60 65.47
N VAL B 4582 39.39 77.77 66.63
CA VAL B 4582 38.69 79.00 66.97
C VAL B 4582 39.30 79.62 68.22
N SER B 4583 39.51 80.93 68.19
CA SER B 4583 40.08 81.63 69.33
C SER B 4583 39.34 82.93 69.55
N ASP B 4584 39.23 83.33 70.82
CA ASP B 4584 38.67 84.66 71.10
C ASP B 4584 39.61 85.75 70.61
N SER B 4585 40.91 85.60 70.84
CA SER B 4585 41.88 86.58 70.40
C SER B 4585 42.10 86.48 68.89
N PRO B 4586 42.50 87.58 68.24
CA PRO B 4586 42.85 87.50 66.82
C PRO B 4586 44.12 86.68 66.64
N PRO B 4587 44.31 85.99 65.48
CA PRO B 4587 45.37 85.04 65.08
C PRO B 4587 46.70 84.95 65.86
N ASN B 4626 30.64 90.36 71.04
CA ASN B 4626 31.82 89.51 71.04
C ASN B 4626 32.08 88.94 69.65
N MET B 4627 33.32 88.56 69.39
CA MET B 4627 33.71 88.01 68.10
C MET B 4627 34.75 86.92 68.31
N VAL B 4628 34.61 85.83 67.56
CA VAL B 4628 35.57 84.73 67.57
C VAL B 4628 36.26 84.68 66.22
N TYR B 4629 37.55 84.36 66.23
CA TYR B 4629 38.38 84.34 65.05
C TYR B 4629 38.67 82.89 64.67
N TYR B 4630 38.20 82.49 63.49
CA TYR B 4630 38.47 81.17 62.96
C TYR B 4630 39.76 81.23 62.15
N PHE B 4631 40.71 80.36 62.46
CA PHE B 4631 41.93 80.37 61.64
C PHE B 4631 42.54 78.99 61.59
N LEU B 4632 43.27 78.73 60.51
CA LEU B 4632 43.99 77.49 60.41
C LEU B 4632 45.17 77.51 61.38
N GLU B 4633 45.51 76.35 61.92
CA GLU B 4633 46.71 76.23 62.74
C GLU B 4633 47.52 75.04 62.29
N GLU B 4634 48.57 75.29 61.51
CA GLU B 4634 49.50 74.25 61.09
C GLU B 4634 50.91 74.78 61.19
N SER B 4635 51.83 73.92 61.60
CA SER B 4635 53.23 74.31 61.75
C SER B 4635 53.90 74.60 60.41
N THR B 4636 53.63 73.77 59.40
CA THR B 4636 54.30 73.88 58.10
C THR B 4636 54.08 75.21 57.40
N GLY B 4637 52.86 75.76 57.45
CA GLY B 4637 52.58 77.00 56.78
C GLY B 4637 52.09 76.83 55.36
N TYR B 4638 52.21 75.62 54.81
CA TYR B 4638 51.81 75.31 53.44
C TYR B 4638 50.31 75.32 53.24
N MET B 4639 49.57 74.83 54.24
CA MET B 4639 48.12 74.61 54.10
C MET B 4639 47.33 75.87 53.80
N GLU B 4640 47.70 77.01 54.41
CA GLU B 4640 46.93 78.24 54.16
C GLU B 4640 47.00 78.67 52.69
N PRO B 4641 48.18 78.74 52.01
CA PRO B 4641 48.17 78.95 50.55
C PRO B 4641 47.31 77.97 49.76
N ALA B 4642 47.48 76.68 50.07
CA ALA B 4642 46.81 75.60 49.37
C ALA B 4642 45.30 75.70 49.48
N LEU B 4643 44.78 76.11 50.65
CA LEU B 4643 43.34 76.17 50.83
C LEU B 4643 42.69 77.14 49.84
N TRP B 4644 43.37 78.27 49.60
CA TRP B 4644 42.91 79.28 48.65
C TRP B 4644 43.05 78.80 47.21
N CYS B 4645 44.18 78.16 46.89
CA CYS B 4645 44.36 77.61 45.54
C CYS B 4645 43.38 76.48 45.25
N LEU B 4646 43.24 75.54 46.18
CA LEU B 4646 42.32 74.42 45.99
C LEU B 4646 40.88 74.89 45.91
N SER B 4647 40.51 75.93 46.67
CA SER B 4647 39.14 76.42 46.62
C SER B 4647 38.83 77.07 45.28
N LEU B 4648 39.80 77.83 44.74
CA LEU B 4648 39.62 78.41 43.42
C LEU B 4648 39.57 77.32 42.36
N LEU B 4649 40.44 76.31 42.50
CA LEU B 4649 40.48 75.22 41.54
C LEU B 4649 39.19 74.41 41.58
N HIS B 4650 38.59 74.30 42.75
CA HIS B 4650 37.31 73.61 42.91
C HIS B 4650 36.22 74.33 42.14
N THR B 4651 36.15 75.65 42.31
CA THR B 4651 35.12 76.42 41.63
C THR B 4651 35.30 76.35 40.10
N LEU B 4652 36.56 76.36 39.66
CA LEU B 4652 36.85 76.21 38.23
C LEU B 4652 36.42 74.85 37.70
N VAL B 4653 36.75 73.77 38.42
CA VAL B 4653 36.36 72.43 38.01
C VAL B 4653 34.84 72.29 37.99
N ALA B 4654 34.15 72.91 38.95
CA ALA B 4654 32.69 72.88 38.97
C ALA B 4654 32.10 73.57 37.75
N PHE B 4655 32.69 74.68 37.33
CA PHE B 4655 32.22 75.34 36.11
C PHE B 4655 32.49 74.47 34.90
N LEU B 4656 33.69 73.87 34.84
CA LEU B 4656 34.05 73.02 33.71
C LEU B 4656 33.13 71.81 33.60
N CYS B 4657 32.65 71.31 34.75
CA CYS B 4657 31.75 70.17 34.75
C CYS B 4657 30.34 70.56 34.32
N ILE B 4658 29.91 71.77 34.65
CA ILE B 4658 28.62 72.24 34.16
C ILE B 4658 28.66 72.40 32.64
N ILE B 4659 29.76 72.97 32.12
CA ILE B 4659 29.93 73.14 30.68
C ILE B 4659 29.99 71.79 29.99
N GLY B 4660 30.74 70.84 30.57
CA GLY B 4660 30.87 69.52 29.99
C GLY B 4660 29.54 68.80 29.95
N TYR B 4661 28.74 68.93 31.03
CA TYR B 4661 27.45 68.27 31.06
C TYR B 4661 26.56 68.82 29.96
N ASN B 4662 26.54 70.16 29.82
CA ASN B 4662 25.65 70.80 28.85
C ASN B 4662 25.99 70.35 27.44
N CYS B 4663 27.29 70.27 27.13
CA CYS B 4663 27.74 69.80 25.82
C CYS B 4663 27.48 68.32 25.59
N LEU B 4664 27.70 67.47 26.59
CA LEU B 4664 27.62 66.02 26.36
C LEU B 4664 26.29 65.34 26.68
N LYS B 4665 25.68 65.59 27.83
CA LYS B 4665 24.54 64.79 28.21
C LYS B 4665 23.20 65.50 28.09
N VAL B 4666 23.19 66.80 27.85
CA VAL B 4666 21.97 67.55 27.55
C VAL B 4666 21.41 67.18 26.17
N PRO B 4667 22.22 66.95 25.09
CA PRO B 4667 21.62 66.55 23.80
C PRO B 4667 20.76 65.31 23.89
N LEU B 4668 21.18 64.29 24.65
CA LEU B 4668 20.39 63.07 24.69
C LEU B 4668 19.04 63.31 25.35
N VAL B 4669 18.98 64.20 26.35
CA VAL B 4669 17.70 64.58 26.98
C VAL B 4669 16.80 65.24 25.96
N ILE B 4670 17.38 66.16 25.16
CA ILE B 4670 16.61 66.84 24.13
C ILE B 4670 16.12 65.84 23.09
N PHE B 4671 17.00 64.90 22.71
CA PHE B 4671 16.67 63.88 21.71
C PHE B 4671 15.50 63.04 22.19
N LYS B 4672 15.55 62.58 23.45
CA LYS B 4672 14.48 61.74 23.98
C LYS B 4672 13.18 62.52 24.05
N ARG B 4673 13.24 63.81 24.44
CA ARG B 4673 12.03 64.59 24.61
C ARG B 4673 11.37 64.83 23.26
N GLU B 4674 12.17 65.23 22.26
CA GLU B 4674 11.64 65.47 20.92
C GLU B 4674 11.09 64.20 20.32
N LYS B 4675 11.80 63.07 20.50
CA LYS B 4675 11.35 61.82 19.92
C LYS B 4675 10.02 61.41 20.54
N GLU B 4676 9.89 61.53 21.88
CA GLU B 4676 8.66 61.13 22.57
C GLU B 4676 7.50 62.04 22.18
N LEU B 4677 7.84 63.26 21.77
CA LEU B 4677 6.80 64.21 21.41
C LEU B 4677 6.34 63.90 20.00
N ALA B 4678 7.28 63.63 19.09
CA ALA B 4678 6.93 63.27 17.72
C ALA B 4678 6.04 62.03 17.71
N ARG B 4679 6.40 61.01 18.51
CA ARG B 4679 5.62 59.77 18.51
C ARG B 4679 4.23 60.04 19.05
N LYS B 4680 4.12 60.85 20.12
CA LYS B 4680 2.82 61.15 20.70
C LYS B 4680 1.95 61.94 19.73
N LEU B 4681 2.55 62.89 19.01
CA LEU B 4681 1.83 63.65 18.00
C LEU B 4681 1.33 62.78 16.86
N GLU B 4682 2.21 61.94 16.30
CA GLU B 4682 1.83 61.14 15.14
C GLU B 4682 0.88 60.00 15.48
N PHE B 4683 1.14 59.27 16.55
CA PHE B 4683 0.39 58.06 16.84
C PHE B 4683 -0.69 58.21 17.89
N ASP B 4684 -0.77 59.34 18.59
CA ASP B 4684 -1.74 59.46 19.66
C ASP B 4684 -2.59 60.70 19.58
N GLY B 4685 -2.31 61.64 18.66
CA GLY B 4685 -3.02 62.90 18.56
C GLY B 4685 -3.07 63.68 19.86
N LEU B 4686 -1.92 63.81 20.54
CA LEU B 4686 -1.89 64.37 21.88
C LEU B 4686 -2.39 65.80 21.91
N TYR B 4687 -2.01 66.63 20.95
CA TYR B 4687 -2.46 68.02 20.94
C TYR B 4687 -3.45 68.28 19.83
N ILE B 4688 -3.87 67.25 19.10
CA ILE B 4688 -4.90 67.36 18.08
C ILE B 4688 -6.18 66.69 18.52
N THR B 4689 -6.10 65.36 18.63
CA THR B 4689 -7.25 64.53 18.99
C THR B 4689 -7.69 64.72 20.44
N GLU B 4690 -6.75 64.83 21.38
CA GLU B 4690 -7.17 64.76 22.78
C GLU B 4690 -7.04 66.04 23.59
N GLN B 4691 -5.84 66.69 23.61
CA GLN B 4691 -5.36 67.85 24.37
C GLN B 4691 -4.86 67.31 25.71
N PRO B 4692 -3.75 67.84 26.25
CA PRO B 4692 -3.13 67.26 27.45
C PRO B 4692 -3.96 67.26 28.73
N GLY B 4693 -3.31 66.75 29.79
CA GLY B 4693 -3.93 66.65 31.10
C GLY B 4693 -4.34 67.98 31.69
N ASP B 4694 -3.57 69.05 31.41
CA ASP B 4694 -3.68 70.47 31.79
C ASP B 4694 -2.92 70.71 33.08
N ASP B 4695 -2.68 69.64 33.83
CA ASP B 4695 -1.84 69.68 35.02
C ASP B 4695 -0.50 69.01 34.77
N ASP B 4696 -0.23 68.59 33.54
CA ASP B 4696 1.02 67.93 33.19
C ASP B 4696 2.00 69.03 32.81
N VAL B 4697 3.02 69.21 33.65
CA VAL B 4697 4.01 70.27 33.50
C VAL B 4697 4.75 70.08 32.19
N LYS B 4698 5.08 68.82 31.87
CA LYS B 4698 5.84 68.51 30.67
C LYS B 4698 5.02 68.89 29.45
N GLY B 4699 3.73 68.52 29.45
CA GLY B 4699 2.87 68.79 28.29
C GLY B 4699 2.74 70.28 28.06
N GLN B 4700 2.52 71.04 29.15
CA GLN B 4700 2.32 72.48 29.02
C GLN B 4700 3.58 73.13 28.47
N TRP B 4701 4.75 72.73 29.00
CA TRP B 4701 5.98 73.31 28.50
C TRP B 4701 6.19 72.93 27.04
N ASP B 4702 5.84 71.68 26.70
CA ASP B 4702 6.05 71.14 25.36
C ASP B 4702 5.23 71.88 24.32
N ARG B 4703 4.13 72.55 24.74
CA ARG B 4703 3.26 73.23 23.79
C ARG B 4703 4.04 74.30 23.00
N LEU B 4704 5.01 74.94 23.66
CA LEU B 4704 5.77 76.05 23.09
C LEU B 4704 6.59 75.65 21.87
N VAL B 4705 7.08 74.42 21.83
CA VAL B 4705 8.01 74.01 20.77
C VAL B 4705 7.32 73.54 19.50
N LEU B 4706 6.00 73.27 19.57
CA LEU B 4706 5.28 72.67 18.43
C LEU B 4706 5.33 73.54 17.18
N ASN B 4707 5.19 74.85 17.33
CA ASN B 4707 5.12 75.72 16.17
C ASN B 4707 6.47 76.17 15.64
N THR B 4708 7.56 75.87 16.36
CA THR B 4708 8.86 76.42 15.98
C THR B 4708 9.36 75.77 14.69
N PRO B 4709 10.12 76.51 13.88
CA PRO B 4709 10.75 75.91 12.69
C PRO B 4709 11.77 74.83 12.97
N SER B 4710 12.36 74.78 14.17
CA SER B 4710 13.43 73.84 14.44
C SER B 4710 13.02 72.71 15.38
N PHE B 4711 11.76 72.31 15.32
CA PHE B 4711 11.22 71.30 16.24
C PHE B 4711 12.00 69.98 16.23
N PRO B 4712 12.43 69.40 15.06
CA PRO B 4712 13.30 68.22 15.17
C PRO B 4712 14.75 68.62 14.94
N SER B 4713 15.31 69.36 15.88
CA SER B 4713 16.71 69.76 15.80
C SER B 4713 17.66 68.59 16.04
N ASN B 4714 17.37 67.76 17.03
CA ASN B 4714 18.24 66.62 17.32
C ASN B 4714 17.72 65.30 16.79
N TYR B 4715 16.41 65.05 16.90
CA TYR B 4715 15.83 63.78 16.44
C TYR B 4715 16.07 63.66 14.93
N TRP B 4716 16.35 62.44 14.47
CA TRP B 4716 16.76 62.24 13.08
C TRP B 4716 15.65 62.57 12.08
N ASP B 4717 14.41 62.15 12.36
CA ASP B 4717 13.33 62.32 11.40
C ASP B 4717 13.01 63.79 11.18
N LYS B 4718 13.02 64.22 9.92
CA LYS B 4718 12.67 65.59 9.57
C LYS B 4718 11.27 65.68 8.97
N PHE B 4719 10.58 64.55 8.84
CA PHE B 4719 9.28 64.50 8.20
C PHE B 4719 8.14 64.42 9.18
N VAL B 4720 8.41 64.64 10.47
CA VAL B 4720 7.41 64.46 11.53
C VAL B 4720 6.18 65.32 11.28
N LYS B 4721 6.41 66.59 10.92
CA LYS B 4721 5.30 67.53 10.73
C LYS B 4721 4.44 67.08 9.56
N ARG B 4722 5.09 66.66 8.47
CA ARG B 4722 4.37 66.25 7.27
C ARG B 4722 3.55 65.00 7.56
N LYS B 4723 4.14 64.04 8.29
CA LYS B 4723 3.43 62.80 8.60
C LYS B 4723 2.21 63.09 9.46
N VAL B 4724 2.34 64.01 10.43
CA VAL B 4724 1.22 64.34 11.30
C VAL B 4724 0.13 65.01 10.48
N LEU B 4725 0.53 65.88 9.56
CA LEU B 4725 -0.40 66.57 8.67
C LEU B 4725 -1.13 65.60 7.76
N ASP B 4726 -0.43 64.60 7.22
CA ASP B 4726 -1.08 63.59 6.40
C ASP B 4726 -2.04 62.74 7.21
N LYS B 4727 -1.59 62.23 8.37
CA LYS B 4727 -2.39 61.31 9.17
C LYS B 4727 -3.62 61.97 9.79
N HIS B 4728 -3.48 63.18 10.32
CA HIS B 4728 -4.56 63.83 11.06
C HIS B 4728 -5.19 65.04 10.38
N GLY B 4729 -4.51 65.62 9.38
CA GLY B 4729 -4.96 66.88 8.79
C GLY B 4729 -6.30 66.82 8.11
N ASP B 4730 -6.56 65.74 7.35
CA ASP B 4730 -7.79 65.65 6.56
C ASP B 4730 -9.04 65.64 7.45
N ILE B 4731 -9.06 64.80 8.47
CA ILE B 4731 -10.23 64.74 9.35
C ILE B 4731 -10.35 66.00 10.20
N PHE B 4732 -9.24 66.44 10.80
CA PHE B 4732 -9.24 67.56 11.74
C PHE B 4732 -9.00 68.94 11.14
N GLY B 4733 -8.76 69.06 9.84
CA GLY B 4733 -8.64 70.38 9.24
C GLY B 4733 -7.18 70.66 8.99
N ARG B 4734 -6.80 70.66 7.70
CA ARG B 4734 -5.41 70.89 7.28
C ARG B 4734 -4.91 72.25 7.71
N GLU B 4735 -5.75 73.28 7.55
CA GLU B 4735 -5.33 74.64 7.89
C GLU B 4735 -5.07 74.76 9.38
N ARG B 4736 -5.91 74.10 10.18
CA ARG B 4736 -5.74 74.09 11.63
C ARG B 4736 -4.45 73.35 12.00
N ILE B 4737 -4.17 72.22 11.34
CA ILE B 4737 -2.98 71.46 11.66
C ILE B 4737 -1.74 72.28 11.32
N ALA B 4738 -1.75 72.94 10.16
CA ALA B 4738 -0.59 73.70 9.71
C ALA B 4738 -0.33 74.91 10.59
N GLU B 4739 -1.40 75.58 11.05
CA GLU B 4739 -1.21 76.71 11.97
C GLU B 4739 -0.67 76.22 13.31
N LEU B 4740 -1.16 75.07 13.79
CA LEU B 4740 -0.66 74.51 15.04
C LEU B 4740 0.81 74.13 14.93
N LEU B 4741 1.20 73.50 13.83
CA LEU B 4741 2.56 73.01 13.66
C LEU B 4741 3.45 73.98 12.92
N GLY B 4742 3.01 75.23 12.76
CA GLY B 4742 3.78 76.33 12.18
C GLY B 4742 4.43 76.07 10.84
N MET B 4743 3.64 75.65 9.84
CA MET B 4743 4.18 75.30 8.54
C MET B 4743 3.43 76.07 7.46
N ASP B 4744 4.08 76.21 6.31
CA ASP B 4744 3.51 76.90 5.17
C ASP B 4744 2.88 75.90 4.20
N LEU B 4745 1.60 76.11 3.90
CA LEU B 4745 0.85 75.17 3.07
C LEU B 4745 1.05 75.43 1.58
N ALA B 4746 1.83 76.46 1.23
CA ALA B 4746 2.19 76.77 -0.15
C ALA B 4746 3.66 76.50 -0.40
N SER B 4747 4.16 75.37 0.12
CA SER B 4747 5.57 75.04 0.08
C SER B 4747 5.87 73.85 -0.82
N LEU B 4748 5.00 73.59 -1.80
CA LEU B 4748 5.12 72.42 -2.65
C LEU B 4748 5.89 72.68 -3.94
N GLU B 4749 6.33 73.91 -4.20
CA GLU B 4749 7.00 74.26 -5.44
C GLU B 4749 8.37 73.61 -5.58
N ASP B 4772 16.04 81.17 16.90
CA ASP B 4772 14.74 80.67 17.31
C ASP B 4772 14.55 80.85 18.81
N VAL B 4773 13.94 81.98 19.18
CA VAL B 4773 13.79 82.35 20.58
C VAL B 4773 12.92 81.34 21.32
N LYS B 4774 11.80 80.94 20.70
CA LYS B 4774 10.84 80.04 21.34
C LYS B 4774 11.47 78.68 21.58
N TYR B 4775 12.29 78.23 20.62
CA TYR B 4775 13.01 76.97 20.76
C TYR B 4775 14.00 77.05 21.91
N GLN B 4776 14.84 78.09 21.92
CA GLN B 4776 15.86 78.20 22.97
C GLN B 4776 15.23 78.30 24.35
N ILE B 4777 14.08 78.98 24.47
CA ILE B 4777 13.34 79.06 25.72
C ILE B 4777 12.86 77.67 26.17
N TRP B 4778 12.32 76.88 25.23
CA TRP B 4778 11.91 75.52 25.57
C TRP B 4778 13.10 74.66 25.96
N LYS B 4779 14.20 74.77 25.19
CA LYS B 4779 15.39 73.97 25.41
C LYS B 4779 15.97 74.26 26.79
N PHE B 4780 16.01 75.54 27.16
CA PHE B 4780 16.47 75.96 28.47
C PHE B 4780 15.55 75.41 29.55
N GLY B 4781 14.23 75.44 29.31
CA GLY B 4781 13.30 74.97 30.33
C GLY B 4781 13.51 73.49 30.62
N VAL B 4782 13.76 72.70 29.57
CA VAL B 4782 14.01 71.27 29.73
C VAL B 4782 15.34 71.05 30.47
N ILE B 4783 16.34 71.88 30.16
CA ILE B 4783 17.62 71.78 30.88
C ILE B 4783 17.42 72.14 32.34
N PHE B 4784 16.68 73.22 32.61
CA PHE B 4784 16.48 73.68 33.98
C PHE B 4784 15.61 72.73 34.76
N THR B 4785 14.90 71.82 34.09
CA THR B 4785 14.14 70.82 34.80
C THR B 4785 14.86 69.47 34.82
N ASP B 4786 16.06 69.39 34.25
CA ASP B 4786 16.82 68.15 34.27
C ASP B 4786 17.39 67.95 35.67
N ASN B 4787 17.23 66.73 36.21
CA ASN B 4787 17.66 66.46 37.59
C ASN B 4787 19.18 66.59 37.77
N SER B 4788 19.96 66.02 36.83
CA SER B 4788 21.41 66.04 36.99
C SER B 4788 21.96 67.43 36.77
N PHE B 4789 21.28 68.23 35.93
CA PHE B 4789 21.71 69.62 35.73
C PHE B 4789 21.51 70.38 37.02
N LEU B 4790 20.40 70.11 37.72
CA LEU B 4790 20.06 70.84 38.94
C LEU B 4790 21.05 70.46 40.04
N TYR B 4791 21.46 69.19 40.05
CA TYR B 4791 22.49 68.76 40.99
C TYR B 4791 23.82 69.46 40.71
N LEU B 4792 24.21 69.54 39.43
CA LEU B 4792 25.51 70.15 39.12
C LEU B 4792 25.48 71.64 39.40
N GLY B 4793 24.30 72.25 39.22
CA GLY B 4793 24.14 73.66 39.53
C GLY B 4793 24.23 73.94 41.01
N TRP B 4794 23.57 73.09 41.82
CA TRP B 4794 23.68 73.23 43.27
C TRP B 4794 25.13 73.00 43.74
N TYR B 4795 25.83 72.08 43.06
CA TYR B 4795 27.25 71.84 43.34
C TYR B 4795 28.07 73.11 43.08
N MET B 4796 27.73 73.82 42.00
CA MET B 4796 28.39 75.10 41.71
C MET B 4796 28.04 76.13 42.78
N VAL B 4797 26.76 76.21 43.18
CA VAL B 4797 26.34 77.23 44.14
C VAL B 4797 27.06 77.04 45.45
N MET B 4798 27.15 75.78 45.91
CA MET B 4798 27.85 75.49 47.17
C MET B 4798 29.35 75.77 47.05
N SER B 4799 29.93 75.54 45.86
CA SER B 4799 31.32 75.91 45.62
C SER B 4799 31.52 77.42 45.70
N LEU B 4800 30.56 78.18 45.18
CA LEU B 4800 30.63 79.63 45.24
C LEU B 4800 30.46 80.14 46.66
N LEU B 4801 29.54 79.53 47.42
CA LEU B 4801 29.37 79.90 48.83
C LEU B 4801 30.58 79.52 49.67
N GLY B 4802 31.33 78.51 49.25
CA GLY B 4802 32.52 78.13 50.00
C GLY B 4802 33.58 79.20 50.04
N HIS B 4803 33.58 80.11 49.04
CA HIS B 4803 34.49 81.25 49.07
C HIS B 4803 34.08 82.23 50.17
N TYR B 4804 32.78 82.41 50.35
CA TYR B 4804 32.22 83.23 51.42
C TYR B 4804 32.58 82.66 52.78
N ASN B 4805 31.99 81.52 53.13
CA ASN B 4805 32.35 80.82 54.36
C ASN B 4805 33.06 79.53 53.98
N ASN B 4806 34.22 79.27 54.60
CA ASN B 4806 35.02 78.14 54.18
C ASN B 4806 34.42 76.80 54.59
N PHE B 4807 33.39 76.81 55.43
CA PHE B 4807 32.84 75.58 55.97
C PHE B 4807 31.69 75.08 55.12
N PHE B 4808 31.48 75.72 53.98
CA PHE B 4808 30.49 75.34 52.99
C PHE B 4808 31.07 74.39 51.97
N PHE B 4809 32.33 74.01 52.16
CA PHE B 4809 33.00 73.09 51.27
C PHE B 4809 32.87 71.66 51.76
N ALA B 4810 32.00 71.45 52.74
CA ALA B 4810 31.74 70.15 53.31
C ALA B 4810 30.44 69.59 52.77
N ALA B 4811 29.76 70.35 51.93
CA ALA B 4811 28.56 69.91 51.26
C ALA B 4811 28.90 69.18 49.97
N HIS B 4812 30.18 69.09 49.66
CA HIS B 4812 30.69 68.50 48.45
C HIS B 4812 31.16 67.09 48.73
N LEU B 4813 31.12 66.68 49.99
CA LEU B 4813 31.53 65.37 50.42
C LEU B 4813 30.38 64.41 50.34
N LEU B 4814 29.20 64.91 49.97
CA LEU B 4814 28.01 64.09 49.81
C LEU B 4814 27.87 63.67 48.36
N ASP B 4815 28.88 63.96 47.55
CA ASP B 4815 28.87 63.60 46.15
C ASP B 4815 29.48 62.22 45.95
N ILE B 4816 29.98 61.62 47.04
CA ILE B 4816 30.53 60.28 47.00
C ILE B 4816 29.47 59.25 46.61
N ALA B 4817 28.22 59.48 47.05
CA ALA B 4817 27.12 58.57 46.74
C ALA B 4817 26.88 58.48 45.25
N MET B 4818 26.80 59.63 44.59
CA MET B 4818 26.72 59.65 43.14
C MET B 4818 27.99 59.15 42.46
N GLY B 4819 29.17 59.57 42.94
CA GLY B 4819 30.41 59.25 42.26
C GLY B 4819 30.80 57.78 42.26
N VAL B 4820 30.74 57.10 43.41
CA VAL B 4820 31.14 55.69 43.44
C VAL B 4820 29.88 54.84 43.35
N LYS B 4821 29.92 53.84 42.46
CA LYS B 4821 28.76 52.99 42.21
C LYS B 4821 28.41 52.09 43.38
N THR B 4822 29.43 51.56 44.07
CA THR B 4822 29.20 50.64 45.18
C THR B 4822 28.46 51.31 46.32
N LEU B 4823 28.73 52.60 46.55
CA LEU B 4823 28.08 53.28 47.65
C LEU B 4823 26.62 53.54 47.28
N ARG B 4824 26.34 53.67 45.98
CA ARG B 4824 24.96 53.78 45.53
C ARG B 4824 24.24 52.45 45.73
N THR B 4825 24.94 51.33 45.48
CA THR B 4825 24.33 50.02 45.75
C THR B 4825 24.04 49.82 47.23
N ILE B 4826 24.96 50.24 48.11
CA ILE B 4826 24.70 50.14 49.55
C ILE B 4826 23.54 51.05 49.95
N LEU B 4827 23.53 52.28 49.43
CA LEU B 4827 22.50 53.24 49.81
C LEU B 4827 21.14 52.88 49.25
N SER B 4828 21.11 52.18 48.11
CA SER B 4828 19.86 51.70 47.53
C SER B 4828 19.14 50.73 48.45
N SER B 4829 19.87 50.02 49.30
CA SER B 4829 19.20 49.21 50.31
C SER B 4829 18.44 50.08 51.29
N VAL B 4830 19.04 51.21 51.69
CA VAL B 4830 18.38 52.16 52.59
C VAL B 4830 17.18 52.80 51.93
N THR B 4831 17.28 53.09 50.64
CA THR B 4831 16.23 53.84 49.95
C THR B 4831 15.25 52.96 49.18
N HIS B 4832 15.44 51.65 49.18
CA HIS B 4832 14.48 50.76 48.55
C HIS B 4832 13.17 50.79 49.32
N ASN B 4833 13.25 50.71 50.64
CA ASN B 4833 12.09 50.64 51.51
C ASN B 4833 11.97 51.94 52.29
N GLY B 4834 12.32 53.05 51.64
CA GLY B 4834 12.36 54.34 52.30
C GLY B 4834 11.01 54.84 52.76
N LYS B 4835 9.97 54.65 51.94
CA LYS B 4835 8.64 55.09 52.33
C LYS B 4835 8.16 54.33 53.56
N GLN B 4836 8.47 53.04 53.62
CA GLN B 4836 8.10 52.22 54.77
C GLN B 4836 8.88 52.65 56.01
N LEU B 4837 10.16 53.03 55.82
CA LEU B 4837 10.94 53.56 56.92
C LEU B 4837 10.37 54.87 57.46
N VAL B 4838 9.92 55.74 56.56
CA VAL B 4838 9.31 56.99 57.00
C VAL B 4838 8.02 56.73 57.78
N MET B 4839 7.21 55.78 57.31
CA MET B 4839 6.01 55.42 58.04
C MET B 4839 6.27 54.76 59.39
N THR B 4840 7.28 53.89 59.51
CA THR B 4840 7.57 53.33 60.84
C THR B 4840 8.13 54.41 61.77
N VAL B 4841 8.86 55.39 61.24
CA VAL B 4841 9.37 56.49 62.08
C VAL B 4841 8.28 57.51 62.33
N GLY B 4842 7.12 57.36 61.68
CA GLY B 4842 6.01 58.24 61.99
C GLY B 4842 4.96 57.47 62.76
N LEU B 4843 5.21 56.18 62.95
CA LEU B 4843 4.39 55.34 63.83
C LEU B 4843 4.99 55.31 65.22
N LEU B 4844 6.32 55.44 65.28
CA LEU B 4844 7.02 55.53 66.56
C LEU B 4844 6.57 56.77 67.31
N ALA B 4845 6.40 57.88 66.59
CA ALA B 4845 5.96 59.15 67.18
C ALA B 4845 4.56 59.03 67.78
N VAL B 4846 3.67 58.30 67.12
CA VAL B 4846 2.33 58.07 67.64
C VAL B 4846 2.36 57.18 68.88
N VAL B 4847 3.20 56.15 68.89
CA VAL B 4847 3.26 55.28 70.07
C VAL B 4847 3.86 56.04 71.26
N VAL B 4848 4.89 56.85 71.00
CA VAL B 4848 5.47 57.68 72.05
C VAL B 4848 4.47 58.74 72.50
N TYR B 4849 3.55 59.14 71.60
CA TYR B 4849 2.49 60.05 72.00
C TYR B 4849 1.53 59.38 72.97
N LEU B 4850 1.18 58.11 72.73
CA LEU B 4850 0.24 57.47 73.63
C LEU B 4850 0.87 57.19 74.99
N TYR B 4851 2.19 57.08 75.01
CA TYR B 4851 2.87 56.88 76.29
C TYR B 4851 2.98 58.21 77.00
N THR B 4852 3.13 59.29 76.23
CA THR B 4852 3.11 60.62 76.82
C THR B 4852 1.76 60.92 77.45
N VAL B 4853 0.66 60.53 76.78
CA VAL B 4853 -0.68 60.80 77.32
C VAL B 4853 -0.87 60.05 78.63
N VAL B 4854 -0.41 58.79 78.68
CA VAL B 4854 -0.56 57.98 79.89
C VAL B 4854 0.31 58.52 81.02
N ALA B 4855 1.54 58.93 80.71
CA ALA B 4855 2.42 59.51 81.72
C ALA B 4855 1.89 60.84 82.25
N PHE B 4856 1.39 61.69 81.35
CA PHE B 4856 0.91 63.01 81.74
C PHE B 4856 -0.32 62.89 82.64
N ASN B 4857 -1.24 62.00 82.29
CA ASN B 4857 -2.44 61.82 83.09
C ASN B 4857 -2.16 61.14 84.42
N PHE B 4858 -1.28 60.13 84.46
CA PHE B 4858 -1.15 59.30 85.65
C PHE B 4858 0.21 59.25 86.33
N PHE B 4859 1.30 59.65 85.69
CA PHE B 4859 2.61 59.42 86.30
C PHE B 4859 3.47 60.67 86.34
N ARG B 4860 2.83 61.84 86.42
CA ARG B 4860 3.54 63.13 86.43
C ARG B 4860 4.49 63.31 87.60
N LYS B 4861 4.37 62.50 88.65
CA LYS B 4861 5.14 62.72 89.87
C LYS B 4861 6.56 62.17 89.77
N PHE B 4862 6.86 61.42 88.72
CA PHE B 4862 8.15 60.77 88.60
C PHE B 4862 9.09 61.49 87.65
N TYR B 4863 8.68 62.64 87.12
CA TYR B 4863 9.42 63.30 86.05
C TYR B 4863 10.13 64.55 86.53
N ASN B 4864 10.57 64.57 87.79
CA ASN B 4864 11.39 65.66 88.29
C ASN B 4864 12.85 65.37 87.95
N LYS B 4865 13.45 66.21 87.12
CA LYS B 4865 14.80 66.01 86.64
C LYS B 4865 15.78 66.99 87.28
N SER B 4866 15.42 67.58 88.42
CA SER B 4866 16.30 68.47 89.16
C SER B 4866 16.73 67.82 90.45
N GLU B 4867 18.05 67.70 90.64
CA GLU B 4867 18.58 67.14 91.87
C GLU B 4867 18.37 68.11 93.03
N ASP B 4868 18.31 69.41 92.73
CA ASP B 4868 18.10 70.45 93.72
C ASP B 4868 16.77 70.24 94.45
N GLU B 4869 16.82 70.28 95.78
CA GLU B 4869 15.62 69.99 96.57
C GLU B 4869 14.55 71.05 96.42
N ASP B 4870 14.92 72.33 96.59
CA ASP B 4870 13.91 73.39 96.54
C ASP B 4870 13.41 73.63 95.12
N GLU B 4871 14.32 73.66 94.13
CA GLU B 4871 13.81 74.03 92.82
C GLU B 4871 13.52 72.78 92.01
N PRO B 4872 12.32 72.63 91.49
CA PRO B 4872 12.01 71.45 90.66
C PRO B 4872 11.94 71.69 89.16
N ASP B 4873 12.64 70.86 88.41
CA ASP B 4873 12.54 70.85 86.95
C ASP B 4873 11.60 69.72 86.62
N MET B 4874 10.34 70.04 86.37
CA MET B 4874 9.32 69.03 86.14
C MET B 4874 9.14 68.92 84.64
N LYS B 4875 9.45 67.76 84.10
CA LYS B 4875 9.48 67.57 82.67
C LYS B 4875 8.17 67.05 82.12
N CYS B 4876 7.13 67.02 82.94
CA CYS B 4876 5.81 66.63 82.45
C CYS B 4876 4.73 67.50 83.06
N ASP B 4877 4.98 68.81 83.12
CA ASP B 4877 3.94 69.72 83.56
C ASP B 4877 3.34 70.45 82.37
N ASP B 4878 3.81 70.12 81.18
CA ASP B 4878 3.32 70.65 79.92
C ASP B 4878 3.40 69.46 78.97
N MET B 4879 2.40 69.32 78.12
CA MET B 4879 2.35 68.15 77.24
C MET B 4879 3.46 68.18 76.20
N MET B 4880 3.82 69.37 75.71
CA MET B 4880 4.92 69.45 74.76
C MET B 4880 6.26 69.12 75.41
N THR B 4881 6.46 69.57 76.65
CA THR B 4881 7.68 69.22 77.36
C THR B 4881 7.77 67.73 77.64
N CYS B 4882 6.64 67.11 78.00
CA CYS B 4882 6.63 65.65 78.19
C CYS B 4882 6.90 64.91 76.89
N TYR B 4883 6.31 65.38 75.79
CA TYR B 4883 6.48 64.71 74.50
C TYR B 4883 7.91 64.82 74.02
N LEU B 4884 8.53 65.99 74.24
CA LEU B 4884 9.93 66.18 73.88
C LEU B 4884 10.83 65.34 74.75
N PHE B 4885 10.45 65.16 76.03
CA PHE B 4885 11.19 64.31 76.95
C PHE B 4885 11.19 62.87 76.45
N HIS B 4886 9.99 62.33 76.21
CA HIS B 4886 9.83 60.94 75.81
C HIS B 4886 10.53 60.66 74.47
N MET B 4887 10.36 61.57 73.50
CA MET B 4887 10.96 61.42 72.18
C MET B 4887 12.47 61.54 72.23
N TYR B 4888 13.00 62.41 73.08
CA TYR B 4888 14.43 62.63 73.11
C TYR B 4888 15.09 61.59 74.01
N VAL B 4889 14.91 61.72 75.33
CA VAL B 4889 15.57 60.83 76.28
C VAL B 4889 15.12 59.36 76.17
N GLY B 4890 13.81 59.09 76.00
CA GLY B 4890 13.35 57.70 76.04
C GLY B 4890 13.80 56.86 74.85
N VAL B 4891 13.64 57.39 73.64
CA VAL B 4891 14.02 56.62 72.45
C VAL B 4891 15.52 56.40 72.43
N ARG B 4892 16.28 57.40 72.86
CA ARG B 4892 17.73 57.33 72.88
C ARG B 4892 18.27 56.60 74.10
N ALA B 4893 17.42 56.11 75.00
CA ALA B 4893 17.89 55.36 76.15
C ALA B 4893 17.71 53.87 75.92
N GLY B 4894 18.66 53.08 76.44
CA GLY B 4894 18.66 51.65 76.19
C GLY B 4894 17.53 50.93 76.91
N GLY B 4895 17.20 51.38 78.12
CA GLY B 4895 16.09 50.84 78.86
C GLY B 4895 14.79 51.58 78.66
N GLY B 4896 14.80 52.59 77.80
CA GLY B 4896 13.60 53.38 77.59
C GLY B 4896 13.46 54.47 78.63
N ILE B 4897 12.20 54.85 78.89
CA ILE B 4897 11.94 55.98 79.78
C ILE B 4897 12.22 55.64 81.24
N GLY B 4898 12.16 54.36 81.60
CA GLY B 4898 12.32 53.96 82.99
C GLY B 4898 13.69 54.29 83.54
N ASP B 4899 14.72 54.20 82.68
CA ASP B 4899 16.10 54.45 83.11
C ASP B 4899 16.26 55.88 83.56
N GLU B 4900 15.74 56.81 82.77
CA GLU B 4900 15.87 58.23 83.08
C GLU B 4900 14.96 58.68 84.23
N ILE B 4901 13.70 58.21 84.27
CA ILE B 4901 12.81 58.78 85.28
C ILE B 4901 13.03 58.11 86.64
N GLU B 4902 12.48 58.73 87.68
CA GLU B 4902 12.68 58.32 89.06
C GLU B 4902 12.13 56.93 89.36
N ASP B 4903 12.81 56.24 90.29
CA ASP B 4903 12.53 54.85 90.63
C ASP B 4903 11.13 54.69 91.22
N PRO B 4904 10.39 53.67 90.80
CA PRO B 4904 8.98 53.52 91.22
C PRO B 4904 8.74 52.84 92.55
N ALA B 4905 9.78 52.34 93.23
CA ALA B 4905 9.58 51.54 94.43
C ALA B 4905 8.93 52.32 95.56
N GLY B 4906 8.17 51.60 96.38
CA GLY B 4906 7.45 52.18 97.50
C GLY B 4906 6.41 53.21 97.13
N ASP B 4907 5.66 52.99 96.05
CA ASP B 4907 4.60 53.88 95.65
C ASP B 4907 3.32 53.08 95.37
N GLU B 4908 2.18 53.76 95.47
CA GLU B 4908 0.88 53.14 95.21
C GLU B 4908 0.73 52.66 93.78
N TYR B 4909 1.32 53.38 92.83
CA TYR B 4909 1.16 53.09 91.41
C TYR B 4909 2.38 52.37 90.84
N GLU B 4910 3.15 51.71 91.72
CA GLU B 4910 4.39 51.06 91.33
C GLU B 4910 4.16 50.01 90.26
N LEU B 4911 3.15 49.15 90.43
CA LEU B 4911 2.95 48.05 89.49
C LEU B 4911 2.48 48.57 88.14
N TYR B 4912 1.72 49.67 88.15
CA TYR B 4912 1.32 50.29 86.89
C TYR B 4912 2.54 50.87 86.20
N ARG B 4913 3.50 51.37 86.99
CA ARG B 4913 4.67 51.97 86.38
C ARG B 4913 5.66 50.94 85.85
N VAL B 4914 5.74 49.77 86.49
CA VAL B 4914 6.55 48.67 85.93
C VAL B 4914 5.95 48.19 84.62
N VAL B 4915 4.62 48.05 84.55
CA VAL B 4915 3.98 47.67 83.29
C VAL B 4915 4.19 48.75 82.23
N PHE B 4916 4.15 50.02 82.64
CA PHE B 4916 4.39 51.14 81.73
C PHE B 4916 5.79 51.08 81.12
N ASP B 4917 6.80 50.82 81.96
CA ASP B 4917 8.18 50.77 81.46
C ASP B 4917 8.44 49.53 80.62
N ILE B 4918 7.95 48.35 81.04
CA ILE B 4918 8.19 47.13 80.28
C ILE B 4918 7.49 47.18 78.91
N THR B 4919 6.26 47.69 78.85
CA THR B 4919 5.59 47.82 77.56
C THR B 4919 6.26 48.87 76.69
N PHE B 4920 6.73 49.97 77.27
CA PHE B 4920 7.48 50.97 76.51
C PHE B 4920 8.75 50.35 75.93
N PHE B 4921 9.47 49.58 76.75
CA PHE B 4921 10.72 48.96 76.32
C PHE B 4921 10.46 48.00 75.16
N PHE B 4922 9.50 47.08 75.34
CA PHE B 4922 9.27 46.07 74.32
C PHE B 4922 8.73 46.67 73.02
N PHE B 4923 7.71 47.52 73.12
CA PHE B 4923 7.08 48.07 71.92
C PHE B 4923 7.96 49.07 71.20
N VAL B 4924 8.69 49.92 71.91
CA VAL B 4924 9.43 50.96 71.21
C VAL B 4924 10.88 50.57 70.97
N ILE B 4925 11.62 50.33 72.05
CA ILE B 4925 13.05 50.05 71.96
C ILE B 4925 13.33 48.75 71.19
N VAL B 4926 12.54 47.73 71.44
CA VAL B 4926 12.80 46.41 70.87
C VAL B 4926 12.12 46.13 69.54
N ILE B 4927 10.79 46.19 69.49
CA ILE B 4927 10.06 45.84 68.27
C ILE B 4927 10.25 46.86 67.16
N LEU B 4928 10.13 48.16 67.46
CA LEU B 4928 10.16 49.16 66.39
C LEU B 4928 11.54 49.31 65.77
N LEU B 4929 12.59 49.19 66.58
CA LEU B 4929 13.93 49.24 66.01
C LEU B 4929 14.23 47.97 65.24
N ALA B 4930 13.60 46.87 65.62
CA ALA B 4930 13.73 45.64 64.85
C ALA B 4930 13.04 45.79 63.51
N ILE B 4931 11.93 46.51 63.46
CA ILE B 4931 11.27 46.80 62.18
C ILE B 4931 12.16 47.68 61.31
N ILE B 4932 12.83 48.66 61.93
CA ILE B 4932 13.75 49.56 61.23
C ILE B 4932 14.98 48.81 60.69
N GLN B 4933 15.31 47.67 61.28
CA GLN B 4933 16.49 46.94 60.83
C GLN B 4933 16.14 45.76 59.95
N GLY B 4934 14.98 45.15 60.20
CA GLY B 4934 14.43 44.15 59.31
C GLY B 4934 14.05 44.68 57.95
N LEU B 4935 13.76 45.97 57.85
CA LEU B 4935 13.47 46.54 56.53
C LEU B 4935 14.74 46.64 55.68
N ILE B 4936 15.85 47.10 56.29
CA ILE B 4936 17.15 47.09 55.63
C ILE B 4936 17.60 45.67 55.28
N ILE B 4937 17.45 44.74 56.22
CA ILE B 4937 17.88 43.36 56.01
C ILE B 4937 17.07 42.71 54.90
N ASP B 4938 15.76 42.98 54.86
CA ASP B 4938 14.92 42.49 53.77
C ASP B 4938 15.34 43.10 52.45
N ALA B 4939 15.65 44.41 52.43
CA ALA B 4939 15.97 45.09 51.19
C ALA B 4939 17.22 44.50 50.55
N PHE B 4940 18.21 44.12 51.37
CA PHE B 4940 19.43 43.51 50.87
C PHE B 4940 19.14 42.20 50.14
N GLY B 4941 18.26 41.38 50.73
CA GLY B 4941 17.88 40.11 50.14
C GLY B 4941 17.05 40.30 48.88
N GLU B 4942 16.18 41.30 48.88
CA GLU B 4942 15.38 41.58 47.68
C GLU B 4942 16.28 42.00 46.53
N LEU B 4943 17.27 42.86 46.80
CA LEU B 4943 18.13 43.34 45.73
C LEU B 4943 18.98 42.19 45.17
N ARG B 4944 19.39 41.27 46.05
CA ARG B 4944 20.11 40.08 45.60
C ARG B 4944 19.22 39.21 44.72
N ASP B 4945 17.97 39.01 45.15
CA ASP B 4945 17.05 38.17 44.39
C ASP B 4945 16.76 38.76 43.02
N GLN B 4946 16.69 40.10 42.94
CA GLN B 4946 16.50 40.76 41.65
C GLN B 4946 17.66 40.51 40.70
N GLN B 4947 18.90 40.64 41.19
CA GLN B 4947 20.05 40.34 40.33
C GLN B 4947 20.04 38.88 39.90
N GLU B 4948 19.78 37.96 40.84
CA GLU B 4948 19.81 36.54 40.52
C GLU B 4948 18.75 36.19 39.48
N GLN B 4949 17.53 36.75 39.65
CA GLN B 4949 16.44 36.49 38.71
C GLN B 4949 16.77 37.01 37.32
N VAL B 4950 17.41 38.19 37.23
CA VAL B 4950 17.84 38.73 35.95
C VAL B 4950 18.87 37.81 35.29
N LYS B 4951 19.84 37.32 36.08
CA LYS B 4951 20.89 36.46 35.55
C LYS B 4951 20.31 35.12 35.07
N GLU B 4952 19.38 34.57 35.85
CA GLU B 4952 18.73 33.31 35.51
C GLU B 4952 17.89 33.44 34.25
N ASP B 4953 17.15 34.54 34.10
CA ASP B 4953 16.39 34.74 32.88
C ASP B 4953 17.32 34.90 31.69
N MET B 4954 18.43 35.61 31.88
CA MET B 4954 19.32 35.87 30.75
C MET B 4954 20.24 34.69 30.45
N GLU B 4955 20.15 33.61 31.23
CA GLU B 4955 20.92 32.42 30.92
C GLU B 4955 20.00 31.22 30.72
N THR B 4956 18.68 31.42 30.77
CA THR B 4956 17.73 30.35 30.51
C THR B 4956 16.75 30.69 29.40
N LYS B 4957 16.77 31.91 28.88
CA LYS B 4957 15.82 32.31 27.85
C LYS B 4957 16.53 33.21 26.86
N CYS B 4958 16.00 33.27 25.64
CA CYS B 4958 16.54 34.17 24.64
C CYS B 4958 15.74 35.46 24.69
N PHE B 4959 16.46 36.58 24.67
CA PHE B 4959 15.80 37.88 24.80
C PHE B 4959 14.90 38.16 23.59
N ILE B 4960 15.45 38.01 22.38
CA ILE B 4960 14.73 38.37 21.16
C ILE B 4960 13.52 37.48 20.91
N CYS B 4961 13.65 36.17 21.11
CA CYS B 4961 12.57 35.28 20.70
C CYS B 4961 11.90 34.48 21.81
N GLY B 4962 12.38 34.57 23.04
CA GLY B 4962 11.75 33.93 24.20
C GLY B 4962 11.59 32.43 24.09
N ILE B 4963 12.59 31.75 23.53
CA ILE B 4963 12.62 30.29 23.48
C ILE B 4963 13.68 29.82 24.46
N GLY B 4964 13.34 28.78 25.23
CA GLY B 4964 14.22 28.34 26.30
C GLY B 4964 15.50 27.71 25.78
N SER B 4965 16.51 27.70 26.65
CA SER B 4965 17.81 27.13 26.33
C SER B 4965 17.76 25.62 26.06
N ASP B 4966 16.72 24.94 26.54
CA ASP B 4966 16.59 23.49 26.41
C ASP B 4966 16.54 23.07 24.94
N TYR B 4967 15.74 23.77 24.14
CA TYR B 4967 15.61 23.44 22.71
C TYR B 4967 16.93 23.66 21.99
N PHE B 4968 17.59 24.79 22.25
CA PHE B 4968 18.80 25.13 21.52
C PHE B 4968 19.97 24.28 21.95
N ASP B 4969 19.94 23.78 23.19
CA ASP B 4969 21.10 23.11 23.73
C ASP B 4969 21.23 21.64 23.33
N THR B 4970 20.32 21.11 22.50
CA THR B 4970 20.52 19.75 21.99
C THR B 4970 21.82 19.68 21.18
N THR B 4971 22.06 20.67 20.35
CA THR B 4971 23.33 20.81 19.67
C THR B 4971 24.34 21.33 20.69
N PRO B 4972 25.61 20.90 20.63
CA PRO B 4972 26.62 21.43 21.55
C PRO B 4972 26.80 22.94 21.39
N HIS B 4973 26.74 23.65 22.52
CA HIS B 4973 26.88 25.11 22.61
C HIS B 4973 25.81 25.84 21.80
N GLY B 4974 24.63 25.22 21.70
CA GLY B 4974 23.56 25.76 20.87
C GLY B 4974 23.05 27.09 21.38
N PHE B 4975 22.84 27.21 22.69
CA PHE B 4975 22.28 28.44 23.24
C PHE B 4975 23.28 29.57 23.03
N GLU B 4976 24.57 29.26 23.15
CA GLU B 4976 25.62 30.26 22.98
C GLU B 4976 25.62 30.76 21.54
N THR B 4977 25.45 29.85 20.58
CA THR B 4977 25.41 30.25 19.17
C THR B 4977 24.18 31.08 18.89
N HIS B 4978 23.03 30.70 19.46
CA HIS B 4978 21.80 31.44 19.25
C HIS B 4978 21.90 32.85 19.82
N THR B 4979 22.51 32.98 20.99
CA THR B 4979 22.55 34.28 21.64
C THR B 4979 23.72 35.13 21.17
N LEU B 4980 24.65 34.56 20.40
CA LEU B 4980 25.81 35.30 19.94
C LEU B 4980 25.78 35.61 18.46
N GLU B 4981 25.13 34.77 17.65
CA GLU B 4981 25.09 34.95 16.20
C GLU B 4981 23.66 35.17 15.69
N GLU B 4982 22.79 34.18 15.85
CA GLU B 4982 21.45 34.21 15.27
C GLU B 4982 20.59 35.34 15.82
N HIS B 4983 20.56 35.52 17.14
CA HIS B 4983 19.68 36.53 17.74
C HIS B 4983 20.49 37.41 18.68
N ASN B 4984 21.33 38.29 18.11
CA ASN B 4984 22.22 39.10 18.92
C ASN B 4984 21.65 40.51 19.04
N LEU B 4985 21.47 40.97 20.29
CA LEU B 4985 20.84 42.26 20.54
C LEU B 4985 21.69 43.39 19.99
N ALA B 4986 23.03 43.21 19.99
CA ALA B 4986 23.91 44.19 19.39
C ALA B 4986 23.64 44.27 17.89
N ASN B 4987 23.44 43.10 17.27
CA ASN B 4987 23.27 43.02 15.82
C ASN B 4987 22.01 43.75 15.40
N TYR B 4988 20.95 43.67 16.21
CA TYR B 4988 19.72 44.37 15.84
C TYR B 4988 19.89 45.88 15.92
N MET B 4989 20.76 46.35 16.82
CA MET B 4989 21.04 47.78 16.89
C MET B 4989 21.88 48.20 15.70
N PHE B 4990 22.80 47.32 15.28
CA PHE B 4990 23.69 47.67 14.19
C PHE B 4990 22.89 47.71 12.89
N PHE B 4991 21.90 46.82 12.77
CA PHE B 4991 20.99 46.84 11.64
C PHE B 4991 20.19 48.13 11.63
N LEU B 4992 19.65 48.53 12.79
CA LEU B 4992 18.82 49.74 12.81
C LEU B 4992 19.66 50.96 12.45
N MET B 4993 20.92 50.98 12.89
CA MET B 4993 21.84 52.06 12.56
C MET B 4993 22.12 52.06 11.07
N TYR B 4994 22.23 50.86 10.49
CA TYR B 4994 22.45 50.70 9.06
C TYR B 4994 21.29 51.26 8.26
N LEU B 4995 20.06 50.93 8.67
CA LEU B 4995 18.88 51.41 7.95
C LEU B 4995 18.77 52.93 8.05
N ILE B 4996 18.94 53.47 9.27
CA ILE B 4996 18.79 54.90 9.50
C ILE B 4996 19.82 55.68 8.69
N ASN B 4997 21.07 55.21 8.71
CA ASN B 4997 22.13 55.91 7.98
C ASN B 4997 21.95 55.77 6.47
N LYS B 4998 21.53 54.58 6.01
CA LYS B 4998 21.40 54.31 4.58
C LYS B 4998 20.31 55.16 3.93
N ASP B 4999 20.58 55.63 2.72
CA ASP B 4999 19.63 56.42 1.97
C ASP B 4999 18.43 55.56 1.60
N GLU B 5000 17.23 56.13 1.73
CA GLU B 5000 15.99 55.36 1.57
C GLU B 5000 15.84 54.80 0.16
N THR B 5001 16.29 55.54 -0.86
CA THR B 5001 16.21 55.09 -2.24
C THR B 5001 17.02 53.83 -2.50
N GLU B 5002 18.15 53.68 -1.82
CA GLU B 5002 19.06 52.58 -2.08
C GLU B 5002 18.66 51.29 -1.37
N HIS B 5003 17.60 51.32 -0.56
CA HIS B 5003 17.21 50.17 0.24
C HIS B 5003 16.77 49.00 -0.63
N THR B 5004 17.07 47.78 -0.17
CA THR B 5004 16.62 46.58 -0.84
C THR B 5004 15.19 46.27 -0.39
N GLY B 5005 14.60 45.21 -0.94
CA GLY B 5005 13.20 44.93 -0.67
C GLY B 5005 12.93 44.56 0.78
N GLN B 5006 13.79 43.72 1.35
CA GLN B 5006 13.64 43.33 2.75
C GLN B 5006 13.94 44.52 3.65
N GLU B 5007 14.95 45.31 3.28
CA GLU B 5007 15.30 46.48 4.07
C GLU B 5007 14.15 47.48 4.04
N SER B 5008 13.47 47.60 2.91
CA SER B 5008 12.36 48.54 2.81
C SER B 5008 11.16 48.01 3.58
N TYR B 5009 11.05 46.69 3.70
CA TYR B 5009 10.00 46.08 4.52
C TYR B 5009 10.21 46.43 5.98
N VAL B 5010 11.46 46.28 6.45
CA VAL B 5010 11.75 46.59 7.84
C VAL B 5010 11.63 48.09 8.06
N TRP B 5011 12.10 48.89 7.08
CA TRP B 5011 12.06 50.34 7.20
C TRP B 5011 10.64 50.83 7.35
N LYS B 5012 9.72 50.27 6.54
CA LYS B 5012 8.33 50.70 6.56
C LYS B 5012 7.71 50.32 7.89
N MET B 5013 7.99 49.10 8.37
CA MET B 5013 7.42 48.65 9.63
C MET B 5013 7.95 49.48 10.78
N TYR B 5014 9.22 49.88 10.71
CA TYR B 5014 9.80 50.73 11.75
C TYR B 5014 9.14 52.10 11.73
N GLN B 5015 9.02 52.71 10.54
CA GLN B 5015 8.45 54.05 10.43
C GLN B 5015 6.99 54.07 10.87
N GLU B 5016 6.31 52.93 10.82
CA GLU B 5016 4.93 52.84 11.26
C GLU B 5016 4.82 52.17 12.63
N ARG B 5017 5.96 51.91 13.29
CA ARG B 5017 6.06 51.35 14.64
C ARG B 5017 5.28 50.05 14.78
N CYS B 5018 5.47 49.15 13.81
CA CYS B 5018 4.89 47.82 13.88
C CYS B 5018 6.03 46.86 14.19
N TRP B 5019 6.07 46.38 15.43
CA TRP B 5019 7.14 45.50 15.88
C TRP B 5019 6.81 44.04 15.66
N ASP B 5020 6.47 43.71 14.42
CA ASP B 5020 6.08 42.35 14.08
C ASP B 5020 7.16 41.65 13.28
N PHE B 5021 8.23 42.35 12.93
CA PHE B 5021 9.33 41.69 12.25
C PHE B 5021 10.25 40.99 13.22
N PHE B 5022 10.06 41.18 14.52
CA PHE B 5022 10.97 40.60 15.50
C PHE B 5022 10.50 39.19 15.78
N PRO B 5023 11.33 38.18 15.58
CA PRO B 5023 10.89 36.78 15.77
C PRO B 5023 10.42 36.53 17.19
N ALA B 5024 9.22 36.00 17.33
CA ALA B 5024 8.71 35.61 18.65
C ALA B 5024 8.18 34.20 18.55
N GLY B 5025 8.75 33.29 19.34
CA GLY B 5025 8.34 31.91 19.30
C GLY B 5025 8.95 31.10 18.19
N ASP B 5026 9.74 31.71 17.32
CA ASP B 5026 10.30 31.02 16.17
C ASP B 5026 11.72 31.47 15.92
N CYS B 5027 12.48 30.57 15.31
CA CYS B 5027 13.86 30.82 14.92
C CYS B 5027 14.08 30.12 13.59
N PHE B 5028 15.19 30.49 12.93
CA PHE B 5028 15.56 29.89 11.65
C PHE B 5028 15.74 28.39 11.80
N ARG B 5029 16.34 27.97 12.93
CA ARG B 5029 16.59 26.57 13.24
C ARG B 5029 15.27 25.81 13.34
N LYS B 5030 14.30 26.41 14.05
CA LYS B 5030 13.02 25.76 14.28
C LYS B 5030 12.24 25.67 12.99
N GLN B 5031 12.27 26.73 12.18
CA GLN B 5031 11.46 26.73 10.97
C GLN B 5031 12.01 25.71 9.98
N TYR B 5032 13.33 25.67 9.80
CA TYR B 5032 13.91 24.77 8.81
C TYR B 5032 14.57 23.56 9.47
N GLU B 5033 14.04 23.09 10.60
CA GLU B 5033 14.69 22.01 11.36
C GLU B 5033 14.76 20.70 10.58
N ASP B 5034 13.67 20.33 9.91
CA ASP B 5034 13.61 19.03 9.21
C ASP B 5034 14.60 18.97 8.06
N GLN B 5035 14.65 20.03 7.25
CA GLN B 5035 15.58 20.08 6.13
C GLN B 5035 17.02 20.21 6.62
N LEU B 5036 17.28 21.09 7.60
CA LEU B 5036 18.64 21.29 8.08
C LEU B 5036 19.17 20.06 8.79
N SER B 5037 18.33 19.40 9.57
CA SER B 5037 18.74 18.24 10.36
C SER B 5037 17.72 17.12 10.23
N VAL C 11 17.92 15.99 -18.64
CA VAL C 11 18.96 17.03 -18.73
C VAL C 11 20.10 16.44 -19.56
N GLN C 12 21.10 15.87 -18.86
CA GLN C 12 22.22 15.14 -19.45
C GLN C 12 23.02 15.98 -20.44
N PHE C 13 23.64 17.04 -19.93
CA PHE C 13 24.51 17.86 -20.77
C PHE C 13 25.81 17.13 -21.07
N LEU C 14 26.28 17.28 -22.30
CA LEU C 14 27.54 16.67 -22.71
C LEU C 14 28.72 17.40 -22.08
N ARG C 15 29.88 16.74 -22.10
CA ARG C 15 31.08 17.28 -21.47
C ARG C 15 32.29 16.62 -22.11
N THR C 16 33.46 17.23 -21.91
CA THR C 16 34.70 16.62 -22.36
C THR C 16 34.97 15.35 -21.58
N ASP C 17 35.73 14.44 -22.20
CA ASP C 17 36.10 13.09 -21.74
C ASP C 17 34.92 12.13 -21.71
N ASP C 18 33.70 12.58 -21.99
CA ASP C 18 32.60 11.67 -22.17
C ASP C 18 32.73 10.94 -23.50
N GLU C 19 32.13 9.76 -23.58
CA GLU C 19 32.24 8.92 -24.75
C GLU C 19 30.97 9.02 -25.59
N VAL C 20 31.11 9.34 -26.87
CA VAL C 20 29.96 9.58 -27.75
C VAL C 20 30.14 8.78 -29.05
N VAL C 21 29.08 8.78 -29.87
CA VAL C 21 29.10 8.19 -31.20
C VAL C 21 28.36 9.12 -32.16
N LEU C 22 28.89 9.27 -33.37
CA LEU C 22 28.27 10.08 -34.40
C LEU C 22 27.30 9.24 -35.23
N GLN C 23 26.11 9.80 -35.46
CA GLN C 23 24.95 9.06 -35.98
C GLN C 23 24.13 9.89 -36.95
N CYS C 24 23.96 9.39 -38.17
CA CYS C 24 22.94 9.90 -39.08
C CYS C 24 21.73 8.98 -39.11
N SER C 25 20.65 9.49 -39.69
CA SER C 25 19.44 8.71 -39.97
C SER C 25 19.11 8.95 -41.43
N ALA C 26 19.71 8.17 -42.31
CA ALA C 26 19.53 8.35 -43.73
C ALA C 26 18.26 7.64 -44.22
N THR C 27 17.90 7.94 -45.47
CA THR C 27 16.72 7.37 -46.11
C THR C 27 17.10 6.77 -47.44
N VAL C 28 16.97 5.45 -47.57
CA VAL C 28 17.19 4.75 -48.83
C VAL C 28 16.02 3.79 -49.02
N LEU C 29 15.48 3.75 -50.25
CA LEU C 29 14.45 2.81 -50.70
C LEU C 29 13.20 2.84 -49.81
N LYS C 30 12.83 4.05 -49.35
CA LYS C 30 11.64 4.33 -48.55
C LYS C 30 11.68 3.57 -47.20
N GLU C 31 12.76 3.84 -46.46
CA GLU C 31 12.88 3.45 -45.06
C GLU C 31 13.94 4.33 -44.42
N GLN C 32 13.89 4.39 -43.09
CA GLN C 32 14.73 5.27 -42.29
C GLN C 32 15.77 4.42 -41.57
N LEU C 33 16.96 4.31 -42.15
CA LEU C 33 18.00 3.53 -41.49
C LEU C 33 18.92 4.45 -40.69
N LYS C 34 19.55 3.87 -39.68
CA LYS C 34 20.42 4.60 -38.77
C LYS C 34 21.86 4.20 -39.07
N LEU C 35 22.74 5.18 -39.16
CA LEU C 35 24.13 4.96 -39.53
C LEU C 35 25.04 5.59 -38.48
N CYS C 36 26.26 5.09 -38.42
CA CYS C 36 27.26 5.61 -37.50
C CYS C 36 28.60 5.66 -38.19
N LEU C 37 29.44 6.60 -37.76
CA LEU C 37 30.81 6.62 -38.26
C LEU C 37 31.65 5.51 -37.65
N ALA C 38 32.49 4.90 -38.49
CA ALA C 38 33.42 3.87 -38.04
C ALA C 38 34.63 3.85 -38.96
N ALA C 39 35.80 3.63 -38.37
CA ALA C 39 37.05 3.54 -39.12
C ALA C 39 38.05 2.79 -38.26
N GLU C 40 38.69 1.77 -38.86
CA GLU C 40 39.66 0.96 -38.13
C GLU C 40 40.90 1.78 -37.75
N GLY C 41 41.44 2.54 -38.70
CA GLY C 41 42.63 3.34 -38.47
C GLY C 41 43.93 2.64 -38.76
N PHE C 42 44.07 1.40 -38.31
CA PHE C 42 45.27 0.60 -38.60
C PHE C 42 45.11 -0.05 -39.96
N GLY C 43 45.72 0.54 -40.98
CA GLY C 43 45.66 0.03 -42.32
C GLY C 43 44.59 0.68 -43.18
N ASN C 44 43.61 1.33 -42.57
CA ASN C 44 42.55 2.02 -43.29
C ASN C 44 42.24 3.31 -42.53
N ARG C 45 42.82 4.41 -42.99
CA ARG C 45 42.60 5.70 -42.33
C ARG C 45 41.22 6.26 -42.66
N LEU C 46 40.71 5.97 -43.84
CA LEU C 46 39.44 6.52 -44.32
C LEU C 46 38.27 5.97 -43.50
N CYS C 47 37.25 6.80 -43.34
CA CYS C 47 36.07 6.46 -42.58
C CYS C 47 35.02 5.79 -43.47
N PHE C 48 34.04 5.19 -42.81
CA PHE C 48 32.92 4.54 -43.47
C PHE C 48 31.75 4.50 -42.50
N LEU C 49 30.61 4.03 -43.01
CA LEU C 49 29.36 4.02 -42.26
C LEU C 49 28.98 2.59 -41.92
N GLU C 50 28.71 2.35 -40.65
CA GLU C 50 28.25 1.03 -40.21
C GLU C 50 26.80 1.13 -39.77
N PRO C 51 25.85 0.59 -40.55
CA PRO C 51 24.43 0.71 -40.18
C PRO C 51 24.13 0.01 -38.85
N THR C 52 23.24 0.62 -38.08
CA THR C 52 22.86 0.08 -36.78
C THR C 52 21.36 -0.01 -36.57
N SER C 53 20.55 0.28 -37.60
CA SER C 53 19.09 0.18 -37.47
C SER C 53 18.66 -1.25 -37.25
N ASN C 54 19.25 -2.19 -37.99
CA ASN C 54 18.93 -3.61 -37.87
C ASN C 54 19.71 -4.20 -36.71
N ALA C 55 19.30 -3.83 -35.50
CA ALA C 55 19.99 -4.20 -34.27
C ALA C 55 19.55 -5.54 -33.70
N GLN C 56 18.63 -6.25 -34.36
CA GLN C 56 18.16 -7.54 -33.88
C GLN C 56 18.65 -8.72 -34.71
N ASN C 57 18.56 -8.62 -36.04
CA ASN C 57 19.03 -9.70 -36.91
C ASN C 57 20.55 -9.82 -36.84
N VAL C 58 21.26 -8.70 -36.94
CA VAL C 58 22.72 -8.67 -36.87
C VAL C 58 23.17 -7.68 -35.82
N PRO C 59 23.94 -8.09 -34.81
CA PRO C 59 24.47 -7.14 -33.84
C PRO C 59 25.40 -6.16 -34.52
N PRO C 60 25.45 -4.92 -34.06
CA PRO C 60 26.27 -3.90 -34.71
C PRO C 60 27.75 -4.08 -34.35
N ASP C 61 28.57 -3.23 -34.95
CA ASP C 61 30.02 -3.24 -34.73
C ASP C 61 30.39 -1.93 -34.06
N LEU C 62 30.29 -1.89 -32.74
CA LEU C 62 30.61 -0.70 -31.97
C LEU C 62 32.05 -0.69 -31.45
N ALA C 63 32.85 -1.69 -31.81
CA ALA C 63 34.25 -1.69 -31.43
C ALA C 63 35.04 -0.58 -32.12
N ILE C 64 34.57 -0.09 -33.26
CA ILE C 64 35.26 0.92 -34.03
C ILE C 64 34.46 2.20 -34.21
N CYS C 65 33.17 2.21 -33.83
CA CYS C 65 32.36 3.41 -33.89
C CYS C 65 32.59 4.36 -32.73
N CYS C 66 33.43 3.99 -31.77
CA CYS C 66 33.57 4.75 -30.55
C CYS C 66 34.45 5.99 -30.76
N PHE C 67 33.97 7.15 -30.30
CA PHE C 67 34.71 8.40 -30.38
C PHE C 67 34.71 9.14 -29.05
N THR C 68 35.86 9.68 -28.67
CA THR C 68 36.05 10.35 -27.40
C THR C 68 36.30 11.83 -27.62
N LEU C 69 35.69 12.65 -26.77
CA LEU C 69 35.82 14.11 -26.82
C LEU C 69 37.01 14.51 -25.96
N GLU C 70 38.12 14.88 -26.60
CA GLU C 70 39.30 15.21 -25.80
C GLU C 70 39.24 16.64 -25.27
N GLN C 71 39.16 17.62 -26.16
CA GLN C 71 39.17 19.03 -25.75
C GLN C 71 38.06 19.77 -26.48
N SER C 72 37.44 20.71 -25.76
CA SER C 72 36.43 21.57 -26.36
C SER C 72 36.83 23.02 -26.08
N LEU C 73 37.00 23.80 -27.14
CA LEU C 73 37.46 25.17 -27.03
C LEU C 73 36.65 26.04 -27.97
N SER C 74 36.55 27.32 -27.65
CA SER C 74 35.92 28.25 -28.57
C SER C 74 36.83 28.48 -29.78
N VAL C 75 36.22 28.89 -30.89
CA VAL C 75 36.91 29.04 -32.18
C VAL C 75 38.04 30.05 -32.08
N ARG C 76 37.78 31.18 -31.43
CA ARG C 76 38.81 32.22 -31.35
C ARG C 76 39.95 31.81 -30.43
N ALA C 77 39.62 31.24 -29.26
CA ALA C 77 40.64 30.77 -28.33
C ALA C 77 41.46 29.62 -28.89
N LEU C 78 40.92 28.88 -29.85
CA LEU C 78 41.66 27.82 -30.53
C LEU C 78 42.86 28.36 -31.31
N GLN C 79 42.73 29.61 -31.79
CA GLN C 79 43.77 30.22 -32.62
C GLN C 79 45.08 30.38 -31.85
N GLU C 80 45.01 30.91 -30.62
CA GLU C 80 46.22 31.13 -29.84
C GLU C 80 46.92 29.82 -29.51
N MET C 81 46.14 28.79 -29.15
CA MET C 81 46.71 27.48 -28.86
C MET C 81 47.38 26.89 -30.09
N LEU C 82 46.75 27.04 -31.25
CA LEU C 82 47.36 26.57 -32.50
C LEU C 82 48.64 27.37 -32.81
N ALA C 83 48.60 28.68 -32.57
CA ALA C 83 49.75 29.54 -32.86
C ALA C 83 50.94 29.17 -31.99
N ASN C 84 50.72 28.90 -30.71
CA ASN C 84 51.80 28.54 -29.80
C ASN C 84 52.13 27.06 -29.91
N HIS C 98 37.27 18.76 -17.25
CA HIS C 98 35.88 18.44 -17.56
C HIS C 98 35.07 19.69 -17.90
N ARG C 99 35.29 20.22 -19.08
CA ARG C 99 34.58 21.42 -19.55
C ARG C 99 33.31 20.99 -20.27
N THR C 100 32.20 21.63 -19.93
CA THR C 100 30.94 21.35 -20.60
C THR C 100 30.99 21.80 -22.05
N LEU C 101 30.44 20.99 -22.94
CA LEU C 101 30.40 21.32 -24.35
C LEU C 101 29.44 22.46 -24.60
N LEU C 102 29.93 23.51 -25.27
CA LEU C 102 29.14 24.69 -25.58
C LEU C 102 28.97 24.81 -27.09
N TYR C 103 27.80 25.32 -27.49
CA TYR C 103 27.51 25.50 -28.91
C TYR C 103 28.47 26.49 -29.54
N GLY C 104 28.87 26.21 -30.78
CA GLY C 104 29.84 27.03 -31.47
C GLY C 104 31.27 26.80 -31.07
N HIS C 105 31.56 25.83 -30.20
CA HIS C 105 32.93 25.54 -29.81
C HIS C 105 33.60 24.65 -30.85
N ALA C 106 34.88 24.36 -30.62
CA ALA C 106 35.66 23.46 -31.45
C ALA C 106 36.04 22.23 -30.63
N ILE C 107 35.80 21.04 -31.19
CA ILE C 107 36.00 19.79 -30.47
C ILE C 107 37.10 18.98 -31.14
N LEU C 108 37.65 18.03 -30.38
CA LEU C 108 38.70 17.13 -30.84
C LEU C 108 38.24 15.69 -30.66
N LEU C 109 37.91 15.04 -31.77
CA LEU C 109 37.39 13.68 -31.77
C LEU C 109 38.53 12.67 -31.91
N ARG C 110 38.71 11.84 -30.88
CA ARG C 110 39.77 10.84 -30.86
C ARG C 110 39.15 9.45 -30.86
N HIS C 111 39.58 8.60 -31.80
CA HIS C 111 39.08 7.23 -31.87
C HIS C 111 39.50 6.47 -30.62
N ALA C 112 38.59 5.65 -30.09
CA ALA C 112 38.90 4.93 -28.86
C ALA C 112 39.86 3.78 -29.12
N HIS C 113 39.63 3.03 -30.20
CA HIS C 113 40.44 1.85 -30.48
C HIS C 113 41.82 2.23 -30.98
N SER C 114 41.89 2.97 -32.08
CA SER C 114 43.17 3.23 -32.72
C SER C 114 43.91 4.44 -32.20
N ARG C 115 43.30 5.24 -31.32
CA ARG C 115 43.85 6.46 -30.72
C ARG C 115 44.23 7.54 -31.74
N MET C 116 43.79 7.42 -32.98
CA MET C 116 44.01 8.43 -33.99
C MET C 116 42.93 9.51 -33.89
N TYR C 117 43.20 10.65 -34.51
CA TYR C 117 42.28 11.78 -34.43
C TYR C 117 41.53 11.93 -35.73
N LEU C 118 40.22 12.16 -35.63
CA LEU C 118 39.42 12.44 -36.81
C LEU C 118 39.81 13.79 -37.40
N SER C 119 40.01 13.82 -38.71
CA SER C 119 40.41 15.06 -39.37
C SER C 119 39.97 15.04 -40.82
N CYS C 120 39.89 16.22 -41.40
CA CYS C 120 39.53 16.39 -42.81
C CYS C 120 40.80 16.25 -43.64
N LEU C 121 40.96 15.08 -44.28
CA LEU C 121 42.14 14.81 -45.08
C LEU C 121 42.20 15.72 -46.29
N THR C 122 43.42 16.07 -46.71
CA THR C 122 43.60 16.95 -47.85
C THR C 122 43.37 16.28 -49.19
N THR C 123 43.18 14.96 -49.21
CA THR C 123 42.97 14.23 -50.46
C THR C 123 41.48 14.19 -50.78
N SER C 124 41.10 13.39 -51.79
CA SER C 124 39.72 13.16 -52.20
C SER C 124 39.66 11.94 -53.13
N ARG C 125 38.76 11.01 -52.84
CA ARG C 125 38.61 9.81 -53.66
C ARG C 125 37.21 9.61 -54.21
N SER C 126 36.28 10.51 -53.91
CA SER C 126 34.95 10.45 -54.50
C SER C 126 35.01 11.02 -55.91
N MET C 127 34.88 10.16 -56.91
CA MET C 127 34.97 10.57 -58.30
C MET C 127 33.68 11.16 -58.84
N THR C 128 32.57 11.02 -58.11
CA THR C 128 31.30 11.56 -58.56
C THR C 128 31.28 13.09 -58.47
N ASP C 129 32.09 13.66 -57.58
CA ASP C 129 32.05 15.10 -57.32
C ASP C 129 33.45 15.59 -57.02
N LYS C 130 33.66 16.89 -57.22
CA LYS C 130 34.90 17.53 -56.83
C LYS C 130 34.65 18.31 -55.55
N LEU C 131 35.70 18.97 -55.06
CA LEU C 131 35.70 19.90 -53.90
C LEU C 131 35.07 19.30 -52.63
N ALA C 132 34.97 17.98 -52.54
CA ALA C 132 34.43 17.28 -51.39
C ALA C 132 35.48 16.33 -50.83
N PHE C 133 36.26 16.85 -49.88
CA PHE C 133 37.35 16.08 -49.29
C PHE C 133 36.81 14.93 -48.44
N ASP C 134 37.59 13.87 -48.35
CA ASP C 134 37.20 12.66 -47.63
C ASP C 134 37.79 12.69 -46.23
N VAL C 135 36.95 12.44 -45.25
CA VAL C 135 37.37 12.47 -43.85
C VAL C 135 38.14 11.20 -43.53
N GLY C 136 39.06 11.29 -42.58
CA GLY C 136 39.83 10.15 -42.18
C GLY C 136 40.48 10.36 -40.82
N LEU C 137 41.29 9.39 -40.43
CA LEU C 137 41.99 9.44 -39.15
C LEU C 137 43.40 9.96 -39.33
N GLN C 138 43.84 10.78 -38.37
CA GLN C 138 45.16 11.38 -38.40
C GLN C 138 45.91 10.96 -37.14
N GLU C 139 47.24 10.79 -37.29
CA GLU C 139 48.08 10.25 -36.23
C GLU C 139 48.14 11.19 -35.04
N ASP C 140 48.30 12.48 -35.29
CA ASP C 140 48.55 13.46 -34.25
C ASP C 140 47.53 14.59 -34.33
N ALA C 141 47.35 15.27 -33.20
CA ALA C 141 46.39 16.37 -33.09
C ALA C 141 46.94 17.70 -33.59
N THR C 142 48.16 17.73 -34.09
CA THR C 142 48.75 18.97 -34.60
C THR C 142 48.03 19.45 -35.85
N GLY C 143 47.98 20.77 -36.00
CA GLY C 143 47.30 21.40 -37.10
C GLY C 143 45.82 21.65 -36.80
N GLU C 144 45.18 22.33 -37.73
CA GLU C 144 43.77 22.69 -37.60
C GLU C 144 42.85 21.67 -38.25
N ALA C 145 43.39 20.62 -38.86
CA ALA C 145 42.56 19.64 -39.55
C ALA C 145 41.78 18.78 -38.57
N CYS C 146 42.31 18.55 -37.38
CA CYS C 146 41.69 17.65 -36.42
C CYS C 146 40.59 18.31 -35.60
N TRP C 147 40.31 19.59 -35.82
CA TRP C 147 39.34 20.33 -35.03
C TRP C 147 38.06 20.52 -35.84
N TRP C 148 36.93 20.18 -35.23
CA TRP C 148 35.62 20.38 -35.83
C TRP C 148 34.80 21.32 -34.96
N THR C 149 33.98 22.14 -35.60
CA THR C 149 33.11 23.07 -34.90
C THR C 149 31.65 22.67 -35.09
N MET C 150 30.92 22.56 -33.98
CA MET C 150 29.53 22.16 -34.03
C MET C 150 28.63 23.39 -33.90
N HIS C 151 27.55 23.39 -34.67
CA HIS C 151 26.65 24.52 -34.71
C HIS C 151 25.24 24.08 -34.38
N PRO C 152 24.39 24.97 -33.84
CA PRO C 152 22.99 24.61 -33.60
C PRO C 152 22.29 24.23 -34.90
N ALA C 153 21.39 23.25 -34.81
CA ALA C 153 20.66 22.78 -35.98
C ALA C 153 19.76 23.87 -36.55
N SER C 154 19.03 24.56 -35.70
CA SER C 154 18.12 25.61 -36.16
C SER C 154 18.02 26.65 -35.05
N LYS C 155 16.99 27.51 -35.15
CA LYS C 155 16.77 28.57 -34.18
C LYS C 155 16.38 28.07 -32.80
N GLN C 156 16.02 26.78 -32.65
CA GLN C 156 15.66 26.24 -31.34
C GLN C 156 16.84 26.23 -30.37
N ARG C 157 18.07 26.35 -30.87
CA ARG C 157 19.26 26.43 -30.05
C ARG C 157 20.11 27.59 -30.55
N SER C 158 20.92 28.15 -29.65
CA SER C 158 21.74 29.30 -29.96
C SER C 158 23.17 29.04 -29.54
N GLU C 159 24.10 29.75 -30.17
CA GLU C 159 25.50 29.63 -29.83
C GLU C 159 25.76 30.18 -28.42
N GLY C 160 26.58 29.46 -27.66
CA GLY C 160 26.94 29.88 -26.33
C GLY C 160 26.21 29.19 -25.20
N GLU C 161 25.37 28.22 -25.48
CA GLU C 161 24.69 27.45 -24.45
C GLU C 161 25.11 25.98 -24.56
N LYS C 162 25.08 25.30 -23.42
CA LYS C 162 25.50 23.91 -23.37
C LYS C 162 24.55 23.01 -24.16
N VAL C 163 25.12 21.97 -24.74
CA VAL C 163 24.40 21.03 -25.58
C VAL C 163 23.98 19.81 -24.75
N ARG C 164 22.73 19.39 -24.92
CA ARG C 164 22.18 18.22 -24.25
C ARG C 164 22.26 17.03 -25.19
N VAL C 165 22.10 15.83 -24.62
CA VAL C 165 22.13 14.61 -25.42
C VAL C 165 20.95 14.58 -26.39
N GLY C 166 21.13 13.87 -27.50
CA GLY C 166 20.08 13.78 -28.49
C GLY C 166 19.87 15.02 -29.33
N ASP C 167 20.62 16.09 -29.10
CA ASP C 167 20.48 17.31 -29.86
C ASP C 167 20.92 17.10 -31.31
N ASP C 168 20.16 17.66 -32.23
CA ASP C 168 20.57 17.65 -33.63
C ASP C 168 21.69 18.65 -33.85
N LEU C 169 22.74 18.23 -34.54
CA LEU C 169 23.96 19.02 -34.67
C LEU C 169 24.37 19.16 -36.13
N ILE C 170 25.20 20.18 -36.38
CA ILE C 170 25.84 20.40 -37.66
C ILE C 170 27.31 20.66 -37.38
N LEU C 171 28.18 19.83 -37.95
CA LEU C 171 29.62 19.88 -37.69
C LEU C 171 30.36 20.50 -38.87
N VAL C 172 31.20 21.49 -38.57
CA VAL C 172 31.94 22.24 -39.58
C VAL C 172 33.43 22.10 -39.29
N SER C 173 34.21 21.78 -40.32
CA SER C 173 35.65 21.69 -40.21
C SER C 173 36.28 23.04 -39.87
N VAL C 174 37.44 22.99 -39.23
CA VAL C 174 38.16 24.23 -38.99
C VAL C 174 39.11 24.53 -40.14
N SER C 175 39.78 23.51 -40.67
CA SER C 175 40.79 23.73 -41.70
C SER C 175 40.17 24.09 -43.04
N SER C 176 39.09 23.40 -43.43
CA SER C 176 38.48 23.64 -44.74
C SER C 176 37.09 24.24 -44.66
N GLU C 177 36.50 24.31 -43.46
CA GLU C 177 35.10 24.68 -43.19
C GLU C 177 34.12 24.16 -44.23
N ARG C 178 34.26 22.88 -44.53
CA ARG C 178 33.27 22.11 -45.27
C ARG C 178 32.47 21.29 -44.28
N TYR C 179 31.17 21.17 -44.54
CA TYR C 179 30.28 20.42 -43.67
C TYR C 179 30.61 18.93 -43.72
N LEU C 180 30.39 18.25 -42.60
CA LEU C 180 30.70 16.83 -42.52
C LEU C 180 29.49 16.08 -43.07
N HIS C 181 29.52 15.84 -44.38
CA HIS C 181 28.39 15.33 -45.15
C HIS C 181 28.51 13.81 -45.34
N LEU C 182 27.43 13.23 -45.88
CA LEU C 182 27.45 11.86 -46.39
C LEU C 182 26.99 11.90 -47.84
N SER C 183 27.83 11.38 -48.73
CA SER C 183 27.57 11.48 -50.17
C SER C 183 26.73 10.27 -50.58
N THR C 184 25.43 10.39 -50.32
CA THR C 184 24.44 9.38 -50.71
C THR C 184 24.26 9.28 -52.22
N ALA C 185 24.73 10.27 -52.99
CA ALA C 185 24.59 10.28 -54.44
C ALA C 185 25.32 9.11 -55.09
N SER C 186 26.41 8.65 -54.50
CA SER C 186 27.17 7.52 -55.00
C SER C 186 26.39 6.21 -54.82
N GLY C 187 27.00 5.12 -55.32
CA GLY C 187 26.36 3.81 -55.24
C GLY C 187 26.14 3.35 -53.81
N GLU C 188 27.14 3.53 -52.95
CA GLU C 188 27.03 3.19 -51.55
C GLU C 188 26.82 4.47 -50.75
N LEU C 189 26.83 4.36 -49.43
CA LEU C 189 26.62 5.49 -48.53
C LEU C 189 27.97 5.87 -47.90
N GLN C 190 28.67 6.79 -48.55
CA GLN C 190 29.99 7.22 -48.10
C GLN C 190 29.86 8.41 -47.15
N VAL C 191 31.00 8.97 -46.74
CA VAL C 191 31.07 10.19 -45.94
C VAL C 191 32.15 11.06 -46.55
N ASP C 192 31.85 12.35 -46.76
CA ASP C 192 32.80 13.29 -47.32
C ASP C 192 32.59 14.63 -46.67
N ALA C 193 33.61 15.49 -46.76
CA ALA C 193 33.51 16.86 -46.27
C ALA C 193 33.18 17.76 -47.43
N SER C 194 31.91 18.18 -47.51
CA SER C 194 31.45 19.00 -48.62
C SER C 194 30.68 20.20 -48.07
N PHE C 195 30.02 20.93 -48.96
CA PHE C 195 29.33 22.17 -48.60
C PHE C 195 27.85 21.96 -48.26
N MET C 196 27.37 20.73 -48.35
CA MET C 196 25.97 20.40 -48.03
C MET C 196 25.91 19.85 -46.61
N GLN C 197 25.24 20.59 -45.72
CA GLN C 197 25.23 20.22 -44.31
C GLN C 197 24.43 18.95 -44.06
N THR C 198 24.82 18.24 -43.00
CA THR C 198 24.15 17.03 -42.55
C THR C 198 23.89 17.13 -41.06
N LEU C 199 22.77 16.54 -40.62
CA LEU C 199 22.32 16.62 -39.25
C LEU C 199 22.86 15.40 -38.50
N TRP C 200 23.83 15.63 -37.62
CA TRP C 200 24.47 14.56 -36.87
C TRP C 200 23.97 14.51 -35.43
N ASN C 201 23.96 13.29 -34.88
CA ASN C 201 23.58 13.03 -33.50
C ASN C 201 24.78 12.47 -32.75
N MET C 202 25.05 13.04 -31.57
CA MET C 202 26.10 12.55 -30.68
C MET C 202 25.44 11.74 -29.57
N ASN C 203 25.19 10.47 -29.85
CA ASN C 203 24.60 9.62 -28.82
C ASN C 203 25.64 9.25 -27.77
N PRO C 204 25.36 9.47 -26.49
CA PRO C 204 26.32 9.11 -25.45
C PRO C 204 26.45 7.61 -25.30
N ILE C 205 27.61 7.17 -24.83
CA ILE C 205 27.90 5.78 -24.56
C ILE C 205 28.29 5.57 -23.11
N CYS C 206 29.21 6.41 -22.62
CA CYS C 206 29.69 6.35 -21.25
C CYS C 206 30.08 7.75 -20.79
N SER C 207 29.98 7.98 -19.48
CA SER C 207 30.38 9.25 -18.91
C SER C 207 31.58 9.11 -17.97
N CYS C 208 31.48 8.27 -16.94
CA CYS C 208 32.55 8.01 -15.99
C CYS C 208 32.16 6.81 -15.14
N CYS C 209 33.11 5.90 -14.93
CA CYS C 209 32.90 4.70 -14.14
C CYS C 209 33.75 4.73 -12.89
N GLU C 210 33.20 4.22 -11.79
CA GLU C 210 33.96 4.14 -10.55
C GLU C 210 35.04 3.05 -10.67
N GLU C 211 35.94 3.04 -9.69
CA GLU C 211 37.05 2.10 -9.68
C GLU C 211 36.53 0.67 -9.55
N GLY C 212 36.88 -0.16 -10.53
CA GLY C 212 36.57 -1.58 -10.49
C GLY C 212 35.11 -1.94 -10.57
N TYR C 213 34.36 -1.32 -11.48
CA TYR C 213 32.98 -1.71 -11.75
C TYR C 213 32.85 -2.09 -13.21
N VAL C 214 32.02 -3.10 -13.47
CA VAL C 214 31.89 -3.68 -14.81
C VAL C 214 30.79 -2.94 -15.56
N THR C 215 31.09 -2.53 -16.79
CA THR C 215 30.15 -1.79 -17.63
C THR C 215 30.09 -2.42 -19.01
N GLY C 216 29.05 -2.01 -19.75
CA GLY C 216 28.86 -2.52 -21.09
C GLY C 216 29.93 -2.04 -22.05
N GLY C 217 30.16 -2.83 -23.09
CA GLY C 217 31.17 -2.54 -24.10
C GLY C 217 32.58 -2.91 -23.71
N HIS C 218 32.82 -3.32 -22.47
CA HIS C 218 34.14 -3.65 -22.00
C HIS C 218 34.62 -5.00 -22.56
N VAL C 219 35.95 -5.13 -22.62
CA VAL C 219 36.64 -6.36 -23.00
C VAL C 219 37.29 -6.87 -21.73
N LEU C 220 37.03 -8.13 -21.40
CA LEU C 220 37.42 -8.67 -20.10
C LEU C 220 37.47 -10.18 -20.16
N ARG C 221 38.08 -10.77 -19.14
CA ARG C 221 38.16 -12.21 -19.00
C ARG C 221 37.18 -12.70 -17.93
N LEU C 222 36.62 -13.88 -18.19
CA LEU C 222 35.65 -14.56 -17.32
C LEU C 222 36.36 -15.69 -16.56
N PHE C 223 36.85 -15.40 -15.37
CA PHE C 223 37.47 -16.44 -14.56
C PHE C 223 36.47 -17.23 -13.73
N HIS C 224 36.66 -18.54 -13.68
CA HIS C 224 35.90 -19.38 -12.78
C HIS C 224 36.28 -19.02 -11.33
N GLY C 225 35.44 -19.46 -10.37
CA GLY C 225 35.68 -19.17 -8.96
C GLY C 225 37.02 -19.63 -8.42
N HIS C 226 37.59 -20.68 -9.02
CA HIS C 226 38.90 -21.18 -8.61
C HIS C 226 40.04 -20.21 -8.94
N MET C 227 39.80 -19.22 -9.81
CA MET C 227 40.75 -18.25 -10.37
C MET C 227 41.78 -18.89 -11.29
N ASP C 228 41.57 -20.13 -11.71
CA ASP C 228 42.46 -20.79 -12.66
C ASP C 228 41.77 -21.28 -13.92
N GLU C 229 40.47 -21.55 -13.87
CA GLU C 229 39.73 -21.86 -15.07
C GLU C 229 39.14 -20.58 -15.64
N CYS C 230 39.02 -20.54 -16.96
CA CYS C 230 38.75 -19.31 -17.70
C CYS C 230 38.28 -19.66 -19.11
N LEU C 231 37.16 -19.06 -19.48
CA LEU C 231 36.46 -19.40 -20.71
C LEU C 231 37.32 -19.06 -21.92
N THR C 232 37.62 -20.07 -22.73
CA THR C 232 38.37 -19.88 -23.98
C THR C 232 37.73 -20.71 -25.07
N ILE C 233 37.78 -20.21 -26.30
CA ILE C 233 37.45 -21.06 -27.44
C ILE C 233 38.72 -21.76 -27.86
N SER C 234 38.59 -22.76 -28.74
CA SER C 234 39.72 -23.53 -29.24
C SER C 234 40.79 -22.63 -29.88
N ALA C 235 42.02 -23.13 -29.87
CA ALA C 235 43.15 -22.37 -30.40
C ALA C 235 43.07 -22.28 -31.92
N ALA C 236 43.93 -21.43 -32.48
CA ALA C 236 43.91 -21.13 -33.91
C ALA C 236 44.30 -22.34 -34.74
N ASP C 237 43.70 -22.44 -35.92
CA ASP C 237 43.97 -23.47 -36.93
C ASP C 237 43.74 -24.87 -36.37
N SER C 238 42.48 -25.14 -36.01
CA SER C 238 42.10 -26.42 -35.45
C SER C 238 40.89 -26.98 -36.19
N ASP C 239 40.69 -28.29 -36.02
CA ASP C 239 39.57 -28.99 -36.64
C ASP C 239 38.22 -28.50 -36.14
N ASP C 240 38.15 -28.08 -34.88
CA ASP C 240 36.93 -27.61 -34.24
C ASP C 240 36.40 -26.31 -34.86
N GLN C 241 37.22 -25.62 -35.67
CA GLN C 241 36.94 -24.31 -36.28
C GLN C 241 36.72 -23.24 -35.22
N ARG C 242 37.32 -23.46 -34.02
CA ARG C 242 37.28 -22.55 -32.89
C ARG C 242 35.85 -22.20 -32.48
N ARG C 243 34.98 -23.22 -32.47
CA ARG C 243 33.56 -23.00 -32.23
C ARG C 243 33.03 -23.69 -30.97
N LEU C 244 33.91 -24.11 -30.06
CA LEU C 244 33.48 -24.73 -28.82
C LEU C 244 34.11 -24.01 -27.65
N VAL C 245 33.29 -23.67 -26.64
CA VAL C 245 33.77 -22.98 -25.45
C VAL C 245 34.28 -24.00 -24.44
N TYR C 246 35.31 -23.60 -23.69
CA TYR C 246 35.91 -24.45 -22.67
C TYR C 246 36.25 -23.60 -21.46
N TYR C 247 36.26 -24.24 -20.30
CA TYR C 247 36.77 -23.70 -19.04
C TYR C 247 38.25 -24.02 -18.92
N GLU C 248 39.02 -23.64 -19.94
CA GLU C 248 40.43 -24.00 -20.01
C GLU C 248 41.23 -23.27 -18.93
N GLY C 249 42.39 -23.82 -18.59
CA GLY C 249 43.22 -23.19 -17.58
C GLY C 249 44.68 -23.15 -18.01
N GLY C 250 45.51 -22.67 -17.08
CA GLY C 250 46.93 -22.55 -17.31
C GLY C 250 47.32 -21.19 -17.86
N ALA C 251 48.24 -21.18 -18.83
CA ALA C 251 48.71 -19.97 -19.46
C ALA C 251 47.90 -19.61 -20.70
N VAL C 252 46.83 -20.34 -20.98
CA VAL C 252 46.02 -20.11 -22.17
C VAL C 252 45.31 -18.77 -22.09
N CYS C 253 44.80 -18.41 -20.92
CA CYS C 253 44.06 -17.15 -20.77
C CYS C 253 44.92 -16.03 -20.21
N THR C 254 46.20 -16.03 -20.54
CA THR C 254 46.98 -14.80 -20.64
C THR C 254 47.18 -14.39 -22.08
N HIS C 255 46.64 -15.16 -23.01
CA HIS C 255 46.71 -14.89 -24.43
C HIS C 255 45.51 -14.05 -24.84
N ALA C 256 45.25 -13.94 -26.13
CA ALA C 256 44.16 -13.14 -26.66
C ALA C 256 42.88 -13.92 -26.91
N ARG C 257 42.93 -15.25 -26.85
CA ARG C 257 41.76 -16.06 -27.21
C ARG C 257 40.69 -16.06 -26.14
N SER C 258 40.94 -15.50 -24.96
CA SER C 258 39.98 -15.55 -23.86
C SER C 258 39.31 -14.21 -23.59
N LEU C 259 39.32 -13.29 -24.55
CA LEU C 259 38.81 -11.95 -24.32
C LEU C 259 37.39 -11.81 -24.88
N TRP C 260 36.45 -11.51 -23.99
CA TRP C 260 35.06 -11.32 -24.34
C TRP C 260 34.64 -9.88 -24.10
N ARG C 261 33.83 -9.36 -25.00
CA ARG C 261 33.29 -8.01 -24.95
C ARG C 261 31.79 -8.09 -24.70
N LEU C 262 31.36 -7.43 -23.62
CA LEU C 262 29.97 -7.39 -23.19
C LEU C 262 29.22 -6.38 -24.05
N GLU C 263 28.45 -6.86 -25.03
CA GLU C 263 27.79 -5.92 -25.93
C GLU C 263 26.29 -5.87 -25.68
N PRO C 264 25.77 -4.85 -24.95
CA PRO C 264 24.33 -4.83 -24.64
C PRO C 264 23.43 -4.60 -25.86
N LEU C 265 22.12 -4.58 -25.60
CA LEU C 265 21.12 -4.44 -26.64
C LEU C 265 20.74 -2.99 -26.92
N ARG C 266 21.39 -2.03 -26.26
CA ARG C 266 21.05 -0.63 -26.36
C ARG C 266 22.21 0.12 -27.00
N ILE C 267 21.89 0.95 -28.00
CA ILE C 267 22.95 1.72 -28.67
C ILE C 267 23.38 2.88 -27.80
N SER C 268 22.46 3.79 -27.50
CA SER C 268 22.74 4.88 -26.58
C SER C 268 22.93 4.33 -25.17
N TRP C 269 23.89 4.93 -24.45
CA TRP C 269 24.29 4.52 -23.10
C TRP C 269 24.71 3.04 -23.04
N SER C 270 25.40 2.59 -24.09
CA SER C 270 25.89 1.22 -24.14
C SER C 270 26.99 0.92 -23.13
N GLY C 271 27.57 1.94 -22.50
CA GLY C 271 28.64 1.72 -21.55
C GLY C 271 28.21 2.05 -20.13
N SER C 272 26.90 2.05 -19.89
CA SER C 272 26.38 2.28 -18.56
C SER C 272 26.70 1.11 -17.64
N HIS C 273 26.69 1.40 -16.33
CA HIS C 273 27.03 0.41 -15.31
C HIS C 273 26.11 -0.80 -15.41
N LEU C 274 26.71 -1.98 -15.31
CA LEU C 274 25.96 -3.22 -15.45
C LEU C 274 25.04 -3.45 -14.27
N ARG C 275 23.81 -3.83 -14.57
CA ARG C 275 22.83 -4.19 -13.56
C ARG C 275 22.53 -5.68 -13.73
N TRP C 276 22.29 -6.36 -12.61
CA TRP C 276 22.04 -7.79 -12.65
C TRP C 276 20.78 -8.13 -13.45
N GLY C 277 20.88 -9.20 -14.23
CA GLY C 277 19.74 -9.68 -15.00
C GLY C 277 19.28 -8.77 -16.12
N GLN C 278 20.20 -8.08 -16.79
CA GLN C 278 19.76 -7.34 -17.95
C GLN C 278 20.35 -7.94 -19.22
N PRO C 279 19.58 -7.97 -20.32
CA PRO C 279 20.06 -8.64 -21.54
C PRO C 279 21.30 -7.99 -22.10
N LEU C 280 22.21 -8.83 -22.61
CA LEU C 280 23.44 -8.40 -23.26
C LEU C 280 24.02 -9.57 -24.05
N ARG C 281 24.65 -9.26 -25.17
CA ARG C 281 25.31 -10.30 -25.94
C ARG C 281 26.74 -10.49 -25.43
N ILE C 282 27.39 -11.52 -25.95
CA ILE C 282 28.78 -11.85 -25.63
C ILE C 282 29.53 -12.00 -26.94
N ARG C 283 30.67 -11.31 -27.07
CA ARG C 283 31.44 -11.31 -28.31
C ARG C 283 32.89 -11.62 -28.03
N HIS C 284 33.45 -12.59 -28.75
CA HIS C 284 34.87 -12.88 -28.68
C HIS C 284 35.58 -11.93 -29.64
N VAL C 285 36.48 -11.09 -29.09
CA VAL C 285 37.01 -9.98 -29.90
C VAL C 285 37.86 -10.48 -31.07
N THR C 286 38.75 -11.45 -30.83
CA THR C 286 39.70 -11.87 -31.86
C THR C 286 39.03 -12.62 -33.01
N THR C 287 37.88 -13.24 -32.76
CA THR C 287 37.17 -13.98 -33.80
C THR C 287 35.92 -13.27 -34.31
N GLY C 288 35.38 -12.33 -33.54
CA GLY C 288 34.18 -11.64 -33.94
C GLY C 288 32.96 -12.54 -34.02
N ARG C 289 32.76 -13.35 -32.99
CA ARG C 289 31.63 -14.26 -32.93
C ARG C 289 30.94 -14.11 -31.58
N TYR C 290 29.66 -14.48 -31.56
CA TYR C 290 28.79 -14.26 -30.42
C TYR C 290 28.36 -15.57 -29.78
N LEU C 291 28.35 -15.59 -28.45
CA LEU C 291 27.84 -16.74 -27.71
C LEU C 291 26.37 -16.99 -28.02
N ALA C 292 26.02 -18.25 -28.29
CA ALA C 292 24.68 -18.60 -28.73
C ALA C 292 24.31 -20.00 -28.28
N LEU C 293 23.00 -20.25 -28.25
CA LEU C 293 22.41 -21.57 -28.01
C LEU C 293 21.80 -22.02 -29.33
N THR C 294 22.54 -22.83 -30.07
CA THR C 294 22.01 -23.34 -31.32
C THR C 294 21.28 -24.64 -31.07
N GLU C 295 20.45 -25.03 -32.04
CA GLU C 295 19.61 -26.21 -31.86
C GLU C 295 20.39 -27.51 -31.94
N ASP C 296 21.38 -27.58 -32.83
CA ASP C 296 22.07 -28.84 -33.11
C ASP C 296 23.36 -29.05 -32.33
N GLN C 297 23.94 -28.00 -31.75
CA GLN C 297 25.16 -28.15 -30.97
C GLN C 297 25.13 -27.40 -29.64
N GLY C 298 23.96 -26.95 -29.19
CA GLY C 298 23.84 -26.31 -27.89
C GLY C 298 24.61 -25.01 -27.80
N LEU C 299 25.38 -24.86 -26.73
CA LEU C 299 26.13 -23.62 -26.49
C LEU C 299 27.38 -23.60 -27.36
N VAL C 300 27.37 -22.77 -28.41
CA VAL C 300 28.51 -22.57 -29.28
C VAL C 300 28.66 -21.07 -29.53
N VAL C 301 29.63 -20.71 -30.38
CA VAL C 301 29.79 -19.34 -30.85
C VAL C 301 29.38 -19.29 -32.32
N VAL C 302 28.51 -18.34 -32.66
CA VAL C 302 27.94 -18.24 -33.98
C VAL C 302 28.46 -16.94 -34.59
N ASP C 303 28.48 -16.89 -35.93
CA ASP C 303 28.88 -15.69 -36.63
C ASP C 303 27.89 -14.57 -36.35
N ALA C 304 28.38 -13.32 -36.44
CA ALA C 304 27.54 -12.16 -36.22
C ALA C 304 26.44 -12.00 -37.26
N CYS C 305 26.55 -12.66 -38.42
CA CYS C 305 25.51 -12.57 -39.44
C CYS C 305 24.22 -13.27 -39.02
N LYS C 306 24.27 -14.17 -38.05
CA LYS C 306 23.13 -15.00 -37.67
C LYS C 306 22.94 -15.00 -36.16
N ALA C 307 23.00 -13.83 -35.55
CA ALA C 307 22.73 -13.65 -34.12
C ALA C 307 21.39 -12.93 -34.03
N HIS C 308 20.31 -13.70 -34.00
CA HIS C 308 18.95 -13.19 -34.05
C HIS C 308 18.43 -12.68 -32.70
N THR C 309 19.30 -12.47 -31.71
CA THR C 309 19.07 -11.83 -30.40
C THR C 309 18.18 -12.69 -29.48
N LYS C 310 17.66 -13.81 -29.96
CA LYS C 310 16.95 -14.76 -29.12
C LYS C 310 17.90 -15.77 -28.52
N ALA C 311 18.71 -16.42 -29.35
CA ALA C 311 19.66 -17.42 -28.87
C ALA C 311 20.93 -16.80 -28.30
N THR C 312 21.17 -15.50 -28.51
CA THR C 312 22.46 -14.92 -28.17
C THR C 312 22.42 -14.04 -26.93
N SER C 313 21.26 -13.62 -26.47
CA SER C 313 21.19 -12.77 -25.29
C SER C 313 21.52 -13.56 -24.02
N PHE C 314 22.05 -12.86 -23.03
CA PHE C 314 22.43 -13.46 -21.76
C PHE C 314 22.20 -12.45 -20.65
N CYS C 315 22.27 -12.92 -19.40
CA CYS C 315 22.09 -12.08 -18.23
C CYS C 315 23.01 -12.56 -17.14
N PHE C 316 23.35 -11.64 -16.24
CA PHE C 316 24.20 -11.91 -15.08
C PHE C 316 23.36 -11.78 -13.83
N ARG C 317 23.47 -12.77 -12.94
CA ARG C 317 22.62 -12.79 -11.75
C ARG C 317 23.39 -13.25 -10.54
N VAL C 318 23.09 -12.62 -9.40
CA VAL C 318 23.84 -12.89 -8.17
C VAL C 318 23.52 -14.27 -7.62
N SER C 319 22.25 -14.69 -7.67
CA SER C 319 21.82 -15.97 -7.10
C SER C 319 21.20 -16.84 -8.19
N LYS C 320 20.74 -18.02 -7.79
CA LYS C 320 20.23 -19.00 -8.71
C LYS C 320 18.70 -19.09 -8.70
N GLU C 321 18.02 -18.18 -8.01
CA GLU C 321 16.58 -18.18 -7.98
C GLU C 321 16.03 -17.60 -9.28
N LYS C 322 14.84 -18.06 -9.67
CA LYS C 322 14.24 -17.65 -10.94
C LYS C 322 13.75 -16.21 -10.88
N LEU C 323 14.33 -15.35 -11.72
CA LEU C 323 13.85 -13.98 -11.86
C LEU C 323 13.16 -13.80 -13.21
N PRO C 327 15.02 -8.49 -17.21
CA PRO C 327 14.93 -7.25 -17.97
C PRO C 327 14.15 -6.15 -17.25
N LYS C 328 14.80 -5.04 -16.99
CA LYS C 328 14.20 -3.88 -16.33
C LYS C 328 14.08 -2.75 -17.35
N ARG C 329 13.63 -1.59 -16.86
CA ARG C 329 13.52 -0.41 -17.71
C ARG C 329 14.87 0.28 -17.80
N ASP C 330 15.24 0.67 -19.03
CA ASP C 330 16.50 1.34 -19.27
C ASP C 330 16.53 2.71 -18.61
N VAL C 331 17.71 3.10 -18.13
CA VAL C 331 17.93 4.41 -17.53
C VAL C 331 18.82 5.22 -18.47
N GLU C 332 18.40 6.46 -18.76
CA GLU C 332 19.17 7.37 -19.61
C GLU C 332 20.21 8.08 -18.75
N GLY C 333 21.23 7.32 -18.37
CA GLY C 333 22.28 7.86 -17.53
C GLY C 333 23.36 6.83 -17.33
N MET C 334 24.27 7.15 -16.39
CA MET C 334 25.40 6.28 -16.10
C MET C 334 24.97 4.93 -15.54
N GLY C 335 23.81 4.87 -14.91
CA GLY C 335 23.30 3.64 -14.34
C GLY C 335 23.78 3.45 -12.91
N PRO C 336 23.22 2.45 -12.22
CA PRO C 336 23.64 2.18 -10.86
C PRO C 336 24.84 1.24 -10.83
N PRO C 337 25.89 1.60 -10.09
CA PRO C 337 27.07 0.71 -10.03
C PRO C 337 26.80 -0.54 -9.20
N GLU C 338 26.66 -1.68 -9.87
CA GLU C 338 26.25 -2.92 -9.22
C GLU C 338 27.34 -3.99 -9.26
N ILE C 339 27.83 -4.35 -10.43
CA ILE C 339 28.80 -5.43 -10.57
C ILE C 339 30.20 -4.86 -10.42
N LYS C 340 31.04 -5.57 -9.68
CA LYS C 340 32.41 -5.16 -9.45
C LYS C 340 33.40 -6.10 -10.12
N TYR C 341 34.64 -5.63 -10.23
CA TYR C 341 35.72 -6.39 -10.85
C TYR C 341 36.54 -7.09 -9.79
N GLY C 342 36.64 -8.41 -9.90
CA GLY C 342 37.37 -9.23 -8.96
C GLY C 342 36.56 -9.73 -7.78
N GLU C 343 35.34 -9.26 -7.61
CA GLU C 343 34.43 -9.72 -6.57
C GLU C 343 33.06 -9.87 -7.22
N SER C 344 32.03 -10.05 -6.38
CA SER C 344 30.62 -10.11 -6.79
C SER C 344 30.40 -11.22 -7.82
N LEU C 345 30.53 -12.46 -7.33
CA LEU C 345 30.36 -13.69 -8.10
C LEU C 345 29.09 -13.67 -8.93
N CYS C 346 29.24 -13.85 -10.24
CA CYS C 346 28.14 -13.77 -11.18
C CYS C 346 27.80 -15.15 -11.74
N PHE C 347 26.52 -15.39 -11.95
CA PHE C 347 26.03 -16.57 -12.64
C PHE C 347 25.46 -16.11 -13.97
N VAL C 348 25.90 -16.72 -15.06
CA VAL C 348 25.45 -16.32 -16.38
C VAL C 348 24.28 -17.21 -16.77
N GLN C 349 23.13 -16.60 -16.99
CA GLN C 349 21.92 -17.31 -17.38
C GLN C 349 21.44 -16.80 -18.73
N HIS C 350 21.23 -17.73 -19.66
CA HIS C 350 20.56 -17.40 -20.91
C HIS C 350 19.14 -16.95 -20.60
N VAL C 351 18.74 -15.81 -21.16
CA VAL C 351 17.46 -15.24 -20.76
C VAL C 351 16.29 -15.88 -21.51
N ALA C 352 16.49 -16.28 -22.77
CA ALA C 352 15.40 -16.88 -23.53
C ALA C 352 15.13 -18.32 -23.11
N SER C 353 16.16 -19.04 -22.66
CA SER C 353 15.98 -20.45 -22.30
C SER C 353 16.03 -20.71 -20.80
N GLY C 354 16.58 -19.80 -20.00
CA GLY C 354 16.67 -19.99 -18.58
C GLY C 354 17.74 -20.94 -18.11
N LEU C 355 18.55 -21.49 -19.02
CA LEU C 355 19.55 -22.48 -18.67
C LEU C 355 20.72 -21.83 -17.93
N TRP C 356 21.69 -22.64 -17.51
CA TRP C 356 22.84 -22.12 -16.77
C TRP C 356 24.12 -22.73 -17.34
N LEU C 357 25.18 -21.94 -17.40
CA LEU C 357 26.45 -22.41 -17.96
C LEU C 357 27.12 -23.34 -16.96
N THR C 358 27.77 -24.38 -17.48
CA THR C 358 28.38 -25.40 -16.62
C THR C 358 29.41 -26.18 -17.44
N TYR C 359 30.49 -26.58 -16.77
CA TYR C 359 31.48 -27.46 -17.37
C TYR C 359 30.87 -28.84 -17.59
N ALA C 360 31.22 -29.46 -18.73
CA ALA C 360 30.66 -30.76 -19.04
C ALA C 360 31.30 -31.83 -18.16
N ALA C 361 30.45 -32.66 -17.55
CA ALA C 361 30.94 -33.76 -16.71
C ALA C 361 31.75 -34.83 -17.45
N PRO C 362 31.36 -35.38 -18.62
CA PRO C 362 32.14 -36.49 -19.22
C PRO C 362 33.57 -36.10 -19.56
N ASP C 363 34.49 -37.05 -19.37
CA ASP C 363 35.90 -36.85 -19.70
C ASP C 363 36.48 -38.11 -20.32
N PRO C 364 36.76 -38.10 -21.63
CA PRO C 364 37.25 -39.31 -22.31
C PRO C 364 38.71 -39.64 -22.03
N LYS C 365 39.22 -40.64 -22.78
CA LYS C 365 40.59 -41.09 -22.67
C LYS C 365 41.61 -39.95 -22.85
N ALA C 366 41.30 -38.99 -23.73
CA ALA C 366 42.21 -37.86 -23.94
C ALA C 366 42.37 -37.05 -22.66
N LEU C 367 41.26 -36.81 -21.96
CA LEU C 367 41.27 -36.07 -20.71
C LEU C 367 41.66 -36.93 -19.51
N ARG C 368 41.81 -38.24 -19.71
CA ARG C 368 42.30 -39.11 -18.64
C ARG C 368 43.71 -38.71 -18.21
N LEU C 369 44.58 -38.40 -19.16
CA LEU C 369 45.93 -37.92 -18.85
C LEU C 369 46.18 -36.48 -19.28
N GLY C 370 45.56 -36.02 -20.37
CA GLY C 370 45.73 -34.66 -20.82
C GLY C 370 45.04 -33.66 -19.90
N VAL C 371 45.30 -32.38 -20.19
CA VAL C 371 44.73 -31.30 -19.40
C VAL C 371 43.22 -31.30 -19.55
N LEU C 372 42.52 -31.05 -18.45
CA LEU C 372 41.07 -31.06 -18.45
C LEU C 372 40.55 -29.80 -19.13
N LYS C 373 40.27 -29.91 -20.43
CA LYS C 373 39.61 -28.83 -21.15
C LYS C 373 38.10 -29.11 -21.04
N LYS C 374 37.56 -28.67 -19.91
CA LYS C 374 36.17 -28.89 -19.55
C LYS C 374 35.27 -28.09 -20.48
N LYS C 375 34.61 -28.77 -21.41
CA LYS C 375 33.71 -28.09 -22.34
C LYS C 375 32.55 -27.44 -21.59
N ALA C 376 32.26 -26.19 -21.94
CA ALA C 376 31.15 -25.49 -21.31
C ALA C 376 29.85 -25.91 -21.97
N ILE C 377 28.88 -26.30 -21.15
CA ILE C 377 27.55 -26.64 -21.65
C ILE C 377 26.54 -25.83 -20.85
N LEU C 378 25.54 -25.30 -21.55
CA LEU C 378 24.51 -24.49 -20.92
C LEU C 378 23.49 -25.44 -20.30
N HIS C 379 23.82 -25.93 -19.11
CA HIS C 379 23.01 -26.92 -18.40
C HIS C 379 21.66 -26.32 -18.00
N GLN C 380 20.65 -27.20 -17.92
CA GLN C 380 19.30 -26.77 -17.59
C GLN C 380 19.16 -26.27 -16.16
N GLU C 381 20.01 -26.74 -15.25
CA GLU C 381 19.98 -26.18 -13.90
C GLU C 381 21.35 -25.70 -13.43
N GLY C 382 22.41 -26.41 -13.80
CA GLY C 382 23.77 -26.04 -13.44
C GLY C 382 24.19 -26.54 -12.08
N HIS C 383 25.51 -26.66 -11.92
CA HIS C 383 26.10 -27.09 -10.66
C HIS C 383 26.26 -25.91 -9.72
N MET C 384 26.99 -26.12 -8.62
CA MET C 384 27.02 -25.17 -7.52
C MET C 384 28.10 -24.11 -7.70
N ASP C 385 29.31 -24.50 -8.10
CA ASP C 385 30.45 -23.59 -8.08
C ASP C 385 30.72 -22.93 -9.43
N ASP C 386 29.72 -22.81 -10.28
CA ASP C 386 29.92 -22.27 -11.62
C ASP C 386 29.85 -20.74 -11.66
N ALA C 387 29.98 -20.07 -10.52
CA ALA C 387 30.03 -18.61 -10.50
C ALA C 387 31.33 -18.09 -11.10
N LEU C 388 31.26 -16.92 -11.72
CA LEU C 388 32.39 -16.35 -12.43
C LEU C 388 32.81 -15.01 -11.86
N PHE C 389 34.13 -14.83 -11.71
CA PHE C 389 34.70 -13.51 -11.52
C PHE C 389 34.84 -12.82 -12.87
N LEU C 390 34.89 -11.50 -12.81
CA LEU C 390 35.16 -10.64 -13.95
C LEU C 390 36.45 -9.88 -13.76
N THR C 391 37.36 -9.97 -14.73
CA THR C 391 38.66 -9.32 -14.60
C THR C 391 38.93 -8.48 -15.83
N ARG C 392 39.33 -7.23 -15.61
CA ARG C 392 39.66 -6.32 -16.69
C ARG C 392 40.95 -6.72 -17.40
N CYS C 393 41.03 -6.38 -18.68
CA CYS C 393 42.25 -6.49 -19.46
C CYS C 393 42.73 -5.11 -19.84
N GLN C 394 44.04 -4.93 -19.87
CA GLN C 394 44.62 -3.63 -20.18
C GLN C 394 44.33 -3.22 -21.61
N GLN C 395 44.35 -1.89 -21.83
CA GLN C 395 43.99 -1.31 -23.12
C GLN C 395 44.92 -1.81 -24.22
N GLU C 396 46.18 -2.09 -23.87
CA GLU C 396 47.15 -2.58 -24.85
C GLU C 396 46.71 -3.93 -25.40
N GLU C 397 46.28 -4.82 -24.50
CA GLU C 397 45.85 -6.15 -24.91
C GLU C 397 44.54 -6.09 -25.68
N SER C 398 43.58 -5.29 -25.21
CA SER C 398 42.30 -5.17 -25.91
C SER C 398 42.47 -4.58 -27.32
N GLN C 399 43.28 -3.52 -27.44
CA GLN C 399 43.57 -2.92 -28.73
C GLN C 399 44.30 -3.91 -29.64
N ALA C 400 45.28 -4.63 -29.08
CA ALA C 400 46.04 -5.61 -29.86
C ALA C 400 45.11 -6.69 -30.38
N ALA C 401 44.23 -7.19 -29.50
CA ALA C 401 43.32 -8.27 -29.85
C ALA C 401 42.43 -7.85 -31.01
N ARG C 402 41.87 -6.64 -30.94
CA ARG C 402 41.08 -6.15 -32.07
C ARG C 402 41.93 -6.04 -33.34
N MET C 403 43.24 -5.76 -33.18
CA MET C 403 44.11 -5.63 -34.35
C MET C 403 44.27 -6.96 -35.05
N ILE C 404 44.43 -8.06 -34.30
CA ILE C 404 44.57 -9.38 -34.94
C ILE C 404 43.31 -9.69 -35.75
N HIS C 405 42.13 -9.45 -35.15
CA HIS C 405 40.86 -9.76 -35.82
C HIS C 405 40.68 -8.99 -37.13
N SER C 406 41.03 -7.70 -37.15
CA SER C 406 41.02 -6.96 -38.41
C SER C 406 42.11 -7.42 -39.39
N THR C 407 43.31 -7.69 -38.86
CA THR C 407 44.45 -8.03 -39.69
C THR C 407 44.28 -9.38 -40.35
N ALA C 408 43.71 -10.34 -39.61
CA ALA C 408 43.50 -11.68 -40.13
C ALA C 408 42.57 -11.63 -41.32
N GLY C 409 41.49 -10.86 -41.21
CA GLY C 409 40.55 -10.76 -42.31
C GLY C 409 41.18 -10.12 -43.53
N LEU C 410 42.05 -9.12 -43.31
CA LEU C 410 42.67 -8.43 -44.44
C LEU C 410 43.72 -9.29 -45.13
N TYR C 411 44.36 -10.18 -44.39
CA TYR C 411 45.35 -11.03 -45.03
C TYR C 411 44.76 -12.31 -45.56
N ASN C 412 43.74 -12.87 -44.91
CA ASN C 412 43.03 -14.00 -45.48
C ASN C 412 42.41 -13.62 -46.81
N GLN C 413 41.78 -12.43 -46.88
CA GLN C 413 41.26 -11.92 -48.15
C GLN C 413 42.39 -11.71 -49.17
N PHE C 414 43.54 -11.20 -48.73
CA PHE C 414 44.68 -11.05 -49.61
C PHE C 414 45.18 -12.40 -50.13
N ILE C 415 45.21 -13.41 -49.26
CA ILE C 415 45.69 -14.74 -49.63
C ILE C 415 44.76 -15.36 -50.67
N LYS C 416 43.44 -15.29 -50.42
CA LYS C 416 42.46 -15.86 -51.35
C LYS C 416 42.55 -15.19 -52.71
N GLY C 417 42.75 -13.86 -52.73
CA GLY C 417 42.92 -13.19 -54.00
C GLY C 417 44.20 -13.65 -54.68
N LEU C 418 45.25 -13.90 -53.88
CA LEU C 418 46.55 -14.26 -54.43
C LEU C 418 46.50 -15.59 -55.15
N ASP C 419 45.97 -16.63 -54.48
CA ASP C 419 45.98 -17.93 -55.15
C ASP C 419 44.82 -18.06 -56.14
N SER C 420 43.92 -17.08 -56.20
CA SER C 420 42.88 -17.11 -57.22
C SER C 420 43.48 -17.06 -58.62
N PHE C 421 44.53 -16.25 -58.82
CA PHE C 421 45.25 -16.21 -60.09
C PHE C 421 46.58 -16.96 -60.03
N SER C 422 46.63 -18.06 -59.27
CA SER C 422 47.86 -18.86 -59.11
C SER C 422 48.41 -19.34 -60.45
N GLY C 423 47.55 -19.88 -61.30
CA GLY C 423 47.95 -20.15 -62.67
C GLY C 423 47.32 -19.09 -63.55
N LYS C 424 46.75 -19.51 -64.69
CA LYS C 424 45.98 -18.68 -65.61
C LYS C 424 46.72 -17.43 -66.08
N PRO C 425 47.73 -17.54 -66.95
CA PRO C 425 48.43 -16.34 -67.42
C PRO C 425 47.49 -15.34 -68.08
N ARG C 426 47.55 -14.10 -67.60
CA ARG C 426 46.66 -13.05 -68.07
C ARG C 426 46.89 -12.71 -69.53
N GLY C 427 48.16 -12.61 -69.93
CA GLY C 427 48.46 -12.24 -71.30
C GLY C 427 48.36 -10.74 -71.49
N SER C 428 47.41 -10.30 -72.32
CA SER C 428 47.20 -8.87 -72.56
C SER C 428 45.78 -8.45 -72.23
N GLY C 429 45.06 -9.22 -71.41
CA GLY C 429 43.71 -8.89 -71.06
C GLY C 429 43.59 -8.31 -69.67
N PRO C 430 42.41 -8.45 -69.05
CA PRO C 430 42.22 -7.95 -67.69
C PRO C 430 42.64 -9.00 -66.67
N PRO C 431 42.79 -8.63 -65.39
CA PRO C 431 43.12 -9.62 -64.35
C PRO C 431 42.04 -10.69 -64.18
N ALA C 432 42.39 -11.67 -63.34
CA ALA C 432 41.53 -12.85 -63.13
C ALA C 432 40.19 -12.48 -62.51
N GLY C 433 40.23 -11.94 -61.29
CA GLY C 433 39.01 -11.64 -60.58
C GLY C 433 39.03 -10.29 -59.90
N PRO C 434 38.55 -10.24 -58.64
CA PRO C 434 38.55 -8.98 -57.89
C PRO C 434 39.96 -8.46 -57.63
N ALA C 435 40.07 -7.14 -57.61
CA ALA C 435 41.36 -6.47 -57.46
C ALA C 435 41.96 -6.76 -56.08
N LEU C 436 43.28 -6.97 -56.06
CA LEU C 436 43.99 -7.20 -54.81
C LEU C 436 43.99 -5.96 -53.94
N PRO C 437 43.73 -6.09 -52.63
CA PRO C 437 43.81 -4.94 -51.73
C PRO C 437 45.26 -4.52 -51.45
N ILE C 438 45.97 -4.09 -52.50
CA ILE C 438 47.39 -3.79 -52.41
C ILE C 438 47.64 -2.60 -51.49
N GLU C 439 46.89 -1.51 -51.68
CA GLU C 439 47.09 -0.30 -50.89
C GLU C 439 46.78 -0.54 -49.42
N ALA C 440 45.70 -1.27 -49.15
CA ALA C 440 45.31 -1.59 -47.78
C ALA C 440 46.35 -2.47 -47.11
N VAL C 441 46.89 -3.46 -47.84
CA VAL C 441 47.86 -4.37 -47.26
C VAL C 441 49.16 -3.61 -46.98
N ILE C 442 49.60 -2.77 -47.92
CA ILE C 442 50.84 -1.99 -47.76
C ILE C 442 50.74 -1.08 -46.54
N LEU C 443 49.60 -0.39 -46.40
CA LEU C 443 49.39 0.48 -45.25
C LEU C 443 49.37 -0.32 -43.95
N SER C 444 48.72 -1.48 -43.96
CA SER C 444 48.64 -2.33 -42.77
C SER C 444 50.02 -2.84 -42.37
N LEU C 445 50.83 -3.23 -43.35
CA LEU C 445 52.20 -3.66 -43.07
C LEU C 445 53.03 -2.54 -42.47
N GLN C 446 52.92 -1.33 -43.03
CA GLN C 446 53.70 -0.22 -42.49
C GLN C 446 53.24 0.17 -41.09
N ASP C 447 51.95 -0.06 -40.81
CA ASP C 447 51.42 0.17 -39.48
C ASP C 447 51.93 -0.87 -38.50
N LEU C 448 51.96 -2.14 -38.90
CA LEU C 448 52.41 -3.17 -37.97
C LEU C 448 53.91 -3.06 -37.73
N ILE C 449 54.68 -2.69 -38.75
CA ILE C 449 56.13 -2.49 -38.57
C ILE C 449 56.38 -1.38 -37.56
N GLY C 450 55.66 -0.26 -37.69
CA GLY C 450 55.79 0.74 -36.64
C GLY C 450 55.17 0.33 -35.33
N TYR C 451 54.22 -0.59 -35.35
CA TYR C 451 53.65 -1.10 -34.11
C TYR C 451 54.66 -1.94 -33.35
N PHE C 452 55.53 -2.63 -34.08
CA PHE C 452 56.51 -3.52 -33.48
C PHE C 452 57.94 -2.99 -33.56
N GLU C 453 58.11 -1.68 -33.75
CA GLU C 453 59.46 -1.12 -33.84
C GLU C 453 60.17 -1.29 -32.49
N PRO C 454 61.43 -1.73 -32.48
CA PRO C 454 62.14 -1.84 -31.21
C PRO C 454 62.33 -0.49 -30.56
N PRO C 455 62.33 -0.44 -29.23
CA PRO C 455 62.51 0.84 -28.53
C PRO C 455 63.91 1.40 -28.72
N SER C 456 64.00 2.72 -28.67
CA SER C 456 65.28 3.41 -28.86
C SER C 456 66.22 3.18 -27.68
N GLU C 457 67.52 3.25 -27.97
CA GLU C 457 68.53 3.00 -26.95
C GLU C 457 68.68 4.15 -25.96
N GLU C 458 68.32 5.37 -26.37
CA GLU C 458 68.47 6.55 -25.52
C GLU C 458 67.52 6.58 -24.34
N LEU C 459 66.51 5.71 -24.33
CA LEU C 459 65.53 5.65 -23.25
C LEU C 459 66.19 5.21 -21.95
N GLN C 460 65.63 5.69 -20.84
CA GLN C 460 66.10 5.25 -19.53
C GLN C 460 65.80 3.77 -19.35
N HIS C 461 66.61 3.11 -18.52
CA HIS C 461 66.50 1.67 -18.31
C HIS C 461 65.15 1.24 -17.78
N GLU C 462 64.57 2.00 -16.85
CA GLU C 462 63.25 1.70 -16.30
C GLU C 462 62.17 1.76 -17.37
N GLU C 463 62.21 2.76 -18.24
CA GLU C 463 61.20 2.89 -19.27
C GLU C 463 61.43 1.87 -20.37
N LYS C 464 62.70 1.60 -20.65
CA LYS C 464 63.09 0.69 -21.72
C LYS C 464 62.60 -0.72 -21.44
N GLN C 465 62.81 -1.21 -20.21
CA GLN C 465 62.43 -2.60 -19.91
C GLN C 465 60.92 -2.76 -20.02
N SER C 466 60.15 -1.78 -19.54
CA SER C 466 58.70 -1.82 -19.66
C SER C 466 58.26 -1.82 -21.13
N LYS C 467 59.05 -1.17 -22.00
CA LYS C 467 58.71 -1.23 -23.41
C LYS C 467 59.11 -2.56 -24.02
N LEU C 468 60.15 -3.19 -23.47
CA LEU C 468 60.49 -4.55 -23.88
C LEU C 468 59.36 -5.51 -23.54
N ARG C 469 58.83 -5.40 -22.31
CA ARG C 469 57.70 -6.22 -21.89
C ARG C 469 56.49 -6.02 -22.80
N SER C 470 56.18 -4.76 -23.12
CA SER C 470 55.08 -4.47 -24.04
C SER C 470 55.32 -5.06 -25.43
N LEU C 471 56.56 -4.99 -25.93
CA LEU C 471 56.88 -5.51 -27.25
C LEU C 471 56.82 -7.03 -27.29
N ARG C 472 57.42 -7.70 -26.29
CA ARG C 472 57.42 -9.15 -26.23
C ARG C 472 56.01 -9.69 -26.08
N ASN C 473 55.20 -9.05 -25.23
CA ASN C 473 53.83 -9.49 -25.03
C ASN C 473 53.01 -9.35 -26.31
N ARG C 474 53.17 -8.22 -27.02
CA ARG C 474 52.41 -8.02 -28.26
C ARG C 474 52.82 -9.03 -29.33
N GLN C 475 54.12 -9.29 -29.43
CA GLN C 475 54.63 -10.24 -30.42
C GLN C 475 54.13 -11.64 -30.14
N SER C 476 54.16 -12.04 -28.86
CA SER C 476 53.70 -13.38 -28.49
C SER C 476 52.21 -13.51 -28.74
N LEU C 477 51.44 -12.46 -28.46
CA LEU C 477 50.00 -12.50 -28.71
C LEU C 477 49.69 -12.69 -30.20
N PHE C 478 50.45 -12.00 -31.06
CA PHE C 478 50.27 -12.15 -32.51
C PHE C 478 50.62 -13.56 -32.98
N GLN C 479 51.75 -14.09 -32.51
CA GLN C 479 52.15 -15.43 -32.90
C GLN C 479 51.15 -16.46 -32.39
N GLU C 480 50.71 -16.31 -31.13
CA GLU C 480 49.79 -17.28 -30.56
C GLU C 480 48.43 -17.21 -31.25
N GLU C 481 48.07 -16.04 -31.80
CA GLU C 481 46.84 -15.96 -32.58
C GLU C 481 47.05 -16.33 -34.03
N GLY C 482 48.24 -16.78 -34.40
CA GLY C 482 48.43 -17.23 -35.77
C GLY C 482 48.79 -16.21 -36.83
N MET C 483 49.02 -14.96 -36.45
CA MET C 483 49.40 -13.96 -37.44
C MET C 483 50.75 -14.27 -38.07
N LEU C 484 51.66 -14.88 -37.30
CA LEU C 484 52.95 -15.28 -37.83
C LEU C 484 52.80 -16.38 -38.88
N SER C 485 51.90 -17.33 -38.67
CA SER C 485 51.68 -18.35 -39.69
C SER C 485 51.07 -17.75 -40.95
N LEU C 486 50.14 -16.79 -40.76
CA LEU C 486 49.46 -16.20 -41.90
C LEU C 486 50.45 -15.43 -42.76
N VAL C 487 51.36 -14.69 -42.11
CA VAL C 487 52.35 -13.97 -42.91
C VAL C 487 53.29 -14.96 -43.59
N LEU C 488 53.63 -16.09 -42.92
CA LEU C 488 54.51 -17.08 -43.55
C LEU C 488 53.90 -17.58 -44.85
N ASN C 489 52.57 -17.79 -44.83
CA ASN C 489 51.87 -18.14 -46.06
C ASN C 489 51.95 -17.01 -47.08
N CYS C 490 51.91 -15.76 -46.60
CA CYS C 490 51.95 -14.62 -47.53
C CYS C 490 53.28 -14.60 -48.30
N ILE C 491 54.41 -14.82 -47.59
CA ILE C 491 55.70 -14.93 -48.29
C ILE C 491 55.71 -16.14 -49.21
N ASP C 492 55.10 -17.25 -48.77
CA ASP C 492 55.07 -18.48 -49.57
C ASP C 492 54.37 -18.24 -50.90
N ARG C 493 53.20 -17.61 -50.86
CA ARG C 493 52.46 -17.30 -52.07
C ARG C 493 53.21 -16.31 -52.97
N LEU C 494 53.82 -15.27 -52.37
CA LEU C 494 54.52 -14.29 -53.19
C LEU C 494 55.82 -14.82 -53.80
N ASN C 495 56.46 -15.80 -53.17
CA ASN C 495 57.79 -16.19 -53.60
C ASN C 495 57.83 -17.02 -54.87
N VAL C 496 56.69 -17.59 -55.31
CA VAL C 496 56.69 -18.46 -56.48
C VAL C 496 57.06 -17.75 -57.77
N TYR C 497 56.95 -16.42 -57.83
CA TYR C 497 57.27 -15.65 -59.01
C TYR C 497 58.67 -15.06 -58.89
N THR C 498 59.49 -15.26 -59.92
CA THR C 498 60.89 -14.86 -59.85
C THR C 498 61.04 -13.35 -59.88
N THR C 499 60.36 -12.68 -60.81
CA THR C 499 60.51 -11.25 -61.01
C THR C 499 59.16 -10.56 -61.03
N ALA C 500 59.22 -9.23 -60.95
CA ALA C 500 58.02 -8.40 -60.98
C ALA C 500 57.27 -8.56 -62.29
N ALA C 501 58.00 -8.62 -63.41
CA ALA C 501 57.37 -8.86 -64.72
C ALA C 501 56.65 -10.20 -64.73
N HIS C 502 57.25 -11.22 -64.12
CA HIS C 502 56.60 -12.52 -64.01
C HIS C 502 55.35 -12.44 -63.15
N PHE C 503 55.35 -11.56 -62.15
CA PHE C 503 54.13 -11.35 -61.37
C PHE C 503 53.09 -10.61 -62.20
N ALA C 504 53.56 -9.70 -63.07
CA ALA C 504 52.68 -8.92 -63.92
C ALA C 504 51.93 -9.82 -64.90
N GLU C 505 52.59 -10.89 -65.35
CA GLU C 505 51.98 -11.80 -66.31
C GLU C 505 50.84 -12.61 -65.71
N TYR C 506 50.70 -12.61 -64.38
CA TYR C 506 49.69 -13.39 -63.67
C TYR C 506 48.72 -12.55 -62.86
N ALA C 507 49.03 -11.28 -62.60
CA ALA C 507 48.12 -10.44 -61.82
C ALA C 507 47.89 -9.06 -62.41
N GLY C 508 48.68 -8.63 -63.39
CA GLY C 508 48.48 -7.32 -63.99
C GLY C 508 49.71 -6.45 -63.87
N GLU C 509 49.85 -5.49 -64.77
CA GLU C 509 51.00 -4.59 -64.73
C GLU C 509 50.96 -3.65 -63.53
N GLU C 510 49.76 -3.27 -63.08
CA GLU C 510 49.62 -2.37 -61.94
C GLU C 510 50.09 -3.01 -60.63
N ALA C 511 50.03 -4.34 -60.54
CA ALA C 511 50.51 -5.04 -59.36
C ALA C 511 52.00 -5.36 -59.42
N ALA C 512 52.66 -5.06 -60.53
CA ALA C 512 54.09 -5.34 -60.65
C ALA C 512 54.95 -4.36 -59.87
N GLU C 513 54.54 -3.10 -59.79
CA GLU C 513 55.32 -2.08 -59.10
C GLU C 513 55.37 -2.32 -57.61
N SER C 514 54.29 -2.84 -57.03
CA SER C 514 54.18 -3.05 -55.60
C SER C 514 54.70 -4.39 -55.12
N TRP C 515 55.09 -5.30 -56.05
CA TRP C 515 55.56 -6.62 -55.67
C TRP C 515 56.85 -6.56 -54.84
N LYS C 516 57.82 -5.77 -55.29
CA LYS C 516 59.08 -5.62 -54.56
C LYS C 516 58.85 -4.98 -53.20
N GLU C 517 58.01 -3.95 -53.15
CA GLU C 517 57.73 -3.27 -51.90
C GLU C 517 57.02 -4.19 -50.93
N ILE C 518 56.07 -4.99 -51.44
CA ILE C 518 55.26 -5.79 -50.55
C ILE C 518 56.04 -7.01 -50.08
N VAL C 519 57.12 -7.40 -50.77
CA VAL C 519 57.89 -8.51 -50.24
C VAL C 519 58.92 -8.00 -49.23
N ASN C 520 59.45 -6.78 -49.45
CA ASN C 520 60.32 -6.18 -48.44
C ASN C 520 59.56 -5.94 -47.14
N LEU C 521 58.34 -5.42 -47.24
CA LEU C 521 57.57 -5.11 -46.03
C LEU C 521 57.25 -6.38 -45.25
N LEU C 522 56.93 -7.47 -45.97
CA LEU C 522 56.67 -8.74 -45.29
C LEU C 522 57.89 -9.24 -44.55
N TYR C 523 59.07 -9.14 -45.17
CA TYR C 523 60.29 -9.56 -44.48
C TYR C 523 60.59 -8.70 -43.26
N GLU C 524 60.41 -7.38 -43.36
CA GLU C 524 60.58 -6.50 -42.20
C GLU C 524 59.58 -6.81 -41.09
N LEU C 525 58.32 -7.10 -41.45
CA LEU C 525 57.34 -7.50 -40.45
C LEU C 525 57.70 -8.81 -39.79
N LEU C 526 58.19 -9.79 -40.57
CA LEU C 526 58.60 -11.07 -40.00
C LEU C 526 59.77 -10.88 -39.03
N ALA C 527 60.73 -10.04 -39.42
CA ALA C 527 61.87 -9.74 -38.55
C ALA C 527 61.41 -9.08 -37.27
N SER C 528 60.45 -8.14 -37.36
CA SER C 528 60.00 -7.47 -36.15
C SER C 528 59.20 -8.42 -35.27
N LEU C 529 58.43 -9.34 -35.89
CA LEU C 529 57.64 -10.31 -35.14
C LEU C 529 58.50 -11.30 -34.39
N ILE C 530 59.72 -11.55 -34.86
CA ILE C 530 60.54 -12.59 -34.26
C ILE C 530 61.74 -12.06 -33.51
N ARG C 531 62.11 -10.79 -33.69
CA ARG C 531 63.29 -10.21 -33.09
C ARG C 531 63.23 -10.20 -31.57
N GLY C 532 64.09 -10.98 -30.93
CA GLY C 532 64.20 -11.00 -29.49
C GLY C 532 63.40 -12.08 -28.80
N ASN C 533 62.50 -12.76 -29.51
CA ASN C 533 61.69 -13.81 -28.92
C ASN C 533 62.38 -15.15 -29.05
N ARG C 534 62.65 -15.78 -27.90
CA ARG C 534 63.13 -17.16 -27.90
C ARG C 534 62.05 -18.09 -28.44
N ALA C 535 60.80 -17.84 -28.06
CA ALA C 535 59.70 -18.72 -28.46
C ALA C 535 59.43 -18.60 -29.95
N ASN C 536 59.31 -17.36 -30.45
CA ASN C 536 58.97 -17.20 -31.86
C ASN C 536 60.15 -17.59 -32.76
N CYS C 537 61.38 -17.29 -32.32
CA CYS C 537 62.55 -17.74 -33.07
C CYS C 537 62.66 -19.26 -33.09
N ALA C 538 62.21 -19.93 -32.02
CA ALA C 538 62.28 -21.39 -31.96
C ALA C 538 61.38 -22.05 -33.00
N LEU C 539 60.35 -21.35 -33.48
CA LEU C 539 59.43 -21.91 -34.47
C LEU C 539 60.07 -22.15 -35.83
N PHE C 540 61.25 -21.61 -36.09
CA PHE C 540 61.92 -21.82 -37.36
C PHE C 540 62.85 -23.04 -37.33
N SER C 541 62.98 -23.70 -36.18
CA SER C 541 63.82 -24.88 -36.07
C SER C 541 63.31 -26.04 -36.89
N THR C 542 62.01 -26.08 -37.21
CA THR C 542 61.45 -27.16 -38.00
C THR C 542 61.57 -26.89 -39.49
N ASN C 543 61.37 -25.64 -39.91
CA ASN C 543 61.41 -25.26 -41.30
C ASN C 543 62.54 -24.27 -41.56
N LEU C 544 63.72 -24.57 -41.01
CA LEU C 544 64.88 -23.69 -41.20
C LEU C 544 65.32 -23.63 -42.67
N ASP C 545 65.09 -24.70 -43.43
CA ASP C 545 65.44 -24.70 -44.86
C ASP C 545 64.60 -23.72 -45.66
N TRP C 546 63.43 -23.34 -45.14
CA TRP C 546 62.56 -22.39 -45.82
C TRP C 546 63.22 -21.03 -45.99
N VAL C 547 63.92 -20.56 -44.95
CA VAL C 547 64.56 -19.25 -45.05
C VAL C 547 65.93 -19.35 -45.70
N VAL C 548 66.65 -20.46 -45.51
CA VAL C 548 67.98 -20.62 -46.10
C VAL C 548 67.86 -20.71 -47.61
N SER C 549 66.82 -21.40 -48.10
CA SER C 549 66.63 -21.53 -49.54
C SER C 549 66.33 -20.20 -50.23
N LYS C 550 65.82 -19.22 -49.50
CA LYS C 550 65.52 -17.91 -50.07
C LYS C 550 66.69 -16.95 -50.07
N LEU C 551 67.84 -17.37 -49.51
CA LEU C 551 68.99 -16.50 -49.34
C LEU C 551 69.59 -16.02 -50.65
N ASP C 552 69.31 -16.69 -51.76
CA ASP C 552 69.85 -16.31 -53.05
C ASP C 552 68.94 -15.39 -53.85
N ARG C 553 67.73 -15.12 -53.36
CA ARG C 553 66.83 -14.20 -54.05
C ARG C 553 67.38 -12.79 -53.98
N LEU C 554 67.29 -12.06 -55.10
CA LEU C 554 67.87 -10.73 -55.18
C LEU C 554 66.88 -9.61 -54.91
N GLU C 555 65.57 -9.87 -55.02
CA GLU C 555 64.58 -8.82 -54.79
C GLU C 555 64.60 -8.31 -53.35
N ALA C 556 64.77 -9.21 -52.38
CA ALA C 556 64.91 -8.85 -50.96
C ALA C 556 66.00 -9.74 -50.35
N SER C 557 67.24 -9.27 -50.41
CA SER C 557 68.37 -9.99 -49.84
C SER C 557 68.70 -9.59 -48.41
N SER C 558 68.69 -8.28 -48.13
CA SER C 558 68.93 -7.81 -46.77
C SER C 558 67.80 -8.17 -45.83
N GLY C 559 66.56 -8.20 -46.31
CA GLY C 559 65.45 -8.53 -45.44
C GLY C 559 65.52 -9.96 -44.92
N ILE C 560 65.78 -10.91 -45.83
CA ILE C 560 65.88 -12.31 -45.43
C ILE C 560 67.13 -12.51 -44.59
N LEU C 561 68.24 -11.81 -44.92
CA LEU C 561 69.46 -11.93 -44.13
C LEU C 561 69.23 -11.42 -42.71
N GLU C 562 68.46 -10.35 -42.55
CA GLU C 562 68.09 -9.85 -41.24
C GLU C 562 67.23 -10.85 -40.48
N VAL C 563 66.30 -11.52 -41.18
CA VAL C 563 65.46 -12.53 -40.54
C VAL C 563 66.30 -13.68 -40.03
N LEU C 564 67.24 -14.14 -40.86
CA LEU C 564 68.15 -15.22 -40.46
C LEU C 564 69.00 -14.80 -39.26
N TYR C 565 69.50 -13.56 -39.29
CA TYR C 565 70.35 -13.07 -38.20
C TYR C 565 69.57 -13.03 -36.89
N CYS C 566 68.30 -12.60 -36.96
CA CYS C 566 67.46 -12.52 -35.77
C CYS C 566 67.18 -13.91 -35.22
N VAL C 567 66.99 -14.90 -36.10
CA VAL C 567 66.72 -16.26 -35.63
C VAL C 567 67.94 -16.81 -34.91
N LEU C 568 69.11 -16.69 -35.56
CA LEU C 568 70.34 -17.30 -35.05
C LEU C 568 70.78 -16.66 -33.75
N ILE C 569 70.66 -15.33 -33.62
CA ILE C 569 71.18 -14.64 -32.44
C ILE C 569 70.36 -14.98 -31.20
N GLU C 570 69.16 -15.54 -31.37
CA GLU C 570 68.23 -15.74 -30.28
C GLU C 570 68.02 -17.20 -29.90
N SER C 571 67.92 -18.12 -30.87
CA SER C 571 67.61 -19.50 -30.50
C SER C 571 68.80 -20.43 -30.71
N PRO C 572 69.43 -20.93 -29.63
CA PRO C 572 70.49 -21.93 -29.78
C PRO C 572 70.03 -23.24 -30.41
N GLU C 573 68.78 -23.63 -30.18
CA GLU C 573 68.26 -24.87 -30.75
C GLU C 573 68.20 -24.86 -32.26
N VAL C 574 68.14 -23.67 -32.87
CA VAL C 574 68.24 -23.55 -34.32
C VAL C 574 69.63 -23.93 -34.80
N LEU C 575 70.66 -23.63 -34.01
CA LEU C 575 72.05 -23.89 -34.40
C LEU C 575 72.30 -25.38 -34.58
N ASN C 576 71.74 -26.21 -33.70
CA ASN C 576 71.97 -27.65 -33.80
C ASN C 576 71.37 -28.27 -35.06
N ILE C 577 70.41 -27.57 -35.70
CA ILE C 577 69.82 -28.03 -36.97
C ILE C 577 70.69 -27.67 -38.17
N ILE C 578 71.66 -26.77 -37.99
CA ILE C 578 72.49 -26.29 -39.10
C ILE C 578 73.32 -27.43 -39.66
N GLN C 579 73.33 -27.57 -40.99
CA GLN C 579 74.08 -28.59 -41.69
C GLN C 579 75.07 -27.96 -42.68
N GLU C 580 75.80 -28.86 -43.34
CA GLU C 580 76.78 -28.45 -44.34
C GLU C 580 76.13 -27.77 -45.53
N ASN C 581 74.87 -28.11 -45.82
CA ASN C 581 74.13 -27.48 -46.92
C ASN C 581 73.94 -26.01 -46.60
N HIS C 582 73.60 -25.72 -45.35
CA HIS C 582 73.31 -24.35 -44.96
C HIS C 582 74.60 -23.56 -44.89
N ILE C 583 75.68 -24.15 -44.38
CA ILE C 583 76.96 -23.43 -44.32
C ILE C 583 77.45 -23.09 -45.72
N LYS C 584 77.35 -24.05 -46.66
CA LYS C 584 77.73 -23.81 -48.05
C LYS C 584 76.77 -22.87 -48.75
N SER C 585 75.58 -22.64 -48.18
CA SER C 585 74.66 -21.68 -48.77
C SER C 585 74.95 -20.27 -48.27
N ILE C 586 75.21 -20.12 -46.97
CA ILE C 586 75.54 -18.81 -46.42
C ILE C 586 76.86 -18.28 -46.99
N ILE C 587 77.86 -19.16 -47.14
CA ILE C 587 79.16 -18.75 -47.68
C ILE C 587 78.99 -18.27 -49.13
N SER C 588 78.09 -18.91 -49.87
CA SER C 588 77.82 -18.51 -51.25
C SER C 588 77.35 -17.06 -51.32
N LEU C 589 76.65 -16.57 -50.29
CA LEU C 589 76.25 -15.15 -50.26
C LEU C 589 77.46 -14.24 -50.22
N LEU C 590 78.49 -14.64 -49.47
CA LEU C 590 79.75 -13.89 -49.48
C LEU C 590 80.37 -13.89 -50.86
N ASP C 591 80.28 -15.02 -51.55
CA ASP C 591 80.88 -15.08 -52.89
C ASP C 591 80.06 -14.35 -53.95
N LYS C 592 78.74 -14.30 -53.81
CA LYS C 592 77.83 -13.77 -54.82
C LYS C 592 77.38 -12.33 -54.57
N HIS C 593 77.14 -11.95 -53.33
CA HIS C 593 76.58 -10.64 -53.02
C HIS C 593 77.62 -9.64 -52.54
N GLY C 594 78.90 -9.98 -52.61
CA GLY C 594 79.93 -9.06 -52.21
C GLY C 594 80.27 -9.14 -50.74
N ARG C 595 81.22 -8.30 -50.34
CA ARG C 595 81.73 -8.28 -48.97
C ARG C 595 80.73 -7.56 -48.07
N ASN C 596 79.71 -8.30 -47.64
CA ASN C 596 78.71 -7.82 -46.69
C ASN C 596 79.11 -8.32 -45.31
N HIS C 597 79.51 -7.39 -44.44
CA HIS C 597 79.98 -7.74 -43.10
C HIS C 597 78.89 -8.36 -42.23
N LYS C 598 77.62 -8.09 -42.52
CA LYS C 598 76.54 -8.72 -41.76
C LYS C 598 76.52 -10.23 -41.95
N VAL C 599 77.04 -10.73 -43.08
CA VAL C 599 77.18 -12.17 -43.27
C VAL C 599 78.20 -12.70 -42.27
N LEU C 600 79.30 -11.95 -42.08
CA LEU C 600 80.30 -12.33 -41.09
C LEU C 600 79.70 -12.31 -39.69
N ASP C 601 78.78 -11.38 -39.43
CA ASP C 601 78.06 -11.38 -38.16
C ASP C 601 77.21 -12.63 -37.99
N VAL C 602 76.57 -13.08 -39.06
CA VAL C 602 75.79 -14.32 -39.03
C VAL C 602 76.70 -15.51 -38.76
N LEU C 603 77.87 -15.52 -39.41
CA LEU C 603 78.84 -16.59 -39.21
C LEU C 603 79.36 -16.58 -37.77
N CYS C 604 79.58 -15.38 -37.21
CA CYS C 604 80.02 -15.29 -35.82
C CYS C 604 78.96 -15.85 -34.89
N SER C 605 77.68 -15.57 -35.20
CA SER C 605 76.59 -16.05 -34.37
C SER C 605 76.42 -17.56 -34.49
N LEU C 606 76.91 -18.15 -35.58
CA LEU C 606 76.77 -19.60 -35.75
C LEU C 606 77.75 -20.39 -34.89
N CYS C 607 78.85 -19.79 -34.44
CA CYS C 607 79.81 -20.55 -33.66
C CYS C 607 79.38 -20.68 -32.20
N VAL C 608 79.18 -19.55 -31.53
CA VAL C 608 78.88 -19.52 -30.10
C VAL C 608 77.50 -18.93 -29.91
N CYS C 609 76.67 -19.59 -29.12
CA CYS C 609 75.35 -19.09 -28.77
C CYS C 609 75.18 -19.21 -27.27
N ASN C 610 74.94 -18.07 -26.61
CA ASN C 610 74.73 -17.96 -25.16
C ASN C 610 75.92 -18.54 -24.38
N GLY C 611 77.13 -18.29 -24.89
CA GLY C 611 78.34 -18.75 -24.23
C GLY C 611 78.62 -20.22 -24.37
N VAL C 612 77.95 -20.93 -25.28
CA VAL C 612 78.18 -22.35 -25.49
C VAL C 612 78.62 -22.54 -26.93
N ALA C 613 79.78 -23.16 -27.11
CA ALA C 613 80.32 -23.42 -28.45
C ALA C 613 79.58 -24.56 -29.14
N VAL C 614 79.61 -24.55 -30.47
CA VAL C 614 79.05 -25.62 -31.28
C VAL C 614 80.17 -26.02 -32.24
N ARG C 615 80.95 -27.03 -31.85
CA ARG C 615 82.16 -27.37 -32.58
C ARG C 615 81.86 -27.99 -33.95
N SER C 616 80.65 -28.51 -34.15
CA SER C 616 80.27 -28.99 -35.48
C SER C 616 80.19 -27.84 -36.47
N ASN C 617 79.63 -26.71 -36.02
CA ASN C 617 79.51 -25.57 -36.90
C ASN C 617 80.85 -24.89 -37.05
N GLN C 618 81.65 -24.88 -35.97
CA GLN C 618 82.98 -24.28 -36.05
C GLN C 618 83.84 -25.03 -37.06
N ASP C 619 83.76 -26.37 -37.05
CA ASP C 619 84.55 -27.17 -37.97
C ASP C 619 84.09 -26.98 -39.40
N LEU C 620 82.77 -26.89 -39.63
CA LEU C 620 82.29 -26.71 -41.00
C LEU C 620 82.72 -25.36 -41.55
N ILE C 621 82.64 -24.31 -40.72
CA ILE C 621 83.00 -22.97 -41.15
C ILE C 621 84.49 -22.91 -41.50
N THR C 622 85.35 -23.39 -40.60
CA THR C 622 86.79 -23.35 -40.91
C THR C 622 87.15 -24.31 -42.04
N GLU C 623 86.33 -25.34 -42.30
CA GLU C 623 86.60 -26.26 -43.39
C GLU C 623 86.26 -25.63 -44.74
N ASN C 624 85.21 -24.83 -44.79
CA ASN C 624 84.72 -24.34 -46.06
C ASN C 624 85.18 -22.93 -46.41
N LEU C 625 85.43 -22.08 -45.42
CA LEU C 625 85.74 -20.68 -45.68
C LEU C 625 87.24 -20.41 -45.79
N LEU C 626 88.00 -20.94 -44.84
CA LEU C 626 89.41 -20.55 -44.71
C LEU C 626 90.35 -21.13 -45.78
N PRO C 627 90.40 -22.45 -46.07
CA PRO C 627 91.49 -22.96 -46.94
C PRO C 627 91.51 -22.40 -48.36
N GLY C 628 90.36 -22.03 -48.92
CA GLY C 628 90.31 -21.52 -50.27
C GLY C 628 91.14 -20.26 -50.48
N ARG C 629 91.15 -19.37 -49.48
CA ARG C 629 91.90 -18.10 -49.50
C ARG C 629 91.53 -17.22 -50.69
N GLU C 630 90.24 -17.16 -51.02
CA GLU C 630 89.78 -16.36 -52.13
C GLU C 630 88.75 -15.31 -51.75
N LEU C 631 88.13 -15.41 -50.58
CA LEU C 631 87.14 -14.43 -50.15
C LEU C 631 87.71 -13.48 -49.10
N LEU C 632 88.23 -14.04 -48.02
CA LEU C 632 88.77 -13.22 -46.94
C LEU C 632 90.11 -12.64 -47.34
N LEU C 633 90.34 -11.40 -46.96
CA LEU C 633 91.61 -10.73 -47.23
C LEU C 633 92.76 -11.40 -46.49
N GLN C 634 93.85 -11.66 -47.20
CA GLN C 634 95.04 -12.25 -46.60
C GLN C 634 96.00 -11.17 -46.11
N THR C 635 96.88 -11.55 -45.19
CA THR C 635 97.90 -10.67 -44.65
C THR C 635 99.24 -11.40 -44.62
N ASN C 636 100.32 -10.61 -44.64
CA ASN C 636 101.68 -11.12 -44.56
C ASN C 636 102.62 -9.96 -44.26
N LEU C 637 103.83 -10.31 -43.83
CA LEU C 637 104.89 -9.35 -43.60
C LEU C 637 105.88 -9.44 -44.75
N ILE C 638 106.13 -8.32 -45.43
CA ILE C 638 107.04 -8.31 -46.56
C ILE C 638 108.03 -7.16 -46.39
N ASN C 639 109.14 -7.28 -47.10
CA ASN C 639 110.22 -6.29 -47.04
C ASN C 639 110.01 -5.23 -48.11
N TYR C 640 110.49 -4.02 -47.82
CA TYR C 640 110.47 -2.97 -48.82
C TYR C 640 111.48 -3.28 -49.91
N VAL C 641 111.09 -2.99 -51.15
CA VAL C 641 111.91 -3.24 -52.33
C VAL C 641 112.07 -1.93 -53.08
N THR C 642 113.32 -1.57 -53.37
CA THR C 642 113.58 -0.33 -54.10
C THR C 642 114.42 -0.61 -55.34
N SER C 643 114.51 0.38 -56.22
CA SER C 643 115.27 0.24 -57.45
C SER C 643 116.25 1.41 -57.60
N ILE C 644 117.36 1.12 -58.26
CA ILE C 644 118.44 2.07 -58.52
C ILE C 644 118.88 1.93 -59.97
N ARG C 645 119.02 3.06 -60.66
CA ARG C 645 119.43 3.08 -62.05
C ARG C 645 120.49 4.15 -62.27
N PRO C 646 121.36 3.97 -63.26
CA PRO C 646 122.22 5.06 -63.71
C PRO C 646 121.47 5.91 -64.74
N ASN C 647 121.80 7.20 -64.79
CA ASN C 647 121.11 8.12 -65.70
C ASN C 647 121.60 7.89 -67.13
N ILE C 648 121.27 6.72 -67.67
CA ILE C 648 121.61 6.32 -69.01
C ILE C 648 120.31 5.92 -69.70
N PHE C 649 120.07 6.45 -70.89
CA PHE C 649 118.84 6.17 -71.61
C PHE C 649 119.18 5.85 -73.05
N VAL C 650 118.56 4.79 -73.57
CA VAL C 650 118.72 4.38 -74.96
C VAL C 650 117.35 4.07 -75.53
N GLY C 651 117.27 4.08 -76.85
CA GLY C 651 116.01 3.80 -77.52
C GLY C 651 116.22 3.82 -79.01
N ARG C 652 115.19 3.37 -79.73
CA ARG C 652 115.19 3.34 -81.18
C ARG C 652 114.03 4.17 -81.71
N ALA C 653 114.31 4.90 -82.77
CA ALA C 653 113.30 5.71 -83.45
C ALA C 653 113.76 5.95 -84.88
N GLU C 654 112.80 6.34 -85.72
CA GLU C 654 113.06 6.64 -87.12
C GLU C 654 114.02 7.82 -87.26
N GLY C 655 115.22 7.59 -87.77
CA GLY C 655 116.22 8.64 -87.86
C GLY C 655 116.71 9.13 -86.52
N SER C 656 116.84 8.24 -85.54
CA SER C 656 117.34 8.58 -84.21
C SER C 656 118.86 8.54 -84.17
N THR C 657 119.43 9.40 -83.33
CA THR C 657 120.87 9.54 -83.22
C THR C 657 121.48 8.58 -82.21
N GLN C 658 120.79 7.48 -81.91
CA GLN C 658 121.19 6.55 -80.86
C GLN C 658 121.51 5.19 -81.44
N TYR C 659 122.54 4.56 -80.89
CA TYR C 659 122.93 3.22 -81.31
C TYR C 659 121.93 2.19 -80.78
N GLY C 660 121.84 1.06 -81.46
CA GLY C 660 120.81 0.09 -81.12
C GLY C 660 121.26 -1.22 -80.51
N LYS C 661 122.36 -1.19 -79.76
CA LYS C 661 122.89 -2.37 -79.08
C LYS C 661 123.71 -1.88 -77.90
N TRP C 662 123.47 -2.44 -76.73
CA TRP C 662 124.14 -1.97 -75.51
C TRP C 662 124.36 -3.13 -74.56
N TYR C 663 125.30 -2.93 -73.64
CA TYR C 663 125.82 -4.00 -72.80
C TYR C 663 126.27 -3.44 -71.45
N PHE C 664 125.81 -4.03 -70.36
CA PHE C 664 126.31 -3.60 -69.05
C PHE C 664 126.44 -4.82 -68.16
N GLU C 665 127.13 -4.65 -67.03
CA GLU C 665 127.32 -5.76 -66.10
C GLU C 665 127.11 -5.30 -64.67
N VAL C 666 126.88 -6.28 -63.79
CA VAL C 666 126.79 -6.02 -62.36
C VAL C 666 127.62 -7.03 -61.60
N MET C 667 128.13 -6.59 -60.45
CA MET C 667 128.95 -7.41 -59.56
C MET C 667 128.28 -7.49 -58.20
N VAL C 668 128.27 -8.68 -57.62
CA VAL C 668 127.62 -8.93 -56.34
C VAL C 668 128.68 -8.92 -55.25
N ASP C 669 128.56 -8.00 -54.28
CA ASP C 669 129.54 -7.98 -53.19
C ASP C 669 129.07 -8.81 -52.01
N GLU C 670 127.94 -8.43 -51.42
CA GLU C 670 127.38 -9.12 -50.26
C GLU C 670 125.88 -9.30 -50.46
N VAL C 671 125.39 -10.51 -50.16
CA VAL C 671 123.97 -10.82 -50.22
C VAL C 671 123.66 -11.72 -49.02
N VAL C 672 122.87 -11.20 -48.08
CA VAL C 672 122.43 -11.99 -46.94
C VAL C 672 121.21 -12.78 -47.42
N PRO C 673 121.26 -14.12 -47.37
CA PRO C 673 120.13 -14.92 -47.86
C PRO C 673 118.81 -14.66 -47.16
N PHE C 674 118.83 -14.40 -45.85
CA PHE C 674 117.61 -14.12 -45.11
C PHE C 674 117.99 -13.13 -44.00
N LEU C 675 117.83 -11.84 -44.30
CA LEU C 675 117.92 -10.83 -43.26
C LEU C 675 116.63 -10.80 -42.43
N THR C 676 115.50 -11.09 -43.07
CA THR C 676 114.23 -11.25 -42.38
C THR C 676 113.62 -12.58 -42.78
N ALA C 677 112.36 -12.80 -42.41
CA ALA C 677 111.67 -14.04 -42.78
C ALA C 677 111.51 -14.18 -44.29
N GLN C 678 111.19 -13.07 -44.97
CA GLN C 678 111.03 -13.09 -46.41
C GLN C 678 112.38 -13.30 -47.10
N ALA C 679 112.34 -13.97 -48.24
CA ALA C 679 113.55 -14.20 -49.03
C ALA C 679 114.09 -12.88 -49.56
N THR C 680 115.42 -12.76 -49.57
CA THR C 680 116.07 -11.56 -50.07
C THR C 680 115.82 -11.41 -51.57
N HIS C 681 115.49 -10.18 -51.98
CA HIS C 681 115.14 -9.87 -53.36
C HIS C 681 116.28 -9.14 -54.03
N LEU C 682 116.68 -9.63 -55.21
CA LEU C 682 117.70 -8.97 -56.01
C LEU C 682 117.51 -9.36 -57.46
N ARG C 683 117.23 -8.37 -58.31
CA ARG C 683 117.01 -8.59 -59.73
C ARG C 683 117.75 -7.51 -60.50
N VAL C 684 118.21 -7.86 -61.69
CA VAL C 684 118.93 -6.96 -62.59
C VAL C 684 118.28 -7.04 -63.95
N GLY C 685 118.03 -5.89 -64.58
CA GLY C 685 117.41 -5.94 -65.89
C GLY C 685 117.23 -4.58 -66.49
N TRP C 686 116.50 -4.56 -67.60
CA TRP C 686 116.16 -3.35 -68.31
C TRP C 686 114.71 -3.00 -68.02
N ALA C 687 114.41 -1.70 -68.02
CA ALA C 687 113.05 -1.22 -67.84
C ALA C 687 112.80 -0.06 -68.79
N LEU C 688 111.53 0.35 -68.86
CA LEU C 688 111.08 1.33 -69.83
C LEU C 688 110.59 2.57 -69.08
N THR C 689 110.78 3.74 -69.70
CA THR C 689 110.58 5.02 -69.02
C THR C 689 109.15 5.51 -68.98
N GLU C 690 108.19 4.74 -69.49
CA GLU C 690 106.80 5.19 -69.58
C GLU C 690 105.87 4.18 -68.94
N GLY C 691 106.14 3.84 -67.68
CA GLY C 691 105.30 2.86 -67.01
C GLY C 691 106.00 1.98 -66.00
N TYR C 692 107.33 2.07 -65.90
CA TYR C 692 108.03 1.44 -64.79
C TYR C 692 108.21 2.51 -63.71
N SER C 693 107.23 2.58 -62.81
CA SER C 693 107.26 3.50 -61.67
C SER C 693 106.96 2.70 -60.41
N PRO C 694 107.94 1.95 -59.90
CA PRO C 694 107.71 1.09 -58.72
C PRO C 694 107.64 1.87 -57.41
N TYR C 695 106.44 2.38 -57.13
CA TYR C 695 106.17 3.10 -55.90
C TYR C 695 106.44 2.19 -54.70
N PRO C 696 107.11 2.69 -53.67
CA PRO C 696 107.44 1.84 -52.51
C PRO C 696 106.20 1.35 -51.78
N GLY C 697 106.32 0.15 -51.23
CA GLY C 697 105.26 -0.44 -50.45
C GLY C 697 104.46 -1.46 -51.25
N GLY C 698 103.14 -1.34 -51.21
CA GLY C 698 102.27 -2.29 -51.86
C GLY C 698 102.20 -2.09 -53.37
N GLY C 699 101.43 -2.96 -54.00
CA GLY C 699 101.26 -2.90 -55.44
C GLY C 699 100.73 -4.18 -56.05
N GLU C 700 101.37 -4.63 -57.13
CA GLU C 700 100.93 -5.85 -57.79
C GLU C 700 101.34 -7.09 -56.99
N GLY C 701 100.48 -8.11 -57.06
CA GLY C 701 100.75 -9.39 -56.41
C GLY C 701 100.86 -9.24 -54.91
N TRP C 702 101.92 -9.81 -54.35
CA TRP C 702 102.15 -9.78 -52.91
C TRP C 702 103.10 -8.66 -52.50
N GLY C 703 103.17 -7.59 -53.28
CA GLY C 703 103.98 -6.44 -52.92
C GLY C 703 105.47 -6.67 -53.11
N GLY C 704 106.24 -5.67 -52.69
CA GLY C 704 107.68 -5.65 -52.91
C GLY C 704 108.04 -5.67 -54.38
N ASN C 705 107.28 -4.95 -55.19
CA ASN C 705 107.45 -4.98 -56.63
C ASN C 705 108.76 -4.34 -57.06
N GLY C 706 109.38 -4.91 -58.08
CA GLY C 706 110.61 -4.37 -58.64
C GLY C 706 110.65 -4.60 -60.13
N VAL C 707 111.85 -4.94 -60.63
CA VAL C 707 112.01 -5.20 -62.05
C VAL C 707 111.34 -6.53 -62.41
N GLY C 708 110.56 -6.54 -63.48
CA GLY C 708 109.89 -7.74 -63.92
C GLY C 708 108.52 -7.96 -63.34
N ASP C 709 108.11 -7.18 -62.36
CA ASP C 709 106.76 -7.29 -61.81
C ASP C 709 105.70 -6.68 -62.72
N ASP C 710 106.10 -6.03 -63.80
CA ASP C 710 105.20 -5.41 -64.75
C ASP C 710 105.81 -5.49 -66.14
N LEU C 711 104.97 -5.32 -67.16
CA LEU C 711 105.44 -5.41 -68.54
C LEU C 711 106.28 -4.20 -68.99
N TYR C 712 106.67 -3.29 -68.11
CA TYR C 712 107.57 -2.20 -68.44
C TYR C 712 108.98 -2.46 -67.94
N SER C 713 109.27 -3.68 -67.54
CA SER C 713 110.60 -4.07 -67.10
C SER C 713 110.82 -5.53 -67.48
N TYR C 714 112.10 -5.93 -67.54
CA TYR C 714 112.46 -7.28 -67.96
C TYR C 714 113.69 -7.70 -67.15
N GLY C 715 113.47 -8.42 -66.07
CA GLY C 715 114.56 -8.68 -65.14
C GLY C 715 115.02 -10.11 -64.99
N PHE C 716 116.25 -10.27 -64.52
CA PHE C 716 116.87 -11.56 -64.33
C PHE C 716 117.40 -11.63 -62.90
N ASP C 717 117.17 -12.76 -62.24
CA ASP C 717 117.50 -12.92 -60.83
C ASP C 717 118.51 -14.02 -60.55
N GLY C 718 118.96 -14.74 -61.57
CA GLY C 718 119.83 -15.88 -61.41
C GLY C 718 119.15 -17.21 -61.67
N LEU C 719 117.84 -17.26 -61.53
CA LEU C 719 117.10 -18.48 -61.81
C LEU C 719 115.86 -18.28 -62.67
N HIS C 720 115.30 -17.08 -62.75
CA HIS C 720 114.05 -16.86 -63.44
C HIS C 720 114.16 -15.65 -64.35
N LEU C 721 113.30 -15.63 -65.37
CA LEU C 721 113.06 -14.43 -66.16
C LEU C 721 111.77 -13.80 -65.64
N TRP C 722 111.87 -12.58 -65.16
CA TRP C 722 110.75 -11.88 -64.58
C TRP C 722 110.15 -10.91 -65.58
N THR C 723 108.88 -11.10 -65.90
CA THR C 723 108.14 -10.20 -66.78
C THR C 723 106.66 -10.38 -66.46
N GLY C 724 105.98 -9.25 -66.26
CA GLY C 724 104.55 -9.25 -65.91
C GLY C 724 104.23 -10.00 -64.63
N HIS C 725 105.11 -9.90 -63.62
CA HIS C 725 105.00 -10.61 -62.34
C HIS C 725 104.86 -12.12 -62.55
N VAL C 726 105.64 -12.65 -63.49
CA VAL C 726 105.67 -14.09 -63.78
C VAL C 726 107.13 -14.52 -63.85
N ALA C 727 107.48 -15.60 -63.16
CA ALA C 727 108.82 -16.15 -63.13
C ALA C 727 108.86 -17.45 -63.93
N ARG C 728 109.86 -17.58 -64.80
CA ARG C 728 110.03 -18.77 -65.62
C ARG C 728 111.47 -19.24 -65.48
N PRO C 729 111.71 -20.50 -65.06
CA PRO C 729 113.07 -20.97 -64.81
C PRO C 729 113.92 -21.00 -66.07
N VAL C 730 115.22 -20.74 -65.90
CA VAL C 730 116.18 -20.70 -67.00
C VAL C 730 117.30 -21.69 -66.72
N THR C 731 117.67 -22.47 -67.73
CA THR C 731 118.77 -23.41 -67.62
C THR C 731 120.07 -22.63 -67.70
N SER C 732 120.99 -22.92 -66.77
CA SER C 732 122.30 -22.29 -66.78
C SER C 732 123.34 -23.34 -66.39
N PRO C 733 124.59 -23.18 -66.85
CA PRO C 733 125.65 -24.12 -66.44
C PRO C 733 126.06 -23.93 -65.00
N GLY C 734 125.29 -24.50 -64.09
CA GLY C 734 125.48 -24.25 -62.67
C GLY C 734 124.52 -23.20 -62.16
N GLN C 735 123.24 -23.38 -62.46
CA GLN C 735 122.21 -22.42 -62.10
C GLN C 735 122.05 -22.32 -60.58
N HIS C 736 121.86 -21.09 -60.11
CA HIS C 736 121.64 -20.79 -58.70
C HIS C 736 121.15 -19.36 -58.57
N LEU C 737 120.75 -19.00 -57.35
CA LEU C 737 120.46 -17.62 -57.02
C LEU C 737 121.77 -16.82 -57.02
N LEU C 738 121.66 -15.50 -57.13
CA LEU C 738 122.84 -14.64 -57.18
C LEU C 738 123.67 -14.73 -55.91
N ALA C 739 124.80 -15.40 -56.00
CA ALA C 739 125.77 -15.57 -54.93
C ALA C 739 126.77 -14.42 -54.95
N PRO C 740 127.53 -14.20 -53.86
CA PRO C 740 128.59 -13.19 -53.91
C PRO C 740 129.63 -13.51 -54.99
N GLU C 741 130.11 -12.44 -55.65
CA GLU C 741 131.06 -12.49 -56.76
C GLU C 741 130.54 -13.35 -57.91
N ASP C 742 129.44 -12.88 -58.49
CA ASP C 742 128.85 -13.46 -59.68
C ASP C 742 128.83 -12.41 -60.78
N VAL C 743 129.01 -12.85 -62.02
CA VAL C 743 129.09 -11.94 -63.15
C VAL C 743 127.79 -12.04 -63.94
N VAL C 744 127.07 -10.93 -64.02
CA VAL C 744 125.82 -10.85 -64.76
C VAL C 744 126.02 -9.81 -65.86
N SER C 745 125.78 -10.23 -67.10
CA SER C 745 125.96 -9.40 -68.29
C SER C 745 124.64 -9.28 -69.02
N CYS C 746 124.17 -8.05 -69.21
CA CYS C 746 122.92 -7.79 -69.93
C CYS C 746 123.24 -7.20 -71.30
N CYS C 747 122.74 -7.86 -72.34
CA CYS C 747 122.87 -7.48 -73.73
C CYS C 747 121.50 -7.09 -74.29
N LEU C 748 121.39 -5.87 -74.79
CA LEU C 748 120.13 -5.35 -75.32
C LEU C 748 120.31 -4.99 -76.78
N ASP C 749 119.41 -5.47 -77.63
CA ASP C 749 119.41 -5.08 -79.03
C ASP C 749 118.12 -4.30 -79.28
N LEU C 750 118.26 -3.12 -79.87
CA LEU C 750 117.10 -2.27 -80.14
C LEU C 750 116.58 -2.43 -81.56
N SER C 751 117.46 -2.75 -82.52
CA SER C 751 117.03 -2.95 -83.91
C SER C 751 116.04 -4.10 -84.03
N VAL C 752 116.38 -5.23 -83.42
CA VAL C 752 115.48 -6.36 -83.30
C VAL C 752 115.26 -6.58 -81.80
N PRO C 753 114.02 -6.74 -81.34
CA PRO C 753 113.80 -6.92 -79.89
C PRO C 753 114.42 -8.20 -79.35
N SER C 754 115.47 -8.05 -78.54
CA SER C 754 116.14 -9.20 -77.93
C SER C 754 116.90 -8.74 -76.70
N ILE C 755 116.66 -9.44 -75.59
CA ILE C 755 117.28 -9.17 -74.29
C ILE C 755 117.96 -10.46 -73.86
N SER C 756 119.28 -10.48 -73.90
CA SER C 756 120.06 -11.67 -73.59
C SER C 756 120.86 -11.46 -72.32
N PHE C 757 120.93 -12.50 -71.49
CA PHE C 757 121.70 -12.45 -70.26
C PHE C 757 122.84 -13.45 -70.33
N ARG C 758 123.89 -13.15 -69.57
CA ARG C 758 125.02 -14.06 -69.39
C ARG C 758 125.39 -14.13 -67.92
N ILE C 759 125.42 -15.34 -67.36
CA ILE C 759 125.80 -15.54 -65.97
C ILE C 759 127.20 -16.13 -65.97
N ASN C 760 128.14 -15.38 -65.38
CA ASN C 760 129.57 -15.75 -65.30
C ASN C 760 130.15 -16.04 -66.68
N GLY C 761 129.70 -15.27 -67.68
CA GLY C 761 130.09 -15.45 -69.06
C GLY C 761 129.27 -16.50 -69.79
N CYS C 762 128.81 -17.53 -69.08
CA CYS C 762 128.01 -18.59 -69.67
C CYS C 762 126.67 -18.04 -70.16
N PRO C 763 126.18 -18.51 -71.31
CA PRO C 763 124.87 -18.05 -71.81
C PRO C 763 123.71 -18.46 -70.93
N VAL C 764 122.68 -17.62 -70.92
CA VAL C 764 121.42 -17.90 -70.25
C VAL C 764 120.39 -18.22 -71.33
N GLN C 765 119.89 -19.46 -71.30
CA GLN C 765 119.04 -20.00 -72.36
C GLN C 765 117.61 -19.46 -72.23
N GLY C 766 117.48 -18.15 -72.49
CA GLY C 766 116.20 -17.48 -72.47
C GLY C 766 116.35 -16.04 -72.91
N VAL C 767 115.51 -15.59 -73.85
CA VAL C 767 115.60 -14.24 -74.41
C VAL C 767 114.19 -13.66 -74.53
N PHE C 768 114.02 -12.43 -74.06
CA PHE C 768 112.79 -11.68 -74.31
C PHE C 768 112.81 -11.18 -75.75
N GLU C 769 111.66 -11.23 -76.42
CA GLU C 769 111.56 -10.84 -77.81
C GLU C 769 110.20 -10.23 -78.03
N ALA C 770 110.07 -9.50 -79.16
CA ALA C 770 108.81 -8.92 -79.64
C ALA C 770 108.15 -8.02 -78.59
N PHE C 771 108.95 -7.14 -78.01
CA PHE C 771 108.47 -6.22 -77.00
C PHE C 771 108.43 -4.81 -77.55
N ASN C 772 107.47 -4.03 -77.05
CA ASN C 772 107.27 -2.65 -77.47
C ASN C 772 108.50 -1.82 -77.17
N LEU C 773 108.92 -1.02 -78.14
CA LEU C 773 110.14 -0.25 -78.04
C LEU C 773 109.90 1.21 -77.66
N ASP C 774 108.66 1.69 -77.76
CA ASP C 774 108.35 3.08 -77.43
C ASP C 774 108.73 3.44 -75.99
N GLY C 775 109.34 4.59 -75.84
CA GLY C 775 109.96 4.95 -74.58
C GLY C 775 111.47 4.79 -74.65
N LEU C 776 112.08 4.80 -73.48
CA LEU C 776 113.53 4.69 -73.37
C LEU C 776 113.88 3.53 -72.44
N PHE C 777 114.89 2.75 -72.84
CA PHE C 777 115.35 1.61 -72.08
C PHE C 777 116.55 2.01 -71.24
N PHE C 778 116.60 1.50 -70.01
CA PHE C 778 117.68 1.84 -69.10
C PHE C 778 118.06 0.65 -68.22
N PRO C 779 119.31 0.57 -67.79
CA PRO C 779 119.68 -0.42 -66.78
C PRO C 779 119.02 -0.10 -65.45
N VAL C 780 118.66 -1.13 -64.71
CA VAL C 780 117.99 -0.94 -63.42
C VAL C 780 118.21 -2.19 -62.57
N VAL C 781 118.35 -1.98 -61.26
CA VAL C 781 118.48 -3.06 -60.30
C VAL C 781 117.44 -2.87 -59.19
N SER C 782 116.70 -3.94 -58.90
CA SER C 782 115.71 -3.94 -57.83
C SER C 782 116.21 -4.82 -56.69
N PHE C 783 116.28 -4.25 -55.50
CA PHE C 783 116.89 -4.93 -54.37
C PHE C 783 116.12 -4.66 -53.09
N SER C 784 116.17 -5.65 -52.21
CA SER C 784 115.66 -5.57 -50.85
C SER C 784 116.79 -5.07 -49.95
N ALA C 785 116.57 -5.14 -48.65
CA ALA C 785 117.56 -4.67 -47.69
C ALA C 785 118.72 -5.66 -47.54
N GLY C 786 119.87 -5.12 -47.12
CA GLY C 786 121.03 -5.94 -46.81
C GLY C 786 121.86 -6.44 -47.97
N VAL C 787 121.97 -5.67 -49.05
CA VAL C 787 122.74 -6.09 -50.21
C VAL C 787 123.75 -5.00 -50.61
N LYS C 788 124.77 -5.44 -51.34
CA LYS C 788 125.74 -4.55 -51.95
C LYS C 788 126.00 -5.03 -53.37
N VAL C 789 125.82 -4.14 -54.35
CA VAL C 789 126.10 -4.47 -55.74
C VAL C 789 126.90 -3.35 -56.39
N ARG C 790 127.50 -3.67 -57.53
CA ARG C 790 128.29 -2.70 -58.28
C ARG C 790 127.91 -2.71 -59.76
N PHE C 791 127.83 -1.52 -60.34
CA PHE C 791 127.57 -1.34 -61.75
C PHE C 791 128.88 -1.29 -62.49
N LEU C 792 128.90 -1.97 -63.65
CA LEU C 792 129.99 -1.98 -64.62
C LEU C 792 129.42 -1.47 -65.93
N LEU C 793 129.87 -0.29 -66.35
CA LEU C 793 129.34 0.37 -67.54
C LEU C 793 130.38 0.51 -68.63
N GLY C 794 131.60 0.00 -68.44
CA GLY C 794 132.65 0.12 -69.41
C GLY C 794 133.43 1.41 -69.26
N GLY C 795 134.56 1.46 -69.97
CA GLY C 795 135.44 2.61 -69.89
C GLY C 795 135.97 2.80 -68.47
N ARG C 796 135.82 4.01 -67.96
CA ARG C 796 136.23 4.32 -66.60
C ARG C 796 135.17 3.94 -65.57
N HIS C 797 134.03 3.42 -66.00
CA HIS C 797 132.93 3.08 -65.10
C HIS C 797 132.64 1.59 -65.16
N GLY C 798 133.69 0.79 -65.34
CA GLY C 798 133.56 -0.66 -65.38
C GLY C 798 134.62 -1.29 -66.27
N GLU C 799 135.10 -2.47 -65.88
CA GLU C 799 136.05 -3.21 -66.67
C GLU C 799 135.44 -4.34 -67.48
N PHE C 800 134.21 -4.75 -67.11
CA PHE C 800 133.35 -5.75 -67.75
C PHE C 800 133.81 -7.19 -67.56
N LYS C 801 135.04 -7.41 -67.07
CA LYS C 801 135.61 -8.71 -66.67
C LYS C 801 135.47 -9.84 -67.70
N PHE C 802 135.15 -9.50 -68.94
CA PHE C 802 134.76 -10.41 -70.00
C PHE C 802 134.80 -9.62 -71.29
N LEU C 803 134.63 -10.32 -72.41
CA LEU C 803 134.56 -9.66 -73.69
C LEU C 803 133.11 -9.60 -74.14
N PRO C 804 132.51 -8.41 -74.25
CA PRO C 804 131.15 -8.30 -74.76
C PRO C 804 131.05 -8.79 -76.19
N PRO C 805 129.90 -9.35 -76.58
CA PRO C 805 129.69 -9.73 -77.98
C PRO C 805 129.83 -8.54 -78.91
N PRO C 806 130.39 -8.75 -80.11
CA PRO C 806 130.69 -7.62 -81.00
C PRO C 806 129.46 -6.84 -81.43
N GLY C 807 129.63 -5.54 -81.56
CA GLY C 807 128.54 -4.66 -81.93
C GLY C 807 127.73 -4.12 -80.78
N TYR C 808 128.03 -4.50 -79.53
CA TYR C 808 127.33 -3.98 -78.36
C TYR C 808 128.19 -2.91 -77.71
N ALA C 809 127.77 -1.65 -77.85
CA ALA C 809 128.51 -0.53 -77.30
C ALA C 809 128.46 -0.56 -75.78
N PRO C 810 129.59 -0.35 -75.09
CA PRO C 810 129.55 -0.22 -73.63
C PRO C 810 128.68 0.95 -73.19
N CYS C 811 127.94 0.73 -72.10
CA CYS C 811 126.90 1.66 -71.67
C CYS C 811 127.42 3.00 -71.17
N HIS C 812 128.71 3.15 -70.91
CA HIS C 812 129.28 4.43 -70.51
C HIS C 812 129.27 5.47 -71.63
N GLU C 813 129.00 5.06 -72.87
CA GLU C 813 129.01 5.96 -74.01
C GLU C 813 127.66 6.62 -74.24
N ALA C 814 126.62 6.20 -73.53
CA ALA C 814 125.28 6.71 -73.76
C ALA C 814 124.97 7.98 -72.97
N VAL C 815 125.91 8.45 -72.13
CA VAL C 815 125.67 9.64 -71.33
C VAL C 815 125.60 10.87 -72.22
N LEU C 816 124.61 11.71 -71.97
CA LEU C 816 124.40 12.96 -72.69
C LEU C 816 125.40 14.02 -72.26
N PRO C 817 125.76 14.96 -73.16
CA PRO C 817 126.81 15.95 -72.81
C PRO C 817 126.45 16.86 -71.65
N ARG C 818 125.17 17.19 -71.48
CA ARG C 818 124.76 18.13 -70.44
C ARG C 818 124.64 17.48 -69.07
N GLU C 819 124.61 16.15 -69.00
CA GLU C 819 124.39 15.45 -67.74
C GLU C 819 125.55 14.53 -67.41
N ARG C 820 125.99 14.57 -66.16
CA ARG C 820 127.04 13.69 -65.70
C ARG C 820 126.44 12.33 -65.31
N LEU C 821 127.30 11.32 -65.29
CA LEU C 821 126.86 9.99 -64.88
C LEU C 821 126.60 9.97 -63.37
N ARG C 822 125.44 9.47 -62.98
CA ARG C 822 125.08 9.37 -61.58
C ARG C 822 124.07 8.26 -61.41
N LEU C 823 123.93 7.78 -60.19
CA LEU C 823 122.95 6.75 -59.86
C LEU C 823 121.76 7.37 -59.15
N GLU C 824 120.57 7.13 -59.68
CA GLU C 824 119.37 7.72 -59.17
C GLU C 824 118.32 6.65 -58.91
N PRO C 825 117.45 6.87 -57.93
CA PRO C 825 116.24 6.05 -57.81
C PRO C 825 115.24 6.42 -58.89
N ILE C 826 114.31 5.49 -59.14
CA ILE C 826 113.21 5.70 -60.09
C ILE C 826 112.30 6.75 -59.43
N LYS C 827 111.34 7.31 -60.20
CA LYS C 827 110.47 8.44 -59.86
C LYS C 827 109.96 8.40 -58.43
N GLU C 828 110.27 9.47 -57.68
CA GLU C 828 110.10 9.49 -56.24
C GLU C 828 109.24 10.66 -55.83
N TYR C 829 108.71 10.56 -54.61
CA TYR C 829 107.92 11.62 -54.00
C TYR C 829 108.54 12.15 -52.71
N ARG C 830 109.78 11.77 -52.41
CA ARG C 830 110.42 12.17 -51.17
C ARG C 830 111.91 11.94 -51.31
N ARG C 831 112.70 12.88 -50.78
CA ARG C 831 114.14 12.70 -50.66
C ARG C 831 114.57 13.41 -49.40
N GLU C 832 115.58 12.84 -48.73
CA GLU C 832 116.02 13.39 -47.46
C GLU C 832 116.81 14.68 -47.68
N GLY C 833 116.63 15.62 -46.76
CA GLY C 833 117.31 16.89 -46.82
C GLY C 833 117.92 17.29 -45.50
N PRO C 834 118.56 18.46 -45.46
CA PRO C 834 119.23 18.92 -44.24
C PRO C 834 118.28 19.16 -43.07
N ARG C 835 117.26 20.00 -43.28
CA ARG C 835 116.34 20.34 -42.22
C ARG C 835 115.16 19.38 -42.13
N GLY C 836 115.00 18.48 -43.09
CA GLY C 836 113.89 17.54 -43.08
C GLY C 836 113.68 16.94 -44.45
N PRO C 837 112.69 16.04 -44.57
CA PRO C 837 112.39 15.44 -45.86
C PRO C 837 111.90 16.47 -46.88
N HIS C 838 112.21 16.22 -48.14
CA HIS C 838 111.82 17.10 -49.23
C HIS C 838 110.87 16.36 -50.16
N LEU C 839 109.60 16.77 -50.14
CA LEU C 839 108.63 16.23 -51.08
C LEU C 839 108.99 16.69 -52.49
N VAL C 840 108.99 15.75 -53.42
CA VAL C 840 109.43 16.00 -54.78
C VAL C 840 108.26 15.72 -55.72
N GLY C 841 108.06 16.60 -56.69
CA GLY C 841 107.02 16.42 -57.67
C GLY C 841 107.48 15.51 -58.80
N PRO C 842 106.66 15.41 -59.85
CA PRO C 842 107.04 14.59 -61.01
C PRO C 842 108.35 15.03 -61.64
N SER C 843 109.07 14.07 -62.19
CA SER C 843 110.37 14.33 -62.79
C SER C 843 110.23 14.37 -64.31
N ARG C 844 110.81 15.39 -64.94
CA ARG C 844 110.81 15.47 -66.39
C ARG C 844 111.66 14.34 -66.95
N CYS C 845 111.10 13.60 -67.90
CA CYS C 845 111.75 12.43 -68.45
C CYS C 845 112.08 12.70 -69.92
N LEU C 846 113.30 12.34 -70.30
CA LEU C 846 113.73 12.49 -71.68
C LEU C 846 113.00 11.46 -72.55
N SER C 847 112.85 11.77 -73.84
CA SER C 847 112.12 10.93 -74.76
C SER C 847 112.97 10.60 -75.99
N HIS C 848 112.65 9.47 -76.61
CA HIS C 848 113.31 9.05 -77.85
C HIS C 848 113.08 10.07 -78.95
N THR C 849 111.86 10.62 -79.02
CA THR C 849 111.50 11.69 -79.96
C THR C 849 112.39 12.93 -79.83
N ASP C 850 113.07 13.11 -78.69
CA ASP C 850 114.00 14.21 -78.48
C ASP C 850 115.39 13.89 -79.01
N PHE C 851 115.60 12.71 -79.61
CA PHE C 851 116.87 12.39 -80.24
C PHE C 851 116.80 12.42 -81.76
N VAL C 852 115.63 12.64 -82.34
CA VAL C 852 115.59 12.76 -83.80
C VAL C 852 115.76 14.25 -84.11
N PRO C 853 116.72 14.61 -84.95
CA PRO C 853 116.85 16.04 -85.30
C PRO C 853 115.88 16.35 -86.42
N CYS C 854 114.91 17.23 -86.14
CA CYS C 854 113.86 17.59 -87.08
C CYS C 854 113.98 19.05 -87.46
N PRO C 855 114.73 19.35 -88.52
CA PRO C 855 114.91 20.75 -88.92
C PRO C 855 113.75 21.19 -89.80
N VAL C 856 113.81 22.43 -90.28
CA VAL C 856 112.89 22.91 -91.29
C VAL C 856 113.52 22.71 -92.66
N ASP C 857 112.77 22.11 -93.57
CA ASP C 857 113.30 21.79 -94.90
C ASP C 857 113.66 23.08 -95.65
N THR C 858 114.87 23.10 -96.20
CA THR C 858 115.37 24.27 -96.92
C THR C 858 115.61 23.97 -98.39
N VAL C 859 114.67 23.29 -99.04
CA VAL C 859 114.79 22.97 -100.46
C VAL C 859 113.79 23.74 -101.31
N GLN C 860 112.50 23.66 -100.97
CA GLN C 860 111.44 24.28 -101.76
C GLN C 860 111.32 25.77 -101.42
N ILE C 861 112.38 26.51 -101.73
CA ILE C 861 112.46 27.95 -101.50
C ILE C 861 113.09 28.59 -102.74
N VAL C 862 112.28 29.30 -103.52
CA VAL C 862 112.84 30.10 -104.61
C VAL C 862 113.56 31.31 -104.03
N LEU C 863 114.79 31.51 -104.49
CA LEU C 863 115.67 32.50 -103.88
C LEU C 863 115.28 33.90 -104.37
N PRO C 864 115.02 34.84 -103.46
CA PRO C 864 114.45 36.14 -103.85
C PRO C 864 115.48 37.08 -104.47
N PRO C 865 115.02 38.11 -105.21
CA PRO C 865 115.97 39.09 -105.78
C PRO C 865 116.73 39.89 -104.75
N HIS C 866 116.09 40.28 -103.63
CA HIS C 866 116.79 41.09 -102.65
C HIS C 866 117.85 40.27 -101.92
N LEU C 867 117.71 38.94 -101.93
CA LEU C 867 118.70 38.06 -101.34
C LEU C 867 119.86 37.81 -102.31
N GLU C 868 119.58 37.50 -103.59
CA GLU C 868 120.69 37.36 -104.54
C GLU C 868 121.44 38.68 -104.71
N ARG C 869 120.77 39.81 -104.47
CA ARG C 869 121.43 41.11 -104.46
C ARG C 869 122.45 41.21 -103.32
N ILE C 870 122.23 40.52 -102.21
CA ILE C 870 123.18 40.57 -101.10
C ILE C 870 123.83 39.19 -100.90
N ARG C 871 123.83 38.37 -101.96
CA ARG C 871 124.37 37.00 -101.91
C ARG C 871 125.88 36.97 -101.69
N GLU C 872 126.58 38.08 -101.92
CA GLU C 872 128.03 38.08 -101.98
C GLU C 872 128.68 38.51 -100.67
N LYS C 873 128.31 39.70 -100.15
CA LYS C 873 128.97 40.25 -98.96
C LYS C 873 128.78 39.34 -97.75
N LEU C 874 127.57 38.81 -97.55
CA LEU C 874 127.30 37.85 -96.49
C LEU C 874 128.04 36.53 -96.65
N ALA C 875 128.59 36.23 -97.82
CA ALA C 875 129.48 35.10 -98.01
C ALA C 875 130.93 35.49 -97.79
N GLU C 876 131.31 36.66 -98.31
CA GLU C 876 132.66 37.19 -98.14
C GLU C 876 132.99 37.38 -96.67
N ASN C 877 131.98 37.69 -95.86
CA ASN C 877 132.21 37.91 -94.46
C ASN C 877 132.24 36.60 -93.69
N ILE C 878 131.92 35.47 -94.31
CA ILE C 878 131.99 34.19 -93.63
C ILE C 878 132.91 33.22 -94.38
N HIS C 879 133.80 33.75 -95.20
CA HIS C 879 134.77 32.89 -95.88
C HIS C 879 136.01 32.64 -95.05
N GLU C 880 136.40 33.58 -94.18
CA GLU C 880 137.51 33.35 -93.27
C GLU C 880 137.23 33.88 -91.86
N LEU C 881 135.95 33.99 -91.49
CA LEU C 881 135.62 34.49 -90.16
C LEU C 881 136.13 33.53 -89.09
N TRP C 882 136.02 32.21 -89.35
CA TRP C 882 136.64 31.24 -88.45
C TRP C 882 138.16 31.33 -88.47
N ALA C 883 138.74 31.94 -89.50
CA ALA C 883 140.18 32.08 -89.64
C ALA C 883 140.73 33.29 -88.94
N LEU C 884 139.87 34.27 -88.62
CA LEU C 884 140.36 35.54 -88.08
C LEU C 884 140.93 35.39 -86.67
N THR C 885 140.39 34.46 -85.87
CA THR C 885 140.73 34.34 -84.46
C THR C 885 142.20 33.96 -84.24
N ARG C 886 142.72 33.05 -85.06
CA ARG C 886 144.00 32.41 -84.82
C ARG C 886 145.20 33.02 -85.55
N ILE C 887 145.00 34.12 -86.28
CA ILE C 887 146.14 34.77 -86.94
C ILE C 887 147.00 35.43 -85.87
N GLU C 888 148.31 35.55 -86.16
CA GLU C 888 149.35 36.05 -85.23
C GLU C 888 149.48 35.15 -83.99
N GLN C 889 149.20 33.86 -84.15
CA GLN C 889 149.39 32.86 -83.10
C GLN C 889 150.21 31.72 -83.66
N GLY C 890 150.27 30.59 -82.94
CA GLY C 890 150.91 29.39 -83.48
C GLY C 890 150.29 28.89 -84.78
N TRP C 891 149.01 29.16 -84.98
CA TRP C 891 148.32 28.83 -86.23
C TRP C 891 148.29 30.06 -87.15
N THR C 892 149.47 30.49 -87.56
CA THR C 892 149.63 31.64 -88.43
C THR C 892 150.02 31.14 -89.82
N TYR C 893 149.32 31.64 -90.83
CA TYR C 893 149.36 31.13 -92.20
C TYR C 893 150.77 31.27 -92.81
N GLY C 894 150.99 30.53 -93.89
CA GLY C 894 152.20 30.57 -94.67
C GLY C 894 151.86 30.37 -96.14
N PRO C 895 152.58 31.05 -97.03
CA PRO C 895 152.30 30.95 -98.47
C PRO C 895 152.46 29.56 -99.07
N VAL C 896 153.31 28.71 -98.48
CA VAL C 896 153.56 27.37 -99.05
C VAL C 896 152.33 26.47 -98.90
N ARG C 897 151.58 26.58 -97.81
CA ARG C 897 150.48 25.69 -97.51
C ARG C 897 149.15 26.44 -97.59
N ASP C 898 148.08 25.75 -97.20
CA ASP C 898 146.73 26.26 -97.28
C ASP C 898 146.02 25.83 -96.00
N ASP C 899 144.69 25.87 -96.02
CA ASP C 899 143.86 25.49 -94.88
C ASP C 899 144.11 24.05 -94.44
N ASN C 900 143.75 23.76 -93.19
CA ASN C 900 143.78 22.44 -92.55
C ASN C 900 145.19 21.90 -92.35
N LYS C 901 146.23 22.74 -92.42
CA LYS C 901 147.62 22.31 -92.29
C LYS C 901 148.28 22.89 -91.05
N ARG C 902 147.52 23.06 -89.96
CA ARG C 902 147.93 23.63 -88.66
C ARG C 902 148.42 25.08 -88.75
N LEU C 903 148.30 25.70 -89.91
CA LEU C 903 148.63 27.10 -90.20
C LEU C 903 147.53 27.64 -91.12
N HIS C 904 146.29 27.34 -90.74
CA HIS C 904 145.13 27.48 -91.63
C HIS C 904 144.84 28.83 -92.29
N PRO C 905 144.88 30.06 -91.58
CA PRO C 905 144.05 31.23 -91.99
C PRO C 905 143.79 31.60 -93.45
N CYS C 906 144.85 31.89 -94.22
CA CYS C 906 144.79 32.33 -95.62
C CYS C 906 143.75 33.44 -95.82
N LEU C 907 144.04 34.58 -95.19
CA LEU C 907 143.13 35.72 -95.14
C LEU C 907 142.97 36.46 -96.48
N VAL C 908 143.76 36.09 -97.50
CA VAL C 908 143.87 36.86 -98.74
C VAL C 908 142.51 37.01 -99.40
N ASN C 909 141.93 35.89 -99.84
CA ASN C 909 140.64 35.83 -100.51
C ASN C 909 140.29 34.36 -100.70
N PHE C 910 139.04 34.13 -101.09
CA PHE C 910 138.55 32.80 -101.42
C PHE C 910 138.86 32.42 -102.86
N HIS C 911 139.32 33.36 -103.68
CA HIS C 911 139.79 33.01 -105.01
C HIS C 911 141.05 32.16 -104.94
N SER C 912 141.97 32.52 -104.02
CA SER C 912 143.13 31.68 -103.76
C SER C 912 142.70 30.32 -103.21
N LEU C 913 141.62 30.29 -102.43
CA LEU C 913 141.10 29.07 -101.87
C LEU C 913 140.39 28.26 -102.97
N PRO C 914 140.26 26.93 -102.79
CA PRO C 914 139.66 26.09 -103.84
C PRO C 914 138.23 26.48 -104.19
N GLU C 915 137.93 26.43 -105.49
CA GLU C 915 136.63 26.84 -106.03
C GLU C 915 135.42 26.07 -105.51
N PRO C 916 135.41 24.71 -105.41
CA PRO C 916 134.18 24.03 -104.93
C PRO C 916 133.77 24.44 -103.52
N GLU C 917 134.69 24.39 -102.55
CA GLU C 917 134.34 24.86 -101.21
C GLU C 917 134.05 26.36 -101.19
N ARG C 918 134.62 27.12 -102.14
CA ARG C 918 134.34 28.55 -102.26
C ARG C 918 132.87 28.81 -102.58
N ASN C 919 132.40 28.36 -103.76
CA ASN C 919 130.99 28.56 -104.09
C ASN C 919 130.07 27.76 -103.17
N TYR C 920 130.58 26.69 -102.53
CA TYR C 920 129.87 26.04 -101.45
C TYR C 920 129.63 26.99 -100.28
N ASN C 921 130.63 27.79 -99.94
CA ASN C 921 130.47 28.78 -98.86
C ASN C 921 129.48 29.86 -99.27
N LEU C 922 129.53 30.30 -100.54
CA LEU C 922 128.52 31.22 -101.07
C LEU C 922 127.11 30.65 -100.90
N GLN C 923 126.89 29.42 -101.35
CA GLN C 923 125.55 28.85 -101.27
C GLN C 923 125.22 28.35 -99.87
N MET C 924 126.20 28.27 -98.95
CA MET C 924 125.90 28.13 -97.53
C MET C 924 125.40 29.44 -96.92
N SER C 925 125.96 30.58 -97.34
CA SER C 925 125.38 31.86 -96.97
C SER C 925 123.96 32.00 -97.51
N GLY C 926 123.76 31.59 -98.77
CA GLY C 926 122.41 31.48 -99.31
C GLY C 926 121.53 30.53 -98.55
N GLU C 927 122.11 29.42 -98.05
CA GLU C 927 121.38 28.43 -97.29
C GLU C 927 120.91 28.99 -95.95
N THR C 928 121.76 29.77 -95.30
CA THR C 928 121.35 30.49 -94.09
C THR C 928 120.23 31.48 -94.37
N LEU C 929 120.33 32.22 -95.48
CA LEU C 929 119.21 33.08 -95.87
C LEU C 929 117.94 32.30 -96.19
N LYS C 930 118.08 31.08 -96.72
CA LYS C 930 116.92 30.24 -97.00
C LYS C 930 116.29 29.73 -95.71
N THR C 931 117.13 29.43 -94.72
CA THR C 931 116.65 29.14 -93.37
C THR C 931 115.92 30.34 -92.78
N LEU C 932 116.42 31.55 -93.02
CA LEU C 932 115.73 32.76 -92.55
C LEU C 932 114.36 32.89 -93.19
N LEU C 933 114.26 32.56 -94.48
CA LEU C 933 112.99 32.56 -95.19
C LEU C 933 112.04 31.54 -94.59
N ALA C 934 112.49 30.28 -94.44
CA ALA C 934 111.63 29.21 -93.94
C ALA C 934 111.21 29.49 -92.50
N LEU C 935 112.06 30.18 -91.73
CA LEU C 935 111.70 30.56 -90.37
C LEU C 935 110.66 31.67 -90.38
N GLY C 936 110.75 32.58 -91.35
CA GLY C 936 109.86 33.73 -91.38
C GLY C 936 110.55 35.06 -91.25
N CYS C 937 111.77 35.17 -91.77
CA CYS C 937 112.52 36.42 -91.76
C CYS C 937 112.52 37.04 -93.17
N HIS C 938 112.19 38.33 -93.22
CA HIS C 938 112.15 39.09 -94.46
C HIS C 938 112.87 40.42 -94.26
N VAL C 939 113.38 41.00 -95.34
CA VAL C 939 114.31 42.12 -95.26
C VAL C 939 113.68 43.37 -95.87
N GLY C 940 114.07 44.51 -95.32
CA GLY C 940 113.66 45.81 -95.82
C GLY C 940 114.74 46.85 -95.59
N MET C 941 114.98 47.72 -96.57
CA MET C 941 116.08 48.66 -96.54
C MET C 941 115.55 50.05 -96.23
N ALA C 942 116.09 50.68 -95.19
CA ALA C 942 115.71 52.03 -94.82
C ALA C 942 116.88 53.01 -94.87
N ASP C 943 117.95 52.77 -94.10
CA ASP C 943 118.86 53.85 -93.74
C ASP C 943 120.02 53.92 -94.73
N GLU C 944 121.06 54.69 -94.39
CA GLU C 944 122.27 54.85 -95.19
C GLU C 944 122.97 53.53 -95.48
N LYS C 945 123.46 53.38 -96.72
CA LYS C 945 124.10 52.15 -97.15
C LYS C 945 125.39 51.98 -96.35
N ALA C 946 125.51 50.86 -95.62
CA ALA C 946 126.69 50.59 -94.80
C ALA C 946 127.98 50.51 -95.60
N GLU C 947 127.88 50.18 -96.90
CA GLU C 947 129.04 50.13 -97.79
C GLU C 947 129.84 51.42 -97.78
N ASP C 948 129.17 52.56 -97.69
CA ASP C 948 129.85 53.84 -97.66
C ASP C 948 130.58 54.04 -96.33
N ASN C 949 129.89 53.80 -95.22
CA ASN C 949 130.37 54.15 -93.89
C ASN C 949 131.07 52.96 -93.22
N LEU C 950 131.40 51.94 -94.01
CA LEU C 950 132.22 50.82 -93.57
C LEU C 950 133.60 50.92 -94.21
N LYS C 951 134.60 50.41 -93.50
CA LYS C 951 135.96 50.42 -94.01
C LYS C 951 136.67 49.15 -93.54
N LYS C 952 137.74 48.80 -94.24
CA LYS C 952 138.61 47.69 -93.88
C LYS C 952 139.80 48.21 -93.10
N THR C 953 140.12 47.55 -91.99
CA THR C 953 141.14 48.03 -91.06
C THR C 953 142.33 47.07 -91.12
N LYS C 954 143.43 47.52 -91.71
CA LYS C 954 144.68 46.76 -91.69
C LYS C 954 145.29 46.93 -90.31
N LEU C 955 144.86 46.06 -89.39
CA LEU C 955 145.33 46.10 -88.01
C LEU C 955 146.79 45.67 -87.94
N PRO C 956 147.53 46.12 -86.91
CA PRO C 956 148.86 45.53 -86.66
C PRO C 956 148.82 44.03 -86.45
N LYS C 957 147.80 43.53 -85.72
CA LYS C 957 147.51 42.12 -85.71
C LYS C 957 146.91 41.69 -87.05
N THR C 958 147.00 40.39 -87.33
CA THR C 958 146.56 39.74 -88.58
C THR C 958 147.33 40.26 -89.79
N TYR C 959 148.52 40.82 -89.59
CA TYR C 959 149.38 41.21 -90.70
C TYR C 959 150.05 39.97 -91.28
N MET C 960 150.00 39.86 -92.62
CA MET C 960 150.58 38.72 -93.32
C MET C 960 151.38 39.18 -94.52
N MET C 961 152.31 38.30 -94.92
CA MET C 961 153.21 38.55 -96.04
C MET C 961 152.64 38.03 -97.36
N SER C 962 151.65 37.14 -97.31
CA SER C 962 151.07 36.55 -98.51
C SER C 962 150.02 37.48 -99.06
N ASN C 963 150.40 38.23 -100.11
CA ASN C 963 149.53 39.10 -100.92
C ASN C 963 148.79 40.12 -100.06
N GLY C 964 149.55 40.86 -99.26
CA GLY C 964 149.00 41.94 -98.46
C GLY C 964 148.26 41.44 -97.24
N TYR C 965 147.91 42.38 -96.37
CA TYR C 965 147.22 42.07 -95.13
C TYR C 965 145.87 42.77 -95.07
N LYS C 966 144.89 42.08 -94.52
CA LYS C 966 143.52 42.55 -94.40
C LYS C 966 142.84 41.73 -93.32
N PRO C 967 141.72 42.21 -92.76
CA PRO C 967 140.90 41.33 -91.91
C PRO C 967 140.47 40.09 -92.69
N ALA C 968 140.54 38.93 -92.02
CA ALA C 968 140.19 37.67 -92.68
C ALA C 968 138.74 37.62 -93.16
N PRO C 969 137.70 37.98 -92.34
CA PRO C 969 136.38 38.20 -92.96
C PRO C 969 136.30 39.62 -93.50
N LEU C 970 135.15 40.03 -93.99
CA LEU C 970 134.98 41.41 -94.41
C LEU C 970 134.73 42.24 -93.15
N ASP C 971 135.40 43.39 -93.06
CA ASP C 971 135.37 44.18 -91.84
C ASP C 971 133.99 44.82 -91.63
N LEU C 972 133.73 45.23 -90.39
CA LEU C 972 132.46 45.84 -90.02
C LEU C 972 132.70 46.78 -88.85
N SER C 973 131.94 47.87 -88.80
CA SER C 973 132.04 48.86 -87.76
C SER C 973 131.00 48.55 -86.66
N HIS C 974 130.83 49.50 -85.74
CA HIS C 974 129.84 49.43 -84.66
C HIS C 974 128.42 49.14 -85.14
N VAL C 975 127.90 47.97 -84.76
CA VAL C 975 126.57 47.46 -85.12
C VAL C 975 126.08 46.65 -83.93
N ARG C 976 124.79 46.72 -83.63
CA ARG C 976 124.22 46.05 -82.46
C ARG C 976 123.10 45.12 -82.90
N LEU C 977 122.55 44.36 -81.94
CA LEU C 977 121.53 43.37 -82.24
C LEU C 977 120.52 43.31 -81.11
N THR C 978 119.23 43.30 -81.47
CA THR C 978 118.15 43.25 -80.51
C THR C 978 117.85 41.80 -80.10
N PRO C 979 117.14 41.58 -78.97
CA PRO C 979 116.86 40.20 -78.54
C PRO C 979 116.12 39.34 -79.54
N ALA C 980 115.23 39.91 -80.37
CA ALA C 980 114.60 39.15 -81.45
C ALA C 980 115.64 38.51 -82.35
N GLN C 981 116.69 39.27 -82.71
CA GLN C 981 117.80 38.73 -83.49
C GLN C 981 118.58 37.69 -82.70
N THR C 982 118.69 37.84 -81.37
CA THR C 982 119.41 36.84 -80.57
C THR C 982 118.68 35.49 -80.61
N THR C 983 117.37 35.50 -80.35
CA THR C 983 116.58 34.27 -80.42
C THR C 983 116.61 33.68 -81.83
N LEU C 984 116.50 34.55 -82.85
CA LEU C 984 116.48 34.07 -84.23
C LEU C 984 117.80 33.42 -84.61
N VAL C 985 118.93 34.01 -84.19
CA VAL C 985 120.21 33.40 -84.53
C VAL C 985 120.41 32.11 -83.72
N ASP C 986 119.82 32.04 -82.51
CA ASP C 986 119.85 30.81 -81.72
C ASP C 986 119.17 29.67 -82.47
N ARG C 987 117.94 29.88 -82.94
CA ARG C 987 117.27 28.81 -83.67
C ARG C 987 117.86 28.61 -85.07
N LEU C 988 118.50 29.63 -85.63
CA LEU C 988 119.21 29.47 -86.88
C LEU C 988 120.40 28.52 -86.73
N ALA C 989 121.12 28.66 -85.61
CA ALA C 989 122.21 27.72 -85.31
C ALA C 989 121.65 26.34 -84.99
N GLU C 990 120.49 26.29 -84.33
CA GLU C 990 119.80 25.03 -84.09
C GLU C 990 119.49 24.31 -85.41
N ASN C 991 118.97 25.04 -86.39
CA ASN C 991 118.61 24.43 -87.65
C ASN C 991 119.85 24.14 -88.50
N GLY C 992 121.01 24.68 -88.14
CA GLY C 992 122.22 24.29 -88.82
C GLY C 992 122.74 22.98 -88.24
N HIS C 993 122.76 22.94 -86.90
CA HIS C 993 123.20 21.75 -86.18
C HIS C 993 122.34 20.54 -86.51
N ASN C 994 121.02 20.72 -86.59
CA ASN C 994 120.15 19.57 -86.79
C ASN C 994 120.21 19.05 -88.22
N VAL C 995 120.61 19.90 -89.18
CA VAL C 995 120.82 19.43 -90.55
C VAL C 995 122.15 18.69 -90.62
N TRP C 996 123.17 19.20 -89.94
CA TRP C 996 124.46 18.52 -89.89
C TRP C 996 124.33 17.13 -89.26
N ALA C 997 123.60 17.07 -88.14
CA ALA C 997 123.39 15.81 -87.44
C ALA C 997 122.57 14.83 -88.29
N ARG C 998 121.55 15.35 -88.98
CA ARG C 998 120.73 14.54 -89.89
C ARG C 998 121.61 13.94 -90.99
N ASP C 999 122.49 14.75 -91.56
CA ASP C 999 123.38 14.29 -92.62
C ASP C 999 124.33 13.20 -92.11
N ARG C 1000 124.93 13.43 -90.93
CA ARG C 1000 125.85 12.44 -90.36
C ARG C 1000 125.15 11.11 -90.09
N VAL C 1001 123.92 11.18 -89.56
CA VAL C 1001 123.12 9.98 -89.34
C VAL C 1001 122.85 9.29 -90.67
N ALA C 1002 122.48 10.07 -91.70
CA ALA C 1002 122.29 9.50 -93.03
C ALA C 1002 123.57 8.91 -93.61
N GLN C 1003 124.75 9.32 -93.13
CA GLN C 1003 125.98 8.61 -93.44
C GLN C 1003 126.32 7.55 -92.41
N GLY C 1004 125.39 7.22 -91.51
CA GLY C 1004 125.55 6.10 -90.62
C GLY C 1004 126.01 6.42 -89.22
N TRP C 1005 126.60 7.60 -89.01
CA TRP C 1005 127.18 7.98 -87.73
C TRP C 1005 126.17 7.96 -86.58
N SER C 1006 126.68 7.95 -85.36
CA SER C 1006 125.84 7.98 -84.17
C SER C 1006 126.60 8.65 -83.03
N TYR C 1007 125.96 8.70 -81.86
CA TYR C 1007 126.49 9.40 -80.70
C TYR C 1007 127.33 8.47 -79.83
N SER C 1008 128.39 9.01 -79.24
CA SER C 1008 129.18 8.34 -78.21
C SER C 1008 129.93 9.43 -77.47
N ALA C 1009 129.88 9.39 -76.12
CA ALA C 1009 130.53 10.40 -75.30
C ALA C 1009 132.05 10.45 -75.48
N VAL C 1010 132.65 9.39 -76.01
CA VAL C 1010 134.05 9.35 -76.39
C VAL C 1010 134.11 9.24 -77.91
N GLN C 1011 134.98 10.05 -78.53
CA GLN C 1011 134.99 10.15 -79.98
C GLN C 1011 135.72 8.96 -80.58
N ASP C 1012 135.07 8.35 -81.58
CA ASP C 1012 135.63 7.22 -82.33
C ASP C 1012 135.41 7.49 -83.81
N ILE C 1013 136.41 8.05 -84.48
CA ILE C 1013 136.33 8.36 -85.90
C ILE C 1013 136.25 7.09 -86.77
N PRO C 1014 137.16 6.09 -86.65
CA PRO C 1014 136.98 4.88 -87.50
C PRO C 1014 135.68 4.11 -87.25
N ALA C 1015 135.17 4.17 -86.02
CA ALA C 1015 133.86 3.61 -85.72
C ALA C 1015 132.72 4.57 -86.03
N ARG C 1016 133.04 5.80 -86.48
CA ARG C 1016 132.09 6.78 -86.99
C ARG C 1016 131.10 7.21 -85.92
N ARG C 1017 131.63 7.61 -84.76
CA ARG C 1017 130.83 8.11 -83.66
C ARG C 1017 131.47 9.39 -83.13
N ASN C 1018 130.62 10.31 -82.68
CA ASN C 1018 131.02 11.67 -82.34
C ASN C 1018 130.39 12.04 -81.00
N PRO C 1019 131.03 12.89 -80.20
CA PRO C 1019 130.39 13.40 -78.98
C PRO C 1019 129.41 14.54 -79.19
N ARG C 1020 129.18 14.95 -80.43
CA ARG C 1020 128.30 16.09 -80.68
C ARG C 1020 127.11 15.70 -81.54
N LEU C 1021 126.96 14.42 -81.87
CA LEU C 1021 125.75 13.94 -82.56
C LEU C 1021 124.59 13.77 -81.58
N VAL C 1022 124.13 14.90 -81.05
CA VAL C 1022 122.88 14.97 -80.31
C VAL C 1022 122.16 16.20 -80.84
N PRO C 1023 120.83 16.27 -80.76
CA PRO C 1023 120.12 17.50 -81.12
C PRO C 1023 120.58 18.69 -80.30
N TYR C 1024 120.46 19.88 -80.93
CA TYR C 1024 120.97 21.14 -80.37
C TYR C 1024 120.48 21.37 -78.94
N ARG C 1025 119.22 21.02 -78.67
CA ARG C 1025 118.64 21.20 -77.34
C ARG C 1025 119.37 20.37 -76.29
N LEU C 1026 120.03 19.28 -76.73
CA LEU C 1026 120.76 18.38 -75.86
C LEU C 1026 122.27 18.63 -75.93
N LEU C 1027 122.71 19.47 -76.86
CA LEU C 1027 124.12 19.82 -77.00
C LEU C 1027 124.62 20.55 -75.75
N ASP C 1028 125.93 20.73 -75.66
CA ASP C 1028 126.49 21.45 -74.53
C ASP C 1028 126.58 22.93 -74.84
N GLU C 1029 126.64 23.74 -73.78
CA GLU C 1029 126.63 25.19 -73.90
C GLU C 1029 127.86 25.73 -74.62
N ALA C 1030 129.00 25.06 -74.45
CA ALA C 1030 130.23 25.44 -75.14
C ALA C 1030 130.04 25.36 -76.65
N THR C 1031 129.53 24.23 -77.13
CA THR C 1031 129.31 24.05 -78.57
C THR C 1031 128.15 24.91 -79.05
N LYS C 1032 127.11 25.09 -78.21
CA LYS C 1032 126.02 26.02 -78.54
C LYS C 1032 126.55 27.41 -78.81
N ARG C 1033 127.41 27.91 -77.91
CA ARG C 1033 127.99 29.24 -78.05
C ARG C 1033 128.90 29.31 -79.27
N SER C 1034 129.69 28.26 -79.49
CA SER C 1034 130.62 28.24 -80.63
C SER C 1034 129.87 28.27 -81.96
N ASN C 1035 128.77 27.53 -82.09
CA ASN C 1035 127.95 27.63 -83.29
C ASN C 1035 127.29 29.01 -83.40
N ARG C 1036 126.74 29.51 -82.29
CA ARG C 1036 125.99 30.76 -82.33
C ARG C 1036 126.87 31.97 -82.64
N ASP C 1037 128.17 31.92 -82.29
CA ASP C 1037 129.05 33.06 -82.49
C ASP C 1037 129.22 33.43 -83.98
N SER C 1038 129.45 32.43 -84.82
CA SER C 1038 129.69 32.65 -86.25
C SER C 1038 128.46 33.26 -86.93
N LEU C 1039 127.32 32.62 -86.73
CA LEU C 1039 126.09 33.10 -87.35
C LEU C 1039 125.59 34.39 -86.68
N CYS C 1040 125.99 34.64 -85.42
CA CYS C 1040 125.72 35.93 -84.80
C CYS C 1040 126.48 37.03 -85.50
N GLN C 1041 127.74 36.77 -85.85
CA GLN C 1041 128.52 37.71 -86.65
C GLN C 1041 127.87 37.92 -88.02
N ALA C 1042 127.38 36.82 -88.63
CA ALA C 1042 126.73 36.89 -89.93
C ALA C 1042 125.48 37.77 -89.89
N VAL C 1043 124.59 37.52 -88.92
CA VAL C 1043 123.35 38.30 -88.82
C VAL C 1043 123.69 39.74 -88.42
N ARG C 1044 124.78 39.95 -87.68
CA ARG C 1044 125.24 41.30 -87.36
C ARG C 1044 125.64 42.05 -88.62
N THR C 1045 126.40 41.38 -89.51
CA THR C 1045 126.80 41.97 -90.78
C THR C 1045 125.58 42.27 -91.66
N LEU C 1046 124.57 41.39 -91.59
CA LEU C 1046 123.32 41.64 -92.30
C LEU C 1046 122.62 42.88 -91.75
N LEU C 1047 122.59 43.01 -90.41
CA LEU C 1047 121.94 44.13 -89.74
C LEU C 1047 122.64 45.44 -90.04
N GLY C 1048 123.97 45.41 -90.19
CA GLY C 1048 124.74 46.60 -90.50
C GLY C 1048 124.28 47.28 -91.78
N TYR C 1049 123.94 46.50 -92.80
CA TYR C 1049 123.41 47.02 -94.06
C TYR C 1049 121.97 47.52 -93.94
N GLY C 1050 121.39 47.52 -92.74
CA GLY C 1050 120.11 48.11 -92.47
C GLY C 1050 118.93 47.26 -92.86
N TYR C 1051 119.15 46.06 -93.36
CA TYR C 1051 118.03 45.21 -93.77
C TYR C 1051 117.43 44.56 -92.54
N ASN C 1052 116.12 44.75 -92.37
CA ASN C 1052 115.42 44.35 -91.16
C ASN C 1052 115.43 42.84 -91.00
N ILE C 1053 115.58 42.39 -89.76
CA ILE C 1053 115.42 41.00 -89.39
C ILE C 1053 114.02 40.89 -88.77
N GLU C 1054 113.06 40.39 -89.54
CA GLU C 1054 111.67 40.42 -89.11
C GLU C 1054 111.36 39.15 -88.34
N PRO C 1055 110.96 39.23 -87.07
CA PRO C 1055 110.51 38.04 -86.36
C PRO C 1055 109.26 37.48 -87.00
N PRO C 1056 109.12 36.16 -87.02
CA PRO C 1056 107.89 35.53 -87.52
C PRO C 1056 106.80 35.60 -86.45
N ASP C 1057 105.63 35.09 -86.80
CA ASP C 1057 104.53 34.99 -85.84
C ASP C 1057 104.88 33.99 -84.74
N GLN C 1058 104.25 34.17 -83.59
CA GLN C 1058 104.48 33.35 -82.41
C GLN C 1058 103.35 32.35 -82.24
N GLU C 1059 103.70 31.07 -82.15
CA GLU C 1059 102.72 30.01 -81.95
C GLU C 1059 103.09 29.26 -80.67
N PRO C 1060 102.25 29.32 -79.63
CA PRO C 1060 102.54 28.58 -78.39
C PRO C 1060 102.28 27.09 -78.52
N SER C 1061 103.28 26.30 -78.16
CA SER C 1061 103.19 24.85 -78.30
C SER C 1061 103.65 24.18 -77.00
N GLN C 1062 103.07 23.02 -76.73
CA GLN C 1062 103.41 22.18 -75.58
C GLN C 1062 104.00 20.88 -76.07
N VAL C 1063 105.14 20.48 -75.48
CA VAL C 1063 105.85 19.28 -75.92
C VAL C 1063 105.02 18.03 -75.64
N GLU C 1064 104.51 17.90 -74.43
CA GLU C 1064 103.68 16.76 -74.06
C GLU C 1064 102.33 17.26 -73.58
N ASN C 1065 101.26 16.74 -74.16
CA ASN C 1065 99.91 17.17 -73.84
C ASN C 1065 99.01 16.05 -73.34
N GLN C 1066 99.21 14.83 -73.85
CA GLN C 1066 98.34 13.69 -73.55
C GLN C 1066 98.31 13.36 -72.07
N SER C 1067 99.47 13.22 -71.44
CA SER C 1067 99.54 12.83 -70.03
C SER C 1067 99.43 14.09 -69.16
N ARG C 1068 98.20 14.62 -69.10
CA ARG C 1068 97.91 15.74 -68.22
C ARG C 1068 97.93 15.37 -66.74
N TRP C 1069 97.86 14.08 -66.42
CA TRP C 1069 97.76 13.64 -65.03
C TRP C 1069 99.13 13.42 -64.41
N ASP C 1070 100.11 13.00 -65.20
CA ASP C 1070 101.50 12.92 -64.74
C ASP C 1070 102.17 14.28 -64.75
N ARG C 1071 101.57 15.26 -64.09
CA ARG C 1071 102.08 16.62 -63.99
C ARG C 1071 102.11 17.13 -62.56
N VAL C 1072 101.15 16.77 -61.72
CA VAL C 1072 101.10 17.31 -60.38
C VAL C 1072 101.10 16.12 -59.43
N ARG C 1073 101.40 16.39 -58.17
CA ARG C 1073 101.41 15.37 -57.11
C ARG C 1073 100.95 16.04 -55.84
N ILE C 1074 99.77 15.70 -55.40
CA ILE C 1074 99.15 16.36 -54.25
C ILE C 1074 99.58 15.62 -53.00
N PHE C 1075 99.86 16.39 -51.94
CA PHE C 1075 100.22 15.87 -50.63
C PHE C 1075 99.28 16.49 -49.62
N ARG C 1076 98.81 15.68 -48.67
CA ARG C 1076 97.96 16.19 -47.62
C ARG C 1076 98.10 15.32 -46.39
N ALA C 1077 97.71 15.85 -45.24
CA ALA C 1077 97.75 15.03 -44.04
C ALA C 1077 96.62 14.01 -44.07
N GLU C 1078 96.70 13.04 -43.18
CA GLU C 1078 95.67 12.01 -43.06
C GLU C 1078 94.37 12.65 -42.57
N LYS C 1079 93.24 12.03 -42.95
CA LYS C 1079 91.93 12.55 -42.56
C LYS C 1079 91.70 12.52 -41.06
N SER C 1080 92.44 11.70 -40.31
CA SER C 1080 92.30 11.65 -38.86
C SER C 1080 92.90 12.86 -38.16
N TYR C 1081 93.65 13.69 -38.88
CA TYR C 1081 94.23 14.90 -38.33
C TYR C 1081 93.39 16.14 -38.64
N THR C 1082 92.16 15.94 -39.09
CA THR C 1082 91.26 17.04 -39.41
C THR C 1082 91.01 17.95 -38.21
N VAL C 1083 91.09 19.26 -38.44
CA VAL C 1083 90.89 20.26 -37.40
C VAL C 1083 89.63 21.05 -37.70
N GLN C 1084 88.85 21.31 -36.66
CA GLN C 1084 87.59 22.04 -36.79
C GLN C 1084 87.48 23.21 -35.82
N SER C 1085 88.56 23.55 -35.12
CA SER C 1085 88.54 24.63 -34.14
C SER C 1085 89.96 25.10 -33.90
N GLY C 1086 90.08 26.27 -33.28
CA GLY C 1086 91.39 26.81 -32.97
C GLY C 1086 92.07 27.51 -34.13
N ARG C 1087 93.34 27.82 -33.90
CA ARG C 1087 94.19 28.50 -34.87
C ARG C 1087 95.43 27.66 -35.10
N TRP C 1088 95.74 27.41 -36.37
CA TRP C 1088 96.82 26.49 -36.70
C TRP C 1088 97.78 27.13 -37.70
N TYR C 1089 99.02 26.63 -37.67
CA TYR C 1089 100.10 27.19 -38.47
C TYR C 1089 101.06 26.10 -38.91
N PHE C 1090 101.60 26.24 -40.12
CA PHE C 1090 102.62 25.34 -40.63
C PHE C 1090 103.39 26.05 -41.75
N GLU C 1091 104.61 25.58 -41.99
CA GLU C 1091 105.48 26.20 -42.95
C GLU C 1091 105.57 25.38 -44.23
N PHE C 1092 106.03 26.03 -45.29
CA PHE C 1092 106.30 25.34 -46.55
C PHE C 1092 107.46 26.05 -47.26
N GLU C 1093 108.67 25.51 -47.05
CA GLU C 1093 109.88 26.08 -47.62
C GLU C 1093 109.95 25.69 -49.09
N ALA C 1094 109.68 26.64 -49.96
CA ALA C 1094 109.69 26.45 -51.41
C ALA C 1094 111.14 26.32 -51.87
N VAL C 1095 111.61 25.09 -52.11
CA VAL C 1095 113.00 24.92 -52.54
C VAL C 1095 113.19 25.48 -53.95
N THR C 1096 112.28 25.17 -54.85
CA THR C 1096 112.36 25.67 -56.21
C THR C 1096 111.28 26.73 -56.42
N THR C 1097 111.26 27.32 -57.61
CA THR C 1097 110.35 28.43 -57.90
C THR C 1097 109.37 28.10 -59.02
N GLY C 1098 109.10 26.84 -59.27
CA GLY C 1098 108.17 26.43 -60.31
C GLY C 1098 106.73 26.57 -59.90
N GLU C 1099 105.88 25.71 -60.46
CA GLU C 1099 104.45 25.72 -60.19
C GLU C 1099 104.15 24.78 -59.02
N MET C 1100 104.12 25.33 -57.82
CA MET C 1100 103.75 24.59 -56.63
C MET C 1100 102.71 25.40 -55.87
N ARG C 1101 101.86 24.71 -55.13
CA ARG C 1101 100.78 25.36 -54.39
C ARG C 1101 100.73 24.82 -52.97
N VAL C 1102 100.22 25.63 -52.05
CA VAL C 1102 100.15 25.25 -50.64
C VAL C 1102 98.98 25.99 -50.00
N GLY C 1103 98.30 25.34 -49.05
CA GLY C 1103 97.19 25.96 -48.37
C GLY C 1103 96.41 25.01 -47.48
N TRP C 1104 95.08 25.07 -47.53
CA TRP C 1104 94.27 24.17 -46.72
C TRP C 1104 93.16 23.58 -47.57
N ALA C 1105 92.68 22.41 -47.17
CA ALA C 1105 91.71 21.70 -47.99
C ALA C 1105 90.78 20.88 -47.12
N ARG C 1106 89.60 20.59 -47.69
CA ARG C 1106 88.61 19.76 -47.03
C ARG C 1106 88.99 18.29 -47.21
N PRO C 1107 88.55 17.41 -46.31
CA PRO C 1107 88.99 15.99 -46.37
C PRO C 1107 88.63 15.25 -47.65
N GLU C 1108 87.54 15.62 -48.32
CA GLU C 1108 87.06 14.87 -49.48
C GLU C 1108 87.64 15.38 -50.80
N LEU C 1109 88.85 15.95 -50.77
CA LEU C 1109 89.47 16.50 -51.97
C LEU C 1109 89.67 15.43 -53.04
N ARG C 1110 89.29 15.75 -54.26
CA ARG C 1110 89.46 14.83 -55.38
C ARG C 1110 90.92 14.80 -55.79
N PRO C 1111 91.52 13.62 -55.94
CA PRO C 1111 92.95 13.56 -56.25
C PRO C 1111 93.28 13.91 -57.69
N ASP C 1112 92.30 13.94 -58.59
CA ASP C 1112 92.54 14.20 -60.01
C ASP C 1112 91.92 15.53 -60.45
N VAL C 1113 91.92 16.52 -59.56
CA VAL C 1113 91.46 17.87 -59.85
C VAL C 1113 92.49 18.83 -59.29
N GLU C 1114 92.90 19.81 -60.10
CA GLU C 1114 93.84 20.83 -59.65
C GLU C 1114 93.29 21.62 -58.47
N LEU C 1115 94.16 21.89 -57.51
CA LEU C 1115 93.77 22.59 -56.29
C LEU C 1115 93.33 24.02 -56.58
N GLY C 1116 92.21 24.42 -55.97
CA GLY C 1116 91.64 25.71 -56.20
C GLY C 1116 90.64 25.78 -57.34
N ALA C 1117 90.63 24.78 -58.22
CA ALA C 1117 89.66 24.73 -59.31
C ALA C 1117 88.26 24.41 -58.83
N ASP C 1118 88.11 23.94 -57.60
CA ASP C 1118 86.81 23.62 -57.02
C ASP C 1118 86.69 24.23 -55.64
N GLU C 1119 85.63 23.88 -54.92
CA GLU C 1119 85.35 24.43 -53.61
C GLU C 1119 86.00 23.63 -52.49
N LEU C 1120 86.74 22.57 -52.83
CA LEU C 1120 87.31 21.69 -51.82
C LEU C 1120 88.70 22.12 -51.37
N ALA C 1121 89.21 23.23 -51.87
CA ALA C 1121 90.54 23.67 -51.49
C ALA C 1121 90.60 25.19 -51.46
N TYR C 1122 91.31 25.72 -50.47
CA TYR C 1122 91.60 27.14 -50.31
C TYR C 1122 93.12 27.20 -50.38
N VAL C 1123 93.65 27.31 -51.59
CA VAL C 1123 95.08 27.13 -51.79
C VAL C 1123 95.66 28.42 -52.35
N PHE C 1124 96.94 28.67 -52.09
CA PHE C 1124 97.62 29.88 -52.53
C PHE C 1124 98.69 29.48 -53.54
N ASN C 1125 98.46 29.82 -54.81
CA ASN C 1125 99.41 29.53 -55.88
C ASN C 1125 100.35 30.71 -55.93
N GLY C 1126 101.45 30.60 -55.20
CA GLY C 1126 102.40 31.68 -55.15
C GLY C 1126 103.44 31.68 -56.23
N HIS C 1127 103.28 30.84 -57.26
CA HIS C 1127 104.20 30.90 -58.39
C HIS C 1127 104.11 32.25 -59.09
N ARG C 1128 102.91 32.80 -59.22
CA ARG C 1128 102.71 34.15 -59.73
C ARG C 1128 101.99 35.06 -58.73
N GLY C 1129 101.76 34.60 -57.51
CA GLY C 1129 101.04 35.42 -56.55
C GLY C 1129 99.55 35.45 -56.77
N GLN C 1130 98.90 34.28 -56.70
CA GLN C 1130 97.46 34.14 -56.92
C GLN C 1130 96.87 33.32 -55.77
N ARG C 1131 95.61 33.61 -55.44
CA ARG C 1131 94.88 32.80 -54.48
C ARG C 1131 93.78 32.05 -55.22
N TRP C 1132 93.73 30.74 -55.00
CA TRP C 1132 92.87 29.84 -55.75
C TRP C 1132 91.78 29.26 -54.85
N HIS C 1133 90.53 29.53 -55.24
CA HIS C 1133 89.34 28.88 -54.71
C HIS C 1133 88.24 29.12 -55.74
N LEU C 1134 87.81 28.04 -56.42
CA LEU C 1134 86.83 28.07 -57.51
C LEU C 1134 87.28 28.97 -58.66
N GLY C 1135 88.58 29.10 -58.87
CA GLY C 1135 89.13 29.95 -59.91
C GLY C 1135 90.42 30.58 -59.45
N SER C 1136 90.83 31.64 -60.14
CA SER C 1136 92.08 32.31 -59.85
C SER C 1136 91.88 33.81 -59.74
N GLU C 1137 92.62 34.42 -58.81
CA GLU C 1137 92.66 35.87 -58.65
C GLU C 1137 93.95 36.21 -57.91
N PRO C 1138 94.58 37.34 -58.23
CA PRO C 1138 95.90 37.64 -57.64
C PRO C 1138 95.87 37.90 -56.14
N PHE C 1139 97.00 37.61 -55.50
CA PHE C 1139 97.17 37.84 -54.07
C PHE C 1139 98.66 37.81 -53.75
N GLY C 1140 99.14 38.88 -53.11
CA GLY C 1140 100.53 38.94 -52.67
C GLY C 1140 101.53 38.97 -53.80
N ARG C 1141 102.72 38.46 -53.52
CA ARG C 1141 103.83 38.46 -54.46
C ARG C 1141 104.38 37.05 -54.63
N PRO C 1142 104.89 36.71 -55.82
CA PRO C 1142 105.51 35.41 -56.02
C PRO C 1142 106.75 35.23 -55.17
N TRP C 1143 107.00 33.99 -54.73
CA TRP C 1143 108.18 33.77 -53.91
C TRP C 1143 109.46 33.73 -54.75
N GLN C 1144 110.56 33.46 -54.07
CA GLN C 1144 111.83 33.09 -54.71
C GLN C 1144 112.37 31.85 -54.03
N SER C 1145 113.57 31.41 -54.40
CA SER C 1145 114.16 30.22 -53.82
C SER C 1145 114.53 30.45 -52.36
N GLY C 1146 114.29 29.43 -51.53
CA GLY C 1146 114.59 29.52 -50.12
C GLY C 1146 113.55 30.25 -49.30
N ASP C 1147 112.39 30.54 -49.86
CA ASP C 1147 111.34 31.25 -49.15
C ASP C 1147 110.49 30.26 -48.35
N VAL C 1148 109.83 30.78 -47.33
CA VAL C 1148 108.97 29.99 -46.44
C VAL C 1148 107.57 30.57 -46.48
N VAL C 1149 106.59 29.72 -46.79
CA VAL C 1149 105.20 30.12 -46.88
C VAL C 1149 104.50 29.55 -45.65
N GLY C 1150 104.36 30.39 -44.61
CA GLY C 1150 103.71 30.00 -43.38
C GLY C 1150 102.22 30.25 -43.37
N CYS C 1151 101.44 29.19 -43.60
CA CYS C 1151 100.00 29.33 -43.71
C CYS C 1151 99.37 29.45 -42.33
N MET C 1152 98.54 30.47 -42.13
CA MET C 1152 97.69 30.58 -40.97
C MET C 1152 96.41 29.77 -41.19
N ILE C 1153 95.61 29.65 -40.13
CA ILE C 1153 94.18 29.33 -40.22
C ILE C 1153 93.55 29.69 -38.88
N ASP C 1154 92.35 30.24 -38.94
CA ASP C 1154 91.59 30.70 -37.77
C ASP C 1154 90.17 30.21 -37.93
N LEU C 1155 89.85 29.05 -37.33
CA LEU C 1155 88.52 28.50 -37.41
C LEU C 1155 87.50 29.31 -36.62
N THR C 1156 87.94 30.07 -35.61
CA THR C 1156 87.02 30.90 -34.85
C THR C 1156 86.65 32.16 -35.62
N GLU C 1157 87.60 32.72 -36.36
CA GLU C 1157 87.37 33.93 -37.14
C GLU C 1157 87.03 33.62 -38.58
N ASN C 1158 87.06 32.33 -38.97
CA ASN C 1158 86.77 31.84 -40.31
C ASN C 1158 87.67 32.52 -41.35
N THR C 1159 88.97 32.56 -41.06
CA THR C 1159 89.90 33.27 -41.92
C THR C 1159 91.16 32.45 -42.20
N ILE C 1160 91.68 32.64 -43.41
CA ILE C 1160 92.93 32.02 -43.85
C ILE C 1160 93.86 33.13 -44.32
N ILE C 1161 95.07 33.14 -43.78
CA ILE C 1161 96.09 34.16 -44.07
C ILE C 1161 97.35 33.43 -44.51
N PHE C 1162 97.99 33.91 -45.56
CA PHE C 1162 99.26 33.34 -46.02
C PHE C 1162 100.36 34.34 -45.73
N THR C 1163 101.42 33.91 -45.04
CA THR C 1163 102.53 34.79 -44.72
C THR C 1163 103.80 34.29 -45.41
N LEU C 1164 104.50 35.18 -46.10
CA LEU C 1164 105.70 34.82 -46.83
C LEU C 1164 106.89 35.49 -46.16
N ASN C 1165 107.87 34.66 -45.76
CA ASN C 1165 109.11 35.07 -45.11
C ASN C 1165 108.84 35.91 -43.86
N GLY C 1166 107.80 35.54 -43.12
CA GLY C 1166 107.46 36.24 -41.90
C GLY C 1166 106.72 37.55 -42.11
N GLU C 1167 106.31 37.84 -43.33
CA GLU C 1167 105.59 39.07 -43.64
C GLU C 1167 104.22 38.72 -44.17
N VAL C 1168 103.19 39.33 -43.59
CA VAL C 1168 101.81 39.07 -44.00
C VAL C 1168 101.60 39.58 -45.42
N LEU C 1169 101.08 38.71 -46.28
CA LEU C 1169 100.85 39.07 -47.66
C LEU C 1169 99.63 39.98 -47.78
N MET C 1170 99.66 40.84 -48.80
CA MET C 1170 98.62 41.82 -49.03
C MET C 1170 97.92 41.51 -50.34
N SER C 1171 96.59 41.52 -50.32
CA SER C 1171 95.80 41.36 -51.53
C SER C 1171 95.79 42.66 -52.33
N ASP C 1172 95.07 42.66 -53.45
CA ASP C 1172 94.93 43.88 -54.24
C ASP C 1172 93.81 44.77 -53.69
N SER C 1173 93.82 45.01 -52.39
CA SER C 1173 92.87 45.82 -51.64
C SER C 1173 93.45 45.99 -50.23
N GLY C 1174 92.67 46.57 -49.34
CA GLY C 1174 93.10 46.72 -47.96
C GLY C 1174 92.94 45.50 -47.09
N SER C 1175 92.44 44.40 -47.63
CA SER C 1175 92.21 43.19 -46.85
C SER C 1175 93.54 42.53 -46.47
N GLU C 1176 93.69 42.21 -45.19
CA GLU C 1176 94.87 41.52 -44.68
C GLU C 1176 94.66 40.03 -44.50
N THR C 1177 93.48 39.51 -44.85
CA THR C 1177 93.18 38.09 -44.77
C THR C 1177 92.81 37.58 -46.15
N ALA C 1178 93.49 36.51 -46.59
CA ALA C 1178 93.32 36.01 -47.95
C ALA C 1178 91.92 35.49 -48.19
N PHE C 1179 91.40 34.66 -47.29
CA PHE C 1179 90.07 34.10 -47.46
C PHE C 1179 89.23 34.40 -46.24
N ARG C 1180 87.98 34.77 -46.46
CA ARG C 1180 87.08 35.22 -45.41
C ARG C 1180 85.75 34.51 -45.54
N GLU C 1181 85.05 34.38 -44.42
CA GLU C 1181 83.72 33.78 -44.30
C GLU C 1181 83.71 32.35 -44.85
N ILE C 1182 84.52 31.50 -44.23
CA ILE C 1182 84.58 30.09 -44.57
C ILE C 1182 83.86 29.27 -43.51
N GLU C 1183 82.95 28.42 -43.97
CA GLU C 1183 82.23 27.53 -43.06
C GLU C 1183 83.15 26.45 -42.55
N ILE C 1184 82.90 26.01 -41.31
CA ILE C 1184 83.71 24.97 -40.69
C ILE C 1184 83.63 23.68 -41.49
N GLY C 1185 82.41 23.28 -41.87
CA GLY C 1185 82.17 22.10 -42.68
C GLY C 1185 82.68 20.84 -42.03
N ASP C 1186 83.35 20.02 -42.83
CA ASP C 1186 83.97 18.81 -42.31
C ASP C 1186 85.25 19.10 -41.55
N GLY C 1187 85.86 20.26 -41.79
CA GLY C 1187 87.16 20.60 -41.26
C GLY C 1187 88.17 20.81 -42.39
N PHE C 1188 89.39 21.12 -41.99
CA PHE C 1188 90.42 21.47 -42.96
C PHE C 1188 91.70 20.69 -42.69
N LEU C 1189 92.41 20.38 -43.77
CA LEU C 1189 93.67 19.67 -43.75
C LEU C 1189 94.74 20.51 -44.43
N PRO C 1190 95.93 20.63 -43.84
CA PRO C 1190 97.06 21.27 -44.52
C PRO C 1190 97.41 20.52 -45.80
N VAL C 1191 97.44 21.25 -46.92
CA VAL C 1191 97.61 20.61 -48.22
C VAL C 1191 98.68 21.36 -49.02
N CYS C 1192 99.29 20.65 -49.96
CA CYS C 1192 100.24 21.22 -50.89
C CYS C 1192 100.34 20.32 -52.11
N SER C 1193 100.87 20.88 -53.20
CA SER C 1193 101.08 20.13 -54.43
C SER C 1193 102.30 20.71 -55.14
N LEU C 1194 102.89 19.89 -56.00
CA LEU C 1194 104.08 20.26 -56.75
C LEU C 1194 103.94 19.85 -58.21
N GLY C 1195 104.33 20.76 -59.10
CA GLY C 1195 104.38 20.52 -60.53
C GLY C 1195 105.62 19.75 -60.91
N PRO C 1196 105.86 19.54 -62.21
CA PRO C 1196 107.03 18.79 -62.65
C PRO C 1196 108.33 19.47 -62.23
N GLY C 1197 109.30 18.64 -61.82
CA GLY C 1197 110.62 19.09 -61.43
C GLY C 1197 110.63 20.07 -60.28
N GLN C 1198 109.91 19.79 -59.20
CA GLN C 1198 109.83 20.72 -58.08
C GLN C 1198 110.19 20.04 -56.77
N VAL C 1199 110.73 20.83 -55.84
CA VAL C 1199 111.09 20.35 -54.51
C VAL C 1199 110.49 21.29 -53.46
N GLY C 1200 109.83 20.70 -52.46
CA GLY C 1200 109.20 21.46 -51.39
C GLY C 1200 109.43 20.85 -50.03
N HIS C 1201 109.68 21.66 -49.02
CA HIS C 1201 109.89 21.19 -47.66
C HIS C 1201 108.68 21.59 -46.83
N LEU C 1202 107.93 20.62 -46.37
CA LEU C 1202 106.71 20.87 -45.61
C LEU C 1202 107.01 20.65 -44.14
N ASN C 1203 106.86 21.70 -43.32
CA ASN C 1203 107.11 21.61 -41.89
C ASN C 1203 105.78 21.84 -41.17
N LEU C 1204 105.19 20.77 -40.68
CA LEU C 1204 103.93 20.85 -39.95
C LEU C 1204 104.12 21.26 -38.50
N GLY C 1205 105.35 21.52 -38.07
CA GLY C 1205 105.61 22.03 -36.74
C GLY C 1205 105.56 21.00 -35.65
N GLN C 1206 106.03 19.77 -35.93
CA GLN C 1206 106.14 18.76 -34.88
C GLN C 1206 107.12 19.21 -33.80
N ASP C 1207 108.24 19.80 -34.20
CA ASP C 1207 109.16 20.46 -33.29
C ASP C 1207 108.98 21.97 -33.43
N VAL C 1208 108.55 22.62 -32.34
CA VAL C 1208 108.24 24.04 -32.37
C VAL C 1208 109.51 24.86 -32.63
N SER C 1209 110.64 24.41 -32.08
CA SER C 1209 111.91 25.13 -32.24
C SER C 1209 112.39 25.12 -33.68
N SER C 1210 112.11 24.04 -34.42
CA SER C 1210 112.53 23.91 -35.81
C SER C 1210 111.89 24.95 -36.73
N LEU C 1211 110.75 25.51 -36.34
CA LEU C 1211 110.12 26.56 -37.14
C LEU C 1211 110.97 27.83 -37.11
N ARG C 1212 110.88 28.61 -38.19
CA ARG C 1212 111.70 29.79 -38.38
C ARG C 1212 110.92 31.08 -38.16
N PHE C 1213 109.82 31.26 -38.88
CA PHE C 1213 109.06 32.51 -38.87
C PHE C 1213 107.88 32.47 -37.91
N PHE C 1214 107.76 31.41 -37.10
CA PHE C 1214 106.69 31.33 -36.11
C PHE C 1214 106.83 32.43 -35.06
N ALA C 1215 108.07 32.69 -34.63
CA ALA C 1215 108.30 33.77 -33.67
C ALA C 1215 107.95 35.12 -34.28
N ILE C 1216 108.34 35.33 -35.54
CA ILE C 1216 108.05 36.59 -36.23
C ILE C 1216 106.55 36.75 -36.42
N CYS C 1217 105.87 35.70 -36.87
CA CYS C 1217 104.44 35.77 -37.11
C CYS C 1217 103.78 34.51 -36.59
N GLY C 1218 102.73 34.69 -35.78
CA GLY C 1218 101.95 33.57 -35.30
C GLY C 1218 102.01 33.32 -33.81
N LEU C 1219 103.21 33.47 -33.22
CA LEU C 1219 103.40 33.16 -31.80
C LEU C 1219 102.58 34.08 -30.90
N GLN C 1220 102.55 35.37 -31.21
CA GLN C 1220 101.84 36.33 -30.37
C GLN C 1220 100.37 36.44 -30.71
N GLU C 1221 99.93 35.83 -31.81
CA GLU C 1221 98.54 35.91 -32.22
C GLU C 1221 97.66 34.83 -31.60
N GLY C 1222 98.22 33.98 -30.73
CA GLY C 1222 97.48 32.85 -30.21
C GLY C 1222 97.50 31.62 -31.08
N PHE C 1223 98.25 31.62 -32.17
CA PHE C 1223 98.29 30.48 -33.07
C PHE C 1223 99.15 29.36 -32.48
N GLU C 1224 98.92 28.16 -32.99
CA GLU C 1224 99.62 26.97 -32.53
C GLU C 1224 100.16 26.21 -33.72
N PRO C 1225 101.28 25.50 -33.56
CA PRO C 1225 101.73 24.57 -34.61
C PRO C 1225 100.72 23.45 -34.79
N PHE C 1226 100.61 23.00 -36.04
CA PHE C 1226 99.61 21.98 -36.37
C PHE C 1226 99.89 20.64 -35.69
N ALA C 1227 101.15 20.37 -35.36
CA ALA C 1227 101.54 19.12 -34.74
C ALA C 1227 102.30 19.39 -33.46
N ILE C 1228 101.73 20.28 -32.63
CA ILE C 1228 102.43 20.80 -31.45
C ILE C 1228 102.74 19.69 -30.44
N ASN C 1229 101.80 18.79 -30.19
CA ASN C 1229 102.00 17.70 -29.25
C ASN C 1229 101.70 16.42 -30.00
N MET C 1230 102.70 15.89 -30.71
CA MET C 1230 102.57 14.64 -31.44
C MET C 1230 103.89 13.89 -31.39
N GLN C 1231 103.81 12.58 -31.17
CA GLN C 1231 105.01 11.75 -31.06
CA GLN C 1231 105.01 11.75 -31.06
C GLN C 1231 105.49 11.29 -32.42
N ARG C 1232 104.66 10.58 -33.14
CA ARG C 1232 105.05 10.13 -34.47
C ARG C 1232 104.87 11.24 -35.50
N PRO C 1233 105.66 11.23 -36.57
CA PRO C 1233 105.45 12.20 -37.65
C PRO C 1233 104.06 12.05 -38.26
N VAL C 1234 103.48 13.18 -38.65
CA VAL C 1234 102.12 13.21 -39.19
C VAL C 1234 102.07 12.42 -40.48
N THR C 1235 101.15 11.46 -40.54
CA THR C 1235 100.99 10.63 -41.73
C THR C 1235 100.45 11.47 -42.88
N THR C 1236 101.09 11.38 -44.03
CA THR C 1236 100.70 12.11 -45.22
C THR C 1236 100.25 11.15 -46.31
N TRP C 1237 99.21 11.55 -47.01
CA TRP C 1237 98.67 10.80 -48.13
C TRP C 1237 98.98 11.60 -49.38
N PHE C 1238 99.68 10.97 -50.32
CA PHE C 1238 99.99 11.58 -51.60
C PHE C 1238 99.08 11.02 -52.68
N SER C 1239 99.07 11.70 -53.82
CA SER C 1239 98.25 11.27 -54.94
C SER C 1239 99.09 10.40 -55.86
N LYS C 1240 98.72 9.13 -55.98
CA LYS C 1240 99.44 8.16 -56.79
C LYS C 1240 98.89 8.21 -58.21
N SER C 1241 99.76 8.46 -59.18
CA SER C 1241 99.38 8.57 -60.58
C SER C 1241 99.47 7.21 -61.29
N LEU C 1242 98.81 6.21 -60.71
CA LEU C 1242 98.74 4.88 -61.31
C LEU C 1242 97.28 4.54 -61.54
N PRO C 1243 96.87 4.27 -62.78
CA PRO C 1243 95.46 3.94 -63.06
C PRO C 1243 95.01 2.68 -62.33
N GLN C 1244 93.76 2.72 -61.87
CA GLN C 1244 93.16 1.57 -61.18
C GLN C 1244 91.72 1.42 -61.65
N PHE C 1245 91.15 0.25 -61.42
CA PHE C 1245 89.77 0.00 -61.79
C PHE C 1245 88.87 0.20 -60.59
N GLU C 1246 87.94 1.15 -60.68
CA GLU C 1246 86.99 1.39 -59.61
C GLU C 1246 85.58 1.31 -60.15
N PRO C 1247 84.59 0.91 -59.33
CA PRO C 1247 83.21 0.86 -59.81
C PRO C 1247 82.70 2.23 -60.22
N VAL C 1248 81.82 2.24 -61.21
CA VAL C 1248 81.20 3.48 -61.71
C VAL C 1248 80.34 4.09 -60.61
N PRO C 1249 80.62 5.32 -60.20
CA PRO C 1249 79.83 5.98 -59.14
C PRO C 1249 78.38 6.12 -59.55
N PRO C 1250 77.45 5.87 -58.63
CA PRO C 1250 76.02 6.04 -58.95
C PRO C 1250 75.62 7.48 -59.25
N GLU C 1251 76.43 8.46 -58.85
CA GLU C 1251 76.13 9.87 -59.05
C GLU C 1251 76.87 10.47 -60.23
N HIS C 1252 77.54 9.65 -61.05
CA HIS C 1252 78.37 10.14 -62.15
C HIS C 1252 77.55 10.89 -63.18
N PRO C 1253 77.90 12.14 -63.50
CA PRO C 1253 77.08 12.94 -64.43
C PRO C 1253 77.01 12.37 -65.84
N HIS C 1254 78.09 11.76 -66.34
CA HIS C 1254 78.16 11.37 -67.74
C HIS C 1254 77.79 9.91 -67.98
N TYR C 1255 78.42 8.99 -67.26
CA TYR C 1255 78.24 7.57 -67.48
C TYR C 1255 77.30 6.96 -66.45
N GLU C 1256 76.43 6.06 -66.91
CA GLU C 1256 75.57 5.31 -66.01
C GLU C 1256 75.49 3.87 -66.50
N VAL C 1257 75.47 2.93 -65.55
CA VAL C 1257 75.41 1.52 -65.86
C VAL C 1257 74.06 0.99 -65.37
N ALA C 1258 73.32 0.34 -66.26
CA ALA C 1258 72.00 -0.15 -65.94
C ALA C 1258 72.00 -1.67 -65.94
N ARG C 1259 71.55 -2.26 -64.84
CA ARG C 1259 71.41 -3.71 -64.73
C ARG C 1259 70.02 -4.09 -65.22
N MET C 1260 69.96 -4.95 -66.23
CA MET C 1260 68.70 -5.35 -66.84
C MET C 1260 68.37 -6.77 -66.43
N ASP C 1261 67.13 -6.98 -65.99
CA ASP C 1261 66.67 -8.30 -65.62
C ASP C 1261 66.63 -9.21 -66.84
N GLY C 1262 67.08 -10.45 -66.66
CA GLY C 1262 67.06 -11.40 -67.75
C GLY C 1262 65.68 -11.97 -67.99
N THR C 1263 65.13 -11.77 -69.18
CA THR C 1263 63.80 -12.25 -69.50
C THR C 1263 63.88 -13.73 -69.90
N VAL C 1264 62.75 -14.29 -70.34
CA VAL C 1264 62.70 -15.68 -70.78
C VAL C 1264 63.53 -15.88 -72.05
N ASP C 1265 63.56 -14.89 -72.94
CA ASP C 1265 64.26 -15.01 -74.21
C ASP C 1265 65.56 -14.22 -74.27
N THR C 1266 65.81 -13.32 -73.32
CA THR C 1266 67.02 -12.52 -73.37
C THR C 1266 67.86 -12.74 -72.12
N PRO C 1267 69.18 -12.76 -72.24
CA PRO C 1267 70.04 -12.94 -71.07
C PRO C 1267 70.11 -11.67 -70.25
N PRO C 1268 70.52 -11.74 -68.98
CA PRO C 1268 70.72 -10.52 -68.20
C PRO C 1268 71.78 -9.62 -68.81
N CYS C 1269 71.58 -8.31 -68.67
CA CYS C 1269 72.39 -7.33 -69.35
C CYS C 1269 72.93 -6.30 -68.37
N LEU C 1270 74.13 -5.81 -68.70
CA LEU C 1270 74.81 -4.71 -68.03
C LEU C 1270 75.01 -3.64 -69.10
N ARG C 1271 74.02 -2.78 -69.26
CA ARG C 1271 74.02 -1.81 -70.34
C ARG C 1271 74.67 -0.51 -69.88
N LEU C 1272 75.50 0.07 -70.74
CA LEU C 1272 76.07 1.39 -70.51
C LEU C 1272 75.34 2.40 -71.37
N ALA C 1273 74.97 3.53 -70.77
CA ALA C 1273 74.28 4.58 -71.51
C ALA C 1273 74.87 5.93 -71.14
N HIS C 1274 75.28 6.69 -72.14
CA HIS C 1274 75.82 8.02 -71.90
C HIS C 1274 74.68 8.96 -71.53
N ARG C 1275 74.77 9.57 -70.35
CA ARG C 1275 73.69 10.44 -69.88
C ARG C 1275 73.60 11.72 -70.71
N THR C 1276 74.73 12.38 -70.91
CA THR C 1276 74.76 13.70 -71.52
C THR C 1276 75.34 13.70 -72.94
N TRP C 1277 75.13 12.61 -73.69
CA TRP C 1277 75.65 12.53 -75.04
C TRP C 1277 74.94 13.50 -75.95
N GLY C 1278 75.70 14.42 -76.54
CA GLY C 1278 75.20 15.38 -77.49
C GLY C 1278 74.88 16.74 -76.90
N SER C 1279 74.73 16.82 -75.59
CA SER C 1279 74.40 18.08 -74.95
C SER C 1279 75.66 18.94 -74.78
N GLN C 1280 75.45 20.17 -74.31
CA GLN C 1280 76.57 21.07 -74.02
C GLN C 1280 77.31 20.59 -72.78
N ASN C 1281 78.63 20.84 -72.77
CA ASN C 1281 79.57 20.41 -71.73
C ASN C 1281 79.60 18.89 -71.57
N SER C 1282 79.33 18.16 -72.65
CA SER C 1282 79.43 16.72 -72.63
C SER C 1282 80.88 16.28 -72.55
N LEU C 1283 81.11 15.15 -71.88
CA LEU C 1283 82.43 14.57 -71.73
C LEU C 1283 82.50 13.36 -72.65
N VAL C 1284 83.45 13.38 -73.59
CA VAL C 1284 83.69 12.27 -74.50
C VAL C 1284 85.19 11.97 -74.46
N GLU C 1285 85.53 10.73 -74.14
CA GLU C 1285 86.93 10.32 -74.03
C GLU C 1285 87.01 8.80 -74.10
N MET C 1286 88.24 8.32 -74.26
CA MET C 1286 88.54 6.89 -74.27
C MET C 1286 88.18 6.28 -72.91
N LEU C 1287 87.22 5.36 -72.88
CA LEU C 1287 86.71 4.79 -71.64
C LEU C 1287 87.08 3.33 -71.53
N PHE C 1288 87.66 2.95 -70.40
CA PHE C 1288 88.07 1.58 -70.14
C PHE C 1288 87.11 0.97 -69.13
N LEU C 1289 86.53 -0.18 -69.48
CA LEU C 1289 85.58 -0.90 -68.65
C LEU C 1289 86.05 -2.33 -68.45
N ARG C 1290 85.86 -2.84 -67.23
CA ARG C 1290 86.10 -4.24 -66.94
C ARG C 1290 85.09 -4.69 -65.90
N LEU C 1291 84.80 -5.98 -65.90
CA LEU C 1291 83.89 -6.52 -64.90
C LEU C 1291 84.61 -6.69 -63.57
N SER C 1292 83.81 -6.78 -62.50
CA SER C 1292 84.42 -6.82 -61.17
C SER C 1292 85.07 -8.17 -60.89
N LEU C 1293 84.40 -9.26 -61.27
CA LEU C 1293 85.04 -10.51 -60.86
C LEU C 1293 85.75 -11.17 -62.03
N PRO C 1294 86.92 -11.76 -61.80
CA PRO C 1294 87.66 -12.41 -62.89
C PRO C 1294 87.34 -13.89 -63.02
N VAL C 1295 87.94 -14.53 -64.03
CA VAL C 1295 87.90 -15.97 -64.18
C VAL C 1295 89.34 -16.48 -64.23
N GLN C 1296 89.58 -17.60 -63.57
CA GLN C 1296 90.92 -18.17 -63.47
C GLN C 1296 90.99 -19.49 -64.23
N PHE C 1297 92.07 -19.65 -64.99
CA PHE C 1297 92.25 -20.88 -65.74
C PHE C 1297 92.71 -22.01 -64.84
N HIS C 1298 92.44 -23.24 -65.28
CA HIS C 1298 92.73 -24.43 -64.50
C HIS C 1298 94.24 -24.61 -64.30
N GLN C 1299 94.56 -25.34 -63.24
CA GLN C 1299 95.96 -25.51 -62.83
C GLN C 1299 96.77 -26.28 -63.86
N HIS C 1300 96.22 -27.38 -64.37
CA HIS C 1300 96.90 -28.23 -65.34
C HIS C 1300 96.06 -28.34 -66.59
N PHE C 1301 96.64 -28.01 -67.73
CA PHE C 1301 95.92 -28.10 -68.99
C PHE C 1301 95.75 -29.55 -69.40
N ARG C 1302 94.68 -29.82 -70.15
CA ARG C 1302 94.38 -31.17 -70.59
C ARG C 1302 95.43 -31.65 -71.59
N CYS C 1303 95.66 -32.96 -71.58
CA CYS C 1303 96.70 -33.57 -72.41
C CYS C 1303 96.34 -33.46 -73.88
N THR C 1304 97.37 -33.23 -74.70
CA THR C 1304 97.29 -33.13 -76.17
C THR C 1304 96.31 -32.07 -76.66
N ASP C 1419 65.59 -25.83 -81.51
CA ASP C 1419 66.86 -26.48 -81.23
C ASP C 1419 67.59 -25.68 -80.16
N ASN C 1420 68.93 -25.58 -80.30
CA ASN C 1420 69.83 -24.90 -79.35
C ASN C 1420 69.70 -25.47 -77.93
N ARG C 1421 69.34 -26.76 -77.83
CA ARG C 1421 69.23 -27.42 -76.53
C ARG C 1421 70.55 -28.11 -76.24
N ASP C 1422 71.17 -27.71 -75.13
CA ASP C 1422 72.46 -28.28 -74.74
C ASP C 1422 72.33 -29.75 -74.35
N ASP C 1423 73.29 -30.54 -74.81
CA ASP C 1423 73.37 -31.96 -74.48
C ASP C 1423 73.71 -32.06 -72.99
N PRO C 1424 72.90 -32.74 -72.17
CA PRO C 1424 73.18 -32.78 -70.72
C PRO C 1424 74.54 -33.34 -70.33
N GLU C 1425 75.01 -34.36 -71.03
CA GLU C 1425 76.31 -34.93 -70.70
C GLU C 1425 77.46 -34.05 -71.17
N ILE C 1426 77.29 -33.35 -72.29
CA ILE C 1426 78.33 -32.44 -72.74
C ILE C 1426 78.37 -31.22 -71.81
N ILE C 1427 77.19 -30.71 -71.44
CA ILE C 1427 77.10 -29.46 -70.68
C ILE C 1427 77.64 -29.65 -69.27
N LEU C 1428 77.44 -30.84 -68.66
CA LEU C 1428 77.94 -31.03 -67.30
C LEU C 1428 79.43 -31.27 -67.23
N ASN C 1429 80.11 -31.45 -68.37
CA ASN C 1429 81.54 -31.71 -68.38
C ASN C 1429 82.36 -30.65 -69.10
N THR C 1430 81.76 -29.83 -69.95
CA THR C 1430 82.51 -28.83 -70.71
C THR C 1430 83.14 -27.76 -69.82
N THR C 1431 84.29 -27.25 -70.26
CA THR C 1431 85.01 -26.17 -69.58
C THR C 1431 85.11 -24.94 -70.47
N THR C 1432 84.10 -24.70 -71.29
CA THR C 1432 84.05 -23.56 -72.19
C THR C 1432 82.98 -22.59 -71.70
N TYR C 1433 83.34 -21.31 -71.68
CA TYR C 1433 82.47 -20.25 -71.19
C TYR C 1433 82.41 -19.11 -72.21
N TYR C 1434 81.20 -18.58 -72.39
CA TYR C 1434 80.89 -17.61 -73.43
C TYR C 1434 80.19 -16.40 -72.85
N TYR C 1435 80.48 -15.23 -73.42
CA TYR C 1435 79.67 -14.05 -73.13
C TYR C 1435 79.56 -13.22 -74.40
N SER C 1436 78.47 -12.47 -74.51
CA SER C 1436 78.22 -11.69 -75.71
C SER C 1436 78.10 -10.22 -75.33
N VAL C 1437 78.71 -9.36 -76.13
CA VAL C 1437 78.59 -7.92 -75.96
C VAL C 1437 77.90 -7.34 -77.19
N ARG C 1438 76.97 -6.43 -76.99
CA ARG C 1438 76.18 -5.88 -78.07
C ARG C 1438 76.48 -4.38 -78.13
N VAL C 1439 77.23 -4.01 -79.16
CA VAL C 1439 77.52 -2.60 -79.43
C VAL C 1439 76.28 -2.01 -80.09
N PHE C 1440 75.73 -0.95 -79.50
CA PHE C 1440 74.47 -0.42 -79.98
C PHE C 1440 74.64 0.29 -81.33
N ALA C 1441 73.53 0.41 -82.06
CA ALA C 1441 73.50 1.20 -83.28
C ALA C 1441 73.79 2.65 -82.97
N GLY C 1442 74.56 3.29 -83.85
CA GLY C 1442 75.01 4.64 -83.63
C GLY C 1442 76.34 4.74 -82.92
N GLN C 1443 76.79 3.66 -82.27
CA GLN C 1443 78.10 3.61 -81.67
C GLN C 1443 79.06 3.01 -82.69
N GLU C 1444 80.13 3.73 -82.99
CA GLU C 1444 81.07 3.36 -84.04
C GLU C 1444 81.86 2.12 -83.65
N PRO C 1445 81.81 1.03 -84.43
CA PRO C 1445 82.72 -0.10 -84.18
C PRO C 1445 84.20 0.23 -84.37
N SER C 1446 84.55 1.36 -84.99
CA SER C 1446 85.94 1.76 -85.19
C SER C 1446 86.64 2.11 -83.88
N CYS C 1447 85.92 2.27 -82.78
CA CYS C 1447 86.49 2.63 -81.49
C CYS C 1447 85.96 1.70 -80.40
N VAL C 1448 85.96 0.40 -80.69
CA VAL C 1448 85.47 -0.63 -79.79
C VAL C 1448 86.52 -1.72 -79.70
N TRP C 1449 86.83 -2.16 -78.48
CA TRP C 1449 87.76 -3.26 -78.26
C TRP C 1449 87.19 -4.16 -77.18
N VAL C 1450 87.08 -5.45 -77.48
CA VAL C 1450 86.40 -6.42 -76.60
C VAL C 1450 87.31 -7.62 -76.37
N GLY C 1451 87.47 -8.02 -75.11
CA GLY C 1451 88.25 -9.18 -74.77
C GLY C 1451 88.46 -9.35 -73.28
N TRP C 1452 89.70 -9.64 -72.86
CA TRP C 1452 89.99 -9.88 -71.46
C TRP C 1452 91.29 -9.18 -71.08
N VAL C 1453 91.40 -8.83 -69.79
CA VAL C 1453 92.59 -8.17 -69.25
C VAL C 1453 93.03 -8.85 -67.96
N THR C 1454 94.34 -9.03 -67.82
CA THR C 1454 94.93 -9.50 -66.57
C THR C 1454 94.81 -8.40 -65.52
N PRO C 1455 94.85 -8.74 -64.22
CA PRO C 1455 94.69 -7.71 -63.18
C PRO C 1455 95.79 -6.66 -63.09
N ASP C 1456 96.81 -6.67 -63.95
CA ASP C 1456 97.88 -5.68 -63.89
C ASP C 1456 97.86 -4.72 -65.09
N TYR C 1457 96.68 -4.53 -65.70
CA TYR C 1457 96.54 -3.56 -66.78
C TYR C 1457 96.39 -2.18 -66.18
N HIS C 1458 97.31 -1.26 -66.51
CA HIS C 1458 97.25 0.12 -66.03
C HIS C 1458 97.59 1.08 -67.16
N GLN C 1459 97.05 0.85 -68.35
CA GLN C 1459 97.35 1.63 -69.54
C GLN C 1459 96.17 2.55 -69.81
N HIS C 1460 96.30 3.81 -69.43
CA HIS C 1460 95.25 4.82 -69.55
C HIS C 1460 95.69 5.80 -70.64
N ASP C 1461 95.31 5.48 -71.89
CA ASP C 1461 95.66 6.30 -73.04
C ASP C 1461 94.40 6.80 -73.73
N MET C 1462 94.38 8.10 -74.04
CA MET C 1462 93.28 8.68 -74.80
C MET C 1462 93.32 8.34 -76.28
N ASN C 1463 94.42 7.78 -76.77
CA ASN C 1463 94.52 7.44 -78.18
C ASN C 1463 94.76 5.95 -78.31
N PHE C 1464 93.99 5.16 -77.55
CA PHE C 1464 94.24 3.74 -77.46
C PHE C 1464 94.00 3.03 -78.79
N ASP C 1465 94.89 2.08 -79.09
CA ASP C 1465 94.76 1.20 -80.24
C ASP C 1465 95.55 -0.07 -79.93
N LEU C 1466 95.30 -1.12 -80.71
CA LEU C 1466 95.90 -2.44 -80.48
C LEU C 1466 97.42 -2.43 -80.56
N SER C 1467 98.03 -1.44 -81.22
CA SER C 1467 99.49 -1.34 -81.27
C SER C 1467 100.07 -1.07 -79.88
N LYS C 1468 99.42 -0.21 -79.11
CA LYS C 1468 99.91 0.15 -77.77
C LYS C 1468 99.80 -0.98 -76.75
N VAL C 1469 99.10 -2.08 -77.09
CA VAL C 1469 98.97 -3.22 -76.19
C VAL C 1469 100.35 -3.79 -75.86
N ARG C 1470 100.64 -3.90 -74.57
CA ARG C 1470 101.91 -4.46 -74.14
C ARG C 1470 101.94 -5.96 -74.41
N ALA C 1471 103.02 -6.43 -75.03
CA ALA C 1471 103.18 -7.84 -75.31
C ALA C 1471 104.67 -8.17 -75.33
N VAL C 1472 104.99 -9.41 -75.01
CA VAL C 1472 106.38 -9.87 -75.05
C VAL C 1472 106.36 -11.39 -75.24
N THR C 1473 107.32 -11.90 -75.99
CA THR C 1473 107.44 -13.32 -76.26
C THR C 1473 108.71 -13.83 -75.60
N VAL C 1474 108.58 -14.83 -74.75
CA VAL C 1474 109.75 -15.44 -74.13
C VAL C 1474 110.18 -16.62 -75.00
N THR C 1475 111.47 -16.63 -75.34
CA THR C 1475 112.05 -17.65 -76.20
C THR C 1475 113.07 -18.46 -75.41
N MET C 1476 112.89 -19.77 -75.37
CA MET C 1476 113.73 -20.69 -74.64
C MET C 1476 114.16 -21.81 -75.56
N GLY C 1477 115.44 -22.19 -75.44
CA GLY C 1477 116.05 -23.23 -76.23
C GLY C 1477 117.12 -23.89 -75.40
N ASP C 1478 117.79 -24.88 -75.98
CA ASP C 1478 118.88 -25.56 -75.27
C ASP C 1478 120.15 -24.71 -75.38
N GLU C 1479 121.29 -25.32 -75.02
CA GLU C 1479 122.59 -24.64 -75.02
C GLU C 1479 122.96 -24.07 -76.39
N GLN C 1480 122.54 -24.72 -77.47
CA GLN C 1480 122.85 -24.27 -78.84
C GLN C 1480 121.52 -24.10 -79.60
N GLY C 1481 120.93 -22.92 -79.45
CA GLY C 1481 119.68 -22.55 -80.12
C GLY C 1481 118.55 -23.50 -79.78
N ASN C 1482 117.96 -24.07 -80.83
CA ASN C 1482 116.92 -25.12 -80.77
C ASN C 1482 115.76 -24.73 -79.85
N VAL C 1483 115.05 -23.69 -80.28
CA VAL C 1483 113.92 -23.13 -79.52
C VAL C 1483 112.88 -24.22 -79.25
N HIS C 1484 112.64 -24.49 -77.98
CA HIS C 1484 111.63 -25.45 -77.56
C HIS C 1484 110.52 -24.83 -76.72
N SER C 1485 110.59 -23.52 -76.45
CA SER C 1485 109.53 -22.89 -75.65
C SER C 1485 109.40 -21.43 -76.07
N SER C 1486 108.25 -21.07 -76.61
CA SER C 1486 108.02 -19.70 -77.05
C SER C 1486 106.61 -19.32 -76.63
N LEU C 1487 106.53 -18.49 -75.59
CA LEU C 1487 105.24 -18.07 -75.06
C LEU C 1487 105.03 -16.58 -75.25
N LYS C 1488 103.77 -16.15 -75.18
CA LYS C 1488 103.43 -14.74 -75.26
C LYS C 1488 102.76 -14.26 -73.98
N CYS C 1489 103.28 -13.18 -73.43
CA CYS C 1489 102.81 -12.57 -72.20
C CYS C 1489 102.21 -11.21 -72.55
N SER C 1490 101.04 -10.93 -72.01
CA SER C 1490 100.37 -9.66 -72.26
C SER C 1490 99.43 -9.39 -71.10
N ASN C 1491 99.23 -8.11 -70.81
CA ASN C 1491 98.24 -7.70 -69.84
C ASN C 1491 96.90 -7.37 -70.48
N CYS C 1492 96.80 -7.57 -71.80
CA CYS C 1492 95.68 -7.06 -72.56
C CYS C 1492 95.45 -7.98 -73.75
N TYR C 1493 94.26 -8.59 -73.82
CA TYR C 1493 93.90 -9.49 -74.91
C TYR C 1493 92.53 -9.09 -75.43
N MET C 1494 92.49 -8.17 -76.40
CA MET C 1494 91.23 -7.86 -77.07
C MET C 1494 91.48 -7.75 -78.57
N VAL C 1495 90.38 -7.71 -79.31
CA VAL C 1495 90.39 -7.47 -80.74
C VAL C 1495 89.89 -6.06 -81.00
N TRP C 1496 90.02 -5.62 -82.24
CA TRP C 1496 89.46 -4.33 -82.65
C TRP C 1496 88.10 -4.55 -83.29
N GLY C 1497 87.14 -3.72 -82.91
CA GLY C 1497 85.80 -3.82 -83.47
C GLY C 1497 85.71 -3.40 -84.91
N GLY C 1498 86.73 -2.70 -85.43
CA GLY C 1498 86.74 -2.29 -86.81
C GLY C 1498 87.06 -3.40 -87.79
N ASP C 1499 87.49 -4.55 -87.30
CA ASP C 1499 87.72 -5.71 -88.15
C ASP C 1499 86.47 -6.54 -88.35
N PHE C 1500 85.40 -6.24 -87.61
CA PHE C 1500 84.16 -7.01 -87.69
C PHE C 1500 83.06 -6.25 -88.44
N VAL C 1501 83.39 -5.10 -89.01
CA VAL C 1501 82.45 -4.27 -89.74
C VAL C 1501 82.78 -4.34 -91.23
N SER C 1502 81.76 -4.53 -92.06
CA SER C 1502 81.97 -4.59 -93.49
C SER C 1502 82.47 -3.25 -94.01
N PRO C 1503 83.35 -3.24 -95.02
CA PRO C 1503 83.86 -1.97 -95.56
C PRO C 1503 82.84 -1.19 -96.39
N GLY C 1504 81.76 -0.75 -95.76
CA GLY C 1504 80.75 0.01 -96.48
C GLY C 1504 81.27 1.37 -96.90
N GLN C 1505 80.78 1.84 -98.05
CA GLN C 1505 81.19 3.15 -98.56
C GLN C 1505 80.73 4.27 -97.65
N GLN C 1506 79.52 4.14 -97.09
CA GLN C 1506 78.94 5.16 -96.23
C GLN C 1506 77.88 4.48 -95.38
N GLY C 1507 77.39 5.21 -94.38
CA GLY C 1507 76.39 4.68 -93.48
C GLY C 1507 77.03 3.77 -92.44
N ARG C 1508 78.12 4.27 -91.83
CA ARG C 1508 78.84 3.53 -90.80
C ARG C 1508 78.00 3.25 -89.56
N ILE C 1509 76.92 3.98 -89.36
CA ILE C 1509 75.94 3.67 -88.32
C ILE C 1509 75.21 2.42 -88.78
N SER C 1510 75.53 1.29 -88.16
CA SER C 1510 75.01 0.01 -88.59
C SER C 1510 73.55 -0.14 -88.20
N HIS C 1511 72.71 -0.53 -89.16
CA HIS C 1511 71.32 -0.84 -88.87
C HIS C 1511 71.16 -2.09 -88.01
N THR C 1512 72.18 -2.95 -87.96
CA THR C 1512 72.19 -4.15 -87.14
C THR C 1512 73.31 -4.03 -86.12
N ASP C 1513 72.99 -4.26 -84.84
CA ASP C 1513 73.97 -4.12 -83.78
C ASP C 1513 75.03 -5.21 -83.88
N LEU C 1514 76.29 -4.83 -83.75
CA LEU C 1514 77.36 -5.82 -83.75
C LEU C 1514 77.37 -6.57 -82.42
N VAL C 1515 77.26 -7.89 -82.50
CA VAL C 1515 77.21 -8.72 -81.31
C VAL C 1515 78.50 -9.53 -81.23
N ILE C 1516 79.51 -8.97 -80.58
CA ILE C 1516 80.79 -9.66 -80.47
C ILE C 1516 80.67 -10.71 -79.38
N GLY C 1517 80.99 -11.96 -79.70
CA GLY C 1517 80.98 -13.02 -78.72
C GLY C 1517 82.40 -13.41 -78.37
N CYS C 1518 82.59 -13.90 -77.16
CA CYS C 1518 83.89 -14.36 -76.72
C CYS C 1518 83.74 -15.67 -75.99
N LEU C 1519 84.71 -16.57 -76.24
CA LEU C 1519 84.75 -17.88 -75.62
C LEU C 1519 86.11 -18.10 -74.99
N VAL C 1520 86.11 -18.89 -73.91
CA VAL C 1520 87.32 -19.35 -73.24
C VAL C 1520 87.14 -20.81 -72.86
N ASP C 1521 88.26 -21.53 -72.82
CA ASP C 1521 88.30 -22.90 -72.33
C ASP C 1521 89.33 -22.97 -71.23
N LEU C 1522 88.88 -23.27 -70.01
CA LEU C 1522 89.80 -23.29 -68.87
C LEU C 1522 90.76 -24.47 -68.92
N ALA C 1523 90.32 -25.59 -69.50
CA ALA C 1523 91.16 -26.78 -69.54
C ALA C 1523 92.24 -26.72 -70.59
N THR C 1524 92.23 -25.71 -71.46
CA THR C 1524 93.26 -25.56 -72.48
C THR C 1524 93.89 -24.17 -72.50
N GLY C 1525 93.30 -23.18 -71.85
CA GLY C 1525 93.82 -21.83 -71.93
C GLY C 1525 93.62 -21.16 -73.26
N LEU C 1526 92.60 -21.57 -74.01
CA LEU C 1526 92.36 -21.07 -75.35
C LEU C 1526 91.15 -20.15 -75.35
N MET C 1527 91.27 -19.01 -76.03
CA MET C 1527 90.17 -18.06 -76.16
C MET C 1527 89.97 -17.72 -77.63
N THR C 1528 88.70 -17.49 -77.97
CA THR C 1528 88.28 -17.22 -79.34
C THR C 1528 87.24 -16.10 -79.33
N PHE C 1529 87.01 -15.55 -80.52
CA PHE C 1529 86.06 -14.47 -80.75
C PHE C 1529 85.15 -14.82 -81.91
N THR C 1530 83.89 -14.41 -81.82
CA THR C 1530 82.90 -14.65 -82.86
C THR C 1530 82.29 -13.31 -83.27
N ALA C 1531 82.18 -13.09 -84.57
CA ALA C 1531 81.71 -11.79 -85.08
C ALA C 1531 80.19 -11.68 -85.07
N ASN C 1532 79.51 -12.49 -85.87
CA ASN C 1532 78.05 -12.51 -85.85
C ASN C 1532 77.54 -13.93 -85.91
N GLY C 1533 78.16 -14.82 -85.14
CA GLY C 1533 77.92 -16.24 -85.24
C GLY C 1533 78.95 -16.97 -86.08
N LYS C 1534 79.93 -16.25 -86.60
CA LYS C 1534 81.02 -16.83 -87.37
C LYS C 1534 82.34 -16.47 -86.70
N GLU C 1535 83.27 -17.41 -86.68
CA GLU C 1535 84.50 -17.25 -85.95
C GLU C 1535 85.42 -16.24 -86.63
N SER C 1536 86.49 -15.88 -85.92
CA SER C 1536 87.50 -14.96 -86.41
C SER C 1536 88.86 -15.61 -86.31
N ASN C 1537 89.73 -15.28 -87.26
CA ASN C 1537 91.03 -15.93 -87.38
C ASN C 1537 91.92 -15.68 -86.17
N THR C 1538 91.70 -14.56 -85.47
CA THR C 1538 92.46 -14.27 -84.26
C THR C 1538 92.10 -15.25 -83.16
N PHE C 1539 93.11 -15.70 -82.42
CA PHE C 1539 92.93 -16.64 -81.33
C PHE C 1539 94.01 -16.38 -80.29
N PHE C 1540 93.77 -16.82 -79.06
CA PHE C 1540 94.75 -16.57 -78.02
C PHE C 1540 94.92 -17.81 -77.15
N GLN C 1541 96.17 -18.10 -76.81
CA GLN C 1541 96.49 -19.16 -75.87
C GLN C 1541 97.30 -18.56 -74.73
N VAL C 1542 96.93 -18.91 -73.50
CA VAL C 1542 97.52 -18.33 -72.30
C VAL C 1542 97.96 -19.44 -71.36
N GLU C 1543 98.87 -19.08 -70.46
CA GLU C 1543 99.41 -20.00 -69.48
C GLU C 1543 98.35 -20.34 -68.43
N PRO C 1544 98.51 -21.46 -67.71
CA PRO C 1544 97.60 -21.74 -66.59
C PRO C 1544 97.77 -20.74 -65.45
N ASN C 1545 96.83 -20.82 -64.49
CA ASN C 1545 96.76 -19.95 -63.32
C ASN C 1545 96.68 -18.48 -63.71
N THR C 1546 95.90 -18.20 -64.75
CA THR C 1546 95.76 -16.85 -65.29
C THR C 1546 94.38 -16.32 -64.91
N LYS C 1547 94.35 -15.11 -64.37
CA LYS C 1547 93.13 -14.40 -64.01
C LYS C 1547 92.81 -13.37 -65.08
N LEU C 1548 91.61 -13.44 -65.64
CA LEU C 1548 91.20 -12.56 -66.72
C LEU C 1548 89.85 -11.93 -66.40
N PHE C 1549 89.77 -10.61 -66.54
CA PHE C 1549 88.59 -9.79 -66.33
C PHE C 1549 87.95 -9.46 -67.67
N PRO C 1550 86.66 -9.73 -67.86
CA PRO C 1550 85.95 -9.33 -69.09
C PRO C 1550 86.00 -7.82 -69.26
N ALA C 1551 86.55 -7.36 -70.38
CA ALA C 1551 86.79 -5.94 -70.57
C ALA C 1551 86.27 -5.46 -71.92
N VAL C 1552 85.84 -4.19 -71.94
CA VAL C 1552 85.42 -3.48 -73.14
C VAL C 1552 85.96 -2.06 -73.08
N PHE C 1553 86.76 -1.68 -74.06
CA PHE C 1553 87.29 -0.33 -74.19
C PHE C 1553 86.51 0.35 -75.30
N VAL C 1554 85.89 1.48 -75.01
CA VAL C 1554 85.01 2.10 -75.99
C VAL C 1554 85.12 3.62 -75.91
N LEU C 1555 85.07 4.27 -77.08
CA LEU C 1555 84.95 5.71 -77.14
C LEU C 1555 83.52 6.04 -77.51
N PRO C 1556 82.76 6.70 -76.64
CA PRO C 1556 81.32 6.87 -76.88
C PRO C 1556 81.01 7.74 -78.10
N THR C 1557 80.08 7.25 -78.93
CA THR C 1557 79.61 8.02 -80.08
C THR C 1557 78.09 7.94 -80.22
N HIS C 1558 77.36 7.66 -79.14
CA HIS C 1558 75.91 7.53 -79.18
C HIS C 1558 75.41 7.57 -77.74
N GLN C 1559 74.10 7.80 -77.60
CA GLN C 1559 73.46 7.78 -76.29
C GLN C 1559 73.54 6.38 -75.66
N ASN C 1560 73.27 5.36 -76.46
CA ASN C 1560 73.38 3.97 -76.02
C ASN C 1560 74.64 3.39 -76.65
N VAL C 1561 75.51 2.83 -75.81
CA VAL C 1561 76.86 2.53 -76.28
C VAL C 1561 77.11 1.02 -76.32
N ILE C 1562 77.09 0.37 -75.15
CA ILE C 1562 77.52 -1.01 -74.97
C ILE C 1562 76.46 -1.73 -74.13
N GLN C 1563 76.38 -3.05 -74.28
CA GLN C 1563 75.51 -3.87 -73.45
C GLN C 1563 76.16 -5.22 -73.25
N PHE C 1564 76.54 -5.54 -72.00
CA PHE C 1564 77.08 -6.85 -71.68
C PHE C 1564 75.93 -7.84 -71.50
N GLU C 1565 75.82 -8.80 -72.40
CA GLU C 1565 74.83 -9.86 -72.30
C GLU C 1565 75.51 -11.11 -71.74
N LEU C 1566 75.06 -11.55 -70.57
CA LEU C 1566 75.59 -12.75 -69.94
C LEU C 1566 74.81 -13.94 -70.48
N GLY C 1567 75.10 -14.29 -71.72
CA GLY C 1567 74.41 -15.34 -72.42
C GLY C 1567 75.15 -16.65 -72.42
N LYS C 1568 74.72 -17.54 -73.30
CA LYS C 1568 75.34 -18.86 -73.45
C LYS C 1568 75.04 -19.40 -74.83
N GLN C 1569 76.00 -20.12 -75.40
CA GLN C 1569 75.82 -20.75 -76.69
C GLN C 1569 75.47 -22.22 -76.47
N LYS C 1570 75.42 -22.99 -77.55
CA LYS C 1570 75.08 -24.40 -77.44
C LYS C 1570 76.21 -25.17 -76.78
N ASN C 1571 75.86 -25.94 -75.75
CA ASN C 1571 76.78 -26.77 -74.96
C ASN C 1571 77.93 -25.95 -74.36
N ILE C 1572 77.61 -24.75 -73.89
CA ILE C 1572 78.60 -23.84 -73.28
C ILE C 1572 77.98 -23.23 -72.02
N MET C 1573 78.72 -23.28 -70.89
CA MET C 1573 78.31 -22.76 -69.60
C MET C 1573 78.47 -21.23 -69.55
N PRO C 1574 77.64 -20.53 -68.78
CA PRO C 1574 77.77 -19.07 -68.66
C PRO C 1574 78.88 -18.60 -67.72
N LEU C 1575 79.08 -17.28 -67.74
CA LEU C 1575 80.08 -16.66 -66.87
C LEU C 1575 79.68 -16.79 -65.41
N SER C 1576 78.37 -16.73 -65.11
CA SER C 1576 77.92 -16.92 -63.74
C SER C 1576 78.24 -18.33 -63.25
N ALA C 1577 78.44 -19.27 -64.17
CA ALA C 1577 78.91 -20.60 -63.87
C ALA C 1577 80.42 -20.69 -63.95
N ALA C 1578 81.09 -19.61 -64.38
CA ALA C 1578 82.54 -19.60 -64.51
C ALA C 1578 83.24 -18.93 -63.34
N MET C 1579 82.65 -17.88 -62.79
CA MET C 1579 83.29 -17.09 -61.75
C MET C 1579 82.72 -17.31 -60.36
N PHE C 1580 81.68 -18.12 -60.22
CA PHE C 1580 81.12 -18.47 -58.93
C PHE C 1580 81.28 -19.96 -58.68
N LEU C 1581 81.89 -20.30 -57.54
CA LEU C 1581 82.23 -21.69 -57.26
C LEU C 1581 80.99 -22.53 -57.00
N SER C 1582 79.99 -21.95 -56.35
CA SER C 1582 78.77 -22.68 -56.02
C SER C 1582 77.76 -22.71 -57.16
N GLU C 1583 78.18 -22.39 -58.39
CA GLU C 1583 77.30 -22.36 -59.55
C GLU C 1583 77.92 -23.09 -60.73
N ARG C 1584 78.91 -23.95 -60.48
CA ARG C 1584 79.67 -24.59 -61.56
C ARG C 1584 78.83 -25.54 -62.40
N LYS C 1585 77.69 -26.00 -61.91
CA LYS C 1585 76.83 -26.92 -62.64
C LYS C 1585 75.49 -26.31 -62.97
N ASN C 1586 75.39 -24.98 -62.93
CA ASN C 1586 74.13 -24.31 -63.24
C ASN C 1586 74.28 -23.62 -64.58
N PRO C 1587 73.62 -24.09 -65.64
CA PRO C 1587 73.73 -23.42 -66.95
C PRO C 1587 72.89 -22.16 -67.07
N ALA C 1588 71.95 -21.95 -66.16
CA ALA C 1588 71.08 -20.77 -66.24
C ALA C 1588 71.88 -19.50 -65.95
N PRO C 1589 71.79 -18.49 -66.81
CA PRO C 1589 72.51 -17.23 -66.55
C PRO C 1589 72.02 -16.53 -65.29
N GLN C 1590 72.95 -15.94 -64.55
CA GLN C 1590 72.66 -15.19 -63.34
C GLN C 1590 73.55 -13.95 -63.28
N CYS C 1591 73.06 -12.91 -62.61
CA CYS C 1591 73.81 -11.68 -62.43
C CYS C 1591 73.75 -11.27 -60.96
N PRO C 1592 74.56 -11.91 -60.10
CA PRO C 1592 74.58 -11.55 -58.69
C PRO C 1592 75.15 -10.15 -58.49
N PRO C 1593 74.78 -9.46 -57.40
CA PRO C 1593 75.15 -8.04 -57.24
C PRO C 1593 76.65 -7.74 -57.19
N ARG C 1594 77.49 -8.70 -56.81
CA ARG C 1594 78.94 -8.46 -56.80
C ARG C 1594 79.49 -8.27 -58.20
N LEU C 1595 78.77 -8.74 -59.22
CA LEU C 1595 79.21 -8.56 -60.60
C LEU C 1595 78.75 -7.18 -61.06
N GLU C 1596 79.70 -6.28 -61.28
CA GLU C 1596 79.38 -4.93 -61.67
C GLU C 1596 80.52 -4.34 -62.50
N VAL C 1597 80.15 -3.42 -63.38
CA VAL C 1597 81.11 -2.81 -64.28
C VAL C 1597 81.96 -1.82 -63.50
N GLN C 1598 83.25 -1.79 -63.80
CA GLN C 1598 84.22 -0.87 -63.24
C GLN C 1598 84.90 -0.15 -64.38
N MET C 1599 85.30 1.09 -64.14
CA MET C 1599 85.98 1.88 -65.15
C MET C 1599 87.28 2.41 -64.56
N LEU C 1600 88.20 2.72 -65.47
CA LEU C 1600 89.58 2.96 -65.05
C LEU C 1600 89.75 4.41 -64.58
N MET C 1601 89.93 4.60 -63.26
CA MET C 1601 90.38 5.89 -62.75
C MET C 1601 91.83 6.12 -63.14
N PRO C 1602 92.18 7.34 -63.54
CA PRO C 1602 93.60 7.64 -63.85
C PRO C 1602 94.47 7.80 -62.61
N VAL C 1603 93.98 8.47 -61.57
CA VAL C 1603 94.75 8.81 -60.38
C VAL C 1603 93.98 8.28 -59.18
N SER C 1604 94.70 8.00 -58.09
CA SER C 1604 94.08 7.52 -56.86
C SER C 1604 94.94 7.97 -55.69
N TRP C 1605 94.39 7.92 -54.49
CA TRP C 1605 95.17 8.33 -53.33
C TRP C 1605 96.08 7.18 -52.87
N SER C 1606 97.02 7.52 -51.99
CA SER C 1606 97.94 6.55 -51.43
C SER C 1606 98.54 7.15 -50.17
N ARG C 1607 99.28 6.31 -49.45
CA ARG C 1607 99.87 6.68 -48.16
C ARG C 1607 101.39 6.67 -48.24
N MET C 1608 102.02 7.73 -47.73
CA MET C 1608 103.47 7.77 -47.69
C MET C 1608 103.96 6.92 -46.52
N PRO C 1609 104.82 5.92 -46.75
CA PRO C 1609 105.35 5.12 -45.65
C PRO C 1609 106.15 5.96 -44.65
N ASN C 1610 106.08 5.57 -43.38
CA ASN C 1610 106.74 6.34 -42.33
C ASN C 1610 108.26 6.20 -42.36
N HIS C 1611 108.80 5.19 -43.02
CA HIS C 1611 110.25 5.03 -43.14
C HIS C 1611 110.59 4.46 -44.50
N PHE C 1612 111.79 4.80 -44.97
CA PHE C 1612 112.27 4.38 -46.28
C PHE C 1612 113.64 3.73 -46.16
N LEU C 1613 113.95 2.90 -47.15
CA LEU C 1613 115.21 2.19 -47.20
C LEU C 1613 116.37 3.15 -47.37
N GLN C 1614 117.45 2.92 -46.62
CA GLN C 1614 118.64 3.75 -46.69
C GLN C 1614 119.58 3.16 -47.73
N VAL C 1615 119.65 3.80 -48.89
CA VAL C 1615 120.48 3.35 -50.00
C VAL C 1615 121.66 4.30 -50.17
N GLU C 1616 122.86 3.75 -50.20
CA GLU C 1616 124.08 4.52 -50.38
C GLU C 1616 124.62 4.26 -51.78
N THR C 1617 124.57 5.27 -52.62
CA THR C 1617 125.06 5.18 -53.99
C THR C 1617 126.31 6.03 -54.10
N ARG C 1618 127.37 5.47 -54.68
CA ARG C 1618 128.64 6.20 -54.80
C ARG C 1618 129.49 5.49 -55.83
N ARG C 1619 130.58 6.12 -56.24
CA ARG C 1619 131.52 5.48 -57.13
C ARG C 1619 132.60 4.80 -56.31
N ALA C 1620 132.66 3.47 -56.38
CA ALA C 1620 133.65 2.72 -55.62
C ALA C 1620 135.07 3.02 -56.11
N GLY C 1621 135.25 3.11 -57.43
CA GLY C 1621 136.54 3.44 -57.98
C GLY C 1621 136.48 3.45 -59.49
N GLU C 1622 137.60 3.84 -60.09
CA GLU C 1622 137.72 3.85 -61.55
C GLU C 1622 137.71 2.43 -62.12
N ARG C 1623 138.32 1.48 -61.40
CA ARG C 1623 138.33 0.09 -61.80
C ARG C 1623 137.15 -0.69 -61.24
N LEU C 1624 136.72 -0.35 -60.03
CA LEU C 1624 135.62 -1.06 -59.39
C LEU C 1624 134.29 -0.73 -60.05
N GLY C 1625 134.04 0.55 -60.32
CA GLY C 1625 132.78 0.97 -60.89
C GLY C 1625 131.91 1.70 -59.91
N TRP C 1626 130.59 1.55 -60.00
CA TRP C 1626 129.68 2.25 -59.09
C TRP C 1626 129.07 1.30 -58.07
N ALA C 1627 129.11 1.66 -56.79
CA ALA C 1627 128.61 0.74 -55.78
C ALA C 1627 127.32 1.26 -55.15
N VAL C 1628 126.44 0.30 -54.84
CA VAL C 1628 125.15 0.49 -54.19
C VAL C 1628 125.16 -0.34 -52.91
N GLN C 1629 124.76 0.27 -51.81
CA GLN C 1629 124.79 -0.36 -50.49
C GLN C 1629 123.44 -0.18 -49.79
N CYS C 1630 122.97 -1.23 -49.12
CA CYS C 1630 121.76 -1.13 -48.32
C CYS C 1630 121.86 -2.11 -47.16
N GLN C 1631 121.67 -1.61 -45.94
CA GLN C 1631 121.89 -2.42 -44.74
C GLN C 1631 120.65 -2.58 -43.87
N ASP C 1632 119.97 -1.48 -43.55
CA ASP C 1632 118.88 -1.52 -42.57
C ASP C 1632 117.67 -2.27 -43.10
N PRO C 1633 117.12 -3.21 -42.34
CA PRO C 1633 115.89 -3.90 -42.78
C PRO C 1633 114.63 -3.12 -42.42
N LEU C 1634 113.65 -3.20 -43.30
CA LEU C 1634 112.36 -2.55 -43.09
C LEU C 1634 111.26 -3.48 -43.56
N THR C 1635 110.27 -3.70 -42.70
CA THR C 1635 109.20 -4.65 -42.96
C THR C 1635 107.86 -3.95 -42.89
N MET C 1636 106.98 -4.29 -43.82
CA MET C 1636 105.63 -3.75 -43.89
C MET C 1636 104.62 -4.89 -43.81
N MET C 1637 103.41 -4.57 -43.38
CA MET C 1637 102.32 -5.53 -43.29
C MET C 1637 101.34 -5.28 -44.42
N ALA C 1638 101.29 -6.21 -45.37
CA ALA C 1638 100.51 -6.03 -46.58
C ALA C 1638 99.15 -6.71 -46.46
N LEU C 1639 98.15 -6.10 -47.06
CA LEU C 1639 96.80 -6.61 -47.12
C LEU C 1639 96.47 -6.93 -48.57
N HIS C 1640 96.41 -8.21 -48.90
CA HIS C 1640 96.28 -8.69 -50.27
C HIS C 1640 94.82 -8.99 -50.59
N ILE C 1641 94.28 -8.29 -51.59
CA ILE C 1641 92.93 -8.58 -52.06
C ILE C 1641 93.05 -9.77 -53.01
N PRO C 1642 92.32 -10.86 -52.76
CA PRO C 1642 92.46 -12.05 -53.63
C PRO C 1642 92.06 -11.82 -55.07
N GLU C 1643 90.84 -11.32 -55.30
CA GLU C 1643 90.29 -11.27 -56.66
C GLU C 1643 91.03 -10.25 -57.53
N GLU C 1644 91.46 -9.13 -56.94
CA GLU C 1644 92.19 -8.12 -57.70
C GLU C 1644 93.68 -8.38 -57.77
N ASN C 1645 94.19 -9.36 -57.01
CA ASN C 1645 95.59 -9.80 -57.03
C ASN C 1645 96.56 -8.65 -56.72
N ARG C 1646 96.12 -7.69 -55.91
CA ARG C 1646 96.95 -6.57 -55.51
C ARG C 1646 96.84 -6.35 -54.01
N CYS C 1647 97.93 -5.86 -53.42
CA CYS C 1647 98.00 -5.65 -51.98
C CYS C 1647 98.35 -4.20 -51.69
N MET C 1648 97.82 -3.72 -50.57
CA MET C 1648 98.10 -2.36 -50.11
C MET C 1648 98.58 -2.41 -48.67
N ASP C 1649 99.12 -1.28 -48.20
CA ASP C 1649 99.53 -1.19 -46.80
C ASP C 1649 98.32 -1.31 -45.89
N ILE C 1650 98.50 -2.02 -44.77
CA ILE C 1650 97.41 -2.18 -43.82
C ILE C 1650 97.11 -0.88 -43.09
N LEU C 1651 98.06 0.05 -43.03
CA LEU C 1651 97.81 1.35 -42.44
C LEU C 1651 96.86 2.21 -43.26
N GLU C 1652 96.63 1.87 -44.53
CA GLU C 1652 95.67 2.58 -45.36
C GLU C 1652 94.23 2.38 -44.89
N LEU C 1653 93.98 1.37 -44.06
CA LEU C 1653 92.63 1.13 -43.57
C LEU C 1653 92.18 2.19 -42.57
N SER C 1654 93.09 3.05 -42.09
CA SER C 1654 92.71 4.19 -41.27
C SER C 1654 91.93 5.23 -42.06
N GLU C 1655 91.92 5.13 -43.39
CA GLU C 1655 91.14 6.01 -44.25
C GLU C 1655 90.16 5.24 -45.11
N ARG C 1656 90.49 4.00 -45.49
CA ARG C 1656 89.53 3.17 -46.23
C ARG C 1656 88.64 2.46 -45.21
N LEU C 1657 87.69 3.22 -44.66
CA LEU C 1657 86.79 2.70 -43.63
C LEU C 1657 85.85 1.61 -44.14
N ASP C 1658 85.66 1.51 -45.46
CA ASP C 1658 84.80 0.47 -46.02
C ASP C 1658 85.37 -0.92 -45.77
N LEU C 1659 86.68 -1.07 -45.94
CA LEU C 1659 87.35 -2.34 -45.70
C LEU C 1659 87.73 -2.55 -44.25
N GLN C 1660 87.83 -1.47 -43.47
CA GLN C 1660 88.19 -1.59 -42.06
C GLN C 1660 87.12 -2.34 -41.27
N ARG C 1661 85.85 -2.06 -41.55
CA ARG C 1661 84.75 -2.76 -40.89
C ARG C 1661 84.78 -4.25 -41.24
N PHE C 1662 85.03 -4.56 -42.51
CA PHE C 1662 85.09 -5.94 -42.96
C PHE C 1662 86.24 -6.69 -42.32
N HIS C 1663 87.41 -6.06 -42.22
CA HIS C 1663 88.56 -6.76 -41.66
C HIS C 1663 88.43 -6.91 -40.15
N SER C 1664 87.97 -5.86 -39.47
CA SER C 1664 87.75 -5.95 -38.03
C SER C 1664 86.67 -6.97 -37.68
N HIS C 1665 85.69 -7.16 -38.55
CA HIS C 1665 84.72 -8.23 -38.34
C HIS C 1665 85.31 -9.58 -38.70
N THR C 1666 86.24 -9.62 -39.65
CA THR C 1666 86.90 -10.86 -40.02
C THR C 1666 87.70 -11.41 -38.84
N LEU C 1667 88.41 -10.52 -38.14
CA LEU C 1667 89.13 -10.94 -36.93
C LEU C 1667 88.18 -11.46 -35.86
N ARG C 1668 86.98 -10.87 -35.77
CA ARG C 1668 85.96 -11.38 -34.86
C ARG C 1668 85.54 -12.79 -35.24
N LEU C 1669 85.39 -13.04 -36.54
CA LEU C 1669 85.08 -14.39 -37.03
C LEU C 1669 86.20 -15.36 -36.70
N TYR C 1670 87.46 -14.88 -36.79
CA TYR C 1670 88.61 -15.69 -36.41
C TYR C 1670 88.56 -16.06 -34.93
N ARG C 1671 88.18 -15.13 -34.07
CA ARG C 1671 88.04 -15.49 -32.66
C ARG C 1671 86.82 -16.35 -32.41
N ALA C 1672 85.82 -16.27 -33.30
CA ALA C 1672 84.61 -17.05 -33.12
C ALA C 1672 84.86 -18.50 -33.43
N VAL C 1673 85.62 -18.79 -34.50
CA VAL C 1673 85.83 -20.18 -34.87
C VAL C 1673 86.74 -20.85 -33.85
N CYS C 1674 87.78 -20.15 -33.37
CA CYS C 1674 88.71 -20.73 -32.42
C CYS C 1674 88.32 -20.42 -30.98
N ALA C 1675 87.04 -20.11 -30.73
CA ALA C 1675 86.62 -19.73 -29.39
C ALA C 1675 86.28 -20.98 -28.58
N LEU C 1676 86.47 -20.86 -27.27
CA LEU C 1676 86.08 -21.87 -26.27
C LEU C 1676 86.81 -23.20 -26.48
N GLY C 1677 88.14 -23.11 -26.47
CA GLY C 1677 88.99 -24.28 -26.43
C GLY C 1677 89.03 -25.14 -27.67
N ASN C 1678 88.73 -24.57 -28.84
CA ASN C 1678 88.81 -25.29 -30.11
C ASN C 1678 90.25 -25.21 -30.64
N ASN C 1679 91.17 -25.86 -29.91
CA ASN C 1679 92.59 -25.80 -30.24
C ASN C 1679 92.93 -26.42 -31.59
N ARG C 1680 92.05 -27.29 -32.11
CA ARG C 1680 92.25 -27.84 -33.45
C ARG C 1680 92.12 -26.74 -34.49
N VAL C 1681 91.14 -25.86 -34.32
CA VAL C 1681 90.98 -24.74 -35.25
C VAL C 1681 92.07 -23.72 -34.97
N ALA C 1682 92.41 -23.53 -33.68
CA ALA C 1682 93.43 -22.56 -33.29
C ALA C 1682 94.77 -22.85 -33.95
N HIS C 1683 95.09 -24.14 -34.14
CA HIS C 1683 96.29 -24.49 -34.90
C HIS C 1683 96.16 -24.08 -36.36
N ALA C 1684 94.97 -24.24 -36.94
CA ALA C 1684 94.73 -23.90 -38.33
C ALA C 1684 94.91 -22.41 -38.59
N LEU C 1685 94.43 -21.58 -37.65
CA LEU C 1685 94.54 -20.13 -37.79
C LEU C 1685 95.99 -19.64 -37.79
N CYS C 1686 96.91 -20.40 -37.21
CA CYS C 1686 98.32 -20.02 -37.20
C CYS C 1686 98.92 -19.98 -38.61
N SER C 1687 98.32 -20.68 -39.57
CA SER C 1687 98.76 -20.59 -40.95
C SER C 1687 98.29 -19.28 -41.58
N HIS C 1688 97.07 -18.86 -41.28
CA HIS C 1688 96.54 -17.63 -41.87
C HIS C 1688 97.20 -16.40 -41.28
N VAL C 1689 97.35 -16.35 -39.96
CA VAL C 1689 98.08 -15.27 -39.30
C VAL C 1689 99.30 -15.86 -38.59
N ASP C 1690 100.48 -15.51 -39.06
CA ASP C 1690 101.69 -16.07 -38.48
C ASP C 1690 102.07 -15.33 -37.21
N GLN C 1691 103.01 -15.93 -36.47
CA GLN C 1691 103.51 -15.34 -35.24
C GLN C 1691 104.21 -14.01 -35.51
N ALA C 1692 104.91 -13.90 -36.65
CA ALA C 1692 105.58 -12.66 -37.00
C ALA C 1692 104.56 -11.58 -37.29
N GLN C 1693 103.48 -11.96 -37.97
CA GLN C 1693 102.41 -11.02 -38.31
C GLN C 1693 101.80 -10.48 -37.03
N LEU C 1694 101.51 -11.39 -36.08
CA LEU C 1694 100.93 -10.99 -34.80
C LEU C 1694 101.85 -10.03 -34.06
N LEU C 1695 103.13 -10.41 -33.89
CA LEU C 1695 104.08 -9.58 -33.12
C LEU C 1695 104.28 -8.21 -33.74
N HIS C 1696 104.38 -8.14 -35.08
CA HIS C 1696 104.48 -6.85 -35.73
C HIS C 1696 103.21 -6.04 -35.53
N ALA C 1697 102.03 -6.66 -35.67
CA ALA C 1697 100.80 -5.93 -35.42
C ALA C 1697 100.68 -5.52 -33.96
N LEU C 1698 101.35 -6.23 -33.05
CA LEU C 1698 101.41 -5.80 -31.67
C LEU C 1698 102.16 -4.49 -31.58
N GLU C 1699 103.28 -4.41 -32.30
CA GLU C 1699 104.15 -3.25 -32.15
C GLU C 1699 103.70 -2.05 -32.96
N ASP C 1700 102.88 -2.25 -33.99
CA ASP C 1700 102.54 -1.18 -34.94
C ASP C 1700 101.74 -0.06 -34.27
N ALA C 1701 102.38 1.09 -34.07
CA ALA C 1701 101.73 2.19 -33.40
C ALA C 1701 100.75 2.94 -34.28
N HIS C 1702 100.82 2.77 -35.60
CA HIS C 1702 99.91 3.47 -36.49
C HIS C 1702 98.67 2.66 -36.84
N LEU C 1703 98.53 1.46 -36.30
CA LEU C 1703 97.35 0.66 -36.57
C LEU C 1703 96.10 1.31 -35.99
N PRO C 1704 94.97 1.24 -36.68
CA PRO C 1704 93.73 1.82 -36.14
C PRO C 1704 93.27 1.09 -34.88
N GLY C 1705 92.30 1.74 -34.21
CA GLY C 1705 91.71 1.25 -32.97
C GLY C 1705 91.14 -0.16 -33.02
N PRO C 1706 90.09 -0.36 -33.83
CA PRO C 1706 89.47 -1.70 -33.91
C PRO C 1706 90.43 -2.77 -34.36
N LEU C 1707 91.37 -2.45 -35.23
CA LEU C 1707 92.28 -3.49 -35.72
C LEU C 1707 93.32 -3.82 -34.66
N ARG C 1708 93.73 -2.84 -33.87
CA ARG C 1708 94.70 -3.09 -32.80
C ARG C 1708 94.09 -3.93 -31.70
N ALA C 1709 92.89 -3.56 -31.26
CA ALA C 1709 92.21 -4.35 -30.24
C ALA C 1709 91.81 -5.72 -30.77
N GLY C 1710 91.47 -5.82 -32.06
CA GLY C 1710 91.14 -7.10 -32.65
C GLY C 1710 92.35 -8.00 -32.71
N TYR C 1711 93.52 -7.44 -32.94
CA TYR C 1711 94.70 -8.30 -33.10
C TYR C 1711 95.21 -8.76 -31.75
N TYR C 1712 95.13 -7.90 -30.72
CA TYR C 1712 95.46 -8.40 -29.38
C TYR C 1712 94.49 -9.48 -28.92
N ASP C 1713 93.19 -9.27 -29.15
CA ASP C 1713 92.21 -10.27 -28.74
C ASP C 1713 92.35 -11.55 -29.56
N LEU C 1714 92.76 -11.44 -30.83
CA LEU C 1714 93.02 -12.63 -31.63
C LEU C 1714 94.22 -13.40 -31.10
N LEU C 1715 95.27 -12.70 -30.67
CA LEU C 1715 96.42 -13.39 -30.08
C LEU C 1715 96.02 -14.12 -28.82
N ILE C 1716 95.22 -13.47 -27.97
CA ILE C 1716 94.75 -14.09 -26.73
C ILE C 1716 93.89 -15.31 -27.06
N SER C 1717 92.99 -15.17 -28.04
CA SER C 1717 92.06 -16.25 -28.38
C SER C 1717 92.79 -17.46 -28.93
N ILE C 1718 93.76 -17.25 -29.83
CA ILE C 1718 94.46 -18.36 -30.44
C ILE C 1718 95.37 -19.05 -29.42
N HIS C 1719 96.14 -18.26 -28.67
CA HIS C 1719 97.24 -18.83 -27.90
C HIS C 1719 97.00 -18.94 -26.41
N LEU C 1720 96.24 -18.03 -25.81
CA LEU C 1720 96.27 -17.90 -24.36
C LEU C 1720 94.97 -18.25 -23.64
N GLU C 1721 93.81 -18.09 -24.29
CA GLU C 1721 92.54 -18.17 -23.60
C GLU C 1721 92.25 -19.57 -23.03
N SER C 1722 92.58 -20.65 -23.75
CA SER C 1722 92.26 -21.99 -23.26
C SER C 1722 93.06 -22.34 -22.00
N ALA C 1723 94.34 -21.96 -21.97
CA ALA C 1723 95.17 -22.20 -20.81
C ALA C 1723 94.79 -21.27 -19.68
N CYS C 1724 94.44 -20.01 -20.00
CA CYS C 1724 94.06 -19.05 -18.99
C CYS C 1724 92.78 -19.48 -18.31
N ARG C 1725 91.80 -19.94 -19.09
CA ARG C 1725 90.51 -20.35 -18.55
C ARG C 1725 90.67 -21.57 -17.66
N SER C 1726 91.40 -22.59 -18.16
CA SER C 1726 91.61 -23.80 -17.38
C SER C 1726 92.37 -23.51 -16.09
N ARG C 1727 93.36 -22.61 -16.14
CA ARG C 1727 94.04 -22.21 -14.90
C ARG C 1727 93.08 -21.47 -13.98
N ARG C 1728 92.27 -20.57 -14.57
CA ARG C 1728 91.40 -19.67 -13.81
C ARG C 1728 90.40 -20.46 -13.00
N SER C 1729 89.93 -21.60 -13.55
CA SER C 1729 89.02 -22.45 -12.79
C SER C 1729 89.73 -23.01 -11.57
N MET C 1730 91.00 -23.39 -11.74
CA MET C 1730 91.78 -23.98 -10.66
C MET C 1730 92.22 -22.96 -9.61
N LEU C 1731 92.06 -21.66 -9.88
CA LEU C 1731 92.43 -20.69 -8.82
C LEU C 1731 91.44 -20.62 -7.68
N SER C 1732 90.28 -21.26 -7.77
CA SER C 1732 89.34 -21.25 -6.66
C SER C 1732 89.61 -22.34 -5.64
N GLU C 1733 90.51 -23.27 -5.93
CA GLU C 1733 90.83 -24.37 -5.03
C GLU C 1733 92.27 -24.24 -4.55
N TYR C 1734 92.50 -24.59 -3.29
CA TYR C 1734 93.83 -24.51 -2.68
C TYR C 1734 94.17 -25.86 -2.07
N ILE C 1735 94.83 -26.70 -2.85
CA ILE C 1735 95.36 -27.98 -2.38
C ILE C 1735 96.81 -27.78 -2.02
N VAL C 1736 97.11 -27.77 -0.72
CA VAL C 1736 98.43 -27.38 -0.22
C VAL C 1736 99.15 -28.64 0.25
N PRO C 1737 100.15 -29.13 -0.48
CA PRO C 1737 100.98 -30.23 0.02
C PRO C 1737 101.85 -29.80 1.19
N LEU C 1738 102.20 -30.78 2.03
CA LEU C 1738 103.03 -30.54 3.21
C LEU C 1738 104.49 -30.80 2.82
N THR C 1739 105.22 -29.73 2.52
CA THR C 1739 106.61 -29.75 2.10
C THR C 1739 107.39 -28.72 2.89
N PRO C 1740 108.72 -28.87 3.00
CA PRO C 1740 109.52 -27.86 3.76
C PRO C 1740 109.38 -26.43 3.24
N GLU C 1741 109.26 -26.26 1.92
CA GLU C 1741 109.01 -24.94 1.37
C GLU C 1741 107.63 -24.42 1.80
N THR C 1742 106.65 -25.33 1.91
CA THR C 1742 105.36 -24.92 2.45
C THR C 1742 105.51 -24.47 3.90
N ARG C 1743 106.37 -25.17 4.67
CA ARG C 1743 106.61 -24.82 6.06
CA ARG C 1743 106.60 -24.81 6.07
C ARG C 1743 107.22 -23.42 6.18
N ALA C 1744 108.09 -23.07 5.23
CA ALA C 1744 108.77 -21.78 5.26
C ALA C 1744 107.83 -20.59 5.07
N ILE C 1745 106.62 -20.83 4.56
CA ILE C 1745 105.66 -19.76 4.30
C ILE C 1745 105.15 -19.20 5.62
N THR C 1746 105.18 -17.87 5.74
CA THR C 1746 104.66 -17.18 6.92
C THR C 1746 103.78 -16.03 6.48
N LEU C 1747 103.01 -15.50 7.43
CA LEU C 1747 102.07 -14.41 7.15
C LEU C 1747 102.81 -13.13 6.76
N PHE C 1748 103.89 -12.80 7.46
CA PHE C 1748 104.59 -11.57 7.23
C PHE C 1748 106.05 -11.86 6.88
N PRO C 1749 106.68 -11.00 6.07
CA PRO C 1749 108.09 -11.20 5.76
C PRO C 1749 108.94 -10.97 7.00
N PRO C 1750 110.11 -11.63 7.10
CA PRO C 1750 111.00 -11.38 8.25
C PRO C 1750 111.53 -9.95 8.25
N GLY C 1751 111.11 -9.18 9.24
CA GLY C 1751 111.52 -7.79 9.31
C GLY C 1751 111.65 -7.26 10.73
N ARG C 1752 111.52 -5.95 10.89
CA ARG C 1752 111.67 -5.34 12.21
C ARG C 1752 110.64 -4.23 12.46
N LYS C 1753 109.54 -4.22 11.72
CA LYS C 1753 108.54 -3.15 11.86
C LYS C 1753 107.78 -3.29 13.17
N GLY C 1754 107.10 -4.41 13.36
CA GLY C 1754 106.32 -4.62 14.57
C GLY C 1754 106.02 -6.09 14.83
N GLY C 1755 106.01 -6.48 16.10
CA GLY C 1755 105.78 -7.87 16.45
C GLY C 1755 104.39 -8.36 16.08
N ASN C 1756 103.37 -7.54 16.37
CA ASN C 1756 101.99 -7.88 16.01
C ASN C 1756 101.83 -7.96 14.49
N ALA C 1757 102.45 -7.03 13.76
CA ALA C 1757 102.34 -7.01 12.31
C ALA C 1757 103.51 -6.24 11.73
N ARG C 1758 104.32 -6.92 10.91
CA ARG C 1758 105.31 -6.23 10.09
C ARG C 1758 104.60 -5.59 8.90
N ARG C 1759 105.37 -5.02 7.97
CA ARG C 1759 104.76 -4.50 6.76
C ARG C 1759 104.29 -5.67 5.89
N HIS C 1760 103.16 -5.47 5.20
CA HIS C 1760 102.66 -6.48 4.28
C HIS C 1760 103.67 -6.71 3.16
N GLY C 1761 103.92 -7.98 2.86
CA GLY C 1761 104.69 -8.31 1.69
C GLY C 1761 103.99 -7.90 0.40
N LEU C 1762 104.79 -7.76 -0.64
CA LEU C 1762 104.29 -7.34 -1.94
C LEU C 1762 103.33 -8.42 -2.47
N PRO C 1763 102.09 -8.06 -2.82
CA PRO C 1763 101.12 -9.08 -3.27
C PRO C 1763 101.58 -9.79 -4.54
N GLY C 1764 101.39 -11.09 -4.57
CA GLY C 1764 101.83 -11.91 -5.67
C GLY C 1764 103.34 -12.15 -5.72
N VAL C 1765 104.08 -11.64 -4.75
CA VAL C 1765 105.54 -11.80 -4.68
C VAL C 1765 105.85 -12.75 -3.54
N GLY C 1766 106.59 -13.81 -3.86
CA GLY C 1766 106.93 -14.80 -2.87
C GLY C 1766 106.87 -16.19 -3.47
N VAL C 1767 106.57 -17.18 -2.65
CA VAL C 1767 106.47 -18.57 -3.09
C VAL C 1767 105.08 -19.08 -2.74
N THR C 1768 104.44 -19.75 -3.69
CA THR C 1768 103.14 -20.37 -3.48
C THR C 1768 103.26 -21.84 -3.79
N THR C 1769 102.81 -22.67 -2.86
CA THR C 1769 102.92 -24.11 -2.99
C THR C 1769 101.62 -24.79 -3.38
N SER C 1770 100.57 -24.02 -3.65
CA SER C 1770 99.29 -24.61 -4.05
C SER C 1770 99.42 -25.31 -5.39
N LEU C 1771 98.67 -26.39 -5.55
CA LEU C 1771 98.79 -27.20 -6.75
C LEU C 1771 98.03 -26.55 -7.90
N ARG C 1772 98.72 -26.36 -9.02
CA ARG C 1772 98.11 -25.95 -10.27
C ARG C 1772 98.79 -26.77 -11.36
N PRO C 1773 98.03 -27.48 -12.19
CA PRO C 1773 98.62 -28.27 -13.28
C PRO C 1773 99.34 -27.38 -14.27
N PRO C 1774 100.47 -27.84 -14.83
CA PRO C 1774 101.21 -27.02 -15.78
C PRO C 1774 100.49 -26.90 -17.12
N HIS C 1775 100.81 -25.84 -17.84
CA HIS C 1775 100.25 -25.63 -19.16
C HIS C 1775 100.86 -26.59 -20.17
N HIS C 1776 100.10 -26.89 -21.21
CA HIS C 1776 100.55 -27.76 -22.29
C HIS C 1776 100.36 -27.06 -23.62
N PHE C 1777 101.44 -26.95 -24.39
CA PHE C 1777 101.39 -26.32 -25.70
C PHE C 1777 102.06 -27.21 -26.73
N SER C 1778 101.55 -27.14 -27.96
CA SER C 1778 102.12 -27.88 -29.08
C SER C 1778 102.51 -26.89 -30.17
N PRO C 1779 103.79 -26.82 -30.55
CA PRO C 1779 104.21 -25.92 -31.62
C PRO C 1779 103.52 -26.24 -32.94
N PRO C 1780 103.11 -25.23 -33.70
CA PRO C 1780 102.40 -25.51 -34.95
C PRO C 1780 103.35 -25.99 -36.03
N CYS C 1781 103.00 -27.13 -36.63
CA CYS C 1781 103.77 -27.70 -37.73
C CYS C 1781 102.76 -28.26 -38.73
N PHE C 1782 102.69 -27.63 -39.90
CA PHE C 1782 101.70 -27.99 -40.90
C PHE C 1782 102.20 -29.02 -41.90
N VAL C 1783 103.45 -29.45 -41.77
CA VAL C 1783 103.99 -30.48 -42.66
C VAL C 1783 104.04 -31.83 -42.00
N ALA C 1784 103.67 -31.94 -40.72
CA ALA C 1784 103.65 -33.22 -40.04
C ALA C 1784 102.62 -34.14 -40.69
N ALA C 1785 102.92 -35.43 -40.68
CA ALA C 1785 102.06 -36.42 -41.31
C ALA C 1785 100.71 -36.48 -40.60
N LEU C 1786 99.67 -36.75 -41.39
CA LEU C 1786 98.32 -36.89 -40.85
C LEU C 1786 98.27 -38.09 -39.93
N PRO C 1787 97.70 -37.95 -38.72
CA PRO C 1787 97.61 -39.10 -37.81
C PRO C 1787 96.73 -40.20 -38.39
N ALA C 1788 97.15 -41.44 -38.15
CA ALA C 1788 96.36 -42.58 -38.59
C ALA C 1788 95.13 -42.81 -37.73
N ALA C 1789 95.06 -42.15 -36.57
CA ALA C 1789 93.89 -42.25 -35.71
C ALA C 1789 92.73 -41.49 -36.34
N GLY C 1790 91.56 -42.12 -36.36
CA GLY C 1790 90.38 -41.48 -36.92
C GLY C 1790 89.84 -40.38 -36.02
N VAL C 1791 88.82 -39.69 -36.55
CA VAL C 1791 88.17 -38.62 -35.80
C VAL C 1791 87.50 -39.23 -34.54
N ALA C 1792 87.44 -38.43 -33.49
CA ALA C 1792 86.93 -38.72 -32.14
C ALA C 1792 87.77 -39.76 -31.38
N GLU C 1793 88.86 -40.27 -31.97
CA GLU C 1793 89.73 -41.23 -31.31
C GLU C 1793 91.15 -40.72 -31.12
N ALA C 1794 91.56 -39.71 -31.89
CA ALA C 1794 92.89 -39.12 -31.72
C ALA C 1794 92.98 -38.39 -30.37
N PRO C 1795 94.18 -38.31 -29.79
CA PRO C 1795 94.36 -37.54 -28.54
C PRO C 1795 94.04 -36.08 -28.72
N ALA C 1796 93.51 -35.48 -27.65
CA ALA C 1796 93.04 -34.10 -27.63
C ALA C 1796 94.15 -33.13 -28.00
N ARG C 1797 93.84 -32.20 -28.92
CA ARG C 1797 94.82 -31.23 -29.35
C ARG C 1797 95.11 -30.21 -28.26
N LEU C 1798 96.34 -29.75 -28.23
CA LEU C 1798 96.77 -28.73 -27.29
C LEU C 1798 96.76 -27.36 -27.97
N SER C 1799 96.85 -26.32 -27.16
CA SER C 1799 96.91 -24.98 -27.70
C SER C 1799 98.23 -24.76 -28.45
N PRO C 1800 98.21 -23.96 -29.53
CA PRO C 1800 99.45 -23.63 -30.24
C PRO C 1800 100.43 -22.89 -29.35
N ALA C 1801 101.72 -23.19 -29.52
CA ALA C 1801 102.73 -22.59 -28.68
C ALA C 1801 103.10 -21.19 -29.17
N ILE C 1802 103.73 -20.43 -28.28
CA ILE C 1802 104.24 -19.08 -28.55
C ILE C 1802 105.27 -18.75 -27.48
N PRO C 1803 106.44 -18.15 -27.83
CA PRO C 1803 107.45 -17.80 -26.81
C PRO C 1803 106.91 -16.85 -25.75
N LEU C 1804 106.81 -17.35 -24.52
CA LEU C 1804 106.22 -16.55 -23.47
C LEU C 1804 107.21 -15.65 -22.77
N GLU C 1805 108.49 -16.03 -22.73
CA GLU C 1805 109.50 -15.15 -22.13
C GLU C 1805 109.63 -13.86 -22.93
N ALA C 1806 109.61 -13.96 -24.26
CA ALA C 1806 109.66 -12.78 -25.10
C ALA C 1806 108.32 -12.08 -25.09
N LEU C 1807 107.22 -12.82 -25.06
CA LEU C 1807 105.91 -12.18 -25.05
C LEU C 1807 105.70 -11.36 -23.77
N ARG C 1808 106.12 -11.89 -22.61
CA ARG C 1808 106.03 -11.16 -21.36
C ARG C 1808 107.00 -9.99 -21.30
N ASP C 1809 108.14 -10.06 -22.01
CA ASP C 1809 109.04 -8.92 -22.04
C ASP C 1809 108.48 -7.82 -22.92
N LYS C 1810 107.91 -8.20 -24.06
CA LYS C 1810 107.32 -7.23 -24.97
C LYS C 1810 106.12 -6.56 -24.30
N ALA C 1811 105.31 -7.34 -23.57
CA ALA C 1811 104.14 -6.79 -22.88
C ALA C 1811 104.55 -5.80 -21.81
N LEU C 1812 105.58 -6.14 -21.02
CA LEU C 1812 106.05 -5.23 -19.97
C LEU C 1812 106.61 -3.94 -20.56
N ARG C 1813 107.40 -4.05 -21.64
CA ARG C 1813 107.95 -2.89 -22.31
C ARG C 1813 106.83 -2.01 -22.88
N MET C 1814 105.82 -2.65 -23.47
CA MET C 1814 104.72 -1.96 -24.11
C MET C 1814 103.92 -1.15 -23.10
N LEU C 1815 103.54 -1.80 -21.98
CA LEU C 1815 102.81 -1.09 -20.95
C LEU C 1815 103.65 0.02 -20.32
N GLY C 1816 104.97 -0.19 -20.20
CA GLY C 1816 105.83 0.88 -19.70
C GLY C 1816 105.84 2.09 -20.61
N GLU C 1817 105.86 1.84 -21.93
CA GLU C 1817 105.77 2.92 -22.91
C GLU C 1817 104.43 3.63 -22.79
N ALA C 1818 103.34 2.88 -22.64
CA ALA C 1818 102.02 3.49 -22.57
C ALA C 1818 101.90 4.37 -21.33
N VAL C 1819 102.46 3.90 -20.20
CA VAL C 1819 102.42 4.64 -18.94
C VAL C 1819 103.16 5.96 -19.07
N ARG C 1820 104.35 5.92 -19.67
CA ARG C 1820 105.10 7.16 -19.84
C ARG C 1820 104.53 8.05 -20.95
N ASP C 1821 103.88 7.46 -21.96
CA ASP C 1821 103.22 8.23 -23.00
C ASP C 1821 102.02 9.01 -22.46
N GLY C 1822 101.24 8.39 -21.58
CA GLY C 1822 100.06 9.05 -21.04
C GLY C 1822 100.36 10.28 -20.20
N GLY C 1823 101.54 10.31 -19.57
CA GLY C 1823 101.93 11.47 -18.78
C GLY C 1823 102.10 12.73 -19.60
N GLN C 1824 102.62 12.58 -20.83
CA GLN C 1824 102.81 13.73 -21.71
C GLN C 1824 101.50 14.30 -22.24
N HIS C 1825 100.45 13.48 -22.31
CA HIS C 1825 99.12 13.85 -22.82
C HIS C 1825 99.20 14.38 -24.25
N ALA C 1826 99.75 13.53 -25.12
CA ALA C 1826 99.88 13.87 -26.52
C ALA C 1826 98.52 13.91 -27.21
N ARG C 1827 98.48 14.61 -28.34
CA ARG C 1827 97.26 14.72 -29.14
C ARG C 1827 97.08 13.56 -30.10
N ASP C 1828 98.01 12.61 -30.13
CA ASP C 1828 97.93 11.43 -31.00
C ASP C 1828 98.18 10.15 -30.20
N PRO C 1829 97.23 9.74 -29.34
CA PRO C 1829 97.39 8.49 -28.61
C PRO C 1829 97.40 7.30 -29.54
N VAL C 1830 98.17 6.26 -29.14
CA VAL C 1830 98.33 5.07 -29.96
C VAL C 1830 97.00 4.39 -30.18
N GLY C 1831 96.69 4.10 -31.44
CA GLY C 1831 95.44 3.47 -31.80
C GLY C 1831 94.29 4.43 -32.00
N GLY C 1832 94.43 5.69 -31.57
CA GLY C 1832 93.42 6.71 -31.78
C GLY C 1832 92.81 7.25 -30.51
N SER C 1833 92.91 6.54 -29.39
CA SER C 1833 92.31 7.00 -28.15
C SER C 1833 93.03 6.36 -26.98
N VAL C 1834 92.78 6.93 -25.79
CA VAL C 1834 93.34 6.40 -24.56
C VAL C 1834 92.82 4.99 -24.30
N GLU C 1835 91.52 4.78 -24.57
CA GLU C 1835 90.93 3.46 -24.38
C GLU C 1835 91.58 2.44 -25.30
N PHE C 1836 91.76 2.82 -26.58
CA PHE C 1836 92.38 1.93 -27.55
C PHE C 1836 93.86 1.74 -27.29
N GLN C 1837 94.46 2.55 -26.43
CA GLN C 1837 95.87 2.39 -26.11
C GLN C 1837 96.05 1.52 -24.87
N PHE C 1838 95.18 1.67 -23.88
CA PHE C 1838 95.36 1.00 -22.60
C PHE C 1838 94.55 -0.28 -22.40
N VAL C 1839 93.27 -0.31 -22.83
CA VAL C 1839 92.45 -1.54 -22.64
C VAL C 1839 93.04 -2.78 -23.30
N PRO C 1840 93.40 -2.79 -24.61
CA PRO C 1840 93.95 -4.03 -25.20
C PRO C 1840 95.24 -4.50 -24.55
N VAL C 1841 96.13 -3.59 -24.13
CA VAL C 1841 97.38 -4.00 -23.52
C VAL C 1841 97.11 -4.61 -22.14
N LEU C 1842 96.22 -3.98 -21.36
CA LEU C 1842 95.92 -4.45 -20.02
C LEU C 1842 95.23 -5.80 -20.04
N LYS C 1843 94.50 -6.11 -21.12
CA LYS C 1843 93.92 -7.44 -21.27
C LYS C 1843 95.03 -8.49 -21.33
N LEU C 1844 96.06 -8.23 -22.12
CA LEU C 1844 97.19 -9.14 -22.26
C LEU C 1844 97.95 -9.28 -20.95
N VAL C 1845 98.12 -8.16 -20.23
CA VAL C 1845 98.81 -8.20 -18.94
C VAL C 1845 98.01 -9.03 -17.94
N SER C 1846 96.69 -8.85 -17.91
CA SER C 1846 95.83 -9.59 -17.00
C SER C 1846 95.89 -11.08 -17.30
N THR C 1847 95.89 -11.43 -18.60
CA THR C 1847 95.96 -12.83 -19.00
C THR C 1847 97.28 -13.45 -18.56
N LEU C 1848 98.39 -12.71 -18.71
CA LEU C 1848 99.68 -13.29 -18.33
C LEU C 1848 99.80 -13.44 -16.82
N LEU C 1849 99.19 -12.51 -16.05
CA LEU C 1849 99.15 -12.67 -14.60
C LEU C 1849 98.38 -13.92 -14.22
N VAL C 1850 97.21 -14.12 -14.85
CA VAL C 1850 96.38 -15.27 -14.49
C VAL C 1850 97.11 -16.56 -14.83
N MET C 1851 97.74 -16.60 -16.01
CA MET C 1851 98.52 -17.79 -16.36
C MET C 1851 99.83 -17.90 -15.58
N GLY C 1852 100.18 -16.94 -14.72
CA GLY C 1852 101.38 -17.06 -13.93
C GLY C 1852 102.69 -16.92 -14.68
N ILE C 1853 102.67 -16.27 -15.85
CA ILE C 1853 103.86 -16.14 -16.67
C ILE C 1853 104.91 -15.28 -16.00
N PHE C 1854 104.49 -14.16 -15.41
CA PHE C 1854 105.41 -13.21 -14.80
C PHE C 1854 106.07 -13.78 -13.54
N GLY C 1855 107.35 -13.49 -13.36
CA GLY C 1855 108.08 -13.90 -12.19
C GLY C 1855 107.93 -12.90 -11.04
N ASP C 1856 108.73 -13.15 -10.00
CA ASP C 1856 108.71 -12.30 -8.81
C ASP C 1856 109.17 -10.88 -9.12
N GLU C 1857 110.21 -10.76 -9.96
CA GLU C 1857 110.72 -9.43 -10.32
C GLU C 1857 109.70 -8.69 -11.18
N ASP C 1858 109.09 -9.41 -12.13
CA ASP C 1858 108.15 -8.80 -13.06
C ASP C 1858 106.93 -8.28 -12.31
N VAL C 1859 106.45 -9.04 -11.31
CA VAL C 1859 105.31 -8.58 -10.54
C VAL C 1859 105.66 -7.29 -9.80
N LYS C 1860 106.91 -7.19 -9.31
CA LYS C 1860 107.38 -5.98 -8.65
C LYS C 1860 107.35 -4.80 -9.61
N GLN C 1861 107.69 -5.06 -10.88
CA GLN C 1861 107.65 -4.01 -11.90
C GLN C 1861 106.23 -3.54 -12.13
N ILE C 1862 105.30 -4.48 -12.26
CA ILE C 1862 103.89 -4.16 -12.50
C ILE C 1862 103.32 -3.36 -11.33
N LEU C 1863 103.65 -3.76 -10.10
CA LEU C 1863 103.21 -3.03 -8.91
C LEU C 1863 103.78 -1.62 -8.87
N LYS C 1864 105.04 -1.45 -9.28
CA LYS C 1864 105.61 -0.12 -9.38
C LYS C 1864 104.91 0.71 -10.44
N MET C 1865 104.56 0.09 -11.57
CA MET C 1865 103.93 0.86 -12.64
C MET C 1865 102.49 1.23 -12.30
N ILE C 1866 101.81 0.37 -11.53
CA ILE C 1866 100.45 0.68 -11.10
C ILE C 1866 100.48 1.79 -10.04
N GLU C 1867 101.18 1.55 -8.94
CA GLU C 1867 101.34 2.63 -7.97
C GLU C 1867 102.78 2.68 -7.46
N PRO C 1868 103.54 3.70 -7.83
CA PRO C 1868 104.98 3.67 -7.54
C PRO C 1868 105.35 3.86 -6.07
N GLU C 1869 104.57 4.61 -5.30
CA GLU C 1869 104.98 4.90 -3.94
C GLU C 1869 104.41 3.94 -2.90
N VAL C 1870 103.23 3.36 -3.15
CA VAL C 1870 102.62 2.46 -2.19
C VAL C 1870 103.39 1.14 -2.12
N PHE C 1871 103.86 0.67 -3.26
CA PHE C 1871 104.49 -0.65 -3.38
C PHE C 1871 106.01 -0.57 -3.35
N THR C 1872 106.58 0.34 -2.58
CA THR C 1872 108.02 0.41 -2.42
C THR C 1872 108.48 -0.62 -1.40
N GLU C 1873 109.47 -1.43 -1.78
CA GLU C 1873 110.02 -2.45 -0.90
C GLU C 1873 111.27 -1.92 -0.21
N GLU C 1874 111.50 -2.41 1.01
CA GLU C 1874 112.65 -2.05 1.82
C GLU C 1874 112.79 -3.01 3.00
N LEU C 1922 107.21 10.94 -17.32
CA LEU C 1922 106.52 11.12 -16.06
C LEU C 1922 106.18 9.80 -15.41
N GLU C 1923 106.83 9.50 -14.29
CA GLU C 1923 106.64 8.24 -13.59
C GLU C 1923 105.42 8.26 -12.67
N GLU C 1924 104.28 8.68 -13.20
CA GLU C 1924 103.04 8.69 -12.43
C GLU C 1924 102.33 7.36 -12.57
N GLY C 1925 101.76 6.88 -11.47
CA GLY C 1925 101.11 5.60 -11.48
C GLY C 1925 99.80 5.62 -12.22
N LEU C 1926 99.33 4.42 -12.59
CA LEU C 1926 98.09 4.25 -13.34
C LEU C 1926 96.84 4.69 -12.58
N LEU C 1927 96.92 4.88 -11.28
CA LEU C 1927 95.75 5.27 -10.51
C LEU C 1927 95.53 6.78 -10.49
N GLN C 1928 96.35 7.55 -11.20
CA GLN C 1928 96.22 9.00 -11.19
C GLN C 1928 96.31 9.62 -12.58
N MET C 1929 95.87 8.91 -13.61
CA MET C 1929 95.94 9.43 -14.98
C MET C 1929 94.59 9.79 -15.58
N LYS C 1930 93.54 9.84 -14.77
CA LYS C 1930 92.16 10.19 -15.18
C LYS C 1930 91.67 9.30 -16.32
N LEU C 1931 91.67 8.01 -16.02
CA LEU C 1931 91.29 6.98 -16.98
C LEU C 1931 89.80 7.00 -17.28
N PRO C 1932 89.40 6.59 -18.47
CA PRO C 1932 87.98 6.40 -18.78
C PRO C 1932 87.48 5.12 -18.13
N GLU C 1933 86.17 4.89 -18.27
CA GLU C 1933 85.50 3.78 -17.60
C GLU C 1933 86.00 2.42 -18.11
N SER C 1934 86.26 2.31 -19.41
CA SER C 1934 86.65 1.03 -20.01
C SER C 1934 87.99 0.52 -19.48
N VAL C 1935 88.94 1.42 -19.24
CA VAL C 1935 90.24 1.01 -18.70
C VAL C 1935 90.11 0.59 -17.25
N LYS C 1936 89.28 1.32 -16.49
CA LYS C 1936 89.06 1.05 -15.07
C LYS C 1936 88.59 -0.38 -14.82
N LEU C 1937 87.83 -0.96 -15.74
CA LEU C 1937 87.41 -2.36 -15.62
C LEU C 1937 88.61 -3.31 -15.63
N GLN C 1938 89.59 -3.04 -16.50
CA GLN C 1938 90.78 -3.86 -16.54
C GLN C 1938 91.63 -3.64 -15.30
N MET C 1939 91.64 -2.41 -14.80
CA MET C 1939 92.38 -2.12 -13.56
C MET C 1939 91.77 -2.88 -12.39
N CYS C 1940 90.43 -2.94 -12.35
CA CYS C 1940 89.75 -3.71 -11.32
C CYS C 1940 90.04 -5.20 -11.44
N ASN C 1941 90.24 -5.69 -12.67
CA ASN C 1941 90.63 -7.09 -12.84
C ASN C 1941 92.05 -7.34 -12.36
N LEU C 1942 92.91 -6.33 -12.50
CA LEU C 1942 94.28 -6.44 -12.01
C LEU C 1942 94.30 -6.51 -10.49
N LEU C 1943 93.57 -5.59 -9.85
CA LEU C 1943 93.49 -5.60 -8.40
C LEU C 1943 92.79 -6.85 -7.89
N GLU C 1944 91.86 -7.40 -8.68
CA GLU C 1944 91.19 -8.64 -8.31
C GLU C 1944 92.19 -9.78 -8.25
N TYR C 1945 93.11 -9.82 -9.22
CA TYR C 1945 94.13 -10.85 -9.25
C TYR C 1945 95.06 -10.73 -8.04
N PHE C 1946 95.46 -9.51 -7.70
CA PHE C 1946 96.36 -9.36 -6.55
C PHE C 1946 95.67 -9.69 -5.23
N CYS C 1947 94.37 -9.36 -5.12
CA CYS C 1947 93.61 -9.72 -3.93
C CYS C 1947 93.47 -11.23 -3.80
N ASP C 1948 93.30 -11.92 -4.94
CA ASP C 1948 93.26 -13.38 -4.91
C ASP C 1948 94.61 -13.94 -4.47
N GLN C 1949 95.70 -13.32 -4.92
CA GLN C 1949 97.03 -13.77 -4.50
C GLN C 1949 97.22 -13.60 -3.00
N GLU C 1950 96.73 -12.49 -2.44
CA GLU C 1950 96.77 -12.27 -1.00
C GLU C 1950 95.96 -13.31 -0.24
N LEU C 1951 94.78 -13.65 -0.74
CA LEU C 1951 93.96 -14.67 -0.11
C LEU C 1951 94.64 -16.03 -0.13
N GLN C 1952 95.26 -16.38 -1.27
CA GLN C 1952 96.00 -17.63 -1.36
C GLN C 1952 97.20 -17.63 -0.42
N HIS C 1953 97.81 -16.45 -0.21
CA HIS C 1953 98.92 -16.34 0.72
C HIS C 1953 98.46 -16.62 2.14
N ARG C 1954 97.29 -16.09 2.51
CA ARG C 1954 96.75 -16.32 3.85
C ARG C 1954 96.43 -17.79 4.07
N VAL C 1955 95.82 -18.43 3.06
CA VAL C 1955 95.47 -19.84 3.17
C VAL C 1955 96.72 -20.71 3.30
N GLU C 1956 97.75 -20.42 2.49
CA GLU C 1956 99.00 -21.17 2.56
C GLU C 1956 99.71 -20.97 3.90
N SER C 1957 99.69 -19.75 4.43
CA SER C 1957 100.26 -19.48 5.75
C SER C 1957 99.54 -20.24 6.84
N LEU C 1958 98.20 -20.29 6.76
CA LEU C 1958 97.40 -21.02 7.72
C LEU C 1958 97.71 -22.52 7.67
N ALA C 1959 97.86 -23.06 6.46
CA ALA C 1959 98.22 -24.47 6.32
C ALA C 1959 99.62 -24.75 6.86
N ALA C 1960 100.55 -23.81 6.70
CA ALA C 1960 101.88 -23.98 7.28
C ALA C 1960 101.84 -24.00 8.80
N PHE C 1961 101.07 -23.07 9.40
CA PHE C 1961 100.94 -23.06 10.85
C PHE C 1961 100.23 -24.32 11.33
N ALA C 1962 99.31 -24.85 10.52
CA ALA C 1962 98.65 -26.11 10.84
C ALA C 1962 99.67 -27.24 10.87
N GLU C 1963 100.60 -27.23 9.92
CA GLU C 1963 101.64 -28.24 9.84
C GLU C 1963 102.52 -28.23 11.09
N ARG C 1964 102.91 -27.04 11.54
CA ARG C 1964 103.78 -26.98 12.72
C ARG C 1964 103.01 -27.28 14.01
N TYR C 1965 101.77 -26.78 14.10
CA TYR C 1965 101.02 -26.88 15.35
C TYR C 1965 100.50 -28.28 15.57
N VAL C 1966 100.22 -29.04 14.50
CA VAL C 1966 99.79 -30.43 14.67
C VAL C 1966 100.94 -31.24 15.25
N ASP C 1967 102.17 -31.01 14.76
CA ASP C 1967 103.32 -31.75 15.25
C ASP C 1967 103.57 -31.48 16.73
N LYS C 1968 103.49 -30.20 17.15
CA LYS C 1968 103.61 -29.88 18.57
C LYS C 1968 102.43 -30.40 19.40
N LEU C 1969 101.25 -30.47 18.81
CA LEU C 1969 100.08 -30.94 19.56
C LEU C 1969 100.12 -32.45 19.71
N GLN C 1970 100.56 -33.15 18.67
CA GLN C 1970 100.71 -34.60 18.72
C GLN C 1970 101.76 -34.98 19.75
N ALA C 1971 102.88 -34.25 19.77
CA ALA C 1971 103.95 -34.54 20.73
C ALA C 1971 103.48 -34.30 22.16
N ASN C 1972 102.81 -33.16 22.41
CA ASN C 1972 102.34 -32.86 23.75
C ASN C 1972 101.27 -33.85 24.23
N GLN C 1973 100.35 -34.22 23.35
CA GLN C 1973 99.30 -35.17 23.70
C GLN C 1973 99.83 -36.58 23.88
N ARG C 1974 100.91 -36.93 23.18
CA ARG C 1974 101.55 -38.22 23.42
C ARG C 1974 102.28 -38.23 24.76
N SER C 1975 103.01 -37.15 25.06
CA SER C 1975 103.75 -37.07 26.32
C SER C 1975 102.79 -37.09 27.50
N ARG C 1976 101.68 -36.33 27.40
CA ARG C 1976 100.67 -36.35 28.45
C ARG C 1976 100.00 -37.71 28.56
N TYR C 1977 99.90 -38.47 27.46
CA TYR C 1977 99.35 -39.82 27.54
C TYR C 1977 100.29 -40.74 28.29
N ALA C 1978 101.59 -40.62 28.02
CA ALA C 1978 102.59 -41.41 28.73
C ALA C 1978 102.61 -41.06 30.22
N LEU C 1979 102.51 -39.77 30.54
CA LEU C 1979 102.40 -39.36 31.94
C LEU C 1979 101.12 -39.89 32.58
N LEU C 1980 100.03 -40.01 31.80
CA LEU C 1980 98.78 -40.52 32.35
C LEU C 1980 98.89 -42.02 32.63
N MET C 1981 99.74 -42.73 31.89
CA MET C 1981 99.92 -44.16 32.15
C MET C 1981 100.55 -44.45 33.51
N ARG C 1982 101.24 -43.48 34.10
CA ARG C 1982 101.81 -43.62 35.43
C ARG C 1982 100.95 -42.97 36.52
N ALA C 1983 99.75 -42.48 36.16
CA ALA C 1983 98.91 -41.77 37.11
C ALA C 1983 98.25 -42.69 38.14
N PHE C 1984 98.25 -44.01 37.92
CA PHE C 1984 97.57 -44.94 38.81
C PHE C 1984 98.19 -45.04 40.20
N THR C 1985 99.38 -44.49 40.41
CA THR C 1985 100.07 -44.60 41.69
C THR C 1985 99.77 -43.44 42.64
N MET C 1986 99.20 -42.33 42.15
CA MET C 1986 98.94 -41.20 43.03
C MET C 1986 97.59 -40.53 42.78
N SER C 1987 96.70 -41.13 41.99
CA SER C 1987 95.42 -40.52 41.65
C SER C 1987 94.27 -41.40 42.15
N ALA C 1988 93.06 -41.04 41.74
CA ALA C 1988 91.83 -41.65 42.23
C ALA C 1988 90.86 -41.70 41.06
N ALA C 1989 89.56 -41.82 41.36
CA ALA C 1989 88.49 -42.03 40.39
C ALA C 1989 88.25 -40.85 39.44
N GLU C 1990 89.01 -39.75 39.54
CA GLU C 1990 88.89 -38.61 38.64
C GLU C 1990 89.74 -38.76 37.39
N THR C 1991 90.40 -39.91 37.20
CA THR C 1991 91.15 -40.18 35.97
C THR C 1991 90.26 -40.34 34.74
N ALA C 1992 88.94 -40.49 34.91
CA ALA C 1992 88.04 -40.62 33.78
C ALA C 1992 88.04 -39.36 32.93
N ARG C 1993 88.22 -38.19 33.56
CA ARG C 1993 88.22 -36.94 32.81
C ARG C 1993 89.47 -36.82 31.96
N ARG C 1994 90.64 -37.12 32.54
CA ARG C 1994 91.87 -37.03 31.75
C ARG C 1994 91.97 -38.13 30.71
N THR C 1995 91.29 -39.27 30.88
CA THR C 1995 91.29 -40.28 29.81
C THR C 1995 90.08 -40.16 28.90
N ARG C 1996 89.24 -39.14 29.11
CA ARG C 1996 88.09 -38.90 28.24
C ARG C 1996 88.57 -38.58 26.82
N GLU C 1997 89.66 -37.79 26.72
CA GLU C 1997 90.19 -37.40 25.42
C GLU C 1997 90.57 -38.64 24.64
N PHE C 1998 91.38 -39.51 25.26
CA PHE C 1998 91.90 -40.69 24.58
C PHE C 1998 90.80 -41.72 24.34
N ARG C 1999 89.64 -41.59 25.00
CA ARG C 1999 88.51 -42.44 24.68
C ARG C 1999 87.50 -41.71 23.79
N SER C 2000 87.84 -40.53 23.33
CA SER C 2000 86.96 -39.82 22.42
C SER C 2000 87.62 -39.70 21.05
N PRO C 2001 86.85 -39.86 19.98
CA PRO C 2001 87.41 -39.78 18.62
C PRO C 2001 88.07 -38.43 18.37
N PRO C 2002 89.08 -38.40 17.47
CA PRO C 2002 89.98 -37.23 17.41
C PRO C 2002 89.37 -35.87 17.12
N GLN C 2003 88.30 -35.80 16.31
CA GLN C 2003 87.74 -34.51 15.87
C GLN C 2003 87.39 -33.63 17.07
N GLU C 2004 86.64 -34.20 18.01
CA GLU C 2004 86.31 -33.40 19.17
C GLU C 2004 87.48 -33.31 20.15
N GLN C 2005 88.51 -34.17 20.01
CA GLN C 2005 89.71 -33.97 20.81
C GLN C 2005 90.39 -32.66 20.44
N ILE C 2006 90.50 -32.37 19.13
CA ILE C 2006 91.02 -31.06 18.74
C ILE C 2006 90.06 -29.96 19.15
N ASN C 2007 88.74 -30.21 19.03
CA ASN C 2007 87.75 -29.19 19.42
C ASN C 2007 87.90 -28.75 20.87
N MET C 2008 88.02 -29.72 21.80
CA MET C 2008 88.21 -29.36 23.20
C MET C 2008 89.64 -28.88 23.48
N LEU C 2009 90.62 -29.33 22.71
CA LEU C 2009 91.98 -28.82 22.87
C LEU C 2009 92.03 -27.34 22.53
N LEU C 2010 91.41 -26.95 21.41
CA LEU C 2010 91.41 -25.56 20.98
C LEU C 2010 90.36 -24.73 21.68
N HIS C 2011 89.51 -25.33 22.51
CA HIS C 2011 88.38 -24.63 23.14
C HIS C 2011 88.84 -23.79 24.33
N PHE C 2012 89.70 -22.80 24.04
CA PHE C 2012 90.18 -21.88 25.09
C PHE C 2012 90.30 -20.45 24.57
N LYS C 2013 89.52 -20.08 23.56
CA LYS C 2013 89.64 -18.77 22.92
C LYS C 2013 89.28 -17.63 23.88
N ASP C 2014 88.15 -17.75 24.56
CA ASP C 2014 87.59 -16.64 25.31
C ASP C 2014 88.11 -16.55 26.75
N GLU C 2015 89.06 -17.43 27.13
CA GLU C 2015 89.81 -17.46 28.39
C GLU C 2015 88.95 -17.88 29.59
N ALA C 2016 87.64 -18.04 29.38
CA ALA C 2016 86.72 -18.47 30.42
C ALA C 2016 86.64 -19.98 30.56
N ASP C 2017 87.35 -20.73 29.72
CA ASP C 2017 87.31 -22.19 29.75
C ASP C 2017 88.70 -22.80 29.59
N GLU C 2018 89.73 -22.11 30.11
CA GLU C 2018 91.11 -22.60 30.05
C GLU C 2018 91.30 -23.89 30.83
N GLU C 2019 90.47 -24.12 31.85
CA GLU C 2019 90.64 -25.25 32.76
C GLU C 2019 90.49 -26.59 32.04
N ASP C 2020 89.50 -26.70 31.15
CA ASP C 2020 89.30 -27.93 30.39
C ASP C 2020 90.47 -28.20 29.44
N CYS C 2021 91.08 -27.13 28.92
CA CYS C 2021 92.21 -27.27 28.02
C CYS C 2021 93.43 -27.79 28.77
N PRO C 2022 94.01 -28.93 28.37
CA PRO C 2022 95.20 -29.46 29.03
C PRO C 2022 96.52 -28.91 28.50
N LEU C 2023 96.48 -28.06 27.47
CA LEU C 2023 97.70 -27.58 26.86
C LEU C 2023 98.48 -26.67 27.78
N PRO C 2024 99.81 -26.71 27.73
CA PRO C 2024 100.61 -25.72 28.45
C PRO C 2024 100.50 -24.34 27.83
N GLU C 2025 100.84 -23.35 28.67
CA GLU C 2025 100.68 -21.94 28.31
C GLU C 2025 101.56 -21.55 27.13
N ASP C 2026 102.73 -22.18 26.98
CA ASP C 2026 103.60 -21.85 25.84
C ASP C 2026 102.95 -22.24 24.51
N ILE C 2027 102.24 -23.36 24.48
CA ILE C 2027 101.51 -23.75 23.28
C ILE C 2027 100.32 -22.83 23.06
N ARG C 2028 99.60 -22.51 24.15
CA ARG C 2028 98.43 -21.64 24.03
C ARG C 2028 98.81 -20.25 23.54
N GLN C 2029 99.95 -19.74 24.03
CA GLN C 2029 100.45 -18.46 23.58
C GLN C 2029 100.80 -18.51 22.10
N ASP C 2030 101.34 -19.64 21.64
CA ASP C 2030 101.74 -19.80 20.24
C ASP C 2030 100.53 -19.69 19.33
N LEU C 2031 99.44 -20.38 19.70
CA LEU C 2031 98.22 -20.30 18.91
C LEU C 2031 97.64 -18.89 18.92
N GLN C 2032 97.58 -18.25 20.10
CA GLN C 2032 97.04 -16.89 20.12
C GLN C 2032 97.97 -15.87 19.46
N ASP C 2033 99.25 -16.20 19.32
CA ASP C 2033 100.17 -15.38 18.54
C ASP C 2033 99.84 -15.47 17.07
N PHE C 2034 99.57 -16.68 16.58
CA PHE C 2034 99.23 -16.79 15.15
C PHE C 2034 97.84 -16.21 14.89
N HIS C 2035 96.98 -16.19 15.90
CA HIS C 2035 95.66 -15.61 15.72
C HIS C 2035 95.77 -14.09 15.62
N GLN C 2036 96.68 -13.49 16.39
CA GLN C 2036 96.76 -12.03 16.43
C GLN C 2036 97.29 -11.49 15.10
N ASP C 2037 98.40 -12.05 14.60
CA ASP C 2037 98.92 -11.50 13.35
C ASP C 2037 98.04 -11.92 12.18
N LEU C 2038 97.30 -13.04 12.27
CA LEU C 2038 96.34 -13.35 11.22
C LEU C 2038 95.25 -12.27 11.12
N LEU C 2039 94.71 -11.83 12.26
CA LEU C 2039 93.76 -10.73 12.24
C LEU C 2039 94.41 -9.41 11.79
N ALA C 2040 95.65 -9.17 12.20
CA ALA C 2040 96.36 -7.98 11.74
C ALA C 2040 96.61 -8.01 10.23
N HIS C 2041 96.94 -9.18 9.69
CA HIS C 2041 97.13 -9.33 8.25
C HIS C 2041 95.82 -9.07 7.54
N CYS C 2042 94.71 -9.60 8.08
CA CYS C 2042 93.39 -9.37 7.51
C CYS C 2042 92.82 -8.00 7.87
N GLY C 2043 93.62 -7.12 8.47
CA GLY C 2043 93.20 -5.76 8.77
C GLY C 2043 92.06 -5.63 9.75
N ILE C 2044 92.08 -6.42 10.83
CA ILE C 2044 91.03 -6.30 11.83
C ILE C 2044 91.28 -5.10 12.74
N GLN C 2045 92.39 -5.14 13.49
CA GLN C 2045 92.80 -4.07 14.38
C GLN C 2045 94.22 -4.35 14.84
N LEU C 2046 95.02 -3.29 14.93
CA LEU C 2046 96.40 -3.41 15.39
C LEU C 2046 96.42 -3.47 16.91
N GLU C 2088 97.07 10.90 7.33
CA GLU C 2088 97.30 9.52 6.94
C GLU C 2088 96.90 9.27 5.48
N LYS C 2089 97.35 10.18 4.61
CA LYS C 2089 97.06 10.06 3.18
C LYS C 2089 97.72 8.84 2.54
N LYS C 2090 98.76 8.31 3.17
CA LYS C 2090 99.50 7.17 2.63
C LYS C 2090 98.70 5.90 2.86
N PRO C 2091 98.29 5.18 1.80
CA PRO C 2091 97.57 3.91 1.99
C PRO C 2091 98.38 2.83 2.69
N GLN C 2092 99.68 2.74 2.37
CA GLN C 2092 100.70 1.87 2.97
C GLN C 2092 100.53 0.39 2.66
N SER C 2093 99.44 -0.01 2.00
CA SER C 2093 99.23 -1.41 1.59
C SER C 2093 98.06 -1.47 0.62
N LEU C 2094 97.80 -2.70 0.18
CA LEU C 2094 96.81 -2.95 -0.86
C LEU C 2094 95.39 -2.75 -0.33
N GLN C 2095 95.11 -3.22 0.89
CA GLN C 2095 93.75 -3.22 1.41
C GLN C 2095 93.21 -1.79 1.57
N GLU C 2096 94.02 -0.88 2.10
CA GLU C 2096 93.60 0.50 2.18
C GLU C 2096 93.68 1.20 0.82
N LEU C 2097 94.59 0.73 -0.04
CA LEU C 2097 94.76 1.33 -1.36
C LEU C 2097 93.51 1.13 -2.20
N VAL C 2098 93.04 -0.13 -2.30
CA VAL C 2098 91.93 -0.48 -3.17
C VAL C 2098 90.66 0.23 -2.72
N SER C 2099 90.41 0.21 -1.40
CA SER C 2099 89.21 0.82 -0.86
C SER C 2099 89.20 2.33 -1.11
N HIS C 2100 90.37 2.97 -0.95
CA HIS C 2100 90.47 4.40 -1.15
CA HIS C 2100 90.47 4.40 -1.15
C HIS C 2100 90.24 4.77 -2.61
N MET C 2101 90.87 4.03 -3.53
CA MET C 2101 90.75 4.40 -4.94
C MET C 2101 89.37 4.04 -5.49
N VAL C 2102 88.75 2.96 -5.01
CA VAL C 2102 87.40 2.61 -5.43
C VAL C 2102 86.41 3.68 -5.00
N VAL C 2103 86.52 4.14 -3.74
CA VAL C 2103 85.64 5.20 -3.25
C VAL C 2103 85.90 6.49 -4.01
N ARG C 2104 87.18 6.81 -4.26
CA ARG C 2104 87.52 8.04 -5.01
C ARG C 2104 86.97 7.99 -6.43
N TRP C 2105 87.04 6.82 -7.09
CA TRP C 2105 86.45 6.66 -8.41
C TRP C 2105 84.96 6.87 -8.37
N ALA C 2106 84.29 6.31 -7.35
CA ALA C 2106 82.84 6.39 -7.28
C ALA C 2106 82.39 7.83 -7.06
N GLN C 2107 83.10 8.58 -6.21
CA GLN C 2107 82.69 9.94 -5.92
C GLN C 2107 83.20 10.95 -6.95
N GLU C 2108 84.12 10.56 -7.84
CA GLU C 2108 84.59 11.49 -8.85
C GLU C 2108 83.58 11.71 -9.97
N ASP C 2109 82.78 10.69 -10.29
CA ASP C 2109 81.84 10.78 -11.40
C ASP C 2109 80.79 9.70 -11.26
N TYR C 2110 79.64 9.94 -11.90
CA TYR C 2110 78.56 8.97 -11.93
C TYR C 2110 78.98 7.85 -12.88
N VAL C 2111 79.45 6.75 -12.32
CA VAL C 2111 79.93 5.61 -13.10
C VAL C 2111 78.78 4.99 -13.87
N GLN C 2112 79.00 4.72 -15.16
CA GLN C 2112 77.91 4.29 -16.01
C GLN C 2112 77.92 2.80 -16.31
N SER C 2113 79.09 2.20 -16.50
CA SER C 2113 79.15 0.78 -16.87
C SER C 2113 78.72 -0.12 -15.73
N PRO C 2114 77.67 -0.94 -15.91
CA PRO C 2114 77.23 -1.84 -14.84
C PRO C 2114 78.26 -2.87 -14.42
N GLU C 2115 79.07 -3.34 -15.38
CA GLU C 2115 80.10 -4.32 -15.05
C GLU C 2115 81.21 -3.67 -14.24
N LEU C 2116 81.52 -2.41 -14.55
CA LEU C 2116 82.54 -1.68 -13.81
C LEU C 2116 82.08 -1.46 -12.38
N VAL C 2117 80.81 -1.07 -12.21
CA VAL C 2117 80.23 -0.85 -10.89
C VAL C 2117 80.25 -2.14 -10.07
N ARG C 2118 79.86 -3.25 -10.70
CA ARG C 2118 79.86 -4.54 -10.02
C ARG C 2118 81.27 -4.97 -9.62
N ALA C 2119 82.25 -4.72 -10.50
CA ALA C 2119 83.62 -5.10 -10.22
C ALA C 2119 84.20 -4.29 -9.07
N MET C 2120 83.91 -2.98 -9.04
CA MET C 2120 84.54 -2.17 -8.00
C MET C 2120 83.87 -2.42 -6.66
N PHE C 2121 82.55 -2.64 -6.66
CA PHE C 2121 81.92 -2.87 -5.36
C PHE C 2121 82.17 -4.28 -4.87
N SER C 2122 82.56 -5.21 -5.75
CA SER C 2122 83.02 -6.50 -5.27
C SER C 2122 84.40 -6.40 -4.65
N LEU C 2123 85.28 -5.58 -5.26
CA LEU C 2123 86.60 -5.35 -4.67
C LEU C 2123 86.47 -4.69 -3.31
N LEU C 2124 85.59 -3.68 -3.21
CA LEU C 2124 85.41 -2.96 -1.96
C LEU C 2124 84.87 -3.86 -0.87
N HIS C 2125 83.92 -4.75 -1.25
CA HIS C 2125 83.36 -5.65 -0.26
C HIS C 2125 84.41 -6.62 0.24
N ARG C 2126 85.33 -7.05 -0.63
CA ARG C 2126 86.37 -7.98 -0.19
C ARG C 2126 87.33 -7.30 0.78
N GLN C 2127 87.71 -6.05 0.48
CA GLN C 2127 88.69 -5.36 1.34
C GLN C 2127 88.09 -5.09 2.70
N TYR C 2128 86.84 -4.63 2.76
CA TYR C 2128 86.24 -4.41 4.07
C TYR C 2128 86.03 -5.72 4.80
N ASP C 2129 85.39 -6.70 4.14
CA ASP C 2129 85.18 -8.01 4.76
C ASP C 2129 86.34 -8.95 4.41
N GLY C 2130 87.55 -8.55 4.82
CA GLY C 2130 88.74 -9.32 4.54
C GLY C 2130 88.71 -10.71 5.16
N LEU C 2131 88.17 -10.82 6.38
CA LEU C 2131 88.06 -12.11 7.04
C LEU C 2131 86.94 -12.98 6.46
N GLY C 2132 85.86 -12.36 5.98
CA GLY C 2132 84.75 -13.13 5.43
C GLY C 2132 85.11 -13.93 4.19
N GLU C 2133 85.87 -13.32 3.27
CA GLU C 2133 86.29 -14.05 2.07
C GLU C 2133 87.22 -15.20 2.42
N LEU C 2134 88.06 -15.01 3.46
CA LEU C 2134 88.88 -16.12 3.94
C LEU C 2134 88.01 -17.22 4.50
N LEU C 2135 86.99 -16.84 5.29
CA LEU C 2135 86.11 -17.82 5.93
C LEU C 2135 85.36 -18.61 4.88
N ARG C 2136 85.01 -17.96 3.77
CA ARG C 2136 84.34 -18.65 2.67
C ARG C 2136 85.35 -19.37 1.79
N ALA C 2137 86.65 -19.19 2.04
CA ALA C 2137 87.67 -19.86 1.24
C ALA C 2137 88.17 -21.13 1.90
N LEU C 2138 88.08 -21.23 3.24
CA LEU C 2138 88.48 -22.47 3.91
C LEU C 2138 87.79 -23.75 3.45
N PRO C 2139 86.46 -23.80 3.18
CA PRO C 2139 85.86 -25.09 2.72
C PRO C 2139 86.49 -25.70 1.48
N ARG C 2140 87.06 -24.88 0.60
CA ARG C 2140 87.76 -25.40 -0.57
C ARG C 2140 89.24 -25.62 -0.31
N ALA C 2141 89.73 -25.31 0.87
CA ALA C 2141 91.13 -25.57 1.21
C ALA C 2141 91.29 -27.01 1.68
N TYR C 2142 92.47 -27.57 1.43
CA TYR C 2142 92.74 -28.96 1.76
C TYR C 2142 94.25 -29.18 1.74
N THR C 2143 94.70 -30.12 2.57
CA THR C 2143 96.11 -30.48 2.66
C THR C 2143 96.28 -31.95 2.33
N ILE C 2144 97.32 -32.27 1.55
CA ILE C 2144 97.61 -33.63 1.13
C ILE C 2144 99.06 -33.97 1.42
N SER C 2145 99.32 -35.27 1.47
CA SER C 2145 100.66 -35.78 1.73
C SER C 2145 101.58 -35.46 0.56
N PRO C 2146 102.86 -35.16 0.83
CA PRO C 2146 103.81 -34.86 -0.27
C PRO C 2146 104.03 -36.01 -1.25
N SER C 2147 103.73 -37.24 -0.88
CA SER C 2147 103.91 -38.39 -1.75
C SER C 2147 102.75 -38.62 -2.71
N SER C 2148 101.70 -37.79 -2.67
CA SER C 2148 100.53 -37.96 -3.53
C SER C 2148 100.33 -36.82 -4.51
N VAL C 2149 101.33 -35.95 -4.68
CA VAL C 2149 101.18 -34.82 -5.58
C VAL C 2149 101.15 -35.26 -7.04
N GLU C 2150 102.01 -36.20 -7.44
CA GLU C 2150 102.06 -36.60 -8.84
C GLU C 2150 100.78 -37.31 -9.28
N ASP C 2151 100.06 -37.95 -8.36
CA ASP C 2151 98.75 -38.49 -8.66
C ASP C 2151 97.69 -37.40 -8.68
N THR C 2152 97.85 -36.42 -7.79
CA THR C 2152 96.91 -35.31 -7.72
C THR C 2152 96.95 -34.50 -9.00
N MET C 2153 98.15 -34.29 -9.56
CA MET C 2153 98.30 -33.55 -10.81
C MET C 2153 97.50 -34.18 -11.94
N SER C 2154 97.60 -35.51 -12.08
CA SER C 2154 96.83 -36.24 -13.09
C SER C 2154 95.33 -36.13 -12.84
N LEU C 2155 94.95 -36.06 -11.56
CA LEU C 2155 93.53 -35.94 -11.22
C LEU C 2155 93.04 -34.55 -11.61
N LEU C 2156 93.81 -33.52 -11.28
CA LEU C 2156 93.45 -32.15 -11.60
C LEU C 2156 93.38 -31.93 -13.11
N GLU C 2157 94.32 -32.53 -13.85
CA GLU C 2157 94.28 -32.46 -15.32
C GLU C 2157 93.01 -33.08 -15.89
N CYS C 2158 92.61 -34.24 -15.38
CA CYS C 2158 91.36 -34.85 -15.86
C CYS C 2158 90.15 -34.04 -15.44
N LEU C 2159 90.18 -33.47 -14.23
CA LEU C 2159 89.08 -32.62 -13.80
C LEU C 2159 88.98 -31.37 -14.67
N GLY C 2160 90.14 -30.79 -15.05
CA GLY C 2160 90.13 -29.66 -15.94
C GLY C 2160 89.56 -30.01 -17.30
N GLN C 2161 89.79 -31.24 -17.75
CA GLN C 2161 89.17 -31.70 -19.01
C GLN C 2161 87.66 -31.75 -18.87
N ILE C 2162 87.18 -32.24 -17.72
CA ILE C 2162 85.74 -32.32 -17.52
C ILE C 2162 85.13 -30.92 -17.41
N ARG C 2163 85.77 -30.04 -16.63
CA ARG C 2163 85.31 -28.65 -16.48
C ARG C 2163 85.28 -27.92 -17.81
N SER C 2164 86.18 -28.26 -18.74
CA SER C 2164 86.20 -27.60 -20.03
C SER C 2164 85.01 -27.98 -20.91
N LEU C 2165 84.30 -29.05 -20.55
CA LEU C 2165 83.15 -29.51 -21.31
C LEU C 2165 81.85 -28.84 -20.90
N LEU C 2166 81.86 -28.00 -19.87
CA LEU C 2166 80.67 -27.28 -19.44
C LEU C 2166 80.27 -26.15 -20.38
N ILE C 2167 81.11 -25.79 -21.35
CA ILE C 2167 80.89 -24.64 -22.20
C ILE C 2167 80.82 -25.03 -23.67
N VAL C 2168 80.80 -26.33 -23.97
CA VAL C 2168 80.82 -26.83 -25.33
C VAL C 2168 79.71 -27.85 -25.51
N GLN C 2169 79.04 -27.79 -26.66
CA GLN C 2169 78.05 -28.81 -26.99
C GLN C 2169 78.75 -30.14 -27.19
N MET C 2170 78.14 -31.20 -26.66
CA MET C 2170 78.77 -32.51 -26.70
C MET C 2170 78.74 -33.11 -28.09
N GLY C 2171 79.86 -33.71 -28.47
CA GLY C 2171 79.98 -34.41 -29.72
C GLY C 2171 80.79 -35.68 -29.55
N PRO C 2172 80.97 -36.42 -30.65
CA PRO C 2172 81.78 -37.65 -30.59
C PRO C 2172 83.21 -37.44 -30.12
N GLN C 2173 83.83 -36.34 -30.51
CA GLN C 2173 85.21 -36.04 -30.11
C GLN C 2173 85.30 -35.84 -28.60
N GLU C 2174 84.37 -35.08 -28.02
CA GLU C 2174 84.42 -34.83 -26.58
C GLU C 2174 83.97 -36.05 -25.80
N GLU C 2175 83.15 -36.90 -26.43
CA GLU C 2175 82.63 -38.10 -25.77
C GLU C 2175 83.75 -39.04 -25.38
N ASN C 2176 84.67 -39.31 -26.31
CA ASN C 2176 85.76 -40.19 -25.95
C ASN C 2176 86.79 -39.48 -25.09
N LEU C 2177 86.77 -38.14 -25.08
CA LEU C 2177 87.69 -37.38 -24.26
C LEU C 2177 87.33 -37.58 -22.79
N MET C 2178 86.03 -37.60 -22.52
CA MET C 2178 85.65 -37.67 -21.12
C MET C 2178 85.44 -39.09 -20.65
N ILE C 2179 85.13 -40.05 -21.53
CA ILE C 2179 85.04 -41.43 -21.08
C ILE C 2179 86.40 -41.91 -20.57
N GLN C 2180 87.48 -41.58 -21.29
CA GLN C 2180 88.81 -41.88 -20.78
C GLN C 2180 89.21 -40.97 -19.62
N SER C 2181 88.71 -39.73 -19.56
CA SER C 2181 89.03 -38.87 -18.42
C SER C 2181 88.42 -39.44 -17.14
N ILE C 2182 87.16 -39.89 -17.22
CA ILE C 2182 86.49 -40.53 -16.09
C ILE C 2182 87.20 -41.82 -15.73
N GLY C 2183 87.57 -42.63 -16.73
CA GLY C 2183 88.28 -43.87 -16.47
C GLY C 2183 89.61 -43.63 -15.78
N ASN C 2184 90.29 -42.53 -16.12
CA ASN C 2184 91.52 -42.16 -15.43
C ASN C 2184 91.24 -41.82 -13.97
N ILE C 2185 90.09 -41.18 -13.71
CA ILE C 2185 89.75 -40.89 -12.31
C ILE C 2185 89.50 -42.17 -11.54
N MET C 2186 88.78 -43.13 -12.14
CA MET C 2186 88.60 -44.44 -11.49
C MET C 2186 89.94 -45.12 -11.25
N ASN C 2187 90.85 -45.04 -12.22
CA ASN C 2187 92.18 -45.63 -12.07
C ASN C 2187 93.05 -44.86 -11.08
N ASN C 2188 92.63 -43.67 -10.65
CA ASN C 2188 93.42 -42.88 -9.72
C ASN C 2188 93.09 -43.28 -8.29
N LYS C 2189 94.13 -43.53 -7.50
CA LYS C 2189 93.97 -43.96 -6.11
C LYS C 2189 93.54 -42.84 -5.17
N VAL C 2190 93.78 -41.57 -5.53
CA VAL C 2190 93.37 -40.46 -4.68
C VAL C 2190 91.86 -40.34 -4.63
N PHE C 2191 91.18 -40.77 -5.69
CA PHE C 2191 89.72 -40.78 -5.76
C PHE C 2191 89.10 -41.66 -4.69
N TYR C 2192 89.85 -42.64 -4.17
CA TYR C 2192 89.39 -43.50 -3.09
C TYR C 2192 89.97 -43.06 -1.75
N GLN C 2193 91.23 -42.62 -1.75
CA GLN C 2193 91.90 -42.25 -0.50
C GLN C 2193 91.29 -41.00 0.12
N HIS C 2194 90.87 -40.04 -0.71
CA HIS C 2194 90.33 -38.78 -0.22
C HIS C 2194 88.97 -38.48 -0.84
N PRO C 2195 87.90 -39.14 -0.37
CA PRO C 2195 86.56 -38.78 -0.83
C PRO C 2195 86.16 -37.36 -0.47
N ASN C 2196 86.70 -36.83 0.64
CA ASN C 2196 86.42 -35.45 1.05
C ASN C 2196 86.93 -34.46 0.01
N LEU C 2197 88.12 -34.70 -0.52
CA LEU C 2197 88.71 -33.81 -1.52
C LEU C 2197 87.89 -33.76 -2.80
N MET C 2198 87.40 -34.91 -3.29
CA MET C 2198 86.51 -34.92 -4.45
C MET C 2198 85.23 -34.13 -4.19
N ARG C 2199 84.75 -34.14 -2.95
CA ARG C 2199 83.57 -33.36 -2.62
C ARG C 2199 83.89 -31.89 -2.55
N ALA C 2200 85.10 -31.54 -2.12
CA ALA C 2200 85.47 -30.13 -2.10
C ALA C 2200 85.67 -29.62 -3.52
N LEU C 2201 86.24 -30.47 -4.40
CA LEU C 2201 86.38 -30.08 -5.80
C LEU C 2201 85.07 -30.07 -6.56
N GLY C 2202 84.00 -30.62 -6.00
CA GLY C 2202 82.74 -30.69 -6.72
C GLY C 2202 82.74 -31.51 -7.99
N MET C 2203 83.42 -32.66 -7.98
CA MET C 2203 83.53 -33.50 -9.16
C MET C 2203 82.17 -34.05 -9.60
N HIS C 2204 81.36 -34.48 -8.63
CA HIS C 2204 80.04 -35.02 -8.92
C HIS C 2204 79.11 -33.96 -9.49
N GLU C 2205 79.27 -32.71 -9.04
CA GLU C 2205 78.45 -31.61 -9.56
C GLU C 2205 78.70 -31.41 -11.04
N THR C 2206 79.97 -31.36 -11.44
CA THR C 2206 80.32 -31.14 -12.84
C THR C 2206 79.86 -32.31 -13.71
N VAL C 2207 80.04 -33.54 -13.22
CA VAL C 2207 79.61 -34.71 -13.98
C VAL C 2207 78.08 -34.71 -14.12
N MET C 2208 77.39 -34.25 -13.07
CA MET C 2208 75.94 -34.10 -13.11
C MET C 2208 75.52 -33.13 -14.19
N GLU C 2209 76.11 -31.93 -14.22
CA GLU C 2209 75.71 -30.91 -15.19
C GLU C 2209 76.00 -31.36 -16.61
N VAL C 2210 77.12 -32.07 -16.80
CA VAL C 2210 77.46 -32.61 -18.12
C VAL C 2210 76.41 -33.61 -18.57
N MET C 2211 76.00 -34.51 -17.66
CA MET C 2211 74.97 -35.49 -18.00
C MET C 2211 73.63 -34.81 -18.29
N VAL C 2212 73.23 -33.86 -17.44
CA VAL C 2212 71.93 -33.20 -17.55
C VAL C 2212 71.82 -32.45 -18.87
N ASN C 2213 72.91 -31.82 -19.32
CA ASN C 2213 72.89 -31.09 -20.59
C ASN C 2213 72.59 -32.03 -21.76
N VAL C 2214 73.23 -33.20 -21.76
CA VAL C 2214 73.01 -34.18 -22.82
C VAL C 2214 71.61 -34.75 -22.75
N LEU C 2215 71.10 -35.02 -21.54
CA LEU C 2215 69.71 -35.44 -21.39
C LEU C 2215 68.73 -34.39 -21.90
N GLY C 2216 69.07 -33.11 -21.70
CA GLY C 2216 68.26 -32.04 -22.26
C GLY C 2216 68.27 -32.04 -23.77
N GLY C 2217 69.44 -32.29 -24.36
CA GLY C 2217 69.54 -32.40 -25.81
C GLY C 2217 68.80 -33.61 -26.32
N GLY C 2218 67.84 -33.41 -27.23
CA GLY C 2218 66.99 -34.49 -27.68
C GLY C 2218 66.14 -35.09 -26.58
N GLU C 2219 65.58 -34.24 -25.70
CA GLU C 2219 64.82 -34.68 -24.54
C GLU C 2219 63.49 -35.33 -24.89
N THR C 2220 63.04 -35.24 -26.14
CA THR C 2220 61.78 -35.86 -26.55
C THR C 2220 61.97 -36.97 -27.57
N LYS C 2221 62.82 -36.79 -28.57
CA LYS C 2221 62.95 -37.80 -29.61
C LYS C 2221 63.79 -38.99 -29.16
N GLU C 2222 65.07 -38.76 -28.83
CA GLU C 2222 66.00 -39.80 -28.43
C GLU C 2222 67.23 -39.13 -27.83
N ILE C 2223 67.81 -39.79 -26.83
CA ILE C 2223 68.98 -39.25 -26.12
C ILE C 2223 70.25 -39.68 -26.86
N ARG C 2224 70.86 -38.72 -27.55
CA ARG C 2224 72.08 -38.98 -28.29
C ARG C 2224 73.25 -39.16 -27.32
N PHE C 2225 74.24 -39.95 -27.73
CA PHE C 2225 75.44 -40.40 -27.00
C PHE C 2225 75.10 -41.20 -25.75
N PRO C 2226 74.47 -42.39 -25.87
CA PRO C 2226 74.18 -43.18 -24.66
C PRO C 2226 75.41 -43.75 -23.98
N LYS C 2227 76.49 -44.00 -24.72
CA LYS C 2227 77.69 -44.61 -24.16
C LYS C 2227 78.34 -43.73 -23.11
N MET C 2228 78.27 -42.41 -23.31
CA MET C 2228 78.88 -41.51 -22.34
C MET C 2228 77.97 -41.39 -21.11
N VAL C 2229 76.65 -41.37 -21.34
CA VAL C 2229 75.70 -41.22 -20.24
C VAL C 2229 75.80 -42.39 -19.27
N THR C 2230 75.92 -43.61 -19.82
CA THR C 2230 76.05 -44.76 -18.92
C THR C 2230 77.41 -44.83 -18.24
N SER C 2231 78.37 -44.02 -18.68
CA SER C 2231 79.68 -43.96 -18.04
C SER C 2231 79.69 -42.93 -16.94
N CYS C 2232 78.93 -41.85 -17.14
CA CYS C 2232 78.77 -40.87 -16.08
C CYS C 2232 77.94 -41.47 -14.96
N CYS C 2233 76.84 -42.13 -15.30
CA CYS C 2233 76.00 -42.76 -14.28
C CYS C 2233 76.75 -43.87 -13.54
N ARG C 2234 77.57 -44.66 -14.26
CA ARG C 2234 78.43 -45.65 -13.61
C ARG C 2234 79.41 -45.00 -12.65
N PHE C 2235 80.01 -43.87 -13.07
CA PHE C 2235 80.92 -43.13 -12.20
C PHE C 2235 80.19 -42.60 -10.97
N LEU C 2236 78.99 -42.05 -11.15
CA LEU C 2236 78.25 -41.50 -10.03
C LEU C 2236 77.87 -42.58 -9.03
N CYS C 2237 77.47 -43.76 -9.52
CA CYS C 2237 77.17 -44.87 -8.61
C CYS C 2237 78.41 -45.30 -7.84
N TYR C 2238 79.56 -45.38 -8.53
CA TYR C 2238 80.80 -45.68 -7.83
C TYR C 2238 81.18 -44.58 -6.86
N PHE C 2239 80.76 -43.34 -7.13
CA PHE C 2239 81.00 -42.25 -6.20
C PHE C 2239 80.14 -42.39 -4.97
N CYS C 2240 78.91 -42.91 -5.14
CA CYS C 2240 78.02 -43.09 -4.00
C CYS C 2240 78.54 -44.19 -3.10
N ARG C 2241 79.13 -45.22 -3.68
CA ARG C 2241 79.54 -46.37 -2.89
C ARG C 2241 80.80 -46.12 -2.08
N ILE C 2242 81.50 -45.01 -2.28
CA ILE C 2242 82.75 -44.76 -1.55
C ILE C 2242 82.48 -44.51 -0.06
N SER C 2243 81.52 -43.65 0.25
CA SER C 2243 81.24 -43.31 1.64
C SER C 2243 79.84 -42.75 1.77
N ARG C 2244 79.37 -42.70 3.02
CA ARG C 2244 78.05 -42.16 3.31
C ARG C 2244 77.97 -40.67 3.01
N GLN C 2245 79.03 -39.92 3.34
CA GLN C 2245 79.07 -38.49 3.07
C GLN C 2245 78.95 -38.19 1.58
N ASN C 2246 79.65 -38.98 0.75
CA ASN C 2246 79.46 -38.88 -0.69
C ASN C 2246 78.03 -39.22 -1.07
N GLN C 2247 77.47 -40.26 -0.44
CA GLN C 2247 76.09 -40.65 -0.66
C GLN C 2247 75.13 -39.57 -0.17
N ARG C 2248 75.41 -38.99 1.00
CA ARG C 2248 74.54 -37.94 1.55
C ARG C 2248 74.57 -36.71 0.66
N SER C 2249 75.76 -36.32 0.17
CA SER C 2249 75.87 -35.19 -0.74
C SER C 2249 75.13 -35.45 -2.03
N MET C 2250 75.23 -36.68 -2.54
CA MET C 2250 74.47 -37.09 -3.72
C MET C 2250 72.97 -37.09 -3.49
N PHE C 2251 72.54 -37.24 -2.23
CA PHE C 2251 71.11 -37.34 -1.94
C PHE C 2251 70.38 -36.03 -2.18
N ASP C 2252 71.05 -34.89 -1.95
CA ASP C 2252 70.41 -33.58 -2.10
C ASP C 2252 69.92 -33.32 -3.52
N HIS C 2253 70.50 -33.97 -4.52
CA HIS C 2253 70.09 -33.84 -5.92
C HIS C 2253 69.09 -34.91 -6.34
N LEU C 2254 68.36 -35.51 -5.38
CA LEU C 2254 67.41 -36.56 -5.71
C LEU C 2254 66.29 -36.05 -6.62
N SER C 2255 65.66 -34.93 -6.25
CA SER C 2255 64.62 -34.32 -7.06
C SER C 2255 65.16 -33.90 -8.42
N TYR C 2256 66.40 -33.41 -8.45
CA TYR C 2256 67.07 -33.05 -9.69
C TYR C 2256 67.23 -34.27 -10.60
N LEU C 2257 67.60 -35.41 -10.03
CA LEU C 2257 67.78 -36.62 -10.84
C LEU C 2257 66.45 -37.16 -11.33
N LEU C 2258 65.41 -37.08 -10.48
CA LEU C 2258 64.14 -37.71 -10.80
C LEU C 2258 63.49 -37.07 -12.01
N GLU C 2259 63.47 -35.74 -12.10
CA GLU C 2259 62.78 -35.12 -13.21
C GLU C 2259 63.56 -35.25 -14.51
N ASN C 2260 64.86 -35.54 -14.43
CA ASN C 2260 65.63 -35.83 -15.63
C ASN C 2260 65.65 -37.32 -15.96
N SER C 2261 65.07 -38.16 -15.11
CA SER C 2261 65.15 -39.60 -15.32
C SER C 2261 63.92 -40.15 -16.03
N GLY C 2262 63.04 -39.26 -16.52
CA GLY C 2262 61.80 -39.70 -17.12
C GLY C 2262 61.92 -40.30 -18.51
N ILE C 2263 63.07 -40.13 -19.16
CA ILE C 2263 63.23 -40.53 -20.55
C ILE C 2263 64.35 -41.54 -20.75
N GLY C 2264 65.36 -41.58 -19.87
CA GLY C 2264 66.58 -42.35 -20.08
C GLY C 2264 66.42 -43.84 -19.98
N LEU C 2265 65.28 -44.34 -19.52
CA LEU C 2265 65.09 -45.77 -19.29
C LEU C 2265 65.12 -46.62 -20.56
N GLY C 2266 64.93 -46.00 -21.72
CA GLY C 2266 65.14 -46.72 -22.97
C GLY C 2266 66.60 -47.13 -23.11
N MET C 2267 67.50 -46.22 -22.74
CA MET C 2267 68.92 -46.49 -22.71
C MET C 2267 69.20 -47.58 -21.67
N GLN C 2268 70.06 -48.53 -22.03
CA GLN C 2268 70.30 -49.71 -21.22
CA GLN C 2268 70.30 -49.71 -21.22
C GLN C 2268 71.64 -49.65 -20.50
N GLY C 2269 71.66 -50.08 -19.25
CA GLY C 2269 72.86 -50.05 -18.44
C GLY C 2269 72.71 -49.27 -17.16
N SER C 2270 73.49 -48.21 -17.00
CA SER C 2270 73.39 -47.35 -15.83
C SER C 2270 72.63 -46.09 -16.23
N THR C 2271 71.40 -45.99 -15.80
CA THR C 2271 70.49 -44.91 -16.13
C THR C 2271 70.61 -43.79 -15.10
N PRO C 2272 70.11 -42.58 -15.39
CA PRO C 2272 70.07 -41.55 -14.34
C PRO C 2272 69.23 -41.93 -13.14
N LEU C 2273 68.25 -42.83 -13.30
CA LEU C 2273 67.51 -43.33 -12.15
C LEU C 2273 68.39 -44.18 -11.26
N ASP C 2274 69.29 -44.98 -11.85
CA ASP C 2274 70.16 -45.86 -11.07
C ASP C 2274 71.07 -45.06 -10.14
N VAL C 2275 71.41 -43.83 -10.54
CA VAL C 2275 72.14 -42.92 -9.67
C VAL C 2275 71.33 -42.59 -8.44
N ALA C 2276 70.03 -42.32 -8.63
CA ALA C 2276 69.13 -42.04 -7.51
C ALA C 2276 69.01 -43.26 -6.60
N ALA C 2277 68.91 -44.45 -7.20
CA ALA C 2277 68.81 -45.68 -6.43
C ALA C 2277 70.06 -45.92 -5.60
N ALA C 2278 71.25 -45.73 -6.20
CA ALA C 2278 72.47 -45.87 -5.42
C ALA C 2278 72.68 -44.70 -4.47
N SER C 2279 71.95 -43.60 -4.66
CA SER C 2279 72.05 -42.46 -3.78
C SER C 2279 71.34 -42.69 -2.46
N VAL C 2280 70.44 -43.67 -2.40
CA VAL C 2280 69.65 -43.89 -1.19
C VAL C 2280 69.76 -45.35 -0.79
N ILE C 2281 70.64 -46.12 -1.45
CA ILE C 2281 70.73 -47.56 -1.19
C ILE C 2281 71.22 -47.81 0.23
N ASP C 2282 70.47 -48.65 0.97
CA ASP C 2282 70.84 -49.21 2.27
C ASP C 2282 71.26 -48.16 3.29
N ASN C 2283 70.51 -47.07 3.36
CA ASN C 2283 70.79 -46.05 4.36
C ASN C 2283 69.50 -45.63 5.03
N ASN C 2284 69.51 -45.65 6.36
CA ASN C 2284 68.31 -45.42 7.16
C ASN C 2284 67.91 -43.95 7.11
N GLU C 2285 68.80 -43.05 7.54
CA GLU C 2285 68.43 -41.65 7.67
C GLU C 2285 68.10 -41.03 6.31
N LEU C 2286 68.74 -41.51 5.24
CA LEU C 2286 68.42 -41.01 3.91
C LEU C 2286 67.06 -41.53 3.45
N ALA C 2287 66.78 -42.82 3.71
CA ALA C 2287 65.47 -43.37 3.35
C ALA C 2287 64.35 -42.67 4.11
N LEU C 2288 64.59 -42.39 5.39
CA LEU C 2288 63.61 -41.65 6.18
C LEU C 2288 63.45 -40.23 5.67
N ALA C 2289 64.55 -39.56 5.32
CA ALA C 2289 64.51 -38.19 4.85
C ALA C 2289 63.96 -38.05 3.44
N LEU C 2290 63.77 -39.16 2.72
CA LEU C 2290 63.25 -39.12 1.36
C LEU C 2290 61.86 -38.49 1.33
N GLN C 2291 61.75 -37.35 0.65
CA GLN C 2291 60.51 -36.57 0.64
C GLN C 2291 59.36 -37.31 -0.05
N GLU C 2292 58.14 -37.01 0.42
CA GLU C 2292 56.93 -37.61 -0.13
C GLU C 2292 56.72 -37.21 -1.59
N GLN C 2293 57.02 -35.96 -1.93
CA GLN C 2293 56.80 -35.47 -3.30
C GLN C 2293 57.72 -36.17 -4.30
N ASP C 2294 58.88 -36.66 -3.85
CA ASP C 2294 59.74 -37.44 -4.73
C ASP C 2294 59.08 -38.76 -5.12
N LEU C 2295 58.43 -39.40 -4.14
CA LEU C 2295 57.62 -40.58 -4.44
C LEU C 2295 56.41 -40.23 -5.28
N GLU C 2296 55.87 -39.01 -5.10
CA GLU C 2296 54.75 -38.57 -5.93
C GLU C 2296 55.17 -38.48 -7.39
N LYS C 2297 56.38 -37.98 -7.63
CA LYS C 2297 56.91 -37.87 -8.99
C LYS C 2297 57.13 -39.25 -9.58
N VAL C 2298 57.62 -40.18 -8.75
CA VAL C 2298 57.93 -41.53 -9.24
C VAL C 2298 56.65 -42.27 -9.59
N VAL C 2299 55.63 -42.19 -8.70
CA VAL C 2299 54.38 -42.90 -8.97
C VAL C 2299 53.65 -42.29 -10.17
N SER C 2300 53.71 -40.96 -10.34
CA SER C 2300 53.13 -40.35 -11.53
C SER C 2300 53.83 -40.80 -12.81
N TYR C 2301 55.16 -40.93 -12.76
CA TYR C 2301 55.91 -41.52 -13.87
C TYR C 2301 55.49 -42.97 -14.11
N LEU C 2302 55.29 -43.72 -13.04
CA LEU C 2302 54.89 -45.12 -13.15
C LEU C 2302 53.51 -45.21 -13.78
N ALA C 2303 52.62 -44.29 -13.40
CA ALA C 2303 51.26 -44.27 -13.95
C ALA C 2303 51.31 -44.01 -15.44
N GLY C 2304 52.18 -43.09 -15.88
CA GLY C 2304 52.35 -42.87 -17.30
C GLY C 2304 52.88 -44.09 -18.02
N CYS C 2305 53.78 -44.84 -17.34
CA CYS C 2305 54.30 -46.08 -17.92
C CYS C 2305 53.19 -47.12 -18.06
N GLY C 2306 52.29 -47.18 -17.08
CA GLY C 2306 51.19 -48.10 -17.12
C GLY C 2306 49.98 -47.61 -17.87
N LEU C 2307 50.07 -46.44 -18.49
CA LEU C 2307 48.92 -45.87 -19.19
C LEU C 2307 49.21 -45.58 -20.65
N GLN C 2308 50.46 -45.34 -21.04
CA GLN C 2308 50.79 -45.04 -22.43
C GLN C 2308 51.87 -45.99 -22.92
N SER C 2309 51.85 -46.24 -24.23
CA SER C 2309 52.89 -47.05 -24.85
C SER C 2309 54.20 -46.28 -24.98
N CYS C 2310 55.30 -47.03 -25.03
CA CYS C 2310 56.61 -46.41 -25.17
C CYS C 2310 56.86 -46.09 -26.64
N PRO C 2311 57.05 -44.82 -27.01
CA PRO C 2311 57.31 -44.47 -28.43
C PRO C 2311 58.58 -45.09 -28.98
N MET C 2312 59.61 -45.24 -28.14
CA MET C 2312 60.85 -45.86 -28.56
C MET C 2312 60.61 -47.33 -28.89
N LEU C 2313 59.76 -48.00 -28.11
CA LEU C 2313 59.42 -49.38 -28.44
C LEU C 2313 58.56 -49.43 -29.69
N LEU C 2314 57.71 -48.40 -29.90
CA LEU C 2314 56.80 -48.39 -31.04
C LEU C 2314 57.58 -48.31 -32.35
N ALA C 2315 58.59 -47.44 -32.39
CA ALA C 2315 59.31 -47.17 -33.64
C ALA C 2315 60.12 -48.37 -34.14
N LYS C 2316 60.44 -49.33 -33.28
CA LYS C 2316 61.23 -50.50 -33.67
C LYS C 2316 60.36 -51.65 -34.19
N GLY C 2317 59.12 -51.38 -34.58
CA GLY C 2317 58.26 -52.40 -35.13
C GLY C 2317 57.65 -53.36 -34.12
N TYR C 2318 57.66 -53.01 -32.86
CA TYR C 2318 57.08 -53.85 -31.81
C TYR C 2318 55.56 -53.77 -31.87
N PRO C 2319 54.87 -54.90 -31.63
CA PRO C 2319 53.41 -54.85 -31.51
C PRO C 2319 53.00 -53.96 -30.34
N ASP C 2320 51.89 -53.24 -30.51
CA ASP C 2320 51.52 -52.18 -29.60
C ASP C 2320 50.66 -52.72 -28.46
N ILE C 2321 51.04 -52.36 -27.23
CA ILE C 2321 50.21 -52.54 -26.05
C ILE C 2321 50.10 -51.18 -25.38
N GLY C 2322 49.01 -50.97 -24.65
CA GLY C 2322 48.70 -49.65 -24.12
C GLY C 2322 49.48 -49.20 -22.90
N TRP C 2323 50.64 -49.79 -22.64
CA TRP C 2323 51.44 -49.46 -21.46
C TRP C 2323 52.88 -49.92 -21.66
N ASN C 2324 53.77 -49.38 -20.83
CA ASN C 2324 55.21 -49.62 -20.96
C ASN C 2324 55.68 -50.49 -19.80
N PRO C 2325 55.92 -51.80 -20.05
CA PRO C 2325 56.38 -52.67 -18.97
C PRO C 2325 57.80 -52.40 -18.52
N CYS C 2326 58.74 -52.22 -19.45
CA CYS C 2326 60.14 -52.02 -19.07
C CYS C 2326 60.32 -50.75 -18.26
N GLY C 2327 59.68 -49.66 -18.70
CA GLY C 2327 59.76 -48.41 -17.94
C GLY C 2327 59.11 -48.54 -16.59
N GLY C 2328 58.00 -49.30 -16.53
CA GLY C 2328 57.32 -49.49 -15.26
C GLY C 2328 58.20 -50.27 -14.31
N GLU C 2329 58.89 -51.30 -14.82
CA GLU C 2329 59.78 -52.13 -14.01
C GLU C 2329 60.93 -51.29 -13.46
N ARG C 2330 61.52 -50.44 -14.31
CA ARG C 2330 62.65 -49.62 -13.89
C ARG C 2330 62.24 -48.60 -12.83
N TYR C 2331 60.97 -48.16 -12.83
CA TYR C 2331 60.51 -47.35 -11.71
C TYR C 2331 60.23 -48.19 -10.47
N LEU C 2332 59.75 -49.42 -10.68
CA LEU C 2332 59.37 -50.28 -9.57
C LEU C 2332 60.58 -50.72 -8.76
N ASP C 2333 61.66 -51.15 -9.43
CA ASP C 2333 62.83 -51.61 -8.68
C ASP C 2333 63.48 -50.48 -7.89
N PHE C 2334 63.31 -49.24 -8.34
CA PHE C 2334 63.76 -48.10 -7.55
C PHE C 2334 62.92 -47.96 -6.30
N LEU C 2335 61.59 -48.05 -6.45
CA LEU C 2335 60.73 -48.01 -5.26
C LEU C 2335 61.03 -49.17 -4.31
N ARG C 2336 61.40 -50.34 -4.88
CA ARG C 2336 61.87 -51.48 -4.10
C ARG C 2336 63.10 -51.09 -3.29
N PHE C 2337 63.97 -50.26 -3.87
CA PHE C 2337 65.16 -49.88 -3.13
C PHE C 2337 64.84 -48.83 -2.09
N ALA C 2338 63.76 -48.08 -2.32
CA ALA C 2338 63.37 -46.98 -1.45
C ALA C 2338 62.69 -47.46 -0.19
N VAL C 2339 61.93 -48.55 -0.26
CA VAL C 2339 61.10 -48.96 0.88
C VAL C 2339 61.68 -50.15 1.64
N PHE C 2340 62.90 -50.56 1.33
CA PHE C 2340 63.49 -51.75 1.96
C PHE C 2340 64.97 -51.50 2.22
N VAL C 2341 65.31 -51.19 3.48
CA VAL C 2341 66.68 -50.87 3.87
C VAL C 2341 67.15 -51.89 4.90
N ASN C 2342 68.28 -52.54 4.60
CA ASN C 2342 68.98 -53.49 5.48
C ASN C 2342 68.11 -54.68 5.86
N GLY C 2343 67.18 -55.06 5.00
CA GLY C 2343 66.31 -56.19 5.27
C GLY C 2343 65.08 -55.89 6.08
N GLU C 2344 64.93 -54.67 6.57
CA GLU C 2344 63.76 -54.28 7.36
C GLU C 2344 63.01 -53.18 6.64
N SER C 2345 61.71 -53.39 6.42
CA SER C 2345 60.89 -52.43 5.70
C SER C 2345 60.79 -51.10 6.45
N VAL C 2346 60.82 -50.01 5.70
CA VAL C 2346 60.62 -48.69 6.27
C VAL C 2346 59.13 -48.41 6.24
N GLU C 2347 58.52 -48.33 7.44
CA GLU C 2347 57.06 -48.29 7.56
C GLU C 2347 56.46 -47.04 6.93
N GLU C 2348 57.10 -45.88 7.16
CA GLU C 2348 56.57 -44.61 6.65
C GLU C 2348 56.56 -44.57 5.13
N ASN C 2349 57.64 -45.04 4.52
CA ASN C 2349 57.70 -45.02 3.07
C ASN C 2349 56.84 -46.13 2.48
N ALA C 2350 56.69 -47.24 3.20
CA ALA C 2350 55.86 -48.33 2.73
C ALA C 2350 54.40 -47.87 2.66
N ASN C 2351 53.95 -47.19 3.72
CA ASN C 2351 52.57 -46.73 3.79
C ASN C 2351 52.31 -45.63 2.76
N VAL C 2352 53.29 -44.74 2.56
CA VAL C 2352 53.12 -43.67 1.57
C VAL C 2352 53.02 -44.27 0.18
N VAL C 2353 53.87 -45.26 -0.12
CA VAL C 2353 53.90 -45.86 -1.45
C VAL C 2353 52.59 -46.60 -1.73
N VAL C 2354 52.13 -47.40 -0.78
CA VAL C 2354 50.90 -48.16 -1.01
C VAL C 2354 49.68 -47.22 -1.06
N ARG C 2355 49.70 -46.11 -0.32
CA ARG C 2355 48.61 -45.15 -0.41
C ARG C 2355 48.59 -44.45 -1.76
N LEU C 2356 49.78 -44.18 -2.32
CA LEU C 2356 49.82 -43.58 -3.64
C LEU C 2356 49.35 -44.57 -4.69
N LEU C 2357 49.76 -45.83 -4.54
CA LEU C 2357 49.40 -46.86 -5.52
C LEU C 2357 47.89 -47.09 -5.52
N ILE C 2358 47.28 -47.15 -4.33
CA ILE C 2358 45.83 -47.36 -4.31
C ILE C 2358 45.11 -46.13 -4.84
N ARG C 2359 45.63 -44.91 -4.57
CA ARG C 2359 45.01 -43.70 -5.10
C ARG C 2359 45.13 -43.60 -6.62
N LYS C 2360 46.08 -44.29 -7.23
CA LYS C 2360 46.23 -44.28 -8.68
C LYS C 2360 46.29 -45.72 -9.19
N PRO C 2361 45.12 -46.34 -9.42
CA PRO C 2361 45.07 -47.77 -9.80
C PRO C 2361 45.74 -48.11 -11.11
N GLU C 2362 45.95 -47.15 -12.02
CA GLU C 2362 46.61 -47.43 -13.29
C GLU C 2362 48.08 -47.81 -13.12
N CYS C 2363 48.67 -47.50 -11.96
CA CYS C 2363 50.04 -47.92 -11.67
C CYS C 2363 50.17 -49.43 -11.61
N PHE C 2364 49.10 -50.15 -11.28
CA PHE C 2364 49.14 -51.60 -11.25
C PHE C 2364 49.14 -52.20 -12.64
N GLY C 2365 48.70 -51.45 -13.66
CA GLY C 2365 48.74 -51.95 -15.01
C GLY C 2365 47.36 -52.19 -15.59
N PRO C 2366 47.29 -52.86 -16.74
CA PRO C 2366 45.98 -53.18 -17.31
C PRO C 2366 45.23 -54.20 -16.47
N ALA C 2367 45.89 -55.25 -16.00
CA ALA C 2367 45.32 -56.11 -14.98
C ALA C 2367 45.28 -55.35 -13.65
N LEU C 2368 44.54 -55.93 -12.70
CA LEU C 2368 44.29 -55.36 -11.36
C LEU C 2368 43.62 -53.99 -11.44
N ARG C 2369 42.89 -53.75 -12.53
CA ARG C 2369 42.18 -52.48 -12.72
CA ARG C 2369 42.19 -52.48 -12.72
C ARG C 2369 40.74 -52.55 -12.24
N GLY C 2370 40.20 -53.74 -12.05
CA GLY C 2370 38.82 -53.90 -11.66
C GLY C 2370 37.95 -54.13 -12.87
N GLU C 2371 37.14 -53.14 -13.23
CA GLU C 2371 36.22 -53.26 -14.37
C GLU C 2371 36.99 -53.48 -15.67
N GLY C 2372 36.55 -54.47 -16.44
CA GLY C 2372 37.14 -54.79 -17.72
C GLY C 2372 38.56 -55.33 -17.69
N GLY C 2373 39.08 -55.68 -16.52
CA GLY C 2373 40.43 -56.19 -16.40
C GLY C 2373 40.42 -57.61 -15.84
N SER C 2374 41.30 -58.45 -16.37
CA SER C 2374 41.41 -59.81 -15.91
C SER C 2374 42.20 -59.86 -14.60
N GLY C 2375 42.39 -61.07 -14.08
CA GLY C 2375 43.17 -61.24 -12.88
C GLY C 2375 44.66 -61.20 -13.15
N LEU C 2376 45.42 -61.14 -12.05
CA LEU C 2376 46.88 -61.13 -12.13
C LEU C 2376 47.36 -62.44 -12.73
N LEU C 2377 46.75 -63.55 -12.32
CA LEU C 2377 47.05 -64.86 -12.90
C LEU C 2377 46.77 -64.88 -14.38
N ALA C 2378 45.57 -64.41 -14.78
CA ALA C 2378 45.22 -64.41 -16.20
C ALA C 2378 46.19 -63.55 -17.01
N ALA C 2379 46.76 -62.51 -16.37
CA ALA C 2379 47.78 -61.71 -17.01
C ALA C 2379 49.09 -62.48 -17.11
N ILE C 2380 49.27 -63.47 -16.25
CA ILE C 2380 50.53 -64.20 -16.26
C ILE C 2380 50.48 -65.28 -17.33
N GLU C 2381 49.45 -66.13 -17.34
CA GLU C 2381 49.35 -67.12 -18.42
C GLU C 2381 49.21 -66.47 -19.79
N GLU C 2382 48.55 -65.29 -19.87
CA GLU C 2382 48.54 -64.52 -21.10
C GLU C 2382 49.94 -64.09 -21.51
N ALA C 2383 50.75 -63.64 -20.54
CA ALA C 2383 52.11 -63.22 -20.88
C ALA C 2383 52.98 -64.42 -21.21
N ILE C 2384 52.77 -65.56 -20.54
CA ILE C 2384 53.56 -66.76 -20.80
C ILE C 2384 53.31 -67.25 -22.22
N ARG C 2385 52.04 -67.26 -22.64
CA ARG C 2385 51.70 -67.62 -24.02
C ARG C 2385 52.29 -66.64 -25.02
N ILE C 2386 52.24 -65.33 -24.71
CA ILE C 2386 52.88 -64.34 -25.58
C ILE C 2386 54.38 -64.56 -25.65
N SER C 2387 55.01 -64.89 -24.51
CA SER C 2387 56.44 -65.12 -24.46
C SER C 2387 56.85 -66.33 -25.30
N GLU C 2388 56.09 -67.41 -25.22
CA GLU C 2388 56.41 -68.61 -25.99
C GLU C 2388 55.93 -68.54 -27.43
N ASP C 2389 55.06 -67.60 -27.78
CA ASP C 2389 54.56 -67.47 -29.13
C ASP C 2389 55.23 -66.28 -29.79
N PRO C 2390 56.10 -66.47 -30.80
CA PRO C 2390 56.66 -65.31 -31.50
C PRO C 2390 55.63 -64.55 -32.34
N ALA C 2391 56.08 -63.50 -33.04
CA ALA C 2391 55.32 -62.51 -33.82
C ALA C 2391 54.47 -61.60 -32.93
N ARG C 2392 54.44 -61.82 -31.62
CA ARG C 2392 53.87 -60.90 -30.64
C ARG C 2392 54.83 -60.57 -29.50
N ASP C 2393 55.81 -61.44 -29.22
CA ASP C 2393 56.83 -61.12 -28.22
C ASP C 2393 57.72 -59.96 -28.68
N GLY C 2394 57.81 -59.73 -29.99
CA GLY C 2394 58.59 -58.65 -30.55
C GLY C 2394 58.37 -58.56 -32.04
N PRO C 2395 59.10 -57.66 -32.71
CA PRO C 2395 58.99 -57.57 -34.17
C PRO C 2395 59.38 -58.83 -34.91
N GLY C 2396 60.39 -59.56 -34.40
CA GLY C 2396 60.83 -60.82 -34.98
C GLY C 2396 61.36 -60.71 -36.40
N VAL C 2397 62.11 -59.66 -36.71
CA VAL C 2397 62.63 -59.47 -38.05
C VAL C 2397 64.13 -59.16 -37.99
N PRO C 2410 70.64 -61.84 -27.68
CA PRO C 2410 69.50 -61.20 -28.33
C PRO C 2410 69.82 -60.73 -29.74
N PRO C 2411 68.82 -60.73 -30.64
CA PRO C 2411 69.06 -60.25 -32.03
C PRO C 2411 69.55 -58.82 -32.12
N GLU C 2412 69.05 -57.93 -31.28
CA GLU C 2412 69.53 -56.55 -31.22
C GLU C 2412 70.52 -56.33 -30.08
N GLU C 2413 70.97 -57.42 -29.44
CA GLU C 2413 71.86 -57.60 -28.28
C GLU C 2413 71.39 -56.88 -27.01
N ASN C 2414 70.24 -56.20 -27.08
CA ASN C 2414 69.52 -55.60 -25.96
C ASN C 2414 68.02 -55.74 -26.18
N ARG C 2415 67.63 -56.77 -26.93
CA ARG C 2415 66.28 -56.89 -27.50
C ARG C 2415 65.22 -56.95 -26.42
N VAL C 2416 64.18 -56.13 -26.58
CA VAL C 2416 63.07 -56.13 -25.66
C VAL C 2416 62.11 -57.25 -26.04
N HIS C 2417 61.60 -57.96 -25.04
CA HIS C 2417 60.65 -59.04 -25.22
C HIS C 2417 59.44 -58.68 -24.38
N LEU C 2418 58.31 -58.42 -25.04
CA LEU C 2418 57.08 -58.02 -24.33
C LEU C 2418 56.58 -59.14 -23.41
N GLY C 2419 56.76 -60.40 -23.82
CA GLY C 2419 56.42 -61.52 -22.97
C GLY C 2419 57.18 -61.52 -21.67
N HIS C 2420 58.49 -61.29 -21.73
CA HIS C 2420 59.28 -61.27 -20.50
C HIS C 2420 59.06 -59.99 -19.72
N ALA C 2421 58.81 -58.90 -20.45
CA ALA C 2421 58.65 -57.57 -19.85
C ALA C 2421 57.42 -57.52 -18.96
N ILE C 2422 56.31 -58.13 -19.40
CA ILE C 2422 55.06 -58.06 -18.63
C ILE C 2422 55.20 -58.83 -17.32
N MET C 2423 55.75 -60.05 -17.39
CA MET C 2423 55.96 -60.86 -16.20
C MET C 2423 56.95 -60.21 -15.25
N SER C 2424 58.05 -59.65 -15.77
CA SER C 2424 59.02 -59.02 -14.89
C SER C 2424 58.46 -57.75 -14.26
N PHE C 2425 57.58 -57.04 -14.98
CA PHE C 2425 56.91 -55.88 -14.39
C PHE C 2425 56.02 -56.30 -13.23
N TYR C 2426 55.24 -57.37 -13.42
CA TYR C 2426 54.36 -57.81 -12.35
C TYR C 2426 55.14 -58.39 -11.19
N ALA C 2427 56.26 -59.07 -11.48
CA ALA C 2427 57.15 -59.57 -10.43
C ALA C 2427 57.71 -58.43 -9.60
N ALA C 2428 58.14 -57.34 -10.24
CA ALA C 2428 58.62 -56.18 -9.51
C ALA C 2428 57.51 -55.51 -8.70
N LEU C 2429 56.29 -55.46 -9.26
CA LEU C 2429 55.14 -54.90 -8.54
C LEU C 2429 54.82 -55.70 -7.29
N ILE C 2430 54.82 -57.03 -7.43
CA ILE C 2430 54.54 -57.90 -6.29
C ILE C 2430 55.65 -57.82 -5.26
N ASP C 2431 56.92 -57.83 -5.72
CA ASP C 2431 58.05 -57.75 -4.81
C ASP C 2431 58.08 -56.43 -4.04
N LEU C 2432 57.70 -55.34 -4.71
CA LEU C 2432 57.54 -54.04 -4.05
C LEU C 2432 56.45 -54.09 -2.99
N LEU C 2433 55.30 -54.69 -3.30
CA LEU C 2433 54.24 -54.80 -2.30
C LEU C 2433 54.67 -55.70 -1.14
N GLY C 2434 55.42 -56.76 -1.45
CA GLY C 2434 55.92 -57.65 -0.42
C GLY C 2434 56.86 -56.93 0.53
N ARG C 2435 57.73 -56.09 -0.01
CA ARG C 2435 58.61 -55.35 0.87
C ARG C 2435 57.92 -54.14 1.49
N CYS C 2436 56.74 -53.77 0.98
CA CYS C 2436 55.94 -52.75 1.61
C CYS C 2436 55.11 -53.31 2.76
N ALA C 2437 55.01 -54.63 2.86
CA ALA C 2437 54.23 -55.24 3.92
C ALA C 2437 54.86 -54.96 5.28
N PRO C 2438 54.04 -54.71 6.32
CA PRO C 2438 54.60 -54.39 7.64
C PRO C 2438 55.35 -55.55 8.27
N GLU C 2439 56.31 -55.20 9.13
CA GLU C 2439 57.08 -56.20 9.86
C GLU C 2439 56.18 -57.01 10.79
N MET C 2440 56.60 -58.24 11.06
CA MET C 2440 55.80 -59.17 11.86
C MET C 2440 55.57 -58.67 13.29
N HIS C 2441 56.55 -57.94 13.86
CA HIS C 2441 56.41 -57.49 15.24
C HIS C 2441 55.34 -56.41 15.37
N LEU C 2442 55.10 -55.64 14.31
CA LEU C 2442 53.99 -54.68 14.33
C LEU C 2442 52.65 -55.41 14.38
N ILE C 2443 52.55 -56.53 13.66
CA ILE C 2443 51.33 -57.31 13.68
C ILE C 2443 51.13 -57.95 15.06
N GLN C 2444 52.23 -58.43 15.66
CA GLN C 2444 52.13 -59.00 17.01
C GLN C 2444 51.70 -57.94 18.00
N ALA C 2445 52.25 -56.73 17.88
CA ALA C 2445 51.78 -55.60 18.67
C ALA C 2445 50.37 -55.16 18.31
N GLY C 2446 49.84 -55.62 17.18
CA GLY C 2446 48.48 -55.31 16.77
C GLY C 2446 48.23 -53.86 16.42
N LYS C 2447 49.19 -53.20 15.77
CA LYS C 2447 48.99 -51.81 15.37
C LYS C 2447 47.91 -51.70 14.30
N GLY C 2448 47.11 -50.64 14.41
CA GLY C 2448 45.96 -50.45 13.52
C GLY C 2448 46.38 -50.25 12.08
N GLU C 2449 47.38 -49.40 11.86
CA GLU C 2449 47.80 -49.09 10.51
C GLU C 2449 48.43 -50.31 9.85
N ALA C 2450 49.21 -51.08 10.62
CA ALA C 2450 49.84 -52.28 10.08
C ALA C 2450 48.80 -53.31 9.66
N LEU C 2451 47.76 -53.48 10.48
CA LEU C 2451 46.68 -54.40 10.12
C LEU C 2451 45.92 -53.90 8.90
N ARG C 2452 45.63 -52.60 8.84
CA ARG C 2452 44.88 -52.03 7.73
C ARG C 2452 45.66 -52.17 6.42
N ILE C 2453 46.96 -51.89 6.45
CA ILE C 2453 47.80 -51.98 5.25
C ILE C 2453 47.90 -53.43 4.78
N ARG C 2454 48.13 -54.36 5.71
CA ARG C 2454 48.17 -55.76 5.30
C ARG C 2454 46.81 -56.26 4.81
N ALA C 2455 45.71 -55.67 5.31
CA ALA C 2455 44.38 -56.00 4.80
C ALA C 2455 44.21 -55.52 3.38
N ILE C 2456 44.81 -54.35 3.08
CA ILE C 2456 44.75 -53.81 1.73
C ILE C 2456 45.51 -54.72 0.79
N LEU C 2457 46.74 -55.11 1.18
CA LEU C 2457 47.57 -55.94 0.32
C LEU C 2457 46.91 -57.30 0.07
N ARG C 2458 46.21 -57.83 1.08
CA ARG C 2458 45.46 -59.07 0.91
C ARG C 2458 44.32 -58.90 -0.07
N SER C 2459 43.59 -57.77 0.02
CA SER C 2459 42.51 -57.52 -0.92
C SER C 2459 43.02 -57.33 -2.34
N LEU C 2460 44.12 -56.60 -2.50
CA LEU C 2460 44.68 -56.33 -3.82
C LEU C 2460 45.21 -57.61 -4.48
N VAL C 2461 45.94 -58.43 -3.75
CA VAL C 2461 46.52 -59.65 -4.28
C VAL C 2461 45.97 -60.84 -3.51
N PRO C 2462 45.01 -61.57 -4.07
CA PRO C 2462 44.50 -62.77 -3.39
C PRO C 2462 45.53 -63.88 -3.32
N LEU C 2463 45.40 -64.69 -2.25
CA LEU C 2463 46.39 -65.73 -1.94
C LEU C 2463 46.43 -66.84 -2.98
N ASP C 2464 45.24 -67.25 -3.48
CA ASP C 2464 45.15 -68.40 -4.38
C ASP C 2464 45.90 -68.18 -5.69
N ASP C 2465 45.81 -66.97 -6.25
CA ASP C 2465 46.49 -66.68 -7.50
C ASP C 2465 48.00 -66.70 -7.29
N LEU C 2466 48.44 -66.31 -6.08
CA LEU C 2466 49.86 -66.38 -5.74
C LEU C 2466 50.32 -67.82 -5.76
N VAL C 2467 49.52 -68.71 -5.15
CA VAL C 2467 49.94 -70.12 -5.05
C VAL C 2467 49.96 -70.74 -6.44
N GLY C 2468 49.00 -70.35 -7.29
CA GLY C 2468 48.97 -70.87 -8.65
C GLY C 2468 50.21 -70.48 -9.46
N ILE C 2469 50.62 -69.21 -9.34
CA ILE C 2469 51.81 -68.75 -10.06
C ILE C 2469 53.07 -69.42 -9.52
N ILE C 2470 53.13 -69.66 -8.20
CA ILE C 2470 54.22 -70.47 -7.65
C ILE C 2470 54.16 -71.89 -8.24
N SER C 2471 52.95 -72.40 -8.44
CA SER C 2471 52.73 -73.73 -8.96
C SER C 2471 53.01 -73.85 -10.45
N LEU C 2472 53.21 -72.73 -11.14
CA LEU C 2472 53.37 -72.76 -12.59
C LEU C 2472 54.66 -73.47 -12.99
N PRO C 2473 54.66 -74.19 -14.11
CA PRO C 2473 55.87 -74.89 -14.54
C PRO C 2473 56.92 -73.95 -15.12
N LEU C 2474 58.15 -74.46 -15.14
CA LEU C 2474 59.31 -73.75 -15.65
C LEU C 2474 59.97 -74.58 -16.73
N GLN C 2475 60.32 -73.94 -17.85
CA GLN C 2475 61.02 -74.61 -18.95
C GLN C 2475 62.41 -75.03 -18.47
N ILE C 2476 62.63 -76.34 -18.39
CA ILE C 2476 63.87 -76.90 -17.87
C ILE C 2476 64.76 -77.30 -19.05
N PRO C 2477 66.06 -76.99 -19.01
CA PRO C 2477 66.95 -77.44 -20.10
C PRO C 2477 66.99 -78.96 -20.21
N THR C 2478 67.03 -79.43 -21.46
CA THR C 2478 66.99 -80.86 -21.74
C THR C 2478 68.29 -81.31 -22.39
N LEU C 2479 68.77 -82.47 -21.96
CA LEU C 2479 69.99 -83.06 -22.50
C LEU C 2479 69.64 -83.96 -23.68
N GLY C 2480 70.47 -83.90 -24.73
CA GLY C 2480 70.26 -84.70 -25.90
C GLY C 2480 70.92 -84.06 -27.10
N LYS C 2481 70.54 -84.55 -28.28
CA LYS C 2481 71.04 -84.12 -29.58
C LYS C 2481 72.57 -84.16 -29.63
N ASP C 2482 73.10 -85.36 -29.38
CA ASP C 2482 74.54 -85.66 -29.37
C ASP C 2482 75.30 -84.78 -28.37
N GLY C 2483 74.73 -84.65 -27.17
CA GLY C 2483 75.38 -83.89 -26.11
C GLY C 2483 75.14 -82.40 -26.13
N ALA C 2484 74.21 -81.91 -26.95
CA ALA C 2484 73.94 -80.48 -27.02
C ALA C 2484 73.04 -80.09 -25.86
N LEU C 2485 73.58 -79.33 -24.91
CA LEU C 2485 72.81 -78.88 -23.74
C LEU C 2485 71.92 -77.73 -24.18
N VAL C 2486 70.69 -78.07 -24.57
CA VAL C 2486 69.75 -77.08 -25.06
C VAL C 2486 69.16 -76.33 -23.86
N GLN C 2487 69.22 -75.01 -23.90
CA GLN C 2487 68.78 -74.17 -22.80
C GLN C 2487 67.77 -73.15 -23.32
N PRO C 2488 66.85 -72.69 -22.48
CA PRO C 2488 65.87 -71.69 -22.94
C PRO C 2488 66.49 -70.30 -23.02
N LYS C 2489 65.73 -69.38 -23.61
CA LYS C 2489 66.10 -67.97 -23.63
C LYS C 2489 65.46 -67.30 -22.42
N MET C 2490 66.24 -67.25 -21.33
CA MET C 2490 65.78 -66.65 -20.08
C MET C 2490 65.54 -65.15 -20.18
N SER C 2491 66.01 -64.50 -21.24
CA SER C 2491 65.68 -63.10 -21.48
C SER C 2491 64.30 -62.92 -22.09
N ALA C 2492 63.62 -64.02 -22.45
CA ALA C 2492 62.31 -63.96 -23.06
C ALA C 2492 61.38 -65.05 -22.55
N SER C 2493 61.54 -65.47 -21.30
CA SER C 2493 60.76 -66.59 -20.79
C SER C 2493 60.57 -66.43 -19.28
N PHE C 2494 59.81 -67.36 -18.71
CA PHE C 2494 59.53 -67.38 -17.28
C PHE C 2494 60.80 -67.73 -16.52
N VAL C 2495 61.13 -66.93 -15.51
CA VAL C 2495 62.38 -67.09 -14.79
C VAL C 2495 62.07 -67.37 -13.33
N PRO C 2496 63.00 -68.02 -12.60
CA PRO C 2496 62.80 -68.23 -11.16
C PRO C 2496 62.64 -66.96 -10.33
N ASP C 2497 63.22 -65.84 -10.76
CA ASP C 2497 63.10 -64.60 -9.99
C ASP C 2497 61.68 -64.07 -9.94
N HIS C 2498 60.84 -64.41 -10.91
CA HIS C 2498 59.42 -64.05 -10.84
C HIS C 2498 58.73 -64.84 -9.73
N LYS C 2499 59.17 -66.08 -9.53
CA LYS C 2499 58.61 -66.87 -8.45
C LYS C 2499 59.15 -66.41 -7.12
N ALA C 2500 60.43 -66.04 -7.05
CA ALA C 2500 61.01 -65.54 -5.80
C ALA C 2500 60.31 -64.26 -5.36
N SER C 2501 59.87 -63.45 -6.34
CA SER C 2501 59.07 -62.28 -6.04
C SER C 2501 57.69 -62.66 -5.56
N MET C 2502 57.14 -63.78 -6.04
CA MET C 2502 55.81 -64.16 -5.55
C MET C 2502 55.90 -64.74 -4.14
N VAL C 2503 56.95 -65.55 -3.91
CA VAL C 2503 57.17 -66.21 -2.63
C VAL C 2503 57.37 -65.19 -1.53
N LEU C 2504 58.08 -64.09 -1.84
CA LEU C 2504 58.33 -63.08 -0.81
C LEU C 2504 57.03 -62.46 -0.32
N PHE C 2505 56.13 -62.15 -1.26
CA PHE C 2505 54.84 -61.56 -0.92
C PHE C 2505 54.01 -62.51 -0.09
N LEU C 2506 54.02 -63.80 -0.45
CA LEU C 2506 53.32 -64.80 0.36
C LEU C 2506 53.92 -64.90 1.76
N ASP C 2507 55.25 -64.84 1.86
CA ASP C 2507 55.94 -64.93 3.14
C ASP C 2507 55.59 -63.76 4.05
N ARG C 2508 55.53 -62.55 3.49
CA ARG C 2508 55.42 -61.35 4.31
C ARG C 2508 53.97 -60.90 4.53
N VAL C 2509 53.05 -61.20 3.62
CA VAL C 2509 51.68 -60.72 3.78
C VAL C 2509 50.83 -61.80 4.42
N TYR C 2510 50.71 -62.94 3.74
CA TYR C 2510 49.87 -64.02 4.24
C TYR C 2510 50.62 -64.87 5.26
N GLY C 2511 51.84 -65.26 4.93
CA GLY C 2511 52.64 -66.10 5.78
C GLY C 2511 52.13 -67.53 5.75
N ILE C 2512 52.73 -68.35 6.61
CA ILE C 2512 52.34 -69.75 6.76
C ILE C 2512 52.02 -70.00 8.23
N GLU C 2513 50.79 -70.41 8.50
CA GLU C 2513 50.34 -70.59 9.87
C GLU C 2513 49.98 -72.02 10.19
N ASN C 2514 49.36 -72.73 9.25
CA ASN C 2514 48.89 -74.09 9.46
C ASN C 2514 49.51 -75.10 8.49
N GLN C 2515 49.57 -76.34 8.99
CA GLN C 2515 50.31 -77.39 8.32
C GLN C 2515 49.71 -77.76 6.96
N ASP C 2516 48.37 -77.88 6.90
CA ASP C 2516 47.74 -78.40 5.68
C ASP C 2516 47.98 -77.46 4.50
N PHE C 2517 47.83 -76.15 4.71
CA PHE C 2517 48.12 -75.17 3.68
C PHE C 2517 49.61 -75.14 3.36
N LEU C 2518 50.47 -75.33 4.39
CA LEU C 2518 51.91 -75.39 4.13
C LEU C 2518 52.27 -76.53 3.18
N LEU C 2519 51.71 -77.71 3.43
CA LEU C 2519 51.96 -78.85 2.55
C LEU C 2519 51.29 -78.65 1.19
N HIS C 2520 50.16 -77.93 1.17
CA HIS C 2520 49.49 -77.69 -0.10
C HIS C 2520 50.29 -76.73 -0.95
N VAL C 2521 50.98 -75.77 -0.33
CA VAL C 2521 51.85 -74.89 -1.11
C VAL C 2521 53.04 -75.69 -1.63
N LEU C 2522 53.55 -76.60 -0.79
CA LEU C 2522 54.72 -77.41 -1.14
C LEU C 2522 54.49 -78.29 -2.37
N ASP C 2523 53.52 -79.22 -2.27
CA ASP C 2523 53.39 -80.28 -3.29
C ASP C 2523 53.02 -79.79 -4.69
N VAL C 2524 52.56 -78.55 -4.85
CA VAL C 2524 52.23 -77.99 -6.15
C VAL C 2524 53.22 -76.90 -6.55
N GLY C 2525 53.73 -76.10 -5.60
CA GLY C 2525 54.54 -74.95 -5.91
C GLY C 2525 56.03 -75.10 -5.68
N PHE C 2526 56.43 -75.76 -4.58
CA PHE C 2526 57.85 -75.89 -4.26
C PHE C 2526 58.41 -77.24 -4.67
N LEU C 2527 57.74 -78.33 -4.26
CA LEU C 2527 58.25 -79.69 -4.50
C LEU C 2527 58.62 -79.98 -5.96
N PRO C 2528 57.85 -79.56 -6.99
CA PRO C 2528 58.38 -79.68 -8.37
C PRO C 2528 59.67 -78.90 -8.56
N ASP C 2529 59.83 -77.76 -7.88
CA ASP C 2529 61.01 -76.94 -8.11
C ASP C 2529 62.25 -77.63 -7.54
N MET C 2530 62.13 -78.19 -6.31
CA MET C 2530 63.27 -78.93 -5.76
C MET C 2530 63.61 -80.16 -6.59
N ARG C 2531 62.61 -80.91 -7.08
CA ARG C 2531 62.95 -82.04 -7.96
C ARG C 2531 63.53 -81.58 -9.30
N ALA C 2532 63.04 -80.47 -9.85
CA ALA C 2532 63.61 -79.90 -11.07
C ALA C 2532 65.07 -79.48 -10.88
N ALA C 2533 65.40 -78.87 -9.74
CA ALA C 2533 66.80 -78.54 -9.53
C ALA C 2533 67.62 -79.77 -9.16
N ALA C 2534 66.95 -80.82 -8.63
CA ALA C 2534 67.63 -82.05 -8.30
C ALA C 2534 68.15 -82.70 -9.57
N SER C 2535 67.31 -82.72 -10.61
CA SER C 2535 67.73 -83.32 -11.86
C SER C 2535 68.85 -82.51 -12.50
N LEU C 2536 68.75 -81.17 -12.43
CA LEU C 2536 69.74 -80.28 -13.05
C LEU C 2536 71.09 -80.38 -12.37
N ASP C 2537 71.12 -80.73 -11.09
CA ASP C 2537 72.39 -80.90 -10.38
C ASP C 2537 73.04 -82.19 -10.84
N THR C 2538 73.98 -82.08 -11.78
CA THR C 2538 74.71 -83.22 -12.32
C THR C 2538 76.01 -82.71 -12.94
N ALA C 2539 76.73 -83.59 -13.62
CA ALA C 2539 77.99 -83.19 -14.24
C ALA C 2539 77.82 -82.30 -15.47
N THR C 2540 76.59 -82.13 -15.97
CA THR C 2540 76.37 -81.39 -17.20
C THR C 2540 75.62 -80.08 -16.97
N PHE C 2541 74.44 -80.13 -16.36
CA PHE C 2541 73.57 -78.97 -16.25
C PHE C 2541 73.86 -78.07 -15.06
N SER C 2542 74.73 -78.47 -14.13
CA SER C 2542 74.93 -77.73 -12.88
C SER C 2542 75.45 -76.32 -13.11
N THR C 2543 76.35 -76.16 -14.09
CA THR C 2543 76.93 -74.86 -14.36
C THR C 2543 76.09 -74.01 -15.31
N THR C 2544 74.95 -74.51 -15.78
CA THR C 2544 74.13 -73.74 -16.69
C THR C 2544 73.41 -72.60 -15.96
N GLU C 2545 72.87 -71.68 -16.78
CA GLU C 2545 72.29 -70.44 -16.26
C GLU C 2545 70.99 -70.71 -15.52
N MET C 2546 70.17 -71.62 -16.07
CA MET C 2546 68.89 -71.92 -15.43
C MET C 2546 69.11 -72.60 -14.10
N ALA C 2547 70.11 -73.48 -14.03
CA ALA C 2547 70.42 -74.16 -12.78
C ALA C 2547 70.91 -73.18 -11.72
N LEU C 2548 71.77 -72.22 -12.11
CA LEU C 2548 72.21 -71.20 -11.15
C LEU C 2548 71.03 -70.34 -10.68
N ALA C 2549 70.12 -70.02 -11.61
CA ALA C 2549 68.94 -69.24 -11.25
C ALA C 2549 68.08 -69.99 -10.24
N LEU C 2550 67.91 -71.30 -10.45
CA LEU C 2550 67.13 -72.11 -9.54
C LEU C 2550 67.84 -72.23 -8.19
N ASN C 2551 69.17 -72.34 -8.18
CA ASN C 2551 69.93 -72.42 -6.94
C ASN C 2551 69.73 -71.17 -6.09
N ARG C 2552 69.87 -69.99 -6.71
CA ARG C 2552 69.62 -68.74 -6.00
C ARG C 2552 68.17 -68.62 -5.55
N TYR C 2553 67.24 -69.06 -6.40
CA TYR C 2553 65.81 -69.01 -6.09
C TYR C 2553 65.46 -69.88 -4.89
N LEU C 2554 66.06 -71.06 -4.80
CA LEU C 2554 65.71 -71.94 -3.69
C LEU C 2554 66.40 -71.47 -2.43
N CYS C 2555 67.71 -71.21 -2.51
CA CYS C 2555 68.52 -70.89 -1.33
C CYS C 2555 68.23 -69.51 -0.78
N LEU C 2556 67.45 -68.69 -1.49
CA LEU C 2556 67.21 -67.34 -1.03
C LEU C 2556 65.72 -67.03 -0.95
N ALA C 2557 64.85 -67.90 -1.48
CA ALA C 2557 63.43 -67.59 -1.45
C ALA C 2557 62.59 -68.69 -0.83
N VAL C 2558 62.95 -69.96 -1.05
CA VAL C 2558 62.10 -71.07 -0.63
C VAL C 2558 62.64 -71.75 0.61
N LEU C 2559 63.89 -72.16 0.57
CA LEU C 2559 64.50 -72.90 1.68
C LEU C 2559 64.52 -72.15 3.02
N PRO C 2560 64.85 -70.85 3.12
CA PRO C 2560 64.69 -70.18 4.43
C PRO C 2560 63.25 -70.18 4.94
N LEU C 2561 62.27 -70.10 4.03
CA LEU C 2561 60.87 -70.19 4.42
C LEU C 2561 60.56 -71.55 5.02
N ILE C 2562 61.08 -72.62 4.41
CA ILE C 2562 60.86 -73.97 4.94
C ILE C 2562 61.53 -74.10 6.31
N THR C 2563 62.75 -73.54 6.44
CA THR C 2563 63.45 -73.58 7.72
C THR C 2563 62.66 -72.84 8.80
N LYS C 2564 62.00 -71.74 8.41
CA LYS C 2564 61.14 -71.01 9.34
C LYS C 2564 59.94 -71.87 9.73
N CYS C 2565 59.34 -72.55 8.75
CA CYS C 2565 58.12 -73.32 8.98
C CYS C 2565 58.40 -74.78 9.30
N ALA C 2566 59.57 -75.07 9.83
CA ALA C 2566 59.90 -76.44 10.25
C ALA C 2566 58.97 -77.04 11.33
N PRO C 2567 58.57 -76.33 12.42
CA PRO C 2567 57.74 -77.01 13.44
C PRO C 2567 56.39 -77.53 12.97
N LEU C 2568 55.81 -76.97 11.90
CA LEU C 2568 54.49 -77.39 11.44
C LEU C 2568 54.48 -78.78 10.84
N PHE C 2569 55.63 -79.40 10.60
CA PHE C 2569 55.73 -80.76 10.10
C PHE C 2569 55.67 -81.81 11.22
N ALA C 2570 55.17 -81.45 12.40
CA ALA C 2570 55.14 -82.39 13.52
C ALA C 2570 54.16 -83.54 13.25
N GLY C 2571 52.97 -83.22 12.75
CA GLY C 2571 51.93 -84.22 12.56
C GLY C 2571 51.62 -84.55 11.11
N THR C 2572 52.66 -84.65 10.28
CA THR C 2572 52.51 -84.96 8.86
C THR C 2572 52.55 -86.46 8.57
N GLU C 2573 52.18 -87.30 9.54
CA GLU C 2573 52.26 -88.75 9.40
C GLU C 2573 51.41 -89.29 8.26
N HIS C 2574 50.30 -88.62 7.95
CA HIS C 2574 49.50 -89.04 6.80
C HIS C 2574 50.15 -88.70 5.47
N ARG C 2575 51.22 -87.90 5.46
CA ARG C 2575 51.95 -87.53 4.27
C ARG C 2575 53.42 -87.94 4.38
N ALA C 2576 53.66 -89.11 4.99
CA ALA C 2576 55.02 -89.57 5.24
C ALA C 2576 55.78 -89.85 3.96
N ILE C 2577 55.09 -90.27 2.90
CA ILE C 2577 55.76 -90.61 1.64
C ILE C 2577 56.33 -89.37 0.98
N MET C 2578 55.52 -88.30 0.92
CA MET C 2578 55.95 -87.09 0.24
C MET C 2578 56.95 -86.32 1.11
N VAL C 2579 56.79 -86.34 2.43
CA VAL C 2579 57.77 -85.71 3.31
C VAL C 2579 59.12 -86.43 3.19
N ASP C 2580 59.08 -87.77 3.07
CA ASP C 2580 60.29 -88.54 2.87
C ASP C 2580 60.95 -88.19 1.54
N SER C 2581 60.13 -87.99 0.49
CA SER C 2581 60.68 -87.59 -0.81
C SER C 2581 61.30 -86.21 -0.74
N MET C 2582 60.64 -85.27 -0.06
CA MET C 2582 61.14 -83.89 -0.01
C MET C 2582 62.45 -83.82 0.76
N LEU C 2583 62.57 -84.58 1.87
CA LEU C 2583 63.82 -84.56 2.62
C LEU C 2583 64.93 -85.27 1.87
N HIS C 2584 64.59 -86.33 1.11
CA HIS C 2584 65.61 -87.01 0.32
CA HIS C 2584 65.61 -87.01 0.31
C HIS C 2584 66.11 -86.11 -0.81
N THR C 2585 65.20 -85.38 -1.46
CA THR C 2585 65.59 -84.49 -2.54
C THR C 2585 66.48 -83.37 -2.02
N VAL C 2586 66.11 -82.76 -0.89
CA VAL C 2586 66.94 -81.67 -0.38
C VAL C 2586 68.29 -82.20 0.11
N TYR C 2587 68.34 -83.43 0.64
CA TYR C 2587 69.62 -84.02 1.03
C TYR C 2587 70.52 -84.23 -0.17
N ARG C 2588 69.95 -84.72 -1.28
CA ARG C 2588 70.75 -84.88 -2.48
C ARG C 2588 71.18 -83.52 -3.03
N LEU C 2589 70.31 -82.51 -2.90
CA LEU C 2589 70.69 -81.15 -3.27
C LEU C 2589 71.83 -80.62 -2.41
N SER C 2590 71.87 -81.03 -1.12
CA SER C 2590 73.00 -80.67 -0.27
C SER C 2590 74.27 -81.31 -0.79
N ARG C 2591 74.16 -82.55 -1.26
CA ARG C 2591 75.31 -83.22 -1.86
C ARG C 2591 75.41 -82.89 -3.36
N GLY C 2592 75.43 -81.59 -3.68
CA GLY C 2592 75.45 -81.11 -5.04
C GLY C 2592 76.70 -80.31 -5.36
N ARG C 2593 76.88 -80.06 -6.66
CA ARG C 2593 78.03 -79.33 -7.17
C ARG C 2593 77.58 -77.98 -7.74
N SER C 2594 78.58 -77.10 -7.95
CA SER C 2594 78.40 -75.71 -8.39
C SER C 2594 77.50 -74.94 -7.44
N LEU C 2595 77.63 -75.22 -6.14
CA LEU C 2595 76.89 -74.55 -5.09
C LEU C 2595 77.86 -73.92 -4.11
N THR C 2596 77.64 -72.65 -3.79
CA THR C 2596 78.53 -71.93 -2.88
C THR C 2596 78.33 -72.42 -1.46
N LYS C 2597 79.30 -72.09 -0.60
CA LYS C 2597 79.22 -72.45 0.81
C LYS C 2597 78.03 -71.78 1.49
N ALA C 2598 77.78 -70.51 1.15
CA ALA C 2598 76.63 -69.79 1.68
C ALA C 2598 75.33 -70.43 1.24
N GLN C 2599 75.24 -70.86 -0.02
CA GLN C 2599 74.06 -71.61 -0.45
C GLN C 2599 73.97 -72.93 0.29
N ARG C 2600 75.11 -73.59 0.50
CA ARG C 2600 75.18 -74.94 1.08
C ARG C 2600 74.62 -74.97 2.49
N ASP C 2601 75.01 -74.01 3.32
CA ASP C 2601 74.54 -74.03 4.70
C ASP C 2601 73.06 -73.70 4.82
N VAL C 2602 72.45 -73.09 3.79
CA VAL C 2602 71.01 -72.84 3.81
C VAL C 2602 70.26 -74.18 3.79
N ILE C 2603 70.69 -75.09 2.90
CA ILE C 2603 70.13 -76.45 2.85
C ILE C 2603 70.46 -77.18 4.14
N GLU C 2604 71.69 -77.01 4.66
CA GLU C 2604 72.08 -77.66 5.91
C GLU C 2604 71.14 -77.27 7.07
N ASP C 2605 71.00 -75.97 7.30
CA ASP C 2605 70.15 -75.45 8.37
C ASP C 2605 68.69 -75.86 8.17
N CYS C 2606 68.26 -76.00 6.91
CA CYS C 2606 66.94 -76.52 6.63
C CYS C 2606 66.86 -78.00 7.01
N LEU C 2607 67.95 -78.73 6.80
CA LEU C 2607 67.92 -80.17 7.01
C LEU C 2607 67.81 -80.48 8.50
N MET C 2608 68.67 -79.85 9.31
CA MET C 2608 68.58 -80.09 10.75
C MET C 2608 67.29 -79.52 11.34
N ALA C 2609 66.83 -78.38 10.81
CA ALA C 2609 65.58 -77.80 11.31
C ALA C 2609 64.41 -78.74 11.02
N LEU C 2610 64.38 -79.32 9.83
CA LEU C 2610 63.30 -80.25 9.50
C LEU C 2610 63.38 -81.50 10.36
N CYS C 2611 64.59 -82.06 10.51
CA CYS C 2611 64.75 -83.33 11.24
C CYS C 2611 64.37 -83.20 12.71
N ARG C 2612 64.59 -82.03 13.31
CA ARG C 2612 64.23 -81.85 14.72
CA ARG C 2612 64.23 -81.86 14.71
C ARG C 2612 62.72 -81.97 14.93
N TYR C 2613 61.93 -81.39 14.02
CA TYR C 2613 60.48 -81.42 14.15
C TYR C 2613 59.82 -82.54 13.35
N ILE C 2614 60.60 -83.43 12.73
CA ILE C 2614 60.06 -84.57 12.01
C ILE C 2614 60.23 -85.81 12.88
N ARG C 2615 59.13 -86.55 13.05
CA ARG C 2615 59.12 -87.75 13.87
C ARG C 2615 60.02 -88.83 13.28
N PRO C 2616 60.63 -89.68 14.14
CA PRO C 2616 61.57 -90.70 13.63
C PRO C 2616 60.96 -91.72 12.69
N SER C 2617 59.62 -91.83 12.65
CA SER C 2617 58.93 -92.76 11.76
C SER C 2617 59.13 -92.43 10.28
N MET C 2618 59.63 -91.24 9.95
CA MET C 2618 59.96 -90.88 8.58
C MET C 2618 61.46 -90.83 8.31
N LEU C 2619 62.29 -90.91 9.35
CA LEU C 2619 63.72 -90.71 9.22
C LEU C 2619 64.51 -91.94 8.80
N GLN C 2620 63.87 -93.11 8.69
CA GLN C 2620 64.58 -94.34 8.35
C GLN C 2620 65.21 -94.28 6.96
N HIS C 2621 64.51 -93.71 5.97
CA HIS C 2621 65.07 -93.56 4.63
C HIS C 2621 66.24 -92.58 4.60
N LEU C 2622 66.14 -91.49 5.37
CA LEU C 2622 67.27 -90.56 5.45
C LEU C 2622 68.48 -91.20 6.08
N LEU C 2623 68.28 -91.97 7.18
CA LEU C 2623 69.34 -92.79 7.75
C LEU C 2623 69.85 -93.81 6.74
N ARG C 2624 68.95 -94.30 5.89
CA ARG C 2624 69.28 -95.37 4.95
C ARG C 2624 70.26 -94.87 3.90
N ARG C 2625 70.03 -93.63 3.43
CA ARG C 2625 71.00 -93.02 2.54
C ARG C 2625 72.29 -92.68 3.28
N LEU C 2626 72.17 -92.35 4.58
CA LEU C 2626 73.37 -92.13 5.38
C LEU C 2626 74.19 -93.39 5.60
N VAL C 2627 73.56 -94.58 5.47
CA VAL C 2627 74.24 -95.86 5.68
C VAL C 2627 75.38 -96.02 4.69
N PHE C 2628 75.24 -95.44 3.49
CA PHE C 2628 76.28 -95.51 2.50
C PHE C 2628 77.09 -94.22 2.47
N ASP C 2629 76.42 -93.05 2.57
CA ASP C 2629 77.15 -91.79 2.40
C ASP C 2629 78.10 -91.49 3.56
N VAL C 2630 77.64 -91.69 4.82
CA VAL C 2630 78.48 -91.37 5.98
C VAL C 2630 79.79 -92.15 6.07
N PRO C 2631 79.86 -93.48 5.83
CA PRO C 2631 81.16 -94.18 5.90
C PRO C 2631 82.25 -93.68 4.96
N ILE C 2632 81.88 -93.02 3.86
CA ILE C 2632 82.87 -92.43 2.96
C ILE C 2632 83.72 -91.40 3.67
N LEU C 2633 83.10 -90.61 4.56
CA LEU C 2633 83.77 -89.58 5.38
C LEU C 2633 84.54 -88.56 4.55
N ASN C 2634 83.91 -88.08 3.48
CA ASN C 2634 84.51 -87.07 2.63
C ASN C 2634 84.10 -85.68 3.13
N GLU C 2635 84.45 -84.64 2.37
CA GLU C 2635 84.10 -83.27 2.73
C GLU C 2635 82.61 -83.00 2.66
N PHE C 2636 81.84 -83.81 1.94
CA PHE C 2636 80.38 -83.69 1.94
C PHE C 2636 79.74 -84.51 3.04
N ALA C 2637 80.52 -85.29 3.79
CA ALA C 2637 80.01 -86.09 4.89
C ALA C 2637 80.17 -85.40 6.24
N LYS C 2638 80.72 -84.18 6.27
CA LYS C 2638 80.89 -83.47 7.53
C LYS C 2638 79.54 -83.13 8.18
N MET C 2639 78.61 -82.63 7.38
CA MET C 2639 77.27 -82.29 7.86
C MET C 2639 76.45 -83.48 8.37
N PRO C 2640 76.37 -84.64 7.68
CA PRO C 2640 75.58 -85.76 8.24
C PRO C 2640 76.03 -86.25 9.61
N LEU C 2641 77.32 -86.16 9.95
CA LEU C 2641 77.76 -86.53 11.30
C LEU C 2641 77.09 -85.65 12.35
N LYS C 2642 77.01 -84.34 12.07
CA LYS C 2642 76.31 -83.42 12.96
C LYS C 2642 74.82 -83.75 13.02
N LEU C 2643 74.22 -84.08 11.88
CA LEU C 2643 72.80 -84.40 11.85
C LEU C 2643 72.51 -85.66 12.65
N LEU C 2644 73.37 -86.68 12.50
CA LEU C 2644 73.20 -87.92 13.24
C LEU C 2644 73.40 -87.69 14.74
N THR C 2645 74.34 -86.81 15.09
CA THR C 2645 74.57 -86.45 16.49
C THR C 2645 73.32 -85.85 17.11
N ASN C 2646 72.69 -84.91 16.38
CA ASN C 2646 71.47 -84.28 16.88
C ASN C 2646 70.33 -85.29 16.94
N HIS C 2647 70.18 -86.12 15.90
CA HIS C 2647 69.06 -87.04 15.82
C HIS C 2647 69.12 -88.09 16.92
N TYR C 2648 70.31 -88.65 17.18
CA TYR C 2648 70.41 -89.69 18.19
C TYR C 2648 70.37 -89.10 19.59
N GLU C 2649 71.01 -87.94 19.81
CA GLU C 2649 70.92 -87.27 21.11
C GLU C 2649 69.52 -86.77 21.42
N ARG C 2650 68.65 -86.64 20.41
CA ARG C 2650 67.27 -86.28 20.63
C ARG C 2650 66.39 -87.51 20.78
N CYS C 2651 66.60 -88.52 19.93
CA CYS C 2651 65.75 -89.70 19.85
C CYS C 2651 66.37 -90.94 20.48
N TRP C 2652 67.19 -90.77 21.54
CA TRP C 2652 67.88 -91.90 22.14
C TRP C 2652 66.91 -92.88 22.80
N LYS C 2653 65.82 -92.36 23.39
CA LYS C 2653 64.80 -93.22 23.99
C LYS C 2653 64.13 -94.12 22.96
N TYR C 2654 63.88 -93.58 21.75
CA TYR C 2654 63.22 -94.34 20.68
C TYR C 2654 64.04 -95.55 20.25
N TYR C 2655 65.36 -95.49 20.38
CA TYR C 2655 66.23 -96.58 19.93
C TYR C 2655 66.80 -97.42 21.06
N CYS C 2656 66.98 -96.88 22.25
CA CYS C 2656 67.64 -97.62 23.32
C CYS C 2656 66.66 -98.37 24.21
N LEU C 2657 65.54 -97.75 24.54
CA LEU C 2657 64.57 -98.34 25.47
C LEU C 2657 63.75 -99.41 24.76
N PRO C 2658 63.68 -100.64 25.30
CA PRO C 2658 62.74 -101.63 24.76
C PRO C 2658 61.29 -101.16 24.73
N THR C 2659 60.87 -100.41 25.75
CA THR C 2659 59.55 -99.81 25.75
C THR C 2659 59.42 -98.70 24.71
N GLY C 2660 60.54 -98.10 24.28
CA GLY C 2660 60.51 -97.08 23.26
C GLY C 2660 60.21 -95.71 23.83
N TRP C 2661 60.35 -94.70 22.98
CA TRP C 2661 60.04 -93.34 23.37
C TRP C 2661 58.54 -93.17 23.55
N ALA C 2662 58.17 -92.20 24.40
CA ALA C 2662 56.78 -91.94 24.70
C ALA C 2662 56.03 -91.46 23.45
N ASN C 2663 55.00 -92.22 23.07
CA ASN C 2663 54.06 -91.97 21.95
C ASN C 2663 54.75 -91.63 20.62
N PHE C 2664 55.99 -92.06 20.43
CA PHE C 2664 56.73 -91.85 19.19
C PHE C 2664 57.00 -93.15 18.46
N GLY C 2665 56.55 -94.26 19.00
CA GLY C 2665 56.75 -95.57 18.40
C GLY C 2665 57.95 -96.29 18.96
N VAL C 2666 58.18 -97.47 18.41
CA VAL C 2666 59.28 -98.35 18.78
C VAL C 2666 59.95 -98.78 17.49
N THR C 2667 61.29 -98.82 17.49
CA THR C 2667 62.10 -99.18 16.33
C THR C 2667 61.71 -100.53 15.75
N SER C 2668 61.95 -100.70 14.46
CA SER C 2668 61.51 -101.87 13.72
C SER C 2668 62.54 -102.98 13.64
N GLU C 2669 63.60 -102.94 14.47
CA GLU C 2669 64.68 -103.92 14.62
C GLU C 2669 65.64 -103.88 13.42
N GLU C 2670 65.29 -103.12 12.39
CA GLU C 2670 66.10 -102.85 11.22
C GLU C 2670 66.80 -101.50 11.30
N GLU C 2671 66.14 -100.50 11.89
CA GLU C 2671 66.79 -99.22 12.15
C GLU C 2671 67.98 -99.39 13.10
N LEU C 2672 67.82 -100.21 14.13
CA LEU C 2672 68.93 -100.54 15.02
C LEU C 2672 70.05 -101.28 14.30
N HIS C 2673 69.70 -102.21 13.42
CA HIS C 2673 70.70 -102.90 12.59
C HIS C 2673 71.46 -101.94 11.68
N LEU C 2674 70.73 -101.00 11.07
CA LEU C 2674 71.35 -99.93 10.28
C LEU C 2674 72.26 -99.06 11.13
N THR C 2675 71.82 -98.72 12.34
CA THR C 2675 72.64 -97.94 13.26
C THR C 2675 73.91 -98.68 13.66
N ARG C 2676 73.81 -99.98 13.94
CA ARG C 2676 75.00 -100.80 14.22
C ARG C 2676 75.93 -100.88 13.01
N LYS C 2677 75.35 -100.99 11.81
CA LYS C 2677 76.10 -100.96 10.56
C LYS C 2677 76.87 -99.65 10.42
N LEU C 2678 76.20 -98.53 10.67
CA LEU C 2678 76.84 -97.22 10.55
C LEU C 2678 77.89 -97.04 11.63
N PHE C 2679 77.61 -97.56 12.83
CA PHE C 2679 78.54 -97.46 13.95
C PHE C 2679 79.85 -98.15 13.62
N TRP C 2680 79.75 -99.40 13.14
CA TRP C 2680 80.95 -100.14 12.78
C TRP C 2680 81.66 -99.53 11.58
N GLY C 2681 80.90 -99.10 10.57
CA GLY C 2681 81.51 -98.49 9.40
C GLY C 2681 82.28 -97.22 9.70
N ILE C 2682 81.73 -96.38 10.59
CA ILE C 2682 82.42 -95.18 11.04
C ILE C 2682 83.61 -95.51 11.93
N PHE C 2683 83.47 -96.50 12.83
CA PHE C 2683 84.62 -96.85 13.68
C PHE C 2683 85.78 -97.40 12.86
N ASP C 2684 85.49 -98.27 11.88
CA ASP C 2684 86.51 -98.79 10.98
C ASP C 2684 87.12 -97.68 10.12
N SER C 2685 86.28 -96.77 9.60
CA SER C 2685 86.76 -95.69 8.75
C SER C 2685 87.63 -94.73 9.54
N LEU C 2686 87.17 -94.29 10.72
CA LEU C 2686 87.95 -93.34 11.50
C LEU C 2686 89.18 -94.00 12.09
N ALA C 2687 89.14 -95.34 12.28
CA ALA C 2687 90.32 -96.09 12.68
C ALA C 2687 91.39 -96.04 11.61
N HIS C 2688 91.00 -96.13 10.34
CA HIS C 2688 92.04 -96.09 9.31
C HIS C 2688 92.37 -94.68 8.84
N LYS C 2689 91.40 -93.76 8.94
CA LYS C 2689 91.59 -92.35 8.58
C LYS C 2689 92.62 -91.70 9.49
N LYS C 2690 93.55 -90.96 8.89
CA LYS C 2690 94.61 -90.32 9.63
C LYS C 2690 94.04 -89.22 10.53
N TYR C 2691 94.79 -88.90 11.58
CA TYR C 2691 94.35 -87.95 12.60
C TYR C 2691 94.14 -86.55 12.05
N ASP C 2692 92.88 -86.13 11.97
CA ASP C 2692 92.49 -84.78 11.61
C ASP C 2692 91.67 -84.22 12.76
N GLN C 2693 92.26 -83.26 13.49
CA GLN C 2693 91.67 -82.76 14.73
C GLN C 2693 90.31 -82.10 14.50
N GLU C 2694 90.16 -81.39 13.37
CA GLU C 2694 88.87 -80.83 12.98
C GLU C 2694 87.86 -81.94 12.77
N LEU C 2695 88.26 -83.02 12.09
CA LEU C 2695 87.37 -84.15 11.87
C LEU C 2695 87.05 -84.86 13.17
N TYR C 2696 88.07 -85.05 14.03
CA TYR C 2696 87.90 -85.82 15.25
C TYR C 2696 86.98 -85.11 16.26
N ARG C 2697 87.11 -83.79 16.42
CA ARG C 2697 86.30 -83.05 17.39
C ARG C 2697 84.83 -83.01 17.03
N MET C 2698 84.50 -83.26 15.77
CA MET C 2698 83.13 -83.26 15.30
C MET C 2698 82.58 -84.67 15.11
N ALA C 2699 83.44 -85.64 14.84
CA ALA C 2699 83.00 -87.02 14.66
C ALA C 2699 82.89 -87.80 15.95
N MET C 2700 83.64 -87.42 17.00
CA MET C 2700 83.56 -88.11 18.29
C MET C 2700 82.16 -88.07 18.92
N PRO C 2701 81.46 -86.92 19.03
CA PRO C 2701 80.09 -86.97 19.58
C PRO C 2701 79.14 -87.82 18.77
N CYS C 2702 79.34 -87.90 17.45
CA CYS C 2702 78.45 -88.70 16.61
C CYS C 2702 78.52 -90.17 17.00
N LEU C 2703 79.74 -90.68 17.20
CA LEU C 2703 79.93 -92.06 17.62
C LEU C 2703 79.38 -92.29 19.02
N CYS C 2704 79.65 -91.36 19.94
CA CYS C 2704 79.14 -91.51 21.30
C CYS C 2704 77.61 -91.48 21.36
N ALA C 2705 76.99 -90.58 20.57
CA ALA C 2705 75.54 -90.53 20.46
C ALA C 2705 74.95 -91.80 19.86
N ILE C 2706 75.63 -92.37 18.84
CA ILE C 2706 75.19 -93.65 18.29
C ILE C 2706 75.27 -94.74 19.34
N ALA C 2707 76.38 -94.74 20.11
CA ALA C 2707 76.60 -95.78 21.12
C ALA C 2707 75.52 -95.72 22.18
N GLY C 2708 75.19 -94.51 22.65
CA GLY C 2708 74.14 -94.35 23.63
C GLY C 2708 72.77 -94.72 23.10
N ALA C 2709 72.52 -94.40 21.81
CA ALA C 2709 71.25 -94.74 21.19
C ALA C 2709 71.07 -96.25 21.03
N LEU C 2710 72.13 -96.94 20.68
CA LEU C 2710 72.07 -98.40 20.49
C LEU C 2710 72.02 -99.11 21.83
N PRO C 2711 71.05 -100.01 22.04
CA PRO C 2711 71.02 -100.77 23.29
C PRO C 2711 72.24 -101.65 23.40
N PRO C 2712 72.73 -101.90 24.62
CA PRO C 2712 73.94 -102.73 24.78
C PRO C 2712 73.79 -104.16 24.29
N ASP C 2713 72.75 -104.87 24.75
CA ASP C 2713 72.56 -106.28 24.42
C ASP C 2713 71.89 -106.51 23.06
N TYR C 2714 71.94 -105.52 22.17
CA TYR C 2714 71.27 -105.62 20.87
C TYR C 2714 71.84 -106.76 20.03
N VAL C 2715 70.95 -107.52 19.40
CA VAL C 2715 71.33 -108.63 18.53
C VAL C 2715 70.69 -108.38 17.17
N ASP C 2716 71.53 -108.33 16.14
CA ASP C 2716 71.05 -108.20 14.78
C ASP C 2716 70.56 -109.54 14.26
N ALA C 2717 69.43 -109.51 13.55
CA ALA C 2717 68.83 -110.73 13.03
C ALA C 2717 69.73 -111.39 11.98
N SER C 2718 70.30 -110.60 11.09
CA SER C 2718 71.17 -111.12 10.03
C SER C 2718 72.62 -110.88 10.44
N TYR C 2719 73.26 -111.91 10.99
CA TYR C 2719 74.64 -111.82 11.44
C TYR C 2719 75.62 -112.23 10.34
N SER C 2720 75.49 -111.59 9.18
CA SER C 2720 76.38 -111.84 8.06
C SER C 2720 76.77 -110.50 7.46
N SER C 2721 78.08 -110.28 7.32
CA SER C 2721 78.62 -109.06 6.75
C SER C 2721 79.26 -109.38 5.40
N LYS C 2722 78.79 -108.70 4.35
CA LYS C 2722 79.30 -108.91 3.00
C LYS C 2722 80.77 -108.51 2.89
N ALA C 2723 81.20 -107.53 3.69
CA ALA C 2723 82.55 -106.94 3.68
C ALA C 2723 82.91 -106.42 2.29
N GLU C 2724 82.09 -105.49 1.83
CA GLU C 2724 82.26 -104.85 0.53
C GLU C 2724 82.80 -103.44 0.71
N LYS C 2725 83.65 -103.02 -0.24
CA LYS C 2725 84.40 -101.76 -0.22
C LYS C 2725 85.23 -101.59 1.06
N ASN C 2734 78.82 -92.28 -5.99
CA ASN C 2734 77.42 -92.72 -5.91
C ASN C 2734 77.33 -94.17 -5.47
N PHE C 2735 76.20 -94.81 -5.78
CA PHE C 2735 75.99 -96.22 -5.48
C PHE C 2735 76.26 -97.03 -6.74
N ASP C 2736 77.35 -97.78 -6.75
CA ASP C 2736 77.71 -98.63 -7.88
C ASP C 2736 77.67 -100.10 -7.49
N PRO C 2737 76.59 -100.81 -7.80
CA PRO C 2737 76.54 -102.25 -7.51
C PRO C 2737 77.38 -103.05 -8.49
N ARG C 2738 78.14 -104.01 -7.95
CA ARG C 2738 79.03 -104.82 -8.77
C ARG C 2738 78.35 -106.16 -9.02
N PRO C 2739 77.92 -106.45 -10.25
CA PRO C 2739 77.38 -107.78 -10.54
C PRO C 2739 78.44 -108.86 -10.44
N VAL C 2740 78.01 -110.04 -10.00
CA VAL C 2740 78.90 -111.19 -9.94
C VAL C 2740 78.97 -111.77 -11.35
N GLU C 2741 80.18 -111.78 -11.92
CA GLU C 2741 80.37 -112.20 -13.31
C GLU C 2741 80.12 -113.70 -13.48
N THR C 2742 79.39 -114.04 -14.54
CA THR C 2742 79.01 -115.41 -14.82
C THR C 2742 79.47 -115.93 -16.18
N LEU C 2743 79.83 -115.04 -17.12
CA LEU C 2743 80.22 -115.51 -18.44
C LEU C 2743 81.59 -116.17 -18.42
N ASN C 2744 82.47 -115.75 -17.50
CA ASN C 2744 83.82 -116.30 -17.43
C ASN C 2744 83.81 -117.76 -17.01
N VAL C 2745 82.85 -118.15 -16.17
CA VAL C 2745 82.70 -119.55 -15.78
C VAL C 2745 81.75 -120.22 -16.76
N ILE C 2746 82.08 -121.43 -17.18
CA ILE C 2746 81.30 -122.16 -18.17
C ILE C 2746 80.22 -122.97 -17.48
N ILE C 2747 79.03 -122.99 -18.08
CA ILE C 2747 77.88 -123.68 -17.50
C ILE C 2747 78.13 -125.19 -17.48
N PRO C 2748 77.96 -125.85 -16.34
CA PRO C 2748 78.04 -127.31 -16.31
C PRO C 2748 76.79 -127.92 -16.92
N GLU C 2749 76.98 -128.81 -17.88
CA GLU C 2749 75.86 -129.49 -18.51
C GLU C 2749 75.62 -130.87 -17.91
N LYS C 2750 76.35 -131.23 -16.86
CA LYS C 2750 76.12 -132.47 -16.15
C LYS C 2750 74.76 -132.46 -15.46
N LEU C 2751 74.28 -131.30 -15.02
CA LEU C 2751 72.98 -131.15 -14.39
C LEU C 2751 71.95 -130.50 -15.31
N ASP C 2752 72.14 -130.66 -16.65
CA ASP C 2752 71.22 -130.08 -17.62
C ASP C 2752 69.80 -130.64 -17.48
N SER C 2753 69.68 -131.86 -16.94
CA SER C 2753 68.41 -132.50 -16.64
C SER C 2753 67.68 -131.79 -15.51
N PHE C 2754 68.38 -130.93 -14.77
CA PHE C 2754 67.80 -130.13 -13.73
C PHE C 2754 67.56 -128.71 -14.21
N ILE C 2755 68.46 -128.20 -15.07
CA ILE C 2755 68.30 -126.84 -15.58
C ILE C 2755 67.04 -126.71 -16.43
N ASN C 2756 66.81 -127.67 -17.34
CA ASN C 2756 65.58 -127.64 -18.14
C ASN C 2756 64.36 -127.91 -17.29
N LYS C 2757 64.49 -128.83 -16.31
CA LYS C 2757 63.41 -129.14 -15.41
C LYS C 2757 62.99 -127.94 -14.58
N PHE C 2758 63.96 -127.20 -14.02
CA PHE C 2758 63.66 -125.98 -13.30
C PHE C 2758 63.09 -124.92 -14.22
N ALA C 2759 63.45 -124.92 -15.51
CA ALA C 2759 62.90 -123.94 -16.44
C ALA C 2759 61.41 -124.19 -16.68
N GLU C 2760 61.07 -125.45 -16.98
CA GLU C 2760 59.67 -125.78 -17.19
C GLU C 2760 58.89 -125.73 -15.88
N TYR C 2761 59.54 -126.01 -14.75
CA TYR C 2761 58.87 -125.88 -13.46
C TYR C 2761 58.60 -124.43 -13.11
N THR C 2762 59.49 -123.50 -13.48
CA THR C 2762 59.19 -122.07 -13.31
C THR C 2762 58.00 -121.66 -14.16
N HIS C 2763 57.93 -122.15 -15.40
CA HIS C 2763 56.74 -121.94 -16.23
C HIS C 2763 55.48 -122.57 -15.60
N GLU C 2764 55.62 -123.76 -15.02
CA GLU C 2764 54.51 -124.42 -14.34
C GLU C 2764 54.09 -123.65 -13.09
N LYS C 2765 55.06 -123.14 -12.32
CA LYS C 2765 54.77 -122.34 -11.14
C LYS C 2765 54.09 -121.03 -11.54
N TRP C 2766 54.46 -120.49 -12.71
CA TRP C 2766 53.78 -119.30 -13.22
C TRP C 2766 52.32 -119.62 -13.48
N ALA C 2767 52.05 -120.78 -14.07
CA ALA C 2767 50.66 -121.22 -14.24
C ALA C 2767 49.98 -121.49 -12.90
N PHE C 2768 50.74 -121.95 -11.91
CA PHE C 2768 50.22 -122.13 -10.55
C PHE C 2768 49.80 -120.80 -9.94
N ASP C 2769 50.59 -119.75 -10.18
CA ASP C 2769 50.19 -118.43 -9.70
C ASP C 2769 48.97 -117.93 -10.46
N LYS C 2770 48.86 -118.28 -11.75
CA LYS C 2770 47.70 -117.81 -12.50
C LYS C 2770 46.42 -118.48 -12.02
N ILE C 2771 46.45 -119.81 -11.81
CA ILE C 2771 45.26 -120.48 -11.27
C ILE C 2771 45.00 -120.08 -9.81
N GLN C 2772 46.03 -119.64 -9.07
CA GLN C 2772 45.83 -119.06 -7.74
C GLN C 2772 45.53 -117.57 -7.79
N ASN C 2773 45.38 -117.01 -8.98
CA ASN C 2773 44.95 -115.61 -9.13
C ASN C 2773 43.45 -115.52 -9.39
N ASN C 2774 42.75 -116.66 -9.28
CA ASN C 2774 41.31 -116.89 -9.48
C ASN C 2774 40.85 -116.75 -10.93
N TRP C 2775 41.75 -116.45 -11.87
CA TRP C 2775 41.42 -116.33 -13.27
C TRP C 2775 42.23 -117.36 -14.07
N SER C 2776 41.57 -118.03 -15.01
CA SER C 2776 42.24 -119.05 -15.81
C SER C 2776 43.03 -118.38 -16.95
N TYR C 2777 43.51 -119.19 -17.88
CA TYR C 2777 44.27 -118.70 -19.01
C TYR C 2777 43.40 -118.61 -20.26
N GLY C 2778 44.02 -118.31 -21.39
CA GLY C 2778 43.33 -118.19 -22.66
C GLY C 2778 44.23 -118.47 -23.84
N GLU C 2779 43.72 -118.27 -25.05
CA GLU C 2779 44.50 -118.47 -26.27
C GLU C 2779 44.89 -117.17 -26.94
N ASN C 2780 43.92 -116.30 -27.23
CA ASN C 2780 44.23 -115.02 -27.85
C ASN C 2780 44.94 -114.10 -26.87
N VAL C 2781 45.91 -113.34 -27.37
CA VAL C 2781 46.71 -112.45 -26.54
C VAL C 2781 45.95 -111.14 -26.36
N ASP C 2782 45.58 -110.83 -25.13
CA ASP C 2782 44.87 -109.59 -24.82
C ASP C 2782 45.13 -109.22 -23.36
N GLU C 2783 45.09 -107.93 -23.08
CA GLU C 2783 45.31 -107.42 -21.74
C GLU C 2783 44.05 -107.38 -20.89
N GLU C 2784 42.90 -107.73 -21.45
CA GLU C 2784 41.64 -107.67 -20.71
C GLU C 2784 41.53 -108.77 -19.65
N LEU C 2785 42.33 -109.82 -19.75
CA LEU C 2785 42.31 -110.92 -18.79
C LEU C 2785 43.15 -110.63 -17.55
N LYS C 2786 43.88 -109.50 -17.52
CA LYS C 2786 44.79 -109.05 -16.44
C LYS C 2786 45.74 -110.14 -15.92
N THR C 2787 46.06 -111.12 -16.77
CA THR C 2787 47.00 -112.19 -16.50
C THR C 2787 47.80 -112.42 -17.77
N HIS C 2788 48.52 -113.53 -17.83
CA HIS C 2788 49.23 -113.89 -19.07
C HIS C 2788 48.25 -114.56 -20.03
N PRO C 2789 47.95 -113.95 -21.18
CA PRO C 2789 46.93 -114.51 -22.07
C PRO C 2789 47.40 -115.56 -23.07
N MET C 2790 48.70 -115.73 -23.27
CA MET C 2790 49.19 -116.67 -24.26
C MET C 2790 49.41 -118.07 -23.67
N LEU C 2791 49.27 -118.23 -22.34
CA LEU C 2791 49.43 -119.53 -21.68
C LEU C 2791 48.40 -120.55 -22.19
N ARG C 2792 48.90 -121.61 -22.78
CA ARG C 2792 48.12 -122.72 -23.32
C ARG C 2792 48.64 -124.02 -22.74
N PRO C 2793 47.84 -125.09 -22.73
CA PRO C 2793 48.33 -126.38 -22.25
C PRO C 2793 49.53 -126.87 -23.04
N TYR C 2794 50.48 -127.50 -22.33
CA TYR C 2794 51.77 -127.90 -22.88
C TYR C 2794 51.65 -128.91 -24.02
N LYS C 2795 50.51 -129.59 -24.18
CA LYS C 2795 50.29 -130.47 -25.32
C LYS C 2795 50.30 -129.69 -26.62
N THR C 2796 49.69 -128.50 -26.63
CA THR C 2796 49.65 -127.63 -27.80
C THR C 2796 50.16 -126.24 -27.47
N PHE C 2797 51.26 -126.15 -26.73
CA PHE C 2797 51.90 -124.89 -26.39
C PHE C 2797 53.19 -124.74 -27.19
N SER C 2798 53.36 -123.58 -27.82
CA SER C 2798 54.53 -123.31 -28.64
C SER C 2798 55.80 -123.33 -27.80
N GLU C 2799 56.86 -123.94 -28.34
CA GLU C 2799 58.13 -124.06 -27.64
C GLU C 2799 59.09 -122.94 -27.97
N LYS C 2800 58.66 -121.95 -28.77
CA LYS C 2800 59.52 -120.82 -29.13
C LYS C 2800 59.88 -119.99 -27.91
N ASP C 2801 59.01 -119.95 -26.91
CA ASP C 2801 59.34 -119.24 -25.68
C ASP C 2801 59.84 -120.20 -24.60
N LYS C 2802 59.54 -121.49 -24.71
CA LYS C 2802 60.09 -122.49 -23.81
C LYS C 2802 61.59 -122.67 -24.00
N GLU C 2803 62.11 -122.31 -25.18
CA GLU C 2803 63.56 -122.36 -25.41
C GLU C 2803 64.26 -121.06 -25.04
N ILE C 2804 63.53 -120.02 -24.65
CA ILE C 2804 64.13 -118.74 -24.28
C ILE C 2804 63.79 -118.33 -22.85
N TYR C 2805 62.89 -119.03 -22.18
CA TYR C 2805 62.54 -118.70 -20.79
C TYR C 2805 63.51 -119.29 -19.77
N ARG C 2806 64.50 -120.06 -20.21
CA ARG C 2806 65.46 -120.66 -19.30
C ARG C 2806 66.63 -119.74 -18.98
N TRP C 2807 66.70 -118.56 -19.61
CA TRP C 2807 67.79 -117.61 -19.34
C TRP C 2807 67.88 -117.17 -17.88
N PRO C 2808 66.79 -116.80 -17.15
CA PRO C 2808 66.95 -116.53 -15.70
C PRO C 2808 67.46 -117.75 -14.95
N ILE C 2809 67.02 -118.95 -15.34
CA ILE C 2809 67.47 -120.18 -14.70
C ILE C 2809 68.94 -120.44 -15.02
N LYS C 2810 69.33 -120.20 -16.27
CA LYS C 2810 70.72 -120.40 -16.69
C LYS C 2810 71.65 -119.47 -15.93
N GLU C 2811 71.31 -118.17 -15.88
CA GLU C 2811 72.18 -117.20 -15.22
C GLU C 2811 72.19 -117.42 -13.71
N SER C 2812 71.05 -117.78 -13.12
CA SER C 2812 70.99 -118.06 -11.68
C SER C 2812 71.86 -119.25 -11.30
N LEU C 2813 71.85 -120.30 -12.13
CA LEU C 2813 72.71 -121.44 -11.85
C LEU C 2813 74.18 -121.15 -12.17
N LYS C 2814 74.46 -120.26 -13.12
CA LYS C 2814 75.83 -119.83 -13.34
C LYS C 2814 76.36 -119.06 -12.13
N ALA C 2815 75.51 -118.19 -11.58
CA ALA C 2815 75.93 -117.34 -10.48
C ALA C 2815 76.03 -118.11 -9.17
N MET C 2816 75.26 -119.17 -9.00
CA MET C 2816 75.35 -119.92 -7.75
C MET C 2816 76.52 -120.90 -7.77
N ILE C 2817 77.30 -120.95 -8.85
CA ILE C 2817 78.46 -121.82 -8.94
C ILE C 2817 79.74 -121.03 -9.24
N ALA C 2818 79.61 -119.76 -9.65
CA ALA C 2818 80.80 -118.96 -9.96
C ALA C 2818 81.67 -118.71 -8.74
N TRP C 2819 81.05 -118.47 -7.57
CA TRP C 2819 81.81 -118.24 -6.34
C TRP C 2819 82.21 -119.57 -5.69
N GLU C 2820 82.85 -120.47 -6.45
CA GLU C 2820 83.38 -121.80 -6.07
C GLU C 2820 82.44 -122.64 -5.20
N TRP C 2821 81.13 -122.51 -5.42
CA TRP C 2821 80.13 -123.35 -4.77
C TRP C 2821 79.85 -124.54 -5.68
N THR C 2822 80.52 -125.66 -5.43
CA THR C 2822 80.27 -126.85 -6.24
C THR C 2822 78.90 -127.44 -5.90
N ILE C 2823 78.29 -128.08 -6.90
CA ILE C 2823 76.98 -128.69 -6.77
C ILE C 2823 77.12 -130.18 -7.08
N GLU C 2824 76.57 -131.00 -6.19
CA GLU C 2824 76.70 -132.45 -6.28
C GLU C 2824 75.33 -133.10 -6.37
N LYS C 2825 75.24 -134.14 -7.20
CA LYS C 2825 73.99 -134.88 -7.43
C LYS C 2825 74.05 -136.18 -6.64
N ALA C 2826 73.69 -136.07 -5.36
CA ALA C 2826 73.62 -137.25 -4.49
C ALA C 2826 72.55 -138.22 -4.96
N ARG C 2827 71.39 -137.70 -5.36
CA ARG C 2827 70.29 -138.50 -5.89
C ARG C 2827 70.58 -138.92 -7.34
N GLU C 2828 69.80 -139.88 -7.82
CA GLU C 2828 69.94 -140.35 -9.20
C GLU C 2828 68.54 -140.74 -9.67
N GLY C 2829 67.87 -139.82 -10.38
CA GLY C 2829 66.55 -140.07 -10.90
C GLY C 2829 66.36 -139.37 -12.22
N GLU C 2830 65.26 -139.74 -12.89
CA GLU C 2830 64.84 -139.20 -14.20
C GLU C 2830 65.91 -139.33 -15.28
N TYR C 2855 47.84 -130.73 -18.13
CA TYR C 2855 48.49 -129.46 -17.79
C TYR C 2855 47.92 -128.92 -16.48
N ASN C 2856 48.50 -129.37 -15.36
CA ASN C 2856 48.05 -128.99 -14.03
C ASN C 2856 49.29 -128.87 -13.15
N PRO C 2857 49.47 -127.75 -12.44
CA PRO C 2857 50.66 -127.59 -11.59
C PRO C 2857 50.63 -128.41 -10.31
N GLN C 2858 50.74 -129.73 -10.44
CA GLN C 2858 50.67 -130.62 -9.27
C GLN C 2858 51.81 -130.43 -8.26
N PRO C 2859 53.11 -130.43 -8.62
CA PRO C 2859 54.16 -130.41 -7.57
C PRO C 2859 54.20 -129.08 -6.82
N PRO C 2860 54.04 -129.10 -5.50
CA PRO C 2860 54.10 -127.85 -4.72
C PRO C 2860 55.50 -127.49 -4.26
N ASP C 2861 55.89 -126.24 -4.48
CA ASP C 2861 57.19 -125.71 -4.08
C ASP C 2861 56.90 -124.54 -3.14
N LEU C 2862 56.74 -124.84 -1.87
CA LEU C 2862 56.43 -123.85 -0.84
C LEU C 2862 57.70 -123.50 -0.07
N SER C 2863 57.95 -122.20 0.09
CA SER C 2863 59.10 -121.70 0.80
C SER C 2863 58.89 -121.57 2.30
N GLY C 2864 57.72 -121.98 2.81
CA GLY C 2864 57.40 -121.84 4.21
C GLY C 2864 57.96 -122.89 5.15
N VAL C 2865 58.71 -123.87 4.63
CA VAL C 2865 59.33 -124.88 5.48
C VAL C 2865 60.70 -124.39 5.92
N THR C 2866 61.12 -124.84 7.10
CA THR C 2866 62.40 -124.43 7.68
C THR C 2866 63.56 -125.02 6.89
N LEU C 2867 64.73 -124.38 7.04
CA LEU C 2867 65.91 -124.77 6.29
C LEU C 2867 67.15 -124.30 7.05
N SER C 2868 68.27 -125.00 6.80
CA SER C 2868 69.51 -124.79 7.52
C SER C 2868 70.09 -123.39 7.28
N ARG C 2869 70.76 -122.87 8.32
CA ARG C 2869 71.32 -121.52 8.26
C ARG C 2869 72.41 -121.38 7.21
N GLU C 2870 73.28 -122.39 7.10
CA GLU C 2870 74.39 -122.34 6.13
CA GLU C 2870 74.39 -122.34 6.14
C GLU C 2870 73.89 -122.22 4.70
N LEU C 2871 72.88 -123.00 4.34
CA LEU C 2871 72.30 -122.92 3.00
C LEU C 2871 71.46 -121.65 2.82
N GLN C 2872 70.74 -121.24 3.87
CA GLN C 2872 69.93 -120.03 3.80
C GLN C 2872 70.81 -118.79 3.63
N ALA C 2873 72.00 -118.77 4.23
CA ALA C 2873 72.93 -117.65 4.05
C ALA C 2873 73.34 -117.53 2.59
N MET C 2874 73.57 -118.68 1.94
CA MET C 2874 73.85 -118.71 0.51
C MET C 2874 72.67 -118.16 -0.29
N ALA C 2875 71.45 -118.51 0.12
CA ALA C 2875 70.26 -117.97 -0.55
C ALA C 2875 70.17 -116.45 -0.39
N GLU C 2876 70.55 -115.95 0.79
CA GLU C 2876 70.61 -114.52 1.03
C GLU C 2876 71.64 -113.84 0.13
N GLN C 2877 72.82 -114.47 -0.03
CA GLN C 2877 73.84 -113.95 -0.94
C GLN C 2877 73.35 -113.97 -2.39
N LEU C 2878 72.65 -115.03 -2.80
CA LEU C 2878 72.07 -115.09 -4.14
C LEU C 2878 71.01 -114.01 -4.35
N ALA C 2879 70.19 -113.73 -3.33
CA ALA C 2879 69.27 -112.60 -3.37
C ALA C 2879 70.00 -111.28 -3.46
N GLU C 2880 71.13 -111.15 -2.76
CA GLU C 2880 72.00 -109.98 -2.89
C GLU C 2880 72.55 -109.85 -4.30
N ASN C 2881 72.96 -110.96 -4.91
CA ASN C 2881 73.47 -110.93 -6.28
C ASN C 2881 72.36 -110.54 -7.26
N TYR C 2882 71.14 -111.05 -7.05
CA TYR C 2882 70.01 -110.67 -7.91
C TYR C 2882 69.73 -109.18 -7.77
N HIS C 2883 69.86 -108.66 -6.55
CA HIS C 2883 69.61 -107.25 -6.29
C HIS C 2883 70.67 -106.38 -6.95
N ASN C 2884 71.95 -106.73 -6.81
CA ASN C 2884 72.99 -105.88 -7.35
C ASN C 2884 73.04 -105.96 -8.88
N THR C 2885 72.77 -107.14 -9.46
CA THR C 2885 72.66 -107.24 -10.91
C THR C 2885 71.50 -106.39 -11.44
N TRP C 2886 70.34 -106.43 -10.77
CA TRP C 2886 69.23 -105.56 -11.14
C TRP C 2886 69.61 -104.09 -10.95
N GLY C 2887 70.36 -103.78 -9.89
CA GLY C 2887 70.79 -102.42 -9.66
C GLY C 2887 71.73 -101.93 -10.74
N ARG C 2888 72.65 -102.80 -11.17
CA ARG C 2888 73.62 -102.46 -12.21
C ARG C 2888 72.91 -102.16 -13.54
N LYS C 2889 71.94 -103.01 -13.91
CA LYS C 2889 71.17 -102.69 -15.11
C LYS C 2889 70.26 -101.47 -14.92
N LYS C 2890 69.86 -101.18 -13.67
CA LYS C 2890 69.06 -99.98 -13.44
C LYS C 2890 69.92 -98.73 -13.61
N LYS C 2891 71.11 -98.74 -13.01
CA LYS C 2891 72.00 -97.59 -13.15
C LYS C 2891 72.54 -97.44 -14.56
N GLN C 2892 72.50 -98.49 -15.39
CA GLN C 2892 72.87 -98.32 -16.80
C GLN C 2892 71.92 -97.34 -17.46
N GLU C 2893 70.62 -97.47 -17.17
CA GLU C 2893 69.60 -96.54 -17.64
C GLU C 2893 69.74 -95.18 -16.96
N LEU C 2894 70.10 -95.18 -15.67
CA LEU C 2894 70.17 -93.93 -14.91
C LEU C 2894 71.41 -93.09 -15.24
N GLU C 2895 72.52 -93.73 -15.62
CA GLU C 2895 73.78 -93.03 -15.85
C GLU C 2895 73.79 -92.18 -17.11
N ALA C 2896 72.76 -92.27 -17.96
CA ALA C 2896 72.68 -91.43 -19.16
C ALA C 2896 72.60 -89.94 -18.82
N LYS C 2897 72.04 -89.60 -17.67
CA LYS C 2897 71.93 -88.20 -17.26
C LYS C 2897 72.82 -87.84 -16.07
N GLY C 2898 73.11 -88.80 -15.19
CA GLY C 2898 73.94 -88.53 -14.03
C GLY C 2898 73.26 -87.76 -12.93
N GLY C 2899 71.94 -87.84 -12.81
CA GLY C 2899 71.22 -87.11 -11.79
C GLY C 2899 70.19 -87.99 -11.09
N GLY C 2900 69.99 -87.69 -9.80
CA GLY C 2900 69.03 -88.43 -9.00
C GLY C 2900 69.55 -89.80 -8.62
N THR C 2901 68.64 -90.60 -8.06
CA THR C 2901 68.96 -91.97 -7.67
C THR C 2901 67.71 -92.81 -7.72
N HIS C 2902 67.89 -94.07 -8.08
CA HIS C 2902 66.84 -95.08 -8.16
C HIS C 2902 66.47 -95.56 -6.76
N PRO C 2903 65.17 -95.69 -6.46
CA PRO C 2903 64.74 -96.15 -5.12
C PRO C 2903 65.24 -97.53 -4.73
N LEU C 2904 65.43 -98.42 -5.69
CA LEU C 2904 65.92 -99.77 -5.42
C LEU C 2904 67.44 -99.90 -5.54
N LEU C 2905 68.15 -98.80 -5.81
CA LEU C 2905 69.62 -98.79 -5.80
C LEU C 2905 70.12 -98.67 -4.36
N VAL C 2906 69.86 -99.73 -3.58
CA VAL C 2906 70.08 -99.77 -2.14
C VAL C 2906 70.76 -101.08 -1.73
N PRO C 2907 71.58 -101.07 -0.67
CA PRO C 2907 72.30 -102.29 -0.29
C PRO C 2907 71.38 -103.38 0.25
N TYR C 2908 71.81 -104.63 0.08
CA TYR C 2908 71.01 -105.76 0.57
C TYR C 2908 71.01 -105.84 2.09
N ASP C 2909 72.18 -105.63 2.72
CA ASP C 2909 72.25 -105.68 4.18
C ASP C 2909 71.53 -104.51 4.85
N THR C 2910 71.12 -103.50 4.07
CA THR C 2910 70.37 -102.37 4.57
C THR C 2910 68.86 -102.53 4.34
N LEU C 2911 68.45 -103.22 3.28
CA LEU C 2911 67.03 -103.29 2.93
C LEU C 2911 66.23 -104.12 3.92
N THR C 2912 65.03 -103.64 4.22
CA THR C 2912 64.11 -104.29 5.14
C THR C 2912 63.17 -105.27 4.44
N ALA C 2913 62.18 -105.75 5.19
CA ALA C 2913 61.35 -106.86 4.73
C ALA C 2913 60.35 -106.43 3.68
N LYS C 2914 59.99 -105.14 3.62
CA LYS C 2914 58.92 -104.72 2.71
C LYS C 2914 59.35 -104.91 1.26
N GLU C 2915 60.60 -104.55 0.94
CA GLU C 2915 61.14 -104.79 -0.39
C GLU C 2915 62.02 -106.03 -0.44
N LYS C 2916 62.15 -106.77 0.67
CA LYS C 2916 62.97 -107.99 0.63
C LYS C 2916 62.21 -109.18 0.04
N ALA C 2917 60.91 -109.01 -0.20
CA ALA C 2917 60.04 -110.12 -0.62
C ALA C 2917 60.41 -110.65 -1.99
N ARG C 2918 60.72 -109.74 -2.94
CA ARG C 2918 60.94 -110.12 -4.33
C ARG C 2918 62.14 -111.05 -4.47
N ASP C 2919 63.27 -110.66 -3.90
CA ASP C 2919 64.47 -111.46 -4.05
C ASP C 2919 64.42 -112.68 -3.11
N ARG C 2920 63.91 -112.49 -1.88
CA ARG C 2920 63.89 -113.56 -0.90
C ARG C 2920 62.97 -114.70 -1.30
N GLU C 2921 61.77 -114.41 -1.80
CA GLU C 2921 60.79 -115.43 -2.12
C GLU C 2921 61.29 -116.33 -3.25
N LYS C 2922 61.83 -115.71 -4.31
CA LYS C 2922 62.36 -116.47 -5.43
C LYS C 2922 63.59 -117.29 -5.04
N ALA C 2923 64.51 -116.71 -4.25
CA ALA C 2923 65.69 -117.45 -3.82
C ALA C 2923 65.31 -118.61 -2.90
N GLN C 2924 64.37 -118.37 -1.96
CA GLN C 2924 63.94 -119.42 -1.05
C GLN C 2924 63.23 -120.53 -1.81
N GLU C 2925 62.42 -120.18 -2.83
CA GLU C 2925 61.74 -121.20 -3.63
C GLU C 2925 62.76 -122.05 -4.37
N LEU C 2926 63.82 -121.41 -4.89
CA LEU C 2926 64.88 -122.14 -5.59
C LEU C 2926 65.56 -123.11 -4.64
N LEU C 2927 65.81 -122.66 -3.40
CA LEU C 2927 66.46 -123.52 -2.41
C LEU C 2927 65.58 -124.68 -1.99
N LYS C 2928 64.26 -124.47 -1.90
CA LYS C 2928 63.34 -125.59 -1.68
C LYS C 2928 63.37 -126.58 -2.83
N PHE C 2929 63.44 -126.07 -4.07
CA PHE C 2929 63.51 -126.94 -5.23
C PHE C 2929 64.79 -127.79 -5.22
N LEU C 2930 65.90 -127.17 -4.78
CA LEU C 2930 67.16 -127.88 -4.65
C LEU C 2930 67.07 -128.93 -3.56
N GLN C 2931 66.49 -128.59 -2.41
CA GLN C 2931 66.46 -129.52 -1.28
C GLN C 2931 65.51 -130.68 -1.55
N MET C 2932 64.35 -130.40 -2.18
CA MET C 2932 63.40 -131.48 -2.49
C MET C 2932 64.00 -132.45 -3.49
N ASN C 2933 64.74 -131.94 -4.49
CA ASN C 2933 65.40 -132.88 -5.40
C ASN C 2933 66.62 -133.54 -4.76
N GLY C 2934 67.21 -132.94 -3.73
CA GLY C 2934 68.39 -133.51 -3.11
C GLY C 2934 69.69 -132.88 -3.58
N TYR C 2935 69.72 -131.55 -3.63
CA TYR C 2935 70.89 -130.80 -4.07
C TYR C 2935 71.49 -130.08 -2.87
N ALA C 2936 72.62 -130.58 -2.38
CA ALA C 2936 73.35 -129.96 -1.28
C ALA C 2936 74.52 -129.18 -1.87
N VAL C 2937 74.53 -127.87 -1.66
CA VAL C 2937 75.56 -126.98 -2.19
C VAL C 2937 76.28 -126.35 -1.01
N THR C 2938 77.59 -126.49 -0.95
CA THR C 2938 78.36 -125.97 0.17
C THR C 2938 79.64 -125.31 -0.38
N ARG C 2939 80.00 -124.18 0.22
CA ARG C 2939 81.23 -123.47 -0.13
C ARG C 2939 82.48 -124.28 0.18
N LEU C 2946 80.07 -118.65 11.60
CA LEU C 2946 79.94 -120.10 11.57
C LEU C 2946 79.47 -120.60 12.94
N ASP C 2947 78.20 -121.01 12.98
CA ASP C 2947 77.53 -121.53 14.19
C ASP C 2947 77.62 -120.54 15.35
N THR C 2948 77.39 -119.27 15.05
CA THR C 2948 77.45 -118.23 16.06
C THR C 2948 76.26 -118.33 17.03
N SER C 2949 76.47 -117.84 18.24
CA SER C 2949 75.43 -117.84 19.27
C SER C 2949 74.98 -116.42 19.55
N SER C 2950 73.89 -116.31 20.33
CA SER C 2950 73.27 -115.02 20.62
C SER C 2950 74.21 -114.09 21.38
N ILE C 2951 75.00 -114.66 22.31
CA ILE C 2951 75.95 -113.86 23.07
C ILE C 2951 76.98 -113.28 22.12
N GLU C 2952 77.47 -114.08 21.16
CA GLU C 2952 78.39 -113.56 20.16
C GLU C 2952 77.71 -112.53 19.27
N LYS C 2953 76.37 -112.59 19.15
CA LYS C 2953 75.65 -111.62 18.34
C LYS C 2953 75.36 -110.33 19.09
N ARG C 2954 75.59 -110.29 20.40
CA ARG C 2954 75.23 -109.11 21.19
C ARG C 2954 76.10 -107.92 20.80
N PHE C 2955 75.46 -106.74 20.74
CA PHE C 2955 76.16 -105.50 20.41
C PHE C 2955 77.21 -105.13 21.44
N ALA C 2956 76.89 -105.26 22.73
CA ALA C 2956 77.88 -105.03 23.78
C ALA C 2956 79.06 -105.98 23.66
N PHE C 2957 78.79 -107.26 23.43
CA PHE C 2957 79.84 -108.26 23.22
C PHE C 2957 80.69 -107.95 21.99
N GLY C 2958 80.03 -107.55 20.90
CA GLY C 2958 80.74 -107.08 19.71
C GLY C 2958 81.57 -105.84 19.92
N PHE C 2959 81.12 -104.95 20.79
CA PHE C 2959 81.91 -103.77 21.12
C PHE C 2959 83.07 -104.12 22.05
N LEU C 2960 82.84 -105.02 23.01
CA LEU C 2960 83.86 -105.37 24.00
C LEU C 2960 85.01 -106.15 23.37
N GLN C 2961 84.69 -107.02 22.39
CA GLN C 2961 85.76 -107.76 21.72
C GLN C 2961 86.68 -106.79 21.00
N GLN C 2962 86.11 -105.77 20.31
CA GLN C 2962 86.94 -104.81 19.60
C GLN C 2962 87.72 -103.95 20.59
N LEU C 2963 87.14 -103.72 21.77
CA LEU C 2963 87.83 -102.98 22.83
C LEU C 2963 89.07 -103.72 23.27
N LEU C 2964 88.97 -105.03 23.44
CA LEU C 2964 90.15 -105.83 23.80
C LEU C 2964 91.17 -105.89 22.66
N ARG C 2965 90.68 -105.96 21.41
CA ARG C 2965 91.59 -105.96 20.26
C ARG C 2965 92.38 -104.65 20.16
N TRP C 2966 91.73 -103.52 20.41
CA TRP C 2966 92.49 -102.28 20.47
C TRP C 2966 93.25 -102.12 21.78
N MET C 2967 92.83 -102.83 22.82
CA MET C 2967 93.54 -102.79 24.10
C MET C 2967 94.93 -103.41 23.99
N ASP C 2968 95.05 -104.55 23.29
CA ASP C 2968 96.37 -105.12 23.08
C ASP C 2968 97.25 -104.22 22.22
N ILE C 2969 96.67 -103.51 21.25
CA ILE C 2969 97.41 -102.50 20.48
C ILE C 2969 97.87 -101.36 21.42
N SER C 2970 97.03 -101.01 22.38
CA SER C 2970 97.42 -100.01 23.38
C SER C 2970 98.60 -100.52 24.20
N GLN C 2971 98.59 -101.80 24.59
CA GLN C 2971 99.77 -102.36 25.25
C GLN C 2971 100.96 -102.43 24.29
N GLU C 2972 100.70 -102.45 22.99
CA GLU C 2972 101.76 -102.64 22.01
C GLU C 2972 102.61 -101.39 21.88
N PHE C 2973 101.96 -100.22 21.80
CA PHE C 2973 102.77 -99.02 21.56
C PHE C 2973 103.36 -98.40 22.83
N ILE C 2974 102.75 -98.62 23.99
CA ILE C 2974 103.25 -98.04 25.23
C ILE C 2974 104.66 -98.53 25.56
N ALA C 2975 104.96 -99.81 25.27
CA ALA C 2975 106.30 -100.34 25.49
C ALA C 2975 107.32 -99.61 24.61
N HIS C 2976 106.93 -99.30 23.38
CA HIS C 2976 107.79 -98.53 22.48
C HIS C 2976 108.04 -97.14 23.03
N LEU C 2977 106.97 -96.46 23.49
CA LEU C 2977 107.13 -95.09 23.98
C LEU C 2977 108.00 -95.05 25.25
N GLU C 2978 107.81 -96.04 26.14
CA GLU C 2978 108.62 -96.14 27.37
C GLU C 2978 110.08 -96.36 27.02
N ALA C 2979 110.36 -97.17 26.00
CA ALA C 2979 111.75 -97.45 25.67
C ALA C 2979 112.39 -96.22 25.03
N VAL C 2980 111.69 -95.59 24.08
CA VAL C 2980 112.30 -94.52 23.28
C VAL C 2980 112.53 -93.27 24.12
N VAL C 2981 111.61 -92.95 25.05
CA VAL C 2981 111.78 -91.73 25.83
C VAL C 2981 112.97 -91.87 26.79
N SER C 2982 113.18 -93.07 27.35
CA SER C 2982 114.29 -93.28 28.26
C SER C 2982 115.63 -93.36 27.51
N SER C 2983 115.67 -94.09 26.40
CA SER C 2983 116.91 -94.25 25.66
C SER C 2983 116.63 -94.41 24.17
N GLY C 2984 117.57 -93.95 23.35
CA GLY C 2984 117.39 -94.00 21.91
C GLY C 2984 116.22 -93.19 21.42
N ARG C 2985 116.30 -91.87 21.58
CA ARG C 2985 115.18 -90.98 21.26
C ARG C 2985 114.97 -90.92 19.75
N VAL C 2986 113.84 -91.45 19.29
CA VAL C 2986 113.41 -91.34 17.90
C VAL C 2986 112.04 -90.68 17.90
N GLU C 2987 111.89 -89.66 17.04
CA GLU C 2987 110.68 -88.86 16.98
C GLU C 2987 109.76 -89.25 15.84
N LYS C 2988 110.00 -90.39 15.19
CA LYS C 2988 109.15 -90.83 14.10
C LYS C 2988 107.73 -91.14 14.59
N SER C 2989 107.62 -91.82 15.74
CA SER C 2989 106.39 -92.26 16.39
C SER C 2989 105.50 -93.03 15.42
N PRO C 2990 105.85 -94.28 15.07
CA PRO C 2990 105.07 -95.01 14.05
C PRO C 2990 103.62 -95.26 14.40
N HIS C 2991 103.26 -95.24 15.68
CA HIS C 2991 101.91 -95.53 16.12
C HIS C 2991 101.10 -94.27 16.39
N GLU C 2992 101.40 -93.17 15.68
CA GLU C 2992 100.79 -91.87 15.95
C GLU C 2992 99.28 -91.89 15.72
N GLN C 2993 98.85 -92.51 14.61
CA GLN C 2993 97.42 -92.62 14.32
C GLN C 2993 96.71 -93.45 15.37
N GLU C 2994 97.33 -94.56 15.80
CA GLU C 2994 96.72 -95.41 16.82
C GLU C 2994 96.65 -94.69 18.16
N ILE C 2995 97.68 -93.91 18.50
CA ILE C 2995 97.69 -93.13 19.74
C ILE C 2995 96.56 -92.10 19.73
N LYS C 2996 96.43 -91.37 18.62
CA LYS C 2996 95.38 -90.36 18.50
C LYS C 2996 93.99 -90.97 18.51
N PHE C 2997 93.80 -92.08 17.77
CA PHE C 2997 92.50 -92.73 17.73
C PHE C 2997 92.11 -93.30 19.08
N PHE C 2998 93.05 -93.95 19.78
CA PHE C 2998 92.77 -94.49 21.11
C PHE C 2998 92.47 -93.40 22.12
N ALA C 2999 93.26 -92.32 22.09
CA ALA C 2999 93.15 -91.26 23.10
C ALA C 2999 91.92 -90.41 22.87
N LYS C 3000 91.55 -90.17 21.61
CA LYS C 3000 90.51 -89.24 21.30
C LYS C 3000 89.20 -89.91 20.93
N ILE C 3001 89.19 -91.24 20.81
CA ILE C 3001 87.96 -91.98 20.50
C ILE C 3001 87.62 -92.98 21.58
N LEU C 3002 88.55 -93.90 21.90
CA LEU C 3002 88.26 -94.98 22.83
C LEU C 3002 87.90 -94.48 24.22
N LEU C 3003 88.70 -93.57 24.78
CA LEU C 3003 88.40 -93.03 26.10
C LEU C 3003 87.07 -92.27 26.17
N PRO C 3004 86.74 -91.31 25.26
CA PRO C 3004 85.37 -90.75 25.31
C PRO C 3004 84.27 -91.76 25.04
N LEU C 3005 84.50 -92.75 24.17
CA LEU C 3005 83.47 -93.74 23.88
C LEU C 3005 83.18 -94.60 25.11
N ILE C 3006 84.23 -95.05 25.80
CA ILE C 3006 84.05 -95.80 27.04
C ILE C 3006 83.39 -94.91 28.10
N ASN C 3007 83.74 -93.62 28.09
CA ASN C 3007 83.19 -92.64 29.03
C ASN C 3007 81.68 -92.54 28.89
N GLN C 3008 81.20 -92.21 27.68
CA GLN C 3008 79.77 -91.98 27.50
C GLN C 3008 79.01 -93.29 27.50
N TYR C 3009 79.54 -94.31 26.80
CA TYR C 3009 78.84 -95.58 26.65
C TYR C 3009 78.66 -96.25 28.00
N PHE C 3010 79.72 -96.25 28.83
CA PHE C 3010 79.62 -96.87 30.13
C PHE C 3010 78.83 -96.01 31.10
N THR C 3011 78.86 -94.67 30.94
CA THR C 3011 78.05 -93.82 31.80
C THR C 3011 76.57 -94.09 31.60
N ASN C 3012 76.14 -94.20 30.34
CA ASN C 3012 74.74 -94.51 30.03
C ASN C 3012 74.39 -95.98 30.22
N HIS C 3013 75.37 -96.89 30.24
CA HIS C 3013 75.09 -98.32 30.32
C HIS C 3013 75.74 -98.98 31.53
N CYS C 3014 76.02 -98.20 32.58
CA CYS C 3014 76.58 -98.76 33.82
C CYS C 3014 75.63 -99.75 34.47
N LEU C 3015 74.33 -99.42 34.48
CA LEU C 3015 73.33 -100.28 35.11
C LEU C 3015 73.21 -101.63 34.41
N TYR C 3016 73.39 -101.65 33.08
CA TYR C 3016 73.27 -102.90 32.32
C TYR C 3016 74.35 -103.90 32.71
N PHE C 3017 75.59 -103.43 32.84
CA PHE C 3017 76.68 -104.32 33.24
C PHE C 3017 76.53 -104.77 34.69
N LEU C 3018 75.97 -103.92 35.54
CA LEU C 3018 75.67 -104.33 36.90
C LEU C 3018 74.41 -105.17 36.99
N SER C 3019 73.58 -105.18 35.96
CA SER C 3019 72.33 -105.93 35.98
C SER C 3019 72.61 -107.43 35.93
N THR C 3020 71.88 -108.18 36.74
CA THR C 3020 71.92 -109.62 36.83
C THR C 3020 70.48 -110.14 36.76
N PRO C 3021 70.26 -111.36 36.26
CA PRO C 3021 68.89 -111.88 36.20
C PRO C 3021 68.18 -111.96 37.55
N ALA C 3022 68.93 -112.18 38.64
CA ALA C 3022 68.32 -112.24 39.96
C ALA C 3022 67.94 -110.87 40.50
N LYS C 3023 68.48 -109.78 39.95
CA LYS C 3023 68.21 -108.44 40.46
C LYS C 3023 68.49 -107.46 39.33
N VAL C 3024 67.44 -106.82 38.81
CA VAL C 3024 67.56 -105.92 37.68
C VAL C 3024 67.64 -104.48 38.17
N LEU C 3025 68.42 -103.68 37.47
CA LEU C 3025 68.54 -102.24 37.75
C LEU C 3025 68.26 -101.39 36.53
N GLY C 3026 68.68 -101.83 35.34
CA GLY C 3026 68.49 -101.06 34.13
C GLY C 3026 67.07 -101.17 33.58
N SER C 3027 66.85 -100.46 32.47
CA SER C 3027 65.54 -100.45 31.83
C SER C 3027 65.16 -101.84 31.31
N GLY C 3028 66.11 -102.54 30.69
CA GLY C 3028 65.86 -103.88 30.20
C GLY C 3028 67.12 -104.61 29.81
N GLY C 3029 67.15 -105.92 30.05
CA GLY C 3029 68.31 -106.71 29.71
C GLY C 3029 69.45 -106.64 30.71
N HIS C 3030 70.09 -107.77 30.95
CA HIS C 3030 71.22 -107.85 31.87
C HIS C 3030 72.43 -108.39 31.14
N ALA C 3031 73.61 -107.93 31.56
CA ALA C 3031 74.86 -108.32 30.93
C ALA C 3031 75.12 -109.80 31.10
N SER C 3032 75.69 -110.42 30.06
CA SER C 3032 76.00 -111.83 30.17
C SER C 3032 77.24 -112.04 31.04
N ASN C 3033 77.51 -113.32 31.33
CA ASN C 3033 78.68 -113.68 32.10
C ASN C 3033 79.96 -113.31 31.36
N LYS C 3034 79.96 -113.54 30.04
CA LYS C 3034 81.14 -113.24 29.22
C LYS C 3034 81.41 -111.74 29.23
N GLU C 3035 80.36 -110.92 29.13
CA GLU C 3035 80.54 -109.48 29.11
C GLU C 3035 81.08 -109.00 30.45
N LYS C 3036 80.55 -109.53 31.56
CA LYS C 3036 81.03 -109.11 32.89
C LYS C 3036 82.49 -109.51 33.10
N GLU C 3037 82.91 -110.64 32.50
CA GLU C 3037 84.31 -111.03 32.61
C GLU C 3037 85.17 -110.14 31.73
N MET C 3038 84.71 -109.83 30.52
CA MET C 3038 85.51 -109.01 29.62
C MET C 3038 85.69 -107.59 30.17
N ILE C 3039 84.64 -106.99 30.74
CA ILE C 3039 84.80 -105.67 31.34
C ILE C 3039 85.75 -105.72 32.54
N THR C 3040 85.70 -106.80 33.34
CA THR C 3040 86.65 -106.94 34.44
C THR C 3040 88.09 -107.08 33.95
N SER C 3041 88.30 -107.92 32.93
CA SER C 3041 89.63 -108.10 32.34
C SER C 3041 90.13 -106.82 31.71
N LEU C 3042 89.25 -106.10 31.01
CA LEU C 3042 89.60 -104.81 30.42
C LEU C 3042 89.98 -103.80 31.49
N PHE C 3043 89.25 -103.77 32.61
CA PHE C 3043 89.58 -102.87 33.71
C PHE C 3043 90.97 -103.17 34.27
N CYS C 3044 91.29 -104.45 34.44
CA CYS C 3044 92.64 -104.83 34.87
C CYS C 3044 93.69 -104.43 33.84
N LYS C 3045 93.38 -104.63 32.55
CA LYS C 3045 94.30 -104.29 31.48
C LYS C 3045 94.57 -102.79 31.44
N LEU C 3046 93.53 -101.98 31.62
CA LEU C 3046 93.71 -100.53 31.71
C LEU C 3046 94.54 -100.15 32.93
N ALA C 3047 94.32 -100.82 34.06
CA ALA C 3047 95.09 -100.53 35.27
C ALA C 3047 96.58 -100.80 35.07
N ALA C 3048 96.91 -101.91 34.41
CA ALA C 3048 98.31 -102.16 34.08
C ALA C 3048 98.80 -101.27 32.95
N LEU C 3049 97.88 -100.80 32.10
CA LEU C 3049 98.24 -99.87 31.04
C LEU C 3049 98.68 -98.53 31.63
N VAL C 3050 98.00 -98.09 32.69
CA VAL C 3050 98.27 -96.76 33.24
C VAL C 3050 99.33 -96.83 34.33
N ARG C 3051 99.66 -98.03 34.85
CA ARG C 3051 100.65 -98.16 35.91
C ARG C 3051 102.00 -97.60 35.50
N HIS C 3052 102.48 -96.58 36.22
CA HIS C 3052 103.72 -95.84 35.99
C HIS C 3052 103.76 -95.11 34.64
N ARG C 3053 102.63 -94.99 33.95
CA ARG C 3053 102.54 -94.32 32.65
C ARG C 3053 101.60 -93.13 32.68
N VAL C 3054 101.41 -92.52 33.86
CA VAL C 3054 100.51 -91.39 34.01
C VAL C 3054 101.06 -90.13 33.32
N SER C 3055 102.34 -89.84 33.48
CA SER C 3055 102.89 -88.64 32.86
C SER C 3055 103.19 -88.82 31.38
N LEU C 3056 103.29 -90.06 30.91
CA LEU C 3056 103.55 -90.29 29.49
C LEU C 3056 102.37 -89.88 28.63
N PHE C 3057 101.15 -90.14 29.09
CA PHE C 3057 99.96 -89.82 28.31
C PHE C 3057 99.59 -88.34 28.38
N GLY C 3058 100.11 -87.60 29.36
CA GLY C 3058 99.85 -86.17 29.46
C GLY C 3058 98.40 -85.79 29.69
N THR C 3059 97.78 -85.20 28.66
CA THR C 3059 96.40 -84.75 28.71
C THR C 3059 95.40 -85.88 28.52
N ASP C 3060 95.83 -87.05 28.07
CA ASP C 3060 94.95 -88.19 27.93
C ASP C 3060 94.75 -88.95 29.23
N ALA C 3061 95.64 -88.72 30.21
CA ALA C 3061 95.49 -89.36 31.52
C ALA C 3061 94.20 -89.01 32.26
N PRO C 3062 93.72 -87.74 32.34
CA PRO C 3062 92.41 -87.52 32.99
C PRO C 3062 91.26 -88.30 32.35
N ALA C 3063 91.30 -88.48 31.03
CA ALA C 3063 90.34 -89.36 30.36
C ALA C 3063 90.52 -90.80 30.80
N VAL C 3064 91.76 -91.24 30.96
CA VAL C 3064 92.02 -92.62 31.39
C VAL C 3064 91.48 -92.84 32.80
N VAL C 3065 91.77 -91.92 33.73
CA VAL C 3065 91.33 -92.08 35.11
C VAL C 3065 89.81 -91.99 35.21
N ASN C 3066 89.16 -91.21 34.33
CA ASN C 3066 87.69 -91.19 34.32
C ASN C 3066 87.11 -92.50 33.81
N CYS C 3067 87.77 -93.12 32.81
CA CYS C 3067 87.36 -94.46 32.38
C CYS C 3067 87.54 -95.47 33.50
N LEU C 3068 88.63 -95.35 34.26
CA LEU C 3068 88.87 -96.26 35.38
C LEU C 3068 87.82 -96.10 36.46
N HIS C 3069 87.40 -94.85 36.74
CA HIS C 3069 86.38 -94.59 37.75
C HIS C 3069 85.04 -95.19 37.34
N ILE C 3070 84.67 -94.98 36.07
CA ILE C 3070 83.39 -95.50 35.59
C ILE C 3070 83.40 -97.03 35.55
N LEU C 3071 84.53 -97.63 35.13
CA LEU C 3071 84.66 -99.09 35.16
C LEU C 3071 84.55 -99.65 36.57
N ALA C 3072 85.16 -98.95 37.54
CA ALA C 3072 85.06 -99.34 38.94
C ALA C 3072 83.61 -99.29 39.42
N ARG C 3073 82.88 -98.25 39.03
CA ARG C 3073 81.48 -98.17 39.40
C ARG C 3073 80.59 -99.09 38.56
N SER C 3074 81.13 -99.69 37.50
CA SER C 3074 80.38 -100.62 36.66
C SER C 3074 80.99 -102.02 36.66
N LEU C 3075 81.61 -102.42 37.76
CA LEU C 3075 82.27 -103.73 37.86
C LEU C 3075 81.33 -104.69 38.58
N ASP C 3076 80.95 -105.77 37.89
CA ASP C 3076 80.21 -106.88 38.50
C ASP C 3076 81.18 -108.00 38.92
N ALA C 3077 82.11 -107.59 39.78
CA ALA C 3077 83.17 -108.48 40.24
C ALA C 3077 82.62 -109.63 41.08
N ARG C 3078 81.46 -109.48 41.72
CA ARG C 3078 80.86 -110.59 42.45
C ARG C 3078 80.51 -111.74 41.52
N THR C 3079 79.91 -111.41 40.36
CA THR C 3079 79.59 -112.41 39.35
C THR C 3079 80.84 -113.01 38.76
N VAL C 3080 81.88 -112.19 38.56
CA VAL C 3080 83.11 -112.70 37.98
C VAL C 3080 83.81 -113.64 38.96
N MET C 3081 83.85 -113.26 40.24
CA MET C 3081 84.52 -114.08 41.25
C MET C 3081 83.79 -115.41 41.46
N LYS C 3082 82.44 -115.38 41.50
CA LYS C 3082 81.68 -116.62 41.62
C LYS C 3082 81.88 -117.52 40.40
N SER C 3083 81.86 -116.94 39.20
CA SER C 3083 82.04 -117.73 37.99
C SER C 3083 82.72 -116.86 36.95
N GLY C 3084 83.96 -117.21 36.59
CA GLY C 3084 84.71 -116.47 35.62
C GLY C 3084 86.02 -117.16 35.27
N PRO C 3085 86.82 -116.53 34.43
CA PRO C 3085 88.12 -117.09 34.06
C PRO C 3085 89.16 -116.91 35.15
N GLU C 3086 89.97 -117.95 35.32
CA GLU C 3086 91.04 -117.91 36.30
C GLU C 3086 92.06 -116.84 35.94
N ILE C 3087 92.31 -116.66 34.64
CA ILE C 3087 93.23 -115.62 34.18
C ILE C 3087 92.74 -114.22 34.56
N VAL C 3088 91.44 -113.97 34.39
CA VAL C 3088 90.85 -112.67 34.74
C VAL C 3088 90.88 -112.45 36.24
N LYS C 3089 90.52 -113.48 37.01
CA LYS C 3089 90.51 -113.37 38.48
C LYS C 3089 91.92 -113.17 39.02
N ALA C 3090 92.88 -113.96 38.52
CA ALA C 3090 94.27 -113.81 38.94
C ALA C 3090 94.83 -112.46 38.54
N GLY C 3091 94.48 -111.97 37.34
CA GLY C 3091 94.88 -110.62 36.95
C GLY C 3091 94.34 -109.55 37.87
N LEU C 3092 93.09 -109.70 38.31
CA LEU C 3092 92.52 -108.81 39.32
C LEU C 3092 93.28 -108.88 40.64
N ARG C 3093 93.61 -110.10 41.09
CA ARG C 3093 94.36 -110.24 42.34
C ARG C 3093 95.77 -109.66 42.20
N SER C 3094 96.41 -109.87 41.05
CA SER C 3094 97.72 -109.28 40.80
C SER C 3094 97.66 -107.76 40.82
N PHE C 3095 96.54 -107.21 40.34
CA PHE C 3095 96.32 -105.77 40.45
C PHE C 3095 96.21 -105.35 41.92
N PHE C 3096 95.55 -106.17 42.74
CA PHE C 3096 95.47 -105.87 44.18
C PHE C 3096 96.85 -105.88 44.83
N GLU C 3097 97.69 -106.85 44.45
CA GLU C 3097 99.07 -106.87 44.94
C GLU C 3097 99.85 -105.67 44.44
N SER C 3098 99.67 -105.30 43.18
CA SER C 3098 100.39 -104.17 42.59
C SER C 3098 100.02 -102.88 43.29
N ALA C 3099 98.73 -102.70 43.59
CA ALA C 3099 98.25 -101.54 44.34
C ALA C 3099 98.85 -101.54 45.75
N SER C 3100 98.93 -102.71 46.38
CA SER C 3100 99.53 -102.81 47.71
C SER C 3100 101.02 -102.44 47.68
N GLU C 3101 101.73 -102.90 46.65
CA GLU C 3101 103.16 -102.56 46.50
C GLU C 3101 103.34 -101.05 46.29
N ASP C 3102 102.49 -100.44 45.46
CA ASP C 3102 102.59 -99.01 45.22
C ASP C 3102 102.29 -98.20 46.47
N ILE C 3103 101.24 -98.58 47.21
CA ILE C 3103 100.89 -97.81 48.39
C ILE C 3103 101.93 -98.05 49.49
N GLU C 3104 102.54 -99.24 49.57
CA GLU C 3104 103.60 -99.46 50.54
C GLU C 3104 104.87 -98.69 50.16
N LYS C 3105 105.08 -98.47 48.86
CA LYS C 3105 106.14 -97.57 48.45
C LYS C 3105 105.81 -96.14 48.86
N MET C 3106 104.53 -95.76 48.81
CA MET C 3106 104.15 -94.42 49.23
C MET C 3106 104.40 -94.24 50.73
N VAL C 3107 104.06 -95.25 51.54
CA VAL C 3107 104.20 -95.13 52.99
C VAL C 3107 105.69 -95.09 53.39
N GLU C 3108 106.55 -95.85 52.69
CA GLU C 3108 107.97 -95.75 53.03
C GLU C 3108 108.60 -94.47 52.50
N ASN C 3109 108.11 -93.94 51.37
CA ASN C 3109 108.53 -92.60 50.95
C ASN C 3109 108.08 -91.53 51.93
N LEU C 3110 106.86 -91.62 52.44
CA LEU C 3110 106.34 -90.73 53.46
C LEU C 3110 106.99 -90.94 54.83
N ARG C 3111 107.70 -92.05 55.02
CA ARG C 3111 108.49 -92.30 56.23
C ARG C 3111 109.83 -91.55 56.25
N LEU C 3112 109.99 -90.55 55.36
CA LEU C 3112 111.23 -89.81 55.09
C LEU C 3112 112.33 -90.71 54.53
N GLY C 3113 111.96 -91.88 53.98
CA GLY C 3113 112.92 -92.71 53.28
C GLY C 3113 113.48 -92.02 52.05
N LYS C 3114 112.63 -91.33 51.30
CA LYS C 3114 113.07 -90.48 50.21
C LYS C 3114 112.23 -89.21 50.22
N VAL C 3115 112.86 -88.09 49.82
CA VAL C 3115 112.20 -86.79 49.81
C VAL C 3115 111.02 -86.76 48.85
N SER C 3116 111.07 -87.58 47.79
CA SER C 3116 110.04 -87.75 46.76
C SER C 3116 109.72 -86.45 46.03
N LYS C 3123 113.08 -90.17 39.35
CA LYS C 3123 113.26 -91.61 39.17
C LYS C 3123 111.94 -92.33 39.33
N GLY C 3124 112.00 -93.62 39.73
CA GLY C 3124 110.80 -94.41 39.88
C GLY C 3124 109.95 -94.01 41.06
N VAL C 3125 110.55 -93.37 42.08
CA VAL C 3125 109.80 -92.91 43.24
C VAL C 3125 108.81 -91.82 42.85
N GLY C 3126 109.27 -90.87 42.03
CA GLY C 3126 108.41 -89.77 41.60
C GLY C 3126 107.25 -90.26 40.76
N GLN C 3127 107.54 -91.17 39.82
CA GLN C 3127 106.51 -91.75 38.96
C GLN C 3127 105.50 -92.56 39.76
N ASN C 3128 105.95 -93.36 40.73
CA ASN C 3128 105.03 -94.09 41.59
C ASN C 3128 104.17 -93.15 42.42
N LEU C 3129 104.77 -92.07 42.94
CA LEU C 3129 104.02 -91.09 43.74
C LEU C 3129 102.92 -90.44 42.91
N THR C 3130 103.28 -89.91 41.73
CA THR C 3130 102.27 -89.25 40.91
C THR C 3130 101.31 -90.25 40.28
N TYR C 3131 101.71 -91.51 40.15
CA TYR C 3131 100.79 -92.51 39.63
C TYR C 3131 99.72 -92.82 40.65
N THR C 3132 100.14 -93.07 41.90
CA THR C 3132 99.17 -93.49 42.88
C THR C 3132 98.28 -92.35 43.35
N THR C 3133 98.86 -91.16 43.64
CA THR C 3133 98.11 -90.06 44.24
C THR C 3133 97.11 -89.44 43.29
N VAL C 3134 97.25 -89.71 42.00
CA VAL C 3134 96.40 -89.14 40.96
C VAL C 3134 95.42 -90.19 40.46
N ALA C 3135 95.90 -91.38 40.12
CA ALA C 3135 95.06 -92.38 39.52
C ALA C 3135 94.70 -93.51 40.48
N LEU C 3136 95.70 -94.18 41.07
CA LEU C 3136 95.44 -95.44 41.79
C LEU C 3136 94.56 -95.25 43.01
N LEU C 3137 94.92 -94.32 43.90
CA LEU C 3137 94.18 -94.12 45.14
C LEU C 3137 92.72 -93.66 44.93
N PRO C 3138 92.41 -92.61 44.14
CA PRO C 3138 90.97 -92.30 43.92
C PRO C 3138 90.19 -93.41 43.24
N VAL C 3139 90.80 -94.13 42.30
CA VAL C 3139 90.12 -95.26 41.66
C VAL C 3139 89.90 -96.40 42.65
N LEU C 3140 90.90 -96.68 43.49
CA LEU C 3140 90.74 -97.67 44.55
C LEU C 3140 89.63 -97.29 45.53
N THR C 3141 89.55 -96.01 45.88
CA THR C 3141 88.43 -95.50 46.68
C THR C 3141 87.10 -95.67 45.96
N THR C 3142 87.08 -95.42 44.65
CA THR C 3142 85.87 -95.59 43.85
C THR C 3142 85.42 -97.06 43.83
N LEU C 3143 86.39 -97.97 43.67
CA LEU C 3143 86.10 -99.40 43.67
C LEU C 3143 85.60 -99.84 45.04
N PHE C 3144 86.20 -99.31 46.12
CA PHE C 3144 85.75 -99.62 47.46
C PHE C 3144 84.33 -99.14 47.70
N GLN C 3145 83.99 -97.93 47.25
CA GLN C 3145 82.62 -97.44 47.36
C GLN C 3145 81.64 -98.31 46.58
N HIS C 3146 82.02 -98.71 45.37
CA HIS C 3146 81.19 -99.61 44.57
C HIS C 3146 80.98 -100.96 45.23
N ILE C 3147 82.05 -101.50 45.82
CA ILE C 3147 81.99 -102.81 46.47
C ILE C 3147 81.18 -102.71 47.76
N ALA C 3148 81.41 -101.68 48.56
CA ALA C 3148 80.73 -101.52 49.84
C ALA C 3148 79.23 -101.31 49.63
N GLN C 3149 78.86 -100.45 48.67
CA GLN C 3149 77.45 -100.22 48.36
C GLN C 3149 76.79 -101.47 47.79
N HIS C 3150 77.48 -102.20 46.91
CA HIS C 3150 76.92 -103.39 46.30
C HIS C 3150 77.08 -104.65 47.14
N GLN C 3151 77.71 -104.53 48.32
CA GLN C 3151 78.00 -105.64 49.24
C GLN C 3151 78.82 -106.73 48.56
N PHE C 3152 79.76 -106.30 47.72
CA PHE C 3152 80.63 -107.18 46.95
C PHE C 3152 81.81 -107.72 47.74
N GLY C 3153 82.09 -107.18 48.93
CA GLY C 3153 83.23 -107.62 49.71
C GLY C 3153 83.15 -109.05 50.17
N ASP C 3154 81.94 -109.51 50.50
CA ASP C 3154 81.71 -110.88 50.94
C ASP C 3154 81.95 -111.92 49.85
N ASP C 3155 82.05 -111.52 48.57
CA ASP C 3155 82.20 -112.47 47.48
C ASP C 3155 83.46 -112.26 46.64
N VAL C 3156 84.15 -111.12 46.78
CA VAL C 3156 85.36 -110.84 46.03
C VAL C 3156 86.60 -110.85 46.90
N ILE C 3157 86.51 -110.27 48.09
CA ILE C 3157 87.64 -110.26 49.04
C ILE C 3157 87.56 -111.55 49.83
N LEU C 3158 88.07 -112.62 49.23
CA LEU C 3158 87.92 -113.96 49.81
C LEU C 3158 89.23 -114.63 50.17
N ASP C 3159 90.20 -114.71 49.26
CA ASP C 3159 91.36 -115.57 49.46
C ASP C 3159 92.65 -114.79 49.68
N ASP C 3160 93.05 -113.93 48.74
CA ASP C 3160 94.30 -113.19 48.85
C ASP C 3160 94.10 -111.68 48.87
N VAL C 3161 92.93 -111.21 48.45
CA VAL C 3161 92.60 -109.80 48.55
C VAL C 3161 92.53 -109.38 50.01
N GLN C 3162 92.08 -110.29 50.90
CA GLN C 3162 92.11 -110.05 52.34
C GLN C 3162 93.53 -109.81 52.85
N VAL C 3163 94.48 -110.61 52.37
CA VAL C 3163 95.90 -110.42 52.67
C VAL C 3163 96.40 -109.08 52.15
N SER C 3164 96.01 -108.72 50.92
CA SER C 3164 96.37 -107.42 50.35
C SER C 3164 95.81 -106.28 51.20
N CYS C 3165 94.58 -106.47 51.68
CA CYS C 3165 93.95 -105.51 52.57
C CYS C 3165 94.75 -105.34 53.85
N TYR C 3166 95.13 -106.46 54.48
CA TYR C 3166 95.88 -106.40 55.75
C TYR C 3166 97.23 -105.70 55.57
N ARG C 3167 97.92 -106.01 54.47
CA ARG C 3167 99.19 -105.35 54.14
C ARG C 3167 99.00 -103.85 53.99
N THR C 3168 97.94 -103.46 53.28
CA THR C 3168 97.64 -102.04 53.11
C THR C 3168 97.28 -101.41 54.45
N LEU C 3169 96.53 -102.13 55.31
CA LEU C 3169 96.09 -101.60 56.59
C LEU C 3169 97.28 -101.24 57.47
N CYS C 3170 98.24 -102.17 57.54
CA CYS C 3170 99.44 -101.95 58.34
C CYS C 3170 100.25 -100.79 57.79
N SER C 3171 100.39 -100.72 56.46
CA SER C 3171 101.24 -99.70 55.87
C SER C 3171 100.66 -98.31 56.07
N ILE C 3172 99.36 -98.13 55.81
CA ILE C 3172 98.82 -96.79 55.87
C ILE C 3172 98.60 -96.34 57.31
N TYR C 3173 98.28 -97.27 58.24
CA TYR C 3173 98.19 -96.85 59.62
C TYR C 3173 99.56 -96.65 60.25
N SER C 3174 100.64 -97.08 59.60
CA SER C 3174 101.98 -96.87 60.14
C SER C 3174 102.39 -95.39 60.17
N LEU C 3175 101.62 -94.50 59.52
CA LEU C 3175 101.85 -93.07 59.44
C LEU C 3175 101.32 -92.32 60.66
N GLY C 3176 100.82 -93.03 61.68
CA GLY C 3176 100.26 -92.36 62.86
C GLY C 3176 101.29 -91.53 63.61
N THR C 3177 102.49 -92.07 63.79
CA THR C 3177 103.56 -91.37 64.48
C THR C 3177 104.45 -90.58 63.53
N THR C 3178 104.12 -90.52 62.24
CA THR C 3178 104.94 -89.88 61.23
C THR C 3178 104.30 -88.54 60.85
N LYS C 3179 105.09 -87.46 60.90
CA LYS C 3179 104.60 -86.11 60.65
C LYS C 3179 105.49 -85.44 59.59
N ASN C 3180 105.00 -85.39 58.36
CA ASN C 3180 105.68 -84.72 57.25
C ASN C 3180 104.66 -83.94 56.45
N THR C 3181 105.17 -83.01 55.63
CA THR C 3181 104.33 -82.22 54.74
C THR C 3181 103.61 -83.10 53.71
N TYR C 3182 104.33 -84.08 53.16
CA TYR C 3182 103.70 -85.02 52.22
C TYR C 3182 102.62 -85.84 52.92
N VAL C 3183 102.85 -86.19 54.19
CA VAL C 3183 101.85 -86.88 54.98
C VAL C 3183 100.63 -86.00 55.16
N GLU C 3184 100.85 -84.71 55.46
CA GLU C 3184 99.74 -83.79 55.71
C GLU C 3184 98.91 -83.61 54.45
N LYS C 3185 99.57 -83.42 53.30
CA LYS C 3185 98.85 -83.24 52.05
C LYS C 3185 98.16 -84.52 51.59
N LEU C 3186 98.52 -85.68 52.15
CA LEU C 3186 97.88 -86.92 51.75
C LEU C 3186 96.93 -87.50 52.79
N ARG C 3187 96.81 -86.88 53.98
CA ARG C 3187 95.93 -87.38 55.04
C ARG C 3187 94.46 -87.55 54.64
N PRO C 3188 93.77 -86.59 53.98
CA PRO C 3188 92.37 -86.85 53.63
C PRO C 3188 92.19 -87.95 52.62
N ALA C 3189 93.07 -88.03 51.61
CA ALA C 3189 92.91 -89.02 50.54
C ALA C 3189 93.07 -90.42 51.09
N LEU C 3190 94.09 -90.64 51.92
CA LEU C 3190 94.30 -91.97 52.49
C LEU C 3190 93.21 -92.29 53.50
N GLY C 3191 92.75 -91.27 54.25
CA GLY C 3191 91.72 -91.50 55.24
C GLY C 3191 90.41 -91.93 54.60
N GLU C 3192 89.99 -91.23 53.54
CA GLU C 3192 88.76 -91.61 52.86
C GLU C 3192 88.92 -92.96 52.15
N CYS C 3193 90.12 -93.25 51.61
CA CYS C 3193 90.38 -94.53 50.96
C CYS C 3193 90.26 -95.69 51.94
N LEU C 3194 90.82 -95.54 53.14
CA LEU C 3194 90.69 -96.58 54.15
C LEU C 3194 89.28 -96.65 54.73
N ALA C 3195 88.60 -95.51 54.88
CA ALA C 3195 87.21 -95.52 55.32
C ALA C 3195 86.31 -96.27 54.35
N ARG C 3196 86.51 -96.06 53.04
CA ARG C 3196 85.82 -96.87 52.04
C ARG C 3196 86.27 -98.32 52.07
N LEU C 3197 87.55 -98.57 52.41
CA LEU C 3197 88.05 -99.94 52.53
C LEU C 3197 87.38 -100.68 53.67
N ALA C 3198 87.17 -100.00 54.81
CA ALA C 3198 86.59 -100.65 55.98
C ALA C 3198 85.18 -101.15 55.70
N ALA C 3199 84.39 -100.34 55.01
CA ALA C 3199 83.06 -100.77 54.60
C ALA C 3199 83.10 -101.82 53.50
N ALA C 3200 84.09 -101.76 52.61
CA ALA C 3200 84.16 -102.73 51.52
C ALA C 3200 84.81 -104.05 51.92
N MET C 3201 85.50 -104.10 53.04
CA MET C 3201 86.28 -105.21 53.55
C MET C 3201 85.45 -106.09 54.49
N PRO C 3202 85.40 -107.39 54.25
CA PRO C 3202 84.37 -108.26 54.86
C PRO C 3202 84.78 -108.95 56.16
N VAL C 3203 85.90 -108.61 56.78
CA VAL C 3203 86.31 -109.27 58.02
C VAL C 3203 86.41 -108.24 59.14
N ALA C 3204 86.34 -108.75 60.36
CA ALA C 3204 86.43 -107.91 61.55
C ALA C 3204 87.90 -107.78 61.93
N PHE C 3205 88.45 -106.57 61.80
CA PHE C 3205 89.85 -106.34 62.14
C PHE C 3205 90.03 -105.69 63.50
N LEU C 3206 89.08 -104.85 63.92
CA LEU C 3206 89.16 -104.21 65.23
C LEU C 3206 89.00 -105.19 66.38
N GLU C 3207 88.35 -106.33 66.14
CA GLU C 3207 88.16 -107.37 67.16
C GLU C 3207 88.57 -108.72 66.60
N PRO C 3208 89.87 -108.99 66.47
CA PRO C 3208 90.32 -110.28 65.93
C PRO C 3208 89.97 -111.49 66.80
N GLN C 3209 89.68 -111.29 68.09
CA GLN C 3209 89.38 -112.41 68.98
C GLN C 3209 88.07 -113.12 68.64
N LEU C 3210 87.20 -112.49 67.84
CA LEU C 3210 85.95 -113.10 67.39
C LEU C 3210 86.00 -113.49 65.92
N ASN C 3211 87.20 -113.58 65.33
CA ASN C 3211 87.34 -113.94 63.92
C ASN C 3211 86.84 -115.36 63.62
N GLU C 3212 86.89 -116.25 64.62
CA GLU C 3212 86.35 -117.60 64.46
C GLU C 3212 84.84 -117.60 64.25
N TYR C 3213 84.15 -116.54 64.67
CA TYR C 3213 82.71 -116.40 64.45
C TYR C 3213 82.40 -115.79 63.09
N ASN C 3214 83.42 -115.35 62.36
CA ASN C 3214 83.27 -114.82 61.01
C ASN C 3214 83.56 -115.95 60.04
N ALA C 3215 82.53 -116.40 59.33
CA ALA C 3215 82.70 -117.48 58.35
C ALA C 3215 83.57 -117.03 57.17
N CYS C 3216 83.38 -115.80 56.71
CA CYS C 3216 84.12 -115.30 55.54
C CYS C 3216 85.47 -114.73 55.98
N SER C 3217 86.30 -115.61 56.51
CA SER C 3217 87.66 -115.28 56.95
C SER C 3217 88.61 -116.34 56.39
N VAL C 3218 89.83 -115.91 56.06
CA VAL C 3218 90.84 -116.81 55.50
C VAL C 3218 91.23 -117.89 56.51
N TYR C 3219 91.26 -117.55 57.80
CA TYR C 3219 91.59 -118.50 58.86
C TYR C 3219 90.57 -119.61 59.03
N THR C 3220 89.34 -119.43 58.57
CA THR C 3220 88.32 -120.47 58.67
C THR C 3220 88.02 -121.13 57.33
N THR C 3221 87.97 -120.34 56.25
CA THR C 3221 87.76 -120.88 54.92
C THR C 3221 88.95 -121.74 54.48
N LYS C 3222 90.18 -121.29 54.78
CA LYS C 3222 91.37 -122.00 54.34
C LYS C 3222 91.81 -123.02 55.39
N SER C 3223 92.29 -124.16 54.89
CA SER C 3223 92.75 -125.26 55.71
C SER C 3223 94.03 -124.88 56.48
N PRO C 3224 94.31 -125.55 57.62
CA PRO C 3224 95.48 -125.15 58.42
C PRO C 3224 96.83 -125.30 57.73
N ARG C 3225 97.00 -126.25 56.81
CA ARG C 3225 98.34 -126.52 56.28
C ARG C 3225 98.82 -125.47 55.28
N GLU C 3226 97.94 -124.60 54.78
CA GLU C 3226 98.37 -123.43 54.05
C GLU C 3226 98.50 -122.28 55.05
N ARG C 3227 98.61 -121.04 54.54
CA ARG C 3227 98.82 -119.77 55.27
C ARG C 3227 100.21 -119.66 55.88
N ALA C 3228 101.06 -120.68 55.77
CA ALA C 3228 102.44 -120.63 56.19
C ALA C 3228 103.42 -120.59 55.03
N ILE C 3229 103.07 -121.21 53.89
CA ILE C 3229 103.87 -121.10 52.69
C ILE C 3229 103.90 -119.65 52.19
N LEU C 3230 102.80 -118.94 52.34
CA LEU C 3230 102.75 -117.51 52.04
C LEU C 3230 102.89 -116.73 53.34
N GLY C 3231 103.52 -115.57 53.26
CA GLY C 3231 103.84 -114.75 54.43
C GLY C 3231 102.65 -114.34 55.26
N LEU C 3232 102.52 -114.94 56.45
CA LEU C 3232 101.44 -114.66 57.37
C LEU C 3232 101.86 -115.17 58.73
N PRO C 3233 101.59 -114.44 59.83
CA PRO C 3233 102.05 -114.88 61.15
C PRO C 3233 101.28 -116.05 61.75
N ASN C 3234 100.33 -116.66 61.01
CA ASN C 3234 99.54 -117.82 61.40
C ASN C 3234 98.66 -117.55 62.63
N SER C 3235 98.37 -116.28 62.91
CA SER C 3235 97.49 -115.90 64.00
C SER C 3235 96.80 -114.60 63.60
N VAL C 3236 95.46 -114.61 63.63
CA VAL C 3236 94.67 -113.48 63.16
C VAL C 3236 94.92 -112.23 63.99
N GLU C 3237 95.28 -112.40 65.27
CA GLU C 3237 95.58 -111.26 66.14
C GLU C 3237 96.89 -110.58 65.79
N GLU C 3238 97.71 -111.17 64.91
CA GLU C 3238 99.01 -110.62 64.54
C GLU C 3238 99.04 -110.05 63.13
N MET C 3239 97.88 -109.75 62.54
CA MET C 3239 97.81 -109.12 61.22
C MET C 3239 98.45 -107.75 61.23
N CYS C 3240 97.87 -106.81 61.97
CA CYS C 3240 98.39 -105.45 62.08
C CYS C 3240 98.44 -105.09 63.56
N PRO C 3241 99.57 -105.36 64.23
CA PRO C 3241 99.71 -104.93 65.63
C PRO C 3241 99.68 -103.41 65.80
N ASP C 3242 99.93 -102.67 64.73
CA ASP C 3242 99.83 -101.21 64.75
C ASP C 3242 98.41 -100.78 65.08
N ILE C 3243 97.43 -101.45 64.47
CA ILE C 3243 96.01 -101.16 64.66
C ILE C 3243 95.59 -101.54 66.07
N PRO C 3244 95.13 -100.58 66.88
CA PRO C 3244 94.60 -100.93 68.20
C PRO C 3244 93.28 -101.67 68.09
N VAL C 3245 92.98 -102.48 69.10
CA VAL C 3245 91.68 -103.17 69.16
C VAL C 3245 90.57 -102.15 69.36
N LEU C 3246 89.33 -102.60 69.12
CA LEU C 3246 88.17 -101.69 69.22
C LEU C 3246 88.00 -101.12 70.63
N ASP C 3247 88.20 -101.97 71.66
CA ASP C 3247 88.11 -101.52 73.05
C ASP C 3247 89.18 -100.49 73.39
N ARG C 3248 90.42 -100.71 72.92
CA ARG C 3248 91.45 -99.71 73.18
C ARG C 3248 91.22 -98.46 72.36
N LEU C 3249 90.67 -98.60 71.14
CA LEU C 3249 90.43 -97.46 70.28
C LEU C 3249 89.39 -96.54 70.89
N MET C 3250 88.29 -97.12 71.42
CA MET C 3250 87.28 -96.28 72.04
C MET C 3250 87.79 -95.69 73.35
N ALA C 3251 88.65 -96.42 74.08
CA ALA C 3251 89.27 -95.84 75.27
C ALA C 3251 90.16 -94.64 74.93
N ASP C 3252 90.93 -94.75 73.84
CA ASP C 3252 91.77 -93.66 73.35
C ASP C 3252 90.94 -92.43 72.97
N ILE C 3253 89.92 -92.64 72.13
CA ILE C 3253 89.10 -91.51 71.69
C ILE C 3253 88.30 -90.95 72.85
N GLY C 3254 87.81 -91.80 73.76
CA GLY C 3254 87.11 -91.33 74.95
C GLY C 3254 87.95 -90.42 75.82
N GLY C 3255 89.22 -90.79 76.03
CA GLY C 3255 90.15 -89.88 76.72
C GLY C 3255 90.49 -88.64 75.93
N LEU C 3256 90.68 -88.78 74.61
CA LEU C 3256 91.03 -87.65 73.77
C LEU C 3256 89.91 -86.62 73.69
N ALA C 3257 88.66 -87.07 73.73
CA ALA C 3257 87.53 -86.16 73.63
C ALA C 3257 87.48 -85.25 74.86
N GLU C 3258 87.55 -85.85 76.06
CA GLU C 3258 87.51 -85.05 77.28
C GLU C 3258 88.79 -84.24 77.48
N SER C 3259 89.89 -84.60 76.78
CA SER C 3259 91.11 -83.82 76.93
C SER C 3259 90.95 -82.42 76.36
N GLY C 3260 90.12 -82.27 75.33
CA GLY C 3260 89.92 -80.98 74.68
C GLY C 3260 91.06 -80.54 73.79
N ALA C 3261 91.84 -81.47 73.25
CA ALA C 3261 92.97 -81.13 72.40
C ALA C 3261 92.49 -80.55 71.06
N ARG C 3262 93.22 -79.55 70.57
CA ARG C 3262 92.85 -78.88 69.34
C ARG C 3262 93.30 -79.69 68.12
N TYR C 3263 92.94 -79.20 66.92
CA TYR C 3263 93.23 -79.94 65.69
C TYR C 3263 94.72 -80.01 65.41
N THR C 3264 95.48 -78.97 65.78
CA THR C 3264 96.93 -78.99 65.59
C THR C 3264 97.56 -80.13 66.37
N GLU C 3265 97.13 -80.34 67.61
CA GLU C 3265 97.54 -81.50 68.40
C GLU C 3265 96.60 -82.69 68.19
N MET C 3266 95.81 -82.68 67.11
CA MET C 3266 95.01 -83.83 66.69
C MET C 3266 95.19 -84.16 65.21
N PRO C 3267 96.45 -84.23 64.67
CA PRO C 3267 96.59 -84.41 63.21
C PRO C 3267 96.17 -85.79 62.70
N HIS C 3268 96.69 -86.85 63.31
CA HIS C 3268 96.38 -88.22 62.93
C HIS C 3268 95.01 -88.68 63.41
N VAL C 3269 94.59 -88.23 64.59
CA VAL C 3269 93.33 -88.70 65.17
C VAL C 3269 92.13 -88.24 64.34
N ILE C 3270 92.12 -86.96 63.97
CA ILE C 3270 90.97 -86.39 63.27
C ILE C 3270 90.95 -86.85 61.82
N GLU C 3271 92.06 -86.65 61.12
CA GLU C 3271 92.10 -86.91 59.68
C GLU C 3271 92.12 -88.40 59.38
N ILE C 3272 92.51 -89.24 60.34
CA ILE C 3272 92.69 -90.65 60.04
C ILE C 3272 91.86 -91.57 60.94
N THR C 3273 91.98 -91.43 62.27
CA THR C 3273 91.44 -92.42 63.20
C THR C 3273 89.92 -92.51 63.17
N LEU C 3274 89.23 -91.37 63.16
CA LEU C 3274 87.76 -91.36 63.24
C LEU C 3274 87.05 -92.05 62.06
N PRO C 3275 87.43 -91.85 60.77
CA PRO C 3275 86.65 -92.49 59.69
C PRO C 3275 86.53 -94.01 59.76
N MET C 3276 87.55 -94.75 60.26
CA MET C 3276 87.42 -96.19 60.33
C MET C 3276 86.27 -96.58 61.26
N LEU C 3277 86.19 -95.92 62.42
CA LEU C 3277 85.07 -96.17 63.33
C LEU C 3277 83.74 -95.78 62.69
N CYS C 3278 83.73 -94.64 61.99
CA CYS C 3278 82.56 -94.18 61.25
C CYS C 3278 82.15 -95.10 60.11
N SER C 3279 83.03 -95.98 59.67
CA SER C 3279 82.75 -96.89 58.57
C SER C 3279 82.62 -98.34 59.00
N TYR C 3280 83.22 -98.71 60.13
CA TYR C 3280 83.18 -100.06 60.69
C TYR C 3280 81.94 -100.27 61.55
N LEU C 3281 81.58 -99.30 62.40
CA LEU C 3281 80.41 -99.48 63.27
C LEU C 3281 79.10 -99.71 62.49
N PRO C 3282 78.71 -98.90 61.47
CA PRO C 3282 77.48 -99.24 60.73
C PRO C 3282 77.56 -100.56 59.98
N ARG C 3283 78.73 -100.95 59.49
CA ARG C 3283 78.88 -102.17 58.70
C ARG C 3283 78.69 -103.42 59.55
N TRP C 3284 78.94 -103.35 60.85
CA TRP C 3284 78.91 -104.53 61.70
C TRP C 3284 77.91 -104.42 62.83
N TRP C 3285 77.22 -103.29 62.96
CA TRP C 3285 76.17 -103.15 63.97
C TRP C 3285 75.02 -104.10 63.69
N GLU C 3286 74.63 -104.24 62.43
CA GLU C 3286 73.55 -105.17 62.10
C GLU C 3286 74.04 -106.61 62.06
N ARG C 3287 75.35 -106.83 62.00
CA ARG C 3287 75.92 -108.17 62.02
C ARG C 3287 76.42 -108.57 63.40
N GLY C 3288 76.19 -107.75 64.42
CA GLY C 3288 76.67 -108.05 65.74
C GLY C 3288 75.60 -107.92 66.81
N PRO C 3289 75.97 -107.37 67.96
CA PRO C 3289 75.03 -107.25 69.07
C PRO C 3289 74.06 -106.10 68.86
N GLU C 3290 72.96 -106.16 69.60
CA GLU C 3290 71.86 -105.20 69.70
C GLU C 3290 71.05 -105.06 68.41
N ALA C 3291 71.41 -105.76 67.35
CA ALA C 3291 70.63 -105.75 66.12
C ALA C 3291 69.39 -106.60 66.30
N PRO C 3292 68.30 -106.28 65.60
CA PRO C 3292 67.12 -107.16 65.57
C PRO C 3292 67.26 -108.23 64.51
N PRO C 3293 67.87 -109.37 64.83
CA PRO C 3293 68.30 -110.31 63.78
C PRO C 3293 67.14 -111.10 63.18
N PRO C 3294 66.85 -110.93 61.87
CA PRO C 3294 65.83 -111.74 61.21
C PRO C 3294 66.39 -113.08 60.72
N ALA C 3295 67.09 -113.78 61.61
CA ALA C 3295 67.86 -114.96 61.25
C ALA C 3295 67.39 -116.18 62.04
N LEU C 3296 66.08 -116.42 62.08
CA LEU C 3296 65.58 -117.63 62.72
C LEU C 3296 66.09 -118.96 62.13
N PRO C 3297 66.44 -119.09 60.80
CA PRO C 3297 67.17 -120.31 60.42
C PRO C 3297 68.64 -120.29 60.83
N ALA C 3298 69.22 -119.09 60.84
CA ALA C 3298 70.65 -118.90 61.07
C ALA C 3298 70.91 -118.26 62.44
N GLY C 3299 70.19 -118.72 63.46
CA GLY C 3299 70.41 -118.29 64.82
C GLY C 3299 71.58 -118.96 65.52
N ALA C 3300 72.15 -120.00 64.92
CA ALA C 3300 73.26 -120.73 65.53
C ALA C 3300 74.53 -119.89 65.74
N PRO C 3301 75.09 -119.22 64.73
CA PRO C 3301 76.40 -118.55 64.94
C PRO C 3301 76.31 -117.32 65.83
N PRO C 3302 77.26 -117.15 66.75
CA PRO C 3302 77.24 -115.99 67.63
C PRO C 3302 77.77 -114.76 66.90
N PRO C 3303 77.55 -113.54 67.42
CA PRO C 3303 78.09 -112.34 66.75
C PRO C 3303 79.61 -112.34 66.66
N CYS C 3304 80.10 -111.86 65.54
CA CYS C 3304 81.53 -111.77 65.26
C CYS C 3304 82.13 -110.43 65.69
N THR C 3305 81.34 -109.57 66.33
CA THR C 3305 81.81 -108.29 66.81
C THR C 3305 81.00 -107.91 68.04
N ALA C 3306 81.37 -106.79 68.66
CA ALA C 3306 80.73 -106.29 69.87
C ALA C 3306 80.36 -104.83 69.72
N VAL C 3307 79.75 -104.47 68.60
CA VAL C 3307 79.37 -103.08 68.33
C VAL C 3307 77.93 -102.88 68.82
N THR C 3308 77.79 -102.16 69.93
CA THR C 3308 76.50 -101.84 70.51
C THR C 3308 76.13 -100.39 70.18
N SER C 3309 74.94 -99.97 70.64
CA SER C 3309 74.51 -98.61 70.40
C SER C 3309 75.27 -97.63 71.27
N ASP C 3310 75.72 -98.06 72.45
CA ASP C 3310 76.46 -97.21 73.38
C ASP C 3310 77.78 -96.72 72.79
N HIS C 3311 78.48 -97.58 72.03
CA HIS C 3311 79.70 -97.18 71.34
C HIS C 3311 79.45 -96.08 70.31
N LEU C 3312 78.37 -96.18 69.54
CA LEU C 3312 78.00 -95.11 68.62
C LEU C 3312 77.54 -93.85 69.35
N ASN C 3313 76.81 -94.01 70.45
CA ASN C 3313 76.36 -92.88 71.26
C ASN C 3313 77.55 -92.10 71.82
N SER C 3314 78.54 -92.84 72.35
CA SER C 3314 79.72 -92.20 72.87
C SER C 3314 80.55 -91.59 71.76
N LEU C 3315 80.66 -92.27 70.61
CA LEU C 3315 81.42 -91.72 69.48
C LEU C 3315 80.83 -90.40 69.00
N LEU C 3316 79.49 -90.34 68.91
CA LEU C 3316 78.81 -89.11 68.51
C LEU C 3316 79.04 -87.99 69.52
N GLY C 3317 79.00 -88.33 70.82
CA GLY C 3317 79.30 -87.33 71.83
C GLY C 3317 80.73 -86.85 71.76
N ASN C 3318 81.67 -87.77 71.50
CA ASN C 3318 83.07 -87.41 71.37
C ASN C 3318 83.31 -86.49 70.19
N ILE C 3319 82.68 -86.79 69.04
CA ILE C 3319 82.84 -85.96 67.84
C ILE C 3319 82.28 -84.56 68.07
N LEU C 3320 81.11 -84.48 68.73
CA LEU C 3320 80.54 -83.17 69.04
C LEU C 3320 81.43 -82.39 69.99
N ARG C 3321 81.98 -83.06 71.02
CA ARG C 3321 82.88 -82.38 71.96
C ARG C 3321 84.16 -81.92 71.27
N ILE C 3322 84.66 -82.70 70.30
CA ILE C 3322 85.84 -82.33 69.52
C ILE C 3322 85.56 -81.06 68.73
N ILE C 3323 84.40 -81.00 68.07
CA ILE C 3323 84.11 -79.86 67.21
C ILE C 3323 83.90 -78.60 68.04
N VAL C 3324 83.16 -78.70 69.14
CA VAL C 3324 82.94 -77.53 69.98
C VAL C 3324 84.20 -77.08 70.72
N ASN C 3325 85.15 -77.99 70.96
CA ASN C 3325 86.44 -77.55 71.49
C ASN C 3325 87.27 -76.88 70.41
N ASN C 3326 87.17 -77.35 69.17
CA ASN C 3326 87.75 -76.68 68.01
C ASN C 3326 86.82 -75.63 67.40
N LEU C 3327 85.85 -75.13 68.16
CA LEU C 3327 84.90 -74.17 67.59
C LEU C 3327 85.52 -72.80 67.39
N GLY C 3328 86.44 -72.40 68.27
CA GLY C 3328 87.04 -71.08 68.19
C GLY C 3328 88.18 -70.89 67.22
N ILE C 3329 88.64 -71.92 66.53
CA ILE C 3329 89.75 -71.79 65.58
C ILE C 3329 89.31 -71.02 64.34
N ASP C 3330 90.28 -70.60 63.53
CA ASP C 3330 90.02 -69.75 62.39
C ASP C 3330 89.87 -70.50 61.07
N GLU C 3331 90.62 -71.60 60.89
CA GLU C 3331 90.58 -72.35 59.64
C GLU C 3331 90.55 -73.84 59.95
N ALA C 3332 89.75 -74.57 59.18
CA ALA C 3332 89.61 -76.02 59.34
C ALA C 3332 89.02 -76.61 58.08
N THR C 3333 89.78 -77.49 57.41
CA THR C 3333 89.27 -78.24 56.28
C THR C 3333 88.77 -79.62 56.67
N TRP C 3334 88.90 -80.00 57.94
CA TRP C 3334 88.47 -81.32 58.38
C TRP C 3334 87.01 -81.34 58.84
N MET C 3335 86.39 -80.17 58.99
CA MET C 3335 85.02 -80.12 59.48
C MET C 3335 84.05 -80.71 58.46
N LYS C 3336 84.25 -80.40 57.17
CA LYS C 3336 83.34 -80.90 56.14
C LYS C 3336 83.42 -82.42 56.01
N ARG C 3337 84.65 -82.96 55.99
CA ARG C 3337 84.80 -84.41 55.88
C ARG C 3337 84.33 -85.13 57.13
N LEU C 3338 84.51 -84.51 58.31
CA LEU C 3338 83.96 -85.08 59.53
C LEU C 3338 82.43 -85.08 59.49
N ALA C 3339 81.84 -83.98 58.99
CA ALA C 3339 80.39 -83.87 58.93
C ALA C 3339 79.81 -84.91 57.98
N VAL C 3340 80.42 -85.09 56.81
CA VAL C 3340 79.90 -86.08 55.87
C VAL C 3340 80.14 -87.50 56.39
N PHE C 3341 81.18 -87.71 57.20
CA PHE C 3341 81.47 -89.06 57.68
C PHE C 3341 80.68 -89.43 58.93
N ALA C 3342 80.23 -88.44 59.71
CA ALA C 3342 79.44 -88.70 60.90
C ALA C 3342 77.97 -88.97 60.60
N GLN C 3343 77.52 -88.71 59.37
CA GLN C 3343 76.14 -88.99 59.00
C GLN C 3343 75.75 -90.48 59.04
N PRO C 3344 76.53 -91.46 58.55
CA PRO C 3344 76.09 -92.87 58.69
C PRO C 3344 75.89 -93.35 60.12
N ILE C 3345 76.70 -92.88 61.09
CA ILE C 3345 76.59 -93.42 62.44
C ILE C 3345 75.48 -92.76 63.25
N VAL C 3346 75.12 -91.51 62.94
CA VAL C 3346 74.12 -90.78 63.73
C VAL C 3346 72.71 -91.35 63.60
N SER C 3347 72.48 -92.25 62.64
CA SER C 3347 71.18 -92.88 62.47
C SER C 3347 70.78 -93.78 63.64
N ARG C 3348 71.73 -94.15 64.50
CA ARG C 3348 71.47 -94.97 65.68
C ARG C 3348 71.45 -94.16 66.96
N ALA C 3349 71.34 -92.83 66.85
CA ALA C 3349 71.43 -91.94 68.00
C ALA C 3349 70.27 -92.16 68.98
N ARG C 3350 70.59 -92.09 70.26
CA ARG C 3350 69.61 -92.18 71.33
C ARG C 3350 68.98 -90.81 71.56
N PRO C 3351 67.85 -90.73 72.27
CA PRO C 3351 67.30 -89.41 72.64
C PRO C 3351 68.20 -88.60 73.57
N GLU C 3352 69.15 -89.24 74.27
CA GLU C 3352 70.00 -88.55 75.22
C GLU C 3352 70.95 -87.54 74.59
N LEU C 3353 71.20 -87.64 73.27
CA LEU C 3353 72.11 -86.72 72.59
C LEU C 3353 71.61 -85.29 72.64
N LEU C 3354 70.29 -85.11 72.63
CA LEU C 3354 69.69 -83.77 72.62
C LEU C 3354 70.03 -83.03 73.90
N HIS C 3355 69.62 -83.59 75.04
CA HIS C 3355 69.83 -82.95 76.34
C HIS C 3355 71.31 -82.90 76.67
N SER C 3356 72.05 -83.98 76.41
CA SER C 3356 73.44 -84.09 76.82
C SER C 3356 74.32 -83.09 76.06
N HIS C 3357 74.21 -83.05 74.73
CA HIS C 3357 75.11 -82.22 73.94
C HIS C 3357 74.41 -81.14 73.13
N PHE C 3358 73.29 -81.44 72.48
CA PHE C 3358 72.69 -80.52 71.50
C PHE C 3358 72.23 -79.20 72.12
N ILE C 3359 71.62 -79.23 73.31
CA ILE C 3359 71.21 -77.97 73.96
C ILE C 3359 72.40 -77.05 74.30
N PRO C 3360 73.47 -77.52 74.98
CA PRO C 3360 74.62 -76.60 75.17
C PRO C 3360 75.29 -76.15 73.89
N THR C 3361 75.39 -77.02 72.87
CA THR C 3361 76.08 -76.63 71.64
C THR C 3361 75.30 -75.51 70.94
N ILE C 3362 74.00 -75.72 70.71
CA ILE C 3362 73.24 -74.69 70.01
C ILE C 3362 73.13 -73.44 70.88
N GLY C 3363 73.25 -73.59 72.21
CA GLY C 3363 73.29 -72.41 73.07
C GLY C 3363 74.54 -71.56 72.84
N ARG C 3364 75.73 -72.21 72.80
CA ARG C 3364 76.94 -71.42 72.60
C ARG C 3364 77.04 -70.89 71.17
N LEU C 3365 76.56 -71.63 70.17
CA LEU C 3365 76.46 -71.08 68.81
C LEU C 3365 75.49 -69.91 68.76
N ARG C 3366 74.38 -70.00 69.50
CA ARG C 3366 73.39 -68.92 69.57
C ARG C 3366 74.03 -67.65 70.12
N LYS C 3367 74.73 -67.77 71.24
CA LYS C 3367 75.38 -66.61 71.85
C LYS C 3367 76.52 -66.07 70.99
N ARG C 3368 77.31 -66.95 70.35
CA ARG C 3368 78.37 -66.53 69.45
C ARG C 3368 77.83 -65.78 68.23
N ALA C 3369 76.77 -66.31 67.62
CA ALA C 3369 76.10 -65.62 66.52
C ALA C 3369 75.49 -64.30 66.97
N GLY C 3370 74.88 -64.27 68.16
CA GLY C 3370 74.31 -63.04 68.67
C GLY C 3370 75.36 -61.97 68.88
N LYS C 3371 76.52 -62.36 69.39
CA LYS C 3371 77.63 -61.43 69.55
C LYS C 3371 78.15 -60.94 68.21
N VAL C 3372 78.30 -61.84 67.23
CA VAL C 3372 78.83 -61.45 65.92
C VAL C 3372 77.89 -60.46 65.23
N VAL C 3373 76.59 -60.76 65.22
CA VAL C 3373 75.63 -59.83 64.63
C VAL C 3373 75.51 -58.54 65.44
N ALA C 3374 75.73 -58.61 66.76
CA ALA C 3374 75.75 -57.38 67.55
C ALA C 3374 76.91 -56.48 67.14
N GLU C 3375 78.12 -57.05 67.01
CA GLU C 3375 79.26 -56.27 66.52
C GLU C 3375 79.00 -55.72 65.12
N GLU C 3376 78.26 -56.48 64.31
CA GLU C 3376 77.86 -56.02 63.00
C GLU C 3376 76.98 -54.78 63.13
N GLU C 3377 75.99 -54.81 64.03
CA GLU C 3377 75.04 -53.71 64.02
C GLU C 3377 75.55 -52.49 64.78
N GLN C 3378 76.58 -52.64 65.63
CA GLN C 3378 77.36 -51.46 66.02
C GLN C 3378 78.11 -50.87 64.83
N LEU C 3379 78.66 -51.72 63.96
CA LEU C 3379 79.42 -51.14 62.86
C LEU C 3379 78.49 -50.51 61.83
N ARG C 3380 77.31 -51.10 61.62
CA ARG C 3380 76.35 -50.57 60.66
C ARG C 3380 75.63 -49.32 61.16
N LEU C 3381 75.43 -49.17 62.49
CA LEU C 3381 74.72 -47.98 62.97
C LEU C 3381 75.53 -46.71 62.73
N GLU C 3382 76.85 -46.81 62.72
CA GLU C 3382 77.72 -45.66 62.51
C GLU C 3382 78.15 -45.61 61.04
N ALA C 3383 78.10 -44.42 60.46
CA ALA C 3383 78.57 -44.18 59.10
C ALA C 3383 79.87 -43.38 59.20
N LYS C 3384 80.93 -43.92 58.60
CA LYS C 3384 82.27 -43.34 58.71
C LYS C 3384 83.16 -44.04 57.68
N ALA C 3385 84.36 -43.48 57.48
CA ALA C 3385 85.42 -44.16 56.75
C ALA C 3385 86.00 -45.34 57.52
N GLU C 3386 85.67 -45.48 58.80
CA GLU C 3386 86.03 -46.64 59.61
C GLU C 3386 85.09 -47.82 59.40
N ALA C 3387 84.03 -47.64 58.61
CA ALA C 3387 83.06 -48.71 58.36
C ALA C 3387 83.71 -49.93 57.71
N GLU C 3388 84.54 -49.71 56.69
CA GLU C 3388 85.26 -50.83 56.10
C GLU C 3388 86.38 -51.33 57.01
N GLU C 3389 86.83 -50.51 57.95
CA GLU C 3389 87.83 -50.92 58.95
C GLU C 3389 87.10 -51.73 60.01
N GLY C 3390 86.98 -53.04 59.79
CA GLY C 3390 86.16 -53.84 60.66
C GLY C 3390 85.15 -54.64 59.87
N GLU C 3391 84.81 -54.13 58.68
CA GLU C 3391 83.94 -54.89 57.78
C GLU C 3391 84.59 -56.20 57.37
N LEU C 3392 85.90 -56.18 57.08
CA LEU C 3392 86.60 -57.43 56.77
C LEU C 3392 86.68 -58.33 58.00
N LEU C 3393 86.69 -57.73 59.20
CA LEU C 3393 86.74 -58.54 60.42
C LEU C 3393 85.41 -59.25 60.65
N VAL C 3394 84.30 -58.53 60.50
CA VAL C 3394 83.00 -59.18 60.65
C VAL C 3394 82.75 -60.15 59.48
N ARG C 3395 83.36 -59.93 58.31
CA ARG C 3395 83.34 -60.93 57.24
C ARG C 3395 84.03 -62.22 57.67
N ASP C 3396 85.19 -62.10 58.34
CA ASP C 3396 85.84 -63.28 58.91
C ASP C 3396 84.97 -63.94 59.98
N GLU C 3397 84.33 -63.14 60.83
CA GLU C 3397 83.46 -63.68 61.88
C GLU C 3397 82.25 -64.39 61.29
N PHE C 3398 81.71 -63.84 60.19
CA PHE C 3398 80.67 -64.53 59.44
C PHE C 3398 81.19 -65.82 58.84
N SER C 3399 82.41 -65.80 58.28
CA SER C 3399 82.93 -66.98 57.60
C SER C 3399 83.15 -68.14 58.58
N VAL C 3400 83.71 -67.85 59.75
CA VAL C 3400 83.87 -68.90 60.78
C VAL C 3400 82.51 -69.36 61.31
N LEU C 3401 81.55 -68.44 61.48
CA LEU C 3401 80.20 -68.83 61.89
C LEU C 3401 79.52 -69.70 60.83
N CYS C 3402 79.69 -69.36 59.55
CA CYS C 3402 79.17 -70.17 58.45
C CYS C 3402 79.80 -71.55 58.43
N ARG C 3403 81.12 -71.62 58.67
CA ARG C 3403 81.83 -72.90 58.69
C ARG C 3403 81.32 -73.77 59.82
N ASP C 3404 81.11 -73.18 61.00
CA ASP C 3404 80.71 -73.98 62.16
C ASP C 3404 79.28 -74.45 62.00
N LEU C 3405 78.38 -73.56 61.57
CA LEU C 3405 76.98 -73.92 61.38
C LEU C 3405 76.85 -74.96 60.29
N TYR C 3406 77.59 -74.82 59.18
CA TYR C 3406 77.54 -75.82 58.14
C TYR C 3406 78.24 -77.12 58.52
N ALA C 3407 79.07 -77.11 59.57
CA ALA C 3407 79.68 -78.33 60.08
C ALA C 3407 78.83 -79.01 61.13
N LEU C 3408 77.82 -78.33 61.66
CA LEU C 3408 76.97 -78.90 62.71
C LEU C 3408 75.55 -79.18 62.27
N TYR C 3409 74.98 -78.31 61.42
CA TYR C 3409 73.60 -78.49 60.95
C TYR C 3409 73.32 -79.80 60.20
N PRO C 3410 74.16 -80.32 59.27
CA PRO C 3410 73.83 -81.63 58.66
C PRO C 3410 73.65 -82.76 59.65
N LEU C 3411 74.43 -82.78 60.72
CA LEU C 3411 74.23 -83.77 61.79
C LEU C 3411 72.99 -83.44 62.62
N LEU C 3412 72.71 -82.15 62.83
CA LEU C 3412 71.51 -81.75 63.55
C LEU C 3412 70.23 -82.14 62.80
N ILE C 3413 70.24 -81.99 61.47
CA ILE C 3413 69.10 -82.36 60.64
C ILE C 3413 68.85 -83.87 60.72
N ARG C 3414 69.92 -84.66 60.67
CA ARG C 3414 69.81 -86.12 60.73
C ARG C 3414 69.24 -86.57 62.07
N TYR C 3415 69.66 -85.93 63.16
CA TYR C 3415 69.18 -86.30 64.48
C TYR C 3415 67.72 -85.93 64.67
N VAL C 3416 67.35 -84.69 64.28
CA VAL C 3416 65.99 -84.19 64.48
C VAL C 3416 64.98 -84.98 63.65
N ASP C 3417 65.32 -85.26 62.39
CA ASP C 3417 64.42 -85.98 61.49
C ASP C 3417 64.14 -87.40 61.97
N ASN C 3418 65.13 -88.04 62.60
CA ASN C 3418 64.92 -89.39 63.11
C ASN C 3418 64.05 -89.39 64.36
N ASN C 3419 63.96 -88.26 65.07
CA ASN C 3419 63.17 -88.18 66.30
C ASN C 3419 62.05 -87.16 66.21
N ARG C 3420 61.73 -86.67 65.01
CA ARG C 3420 60.63 -85.72 64.86
C ARG C 3420 59.29 -86.37 65.17
N ALA C 3421 59.15 -87.65 64.83
CA ALA C 3421 57.90 -88.37 65.08
C ALA C 3421 57.64 -88.45 66.58
N HIS C 3422 58.68 -88.79 67.35
CA HIS C 3422 58.52 -88.88 68.80
CA HIS C 3422 58.53 -88.88 68.79
C HIS C 3422 58.27 -87.51 69.40
N TRP C 3423 58.98 -86.48 68.92
CA TRP C 3423 58.82 -85.15 69.50
C TRP C 3423 57.44 -84.57 69.19
N LEU C 3424 56.83 -84.98 68.08
CA LEU C 3424 55.46 -84.55 67.81
C LEU C 3424 54.44 -85.36 68.59
N THR C 3425 54.62 -86.68 68.69
CA THR C 3425 53.68 -87.51 69.44
C THR C 3425 53.69 -87.17 70.93
N GLU C 3426 54.89 -87.07 71.51
CA GLU C 3426 55.06 -86.70 72.91
C GLU C 3426 55.77 -85.35 72.99
N PRO C 3427 55.22 -84.38 73.71
CA PRO C 3427 55.90 -83.08 73.86
C PRO C 3427 57.27 -83.21 74.53
N ASN C 3428 58.22 -82.42 74.03
CA ASN C 3428 59.61 -82.46 74.49
C ASN C 3428 60.07 -81.02 74.68
N ALA C 3429 60.13 -80.58 75.94
CA ALA C 3429 60.57 -79.22 76.25
C ALA C 3429 61.99 -78.94 75.79
N ASN C 3430 62.84 -79.98 75.76
CA ASN C 3430 64.19 -79.84 75.23
C ASN C 3430 64.15 -79.45 73.75
N ALA C 3431 63.25 -80.10 72.99
CA ALA C 3431 63.08 -79.73 71.59
C ALA C 3431 62.46 -78.33 71.49
N GLU C 3432 61.56 -78.00 72.41
CA GLU C 3432 60.92 -76.68 72.41
C GLU C 3432 61.96 -75.58 72.53
N GLU C 3433 62.90 -75.76 73.47
CA GLU C 3433 63.99 -74.81 73.63
C GLU C 3433 64.94 -74.82 72.44
N LEU C 3434 65.16 -76.00 71.82
CA LEU C 3434 66.00 -76.06 70.63
C LEU C 3434 65.40 -75.25 69.48
N PHE C 3435 64.07 -75.34 69.32
CA PHE C 3435 63.35 -74.53 68.35
C PHE C 3435 63.43 -73.06 68.71
N ARG C 3436 63.44 -72.74 70.02
CA ARG C 3436 63.59 -71.35 70.43
C ARG C 3436 64.96 -70.83 69.99
N MET C 3437 66.01 -71.62 70.23
CA MET C 3437 67.39 -71.20 69.91
C MET C 3437 67.56 -70.96 68.42
N VAL C 3438 67.09 -71.92 67.60
CA VAL C 3438 67.17 -71.68 66.16
C VAL C 3438 66.21 -70.59 65.70
N GLY C 3439 65.27 -70.18 66.58
CA GLY C 3439 64.38 -69.08 66.24
C GLY C 3439 65.16 -67.79 66.08
N GLU C 3440 65.99 -67.45 67.08
CA GLU C 3440 66.80 -66.24 66.93
C GLU C 3440 67.93 -66.46 65.95
N ILE C 3441 68.44 -67.69 65.79
CA ILE C 3441 69.49 -67.93 64.79
C ILE C 3441 68.97 -67.58 63.39
N PHE C 3442 67.76 -68.03 63.08
CA PHE C 3442 67.13 -67.70 61.80
C PHE C 3442 66.76 -66.22 61.72
N ILE C 3443 66.28 -65.63 62.82
CA ILE C 3443 65.92 -64.21 62.82
C ILE C 3443 67.14 -63.34 62.54
N TYR C 3444 68.26 -63.61 63.22
CA TYR C 3444 69.50 -62.88 62.97
C TYR C 3444 70.04 -63.11 61.57
N TRP C 3445 69.87 -64.32 61.03
CA TRP C 3445 70.18 -64.56 59.62
C TRP C 3445 69.31 -63.73 58.69
N SER C 3446 68.02 -63.60 59.00
CA SER C 3446 67.13 -62.77 58.20
C SER C 3446 67.50 -61.29 58.31
N LYS C 3447 67.88 -60.85 59.51
CA LYS C 3447 68.20 -59.45 59.74
C LYS C 3447 69.51 -59.06 59.06
N SER C 3448 70.49 -59.96 59.09
CA SER C 3448 71.82 -59.61 58.60
C SER C 3448 71.91 -60.01 57.13
N HIS C 3449 71.90 -59.00 56.26
CA HIS C 3449 72.07 -59.24 54.83
C HIS C 3449 73.49 -59.68 54.51
N ASN C 3450 74.48 -59.19 55.27
CA ASN C 3450 75.86 -59.61 55.08
C ASN C 3450 76.05 -61.08 55.42
N PHE C 3451 75.50 -61.55 56.54
CA PHE C 3451 75.58 -62.97 56.89
C PHE C 3451 74.94 -63.85 55.82
N LYS C 3452 73.91 -63.33 55.15
CA LYS C 3452 73.39 -63.98 53.96
C LYS C 3452 74.44 -63.99 52.86
N ARG C 3453 75.14 -62.87 52.67
CA ARG C 3453 76.03 -62.73 51.52
C ARG C 3453 77.22 -63.67 51.61
N GLU C 3454 77.86 -63.76 52.77
CA GLU C 3454 78.90 -64.80 52.87
C GLU C 3454 78.37 -66.18 53.25
N GLU C 3455 77.06 -66.35 53.44
CA GLU C 3455 76.50 -67.68 53.61
C GLU C 3455 76.72 -68.53 52.36
N GLN C 3456 76.48 -67.97 51.17
CA GLN C 3456 76.83 -68.75 49.98
C GLN C 3456 78.30 -68.65 49.63
N ASN C 3457 79.00 -67.61 50.09
CA ASN C 3457 80.43 -67.50 49.81
C ASN C 3457 81.20 -68.67 50.39
N PHE C 3458 80.87 -69.06 51.63
CA PHE C 3458 81.44 -70.28 52.20
C PHE C 3458 81.05 -71.52 51.40
N VAL C 3459 79.81 -71.55 50.90
CA VAL C 3459 79.33 -72.69 50.10
C VAL C 3459 80.11 -72.81 48.80
N VAL C 3460 80.30 -71.70 48.08
CA VAL C 3460 80.99 -71.74 46.80
C VAL C 3460 82.47 -72.00 46.99
N GLN C 3461 83.09 -71.43 48.04
CA GLN C 3461 84.52 -71.64 48.25
C GLN C 3461 84.84 -73.06 48.71
N ASN C 3462 83.98 -73.67 49.53
CA ASN C 3462 84.22 -75.02 50.03
C ASN C 3462 83.44 -76.09 49.30
N GLU C 3463 82.72 -75.73 48.22
CA GLU C 3463 82.01 -76.64 47.32
C GLU C 3463 80.99 -77.51 48.06
N ILE C 3464 80.17 -76.85 48.90
CA ILE C 3464 79.08 -77.53 49.57
C ILE C 3464 78.02 -77.89 48.55
N ASN C 3465 77.75 -79.19 48.39
CA ASN C 3465 76.78 -79.64 47.40
C ASN C 3465 75.35 -79.24 47.78
N ASN C 3466 75.02 -79.31 49.08
CA ASN C 3466 73.74 -78.96 49.71
C ASN C 3466 72.60 -79.93 49.35
N MET C 3467 72.84 -80.92 48.50
CA MET C 3467 71.82 -81.88 48.08
C MET C 3467 71.91 -83.21 48.83
N SER C 3468 73.12 -83.67 49.17
CA SER C 3468 73.27 -84.93 49.88
C SER C 3468 72.87 -84.79 51.35
N PHE C 3469 73.06 -83.61 51.95
CA PHE C 3469 72.73 -83.39 53.35
C PHE C 3469 71.24 -83.51 53.66
N LEU C 3470 70.38 -83.47 52.64
CA LEU C 3470 68.94 -83.61 52.81
C LEU C 3470 68.43 -85.00 52.48
N THR C 3471 69.04 -85.69 51.53
CA THR C 3471 68.62 -87.01 51.09
C THR C 3471 69.54 -88.13 51.53
N ALA C 3472 70.48 -87.85 52.46
CA ALA C 3472 71.44 -88.86 52.92
C ALA C 3472 70.73 -90.04 53.57
N ASP C 3473 69.78 -89.76 54.46
CA ASP C 3473 68.99 -90.84 55.06
C ASP C 3473 68.14 -91.56 54.03
N SER C 3474 67.57 -90.80 53.08
CA SER C 3474 66.76 -91.40 52.02
C SER C 3474 67.59 -92.35 51.15
N LYS C 3475 68.81 -91.93 50.78
CA LYS C 3475 69.68 -92.82 50.04
C LYS C 3475 70.16 -93.98 50.91
N SER C 3476 70.26 -93.76 52.23
CA SER C 3476 70.57 -94.87 53.14
C SER C 3476 69.44 -95.90 53.17
N LYS C 3477 68.21 -95.49 52.87
CA LYS C 3477 67.11 -96.47 52.79
C LYS C 3477 67.03 -97.17 51.43
N MET C 3478 68.07 -97.04 50.60
CA MET C 3478 68.14 -97.63 49.24
C MET C 3478 66.99 -97.15 48.36
N ALA C 3479 66.73 -95.84 48.38
CA ALA C 3479 65.67 -95.26 47.55
C ALA C 3479 66.13 -95.12 46.11
N ARG C 3498 72.44 -78.13 37.63
CA ARG C 3498 71.53 -77.67 36.59
C ARG C 3498 71.15 -76.21 36.83
N ARG C 3499 70.24 -75.99 37.78
CA ARG C 3499 69.78 -74.65 38.13
C ARG C 3499 70.38 -74.16 39.45
N GLY C 3500 70.24 -74.92 40.52
CA GLY C 3500 70.81 -74.54 41.80
C GLY C 3500 71.95 -75.43 42.25
N ASP C 3501 72.68 -75.97 41.28
CA ASP C 3501 73.81 -76.87 41.59
C ASP C 3501 74.90 -76.13 42.35
N ARG C 3502 75.26 -74.93 41.88
CA ARG C 3502 76.28 -74.12 42.56
C ARG C 3502 75.80 -73.72 43.95
N TYR C 3503 74.62 -73.11 44.03
CA TYR C 3503 73.99 -72.65 45.26
C TYR C 3503 72.55 -72.26 44.95
N SER C 3504 71.67 -72.50 45.92
CA SER C 3504 70.28 -72.10 45.85
C SER C 3504 69.78 -71.86 47.26
N VAL C 3505 68.93 -70.84 47.42
CA VAL C 3505 68.42 -70.46 48.73
C VAL C 3505 67.56 -71.56 49.33
N GLN C 3506 66.81 -72.28 48.48
CA GLN C 3506 65.99 -73.41 48.92
C GLN C 3506 66.82 -74.54 49.52
N THR C 3507 68.09 -74.66 49.12
CA THR C 3507 68.98 -75.70 49.63
C THR C 3507 69.85 -75.22 50.78
N SER C 3508 69.64 -74.00 51.27
CA SER C 3508 70.39 -73.51 52.42
C SER C 3508 70.06 -74.34 53.66
N LEU C 3509 71.10 -74.67 54.42
CA LEU C 3509 70.92 -75.58 55.54
C LEU C 3509 70.23 -74.91 56.71
N ILE C 3510 70.42 -73.60 56.91
CA ILE C 3510 69.77 -72.93 58.03
C ILE C 3510 68.25 -72.87 57.82
N VAL C 3511 67.81 -72.57 56.59
CA VAL C 3511 66.38 -72.50 56.32
C VAL C 3511 65.79 -73.89 56.30
N ALA C 3512 66.53 -74.88 55.78
CA ALA C 3512 66.02 -76.25 55.72
C ALA C 3512 65.85 -76.80 57.14
N THR C 3513 66.83 -76.52 58.01
CA THR C 3513 66.78 -76.99 59.39
C THR C 3513 65.62 -76.34 60.12
N LEU C 3514 65.41 -75.04 59.89
CA LEU C 3514 64.31 -74.34 60.55
C LEU C 3514 62.97 -74.89 60.11
N LYS C 3515 62.79 -75.15 58.80
CA LYS C 3515 61.55 -75.73 58.31
C LYS C 3515 61.30 -77.12 58.86
N LYS C 3516 62.34 -77.96 58.90
CA LYS C 3516 62.21 -79.30 59.47
C LYS C 3516 61.88 -79.25 60.95
N MET C 3517 62.45 -78.30 61.68
CA MET C 3517 62.20 -78.20 63.11
C MET C 3517 60.90 -77.45 63.44
N LEU C 3518 60.30 -76.80 62.43
CA LEU C 3518 59.08 -76.01 62.62
C LEU C 3518 57.86 -76.76 63.19
N PRO C 3519 57.49 -77.99 62.75
CA PRO C 3519 56.29 -78.63 63.34
C PRO C 3519 56.40 -78.85 64.85
N ILE C 3520 57.62 -79.05 65.36
CA ILE C 3520 57.82 -79.22 66.79
C ILE C 3520 57.43 -77.94 67.53
N GLY C 3521 57.85 -76.80 67.01
CA GLY C 3521 57.49 -75.54 67.63
C GLY C 3521 56.00 -75.26 67.50
N LEU C 3522 55.42 -75.60 66.35
CA LEU C 3522 54.01 -75.33 66.13
C LEU C 3522 53.11 -76.23 66.97
N ASN C 3523 53.60 -77.40 67.40
CA ASN C 3523 52.85 -78.23 68.32
C ASN C 3523 52.66 -77.53 69.67
N MET C 3524 53.59 -76.67 70.05
CA MET C 3524 53.56 -75.97 71.33
C MET C 3524 52.50 -74.88 71.35
N CYS C 3525 52.09 -74.39 70.19
CA CYS C 3525 51.01 -73.42 70.10
C CYS C 3525 49.64 -74.09 70.15
N ALA C 3526 48.73 -73.49 70.91
CA ALA C 3526 47.37 -73.94 71.05
C ALA C 3526 46.52 -73.52 69.83
N PRO C 3527 45.42 -74.24 69.55
CA PRO C 3527 44.54 -73.83 68.44
C PRO C 3527 43.94 -72.44 68.58
N THR C 3528 43.64 -72.00 69.80
CA THR C 3528 43.11 -70.65 70.02
C THR C 3528 44.08 -69.54 69.66
N ASP C 3529 45.39 -69.83 69.62
CA ASP C 3529 46.40 -68.80 69.39
C ASP C 3529 46.46 -68.34 67.93
N GLN C 3530 45.73 -69.00 67.03
CA GLN C 3530 45.81 -68.75 65.59
C GLN C 3530 45.46 -67.30 65.25
N ASP C 3531 44.39 -66.78 65.86
CA ASP C 3531 43.98 -65.39 65.64
C ASP C 3531 45.09 -64.42 66.06
N LEU C 3532 45.85 -64.78 67.09
CA LEU C 3532 46.95 -63.94 67.54
C LEU C 3532 48.15 -64.04 66.61
N ILE C 3533 48.27 -65.15 65.85
CA ILE C 3533 49.45 -65.34 64.99
C ILE C 3533 49.46 -64.31 63.87
N MET C 3534 48.33 -64.14 63.16
CA MET C 3534 48.34 -63.23 62.03
C MET C 3534 48.45 -61.78 62.49
N LEU C 3535 47.88 -61.46 63.66
CA LEU C 3535 48.00 -60.10 64.19
C LEU C 3535 49.45 -59.76 64.50
N ALA C 3536 50.19 -60.70 65.12
CA ALA C 3536 51.61 -60.49 65.34
C ALA C 3536 52.37 -60.43 64.02
N LYS C 3537 51.94 -61.22 63.02
CA LYS C 3537 52.54 -61.16 61.69
C LYS C 3537 52.40 -59.78 61.06
N THR C 3538 51.21 -59.17 61.21
CA THR C 3538 50.99 -57.81 60.75
C THR C 3538 51.86 -56.80 61.48
N ARG C 3539 52.01 -56.95 62.80
CA ARG C 3539 52.89 -56.04 63.55
C ARG C 3539 54.35 -56.19 63.13
N TYR C 3540 54.80 -57.44 62.91
CA TYR C 3540 56.15 -57.68 62.41
C TYR C 3540 56.35 -57.09 61.03
N ALA C 3541 55.33 -57.16 60.17
CA ALA C 3541 55.41 -56.46 58.90
C ALA C 3541 55.39 -54.95 59.12
N LEU C 3542 54.73 -54.48 60.19
CA LEU C 3542 54.68 -53.09 60.58
C LEU C 3542 55.94 -52.64 61.32
N LYS C 3543 56.97 -53.50 61.34
CA LYS C 3543 58.29 -53.24 61.94
C LYS C 3543 58.19 -52.93 63.44
N ASP C 3544 57.70 -53.90 64.19
CA ASP C 3544 57.56 -53.76 65.63
C ASP C 3544 58.48 -54.75 66.33
N THR C 3545 59.12 -54.28 67.41
CA THR C 3545 60.08 -55.10 68.13
C THR C 3545 59.36 -56.18 68.94
N ASP C 3546 60.16 -57.12 69.47
CA ASP C 3546 59.60 -58.23 70.24
C ASP C 3546 58.90 -57.76 71.50
N GLU C 3547 59.35 -56.66 72.10
CA GLU C 3547 58.65 -56.12 73.26
C GLU C 3547 57.31 -55.55 72.84
N GLU C 3548 57.27 -54.91 71.66
CA GLU C 3548 56.04 -54.32 71.16
C GLU C 3548 55.01 -55.40 70.90
N VAL C 3549 55.39 -56.47 70.17
CA VAL C 3549 54.41 -57.51 69.85
C VAL C 3549 53.94 -58.21 71.13
N ARG C 3550 54.85 -58.40 72.10
CA ARG C 3550 54.46 -59.03 73.37
C ARG C 3550 53.43 -58.19 74.12
N GLU C 3551 53.62 -56.86 74.16
CA GLU C 3551 52.62 -56.05 74.86
C GLU C 3551 51.35 -55.88 74.04
N PHE C 3552 51.43 -55.89 72.70
CA PHE C 3552 50.20 -55.87 71.89
C PHE C 3552 49.37 -57.13 72.12
N LEU C 3553 50.05 -58.29 72.21
CA LEU C 3553 49.35 -59.54 72.52
C LEU C 3553 48.73 -59.46 73.90
N GLN C 3554 49.44 -58.89 74.87
CA GLN C 3554 48.91 -58.70 76.21
C GLN C 3554 47.69 -57.79 76.19
N ASN C 3555 47.65 -56.83 75.26
CA ASN C 3555 46.48 -55.95 75.17
C ASN C 3555 45.29 -56.71 74.60
N ASN C 3556 45.50 -57.50 73.56
CA ASN C 3556 44.37 -58.13 72.87
C ASN C 3556 44.30 -59.64 73.11
N LEU C 3557 44.60 -60.08 74.34
CA LEU C 3557 44.46 -61.49 74.69
C LEU C 3557 43.02 -61.98 74.64
N HIS C 3558 42.04 -61.07 74.72
CA HIS C 3558 40.64 -61.44 74.83
C HIS C 3558 40.09 -62.06 73.56
N LEU C 3559 40.64 -61.69 72.40
CA LEU C 3559 40.08 -62.05 71.10
C LEU C 3559 40.54 -63.43 70.60
N GLN C 3560 40.99 -64.32 71.48
CA GLN C 3560 41.42 -65.67 71.12
C GLN C 3560 40.28 -66.45 70.47
N GLY C 3561 40.67 -67.57 69.83
CA GLY C 3561 39.72 -68.36 69.07
C GLY C 3561 38.63 -68.98 69.91
N LYS C 3562 37.51 -69.25 69.25
CA LYS C 3562 36.33 -69.86 69.86
C LYS C 3562 36.16 -71.27 69.33
N VAL C 3563 36.11 -72.24 70.23
CA VAL C 3563 35.99 -73.64 69.84
C VAL C 3563 34.61 -73.91 69.24
N GLU C 3564 33.55 -73.33 69.82
CA GLU C 3564 32.20 -73.56 69.33
C GLU C 3564 31.91 -72.78 68.05
N GLY C 3565 32.54 -71.61 67.87
CA GLY C 3565 32.27 -70.79 66.70
C GLY C 3565 32.88 -71.30 65.42
N SER C 3566 33.78 -72.27 65.48
CA SER C 3566 34.38 -72.84 64.28
C SER C 3566 34.41 -74.36 64.41
N PRO C 3567 33.76 -75.08 63.49
CA PRO C 3567 33.81 -76.56 63.55
C PRO C 3567 35.20 -77.14 63.38
N SER C 3568 36.12 -76.42 62.72
CA SER C 3568 37.51 -76.89 62.62
C SER C 3568 38.16 -76.93 64.00
N LEU C 3569 37.90 -75.91 64.81
CA LEU C 3569 38.54 -75.83 66.11
C LEU C 3569 37.95 -76.83 67.09
N ARG C 3570 36.76 -77.36 66.81
CA ARG C 3570 36.15 -78.30 67.73
C ARG C 3570 36.91 -79.62 67.74
N TRP C 3571 37.23 -80.14 66.56
CA TRP C 3571 38.02 -81.36 66.52
C TRP C 3571 39.48 -81.08 66.80
N GLN C 3572 39.98 -79.89 66.40
CA GLN C 3572 41.38 -79.55 66.70
C GLN C 3572 41.62 -79.46 68.20
N MET C 3573 40.70 -78.85 68.94
CA MET C 3573 40.87 -78.69 70.38
C MET C 3573 40.91 -80.04 71.09
N ALA C 3574 40.01 -80.95 70.70
CA ALA C 3574 40.00 -82.30 71.25
C ALA C 3574 41.28 -83.07 70.92
N LEU C 3575 41.77 -82.94 69.68
CA LEU C 3575 43.04 -83.56 69.31
C LEU C 3575 44.21 -82.96 70.08
N TYR C 3576 44.22 -81.63 70.24
CA TYR C 3576 45.29 -80.94 70.96
C TYR C 3576 45.30 -81.32 72.44
N ARG C 3577 44.12 -81.39 73.07
CA ARG C 3577 44.03 -81.79 74.45
C ARG C 3577 44.17 -83.29 74.66
N GLY C 3578 44.13 -84.09 73.59
CA GLY C 3578 44.32 -85.52 73.75
C GLY C 3578 45.74 -85.93 74.08
N LEU C 3579 46.69 -85.00 73.97
CA LEU C 3579 48.09 -85.29 74.30
C LEU C 3579 48.22 -85.45 75.81
N PRO C 3580 48.82 -86.56 76.29
CA PRO C 3580 49.04 -86.71 77.74
C PRO C 3580 49.98 -85.69 78.35
N GLY C 3581 50.81 -85.02 77.55
CA GLY C 3581 51.69 -83.98 78.02
C GLY C 3581 51.05 -82.59 78.05
N ARG C 3582 49.76 -82.49 77.79
CA ARG C 3582 49.06 -81.21 77.77
C ARG C 3582 48.41 -80.95 79.12
N GLU C 3583 48.64 -79.76 79.65
CA GLU C 3583 48.05 -79.32 80.91
C GLU C 3583 47.08 -78.19 80.64
N GLU C 3584 45.94 -78.23 81.32
CA GLU C 3584 44.88 -77.23 81.09
C GLU C 3584 45.29 -75.85 81.57
N ASP C 3585 46.20 -75.75 82.54
CA ASP C 3585 46.68 -74.47 83.03
C ASP C 3585 47.99 -74.04 82.39
N ALA C 3586 48.52 -74.83 81.46
CA ALA C 3586 49.82 -74.55 80.85
C ALA C 3586 49.80 -73.36 79.91
N ASP C 3587 48.62 -72.86 79.54
CA ASP C 3587 48.50 -71.71 78.64
C ASP C 3587 48.46 -70.39 79.42
N ASP C 3588 49.51 -70.15 80.20
CA ASP C 3588 49.63 -68.94 80.98
C ASP C 3588 49.81 -67.74 80.04
N PRO C 3589 49.38 -66.53 80.46
CA PRO C 3589 49.48 -65.35 79.57
C PRO C 3589 50.89 -65.02 79.07
N GLU C 3590 51.90 -65.17 79.93
CA GLU C 3590 53.26 -64.90 79.48
C GLU C 3590 53.77 -66.01 78.58
N LYS C 3591 53.34 -67.24 78.84
CA LYS C 3591 53.76 -68.38 78.02
C LYS C 3591 53.20 -68.26 76.62
N ILE C 3592 51.91 -67.89 76.52
CA ILE C 3592 51.27 -67.83 75.22
C ILE C 3592 51.83 -66.64 74.43
N VAL C 3593 52.01 -65.47 75.07
CA VAL C 3593 52.52 -64.31 74.32
C VAL C 3593 53.95 -64.57 73.86
N ARG C 3594 54.74 -65.30 74.66
CA ARG C 3594 56.10 -65.65 74.24
C ARG C 3594 56.09 -66.61 73.05
N ARG C 3595 55.31 -67.71 73.14
CA ARG C 3595 55.32 -68.69 72.06
C ARG C 3595 54.75 -68.12 70.76
N VAL C 3596 53.67 -67.32 70.85
CA VAL C 3596 53.12 -66.62 69.69
C VAL C 3596 54.14 -65.66 69.08
N GLN C 3597 54.85 -64.89 69.92
CA GLN C 3597 55.85 -63.96 69.40
C GLN C 3597 56.99 -64.70 68.69
N GLU C 3598 57.45 -65.82 69.27
CA GLU C 3598 58.53 -66.60 68.68
C GLU C 3598 58.12 -67.20 67.33
N VAL C 3599 56.96 -67.86 67.30
CA VAL C 3599 56.55 -68.53 66.06
C VAL C 3599 56.19 -67.50 65.00
N SER C 3600 55.52 -66.41 65.38
CA SER C 3600 55.07 -65.42 64.42
C SER C 3600 56.27 -64.77 63.75
N ALA C 3601 57.33 -64.48 64.53
CA ALA C 3601 58.55 -63.94 63.94
C ALA C 3601 59.20 -64.95 63.00
N VAL C 3602 59.17 -66.24 63.36
CA VAL C 3602 59.75 -67.29 62.51
C VAL C 3602 59.02 -67.37 61.17
N LEU C 3603 57.69 -67.47 61.21
CA LEU C 3603 56.92 -67.60 59.98
C LEU C 3603 56.99 -66.33 59.15
N TYR C 3604 56.95 -65.16 59.81
CA TYR C 3604 56.96 -63.89 59.11
C TYR C 3604 58.25 -63.73 58.31
N HIS C 3605 59.39 -64.04 58.92
CA HIS C 3605 60.64 -63.98 58.14
C HIS C 3605 60.72 -65.13 57.15
N LEU C 3606 60.05 -66.26 57.44
CA LEU C 3606 60.07 -67.42 56.56
C LEU C 3606 59.42 -67.08 55.22
N GLU C 3607 58.21 -66.51 55.26
CA GLU C 3607 57.52 -66.17 54.01
C GLU C 3607 58.29 -65.11 53.23
N GLN C 3608 59.07 -64.26 53.94
CA GLN C 3608 59.95 -63.31 53.26
C GLN C 3608 61.06 -64.04 52.53
N THR C 3609 61.39 -65.24 53.00
CA THR C 3609 62.47 -65.98 52.34
C THR C 3609 61.91 -66.67 51.11
N GLU C 3610 60.88 -67.52 51.30
CA GLU C 3610 60.28 -68.21 50.15
C GLU C 3610 59.53 -67.29 49.17
N HIS C 3611 59.46 -65.96 49.40
CA HIS C 3611 58.85 -65.02 48.45
C HIS C 3611 59.58 -63.69 48.59
N PRO C 3612 60.81 -63.61 48.05
CA PRO C 3612 61.61 -62.37 48.22
C PRO C 3612 61.05 -61.11 47.58
N TYR C 3613 60.52 -61.18 46.34
CA TYR C 3613 59.89 -60.07 45.59
C TYR C 3613 60.84 -58.87 45.46
N LYS C 3614 62.11 -59.17 45.23
CA LYS C 3614 63.19 -58.17 45.26
C LYS C 3614 63.06 -57.13 44.15
N SER C 3615 62.64 -57.52 42.94
CA SER C 3615 62.67 -56.72 41.70
C SER C 3615 61.96 -55.34 41.73
N LYS C 3616 61.90 -54.68 40.54
CA LYS C 3616 61.25 -53.40 40.18
C LYS C 3616 62.26 -52.25 40.24
N LYS C 3617 63.54 -52.55 40.43
CA LYS C 3617 64.57 -51.52 40.53
C LYS C 3617 65.59 -51.56 39.40
N ALA C 3618 66.21 -52.71 39.13
CA ALA C 3618 67.21 -52.80 38.08
C ALA C 3618 66.74 -53.82 37.05
N VAL C 3619 65.95 -53.33 36.09
CA VAL C 3619 65.39 -54.14 35.02
C VAL C 3619 66.10 -53.76 33.72
N TRP C 3620 66.22 -54.74 32.81
CA TRP C 3620 66.82 -54.59 31.49
C TRP C 3620 66.11 -53.49 30.69
N HIS C 3621 66.80 -52.38 30.44
CA HIS C 3621 66.18 -51.23 29.80
C HIS C 3621 66.73 -50.90 28.42
N LYS C 3622 67.94 -51.37 28.09
CA LYS C 3622 68.62 -51.20 26.79
C LYS C 3622 68.56 -49.77 26.22
N LEU C 3623 69.07 -48.84 27.03
CA LEU C 3623 69.12 -47.42 26.67
C LEU C 3623 69.89 -47.18 25.38
N LEU C 3624 71.11 -47.70 25.29
CA LEU C 3624 71.90 -47.56 24.07
C LEU C 3624 72.69 -48.81 23.72
N SER C 3625 72.47 -49.93 24.42
CA SER C 3625 73.24 -51.14 24.17
C SER C 3625 72.92 -51.75 22.80
N LYS C 3626 71.64 -51.78 22.42
CA LYS C 3626 71.26 -52.41 21.15
C LYS C 3626 71.72 -51.62 19.93
N GLN C 3627 71.98 -50.31 20.08
CA GLN C 3627 72.31 -49.47 18.94
C GLN C 3627 73.69 -48.82 19.03
N ARG C 3628 74.38 -48.88 20.17
CA ARG C 3628 75.65 -48.19 20.28
C ARG C 3628 76.68 -49.07 21.03
N ARG C 3629 76.59 -50.39 20.85
CA ARG C 3629 77.62 -51.27 21.40
C ARG C 3629 78.90 -51.26 20.57
N ARG C 3630 78.87 -50.70 19.36
CA ARG C 3630 80.09 -50.57 18.57
C ARG C 3630 81.03 -49.54 19.18
N ALA C 3631 80.49 -48.39 19.58
CA ALA C 3631 81.31 -47.29 20.09
C ALA C 3631 82.00 -47.65 21.40
N VAL C 3632 81.28 -48.31 22.33
CA VAL C 3632 81.86 -48.64 23.63
C VAL C 3632 83.01 -49.63 23.47
N VAL C 3633 82.89 -50.55 22.51
CA VAL C 3633 83.96 -51.49 22.21
C VAL C 3633 85.15 -50.78 21.56
N ALA C 3634 84.87 -49.90 20.59
CA ALA C 3634 85.94 -49.29 19.82
C ALA C 3634 86.70 -48.21 20.59
N CYS C 3635 86.00 -47.33 21.32
CA CYS C 3635 86.60 -46.13 21.92
C CYS C 3635 87.70 -46.43 22.93
N PHE C 3636 87.62 -47.56 23.64
CA PHE C 3636 88.69 -47.92 24.57
C PHE C 3636 89.99 -48.27 23.86
N ARG C 3637 89.92 -48.79 22.64
CA ARG C 3637 91.08 -49.32 21.93
C ARG C 3637 91.47 -48.58 20.66
N MET C 3638 90.65 -47.66 20.16
CA MET C 3638 90.85 -47.05 18.86
C MET C 3638 91.99 -46.04 18.88
N THR C 3639 92.27 -45.50 17.70
CA THR C 3639 93.49 -44.74 17.48
C THR C 3639 93.46 -43.40 18.22
N PRO C 3640 94.47 -43.11 19.03
CA PRO C 3640 94.59 -41.77 19.63
C PRO C 3640 94.96 -40.73 18.58
N LEU C 3641 94.92 -39.48 19.01
CA LEU C 3641 95.16 -38.35 18.10
C LEU C 3641 96.56 -38.38 17.51
N TYR C 3642 97.57 -38.70 18.33
CA TYR C 3642 98.96 -38.58 17.88
C TYR C 3642 99.36 -39.60 16.82
N ASN C 3643 98.54 -40.61 16.57
CA ASN C 3643 98.85 -41.64 15.58
C ASN C 3643 98.20 -41.39 14.23
N LEU C 3644 97.47 -40.28 14.05
CA LEU C 3644 96.86 -39.97 12.77
C LEU C 3644 97.92 -39.53 11.76
N PRO C 3645 97.64 -39.69 10.46
CA PRO C 3645 98.51 -39.08 9.45
C PRO C 3645 98.49 -37.57 9.59
N THR C 3646 99.64 -36.95 9.24
CA THR C 3646 99.83 -35.52 9.43
C THR C 3646 98.83 -34.69 8.64
N HIS C 3647 98.60 -35.05 7.37
CA HIS C 3647 97.68 -34.30 6.53
C HIS C 3647 96.24 -34.39 7.03
N ARG C 3648 95.81 -35.59 7.45
CA ARG C 3648 94.45 -35.75 7.96
C ARG C 3648 94.26 -34.99 9.25
N ALA C 3649 95.28 -35.03 10.12
CA ALA C 3649 95.23 -34.29 11.38
C ALA C 3649 95.18 -32.80 11.12
N CYS C 3650 95.92 -32.34 10.11
CA CYS C 3650 95.89 -30.92 9.76
C CYS C 3650 94.52 -30.51 9.27
N ASN C 3651 93.85 -31.40 8.51
CA ASN C 3651 92.50 -31.11 8.03
C ASN C 3651 91.53 -30.95 9.21
N MET C 3652 91.65 -31.83 10.22
CA MET C 3652 90.83 -31.70 11.43
C MET C 3652 91.14 -30.39 12.15
N PHE C 3653 92.42 -30.02 12.21
CA PHE C 3653 92.80 -28.78 12.88
C PHE C 3653 92.23 -27.58 12.15
N LEU C 3654 92.21 -27.62 10.82
CA LEU C 3654 91.70 -26.51 10.02
C LEU C 3654 90.21 -26.30 10.28
N GLU C 3655 89.43 -27.39 10.17
CA GLU C 3655 87.99 -27.24 10.41
C GLU C 3655 87.67 -26.88 11.85
N SER C 3656 88.47 -27.39 12.81
CA SER C 3656 88.24 -27.03 14.20
C SER C 3656 88.60 -25.56 14.43
N TYR C 3657 89.67 -25.09 13.79
CA TYR C 3657 90.13 -23.72 13.99
C TYR C 3657 89.10 -22.75 13.45
N LYS C 3658 88.61 -23.00 12.23
CA LYS C 3658 87.64 -22.06 11.65
C LYS C 3658 86.35 -22.06 12.46
N ALA C 3659 85.90 -23.24 12.91
CA ALA C 3659 84.66 -23.28 13.68
C ALA C 3659 84.81 -22.69 15.08
N ALA C 3660 86.03 -22.70 15.65
CA ALA C 3660 86.22 -22.24 17.03
C ALA C 3660 86.79 -20.84 17.17
N TRP C 3661 87.49 -20.32 16.17
CA TRP C 3661 88.17 -19.03 16.28
C TRP C 3661 87.82 -18.03 15.21
N ILE C 3662 87.32 -18.45 14.05
CA ILE C 3662 87.00 -17.54 12.96
C ILE C 3662 85.51 -17.21 12.94
N LEU C 3663 84.66 -18.24 12.99
CA LEU C 3663 83.22 -18.01 13.09
C LEU C 3663 82.85 -17.26 14.37
N THR C 3664 83.50 -17.62 15.48
CA THR C 3664 83.25 -16.96 16.75
C THR C 3664 83.73 -15.51 16.78
N GLU C 3665 84.68 -15.15 15.92
CA GLU C 3665 85.23 -13.80 15.90
C GLU C 3665 84.17 -12.79 15.49
N ASP C 3666 84.24 -11.59 16.09
CA ASP C 3666 83.32 -10.51 15.83
C ASP C 3666 84.07 -9.39 15.10
N HIS C 3667 83.45 -8.85 14.05
CA HIS C 3667 84.05 -7.77 13.28
C HIS C 3667 82.94 -6.85 12.80
N SER C 3668 82.80 -5.70 13.44
CA SER C 3668 81.76 -4.72 13.10
C SER C 3668 82.36 -3.70 12.14
N PHE C 3669 82.14 -3.91 10.85
CA PHE C 3669 82.65 -3.03 9.80
C PHE C 3669 81.56 -2.32 9.02
N GLU C 3670 80.28 -2.65 9.26
CA GLU C 3670 79.18 -2.07 8.51
C GLU C 3670 79.08 -0.57 8.72
N ASP C 3671 79.27 -0.11 9.95
CA ASP C 3671 79.15 1.31 10.27
C ASP C 3671 80.21 2.12 9.53
N ARG C 3672 81.43 1.60 9.48
CA ARG C 3672 82.50 2.30 8.81
C ARG C 3672 82.48 2.05 7.31
N MET C 3673 81.63 1.14 6.84
CA MET C 3673 81.44 1.01 5.41
C MET C 3673 80.46 2.08 4.93
N ILE C 3674 79.26 2.08 5.51
CA ILE C 3674 78.23 3.06 5.12
C ILE C 3674 78.67 4.49 5.41
N ASP C 3675 79.50 4.69 6.44
CA ASP C 3675 80.03 6.02 6.72
C ASP C 3675 80.89 6.51 5.56
N ASP C 3676 81.75 5.65 5.03
CA ASP C 3676 82.59 6.06 3.90
C ASP C 3676 81.74 6.22 2.64
N LEU C 3677 80.79 5.30 2.42
CA LEU C 3677 79.97 5.32 1.21
C LEU C 3677 78.99 6.48 1.17
N SER C 3678 78.73 7.14 2.30
CA SER C 3678 77.74 8.20 2.33
C SER C 3678 78.37 9.59 2.30
N LYS C 3679 79.60 9.70 1.84
CA LYS C 3679 80.32 10.97 1.76
C LYS C 3679 80.65 11.28 0.30
N ALA C 3680 80.22 12.44 -0.18
CA ALA C 3680 80.59 12.93 -1.50
C ALA C 3680 81.39 14.20 -1.26
N GLY C 3681 82.72 14.04 -1.17
CA GLY C 3681 83.58 15.13 -0.78
C GLY C 3681 84.48 15.63 -1.89
N GLU C 3682 84.92 16.89 -1.79
CA GLU C 3682 85.85 17.54 -2.72
C GLU C 3682 85.30 17.64 -4.14
N GLN C 3683 83.98 17.71 -4.27
CA GLN C 3683 83.35 17.95 -5.56
C GLN C 3683 82.47 19.19 -5.55
N GLU C 3684 82.57 20.01 -4.50
CA GLU C 3684 81.77 21.22 -4.36
C GLU C 3684 82.56 22.49 -4.67
N GLU C 3685 83.74 22.36 -5.27
CA GLU C 3685 84.55 23.53 -5.61
C GLU C 3685 83.87 24.40 -6.66
N GLU C 3686 83.20 23.80 -7.64
CA GLU C 3686 82.49 24.57 -8.65
C GLU C 3686 81.09 24.99 -8.21
N GLU C 3687 80.59 24.42 -7.11
CA GLU C 3687 79.26 24.64 -6.50
C GLU C 3687 78.13 24.79 -7.54
N GLU C 3688 78.10 23.83 -8.47
CA GLU C 3688 77.11 23.82 -9.54
C GLU C 3688 75.69 23.67 -8.98
N GLU C 3689 74.73 24.21 -9.72
CA GLU C 3689 73.33 24.22 -9.30
C GLU C 3689 72.49 23.06 -9.82
N VAL C 3690 73.07 22.12 -10.58
CA VAL C 3690 72.28 21.05 -11.20
C VAL C 3690 71.65 20.17 -10.11
N GLU C 3691 70.38 19.81 -10.34
CA GLU C 3691 69.59 19.13 -9.31
C GLU C 3691 70.16 17.75 -8.96
N GLU C 3692 70.63 17.01 -9.97
CA GLU C 3692 71.05 15.63 -9.73
C GLU C 3692 72.47 15.56 -9.16
N LYS C 3693 73.30 16.58 -9.42
CA LYS C 3693 74.74 16.66 -9.04
C LYS C 3693 75.40 15.36 -9.46
N LYS C 3694 76.08 14.66 -8.56
CA LYS C 3694 76.54 13.31 -8.83
C LYS C 3694 76.15 12.50 -7.59
N PRO C 3695 75.45 11.38 -7.76
CA PRO C 3695 75.12 10.52 -6.63
C PRO C 3695 76.35 10.02 -5.88
N ASP C 3696 76.27 10.06 -4.55
CA ASP C 3696 77.33 9.53 -3.71
C ASP C 3696 77.38 8.00 -3.85
N PRO C 3697 78.55 7.37 -3.52
CA PRO C 3697 78.75 5.93 -3.81
C PRO C 3697 77.66 4.99 -3.32
N LEU C 3698 77.07 5.27 -2.16
CA LEU C 3698 75.98 4.44 -1.66
C LEU C 3698 74.77 4.54 -2.60
N HIS C 3699 74.46 5.76 -3.07
CA HIS C 3699 73.35 5.93 -3.99
C HIS C 3699 73.61 5.22 -5.30
N GLN C 3700 74.85 5.29 -5.79
CA GLN C 3700 75.20 4.62 -7.04
C GLN C 3700 75.05 3.11 -6.89
N LEU C 3701 75.45 2.57 -5.73
CA LEU C 3701 75.31 1.14 -5.47
C LEU C 3701 73.85 0.72 -5.45
N VAL C 3702 73.00 1.53 -4.79
CA VAL C 3702 71.57 1.22 -4.72
C VAL C 3702 70.94 1.32 -6.11
N LEU C 3703 71.36 2.31 -6.90
CA LEU C 3703 70.86 2.44 -8.27
C LEU C 3703 71.24 1.22 -9.10
N HIS C 3704 72.47 0.71 -8.92
CA HIS C 3704 72.91 -0.46 -9.65
C HIS C 3704 72.07 -1.67 -9.31
N PHE C 3705 71.80 -1.88 -8.02
CA PHE C 3705 70.98 -3.02 -7.62
C PHE C 3705 69.52 -2.86 -8.04
N SER C 3706 69.01 -1.62 -8.06
CA SER C 3706 67.69 -1.38 -8.62
C SER C 3706 67.67 -1.67 -10.11
N ARG C 3707 68.75 -1.34 -10.83
CA ARG C 3707 68.82 -1.61 -12.25
C ARG C 3707 68.80 -3.12 -12.51
N THR C 3708 69.60 -3.87 -11.74
CA THR C 3708 69.63 -5.31 -11.96
C THR C 3708 68.37 -5.99 -11.43
N ALA C 3709 67.54 -5.28 -10.68
CA ALA C 3709 66.26 -5.84 -10.29
C ALA C 3709 65.16 -5.48 -11.28
N LEU C 3710 65.30 -4.31 -11.92
CA LEU C 3710 64.35 -3.87 -12.92
C LEU C 3710 64.58 -4.51 -14.28
N THR C 3711 65.74 -5.14 -14.50
CA THR C 3711 65.97 -5.81 -15.78
C THR C 3711 65.02 -6.99 -15.94
N GLU C 3712 64.73 -7.31 -17.20
CA GLU C 3712 63.74 -8.34 -17.52
C GLU C 3712 64.41 -9.71 -17.62
N LYS C 3713 64.09 -10.57 -16.65
CA LYS C 3713 64.67 -11.90 -16.54
C LYS C 3713 63.62 -12.81 -15.96
N SER C 3714 63.54 -14.04 -16.49
CA SER C 3714 62.53 -14.99 -16.07
C SER C 3714 62.72 -15.41 -14.61
N LYS C 3715 63.97 -15.61 -14.20
CA LYS C 3715 64.26 -16.06 -12.85
C LYS C 3715 65.32 -15.16 -12.24
N LEU C 3716 65.20 -14.90 -10.95
CA LEU C 3716 66.13 -14.05 -10.23
C LEU C 3716 67.34 -14.88 -9.80
N ASP C 3717 68.49 -14.63 -10.43
CA ASP C 3717 69.69 -15.34 -10.06
C ASP C 3717 70.24 -14.81 -8.73
N GLU C 3718 71.01 -15.64 -8.05
CA GLU C 3718 71.55 -15.27 -6.75
C GLU C 3718 72.81 -14.43 -6.94
N ASP C 3719 72.76 -13.16 -6.54
CA ASP C 3719 73.93 -12.30 -6.53
C ASP C 3719 74.52 -12.32 -5.13
N TYR C 3720 75.68 -12.98 -4.98
CA TYR C 3720 76.30 -13.14 -3.67
C TYR C 3720 76.72 -11.79 -3.09
N LEU C 3721 77.07 -10.84 -3.97
CA LEU C 3721 77.47 -9.54 -3.48
C LEU C 3721 76.25 -8.74 -3.05
N TYR C 3722 75.12 -8.88 -3.76
CA TYR C 3722 73.90 -8.22 -3.32
C TYR C 3722 73.45 -8.78 -1.98
N MET C 3723 73.57 -10.09 -1.80
CA MET C 3723 73.28 -10.73 -0.51
C MET C 3723 74.18 -10.19 0.60
N ALA C 3724 75.44 -9.91 0.27
CA ALA C 3724 76.35 -9.39 1.28
C ALA C 3724 76.09 -7.92 1.54
N TYR C 3725 75.76 -7.14 0.53
CA TYR C 3725 75.56 -5.72 0.73
C TYR C 3725 74.22 -5.46 1.38
N ALA C 3726 73.21 -6.27 1.06
CA ALA C 3726 71.93 -6.19 1.74
C ALA C 3726 72.08 -6.54 3.22
N ASP C 3727 72.86 -7.59 3.53
CA ASP C 3727 73.09 -7.93 4.94
C ASP C 3727 73.86 -6.84 5.66
N ILE C 3728 74.83 -6.23 4.97
CA ILE C 3728 75.62 -5.13 5.54
C ILE C 3728 74.73 -3.92 5.83
N MET C 3729 73.86 -3.58 4.88
CA MET C 3729 72.95 -2.45 5.04
C MET C 3729 71.96 -2.72 6.16
N ALA C 3730 71.43 -3.96 6.22
CA ALA C 3730 70.48 -4.30 7.27
C ALA C 3730 71.14 -4.23 8.64
N LYS C 3731 72.37 -4.73 8.74
CA LYS C 3731 73.08 -4.71 10.01
C LYS C 3731 73.59 -3.31 10.36
N SER C 3732 73.54 -2.36 9.43
CA SER C 3732 74.07 -1.03 9.66
C SER C 3732 73.00 -0.02 10.05
N CYS C 3733 71.81 -0.49 10.47
CA CYS C 3733 70.77 0.41 10.93
C CYS C 3733 70.42 0.21 12.39
N HIS C 3734 70.07 -1.01 12.80
CA HIS C 3734 69.56 -1.24 14.15
C HIS C 3734 70.63 -1.00 15.21
N LEU C 3735 71.82 -1.62 15.04
CA LEU C 3735 72.94 -1.58 16.00
C LEU C 3735 72.52 -2.00 17.41
N GLU C 3736 71.55 -2.91 17.51
CA GLU C 3736 71.00 -3.32 18.79
C GLU C 3736 70.44 -4.74 18.71
N VAL C 3749 67.44 -0.36 35.41
CA VAL C 3749 67.23 -0.51 33.98
C VAL C 3749 66.10 0.40 33.50
N GLU C 3750 65.88 1.51 34.20
CA GLU C 3750 64.85 2.47 33.84
C GLU C 3750 65.48 3.62 33.05
N VAL C 3751 65.45 3.46 31.72
CA VAL C 3751 65.89 4.50 30.82
C VAL C 3751 64.93 5.68 30.85
N SER C 3752 65.47 6.89 31.04
CA SER C 3752 64.64 8.07 31.17
C SER C 3752 64.07 8.38 29.80
N PHE C 3753 62.81 8.83 29.77
CA PHE C 3753 62.06 9.07 28.53
C PHE C 3753 62.75 10.06 27.58
N GLU C 3754 63.52 11.01 28.13
CA GLU C 3754 64.25 11.93 27.27
C GLU C 3754 65.45 11.25 26.62
N GLU C 3755 66.18 10.42 27.35
CA GLU C 3755 67.29 9.75 26.69
C GLU C 3755 66.81 8.55 25.88
N LYS C 3756 65.65 7.98 26.25
CA LYS C 3756 64.94 7.04 25.41
C LYS C 3756 64.68 7.61 24.03
N GLU C 3757 64.31 8.90 23.97
CA GLU C 3757 64.06 9.55 22.69
C GLU C 3757 65.33 9.73 21.86
N MET C 3758 66.51 9.66 22.49
CA MET C 3758 67.76 9.84 21.78
C MET C 3758 68.07 8.66 20.87
N GLU C 3759 67.97 7.42 21.40
CA GLU C 3759 68.29 6.24 20.59
C GLU C 3759 67.34 6.10 19.41
N LYS C 3760 66.04 6.37 19.64
CA LYS C 3760 65.09 6.38 18.54
C LYS C 3760 65.44 7.45 17.51
N GLN C 3761 65.64 8.71 17.95
CA GLN C 3761 65.88 9.78 17.02
C GLN C 3761 67.24 9.65 16.32
N ARG C 3762 68.14 8.84 16.86
CA ARG C 3762 69.34 8.41 16.17
C ARG C 3762 69.03 7.31 15.15
N LEU C 3763 68.12 6.40 15.50
CA LEU C 3763 67.74 5.33 14.58
C LEU C 3763 67.07 5.89 13.34
N LEU C 3764 66.22 6.90 13.51
CA LEU C 3764 65.54 7.51 12.37
C LEU C 3764 66.54 8.12 11.40
N TYR C 3765 67.56 8.81 11.93
CA TYR C 3765 68.65 9.30 11.10
C TYR C 3765 69.39 8.16 10.40
N GLN C 3766 69.67 7.09 11.13
CA GLN C 3766 70.45 5.99 10.58
C GLN C 3766 69.69 5.27 9.47
N GLN C 3767 68.36 5.17 9.61
CA GLN C 3767 67.53 4.71 8.50
C GLN C 3767 67.48 5.73 7.38
N SER C 3768 67.40 7.02 7.73
CA SER C 3768 67.34 8.08 6.72
C SER C 3768 68.61 8.19 5.91
N ARG C 3769 69.70 7.60 6.38
CA ARG C 3769 70.91 7.54 5.58
C ARG C 3769 70.71 6.62 4.37
N LEU C 3770 69.80 5.65 4.48
CA LEU C 3770 69.54 4.68 3.43
C LEU C 3770 68.31 5.01 2.60
N HIS C 3771 67.15 5.18 3.25
CA HIS C 3771 65.90 5.33 2.51
C HIS C 3771 65.83 6.61 1.69
N THR C 3772 66.62 7.63 2.01
CA THR C 3772 66.69 8.78 1.11
C THR C 3772 67.43 8.46 -0.18
N ARG C 3773 68.08 7.30 -0.27
CA ARG C 3773 68.88 6.95 -1.43
C ARG C 3773 68.25 5.83 -2.26
N GLY C 3774 66.93 5.65 -2.19
CA GLY C 3774 66.25 4.68 -3.01
C GLY C 3774 66.20 3.25 -2.50
N ALA C 3775 66.72 2.97 -1.30
CA ALA C 3775 66.69 1.61 -0.77
C ALA C 3775 65.26 1.14 -0.51
N ALA C 3776 64.35 2.05 -0.18
CA ALA C 3776 62.95 1.69 0.04
C ALA C 3776 62.31 1.18 -1.25
N GLU C 3777 62.62 1.83 -2.37
CA GLU C 3777 62.06 1.37 -3.63
C GLU C 3777 62.77 0.12 -4.11
N MET C 3778 64.06 0.01 -3.76
CA MET C 3778 64.87 -1.14 -4.14
C MET C 3778 64.31 -2.41 -3.52
N VAL C 3779 63.90 -2.33 -2.25
CA VAL C 3779 63.35 -3.49 -1.55
C VAL C 3779 62.09 -3.97 -2.24
N LEU C 3780 61.22 -3.02 -2.61
CA LEU C 3780 59.96 -3.33 -3.29
C LEU C 3780 60.23 -3.97 -4.64
N GLN C 3781 61.29 -3.51 -5.32
CA GLN C 3781 61.61 -4.06 -6.62
C GLN C 3781 62.14 -5.48 -6.49
N MET C 3782 63.00 -5.74 -5.51
CA MET C 3782 63.52 -7.09 -5.35
C MET C 3782 62.42 -8.07 -4.94
N ILE C 3783 61.47 -7.61 -4.12
CA ILE C 3783 60.32 -8.43 -3.75
C ILE C 3783 59.48 -8.76 -4.98
N SER C 3784 59.25 -7.76 -5.85
CA SER C 3784 58.48 -8.06 -7.05
C SER C 3784 59.28 -8.93 -8.02
N ALA C 3785 60.61 -8.78 -8.02
CA ALA C 3785 61.44 -9.50 -8.97
C ALA C 3785 61.60 -10.97 -8.60
N CYS C 3786 61.49 -11.30 -7.31
CA CYS C 3786 61.70 -12.70 -6.92
C CYS C 3786 60.59 -13.64 -7.36
N LYS C 3787 59.43 -13.11 -7.80
CA LYS C 3787 58.31 -13.87 -8.36
C LYS C 3787 57.73 -14.91 -7.41
N GLY C 3788 57.96 -14.78 -6.10
CA GLY C 3788 57.45 -15.75 -5.16
C GLY C 3788 58.28 -16.99 -4.99
N GLU C 3789 59.58 -16.91 -5.28
CA GLU C 3789 60.49 -18.05 -5.12
C GLU C 3789 61.24 -17.85 -3.81
N THR C 3790 60.94 -18.71 -2.83
CA THR C 3790 61.59 -18.63 -1.53
C THR C 3790 63.09 -18.88 -1.64
N GLY C 3791 63.86 -18.12 -0.87
CA GLY C 3791 65.30 -18.30 -0.86
C GLY C 3791 65.95 -17.26 0.02
N ALA C 3792 67.27 -17.40 0.15
CA ALA C 3792 68.02 -16.42 0.92
C ALA C 3792 68.11 -15.07 0.21
N MET C 3793 67.79 -15.06 -1.09
CA MET C 3793 67.75 -13.82 -1.86
C MET C 3793 66.58 -12.96 -1.42
N VAL C 3794 65.39 -13.56 -1.31
CA VAL C 3794 64.25 -12.79 -0.87
C VAL C 3794 64.35 -12.53 0.64
N SER C 3795 64.96 -13.47 1.38
CA SER C 3795 65.07 -13.30 2.83
C SER C 3795 65.92 -12.10 3.19
N SER C 3796 67.06 -11.92 2.50
CA SER C 3796 67.89 -10.74 2.78
C SER C 3796 67.22 -9.44 2.36
N THR C 3797 66.26 -9.51 1.44
CA THR C 3797 65.51 -8.32 1.08
C THR C 3797 64.52 -7.98 2.17
N LEU C 3798 63.86 -9.01 2.72
CA LEU C 3798 62.92 -8.78 3.82
C LEU C 3798 63.63 -8.24 5.04
N LYS C 3799 64.81 -8.78 5.34
CA LYS C 3799 65.61 -8.30 6.47
C LYS C 3799 66.03 -6.85 6.29
N LEU C 3800 66.43 -6.47 5.07
CA LEU C 3800 66.74 -5.07 4.80
C LEU C 3800 65.50 -4.18 4.93
N GLY C 3801 64.35 -4.65 4.45
CA GLY C 3801 63.12 -3.89 4.58
C GLY C 3801 62.71 -3.67 6.02
N ILE C 3802 62.91 -4.68 6.86
CA ILE C 3802 62.61 -4.51 8.28
C ILE C 3802 63.61 -3.56 8.91
N SER C 3803 64.90 -3.69 8.55
CA SER C 3803 65.92 -2.84 9.15
C SER C 3803 65.69 -1.38 8.83
N ILE C 3804 65.09 -1.08 7.66
CA ILE C 3804 64.73 0.30 7.35
C ILE C 3804 63.29 0.61 7.74
N LEU C 3805 62.55 -0.34 8.31
CA LEU C 3805 61.18 -0.13 8.73
C LEU C 3805 60.97 -0.29 10.23
N ASN C 3806 62.03 -0.48 11.01
CA ASN C 3806 61.89 -0.64 12.44
C ASN C 3806 61.36 0.64 13.09
N GLY C 3807 60.44 0.48 14.03
CA GLY C 3807 59.78 1.58 14.67
C GLY C 3807 58.67 2.20 13.86
N GLY C 3808 58.28 1.59 12.74
CA GLY C 3808 57.23 2.10 11.88
C GLY C 3808 57.54 3.47 11.30
N ASN C 3809 58.60 3.57 10.51
CA ASN C 3809 58.99 4.85 9.91
C ASN C 3809 57.89 5.38 8.98
N ALA C 3810 57.51 6.63 9.22
CA ALA C 3810 56.42 7.23 8.48
C ALA C 3810 56.86 7.58 7.07
N GLU C 3811 58.08 8.10 6.95
CA GLU C 3811 58.61 8.47 5.65
C GLU C 3811 58.77 7.25 4.76
N VAL C 3812 59.29 6.16 5.32
CA VAL C 3812 59.50 4.94 4.54
C VAL C 3812 58.15 4.37 4.09
N GLN C 3813 57.17 4.34 5.00
CA GLN C 3813 55.83 3.86 4.64
C GLN C 3813 55.17 4.75 3.58
N GLN C 3814 55.46 6.05 3.60
CA GLN C 3814 54.90 6.94 2.61
C GLN C 3814 55.57 6.77 1.26
N LYS C 3815 56.90 6.60 1.25
CA LYS C 3815 57.62 6.41 0.00
C LYS C 3815 57.22 5.10 -0.65
N MET C 3816 57.10 4.03 0.16
CA MET C 3816 56.71 2.73 -0.37
C MET C 3816 55.29 2.77 -0.93
N LEU C 3817 54.37 3.45 -0.23
CA LEU C 3817 53.01 3.58 -0.72
C LEU C 3817 52.97 4.37 -2.02
N ASP C 3818 53.78 5.44 -2.10
CA ASP C 3818 53.84 6.25 -3.32
C ASP C 3818 54.36 5.44 -4.49
N TYR C 3819 55.42 4.65 -4.26
CA TYR C 3819 55.99 3.85 -5.35
C TYR C 3819 55.01 2.80 -5.84
N LEU C 3820 54.28 2.16 -4.92
CA LEU C 3820 53.34 1.15 -5.38
C LEU C 3820 52.15 1.80 -6.09
N LYS C 3821 51.77 3.00 -5.66
CA LYS C 3821 50.57 3.61 -6.20
C LYS C 3821 50.85 4.22 -7.57
N ASP C 3822 52.05 4.76 -7.78
CA ASP C 3822 52.28 5.33 -9.10
C ASP C 3822 52.72 4.27 -10.09
N LYS C 3823 53.50 3.27 -9.66
CA LYS C 3823 53.90 2.20 -10.59
C LYS C 3823 52.72 1.34 -11.02
N LYS C 3824 51.76 1.07 -10.11
CA LYS C 3824 50.55 0.28 -10.39
C LYS C 3824 50.86 -1.09 -10.97
N GLU C 3825 51.87 -1.76 -10.44
CA GLU C 3825 52.20 -3.11 -10.88
C GLU C 3825 51.66 -4.13 -9.88
N VAL C 3826 51.23 -5.28 -10.41
CA VAL C 3826 50.67 -6.34 -9.60
C VAL C 3826 51.69 -7.41 -9.22
N GLY C 3827 52.95 -7.25 -9.67
CA GLY C 3827 53.97 -8.25 -9.39
C GLY C 3827 54.31 -8.33 -7.92
N PHE C 3828 54.20 -7.21 -7.22
CA PHE C 3828 54.58 -7.13 -5.81
C PHE C 3828 53.63 -7.98 -4.97
N PHE C 3829 52.33 -7.78 -5.15
CA PHE C 3829 51.38 -8.52 -4.35
C PHE C 3829 51.22 -9.95 -4.84
N GLN C 3830 51.48 -10.20 -6.14
CA GLN C 3830 51.47 -11.58 -6.61
C GLN C 3830 52.62 -12.38 -5.99
N SER C 3831 53.78 -11.75 -5.86
CA SER C 3831 54.92 -12.44 -5.26
C SER C 3831 54.73 -12.59 -3.76
N ILE C 3832 54.12 -11.58 -3.12
CA ILE C 3832 53.84 -11.66 -1.69
C ILE C 3832 52.87 -12.80 -1.40
N GLN C 3833 51.79 -12.90 -2.19
CA GLN C 3833 50.81 -13.96 -2.05
C GLN C 3833 51.42 -15.34 -2.27
N ALA C 3834 52.26 -15.48 -3.32
CA ALA C 3834 52.91 -16.77 -3.56
C ALA C 3834 53.88 -17.13 -2.44
N LEU C 3835 54.60 -16.14 -1.92
CA LEU C 3835 55.52 -16.38 -0.81
C LEU C 3835 54.75 -16.86 0.41
N MET C 3836 53.60 -16.23 0.68
CA MET C 3836 52.85 -16.58 1.88
C MET C 3836 52.21 -17.96 1.71
N GLN C 3837 51.82 -18.31 0.48
CA GLN C 3837 51.22 -19.62 0.26
C GLN C 3837 52.26 -20.73 0.25
N THR C 3838 53.55 -20.39 0.15
CA THR C 3838 54.58 -21.41 0.23
C THR C 3838 55.15 -21.60 1.62
N CYS C 3839 54.70 -20.82 2.61
CA CYS C 3839 55.14 -21.00 3.98
C CYS C 3839 54.64 -22.31 4.56
N SER C 3840 55.49 -22.97 5.34
CA SER C 3840 55.25 -24.31 5.84
C SER C 3840 54.57 -24.28 7.21
N VAL C 3841 53.95 -25.41 7.56
CA VAL C 3841 53.31 -25.59 8.85
C VAL C 3841 53.93 -26.81 9.53
N LEU C 3842 53.46 -27.15 10.73
CA LEU C 3842 53.94 -28.33 11.44
C LEU C 3842 53.54 -29.61 10.70
N ASP C 3843 54.46 -30.55 10.62
CA ASP C 3843 54.24 -31.81 9.91
C ASP C 3843 54.53 -32.98 10.85
N LEU C 3844 53.48 -33.76 11.15
CA LEU C 3844 53.63 -34.93 12.01
C LEU C 3844 54.48 -36.01 11.36
N ASN C 3845 54.28 -36.26 10.06
CA ASN C 3845 55.06 -37.28 9.36
C ASN C 3845 56.54 -36.93 9.37
N ALA C 3846 56.86 -35.65 9.12
CA ALA C 3846 58.23 -35.19 9.16
C ALA C 3846 58.79 -35.30 10.57
N PHE C 3847 57.95 -35.02 11.58
CA PHE C 3847 58.41 -35.08 12.95
C PHE C 3847 58.74 -36.51 13.34
N GLU C 3848 57.88 -37.46 12.97
CA GLU C 3848 58.11 -38.86 13.29
C GLU C 3848 59.36 -39.38 12.60
N ARG C 3849 59.60 -38.94 11.34
CA ARG C 3849 60.85 -39.27 10.67
C ARG C 3849 62.04 -38.69 11.40
N GLN C 3850 61.91 -37.45 11.91
CA GLN C 3850 62.97 -36.84 12.69
C GLN C 3850 63.25 -37.62 13.96
N ASN C 3851 62.19 -38.08 14.62
CA ASN C 3851 62.32 -38.83 15.86
C ASN C 3851 63.02 -40.16 15.62
N LYS C 3852 62.62 -40.88 14.57
CA LYS C 3852 63.30 -42.14 14.27
C LYS C 3852 64.73 -41.91 13.80
N ALA C 3853 64.98 -40.81 13.09
CA ALA C 3853 66.35 -40.48 12.68
C ALA C 3853 67.23 -40.24 13.89
N GLU C 3854 66.72 -39.52 14.89
CA GLU C 3854 67.48 -39.38 16.12
C GLU C 3854 67.51 -40.69 16.92
N GLY C 3855 66.56 -41.59 16.66
CA GLY C 3855 66.60 -42.90 17.29
C GLY C 3855 67.80 -43.70 16.83
N LEU C 3856 68.16 -43.55 15.54
CA LEU C 3856 69.36 -44.19 15.03
C LEU C 3856 70.61 -43.60 15.66
N GLY C 3857 70.68 -42.27 15.71
CA GLY C 3857 71.85 -41.56 16.23
C GLY C 3857 73.16 -41.86 15.52
N MET C 3858 73.15 -41.92 14.19
CA MET C 3858 74.30 -42.37 13.43
C MET C 3858 75.47 -41.39 13.53
N VAL C 3859 76.67 -41.93 13.29
CA VAL C 3859 77.92 -41.19 13.46
C VAL C 3859 78.74 -41.28 12.18
N ASN C 3860 79.62 -40.29 12.01
CA ASN C 3860 80.47 -40.22 10.83
C ASN C 3860 81.82 -40.88 11.10
N GLU C 3861 82.76 -40.74 10.16
CA GLU C 3861 84.04 -41.46 10.17
C GLU C 3861 85.20 -40.61 10.65
N ASP C 3862 85.34 -39.39 10.11
CA ASP C 3862 86.42 -38.48 10.50
C ASP C 3862 86.14 -37.93 11.89
N GLY C 3863 86.51 -38.71 12.89
CA GLY C 3863 86.13 -38.43 14.26
C GLY C 3863 84.71 -38.90 14.50
N THR C 3864 83.95 -38.18 15.32
CA THR C 3864 82.56 -38.53 15.60
C THR C 3864 81.81 -37.31 16.07
N VAL C 3865 80.65 -37.05 15.48
CA VAL C 3865 79.71 -36.06 15.99
C VAL C 3865 78.62 -36.78 16.77
N ILE C 3866 78.36 -36.31 17.97
CA ILE C 3866 77.36 -36.92 18.86
C ILE C 3866 76.18 -35.97 18.92
N ASN C 3867 75.00 -36.47 18.56
CA ASN C 3867 73.74 -35.70 18.51
C ASN C 3867 73.89 -34.47 17.62
N ARG C 3868 74.11 -34.74 16.33
CA ARG C 3868 74.33 -33.68 15.35
C ARG C 3868 73.13 -32.75 15.24
N GLN C 3869 73.42 -31.46 15.06
CA GLN C 3869 72.41 -30.41 15.07
C GLN C 3869 72.09 -29.90 13.66
N ASN C 3870 72.00 -30.82 12.69
CA ASN C 3870 71.67 -30.47 11.31
C ASN C 3870 70.26 -29.88 11.21
N GLY C 3871 69.94 -29.37 10.01
CA GLY C 3871 68.70 -28.65 9.76
C GLY C 3871 67.42 -29.41 10.08
N GLU C 3872 66.55 -28.79 10.86
CA GLU C 3872 65.29 -29.43 11.22
C GLU C 3872 64.34 -29.44 10.04
N LYS C 3873 63.62 -30.54 9.87
CA LYS C 3873 62.76 -30.70 8.71
C LYS C 3873 61.33 -30.27 8.98
N VAL C 3874 61.04 -29.79 10.18
CA VAL C 3874 59.74 -29.26 10.54
C VAL C 3874 59.92 -27.79 10.87
N MET C 3875 59.18 -26.92 10.16
CA MET C 3875 59.27 -25.46 10.26
C MET C 3875 60.69 -24.95 10.06
N ALA C 3876 61.32 -25.40 8.97
CA ALA C 3876 62.67 -24.91 8.65
C ALA C 3876 62.64 -23.43 8.30
N ASP C 3877 61.62 -23.00 7.56
CA ASP C 3877 61.47 -21.62 7.14
C ASP C 3877 60.70 -20.78 8.14
N ASP C 3878 60.69 -21.17 9.42
CA ASP C 3878 59.95 -20.44 10.45
C ASP C 3878 60.47 -19.02 10.63
N GLU C 3879 61.80 -18.85 10.55
CA GLU C 3879 62.40 -17.53 10.65
C GLU C 3879 62.00 -16.66 9.47
N PHE C 3880 61.88 -17.27 8.29
CA PHE C 3880 61.48 -16.54 7.11
C PHE C 3880 60.00 -16.16 7.16
N THR C 3881 59.18 -17.01 7.77
CA THR C 3881 57.76 -16.66 7.90
C THR C 3881 57.60 -15.56 8.95
N GLN C 3882 58.46 -15.60 9.97
CA GLN C 3882 58.42 -14.60 11.03
C GLN C 3882 58.76 -13.24 10.49
N ASP C 3883 59.88 -13.11 9.76
CA ASP C 3883 60.18 -11.75 9.34
C ASP C 3883 59.40 -11.35 8.09
N LEU C 3884 58.69 -12.29 7.44
CA LEU C 3884 57.75 -11.89 6.40
C LEU C 3884 56.55 -11.20 7.03
N PHE C 3885 56.00 -11.78 8.10
CA PHE C 3885 54.87 -11.13 8.74
C PHE C 3885 55.32 -9.91 9.53
N ARG C 3886 56.52 -9.93 10.11
CA ARG C 3886 57.05 -8.74 10.76
C ARG C 3886 57.19 -7.57 9.77
N PHE C 3887 57.60 -7.88 8.53
CA PHE C 3887 57.64 -6.86 7.48
C PHE C 3887 56.25 -6.33 7.16
N LEU C 3888 55.27 -7.25 7.06
CA LEU C 3888 53.89 -6.82 6.79
C LEU C 3888 53.34 -5.99 7.94
N GLN C 3889 53.65 -6.37 9.18
CA GLN C 3889 53.19 -5.64 10.35
C GLN C 3889 53.79 -4.24 10.38
N LEU C 3890 55.11 -4.14 10.12
CA LEU C 3890 55.78 -2.85 10.13
C LEU C 3890 55.25 -1.93 9.04
N LEU C 3891 54.76 -2.51 7.94
CA LEU C 3891 54.16 -1.71 6.89
C LEU C 3891 52.92 -0.98 7.38
N CYS C 3892 52.07 -1.66 8.15
CA CYS C 3892 50.84 -1.08 8.66
C CYS C 3892 51.00 -0.45 10.02
N GLU C 3893 52.19 -0.45 10.60
CA GLU C 3893 52.36 0.06 11.96
C GLU C 3893 52.18 1.57 12.00
N GLY C 3894 51.79 2.06 13.17
CA GLY C 3894 51.56 3.49 13.35
C GLY C 3894 50.21 3.97 12.86
N HIS C 3895 49.25 3.05 12.68
CA HIS C 3895 47.89 3.32 12.21
C HIS C 3895 47.89 4.05 10.87
N ASN C 3896 48.54 3.44 9.89
CA ASN C 3896 48.64 4.01 8.55
C ASN C 3896 47.44 3.52 7.74
N ASN C 3897 46.32 4.21 7.94
CA ASN C 3897 45.05 3.84 7.31
C ASN C 3897 45.10 3.98 5.80
N ASP C 3898 45.99 4.83 5.28
CA ASP C 3898 46.19 4.96 3.85
C ASP C 3898 46.70 3.66 3.24
N PHE C 3899 47.62 2.98 3.93
CA PHE C 3899 48.22 1.79 3.38
C PHE C 3899 47.42 0.55 3.79
N GLN C 3900 46.73 0.62 4.93
CA GLN C 3900 45.90 -0.50 5.39
C GLN C 3900 44.81 -0.80 4.37
N ASN C 3901 44.20 0.25 3.80
CA ASN C 3901 43.21 0.02 2.76
C ASN C 3901 43.86 -0.51 1.50
N TYR C 3902 45.13 -0.15 1.28
CA TYR C 3902 45.83 -0.58 0.07
C TYR C 3902 46.07 -2.07 0.08
N LEU C 3903 46.40 -2.62 1.26
CA LEU C 3903 46.57 -4.07 1.35
C LEU C 3903 45.26 -4.80 1.08
N ARG C 3904 44.14 -4.28 1.62
CA ARG C 3904 42.86 -4.93 1.42
C ARG C 3904 42.43 -4.89 -0.04
N THR C 3905 42.65 -3.76 -0.71
CA THR C 3905 42.30 -3.66 -2.11
C THR C 3905 43.23 -2.67 -2.79
N GLN C 3906 43.50 -2.94 -4.06
CA GLN C 3906 44.38 -2.10 -4.88
C GLN C 3906 43.54 -1.33 -5.89
N THR C 3907 43.41 -0.03 -5.67
CA THR C 3907 42.57 0.80 -6.52
C THR C 3907 43.18 0.94 -7.91
N GLY C 3908 44.46 1.30 -7.97
CA GLY C 3908 45.09 1.54 -9.27
C GLY C 3908 45.26 0.28 -10.10
N ASN C 3909 45.62 -0.83 -9.45
CA ASN C 3909 46.02 -2.05 -10.14
C ASN C 3909 44.85 -2.67 -10.90
N THR C 3910 45.20 -3.47 -11.90
CA THR C 3910 44.19 -4.19 -12.66
C THR C 3910 43.64 -5.39 -11.91
N THR C 3911 44.46 -6.02 -11.08
CA THR C 3911 44.06 -7.18 -10.29
C THR C 3911 44.24 -6.90 -8.81
N THR C 3912 43.24 -7.24 -8.01
CA THR C 3912 43.23 -6.98 -6.58
C THR C 3912 43.47 -8.28 -5.83
N ILE C 3913 44.44 -8.25 -4.89
CA ILE C 3913 44.78 -9.40 -4.07
C ILE C 3913 44.55 -9.05 -2.60
N ASN C 3914 43.73 -9.85 -1.92
CA ASN C 3914 43.39 -9.59 -0.52
C ASN C 3914 44.43 -10.28 0.37
N ILE C 3915 45.37 -9.46 0.84
CA ILE C 3915 46.43 -9.95 1.72
C ILE C 3915 45.84 -10.39 3.05
N ILE C 3916 44.81 -9.69 3.51
CA ILE C 3916 44.16 -10.00 4.79
C ILE C 3916 43.58 -11.41 4.78
N ILE C 3917 42.86 -11.73 3.70
CA ILE C 3917 42.29 -13.06 3.51
C ILE C 3917 43.39 -14.11 3.41
N CYS C 3918 44.45 -13.81 2.64
CA CYS C 3918 45.52 -14.81 2.50
C CYS C 3918 46.24 -15.04 3.82
N THR C 3919 46.35 -13.99 4.64
CA THR C 3919 46.92 -14.10 5.99
C THR C 3919 46.06 -15.00 6.86
N VAL C 3920 44.73 -14.87 6.73
CA VAL C 3920 43.82 -15.73 7.47
C VAL C 3920 44.01 -17.17 7.04
N ASP C 3921 44.12 -17.39 5.72
CA ASP C 3921 44.23 -18.76 5.20
C ASP C 3921 45.51 -19.44 5.68
N TYR C 3922 46.60 -18.65 5.82
CA TYR C 3922 47.81 -19.22 6.41
C TYR C 3922 47.60 -19.49 7.90
N LEU C 3923 46.83 -18.63 8.57
CA LEU C 3923 46.58 -18.79 9.99
C LEU C 3923 45.82 -20.09 10.23
N LEU C 3924 44.84 -20.37 9.39
CA LEU C 3924 44.10 -21.64 9.46
C LEU C 3924 45.04 -22.82 9.24
N ARG C 3925 45.93 -22.73 8.24
CA ARG C 3925 46.86 -23.84 8.02
C ARG C 3925 47.79 -24.07 9.21
N LEU C 3926 48.12 -22.99 9.91
CA LEU C 3926 48.98 -23.11 11.09
C LEU C 3926 48.21 -23.72 12.25
N GLN C 3927 46.97 -23.29 12.46
CA GLN C 3927 46.23 -23.83 13.59
C GLN C 3927 45.82 -25.27 13.33
N GLU C 3928 45.56 -25.62 12.06
CA GLU C 3928 45.32 -27.02 11.71
C GLU C 3928 46.52 -27.88 12.06
N SER C 3929 47.72 -27.36 11.77
CA SER C 3929 48.94 -28.08 12.13
C SER C 3929 49.07 -28.24 13.65
N ILE C 3930 48.79 -27.18 14.39
CA ILE C 3930 48.92 -27.21 15.85
C ILE C 3930 47.87 -28.14 16.46
N SER C 3931 46.62 -28.06 15.97
CA SER C 3931 45.55 -28.93 16.43
C SER C 3931 45.84 -30.40 16.13
N ASP C 3932 46.38 -30.70 14.95
CA ASP C 3932 46.79 -32.07 14.67
C ASP C 3932 48.06 -32.46 15.39
N PHE C 3933 48.79 -31.50 15.95
CA PHE C 3933 49.96 -31.81 16.75
C PHE C 3933 49.55 -32.11 18.18
N TYR C 3934 48.43 -31.53 18.62
CA TYR C 3934 47.86 -31.87 19.93
C TYR C 3934 47.49 -33.34 20.04
N TRP C 3935 46.72 -33.85 19.08
CA TRP C 3935 46.22 -35.22 19.16
C TRP C 3935 47.32 -36.27 19.22
N TYR C 3936 48.49 -35.96 18.65
CA TYR C 3936 49.63 -36.87 18.77
C TYR C 3936 50.17 -36.92 20.19
N TYR C 3937 50.04 -35.84 20.93
CA TYR C 3937 50.48 -35.77 22.32
C TYR C 3937 49.32 -35.92 23.30
N SER C 3938 48.12 -36.20 22.79
CA SER C 3938 46.97 -36.40 23.67
C SER C 3938 47.15 -37.67 24.50
N GLY C 3939 47.58 -38.75 23.86
CA GLY C 3939 47.83 -39.98 24.60
C GLY C 3939 48.99 -39.85 25.56
N LYS C 3940 50.08 -39.21 25.12
CA LYS C 3940 51.26 -39.02 25.94
C LYS C 3940 50.98 -38.04 27.07
N ASP C 3941 51.71 -38.20 28.17
CA ASP C 3941 51.60 -37.31 29.31
C ASP C 3941 52.69 -36.26 29.38
N VAL C 3942 53.91 -36.59 28.93
CA VAL C 3942 55.05 -35.69 28.98
C VAL C 3942 55.47 -35.36 27.55
N ILE C 3943 55.78 -34.09 27.31
CA ILE C 3943 56.21 -33.61 26.00
C ILE C 3943 57.72 -33.45 26.00
N GLU C 3944 58.37 -34.15 25.07
CA GLU C 3944 59.83 -34.19 25.02
C GLU C 3944 60.42 -32.87 24.52
N GLU C 3945 61.75 -32.85 24.41
CA GLU C 3945 62.49 -31.62 24.13
C GLU C 3945 62.23 -31.09 22.71
N GLN C 3946 62.27 -31.98 21.71
CA GLN C 3946 62.05 -31.52 20.34
C GLN C 3946 60.62 -31.02 20.17
N GLY C 3947 59.66 -31.71 20.80
CA GLY C 3947 58.29 -31.23 20.78
C GLY C 3947 58.13 -29.87 21.44
N LYS C 3948 58.94 -29.61 22.48
CA LYS C 3948 58.97 -28.28 23.09
C LYS C 3948 59.48 -27.25 22.10
N ARG C 3949 60.58 -27.57 21.41
CA ARG C 3949 61.17 -26.58 20.51
C ARG C 3949 60.28 -26.33 19.29
N ASN C 3950 59.50 -27.34 18.92
CA ASN C 3950 58.48 -27.17 17.88
C ASN C 3950 57.37 -26.26 18.33
N PHE C 3951 56.89 -26.45 19.56
CA PHE C 3951 55.81 -25.59 20.05
C PHE C 3951 56.30 -24.15 20.22
N SER C 3952 57.55 -23.98 20.65
CA SER C 3952 58.11 -22.64 20.85
C SER C 3952 58.17 -21.87 19.54
N LYS C 3953 58.63 -22.53 18.46
CA LYS C 3953 58.71 -21.80 17.20
C LYS C 3953 57.33 -21.64 16.57
N ALA C 3954 56.44 -22.64 16.71
CA ALA C 3954 55.11 -22.56 16.12
C ALA C 3954 54.31 -21.43 16.77
N MET C 3955 54.45 -21.27 18.08
CA MET C 3955 53.70 -20.23 18.78
C MET C 3955 54.32 -18.87 18.51
N SER C 3956 55.65 -18.78 18.41
CA SER C 3956 56.26 -17.49 18.04
C SER C 3956 55.81 -17.03 16.65
N VAL C 3957 55.61 -17.98 15.73
CA VAL C 3957 55.05 -17.64 14.43
C VAL C 3957 53.59 -17.22 14.55
N ALA C 3958 52.82 -17.92 15.40
CA ALA C 3958 51.43 -17.55 15.62
C ALA C 3958 51.31 -16.17 16.28
N LYS C 3959 52.29 -15.81 17.11
CA LYS C 3959 52.35 -14.48 17.69
C LYS C 3959 52.54 -13.44 16.62
N GLN C 3960 53.49 -13.68 15.70
CA GLN C 3960 53.75 -12.69 14.66
C GLN C 3960 52.56 -12.53 13.74
N VAL C 3961 51.83 -13.62 13.49
CA VAL C 3961 50.61 -13.55 12.69
C VAL C 3961 49.53 -12.74 13.41
N PHE C 3962 49.36 -12.99 14.71
CA PHE C 3962 48.31 -12.29 15.45
C PHE C 3962 48.62 -10.81 15.60
N ASN C 3963 49.89 -10.47 15.79
CA ASN C 3963 50.29 -9.06 15.83
C ASN C 3963 50.04 -8.37 14.49
N SER C 3964 50.33 -9.07 13.38
CA SER C 3964 50.07 -8.49 12.06
C SER C 3964 48.58 -8.29 11.84
N LEU C 3965 47.77 -9.28 12.24
CA LEU C 3965 46.32 -9.14 12.12
C LEU C 3965 45.77 -8.04 13.02
N THR C 3966 46.44 -7.77 14.15
CA THR C 3966 46.06 -6.65 15.00
C THR C 3966 46.32 -5.34 14.27
N GLU C 3967 47.51 -5.22 13.67
CA GLU C 3967 47.89 -3.99 13.00
C GLU C 3967 47.03 -3.72 11.77
N TYR C 3968 46.51 -4.79 11.15
CA TYR C 3968 45.67 -4.60 9.96
C TYR C 3968 44.36 -3.89 10.29
N ILE C 3969 43.90 -4.00 11.53
CA ILE C 3969 42.58 -3.50 11.91
C ILE C 3969 42.64 -2.35 12.91
N GLN C 3970 43.77 -2.12 13.55
CA GLN C 3970 43.82 -1.03 14.52
C GLN C 3970 43.76 0.31 13.82
N GLY C 3971 43.18 1.30 14.49
CA GLY C 3971 43.05 2.64 13.96
C GLY C 3971 41.68 3.31 14.05
N PRO C 3972 40.54 2.61 13.78
CA PRO C 3972 40.30 1.30 13.15
C PRO C 3972 40.03 1.37 11.65
N CYS C 3973 40.33 0.30 10.93
CA CYS C 3973 40.04 0.21 9.51
C CYS C 3973 38.74 -0.58 9.33
N THR C 3974 37.66 0.12 8.97
CA THR C 3974 36.35 -0.50 8.87
C THR C 3974 36.33 -1.59 7.80
N GLY C 3975 36.99 -1.34 6.67
CA GLY C 3975 37.02 -2.32 5.59
C GLY C 3975 37.70 -3.62 6.02
N ASN C 3976 38.82 -3.49 6.73
CA ASN C 3976 39.51 -4.66 7.24
C ASN C 3976 38.66 -5.40 8.26
N GLN C 3977 37.94 -4.65 9.11
CA GLN C 3977 37.06 -5.29 10.08
C GLN C 3977 35.94 -6.06 9.39
N GLN C 3978 35.44 -5.54 8.26
CA GLN C 3978 34.41 -6.25 7.51
C GLN C 3978 34.97 -7.51 6.85
N SER C 3979 36.19 -7.40 6.32
CA SER C 3979 36.82 -8.57 5.70
C SER C 3979 37.06 -9.67 6.72
N LEU C 3980 37.57 -9.31 7.91
CA LEU C 3980 37.74 -10.31 8.95
C LEU C 3980 36.40 -10.82 9.46
N ALA C 3981 35.35 -10.00 9.39
CA ALA C 3981 34.03 -10.41 9.83
C ALA C 3981 33.50 -11.51 8.93
N HIS C 3982 33.63 -11.32 7.62
CA HIS C 3982 33.17 -12.34 6.68
C HIS C 3982 34.20 -13.44 6.45
N SER C 3983 35.39 -13.35 7.04
CA SER C 3983 36.44 -14.32 6.75
C SER C 3983 36.20 -15.62 7.53
N ARG C 3984 37.22 -16.49 7.49
CA ARG C 3984 37.23 -17.79 8.13
C ARG C 3984 37.90 -17.71 9.52
N LEU C 3985 38.14 -16.48 9.97
CA LEU C 3985 38.87 -16.21 11.20
C LEU C 3985 38.16 -16.80 12.41
N TRP C 3986 36.83 -16.77 12.41
CA TRP C 3986 36.05 -17.33 13.52
C TRP C 3986 36.32 -18.82 13.68
N ASP C 3987 36.39 -19.55 12.56
CA ASP C 3987 36.71 -20.97 12.59
C ASP C 3987 38.13 -21.22 13.09
N ALA C 3988 39.04 -20.31 12.77
CA ALA C 3988 40.38 -20.46 13.30
C ALA C 3988 40.45 -20.13 14.79
N VAL C 3989 39.65 -19.15 15.23
CA VAL C 3989 39.59 -18.78 16.63
C VAL C 3989 39.04 -19.93 17.46
N VAL C 3990 37.96 -20.56 16.98
CA VAL C 3990 37.34 -21.69 17.68
C VAL C 3990 38.35 -22.83 17.83
N GLY C 3991 39.07 -23.14 16.74
CA GLY C 3991 40.05 -24.22 16.80
C GLY C 3991 41.19 -23.90 17.77
N PHE C 3992 41.64 -22.63 17.77
CA PHE C 3992 42.66 -22.21 18.72
C PHE C 3992 42.19 -22.36 20.15
N LEU C 3993 40.97 -21.92 20.43
CA LEU C 3993 40.43 -21.97 21.80
C LEU C 3993 40.32 -23.41 22.29
N HIS C 3994 39.87 -24.31 21.40
CA HIS C 3994 39.76 -25.72 21.74
C HIS C 3994 41.11 -26.33 22.07
N VAL C 3995 42.16 -25.97 21.31
CA VAL C 3995 43.46 -26.53 21.69
C VAL C 3995 44.13 -25.76 22.84
N PHE C 3996 43.74 -24.49 23.04
CA PHE C 3996 44.27 -23.71 24.15
C PHE C 3996 43.80 -24.27 25.48
N ALA C 3997 42.54 -24.69 25.54
CA ALA C 3997 41.97 -25.17 26.79
C ALA C 3997 42.69 -26.43 27.24
N HIS C 3998 42.87 -27.38 26.33
CA HIS C 3998 43.45 -28.65 26.72
C HIS C 3998 44.94 -28.50 27.00
N MET C 3999 45.60 -27.49 26.40
CA MET C 3999 46.98 -27.22 26.80
C MET C 3999 47.05 -26.61 28.19
N MET C 4000 46.03 -25.83 28.60
CA MET C 4000 46.02 -25.25 29.96
C MET C 4000 46.08 -26.36 30.99
N MET C 4001 45.21 -27.35 30.87
CA MET C 4001 45.13 -28.40 31.87
C MET C 4001 46.34 -29.31 31.80
N LYS C 4002 46.72 -29.76 30.59
CA LYS C 4002 47.81 -30.72 30.47
C LYS C 4002 49.15 -30.14 30.90
N LEU C 4003 49.47 -28.93 30.45
CA LEU C 4003 50.77 -28.33 30.73
C LEU C 4003 50.92 -27.78 32.14
N ALA C 4004 49.85 -27.65 32.91
CA ALA C 4004 49.95 -27.21 34.29
C ALA C 4004 50.11 -28.33 35.30
N GLN C 4005 50.03 -29.59 34.86
CA GLN C 4005 50.19 -30.73 35.77
C GLN C 4005 51.60 -30.83 36.34
N ASP C 4006 52.60 -30.25 35.69
CA ASP C 4006 53.99 -30.36 36.13
C ASP C 4006 54.65 -28.99 36.07
N SER C 4007 55.73 -28.86 36.84
CA SER C 4007 56.52 -27.64 36.89
C SER C 4007 57.65 -27.63 35.88
N SER C 4008 57.77 -28.68 35.08
CA SER C 4008 58.78 -28.76 34.04
C SER C 4008 58.39 -28.05 32.76
N GLN C 4009 57.12 -27.64 32.62
CA GLN C 4009 56.64 -27.03 31.38
C GLN C 4009 56.20 -25.59 31.61
N ILE C 4010 56.78 -24.93 32.61
CA ILE C 4010 56.40 -23.56 32.92
C ILE C 4010 56.84 -22.60 31.81
N GLU C 4011 58.02 -22.80 31.23
CA GLU C 4011 58.50 -21.91 30.18
C GLU C 4011 57.59 -21.95 28.96
N LEU C 4012 57.34 -23.16 28.44
CA LEU C 4012 56.46 -23.33 27.30
C LEU C 4012 55.04 -22.89 27.63
N LEU C 4013 54.66 -22.96 28.91
CA LEU C 4013 53.33 -22.49 29.28
C LEU C 4013 53.28 -20.96 29.28
N LYS C 4014 54.34 -20.28 29.69
CA LYS C 4014 54.30 -18.81 29.71
C LYS C 4014 54.37 -18.25 28.28
N GLU C 4015 55.14 -18.89 27.39
CA GLU C 4015 55.07 -18.57 25.97
C GLU C 4015 53.70 -18.89 25.39
N LEU C 4016 53.06 -19.96 25.87
CA LEU C 4016 51.68 -20.19 25.48
C LEU C 4016 50.75 -19.11 26.01
N LEU C 4017 51.02 -18.61 27.22
CA LEU C 4017 50.15 -17.62 27.87
C LEU C 4017 50.10 -16.32 27.08
N ASP C 4018 51.28 -15.83 26.66
CA ASP C 4018 51.24 -14.61 25.86
C ASP C 4018 50.59 -14.81 24.50
N LEU C 4019 50.46 -16.07 24.02
CA LEU C 4019 49.76 -16.29 22.77
C LEU C 4019 48.28 -15.99 22.91
N GLN C 4020 47.65 -16.42 24.03
CA GLN C 4020 46.26 -16.02 24.28
C GLN C 4020 46.17 -14.52 24.44
N LYS C 4021 47.16 -13.92 25.13
CA LYS C 4021 47.12 -12.47 25.36
C LYS C 4021 47.12 -11.69 24.04
N ASP C 4022 47.98 -12.10 23.10
CA ASP C 4022 47.99 -11.46 21.78
C ASP C 4022 46.73 -11.79 20.99
N MET C 4023 46.18 -12.99 21.20
CA MET C 4023 44.92 -13.37 20.54
C MET C 4023 43.78 -12.47 21.02
N VAL C 4024 43.61 -12.37 22.34
CA VAL C 4024 42.48 -11.62 22.89
C VAL C 4024 42.64 -10.14 22.55
N VAL C 4025 43.88 -9.62 22.52
CA VAL C 4025 44.10 -8.26 22.08
C VAL C 4025 43.63 -8.07 20.64
N MET C 4026 43.86 -9.08 19.77
CA MET C 4026 43.33 -9.02 18.41
C MET C 4026 41.80 -9.02 18.39
N LEU C 4027 41.18 -9.87 19.22
CA LEU C 4027 39.72 -9.88 19.29
C LEU C 4027 39.14 -8.57 19.80
N LEU C 4028 39.78 -7.96 20.81
CA LEU C 4028 39.32 -6.65 21.27
C LEU C 4028 39.47 -5.61 20.18
N SER C 4029 40.60 -5.63 19.46
CA SER C 4029 40.84 -4.69 18.36
C SER C 4029 39.85 -4.88 17.22
N LEU C 4030 39.24 -6.06 17.12
CA LEU C 4030 38.17 -6.24 16.15
C LEU C 4030 36.91 -5.49 16.55
N LEU C 4031 36.73 -5.21 17.83
CA LEU C 4031 35.50 -4.64 18.36
C LEU C 4031 35.52 -3.12 18.48
N GLU C 4032 36.60 -2.45 18.07
CA GLU C 4032 36.64 -0.99 18.12
C GLU C 4032 35.58 -0.38 17.22
N GLY C 4033 34.85 0.59 17.77
CA GLY C 4033 33.80 1.30 17.05
C GLY C 4033 32.66 0.43 16.58
N ASN C 4034 32.19 -0.46 17.45
CA ASN C 4034 31.09 -1.36 17.10
C ASN C 4034 29.76 -0.79 17.57
N VAL C 4035 28.77 -0.81 16.68
CA VAL C 4035 27.44 -0.39 17.08
C VAL C 4035 26.73 -1.57 17.73
N VAL C 4036 25.69 -1.26 18.52
CA VAL C 4036 24.91 -2.31 19.16
C VAL C 4036 24.21 -3.16 18.11
N ASN C 4037 24.11 -4.46 18.39
CA ASN C 4037 23.56 -5.50 17.50
C ASN C 4037 24.26 -5.51 16.14
N GLY C 4038 25.53 -5.14 16.13
CA GLY C 4038 26.30 -5.15 14.90
C GLY C 4038 26.57 -6.54 14.39
N MET C 4039 26.90 -6.60 13.09
CA MET C 4039 27.14 -7.87 12.41
C MET C 4039 28.31 -8.60 13.03
N ILE C 4040 29.45 -7.92 13.17
CA ILE C 4040 30.68 -8.54 13.65
C ILE C 4040 30.48 -9.04 15.08
N ALA C 4041 29.74 -8.26 15.88
CA ALA C 4041 29.46 -8.66 17.25
C ALA C 4041 28.59 -9.91 17.27
N ARG C 4042 27.64 -9.98 16.34
CA ARG C 4042 26.72 -11.12 16.27
C ARG C 4042 27.45 -12.41 15.91
N GLN C 4043 28.33 -12.36 14.90
CA GLN C 4043 29.15 -13.54 14.60
C GLN C 4043 30.10 -13.86 15.74
N MET C 4044 30.65 -12.84 16.40
CA MET C 4044 31.56 -13.05 17.51
C MET C 4044 30.87 -13.76 18.68
N VAL C 4045 29.60 -13.42 18.89
CA VAL C 4045 28.79 -14.11 19.90
C VAL C 4045 28.54 -15.55 19.45
N ASP C 4046 28.18 -15.76 18.18
CA ASP C 4046 27.94 -17.12 17.69
C ASP C 4046 29.20 -17.97 17.78
N MET C 4047 30.36 -17.34 17.57
CA MET C 4047 31.65 -18.00 17.75
C MET C 4047 31.83 -18.44 19.19
N LEU C 4048 31.49 -17.57 20.14
CA LEU C 4048 31.60 -17.96 21.54
C LEU C 4048 30.59 -19.06 21.88
N VAL C 4049 29.43 -19.06 21.21
CA VAL C 4049 28.43 -20.10 21.42
C VAL C 4049 28.99 -21.46 21.02
N GLU C 4050 29.63 -21.52 19.84
CA GLU C 4050 30.20 -22.79 19.40
C GLU C 4050 31.37 -23.20 20.28
N SER C 4051 32.21 -22.24 20.69
CA SER C 4051 33.33 -22.53 21.56
C SER C 4051 32.98 -22.39 23.04
N SER C 4052 31.71 -22.60 23.41
CA SER C 4052 31.22 -22.36 24.78
C SER C 4052 31.94 -23.21 25.82
N SER C 4053 32.10 -24.51 25.55
CA SER C 4053 32.72 -25.43 26.50
C SER C 4053 34.17 -25.07 26.74
N ASN C 4054 34.89 -24.70 25.68
CA ASN C 4054 36.31 -24.43 25.79
C ASN C 4054 36.57 -23.13 26.55
N VAL C 4055 35.83 -22.07 26.23
CA VAL C 4055 36.04 -20.79 26.89
C VAL C 4055 35.63 -20.87 28.37
N GLU C 4056 34.58 -21.64 28.68
CA GLU C 4056 34.22 -21.92 30.06
C GLU C 4056 35.34 -22.68 30.78
N MET C 4057 35.95 -23.65 30.09
CA MET C 4057 37.10 -24.36 30.64
C MET C 4057 38.30 -23.43 30.88
N ILE C 4058 38.47 -22.40 30.03
CA ILE C 4058 39.45 -21.34 30.26
C ILE C 4058 39.13 -20.56 31.53
N LEU C 4059 37.87 -20.13 31.67
CA LEU C 4059 37.48 -19.33 32.82
C LEU C 4059 37.58 -20.15 34.10
N LYS C 4060 37.22 -21.43 34.03
CA LYS C 4060 37.36 -22.29 35.19
C LYS C 4060 38.83 -22.46 35.57
N PHE C 4061 39.73 -22.43 34.57
CA PHE C 4061 41.15 -22.46 34.87
C PHE C 4061 41.58 -21.21 35.60
N PHE C 4062 41.10 -20.05 35.13
CA PHE C 4062 41.57 -18.79 35.70
C PHE C 4062 41.06 -18.62 37.12
N ASP C 4063 39.75 -18.83 37.33
CA ASP C 4063 39.22 -18.58 38.66
C ASP C 4063 39.72 -19.62 39.66
N MET C 4064 40.12 -20.83 39.22
CA MET C 4064 40.56 -21.75 40.26
C MET C 4064 41.95 -21.39 40.81
N PHE C 4065 42.77 -20.61 40.09
CA PHE C 4065 43.88 -19.88 40.73
C PHE C 4065 43.48 -18.59 41.43
N LEU C 4066 42.43 -17.92 40.97
CA LEU C 4066 42.07 -16.65 41.59
C LEU C 4066 41.29 -16.81 42.88
N LYS C 4067 40.23 -17.62 42.87
CA LYS C 4067 39.44 -17.86 44.06
C LYS C 4067 40.28 -18.54 45.13
N LEU C 4068 41.10 -19.53 44.73
CA LEU C 4068 41.94 -20.21 45.71
C LEU C 4068 43.10 -19.32 46.20
N LYS C 4069 43.42 -18.23 45.47
CA LYS C 4069 44.43 -17.28 45.93
C LYS C 4069 44.02 -16.63 47.25
N ASP C 4070 42.71 -16.49 47.47
CA ASP C 4070 42.19 -15.92 48.71
C ASP C 4070 41.65 -17.01 49.63
N ILE C 4071 41.17 -18.12 49.07
CA ILE C 4071 40.65 -19.24 49.87
C ILE C 4071 41.77 -19.83 50.72
N VAL C 4072 43.02 -19.81 50.24
CA VAL C 4072 44.14 -20.27 51.08
C VAL C 4072 44.28 -19.37 52.31
N GLY C 4073 43.99 -18.07 52.16
CA GLY C 4073 43.99 -17.12 53.25
C GLY C 4073 42.74 -17.11 54.11
N SER C 4074 41.73 -17.92 53.78
CA SER C 4074 40.52 -18.03 54.58
C SER C 4074 40.83 -18.70 55.92
N GLU C 4075 40.06 -18.32 56.94
CA GLU C 4075 40.30 -18.80 58.29
C GLU C 4075 40.12 -20.31 58.42
N ALA C 4076 39.10 -20.89 57.78
CA ALA C 4076 38.87 -22.34 57.83
C ALA C 4076 40.03 -23.13 57.25
N PHE C 4077 40.59 -22.65 56.14
CA PHE C 4077 41.76 -23.28 55.56
C PHE C 4077 43.00 -23.02 56.40
N GLN C 4078 43.17 -21.79 56.93
CA GLN C 4078 44.34 -21.49 57.74
C GLN C 4078 44.35 -22.31 59.02
N ASP C 4079 43.18 -22.50 59.64
CA ASP C 4079 43.07 -23.38 60.80
C ASP C 4079 43.41 -24.82 60.43
N TYR C 4080 43.01 -25.25 59.22
CA TYR C 4080 43.42 -26.59 58.80
C TYR C 4080 44.93 -26.66 58.57
N VAL C 4081 45.54 -25.55 58.16
CA VAL C 4081 46.99 -25.47 57.95
C VAL C 4081 47.69 -25.60 59.30
N THR C 4082 48.60 -26.57 59.40
CA THR C 4082 49.27 -26.86 60.66
C THR C 4082 50.79 -26.79 60.60
N ASP C 4083 51.39 -26.92 59.42
CA ASP C 4083 52.84 -27.01 59.33
C ASP C 4083 53.46 -25.63 59.50
N PRO C 4084 54.47 -25.48 60.36
CA PRO C 4084 55.17 -24.18 60.49
C PRO C 4084 56.06 -23.83 59.32
N ARG C 4085 56.40 -24.79 58.44
CA ARG C 4085 57.22 -24.50 57.27
C ARG C 4085 56.44 -23.84 56.15
N GLY C 4086 55.13 -23.73 56.27
CA GLY C 4086 54.32 -23.18 55.21
C GLY C 4086 53.89 -24.21 54.19
N LEU C 4087 53.52 -25.39 54.68
CA LEU C 4087 53.15 -26.50 53.82
C LEU C 4087 51.82 -27.06 54.29
N ILE C 4088 51.28 -28.02 53.53
CA ILE C 4088 50.05 -28.71 53.87
C ILE C 4088 50.08 -30.06 53.17
N SER C 4089 49.61 -31.10 53.85
CA SER C 4089 49.63 -32.41 53.22
C SER C 4089 48.48 -32.50 52.21
N LYS C 4090 48.59 -33.47 51.30
CA LYS C 4090 47.54 -33.68 50.30
C LYS C 4090 46.19 -34.05 50.92
N LYS C 4091 46.21 -34.93 51.93
CA LYS C 4091 44.98 -35.28 52.64
C LYS C 4091 44.37 -34.07 53.34
N ASP C 4092 45.20 -33.26 53.98
CA ASP C 4092 44.75 -32.03 54.63
C ASP C 4092 44.19 -31.04 53.62
N PHE C 4093 44.84 -30.94 52.45
CA PHE C 4093 44.37 -30.06 51.40
C PHE C 4093 43.02 -30.51 50.90
N GLN C 4094 42.84 -31.83 50.75
CA GLN C 4094 41.59 -32.39 50.26
C GLN C 4094 40.47 -32.09 51.22
N LYS C 4095 40.68 -32.35 52.52
CA LYS C 4095 39.61 -32.17 53.49
C LYS C 4095 39.41 -30.71 53.89
N ALA C 4096 40.33 -29.81 53.50
CA ALA C 4096 40.14 -28.39 53.75
C ALA C 4096 39.49 -27.66 52.59
N MET C 4097 39.81 -28.05 51.35
CA MET C 4097 39.32 -27.34 50.17
C MET C 4097 37.81 -27.45 50.03
N ASP C 4098 37.24 -28.63 50.28
CA ASP C 4098 35.81 -28.86 50.13
C ASP C 4098 34.98 -28.25 51.25
N SER C 4099 35.63 -27.74 52.32
CA SER C 4099 34.91 -27.10 53.42
C SER C 4099 34.18 -25.85 52.98
N GLN C 4100 34.71 -25.16 51.96
CA GLN C 4100 34.10 -23.94 51.45
C GLN C 4100 32.79 -24.20 50.71
N LYS C 4101 32.47 -25.47 50.40
CA LYS C 4101 31.26 -25.89 49.67
C LYS C 4101 31.11 -25.18 48.33
N GLN C 4102 32.22 -25.06 47.60
CA GLN C 4102 32.24 -24.40 46.31
C GLN C 4102 32.79 -25.25 45.18
N PHE C 4103 33.78 -26.09 45.45
CA PHE C 4103 34.41 -26.90 44.42
C PHE C 4103 33.81 -28.30 44.39
N THR C 4104 33.56 -28.81 43.19
CA THR C 4104 32.99 -30.14 43.04
C THR C 4104 34.13 -31.15 42.91
N GLY C 4105 33.79 -32.44 42.87
CA GLY C 4105 34.75 -33.53 42.80
C GLY C 4105 35.76 -33.54 41.67
N PRO C 4106 35.32 -33.32 40.40
CA PRO C 4106 36.29 -33.13 39.31
C PRO C 4106 37.25 -31.98 39.57
N GLU C 4107 36.76 -30.90 40.17
CA GLU C 4107 37.62 -29.74 40.39
C GLU C 4107 38.62 -30.05 41.51
N ILE C 4108 38.15 -30.69 42.58
CA ILE C 4108 39.00 -30.97 43.75
C ILE C 4108 40.12 -31.90 43.32
N GLN C 4109 39.77 -32.97 42.61
CA GLN C 4109 40.77 -33.92 42.11
C GLN C 4109 41.73 -33.26 41.12
N PHE C 4110 41.19 -32.47 40.19
CA PHE C 4110 42.02 -31.80 39.19
C PHE C 4110 43.00 -30.82 39.84
N LEU C 4111 42.52 -30.03 40.80
CA LEU C 4111 43.39 -29.06 41.46
C LEU C 4111 44.44 -29.76 42.31
N LEU C 4112 44.07 -30.89 42.93
CA LEU C 4112 45.04 -31.68 43.67
C LEU C 4112 46.12 -32.21 42.74
N SER C 4113 45.74 -32.65 41.55
CA SER C 4113 46.73 -33.14 40.59
C SER C 4113 47.65 -31.99 40.16
N CYS C 4114 47.06 -30.81 39.95
CA CYS C 4114 47.83 -29.63 39.56
C CYS C 4114 48.80 -29.18 40.65
N SER C 4115 48.49 -29.48 41.91
CA SER C 4115 49.33 -29.06 43.02
C SER C 4115 50.70 -29.73 42.95
N GLU C 4116 51.74 -28.97 43.33
CA GLU C 4116 53.11 -29.47 43.30
C GLU C 4116 53.40 -30.28 44.57
N ALA C 4117 52.84 -31.48 44.58
CA ALA C 4117 53.10 -32.42 45.67
C ALA C 4117 54.54 -32.90 45.61
N ASP C 4118 55.26 -32.77 46.73
CA ASP C 4118 56.66 -33.18 46.79
C ASP C 4118 56.74 -34.69 46.97
N GLU C 4119 57.95 -35.19 47.28
CA GLU C 4119 58.12 -36.61 47.59
C GLU C 4119 57.41 -37.04 48.87
N ASN C 4120 57.06 -36.10 49.74
CA ASN C 4120 56.33 -36.40 50.97
C ASN C 4120 54.85 -36.14 50.86
N GLU C 4121 54.35 -35.83 49.64
CA GLU C 4121 52.96 -35.48 49.35
C GLU C 4121 52.50 -34.31 50.21
N MET C 4122 53.43 -33.38 50.44
CA MET C 4122 53.27 -32.28 51.39
C MET C 4122 53.24 -31.03 50.50
N ILE C 4123 52.03 -30.59 50.15
CA ILE C 4123 51.84 -29.55 49.14
C ILE C 4123 52.41 -28.23 49.62
N ASN C 4124 53.38 -27.70 48.86
CA ASN C 4124 53.97 -26.40 49.13
C ASN C 4124 53.05 -25.35 48.48
N PHE C 4125 51.97 -25.02 49.19
CA PHE C 4125 50.96 -24.11 48.67
C PHE C 4125 51.42 -22.65 48.64
N GLU C 4126 52.64 -22.35 49.09
CA GLU C 4126 53.18 -20.99 49.03
C GLU C 4126 53.33 -20.53 47.59
N GLU C 4127 53.79 -21.39 46.70
CA GLU C 4127 53.97 -21.02 45.30
C GLU C 4127 52.95 -21.63 44.36
N PHE C 4128 52.13 -22.57 44.83
CA PHE C 4128 51.08 -23.17 44.00
C PHE C 4128 50.09 -22.10 43.55
N ALA C 4129 49.65 -21.24 44.46
CA ALA C 4129 48.74 -20.18 44.08
C ALA C 4129 49.46 -19.05 43.35
N ASN C 4130 50.70 -18.75 43.75
CA ASN C 4130 51.40 -17.56 43.28
C ASN C 4130 52.25 -17.82 42.02
N ARG C 4131 52.19 -19.01 41.45
CA ARG C 4131 53.04 -19.33 40.31
C ARG C 4131 52.66 -18.55 39.06
N PHE C 4132 51.37 -18.55 38.70
CA PHE C 4132 50.90 -17.95 37.45
C PHE C 4132 49.97 -16.77 37.64
N GLN C 4133 49.89 -16.19 38.86
CA GLN C 4133 48.92 -15.12 39.13
C GLN C 4133 49.18 -13.89 38.26
N GLU C 4134 50.45 -13.51 38.11
CA GLU C 4134 50.78 -12.33 37.30
C GLU C 4134 50.44 -12.51 35.82
N PRO C 4135 50.93 -13.54 35.08
CA PRO C 4135 50.55 -13.62 33.66
C PRO C 4135 49.07 -13.85 33.41
N ALA C 4136 48.40 -14.66 34.25
CA ALA C 4136 46.98 -14.95 34.04
C ALA C 4136 46.07 -13.78 34.40
N ARG C 4137 46.61 -12.74 35.03
CA ARG C 4137 45.84 -11.55 35.35
C ARG C 4137 45.44 -10.81 34.09
N ASP C 4138 46.37 -10.67 33.15
CA ASP C 4138 46.13 -9.87 31.96
C ASP C 4138 45.08 -10.52 31.07
N ILE C 4139 45.25 -11.82 30.81
CA ILE C 4139 44.31 -12.55 29.97
C ILE C 4139 42.93 -12.60 30.62
N GLY C 4140 42.86 -12.84 31.94
CA GLY C 4140 41.56 -12.82 32.62
C GLY C 4140 40.89 -11.46 32.54
N PHE C 4141 41.69 -10.39 32.61
CA PHE C 4141 41.16 -9.05 32.49
C PHE C 4141 40.63 -8.81 31.08
N ASN C 4142 41.36 -9.26 30.08
CA ASN C 4142 40.98 -8.97 28.71
C ASN C 4142 39.74 -9.76 28.30
N VAL C 4143 39.63 -11.01 28.75
CA VAL C 4143 38.41 -11.77 28.45
C VAL C 4143 37.23 -11.17 29.21
N ALA C 4144 37.48 -10.58 30.39
CA ALA C 4144 36.43 -9.84 31.09
C ALA C 4144 35.98 -8.62 30.28
N VAL C 4145 36.94 -7.89 29.71
CA VAL C 4145 36.63 -6.74 28.86
C VAL C 4145 35.83 -7.16 27.64
N LEU C 4146 36.24 -8.28 27.03
CA LEU C 4146 35.55 -8.80 25.86
C LEU C 4146 34.12 -9.20 26.18
N LEU C 4147 33.92 -9.87 27.31
CA LEU C 4147 32.58 -10.30 27.68
C LEU C 4147 31.70 -9.13 28.08
N THR C 4148 32.27 -8.12 28.75
CA THR C 4148 31.52 -6.91 29.07
C THR C 4148 31.11 -6.18 27.81
N ASN C 4149 32.02 -6.07 26.85
CA ASN C 4149 31.77 -5.37 25.59
C ASN C 4149 30.67 -6.06 24.80
N LEU C 4150 30.75 -7.39 24.71
CA LEU C 4150 29.73 -8.13 23.97
C LEU C 4150 28.39 -8.06 24.66
N SER C 4151 28.37 -8.13 25.99
CA SER C 4151 27.11 -8.10 26.73
C SER C 4151 26.41 -6.76 26.53
N GLU C 4152 27.18 -5.66 26.55
CA GLU C 4152 26.57 -4.35 26.40
C GLU C 4152 26.13 -4.09 24.97
N HIS C 4153 26.91 -4.55 23.98
CA HIS C 4153 26.56 -4.27 22.59
C HIS C 4153 25.63 -5.30 21.97
N VAL C 4154 25.36 -6.42 22.63
CA VAL C 4154 24.34 -7.34 22.14
C VAL C 4154 23.46 -7.61 23.36
N PRO C 4155 22.47 -6.76 23.63
CA PRO C 4155 21.78 -6.82 24.92
C PRO C 4155 20.75 -7.92 25.05
N HIS C 4156 20.15 -8.37 23.95
CA HIS C 4156 19.00 -9.26 24.00
C HIS C 4156 19.32 -10.64 23.45
N ASP C 4157 20.48 -11.18 23.81
CA ASP C 4157 20.87 -12.52 23.37
C ASP C 4157 20.90 -13.47 24.57
N PRO C 4158 19.90 -14.35 24.73
CA PRO C 4158 19.93 -15.33 25.84
C PRO C 4158 21.12 -16.26 25.81
N ARG C 4159 21.60 -16.60 24.60
CA ARG C 4159 22.79 -17.44 24.48
C ARG C 4159 23.97 -16.73 25.08
N LEU C 4160 24.09 -15.42 24.83
CA LEU C 4160 25.12 -14.60 25.46
C LEU C 4160 24.90 -14.54 26.96
N ARG C 4161 23.63 -14.46 27.39
CA ARG C 4161 23.29 -14.34 28.80
C ARG C 4161 23.82 -15.50 29.61
N ASN C 4162 23.73 -16.72 29.05
CA ASN C 4162 24.21 -17.92 29.76
C ASN C 4162 25.70 -17.83 30.10
N PHE C 4163 26.47 -17.16 29.23
CA PHE C 4163 27.89 -16.97 29.51
C PHE C 4163 28.10 -16.07 30.72
N LEU C 4164 27.16 -15.15 30.98
CA LEU C 4164 27.35 -14.21 32.09
C LEU C 4164 27.39 -14.97 33.42
N GLU C 4165 26.49 -15.94 33.61
CA GLU C 4165 26.57 -16.80 34.78
C GLU C 4165 27.76 -17.73 34.72
N LEU C 4166 28.18 -18.16 33.53
CA LEU C 4166 29.41 -18.96 33.47
C LEU C 4166 30.67 -18.16 33.79
N ALA C 4167 30.65 -16.85 33.54
CA ALA C 4167 31.78 -15.95 33.75
C ALA C 4167 31.63 -15.03 34.94
N GLU C 4168 30.63 -15.26 35.81
CA GLU C 4168 30.35 -14.35 36.92
C GLU C 4168 31.46 -14.27 37.95
N SER C 4169 32.31 -15.29 38.09
CA SER C 4169 33.37 -15.23 39.08
C SER C 4169 34.45 -14.24 38.67
N ILE C 4170 34.85 -14.29 37.40
CA ILE C 4170 35.90 -13.41 36.89
C ILE C 4170 35.40 -11.97 36.85
N LEU C 4171 34.16 -11.77 36.37
CA LEU C 4171 33.61 -10.43 36.24
C LEU C 4171 33.48 -9.77 37.60
N GLU C 4172 33.07 -10.54 38.61
CA GLU C 4172 33.00 -10.03 39.97
C GLU C 4172 34.39 -9.67 40.49
N TYR C 4173 35.39 -10.50 40.17
CA TYR C 4173 36.75 -10.22 40.63
C TYR C 4173 37.31 -8.96 39.99
N PHE C 4174 37.04 -8.74 38.71
CA PHE C 4174 37.61 -7.62 37.99
C PHE C 4174 36.69 -6.41 37.95
N ARG C 4175 35.53 -6.49 38.61
CA ARG C 4175 34.63 -5.35 38.70
C ARG C 4175 35.26 -4.10 39.31
N PRO C 4176 36.04 -4.13 40.42
CA PRO C 4176 36.59 -2.86 40.94
C PRO C 4176 37.64 -2.19 40.04
N TYR C 4177 38.21 -2.89 39.05
CA TYR C 4177 39.33 -2.33 38.30
C TYR C 4177 38.98 -2.01 36.85
N LEU C 4178 37.86 -2.50 36.36
CA LEU C 4178 37.45 -2.25 34.98
C LEU C 4178 36.80 -0.89 34.89
N GLY C 4179 37.28 -0.03 34.01
CA GLY C 4179 36.73 1.32 33.86
C GLY C 4179 36.20 1.52 32.46
N ARG C 4180 35.06 2.18 32.36
CA ARG C 4180 34.44 2.40 31.07
C ARG C 4180 34.16 3.89 30.96
N ILE C 4181 34.47 4.47 29.80
CA ILE C 4181 34.18 5.86 29.52
C ILE C 4181 33.52 5.96 28.16
N GLU C 4182 32.77 7.03 27.95
CA GLU C 4182 32.17 7.27 26.65
C GLU C 4182 32.80 8.51 26.03
N ILE C 4183 33.16 8.40 24.76
CA ILE C 4183 33.73 9.51 24.01
C ILE C 4183 32.95 9.71 22.73
N MET C 4184 33.05 10.91 22.18
CA MET C 4184 32.51 11.15 20.85
C MET C 4184 33.59 10.71 19.89
N GLY C 4185 33.35 9.63 19.18
CA GLY C 4185 34.41 9.04 18.37
C GLY C 4185 34.60 9.75 17.06
N ALA C 4186 35.66 9.33 16.35
CA ALA C 4186 35.98 9.90 15.04
C ALA C 4186 34.89 9.62 14.03
N SER C 4187 34.13 8.54 14.25
CA SER C 4187 33.04 8.08 13.40
C SER C 4187 31.83 9.01 13.45
N ARG C 4188 31.83 9.97 14.41
CA ARG C 4188 30.78 10.94 14.73
C ARG C 4188 29.66 10.28 15.53
N ARG C 4189 29.98 9.21 16.23
CA ARG C 4189 29.06 8.54 17.13
C ARG C 4189 29.77 8.22 18.44
N ILE C 4190 28.99 8.19 19.52
CA ILE C 4190 29.50 7.88 20.84
C ILE C 4190 30.01 6.44 20.89
N GLU C 4191 31.19 6.26 21.51
CA GLU C 4191 31.84 4.96 21.62
C GLU C 4191 32.33 4.74 23.04
N ARG C 4192 32.25 3.50 23.51
CA ARG C 4192 32.65 3.14 24.87
C ARG C 4192 34.05 2.54 24.89
N ILE C 4193 34.90 3.06 25.77
CA ILE C 4193 36.29 2.64 25.90
C ILE C 4193 36.47 1.95 27.25
N TYR C 4194 37.12 0.79 27.26
CA TYR C 4194 37.35 0.04 28.48
C TYR C 4194 38.84 0.05 28.80
N PHE C 4195 39.19 0.39 30.05
CA PHE C 4195 40.57 0.55 30.48
C PHE C 4195 40.77 -0.07 31.86
N GLU C 4196 42.05 -0.09 32.28
CA GLU C 4196 42.44 -0.63 33.58
C GLU C 4196 42.72 0.46 34.61
N ILE C 4197 42.07 0.37 35.77
CA ILE C 4197 42.34 1.28 36.88
C ILE C 4197 43.26 0.57 37.88
N SER C 4198 44.42 1.16 38.17
CA SER C 4198 45.34 0.47 39.07
C SER C 4198 44.79 0.53 40.50
N GLU C 4199 45.23 -0.44 41.31
CA GLU C 4199 44.77 -0.53 42.70
C GLU C 4199 45.23 0.70 43.47
N THR C 4200 46.48 1.10 43.22
CA THR C 4200 47.07 2.23 43.93
C THR C 4200 46.29 3.48 43.61
N ASN C 4201 45.94 3.67 42.32
CA ASN C 4201 45.22 4.87 41.89
C ASN C 4201 43.86 4.89 42.56
N ARG C 4202 43.20 3.72 42.63
CA ARG C 4202 41.85 3.64 43.20
C ARG C 4202 41.89 4.07 44.66
N ALA C 4203 42.90 3.56 45.41
CA ALA C 4203 43.02 3.89 46.82
C ALA C 4203 43.31 5.37 47.01
N GLN C 4204 44.24 5.91 46.21
CA GLN C 4204 44.61 7.32 46.34
C GLN C 4204 43.41 8.19 45.99
N TRP C 4205 42.60 7.74 45.03
CA TRP C 4205 41.42 8.49 44.65
C TRP C 4205 40.45 8.53 45.81
N GLU C 4206 40.34 7.42 46.55
CA GLU C 4206 39.34 7.38 47.60
C GLU C 4206 39.87 7.97 48.89
N MET C 4207 41.13 8.43 48.89
CA MET C 4207 41.69 9.10 50.06
C MET C 4207 40.91 10.38 50.37
N PRO C 4208 40.77 10.74 51.65
CA PRO C 4208 39.93 11.90 52.03
C PRO C 4208 40.34 13.25 51.45
N GLN C 4209 41.65 13.50 51.34
CA GLN C 4209 42.14 14.77 50.79
C GLN C 4209 41.69 14.97 49.35
N VAL C 4210 41.78 13.91 48.54
CA VAL C 4210 41.41 14.00 47.13
C VAL C 4210 39.90 14.26 47.05
N LYS C 4211 39.13 13.69 47.98
CA LYS C 4211 37.68 13.82 47.95
C LYS C 4211 37.30 15.26 48.25
N GLU C 4212 38.02 15.89 49.19
CA GLU C 4212 37.78 17.29 49.50
C GLU C 4212 38.17 18.16 48.32
N SER C 4213 39.27 17.80 47.65
CA SER C 4213 39.75 18.52 46.48
C SER C 4213 38.70 18.48 45.37
N LYS C 4214 38.09 17.31 45.18
CA LYS C 4214 37.03 17.13 44.20
C LYS C 4214 35.84 18.00 44.55
N ARG C 4215 35.43 18.02 45.82
CA ARG C 4215 34.23 18.75 46.20
C ARG C 4215 34.45 20.25 46.03
N GLN C 4216 35.67 20.69 46.35
CA GLN C 4216 36.08 22.08 46.15
C GLN C 4216 35.99 22.45 44.68
N PHE C 4217 36.52 21.57 43.81
CA PHE C 4217 36.53 21.85 42.38
C PHE C 4217 35.11 21.94 41.85
N ILE C 4218 34.25 21.01 42.27
CA ILE C 4218 32.87 20.98 41.76
C ILE C 4218 32.16 22.25 42.17
N PHE C 4219 32.39 22.71 43.42
CA PHE C 4219 31.75 23.92 43.90
C PHE C 4219 32.19 25.12 43.09
N ASP C 4220 33.51 25.24 42.84
CA ASP C 4220 34.02 26.39 42.10
C ASP C 4220 33.52 26.39 40.66
N VAL C 4221 33.53 25.22 40.01
CA VAL C 4221 33.14 25.10 38.61
C VAL C 4221 31.65 25.40 38.42
N VAL C 4222 30.77 24.91 39.31
CA VAL C 4222 29.36 25.25 39.18
C VAL C 4222 29.09 26.70 39.58
N ASN C 4223 29.64 27.13 40.72
CA ASN C 4223 29.32 28.46 41.23
C ASN C 4223 29.97 29.57 40.41
N GLU C 4224 31.25 29.42 40.06
CA GLU C 4224 32.00 30.48 39.40
C GLU C 4224 32.67 29.92 38.14
N GLY C 4225 31.86 29.47 37.19
CA GLY C 4225 32.40 28.85 36.00
C GLY C 4225 31.41 28.87 34.86
N GLY C 4226 31.94 28.73 33.65
CA GLY C 4226 31.13 28.68 32.45
C GLY C 4226 31.09 27.28 31.85
N GLU C 4227 30.01 27.02 31.11
CA GLU C 4227 29.85 25.73 30.44
C GLU C 4227 30.94 25.53 29.39
N ALA C 4228 31.32 26.63 28.71
CA ALA C 4228 32.28 26.55 27.62
C ALA C 4228 33.63 26.10 28.15
N GLU C 4229 34.03 26.61 29.31
CA GLU C 4229 35.35 26.32 29.87
C GLU C 4229 35.30 25.18 30.86
N LYS C 4230 34.11 24.59 31.06
CA LYS C 4230 33.93 23.54 32.07
C LYS C 4230 34.83 22.34 31.80
N MET C 4231 34.93 21.94 30.52
CA MET C 4231 35.71 20.76 30.16
C MET C 4231 37.19 21.02 30.31
N GLU C 4232 37.64 22.24 29.99
CA GLU C 4232 39.04 22.60 30.16
C GLU C 4232 39.41 22.62 31.63
N LEU C 4233 38.53 23.20 32.46
CA LEU C 4233 38.79 23.26 33.90
C LEU C 4233 38.82 21.86 34.48
N PHE C 4234 37.93 20.99 34.01
CA PHE C 4234 37.90 19.61 34.47
C PHE C 4234 39.17 18.86 34.10
N VAL C 4235 39.73 19.12 32.92
CA VAL C 4235 40.97 18.44 32.56
C VAL C 4235 42.14 19.01 33.37
N SER C 4236 42.09 20.31 33.68
CA SER C 4236 43.12 20.90 34.54
C SER C 4236 43.10 20.28 35.93
N PHE C 4237 41.88 20.11 36.47
CA PHE C 4237 41.70 19.43 37.75
C PHE C 4237 42.22 18.00 37.70
N CYS C 4238 41.94 17.28 36.61
CA CYS C 4238 42.43 15.91 36.46
C CYS C 4238 43.95 15.86 36.46
N GLU C 4239 44.59 16.77 35.73
CA GLU C 4239 46.06 16.78 35.67
C GLU C 4239 46.66 17.08 37.04
N ASP C 4240 46.07 18.04 37.76
CA ASP C 4240 46.53 18.33 39.12
C ASP C 4240 46.38 17.13 40.04
N THR C 4241 45.26 16.41 39.92
CA THR C 4241 45.04 15.23 40.75
C THR C 4241 46.02 14.11 40.41
N ILE C 4242 46.35 13.94 39.12
CA ILE C 4242 47.34 12.93 38.74
C ILE C 4242 48.70 13.27 39.32
N PHE C 4243 49.11 14.54 39.24
CA PHE C 4243 50.41 14.93 39.80
C PHE C 4243 50.42 14.78 41.32
N GLU C 4244 49.29 15.09 41.98
CA GLU C 4244 49.16 14.86 43.41
C GLU C 4244 49.33 13.38 43.75
N MET C 4245 48.71 12.50 42.97
CA MET C 4245 48.83 11.07 43.19
C MET C 4245 50.26 10.59 43.00
N GLN C 4246 50.95 11.11 41.99
CA GLN C 4246 52.36 10.74 41.77
C GLN C 4246 53.23 11.19 42.94
N ILE C 4247 52.99 12.40 43.45
CA ILE C 4247 53.75 12.91 44.60
C ILE C 4247 53.47 12.07 45.84
N ALA C 4248 52.20 11.70 46.05
CA ALA C 4248 51.82 10.87 47.19
C ALA C 4248 52.44 9.49 47.11
N ALA C 4249 52.47 8.90 45.91
CA ALA C 4249 53.11 7.60 45.72
C ALA C 4249 54.60 7.69 45.96
N GLN C 4250 55.23 8.78 45.52
CA GLN C 4250 56.66 8.97 45.77
C GLN C 4250 56.96 9.08 47.26
N ILE C 4251 56.16 9.84 48.00
CA ILE C 4251 56.44 10.03 49.43
C ILE C 4251 55.97 8.86 50.27
N SER C 4252 55.13 7.98 49.73
CA SER C 4252 54.67 6.81 50.48
C SER C 4252 55.82 5.85 50.75
N GLU C 4253 55.71 5.13 51.86
CA GLU C 4253 56.74 4.19 52.26
C GLU C 4253 56.17 2.78 52.39
N PRO C 4254 56.95 1.75 52.05
CA PRO C 4254 56.46 0.37 52.17
C PRO C 4254 56.38 -0.10 53.61
N PHE C 4540 79.91 7.56 52.39
CA PHE C 4540 78.85 7.73 53.38
C PHE C 4540 77.86 8.83 52.98
N TRP C 4541 78.18 9.49 51.86
CA TRP C 4541 77.28 10.49 51.30
C TRP C 4541 75.97 9.85 50.86
N GLY C 4542 76.04 8.63 50.31
CA GLY C 4542 74.82 7.91 49.99
C GLY C 4542 74.02 7.57 51.23
N GLU C 4543 74.71 7.25 52.32
CA GLU C 4543 74.05 6.86 53.58
C GLU C 4543 73.25 8.03 54.14
N LEU C 4544 73.89 9.21 54.23
CA LEU C 4544 73.17 10.38 54.71
C LEU C 4544 72.05 10.74 53.74
N GLU C 4545 72.30 10.63 52.42
CA GLU C 4545 71.28 10.98 51.43
C GLU C 4545 70.04 10.11 51.63
N VAL C 4546 70.26 8.81 51.88
CA VAL C 4546 69.21 7.81 52.14
C VAL C 4546 68.35 8.26 53.31
N GLN C 4547 69.02 8.54 54.44
CA GLN C 4547 68.29 8.93 55.65
C GLN C 4547 67.55 10.24 55.40
N ARG C 4548 68.16 11.13 54.61
CA ARG C 4548 67.56 12.42 54.29
C ARG C 4548 66.23 12.23 53.56
N VAL C 4549 66.18 11.34 52.54
CA VAL C 4549 64.89 11.09 51.88
C VAL C 4549 63.91 10.47 52.86
N LYS C 4550 64.40 9.58 53.74
CA LYS C 4550 63.51 8.89 54.68
C LYS C 4550 62.84 9.90 55.61
N PHE C 4551 63.64 10.87 56.08
CA PHE C 4551 63.15 11.94 56.94
C PHE C 4551 62.16 12.81 56.19
N LEU C 4552 62.54 13.21 54.95
CA LEU C 4552 61.70 14.10 54.16
C LEU C 4552 60.35 13.45 53.87
N ASN C 4553 60.35 12.14 53.60
CA ASN C 4553 59.11 11.41 53.38
C ASN C 4553 58.28 11.39 54.66
N TYR C 4554 58.96 11.28 55.81
CA TYR C 4554 58.23 11.21 57.08
C TYR C 4554 57.52 12.51 57.33
N LEU C 4555 58.24 13.62 57.11
CA LEU C 4555 57.69 14.96 57.31
C LEU C 4555 56.51 15.21 56.37
N SER C 4556 56.68 14.81 55.10
CA SER C 4556 55.63 15.04 54.11
C SER C 4556 54.39 14.20 54.44
N ARG C 4557 54.61 12.95 54.87
CA ARG C 4557 53.49 12.09 55.24
C ARG C 4557 52.75 12.60 56.46
N ASN C 4558 53.46 13.25 57.38
CA ASN C 4558 52.86 13.71 58.63
C ASN C 4558 52.85 15.22 58.74
N PHE C 4559 52.69 15.91 57.60
CA PHE C 4559 52.63 17.37 57.60
C PHE C 4559 51.40 17.90 58.34
N TYR C 4560 50.24 17.29 58.12
CA TYR C 4560 49.01 17.78 58.73
C TYR C 4560 49.00 17.57 60.24
N THR C 4561 49.57 16.44 60.68
CA THR C 4561 49.71 16.15 62.10
C THR C 4561 50.67 17.16 62.75
N LEU C 4562 51.73 17.53 62.04
CA LEU C 4562 52.66 18.54 62.55
C LEU C 4562 51.97 19.88 62.73
N ARG C 4563 51.14 20.29 61.75
CA ARG C 4563 50.41 21.55 61.85
C ARG C 4563 49.41 21.54 63.01
N PHE C 4564 48.76 20.40 63.22
CA PHE C 4564 47.86 20.25 64.36
C PHE C 4564 48.62 20.32 65.68
N LEU C 4565 49.81 19.71 65.72
CA LEU C 4565 50.64 19.79 66.91
C LEU C 4565 51.04 21.22 67.19
N ALA C 4566 51.35 21.97 66.11
CA ALA C 4566 51.79 23.35 66.27
C ALA C 4566 50.67 24.20 66.86
N LEU C 4567 49.44 23.92 66.45
CA LEU C 4567 48.28 24.60 67.04
C LEU C 4567 48.11 24.26 68.50
N PHE C 4568 48.29 22.96 68.85
CA PHE C 4568 48.20 22.55 70.25
C PHE C 4568 49.28 23.25 71.06
N LEU C 4569 50.49 23.35 70.49
CA LEU C 4569 51.64 23.90 71.20
C LEU C 4569 51.43 25.38 71.47
N ALA C 4570 50.80 26.08 70.52
CA ALA C 4570 50.46 27.49 70.73
C ALA C 4570 49.42 27.63 71.81
N PHE C 4571 48.42 26.72 71.84
CA PHE C 4571 47.38 26.81 72.86
C PHE C 4571 47.96 26.58 74.25
N ALA C 4572 48.92 25.66 74.34
CA ALA C 4572 49.50 25.34 75.64
C ALA C 4572 50.44 26.45 76.12
N ILE C 4573 51.21 27.05 75.20
CA ILE C 4573 52.05 28.18 75.58
C ILE C 4573 51.18 29.35 76.05
N ASN C 4574 50.06 29.61 75.36
CA ASN C 4574 49.17 30.70 75.75
C ASN C 4574 48.55 30.45 77.12
N PHE C 4575 48.20 29.18 77.39
CA PHE C 4575 47.68 28.81 78.71
C PHE C 4575 48.73 29.08 79.77
N ILE C 4576 49.99 28.75 79.49
CA ILE C 4576 51.06 29.02 80.45
C ILE C 4576 51.20 30.54 80.62
N LEU C 4577 51.01 31.29 79.53
CA LEU C 4577 51.18 32.74 79.51
C LEU C 4577 50.05 33.46 80.24
N LEU C 4578 49.01 32.73 80.64
CA LEU C 4578 47.90 33.37 81.33
C LEU C 4578 48.17 33.48 82.82
N PHE C 4579 49.36 33.09 83.27
CA PHE C 4579 49.78 33.13 84.67
C PHE C 4579 50.84 34.18 84.90
N TYR C 4580 51.16 34.99 83.90
CA TYR C 4580 52.20 36.00 84.03
C TYR C 4580 51.74 37.17 84.90
N LYS C 4581 52.66 37.64 85.74
CA LYS C 4581 52.40 38.79 86.61
C LYS C 4581 53.54 39.79 86.39
N VAL C 4582 53.26 41.06 86.70
CA VAL C 4582 54.26 42.12 86.63
C VAL C 4582 54.46 42.73 88.01
N SER C 4583 55.72 42.94 88.38
CA SER C 4583 56.03 43.54 89.67
C SER C 4583 57.14 44.56 89.51
N ASP C 4584 57.08 45.61 90.33
CA ASP C 4584 58.20 46.56 90.35
C ASP C 4584 59.46 45.91 90.91
N SER C 4585 59.31 45.15 92.00
CA SER C 4585 60.45 44.47 92.61
C SER C 4585 60.87 43.27 91.76
N PRO C 4586 62.14 42.87 91.83
CA PRO C 4586 62.56 41.64 91.15
C PRO C 4586 61.94 40.43 91.82
N PRO C 4587 61.68 39.31 91.07
CA PRO C 4587 60.99 38.06 91.42
C PRO C 4587 60.73 37.67 92.89
N ASN C 4626 63.09 53.57 85.45
CA ASN C 4626 62.36 52.53 86.16
C ASN C 4626 62.31 51.25 85.33
N MET C 4627 62.11 50.12 86.01
CA MET C 4627 62.05 48.83 85.36
C MET C 4627 61.02 47.95 86.06
N VAL C 4628 60.24 47.22 85.27
CA VAL C 4628 59.26 46.28 85.78
C VAL C 4628 59.71 44.87 85.39
N TYR C 4629 59.49 43.92 86.29
CA TYR C 4629 59.91 42.55 86.13
C TYR C 4629 58.69 41.68 85.83
N TYR C 4630 58.68 41.08 84.64
CA TYR C 4630 57.63 40.16 84.25
C TYR C 4630 58.04 38.76 84.68
N PHE C 4631 57.18 38.07 85.43
CA PHE C 4631 57.54 36.70 85.79
C PHE C 4631 56.29 35.86 85.95
N LEU C 4632 56.46 34.56 85.74
CA LEU C 4632 55.37 33.64 85.98
C LEU C 4632 55.13 33.52 87.48
N GLU C 4633 53.89 33.32 87.87
CA GLU C 4633 53.57 33.04 89.27
C GLU C 4633 52.65 31.84 89.34
N GLU C 4634 53.21 30.68 89.66
CA GLU C 4634 52.43 29.46 89.87
C GLU C 4634 52.99 28.73 91.08
N SER C 4635 52.09 28.15 91.86
CA SER C 4635 52.50 27.42 93.06
C SER C 4635 53.26 26.14 92.74
N THR C 4636 52.81 25.39 91.72
CA THR C 4636 53.38 24.09 91.40
C THR C 4636 54.85 24.14 91.02
N GLY C 4637 55.28 25.15 90.26
CA GLY C 4637 56.65 25.24 89.83
C GLY C 4637 56.93 24.56 88.52
N TYR C 4638 55.99 23.76 88.03
CA TYR C 4638 56.13 23.00 86.79
C TYR C 4638 56.11 23.88 85.55
N MET C 4639 55.27 24.92 85.57
CA MET C 4639 55.02 25.74 84.37
C MET C 4639 56.27 26.44 83.82
N GLU C 4640 57.16 26.92 84.70
CA GLU C 4640 58.34 27.62 84.21
C GLU C 4640 59.24 26.70 83.38
N PRO C 4641 59.61 25.46 83.81
CA PRO C 4641 60.30 24.53 82.89
C PRO C 4641 59.59 24.30 81.56
N ALA C 4642 58.28 24.02 81.66
CA ALA C 4642 57.46 23.69 80.51
C ALA C 4642 57.42 24.81 79.49
N LEU C 4643 57.39 26.07 79.94
CA LEU C 4643 57.30 27.19 79.01
C LEU C 4643 58.50 27.23 78.06
N TRP C 4644 59.68 26.93 78.62
CA TRP C 4644 60.92 26.88 77.85
C TRP C 4644 60.96 25.67 76.92
N CYS C 4645 60.53 24.50 77.42
CA CYS C 4645 60.48 23.31 76.58
C CYS C 4645 59.45 23.45 75.46
N LEU C 4646 58.25 23.90 75.79
CA LEU C 4646 57.20 24.07 74.78
C LEU C 4646 57.58 25.13 73.75
N SER C 4647 58.28 26.20 74.17
CA SER C 4647 58.67 27.23 73.22
C SER C 4647 59.72 26.71 72.24
N LEU C 4648 60.67 25.90 72.74
CA LEU C 4648 61.66 25.30 71.85
C LEU C 4648 60.98 24.29 70.93
N LEU C 4649 60.03 23.52 71.47
CA LEU C 4649 59.33 22.52 70.67
C LEU C 4649 58.48 23.18 69.61
N HIS C 4650 57.95 24.36 69.90
CA HIS C 4650 57.16 25.13 68.94
C HIS C 4650 58.03 25.55 67.77
N THR C 4651 59.21 26.09 68.07
CA THR C 4651 60.10 26.54 67.01
C THR C 4651 60.55 25.36 66.14
N LEU C 4652 60.79 24.21 66.78
CA LEU C 4652 61.14 23.00 66.03
C LEU C 4652 60.02 22.54 65.11
N VAL C 4653 58.78 22.50 65.63
CA VAL C 4653 57.64 22.10 64.83
C VAL C 4653 57.41 23.06 63.67
N ALA C 4654 57.64 24.37 63.90
CA ALA C 4654 57.51 25.36 62.84
C ALA C 4654 58.53 25.12 61.73
N PHE C 4655 59.76 24.75 62.10
CA PHE C 4655 60.75 24.43 61.08
C PHE C 4655 60.35 23.17 60.33
N LEU C 4656 59.89 22.15 61.06
CA LEU C 4656 59.48 20.89 60.44
C LEU C 4656 58.33 21.10 59.47
N CYS C 4657 57.44 22.06 59.77
CA CYS C 4657 56.31 22.34 58.90
C CYS C 4657 56.74 23.11 57.66
N ILE C 4658 57.74 23.97 57.78
CA ILE C 4658 58.27 24.64 56.59
C ILE C 4658 58.93 23.63 55.66
N ILE C 4659 59.70 22.70 56.24
CA ILE C 4659 60.36 21.65 55.45
C ILE C 4659 59.32 20.75 54.79
N GLY C 4660 58.28 20.37 55.55
CA GLY C 4660 57.24 19.51 55.03
C GLY C 4660 56.50 20.17 53.89
N TYR C 4661 56.21 21.48 54.03
CA TYR C 4661 55.49 22.19 52.98
C TYR C 4661 56.33 22.20 51.71
N ASN C 4662 57.64 22.50 51.85
CA ASN C 4662 58.51 22.62 50.68
C ASN C 4662 58.58 21.30 49.93
N CYS C 4663 58.68 20.19 50.67
CA CYS C 4663 58.71 18.86 50.05
C CYS C 4663 57.38 18.45 49.45
N LEU C 4664 56.25 18.75 50.11
CA LEU C 4664 54.97 18.23 49.63
C LEU C 4664 54.14 19.14 48.73
N LYS C 4665 53.95 20.41 49.08
CA LYS C 4665 53.00 21.22 48.34
C LYS C 4665 53.63 22.24 47.41
N VAL C 4666 54.93 22.45 47.49
CA VAL C 4666 55.66 23.29 46.53
C VAL C 4666 55.74 22.62 45.15
N PRO C 4667 55.93 21.27 45.00
CA PRO C 4667 55.95 20.68 43.64
C PRO C 4667 54.70 20.97 42.84
N LEU C 4668 53.51 20.91 43.46
CA LEU C 4668 52.30 21.12 42.68
C LEU C 4668 52.22 22.56 42.16
N VAL C 4669 52.73 23.53 42.93
CA VAL C 4669 52.79 24.92 42.47
C VAL C 4669 53.70 25.03 41.26
N ILE C 4670 54.87 24.36 41.34
CA ILE C 4670 55.81 24.37 40.23
C ILE C 4670 55.18 23.70 39.00
N PHE C 4671 54.48 22.59 39.22
CA PHE C 4671 53.84 21.84 38.15
C PHE C 4671 52.81 22.71 37.44
N LYS C 4672 51.96 23.41 38.22
CA LYS C 4672 50.93 24.25 37.62
C LYS C 4672 51.55 25.39 36.85
N ARG C 4673 52.64 25.98 37.39
CA ARG C 4673 53.24 27.14 36.75
C ARG C 4673 53.88 26.74 35.43
N GLU C 4674 54.64 25.63 35.44
CA GLU C 4674 55.29 25.14 34.22
C GLU C 4674 54.26 24.75 33.19
N LYS C 4675 53.18 24.06 33.63
CA LYS C 4675 52.17 23.61 32.69
C LYS C 4675 51.50 24.82 32.04
N GLU C 4676 51.15 25.85 32.83
CA GLU C 4676 50.47 27.03 32.31
C GLU C 4676 51.38 27.81 31.37
N LEU C 4677 52.69 27.65 31.58
CA LEU C 4677 53.63 28.38 30.75
C LEU C 4677 53.79 27.64 29.44
N ALA C 4678 53.90 26.31 29.49
CA ALA C 4678 54.00 25.52 28.27
C ALA C 4678 52.78 25.75 27.38
N ARG C 4679 51.57 25.76 27.98
CA ARG C 4679 50.36 25.93 27.18
C ARG C 4679 50.34 27.32 26.55
N LYS C 4680 50.74 28.34 27.32
CA LYS C 4680 50.75 29.70 26.80
C LYS C 4680 51.76 29.86 25.67
N LEU C 4681 52.93 29.24 25.82
CA LEU C 4681 53.94 29.25 24.77
C LEU C 4681 53.48 28.56 23.50
N GLU C 4682 52.93 27.35 23.63
CA GLU C 4682 52.54 26.59 22.44
C GLU C 4682 51.30 27.14 21.75
N PHE C 4683 50.27 27.48 22.51
CA PHE C 4683 49.00 27.83 21.91
C PHE C 4683 48.71 29.32 21.84
N ASP C 4684 49.53 30.17 22.44
CA ASP C 4684 49.23 31.58 22.45
C ASP C 4684 50.38 32.47 22.00
N GLY C 4685 51.57 31.92 21.78
CA GLY C 4685 52.75 32.69 21.43
C GLY C 4685 53.05 33.83 22.38
N LEU C 4686 53.01 33.55 23.69
CA LEU C 4686 53.09 34.61 24.70
C LEU C 4686 54.39 35.38 24.60
N TYR C 4687 55.52 34.70 24.41
CA TYR C 4687 56.80 35.40 24.33
C TYR C 4687 57.36 35.39 22.93
N ILE C 4688 56.60 34.88 21.95
CA ILE C 4688 57.00 34.91 20.55
C ILE C 4688 56.13 35.88 19.77
N THR C 4689 54.85 35.52 19.65
CA THR C 4689 53.88 36.31 18.89
C THR C 4689 53.54 37.64 19.55
N GLU C 4690 53.39 37.68 20.87
CA GLU C 4690 52.83 38.89 21.47
C GLU C 4690 53.78 39.72 22.32
N GLN C 4691 54.45 39.11 23.34
CA GLN C 4691 55.32 39.65 24.40
C GLN C 4691 54.39 40.06 25.54
N PRO C 4692 54.78 39.83 26.81
CA PRO C 4692 53.87 40.06 27.94
C PRO C 4692 53.39 41.49 28.17
N GLY C 4693 52.59 41.63 29.24
CA GLY C 4693 52.02 42.91 29.62
C GLY C 4693 53.05 43.97 29.95
N ASP C 4694 54.20 43.56 30.52
CA ASP C 4694 55.40 44.30 30.95
C ASP C 4694 55.24 44.74 32.39
N ASP C 4695 54.00 44.79 32.87
CA ASP C 4695 53.69 45.04 34.27
C ASP C 4695 53.23 43.77 34.97
N ASP C 4696 53.27 42.63 34.29
CA ASP C 4696 52.84 41.36 34.85
C ASP C 4696 54.06 40.76 35.53
N VAL C 4697 54.01 40.69 36.87
CA VAL C 4697 55.12 40.23 37.69
C VAL C 4697 55.42 38.78 37.35
N LYS C 4698 54.36 37.98 37.16
CA LYS C 4698 54.52 36.56 36.87
C LYS C 4698 55.23 36.39 35.54
N GLY C 4699 54.81 37.16 34.52
CA GLY C 4699 55.40 37.02 33.19
C GLY C 4699 56.87 37.39 33.21
N GLN C 4700 57.21 38.49 33.90
CA GLN C 4700 58.59 38.95 33.94
C GLN C 4700 59.46 37.91 34.62
N TRP C 4701 58.98 37.37 35.75
CA TRP C 4701 59.78 36.36 36.44
C TRP C 4701 59.91 35.12 35.57
N ASP C 4702 58.83 34.77 34.86
CA ASP C 4702 58.79 33.56 34.04
C ASP C 4702 59.78 33.62 32.90
N ARG C 4703 60.20 34.83 32.49
CA ARG C 4703 61.11 34.97 31.36
C ARG C 4703 62.42 34.22 31.61
N LEU C 4704 62.86 34.20 32.87
CA LEU C 4704 64.14 33.61 33.27
C LEU C 4704 64.23 32.12 32.99
N VAL C 4705 63.11 31.40 33.10
CA VAL C 4705 63.14 29.94 33.03
C VAL C 4705 63.07 29.41 31.60
N LEU C 4706 62.72 30.26 30.62
CA LEU C 4706 62.50 29.80 29.25
C LEU C 4706 63.73 29.16 28.62
N ASN C 4707 64.91 29.74 28.86
CA ASN C 4707 66.11 29.25 28.21
C ASN C 4707 66.79 28.10 28.95
N THR C 4708 66.34 27.77 30.16
CA THR C 4708 67.06 26.80 30.97
C THR C 4708 66.92 25.39 30.38
N PRO C 4709 67.93 24.54 30.55
CA PRO C 4709 67.80 23.13 30.12
C PRO C 4709 66.75 22.33 30.85
N SER C 4710 66.35 22.73 32.06
CA SER C 4710 65.44 21.93 32.86
C SER C 4710 64.03 22.52 32.96
N PHE C 4711 63.59 23.21 31.92
CA PHE C 4711 62.31 23.92 31.94
C PHE C 4711 61.12 23.00 32.26
N PRO C 4712 60.98 21.75 31.71
CA PRO C 4712 59.90 20.90 32.20
C PRO C 4712 60.44 19.88 33.19
N SER C 4713 60.85 20.35 34.36
CA SER C 4713 61.35 19.47 35.40
C SER C 4713 60.22 18.65 36.04
N ASN C 4714 59.09 19.29 36.33
CA ASN C 4714 57.98 18.57 36.95
C ASN C 4714 56.88 18.18 35.97
N TYR C 4715 56.53 19.07 35.03
CA TYR C 4715 55.46 18.79 34.07
C TYR C 4715 55.86 17.56 33.25
N TRP C 4716 54.88 16.71 32.93
CA TRP C 4716 55.19 15.43 32.28
C TRP C 4716 55.76 15.60 30.88
N ASP C 4717 55.19 16.50 30.07
CA ASP C 4717 55.61 16.63 28.68
C ASP C 4717 57.05 17.11 28.58
N LYS C 4718 57.87 16.37 27.83
CA LYS C 4718 59.25 16.76 27.60
C LYS C 4718 59.46 17.32 26.20
N PHE C 4719 58.40 17.37 25.40
CA PHE C 4719 58.48 17.80 24.01
C PHE C 4719 58.00 19.22 23.80
N VAL C 4720 57.80 19.98 24.88
CA VAL C 4720 57.21 21.32 24.81
C VAL C 4720 58.03 22.22 23.89
N LYS C 4721 59.36 22.19 24.06
CA LYS C 4721 60.24 23.08 23.29
C LYS C 4721 60.15 22.73 21.81
N ARG C 4722 60.16 21.43 21.51
CA ARG C 4722 60.14 20.98 20.12
C ARG C 4722 58.82 21.37 19.48
N LYS C 4723 57.70 21.20 20.22
CA LYS C 4723 56.39 21.53 19.67
C LYS C 4723 56.30 23.02 19.38
N VAL C 4724 56.84 23.86 20.27
CA VAL C 4724 56.80 25.30 20.08
C VAL C 4724 57.64 25.68 18.87
N LEU C 4725 58.79 25.02 18.72
CA LEU C 4725 59.68 25.24 17.58
C LEU C 4725 59.02 24.84 16.27
N ASP C 4726 58.31 23.71 16.26
CA ASP C 4726 57.59 23.30 15.05
C ASP C 4726 56.46 24.26 14.72
N LYS C 4727 55.63 24.60 15.71
CA LYS C 4727 54.44 25.41 15.48
C LYS C 4727 54.77 26.86 15.10
N HIS C 4728 55.74 27.48 15.77
CA HIS C 4728 56.04 28.89 15.58
C HIS C 4728 57.36 29.20 14.89
N GLY C 4729 58.29 28.23 14.84
CA GLY C 4729 59.64 28.49 14.36
C GLY C 4729 59.74 28.91 12.92
N ASP C 4730 58.95 28.26 12.04
CA ASP C 4730 59.06 28.53 10.60
C ASP C 4730 58.68 29.97 10.26
N ILE C 4731 57.54 30.45 10.75
CA ILE C 4731 57.12 31.80 10.45
C ILE C 4731 58.01 32.83 11.16
N PHE C 4732 58.30 32.61 12.44
CA PHE C 4732 59.03 33.58 13.26
C PHE C 4732 60.54 33.40 13.30
N GLY C 4733 61.11 32.39 12.65
CA GLY C 4733 62.55 32.28 12.59
C GLY C 4733 63.00 31.20 13.55
N ARG C 4734 63.45 30.07 12.99
CA ARG C 4734 63.89 28.92 13.78
C ARG C 4734 65.06 29.26 14.68
N GLU C 4735 66.03 30.01 14.15
CA GLU C 4735 67.22 30.34 14.93
C GLU C 4735 66.85 31.21 16.11
N ARG C 4736 65.91 32.15 15.89
CA ARG C 4736 65.43 33.01 16.97
C ARG C 4736 64.69 32.18 18.02
N ILE C 4737 63.86 31.22 17.58
CA ILE C 4737 63.11 30.42 18.53
C ILE C 4737 64.07 29.58 19.37
N ALA C 4738 65.08 28.99 18.72
CA ALA C 4738 66.02 28.12 19.43
C ALA C 4738 66.88 28.89 20.42
N GLU C 4739 67.29 30.12 20.05
CA GLU C 4739 68.05 30.94 20.99
C GLU C 4739 67.18 31.34 22.18
N LEU C 4740 65.91 31.67 21.92
CA LEU C 4740 64.99 32.03 23.00
C LEU C 4740 64.76 30.85 23.94
N LEU C 4741 64.57 29.66 23.39
CA LEU C 4741 64.24 28.49 24.20
C LEU C 4741 65.45 27.66 24.55
N GLY C 4742 66.65 28.20 24.35
CA GLY C 4742 67.93 27.61 24.73
C GLY C 4742 68.18 26.18 24.29
N MET C 4743 68.07 25.92 22.99
CA MET C 4743 68.21 24.57 22.47
C MET C 4743 69.25 24.56 21.36
N ASP C 4744 69.80 23.38 21.11
CA ASP C 4744 70.80 23.18 20.07
C ASP C 4744 70.14 22.67 18.80
N LEU C 4745 70.36 23.38 17.70
CA LEU C 4745 69.71 23.05 16.43
C LEU C 4745 70.47 21.98 15.66
N ALA C 4746 71.60 21.51 16.19
CA ALA C 4746 72.38 20.42 15.61
C ALA C 4746 72.29 19.18 16.48
N SER C 4747 71.09 18.88 16.98
CA SER C 4747 70.89 17.80 17.93
C SER C 4747 70.09 16.64 17.34
N LEU C 4748 70.11 16.49 16.02
CA LEU C 4748 69.31 15.49 15.34
C LEU C 4748 70.03 14.17 15.11
N GLU C 4749 71.30 14.05 15.49
CA GLU C 4749 72.09 12.85 15.24
C GLU C 4749 71.61 11.64 16.04
N ASP C 4772 71.67 23.93 37.72
CA ASP C 4772 70.98 24.95 36.94
C ASP C 4772 70.63 26.15 37.81
N VAL C 4773 71.53 27.14 37.81
CA VAL C 4773 71.41 28.30 38.69
C VAL C 4773 70.15 29.10 38.33
N LYS C 4774 69.92 29.32 37.03
CA LYS C 4774 68.79 30.15 36.59
C LYS C 4774 67.47 29.49 36.95
N TYR C 4775 67.43 28.16 36.85
CA TYR C 4775 66.24 27.41 37.24
C TYR C 4775 65.99 27.55 38.73
N GLN C 4776 67.01 27.28 39.55
CA GLN C 4776 66.83 27.34 41.00
C GLN C 4776 66.42 28.73 41.46
N ILE C 4777 66.95 29.78 40.81
CA ILE C 4777 66.56 31.15 41.10
C ILE C 4777 65.08 31.39 40.78
N TRP C 4778 64.61 30.89 39.63
CA TRP C 4778 63.20 31.01 39.30
C TRP C 4778 62.33 30.22 40.27
N LYS C 4779 62.76 28.99 40.60
CA LYS C 4779 62.01 28.11 41.47
C LYS C 4779 61.85 28.74 42.85
N PHE C 4780 62.94 29.33 43.35
CA PHE C 4780 62.92 30.03 44.63
C PHE C 4780 61.98 31.23 44.55
N GLY C 4781 62.01 31.96 43.43
CA GLY C 4781 61.17 33.15 43.32
C GLY C 4781 59.70 32.78 43.39
N VAL C 4782 59.32 31.67 42.75
CA VAL C 4782 57.94 31.20 42.78
C VAL C 4782 57.56 30.74 44.19
N ILE C 4783 58.50 30.10 44.89
CA ILE C 4783 58.25 29.69 46.27
C ILE C 4783 58.09 30.93 47.15
N PHE C 4784 58.97 31.92 46.98
CA PHE C 4784 58.94 33.12 47.81
C PHE C 4784 57.73 33.97 47.50
N THR C 4785 57.05 33.72 46.37
CA THR C 4785 55.82 34.44 46.09
C THR C 4785 54.59 33.58 46.38
N ASP C 4786 54.79 32.36 46.88
CA ASP C 4786 53.66 31.50 47.23
C ASP C 4786 53.03 32.01 48.52
N ASN C 4787 51.70 32.15 48.53
CA ASN C 4787 51.01 32.71 49.70
C ASN C 4787 51.16 31.85 50.95
N SER C 4788 50.99 30.52 50.82
CA SER C 4788 51.04 29.66 51.99
C SER C 4788 52.46 29.53 52.51
N PHE C 4789 53.45 29.65 51.62
CA PHE C 4789 54.85 29.63 52.05
C PHE C 4789 55.13 30.85 52.88
N LEU C 4790 54.56 32.00 52.47
CA LEU C 4790 54.82 33.26 53.15
C LEU C 4790 54.16 33.24 54.52
N TYR C 4791 52.98 32.60 54.60
CA TYR C 4791 52.33 32.43 55.89
C TYR C 4791 53.17 31.54 56.82
N LEU C 4792 53.69 30.43 56.29
CA LEU C 4792 54.45 29.52 57.15
C LEU C 4792 55.76 30.16 57.58
N GLY C 4793 56.32 31.00 56.72
CA GLY C 4793 57.53 31.73 57.05
C GLY C 4793 57.30 32.75 58.14
N TRP C 4794 56.19 33.51 58.03
CA TRP C 4794 55.84 34.46 59.08
C TRP C 4794 55.56 33.73 60.40
N TYR C 4795 54.97 32.54 60.31
CA TYR C 4795 54.73 31.70 61.49
C TYR C 4795 56.06 31.33 62.16
N MET C 4796 57.07 31.03 61.34
CA MET C 4796 58.41 30.76 61.87
C MET C 4796 59.01 32.01 62.50
N VAL C 4797 58.87 33.17 61.83
CA VAL C 4797 59.48 34.40 62.33
C VAL C 4797 58.90 34.75 63.69
N MET C 4798 57.57 34.65 63.82
CA MET C 4798 56.92 34.94 65.10
C MET C 4798 57.32 33.94 66.18
N SER C 4799 57.53 32.67 65.79
CA SER C 4799 58.05 31.68 66.72
C SER C 4799 59.46 32.02 67.20
N LEU C 4800 60.28 32.54 66.29
CA LEU C 4800 61.64 32.94 66.65
C LEU C 4800 61.62 34.17 67.55
N LEU C 4801 60.75 35.13 67.25
CA LEU C 4801 60.61 36.31 68.11
C LEU C 4801 60.04 35.96 69.48
N GLY C 4802 59.28 34.88 69.57
CA GLY C 4802 58.74 34.48 70.87
C GLY C 4802 59.81 34.09 71.87
N HIS C 4803 60.99 33.68 71.39
CA HIS C 4803 62.11 33.41 72.28
C HIS C 4803 62.64 34.71 72.88
N TYR C 4804 62.67 35.77 72.07
CA TYR C 4804 63.04 37.11 72.50
C TYR C 4804 62.08 37.63 73.56
N ASN C 4805 60.85 37.93 73.14
CA ASN C 4805 59.81 38.33 74.08
C ASN C 4805 58.76 37.23 74.12
N ASN C 4806 58.38 36.80 75.32
CA ASN C 4806 57.51 35.64 75.43
C ASN C 4806 56.08 35.95 75.01
N PHE C 4807 55.74 37.21 74.80
CA PHE C 4807 54.37 37.59 74.52
C PHE C 4807 54.12 37.65 73.04
N PHE C 4808 55.08 37.20 72.25
CA PHE C 4808 55.00 37.09 70.81
C PHE C 4808 54.48 35.73 70.39
N PHE C 4809 54.13 34.90 71.37
CA PHE C 4809 53.61 33.58 71.13
C PHE C 4809 52.09 33.59 71.09
N ALA C 4810 51.51 34.78 71.04
CA ALA C 4810 50.08 34.98 70.99
C ALA C 4810 49.66 35.32 69.58
N ALA C 4811 50.62 35.43 68.66
CA ALA C 4811 50.35 35.65 67.26
C ALA C 4811 50.12 34.34 66.54
N HIS C 4812 50.21 33.24 67.26
CA HIS C 4812 50.09 31.90 66.74
C HIS C 4812 48.70 31.37 67.01
N LEU C 4813 47.90 32.14 67.73
CA LEU C 4813 46.54 31.77 68.07
C LEU C 4813 45.60 32.23 66.99
N LEU C 4814 46.12 32.91 65.98
CA LEU C 4814 45.33 33.37 64.84
C LEU C 4814 45.41 32.36 63.72
N ASP C 4815 46.01 31.21 63.98
CA ASP C 4815 46.15 30.16 63.00
C ASP C 4815 44.96 29.22 63.07
N ILE C 4816 44.06 29.45 64.03
CA ILE C 4816 42.84 28.67 64.17
C ILE C 4816 41.94 28.82 62.94
N ALA C 4817 41.93 30.03 62.36
CA ALA C 4817 41.11 30.30 61.18
C ALA C 4817 41.51 29.42 60.01
N MET C 4818 42.81 29.35 59.73
CA MET C 4818 43.31 28.43 58.73
C MET C 4818 43.14 26.97 59.13
N GLY C 4819 43.45 26.62 60.39
CA GLY C 4819 43.45 25.23 60.80
C GLY C 4819 42.09 24.54 60.82
N VAL C 4820 41.07 25.17 61.39
CA VAL C 4820 39.75 24.52 61.45
C VAL C 4820 38.90 25.06 60.31
N LYS C 4821 38.26 24.14 59.58
CA LYS C 4821 37.48 24.51 58.40
C LYS C 4821 36.23 25.28 58.75
N THR C 4822 35.55 24.91 59.85
CA THR C 4822 34.30 25.57 60.23
C THR C 4822 34.51 27.03 60.56
N LEU C 4823 35.66 27.38 61.14
CA LEU C 4823 35.89 28.76 61.50
C LEU C 4823 36.16 29.57 60.24
N ARG C 4824 36.71 28.90 59.21
CA ARG C 4824 36.88 29.56 57.92
C ARG C 4824 35.52 29.80 57.28
N THR C 4825 34.59 28.84 57.42
CA THR C 4825 33.22 29.06 56.91
C THR C 4825 32.53 30.20 57.63
N ILE C 4826 32.68 30.30 58.95
CA ILE C 4826 32.09 31.43 59.67
C ILE C 4826 32.75 32.74 59.26
N LEU C 4827 34.08 32.75 59.13
CA LEU C 4827 34.79 33.98 58.80
C LEU C 4827 34.55 34.41 57.36
N SER C 4828 34.27 33.45 56.47
CA SER C 4828 33.94 33.76 55.09
C SER C 4828 32.68 34.60 54.98
N SER C 4829 31.76 34.48 55.94
CA SER C 4829 30.62 35.39 55.95
C SER C 4829 31.07 36.82 56.19
N VAL C 4830 32.03 37.01 57.11
CA VAL C 4830 32.58 38.34 57.38
C VAL C 4830 33.33 38.89 56.18
N THR C 4831 34.04 38.02 55.47
CA THR C 4831 34.91 38.47 54.39
C THR C 4831 34.29 38.36 53.00
N HIS C 4832 33.06 37.85 52.90
CA HIS C 4832 32.38 37.82 51.62
C HIS C 4832 32.07 39.24 51.16
N ASN C 4833 31.56 40.05 52.06
CA ASN C 4833 31.13 41.41 51.77
C ASN C 4833 32.08 42.40 52.43
N GLY C 4834 33.37 42.03 52.46
CA GLY C 4834 34.36 42.83 53.16
C GLY C 4834 34.60 44.19 52.56
N LYS C 4835 34.62 44.28 51.23
CA LYS C 4835 34.82 45.58 50.58
C LYS C 4835 33.67 46.51 50.90
N GLN C 4836 32.45 45.98 50.92
CA GLN C 4836 31.28 46.77 51.25
C GLN C 4836 31.32 47.21 52.71
N LEU C 4837 31.82 46.33 53.59
CA LEU C 4837 31.99 46.71 54.99
C LEU C 4837 33.01 47.83 55.16
N VAL C 4838 34.10 47.77 54.40
CA VAL C 4838 35.09 48.84 54.47
C VAL C 4838 34.51 50.16 53.98
N MET C 4839 33.72 50.12 52.90
CA MET C 4839 33.06 51.32 52.43
C MET C 4839 32.01 51.87 53.38
N THR C 4840 31.21 51.03 54.04
CA THR C 4840 30.26 51.58 55.02
C THR C 4840 30.99 52.14 56.24
N VAL C 4841 32.14 51.57 56.61
CA VAL C 4841 32.93 52.11 57.73
C VAL C 4841 33.74 53.32 57.28
N GLY C 4842 33.74 53.61 55.98
CA GLY C 4842 34.39 54.82 55.53
C GLY C 4842 33.35 55.84 55.11
N LEU C 4843 32.08 55.42 55.18
CA LEU C 4843 30.96 56.33 55.00
C LEU C 4843 30.49 56.86 56.34
N LEU C 4844 30.68 56.05 57.38
CA LEU C 4844 30.38 56.47 58.75
C LEU C 4844 31.27 57.64 59.14
N ALA C 4845 32.54 57.59 58.75
CA ALA C 4845 33.51 58.64 59.03
C ALA C 4845 33.11 59.97 58.38
N VAL C 4846 32.59 59.90 57.16
CA VAL C 4846 32.12 61.10 56.46
C VAL C 4846 30.87 61.66 57.14
N VAL C 4847 29.94 60.81 57.57
CA VAL C 4847 28.73 61.32 58.22
C VAL C 4847 29.09 61.94 59.58
N VAL C 4848 30.00 61.31 60.31
CA VAL C 4848 30.47 61.87 61.58
C VAL C 4848 31.25 63.16 61.33
N TYR C 4849 31.87 63.28 60.14
CA TYR C 4849 32.53 64.53 59.80
C TYR C 4849 31.52 65.64 59.59
N LEU C 4850 30.38 65.35 58.94
CA LEU C 4850 29.41 66.42 58.72
C LEU C 4850 28.74 66.84 60.02
N TYR C 4851 28.71 65.92 60.99
CA TYR C 4851 28.14 66.28 62.29
C TYR C 4851 29.16 67.07 63.07
N THR C 4852 30.44 66.76 62.88
CA THR C 4852 31.49 67.55 63.50
C THR C 4852 31.48 68.98 62.96
N VAL C 4853 31.27 69.15 61.65
CA VAL C 4853 31.26 70.50 61.06
C VAL C 4853 30.10 71.30 61.63
N VAL C 4854 28.93 70.66 61.78
CA VAL C 4854 27.76 71.36 62.31
C VAL C 4854 27.93 71.70 63.79
N ALA C 4855 28.51 70.77 64.56
CA ALA C 4855 28.77 71.04 65.98
C ALA C 4855 29.80 72.13 66.17
N PHE C 4856 30.88 72.10 65.38
CA PHE C 4856 31.95 73.07 65.52
C PHE C 4856 31.47 74.47 65.18
N ASN C 4857 30.69 74.60 64.11
CA ASN C 4857 30.18 75.90 63.72
C ASN C 4857 29.11 76.42 64.67
N PHE C 4858 28.20 75.57 65.15
CA PHE C 4858 27.03 76.06 65.87
C PHE C 4858 26.84 75.59 67.30
N PHE C 4859 27.50 74.53 67.76
CA PHE C 4859 27.16 74.00 69.08
C PHE C 4859 28.37 73.80 69.97
N ARG C 4860 29.41 74.62 69.77
CA ARG C 4860 30.66 74.52 70.53
C ARG C 4860 30.49 74.73 72.03
N LYS C 4861 29.37 75.29 72.48
CA LYS C 4861 29.23 75.67 73.88
C LYS C 4861 28.82 74.48 74.76
N PHE C 4862 28.49 73.35 74.16
CA PHE C 4862 28.00 72.21 74.91
C PHE C 4862 29.06 71.14 75.11
N TYR C 4863 30.29 71.39 74.68
CA TYR C 4863 31.31 70.35 74.64
C TYR C 4863 32.37 70.55 75.72
N ASN C 4864 31.99 71.12 76.86
CA ASN C 4864 32.90 71.21 77.99
C ASN C 4864 32.83 69.92 78.78
N LYS C 4865 33.94 69.19 78.84
CA LYS C 4865 34.00 67.89 79.49
C LYS C 4865 34.76 67.95 80.81
N SER C 4866 34.91 69.13 81.39
CA SER C 4866 35.56 69.31 82.68
C SER C 4866 34.54 69.70 83.72
N GLU C 4867 34.44 68.90 84.79
CA GLU C 4867 33.53 69.23 85.88
C GLU C 4867 34.05 70.44 86.66
N ASP C 4868 35.37 70.64 86.66
CA ASP C 4868 36.01 71.76 87.35
C ASP C 4868 35.48 73.09 86.80
N GLU C 4869 35.07 73.97 87.71
CA GLU C 4869 34.46 75.23 87.29
C GLU C 4869 35.45 76.16 86.61
N ASP C 4870 36.61 76.39 87.22
CA ASP C 4870 37.56 77.34 86.63
C ASP C 4870 38.23 76.78 85.39
N GLU C 4871 38.65 75.51 85.42
CA GLU C 4871 39.40 75.07 84.26
C GLU C 4871 38.48 74.35 83.28
N PRO C 4872 38.44 74.76 82.03
CA PRO C 4872 37.59 74.07 81.05
C PRO C 4872 38.32 73.16 80.07
N ASP C 4873 37.83 71.95 79.94
CA ASP C 4873 38.30 71.02 78.92
C ASP C 4873 37.29 71.10 77.80
N MET C 4874 37.60 71.88 76.77
CA MET C 4874 36.66 72.11 75.69
C MET C 4874 37.05 71.18 74.55
N LYS C 4875 36.15 70.28 74.21
CA LYS C 4875 36.46 69.22 73.27
C LYS C 4875 36.08 69.58 71.85
N CYS C 4876 35.70 70.84 71.61
CA CYS C 4876 35.42 71.28 70.26
C CYS C 4876 35.98 72.67 70.02
N ASP C 4877 37.19 72.92 70.48
CA ASP C 4877 37.84 74.18 70.16
C ASP C 4877 38.89 73.99 69.09
N ASP C 4878 39.01 72.76 68.59
CA ASP C 4878 39.89 72.39 67.51
C ASP C 4878 39.10 71.35 66.74
N MET C 4879 39.19 71.41 65.41
CA MET C 4879 38.39 70.51 64.59
C MET C 4879 38.83 69.06 64.74
N MET C 4880 40.13 68.82 64.90
CA MET C 4880 40.60 67.46 65.10
C MET C 4880 40.15 66.90 66.45
N THR C 4881 40.17 67.74 67.49
CA THR C 4881 39.68 67.30 68.80
C THR C 4881 38.19 67.00 68.76
N CYS C 4882 37.41 67.83 68.05
CA CYS C 4882 35.98 67.55 67.90
C CYS C 4882 35.74 66.27 67.11
N TYR C 4883 36.51 66.06 66.05
CA TYR C 4883 36.32 64.87 65.21
C TYR C 4883 36.67 63.61 65.98
N LEU C 4884 37.74 63.68 66.78
CA LEU C 4884 38.12 62.54 67.61
C LEU C 4884 37.09 62.29 68.69
N PHE C 4885 36.48 63.36 69.21
CA PHE C 4885 35.42 63.24 70.20
C PHE C 4885 34.22 62.50 69.61
N HIS C 4886 33.72 62.99 68.48
CA HIS C 4886 32.55 62.42 67.84
C HIS C 4886 32.77 60.96 67.43
N MET C 4887 33.94 60.68 66.84
CA MET C 4887 34.27 59.33 66.40
C MET C 4887 34.47 58.37 67.56
N TYR C 4888 35.04 58.85 68.66
CA TYR C 4888 35.32 57.96 69.78
C TYR C 4888 34.08 57.83 70.65
N VAL C 4889 33.75 58.89 71.40
CA VAL C 4889 32.63 58.84 72.35
C VAL C 4889 31.27 58.65 71.67
N GLY C 4890 30.98 59.34 70.55
CA GLY C 4890 29.64 59.28 69.98
C GLY C 4890 29.27 57.93 69.38
N VAL C 4891 30.17 57.36 68.58
CA VAL C 4891 29.86 56.08 67.94
C VAL C 4891 29.75 54.98 68.99
N ARG C 4892 30.60 55.05 70.01
CA ARG C 4892 30.61 54.07 71.08
C ARG C 4892 29.56 54.32 72.14
N ALA C 4893 28.74 55.37 72.01
CA ALA C 4893 27.68 55.62 72.96
C ALA C 4893 26.34 55.16 72.41
N GLY C 4894 25.49 54.65 73.30
CA GLY C 4894 24.23 54.07 72.87
C GLY C 4894 23.24 55.11 72.38
N GLY C 4895 23.24 56.28 73.01
CA GLY C 4895 22.41 57.38 72.58
C GLY C 4895 23.10 58.34 71.63
N GLY C 4896 24.34 58.04 71.26
CA GLY C 4896 25.07 58.92 70.38
C GLY C 4896 25.74 60.05 71.16
N ILE C 4897 25.93 61.18 70.47
CA ILE C 4897 26.68 62.28 71.06
C ILE C 4897 25.89 62.99 72.16
N GLY C 4898 24.56 62.91 72.11
CA GLY C 4898 23.73 63.63 73.07
C GLY C 4898 23.95 63.17 74.49
N ASP C 4899 24.21 61.88 74.68
CA ASP C 4899 24.38 61.31 76.02
C ASP C 4899 25.59 61.91 76.70
N GLU C 4900 26.70 61.99 75.96
CA GLU C 4900 27.94 62.52 76.52
C GLU C 4900 27.91 64.04 76.68
N ILE C 4901 27.39 64.79 75.70
CA ILE C 4901 27.53 66.23 75.81
C ILE C 4901 26.45 66.82 76.73
N GLU C 4902 26.65 68.08 77.12
CA GLU C 4902 25.82 68.77 78.09
C GLU C 4902 24.38 68.94 77.63
N ASP C 4903 23.46 68.92 78.61
CA ASP C 4903 22.03 68.94 78.37
C ASP C 4903 21.59 70.24 77.69
N PRO C 4904 20.72 70.17 76.68
CA PRO C 4904 20.36 71.36 75.89
C PRO C 4904 19.26 72.23 76.46
N ALA C 4905 18.62 71.85 77.58
CA ALA C 4905 17.45 72.57 78.07
C ALA C 4905 17.78 74.00 78.47
N GLY C 4906 16.78 74.86 78.31
CA GLY C 4906 16.90 76.28 78.61
C GLY C 4906 17.93 77.03 77.80
N ASP C 4907 18.03 76.73 76.50
CA ASP C 4907 18.95 77.43 75.62
C ASP C 4907 18.21 77.87 74.36
N GLU C 4908 18.74 78.90 73.71
CA GLU C 4908 18.17 79.43 72.47
C GLU C 4908 18.18 78.42 71.34
N TYR C 4909 19.21 77.57 71.28
CA TYR C 4909 19.41 76.63 70.19
C TYR C 4909 18.99 75.22 70.58
N GLU C 4910 18.13 75.11 71.60
CA GLU C 4910 17.73 73.82 72.14
C GLU C 4910 17.08 72.95 71.08
N LEU C 4911 16.15 73.50 70.29
CA LEU C 4911 15.42 72.68 69.33
C LEU C 4911 16.33 72.23 68.20
N TYR C 4912 17.32 73.06 67.85
CA TYR C 4912 18.30 72.65 66.85
C TYR C 4912 19.15 71.53 67.40
N ARG C 4913 19.41 71.56 68.71
CA ARG C 4913 20.26 70.53 69.28
C ARG C 4913 19.52 69.21 69.48
N VAL C 4914 18.21 69.25 69.74
CA VAL C 4914 17.42 68.01 69.77
C VAL C 4914 17.36 67.38 68.38
N VAL C 4915 17.18 68.20 67.34
CA VAL C 4915 17.20 67.65 65.97
C VAL C 4915 18.58 67.10 65.63
N PHE C 4916 19.64 67.77 66.11
CA PHE C 4916 21.01 67.31 65.89
C PHE C 4916 21.25 65.94 66.52
N ASP C 4917 20.79 65.75 67.76
CA ASP C 4917 20.98 64.47 68.44
C ASP C 4917 20.12 63.36 67.85
N ILE C 4918 18.84 63.64 67.55
CA ILE C 4918 17.96 62.61 67.01
C ILE C 4918 18.42 62.17 65.61
N THR C 4919 18.85 63.10 64.76
CA THR C 4919 19.36 62.71 63.45
C THR C 4919 20.69 61.97 63.56
N PHE C 4920 21.55 62.36 64.50
CA PHE C 4920 22.79 61.63 64.74
C PHE C 4920 22.48 60.19 65.18
N PHE C 4921 21.53 60.05 66.10
CA PHE C 4921 21.17 58.74 66.62
C PHE C 4921 20.63 57.85 65.51
N PHE C 4922 19.65 58.35 64.74
CA PHE C 4922 19.02 57.53 63.72
C PHE C 4922 19.99 57.18 62.59
N PHE C 4923 20.70 58.17 62.06
CA PHE C 4923 21.57 57.94 60.92
C PHE C 4923 22.81 57.14 61.27
N VAL C 4924 23.42 57.38 62.43
CA VAL C 4924 24.68 56.70 62.72
C VAL C 4924 24.48 55.45 63.55
N ILE C 4925 23.93 55.61 64.76
CA ILE C 4925 23.79 54.50 65.70
C ILE C 4925 22.85 53.43 65.17
N VAL C 4926 21.75 53.83 64.55
CA VAL C 4926 20.71 52.89 64.13
C VAL C 4926 20.86 52.36 62.72
N ILE C 4927 20.85 53.24 61.71
CA ILE C 4927 20.88 52.81 60.32
C ILE C 4927 22.23 52.22 59.92
N LEU C 4928 23.34 52.87 60.27
CA LEU C 4928 24.64 52.41 59.77
C LEU C 4928 25.07 51.11 60.42
N LEU C 4929 24.76 50.92 61.70
CA LEU C 4929 25.07 49.64 62.32
C LEU C 4929 24.16 48.55 61.80
N ALA C 4930 22.95 48.92 61.38
CA ALA C 4930 22.06 47.95 60.75
C ALA C 4930 22.62 47.55 59.40
N ILE C 4931 23.24 48.47 58.68
CA ILE C 4931 23.89 48.12 57.42
C ILE C 4931 25.07 47.18 57.67
N ILE C 4932 25.82 47.44 58.75
CA ILE C 4932 26.96 46.59 59.13
C ILE C 4932 26.52 45.19 59.54
N GLN C 4933 25.27 45.04 59.96
CA GLN C 4933 24.81 43.72 60.40
C GLN C 4933 23.97 43.02 59.35
N GLY C 4934 23.24 43.80 58.56
CA GLY C 4934 22.56 43.29 57.38
C GLY C 4934 23.49 42.77 56.32
N LEU C 4935 24.72 43.26 56.27
CA LEU C 4935 25.68 42.72 55.30
C LEU C 4935 26.14 41.32 55.71
N ILE C 4936 26.43 41.12 57.00
CA ILE C 4936 26.73 39.78 57.52
C ILE C 4936 25.53 38.84 57.36
N ILE C 4937 24.33 39.31 57.70
CA ILE C 4937 23.14 38.48 57.63
C ILE C 4937 22.85 38.09 56.18
N ASP C 4938 23.03 39.02 55.25
CA ASP C 4938 22.88 38.71 53.83
C ASP C 4938 23.93 37.70 53.38
N ALA C 4939 25.18 37.85 53.85
CA ALA C 4939 26.25 36.99 53.39
C ALA C 4939 25.99 35.54 53.79
N PHE C 4940 25.42 35.32 54.98
CA PHE C 4940 25.09 33.98 55.44
C PHE C 4940 24.09 33.30 54.52
N GLY C 4941 23.06 34.07 54.10
CA GLY C 4941 22.05 33.56 53.20
C GLY C 4941 22.59 33.32 51.81
N GLU C 4942 23.48 34.19 51.34
CA GLU C 4942 24.09 33.99 50.03
C GLU C 4942 24.93 32.72 50.02
N LEU C 4943 25.71 32.48 51.08
CA LEU C 4943 26.57 31.31 51.11
C LEU C 4943 25.73 30.03 51.15
N ARG C 4944 24.59 30.09 51.86
CA ARG C 4944 23.68 28.95 51.88
C ARG C 4944 23.09 28.71 50.49
N ASP C 4945 22.69 29.78 49.81
CA ASP C 4945 22.09 29.65 48.48
C ASP C 4945 23.08 29.08 47.49
N GLN C 4946 24.37 29.45 47.63
CA GLN C 4946 25.41 28.90 46.77
C GLN C 4946 25.57 27.40 46.96
N GLN C 4947 25.60 26.93 48.22
CA GLN C 4947 25.68 25.49 48.44
C GLN C 4947 24.45 24.78 47.89
N GLU C 4948 23.26 25.33 48.14
CA GLU C 4948 22.02 24.69 47.70
C GLU C 4948 21.98 24.60 46.17
N GLN C 4949 22.37 25.69 45.49
CA GLN C 4949 22.37 25.71 44.03
C GLN C 4949 23.35 24.69 43.45
N VAL C 4950 24.52 24.54 44.09
CA VAL C 4950 25.49 23.53 43.67
C VAL C 4950 24.91 22.12 43.83
N LYS C 4951 24.25 21.87 44.97
CA LYS C 4951 23.68 20.55 45.23
C LYS C 4951 22.55 20.24 44.25
N GLU C 4952 21.71 21.23 43.98
CA GLU C 4952 20.59 21.08 43.05
C GLU C 4952 21.09 20.82 41.63
N ASP C 4953 22.13 21.54 41.19
CA ASP C 4953 22.68 21.28 39.87
C ASP C 4953 23.28 19.89 39.80
N MET C 4954 23.96 19.47 40.88
CA MET C 4954 24.64 18.17 40.84
C MET C 4954 23.68 17.02 41.11
N GLU C 4955 22.40 17.30 41.36
CA GLU C 4955 21.43 16.23 41.50
C GLU C 4955 20.31 16.37 40.47
N THR C 4956 20.41 17.34 39.57
CA THR C 4956 19.42 17.51 38.50
C THR C 4956 20.05 17.51 37.12
N LYS C 4957 21.38 17.49 37.02
CA LYS C 4957 22.04 17.54 35.72
C LYS C 4957 23.26 16.65 35.77
N CYS C 4958 23.70 16.19 34.59
CA CYS C 4958 24.91 15.41 34.50
C CYS C 4958 26.05 16.35 34.19
N PHE C 4959 27.16 16.17 34.90
CA PHE C 4959 28.30 17.07 34.75
C PHE C 4959 28.91 16.94 33.35
N ILE C 4960 29.21 15.71 32.93
CA ILE C 4960 29.91 15.46 31.68
C ILE C 4960 29.09 15.85 30.46
N CYS C 4961 27.79 15.53 30.44
CA CYS C 4961 27.03 15.72 29.21
C CYS C 4961 25.87 16.70 29.31
N GLY C 4962 25.57 17.24 30.47
CA GLY C 4962 24.53 18.26 30.65
C GLY C 4962 23.15 17.87 30.18
N ILE C 4963 22.76 16.62 30.43
CA ILE C 4963 21.41 16.15 30.15
C ILE C 4963 20.70 15.97 31.48
N GLY C 4964 19.45 16.42 31.55
CA GLY C 4964 18.73 16.43 32.81
C GLY C 4964 18.39 15.03 33.29
N SER C 4965 18.15 14.94 34.60
CA SER C 4965 17.80 13.68 35.25
C SER C 4965 16.47 13.10 34.76
N ASP C 4966 15.60 13.94 34.18
CA ASP C 4966 14.28 13.52 33.73
C ASP C 4966 14.37 12.43 32.66
N TYR C 4967 15.26 12.63 31.67
CA TYR C 4967 15.41 11.65 30.60
C TYR C 4967 15.93 10.33 31.14
N PHE C 4968 16.95 10.39 32.00
CA PHE C 4968 17.59 9.17 32.47
C PHE C 4968 16.72 8.43 33.46
N ASP C 4969 15.83 9.14 34.15
CA ASP C 4969 15.09 8.54 35.24
C ASP C 4969 13.85 7.77 34.80
N THR C 4970 13.58 7.66 33.49
CA THR C 4970 12.48 6.79 33.06
C THR C 4970 12.76 5.35 33.47
N THR C 4971 13.99 4.89 33.29
CA THR C 4971 14.43 3.62 33.80
C THR C 4971 14.64 3.77 35.31
N PRO C 4972 14.33 2.76 36.13
CA PRO C 4972 14.58 2.86 37.57
C PRO C 4972 16.07 3.05 37.87
N HIS C 4973 16.36 4.07 38.70
CA HIS C 4973 17.71 4.45 39.13
C HIS C 4973 18.60 4.83 37.94
N GLY C 4974 17.97 5.38 36.89
CA GLY C 4974 18.69 5.70 35.67
C GLY C 4974 19.74 6.77 35.86
N PHE C 4975 19.40 7.83 36.59
CA PHE C 4975 20.34 8.94 36.77
C PHE C 4975 21.54 8.45 37.57
N GLU C 4976 21.28 7.57 38.54
CA GLU C 4976 22.35 7.03 39.38
C GLU C 4976 23.30 6.20 38.54
N THR C 4977 22.75 5.40 37.62
CA THR C 4977 23.60 4.58 36.75
C THR C 4977 24.40 5.45 35.81
N HIS C 4978 23.78 6.51 35.27
CA HIS C 4978 24.47 7.41 34.36
C HIS C 4978 25.61 8.13 35.06
N THR C 4979 25.38 8.55 36.30
CA THR C 4979 26.39 9.34 36.99
C THR C 4979 27.42 8.48 37.71
N LEU C 4980 27.19 7.17 37.78
CA LEU C 4980 28.11 6.28 38.47
C LEU C 4980 28.90 5.38 37.54
N GLU C 4981 28.34 5.03 36.38
CA GLU C 4981 29.00 4.12 35.44
C GLU C 4981 29.28 4.80 34.10
N GLU C 4982 28.24 5.22 33.37
CA GLU C 4982 28.38 5.73 32.01
C GLU C 4982 29.21 7.01 31.95
N HIS C 4983 28.94 7.98 32.82
CA HIS C 4983 29.64 9.27 32.75
C HIS C 4983 30.20 9.61 34.12
N ASN C 4984 31.26 8.91 34.53
CA ASN C 4984 31.81 9.10 35.86
C ASN C 4984 33.07 9.96 35.78
N LEU C 4985 33.06 11.07 36.55
CA LEU C 4985 34.15 12.03 36.47
C LEU C 4985 35.45 11.41 36.96
N ALA C 4986 35.36 10.45 37.91
CA ALA C 4986 36.55 9.73 38.34
C ALA C 4986 37.10 8.91 37.19
N ASN C 4987 36.20 8.29 36.42
CA ASN C 4987 36.60 7.40 35.34
C ASN C 4987 37.34 8.17 34.26
N TYR C 4988 36.93 9.42 34.00
CA TYR C 4988 37.64 10.19 32.98
C TYR C 4988 39.04 10.57 33.44
N MET C 4989 39.24 10.73 34.75
CA MET C 4989 40.58 11.00 35.27
C MET C 4989 41.42 9.75 35.18
N PHE C 4990 40.80 8.58 35.43
CA PHE C 4990 41.54 7.33 35.43
C PHE C 4990 41.97 7.01 34.01
N PHE C 4991 41.11 7.34 33.03
CA PHE C 4991 41.45 7.19 31.63
C PHE C 4991 42.62 8.09 31.27
N LEU C 4992 42.57 9.36 31.70
CA LEU C 4992 43.65 10.28 31.33
C LEU C 4992 44.97 9.81 31.94
N MET C 4993 44.92 9.27 33.16
CA MET C 4993 46.10 8.74 33.82
C MET C 4993 46.62 7.53 33.06
N TYR C 4994 45.69 6.72 32.53
CA TYR C 4994 46.03 5.55 31.73
C TYR C 4994 46.75 5.95 30.46
N LEU C 4995 46.23 6.96 29.77
CA LEU C 4995 46.85 7.41 28.51
C LEU C 4995 48.24 7.99 28.78
N ILE C 4996 48.35 8.85 29.79
CA ILE C 4996 49.61 9.52 30.10
C ILE C 4996 50.67 8.50 30.48
N ASN C 4997 50.31 7.54 31.32
CA ASN C 4997 51.27 6.52 31.75
C ASN C 4997 51.63 5.58 30.61
N LYS C 4998 50.64 5.21 29.78
CA LYS C 4998 50.86 4.25 28.70
C LYS C 4998 51.81 4.78 27.63
N ASP C 4999 52.67 3.91 27.13
CA ASP C 4999 53.61 4.27 26.09
C ASP C 4999 52.84 4.58 24.80
N GLU C 5000 53.27 5.64 24.12
CA GLU C 5000 52.52 6.15 22.95
C GLU C 5000 52.45 5.13 21.82
N THR C 5001 53.52 4.35 21.63
CA THR C 5001 53.56 3.33 20.58
C THR C 5001 52.50 2.25 20.78
N GLU C 5002 52.21 1.90 22.03
CA GLU C 5002 51.32 0.79 22.32
C GLU C 5002 49.85 1.18 22.25
N HIS C 5003 49.53 2.46 22.01
CA HIS C 5003 48.16 2.94 22.03
C HIS C 5003 47.33 2.30 20.92
N THR C 5004 46.05 2.07 21.23
CA THR C 5004 45.11 1.57 20.23
C THR C 5004 44.58 2.75 19.42
N GLY C 5005 43.73 2.46 18.43
CA GLY C 5005 43.29 3.51 17.52
C GLY C 5005 42.45 4.58 18.21
N GLN C 5006 41.51 4.15 19.05
CA GLN C 5006 40.67 5.09 19.79
C GLN C 5006 41.50 5.84 20.82
N GLU C 5007 42.43 5.13 21.45
CA GLU C 5007 43.30 5.77 22.44
C GLU C 5007 44.17 6.81 21.77
N SER C 5008 44.63 6.54 20.54
CA SER C 5008 45.47 7.48 19.83
C SER C 5008 44.64 8.67 19.36
N TYR C 5009 43.35 8.44 19.12
CA TYR C 5009 42.44 9.53 18.76
C TYR C 5009 42.29 10.49 19.93
N VAL C 5010 42.07 9.92 21.13
CA VAL C 5010 41.91 10.76 22.31
C VAL C 5010 43.25 11.42 22.64
N TRP C 5011 44.35 10.67 22.50
CA TRP C 5011 45.68 11.19 22.81
C TRP C 5011 46.00 12.39 21.95
N LYS C 5012 45.69 12.30 20.65
CA LYS C 5012 45.99 13.37 19.72
C LYS C 5012 45.16 14.59 20.06
N MET C 5013 43.87 14.37 20.35
CA MET C 5013 42.98 15.49 20.66
C MET C 5013 43.41 16.15 21.96
N TYR C 5014 43.89 15.36 22.93
CA TYR C 5014 44.38 15.92 24.18
C TYR C 5014 45.63 16.75 23.94
N GLN C 5015 46.59 16.19 23.19
CA GLN C 5015 47.86 16.89 22.94
C GLN C 5015 47.64 18.18 22.16
N GLU C 5016 46.54 18.27 21.42
CA GLU C 5016 46.23 19.48 20.68
C GLU C 5016 45.13 20.29 21.35
N ARG C 5017 44.74 19.90 22.58
CA ARG C 5017 43.76 20.59 23.43
C ARG C 5017 42.44 20.84 22.71
N CYS C 5018 41.94 19.79 22.05
CA CYS C 5018 40.62 19.85 21.43
C CYS C 5018 39.68 19.02 22.29
N TRP C 5019 38.83 19.70 23.04
CA TRP C 5019 37.92 19.03 23.96
C TRP C 5019 36.59 18.68 23.30
N ASP C 5020 36.68 17.98 22.18
CA ASP C 5020 35.49 17.62 21.42
C ASP C 5020 35.16 16.15 21.57
N PHE C 5021 36.01 15.39 22.26
CA PHE C 5021 35.68 13.99 22.50
C PHE C 5021 34.75 13.82 23.68
N PHE C 5022 34.48 14.90 24.43
CA PHE C 5022 33.67 14.79 25.63
C PHE C 5022 32.22 14.89 25.21
N PRO C 5023 31.39 13.90 25.50
CA PRO C 5023 29.99 13.93 25.04
C PRO C 5023 29.24 15.14 25.58
N ALA C 5024 28.62 15.90 24.70
CA ALA C 5024 27.79 17.02 25.10
C ALA C 5024 26.46 16.91 24.39
N GLY C 5025 25.38 16.80 25.15
CA GLY C 5025 24.07 16.66 24.57
C GLY C 5025 23.71 15.26 24.15
N ASP C 5026 24.63 14.31 24.27
CA ASP C 5026 24.39 12.95 23.81
C ASP C 5026 24.99 11.95 24.77
N CYS C 5027 24.39 10.76 24.77
CA CYS C 5027 24.85 9.64 25.58
C CYS C 5027 24.65 8.38 24.75
N PHE C 5028 25.29 7.29 25.20
CA PHE C 5028 25.17 6.00 24.52
C PHE C 5028 23.72 5.56 24.48
N ARG C 5029 22.99 5.80 25.59
CA ARG C 5029 21.58 5.44 25.71
C ARG C 5029 20.75 6.18 24.67
N LYS C 5030 21.02 7.49 24.53
CA LYS C 5030 20.25 8.32 23.62
C LYS C 5030 20.55 7.94 22.18
N GLN C 5031 21.82 7.68 21.88
CA GLN C 5031 22.18 7.40 20.49
C GLN C 5031 21.58 6.06 20.06
N TYR C 5032 21.68 5.04 20.91
CA TYR C 5032 21.21 3.71 20.53
C TYR C 5032 19.89 3.37 21.22
N GLU C 5033 19.03 4.36 21.48
CA GLU C 5033 17.81 4.13 22.25
C GLU C 5033 16.84 3.18 21.56
N ASP C 5034 16.64 3.35 20.25
CA ASP C 5034 15.66 2.55 19.51
C ASP C 5034 16.05 1.08 19.48
N GLN C 5035 17.31 0.80 19.18
CA GLN C 5035 17.80 -0.58 19.15
C GLN C 5035 17.84 -1.18 20.55
N LEU C 5036 18.35 -0.44 21.54
CA LEU C 5036 18.47 -0.97 22.89
C LEU C 5036 17.11 -1.20 23.51
N SER C 5037 16.17 -0.29 23.29
CA SER C 5037 14.85 -0.36 23.89
C SER C 5037 13.77 -0.08 22.85
N VAL D 11 22.39 -20.19 3.97
CA VAL D 11 23.45 -20.65 4.87
C VAL D 11 23.25 -22.15 5.06
N GLN D 12 22.54 -22.51 6.15
CA GLN D 12 22.11 -23.88 6.45
C GLN D 12 23.29 -24.85 6.55
N PHE D 13 24.16 -24.62 7.53
CA PHE D 13 25.26 -25.54 7.77
C PHE D 13 24.75 -26.83 8.40
N LEU D 14 25.34 -27.95 7.97
CA LEU D 14 24.98 -29.25 8.52
C LEU D 14 25.53 -29.41 9.93
N ARG D 15 24.99 -30.39 10.65
CA ARG D 15 25.36 -30.62 12.04
C ARG D 15 25.02 -32.06 12.39
N THR D 16 25.60 -32.54 13.50
CA THR D 16 25.26 -33.86 14.01
C THR D 16 23.81 -33.87 14.48
N ASP D 17 23.21 -35.06 14.47
CA ASP D 17 21.82 -35.39 14.79
C ASP D 17 20.83 -34.85 13.77
N ASP D 18 21.27 -34.09 12.77
CA ASP D 18 20.40 -33.72 11.67
C ASP D 18 20.18 -34.93 10.77
N GLU D 19 19.06 -34.92 10.06
CA GLU D 19 18.66 -36.03 9.22
C GLU D 19 18.95 -35.71 7.76
N VAL D 20 19.70 -36.59 7.09
CA VAL D 20 20.15 -36.35 5.71
C VAL D 20 19.84 -37.58 4.85
N VAL D 21 20.05 -37.42 3.54
CA VAL D 21 19.94 -38.51 2.58
C VAL D 21 21.09 -38.39 1.58
N LEU D 22 21.67 -39.53 1.21
CA LEU D 22 22.74 -39.58 0.22
C LEU D 22 22.17 -39.74 -1.18
N GLN D 23 22.70 -38.93 -2.11
CA GLN D 23 22.11 -38.72 -3.43
C GLN D 23 23.16 -38.58 -4.52
N CYS D 24 23.08 -39.44 -5.53
CA CYS D 24 23.81 -39.23 -6.77
C CYS D 24 22.87 -38.70 -7.86
N SER D 25 23.48 -38.22 -8.94
CA SER D 25 22.76 -37.81 -10.15
C SER D 25 23.47 -38.51 -11.30
N ALA D 26 23.06 -39.74 -11.57
CA ALA D 26 23.69 -40.53 -12.61
C ALA D 26 23.11 -40.21 -13.99
N THR D 27 23.79 -40.74 -15.01
CA THR D 27 23.39 -40.54 -16.40
C THR D 27 23.30 -41.87 -17.10
N VAL D 28 22.10 -42.25 -17.52
CA VAL D 28 21.87 -43.45 -18.31
C VAL D 28 20.96 -43.07 -19.47
N LEU D 29 21.31 -43.56 -20.68
CA LEU D 29 20.50 -43.44 -21.90
C LEU D 29 20.16 -41.98 -22.24
N LYS D 30 21.11 -41.07 -21.99
CA LYS D 30 21.03 -39.64 -22.29
C LYS D 30 19.87 -38.98 -21.52
N GLU D 31 19.95 -39.12 -20.20
CA GLU D 31 19.12 -38.36 -19.27
C GLU D 31 19.80 -38.38 -17.90
N GLN D 32 19.41 -37.43 -17.06
CA GLN D 32 20.02 -37.20 -15.76
C GLN D 32 19.04 -37.65 -14.68
N LEU D 33 19.20 -38.88 -14.20
CA LEU D 33 18.31 -39.36 -13.15
C LEU D 33 18.97 -39.17 -11.79
N LYS D 34 18.12 -39.07 -10.77
CA LYS D 34 18.56 -38.83 -9.41
C LYS D 34 18.38 -40.12 -8.62
N LEU D 35 19.38 -40.50 -7.85
CA LEU D 35 19.38 -41.75 -7.11
C LEU D 35 19.68 -41.47 -5.64
N CYS D 36 19.27 -42.40 -4.79
CA CYS D 36 19.51 -42.29 -3.36
C CYS D 36 19.87 -43.66 -2.81
N LEU D 37 20.66 -43.66 -1.74
CA LEU D 37 20.94 -44.92 -1.05
C LEU D 37 19.73 -45.39 -0.24
N ALA D 38 19.50 -46.70 -0.28
CA ALA D 38 18.43 -47.31 0.50
C ALA D 38 18.80 -48.76 0.79
N ALA D 39 18.47 -49.21 2.00
CA ALA D 39 18.71 -50.59 2.42
C ALA D 39 17.78 -50.90 3.56
N GLU D 40 17.06 -52.03 3.46
CA GLU D 40 16.12 -52.42 4.50
C GLU D 40 16.83 -52.76 5.81
N GLY D 41 17.90 -53.55 5.73
CA GLY D 41 18.65 -53.96 6.90
C GLY D 41 18.17 -55.25 7.54
N PHE D 42 16.86 -55.39 7.70
CA PHE D 42 16.28 -56.62 8.25
C PHE D 42 16.11 -57.63 7.13
N GLY D 43 17.05 -58.56 7.03
CA GLY D 43 17.01 -59.58 6.01
C GLY D 43 17.84 -59.26 4.79
N ASN D 44 18.19 -57.99 4.59
CA ASN D 44 19.01 -57.58 3.46
C ASN D 44 19.95 -56.48 3.96
N ARG D 45 21.18 -56.86 4.29
CA ARG D 45 22.15 -55.90 4.79
C ARG D 45 22.71 -55.03 3.67
N LEU D 46 22.80 -55.58 2.47
CA LEU D 46 23.40 -54.89 1.33
C LEU D 46 22.54 -53.71 0.89
N CYS D 47 23.21 -52.67 0.40
CA CYS D 47 22.55 -51.45 -0.03
C CYS D 47 22.15 -51.54 -1.50
N PHE D 48 21.31 -50.60 -1.91
CA PHE D 48 20.85 -50.48 -3.28
C PHE D 48 20.42 -49.04 -3.52
N LEU D 49 20.07 -48.76 -4.78
CA LEU D 49 19.74 -47.41 -5.21
C LEU D 49 18.25 -47.33 -5.53
N GLU D 50 17.58 -46.35 -4.94
CA GLU D 50 16.17 -46.12 -5.24
C GLU D 50 16.03 -44.81 -6.00
N PRO D 51 15.72 -44.86 -7.30
CA PRO D 51 15.62 -43.61 -8.08
C PRO D 51 14.50 -42.71 -7.57
N THR D 52 14.76 -41.40 -7.61
CA THR D 52 13.80 -40.42 -7.14
C THR D 52 13.55 -39.29 -8.13
N SER D 53 14.12 -39.36 -9.34
CA SER D 53 13.89 -38.32 -10.34
C SER D 53 12.44 -38.29 -10.78
N ASN D 54 11.85 -39.46 -11.00
CA ASN D 54 10.44 -39.57 -11.43
C ASN D 54 9.55 -39.47 -10.20
N ALA D 55 9.47 -38.27 -9.65
CA ALA D 55 8.75 -38.00 -8.40
C ALA D 55 7.28 -37.71 -8.60
N GLN D 56 6.78 -37.74 -9.84
CA GLN D 56 5.37 -37.46 -10.11
C GLN D 56 4.57 -38.69 -10.51
N ASN D 57 5.11 -39.51 -11.42
CA ASN D 57 4.41 -40.73 -11.84
C ASN D 57 4.36 -41.75 -10.71
N VAL D 58 5.50 -41.97 -10.03
CA VAL D 58 5.59 -42.90 -8.92
C VAL D 58 6.20 -42.20 -7.71
N PRO D 59 5.52 -42.15 -6.56
CA PRO D 59 6.12 -41.58 -5.37
C PRO D 59 7.33 -42.39 -4.95
N PRO D 60 8.34 -41.74 -4.38
CA PRO D 60 9.57 -42.45 -4.01
C PRO D 60 9.38 -43.25 -2.72
N ASP D 61 10.42 -43.97 -2.35
CA ASP D 61 10.43 -44.81 -1.15
C ASP D 61 11.46 -44.22 -0.19
N LEU D 62 11.05 -43.25 0.60
CA LEU D 62 11.93 -42.60 1.56
C LEU D 62 11.86 -43.21 2.95
N ALA D 63 11.09 -44.28 3.12
CA ALA D 63 11.05 -44.97 4.40
C ALA D 63 12.37 -45.65 4.74
N ILE D 64 13.18 -45.97 3.73
CA ILE D 64 14.43 -46.67 3.93
C ILE D 64 15.64 -45.89 3.45
N CYS D 65 15.45 -44.76 2.76
CA CYS D 65 16.55 -43.90 2.34
C CYS D 65 17.06 -43.00 3.44
N CYS D 66 16.45 -43.02 4.62
CA CYS D 66 16.77 -42.06 5.66
C CYS D 66 18.06 -42.45 6.40
N PHE D 67 18.96 -41.48 6.55
CA PHE D 67 20.21 -41.68 7.28
C PHE D 67 20.46 -40.55 8.28
N THR D 68 20.91 -40.92 9.47
CA THR D 68 21.13 -39.99 10.56
C THR D 68 22.61 -39.88 10.87
N LEU D 69 23.06 -38.66 11.13
CA LEU D 69 24.45 -38.37 11.46
C LEU D 69 24.61 -38.47 12.97
N GLU D 70 25.25 -39.54 13.44
CA GLU D 70 25.36 -39.70 14.89
C GLU D 70 26.53 -38.89 15.45
N GLN D 71 27.75 -39.16 15.00
CA GLN D 71 28.93 -38.49 15.53
C GLN D 71 29.80 -38.02 14.38
N SER D 72 30.41 -36.85 14.55
CA SER D 72 31.36 -36.33 13.58
C SER D 72 32.65 -35.99 14.32
N LEU D 73 33.75 -36.60 13.91
CA LEU D 73 35.03 -36.44 14.56
C LEU D 73 36.11 -36.29 13.51
N SER D 74 37.20 -35.63 13.88
CA SER D 74 38.34 -35.57 12.99
C SER D 74 39.02 -36.94 12.92
N VAL D 75 39.74 -37.16 11.82
CA VAL D 75 40.35 -38.46 11.51
C VAL D 75 41.35 -38.87 12.59
N ARG D 76 42.17 -37.93 13.04
CA ARG D 76 43.19 -38.27 14.03
C ARG D 76 42.56 -38.53 15.40
N ALA D 77 41.62 -37.68 15.82
CA ALA D 77 40.92 -37.87 17.09
C ALA D 77 40.08 -39.13 17.12
N LEU D 78 39.67 -39.63 15.95
CA LEU D 78 38.95 -40.90 15.86
C LEU D 78 39.79 -42.08 16.33
N GLN D 79 41.12 -41.97 16.15
CA GLN D 79 42.04 -43.06 16.49
C GLN D 79 42.01 -43.37 17.98
N GLU D 80 42.09 -42.34 18.83
CA GLU D 80 42.11 -42.56 20.27
C GLU D 80 40.81 -43.18 20.76
N MET D 81 39.68 -42.70 20.24
CA MET D 81 38.38 -43.26 20.60
C MET D 81 38.28 -44.73 20.19
N LEU D 82 38.77 -45.05 18.99
CA LEU D 82 38.78 -46.44 18.55
C LEU D 82 39.72 -47.28 19.42
N ALA D 83 40.87 -46.72 19.80
CA ALA D 83 41.84 -47.44 20.61
C ALA D 83 41.28 -47.77 21.99
N ASN D 84 40.58 -46.82 22.61
CA ASN D 84 40.01 -47.04 23.93
C ASN D 84 38.67 -47.76 23.83
N HIS D 98 25.71 -31.49 19.62
CA HIS D 98 25.43 -30.86 18.33
C HIS D 98 26.67 -30.18 17.75
N ARG D 99 27.58 -30.99 17.24
CA ARG D 99 28.82 -30.49 16.63
C ARG D 99 28.58 -30.24 15.15
N THR D 100 28.99 -29.08 14.67
CA THR D 100 28.88 -28.76 13.26
C THR D 100 29.80 -29.66 12.43
N LEU D 101 29.29 -30.13 11.29
CA LEU D 101 30.08 -30.97 10.41
C LEU D 101 31.18 -30.16 9.75
N LEU D 102 32.41 -30.64 9.86
CA LEU D 102 33.58 -29.99 9.30
C LEU D 102 34.18 -30.86 8.21
N TYR D 103 34.73 -30.20 7.18
CA TYR D 103 35.35 -30.92 6.08
C TYR D 103 36.56 -31.71 6.56
N GLY D 104 36.73 -32.90 5.99
CA GLY D 104 37.79 -33.80 6.41
C GLY D 104 37.53 -34.55 7.68
N HIS D 105 36.34 -34.43 8.28
CA HIS D 105 36.03 -35.17 9.48
C HIS D 105 35.58 -36.59 9.14
N ALA D 106 35.30 -37.38 10.18
CA ALA D 106 34.79 -38.73 10.05
C ALA D 106 33.38 -38.78 10.63
N ILE D 107 32.44 -39.34 9.87
CA ILE D 107 31.03 -39.34 10.26
C ILE D 107 30.56 -40.77 10.48
N LEU D 108 29.45 -40.90 11.21
CA LEU D 108 28.82 -42.17 11.51
C LEU D 108 27.37 -42.15 11.03
N LEU D 109 27.11 -42.88 9.94
CA LEU D 109 25.80 -42.91 9.32
C LEU D 109 24.97 -44.07 9.88
N ARG D 110 23.86 -43.73 10.53
CA ARG D 110 22.97 -44.71 11.13
C ARG D 110 21.63 -44.70 10.42
N HIS D 111 21.17 -45.86 9.97
CA HIS D 111 19.88 -45.97 9.31
C HIS D 111 18.77 -45.62 10.29
N ALA D 112 17.77 -44.88 9.82
CA ALA D 112 16.69 -44.46 10.71
C ALA D 112 15.76 -45.61 11.03
N HIS D 113 15.41 -46.41 10.02
CA HIS D 113 14.44 -47.48 10.23
C HIS D 113 15.04 -48.64 10.99
N SER D 114 16.12 -49.22 10.46
CA SER D 114 16.65 -50.45 11.02
C SER D 114 17.67 -50.25 12.14
N ARG D 115 18.09 -49.01 12.40
CA ARG D 115 19.07 -48.63 13.43
C ARG D 115 20.44 -49.26 13.24
N MET D 116 20.72 -49.85 12.08
CA MET D 116 22.02 -50.39 11.77
C MET D 116 22.94 -49.29 11.24
N TYR D 117 24.23 -49.56 11.24
CA TYR D 117 25.21 -48.56 10.83
C TYR D 117 25.74 -48.90 9.45
N LEU D 118 25.84 -47.88 8.60
CA LEU D 118 26.45 -48.07 7.29
C LEU D 118 27.94 -48.35 7.44
N SER D 119 28.42 -49.37 6.74
CA SER D 119 29.83 -49.73 6.83
C SER D 119 30.27 -50.42 5.56
N CYS D 120 31.57 -50.42 5.34
CA CYS D 120 32.18 -51.09 4.19
C CYS D 120 32.40 -52.56 4.56
N LEU D 121 31.53 -53.43 4.05
CA LEU D 121 31.61 -54.85 4.34
C LEU D 121 32.88 -55.45 3.76
N THR D 122 33.43 -56.46 4.45
CA THR D 122 34.65 -57.11 4.00
C THR D 122 34.45 -58.06 2.83
N THR D 123 33.20 -58.32 2.44
CA THR D 123 32.92 -59.24 1.34
C THR D 123 32.89 -58.46 0.02
N SER D 124 32.46 -59.13 -1.06
CA SER D 124 32.29 -58.55 -2.39
C SER D 124 31.46 -59.48 -3.26
N ARG D 125 30.43 -58.94 -3.90
CA ARG D 125 29.57 -59.74 -4.77
C ARG D 125 29.48 -59.23 -6.19
N SER D 126 30.16 -58.14 -6.52
CA SER D 126 30.23 -57.67 -7.89
C SER D 126 31.24 -58.51 -8.66
N MET D 127 30.75 -59.34 -9.57
CA MET D 127 31.61 -60.23 -10.34
C MET D 127 32.26 -59.56 -11.53
N THR D 128 31.82 -58.35 -11.89
CA THR D 128 32.40 -57.64 -13.03
C THR D 128 33.81 -57.13 -12.70
N ASP D 129 34.10 -56.91 -11.42
CA ASP D 129 35.36 -56.30 -11.01
C ASP D 129 35.81 -56.89 -9.69
N LYS D 130 37.11 -56.80 -9.44
CA LYS D 130 37.65 -57.18 -8.15
C LYS D 130 37.95 -55.92 -7.35
N LEU D 131 38.47 -56.11 -6.14
CA LEU D 131 38.96 -55.06 -5.21
C LEU D 131 37.93 -53.94 -4.96
N ALA D 132 36.65 -54.19 -5.22
CA ALA D 132 35.57 -53.23 -4.99
C ALA D 132 34.56 -53.84 -4.02
N PHE D 133 34.77 -53.57 -2.74
CA PHE D 133 33.92 -54.12 -1.70
C PHE D 133 32.52 -53.51 -1.76
N ASP D 134 31.54 -54.28 -1.31
CA ASP D 134 30.14 -53.87 -1.36
C ASP D 134 29.74 -53.31 0.00
N VAL D 135 29.12 -52.15 -0.03
CA VAL D 135 28.71 -51.47 1.20
C VAL D 135 27.45 -52.14 1.74
N GLY D 136 27.28 -52.08 3.06
CA GLY D 136 26.12 -52.66 3.68
C GLY D 136 25.91 -52.11 5.07
N LEU D 137 24.91 -52.66 5.75
CA LEU D 137 24.57 -52.25 7.10
C LEU D 137 25.21 -53.18 8.13
N GLN D 138 25.69 -52.59 9.22
CA GLN D 138 26.35 -53.33 10.29
C GLN D 138 25.57 -53.10 11.58
N GLU D 139 25.54 -54.14 12.43
CA GLU D 139 24.73 -54.14 13.64
C GLU D 139 25.22 -53.10 14.63
N ASP D 140 26.53 -53.00 14.83
CA ASP D 140 27.11 -52.19 15.86
C ASP D 140 28.14 -51.23 15.27
N ALA D 141 28.40 -50.15 16.00
CA ALA D 141 29.33 -49.11 15.57
C ALA D 141 30.78 -49.44 15.89
N THR D 142 31.06 -50.60 16.47
CA THR D 142 32.43 -50.98 16.80
C THR D 142 33.25 -51.21 15.54
N GLY D 143 34.55 -50.91 15.65
CA GLY D 143 35.46 -51.01 14.55
C GLY D 143 35.51 -49.74 13.70
N GLU D 144 36.42 -49.75 12.75
CA GLU D 144 36.62 -48.60 11.86
C GLU D 144 35.83 -48.72 10.57
N ALA D 145 35.08 -49.80 10.38
CA ALA D 145 34.33 -49.98 9.14
C ALA D 145 33.15 -49.04 9.04
N CYS D 146 32.57 -48.66 10.17
CA CYS D 146 31.36 -47.84 10.17
C CYS D 146 31.64 -46.35 10.02
N TRP D 147 32.90 -45.94 9.91
CA TRP D 147 33.27 -44.54 9.84
C TRP D 147 33.64 -44.17 8.41
N TRP D 148 33.05 -43.10 7.91
CA TRP D 148 33.35 -42.56 6.59
C TRP D 148 33.90 -41.15 6.73
N THR D 149 34.84 -40.80 5.86
CA THR D 149 35.42 -39.47 5.84
C THR D 149 35.01 -38.73 4.57
N MET D 150 34.49 -37.51 4.74
CA MET D 150 34.05 -36.72 3.61
C MET D 150 35.10 -35.67 3.26
N HIS D 151 35.30 -35.47 1.97
CA HIS D 151 36.32 -34.57 1.49
C HIS D 151 35.70 -33.51 0.58
N PRO D 152 36.31 -32.32 0.47
CA PRO D 152 35.81 -31.32 -0.47
C PRO D 152 35.85 -31.84 -1.90
N ALA D 153 34.83 -31.45 -2.68
CA ALA D 153 34.74 -31.89 -4.08
C ALA D 153 35.90 -31.36 -4.91
N SER D 154 36.22 -30.09 -4.76
CA SER D 154 37.30 -29.49 -5.54
C SER D 154 37.90 -28.36 -4.70
N LYS D 155 38.68 -27.49 -5.36
CA LYS D 155 39.34 -26.39 -4.69
C LYS D 155 38.38 -25.32 -4.18
N GLN D 156 37.10 -25.35 -4.58
CA GLN D 156 36.13 -24.37 -4.09
C GLN D 156 35.86 -24.51 -2.59
N ARG D 157 36.22 -25.64 -1.99
CA ARG D 157 36.10 -25.87 -0.56
C ARG D 157 37.41 -26.45 -0.05
N SER D 158 37.68 -26.22 1.23
CA SER D 158 38.92 -26.65 1.84
C SER D 158 38.62 -27.41 3.13
N GLU D 159 39.56 -28.26 3.53
CA GLU D 159 39.42 -29.01 4.76
C GLU D 159 39.48 -28.07 5.97
N GLY D 160 38.60 -28.30 6.94
CA GLY D 160 38.57 -27.52 8.15
C GLY D 160 37.50 -26.46 8.22
N GLU D 161 36.63 -26.36 7.24
CA GLU D 161 35.52 -25.43 7.27
C GLU D 161 34.21 -26.20 7.23
N LYS D 162 33.18 -25.61 7.83
CA LYS D 162 31.88 -26.25 7.92
C LYS D 162 31.24 -26.40 6.54
N VAL D 163 30.49 -27.48 6.39
CA VAL D 163 29.84 -27.83 5.14
C VAL D 163 28.39 -27.33 5.15
N ARG D 164 27.98 -26.73 4.04
CA ARG D 164 26.62 -26.24 3.86
C ARG D 164 25.82 -27.28 3.08
N VAL D 165 24.49 -27.12 3.12
CA VAL D 165 23.62 -28.04 2.39
C VAL D 165 23.84 -27.91 0.89
N GLY D 166 23.55 -28.99 0.17
CA GLY D 166 23.74 -28.98 -1.27
C GLY D 166 25.17 -29.05 -1.75
N ASP D 167 26.14 -29.10 -0.84
CA ASP D 167 27.54 -29.17 -1.22
C ASP D 167 27.85 -30.51 -1.88
N ASP D 168 28.64 -30.47 -2.94
CA ASP D 168 29.12 -31.70 -3.55
C ASP D 168 30.21 -32.31 -2.68
N LEU D 169 30.10 -33.62 -2.43
CA LEU D 169 30.97 -34.30 -1.48
C LEU D 169 31.62 -35.53 -2.10
N ILE D 170 32.71 -35.97 -1.46
CA ILE D 170 33.39 -37.21 -1.79
C ILE D 170 33.62 -37.94 -0.48
N LEU D 171 33.08 -39.15 -0.36
CA LEU D 171 33.14 -39.93 0.88
C LEU D 171 34.16 -41.05 0.77
N VAL D 172 35.05 -41.13 1.76
CA VAL D 172 36.13 -42.10 1.78
C VAL D 172 36.00 -42.95 3.04
N SER D 173 36.08 -44.26 2.88
CA SER D 173 36.06 -45.19 4.00
C SER D 173 37.25 -45.00 4.93
N VAL D 174 37.06 -45.36 6.20
CA VAL D 174 38.19 -45.33 7.11
C VAL D 174 38.92 -46.66 7.12
N SER D 175 38.17 -47.77 7.08
CA SER D 175 38.79 -49.09 7.18
C SER D 175 39.54 -49.48 5.92
N SER D 176 38.95 -49.21 4.75
CA SER D 176 39.57 -49.62 3.49
C SER D 176 40.03 -48.46 2.63
N GLU D 177 39.66 -47.22 2.99
CA GLU D 177 39.83 -45.99 2.21
C GLU D 177 39.63 -46.19 0.70
N ARG D 178 38.53 -46.86 0.38
CA ARG D 178 38.00 -46.91 -0.97
C ARG D 178 36.84 -45.93 -1.07
N TYR D 179 36.74 -45.27 -2.21
CA TYR D 179 35.68 -44.29 -2.44
C TYR D 179 34.32 -44.97 -2.51
N LEU D 180 33.29 -44.26 -2.06
CA LEU D 180 31.95 -44.82 -2.04
C LEU D 180 31.35 -44.59 -3.42
N HIS D 181 31.57 -45.57 -4.30
CA HIS D 181 31.28 -45.48 -5.73
C HIS D 181 29.92 -46.13 -6.05
N LEU D 182 29.49 -45.93 -7.30
CA LEU D 182 28.37 -46.68 -7.87
C LEU D 182 28.87 -47.35 -9.14
N SER D 183 28.73 -48.67 -9.20
CA SER D 183 29.29 -49.44 -10.31
C SER D 183 28.24 -49.50 -11.42
N THR D 184 28.18 -48.41 -12.19
CA THR D 184 27.30 -48.30 -13.35
C THR D 184 27.70 -49.24 -14.49
N ALA D 185 28.92 -49.79 -14.46
CA ALA D 185 29.40 -50.69 -15.51
C ALA D 185 28.56 -51.96 -15.61
N SER D 186 28.00 -52.42 -14.50
CA SER D 186 27.15 -53.60 -14.48
C SER D 186 25.82 -53.33 -15.17
N GLY D 187 25.00 -54.39 -15.26
CA GLY D 187 23.70 -54.27 -15.91
C GLY D 187 22.78 -53.28 -15.23
N GLU D 188 22.72 -53.33 -13.90
CA GLU D 188 21.92 -52.40 -13.13
C GLU D 188 22.85 -51.34 -12.53
N LEU D 189 22.30 -50.49 -11.68
CA LEU D 189 23.05 -49.40 -11.04
C LEU D 189 23.28 -49.78 -9.57
N GLN D 190 24.41 -50.43 -9.30
CA GLN D 190 24.74 -50.89 -7.96
C GLN D 190 25.53 -49.81 -7.22
N VAL D 191 25.99 -50.14 -6.02
CA VAL D 191 26.88 -49.30 -5.21
C VAL D 191 27.97 -50.19 -4.66
N ASP D 192 29.23 -49.76 -4.78
CA ASP D 192 30.36 -50.52 -4.28
C ASP D 192 31.39 -49.55 -3.75
N ALA D 193 32.29 -50.05 -2.91
CA ALA D 193 33.40 -49.26 -2.41
C ALA D 193 34.62 -49.56 -3.25
N SER D 194 34.97 -48.64 -4.15
CA SER D 194 36.08 -48.85 -5.06
C SER D 194 36.98 -47.62 -5.05
N PHE D 195 37.93 -47.57 -5.98
CA PHE D 195 38.92 -46.50 -6.03
C PHE D 195 38.52 -45.33 -6.93
N MET D 196 37.37 -45.41 -7.57
CA MET D 196 36.86 -44.36 -8.45
C MET D 196 35.87 -43.50 -7.67
N GLN D 197 36.22 -42.23 -7.45
CA GLN D 197 35.40 -41.37 -6.60
C GLN D 197 34.07 -41.03 -7.26
N THR D 198 33.08 -40.77 -6.42
CA THR D 198 31.75 -40.36 -6.84
C THR D 198 31.32 -39.14 -6.05
N LEU D 199 30.55 -38.26 -6.69
CA LEU D 199 30.14 -37.00 -6.11
C LEU D 199 28.78 -37.20 -5.45
N TRP D 200 28.76 -37.19 -4.12
CA TRP D 200 27.54 -37.42 -3.36
C TRP D 200 26.98 -36.12 -2.80
N ASN D 201 25.65 -36.09 -2.67
CA ASN D 201 24.92 -34.97 -2.10
C ASN D 201 24.22 -35.42 -0.82
N MET D 202 24.38 -34.64 0.24
CA MET D 202 23.69 -34.88 1.51
C MET D 202 22.51 -33.91 1.60
N ASN D 203 21.39 -34.30 1.00
CA ASN D 203 20.21 -33.45 1.08
C ASN D 203 19.58 -33.53 2.46
N PRO D 204 19.33 -32.41 3.13
CA PRO D 204 18.71 -32.45 4.45
C PRO D 204 17.26 -32.87 4.36
N ILE D 205 16.76 -33.46 5.45
CA ILE D 205 15.38 -33.87 5.57
C ILE D 205 14.72 -33.21 6.77
N CYS D 206 15.40 -33.26 7.92
CA CYS D 206 14.92 -32.66 9.16
C CYS D 206 16.10 -32.21 10.00
N SER D 207 15.88 -31.19 10.82
CA SER D 207 16.91 -30.70 11.72
C SER D 207 16.54 -30.92 13.19
N CYS D 208 15.39 -30.38 13.64
CA CYS D 208 14.89 -30.54 14.99
C CYS D 208 13.46 -30.04 15.05
N CYS D 209 12.59 -30.80 15.71
CA CYS D 209 11.19 -30.46 15.85
C CYS D 209 10.85 -30.18 17.30
N GLU D 210 9.97 -29.20 17.52
CA GLU D 210 9.52 -28.90 18.87
C GLU D 210 8.61 -30.01 19.38
N GLU D 211 8.32 -29.96 20.68
CA GLU D 211 7.50 -30.97 21.33
C GLU D 211 6.08 -30.94 20.77
N GLY D 212 5.65 -32.08 20.24
CA GLY D 212 4.28 -32.25 19.78
C GLY D 212 3.89 -31.42 18.58
N TYR D 213 4.72 -31.36 17.55
CA TYR D 213 4.36 -30.73 16.29
C TYR D 213 4.49 -31.74 15.17
N VAL D 214 3.57 -31.64 14.21
CA VAL D 214 3.47 -32.63 13.14
C VAL D 214 4.34 -32.19 11.97
N THR D 215 5.16 -33.12 11.46
CA THR D 215 6.08 -32.84 10.36
C THR D 215 5.95 -33.92 9.30
N GLY D 216 6.51 -33.61 8.13
CA GLY D 216 6.48 -34.53 7.02
C GLY D 216 7.31 -35.77 7.27
N GLY D 217 6.93 -36.87 6.62
CA GLY D 217 7.61 -38.14 6.76
C GLY D 217 7.22 -38.94 7.98
N HIS D 218 6.43 -38.37 8.88
CA HIS D 218 6.04 -39.04 10.11
C HIS D 218 4.99 -40.13 9.85
N VAL D 219 4.97 -41.10 10.76
CA VAL D 219 3.98 -42.18 10.80
C VAL D 219 3.11 -41.91 12.01
N LEU D 220 1.80 -41.86 11.80
CA LEU D 220 0.89 -41.39 12.84
C LEU D 220 -0.51 -41.90 12.56
N ARG D 221 -1.37 -41.79 13.56
CA ARG D 221 -2.77 -42.16 13.44
C ARG D 221 -3.65 -40.91 13.33
N LEU D 222 -4.71 -41.05 12.53
CA LEU D 222 -5.69 -40.00 12.27
C LEU D 222 -6.96 -40.29 13.07
N PHE D 223 -7.06 -39.72 14.26
CA PHE D 223 -8.27 -39.89 15.06
C PHE D 223 -9.35 -38.87 14.71
N HIS D 224 -10.59 -39.34 14.65
CA HIS D 224 -11.73 -38.45 14.52
C HIS D 224 -11.85 -37.62 15.81
N GLY D 225 -12.63 -36.53 15.74
CA GLY D 225 -12.82 -35.65 16.89
C GLY D 225 -13.35 -36.32 18.14
N HIS D 226 -14.10 -37.41 17.98
CA HIS D 226 -14.63 -38.16 19.11
C HIS D 226 -13.54 -38.87 19.92
N MET D 227 -12.33 -39.02 19.35
CA MET D 227 -11.17 -39.77 19.87
C MET D 227 -11.40 -41.27 19.91
N ASP D 228 -12.44 -41.76 19.26
CA ASP D 228 -12.69 -43.20 19.17
C ASP D 228 -12.77 -43.73 17.75
N GLU D 229 -13.13 -42.90 16.78
CA GLU D 229 -13.06 -43.31 15.39
C GLU D 229 -11.70 -42.93 14.82
N CYS D 230 -11.23 -43.74 13.87
CA CYS D 230 -9.84 -43.71 13.43
C CYS D 230 -9.73 -44.45 12.10
N LEU D 231 -9.10 -43.78 11.14
CA LEU D 231 -9.06 -44.23 9.76
C LEU D 231 -8.28 -45.54 9.67
N THR D 232 -8.94 -46.59 9.18
CA THR D 232 -8.30 -47.89 8.95
C THR D 232 -8.75 -48.43 7.61
N ILE D 233 -7.87 -49.16 6.94
CA ILE D 233 -8.30 -49.96 5.80
C ILE D 233 -8.75 -51.30 6.33
N SER D 234 -9.40 -52.10 5.48
CA SER D 234 -9.89 -53.43 5.84
C SER D 234 -8.76 -54.33 6.37
N ALA D 235 -9.16 -55.29 7.20
CA ALA D 235 -8.19 -56.20 7.82
C ALA D 235 -7.61 -57.15 6.79
N ALA D 236 -6.56 -57.86 7.21
CA ALA D 236 -5.81 -58.74 6.32
C ALA D 236 -6.65 -59.92 5.85
N ASP D 237 -6.38 -60.34 4.61
CA ASP D 237 -7.00 -61.50 3.96
C ASP D 237 -8.52 -61.37 3.90
N SER D 238 -8.96 -60.35 3.16
CA SER D 238 -10.38 -60.08 3.01
C SER D 238 -10.73 -59.93 1.54
N ASP D 239 -12.03 -60.05 1.27
CA ASP D 239 -12.55 -59.93 -0.09
C ASP D 239 -12.35 -58.53 -0.67
N ASP D 240 -12.37 -57.50 0.18
CA ASP D 240 -12.22 -56.11 -0.22
C ASP D 240 -10.83 -55.81 -0.78
N GLN D 241 -9.85 -56.72 -0.58
CA GLN D 241 -8.43 -56.56 -0.94
C GLN D 241 -7.80 -55.39 -0.21
N ARG D 242 -8.37 -55.04 0.97
CA ARG D 242 -7.89 -53.98 1.85
C ARG D 242 -7.80 -52.64 1.13
N ARG D 243 -8.80 -52.33 0.31
CA ARG D 243 -8.77 -51.15 -0.55
C ARG D 243 -9.87 -50.13 -0.24
N LEU D 244 -10.51 -50.23 0.93
CA LEU D 244 -11.54 -49.27 1.30
C LEU D 244 -11.22 -48.69 2.67
N VAL D 245 -11.29 -47.36 2.78
CA VAL D 245 -11.00 -46.67 4.03
C VAL D 245 -12.27 -46.62 4.88
N TYR D 246 -12.08 -46.69 6.20
CA TYR D 246 -13.18 -46.65 7.15
C TYR D 246 -12.77 -45.81 8.35
N TYR D 247 -13.76 -45.21 8.99
CA TYR D 247 -13.64 -44.54 10.28
C TYR D 247 -13.90 -45.55 11.40
N GLU D 248 -13.15 -46.65 11.37
CA GLU D 248 -13.37 -47.76 12.29
C GLU D 248 -13.00 -47.36 13.72
N GLY D 249 -13.56 -48.06 14.69
CA GLY D 249 -13.26 -47.75 16.08
C GLY D 249 -12.98 -49.02 16.88
N GLY D 250 -12.79 -48.81 18.19
CA GLY D 250 -12.51 -49.89 19.10
C GLY D 250 -11.02 -50.13 19.28
N ALA D 251 -10.64 -51.41 19.32
CA ALA D 251 -9.25 -51.81 19.48
C ALA D 251 -8.55 -52.00 18.15
N VAL D 252 -9.22 -51.68 17.05
CA VAL D 252 -8.65 -51.88 15.72
C VAL D 252 -7.46 -50.96 15.48
N CYS D 253 -7.54 -49.72 15.95
CA CYS D 253 -6.46 -48.76 15.72
C CYS D 253 -5.54 -48.64 16.93
N THR D 254 -5.34 -49.73 17.66
CA THR D 254 -4.11 -49.96 18.40
C THR D 254 -3.22 -50.97 17.68
N HIS D 255 -3.67 -51.46 16.53
CA HIS D 255 -2.94 -52.39 15.71
C HIS D 255 -2.09 -51.61 14.71
N ALA D 256 -1.57 -52.29 13.70
CA ALA D 256 -0.71 -51.69 12.70
C ALA D 256 -1.44 -51.21 11.46
N ARG D 257 -2.70 -51.59 11.28
CA ARG D 257 -3.41 -51.28 10.04
C ARG D 257 -3.84 -49.82 9.95
N SER D 258 -3.69 -49.03 11.00
CA SER D 258 -4.16 -47.65 11.00
C SER D 258 -3.04 -46.63 10.94
N LEU D 259 -1.85 -47.03 10.48
CA LEU D 259 -0.70 -46.14 10.50
C LEU D 259 -0.47 -45.53 9.12
N TRP D 260 -0.54 -44.20 9.07
CA TRP D 260 -0.33 -43.45 7.85
C TRP D 260 0.92 -42.59 7.96
N ARG D 261 1.65 -42.50 6.87
CA ARG D 261 2.87 -41.72 6.76
C ARG D 261 2.62 -40.57 5.80
N LEU D 262 2.85 -39.35 6.31
CA LEU D 262 2.66 -38.10 5.58
C LEU D 262 3.85 -37.90 4.65
N GLU D 263 3.69 -38.18 3.36
CA GLU D 263 4.83 -38.08 2.46
C GLU D 263 4.70 -36.88 1.53
N PRO D 264 5.38 -35.74 1.80
CA PRO D 264 5.21 -34.56 0.95
C PRO D 264 5.77 -34.71 -0.46
N LEU D 265 5.63 -33.65 -1.25
CA LEU D 265 6.05 -33.64 -2.65
C LEU D 265 7.48 -33.16 -2.83
N ARG D 266 8.20 -32.88 -1.76
CA ARG D 266 9.53 -32.31 -1.81
C ARG D 266 10.53 -33.32 -1.24
N ILE D 267 11.62 -33.55 -1.97
CA ILE D 267 12.63 -34.49 -1.49
C ILE D 267 13.45 -33.86 -0.40
N SER D 268 14.16 -32.78 -0.71
CA SER D 268 14.89 -32.02 0.30
C SER D 268 13.92 -31.35 1.26
N TRP D 269 14.29 -31.34 2.54
CA TRP D 269 13.48 -30.80 3.64
C TRP D 269 12.10 -31.47 3.72
N SER D 270 12.06 -32.78 3.46
CA SER D 270 10.82 -33.54 3.53
C SER D 270 10.28 -33.68 4.95
N GLY D 271 11.05 -33.35 5.97
CA GLY D 271 10.60 -33.48 7.34
C GLY D 271 10.41 -32.13 8.01
N SER D 272 10.25 -31.09 7.20
CA SER D 272 9.99 -29.76 7.73
C SER D 272 8.60 -29.69 8.34
N HIS D 273 8.43 -28.71 9.25
CA HIS D 273 7.18 -28.53 9.98
C HIS D 273 6.02 -28.32 9.01
N LEU D 274 4.91 -29.00 9.31
CA LEU D 274 3.75 -28.94 8.44
C LEU D 274 3.07 -27.58 8.48
N ARG D 275 2.75 -27.06 7.31
CA ARG D 275 2.01 -25.82 7.19
C ARG D 275 0.64 -26.16 6.58
N TRP D 276 -0.38 -25.43 7.01
CA TRP D 276 -1.73 -25.70 6.53
C TRP D 276 -1.86 -25.49 5.03
N GLY D 277 -2.60 -26.40 4.39
CA GLY D 277 -2.86 -26.29 2.97
C GLY D 277 -1.66 -26.48 2.06
N GLN D 278 -0.73 -27.36 2.43
CA GLN D 278 0.33 -27.64 1.49
C GLN D 278 0.22 -29.07 0.98
N PRO D 279 0.52 -29.32 -0.30
CA PRO D 279 0.32 -30.65 -0.87
C PRO D 279 1.20 -31.69 -0.20
N LEU D 280 0.64 -32.89 -0.03
CA LEU D 280 1.33 -34.04 0.55
C LEU D 280 0.54 -35.30 0.24
N ARG D 281 1.24 -36.40 0.02
CA ARG D 281 0.56 -37.67 -0.18
C ARG D 281 0.30 -38.34 1.17
N ILE D 282 -0.45 -39.43 1.12
CA ILE D 282 -0.78 -40.24 2.29
C ILE D 282 -0.45 -41.69 1.96
N ARG D 283 0.31 -42.34 2.84
CA ARG D 283 0.78 -43.70 2.60
C ARG D 283 0.48 -44.58 3.80
N HIS D 284 -0.15 -45.73 3.56
CA HIS D 284 -0.36 -46.73 4.59
C HIS D 284 0.90 -47.58 4.67
N VAL D 285 1.56 -47.57 5.84
CA VAL D 285 2.90 -48.16 5.90
C VAL D 285 2.88 -49.68 5.68
N THR D 286 1.94 -50.40 6.31
CA THR D 286 1.95 -51.85 6.25
C THR D 286 1.59 -52.40 4.88
N THR D 287 0.85 -51.63 4.08
CA THR D 287 0.46 -52.07 2.75
C THR D 287 1.22 -51.37 1.63
N GLY D 288 1.81 -50.22 1.90
CA GLY D 288 2.53 -49.48 0.88
C GLY D 288 1.63 -48.97 -0.23
N ARG D 289 0.51 -48.37 0.15
CA ARG D 289 -0.44 -47.82 -0.81
C ARG D 289 -0.79 -46.40 -0.42
N TYR D 290 -1.22 -45.63 -1.42
CA TYR D 290 -1.45 -44.20 -1.27
C TYR D 290 -2.92 -43.85 -1.40
N LEU D 291 -3.39 -42.94 -0.55
CA LEU D 291 -4.75 -42.43 -0.66
C LEU D 291 -4.97 -41.72 -1.99
N ALA D 292 -6.09 -42.02 -2.65
CA ALA D 292 -6.35 -41.52 -3.99
C ALA D 292 -7.84 -41.37 -4.22
N LEU D 293 -8.16 -40.53 -5.21
CA LEU D 293 -9.52 -40.35 -5.73
C LEU D 293 -9.54 -40.97 -7.12
N THR D 294 -10.02 -42.20 -7.21
CA THR D 294 -10.10 -42.84 -8.51
C THR D 294 -11.46 -42.55 -9.13
N GLU D 295 -11.55 -42.77 -10.44
CA GLU D 295 -12.77 -42.41 -11.16
C GLU D 295 -13.92 -43.37 -10.87
N ASP D 296 -13.62 -44.66 -10.74
CA ASP D 296 -14.67 -45.68 -10.65
C ASP D 296 -15.05 -46.07 -9.23
N GLN D 297 -14.22 -45.77 -8.22
CA GLN D 297 -14.55 -46.11 -6.84
C GLN D 297 -14.29 -44.96 -5.86
N GLY D 298 -14.10 -43.74 -6.35
CA GLY D 298 -13.93 -42.59 -5.48
C GLY D 298 -12.69 -42.68 -4.61
N LEU D 299 -12.86 -42.43 -3.31
CA LEU D 299 -11.73 -42.41 -2.38
C LEU D 299 -11.34 -43.84 -2.02
N VAL D 300 -10.22 -44.31 -2.57
CA VAL D 300 -9.66 -45.62 -2.26
C VAL D 300 -8.16 -45.46 -2.03
N VAL D 301 -7.48 -46.58 -1.81
CA VAL D 301 -6.02 -46.62 -1.75
C VAL D 301 -5.51 -47.33 -2.99
N VAL D 302 -4.56 -46.70 -3.68
CA VAL D 302 -4.05 -47.19 -4.95
C VAL D 302 -2.59 -47.58 -4.73
N ASP D 303 -2.10 -48.49 -5.56
CA ASP D 303 -0.71 -48.90 -5.51
C ASP D 303 0.19 -47.72 -5.85
N ALA D 304 1.42 -47.75 -5.32
CA ALA D 304 2.39 -46.70 -5.58
C ALA D 304 2.82 -46.62 -7.04
N CYS D 305 2.59 -47.67 -7.84
CA CYS D 305 2.96 -47.64 -9.25
C CYS D 305 2.08 -46.69 -10.05
N LYS D 306 0.91 -46.32 -9.55
CA LYS D 306 -0.07 -45.53 -10.30
C LYS D 306 -0.59 -44.38 -9.45
N ALA D 307 0.31 -43.66 -8.79
CA ALA D 307 -0.01 -42.46 -8.03
C ALA D 307 0.56 -41.28 -8.82
N HIS D 308 -0.25 -40.76 -9.74
CA HIS D 308 0.16 -39.72 -10.67
C HIS D 308 0.16 -38.31 -10.09
N THR D 309 0.08 -38.16 -8.76
CA THR D 309 0.23 -36.93 -7.96
C THR D 309 -0.94 -35.96 -8.17
N LYS D 310 -1.87 -36.25 -9.08
CA LYS D 310 -3.09 -35.47 -9.22
C LYS D 310 -4.18 -35.99 -8.32
N ALA D 311 -4.46 -37.29 -8.38
CA ALA D 311 -5.50 -37.90 -7.55
C ALA D 311 -5.03 -38.18 -6.13
N THR D 312 -3.73 -38.12 -5.86
CA THR D 312 -3.22 -38.58 -4.58
C THR D 312 -2.81 -37.47 -3.64
N SER D 313 -2.63 -36.25 -4.12
CA SER D 313 -2.23 -35.16 -3.24
C SER D 313 -3.38 -34.74 -2.32
N PHE D 314 -3.02 -34.22 -1.15
CA PHE D 314 -3.99 -33.78 -0.15
C PHE D 314 -3.42 -32.59 0.59
N CYS D 315 -4.28 -31.92 1.36
CA CYS D 315 -3.89 -30.76 2.15
C CYS D 315 -4.65 -30.77 3.45
N PHE D 316 -4.07 -30.13 4.46
CA PHE D 316 -4.66 -30.00 5.79
C PHE D 316 -5.01 -28.54 6.01
N ARG D 317 -6.23 -28.29 6.49
CA ARG D 317 -6.70 -26.92 6.63
C ARG D 317 -7.49 -26.74 7.91
N VAL D 318 -7.30 -25.58 8.54
CA VAL D 318 -7.91 -25.32 9.85
C VAL D 318 -9.42 -25.13 9.71
N SER D 319 -9.87 -24.43 8.67
CA SER D 319 -11.29 -24.12 8.49
C SER D 319 -11.78 -24.70 7.17
N LYS D 320 -13.05 -24.45 6.87
CA LYS D 320 -13.70 -25.01 5.71
C LYS D 320 -13.88 -24.00 4.58
N GLU D 321 -13.30 -22.81 4.70
CA GLU D 321 -13.40 -21.82 3.65
C GLU D 321 -12.45 -22.16 2.51
N LYS D 322 -12.82 -21.76 1.30
CA LYS D 322 -12.05 -22.10 0.10
C LYS D 322 -10.75 -21.32 0.04
N LEU D 323 -9.63 -22.04 0.08
CA LEU D 323 -8.32 -21.41 -0.11
C LEU D 323 -7.74 -21.81 -1.46
N PRO D 327 -1.30 -24.27 -1.73
CA PRO D 327 0.12 -24.37 -2.06
C PRO D 327 0.86 -23.04 -1.97
N LYS D 328 1.87 -22.99 -1.11
CA LYS D 328 2.69 -21.80 -0.91
C LYS D 328 4.09 -22.09 -1.45
N ARG D 329 4.99 -21.12 -1.26
CA ARG D 329 6.38 -21.28 -1.67
C ARG D 329 7.15 -22.06 -0.62
N ASP D 330 7.94 -23.03 -1.07
CA ASP D 330 8.73 -23.85 -0.17
C ASP D 330 9.80 -23.03 0.53
N VAL D 331 10.08 -23.39 1.78
CA VAL D 331 11.12 -22.76 2.57
C VAL D 331 12.26 -23.76 2.77
N GLU D 332 13.49 -23.32 2.49
CA GLU D 332 14.67 -24.16 2.67
C GLU D 332 15.12 -24.07 4.13
N GLY D 333 14.35 -24.72 4.99
CA GLY D 333 14.64 -24.70 6.41
C GLY D 333 13.67 -25.59 7.15
N MET D 334 13.71 -25.47 8.48
CA MET D 334 12.87 -26.29 9.34
C MET D 334 11.38 -26.00 9.14
N GLY D 335 11.04 -24.80 8.69
CA GLY D 335 9.66 -24.42 8.46
C GLY D 335 9.03 -23.83 9.71
N PRO D 336 7.83 -23.27 9.56
CA PRO D 336 7.14 -22.70 10.71
C PRO D 336 6.33 -23.76 11.44
N PRO D 337 6.48 -23.87 12.77
CA PRO D 337 5.70 -24.87 13.51
C PRO D 337 4.23 -24.48 13.62
N GLU D 338 3.37 -25.18 12.87
CA GLU D 338 1.96 -24.81 12.76
C GLU D 338 1.04 -25.88 13.34
N ILE D 339 1.12 -27.11 12.87
CA ILE D 339 0.21 -28.17 13.30
C ILE D 339 0.79 -28.84 14.53
N LYS D 340 -0.08 -29.12 15.50
CA LYS D 340 0.31 -29.76 16.74
C LYS D 340 -0.29 -31.16 16.86
N TYR D 341 0.27 -31.94 17.78
CA TYR D 341 -0.17 -33.30 18.03
C TYR D 341 -1.13 -33.33 19.20
N GLY D 342 -2.33 -33.85 18.96
CA GLY D 342 -3.38 -33.94 19.96
C GLY D 342 -4.29 -32.73 20.04
N GLU D 343 -3.97 -31.66 19.34
CA GLU D 343 -4.81 -30.47 19.26
C GLU D 343 -4.82 -30.03 17.80
N SER D 344 -5.34 -28.82 17.55
CA SER D 344 -5.34 -28.17 16.24
C SER D 344 -6.06 -29.04 15.21
N LEU D 345 -7.38 -29.14 15.40
CA LEU D 345 -8.28 -29.90 14.55
C LEU D 345 -8.07 -29.60 13.07
N CYS D 346 -7.79 -30.66 12.29
CA CYS D 346 -7.47 -30.53 10.88
C CYS D 346 -8.60 -31.08 10.02
N PHE D 347 -8.83 -30.42 8.89
CA PHE D 347 -9.74 -30.90 7.86
C PHE D 347 -8.90 -31.29 6.67
N VAL D 348 -9.08 -32.50 6.17
CA VAL D 348 -8.30 -32.99 5.05
C VAL D 348 -9.07 -32.71 3.77
N GLN D 349 -8.50 -31.92 2.89
CA GLN D 349 -9.11 -31.56 1.62
C GLN D 349 -8.21 -32.01 0.48
N HIS D 350 -8.78 -32.77 -0.46
CA HIS D 350 -8.09 -33.08 -1.70
C HIS D 350 -7.86 -31.78 -2.46
N VAL D 351 -6.63 -31.56 -2.91
CA VAL D 351 -6.31 -30.26 -3.49
C VAL D 351 -6.73 -30.17 -4.95
N ALA D 352 -6.67 -31.28 -5.70
CA ALA D 352 -7.04 -31.24 -7.11
C ALA D 352 -8.56 -31.18 -7.30
N SER D 353 -9.32 -31.77 -6.38
CA SER D 353 -10.77 -31.81 -6.54
C SER D 353 -11.52 -30.90 -5.57
N GLY D 354 -10.90 -30.46 -4.48
CA GLY D 354 -11.55 -29.61 -3.52
C GLY D 354 -12.53 -30.28 -2.60
N LEU D 355 -12.69 -31.61 -2.70
CA LEU D 355 -13.68 -32.33 -1.92
C LEU D 355 -13.24 -32.42 -0.45
N TRP D 356 -14.09 -33.02 0.38
CA TRP D 356 -13.77 -33.15 1.80
C TRP D 356 -14.08 -34.57 2.27
N LEU D 357 -13.25 -35.10 3.16
CA LEU D 357 -13.43 -36.48 3.63
C LEU D 357 -14.59 -36.52 4.61
N THR D 358 -15.36 -37.60 4.56
CA THR D 358 -16.57 -37.72 5.37
C THR D 358 -16.96 -39.20 5.46
N TYR D 359 -17.50 -39.58 6.62
CA TYR D 359 -18.07 -40.91 6.79
C TYR D 359 -19.32 -41.05 5.95
N ALA D 360 -19.50 -42.23 5.35
CA ALA D 360 -20.66 -42.44 4.50
C ALA D 360 -21.92 -42.58 5.34
N ALA D 361 -22.96 -41.83 4.96
CA ALA D 361 -24.24 -41.90 5.67
C ALA D 361 -24.95 -43.26 5.59
N PRO D 362 -25.10 -43.95 4.44
CA PRO D 362 -25.89 -45.20 4.42
C PRO D 362 -25.32 -46.29 5.32
N ASP D 363 -26.22 -47.05 5.94
CA ASP D 363 -25.84 -48.17 6.81
C ASP D 363 -26.79 -49.34 6.60
N PRO D 364 -26.32 -50.43 5.94
CA PRO D 364 -27.20 -51.56 5.64
C PRO D 364 -27.51 -52.45 6.84
N LYS D 365 -28.17 -53.59 6.54
CA LYS D 365 -28.55 -54.57 7.54
C LYS D 365 -27.35 -55.05 8.38
N ALA D 366 -26.17 -55.17 7.76
CA ALA D 366 -24.98 -55.60 8.49
C ALA D 366 -24.64 -54.60 9.60
N LEU D 367 -24.72 -53.31 9.29
CA LEU D 367 -24.44 -52.25 10.24
C LEU D 367 -25.62 -51.95 11.15
N ARG D 368 -26.78 -52.56 10.90
CA ARG D 368 -27.92 -52.41 11.79
C ARG D 368 -27.61 -52.95 13.18
N LEU D 369 -26.94 -54.10 13.26
CA LEU D 369 -26.51 -54.67 14.54
C LEU D 369 -25.00 -54.71 14.71
N GLY D 370 -24.24 -54.91 13.63
CA GLY D 370 -22.81 -54.93 13.71
C GLY D 370 -22.21 -53.56 13.98
N VAL D 371 -20.89 -53.56 14.22
CA VAL D 371 -20.17 -52.33 14.52
C VAL D 371 -20.22 -51.41 13.31
N LEU D 372 -20.39 -50.12 13.56
CA LEU D 372 -20.49 -49.14 12.48
C LEU D 372 -19.11 -48.90 11.89
N LYS D 373 -18.80 -49.63 10.82
CA LYS D 373 -17.59 -49.36 10.06
C LYS D 373 -17.98 -48.35 8.97
N LYS D 374 -17.97 -47.09 9.39
CA LYS D 374 -18.38 -45.96 8.56
C LYS D 374 -17.38 -45.77 7.44
N LYS D 375 -17.75 -46.15 6.22
CA LYS D 375 -16.86 -45.98 5.08
C LYS D 375 -16.57 -44.50 4.84
N ALA D 376 -15.29 -44.19 4.62
CA ALA D 376 -14.92 -42.81 4.35
C ALA D 376 -15.17 -42.50 2.88
N ILE D 377 -15.86 -41.40 2.63
CA ILE D 377 -16.10 -40.94 1.27
C ILE D 377 -15.67 -39.49 1.19
N LEU D 378 -15.00 -39.14 0.10
CA LEU D 378 -14.51 -37.78 -0.10
C LEU D 378 -15.68 -36.94 -0.62
N HIS D 379 -16.51 -36.49 0.31
CA HIS D 379 -17.73 -35.75 -0.01
C HIS D 379 -17.39 -34.40 -0.63
N GLN D 380 -18.30 -33.91 -1.49
CA GLN D 380 -18.09 -32.65 -2.19
C GLN D 380 -18.11 -31.44 -1.27
N GLU D 381 -18.80 -31.53 -0.14
CA GLU D 381 -18.73 -30.43 0.83
C GLU D 381 -18.35 -30.90 2.23
N GLY D 382 -18.83 -32.07 2.64
CA GLY D 382 -18.52 -32.63 3.94
C GLY D 382 -19.42 -32.14 5.05
N HIS D 383 -19.50 -32.95 6.10
CA HIS D 383 -20.30 -32.62 7.27
C HIS D 383 -19.49 -31.74 8.23
N MET D 384 -20.01 -31.55 9.44
CA MET D 384 -19.48 -30.54 10.35
C MET D 384 -18.35 -31.09 11.23
N ASP D 385 -18.52 -32.29 11.79
CA ASP D 385 -17.60 -32.79 12.80
C ASP D 385 -16.50 -33.70 12.25
N ASP D 386 -16.17 -33.57 10.97
CA ASP D 386 -15.21 -34.46 10.35
C ASP D 386 -13.75 -34.01 10.55
N ALA D 387 -13.50 -33.13 11.51
CA ALA D 387 -12.13 -32.72 11.83
C ALA D 387 -11.36 -33.86 12.49
N LEU D 388 -10.05 -33.89 12.25
CA LEU D 388 -9.21 -34.98 12.73
C LEU D 388 -8.12 -34.50 13.65
N PHE D 389 -7.92 -35.23 14.75
CA PHE D 389 -6.70 -35.10 15.54
C PHE D 389 -5.60 -35.92 14.89
N LEU D 390 -4.37 -35.54 15.21
CA LEU D 390 -3.16 -36.25 14.82
C LEU D 390 -2.44 -36.77 16.04
N THR D 391 -2.14 -38.08 16.06
CA THR D 391 -1.49 -38.67 17.22
C THR D 391 -0.27 -39.46 16.77
N ARG D 392 0.85 -39.22 17.43
CA ARG D 392 2.10 -39.91 17.13
C ARG D 392 2.04 -41.38 17.55
N CYS D 393 2.79 -42.21 16.84
CA CYS D 393 3.02 -43.59 17.21
C CYS D 393 4.48 -43.78 17.57
N GLN D 394 4.73 -44.63 18.55
CA GLN D 394 6.09 -44.86 19.01
C GLN D 394 6.94 -45.52 17.94
N GLN D 395 8.26 -45.30 18.05
CA GLN D 395 9.22 -45.77 17.05
C GLN D 395 9.18 -47.29 16.93
N GLU D 396 8.88 -47.99 18.03
CA GLU D 396 8.80 -49.45 18.02
C GLU D 396 7.69 -49.91 17.08
N GLU D 397 6.52 -49.27 17.19
CA GLU D 397 5.39 -49.63 16.37
C GLU D 397 5.62 -49.26 14.91
N SER D 398 6.16 -48.06 14.66
CA SER D 398 6.42 -47.64 13.28
C SER D 398 7.45 -48.54 12.60
N GLN D 399 8.54 -48.87 13.31
CA GLN D 399 9.56 -49.77 12.79
C GLN D 399 8.98 -51.16 12.55
N ALA D 400 8.17 -51.65 13.51
CA ALA D 400 7.56 -52.97 13.37
C ALA D 400 6.67 -53.01 12.16
N ALA D 401 5.84 -51.96 11.99
CA ALA D 401 4.89 -51.90 10.89
C ALA D 401 5.61 -51.97 9.56
N ARG D 402 6.70 -51.19 9.42
CA ARG D 402 7.48 -51.28 8.19
C ARG D 402 8.06 -52.69 8.00
N MET D 403 8.36 -53.39 9.13
CA MET D 403 8.93 -54.73 9.03
C MET D 403 7.92 -55.70 8.44
N ILE D 404 6.64 -55.61 8.85
CA ILE D 404 5.63 -56.52 8.29
C ILE D 404 5.52 -56.30 6.78
N HIS D 405 5.48 -55.04 6.35
CA HIS D 405 5.34 -54.72 4.92
C HIS D 405 6.49 -55.27 4.08
N SER D 406 7.73 -55.15 4.56
CA SER D 406 8.85 -55.79 3.86
C SER D 406 8.81 -57.33 3.95
N THR D 407 8.45 -57.85 5.12
CA THR D 407 8.48 -59.28 5.36
C THR D 407 7.41 -60.01 4.55
N ALA D 408 6.23 -59.39 4.44
CA ALA D 408 5.13 -59.99 3.70
C ALA D 408 5.52 -60.15 2.25
N GLY D 409 6.14 -59.14 1.67
CA GLY D 409 6.55 -59.22 0.27
C GLY D 409 7.59 -60.29 0.07
N LEU D 410 8.51 -60.44 1.04
CA LEU D 410 9.58 -61.43 0.88
C LEU D 410 9.07 -62.86 1.04
N TYR D 411 8.02 -63.04 1.83
CA TYR D 411 7.50 -64.39 1.98
C TYR D 411 6.43 -64.72 0.97
N ASN D 412 5.63 -63.74 0.55
CA ASN D 412 4.71 -63.97 -0.56
C ASN D 412 5.48 -64.35 -1.82
N GLN D 413 6.58 -63.64 -2.11
CA GLN D 413 7.46 -64.00 -3.21
C GLN D 413 8.06 -65.40 -3.02
N PHE D 414 8.46 -65.73 -1.79
CA PHE D 414 8.97 -67.06 -1.49
C PHE D 414 7.91 -68.13 -1.72
N ILE D 415 6.66 -67.85 -1.31
CA ILE D 415 5.57 -68.81 -1.44
C ILE D 415 5.27 -69.06 -2.92
N LYS D 416 5.18 -67.98 -3.72
CA LYS D 416 4.89 -68.12 -5.15
C LYS D 416 5.98 -68.92 -5.84
N GLY D 417 7.25 -68.68 -5.46
CA GLY D 417 8.32 -69.47 -6.05
C GLY D 417 8.19 -70.93 -5.63
N LEU D 418 7.75 -71.16 -4.38
CA LEU D 418 7.68 -72.52 -3.85
C LEU D 418 6.67 -73.35 -4.60
N ASP D 419 5.44 -72.84 -4.75
CA ASP D 419 4.44 -73.67 -5.41
C ASP D 419 4.57 -73.60 -6.94
N SER D 420 5.46 -72.75 -7.45
CA SER D 420 5.71 -72.75 -8.89
C SER D 420 6.26 -74.10 -9.35
N PHE D 421 7.16 -74.71 -8.57
CA PHE D 421 7.66 -76.05 -8.85
C PHE D 421 7.02 -77.12 -7.97
N SER D 422 5.73 -76.96 -7.65
CA SER D 422 5.00 -77.90 -6.78
C SER D 422 5.04 -79.33 -7.34
N GLY D 423 4.76 -79.47 -8.63
CA GLY D 423 4.99 -80.75 -9.27
C GLY D 423 6.24 -80.63 -10.11
N LYS D 424 6.19 -81.14 -11.35
CA LYS D 424 7.24 -81.01 -12.37
C LYS D 424 8.61 -81.46 -11.90
N PRO D 425 8.86 -82.77 -11.74
CA PRO D 425 10.19 -83.23 -11.31
C PRO D 425 11.29 -82.75 -12.26
N ARG D 426 12.30 -82.11 -11.67
CA ARG D 426 13.39 -81.52 -12.44
C ARG D 426 14.21 -82.58 -13.15
N GLY D 427 14.52 -83.68 -12.47
CA GLY D 427 15.34 -84.70 -13.07
C GLY D 427 16.82 -84.34 -12.99
N SER D 428 17.45 -84.14 -14.15
CA SER D 428 18.86 -83.75 -14.20
C SER D 428 19.06 -82.45 -14.96
N GLY D 429 18.01 -81.63 -15.09
CA GLY D 429 18.12 -80.38 -15.80
C GLY D 429 18.20 -79.18 -14.87
N PRO D 430 17.78 -78.01 -15.36
CA PRO D 430 17.79 -76.81 -14.52
C PRO D 430 16.48 -76.70 -13.74
N PRO D 431 16.41 -75.82 -12.72
CA PRO D 431 15.15 -75.63 -11.98
C PRO D 431 14.02 -75.08 -12.87
N ALA D 432 12.84 -75.04 -12.25
CA ALA D 432 11.61 -74.65 -12.95
C ALA D 432 11.67 -73.22 -13.46
N GLY D 433 11.76 -72.26 -12.55
CA GLY D 433 11.74 -70.86 -12.93
C GLY D 433 12.78 -70.03 -12.22
N PRO D 434 12.38 -68.84 -11.74
CA PRO D 434 13.31 -67.96 -11.02
C PRO D 434 13.80 -68.59 -9.72
N ALA D 435 15.04 -68.27 -9.38
CA ALA D 435 15.70 -68.85 -8.21
C ALA D 435 15.01 -68.40 -6.92
N LEU D 436 14.88 -69.33 -5.98
CA LEU D 436 14.28 -69.03 -4.69
C LEU D 436 15.17 -68.08 -3.89
N PRO D 437 14.59 -67.05 -3.25
CA PRO D 437 15.37 -66.16 -2.39
C PRO D 437 15.76 -66.83 -1.07
N ILE D 438 16.56 -67.90 -1.15
CA ILE D 438 16.91 -68.71 0.01
C ILE D 438 17.73 -67.91 1.01
N GLU D 439 18.77 -67.22 0.53
CA GLU D 439 19.66 -66.48 1.42
C GLU D 439 18.92 -65.33 2.10
N ALA D 440 18.07 -64.63 1.35
CA ALA D 440 17.29 -63.53 1.90
C ALA D 440 16.30 -64.02 2.94
N VAL D 441 15.65 -65.16 2.68
CA VAL D 441 14.67 -65.68 3.61
C VAL D 441 15.36 -66.16 4.89
N ILE D 442 16.50 -66.85 4.75
CA ILE D 442 17.25 -67.36 5.91
C ILE D 442 17.70 -66.20 6.80
N LEU D 443 18.22 -65.13 6.17
CA LEU D 443 18.64 -63.96 6.93
C LEU D 443 17.45 -63.29 7.62
N SER D 444 16.33 -63.19 6.92
CA SER D 444 15.13 -62.57 7.48
C SER D 444 14.60 -63.37 8.66
N LEU D 445 14.60 -64.70 8.55
CA LEU D 445 14.19 -65.56 9.65
C LEU D 445 15.10 -65.39 10.86
N GLN D 446 16.41 -65.36 10.64
CA GLN D 446 17.33 -65.19 11.78
C GLN D 446 17.20 -63.82 12.42
N ASP D 447 16.81 -62.83 11.61
CA ASP D 447 16.55 -61.49 12.13
C ASP D 447 15.28 -61.46 12.95
N LEU D 448 14.21 -62.12 12.47
CA LEU D 448 12.96 -62.09 13.23
C LEU D 448 13.08 -62.91 14.51
N ILE D 449 13.82 -64.02 14.48
CA ILE D 449 14.03 -64.81 15.70
C ILE D 449 14.76 -63.98 16.74
N GLY D 450 15.81 -63.26 16.34
CA GLY D 450 16.41 -62.34 17.30
C GLY D 450 15.54 -61.15 17.63
N TYR D 451 14.62 -60.79 16.74
CA TYR D 451 13.69 -59.70 17.04
C TYR D 451 12.71 -60.11 18.13
N PHE D 452 12.36 -61.39 18.16
CA PHE D 452 11.38 -61.90 19.11
C PHE D 452 12.00 -62.76 20.20
N GLU D 453 13.30 -62.63 20.45
CA GLU D 453 13.94 -63.45 21.49
C GLU D 453 13.37 -63.06 22.85
N PRO D 454 13.03 -64.02 23.71
CA PRO D 454 12.55 -63.67 25.04
C PRO D 454 13.61 -62.97 25.85
N PRO D 455 13.22 -62.04 26.72
CA PRO D 455 14.20 -61.33 27.55
C PRO D 455 14.87 -62.24 28.56
N SER D 456 16.11 -61.89 28.90
CA SER D 456 16.89 -62.68 29.84
C SER D 456 16.34 -62.58 31.26
N GLU D 457 16.58 -63.63 32.04
CA GLU D 457 16.07 -63.69 33.41
C GLU D 457 16.83 -62.79 34.37
N GLU D 458 18.09 -62.48 34.06
CA GLU D 458 18.93 -61.66 34.95
C GLU D 458 18.50 -60.21 35.02
N LEU D 459 17.62 -59.77 34.12
CA LEU D 459 17.14 -58.40 34.10
C LEU D 459 16.33 -58.08 35.35
N GLN D 460 16.37 -56.81 35.75
CA GLN D 460 15.55 -56.36 36.86
C GLN D 460 14.09 -56.46 36.49
N HIS D 461 13.24 -56.63 37.51
CA HIS D 461 11.81 -56.83 37.30
C HIS D 461 11.14 -55.68 36.57
N GLU D 462 11.51 -54.44 36.90
CA GLU D 462 10.96 -53.26 36.22
C GLU D 462 11.30 -53.24 34.74
N GLU D 463 12.54 -53.58 34.39
CA GLU D 463 12.95 -53.56 33.00
C GLU D 463 12.37 -54.75 32.26
N LYS D 464 12.29 -55.88 32.97
CA LYS D 464 11.82 -57.13 32.39
C LYS D 464 10.37 -57.01 31.95
N GLN D 465 9.50 -56.46 32.82
CA GLN D 465 8.08 -56.39 32.47
C GLN D 465 7.86 -55.49 31.26
N SER D 466 8.58 -54.37 31.19
CA SER D 466 8.49 -53.49 30.03
C SER D 466 8.96 -54.19 28.76
N LYS D 467 9.91 -55.13 28.89
CA LYS D 467 10.30 -55.88 27.71
C LYS D 467 9.28 -56.94 27.36
N LEU D 468 8.57 -57.45 28.37
CA LEU D 468 7.45 -58.35 28.11
C LEU D 468 6.36 -57.63 27.32
N ARG D 469 6.02 -56.41 27.75
CA ARG D 469 5.05 -55.59 27.04
C ARG D 469 5.45 -55.34 25.60
N SER D 470 6.73 -54.98 25.39
CA SER D 470 7.25 -54.79 24.03
C SER D 470 7.17 -56.06 23.19
N LEU D 471 7.48 -57.22 23.80
CA LEU D 471 7.45 -58.48 23.08
C LEU D 471 6.03 -58.90 22.72
N ARG D 472 5.11 -58.81 23.70
CA ARG D 472 3.72 -59.19 23.47
C ARG D 472 3.08 -58.29 22.43
N ASN D 473 3.34 -56.98 22.51
CA ASN D 473 2.78 -56.05 21.54
C ASN D 473 3.28 -56.33 20.14
N ARG D 474 4.59 -56.60 19.99
CA ARG D 474 5.15 -56.87 18.67
C ARG D 474 4.58 -58.16 18.09
N GLN D 475 4.46 -59.19 18.93
CA GLN D 475 3.93 -60.48 18.49
C GLN D 475 2.48 -60.35 18.04
N SER D 476 1.68 -59.61 18.83
CA SER D 476 0.27 -59.43 18.49
C SER D 476 0.14 -58.64 17.20
N LEU D 477 0.99 -57.63 17.00
CA LEU D 477 0.95 -56.84 15.77
C LEU D 477 1.25 -57.70 14.55
N PHE D 478 2.23 -58.60 14.67
CA PHE D 478 2.56 -59.50 13.56
C PHE D 478 1.41 -60.46 13.25
N GLN D 479 0.83 -61.06 14.30
CA GLN D 479 -0.28 -61.98 14.09
C GLN D 479 -1.48 -61.25 13.50
N GLU D 480 -1.79 -60.06 14.02
CA GLU D 480 -2.95 -59.32 13.54
C GLU D 480 -2.73 -58.86 12.10
N GLU D 481 -1.48 -58.65 11.69
CA GLU D 481 -1.21 -58.33 10.29
C GLU D 481 -1.06 -59.57 9.43
N GLY D 482 -1.28 -60.75 9.99
CA GLY D 482 -1.24 -61.94 9.15
C GLY D 482 0.10 -62.60 8.91
N MET D 483 1.16 -62.14 9.56
CA MET D 483 2.46 -62.79 9.37
C MET D 483 2.45 -64.22 9.90
N LEU D 484 1.68 -64.48 10.97
CA LEU D 484 1.56 -65.83 11.49
C LEU D 484 0.87 -66.76 10.50
N SER D 485 -0.15 -66.28 9.79
CA SER D 485 -0.78 -67.12 8.78
C SER D 485 0.17 -67.39 7.63
N LEU D 486 0.95 -66.36 7.24
CA LEU D 486 1.85 -66.50 6.10
C LEU D 486 2.92 -67.54 6.41
N VAL D 487 3.45 -67.50 7.64
CA VAL D 487 4.46 -68.51 7.98
C VAL D 487 3.81 -69.88 8.04
N LEU D 488 2.55 -69.99 8.53
CA LEU D 488 1.88 -71.29 8.58
C LEU D 488 1.81 -71.90 7.19
N ASN D 489 1.52 -71.06 6.19
CA ASN D 489 1.56 -71.52 4.81
C ASN D 489 2.97 -71.94 4.41
N CYS D 490 3.98 -71.23 4.93
CA CYS D 490 5.36 -71.57 4.55
C CYS D 490 5.73 -72.98 5.04
N ILE D 491 5.35 -73.32 6.29
CA ILE D 491 5.56 -74.70 6.77
C ILE D 491 4.73 -75.68 5.95
N ASP D 492 3.50 -75.28 5.58
CA ASP D 492 2.61 -76.16 4.82
C ASP D 492 3.24 -76.53 3.48
N ARG D 493 3.75 -75.53 2.76
CA ARG D 493 4.40 -75.77 1.47
C ARG D 493 5.68 -76.60 1.62
N LEU D 494 6.49 -76.31 2.65
CA LEU D 494 7.73 -77.05 2.81
C LEU D 494 7.52 -78.49 3.28
N ASN D 495 6.43 -78.78 3.98
CA ASN D 495 6.28 -80.09 4.60
C ASN D 495 5.93 -81.22 3.65
N VAL D 496 5.47 -80.91 2.42
CA VAL D 496 5.04 -81.96 1.50
C VAL D 496 6.17 -82.88 1.06
N TYR D 497 7.43 -82.46 1.19
CA TYR D 497 8.57 -83.26 0.79
C TYR D 497 9.17 -83.95 2.01
N THR D 498 9.37 -85.27 1.91
CA THR D 498 9.81 -86.05 3.06
C THR D 498 11.26 -85.74 3.42
N THR D 499 12.16 -85.72 2.44
CA THR D 499 13.57 -85.55 2.69
C THR D 499 14.15 -84.45 1.80
N ALA D 500 15.38 -84.06 2.14
CA ALA D 500 16.09 -83.03 1.39
C ALA D 500 16.33 -83.46 -0.04
N ALA D 501 16.70 -84.74 -0.24
CA ALA D 501 16.87 -85.27 -1.60
C ALA D 501 15.57 -85.17 -2.39
N HIS D 502 14.44 -85.45 -1.73
CA HIS D 502 13.14 -85.31 -2.38
C HIS D 502 12.86 -83.86 -2.72
N PHE D 503 13.35 -82.93 -1.91
CA PHE D 503 13.21 -81.52 -2.27
C PHE D 503 14.12 -81.17 -3.43
N ALA D 504 15.30 -81.82 -3.49
CA ALA D 504 16.25 -81.59 -4.56
C ALA D 504 15.69 -82.00 -5.90
N GLU D 505 14.87 -83.06 -5.91
CA GLU D 505 14.30 -83.56 -7.15
C GLU D 505 13.27 -82.61 -7.74
N TYR D 506 12.82 -81.61 -6.98
CA TYR D 506 11.79 -80.68 -7.40
C TYR D 506 12.25 -79.23 -7.44
N ALA D 507 13.37 -78.90 -6.80
CA ALA D 507 13.84 -77.51 -6.81
C ALA D 507 15.33 -77.36 -7.11
N GLY D 508 16.11 -78.44 -7.08
CA GLY D 508 17.52 -78.33 -7.39
C GLY D 508 18.38 -78.83 -6.25
N GLU D 509 19.59 -79.27 -6.55
CA GLU D 509 20.50 -79.76 -5.52
C GLU D 509 20.97 -78.64 -4.59
N GLU D 510 21.11 -77.42 -5.11
CA GLU D 510 21.57 -76.29 -4.30
C GLU D 510 20.55 -75.90 -3.22
N ALA D 511 19.27 -76.17 -3.45
CA ALA D 511 18.24 -75.90 -2.46
C ALA D 511 18.05 -77.04 -1.46
N ALA D 512 18.75 -78.16 -1.64
CA ALA D 512 18.61 -79.28 -0.72
C ALA D 512 19.33 -79.05 0.61
N GLU D 513 20.46 -78.36 0.58
CA GLU D 513 21.24 -78.12 1.79
C GLU D 513 20.51 -77.21 2.76
N SER D 514 19.77 -76.24 2.25
CA SER D 514 19.08 -75.24 3.06
C SER D 514 17.69 -75.66 3.51
N TRP D 515 17.18 -76.81 3.03
CA TRP D 515 15.83 -77.25 3.38
C TRP D 515 15.69 -77.54 4.87
N LYS D 516 16.65 -78.27 5.45
CA LYS D 516 16.62 -78.58 6.87
C LYS D 516 16.75 -77.32 7.71
N GLU D 517 17.66 -76.42 7.31
CA GLU D 517 17.86 -75.18 8.04
C GLU D 517 16.63 -74.31 7.98
N ILE D 518 15.99 -74.25 6.81
CA ILE D 518 14.89 -73.32 6.65
C ILE D 518 13.63 -73.87 7.30
N VAL D 519 13.56 -75.19 7.57
CA VAL D 519 12.39 -75.66 8.28
C VAL D 519 12.59 -75.52 9.79
N ASN D 520 13.85 -75.68 10.27
CA ASN D 520 14.13 -75.41 11.67
C ASN D 520 13.87 -73.95 12.01
N LEU D 521 14.32 -73.04 11.13
CA LEU D 521 14.15 -71.61 11.41
C LEU D 521 12.68 -71.23 11.45
N LEU D 522 11.87 -71.82 10.55
CA LEU D 522 10.43 -71.54 10.56
C LEU D 522 9.79 -72.00 11.86
N TYR D 523 10.17 -73.20 12.34
CA TYR D 523 9.62 -73.66 13.61
C TYR D 523 10.04 -72.79 14.78
N GLU D 524 11.30 -72.36 14.82
CA GLU D 524 11.75 -71.43 15.87
C GLU D 524 11.02 -70.09 15.80
N LEU D 525 10.80 -69.57 14.58
CA LEU D 525 10.03 -68.34 14.44
C LEU D 525 8.60 -68.52 14.90
N LEU D 526 7.97 -69.65 14.57
CA LEU D 526 6.60 -69.90 15.01
C LEU D 526 6.52 -69.98 16.53
N ALA D 527 7.50 -70.66 17.15
CA ALA D 527 7.56 -70.74 18.60
C ALA D 527 7.73 -69.37 19.22
N SER D 528 8.58 -68.52 18.63
CA SER D 528 8.78 -67.20 19.21
C SER D 528 7.54 -66.34 19.02
N LEU D 529 6.84 -66.50 17.88
CA LEU D 529 5.63 -65.73 17.61
C LEU D 529 4.49 -66.09 18.55
N ILE D 530 4.49 -67.30 19.10
CA ILE D 530 3.36 -67.75 19.90
C ILE D 530 3.68 -67.89 21.37
N ARG D 531 4.96 -67.90 21.75
CA ARG D 531 5.38 -68.13 23.12
C ARG D 531 4.88 -67.04 24.07
N GLY D 532 3.98 -67.42 24.98
CA GLY D 532 3.49 -66.51 25.99
C GLY D 532 2.19 -65.82 25.66
N ASN D 533 1.74 -65.89 24.40
CA ASN D 533 0.50 -65.24 24.00
C ASN D 533 -0.68 -66.17 24.17
N ARG D 534 -1.63 -65.75 25.01
CA ARG D 534 -2.90 -66.47 25.11
C ARG D 534 -3.66 -66.38 23.79
N ALA D 535 -3.63 -65.21 23.17
CA ALA D 535 -4.39 -64.99 21.93
C ALA D 535 -3.80 -65.79 20.78
N ASN D 536 -2.47 -65.69 20.59
CA ASN D 536 -1.86 -66.38 19.46
C ASN D 536 -1.87 -67.89 19.67
N CYS D 537 -1.65 -68.34 20.92
CA CYS D 537 -1.75 -69.77 21.20
C CYS D 537 -3.16 -70.29 20.99
N ALA D 538 -4.18 -69.45 21.24
CA ALA D 538 -5.57 -69.87 21.06
C ALA D 538 -5.90 -70.17 19.60
N LEU D 539 -5.15 -69.60 18.65
CA LEU D 539 -5.39 -69.81 17.24
C LEU D 539 -5.13 -71.23 16.77
N PHE D 540 -4.46 -72.05 17.57
CA PHE D 540 -4.20 -73.43 17.20
C PHE D 540 -5.29 -74.39 17.67
N SER D 541 -6.28 -73.88 18.40
CA SER D 541 -7.38 -74.71 18.88
C SER D 541 -8.23 -75.26 17.75
N THR D 542 -8.24 -74.61 16.59
CA THR D 542 -9.03 -75.08 15.45
C THR D 542 -8.27 -76.10 14.62
N ASN D 543 -6.97 -75.88 14.43
CA ASN D 543 -6.13 -76.76 13.62
C ASN D 543 -5.05 -77.41 14.46
N LEU D 544 -5.44 -77.92 15.64
CA LEU D 544 -4.48 -78.58 16.52
C LEU D 544 -3.91 -79.85 15.91
N ASP D 545 -4.67 -80.53 15.04
CA ASP D 545 -4.18 -81.73 14.37
C ASP D 545 -3.03 -81.43 13.41
N TRP D 546 -2.92 -80.18 12.96
CA TRP D 546 -1.86 -79.78 12.04
C TRP D 546 -0.48 -79.95 12.67
N VAL D 547 -0.34 -79.59 13.95
CA VAL D 547 0.96 -79.71 14.60
C VAL D 547 1.17 -81.11 15.16
N VAL D 548 0.10 -81.78 15.61
CA VAL D 548 0.23 -83.12 16.18
C VAL D 548 0.65 -84.09 15.09
N SER D 549 0.10 -83.93 13.88
CA SER D 549 0.45 -84.81 12.78
C SER D 549 1.91 -84.70 12.35
N LYS D 550 2.56 -83.57 12.63
CA LYS D 550 3.96 -83.39 12.27
C LYS D 550 4.93 -83.90 13.32
N LEU D 551 4.42 -84.41 14.45
CA LEU D 551 5.26 -84.83 15.56
C LEU D 551 6.19 -85.98 15.24
N ASP D 552 5.91 -86.75 14.18
CA ASP D 552 6.73 -87.88 13.82
C ASP D 552 7.81 -87.55 12.79
N ARG D 553 7.83 -86.32 12.27
CA ARG D 553 8.86 -85.92 11.33
C ARG D 553 10.20 -85.83 12.04
N LEU D 554 11.26 -86.32 11.38
CA LEU D 554 12.57 -86.39 12.00
C LEU D 554 13.47 -85.22 11.65
N GLU D 555 13.18 -84.48 10.57
CA GLU D 555 14.03 -83.36 10.18
C GLU D 555 14.02 -82.25 11.23
N ALA D 556 12.86 -81.96 11.82
CA ALA D 556 12.74 -80.99 12.91
C ALA D 556 11.77 -81.56 13.95
N SER D 557 12.30 -82.31 14.91
CA SER D 557 11.50 -82.88 15.99
C SER D 557 11.43 -82.02 17.23
N SER D 558 12.56 -81.45 17.65
CA SER D 558 12.57 -80.55 18.79
C SER D 558 11.84 -79.25 18.51
N GLY D 559 11.90 -78.75 17.28
CA GLY D 559 11.23 -77.50 16.97
C GLY D 559 9.72 -77.61 17.10
N ILE D 560 9.14 -78.67 16.52
CA ILE D 560 7.70 -78.87 16.60
C ILE D 560 7.30 -79.20 18.03
N LEU D 561 8.14 -79.97 18.76
CA LEU D 561 7.84 -80.29 20.15
C LEU D 561 7.83 -79.03 21.00
N GLU D 562 8.74 -78.09 20.73
CA GLU D 562 8.75 -76.80 21.41
C GLU D 562 7.50 -75.99 21.08
N VAL D 563 7.04 -76.03 19.82
CA VAL D 563 5.83 -75.32 19.43
C VAL D 563 4.62 -75.87 20.17
N LEU D 564 4.53 -77.20 20.25
CA LEU D 564 3.44 -77.85 20.98
C LEU D 564 3.48 -77.49 22.45
N TYR D 565 4.69 -77.49 23.04
CA TYR D 565 4.84 -77.18 24.46
C TYR D 565 4.39 -75.75 24.74
N CYS D 566 4.74 -74.83 23.85
CA CYS D 566 4.36 -73.42 24.02
C CYS D 566 2.85 -73.26 23.92
N VAL D 567 2.20 -74.01 23.02
CA VAL D 567 0.76 -73.90 22.88
C VAL D 567 0.07 -74.39 24.15
N LEU D 568 0.47 -75.59 24.60
CA LEU D 568 -0.19 -76.23 25.73
C LEU D 568 0.00 -75.47 27.02
N ILE D 569 1.20 -74.93 27.26
CA ILE D 569 1.48 -74.27 28.53
C ILE D 569 0.70 -72.97 28.68
N GLU D 570 0.16 -72.44 27.59
CA GLU D 570 -0.46 -71.13 27.58
C GLU D 570 -1.96 -71.15 27.40
N SER D 571 -2.51 -72.00 26.52
CA SER D 571 -3.95 -71.94 26.28
C SER D 571 -4.69 -73.15 26.85
N PRO D 572 -5.47 -72.98 27.92
CA PRO D 572 -6.30 -74.09 28.43
C PRO D 572 -7.35 -74.57 27.44
N GLU D 573 -7.88 -73.69 26.59
CA GLU D 573 -8.88 -74.08 25.61
C GLU D 573 -8.37 -75.06 24.58
N VAL D 574 -7.05 -75.10 24.36
CA VAL D 574 -6.44 -76.12 23.51
C VAL D 574 -6.56 -77.49 24.15
N LEU D 575 -6.47 -77.56 25.48
CA LEU D 575 -6.51 -78.84 26.20
C LEU D 575 -7.83 -79.56 26.00
N ASN D 576 -8.94 -78.82 26.00
CA ASN D 576 -10.24 -79.45 25.84
C ASN D 576 -10.44 -80.08 24.46
N ILE D 577 -9.63 -79.68 23.47
CA ILE D 577 -9.67 -80.27 22.13
C ILE D 577 -8.88 -81.57 22.04
N ILE D 578 -8.03 -81.85 23.04
CA ILE D 578 -7.16 -83.02 23.02
C ILE D 578 -7.99 -84.30 23.05
N GLN D 579 -7.68 -85.24 22.17
CA GLN D 579 -8.35 -86.52 22.08
C GLN D 579 -7.37 -87.68 22.28
N GLU D 580 -7.95 -88.88 22.22
CA GLU D 580 -7.17 -90.10 22.36
C GLU D 580 -6.17 -90.28 21.23
N ASN D 581 -6.48 -89.73 20.06
CA ASN D 581 -5.56 -89.79 18.92
C ASN D 581 -4.30 -89.02 19.24
N HIS D 582 -4.46 -87.86 19.86
CA HIS D 582 -3.33 -87.01 20.16
C HIS D 582 -2.52 -87.61 21.30
N ILE D 583 -3.19 -88.16 22.31
CA ILE D 583 -2.45 -88.77 23.42
C ILE D 583 -1.63 -89.96 22.94
N LYS D 584 -2.23 -90.80 22.08
CA LYS D 584 -1.51 -91.94 21.50
C LYS D 584 -0.44 -91.50 20.50
N SER D 585 -0.49 -90.24 20.05
CA SER D 585 0.54 -89.75 19.16
C SER D 585 1.72 -89.19 19.96
N ILE D 586 1.45 -88.45 21.02
CA ILE D 586 2.51 -87.92 21.87
C ILE D 586 3.28 -89.04 22.56
N ILE D 587 2.56 -90.07 23.04
CA ILE D 587 3.22 -91.20 23.71
C ILE D 587 4.14 -91.94 22.74
N SER D 588 3.73 -92.02 21.47
CA SER D 588 4.55 -92.65 20.45
C SER D 588 5.91 -91.98 20.33
N LEU D 589 5.99 -90.66 20.57
CA LEU D 589 7.28 -89.96 20.55
C LEU D 589 8.20 -90.48 21.64
N LEU D 590 7.64 -90.79 22.81
CA LEU D 590 8.42 -91.43 23.87
C LEU D 590 8.92 -92.79 23.43
N ASP D 591 8.09 -93.52 22.70
CA ASP D 591 8.51 -94.85 22.26
C ASP D 591 9.50 -94.81 21.10
N LYS D 592 9.42 -93.82 20.23
CA LYS D 592 10.20 -93.74 19.00
C LYS D 592 11.44 -92.86 19.10
N HIS D 593 11.37 -91.73 19.80
CA HIS D 593 12.46 -90.77 19.83
C HIS D 593 13.31 -90.87 21.09
N GLY D 594 13.09 -91.87 21.92
CA GLY D 594 13.89 -92.03 23.11
C GLY D 594 13.34 -91.28 24.31
N ARG D 595 14.06 -91.41 25.42
CA ARG D 595 13.65 -90.81 26.69
C ARG D 595 13.96 -89.32 26.68
N ASN D 596 13.06 -88.55 26.07
CA ASN D 596 13.13 -87.10 26.04
C ASN D 596 12.23 -86.56 27.14
N HIS D 597 12.83 -85.98 28.18
CA HIS D 597 12.08 -85.48 29.33
C HIS D 597 11.14 -84.33 28.98
N LYS D 598 11.42 -83.60 27.90
CA LYS D 598 10.50 -82.54 27.49
C LYS D 598 9.14 -83.09 27.08
N VAL D 599 9.08 -84.35 26.63
CA VAL D 599 7.81 -84.98 26.35
C VAL D 599 7.03 -85.14 27.65
N LEU D 600 7.74 -85.53 28.72
CA LEU D 600 7.11 -85.64 30.03
C LEU D 600 6.63 -84.28 30.51
N ASP D 601 7.36 -83.22 30.17
CA ASP D 601 6.90 -81.87 30.46
C ASP D 601 5.60 -81.54 29.73
N VAL D 602 5.50 -81.97 28.47
CA VAL D 602 4.28 -81.77 27.69
C VAL D 602 3.12 -82.54 28.32
N LEU D 603 3.40 -83.78 28.75
CA LEU D 603 2.39 -84.60 29.40
C LEU D 603 1.95 -83.97 30.72
N CYS D 604 2.90 -83.40 31.47
CA CYS D 604 2.55 -82.72 32.72
C CYS D 604 1.65 -81.53 32.44
N SER D 605 1.93 -80.80 31.35
CA SER D 605 1.14 -79.64 31.00
C SER D 605 -0.25 -80.03 30.52
N LEU D 606 -0.41 -81.28 30.06
CA LEU D 606 -1.72 -81.71 29.58
C LEU D 606 -2.69 -82.01 30.71
N CYS D 607 -2.22 -82.28 31.93
CA CYS D 607 -3.13 -82.61 33.00
C CYS D 607 -3.77 -81.37 33.61
N VAL D 608 -2.94 -80.45 34.11
CA VAL D 608 -3.41 -79.27 34.83
C VAL D 608 -3.00 -78.04 34.04
N CYS D 609 -3.94 -77.13 33.83
CA CYS D 609 -3.68 -75.86 33.18
C CYS D 609 -4.30 -74.76 34.02
N ASN D 610 -3.46 -73.82 34.47
CA ASN D 610 -3.85 -72.66 35.29
C ASN D 610 -4.59 -73.10 36.56
N GLY D 611 -4.11 -74.18 37.17
CA GLY D 611 -4.68 -74.69 38.40
C GLY D 611 -6.00 -75.40 38.25
N VAL D 612 -6.41 -75.76 37.03
CA VAL D 612 -7.65 -76.47 36.80
C VAL D 612 -7.33 -77.81 36.15
N ALA D 613 -7.78 -78.89 36.77
CA ALA D 613 -7.54 -80.23 36.25
C ALA D 613 -8.43 -80.53 35.05
N VAL D 614 -7.97 -81.45 34.20
CA VAL D 614 -8.74 -81.93 33.06
C VAL D 614 -8.72 -83.46 33.19
N ARG D 615 -9.76 -84.01 33.84
CA ARG D 615 -9.76 -85.42 34.18
C ARG D 615 -9.90 -86.32 32.96
N SER D 616 -10.40 -85.79 31.84
CA SER D 616 -10.43 -86.58 30.61
C SER D 616 -9.02 -86.87 30.12
N ASN D 617 -8.15 -85.87 30.20
CA ASN D 617 -6.78 -86.05 29.75
C ASN D 617 -6.01 -86.87 30.76
N GLN D 618 -6.32 -86.67 32.05
CA GLN D 618 -5.64 -87.45 33.09
C GLN D 618 -5.96 -88.93 32.93
N ASP D 619 -7.23 -89.25 32.63
CA ASP D 619 -7.62 -90.64 32.46
C ASP D 619 -6.99 -91.25 31.23
N LEU D 620 -6.91 -90.49 30.12
CA LEU D 620 -6.32 -91.04 28.91
C LEU D 620 -4.84 -91.33 29.12
N ILE D 621 -4.13 -90.41 29.80
CA ILE D 621 -2.70 -90.56 30.03
C ILE D 621 -2.43 -91.78 30.90
N THR D 622 -3.14 -91.89 32.04
CA THR D 622 -2.91 -93.06 32.90
C THR D 622 -3.41 -94.34 32.26
N GLU D 623 -4.34 -94.26 31.29
CA GLU D 623 -4.82 -95.45 30.61
C GLU D 623 -3.81 -95.96 29.60
N ASN D 624 -3.10 -95.05 28.94
CA ASN D 624 -2.24 -95.45 27.84
C ASN D 624 -0.77 -95.59 28.21
N LEU D 625 -0.28 -94.84 29.20
CA LEU D 625 1.14 -94.83 29.51
C LEU D 625 1.51 -95.83 30.59
N LEU D 626 0.75 -95.85 31.67
CA LEU D 626 1.16 -96.61 32.86
C LEU D 626 1.03 -98.14 32.76
N PRO D 627 -0.11 -98.75 32.36
CA PRO D 627 -0.23 -100.22 32.50
C PRO D 627 0.77 -101.04 31.70
N GLY D 628 1.23 -100.54 30.55
CA GLY D 628 2.16 -101.28 29.72
C GLY D 628 3.47 -101.62 30.43
N ARG D 629 3.97 -100.69 31.26
CA ARG D 629 5.22 -100.84 32.03
C ARG D 629 6.42 -101.15 31.14
N GLU D 630 6.50 -100.49 29.99
CA GLU D 630 7.60 -100.71 29.07
C GLU D 630 8.41 -99.45 28.75
N LEU D 631 7.88 -98.26 29.04
CA LEU D 631 8.60 -97.03 28.77
C LEU D 631 9.17 -96.42 30.05
N LEU D 632 8.32 -96.20 31.04
CA LEU D 632 8.76 -95.59 32.29
C LEU D 632 9.52 -96.60 33.12
N LEU D 633 10.58 -96.14 33.77
CA LEU D 633 11.37 -97.00 34.64
C LEU D 633 10.56 -97.45 35.85
N GLN D 634 10.62 -98.75 36.15
CA GLN D 634 9.94 -99.31 37.30
C GLN D 634 10.86 -99.32 38.52
N THR D 635 10.24 -99.40 39.71
CA THR D 635 10.95 -99.46 40.97
C THR D 635 10.34 -100.55 41.84
N ASN D 636 11.16 -101.07 42.76
CA ASN D 636 10.74 -102.08 43.72
C ASN D 636 11.78 -102.17 44.82
N LEU D 637 11.39 -102.80 45.93
CA LEU D 637 12.28 -103.08 47.03
C LEU D 637 12.63 -104.56 47.00
N ILE D 638 13.93 -104.87 46.94
CA ILE D 638 14.38 -106.25 46.88
C ILE D 638 15.46 -106.47 47.93
N ASN D 639 15.65 -107.74 48.27
CA ASN D 639 16.63 -108.14 49.27
C ASN D 639 17.97 -108.42 48.62
N TYR D 640 19.04 -108.21 49.39
CA TYR D 640 20.36 -108.57 48.91
C TYR D 640 20.51 -110.08 48.88
N VAL D 641 21.17 -110.58 47.84
CA VAL D 641 21.37 -112.01 47.63
C VAL D 641 22.87 -112.25 47.50
N THR D 642 23.38 -113.19 48.30
CA THR D 642 24.81 -113.51 48.24
C THR D 642 25.01 -115.00 48.00
N SER D 643 26.24 -115.37 47.68
CA SER D 643 26.57 -116.76 47.41
C SER D 643 27.78 -117.19 48.25
N ILE D 644 27.79 -118.47 48.58
CA ILE D 644 28.84 -119.10 49.37
C ILE D 644 29.23 -120.42 48.73
N ARG D 645 30.52 -120.67 48.59
CA ARG D 645 31.03 -121.89 47.99
C ARG D 645 32.18 -122.44 48.83
N PRO D 646 32.39 -123.75 48.79
CA PRO D 646 33.63 -124.33 49.32
C PRO D 646 34.72 -124.28 48.26
N ASN D 647 35.97 -124.17 48.70
CA ASN D 647 37.10 -124.05 47.77
C ASN D 647 37.40 -125.43 47.16
N ILE D 648 36.45 -125.90 46.35
CA ILE D 648 36.54 -127.17 45.65
C ILE D 648 36.32 -126.87 44.17
N PHE D 649 37.20 -127.37 43.32
CA PHE D 649 37.10 -127.11 41.90
C PHE D 649 37.30 -128.41 41.15
N VAL D 650 36.44 -128.65 40.16
CA VAL D 650 36.53 -129.82 39.30
C VAL D 650 36.34 -129.37 37.86
N GLY D 651 36.79 -130.21 36.94
CA GLY D 651 36.68 -129.89 35.52
C GLY D 651 37.20 -131.05 34.71
N ARG D 652 36.96 -130.97 33.40
CA ARG D 652 37.41 -131.97 32.45
C ARG D 652 38.30 -131.31 31.41
N ALA D 653 39.36 -132.01 31.05
CA ALA D 653 40.29 -131.56 30.02
C ALA D 653 41.03 -132.77 29.47
N GLU D 654 41.62 -132.59 28.29
CA GLU D 654 42.37 -133.64 27.62
C GLU D 654 43.59 -134.03 28.45
N GLY D 655 43.62 -135.26 28.96
CA GLY D 655 44.70 -135.69 29.83
C GLY D 655 44.75 -134.97 31.16
N SER D 656 43.59 -134.64 31.72
CA SER D 656 43.49 -133.98 33.01
C SER D 656 43.54 -134.99 34.15
N THR D 657 44.10 -134.56 35.28
CA THR D 657 44.28 -135.41 36.45
C THR D 657 43.08 -135.41 37.37
N GLN D 658 41.90 -135.06 36.86
CA GLN D 658 40.70 -134.88 37.67
C GLN D 658 39.64 -135.88 37.27
N TYR D 659 38.92 -136.38 38.27
CA TYR D 659 37.83 -137.31 38.03
C TYR D 659 36.62 -136.57 37.45
N GLY D 660 35.78 -137.30 36.74
CA GLY D 660 34.69 -136.65 36.03
C GLY D 660 33.29 -136.92 36.52
N LYS D 661 33.12 -137.14 37.82
CA LYS D 661 31.82 -137.37 38.43
C LYS D 661 31.94 -136.98 39.89
N TRP D 662 31.01 -136.18 40.38
CA TRP D 662 31.09 -135.67 41.76
C TRP D 662 29.68 -135.51 42.33
N TYR D 663 29.63 -135.45 43.65
CA TYR D 663 28.37 -135.53 44.38
C TYR D 663 28.48 -134.76 45.70
N PHE D 664 27.52 -133.88 45.96
CA PHE D 664 27.52 -133.20 47.26
C PHE D 664 26.08 -133.04 47.72
N GLU D 665 25.91 -132.68 49.00
CA GLU D 665 24.57 -132.49 49.53
C GLU D 665 24.50 -131.25 50.40
N VAL D 666 23.28 -130.78 50.62
CA VAL D 666 23.04 -129.66 51.53
C VAL D 666 21.88 -130.00 52.46
N MET D 667 21.94 -129.43 53.66
CA MET D 667 20.93 -129.62 54.69
C MET D 667 20.35 -128.26 55.07
N VAL D 668 19.03 -128.20 55.23
CA VAL D 668 18.34 -126.96 55.53
C VAL D 668 18.05 -126.93 57.03
N ASP D 669 18.58 -125.93 57.74
CA ASP D 669 18.29 -125.85 59.17
C ASP D 669 17.09 -124.96 59.45
N GLU D 670 17.18 -123.68 59.07
CA GLU D 670 16.10 -122.72 59.28
C GLU D 670 15.91 -121.89 58.02
N VAL D 671 14.65 -121.70 57.63
CA VAL D 671 14.28 -120.88 56.49
C VAL D 671 13.02 -120.11 56.88
N VAL D 672 13.14 -118.79 57.01
CA VAL D 672 11.99 -117.94 57.28
C VAL D 672 11.34 -117.67 55.93
N PRO D 673 10.06 -118.06 55.75
CA PRO D 673 9.40 -117.86 54.44
C PRO D 673 9.33 -116.42 53.98
N PHE D 674 9.14 -115.47 54.90
CA PHE D 674 9.08 -114.05 54.54
C PHE D 674 9.66 -113.27 55.72
N LEU D 675 10.96 -113.00 55.65
CA LEU D 675 11.57 -112.06 56.57
C LEU D 675 11.24 -110.62 56.18
N THR D 676 11.12 -110.37 54.87
CA THR D 676 10.65 -109.09 54.35
C THR D 676 9.50 -109.34 53.40
N ALA D 677 9.09 -108.30 52.67
CA ALA D 677 8.01 -108.44 51.70
C ALA D 677 8.37 -109.40 50.58
N GLN D 678 9.62 -109.33 50.10
CA GLN D 678 10.07 -110.21 49.03
C GLN D 678 10.19 -111.65 49.54
N ALA D 679 9.94 -112.59 48.64
CA ALA D 679 10.07 -114.01 48.98
C ALA D 679 11.52 -114.35 49.28
N THR D 680 11.71 -115.23 50.27
CA THR D 680 13.05 -115.66 50.64
C THR D 680 13.68 -116.47 49.51
N HIS D 681 14.95 -116.18 49.22
CA HIS D 681 15.68 -116.78 48.12
C HIS D 681 16.66 -117.81 48.66
N LEU D 682 16.62 -119.01 48.09
CA LEU D 682 17.57 -120.06 48.45
C LEU D 682 17.68 -121.03 47.28
N ARG D 683 18.88 -121.13 46.71
CA ARG D 683 19.13 -122.01 45.58
C ARG D 683 20.45 -122.73 45.82
N VAL D 684 20.55 -123.96 45.32
CA VAL D 684 21.74 -124.79 45.43
C VAL D 684 22.08 -125.30 44.05
N GLY D 685 23.36 -125.23 43.67
CA GLY D 685 23.71 -125.72 42.35
C GLY D 685 25.18 -125.61 42.07
N TRP D 686 25.52 -125.88 40.82
CA TRP D 686 26.88 -125.78 40.32
C TRP D 686 27.02 -124.50 39.51
N ALA D 687 28.23 -123.93 39.53
CA ALA D 687 28.53 -122.75 38.74
C ALA D 687 29.93 -122.90 38.14
N LEU D 688 30.26 -121.98 37.24
CA LEU D 688 31.48 -122.05 36.46
C LEU D 688 32.36 -120.85 36.80
N THR D 689 33.68 -121.07 36.76
CA THR D 689 34.65 -120.11 37.29
C THR D 689 35.00 -118.97 36.36
N GLU D 690 34.39 -118.89 35.18
CA GLU D 690 34.76 -117.89 34.18
C GLU D 690 33.54 -117.11 33.73
N GLY D 691 32.81 -116.53 34.68
CA GLY D 691 31.62 -115.80 34.33
C GLY D 691 30.50 -115.83 35.34
N TYR D 692 30.63 -116.64 36.39
CA TYR D 692 29.71 -116.53 37.52
C TYR D 692 30.36 -115.61 38.54
N SER D 693 30.06 -114.31 38.43
CA SER D 693 30.55 -113.30 39.37
C SER D 693 29.36 -112.47 39.81
N PRO D 694 28.55 -113.00 40.73
CA PRO D 694 27.33 -112.28 41.17
C PRO D 694 27.62 -111.12 42.12
N TYR D 695 27.93 -109.98 41.51
CA TYR D 695 28.18 -108.76 42.25
C TYR D 695 26.94 -108.37 43.06
N PRO D 696 27.10 -107.98 44.32
CA PRO D 696 25.94 -107.67 45.16
C PRO D 696 25.15 -106.47 44.64
N GLY D 697 23.85 -106.52 44.86
CA GLY D 697 22.96 -105.44 44.48
C GLY D 697 22.23 -105.74 43.18
N GLY D 698 22.25 -104.79 42.26
CA GLY D 698 21.52 -104.91 41.02
C GLY D 698 22.21 -105.84 40.02
N GLY D 699 21.55 -106.00 38.88
CA GLY D 699 22.08 -106.85 37.83
C GLY D 699 21.05 -107.28 36.81
N GLU D 700 21.02 -108.56 36.49
CA GLU D 700 20.07 -109.07 35.51
C GLU D 700 18.67 -109.16 36.11
N GLY D 701 17.67 -108.92 35.25
CA GLY D 701 16.27 -109.02 35.64
C GLY D 701 15.91 -108.03 36.72
N TRP D 702 15.26 -108.53 37.76
CA TRP D 702 14.82 -107.70 38.87
C TRP D 702 15.79 -107.74 40.05
N GLY D 703 17.07 -108.01 39.78
CA GLY D 703 18.07 -107.98 40.83
C GLY D 703 18.01 -109.18 41.75
N GLY D 704 18.86 -109.12 42.78
CA GLY D 704 19.04 -110.24 43.70
C GLY D 704 19.53 -111.49 43.00
N ASN D 705 20.44 -111.32 42.05
CA ASN D 705 20.90 -112.43 41.22
C ASN D 705 21.73 -113.42 42.03
N GLY D 706 21.58 -114.69 41.71
CA GLY D 706 22.34 -115.75 42.35
C GLY D 706 22.63 -116.86 41.38
N VAL D 707 22.55 -118.10 41.86
CA VAL D 707 22.79 -119.26 41.01
C VAL D 707 21.62 -119.42 40.04
N GLY D 708 21.92 -119.63 38.77
CA GLY D 708 20.90 -119.82 37.76
C GLY D 708 20.41 -118.56 37.10
N ASP D 709 20.79 -117.40 37.58
CA ASP D 709 20.42 -116.14 36.92
C ASP D 709 21.23 -115.88 35.66
N ASP D 710 22.23 -116.70 35.37
CA ASP D 710 23.08 -116.56 34.20
C ASP D 710 23.50 -117.93 33.73
N LEU D 711 23.96 -118.01 32.48
CA LEU D 711 24.36 -119.30 31.90
C LEU D 711 25.70 -119.83 32.45
N TYR D 712 26.29 -119.23 33.49
CA TYR D 712 27.48 -119.74 34.13
C TYR D 712 27.15 -120.43 35.44
N SER D 713 25.89 -120.71 35.69
CA SER D 713 25.46 -121.42 36.89
C SER D 713 24.22 -122.24 36.54
N TYR D 714 23.95 -123.26 37.36
CA TYR D 714 22.84 -124.17 37.11
C TYR D 714 22.25 -124.57 38.47
N GLY D 715 21.19 -123.90 38.88
CA GLY D 715 20.71 -124.07 40.23
C GLY D 715 19.34 -124.69 40.41
N PHE D 716 19.12 -125.25 41.59
CA PHE D 716 17.87 -125.90 41.94
C PHE D 716 17.36 -125.30 43.24
N ASP D 717 16.06 -125.02 43.30
CA ASP D 717 15.46 -124.33 44.42
C ASP D 717 14.40 -125.14 45.15
N GLY D 718 14.09 -126.35 44.68
CA GLY D 718 13.01 -127.15 45.22
C GLY D 718 11.82 -127.25 44.31
N LEU D 719 11.63 -126.28 43.43
CA LEU D 719 10.54 -126.33 42.47
C LEU D 719 10.93 -126.02 41.04
N HIS D 720 12.05 -125.35 40.80
CA HIS D 720 12.42 -124.91 39.46
C HIS D 720 13.87 -125.26 39.17
N LEU D 721 14.17 -125.37 37.88
CA LEU D 721 15.55 -125.40 37.41
C LEU D 721 15.89 -124.00 36.91
N TRP D 722 16.88 -123.39 37.53
CA TRP D 722 17.28 -122.03 37.21
C TRP D 722 18.49 -122.04 36.30
N THR D 723 18.33 -121.45 35.11
CA THR D 723 19.43 -121.29 34.16
C THR D 723 19.07 -120.13 33.25
N GLY D 724 20.02 -119.21 33.08
CA GLY D 724 19.81 -118.01 32.27
C GLY D 724 18.67 -117.14 32.72
N HIS D 725 18.47 -117.01 34.05
CA HIS D 725 17.37 -116.27 34.67
C HIS D 725 16.01 -116.75 34.15
N VAL D 726 15.87 -118.07 34.02
CA VAL D 726 14.62 -118.70 33.59
C VAL D 726 14.33 -119.86 34.53
N ALA D 727 13.10 -119.93 35.05
CA ALA D 727 12.66 -120.97 35.95
C ALA D 727 11.70 -121.91 35.22
N ARG D 728 11.94 -123.22 35.37
CA ARG D 728 11.10 -124.23 34.74
C ARG D 728 10.70 -125.24 35.80
N PRO D 729 9.40 -125.48 36.01
CA PRO D 729 8.95 -126.37 37.10
C PRO D 729 9.40 -127.80 36.90
N VAL D 730 9.66 -128.49 38.02
CA VAL D 730 10.12 -129.87 38.01
C VAL D 730 9.18 -130.73 38.83
N THR D 731 8.80 -131.88 38.30
CA THR D 731 7.95 -132.82 39.01
C THR D 731 8.79 -133.53 40.06
N SER D 732 8.27 -133.60 41.28
CA SER D 732 8.94 -134.30 42.36
C SER D 732 7.89 -135.04 43.19
N PRO D 733 8.27 -136.15 43.83
CA PRO D 733 7.31 -136.86 44.71
C PRO D 733 7.03 -136.10 45.99
N GLY D 734 6.14 -135.12 45.91
CA GLY D 734 5.92 -134.21 47.02
C GLY D 734 6.68 -132.92 46.84
N GLN D 735 6.53 -132.32 45.66
CA GLN D 735 7.25 -131.10 45.32
C GLN D 735 6.82 -129.93 46.21
N HIS D 736 7.81 -129.13 46.61
CA HIS D 736 7.60 -127.93 47.42
C HIS D 736 8.88 -127.11 47.41
N LEU D 737 8.78 -125.90 47.97
CA LEU D 737 9.95 -125.08 48.23
C LEU D 737 10.78 -125.74 49.34
N LEU D 738 12.06 -125.36 49.42
CA LEU D 738 12.95 -125.95 50.42
C LEU D 738 12.49 -125.67 51.84
N ALA D 739 11.96 -126.68 52.49
CA ALA D 739 11.51 -126.66 53.87
C ALA D 739 12.65 -127.02 54.81
N PRO D 740 12.54 -126.73 56.11
CA PRO D 740 13.58 -127.19 57.05
C PRO D 740 13.70 -128.71 57.05
N GLU D 741 14.96 -129.18 57.17
CA GLU D 741 15.34 -130.59 57.14
C GLU D 741 14.89 -131.26 55.85
N ASP D 742 15.45 -130.78 54.75
CA ASP D 742 15.27 -131.36 53.43
C ASP D 742 16.63 -131.80 52.89
N VAL D 743 16.64 -132.89 52.14
CA VAL D 743 17.88 -133.45 51.62
C VAL D 743 17.97 -133.14 50.14
N VAL D 744 18.99 -132.39 49.76
CA VAL D 744 19.24 -132.03 48.37
C VAL D 744 20.60 -132.61 47.99
N SER D 745 20.60 -133.41 46.93
CA SER D 745 21.79 -134.11 46.43
C SER D 745 22.07 -133.68 45.01
N CYS D 746 23.26 -133.14 44.77
CA CYS D 746 23.66 -132.72 43.43
C CYS D 746 24.70 -133.69 42.88
N CYS D 747 24.39 -134.25 41.71
CA CYS D 747 25.23 -135.18 40.97
C CYS D 747 25.70 -134.52 39.67
N LEU D 748 27.00 -134.44 39.49
CA LEU D 748 27.59 -133.80 38.31
C LEU D 748 28.43 -134.81 37.56
N ASP D 749 28.20 -134.92 36.25
CA ASP D 749 29.04 -135.76 35.41
C ASP D 749 29.78 -134.84 34.44
N LEU D 750 31.10 -135.00 34.38
CA LEU D 750 31.91 -134.16 33.50
C LEU D 750 32.21 -134.82 32.16
N SER D 751 32.28 -136.16 32.12
CA SER D 751 32.53 -136.87 30.87
C SER D 751 31.43 -136.62 29.86
N VAL D 752 30.18 -136.76 30.29
CA VAL D 752 29.02 -136.38 29.50
C VAL D 752 28.31 -135.28 30.28
N PRO D 753 27.92 -134.17 29.64
CA PRO D 753 27.26 -133.09 30.39
C PRO D 753 25.91 -133.51 30.96
N SER D 754 25.84 -133.62 32.29
CA SER D 754 24.60 -133.99 32.96
C SER D 754 24.67 -133.53 34.41
N ILE D 755 23.62 -132.82 34.83
CA ILE D 755 23.48 -132.27 36.17
C ILE D 755 22.16 -132.81 36.72
N SER D 756 22.24 -133.73 37.67
CA SER D 756 21.06 -134.39 38.22
C SER D 756 20.89 -134.01 39.68
N PHE D 757 19.63 -133.79 40.08
CA PHE D 757 19.32 -133.45 41.45
C PHE D 757 18.47 -134.55 42.07
N ARG D 758 18.56 -134.66 43.39
CA ARG D 758 17.72 -135.56 44.17
C ARG D 758 17.18 -134.83 45.39
N ILE D 759 15.86 -134.81 45.55
CA ILE D 759 15.24 -134.18 46.70
C ILE D 759 14.76 -135.30 47.62
N ASN D 760 15.33 -135.31 48.84
CA ASN D 760 15.04 -136.32 49.88
C ASN D 760 15.26 -137.74 49.35
N GLY D 761 16.30 -137.90 48.51
CA GLY D 761 16.61 -139.15 47.86
C GLY D 761 15.82 -139.39 46.59
N CYS D 762 14.59 -138.89 46.53
CA CYS D 762 13.74 -139.06 45.36
C CYS D 762 14.33 -138.33 44.15
N PRO D 763 14.25 -138.92 42.96
CA PRO D 763 14.77 -138.25 41.76
C PRO D 763 14.01 -136.99 41.39
N VAL D 764 14.74 -136.04 40.80
CA VAL D 764 14.18 -134.82 40.26
C VAL D 764 14.17 -134.95 38.74
N GLN D 765 12.96 -134.95 38.16
CA GLN D 765 12.76 -135.25 36.75
C GLN D 765 13.13 -134.04 35.87
N GLY D 766 14.44 -133.76 35.85
CA GLY D 766 14.99 -132.69 35.05
C GLY D 766 16.50 -132.68 35.13
N VAL D 767 17.18 -132.61 33.99
CA VAL D 767 18.64 -132.68 33.94
C VAL D 767 19.15 -131.65 32.93
N PHE D 768 20.13 -130.85 33.33
CA PHE D 768 20.85 -129.98 32.40
C PHE D 768 21.80 -130.83 31.57
N GLU D 769 21.90 -130.52 30.28
CA GLU D 769 22.73 -131.29 29.37
C GLU D 769 23.30 -130.35 28.34
N ALA D 770 24.35 -130.82 27.64
CA ALA D 770 24.98 -130.13 26.51
C ALA D 770 25.43 -128.72 26.87
N PHE D 771 26.12 -128.61 28.00
CA PHE D 771 26.61 -127.33 28.47
C PHE D 771 28.13 -127.28 28.35
N ASN D 772 28.63 -126.06 28.10
CA ASN D 772 30.06 -125.82 27.94
C ASN D 772 30.81 -126.20 29.20
N LEU D 773 31.91 -126.92 29.01
CA LEU D 773 32.68 -127.46 30.12
C LEU D 773 33.91 -126.62 30.47
N ASP D 774 34.32 -125.71 29.58
CA ASP D 774 35.50 -124.88 29.81
C ASP D 774 35.38 -124.05 31.10
N GLY D 775 36.45 -124.03 31.86
CA GLY D 775 36.40 -123.49 33.20
C GLY D 775 36.37 -124.60 34.23
N LEU D 776 36.02 -124.22 35.45
CA LEU D 776 35.97 -125.15 36.57
C LEU D 776 34.59 -125.08 37.21
N PHE D 777 34.06 -126.26 37.55
CA PHE D 777 32.76 -126.38 38.18
C PHE D 777 32.92 -126.51 39.69
N PHE D 778 32.04 -125.85 40.43
CA PHE D 778 32.12 -125.85 41.88
C PHE D 778 30.73 -125.85 42.52
N PRO D 779 30.59 -126.43 43.70
CA PRO D 779 29.34 -126.28 44.45
C PRO D 779 29.16 -124.84 44.89
N VAL D 780 27.92 -124.38 44.92
CA VAL D 780 27.62 -123.00 45.31
C VAL D 780 26.18 -122.93 45.79
N VAL D 781 25.94 -122.07 46.78
CA VAL D 781 24.61 -121.82 47.31
C VAL D 781 24.36 -120.30 47.30
N SER D 782 23.21 -119.91 46.75
CA SER D 782 22.79 -118.51 46.72
C SER D 782 21.62 -118.33 47.67
N PHE D 783 21.75 -117.40 48.59
CA PHE D 783 20.78 -117.24 49.65
C PHE D 783 20.55 -115.77 49.98
N SER D 784 19.33 -115.50 50.40
CA SER D 784 18.92 -114.20 50.93
C SER D 784 19.16 -114.20 52.44
N ALA D 785 18.65 -113.19 53.11
CA ALA D 785 18.82 -113.07 54.55
C ALA D 785 17.92 -114.04 55.32
N GLY D 786 18.35 -114.37 56.54
CA GLY D 786 17.55 -115.18 57.44
C GLY D 786 17.52 -116.66 57.21
N VAL D 787 18.61 -117.26 56.73
CA VAL D 787 18.65 -118.69 56.46
C VAL D 787 19.87 -119.33 57.14
N LYS D 788 19.77 -120.64 57.34
CA LYS D 788 20.87 -121.46 57.82
C LYS D 788 20.91 -122.73 57.00
N VAL D 789 22.07 -123.02 56.38
CA VAL D 789 22.24 -124.25 55.62
C VAL D 789 23.55 -124.92 56.00
N ARG D 790 23.68 -126.19 55.64
CA ARG D 790 24.88 -126.95 55.90
C ARG D 790 25.35 -127.70 54.66
N PHE D 791 26.66 -127.70 54.45
CA PHE D 791 27.28 -128.43 53.36
C PHE D 791 27.65 -129.81 53.85
N LEU D 792 27.41 -130.80 52.99
CA LEU D 792 27.78 -132.20 53.16
C LEU D 792 28.67 -132.56 51.97
N LEU D 793 29.95 -132.81 52.25
CA LEU D 793 30.93 -133.08 51.21
C LEU D 793 31.50 -134.49 51.29
N GLY D 794 31.03 -135.32 52.22
CA GLY D 794 31.53 -136.66 52.38
C GLY D 794 32.74 -136.72 53.29
N GLY D 795 33.10 -137.94 53.66
CA GLY D 795 34.20 -138.15 54.58
C GLY D 795 33.94 -137.49 55.92
N ARG D 796 34.90 -136.69 56.37
CA ARG D 796 34.76 -135.95 57.62
C ARG D 796 33.99 -134.65 57.44
N HIS D 797 33.57 -134.32 56.22
CA HIS D 797 32.89 -133.07 55.94
C HIS D 797 31.49 -133.34 55.41
N GLY D 798 30.86 -134.39 55.92
CA GLY D 798 29.50 -134.75 55.53
C GLY D 798 29.27 -136.25 55.62
N GLU D 799 28.06 -136.64 56.00
CA GLU D 799 27.69 -138.05 56.05
C GLU D 799 26.86 -138.50 54.87
N PHE D 800 26.28 -137.54 54.12
CA PHE D 800 25.50 -137.68 52.90
C PHE D 800 24.11 -138.27 53.10
N LYS D 801 23.81 -138.83 54.28
CA LYS D 801 22.50 -139.32 54.72
C LYS D 801 21.76 -140.25 53.74
N PHE D 802 22.48 -140.78 52.76
CA PHE D 802 21.96 -141.50 51.61
C PHE D 802 23.13 -142.18 50.95
N LEU D 803 22.84 -143.02 49.96
CA LEU D 803 23.89 -143.66 49.20
C LEU D 803 24.00 -142.97 47.84
N PRO D 804 25.12 -142.30 47.55
CA PRO D 804 25.30 -141.69 46.24
C PRO D 804 25.32 -142.74 45.15
N PRO D 805 24.86 -142.39 43.94
CA PRO D 805 24.95 -143.31 42.80
C PRO D 805 26.39 -143.71 42.52
N PRO D 806 26.63 -144.95 42.11
CA PRO D 806 28.01 -145.44 41.96
C PRO D 806 28.81 -144.67 40.92
N GLY D 807 30.09 -144.51 41.19
CA GLY D 807 30.97 -143.77 40.32
C GLY D 807 31.04 -142.29 40.57
N TYR D 808 30.28 -141.75 41.53
CA TYR D 808 30.34 -140.34 41.87
C TYR D 808 31.19 -140.17 43.13
N ALA D 809 32.39 -139.62 42.96
CA ALA D 809 33.30 -139.42 44.07
C ALA D 809 32.76 -138.36 45.02
N PRO D 810 32.80 -138.59 46.33
CA PRO D 810 32.43 -137.54 47.29
C PRO D 810 33.33 -136.32 47.14
N CYS D 811 32.71 -135.14 47.27
CA CYS D 811 33.38 -133.88 46.96
C CYS D 811 34.51 -133.51 47.91
N HIS D 812 34.63 -134.16 49.06
CA HIS D 812 35.75 -133.90 49.97
C HIS D 812 37.09 -134.35 49.43
N GLU D 813 37.10 -135.14 48.34
CA GLU D 813 38.34 -135.66 47.78
C GLU D 813 38.95 -134.72 46.75
N ALA D 814 38.26 -133.65 46.37
CA ALA D 814 38.73 -132.76 45.33
C ALA D 814 39.64 -131.65 45.85
N VAL D 815 39.86 -131.58 47.17
CA VAL D 815 40.69 -130.52 47.74
C VAL D 815 42.14 -130.74 47.33
N LEU D 816 42.79 -129.66 46.93
CA LEU D 816 44.19 -129.65 46.53
C LEU D 816 45.11 -129.72 47.74
N PRO D 817 46.31 -130.31 47.59
CA PRO D 817 47.19 -130.50 48.77
C PRO D 817 47.63 -129.20 49.43
N ARG D 818 47.82 -128.13 48.66
CA ARG D 818 48.32 -126.88 49.22
C ARG D 818 47.24 -126.05 49.89
N GLU D 819 45.97 -126.37 49.68
CA GLU D 819 44.88 -125.55 50.20
C GLU D 819 43.98 -126.38 51.10
N ARG D 820 43.62 -125.81 52.25
CA ARG D 820 42.70 -126.46 53.16
C ARG D 820 41.26 -126.18 52.72
N LEU D 821 40.35 -127.03 53.18
CA LEU D 821 38.94 -126.84 52.88
C LEU D 821 38.40 -125.65 53.67
N ARG D 822 37.72 -124.74 52.98
CA ARG D 822 37.14 -123.57 53.61
C ARG D 822 35.97 -123.09 52.77
N LEU D 823 35.11 -122.30 53.38
CA LEU D 823 33.97 -121.72 52.69
C LEU D 823 34.24 -120.25 52.39
N GLU D 824 34.12 -119.89 51.12
CA GLU D 824 34.43 -118.55 50.68
C GLU D 824 33.28 -117.98 49.88
N PRO D 825 33.10 -116.66 49.91
CA PRO D 825 32.21 -116.00 48.96
C PRO D 825 32.86 -115.95 47.59
N ILE D 826 32.01 -115.76 46.57
CA ILE D 826 32.46 -115.61 45.18
C ILE D 826 33.17 -114.24 45.13
N LYS D 827 33.90 -113.96 44.02
CA LYS D 827 34.79 -112.82 43.81
C LYS D 827 34.24 -111.51 44.36
N GLU D 828 35.01 -110.91 45.27
CA GLU D 828 34.54 -109.80 46.09
C GLU D 828 35.45 -108.61 45.94
N TYR D 829 34.92 -107.45 46.33
CA TYR D 829 35.66 -106.20 46.34
C TYR D 829 35.76 -105.59 47.73
N ARG D 830 35.38 -106.32 48.77
CA ARG D 830 35.38 -105.80 50.12
C ARG D 830 35.31 -106.97 51.09
N ARG D 831 36.07 -106.87 52.18
CA ARG D 831 35.94 -107.81 53.29
C ARG D 831 36.22 -107.04 54.56
N GLU D 832 35.52 -107.43 55.63
CA GLU D 832 35.63 -106.70 56.89
C GLU D 832 36.97 -107.01 57.56
N GLY D 833 37.54 -106.00 58.20
CA GLY D 833 38.79 -106.13 58.89
C GLY D 833 38.76 -105.53 60.28
N PRO D 834 39.89 -105.60 60.99
CA PRO D 834 39.95 -105.09 62.37
C PRO D 834 39.73 -103.59 62.47
N ARG D 835 40.53 -102.81 61.74
CA ARG D 835 40.44 -101.36 61.81
C ARG D 835 39.43 -100.77 60.83
N GLY D 836 38.89 -101.58 59.92
CA GLY D 836 37.94 -101.10 58.94
C GLY D 836 37.82 -102.06 57.78
N PRO D 837 36.96 -101.72 56.81
CA PRO D 837 36.80 -102.58 55.63
C PRO D 837 38.09 -102.65 54.81
N HIS D 838 38.29 -103.79 54.16
CA HIS D 838 39.46 -104.01 53.32
C HIS D 838 39.02 -104.22 51.88
N LEU D 839 39.32 -103.23 51.04
CA LEU D 839 39.06 -103.37 49.61
C LEU D 839 39.98 -104.44 49.04
N VAL D 840 39.41 -105.34 48.26
CA VAL D 840 40.14 -106.49 47.74
C VAL D 840 40.11 -106.42 46.22
N GLY D 841 41.26 -106.70 45.61
CA GLY D 841 41.34 -106.71 44.16
C GLY D 841 40.90 -108.05 43.60
N PRO D 842 41.10 -108.25 42.30
CA PRO D 842 40.74 -109.52 41.66
C PRO D 842 41.45 -110.71 42.30
N SER D 843 40.78 -111.85 42.29
CA SER D 843 41.30 -113.06 42.91
C SER D 843 41.84 -113.98 41.82
N ARG D 844 43.05 -114.51 42.03
CA ARG D 844 43.61 -115.48 41.10
C ARG D 844 42.78 -116.75 41.15
N CYS D 845 42.37 -117.23 39.98
CA CYS D 845 41.50 -118.38 39.89
C CYS D 845 42.26 -119.53 39.22
N LEU D 846 42.13 -120.72 39.81
CA LEU D 846 42.75 -121.90 39.24
C LEU D 846 42.03 -122.29 37.96
N SER D 847 42.74 -122.98 37.07
CA SER D 847 42.21 -123.36 35.77
C SER D 847 42.37 -124.86 35.54
N HIS D 848 41.50 -125.39 34.68
CA HIS D 848 41.55 -126.80 34.29
C HIS D 848 42.87 -127.10 33.59
N THR D 849 43.34 -126.17 32.74
CA THR D 849 44.63 -126.26 32.07
C THR D 849 45.81 -126.42 33.04
N ASP D 850 45.64 -126.05 34.31
CA ASP D 850 46.66 -126.22 35.33
C ASP D 850 46.62 -127.61 35.95
N PHE D 851 45.73 -128.49 35.50
CA PHE D 851 45.72 -129.87 35.96
C PHE D 851 46.25 -130.85 34.92
N VAL D 852 46.58 -130.40 33.73
CA VAL D 852 47.18 -131.32 32.77
C VAL D 852 48.69 -131.22 32.97
N PRO D 853 49.38 -132.34 33.19
CA PRO D 853 50.84 -132.26 33.31
C PRO D 853 51.45 -132.28 31.92
N CYS D 854 52.12 -131.18 31.56
CA CYS D 854 52.71 -131.01 30.24
C CYS D 854 54.22 -130.93 30.36
N PRO D 855 54.91 -132.07 30.27
CA PRO D 855 56.36 -132.06 30.39
C PRO D 855 57.00 -131.75 29.04
N VAL D 856 58.33 -131.76 29.01
CA VAL D 856 59.06 -131.69 27.76
C VAL D 856 59.37 -133.11 27.30
N ASP D 857 59.06 -133.40 26.04
CA ASP D 857 59.25 -134.74 25.50
C ASP D 857 60.73 -135.13 25.52
N THR D 858 61.01 -136.32 26.04
CA THR D 858 62.38 -136.80 26.17
C THR D 858 62.60 -138.06 25.33
N VAL D 859 62.13 -138.06 24.09
CA VAL D 859 62.30 -139.20 23.19
C VAL D 859 63.26 -138.88 22.05
N GLN D 860 62.98 -137.80 21.30
CA GLN D 860 63.77 -137.45 20.12
C GLN D 860 65.05 -136.71 20.54
N ILE D 861 65.91 -137.42 21.24
CA ILE D 861 67.19 -136.91 21.72
C ILE D 861 68.25 -137.99 21.49
N VAL D 862 69.13 -137.77 20.52
CA VAL D 862 70.28 -138.66 20.36
C VAL D 862 71.27 -138.41 21.50
N LEU D 863 71.68 -139.49 22.14
CA LEU D 863 72.46 -139.39 23.36
C LEU D 863 73.92 -139.06 23.02
N PRO D 864 74.48 -138.00 23.59
CA PRO D 864 75.80 -137.50 23.15
C PRO D 864 76.95 -138.35 23.68
N PRO D 865 78.14 -138.25 23.05
CA PRO D 865 79.31 -138.99 23.56
C PRO D 865 79.77 -138.58 24.94
N HIS D 866 79.72 -137.27 25.26
CA HIS D 866 80.20 -136.85 26.57
C HIS D 866 79.25 -137.30 27.67
N LEU D 867 77.99 -137.59 27.32
CA LEU D 867 77.03 -138.11 28.27
C LEU D 867 77.19 -139.62 28.44
N GLU D 868 77.31 -140.39 27.34
CA GLU D 868 77.57 -141.82 27.52
C GLU D 868 78.91 -142.07 28.20
N ARG D 869 79.85 -141.13 28.08
CA ARG D 869 81.11 -141.20 28.81
C ARG D 869 80.89 -141.09 30.32
N ILE D 870 79.85 -140.38 30.75
CA ILE D 870 79.58 -140.25 32.18
C ILE D 870 78.26 -140.95 32.54
N ARG D 871 77.85 -141.90 31.70
CA ARG D 871 76.58 -142.63 31.87
C ARG D 871 76.57 -143.50 33.13
N GLU D 872 77.72 -143.81 33.69
CA GLU D 872 77.84 -144.83 34.72
C GLU D 872 77.85 -144.26 36.13
N LYS D 873 78.76 -143.31 36.41
CA LYS D 873 78.92 -142.79 37.77
C LYS D 873 77.66 -142.10 38.26
N LEU D 874 77.01 -141.30 37.40
CA LEU D 874 75.73 -140.67 37.72
C LEU D 874 74.60 -141.65 37.92
N ALA D 875 74.75 -142.91 37.51
CA ALA D 875 73.80 -143.96 37.83
C ALA D 875 74.18 -144.68 39.11
N GLU D 876 75.48 -144.95 39.27
CA GLU D 876 76.00 -145.60 40.46
C GLU D 876 75.71 -144.77 41.70
N ASN D 877 75.66 -143.45 41.54
CA ASN D 877 75.42 -142.59 42.67
C ASN D 877 73.93 -142.45 42.95
N ILE D 878 73.06 -142.98 42.10
CA ILE D 878 71.63 -142.94 42.36
C ILE D 878 71.03 -144.34 42.37
N HIS D 879 71.86 -145.36 42.59
CA HIS D 879 71.33 -146.71 42.70
C HIS D 879 70.90 -147.06 44.11
N GLU D 880 71.52 -146.46 45.14
CA GLU D 880 71.06 -146.65 46.51
C GLU D 880 71.07 -145.35 47.32
N LEU D 881 70.97 -144.21 46.64
CA LEU D 881 70.98 -142.93 47.35
C LEU D 881 69.74 -142.83 48.25
N TRP D 882 68.58 -143.31 47.75
CA TRP D 882 67.41 -143.39 48.62
C TRP D 882 67.59 -144.40 49.74
N ALA D 883 68.55 -145.32 49.61
CA ALA D 883 68.81 -146.34 50.60
C ALA D 883 69.76 -145.89 51.68
N LEU D 884 70.52 -144.82 51.44
CA LEU D 884 71.56 -144.41 52.39
C LEU D 884 70.98 -143.88 53.70
N THR D 885 69.81 -143.24 53.65
CA THR D 885 69.24 -142.55 54.80
C THR D 885 68.91 -143.50 55.96
N ARG D 886 68.36 -144.67 55.64
CA ARG D 886 67.75 -145.55 56.62
C ARG D 886 68.64 -146.68 57.13
N ILE D 887 69.91 -146.73 56.71
CA ILE D 887 70.81 -147.76 57.24
C ILE D 887 71.13 -147.42 58.69
N GLU D 888 71.41 -148.47 59.49
CA GLU D 888 71.64 -148.39 60.95
C GLU D 888 70.39 -147.89 61.70
N GLN D 889 69.21 -148.18 61.15
CA GLN D 889 67.93 -147.88 61.79
C GLN D 889 67.09 -149.15 61.82
N GLY D 890 65.80 -149.02 62.12
CA GLY D 890 64.89 -150.16 62.02
C GLY D 890 64.81 -150.77 60.62
N TRP D 891 65.06 -149.97 59.60
CA TRP D 891 65.12 -150.45 58.22
C TRP D 891 66.59 -150.70 57.82
N THR D 892 67.20 -151.65 58.50
CA THR D 892 68.58 -152.02 58.26
C THR D 892 68.60 -153.38 57.56
N TYR D 893 69.36 -153.45 56.47
CA TYR D 893 69.34 -154.55 55.52
C TYR D 893 69.77 -155.88 56.18
N GLY D 894 69.45 -156.97 55.49
CA GLY D 894 69.82 -158.31 55.89
C GLY D 894 70.11 -159.14 54.64
N PRO D 895 71.09 -160.03 54.72
CA PRO D 895 71.46 -160.86 53.56
C PRO D 895 70.36 -161.77 53.03
N VAL D 896 69.41 -162.19 53.88
CA VAL D 896 68.37 -163.12 53.45
C VAL D 896 67.39 -162.45 52.47
N ARG D 897 67.09 -161.17 52.66
CA ARG D 897 66.08 -160.48 51.88
C ARG D 897 66.73 -159.43 50.98
N ASP D 898 65.88 -158.64 50.33
CA ASP D 898 66.31 -157.63 49.38
C ASP D 898 65.43 -156.41 49.61
N ASP D 899 65.39 -155.51 48.62
CA ASP D 899 64.60 -154.28 48.69
C ASP D 899 63.11 -154.57 48.89
N ASN D 900 62.41 -153.56 49.39
CA ASN D 900 60.95 -153.51 49.58
C ASN D 900 60.46 -154.49 50.65
N LYS D 901 61.34 -155.00 51.53
CA LYS D 901 60.98 -155.97 52.55
C LYS D 901 61.15 -155.40 53.96
N ARG D 902 60.89 -154.10 54.14
CA ARG D 902 61.02 -153.33 55.39
C ARG D 902 62.44 -153.30 55.96
N LEU D 903 63.41 -153.84 55.23
CA LEU D 903 64.84 -153.85 55.54
C LEU D 903 65.59 -153.58 54.23
N HIS D 904 65.10 -152.58 53.51
CA HIS D 904 65.46 -152.36 52.10
C HIS D 904 66.94 -152.23 51.71
N PRO D 905 67.86 -151.42 52.42
CA PRO D 905 69.04 -150.80 51.76
C PRO D 905 69.86 -151.51 50.69
N CYS D 906 70.46 -152.67 51.02
CA CYS D 906 71.34 -153.45 50.14
C CYS D 906 72.39 -152.57 49.45
N LEU D 907 73.27 -152.01 50.29
CA LEU D 907 74.26 -151.04 49.85
C LEU D 907 75.39 -151.63 49.01
N VAL D 908 75.43 -152.96 48.85
CA VAL D 908 76.59 -153.66 48.26
C VAL D 908 76.86 -153.14 46.86
N ASN D 909 75.92 -153.38 45.94
CA ASN D 909 76.01 -152.98 44.55
C ASN D 909 74.67 -153.30 43.90
N PHE D 910 74.50 -152.78 42.68
CA PHE D 910 73.34 -153.06 41.85
C PHE D 910 73.48 -154.35 41.07
N HIS D 911 74.67 -154.95 41.05
CA HIS D 911 74.81 -156.28 40.46
C HIS D 911 74.07 -157.32 41.29
N SER D 912 74.15 -157.21 42.62
CA SER D 912 73.34 -158.06 43.49
C SER D 912 71.86 -157.79 43.29
N LEU D 913 71.50 -156.54 42.99
CA LEU D 913 70.13 -156.16 42.75
C LEU D 913 69.70 -156.65 41.37
N PRO D 914 68.38 -156.83 41.15
CA PRO D 914 67.90 -157.38 39.86
C PRO D 914 68.30 -156.54 38.65
N GLU D 915 68.67 -157.24 37.57
CA GLU D 915 69.16 -156.61 36.34
C GLU D 915 68.18 -155.66 35.65
N PRO D 916 66.87 -155.97 35.46
CA PRO D 916 65.99 -155.01 34.75
C PRO D 916 65.88 -153.66 35.44
N GLU D 917 65.56 -153.63 36.74
CA GLU D 917 65.54 -152.35 37.44
C GLU D 917 66.93 -151.71 37.51
N ARG D 918 68.00 -152.53 37.45
CA ARG D 918 69.37 -152.01 37.43
C ARG D 918 69.62 -151.16 36.19
N ASN D 919 69.56 -151.78 35.00
CA ASN D 919 69.77 -150.99 33.77
C ASN D 919 68.66 -149.98 33.55
N TYR D 920 67.47 -150.19 34.15
CA TYR D 920 66.46 -149.16 34.21
C TYR D 920 66.94 -147.93 34.96
N ASN D 921 67.64 -148.15 36.08
CA ASN D 921 68.20 -147.02 36.84
C ASN D 921 69.29 -146.32 36.04
N LEU D 922 70.13 -147.10 35.33
CA LEU D 922 71.11 -146.51 34.41
C LEU D 922 70.43 -145.60 33.38
N GLN D 923 69.42 -146.12 32.70
CA GLN D 923 68.77 -145.32 31.66
C GLN D 923 67.81 -144.29 32.24
N MET D 924 67.48 -144.35 33.55
CA MET D 924 66.86 -143.21 34.23
C MET D 924 67.86 -142.09 34.50
N SER D 925 69.10 -142.43 34.85
CA SER D 925 70.15 -141.42 34.90
C SER D 925 70.38 -140.78 33.53
N GLY D 926 70.40 -141.63 32.48
CA GLY D 926 70.40 -141.12 31.12
C GLY D 926 69.19 -140.28 30.78
N GLU D 927 68.02 -140.65 31.34
CA GLU D 927 66.78 -139.92 31.12
C GLU D 927 66.83 -138.53 31.74
N THR D 928 67.40 -138.44 32.94
CA THR D 928 67.64 -137.13 33.56
C THR D 928 68.60 -136.29 32.74
N LEU D 929 69.68 -136.90 32.22
CA LEU D 929 70.55 -136.15 31.30
C LEU D 929 69.84 -135.74 30.00
N LYS D 930 68.88 -136.55 29.54
CA LYS D 930 68.12 -136.19 28.35
C LYS D 930 67.17 -135.04 28.64
N THR D 931 66.60 -135.02 29.85
CA THR D 931 65.85 -133.86 30.32
C THR D 931 66.73 -132.62 30.39
N LEU D 932 67.98 -132.77 30.82
CA LEU D 932 68.92 -131.65 30.84
C LEU D 932 69.17 -131.12 29.44
N LEU D 933 69.29 -132.03 28.46
CA LEU D 933 69.45 -131.65 27.06
C LEU D 933 68.23 -130.89 26.57
N ALA D 934 67.02 -131.46 26.77
CA ALA D 934 65.80 -130.84 26.26
C ALA D 934 65.55 -129.50 26.95
N LEU D 935 65.99 -129.35 28.20
CA LEU D 935 65.87 -128.07 28.89
C LEU D 935 66.86 -127.06 28.32
N GLY D 936 68.04 -127.52 27.93
CA GLY D 936 69.07 -126.61 27.47
C GLY D 936 70.33 -126.60 28.30
N CYS D 937 70.69 -127.75 28.88
CA CYS D 937 71.90 -127.90 29.67
C CYS D 937 72.96 -128.67 28.86
N HIS D 938 74.17 -128.12 28.82
CA HIS D 938 75.29 -128.72 28.13
C HIS D 938 76.52 -128.68 29.03
N VAL D 939 77.46 -129.60 28.80
CA VAL D 939 78.54 -129.85 29.75
C VAL D 939 79.88 -129.48 29.12
N GLY D 940 80.80 -129.04 29.97
CA GLY D 940 82.16 -128.74 29.58
C GLY D 940 83.13 -129.01 30.72
N MET D 941 84.29 -129.58 30.42
CA MET D 941 85.23 -130.04 31.42
C MET D 941 86.40 -129.08 31.49
N ALA D 942 86.67 -128.55 32.68
CA ALA D 942 87.80 -127.66 32.89
C ALA D 942 88.81 -128.20 33.89
N ASP D 943 88.39 -128.47 35.14
CA ASP D 943 89.34 -128.52 36.24
C ASP D 943 89.81 -129.96 36.46
N GLU D 944 90.49 -130.21 37.59
CA GLU D 944 90.98 -131.52 37.99
C GLU D 944 89.88 -132.57 38.07
N LYS D 945 90.18 -133.79 37.60
CA LYS D 945 89.21 -134.86 37.56
C LYS D 945 88.86 -135.24 39.00
N ALA D 946 87.57 -135.14 39.36
CA ALA D 946 87.11 -135.45 40.71
C ALA D 946 87.38 -136.89 41.12
N GLU D 947 87.50 -137.81 40.15
CA GLU D 947 87.83 -139.21 40.41
C GLU D 947 89.09 -139.38 41.24
N ASP D 948 90.09 -138.53 41.01
CA ASP D 948 91.33 -138.60 41.77
C ASP D 948 91.11 -138.14 43.22
N ASN D 949 90.47 -136.99 43.38
CA ASN D 949 90.39 -136.30 44.67
C ASN D 949 89.09 -136.66 45.40
N LEU D 950 88.42 -137.71 44.94
CA LEU D 950 87.27 -138.29 45.63
C LEU D 950 87.66 -139.62 46.24
N LYS D 951 87.01 -139.96 47.35
CA LYS D 951 87.26 -141.23 48.02
C LYS D 951 85.96 -141.75 48.62
N LYS D 952 85.93 -143.05 48.88
CA LYS D 952 84.81 -143.70 49.55
C LYS D 952 85.12 -143.82 51.03
N THR D 953 84.15 -143.48 51.87
CA THR D 953 84.35 -143.40 53.31
C THR D 953 83.54 -144.51 53.97
N LYS D 954 84.23 -145.53 54.48
CA LYS D 954 83.58 -146.57 55.27
C LYS D 954 83.32 -146.00 56.66
N LEU D 955 82.17 -145.33 56.78
CA LEU D 955 81.77 -144.69 58.03
C LEU D 955 81.43 -145.76 59.07
N PRO D 956 81.56 -145.42 60.37
CA PRO D 956 81.01 -146.33 61.40
C PRO D 956 79.52 -146.57 61.23
N LYS D 957 78.75 -145.54 60.87
CA LYS D 957 77.39 -145.74 60.41
C LYS D 957 77.40 -146.37 59.01
N THR D 958 76.27 -146.99 58.66
CA THR D 958 76.06 -147.74 57.40
C THR D 958 77.00 -148.93 57.27
N TYR D 959 77.53 -149.44 58.38
CA TYR D 959 78.32 -150.65 58.36
C TYR D 959 77.39 -151.86 58.24
N MET D 960 77.73 -152.77 57.32
CA MET D 960 76.94 -153.96 57.08
C MET D 960 77.82 -155.19 56.97
N MET D 961 77.18 -156.34 57.23
CA MET D 961 77.85 -157.64 57.20
C MET D 961 77.76 -158.30 55.83
N SER D 962 76.85 -157.85 54.97
CA SER D 962 76.66 -158.45 53.66
C SER D 962 77.66 -157.85 52.69
N ASN D 963 78.74 -158.61 52.43
CA ASN D 963 79.77 -158.32 51.42
C ASN D 963 80.39 -156.94 51.62
N GLY D 964 80.88 -156.70 52.84
CA GLY D 964 81.59 -155.47 53.15
C GLY D 964 80.66 -154.29 53.31
N TYR D 965 81.24 -153.19 53.79
CA TYR D 965 80.48 -151.97 54.04
C TYR D 965 81.04 -150.82 53.21
N LYS D 966 80.14 -149.99 52.72
CA LYS D 966 80.46 -148.84 51.88
C LYS D 966 79.29 -147.88 51.94
N PRO D 967 79.48 -146.61 51.56
CA PRO D 967 78.31 -145.73 51.36
C PRO D 967 77.39 -146.32 50.30
N ALA D 968 76.07 -146.25 50.57
CA ALA D 968 75.10 -146.83 49.65
C ALA D 968 75.12 -146.18 48.27
N PRO D 969 75.11 -144.82 48.10
CA PRO D 969 75.45 -144.30 46.77
C PRO D 969 76.96 -144.20 46.62
N LEU D 970 77.43 -143.64 45.52
CA LEU D 970 78.86 -143.41 45.38
C LEU D 970 79.21 -142.15 46.17
N ASP D 971 80.30 -142.21 46.94
CA ASP D 971 80.64 -141.13 47.85
C ASP D 971 81.08 -139.87 47.09
N LEU D 972 81.03 -138.74 47.78
CA LEU D 972 81.41 -137.46 47.20
C LEU D 972 81.92 -136.56 48.32
N SER D 973 82.87 -135.70 47.98
CA SER D 973 83.47 -134.77 48.92
C SER D 973 82.75 -133.42 48.82
N HIS D 974 83.32 -132.40 49.46
CA HIS D 974 82.83 -131.02 49.43
C HIS D 974 82.63 -130.47 48.01
N VAL D 975 81.37 -130.19 47.67
CA VAL D 975 80.93 -129.69 46.36
C VAL D 975 79.74 -128.78 46.63
N ARG D 976 79.62 -127.68 45.89
CA ARG D 976 78.57 -126.70 46.11
C ARG D 976 77.77 -126.51 44.82
N LEU D 977 76.70 -125.70 44.90
CA LEU D 977 75.80 -125.50 43.77
C LEU D 977 75.31 -124.07 43.75
N THR D 978 75.34 -123.44 42.58
CA THR D 978 74.91 -122.07 42.40
C THR D 978 73.39 -122.01 42.18
N PRO D 979 72.76 -120.82 42.35
CA PRO D 979 71.30 -120.74 42.17
C PRO D 979 70.78 -121.17 40.80
N ALA D 980 71.54 -120.97 39.73
CA ALA D 980 71.15 -121.50 38.41
C ALA D 980 70.91 -123.00 38.48
N GLN D 981 71.81 -123.73 39.16
CA GLN D 981 71.63 -125.16 39.37
C GLN D 981 70.44 -125.45 40.26
N THR D 982 70.14 -124.58 41.24
CA THR D 982 68.97 -124.80 42.10
C THR D 982 67.67 -124.72 41.30
N THR D 983 67.52 -123.66 40.50
CA THR D 983 66.33 -123.53 39.65
C THR D 983 66.26 -124.67 38.64
N LEU D 984 67.40 -125.05 38.06
CA LEU D 984 67.42 -126.11 37.06
C LEU D 984 67.02 -127.44 37.66
N VAL D 985 67.50 -127.76 38.87
CA VAL D 985 67.11 -129.03 39.48
C VAL D 985 65.64 -128.97 39.92
N ASP D 986 65.14 -127.77 40.26
CA ASP D 986 63.72 -127.61 40.58
C ASP D 986 62.85 -127.99 39.38
N ARG D 987 63.13 -127.42 38.20
CA ARG D 987 62.33 -127.77 37.03
C ARG D 987 62.65 -129.17 36.52
N LEU D 988 63.83 -129.70 36.82
CA LEU D 988 64.14 -131.08 36.49
C LEU D 988 63.27 -132.05 37.29
N ALA D 989 63.07 -131.73 38.58
CA ALA D 989 62.16 -132.53 39.40
C ALA D 989 60.72 -132.33 38.94
N GLU D 990 60.38 -131.11 38.51
CA GLU D 990 59.07 -130.85 37.92
C GLU D 990 58.82 -131.74 36.71
N ASN D 991 59.80 -131.85 35.82
CA ASN D 991 59.62 -132.64 34.62
C ASN D 991 59.72 -134.14 34.93
N GLY D 992 60.17 -134.52 36.12
CA GLY D 992 60.11 -135.91 36.49
C GLY D 992 58.72 -136.24 37.01
N HIS D 993 58.23 -135.35 37.89
CA HIS D 993 56.90 -135.50 38.47
C HIS D 993 55.82 -135.49 37.40
N ASN D 994 55.93 -134.61 36.40
CA ASN D 994 54.87 -134.49 35.42
C ASN D 994 54.86 -135.65 34.44
N VAL D 995 56.00 -136.33 34.26
CA VAL D 995 56.03 -137.53 33.45
C VAL D 995 55.44 -138.69 34.23
N TRP D 996 55.76 -138.77 35.53
CA TRP D 996 55.18 -139.80 36.39
C TRP D 996 53.66 -139.68 36.44
N ALA D 997 53.17 -138.44 36.62
CA ALA D 997 51.74 -138.19 36.70
C ALA D 997 51.06 -138.49 35.36
N ARG D 998 51.72 -138.13 34.25
CA ARG D 998 51.21 -138.43 32.91
C ARG D 998 51.06 -139.94 32.73
N ASP D 999 52.07 -140.69 33.15
CA ASP D 999 52.04 -142.14 33.03
C ASP D 999 50.92 -142.74 33.86
N ARG D 1000 50.77 -142.28 35.12
CA ARG D 1000 49.71 -142.80 35.99
C ARG D 1000 48.32 -142.52 35.40
N VAL D 1001 48.13 -141.31 34.85
CA VAL D 1001 46.89 -140.97 34.19
C VAL D 1001 46.66 -141.89 33.00
N ALA D 1002 47.72 -142.12 32.19
CA ALA D 1002 47.62 -143.05 31.08
C ALA D 1002 47.34 -144.48 31.54
N GLN D 1003 47.63 -144.83 32.79
CA GLN D 1003 47.14 -146.08 33.36
C GLN D 1003 45.83 -145.92 34.09
N GLY D 1004 45.15 -144.77 33.94
CA GLY D 1004 43.81 -144.59 34.43
C GLY D 1004 43.68 -143.85 35.74
N TRP D 1005 44.75 -143.77 36.52
CA TRP D 1005 44.72 -143.18 37.86
C TRP D 1005 44.25 -141.73 37.85
N SER D 1006 43.86 -141.24 39.03
CA SER D 1006 43.44 -139.85 39.19
C SER D 1006 43.74 -139.40 40.62
N TYR D 1007 43.35 -138.16 40.91
CA TYR D 1007 43.66 -137.53 42.19
C TYR D 1007 42.54 -137.77 43.20
N SER D 1008 42.92 -137.92 44.47
CA SER D 1008 41.99 -137.95 45.60
C SER D 1008 42.81 -137.64 46.84
N ALA D 1009 42.32 -136.70 47.66
CA ALA D 1009 43.04 -136.29 48.87
C ALA D 1009 43.23 -137.42 49.88
N VAL D 1010 42.45 -138.49 49.78
CA VAL D 1010 42.63 -139.71 50.55
C VAL D 1010 43.04 -140.82 49.59
N GLN D 1011 44.06 -141.59 49.97
CA GLN D 1011 44.64 -142.55 49.06
C GLN D 1011 43.77 -143.80 48.98
N ASP D 1012 43.49 -144.22 47.74
CA ASP D 1012 42.72 -145.43 47.46
C ASP D 1012 43.45 -146.20 46.37
N ILE D 1013 44.27 -147.18 46.78
CA ILE D 1013 45.03 -148.00 45.85
C ILE D 1013 44.12 -148.90 44.99
N PRO D 1014 43.19 -149.72 45.55
CA PRO D 1014 42.33 -150.53 44.64
C PRO D 1014 41.44 -149.70 43.72
N ALA D 1015 41.05 -148.50 44.15
CA ALA D 1015 40.34 -147.57 43.28
C ALA D 1015 41.28 -146.74 42.41
N ARG D 1016 42.60 -146.92 42.58
CA ARG D 1016 43.64 -146.34 41.73
C ARG D 1016 43.62 -144.81 41.78
N ARG D 1017 43.65 -144.27 43.00
CA ARG D 1017 43.70 -142.83 43.22
C ARG D 1017 44.76 -142.54 44.27
N ASN D 1018 45.43 -141.40 44.11
CA ASN D 1018 46.62 -141.04 44.87
C ASN D 1018 46.47 -139.60 45.35
N PRO D 1019 47.05 -139.25 46.50
CA PRO D 1019 47.08 -137.84 46.92
C PRO D 1019 48.16 -137.00 46.27
N ARG D 1020 48.95 -137.56 45.37
CA ARG D 1020 50.05 -136.82 44.77
C ARG D 1020 49.90 -136.71 43.26
N LEU D 1021 48.80 -137.20 42.70
CA LEU D 1021 48.50 -136.99 41.27
C LEU D 1021 47.94 -135.59 41.03
N VAL D 1022 48.79 -134.60 41.24
CA VAL D 1022 48.54 -133.23 40.81
C VAL D 1022 49.83 -132.76 40.16
N PRO D 1023 49.79 -131.78 39.25
CA PRO D 1023 51.02 -131.20 38.72
C PRO D 1023 51.90 -130.61 39.81
N TYR D 1024 53.22 -130.61 39.53
CA TYR D 1024 54.24 -130.21 40.50
C TYR D 1024 53.95 -128.85 41.11
N ARG D 1025 53.46 -127.92 40.30
CA ARG D 1025 53.14 -126.57 40.78
C ARG D 1025 52.05 -126.58 41.84
N LEU D 1026 51.22 -127.64 41.84
CA LEU D 1026 50.13 -127.80 42.78
C LEU D 1026 50.48 -128.79 43.89
N LEU D 1027 51.61 -129.49 43.76
CA LEU D 1027 52.06 -130.43 44.77
C LEU D 1027 52.37 -129.70 46.09
N ASP D 1028 52.58 -130.47 47.14
CA ASP D 1028 52.92 -129.88 48.43
C ASP D 1028 54.42 -129.73 48.56
N GLU D 1029 54.83 -128.81 49.45
CA GLU D 1029 56.23 -128.47 49.62
C GLU D 1029 57.05 -129.63 50.16
N ALA D 1030 56.44 -130.48 50.99
CA ALA D 1030 57.11 -131.67 51.51
C ALA D 1030 57.53 -132.59 50.37
N THR D 1031 56.59 -132.90 49.48
CA THR D 1031 56.89 -133.78 48.34
C THR D 1031 57.79 -133.08 47.34
N LYS D 1032 57.61 -131.76 47.15
CA LYS D 1032 58.53 -130.98 46.31
C LYS D 1032 59.97 -131.12 46.78
N ARG D 1033 60.18 -130.94 48.09
CA ARG D 1033 61.52 -131.05 48.67
C ARG D 1033 62.05 -132.48 48.55
N SER D 1034 61.18 -133.47 48.80
CA SER D 1034 61.60 -134.87 48.73
C SER D 1034 62.03 -135.26 47.32
N ASN D 1035 61.31 -134.82 46.30
CA ASN D 1035 61.75 -135.05 44.93
C ASN D 1035 63.04 -134.29 44.62
N ARG D 1036 63.11 -133.01 45.03
CA ARG D 1036 64.26 -132.18 44.68
C ARG D 1036 65.55 -132.64 45.35
N ASP D 1037 65.46 -133.29 46.52
CA ASP D 1037 66.66 -133.70 47.25
C ASP D 1037 67.51 -134.71 46.47
N SER D 1038 66.87 -135.74 45.91
CA SER D 1038 67.57 -136.80 45.20
C SER D 1038 68.29 -136.26 43.96
N LEU D 1039 67.56 -135.53 43.14
CA LEU D 1039 68.14 -134.99 41.92
C LEU D 1039 69.10 -133.84 42.22
N CYS D 1040 68.94 -133.17 43.38
CA CYS D 1040 69.93 -132.19 43.82
C CYS D 1040 71.25 -132.88 44.13
N GLN D 1041 71.19 -134.04 44.78
CA GLN D 1041 72.39 -134.83 45.00
C GLN D 1041 73.01 -135.27 43.67
N ALA D 1042 72.15 -135.67 42.72
CA ALA D 1042 72.61 -136.10 41.40
C ALA D 1042 73.34 -134.97 40.67
N VAL D 1043 72.73 -133.79 40.60
CA VAL D 1043 73.36 -132.66 39.90
C VAL D 1043 74.59 -132.20 40.67
N ARG D 1044 74.61 -132.38 42.00
CA ARG D 1044 75.80 -132.08 42.79
C ARG D 1044 76.95 -132.99 42.40
N THR D 1045 76.66 -134.30 42.25
CA THR D 1045 77.67 -135.26 41.83
C THR D 1045 78.17 -134.96 40.42
N LEU D 1046 77.26 -134.48 39.56
CA LEU D 1046 77.66 -134.05 38.22
C LEU D 1046 78.60 -132.85 38.30
N LEU D 1047 78.27 -131.88 39.17
CA LEU D 1047 79.05 -130.67 39.33
C LEU D 1047 80.43 -130.96 39.89
N GLY D 1048 80.53 -131.97 40.76
CA GLY D 1048 81.81 -132.36 41.34
C GLY D 1048 82.84 -132.73 40.30
N TYR D 1049 82.43 -133.42 39.24
CA TYR D 1049 83.31 -133.77 38.12
C TYR D 1049 83.65 -132.57 37.24
N GLY D 1050 83.21 -131.36 37.59
CA GLY D 1050 83.60 -130.14 36.93
C GLY D 1050 82.86 -129.85 35.66
N TYR D 1051 81.91 -130.69 35.27
CA TYR D 1051 81.18 -130.46 34.03
C TYR D 1051 80.12 -129.40 34.27
N ASN D 1052 80.16 -128.35 33.44
CA ASN D 1052 79.33 -127.17 33.65
C ASN D 1052 77.86 -127.50 33.48
N ILE D 1053 77.03 -126.89 34.32
CA ILE D 1053 75.59 -126.92 34.18
C ILE D 1053 75.20 -125.59 33.54
N GLU D 1054 74.93 -125.61 32.24
CA GLU D 1054 74.72 -124.37 31.50
C GLU D 1054 73.25 -124.00 31.54
N PRO D 1055 72.88 -122.84 32.10
CA PRO D 1055 71.49 -122.40 32.00
C PRO D 1055 71.10 -122.15 30.56
N PRO D 1056 69.86 -122.45 30.20
CA PRO D 1056 69.36 -122.14 28.86
C PRO D 1056 69.00 -120.65 28.77
N ASP D 1057 68.56 -120.25 27.58
CA ASP D 1057 68.09 -118.89 27.38
C ASP D 1057 66.80 -118.66 28.18
N GLN D 1058 66.55 -117.40 28.49
CA GLN D 1058 65.39 -116.99 29.28
C GLN D 1058 64.32 -116.40 28.38
N GLU D 1059 63.11 -116.94 28.45
CA GLU D 1059 61.98 -116.44 27.68
C GLU D 1059 60.88 -116.04 28.64
N PRO D 1060 60.53 -114.75 28.71
CA PRO D 1060 59.44 -114.31 29.60
C PRO D 1060 58.07 -114.65 29.05
N SER D 1061 57.26 -115.31 29.87
CA SER D 1061 55.94 -115.76 29.45
C SER D 1061 54.90 -115.37 30.51
N GLN D 1062 53.69 -115.13 30.05
CA GLN D 1062 52.54 -114.82 30.89
C GLN D 1062 51.51 -115.92 30.77
N VAL D 1063 51.01 -116.40 31.92
CA VAL D 1063 50.08 -117.53 31.94
C VAL D 1063 48.76 -117.14 31.28
N GLU D 1064 48.19 -116.00 31.66
CA GLU D 1064 46.94 -115.52 31.08
C GLU D 1064 47.17 -114.14 30.50
N ASN D 1065 46.81 -113.96 29.24
CA ASN D 1065 47.02 -112.71 28.53
C ASN D 1065 45.75 -112.08 27.99
N GLN D 1066 44.78 -112.91 27.58
CA GLN D 1066 43.56 -112.45 26.92
C GLN D 1066 42.75 -111.51 27.81
N SER D 1067 42.48 -111.91 29.05
CA SER D 1067 41.65 -111.11 29.95
C SER D 1067 42.53 -110.08 30.66
N ARG D 1068 42.93 -109.06 29.90
CA ARG D 1068 43.68 -107.95 30.46
C ARG D 1068 42.83 -107.06 31.37
N TRP D 1069 41.51 -107.16 31.29
CA TRP D 1069 40.63 -106.28 32.04
C TRP D 1069 40.30 -106.84 33.42
N ASP D 1070 40.22 -108.16 33.55
CA ASP D 1070 40.08 -108.80 34.85
C ASP D 1070 41.40 -108.87 35.59
N ARG D 1071 42.07 -107.74 35.76
CA ARG D 1071 43.34 -107.62 36.45
C ARG D 1071 43.35 -106.53 37.50
N VAL D 1072 42.67 -105.41 37.27
CA VAL D 1072 42.72 -104.31 38.21
C VAL D 1072 41.29 -104.01 38.61
N ARG D 1073 41.14 -103.27 39.70
CA ARG D 1073 39.83 -102.85 40.21
C ARG D 1073 40.00 -101.48 40.82
N ILE D 1074 39.46 -100.48 40.18
CA ILE D 1074 39.66 -99.10 40.60
C ILE D 1074 38.57 -98.75 41.59
N PHE D 1075 38.96 -98.00 42.62
CA PHE D 1075 38.06 -97.49 43.65
C PHE D 1075 38.24 -95.99 43.73
N ARG D 1076 37.13 -95.27 43.86
CA ARG D 1076 37.21 -93.83 44.00
C ARG D 1076 35.98 -93.34 44.75
N ALA D 1077 36.08 -92.14 45.31
CA ALA D 1077 34.91 -91.59 45.97
C ALA D 1077 33.89 -91.14 44.94
N GLU D 1078 32.68 -90.86 45.40
CA GLU D 1078 31.61 -90.38 44.53
C GLU D 1078 31.97 -88.99 44.01
N LYS D 1079 31.45 -88.66 42.82
CA LYS D 1079 31.72 -87.37 42.20
C LYS D 1079 31.17 -86.19 43.00
N SER D 1080 30.20 -86.42 43.89
CA SER D 1080 29.66 -85.35 44.72
C SER D 1080 30.60 -84.93 45.84
N TYR D 1081 31.67 -85.69 46.07
CA TYR D 1081 32.66 -85.36 47.09
C TYR D 1081 33.87 -84.65 46.49
N THR D 1082 33.76 -84.18 45.26
CA THR D 1082 34.85 -83.48 44.58
C THR D 1082 35.28 -82.24 45.35
N VAL D 1083 36.60 -82.07 45.50
CA VAL D 1083 37.18 -80.94 46.22
C VAL D 1083 37.94 -80.07 45.24
N GLN D 1084 37.80 -78.76 45.39
CA GLN D 1084 38.44 -77.79 44.51
C GLN D 1084 39.22 -76.72 45.27
N SER D 1085 39.36 -76.87 46.59
CA SER D 1085 40.05 -75.89 47.41
C SER D 1085 40.50 -76.55 48.70
N GLY D 1086 41.40 -75.87 49.41
CA GLY D 1086 41.89 -76.39 50.67
C GLY D 1086 42.98 -77.44 50.55
N ARG D 1087 43.27 -78.05 51.69
CA ARG D 1087 44.29 -79.08 51.81
C ARG D 1087 43.65 -80.32 52.41
N TRP D 1088 43.86 -81.47 51.77
CA TRP D 1088 43.17 -82.68 52.18
C TRP D 1088 44.16 -83.82 52.35
N TYR D 1089 43.76 -84.78 53.19
CA TYR D 1089 44.62 -85.89 53.57
C TYR D 1089 43.80 -87.15 53.79
N PHE D 1090 44.37 -88.31 53.41
CA PHE D 1090 43.76 -89.59 53.67
C PHE D 1090 44.85 -90.67 53.64
N GLU D 1091 44.57 -91.79 54.30
CA GLU D 1091 45.53 -92.86 54.42
C GLU D 1091 45.19 -94.02 53.51
N PHE D 1092 46.18 -94.87 53.28
CA PHE D 1092 45.97 -96.10 52.53
C PHE D 1092 46.94 -97.17 53.04
N GLU D 1093 46.45 -98.00 53.97
CA GLU D 1093 47.24 -99.03 54.60
C GLU D 1093 47.37 -100.20 53.62
N ALA D 1094 48.54 -100.33 53.02
CA ALA D 1094 48.85 -101.38 52.05
C ALA D 1094 48.97 -102.71 52.80
N VAL D 1095 47.92 -103.55 52.76
CA VAL D 1095 47.99 -104.82 53.47
C VAL D 1095 49.00 -105.75 52.80
N THR D 1096 48.96 -105.84 51.48
CA THR D 1096 49.89 -106.67 50.75
C THR D 1096 50.88 -105.78 50.01
N THR D 1097 51.84 -106.41 49.33
CA THR D 1097 52.92 -105.67 48.67
C THR D 1097 52.93 -105.87 47.16
N GLY D 1098 51.81 -106.22 46.56
CA GLY D 1098 51.72 -106.42 45.13
C GLY D 1098 51.62 -105.13 44.36
N GLU D 1099 50.94 -105.19 43.22
CA GLU D 1099 50.78 -104.03 42.34
C GLU D 1099 49.48 -103.30 42.71
N MET D 1100 49.60 -102.30 43.57
CA MET D 1100 48.48 -101.46 43.94
C MET D 1100 48.92 -100.01 43.82
N ARG D 1101 47.97 -99.13 43.55
CA ARG D 1101 48.27 -97.71 43.36
C ARG D 1101 47.28 -96.87 44.14
N VAL D 1102 47.71 -95.66 44.52
CA VAL D 1102 46.87 -94.77 45.32
C VAL D 1102 47.28 -93.33 45.01
N GLY D 1103 46.31 -92.41 45.01
CA GLY D 1103 46.60 -91.02 44.75
C GLY D 1103 45.36 -90.16 44.58
N TRP D 1104 45.35 -89.28 43.58
CA TRP D 1104 44.18 -88.44 43.34
C TRP D 1104 43.85 -88.44 41.87
N ALA D 1105 42.58 -88.19 41.56
CA ALA D 1105 42.13 -88.29 40.18
C ALA D 1105 41.01 -87.30 39.91
N ARG D 1106 40.86 -86.98 38.62
CA ARG D 1106 39.79 -86.10 38.17
C ARG D 1106 38.49 -86.90 38.06
N PRO D 1107 37.34 -86.24 38.17
CA PRO D 1107 36.05 -86.98 38.19
C PRO D 1107 35.76 -87.82 36.95
N GLU D 1108 36.26 -87.44 35.78
CA GLU D 1108 35.92 -88.12 34.54
C GLU D 1108 36.87 -89.26 34.20
N LEU D 1109 37.48 -89.89 35.21
CA LEU D 1109 38.43 -90.98 34.98
C LEU D 1109 37.79 -92.15 34.24
N ARG D 1110 38.48 -92.63 33.22
CA ARG D 1110 38.00 -93.76 32.45
C ARG D 1110 38.20 -95.04 33.24
N PRO D 1111 37.17 -95.88 33.38
CA PRO D 1111 37.32 -97.08 34.21
C PRO D 1111 38.15 -98.18 33.58
N ASP D 1112 38.41 -98.13 32.28
CA ASP D 1112 39.15 -99.18 31.58
C ASP D 1112 40.51 -98.68 31.08
N VAL D 1113 41.14 -97.79 31.84
CA VAL D 1113 42.48 -97.29 31.56
C VAL D 1113 43.26 -97.33 32.87
N GLU D 1114 44.47 -97.87 32.82
CA GLU D 1114 45.35 -97.91 33.99
C GLU D 1114 45.66 -96.51 34.50
N LEU D 1115 45.64 -96.36 35.82
CA LEU D 1115 45.87 -95.07 36.45
C LEU D 1115 47.28 -94.56 36.20
N GLY D 1116 47.39 -93.28 35.85
CA GLY D 1116 48.65 -92.68 35.51
C GLY D 1116 49.02 -92.76 34.05
N ALA D 1117 48.38 -93.64 33.28
CA ALA D 1117 48.64 -93.75 31.85
C ALA D 1117 48.09 -92.56 31.07
N ASP D 1118 47.22 -91.76 31.69
CA ASP D 1118 46.65 -90.58 31.04
C ASP D 1118 46.76 -89.38 31.96
N GLU D 1119 46.12 -88.28 31.59
CA GLU D 1119 46.18 -87.04 32.33
C GLU D 1119 45.09 -86.95 33.40
N LEU D 1120 44.26 -87.98 33.54
CA LEU D 1120 43.12 -87.93 34.45
C LEU D 1120 43.46 -88.43 35.84
N ALA D 1121 44.71 -88.80 36.10
CA ALA D 1121 45.08 -89.32 37.40
C ALA D 1121 46.50 -88.90 37.74
N TYR D 1122 46.71 -88.56 39.01
CA TYR D 1122 48.02 -88.23 39.58
C TYR D 1122 48.19 -89.29 40.68
N VAL D 1123 48.73 -90.44 40.29
CA VAL D 1123 48.71 -91.59 41.19
C VAL D 1123 50.15 -91.99 41.48
N PHE D 1124 50.37 -92.61 42.64
CA PHE D 1124 51.71 -93.02 43.07
C PHE D 1124 51.73 -94.54 43.13
N ASN D 1125 52.46 -95.16 42.20
CA ASN D 1125 52.60 -96.61 42.14
C ASN D 1125 53.79 -96.94 43.02
N GLY D 1126 53.51 -97.22 44.28
CA GLY D 1126 54.57 -97.51 45.22
C GLY D 1126 54.99 -98.95 45.27
N HIS D 1127 54.54 -99.79 44.33
CA HIS D 1127 55.03 -101.16 44.28
C HIS D 1127 56.53 -101.18 44.01
N ARG D 1128 57.01 -100.30 43.14
CA ARG D 1128 58.44 -100.13 42.91
C ARG D 1128 58.91 -98.71 43.20
N GLY D 1129 58.06 -97.85 43.74
CA GLY D 1129 58.47 -96.48 43.99
C GLY D 1129 58.47 -95.61 42.75
N GLN D 1130 57.32 -95.46 42.10
CA GLN D 1130 57.16 -94.68 40.88
C GLN D 1130 55.98 -93.73 41.04
N ARG D 1131 56.06 -92.58 40.38
CA ARG D 1131 54.94 -91.66 40.32
C ARG D 1131 54.41 -91.64 38.89
N TRP D 1132 53.10 -91.83 38.76
CA TRP D 1132 52.45 -92.02 37.47
C TRP D 1132 51.53 -90.84 37.14
N HIS D 1133 51.84 -90.18 36.03
CA HIS D 1133 50.98 -89.20 35.37
C HIS D 1133 51.48 -89.10 33.94
N LEU D 1134 50.67 -89.58 32.98
CA LEU D 1134 51.00 -89.65 31.56
C LEU D 1134 52.26 -90.48 31.30
N GLY D 1135 52.54 -91.46 32.15
CA GLY D 1135 53.71 -92.30 32.03
C GLY D 1135 54.23 -92.67 33.39
N SER D 1136 55.48 -93.12 33.44
CA SER D 1136 56.10 -93.57 34.67
C SER D 1136 57.46 -92.93 34.87
N GLU D 1137 57.77 -92.63 36.14
CA GLU D 1137 59.08 -92.13 36.53
C GLU D 1137 59.23 -92.40 38.03
N PRO D 1138 60.44 -92.71 38.49
CA PRO D 1138 60.61 -93.12 39.90
C PRO D 1138 60.34 -92.00 40.90
N PHE D 1139 59.93 -92.40 42.10
CA PHE D 1139 59.67 -91.49 43.21
C PHE D 1139 59.63 -92.28 44.50
N GLY D 1140 60.45 -91.86 45.47
CA GLY D 1140 60.45 -92.48 46.78
C GLY D 1140 60.92 -93.92 46.79
N ARG D 1141 60.42 -94.68 47.76
CA ARG D 1141 60.80 -96.06 47.96
C ARG D 1141 59.57 -96.95 47.99
N PRO D 1142 59.68 -98.20 47.53
CA PRO D 1142 58.56 -99.13 47.62
C PRO D 1142 58.18 -99.44 49.05
N TRP D 1143 56.88 -99.67 49.29
CA TRP D 1143 56.47 -99.97 50.66
C TRP D 1143 56.80 -101.41 51.04
N GLN D 1144 56.39 -101.77 52.25
CA GLN D 1144 56.33 -103.16 52.69
C GLN D 1144 54.96 -103.42 53.31
N SER D 1145 54.76 -104.61 53.86
CA SER D 1145 53.47 -104.95 54.46
C SER D 1145 53.22 -104.15 55.72
N GLY D 1146 51.98 -103.71 55.91
CA GLY D 1146 51.61 -102.93 57.06
C GLY D 1146 51.96 -101.46 56.97
N ASP D 1147 52.35 -100.98 55.80
CA ASP D 1147 52.71 -99.58 55.62
C ASP D 1147 51.45 -98.74 55.34
N VAL D 1148 51.57 -97.45 55.61
CA VAL D 1148 50.47 -96.50 55.42
C VAL D 1148 50.94 -95.41 54.46
N VAL D 1149 50.19 -95.21 53.38
CA VAL D 1149 50.51 -94.21 52.38
C VAL D 1149 49.52 -93.07 52.56
N GLY D 1150 49.94 -92.03 53.29
CA GLY D 1150 49.13 -90.87 53.54
C GLY D 1150 49.27 -89.78 52.49
N CYS D 1151 48.30 -89.72 51.58
CA CYS D 1151 48.38 -88.78 50.47
C CYS D 1151 47.99 -87.38 50.93
N MET D 1152 48.83 -86.39 50.63
CA MET D 1152 48.50 -84.99 50.79
C MET D 1152 47.73 -84.52 49.56
N ILE D 1153 47.22 -83.29 49.63
CA ILE D 1153 46.85 -82.48 48.46
C ILE D 1153 46.70 -81.04 48.94
N ASP D 1154 47.17 -80.11 48.12
CA ASP D 1154 47.16 -78.67 48.41
C ASP D 1154 46.67 -77.97 47.16
N LEU D 1155 45.36 -77.68 47.11
CA LEU D 1155 44.78 -76.99 45.98
C LEU D 1155 45.22 -75.53 45.89
N THR D 1156 45.62 -74.92 47.02
CA THR D 1156 46.09 -73.55 46.99
C THR D 1156 47.51 -73.46 46.44
N GLU D 1157 48.35 -74.44 46.76
CA GLU D 1157 49.73 -74.48 46.31
C GLU D 1157 49.90 -75.32 45.06
N ASN D 1158 48.82 -75.97 44.59
CA ASN D 1158 48.79 -76.83 43.41
C ASN D 1158 49.83 -77.94 43.52
N THR D 1159 49.85 -78.61 44.68
CA THR D 1159 50.86 -79.62 44.93
C THR D 1159 50.27 -80.90 45.52
N ILE D 1160 50.88 -82.02 45.16
CA ILE D 1160 50.52 -83.33 45.67
C ILE D 1160 51.78 -83.97 46.25
N ILE D 1161 51.68 -84.41 47.50
CA ILE D 1161 52.80 -85.00 48.24
C ILE D 1161 52.34 -86.36 48.75
N PHE D 1162 53.18 -87.37 48.63
CA PHE D 1162 52.88 -88.70 49.16
C PHE D 1162 53.80 -88.97 50.34
N THR D 1163 53.22 -89.33 51.49
CA THR D 1163 54.01 -89.61 52.67
C THR D 1163 53.85 -91.08 53.06
N LEU D 1164 54.96 -91.76 53.30
CA LEU D 1164 54.94 -93.18 53.63
C LEU D 1164 55.42 -93.33 55.08
N ASN D 1165 54.57 -93.96 55.90
CA ASN D 1165 54.81 -94.23 57.32
C ASN D 1165 55.17 -92.96 58.09
N GLY D 1166 54.50 -91.86 57.74
CA GLY D 1166 54.73 -90.60 58.41
C GLY D 1166 55.99 -89.87 57.97
N GLU D 1167 56.65 -90.34 56.93
CA GLU D 1167 57.87 -89.71 56.42
C GLU D 1167 57.62 -89.25 55.00
N VAL D 1168 57.94 -87.98 54.73
CA VAL D 1168 57.75 -87.40 53.40
C VAL D 1168 58.69 -88.08 52.41
N LEU D 1169 58.13 -88.57 51.31
CA LEU D 1169 58.91 -89.25 50.31
C LEU D 1169 59.74 -88.25 49.50
N MET D 1170 60.88 -88.72 49.01
CA MET D 1170 61.82 -87.89 48.29
C MET D 1170 61.93 -88.40 46.85
N SER D 1171 61.85 -87.49 45.89
CA SER D 1171 62.05 -87.82 44.49
C SER D 1171 63.54 -87.99 44.21
N ASP D 1172 63.87 -88.26 42.94
CA ASP D 1172 65.27 -88.36 42.55
C ASP D 1172 65.86 -86.98 42.25
N SER D 1173 65.65 -86.03 43.15
CA SER D 1173 66.10 -84.64 43.08
C SER D 1173 65.82 -84.03 44.46
N GLY D 1174 66.02 -82.73 44.57
CA GLY D 1174 65.73 -82.04 45.82
C GLY D 1174 64.28 -81.69 46.04
N SER D 1175 63.39 -82.04 45.12
CA SER D 1175 61.98 -81.69 45.24
C SER D 1175 61.32 -82.52 46.34
N GLU D 1176 60.60 -81.84 47.23
CA GLU D 1176 59.86 -82.48 48.30
C GLU D 1176 58.38 -82.65 47.99
N THR D 1177 57.94 -82.24 46.80
CA THR D 1177 56.56 -82.39 46.37
C THR D 1177 56.51 -83.23 45.11
N ALA D 1178 55.70 -84.29 45.12
CA ALA D 1178 55.67 -85.25 44.02
C ALA D 1178 55.17 -84.61 42.73
N PHE D 1179 54.06 -83.89 42.79
CA PHE D 1179 53.51 -83.27 41.60
C PHE D 1179 53.33 -81.78 41.83
N ARG D 1180 53.67 -80.99 40.83
CA ARG D 1180 53.70 -79.54 40.94
C ARG D 1180 52.98 -78.94 39.74
N GLU D 1181 52.45 -77.73 39.94
CA GLU D 1181 51.76 -76.92 38.92
C GLU D 1181 50.60 -77.70 38.30
N ILE D 1182 49.64 -78.07 39.14
CA ILE D 1182 48.43 -78.75 38.71
C ILE D 1182 47.26 -77.78 38.72
N GLU D 1183 46.56 -77.72 37.58
CA GLU D 1183 45.38 -76.86 37.49
C GLU D 1183 44.24 -77.46 38.30
N ILE D 1184 43.40 -76.57 38.84
CA ILE D 1184 42.27 -76.99 39.66
C ILE D 1184 41.31 -77.85 38.83
N GLY D 1185 40.99 -77.40 37.62
CA GLY D 1185 40.14 -78.13 36.69
C GLY D 1185 38.76 -78.39 37.26
N ASP D 1186 38.30 -79.62 37.09
CA ASP D 1186 37.03 -80.03 37.66
C ASP D 1186 37.13 -80.29 39.15
N GLY D 1187 38.33 -80.54 39.65
CA GLY D 1187 38.56 -80.96 41.02
C GLY D 1187 39.20 -82.35 41.06
N PHE D 1188 39.43 -82.80 42.28
CA PHE D 1188 40.14 -84.06 42.47
C PHE D 1188 39.40 -84.96 43.45
N LEU D 1189 39.52 -86.27 43.20
CA LEU D 1189 38.92 -87.31 44.01
C LEU D 1189 40.01 -88.25 44.51
N PRO D 1190 40.00 -88.62 45.80
CA PRO D 1190 40.89 -89.66 46.30
C PRO D 1190 40.64 -90.98 45.59
N VAL D 1191 41.70 -91.55 45.02
CA VAL D 1191 41.54 -92.73 44.17
C VAL D 1191 42.58 -93.79 44.58
N CYS D 1192 42.26 -95.04 44.28
CA CYS D 1192 43.18 -96.15 44.48
C CYS D 1192 42.74 -97.31 43.59
N SER D 1193 43.66 -98.25 43.37
CA SER D 1193 43.39 -99.44 42.59
C SER D 1193 44.24 -100.58 43.13
N LEU D 1194 43.80 -101.80 42.85
CA LEU D 1194 44.47 -103.01 43.31
C LEU D 1194 44.56 -104.02 42.18
N GLY D 1195 45.74 -104.63 42.05
CA GLY D 1195 45.99 -105.70 41.11
C GLY D 1195 45.47 -107.02 41.64
N PRO D 1196 45.73 -108.12 40.92
CA PRO D 1196 45.24 -109.43 41.36
C PRO D 1196 45.82 -109.83 42.72
N GLY D 1197 44.97 -110.44 43.55
CA GLY D 1197 45.34 -110.94 44.85
C GLY D 1197 45.88 -109.88 45.80
N GLN D 1198 45.20 -108.73 45.91
CA GLN D 1198 45.70 -107.66 46.76
C GLN D 1198 44.64 -107.20 47.75
N VAL D 1199 45.11 -106.71 48.90
CA VAL D 1199 44.23 -106.18 49.95
C VAL D 1199 44.73 -104.79 50.36
N GLY D 1200 43.80 -103.83 50.42
CA GLY D 1200 44.12 -102.47 50.79
C GLY D 1200 43.10 -101.87 51.73
N HIS D 1201 43.55 -101.12 52.72
CA HIS D 1201 42.65 -100.47 53.68
C HIS D 1201 42.68 -98.98 53.40
N LEU D 1202 41.56 -98.43 52.97
CA LEU D 1202 41.48 -97.02 52.62
C LEU D 1202 40.79 -96.28 53.76
N ASN D 1203 41.50 -95.33 54.37
CA ASN D 1203 40.96 -94.55 55.47
C ASN D 1203 40.84 -93.10 55.01
N LEU D 1204 39.64 -92.67 54.69
CA LEU D 1204 39.39 -91.30 54.25
C LEU D 1204 39.31 -90.32 55.41
N GLY D 1205 39.48 -90.79 56.65
CA GLY D 1205 39.53 -89.91 57.80
C GLY D 1205 38.19 -89.43 58.29
N GLN D 1206 37.16 -90.29 58.22
CA GLN D 1206 35.87 -89.94 58.81
C GLN D 1206 35.99 -89.74 60.31
N ASP D 1207 36.74 -90.60 60.98
CA ASP D 1207 37.12 -90.41 62.38
C ASP D 1207 38.57 -89.95 62.43
N VAL D 1208 38.79 -88.73 62.94
CA VAL D 1208 40.12 -88.13 62.95
C VAL D 1208 41.05 -88.94 63.87
N SER D 1209 40.52 -89.45 64.98
CA SER D 1209 41.33 -90.21 65.94
C SER D 1209 41.83 -91.52 65.35
N SER D 1210 41.05 -92.14 64.47
CA SER D 1210 41.42 -93.40 63.84
C SER D 1210 42.66 -93.31 62.96
N LEU D 1211 42.99 -92.11 62.49
CA LEU D 1211 44.20 -91.93 61.70
C LEU D 1211 45.43 -92.12 62.57
N ARG D 1212 46.52 -92.57 61.94
CA ARG D 1212 47.75 -92.91 62.64
C ARG D 1212 48.85 -91.87 62.45
N PHE D 1213 49.19 -91.56 61.20
CA PHE D 1213 50.31 -90.68 60.88
C PHE D 1213 49.88 -89.25 60.63
N PHE D 1214 48.60 -88.92 60.87
CA PHE D 1214 48.14 -87.54 60.71
C PHE D 1214 48.82 -86.61 61.71
N ALA D 1215 49.00 -87.08 62.95
CA ALA D 1215 49.71 -86.27 63.94
C ALA D 1215 51.16 -86.07 63.54
N ILE D 1216 51.80 -87.13 63.04
CA ILE D 1216 53.20 -87.05 62.60
C ILE D 1216 53.32 -86.11 61.40
N CYS D 1217 52.44 -86.26 60.42
CA CYS D 1217 52.50 -85.44 59.23
C CYS D 1217 51.10 -85.00 58.84
N GLY D 1218 50.94 -83.69 58.63
CA GLY D 1218 49.67 -83.16 58.17
C GLY D 1218 48.94 -82.26 59.14
N LEU D 1219 48.96 -82.62 60.43
CA LEU D 1219 48.21 -81.87 61.44
C LEU D 1219 48.72 -80.45 61.59
N GLN D 1220 50.04 -80.26 61.61
CA GLN D 1220 50.61 -78.94 61.81
C GLN D 1220 50.74 -78.15 60.52
N GLU D 1221 50.51 -78.77 59.37
CA GLU D 1221 50.63 -78.09 58.09
C GLU D 1221 49.35 -77.38 57.65
N GLY D 1222 48.30 -77.41 58.48
CA GLY D 1222 47.02 -76.88 58.06
C GLY D 1222 46.15 -77.84 57.28
N PHE D 1223 46.57 -79.09 57.13
CA PHE D 1223 45.80 -80.06 56.36
C PHE D 1223 44.60 -80.55 57.17
N GLU D 1224 43.62 -81.10 56.45
CA GLU D 1224 42.40 -81.59 57.05
C GLU D 1224 42.11 -82.98 56.52
N PRO D 1225 41.46 -83.84 57.33
CA PRO D 1225 40.97 -85.12 56.80
C PRO D 1225 39.91 -84.88 55.73
N PHE D 1226 39.90 -85.79 54.75
CA PHE D 1226 38.99 -85.63 53.62
C PHE D 1226 37.52 -85.73 54.02
N ALA D 1227 37.23 -86.44 55.11
CA ALA D 1227 35.87 -86.64 55.58
C ALA D 1227 35.75 -86.20 57.02
N ILE D 1228 36.27 -85.00 57.30
CA ILE D 1228 36.40 -84.52 58.68
C ILE D 1228 35.05 -84.36 59.37
N ASN D 1229 34.06 -83.82 58.67
CA ASN D 1229 32.73 -83.62 59.24
C ASN D 1229 31.76 -84.29 58.29
N MET D 1230 31.56 -85.60 58.46
CA MET D 1230 30.63 -86.37 57.66
C MET D 1230 29.99 -87.44 58.53
N GLN D 1231 28.67 -87.61 58.38
CA GLN D 1231 27.93 -88.58 59.17
CA GLN D 1231 27.93 -88.58 59.17
C GLN D 1231 27.98 -89.97 58.56
N ARG D 1232 27.50 -90.10 57.34
CA ARG D 1232 27.54 -91.40 56.69
C ARG D 1232 28.92 -91.66 56.09
N PRO D 1233 29.32 -92.93 55.96
CA PRO D 1233 30.59 -93.24 55.29
C PRO D 1233 30.56 -92.76 53.84
N VAL D 1234 31.72 -92.31 53.37
CA VAL D 1234 31.84 -91.75 52.02
C VAL D 1234 31.53 -92.82 50.99
N THR D 1235 30.59 -92.52 50.10
CA THR D 1235 30.20 -93.46 49.06
C THR D 1235 31.34 -93.63 48.06
N THR D 1236 31.67 -94.88 47.77
CA THR D 1236 32.74 -95.21 46.84
C THR D 1236 32.17 -95.93 45.62
N TRP D 1237 32.72 -95.59 44.47
CA TRP D 1237 32.35 -96.20 43.20
C TRP D 1237 33.55 -97.03 42.77
N PHE D 1238 33.31 -98.32 42.56
CA PHE D 1238 34.33 -99.22 42.06
C PHE D 1238 34.11 -99.51 40.58
N SER D 1239 35.13 -100.08 39.96
CA SER D 1239 35.05 -100.42 38.54
C SER D 1239 34.59 -101.86 38.41
N LYS D 1240 33.42 -102.06 37.82
CA LYS D 1240 32.82 -103.37 37.64
C LYS D 1240 33.31 -103.95 36.32
N SER D 1241 33.92 -105.13 36.38
CA SER D 1241 34.47 -105.79 35.20
C SER D 1241 33.43 -106.72 34.56
N LEU D 1242 32.26 -106.17 34.26
CA LEU D 1242 31.20 -106.91 33.58
C LEU D 1242 30.86 -106.18 32.29
N PRO D 1243 31.00 -106.83 31.13
CA PRO D 1243 30.70 -106.16 29.85
C PRO D 1243 29.25 -105.72 29.77
N GLN D 1244 29.05 -104.56 29.15
CA GLN D 1244 27.71 -104.01 28.95
C GLN D 1244 27.63 -103.40 27.56
N PHE D 1245 26.42 -103.19 27.07
CA PHE D 1245 26.22 -102.59 25.77
C PHE D 1245 25.95 -101.10 25.93
N GLU D 1246 26.82 -100.26 25.36
CA GLU D 1246 26.63 -98.83 25.40
C GLU D 1246 26.64 -98.27 23.99
N PRO D 1247 25.94 -97.16 23.73
CA PRO D 1247 25.96 -96.57 22.39
C PRO D 1247 27.36 -96.11 22.00
N VAL D 1248 27.64 -96.18 20.71
CA VAL D 1248 28.93 -95.75 20.16
C VAL D 1248 29.09 -94.25 20.35
N PRO D 1249 30.13 -93.81 21.05
CA PRO D 1249 30.34 -92.37 21.28
C PRO D 1249 30.53 -91.63 19.98
N PRO D 1250 29.92 -90.44 19.85
CA PRO D 1250 30.11 -89.65 18.61
C PRO D 1250 31.53 -89.17 18.39
N GLU D 1251 32.36 -89.17 19.43
CA GLU D 1251 33.74 -88.69 19.34
C GLU D 1251 34.75 -89.83 19.22
N HIS D 1252 34.29 -91.07 19.03
CA HIS D 1252 35.17 -92.24 19.02
C HIS D 1252 36.17 -92.18 17.87
N PRO D 1253 37.47 -92.26 18.15
CA PRO D 1253 38.49 -92.12 17.09
C PRO D 1253 38.42 -93.20 16.01
N HIS D 1254 38.08 -94.44 16.37
CA HIS D 1254 38.19 -95.55 15.44
C HIS D 1254 36.87 -95.88 14.74
N TYR D 1255 35.80 -96.08 15.51
CA TYR D 1255 34.53 -96.52 14.96
C TYR D 1255 33.56 -95.36 14.84
N GLU D 1256 32.81 -95.34 13.73
CA GLU D 1256 31.75 -94.36 13.55
C GLU D 1256 30.56 -95.06 12.90
N VAL D 1257 29.36 -94.66 13.33
CA VAL D 1257 28.13 -95.24 12.83
C VAL D 1257 27.38 -94.15 12.06
N ALA D 1258 27.02 -94.44 10.82
CA ALA D 1258 26.37 -93.47 9.96
C ALA D 1258 24.94 -93.91 9.68
N ARG D 1259 23.99 -93.03 9.96
CA ARG D 1259 22.58 -93.27 9.66
C ARG D 1259 22.30 -92.78 8.26
N MET D 1260 21.83 -93.67 7.40
CA MET D 1260 21.58 -93.35 6.00
C MET D 1260 20.08 -93.25 5.76
N ASP D 1261 19.67 -92.18 5.09
CA ASP D 1261 18.27 -91.99 4.76
C ASP D 1261 17.82 -93.05 3.76
N GLY D 1262 16.63 -93.60 3.98
CA GLY D 1262 16.09 -94.59 3.09
C GLY D 1262 15.55 -93.98 1.81
N THR D 1263 16.10 -94.37 0.66
CA THR D 1263 15.67 -93.83 -0.61
C THR D 1263 14.43 -94.57 -1.08
N VAL D 1264 13.98 -94.28 -2.31
CA VAL D 1264 12.82 -94.94 -2.88
C VAL D 1264 13.10 -96.42 -3.14
N ASP D 1265 14.34 -96.77 -3.52
CA ASP D 1265 14.69 -98.14 -3.84
C ASP D 1265 15.54 -98.83 -2.79
N THR D 1266 16.08 -98.09 -1.82
CA THR D 1266 16.92 -98.71 -0.82
C THR D 1266 16.34 -98.49 0.58
N PRO D 1267 16.45 -99.47 1.47
CA PRO D 1267 15.94 -99.31 2.83
C PRO D 1267 16.87 -98.43 3.64
N PRO D 1268 16.40 -97.87 4.77
CA PRO D 1268 17.30 -97.11 5.65
C PRO D 1268 18.41 -97.99 6.20
N CYS D 1269 19.58 -97.38 6.37
CA CYS D 1269 20.79 -98.11 6.71
C CYS D 1269 21.46 -97.51 7.94
N LEU D 1270 22.11 -98.41 8.69
CA LEU D 1270 22.96 -98.10 9.84
C LEU D 1270 24.33 -98.65 9.48
N ARG D 1271 25.14 -97.84 8.80
CA ARG D 1271 26.41 -98.30 8.28
C ARG D 1271 27.51 -98.06 9.30
N LEU D 1272 28.40 -99.03 9.45
CA LEU D 1272 29.60 -98.89 10.26
C LEU D 1272 30.79 -98.69 9.35
N ALA D 1273 31.63 -97.71 9.67
CA ALA D 1273 32.83 -97.45 8.88
C ALA D 1273 34.00 -97.20 9.81
N HIS D 1274 35.08 -97.94 9.59
CA HIS D 1274 36.28 -97.76 10.40
C HIS D 1274 36.98 -96.47 9.97
N ARG D 1275 37.16 -95.56 10.92
CA ARG D 1275 37.75 -94.26 10.58
C ARG D 1275 39.23 -94.39 10.22
N THR D 1276 39.99 -95.11 11.04
CA THR D 1276 41.44 -95.17 10.90
C THR D 1276 41.94 -96.52 10.40
N TRP D 1277 41.15 -97.21 9.57
CA TRP D 1277 41.56 -98.50 9.05
C TRP D 1277 42.74 -98.36 8.11
N GLY D 1278 43.85 -99.00 8.45
CA GLY D 1278 45.04 -99.04 7.64
C GLY D 1278 46.10 -98.03 8.04
N SER D 1279 45.73 -97.02 8.80
CA SER D 1279 46.68 -96.00 9.21
C SER D 1279 47.50 -96.48 10.41
N GLN D 1280 48.49 -95.68 10.78
CA GLN D 1280 49.31 -95.98 11.95
C GLN D 1280 48.49 -95.77 13.22
N ASN D 1281 48.80 -96.58 14.25
CA ASN D 1281 48.10 -96.63 15.54
C ASN D 1281 46.63 -96.98 15.39
N SER D 1282 46.29 -97.74 14.35
CA SER D 1282 44.93 -98.20 14.17
C SER D 1282 44.58 -99.25 15.21
N LEU D 1283 43.31 -99.28 15.60
CA LEU D 1283 42.80 -100.23 16.57
C LEU D 1283 41.97 -101.25 15.80
N VAL D 1284 42.36 -102.52 15.89
CA VAL D 1284 41.64 -103.62 15.27
C VAL D 1284 41.44 -104.69 16.34
N GLU D 1285 40.18 -105.06 16.57
CA GLU D 1285 39.85 -106.05 17.60
C GLU D 1285 38.45 -106.59 17.34
N MET D 1286 38.12 -107.66 18.05
CA MET D 1286 36.79 -108.27 18.00
C MET D 1286 35.75 -107.29 18.51
N LEU D 1287 34.81 -106.88 17.65
CA LEU D 1287 33.83 -105.86 17.97
C LEU D 1287 32.44 -106.45 18.05
N PHE D 1288 31.75 -106.17 19.15
CA PHE D 1288 30.39 -106.68 19.37
C PHE D 1288 29.43 -105.51 19.21
N LEU D 1289 28.42 -105.69 18.34
CA LEU D 1289 27.41 -104.69 18.05
C LEU D 1289 26.03 -105.28 18.26
N ARG D 1290 25.13 -104.47 18.83
CA ARG D 1290 23.73 -104.83 18.94
C ARG D 1290 22.90 -103.57 18.79
N LEU D 1291 21.66 -103.74 18.34
CA LEU D 1291 20.77 -102.60 18.22
C LEU D 1291 20.21 -102.23 19.58
N SER D 1292 19.72 -101.00 19.68
CA SER D 1292 19.27 -100.51 20.98
C SER D 1292 17.95 -101.14 21.40
N LEU D 1293 17.01 -101.27 20.46
CA LEU D 1293 15.73 -101.78 20.96
C LEU D 1293 15.55 -103.24 20.61
N PRO D 1294 14.99 -104.04 21.51
CA PRO D 1294 14.79 -105.47 21.22
C PRO D 1294 13.42 -105.77 20.63
N VAL D 1295 13.20 -107.04 20.30
CA VAL D 1295 11.88 -107.53 19.90
C VAL D 1295 11.51 -108.67 20.84
N GLN D 1296 10.25 -108.72 21.24
CA GLN D 1296 9.77 -109.71 22.19
C GLN D 1296 8.79 -110.65 21.50
N PHE D 1297 8.95 -111.95 21.77
CA PHE D 1297 8.06 -112.93 21.18
C PHE D 1297 6.72 -112.95 21.90
N HIS D 1298 5.70 -113.42 21.19
CA HIS D 1298 4.34 -113.43 21.69
C HIS D 1298 4.19 -114.36 22.90
N GLN D 1299 3.17 -114.07 23.70
CA GLN D 1299 2.96 -114.78 24.97
C GLN D 1299 2.63 -116.25 24.74
N HIS D 1300 1.74 -116.54 23.81
CA HIS D 1300 1.31 -117.90 23.52
C HIS D 1300 1.57 -118.21 22.06
N PHE D 1301 2.30 -119.29 21.81
CA PHE D 1301 2.59 -119.68 20.44
C PHE D 1301 1.35 -120.26 19.78
N ARG D 1302 1.28 -120.13 18.45
CA ARG D 1302 0.14 -120.62 17.70
C ARG D 1302 0.08 -122.14 17.74
N CYS D 1303 -1.14 -122.67 17.67
CA CYS D 1303 -1.37 -124.10 17.78
C CYS D 1303 -0.79 -124.83 16.57
N THR D 1304 -0.23 -126.02 16.84
CA THR D 1304 0.35 -126.94 15.85
C THR D 1304 1.44 -126.30 15.00
N ASP D 1419 7.04 -107.10 -9.62
CA ASP D 1419 6.41 -107.96 -8.62
C ASP D 1419 6.85 -107.49 -7.24
N ASN D 1420 7.07 -108.46 -6.33
CA ASN D 1420 7.45 -108.23 -4.92
C ASN D 1420 6.43 -107.33 -4.20
N ARG D 1421 5.17 -107.39 -4.63
CA ARG D 1421 4.10 -106.62 -3.99
C ARG D 1421 3.44 -107.51 -2.95
N ASP D 1422 3.48 -107.06 -1.70
CA ASP D 1422 2.89 -107.83 -0.60
C ASP D 1422 1.38 -107.90 -0.71
N ASP D 1423 0.85 -109.08 -0.45
CA ASP D 1423 -0.59 -109.32 -0.44
C ASP D 1423 -1.17 -108.56 0.76
N PRO D 1424 -2.13 -107.65 0.58
CA PRO D 1424 -2.64 -106.86 1.72
C PRO D 1424 -3.21 -107.68 2.87
N GLU D 1425 -3.91 -108.77 2.57
CA GLU D 1425 -4.47 -109.58 3.64
C GLU D 1425 -3.42 -110.42 4.35
N ILE D 1426 -2.40 -110.87 3.62
CA ILE D 1426 -1.33 -111.61 4.26
C ILE D 1426 -0.49 -110.66 5.12
N ILE D 1427 -0.20 -109.46 4.58
CA ILE D 1427 0.71 -108.53 5.24
C ILE D 1427 0.09 -107.99 6.52
N LEU D 1428 -1.24 -107.78 6.56
CA LEU D 1428 -1.84 -107.25 7.78
C LEU D 1428 -2.00 -108.27 8.88
N ASN D 1429 -1.74 -109.56 8.60
CA ASN D 1429 -1.90 -110.61 9.59
C ASN D 1429 -0.61 -111.34 9.93
N THR D 1430 0.41 -111.28 9.08
CA THR D 1430 1.65 -112.02 9.32
C THR D 1430 2.40 -111.53 10.56
N THR D 1431 3.09 -112.46 11.21
CA THR D 1431 3.92 -112.18 12.38
C THR D 1431 5.39 -112.50 12.11
N THR D 1432 5.82 -112.31 10.87
CA THR D 1432 7.19 -112.56 10.45
C THR D 1432 7.88 -111.22 10.16
N TYR D 1433 9.09 -111.09 10.68
CA TYR D 1433 9.87 -109.87 10.56
C TYR D 1433 11.29 -110.18 10.06
N TYR D 1434 11.77 -109.35 9.14
CA TYR D 1434 13.01 -109.57 8.41
C TYR D 1434 13.91 -108.35 8.51
N TYR D 1435 15.22 -108.60 8.56
CA TYR D 1435 16.18 -107.52 8.37
C TYR D 1435 17.38 -108.07 7.61
N SER D 1436 18.06 -107.20 6.88
CA SER D 1436 19.17 -107.62 6.06
C SER D 1436 20.42 -106.86 6.48
N VAL D 1437 21.54 -107.57 6.57
CA VAL D 1437 22.82 -106.96 6.86
C VAL D 1437 23.74 -107.17 5.65
N ARG D 1438 24.46 -106.14 5.27
CA ARG D 1438 25.30 -106.18 4.08
C ARG D 1438 26.75 -106.01 4.54
N VAL D 1439 27.49 -107.10 4.49
CA VAL D 1439 28.93 -107.07 4.78
C VAL D 1439 29.62 -106.52 3.55
N PHE D 1440 30.39 -105.45 3.73
CA PHE D 1440 30.97 -104.77 2.58
C PHE D 1440 32.10 -105.61 1.96
N ALA D 1441 32.38 -105.31 0.69
CA ALA D 1441 33.53 -105.90 0.01
C ALA D 1441 34.82 -105.47 0.69
N GLY D 1442 35.76 -106.40 0.80
CA GLY D 1442 36.98 -106.17 1.53
C GLY D 1442 36.92 -106.55 2.98
N GLN D 1443 35.72 -106.72 3.54
CA GLN D 1443 35.54 -107.21 4.89
C GLN D 1443 35.38 -108.73 4.83
N GLU D 1444 36.23 -109.45 5.55
CA GLU D 1444 36.29 -110.90 5.48
C GLU D 1444 35.04 -111.52 6.09
N PRO D 1445 34.28 -112.33 5.35
CA PRO D 1445 33.19 -113.10 5.97
C PRO D 1445 33.65 -114.13 7.00
N SER D 1446 34.94 -114.47 7.05
CA SER D 1446 35.47 -115.42 8.02
C SER D 1446 35.41 -114.91 9.46
N CYS D 1447 35.15 -113.63 9.68
CA CYS D 1447 35.08 -113.03 11.00
C CYS D 1447 33.82 -112.20 11.15
N VAL D 1448 32.68 -112.77 10.72
CA VAL D 1448 31.39 -112.11 10.76
C VAL D 1448 30.40 -113.08 11.40
N TRP D 1449 29.59 -112.58 12.33
CA TRP D 1449 28.54 -113.38 12.96
C TRP D 1449 27.30 -112.51 13.08
N VAL D 1450 26.18 -113.01 12.56
CA VAL D 1450 24.93 -112.23 12.46
C VAL D 1450 23.79 -113.04 13.06
N GLY D 1451 23.00 -112.40 13.93
CA GLY D 1451 21.83 -113.03 14.51
C GLY D 1451 21.19 -112.20 15.61
N TRP D 1452 20.86 -112.83 16.73
CA TRP D 1452 20.18 -112.14 17.82
C TRP D 1452 20.79 -112.56 19.15
N VAL D 1453 20.69 -111.66 20.13
CA VAL D 1453 21.21 -111.91 21.49
C VAL D 1453 20.17 -111.51 22.53
N THR D 1454 20.03 -112.35 23.55
CA THR D 1454 19.21 -112.04 24.70
C THR D 1454 19.88 -110.93 25.51
N PRO D 1455 19.13 -110.17 26.33
CA PRO D 1455 19.74 -109.06 27.07
C PRO D 1455 20.77 -109.44 28.14
N ASP D 1456 21.11 -110.71 28.32
CA ASP D 1456 22.08 -111.12 29.33
C ASP D 1456 23.38 -111.64 28.70
N TYR D 1457 23.69 -111.21 27.48
CA TYR D 1457 24.96 -111.57 26.84
C TYR D 1457 26.05 -110.66 27.38
N HIS D 1458 27.08 -111.24 28.01
CA HIS D 1458 28.21 -110.48 28.53
C HIS D 1458 29.52 -111.21 28.22
N GLN D 1459 29.66 -111.72 27.01
CA GLN D 1459 30.81 -112.51 26.60
C GLN D 1459 31.70 -111.63 25.72
N HIS D 1460 32.76 -111.10 26.30
CA HIS D 1460 33.69 -110.19 25.63
C HIS D 1460 35.00 -110.94 25.42
N ASP D 1461 35.10 -111.62 24.27
CA ASP D 1461 36.27 -112.41 23.93
C ASP D 1461 36.90 -111.89 22.64
N MET D 1462 38.22 -111.71 22.66
CA MET D 1462 38.96 -111.32 21.47
C MET D 1462 39.13 -112.45 20.47
N ASN D 1463 38.84 -113.69 20.86
CA ASN D 1463 38.99 -114.82 19.95
C ASN D 1463 37.65 -115.49 19.77
N PHE D 1464 36.61 -114.68 19.55
CA PHE D 1464 35.25 -115.19 19.53
C PHE D 1464 35.02 -116.14 18.36
N ASP D 1465 34.28 -117.22 18.64
CA ASP D 1465 33.83 -118.17 17.64
C ASP D 1465 32.58 -118.85 18.19
N LEU D 1466 31.84 -119.52 17.30
CA LEU D 1466 30.56 -120.14 17.65
C LEU D 1466 30.69 -121.22 18.72
N SER D 1467 31.88 -121.79 18.92
CA SER D 1467 32.08 -122.78 19.98
C SER D 1467 31.90 -122.15 21.36
N LYS D 1468 32.41 -120.94 21.55
CA LYS D 1468 32.34 -120.26 22.84
C LYS D 1468 30.92 -119.82 23.22
N VAL D 1469 29.96 -119.88 22.28
CA VAL D 1469 28.58 -119.51 22.56
C VAL D 1469 28.02 -120.39 23.69
N ARG D 1470 27.50 -119.74 24.73
CA ARG D 1470 26.91 -120.46 25.83
C ARG D 1470 25.59 -121.09 25.41
N ALA D 1471 25.42 -122.38 25.71
CA ALA D 1471 24.20 -123.08 25.38
C ALA D 1471 23.99 -124.19 26.41
N VAL D 1472 22.73 -124.55 26.63
CA VAL D 1472 22.40 -125.64 27.54
C VAL D 1472 21.04 -126.19 27.12
N THR D 1473 20.87 -127.50 27.24
CA THR D 1473 19.63 -128.17 26.90
C THR D 1473 19.00 -128.72 28.17
N VAL D 1474 17.77 -128.34 28.45
CA VAL D 1474 17.07 -128.88 29.59
C VAL D 1474 16.27 -130.10 29.12
N THR D 1475 16.45 -131.21 29.85
CA THR D 1475 15.82 -132.48 29.53
C THR D 1475 14.86 -132.86 30.65
N MET D 1476 13.60 -133.08 30.30
CA MET D 1476 12.55 -133.42 31.23
C MET D 1476 11.83 -134.66 30.74
N GLY D 1477 11.51 -135.54 31.68
CA GLY D 1477 10.83 -136.79 31.43
C GLY D 1477 10.00 -137.14 32.64
N ASP D 1478 9.30 -138.27 32.57
CA ASP D 1478 8.50 -138.72 33.71
C ASP D 1478 9.41 -139.41 34.73
N GLU D 1479 8.79 -140.10 35.69
CA GLU D 1479 9.50 -140.78 36.78
C GLU D 1479 10.53 -141.80 36.26
N GLN D 1480 10.25 -142.45 35.12
CA GLN D 1480 11.15 -143.45 34.54
C GLN D 1480 11.48 -143.02 33.10
N GLY D 1481 12.50 -142.18 32.98
CA GLY D 1481 13.00 -141.69 31.69
C GLY D 1481 11.92 -140.97 30.91
N ASN D 1482 11.69 -141.45 29.68
CA ASN D 1482 10.63 -141.01 28.76
C ASN D 1482 10.61 -139.49 28.58
N VAL D 1483 11.69 -139.00 27.97
CA VAL D 1483 11.89 -137.57 27.74
C VAL D 1483 10.72 -136.99 26.95
N HIS D 1484 10.02 -136.04 27.55
CA HIS D 1484 8.92 -135.35 26.90
C HIS D 1484 9.15 -133.85 26.75
N SER D 1485 10.29 -133.34 27.21
CA SER D 1485 10.56 -131.91 27.07
C SER D 1485 12.06 -131.68 26.97
N SER D 1486 12.51 -131.17 25.84
CA SER D 1486 13.93 -130.92 25.63
C SER D 1486 14.06 -129.58 24.95
N LEU D 1487 14.48 -128.57 25.71
CA LEU D 1487 14.62 -127.22 25.18
C LEU D 1487 16.08 -126.79 25.18
N LYS D 1488 16.38 -125.77 24.38
CA LYS D 1488 17.71 -125.19 24.33
C LYS D 1488 17.69 -123.73 24.76
N CYS D 1489 18.55 -123.39 25.71
CA CYS D 1489 18.69 -122.06 26.27
C CYS D 1489 20.05 -121.51 25.86
N SER D 1490 20.06 -120.28 25.39
CA SER D 1490 21.29 -119.63 24.97
C SER D 1490 21.11 -118.13 25.09
N ASN D 1491 22.21 -117.44 25.37
CA ASN D 1491 22.20 -115.98 25.34
C ASN D 1491 22.64 -115.42 24.00
N CYS D 1492 22.88 -116.31 23.03
CA CYS D 1492 23.55 -115.92 21.81
C CYS D 1492 23.07 -116.84 20.69
N TYR D 1493 22.45 -116.26 19.66
CA TYR D 1493 21.94 -117.02 18.52
C TYR D 1493 22.41 -116.33 17.24
N MET D 1494 23.60 -116.70 16.75
CA MET D 1494 24.04 -116.23 15.44
C MET D 1494 24.65 -117.38 14.67
N VAL D 1495 24.87 -117.13 13.38
CA VAL D 1495 25.58 -118.04 12.51
C VAL D 1495 26.95 -117.48 12.23
N TRP D 1496 27.80 -118.28 11.59
CA TRP D 1496 29.11 -117.82 11.16
C TRP D 1496 29.03 -117.40 9.70
N GLY D 1497 29.63 -116.25 9.39
CA GLY D 1497 29.64 -115.75 8.02
C GLY D 1497 30.51 -116.56 7.09
N GLY D 1498 31.41 -117.39 7.63
CA GLY D 1498 32.25 -118.23 6.81
C GLY D 1498 31.56 -119.43 6.21
N ASP D 1499 30.34 -119.71 6.63
CA ASP D 1499 29.55 -120.78 6.04
C ASP D 1499 28.75 -120.31 4.83
N PHE D 1500 28.72 -119.00 4.58
CA PHE D 1500 27.95 -118.44 3.48
C PHE D 1500 28.85 -117.99 2.32
N VAL D 1501 30.14 -118.27 2.40
CA VAL D 1501 31.11 -117.90 1.38
C VAL D 1501 31.56 -119.15 0.65
N SER D 1502 31.60 -119.08 -0.68
CA SER D 1502 32.03 -120.22 -1.48
C SER D 1502 33.50 -120.52 -1.19
N PRO D 1503 33.90 -121.80 -1.21
CA PRO D 1503 35.30 -122.15 -0.95
C PRO D 1503 36.25 -121.80 -2.10
N GLY D 1504 36.39 -120.52 -2.41
CA GLY D 1504 37.28 -120.11 -3.47
C GLY D 1504 38.73 -120.35 -3.11
N GLN D 1505 39.53 -120.68 -4.14
CA GLN D 1505 40.96 -120.92 -3.93
C GLN D 1505 41.68 -119.67 -3.47
N GLN D 1506 41.30 -118.52 -4.02
CA GLN D 1506 41.92 -117.25 -3.69
C GLN D 1506 40.94 -116.15 -4.05
N GLY D 1507 41.26 -114.93 -3.63
CA GLY D 1507 40.40 -113.79 -3.87
C GLY D 1507 39.24 -113.77 -2.89
N ARG D 1508 39.57 -113.95 -1.60
CA ARG D 1508 38.58 -113.95 -0.53
C ARG D 1508 37.84 -112.62 -0.39
N ILE D 1509 38.40 -111.54 -0.93
CA ILE D 1509 37.70 -110.26 -1.03
C ILE D 1509 36.63 -110.44 -2.09
N SER D 1510 35.38 -110.56 -1.65
CA SER D 1510 34.28 -110.87 -2.56
C SER D 1510 33.93 -109.66 -3.40
N HIS D 1511 33.83 -109.86 -4.71
CA HIS D 1511 33.35 -108.81 -5.61
C HIS D 1511 31.88 -108.48 -5.40
N THR D 1512 31.12 -109.38 -4.77
CA THR D 1512 29.72 -109.17 -4.45
C THR D 1512 29.56 -109.20 -2.94
N ASP D 1513 28.89 -108.18 -2.38
CA ASP D 1513 28.74 -108.08 -0.94
C ASP D 1513 27.81 -109.17 -0.43
N LEU D 1514 28.20 -109.82 0.65
CA LEU D 1514 27.33 -110.83 1.26
C LEU D 1514 26.18 -110.15 1.99
N VAL D 1515 24.95 -110.51 1.62
CA VAL D 1515 23.78 -109.90 2.21
C VAL D 1515 23.07 -110.94 3.06
N ILE D 1516 23.44 -111.03 4.33
CA ILE D 1516 22.84 -112.02 5.22
C ILE D 1516 21.48 -111.49 5.65
N GLY D 1517 20.43 -112.28 5.44
CA GLY D 1517 19.10 -111.92 5.88
C GLY D 1517 18.71 -112.74 7.08
N CYS D 1518 17.85 -112.18 7.91
CA CYS D 1518 17.35 -112.90 9.08
C CYS D 1518 15.86 -112.68 9.20
N LEU D 1519 15.16 -113.75 9.58
CA LEU D 1519 13.72 -113.73 9.78
C LEU D 1519 13.39 -114.29 11.15
N VAL D 1520 12.29 -113.78 11.71
CA VAL D 1520 11.70 -114.28 12.95
C VAL D 1520 10.19 -114.31 12.80
N ASP D 1521 9.57 -115.24 13.52
CA ASP D 1521 8.12 -115.33 13.61
C ASP D 1521 7.76 -115.30 15.08
N LEU D 1522 7.03 -114.25 15.49
CA LEU D 1522 6.69 -114.10 16.90
C LEU D 1522 5.66 -115.12 17.35
N ALA D 1523 4.77 -115.54 16.46
CA ALA D 1523 3.72 -116.47 16.82
C ALA D 1523 4.20 -117.90 16.94
N THR D 1524 5.44 -118.19 16.56
CA THR D 1524 5.98 -119.54 16.68
C THR D 1524 7.33 -119.58 17.38
N GLY D 1525 8.01 -118.46 17.55
CA GLY D 1525 9.34 -118.47 18.13
C GLY D 1525 10.40 -119.05 17.24
N LEU D 1526 10.20 -119.00 15.92
CA LEU D 1526 11.11 -119.60 14.97
C LEU D 1526 11.90 -118.52 14.25
N MET D 1527 13.20 -118.74 14.11
CA MET D 1527 14.07 -117.81 13.38
C MET D 1527 14.87 -118.58 12.34
N THR D 1528 15.12 -117.89 11.23
CA THR D 1528 15.81 -118.46 10.08
C THR D 1528 16.80 -117.43 9.52
N PHE D 1529 17.70 -117.93 8.67
CA PHE D 1529 18.73 -117.13 8.03
C PHE D 1529 18.73 -117.42 6.53
N THR D 1530 19.01 -116.38 5.75
CA THR D 1530 19.07 -116.49 4.29
C THR D 1530 20.43 -115.98 3.83
N ALA D 1531 21.07 -116.72 2.93
CA ALA D 1531 22.43 -116.38 2.50
C ALA D 1531 22.44 -115.31 1.41
N ASN D 1532 21.90 -115.63 0.24
CA ASN D 1532 21.79 -114.64 -0.83
C ASN D 1532 20.44 -114.75 -1.51
N GLY D 1533 19.38 -114.89 -0.71
CA GLY D 1533 18.06 -115.21 -1.22
C GLY D 1533 17.72 -116.68 -1.14
N LYS D 1534 18.63 -117.49 -0.62
CA LYS D 1534 18.42 -118.92 -0.43
C LYS D 1534 18.62 -119.25 1.04
N GLU D 1535 17.78 -120.13 1.56
CA GLU D 1535 17.76 -120.41 2.98
C GLU D 1535 18.99 -121.21 3.40
N SER D 1536 19.16 -121.34 4.71
CA SER D 1536 20.26 -122.09 5.31
C SER D 1536 19.69 -123.13 6.25
N ASN D 1537 20.37 -124.28 6.34
CA ASN D 1537 19.87 -125.42 7.10
C ASN D 1537 19.76 -125.12 8.58
N THR D 1538 20.57 -124.18 9.09
CA THR D 1538 20.49 -123.79 10.48
C THR D 1538 19.18 -123.07 10.76
N PHE D 1539 18.57 -123.38 11.90
CA PHE D 1539 17.31 -122.78 12.31
C PHE D 1539 17.27 -122.73 13.82
N PHE D 1540 16.43 -121.86 14.37
CA PHE D 1540 16.38 -121.74 15.82
C PHE D 1540 14.94 -121.62 16.28
N GLN D 1541 14.62 -122.31 17.37
CA GLN D 1541 13.33 -122.19 18.02
C GLN D 1541 13.56 -121.79 19.47
N VAL D 1542 12.80 -120.80 19.94
CA VAL D 1542 12.98 -120.22 21.26
C VAL D 1542 11.65 -120.19 21.99
N GLU D 1543 11.74 -120.09 23.31
CA GLU D 1543 10.58 -120.05 24.18
C GLU D 1543 9.84 -118.72 24.02
N PRO D 1544 8.57 -118.66 24.40
CA PRO D 1544 7.87 -117.36 24.41
C PRO D 1544 8.44 -116.41 25.47
N ASN D 1545 7.98 -115.16 25.38
CA ASN D 1545 8.41 -114.06 26.26
C ASN D 1545 9.91 -113.85 26.21
N THR D 1546 10.48 -113.95 25.01
CA THR D 1546 11.91 -113.83 24.81
C THR D 1546 12.20 -112.50 24.13
N LYS D 1547 13.16 -111.76 24.68
CA LYS D 1547 13.63 -110.49 24.16
C LYS D 1547 14.94 -110.71 23.41
N LEU D 1548 14.98 -110.30 22.15
CA LEU D 1548 16.15 -110.50 21.30
C LEU D 1548 16.55 -109.20 20.63
N PHE D 1549 17.83 -108.86 20.73
CA PHE D 1549 18.46 -107.69 20.14
C PHE D 1549 19.18 -108.08 18.86
N PRO D 1550 18.91 -107.41 17.74
CA PRO D 1550 19.65 -107.65 16.49
C PRO D 1550 21.14 -107.37 16.69
N ALA D 1551 21.97 -108.37 16.46
CA ALA D 1551 23.39 -108.25 16.76
C ALA D 1551 24.26 -108.68 15.59
N VAL D 1552 25.43 -108.04 15.50
CA VAL D 1552 26.47 -108.38 14.53
C VAL D 1552 27.82 -108.29 15.23
N PHE D 1553 28.56 -109.39 15.25
CA PHE D 1553 29.90 -109.45 15.81
C PHE D 1553 30.87 -109.49 14.63
N VAL D 1554 31.79 -108.54 14.57
CA VAL D 1554 32.66 -108.44 13.40
C VAL D 1554 34.07 -108.02 13.82
N LEU D 1555 35.06 -108.60 13.13
CA LEU D 1555 36.43 -108.15 13.27
C LEU D 1555 36.78 -107.34 12.04
N PRO D 1556 37.06 -106.04 12.16
CA PRO D 1556 37.21 -105.19 10.98
C PRO D 1556 38.42 -105.56 10.12
N THR D 1557 38.18 -105.64 8.80
CA THR D 1557 39.26 -105.89 7.85
C THR D 1557 39.13 -104.98 6.62
N HIS D 1558 38.47 -103.83 6.74
CA HIS D 1558 38.26 -102.92 5.62
C HIS D 1558 37.79 -101.59 6.20
N GLN D 1559 37.88 -100.54 5.37
CA GLN D 1559 37.38 -99.23 5.75
C GLN D 1559 35.86 -99.25 5.96
N ASN D 1560 35.15 -99.91 5.06
CA ASN D 1560 33.70 -100.08 5.17
C ASN D 1560 33.45 -101.52 5.57
N VAL D 1561 32.69 -101.70 6.66
CA VAL D 1561 32.65 -103.02 7.29
C VAL D 1561 31.26 -103.65 7.17
N ILE D 1562 30.26 -103.02 7.81
CA ILE D 1562 28.92 -103.58 7.98
C ILE D 1562 27.90 -102.50 7.62
N GLN D 1563 26.70 -102.93 7.22
CA GLN D 1563 25.61 -102.01 6.97
C GLN D 1563 24.31 -102.70 7.33
N PHE D 1564 23.62 -102.20 8.37
CA PHE D 1564 22.30 -102.72 8.73
C PHE D 1564 21.24 -102.11 7.82
N GLU D 1565 20.63 -102.92 6.97
CA GLU D 1565 19.54 -102.49 6.12
C GLU D 1565 18.22 -102.93 6.75
N LEU D 1566 17.39 -101.95 7.11
CA LEU D 1566 16.08 -102.22 7.69
C LEU D 1566 15.10 -102.40 6.54
N GLY D 1567 15.20 -103.55 5.88
CA GLY D 1567 14.40 -103.86 4.72
C GLY D 1567 13.21 -104.73 5.03
N LYS D 1568 12.65 -105.30 3.97
CA LYS D 1568 11.49 -106.19 4.09
C LYS D 1568 11.44 -107.09 2.87
N GLN D 1569 11.01 -108.32 3.08
CA GLN D 1569 10.83 -109.27 1.98
C GLN D 1569 9.36 -109.30 1.61
N LYS D 1570 8.99 -110.22 0.72
CA LYS D 1570 7.61 -110.32 0.28
C LYS D 1570 6.73 -110.86 1.40
N ASN D 1571 5.64 -110.14 1.67
CA ASN D 1571 4.65 -110.46 2.72
C ASN D 1571 5.29 -110.59 4.10
N ILE D 1572 6.25 -109.71 4.40
CA ILE D 1572 6.96 -109.71 5.69
C ILE D 1572 7.07 -108.25 6.16
N MET D 1573 6.70 -108.00 7.44
CA MET D 1573 6.72 -106.70 8.07
C MET D 1573 8.16 -106.33 8.50
N PRO D 1574 8.50 -105.04 8.52
CA PRO D 1574 9.84 -104.63 8.97
C PRO D 1574 10.04 -104.61 10.47
N LEU D 1575 11.30 -104.38 10.86
CA LEU D 1575 11.65 -104.28 12.27
C LEU D 1575 11.02 -103.05 12.91
N SER D 1576 10.90 -101.95 12.15
CA SER D 1576 10.23 -100.77 12.67
C SER D 1576 8.76 -101.06 12.97
N ALA D 1577 8.19 -102.09 12.34
CA ALA D 1577 6.87 -102.58 12.64
C ALA D 1577 6.91 -103.68 13.69
N ALA D 1578 8.11 -104.11 14.09
CA ALA D 1578 8.25 -105.17 15.08
C ALA D 1578 8.54 -104.66 16.48
N MET D 1579 9.31 -103.58 16.60
CA MET D 1579 9.74 -103.08 17.89
C MET D 1579 9.03 -101.82 18.34
N PHE D 1580 8.16 -101.26 17.51
CA PHE D 1580 7.36 -100.10 17.88
C PHE D 1580 5.89 -100.47 17.88
N LEU D 1581 5.23 -100.20 19.01
CA LEU D 1581 3.84 -100.63 19.19
C LEU D 1581 2.89 -99.86 18.30
N SER D 1582 3.15 -98.57 18.09
CA SER D 1582 2.29 -97.74 17.27
C SER D 1582 2.57 -97.84 15.78
N GLU D 1583 3.31 -98.87 15.35
CA GLU D 1583 3.68 -99.05 13.95
C GLU D 1583 3.43 -100.49 13.50
N ARG D 1584 2.59 -101.24 14.23
CA ARG D 1584 2.40 -102.66 13.97
C ARG D 1584 1.74 -102.94 12.63
N LYS D 1585 1.06 -101.97 12.03
CA LYS D 1585 0.39 -102.15 10.75
C LYS D 1585 1.00 -101.30 9.66
N ASN D 1586 2.23 -100.82 9.86
CA ASN D 1586 2.88 -99.99 8.86
C ASN D 1586 3.99 -100.81 8.22
N PRO D 1587 3.86 -101.21 6.95
CA PRO D 1587 4.93 -101.99 6.31
C PRO D 1587 6.11 -101.15 5.85
N ALA D 1588 5.95 -99.83 5.78
CA ALA D 1588 7.02 -98.96 5.30
C ALA D 1588 8.17 -98.94 6.31
N PRO D 1589 9.40 -99.17 5.88
CA PRO D 1589 10.55 -99.13 6.81
C PRO D 1589 10.75 -97.73 7.39
N GLN D 1590 11.12 -97.69 8.67
CA GLN D 1590 11.40 -96.45 9.38
C GLN D 1590 12.60 -96.66 10.30
N CYS D 1591 13.32 -95.57 10.57
CA CYS D 1591 14.47 -95.60 11.46
C CYS D 1591 14.35 -94.45 12.45
N PRO D 1592 13.51 -94.59 13.49
CA PRO D 1592 13.38 -93.54 14.50
C PRO D 1592 14.67 -93.39 15.30
N PRO D 1593 14.93 -92.20 15.87
CA PRO D 1593 16.24 -91.94 16.50
C PRO D 1593 16.59 -92.83 17.69
N ARG D 1594 15.62 -93.40 18.39
CA ARG D 1594 15.92 -94.31 19.50
C ARG D 1594 16.61 -95.58 19.03
N LEU D 1595 16.47 -95.93 17.75
CA LEU D 1595 17.12 -97.11 17.21
C LEU D 1595 18.54 -96.72 16.82
N GLU D 1596 19.52 -97.25 17.54
CA GLU D 1596 20.90 -96.91 17.30
C GLU D 1596 21.80 -98.07 17.71
N VAL D 1597 22.95 -98.16 17.03
CA VAL D 1597 23.88 -99.24 17.26
C VAL D 1597 24.60 -99.01 18.58
N GLN D 1598 24.81 -100.07 19.33
CA GLN D 1598 25.55 -100.08 20.58
C GLN D 1598 26.65 -101.11 20.47
N MET D 1599 27.76 -100.86 21.15
CA MET D 1599 28.88 -101.77 21.14
C MET D 1599 29.26 -102.10 22.58
N LEU D 1600 29.91 -103.25 22.72
CA LEU D 1600 30.08 -103.83 24.05
C LEU D 1600 31.30 -103.21 24.75
N MET D 1601 31.05 -102.37 25.77
CA MET D 1601 32.12 -101.97 26.68
C MET D 1601 32.55 -103.15 27.53
N PRO D 1602 33.86 -103.30 27.76
CA PRO D 1602 34.33 -104.38 28.65
C PRO D 1602 34.12 -104.08 30.13
N VAL D 1603 34.37 -102.85 30.57
CA VAL D 1603 34.34 -102.47 31.97
C VAL D 1603 33.39 -101.28 32.09
N SER D 1604 32.81 -101.10 33.28
CA SER D 1604 31.91 -99.99 33.54
C SER D 1604 32.00 -99.64 35.02
N TRP D 1605 31.51 -98.47 35.38
CA TRP D 1605 31.55 -98.08 36.79
C TRP D 1605 30.38 -98.72 37.54
N SER D 1606 30.46 -98.66 38.88
CA SER D 1606 29.41 -99.17 39.74
C SER D 1606 29.59 -98.54 41.11
N ARG D 1607 28.61 -98.80 41.98
CA ARG D 1607 28.56 -98.21 43.32
C ARG D 1607 28.68 -99.29 44.38
N MET D 1608 29.54 -99.07 45.37
CA MET D 1608 29.65 -100.01 46.47
C MET D 1608 28.49 -99.78 47.44
N PRO D 1609 27.69 -100.81 47.73
CA PRO D 1609 26.60 -100.64 48.70
C PRO D 1609 27.11 -100.26 50.09
N ASN D 1610 26.30 -99.46 50.80
CA ASN D 1610 26.71 -98.97 52.11
C ASN D 1610 26.69 -100.06 53.18
N HIS D 1611 26.00 -101.17 52.96
CA HIS D 1611 25.98 -102.26 53.92
C HIS D 1611 25.91 -103.59 53.18
N PHE D 1612 26.46 -104.62 53.82
CA PHE D 1612 26.54 -105.95 53.24
C PHE D 1612 25.97 -106.98 54.21
N LEU D 1613 25.54 -108.10 53.64
CA LEU D 1613 24.97 -109.19 54.41
C LEU D 1613 26.00 -109.81 55.32
N GLN D 1614 25.60 -110.09 56.56
CA GLN D 1614 26.48 -110.71 57.54
C GLN D 1614 26.32 -112.22 57.45
N VAL D 1615 27.32 -112.88 56.86
CA VAL D 1615 27.32 -114.31 56.66
C VAL D 1615 28.34 -114.95 57.60
N GLU D 1616 27.91 -115.94 58.36
CA GLU D 1616 28.77 -116.67 59.29
C GLU D 1616 29.03 -118.06 58.72
N THR D 1617 30.26 -118.31 58.32
CA THR D 1617 30.66 -119.60 57.77
C THR D 1617 31.57 -120.27 58.78
N ARG D 1618 31.31 -121.54 59.07
CA ARG D 1618 32.11 -122.26 60.06
C ARG D 1618 31.84 -123.75 59.89
N ARG D 1619 32.64 -124.58 60.54
CA ARG D 1619 32.39 -126.00 60.54
C ARG D 1619 31.55 -126.37 61.74
N ALA D 1620 30.32 -126.84 61.49
CA ALA D 1620 29.42 -127.20 62.58
C ALA D 1620 29.96 -128.40 63.36
N GLY D 1621 30.49 -129.39 62.65
CA GLY D 1621 31.07 -130.55 63.30
C GLY D 1621 31.57 -131.54 62.28
N GLU D 1622 32.21 -132.59 62.78
CA GLU D 1622 32.72 -133.66 61.92
C GLU D 1622 31.57 -134.44 61.28
N ARG D 1623 30.48 -134.64 62.02
CA ARG D 1623 29.30 -135.32 61.52
C ARG D 1623 28.31 -134.36 60.87
N LEU D 1624 28.20 -133.16 61.40
CA LEU D 1624 27.25 -132.17 60.88
C LEU D 1624 27.70 -131.63 59.53
N GLY D 1625 28.98 -131.29 59.40
CA GLY D 1625 29.48 -130.71 58.18
C GLY D 1625 29.79 -129.24 58.31
N TRP D 1626 29.60 -128.45 57.26
CA TRP D 1626 29.90 -127.02 57.31
C TRP D 1626 28.62 -126.19 57.36
N ALA D 1627 28.53 -125.24 58.28
CA ALA D 1627 27.30 -124.48 58.40
C ALA D 1627 27.50 -123.03 57.96
N VAL D 1628 26.44 -122.50 57.34
CA VAL D 1628 26.32 -121.14 56.85
C VAL D 1628 25.11 -120.51 57.54
N GLN D 1629 25.29 -119.31 58.07
CA GLN D 1629 24.26 -118.62 58.84
C GLN D 1629 24.12 -117.18 58.33
N CYS D 1630 22.87 -116.71 58.23
CA CYS D 1630 22.62 -115.32 57.88
C CYS D 1630 21.33 -114.88 58.54
N GLN D 1631 21.37 -113.78 59.28
CA GLN D 1631 20.22 -113.34 60.07
C GLN D 1631 19.70 -111.96 59.70
N ASP D 1632 20.59 -110.96 59.61
CA ASP D 1632 20.16 -109.57 59.44
C ASP D 1632 19.56 -109.34 58.07
N PRO D 1633 18.38 -108.71 57.98
CA PRO D 1633 17.80 -108.39 56.67
C PRO D 1633 18.34 -107.07 56.12
N LEU D 1634 18.50 -107.03 54.81
CA LEU D 1634 18.96 -105.83 54.12
C LEU D 1634 18.17 -105.67 52.83
N THR D 1635 17.62 -104.48 52.62
CA THR D 1635 16.75 -104.21 51.49
C THR D 1635 17.30 -103.05 50.67
N MET D 1636 17.24 -103.19 49.36
CA MET D 1636 17.68 -102.17 48.42
C MET D 1636 16.52 -101.77 47.52
N MET D 1637 16.61 -100.57 46.97
CA MET D 1637 15.60 -100.04 46.05
C MET D 1637 16.15 -100.09 44.64
N ALA D 1638 15.60 -100.96 43.81
CA ALA D 1638 16.12 -101.21 42.48
C ALA D 1638 15.36 -100.40 41.43
N LEU D 1639 16.08 -99.96 40.42
CA LEU D 1639 15.53 -99.24 39.29
C LEU D 1639 15.70 -100.10 38.05
N HIS D 1640 14.59 -100.65 37.55
CA HIS D 1640 14.60 -101.62 36.47
C HIS D 1640 14.33 -100.95 35.14
N ILE D 1641 15.29 -101.06 34.21
CA ILE D 1641 15.09 -100.55 32.86
C ILE D 1641 14.30 -101.63 32.12
N PRO D 1642 13.15 -101.28 31.54
CA PRO D 1642 12.32 -102.30 30.86
C PRO D 1642 13.00 -102.94 29.66
N GLU D 1643 13.47 -102.13 28.71
CA GLU D 1643 13.94 -102.68 27.43
C GLU D 1643 15.23 -103.48 27.60
N GLU D 1644 16.11 -103.05 28.50
CA GLU D 1644 17.36 -103.76 28.73
C GLU D 1644 17.24 -104.89 29.73
N ASN D 1645 16.10 -105.00 30.42
CA ASN D 1645 15.77 -106.08 31.36
C ASN D 1645 16.81 -106.19 32.49
N ARG D 1646 17.41 -105.07 32.86
CA ARG D 1646 18.39 -105.04 33.94
C ARG D 1646 18.08 -103.88 34.88
N CYS D 1647 18.41 -104.08 36.16
CA CYS D 1647 18.13 -103.08 37.18
C CYS D 1647 19.42 -102.70 37.90
N MET D 1648 19.47 -101.44 38.32
CA MET D 1648 20.61 -100.94 39.07
C MET D 1648 20.11 -100.29 40.36
N ASP D 1649 21.05 -100.01 41.27
CA ASP D 1649 20.69 -99.31 42.50
C ASP D 1649 20.19 -97.91 42.18
N ILE D 1650 19.17 -97.48 42.92
CA ILE D 1650 18.63 -96.13 42.70
C ILE D 1650 19.59 -95.06 43.20
N LEU D 1651 20.50 -95.40 44.10
CA LEU D 1651 21.51 -94.45 44.55
C LEU D 1651 22.54 -94.12 43.47
N GLU D 1652 22.62 -94.93 42.41
CA GLU D 1652 23.51 -94.65 41.29
C GLU D 1652 23.08 -93.41 40.51
N LEU D 1653 21.83 -92.97 40.67
CA LEU D 1653 21.36 -91.79 39.96
C LEU D 1653 22.00 -90.51 40.48
N SER D 1654 22.70 -90.55 41.61
CA SER D 1654 23.47 -89.41 42.08
C SER D 1654 24.67 -89.12 41.18
N GLU D 1655 25.02 -90.04 40.29
CA GLU D 1655 26.09 -89.86 39.32
C GLU D 1655 25.59 -90.00 37.89
N ARG D 1656 24.57 -90.84 37.66
CA ARG D 1656 23.98 -90.93 36.32
C ARG D 1656 22.92 -89.84 36.21
N LEU D 1657 23.38 -88.60 36.00
CA LEU D 1657 22.49 -87.45 35.92
C LEU D 1657 21.59 -87.47 34.69
N ASP D 1658 21.92 -88.28 33.67
CA ASP D 1658 21.08 -88.37 32.48
C ASP D 1658 19.73 -88.99 32.81
N LEU D 1659 19.71 -90.03 33.64
CA LEU D 1659 18.49 -90.67 34.05
C LEU D 1659 17.83 -90.01 35.23
N GLN D 1660 18.59 -89.23 36.01
CA GLN D 1660 18.03 -88.55 37.18
C GLN D 1660 16.99 -87.51 36.77
N ARG D 1661 17.27 -86.76 35.70
CA ARG D 1661 16.32 -85.77 35.20
C ARG D 1661 15.04 -86.46 34.72
N PHE D 1662 15.19 -87.57 34.01
CA PHE D 1662 14.05 -88.32 33.51
C PHE D 1662 13.19 -88.88 34.64
N HIS D 1663 13.83 -89.42 35.68
CA HIS D 1663 13.05 -90.01 36.77
C HIS D 1663 12.40 -88.94 37.62
N SER D 1664 13.13 -87.86 37.92
CA SER D 1664 12.55 -86.76 38.68
C SER D 1664 11.41 -86.09 37.93
N HIS D 1665 11.46 -86.07 36.60
CA HIS D 1665 10.32 -85.58 35.83
C HIS D 1665 9.20 -86.61 35.78
N THR D 1666 9.55 -87.90 35.84
CA THR D 1666 8.54 -88.95 35.85
C THR D 1666 7.69 -88.84 37.11
N LEU D 1667 8.33 -88.59 38.26
CA LEU D 1667 7.58 -88.37 39.50
C LEU D 1667 6.67 -87.15 39.40
N ARG D 1668 7.12 -86.11 38.68
CA ARG D 1668 6.27 -84.95 38.44
C ARG D 1668 5.05 -85.33 37.61
N LEU D 1669 5.24 -86.19 36.61
CA LEU D 1669 4.12 -86.69 35.82
C LEU D 1669 3.16 -87.51 36.68
N TYR D 1670 3.72 -88.27 37.64
CA TYR D 1670 2.90 -89.02 38.58
C TYR D 1670 2.05 -88.09 39.44
N ARG D 1671 2.62 -86.98 39.89
CA ARG D 1671 1.80 -86.03 40.64
C ARG D 1671 0.83 -85.28 39.75
N ALA D 1672 1.14 -85.19 38.45
CA ALA D 1672 0.28 -84.48 37.53
C ALA D 1672 -0.97 -85.28 37.25
N VAL D 1673 -0.84 -86.59 37.05
CA VAL D 1673 -2.00 -87.39 36.72
C VAL D 1673 -2.93 -87.50 37.93
N CYS D 1674 -2.35 -87.68 39.13
CA CYS D 1674 -3.16 -87.82 40.33
C CYS D 1674 -3.38 -86.49 41.04
N ALA D 1675 -3.25 -85.37 40.32
CA ALA D 1675 -3.37 -84.07 40.95
C ALA D 1675 -4.83 -83.64 41.00
N LEU D 1676 -5.15 -82.84 42.01
CA LEU D 1676 -6.46 -82.19 42.20
C LEU D 1676 -7.59 -83.20 42.35
N GLY D 1677 -7.43 -84.07 43.34
CA GLY D 1677 -8.50 -84.96 43.79
C GLY D 1677 -8.88 -86.07 42.85
N ASN D 1678 -7.97 -86.50 41.97
CA ASN D 1678 -8.22 -87.62 41.08
C ASN D 1678 -7.88 -88.94 41.80
N ASN D 1679 -8.68 -89.24 42.83
CA ASN D 1679 -8.42 -90.41 43.68
C ASN D 1679 -8.54 -91.73 42.93
N ARG D 1680 -9.23 -91.74 41.79
CA ARG D 1680 -9.29 -92.94 40.96
C ARG D 1680 -7.92 -93.25 40.39
N VAL D 1681 -7.21 -92.23 39.93
CA VAL D 1681 -5.86 -92.42 39.42
C VAL D 1681 -4.91 -92.68 40.59
N ALA D 1682 -5.15 -91.98 41.72
CA ALA D 1682 -4.30 -92.12 42.90
C ALA D 1682 -4.28 -93.56 43.40
N HIS D 1683 -5.40 -94.27 43.28
CA HIS D 1683 -5.40 -95.70 43.59
C HIS D 1683 -4.54 -96.49 42.62
N ALA D 1684 -4.57 -96.13 41.34
CA ALA D 1684 -3.80 -96.82 40.32
C ALA D 1684 -2.30 -96.68 40.56
N LEU D 1685 -1.87 -95.48 40.97
CA LEU D 1685 -0.45 -95.24 41.23
C LEU D 1685 0.11 -96.08 42.38
N CYS D 1686 -0.74 -96.52 43.31
CA CYS D 1686 -0.31 -97.36 44.41
C CYS D 1686 0.24 -98.71 43.95
N SER D 1687 -0.14 -99.15 42.75
CA SER D 1687 0.44 -100.37 42.19
C SER D 1687 1.85 -100.10 41.68
N HIS D 1688 2.08 -98.95 41.04
CA HIS D 1688 3.39 -98.64 40.50
C HIS D 1688 4.40 -98.34 41.59
N VAL D 1689 4.00 -97.52 42.58
CA VAL D 1689 4.85 -97.26 43.74
C VAL D 1689 4.13 -97.77 44.99
N ASP D 1690 4.69 -98.78 45.63
CA ASP D 1690 4.04 -99.37 46.78
C ASP D 1690 4.33 -98.55 48.03
N GLN D 1691 3.58 -98.85 49.09
CA GLN D 1691 3.76 -98.18 50.37
C GLN D 1691 5.14 -98.46 50.96
N ALA D 1692 5.67 -99.67 50.74
CA ALA D 1692 6.99 -100.01 51.24
C ALA D 1692 8.04 -99.21 50.50
N GLN D 1693 7.85 -99.05 49.19
CA GLN D 1693 8.78 -98.29 48.35
C GLN D 1693 8.82 -96.85 48.84
N LEU D 1694 7.63 -96.27 49.08
CA LEU D 1694 7.54 -94.90 49.56
C LEU D 1694 8.25 -94.74 50.89
N LEU D 1695 7.92 -95.59 51.88
CA LEU D 1695 8.50 -95.47 53.23
C LEU D 1695 10.01 -95.64 53.23
N HIS D 1696 10.53 -96.59 52.44
CA HIS D 1696 11.97 -96.74 52.32
C HIS D 1696 12.59 -95.51 51.67
N ALA D 1697 11.97 -94.99 50.60
CA ALA D 1697 12.50 -93.78 49.99
C ALA D 1697 12.39 -92.58 50.93
N LEU D 1698 11.46 -92.63 51.89
CA LEU D 1698 11.40 -91.60 52.90
C LEU D 1698 12.65 -91.67 53.76
N GLU D 1699 13.04 -92.89 54.13
CA GLU D 1699 14.13 -93.04 55.08
C GLU D 1699 15.51 -92.95 54.43
N ASP D 1700 15.61 -93.15 53.12
CA ASP D 1700 16.92 -93.27 52.45
C ASP D 1700 17.69 -91.95 52.51
N ALA D 1701 18.75 -91.92 53.32
CA ALA D 1701 19.52 -90.70 53.48
C ALA D 1701 20.46 -90.42 52.33
N HIS D 1702 20.74 -91.42 51.49
CA HIS D 1702 21.65 -91.21 50.37
C HIS D 1702 20.92 -90.85 49.07
N LEU D 1703 19.60 -90.73 49.10
CA LEU D 1703 18.87 -90.35 47.91
C LEU D 1703 19.21 -88.92 47.49
N PRO D 1704 19.31 -88.65 46.19
CA PRO D 1704 19.59 -87.28 45.74
C PRO D 1704 18.46 -86.32 46.08
N GLY D 1705 18.78 -85.03 45.93
CA GLY D 1705 17.87 -83.93 46.21
C GLY D 1705 16.53 -83.98 45.51
N PRO D 1706 16.54 -83.88 44.16
CA PRO D 1706 15.28 -83.89 43.41
C PRO D 1706 14.48 -85.16 43.63
N LEU D 1707 15.13 -86.30 43.81
CA LEU D 1707 14.37 -87.53 43.97
C LEU D 1707 13.77 -87.61 45.36
N ARG D 1708 14.45 -87.07 46.36
CA ARG D 1708 13.92 -87.07 47.73
C ARG D 1708 12.72 -86.15 47.84
N ALA D 1709 12.85 -84.93 47.31
CA ALA D 1709 11.72 -84.01 47.33
C ALA D 1709 10.58 -84.50 46.44
N GLY D 1710 10.90 -85.17 45.33
CA GLY D 1710 9.87 -85.72 44.47
C GLY D 1710 9.12 -86.83 45.16
N TYR D 1711 9.80 -87.62 45.97
CA TYR D 1711 9.12 -88.76 46.57
C TYR D 1711 8.27 -88.32 47.75
N TYR D 1712 8.72 -87.32 48.52
CA TYR D 1712 7.83 -86.78 49.55
C TYR D 1712 6.60 -86.12 48.93
N ASP D 1713 6.79 -85.34 47.86
CA ASP D 1713 5.65 -84.69 47.22
C ASP D 1713 4.73 -85.70 46.55
N LEU D 1714 5.28 -86.81 46.05
CA LEU D 1714 4.45 -87.87 45.50
C LEU D 1714 3.62 -88.55 46.59
N LEU D 1715 4.21 -88.76 47.77
CA LEU D 1715 3.43 -89.33 48.88
C LEU D 1715 2.29 -88.41 49.27
N ILE D 1716 2.58 -87.10 49.35
CA ILE D 1716 1.55 -86.12 49.70
C ILE D 1716 0.45 -86.12 48.63
N SER D 1717 0.86 -86.13 47.35
CA SER D 1717 -0.10 -86.05 46.25
C SER D 1717 -1.01 -87.27 46.21
N ILE D 1718 -0.45 -88.46 46.37
CA ILE D 1718 -1.25 -89.68 46.29
C ILE D 1718 -2.17 -89.79 47.49
N HIS D 1719 -1.64 -89.58 48.69
CA HIS D 1719 -2.37 -89.96 49.90
C HIS D 1719 -2.98 -88.81 50.68
N LEU D 1720 -2.37 -87.63 50.67
CA LEU D 1720 -2.73 -86.63 51.67
C LEU D 1720 -3.38 -85.36 51.12
N GLU D 1721 -3.08 -84.98 49.86
CA GLU D 1721 -3.48 -83.67 49.37
C GLU D 1721 -5.00 -83.48 49.27
N SER D 1722 -5.75 -84.51 48.84
CA SER D 1722 -7.20 -84.35 48.68
C SER D 1722 -7.90 -84.12 50.03
N ALA D 1723 -7.47 -84.86 51.05
CA ALA D 1723 -8.03 -84.70 52.38
C ALA D 1723 -7.56 -83.41 53.01
N CYS D 1724 -6.29 -83.03 52.77
CA CYS D 1724 -5.75 -81.81 53.33
C CYS D 1724 -6.46 -80.61 52.75
N ARG D 1725 -6.69 -80.61 51.44
CA ARG D 1725 -7.34 -79.49 50.76
C ARG D 1725 -8.78 -79.34 51.24
N SER D 1726 -9.52 -80.47 51.26
CA SER D 1726 -10.90 -80.42 51.71
C SER D 1726 -11.02 -79.98 53.16
N ARG D 1727 -10.10 -80.42 54.02
CA ARG D 1727 -10.09 -79.92 55.39
C ARG D 1727 -9.77 -78.43 55.42
N ARG D 1728 -8.77 -78.03 54.61
CA ARG D 1728 -8.23 -76.67 54.64
C ARG D 1728 -9.31 -75.67 54.28
N SER D 1729 -10.22 -76.05 53.37
CA SER D 1729 -11.33 -75.17 53.03
C SER D 1729 -12.23 -74.98 54.25
N MET D 1730 -12.45 -76.05 55.01
CA MET D 1730 -13.31 -76.02 56.18
C MET D 1730 -12.68 -75.31 57.37
N LEU D 1731 -11.38 -75.01 57.32
CA LEU D 1731 -10.80 -74.26 58.45
C LEU D 1731 -11.17 -72.79 58.49
N SER D 1732 -11.82 -72.26 57.46
CA SER D 1732 -12.24 -70.87 57.49
C SER D 1732 -13.59 -70.66 58.15
N GLU D 1733 -14.31 -71.74 58.45
CA GLU D 1733 -15.63 -71.65 59.08
C GLU D 1733 -15.58 -72.26 60.47
N TYR D 1734 -16.31 -71.66 61.40
CA TYR D 1734 -16.36 -72.11 62.79
C TYR D 1734 -17.81 -72.32 63.18
N ILE D 1735 -18.30 -73.54 63.02
CA ILE D 1735 -19.63 -73.94 63.47
C ILE D 1735 -19.47 -74.62 64.81
N VAL D 1736 -19.87 -73.93 65.88
CA VAL D 1736 -19.60 -74.36 67.25
C VAL D 1736 -20.89 -74.90 67.86
N PRO D 1737 -21.05 -76.21 68.03
CA PRO D 1737 -22.20 -76.74 68.76
C PRO D 1737 -22.13 -76.42 70.24
N LEU D 1738 -23.31 -76.35 70.86
CA LEU D 1738 -23.43 -76.05 72.29
C LEU D 1738 -23.45 -77.36 73.06
N THR D 1739 -22.31 -77.75 73.60
CA THR D 1739 -22.10 -78.99 74.34
C THR D 1739 -21.35 -78.68 75.62
N PRO D 1740 -21.44 -79.54 76.65
CA PRO D 1740 -20.70 -79.27 77.91
C PRO D 1740 -19.18 -79.12 77.73
N GLU D 1741 -18.59 -79.89 76.82
CA GLU D 1741 -17.18 -79.72 76.52
C GLU D 1741 -16.92 -78.35 75.88
N THR D 1742 -17.87 -77.87 75.06
CA THR D 1742 -17.75 -76.52 74.53
C THR D 1742 -17.80 -75.51 75.68
N ARG D 1743 -18.67 -75.76 76.68
CA ARG D 1743 -18.78 -74.88 77.83
CA ARG D 1743 -18.77 -74.86 77.83
C ARG D 1743 -17.47 -74.81 78.62
N ALA D 1744 -16.77 -75.94 78.70
CA ALA D 1744 -15.52 -76.01 79.46
C ALA D 1744 -14.40 -75.16 78.86
N ILE D 1745 -14.53 -74.76 77.59
CA ILE D 1745 -13.50 -73.99 76.91
C ILE D 1745 -13.44 -72.59 77.50
N THR D 1746 -12.23 -72.14 77.85
CA THR D 1746 -12.01 -70.79 78.36
C THR D 1746 -10.83 -70.17 77.63
N LEU D 1747 -10.70 -68.85 77.78
CA LEU D 1747 -9.64 -68.09 77.12
C LEU D 1747 -8.26 -68.49 77.64
N PHE D 1748 -8.12 -68.64 78.95
CA PHE D 1748 -6.84 -68.92 79.54
C PHE D 1748 -6.90 -70.23 80.33
N PRO D 1749 -5.79 -70.96 80.42
CA PRO D 1749 -5.79 -72.18 81.23
C PRO D 1749 -5.93 -71.84 82.70
N PRO D 1750 -6.51 -72.75 83.50
CA PRO D 1750 -6.61 -72.50 84.95
C PRO D 1750 -5.23 -72.45 85.61
N GLY D 1751 -4.86 -71.27 86.09
CA GLY D 1751 -3.55 -71.10 86.69
C GLY D 1751 -3.53 -70.07 87.81
N ARG D 1752 -2.35 -69.50 88.06
CA ARG D 1752 -2.21 -68.53 89.14
C ARG D 1752 -1.32 -67.35 88.75
N LYS D 1753 -1.12 -67.10 87.45
CA LYS D 1753 -0.23 -66.03 87.01
C LYS D 1753 -0.85 -64.66 87.28
N GLY D 1754 -2.01 -64.39 86.70
CA GLY D 1754 -2.66 -63.10 86.87
C GLY D 1754 -4.14 -63.15 86.55
N GLY D 1755 -4.94 -62.39 87.30
CA GLY D 1755 -6.38 -62.40 87.10
C GLY D 1755 -6.79 -61.85 85.75
N ASN D 1756 -6.18 -60.73 85.34
CA ASN D 1756 -6.47 -60.14 84.03
C ASN D 1756 -6.04 -61.09 82.91
N ALA D 1757 -4.89 -61.73 83.06
CA ALA D 1757 -4.39 -62.64 82.03
C ALA D 1757 -3.40 -63.61 82.66
N ARG D 1758 -3.72 -64.91 82.60
CA ARG D 1758 -2.73 -65.94 82.92
C ARG D 1758 -1.77 -66.08 81.74
N ARG D 1759 -0.88 -67.07 81.80
CA ARG D 1759 -0.02 -67.34 80.66
C ARG D 1759 -0.86 -67.95 79.53
N HIS D 1760 -0.52 -67.59 78.29
CA HIS D 1760 -1.19 -68.18 77.14
C HIS D 1760 -0.97 -69.68 77.10
N GLY D 1761 -2.05 -70.42 76.85
CA GLY D 1761 -1.92 -71.83 76.60
C GLY D 1761 -1.14 -72.11 75.32
N LEU D 1762 -0.62 -73.32 75.26
CA LEU D 1762 0.19 -73.75 74.12
C LEU D 1762 -0.71 -73.78 72.87
N PRO D 1763 -0.33 -73.07 71.80
CA PRO D 1763 -1.20 -73.02 70.60
C PRO D 1763 -1.41 -74.40 69.98
N GLY D 1764 -2.64 -74.66 69.58
CA GLY D 1764 -3.02 -75.95 69.04
C GLY D 1764 -3.13 -77.06 70.07
N VAL D 1765 -2.92 -76.76 71.35
CA VAL D 1765 -3.01 -77.74 72.43
C VAL D 1765 -4.27 -77.45 73.23
N GLY D 1766 -5.11 -78.47 73.37
CA GLY D 1766 -6.36 -78.30 74.08
C GLY D 1766 -7.46 -79.07 73.39
N VAL D 1767 -8.69 -78.59 73.53
CA VAL D 1767 -9.85 -79.22 72.91
C VAL D 1767 -10.54 -78.19 72.02
N THR D 1768 -10.89 -78.60 70.81
CA THR D 1768 -11.62 -77.75 69.87
C THR D 1768 -12.90 -78.47 69.49
N THR D 1769 -14.01 -77.77 69.62
CA THR D 1769 -15.32 -78.35 69.35
C THR D 1769 -15.91 -77.93 68.02
N SER D 1770 -15.15 -77.18 67.20
CA SER D 1770 -15.65 -76.76 65.90
C SER D 1770 -15.86 -77.96 64.99
N LEU D 1771 -16.86 -77.88 64.14
CA LEU D 1771 -17.22 -79.01 63.29
C LEU D 1771 -16.27 -79.09 62.10
N ARG D 1772 -15.68 -80.27 61.91
CA ARG D 1772 -14.91 -80.59 60.72
C ARG D 1772 -15.27 -82.02 60.36
N PRO D 1773 -15.70 -82.28 59.13
CA PRO D 1773 -16.05 -83.64 58.71
C PRO D 1773 -14.84 -84.55 58.76
N PRO D 1774 -15.02 -85.82 59.14
CA PRO D 1774 -13.87 -86.73 59.22
C PRO D 1774 -13.36 -87.13 57.83
N HIS D 1775 -12.11 -87.53 57.80
CA HIS D 1775 -11.50 -87.98 56.56
C HIS D 1775 -12.03 -89.36 56.18
N HIS D 1776 -12.00 -89.64 54.89
CA HIS D 1776 -12.44 -90.93 54.35
C HIS D 1776 -11.34 -91.51 53.48
N PHE D 1777 -10.92 -92.72 53.78
CA PHE D 1777 -9.88 -93.40 53.01
C PHE D 1777 -10.33 -94.81 52.67
N SER D 1778 -9.89 -95.28 51.51
CA SER D 1778 -10.18 -96.64 51.06
C SER D 1778 -8.86 -97.36 50.82
N PRO D 1779 -8.59 -98.46 51.52
CA PRO D 1779 -7.35 -99.22 51.30
C PRO D 1779 -7.26 -99.74 49.88
N PRO D 1780 -6.08 -99.70 49.26
CA PRO D 1780 -5.97 -100.14 47.87
C PRO D 1780 -6.00 -101.66 47.78
N CYS D 1781 -6.89 -102.16 46.92
CA CYS D 1781 -7.01 -103.59 46.67
C CYS D 1781 -7.26 -103.75 45.17
N PHE D 1782 -6.29 -104.32 44.47
CA PHE D 1782 -6.36 -104.43 43.02
C PHE D 1782 -6.96 -105.74 42.55
N VAL D 1783 -7.33 -106.63 43.48
CA VAL D 1783 -7.96 -107.89 43.11
C VAL D 1783 -9.45 -107.86 43.33
N ALA D 1784 -10.00 -106.77 43.86
CA ALA D 1784 -11.43 -106.66 44.06
C ALA D 1784 -12.15 -106.67 42.71
N ALA D 1785 -13.35 -107.24 42.70
CA ALA D 1785 -14.12 -107.37 41.48
C ALA D 1785 -14.50 -106.00 40.93
N LEU D 1786 -14.56 -105.91 39.60
CA LEU D 1786 -14.94 -104.67 38.94
C LEU D 1786 -16.38 -104.35 39.28
N PRO D 1787 -16.69 -103.11 39.68
CA PRO D 1787 -18.09 -102.75 39.99
C PRO D 1787 -18.98 -102.87 38.76
N ALA D 1788 -20.20 -103.35 39.00
CA ALA D 1788 -21.18 -103.44 37.92
C ALA D 1788 -21.75 -102.09 37.54
N ALA D 1789 -21.53 -101.06 38.36
CA ALA D 1789 -21.98 -99.72 38.04
C ALA D 1789 -21.13 -99.15 36.92
N GLY D 1790 -21.78 -98.55 35.93
CA GLY D 1790 -21.07 -97.96 34.81
C GLY D 1790 -20.37 -96.67 35.20
N VAL D 1791 -19.61 -96.14 34.24
CA VAL D 1791 -18.90 -94.89 34.45
C VAL D 1791 -19.93 -93.75 34.66
N ALA D 1792 -19.53 -92.76 35.45
CA ALA D 1792 -20.29 -91.58 35.90
C ALA D 1792 -21.46 -91.93 36.82
N GLU D 1793 -21.68 -93.21 37.14
CA GLU D 1793 -22.75 -93.63 38.03
C GLU D 1793 -22.25 -94.32 39.30
N ALA D 1794 -21.01 -94.82 39.29
CA ALA D 1794 -20.43 -95.43 40.48
C ALA D 1794 -20.19 -94.37 41.56
N PRO D 1795 -20.24 -94.76 42.84
CA PRO D 1795 -19.92 -93.81 43.92
C PRO D 1795 -18.51 -93.30 43.84
N ALA D 1796 -18.34 -92.04 44.26
CA ALA D 1796 -17.08 -91.32 44.18
C ALA D 1796 -15.96 -92.04 44.94
N ARG D 1797 -14.81 -92.19 44.28
CA ARG D 1797 -13.69 -92.86 44.89
C ARG D 1797 -13.08 -92.02 46.01
N LEU D 1798 -12.57 -92.70 47.02
CA LEU D 1798 -11.91 -92.06 48.14
C LEU D 1798 -10.40 -92.13 47.94
N SER D 1799 -9.68 -91.34 48.72
CA SER D 1799 -8.23 -91.36 48.66
C SER D 1799 -7.69 -92.70 49.18
N PRO D 1800 -6.58 -93.19 48.61
CA PRO D 1800 -5.96 -94.41 49.12
C PRO D 1800 -5.50 -94.26 50.56
N ALA D 1801 -5.64 -95.33 51.33
CA ALA D 1801 -5.30 -95.26 52.75
C ALA D 1801 -3.80 -95.45 52.95
N ILE D 1802 -3.34 -95.05 54.13
CA ILE D 1802 -1.95 -95.19 54.58
C ILE D 1802 -1.93 -95.06 56.10
N PRO D 1803 -1.18 -95.91 56.84
CA PRO D 1803 -1.13 -95.80 58.31
C PRO D 1803 -0.62 -94.45 58.78
N LEU D 1804 -1.51 -93.69 59.42
CA LEU D 1804 -1.15 -92.34 59.81
C LEU D 1804 -0.48 -92.28 61.16
N GLU D 1805 -0.76 -93.22 62.06
CA GLU D 1805 -0.08 -93.24 63.35
C GLU D 1805 1.41 -93.50 63.17
N ALA D 1806 1.75 -94.42 62.27
CA ALA D 1806 3.15 -94.69 61.97
C ALA D 1806 3.73 -93.58 61.12
N LEU D 1807 2.95 -93.03 60.20
CA LEU D 1807 3.47 -91.95 59.36
C LEU D 1807 3.80 -90.71 60.19
N ARG D 1808 2.94 -90.36 61.15
CA ARG D 1808 3.20 -89.23 62.04
C ARG D 1808 4.34 -89.51 63.01
N ASP D 1809 4.58 -90.78 63.37
CA ASP D 1809 5.72 -91.09 64.22
C ASP D 1809 7.02 -90.99 63.44
N LYS D 1810 7.00 -91.49 62.20
CA LYS D 1810 8.18 -91.43 61.36
C LYS D 1810 8.51 -89.98 61.03
N ALA D 1811 7.49 -89.16 60.77
CA ALA D 1811 7.70 -87.75 60.46
C ALA D 1811 8.30 -87.01 61.64
N LEU D 1812 7.78 -87.26 62.85
CA LEU D 1812 8.31 -86.61 64.05
C LEU D 1812 9.76 -87.02 64.31
N ARG D 1813 10.06 -88.31 64.17
CA ARG D 1813 11.42 -88.80 64.35
C ARG D 1813 12.36 -88.19 63.32
N MET D 1814 11.89 -88.09 62.07
CA MET D 1814 12.70 -87.59 60.97
C MET D 1814 13.06 -86.13 61.19
N LEU D 1815 12.06 -85.30 61.52
CA LEU D 1815 12.33 -83.90 61.79
C LEU D 1815 13.22 -83.72 63.02
N GLY D 1816 13.06 -84.58 64.03
CA GLY D 1816 13.96 -84.52 65.19
C GLY D 1816 15.40 -84.80 64.82
N GLU D 1817 15.61 -85.78 63.93
CA GLU D 1817 16.94 -86.08 63.42
C GLU D 1817 17.49 -84.90 62.64
N ALA D 1818 16.66 -84.27 61.80
CA ALA D 1818 17.14 -83.15 60.99
C ALA D 1818 17.54 -81.98 61.87
N VAL D 1819 16.75 -81.73 62.94
CA VAL D 1819 17.02 -80.63 63.86
C VAL D 1819 18.35 -80.84 64.57
N ARG D 1820 18.60 -82.06 65.04
CA ARG D 1820 19.86 -82.33 65.71
C ARG D 1820 21.03 -82.44 64.73
N ASP D 1821 20.77 -82.85 63.49
CA ASP D 1821 21.81 -82.90 62.47
C ASP D 1821 22.29 -81.51 62.08
N GLY D 1822 21.36 -80.55 61.97
CA GLY D 1822 21.73 -79.20 61.57
C GLY D 1822 22.62 -78.48 62.56
N GLY D 1823 22.51 -78.84 63.85
CA GLY D 1823 23.36 -78.23 64.86
C GLY D 1823 24.83 -78.55 64.68
N GLN D 1824 25.13 -79.78 64.24
CA GLN D 1824 26.52 -80.17 64.02
C GLN D 1824 27.15 -79.49 62.81
N HIS D 1825 26.34 -79.06 61.84
CA HIS D 1825 26.78 -78.41 60.60
C HIS D 1825 27.76 -79.28 59.82
N ALA D 1826 27.29 -80.48 59.50
CA ALA D 1826 28.09 -81.43 58.75
C ALA D 1826 28.27 -80.97 57.30
N ARG D 1827 29.31 -81.51 56.66
CA ARG D 1827 29.60 -81.21 55.27
C ARG D 1827 28.82 -82.07 54.30
N ASP D 1828 27.99 -82.99 54.79
CA ASP D 1828 27.17 -83.86 53.95
C ASP D 1828 25.71 -83.85 54.41
N PRO D 1829 24.98 -82.74 54.20
CA PRO D 1829 23.57 -82.72 54.57
C PRO D 1829 22.76 -83.70 53.75
N VAL D 1830 21.70 -84.24 54.38
CA VAL D 1830 20.86 -85.25 53.75
C VAL D 1830 20.22 -84.69 52.50
N GLY D 1831 20.35 -85.42 51.40
CA GLY D 1831 19.80 -85.01 50.13
C GLY D 1831 20.70 -84.09 49.33
N GLY D 1832 21.74 -83.53 49.94
CA GLY D 1832 22.72 -82.71 49.25
C GLY D 1832 22.76 -81.27 49.72
N SER D 1833 21.73 -80.79 50.40
CA SER D 1833 21.71 -79.41 50.86
C SER D 1833 20.76 -79.27 52.03
N VAL D 1834 20.88 -78.13 52.72
CA VAL D 1834 20.00 -77.82 53.84
C VAL D 1834 18.56 -77.70 53.37
N GLU D 1835 18.37 -77.06 52.20
CA GLU D 1835 17.03 -76.92 51.65
C GLU D 1835 16.42 -78.28 51.34
N PHE D 1836 17.21 -79.16 50.70
CA PHE D 1836 16.74 -80.49 50.37
C PHE D 1836 16.56 -81.37 51.59
N GLN D 1837 17.08 -80.96 52.74
CA GLN D 1837 16.91 -81.74 53.95
C GLN D 1837 15.68 -81.27 54.74
N PHE D 1838 15.44 -79.96 54.77
CA PHE D 1838 14.39 -79.40 55.62
C PHE D 1838 13.07 -79.08 54.91
N VAL D 1839 13.10 -78.52 53.69
CA VAL D 1839 11.84 -78.20 52.98
C VAL D 1839 10.93 -79.39 52.75
N PRO D 1840 11.38 -80.53 52.16
CA PRO D 1840 10.45 -81.66 51.96
C PRO D 1840 9.86 -82.22 53.24
N VAL D 1841 10.64 -82.27 54.34
CA VAL D 1841 10.12 -82.82 55.58
C VAL D 1841 9.07 -81.88 56.17
N LEU D 1842 9.35 -80.56 56.14
CA LEU D 1842 8.44 -79.58 56.70
C LEU D 1842 7.13 -79.52 55.94
N LYS D 1843 7.16 -79.85 54.64
CA LYS D 1843 5.92 -79.94 53.87
C LYS D 1843 5.02 -81.03 54.45
N LEU D 1844 5.60 -82.19 54.75
CA LEU D 1844 4.86 -83.31 55.32
C LEU D 1844 4.34 -82.97 56.71
N VAL D 1845 5.15 -82.28 57.50
CA VAL D 1845 4.73 -81.87 58.84
C VAL D 1845 3.56 -80.89 58.76
N SER D 1846 3.64 -79.93 57.84
CA SER D 1846 2.59 -78.94 57.67
C SER D 1846 1.29 -79.61 57.24
N THR D 1847 1.40 -80.59 56.33
CA THR D 1847 0.22 -81.32 55.86
C THR D 1847 -0.43 -82.09 57.00
N LEU D 1848 0.38 -82.73 57.86
CA LEU D 1848 -0.21 -83.50 58.95
C LEU D 1848 -0.85 -82.59 60.00
N LEU D 1849 -0.26 -81.40 60.22
CA LEU D 1849 -0.91 -80.43 61.11
C LEU D 1849 -2.25 -80.01 60.56
N VAL D 1850 -2.31 -79.70 59.25
CA VAL D 1850 -3.56 -79.23 58.66
C VAL D 1850 -4.61 -80.32 58.74
N MET D 1851 -4.22 -81.56 58.43
CA MET D 1851 -5.17 -82.67 58.56
C MET D 1851 -5.46 -83.05 60.01
N GLY D 1852 -4.82 -82.43 61.00
CA GLY D 1852 -5.12 -82.73 62.38
C GLY D 1852 -4.65 -84.09 62.87
N ILE D 1853 -3.66 -84.68 62.22
CA ILE D 1853 -3.19 -86.01 62.58
C ILE D 1853 -2.54 -86.01 63.96
N PHE D 1854 -1.71 -85.01 64.24
CA PHE D 1854 -0.96 -84.94 65.49
C PHE D 1854 -1.88 -84.69 66.68
N GLY D 1855 -1.58 -85.35 67.79
CA GLY D 1855 -2.31 -85.16 69.02
C GLY D 1855 -1.77 -84.00 69.84
N ASP D 1856 -2.30 -83.89 71.06
CA ASP D 1856 -1.90 -82.83 71.98
C ASP D 1856 -0.44 -82.95 72.38
N GLU D 1857 0.02 -84.18 72.62
CA GLU D 1857 1.42 -84.38 73.00
C GLU D 1857 2.34 -84.07 71.82
N ASP D 1858 1.94 -84.52 70.63
CA ASP D 1858 2.77 -84.34 69.44
C ASP D 1858 2.93 -82.86 69.13
N VAL D 1859 1.86 -82.08 69.29
CA VAL D 1859 1.96 -80.65 69.04
C VAL D 1859 2.95 -80.01 70.01
N LYS D 1860 2.96 -80.50 71.27
CA LYS D 1860 3.91 -80.02 72.27
C LYS D 1860 5.33 -80.31 71.84
N GLN D 1861 5.54 -81.48 71.21
CA GLN D 1861 6.86 -81.84 70.71
C GLN D 1861 7.29 -80.91 69.60
N ILE D 1862 6.39 -80.64 68.66
CA ILE D 1862 6.69 -79.76 67.53
C ILE D 1862 7.01 -78.35 68.02
N LEU D 1863 6.24 -77.84 68.98
CA LEU D 1863 6.50 -76.53 69.57
C LEU D 1863 7.86 -76.48 70.27
N LYS D 1864 8.22 -77.57 70.96
CA LYS D 1864 9.55 -77.63 71.57
C LYS D 1864 10.64 -77.65 70.51
N MET D 1865 10.41 -78.36 69.40
CA MET D 1865 11.46 -78.45 68.39
C MET D 1865 11.60 -77.13 67.62
N ILE D 1866 10.50 -76.40 67.46
CA ILE D 1866 10.56 -75.10 66.80
C ILE D 1866 11.25 -74.08 67.71
N GLU D 1867 10.70 -73.87 68.90
CA GLU D 1867 11.40 -73.01 69.85
C GLU D 1867 11.36 -73.62 71.25
N PRO D 1868 12.49 -74.09 71.76
CA PRO D 1868 12.46 -74.87 73.00
C PRO D 1868 12.16 -74.07 74.26
N GLU D 1869 12.56 -72.80 74.33
CA GLU D 1869 12.41 -72.07 75.57
C GLU D 1869 11.12 -71.25 75.65
N VAL D 1870 10.59 -70.80 74.52
CA VAL D 1870 9.38 -69.99 74.53
C VAL D 1870 8.17 -70.84 74.90
N PHE D 1871 8.13 -72.07 74.41
CA PHE D 1871 6.98 -72.95 74.55
C PHE D 1871 7.13 -73.93 75.71
N THR D 1872 7.77 -73.53 76.80
CA THR D 1872 7.86 -74.38 77.98
C THR D 1872 6.58 -74.29 78.78
N GLU D 1873 6.01 -75.44 79.12
CA GLU D 1873 4.79 -75.51 79.91
C GLU D 1873 5.13 -75.74 81.38
N GLU D 1874 4.28 -75.20 82.25
CA GLU D 1874 4.42 -75.32 83.70
C GLU D 1874 3.13 -74.88 84.39
N LEU D 1922 22.70 -80.96 69.60
CA LEU D 1922 22.41 -79.58 69.95
C LEU D 1922 20.92 -79.28 69.88
N GLU D 1923 20.31 -79.04 71.04
CA GLU D 1923 18.87 -78.80 71.12
C GLU D 1923 18.52 -77.35 70.82
N GLU D 1924 19.02 -76.82 69.71
CA GLU D 1924 18.69 -75.46 69.31
C GLU D 1924 17.45 -75.45 68.44
N GLY D 1925 16.59 -74.46 68.66
CA GLY D 1925 15.35 -74.40 67.94
C GLY D 1925 15.54 -74.01 66.49
N LEU D 1926 14.50 -74.28 65.69
CA LEU D 1926 14.51 -74.01 64.26
C LEU D 1926 14.59 -72.52 63.91
N LEU D 1927 14.34 -71.64 64.86
CA LEU D 1927 14.38 -70.21 64.57
C LEU D 1927 15.78 -69.62 64.70
N GLN D 1928 16.80 -70.43 64.97
CA GLN D 1928 18.15 -69.92 65.16
C GLN D 1928 19.20 -70.75 64.42
N MET D 1929 18.85 -71.36 63.30
CA MET D 1929 19.80 -72.19 62.56
C MET D 1929 20.26 -71.59 61.24
N LYS D 1930 19.97 -70.31 61.00
CA LYS D 1930 20.36 -69.56 59.78
C LYS D 1930 19.87 -70.26 58.51
N LEU D 1931 18.55 -70.43 58.47
CA LEU D 1931 17.88 -71.12 57.38
C LEU D 1931 17.91 -70.31 56.09
N PRO D 1932 17.90 -70.97 54.95
CA PRO D 1932 17.74 -70.28 53.67
C PRO D 1932 16.28 -69.87 53.48
N GLU D 1933 16.04 -69.14 52.38
CA GLU D 1933 14.72 -68.56 52.13
C GLU D 1933 13.64 -69.62 51.92
N SER D 1934 13.99 -70.72 51.23
CA SER D 1934 13.01 -71.75 50.90
C SER D 1934 12.44 -72.44 52.14
N VAL D 1935 13.27 -72.66 53.16
CA VAL D 1935 12.78 -73.29 54.39
C VAL D 1935 11.89 -72.33 55.17
N LYS D 1936 12.27 -71.05 55.18
CA LYS D 1936 11.53 -70.01 55.90
C LYS D 1936 10.07 -69.94 55.45
N LEU D 1937 9.79 -70.22 54.18
CA LEU D 1937 8.41 -70.25 53.70
C LEU D 1937 7.59 -71.34 54.40
N GLN D 1938 8.19 -72.52 54.60
CA GLN D 1938 7.51 -73.58 55.30
C GLN D 1938 7.36 -73.25 56.77
N MET D 1939 8.35 -72.55 57.33
CA MET D 1939 8.25 -72.13 58.74
C MET D 1939 7.10 -71.14 58.91
N CYS D 1940 6.95 -70.23 57.95
CA CYS D 1940 5.84 -69.29 57.97
C CYS D 1940 4.50 -70.00 57.84
N ASN D 1941 4.46 -71.11 57.09
CA ASN D 1941 3.22 -71.88 57.01
C ASN D 1941 2.92 -72.58 58.32
N LEU D 1942 3.97 -72.97 59.05
CA LEU D 1942 3.79 -73.60 60.36
C LEU D 1942 3.21 -72.60 61.35
N LEU D 1943 3.82 -71.40 61.40
CA LEU D 1943 3.32 -70.37 62.29
C LEU D 1943 1.93 -69.90 61.88
N GLU D 1944 1.62 -69.98 60.57
CA GLU D 1944 0.29 -69.63 60.09
C GLU D 1944 -0.74 -70.59 60.66
N TYR D 1945 -0.40 -71.88 60.69
CA TYR D 1945 -1.30 -72.88 61.24
C TYR D 1945 -1.53 -72.65 62.73
N PHE D 1946 -0.47 -72.34 63.47
CA PHE D 1946 -0.66 -72.12 64.91
C PHE D 1946 -1.46 -70.85 65.19
N CYS D 1947 -1.26 -69.81 64.38
CA CYS D 1947 -2.04 -68.59 64.53
C CYS D 1947 -3.52 -68.84 64.23
N ASP D 1948 -3.80 -69.69 63.24
CA ASP D 1948 -5.18 -70.07 62.96
C ASP D 1948 -5.77 -70.84 64.13
N GLN D 1949 -4.97 -71.70 64.76
CA GLN D 1949 -5.45 -72.44 65.93
C GLN D 1949 -5.78 -71.50 67.08
N GLU D 1950 -4.96 -70.47 67.28
CA GLU D 1950 -5.23 -69.45 68.29
C GLU D 1950 -6.51 -68.69 68.01
N LEU D 1951 -6.73 -68.33 66.74
CA LEU D 1951 -7.96 -67.64 66.36
C LEU D 1951 -9.19 -68.51 66.60
N GLN D 1952 -9.09 -69.79 66.25
CA GLN D 1952 -10.19 -70.72 66.51
C GLN D 1952 -10.43 -70.89 68.00
N HIS D 1953 -9.36 -70.82 68.80
CA HIS D 1953 -9.50 -70.89 70.25
C HIS D 1953 -10.26 -69.70 70.78
N ARG D 1954 -9.96 -68.51 70.26
CA ARG D 1954 -10.66 -67.30 70.70
C ARG D 1954 -12.13 -67.36 70.34
N VAL D 1955 -12.44 -67.81 69.11
CA VAL D 1955 -13.82 -67.91 68.66
C VAL D 1955 -14.61 -68.91 69.51
N GLU D 1956 -14.00 -70.08 69.79
CA GLU D 1956 -14.65 -71.08 70.62
C GLU D 1956 -14.87 -70.60 72.05
N SER D 1957 -13.90 -69.87 72.61
CA SER D 1957 -14.05 -69.28 73.94
C SER D 1957 -15.18 -68.27 73.97
N LEU D 1958 -15.28 -67.44 72.93
CA LEU D 1958 -16.34 -66.45 72.84
C LEU D 1958 -17.71 -67.13 72.75
N ALA D 1959 -17.80 -68.20 71.97
CA ALA D 1959 -19.06 -68.95 71.89
C ALA D 1959 -19.42 -69.60 73.22
N ALA D 1960 -18.43 -70.07 73.97
CA ALA D 1960 -18.70 -70.62 75.30
C ALA D 1960 -19.23 -69.56 76.26
N PHE D 1961 -18.60 -68.37 76.25
CA PHE D 1961 -19.09 -67.30 77.11
C PHE D 1961 -20.47 -66.85 76.67
N ALA D 1962 -20.76 -66.93 75.36
CA ALA D 1962 -22.09 -66.63 74.85
C ALA D 1962 -23.10 -67.61 75.42
N GLU D 1963 -22.71 -68.89 75.49
CA GLU D 1963 -23.58 -69.93 76.01
C GLU D 1963 -23.93 -69.68 77.48
N ARG D 1964 -22.94 -69.29 78.28
CA ARG D 1964 -23.22 -69.05 79.69
C ARG D 1964 -23.98 -67.74 79.91
N TYR D 1965 -23.62 -66.70 79.15
CA TYR D 1965 -24.17 -65.38 79.40
C TYR D 1965 -25.60 -65.28 78.90
N VAL D 1966 -25.97 -66.04 77.85
CA VAL D 1966 -27.36 -66.03 77.40
C VAL D 1966 -28.25 -66.64 78.47
N ASP D 1967 -27.79 -67.73 79.10
CA ASP D 1967 -28.58 -68.39 80.13
C ASP D 1967 -28.80 -67.47 81.33
N LYS D 1968 -27.74 -66.77 81.78
CA LYS D 1968 -27.92 -65.79 82.85
C LYS D 1968 -28.75 -64.58 82.43
N LEU D 1969 -28.69 -64.20 81.16
CA LEU D 1969 -29.46 -63.05 80.70
C LEU D 1969 -30.92 -63.40 80.55
N GLN D 1970 -31.22 -64.60 80.07
CA GLN D 1970 -32.58 -65.09 79.94
C GLN D 1970 -33.22 -65.21 81.32
N ALA D 1971 -32.47 -65.73 82.29
CA ALA D 1971 -33.00 -65.89 83.65
C ALA D 1971 -33.28 -64.52 84.28
N ASN D 1972 -32.34 -63.58 84.16
CA ASN D 1972 -32.53 -62.26 84.74
C ASN D 1972 -33.69 -61.50 84.09
N GLN D 1973 -33.80 -61.59 82.76
CA GLN D 1973 -34.87 -60.90 82.05
C GLN D 1973 -36.23 -61.55 82.30
N ARG D 1974 -36.25 -62.85 82.58
CA ARG D 1974 -37.51 -63.49 82.96
C ARG D 1974 -37.92 -63.07 84.37
N SER D 1975 -36.96 -63.05 85.30
CA SER D 1975 -37.26 -62.67 86.68
C SER D 1975 -37.73 -61.23 86.75
N ARG D 1976 -37.05 -60.33 86.00
CA ARG D 1976 -37.49 -58.94 85.94
C ARG D 1976 -38.84 -58.80 85.27
N TYR D 1977 -39.20 -59.70 84.34
CA TYR D 1977 -40.52 -59.67 83.73
C TYR D 1977 -41.59 -60.05 84.75
N ALA D 1978 -41.30 -61.07 85.55
CA ALA D 1978 -42.22 -61.49 86.61
C ALA D 1978 -42.39 -60.40 87.65
N LEU D 1979 -41.29 -59.74 88.03
CA LEU D 1979 -41.37 -58.59 88.93
C LEU D 1979 -42.17 -57.45 88.31
N LEU D 1980 -42.09 -57.28 86.98
CA LEU D 1980 -42.83 -56.21 86.33
C LEU D 1980 -44.32 -56.51 86.31
N MET D 1981 -44.69 -57.80 86.32
CA MET D 1981 -46.11 -58.15 86.36
C MET D 1981 -46.80 -57.73 87.66
N ARG D 1982 -46.05 -57.52 88.73
CA ARG D 1982 -46.59 -57.04 89.99
C ARG D 1982 -46.39 -55.54 90.19
N ALA D 1983 -45.89 -54.83 89.16
CA ALA D 1983 -45.59 -53.41 89.29
C ALA D 1983 -46.84 -52.52 89.30
N PHE D 1984 -48.01 -53.05 88.92
CA PHE D 1984 -49.22 -52.26 88.83
C PHE D 1984 -49.75 -51.76 90.17
N THR D 1985 -49.22 -52.27 91.29
CA THR D 1985 -49.71 -51.89 92.61
C THR D 1985 -48.96 -50.71 93.22
N MET D 1986 -47.78 -50.34 92.69
CA MET D 1986 -47.03 -49.24 93.28
C MET D 1986 -46.40 -48.30 92.24
N SER D 1987 -46.76 -48.42 90.97
CA SER D 1987 -46.15 -47.62 89.91
C SER D 1987 -47.21 -46.75 89.23
N ALA D 1988 -46.81 -46.11 88.14
CA ALA D 1988 -47.63 -45.12 87.44
C ALA D 1988 -47.34 -45.27 85.95
N ALA D 1989 -47.63 -44.22 85.17
CA ALA D 1989 -47.57 -44.22 83.72
C ALA D 1989 -46.16 -44.38 83.13
N GLU D 1990 -45.11 -44.50 83.96
CA GLU D 1990 -43.75 -44.71 83.49
C GLU D 1990 -43.42 -46.18 83.28
N THR D 1991 -44.40 -47.07 83.43
CA THR D 1991 -44.20 -48.50 83.13
C THR D 1991 -43.98 -48.78 81.65
N ALA D 1992 -44.26 -47.82 80.76
CA ALA D 1992 -44.06 -48.02 79.33
C ALA D 1992 -42.59 -48.24 79.01
N ARG D 1993 -41.69 -47.59 79.77
CA ARG D 1993 -40.26 -47.74 79.52
C ARG D 1993 -39.80 -49.14 79.90
N ARG D 1994 -40.19 -49.61 81.08
CA ARG D 1994 -39.77 -50.95 81.49
C ARG D 1994 -40.45 -52.05 80.68
N THR D 1995 -41.62 -51.80 80.08
CA THR D 1995 -42.21 -52.81 79.20
C THR D 1995 -41.87 -52.58 77.73
N ARG D 1996 -41.03 -51.58 77.44
CA ARG D 1996 -40.58 -51.33 76.07
C ARG D 1996 -39.79 -52.53 75.57
N GLU D 1997 -38.94 -53.10 76.44
CA GLU D 1997 -38.11 -54.23 76.06
C GLU D 1997 -38.99 -55.38 75.60
N PHE D 1998 -39.96 -55.75 76.44
CA PHE D 1998 -40.81 -56.90 76.17
C PHE D 1998 -41.77 -56.62 75.01
N ARG D 1999 -41.94 -55.35 74.61
CA ARG D 1999 -42.70 -55.04 73.41
C ARG D 1999 -41.78 -54.76 72.22
N SER D 2000 -40.50 -54.97 72.39
CA SER D 2000 -39.58 -54.79 71.28
C SER D 2000 -38.97 -56.13 70.89
N PRO D 2001 -38.81 -56.39 69.60
CA PRO D 2001 -38.24 -57.67 69.15
C PRO D 2001 -36.85 -57.89 69.71
N PRO D 2002 -36.45 -59.18 69.87
CA PRO D 2002 -35.28 -59.50 70.71
C PRO D 2002 -33.94 -58.90 70.32
N GLN D 2003 -33.66 -58.70 69.02
CA GLN D 2003 -32.34 -58.26 68.56
C GLN D 2003 -31.94 -56.95 69.25
N GLU D 2004 -32.84 -55.97 69.21
CA GLU D 2004 -32.49 -54.73 69.86
C GLU D 2004 -32.66 -54.82 71.38
N GLN D 2005 -33.36 -55.86 71.88
CA GLN D 2005 -33.37 -56.07 73.33
C GLN D 2005 -31.97 -56.40 73.82
N ILE D 2006 -31.25 -57.28 73.11
CA ILE D 2006 -29.85 -57.52 73.48
C ILE D 2006 -29.02 -56.28 73.24
N ASN D 2007 -29.30 -55.54 72.15
CA ASN D 2007 -28.53 -54.32 71.86
C ASN D 2007 -28.59 -53.31 73.00
N MET D 2008 -29.80 -53.03 73.51
CA MET D 2008 -29.92 -52.11 74.63
C MET D 2008 -29.48 -52.74 75.95
N LEU D 2009 -29.59 -54.06 76.10
CA LEU D 2009 -29.07 -54.72 77.29
C LEU D 2009 -27.56 -54.56 77.38
N LEU D 2010 -26.86 -54.79 76.26
CA LEU D 2010 -25.41 -54.69 76.23
C LEU D 2010 -24.93 -53.26 76.08
N HIS D 2011 -25.82 -52.30 75.88
CA HIS D 2011 -25.45 -50.91 75.58
C HIS D 2011 -25.02 -50.16 76.85
N PHE D 2012 -23.95 -50.66 77.48
CA PHE D 2012 -23.40 -50.01 78.68
C PHE D 2012 -21.88 -50.03 78.70
N LYS D 2013 -21.24 -50.08 77.53
CA LYS D 2013 -19.78 -50.23 77.45
C LYS D 2013 -19.05 -49.01 78.02
N ASP D 2014 -19.47 -47.81 77.60
CA ASP D 2014 -18.71 -46.61 77.89
C ASP D 2014 -19.08 -45.96 79.22
N GLU D 2015 -19.97 -46.59 80.01
CA GLU D 2015 -20.37 -46.24 81.38
C GLU D 2015 -21.22 -44.96 81.45
N ALA D 2016 -21.39 -44.28 80.32
CA ALA D 2016 -22.20 -43.07 80.24
C ALA D 2016 -23.66 -43.35 80.00
N ASP D 2017 -24.04 -44.62 79.84
CA ASP D 2017 -25.43 -44.99 79.56
C ASP D 2017 -25.87 -46.21 80.36
N GLU D 2018 -25.33 -46.35 81.58
CA GLU D 2018 -25.68 -47.46 82.47
C GLU D 2018 -27.14 -47.43 82.88
N GLU D 2019 -27.76 -46.25 82.90
CA GLU D 2019 -29.11 -46.07 83.41
C GLU D 2019 -30.14 -46.83 82.57
N ASP D 2020 -30.01 -46.80 81.25
CA ASP D 2020 -30.92 -47.54 80.38
C ASP D 2020 -30.78 -49.05 80.57
N CYS D 2021 -29.57 -49.51 80.88
CA CYS D 2021 -29.32 -50.93 81.10
C CYS D 2021 -29.99 -51.39 82.39
N PRO D 2022 -30.89 -52.38 82.34
CA PRO D 2022 -31.54 -52.88 83.56
C PRO D 2022 -30.76 -53.97 84.28
N LEU D 2023 -29.62 -54.40 83.74
CA LEU D 2023 -28.89 -55.51 84.33
C LEU D 2023 -28.29 -55.14 85.67
N PRO D 2024 -28.23 -56.08 86.61
CA PRO D 2024 -27.49 -55.85 87.85
C PRO D 2024 -25.99 -55.81 87.62
N GLU D 2025 -25.33 -55.18 88.59
CA GLU D 2025 -23.89 -54.92 88.50
C GLU D 2025 -23.08 -56.20 88.45
N ASP D 2026 -23.54 -57.27 89.10
CA ASP D 2026 -22.80 -58.54 89.05
C ASP D 2026 -22.75 -59.12 87.64
N ILE D 2027 -23.85 -58.98 86.89
CA ILE D 2027 -23.86 -59.41 85.50
C ILE D 2027 -23.00 -58.49 84.65
N ARG D 2028 -23.10 -57.18 84.88
CA ARG D 2028 -22.32 -56.22 84.11
C ARG D 2028 -20.82 -56.41 84.32
N GLN D 2029 -20.44 -56.70 85.57
CA GLN D 2029 -19.05 -56.98 85.89
C GLN D 2029 -18.58 -58.23 85.17
N ASP D 2030 -19.45 -59.24 85.06
CA ASP D 2030 -19.11 -60.51 84.41
C ASP D 2030 -18.77 -60.28 82.95
N LEU D 2031 -19.62 -59.49 82.26
CA LEU D 2031 -19.35 -59.18 80.86
C LEU D 2031 -18.07 -58.38 80.70
N GLN D 2032 -17.86 -57.36 81.55
CA GLN D 2032 -16.62 -56.58 81.41
C GLN D 2032 -15.38 -57.37 81.85
N ASP D 2033 -15.57 -58.42 82.64
CA ASP D 2033 -14.48 -59.34 82.96
C ASP D 2033 -14.09 -60.14 81.74
N PHE D 2034 -15.09 -60.64 81.00
CA PHE D 2034 -14.73 -61.41 79.80
C PHE D 2034 -14.18 -60.49 78.71
N HIS D 2035 -14.56 -59.22 78.74
CA HIS D 2035 -14.03 -58.28 77.76
C HIS D 2035 -12.56 -57.99 78.05
N GLN D 2036 -12.20 -57.91 79.34
CA GLN D 2036 -10.83 -57.52 79.69
C GLN D 2036 -9.85 -58.62 79.31
N ASP D 2037 -10.14 -59.88 79.70
CA ASP D 2037 -9.17 -60.91 79.37
C ASP D 2037 -9.23 -61.24 77.89
N LEU D 2038 -10.36 -61.00 77.20
CA LEU D 2038 -10.36 -61.15 75.75
C LEU D 2038 -9.38 -60.18 75.08
N LEU D 2039 -9.38 -58.92 75.50
CA LEU D 2039 -8.39 -57.97 74.99
C LEU D 2039 -6.97 -58.34 75.41
N ALA D 2040 -6.80 -58.82 76.64
CA ALA D 2040 -5.48 -59.28 77.08
C ALA D 2040 -4.99 -60.48 76.28
N HIS D 2041 -5.89 -61.41 75.96
CA HIS D 2041 -5.53 -62.55 75.13
C HIS D 2041 -5.14 -62.08 73.74
N CYS D 2042 -5.88 -61.12 73.19
CA CYS D 2042 -5.56 -60.55 71.89
C CYS D 2042 -4.42 -59.53 71.95
N GLY D 2043 -3.75 -59.41 73.09
CA GLY D 2043 -2.60 -58.53 73.23
C GLY D 2043 -2.87 -57.06 73.06
N ILE D 2044 -3.98 -56.56 73.63
CA ILE D 2044 -4.26 -55.14 73.53
C ILE D 2044 -3.43 -54.35 74.53
N GLN D 2045 -3.64 -54.59 75.82
CA GLN D 2045 -2.91 -53.96 76.91
C GLN D 2045 -3.24 -54.68 78.20
N LEU D 2046 -2.22 -54.86 79.04
CA LEU D 2046 -2.41 -55.51 80.34
C LEU D 2046 -2.97 -54.50 81.33
N GLU D 2088 13.79 -57.35 78.21
CA GLU D 2088 12.64 -58.16 77.86
C GLU D 2088 12.87 -58.96 76.57
N LYS D 2089 14.04 -59.60 76.50
CA LYS D 2089 14.39 -60.41 75.33
C LYS D 2089 13.50 -61.63 75.18
N LYS D 2090 12.84 -62.06 76.25
CA LYS D 2090 12.00 -63.25 76.24
C LYS D 2090 10.68 -62.92 75.56
N PRO D 2091 10.34 -63.57 74.44
CA PRO D 2091 9.03 -63.32 73.80
C PRO D 2091 7.84 -63.70 74.66
N GLN D 2092 7.94 -64.82 75.39
CA GLN D 2092 6.98 -65.35 76.37
C GLN D 2092 5.68 -65.87 75.77
N SER D 2093 5.46 -65.70 74.46
CA SER D 2093 4.27 -66.24 73.79
C SER D 2093 4.46 -66.13 72.28
N LEU D 2094 3.44 -66.61 71.58
CA LEU D 2094 3.49 -66.71 70.13
C LEU D 2094 3.42 -65.34 69.47
N GLN D 2095 2.54 -64.46 69.97
CA GLN D 2095 2.29 -63.19 69.30
C GLN D 2095 3.54 -62.30 69.27
N GLU D 2096 4.27 -62.23 70.39
CA GLU D 2096 5.52 -61.49 70.38
C GLU D 2096 6.64 -62.27 69.69
N LEU D 2097 6.54 -63.61 69.71
CA LEU D 2097 7.55 -64.45 69.08
C LEU D 2097 7.57 -64.23 67.58
N VAL D 2098 6.39 -64.34 66.93
CA VAL D 2098 6.28 -64.28 65.48
C VAL D 2098 6.73 -62.92 64.97
N SER D 2099 6.25 -61.86 65.64
CA SER D 2099 6.57 -60.50 65.23
C SER D 2099 8.07 -60.24 65.34
N HIS D 2100 8.69 -60.74 66.42
CA HIS D 2100 10.11 -60.53 66.62
CA HIS D 2100 10.11 -60.53 66.62
C HIS D 2100 10.93 -61.26 65.57
N MET D 2101 10.58 -62.52 65.30
CA MET D 2101 11.39 -63.30 64.36
C MET D 2101 11.16 -62.85 62.92
N VAL D 2102 9.94 -62.41 62.58
CA VAL D 2102 9.67 -61.89 61.24
C VAL D 2102 10.47 -60.62 61.00
N VAL D 2103 10.48 -59.70 61.98
CA VAL D 2103 11.27 -58.48 61.84
C VAL D 2103 12.75 -58.80 61.78
N ARG D 2104 13.22 -59.74 62.61
CA ARG D 2104 14.64 -60.12 62.61
C ARG D 2104 15.03 -60.74 61.27
N TRP D 2105 14.16 -61.56 60.67
CA TRP D 2105 14.41 -62.12 59.35
C TRP D 2105 14.51 -61.02 58.31
N ALA D 2106 13.60 -60.04 58.39
CA ALA D 2106 13.56 -58.99 57.38
C ALA D 2106 14.81 -58.12 57.46
N GLN D 2107 15.28 -57.81 58.67
CA GLN D 2107 16.44 -56.94 58.80
C GLN D 2107 17.76 -57.70 58.70
N GLU D 2108 17.75 -59.03 58.72
CA GLU D 2108 18.99 -59.77 58.58
C GLU D 2108 19.51 -59.79 57.15
N ASP D 2109 18.61 -59.76 56.17
CA ASP D 2109 19.01 -59.85 54.76
C ASP D 2109 17.88 -59.36 53.88
N TYR D 2110 18.25 -58.95 52.67
CA TYR D 2110 17.28 -58.53 51.67
C TYR D 2110 16.57 -59.78 51.15
N VAL D 2111 15.38 -60.03 51.66
CA VAL D 2111 14.60 -61.21 51.30
C VAL D 2111 14.20 -61.14 49.84
N GLN D 2112 14.39 -62.24 49.11
CA GLN D 2112 14.20 -62.21 47.67
C GLN D 2112 12.90 -62.85 47.21
N SER D 2113 12.47 -63.93 47.84
CA SER D 2113 11.27 -64.63 47.38
C SER D 2113 10.01 -63.82 47.64
N PRO D 2114 9.24 -63.47 46.61
CA PRO D 2114 8.00 -62.70 46.81
C PRO D 2114 6.96 -63.41 47.65
N GLU D 2115 6.89 -64.74 47.54
CA GLU D 2115 5.92 -65.49 48.34
C GLU D 2115 6.33 -65.51 49.79
N LEU D 2116 7.64 -65.57 50.05
CA LEU D 2116 8.14 -65.54 51.42
C LEU D 2116 7.84 -64.20 52.05
N VAL D 2117 8.07 -63.11 51.30
CA VAL D 2117 7.80 -61.76 51.77
C VAL D 2117 6.31 -61.58 52.09
N ARG D 2118 5.46 -62.07 51.19
CA ARG D 2118 4.01 -61.97 51.39
C ARG D 2118 3.56 -62.77 52.61
N ALA D 2119 4.15 -63.96 52.81
CA ALA D 2119 3.78 -64.81 53.93
C ALA D 2119 4.20 -64.18 55.25
N MET D 2120 5.40 -63.59 55.30
CA MET D 2120 5.86 -63.07 56.59
C MET D 2120 5.13 -61.78 56.92
N PHE D 2121 4.84 -60.95 55.91
CA PHE D 2121 4.16 -59.71 56.25
C PHE D 2121 2.68 -59.95 56.50
N SER D 2122 2.12 -61.08 56.04
CA SER D 2122 0.78 -61.43 56.46
C SER D 2122 0.75 -61.91 57.90
N LEU D 2123 1.78 -62.69 58.29
CA LEU D 2123 1.88 -63.11 59.69
C LEU D 2123 2.03 -61.91 60.61
N LEU D 2124 2.90 -60.96 60.21
CA LEU D 2124 3.15 -59.78 61.02
C LEU D 2124 1.90 -58.93 61.16
N HIS D 2125 1.14 -58.80 60.06
CA HIS D 2125 -0.08 -58.01 60.12
C HIS D 2125 -1.10 -58.65 61.05
N ARG D 2126 -1.15 -59.99 61.07
CA ARG D 2126 -2.10 -60.66 61.95
C ARG D 2126 -1.73 -60.45 63.42
N GLN D 2127 -0.43 -60.55 63.74
CA GLN D 2127 -0.01 -60.43 65.14
C GLN D 2127 -0.25 -59.02 65.64
N TYR D 2128 0.09 -58.01 64.84
CA TYR D 2128 -0.18 -56.65 65.30
C TYR D 2128 -1.67 -56.39 65.37
N ASP D 2129 -2.41 -56.69 64.30
CA ASP D 2129 -3.86 -56.50 64.31
C ASP D 2129 -4.56 -57.79 64.76
N GLY D 2130 -4.25 -58.21 65.98
CA GLY D 2130 -4.80 -59.42 66.54
C GLY D 2130 -6.32 -59.37 66.66
N LEU D 2131 -6.86 -58.22 67.04
CA LEU D 2131 -8.31 -58.06 67.16
C LEU D 2131 -9.00 -57.95 65.80
N GLY D 2132 -8.32 -57.37 64.80
CA GLY D 2132 -8.93 -57.22 63.49
C GLY D 2132 -9.25 -58.53 62.79
N GLU D 2133 -8.32 -59.49 62.86
CA GLU D 2133 -8.57 -60.80 62.26
C GLU D 2133 -9.72 -61.52 62.96
N LEU D 2134 -9.84 -61.33 64.29
CA LEU D 2134 -10.98 -61.88 65.00
C LEU D 2134 -12.27 -61.21 64.52
N LEU D 2135 -12.23 -59.89 64.36
CA LEU D 2135 -13.43 -59.14 63.95
C LEU D 2135 -13.86 -59.58 62.56
N ARG D 2136 -12.90 -59.90 61.70
CA ARG D 2136 -13.22 -60.40 60.37
C ARG D 2136 -13.55 -61.88 60.40
N ALA D 2137 -13.38 -62.54 61.56
CA ALA D 2137 -13.68 -63.96 61.66
C ALA D 2137 -15.06 -64.21 62.23
N LEU D 2138 -15.61 -63.27 63.01
CA LEU D 2138 -16.98 -63.45 63.52
C LEU D 2138 -18.06 -63.65 62.47
N PRO D 2139 -18.11 -62.96 61.31
CA PRO D 2139 -19.20 -63.24 60.34
C PRO D 2139 -19.32 -64.68 59.88
N ARG D 2140 -18.22 -65.43 59.87
CA ARG D 2140 -18.27 -66.84 59.54
C ARG D 2140 -18.48 -67.74 60.75
N ALA D 2141 -18.55 -67.17 61.94
CA ALA D 2141 -18.82 -67.95 63.14
C ALA D 2141 -20.32 -68.15 63.30
N TYR D 2142 -20.69 -69.28 63.91
CA TYR D 2142 -22.09 -69.64 64.06
C TYR D 2142 -22.20 -70.73 65.12
N THR D 2143 -23.34 -70.74 65.82
CA THR D 2143 -23.62 -71.73 66.85
C THR D 2143 -24.88 -72.50 66.49
N ILE D 2144 -24.85 -73.82 66.69
CA ILE D 2144 -25.98 -74.68 66.38
C ILE D 2144 -26.30 -75.57 67.57
N SER D 2145 -27.52 -76.09 67.56
CA SER D 2145 -28.00 -76.95 68.61
C SER D 2145 -27.26 -78.28 68.59
N PRO D 2146 -26.99 -78.88 69.76
CA PRO D 2146 -26.28 -80.17 69.80
C PRO D 2146 -27.02 -81.32 69.11
N SER D 2147 -28.32 -81.21 68.91
CA SER D 2147 -29.10 -82.26 68.26
C SER D 2147 -29.06 -82.19 66.74
N SER D 2148 -28.36 -81.22 66.14
CA SER D 2148 -28.31 -81.07 64.70
C SER D 2148 -26.92 -81.28 64.11
N VAL D 2149 -25.98 -81.82 64.90
CA VAL D 2149 -24.62 -82.00 64.41
C VAL D 2149 -24.55 -83.10 63.35
N GLU D 2150 -25.25 -84.23 63.56
CA GLU D 2150 -25.15 -85.32 62.61
C GLU D 2150 -25.76 -84.97 61.25
N ASP D 2151 -26.71 -84.04 61.21
CA ASP D 2151 -27.20 -83.51 59.94
C ASP D 2151 -26.23 -82.50 59.35
N THR D 2152 -25.60 -81.72 60.23
CA THR D 2152 -24.63 -80.72 59.78
C THR D 2152 -23.44 -81.39 59.13
N MET D 2153 -22.98 -82.52 59.68
CA MET D 2153 -21.86 -83.26 59.12
C MET D 2153 -22.12 -83.66 57.68
N SER D 2154 -23.32 -84.21 57.42
CA SER D 2154 -23.72 -84.58 56.05
C SER D 2154 -23.79 -83.37 55.14
N LEU D 2155 -24.18 -82.23 55.70
CA LEU D 2155 -24.26 -81.01 54.90
C LEU D 2155 -22.86 -80.54 54.54
N LEU D 2156 -21.95 -80.54 55.52
CA LEU D 2156 -20.57 -80.12 55.29
C LEU D 2156 -19.87 -81.04 54.29
N GLU D 2157 -20.13 -82.35 54.39
CA GLU D 2157 -19.57 -83.31 53.42
C GLU D 2157 -20.04 -83.01 52.00
N CYS D 2158 -21.34 -82.72 51.82
CA CYS D 2158 -21.82 -82.39 50.48
C CYS D 2158 -21.28 -81.05 50.01
N LEU D 2159 -21.14 -80.09 50.93
CA LEU D 2159 -20.55 -78.81 50.56
C LEU D 2159 -19.10 -78.98 50.15
N GLY D 2160 -18.36 -79.84 50.85
CA GLY D 2160 -16.99 -80.12 50.48
C GLY D 2160 -16.90 -80.76 49.10
N GLN D 2161 -17.89 -81.58 48.75
CA GLN D 2161 -17.94 -82.15 47.40
C GLN D 2161 -18.13 -81.05 46.37
N ILE D 2162 -19.00 -80.09 46.67
CA ILE D 2162 -19.23 -79.00 45.72
C ILE D 2162 -17.99 -78.11 45.61
N ARG D 2163 -17.39 -77.76 46.74
CA ARG D 2163 -16.16 -76.96 46.76
C ARG D 2163 -15.02 -77.63 46.01
N SER D 2164 -14.98 -78.97 46.00
CA SER D 2164 -13.93 -79.67 45.30
C SER D 2164 -14.07 -79.57 43.78
N LEU D 2165 -15.23 -79.15 43.29
CA LEU D 2165 -15.48 -79.03 41.87
C LEU D 2165 -15.07 -77.68 41.30
N LEU D 2166 -14.63 -76.74 42.14
CA LEU D 2166 -14.16 -75.44 41.67
C LEU D 2166 -12.81 -75.49 40.97
N ILE D 2167 -12.10 -76.61 41.02
CA ILE D 2167 -10.74 -76.72 40.52
C ILE D 2167 -10.63 -77.78 39.44
N VAL D 2168 -11.75 -78.34 38.99
CA VAL D 2168 -11.76 -79.42 38.03
C VAL D 2168 -12.73 -79.09 36.90
N GLN D 2169 -12.33 -79.40 35.68
CA GLN D 2169 -13.23 -79.26 34.54
C GLN D 2169 -14.38 -80.24 34.68
N MET D 2170 -15.59 -79.77 34.38
CA MET D 2170 -16.77 -80.60 34.58
C MET D 2170 -16.87 -81.70 33.54
N GLY D 2171 -17.24 -82.88 34.01
CA GLY D 2171 -17.47 -84.02 33.16
C GLY D 2171 -18.67 -84.81 33.63
N PRO D 2172 -18.99 -85.89 32.91
CA PRO D 2172 -20.12 -86.75 33.32
C PRO D 2172 -19.99 -87.34 34.71
N GLN D 2173 -18.78 -87.71 35.12
CA GLN D 2173 -18.55 -88.27 36.45
C GLN D 2173 -18.86 -87.25 37.54
N GLU D 2174 -18.40 -86.02 37.37
CA GLU D 2174 -18.64 -85.00 38.39
C GLU D 2174 -20.08 -84.51 38.35
N GLU D 2175 -20.72 -84.62 37.17
CA GLU D 2175 -22.10 -84.17 37.00
C GLU D 2175 -23.04 -84.93 37.91
N ASN D 2176 -22.93 -86.26 37.92
CA ASN D 2176 -23.82 -87.01 38.80
C ASN D 2176 -23.37 -86.91 40.25
N LEU D 2177 -22.11 -86.51 40.49
CA LEU D 2177 -21.62 -86.35 41.84
C LEU D 2177 -22.31 -85.17 42.50
N MET D 2178 -22.51 -84.11 41.72
CA MET D 2178 -23.07 -82.93 42.33
C MET D 2178 -24.58 -82.87 42.22
N ILE D 2179 -25.19 -83.53 41.25
CA ILE D 2179 -26.65 -83.56 41.21
C ILE D 2179 -27.19 -84.27 42.46
N GLN D 2180 -26.57 -85.39 42.85
CA GLN D 2180 -26.94 -86.02 44.10
C GLN D 2180 -26.45 -85.25 45.32
N SER D 2181 -25.33 -84.52 45.22
CA SER D 2181 -24.89 -83.71 46.36
C SER D 2181 -25.89 -82.59 46.64
N ILE D 2182 -26.37 -81.92 45.58
CA ILE D 2182 -27.39 -80.89 45.70
C ILE D 2182 -28.68 -81.49 46.23
N GLY D 2183 -29.08 -82.65 45.70
CA GLY D 2183 -30.29 -83.31 46.16
C GLY D 2183 -30.21 -83.66 47.63
N ASN D 2184 -29.02 -84.04 48.11
CA ASN D 2184 -28.83 -84.29 49.53
C ASN D 2184 -29.02 -83.02 50.34
N ILE D 2185 -28.58 -81.88 49.79
CA ILE D 2185 -28.78 -80.61 50.49
C ILE D 2185 -30.27 -80.29 50.59
N MET D 2186 -31.01 -80.49 49.49
CA MET D 2186 -32.47 -80.29 49.54
C MET D 2186 -33.11 -81.23 50.55
N ASN D 2187 -32.65 -82.49 50.60
CA ASN D 2187 -33.17 -83.45 51.57
C ASN D 2187 -32.73 -83.14 53.00
N ASN D 2188 -31.78 -82.22 53.19
CA ASN D 2188 -31.30 -81.90 54.52
C ASN D 2188 -32.17 -80.81 55.14
N LYS D 2189 -32.62 -81.05 56.37
CA LYS D 2189 -33.49 -80.12 57.08
C LYS D 2189 -32.77 -78.87 57.58
N VAL D 2190 -31.45 -78.91 57.76
CA VAL D 2190 -30.72 -77.74 58.22
C VAL D 2190 -30.71 -76.65 57.16
N PHE D 2191 -30.80 -77.04 55.88
CA PHE D 2191 -30.88 -76.10 54.76
C PHE D 2191 -32.11 -75.21 54.85
N TYR D 2192 -33.15 -75.64 55.55
CA TYR D 2192 -34.35 -74.84 55.76
C TYR D 2192 -34.35 -74.20 57.15
N GLN D 2193 -33.86 -74.92 58.15
CA GLN D 2193 -33.88 -74.42 59.53
C GLN D 2193 -32.96 -73.23 59.72
N HIS D 2194 -31.80 -73.23 59.04
CA HIS D 2194 -30.81 -72.17 59.20
C HIS D 2194 -30.41 -71.59 57.85
N PRO D 2195 -31.26 -70.74 57.25
CA PRO D 2195 -30.84 -70.04 56.02
C PRO D 2195 -29.65 -69.12 56.23
N ASN D 2196 -29.49 -68.58 57.44
CA ASN D 2196 -28.35 -67.72 57.76
C ASN D 2196 -27.04 -68.48 57.63
N LEU D 2197 -27.01 -69.72 58.12
CA LEU D 2197 -25.81 -70.54 58.07
C LEU D 2197 -25.38 -70.85 56.64
N MET D 2198 -26.32 -71.18 55.75
CA MET D 2198 -26.00 -71.37 54.33
C MET D 2198 -25.43 -70.10 53.71
N ARG D 2199 -25.88 -68.94 54.16
CA ARG D 2199 -25.34 -67.69 53.65
C ARG D 2199 -23.95 -67.44 54.20
N ALA D 2200 -23.69 -67.87 55.44
CA ALA D 2200 -22.35 -67.70 55.98
C ALA D 2200 -21.39 -68.65 55.29
N LEU D 2201 -21.85 -69.88 54.98
CA LEU D 2201 -21.01 -70.81 54.25
C LEU D 2201 -20.82 -70.45 52.79
N GLY D 2202 -21.60 -69.50 52.27
CA GLY D 2202 -21.50 -69.16 50.85
C GLY D 2202 -21.85 -70.26 49.88
N MET D 2203 -22.90 -71.04 50.18
CA MET D 2203 -23.28 -72.16 49.33
C MET D 2203 -23.73 -71.70 47.95
N HIS D 2204 -24.51 -70.61 47.90
CA HIS D 2204 -25.00 -70.07 46.64
C HIS D 2204 -23.87 -69.54 45.78
N GLU D 2205 -22.84 -68.98 46.42
CA GLU D 2205 -21.68 -68.46 45.68
C GLU D 2205 -20.98 -69.58 44.93
N THR D 2206 -20.72 -70.70 45.62
CA THR D 2206 -20.03 -71.82 45.01
C THR D 2206 -20.86 -72.44 43.89
N VAL D 2207 -22.17 -72.58 44.11
CA VAL D 2207 -23.05 -73.14 43.08
C VAL D 2207 -23.10 -72.20 41.87
N MET D 2208 -23.05 -70.89 42.13
CA MET D 2208 -22.99 -69.90 41.07
C MET D 2208 -21.74 -70.07 40.23
N GLU D 2209 -20.57 -70.14 40.87
CA GLU D 2209 -19.31 -70.24 40.12
C GLU D 2209 -19.24 -71.54 39.33
N VAL D 2210 -19.77 -72.63 39.90
CA VAL D 2210 -19.82 -73.91 39.19
C VAL D 2210 -20.68 -73.79 37.94
N MET D 2211 -21.85 -73.15 38.06
CA MET D 2211 -22.72 -72.97 36.91
C MET D 2211 -22.07 -72.07 35.86
N VAL D 2212 -21.48 -70.95 36.29
CA VAL D 2212 -20.90 -69.96 35.39
C VAL D 2212 -19.76 -70.57 34.58
N ASN D 2213 -18.95 -71.43 35.21
CA ASN D 2213 -17.84 -72.08 34.50
C ASN D 2213 -18.35 -72.94 33.34
N VAL D 2214 -19.42 -73.70 33.59
CA VAL D 2214 -19.99 -74.56 32.57
C VAL D 2214 -20.64 -73.72 31.47
N LEU D 2215 -21.33 -72.63 31.84
CA LEU D 2215 -21.87 -71.72 30.84
C LEU D 2215 -20.76 -71.10 29.98
N GLY D 2216 -19.61 -70.83 30.59
CA GLY D 2216 -18.46 -70.35 29.83
C GLY D 2216 -17.96 -71.39 28.85
N GLY D 2217 -17.92 -72.65 29.28
CA GLY D 2217 -17.53 -73.74 28.39
C GLY D 2217 -18.55 -73.93 27.29
N GLY D 2218 -18.11 -73.84 26.03
CA GLY D 2218 -19.03 -73.89 24.91
C GLY D 2218 -20.02 -72.74 24.89
N GLU D 2219 -19.55 -71.52 25.20
CA GLU D 2219 -20.39 -70.34 25.33
C GLU D 2219 -20.97 -69.87 23.99
N THR D 2220 -20.50 -70.40 22.87
CA THR D 2220 -21.02 -70.00 21.56
C THR D 2220 -21.71 -71.14 20.83
N LYS D 2221 -21.15 -72.35 20.84
CA LYS D 2221 -21.74 -73.43 20.07
C LYS D 2221 -22.96 -74.03 20.77
N GLU D 2222 -22.78 -74.60 21.96
CA GLU D 2222 -23.84 -75.26 22.72
C GLU D 2222 -23.34 -75.48 24.14
N ILE D 2223 -24.25 -75.38 25.10
CA ILE D 2223 -23.90 -75.53 26.51
C ILE D 2223 -23.98 -77.02 26.89
N ARG D 2224 -22.81 -77.62 27.07
CA ARG D 2224 -22.73 -79.03 27.43
C ARG D 2224 -23.16 -79.20 28.89
N PHE D 2225 -23.70 -80.38 29.21
CA PHE D 2225 -24.29 -80.82 30.49
C PHE D 2225 -25.49 -79.97 30.90
N PRO D 2226 -26.60 -79.97 30.14
CA PRO D 2226 -27.77 -79.17 30.57
C PRO D 2226 -28.46 -79.70 31.82
N LYS D 2227 -28.38 -81.01 32.08
CA LYS D 2227 -29.07 -81.61 33.22
C LYS D 2227 -28.55 -81.08 34.54
N MET D 2228 -27.25 -80.80 34.60
CA MET D 2228 -26.69 -80.28 35.85
C MET D 2228 -27.04 -78.80 36.00
N VAL D 2229 -27.03 -78.06 34.89
CA VAL D 2229 -27.31 -76.63 34.93
C VAL D 2229 -28.73 -76.37 35.42
N THR D 2230 -29.69 -77.18 34.93
CA THR D 2230 -31.06 -76.99 35.40
C THR D 2230 -31.27 -77.46 36.83
N SER D 2231 -30.30 -78.17 37.40
CA SER D 2231 -30.38 -78.60 38.79
C SER D 2231 -29.77 -77.56 39.70
N CYS D 2232 -28.74 -76.88 39.22
CA CYS D 2232 -28.18 -75.77 39.97
C CYS D 2232 -29.17 -74.62 39.98
N CYS D 2233 -29.75 -74.29 38.82
CA CYS D 2233 -30.74 -73.22 38.75
C CYS D 2233 -31.98 -73.54 39.58
N ARG D 2234 -32.44 -74.81 39.57
CA ARG D 2234 -33.53 -75.23 40.45
C ARG D 2234 -33.18 -75.05 41.92
N PHE D 2235 -31.94 -75.41 42.29
CA PHE D 2235 -31.48 -75.23 43.67
C PHE D 2235 -31.44 -73.75 44.02
N LEU D 2236 -30.93 -72.91 43.13
CA LEU D 2236 -30.83 -71.48 43.41
C LEU D 2236 -32.21 -70.85 43.59
N CYS D 2237 -33.18 -71.26 42.76
CA CYS D 2237 -34.54 -70.75 42.92
C CYS D 2237 -35.13 -71.19 44.26
N TYR D 2238 -34.91 -72.45 44.64
CA TYR D 2238 -35.35 -72.90 45.95
C TYR D 2238 -34.61 -72.18 47.07
N PHE D 2239 -33.37 -71.73 46.81
CA PHE D 2239 -32.65 -70.94 47.79
C PHE D 2239 -33.25 -69.56 47.94
N CYS D 2240 -33.75 -69.00 46.83
CA CYS D 2240 -34.36 -67.68 46.88
C CYS D 2240 -35.66 -67.73 47.65
N ARG D 2241 -36.40 -68.82 47.51
CA ARG D 2241 -37.72 -68.88 48.12
C ARG D 2241 -37.69 -69.11 49.63
N ILE D 2242 -36.52 -69.40 50.22
CA ILE D 2242 -36.46 -69.68 51.65
C ILE D 2242 -36.73 -68.42 52.48
N SER D 2243 -36.10 -67.31 52.13
CA SER D 2243 -36.26 -66.07 52.89
C SER D 2243 -35.87 -64.88 52.04
N ARG D 2244 -36.26 -63.70 52.52
CA ARG D 2244 -35.93 -62.46 51.83
C ARG D 2244 -34.44 -62.18 51.86
N GLN D 2245 -33.78 -62.46 52.99
CA GLN D 2245 -32.34 -62.25 53.11
C GLN D 2245 -31.57 -63.11 52.11
N ASN D 2246 -31.98 -64.36 51.93
CA ASN D 2246 -31.43 -65.19 50.87
C ASN D 2246 -31.70 -64.58 49.51
N GLN D 2247 -32.93 -64.08 49.32
CA GLN D 2247 -33.30 -63.40 48.08
C GLN D 2247 -32.51 -62.11 47.90
N ARG D 2248 -32.35 -61.34 48.97
CA ARG D 2248 -31.59 -60.08 48.88
C ARG D 2248 -30.13 -60.35 48.55
N SER D 2249 -29.53 -61.37 49.18
CA SER D 2249 -28.16 -61.75 48.88
C SER D 2249 -28.02 -62.20 47.44
N MET D 2250 -29.00 -62.97 46.96
CA MET D 2250 -29.03 -63.38 45.55
C MET D 2250 -29.21 -62.20 44.60
N PHE D 2251 -29.79 -61.10 45.08
CA PHE D 2251 -30.07 -59.97 44.19
C PHE D 2251 -28.80 -59.26 43.74
N ASP D 2252 -27.77 -59.23 44.59
CA ASP D 2252 -26.53 -58.53 44.27
C ASP D 2252 -25.83 -59.09 43.02
N HIS D 2253 -26.07 -60.35 42.68
CA HIS D 2253 -25.51 -60.98 41.49
C HIS D 2253 -26.43 -60.91 40.29
N LEU D 2254 -27.36 -59.94 40.27
CA LEU D 2254 -28.31 -59.81 39.16
C LEU D 2254 -27.59 -59.53 37.84
N SER D 2255 -26.70 -58.54 37.82
CA SER D 2255 -25.92 -58.21 36.63
C SER D 2255 -25.03 -59.38 36.22
N TYR D 2256 -24.49 -60.10 37.21
CA TYR D 2256 -23.69 -61.29 36.96
C TYR D 2256 -24.52 -62.37 36.26
N LEU D 2257 -25.77 -62.56 36.70
CA LEU D 2257 -26.62 -63.57 36.08
C LEU D 2257 -27.05 -63.17 34.68
N LEU D 2258 -27.32 -61.87 34.49
CA LEU D 2258 -27.88 -61.40 33.22
C LEU D 2258 -26.92 -61.61 32.07
N GLU D 2259 -25.64 -61.27 32.25
CA GLU D 2259 -24.73 -61.39 31.13
C GLU D 2259 -24.36 -62.83 30.83
N ASN D 2260 -24.59 -63.74 31.79
CA ASN D 2260 -24.40 -65.16 31.52
C ASN D 2260 -25.69 -65.82 31.04
N SER D 2261 -26.80 -65.09 31.02
CA SER D 2261 -28.09 -65.70 30.67
C SER D 2261 -28.44 -65.51 29.20
N GLY D 2262 -27.50 -64.99 28.40
CA GLY D 2262 -27.78 -64.70 27.01
C GLY D 2262 -27.88 -65.90 26.09
N ILE D 2263 -27.43 -67.07 26.54
CA ILE D 2263 -27.33 -68.24 25.68
C ILE D 2263 -28.14 -69.42 26.19
N GLY D 2264 -28.42 -69.51 27.50
CA GLY D 2264 -28.99 -70.69 28.12
C GLY D 2264 -30.44 -70.95 27.79
N LEU D 2265 -31.13 -70.01 27.16
CA LEU D 2265 -32.56 -70.13 26.91
C LEU D 2265 -32.93 -71.26 25.95
N GLY D 2266 -31.98 -71.74 25.16
CA GLY D 2266 -32.23 -72.94 24.37
C GLY D 2266 -32.47 -74.14 25.28
N MET D 2267 -31.68 -74.24 26.35
CA MET D 2267 -31.86 -75.25 27.36
C MET D 2267 -33.21 -75.04 28.05
N GLN D 2268 -33.94 -76.14 28.27
CA GLN D 2268 -35.30 -76.08 28.76
CA GLN D 2268 -35.30 -76.08 28.76
C GLN D 2268 -35.40 -76.49 30.23
N GLY D 2269 -36.22 -75.77 30.98
CA GLY D 2269 -36.39 -76.02 32.40
C GLY D 2269 -36.09 -74.82 33.26
N SER D 2270 -35.10 -74.93 34.13
CA SER D 2270 -34.70 -73.82 34.98
C SER D 2270 -33.43 -73.23 34.39
N THR D 2271 -33.55 -72.07 33.79
CA THR D 2271 -32.48 -71.38 33.10
C THR D 2271 -31.76 -70.44 34.07
N PRO D 2272 -30.56 -69.95 33.73
CA PRO D 2272 -29.95 -68.91 34.57
C PRO D 2272 -30.76 -67.63 34.67
N LEU D 2273 -31.61 -67.35 33.68
CA LEU D 2273 -32.50 -66.21 33.79
C LEU D 2273 -33.56 -66.44 34.86
N ASP D 2274 -34.05 -67.67 34.99
CA ASP D 2274 -35.08 -67.98 35.98
C ASP D 2274 -34.58 -67.74 37.40
N VAL D 2275 -33.27 -67.88 37.62
CA VAL D 2275 -32.67 -67.53 38.89
C VAL D 2275 -32.83 -66.04 39.16
N ALA D 2276 -32.58 -65.22 38.13
CA ALA D 2276 -32.75 -63.77 38.25
C ALA D 2276 -34.21 -63.42 38.52
N ALA D 2277 -35.13 -64.10 37.84
CA ALA D 2277 -36.56 -63.87 38.05
C ALA D 2277 -36.98 -64.21 39.47
N ALA D 2278 -36.53 -65.36 39.98
CA ALA D 2278 -36.84 -65.69 41.36
C ALA D 2278 -36.04 -64.86 42.35
N SER D 2279 -35.00 -64.18 41.89
CA SER D 2279 -34.21 -63.32 42.75
C SER D 2279 -34.91 -62.01 43.05
N VAL D 2280 -35.91 -61.64 42.24
CA VAL D 2280 -36.57 -60.35 42.41
C VAL D 2280 -38.08 -60.57 42.48
N ILE D 2281 -38.52 -61.84 42.56
CA ILE D 2281 -39.95 -62.13 42.52
C ILE D 2281 -40.64 -61.56 43.77
N ASP D 2282 -41.72 -60.79 43.54
CA ASP D 2282 -42.66 -60.32 44.56
C ASP D 2282 -41.99 -59.61 45.73
N ASN D 2283 -41.03 -58.74 45.43
CA ASN D 2283 -40.38 -57.96 46.47
C ASN D 2283 -40.29 -56.52 46.03
N ASN D 2284 -40.76 -55.62 46.90
CA ASN D 2284 -40.88 -54.21 46.58
C ASN D 2284 -39.51 -53.55 46.52
N GLU D 2285 -38.76 -53.60 47.62
CA GLU D 2285 -37.50 -52.86 47.70
C GLU D 2285 -36.49 -53.39 46.68
N LEU D 2286 -36.54 -54.68 46.37
CA LEU D 2286 -35.65 -55.23 45.35
C LEU D 2286 -36.07 -54.77 43.96
N ALA D 2287 -37.38 -54.77 43.69
CA ALA D 2287 -37.86 -54.29 42.39
C ALA D 2287 -37.53 -52.82 42.18
N LEU D 2288 -37.68 -52.02 43.25
CA LEU D 2288 -37.31 -50.62 43.18
C LEU D 2288 -35.81 -50.45 42.99
N ALA D 2289 -35.00 -51.24 43.70
CA ALA D 2289 -33.55 -51.14 43.61
C ALA D 2289 -32.98 -51.69 42.31
N LEU D 2290 -33.79 -52.36 41.50
CA LEU D 2290 -33.33 -52.94 40.24
C LEU D 2290 -32.82 -51.83 39.31
N GLN D 2291 -31.52 -51.90 38.99
CA GLN D 2291 -30.87 -50.85 38.22
C GLN D 2291 -31.40 -50.75 36.79
N GLU D 2292 -31.35 -49.53 36.25
CA GLU D 2292 -31.80 -49.25 34.90
C GLU D 2292 -30.96 -49.99 33.86
N GLN D 2293 -29.64 -50.06 34.09
CA GLN D 2293 -28.74 -50.71 33.13
C GLN D 2293 -29.01 -52.21 33.02
N ASP D 2294 -29.55 -52.83 34.07
CA ASP D 2294 -29.93 -54.23 33.99
C ASP D 2294 -31.08 -54.42 33.01
N LEU D 2295 -32.06 -53.50 33.05
CA LEU D 2295 -33.11 -53.50 32.05
C LEU D 2295 -32.58 -53.16 30.68
N GLU D 2296 -31.53 -52.32 30.62
CA GLU D 2296 -30.90 -52.00 29.33
C GLU D 2296 -30.30 -53.26 28.71
N LYS D 2297 -29.68 -54.09 29.53
CA LYS D 2297 -29.09 -55.34 29.06
C LYS D 2297 -30.18 -56.29 28.58
N VAL D 2298 -31.30 -56.33 29.31
CA VAL D 2298 -32.38 -57.25 28.97
C VAL D 2298 -33.04 -56.83 27.66
N VAL D 2299 -33.33 -55.52 27.51
CA VAL D 2299 -33.98 -55.06 26.28
C VAL D 2299 -33.05 -55.21 25.07
N SER D 2300 -31.74 -54.99 25.25
CA SER D 2300 -30.80 -55.24 24.16
C SER D 2300 -30.76 -56.71 23.76
N TYR D 2301 -30.81 -57.61 24.75
CA TYR D 2301 -30.94 -59.03 24.47
C TYR D 2301 -32.26 -59.33 23.73
N LEU D 2302 -33.33 -58.68 24.15
CA LEU D 2302 -34.63 -58.89 23.52
C LEU D 2302 -34.59 -58.41 22.08
N ALA D 2303 -33.91 -57.28 21.85
CA ALA D 2303 -33.79 -56.74 20.49
C ALA D 2303 -33.05 -57.71 19.60
N GLY D 2304 -31.98 -58.33 20.13
CA GLY D 2304 -31.29 -59.35 19.36
C GLY D 2304 -32.17 -60.55 19.06
N CYS D 2305 -33.04 -60.91 20.03
CA CYS D 2305 -33.98 -62.01 19.81
C CYS D 2305 -34.98 -61.66 18.71
N GLY D 2306 -35.42 -60.40 18.68
CA GLY D 2306 -36.34 -59.94 17.67
C GLY D 2306 -35.70 -59.50 16.38
N LEU D 2307 -34.39 -59.65 16.25
CA LEU D 2307 -33.69 -59.18 15.06
C LEU D 2307 -32.91 -60.29 14.37
N GLN D 2308 -32.47 -61.33 15.08
CA GLN D 2308 -31.71 -62.41 14.47
C GLN D 2308 -32.37 -63.75 14.77
N SER D 2309 -32.17 -64.70 13.86
CA SER D 2309 -32.66 -66.05 14.07
C SER D 2309 -31.81 -66.81 15.09
N CYS D 2310 -32.43 -67.79 15.73
CA CYS D 2310 -31.72 -68.60 16.72
C CYS D 2310 -30.92 -69.67 16.01
N PRO D 2311 -29.58 -69.69 16.14
CA PRO D 2311 -28.77 -70.73 15.46
C PRO D 2311 -29.09 -72.14 15.93
N MET D 2312 -29.44 -72.30 17.21
CA MET D 2312 -29.81 -73.61 17.73
C MET D 2312 -31.09 -74.09 17.07
N LEU D 2313 -32.04 -73.18 16.83
CA LEU D 2313 -33.25 -73.57 16.11
C LEU D 2313 -32.93 -73.85 14.65
N LEU D 2314 -31.95 -73.13 14.08
CA LEU D 2314 -31.61 -73.29 12.67
C LEU D 2314 -31.05 -74.68 12.40
N ALA D 2315 -30.15 -75.14 13.28
CA ALA D 2315 -29.44 -76.40 13.05
C ALA D 2315 -30.34 -77.63 13.09
N LYS D 2316 -31.52 -77.54 13.72
CA LYS D 2316 -32.43 -78.67 13.83
C LYS D 2316 -33.40 -78.76 12.64
N GLY D 2317 -33.09 -78.12 11.52
CA GLY D 2317 -33.92 -78.21 10.34
C GLY D 2317 -35.20 -77.39 10.37
N TYR D 2318 -35.29 -76.43 11.26
CA TYR D 2318 -36.46 -75.56 11.37
C TYR D 2318 -36.47 -74.56 10.23
N PRO D 2319 -37.65 -74.25 9.67
CA PRO D 2319 -37.73 -73.17 8.68
C PRO D 2319 -37.31 -71.85 9.31
N ASP D 2320 -36.65 -71.01 8.51
CA ASP D 2320 -35.98 -69.83 9.02
C ASP D 2320 -36.92 -68.63 9.04
N ILE D 2321 -36.97 -67.95 10.18
CA ILE D 2321 -37.59 -66.63 10.31
C ILE D 2321 -36.54 -65.72 10.92
N GLY D 2322 -36.65 -64.43 10.63
CA GLY D 2322 -35.61 -63.48 10.99
C GLY D 2322 -35.54 -63.05 12.44
N TRP D 2323 -36.11 -63.82 13.35
CA TRP D 2323 -36.15 -63.46 14.77
C TRP D 2323 -36.43 -64.69 15.62
N ASN D 2324 -36.14 -64.58 16.91
CA ASN D 2324 -36.23 -65.71 17.85
C ASN D 2324 -37.42 -65.48 18.78
N PRO D 2325 -38.54 -66.19 18.56
CA PRO D 2325 -39.70 -66.02 19.44
C PRO D 2325 -39.51 -66.59 20.83
N CYS D 2326 -38.96 -67.81 20.95
CA CYS D 2326 -38.82 -68.43 22.26
C CYS D 2326 -37.89 -67.64 23.16
N GLY D 2327 -36.75 -67.20 22.60
CA GLY D 2327 -35.83 -66.38 23.38
C GLY D 2327 -36.45 -65.05 23.76
N GLY D 2328 -37.24 -64.48 22.84
CA GLY D 2328 -37.89 -63.21 23.13
C GLY D 2328 -38.89 -63.38 24.26
N GLU D 2329 -39.64 -64.49 24.25
CA GLU D 2329 -40.63 -64.78 25.28
C GLU D 2329 -39.96 -64.94 26.64
N ARG D 2330 -38.85 -65.67 26.67
CA ARG D 2330 -38.14 -65.91 27.92
C ARG D 2330 -37.56 -64.62 28.50
N TYR D 2331 -37.23 -63.64 27.65
CA TYR D 2331 -36.87 -62.34 28.20
C TYR D 2331 -38.09 -61.54 28.64
N LEU D 2332 -39.21 -61.72 27.92
CA LEU D 2332 -40.41 -60.95 28.21
C LEU D 2332 -41.02 -61.35 29.55
N ASP D 2333 -41.13 -62.65 29.82
CA ASP D 2333 -41.75 -63.06 31.08
C ASP D 2333 -40.90 -62.64 32.29
N PHE D 2334 -39.60 -62.47 32.10
CA PHE D 2334 -38.76 -61.91 33.15
C PHE D 2334 -39.10 -60.45 33.38
N LEU D 2335 -39.22 -59.68 32.29
CA LEU D 2335 -39.64 -58.29 32.43
C LEU D 2335 -41.02 -58.17 33.06
N ARG D 2336 -41.91 -59.14 32.74
CA ARG D 2336 -43.21 -59.26 33.39
C ARG D 2336 -43.04 -59.42 34.89
N PHE D 2337 -42.01 -60.17 35.32
CA PHE D 2337 -41.83 -60.36 36.74
C PHE D 2337 -41.21 -59.13 37.37
N ALA D 2338 -40.49 -58.35 36.57
CA ALA D 2338 -39.78 -57.18 37.05
C ALA D 2338 -40.69 -55.99 37.28
N VAL D 2339 -41.74 -55.85 36.48
CA VAL D 2339 -42.56 -54.63 36.53
C VAL D 2339 -43.90 -54.84 37.23
N PHE D 2340 -44.10 -56.00 37.86
CA PHE D 2340 -45.39 -56.30 38.49
C PHE D 2340 -45.16 -57.05 39.79
N VAL D 2341 -45.27 -56.34 40.92
CA VAL D 2341 -45.01 -56.90 42.24
C VAL D 2341 -46.29 -56.82 43.07
N ASN D 2342 -46.73 -57.97 43.58
CA ASN D 2342 -47.87 -58.11 44.50
C ASN D 2342 -49.17 -57.61 43.89
N GLY D 2343 -49.30 -57.68 42.57
CA GLY D 2343 -50.50 -57.23 41.90
C GLY D 2343 -50.57 -55.76 41.58
N GLU D 2344 -49.59 -54.97 42.01
CA GLU D 2344 -49.57 -53.54 41.74
C GLU D 2344 -48.33 -53.20 40.92
N SER D 2345 -48.54 -52.53 39.78
CA SER D 2345 -47.45 -52.19 38.89
C SER D 2345 -46.46 -51.24 39.55
N VAL D 2346 -45.18 -51.46 39.27
CA VAL D 2346 -44.13 -50.56 39.74
C VAL D 2346 -43.96 -49.49 38.68
N GLU D 2347 -44.32 -48.24 39.03
CA GLU D 2347 -44.42 -47.17 38.04
C GLU D 2347 -43.06 -46.83 37.41
N GLU D 2348 -42.01 -46.77 38.25
CA GLU D 2348 -40.68 -46.40 37.77
C GLU D 2348 -40.13 -47.41 36.77
N ASN D 2349 -40.30 -48.70 37.08
CA ASN D 2349 -39.80 -49.72 36.18
C ASN D 2349 -40.69 -49.86 34.96
N ALA D 2350 -41.99 -49.58 35.12
CA ALA D 2350 -42.90 -49.65 34.00
C ALA D 2350 -42.54 -48.59 32.97
N ASN D 2351 -42.29 -47.37 33.45
CA ASN D 2351 -41.96 -46.26 32.57
C ASN D 2351 -40.60 -46.47 31.91
N VAL D 2352 -39.63 -47.01 32.66
CA VAL D 2352 -38.31 -47.26 32.09
C VAL D 2352 -38.41 -48.31 30.99
N VAL D 2353 -39.19 -49.38 31.24
CA VAL D 2353 -39.31 -50.47 30.29
C VAL D 2353 -39.99 -49.99 29.01
N VAL D 2354 -41.09 -49.26 29.14
CA VAL D 2354 -41.80 -48.80 27.94
C VAL D 2354 -40.98 -47.75 27.19
N ARG D 2355 -40.18 -46.94 27.89
CA ARG D 2355 -39.32 -45.99 27.20
C ARG D 2355 -38.21 -46.70 26.44
N LEU D 2356 -37.69 -47.80 27.00
CA LEU D 2356 -36.68 -48.56 26.28
C LEU D 2356 -37.29 -49.24 25.06
N LEU D 2357 -38.50 -49.77 25.23
CA LEU D 2357 -39.16 -50.50 24.14
C LEU D 2357 -39.47 -49.54 22.99
N ILE D 2358 -39.97 -48.33 23.30
CA ILE D 2358 -40.26 -47.40 22.21
C ILE D 2358 -38.97 -46.93 21.56
N ARG D 2359 -37.89 -46.75 22.35
CA ARG D 2359 -36.61 -46.35 21.76
C ARG D 2359 -35.99 -47.42 20.88
N LYS D 2360 -36.38 -48.69 21.05
CA LYS D 2360 -35.88 -49.77 20.22
C LYS D 2360 -37.06 -50.56 19.67
N PRO D 2361 -37.64 -50.11 18.54
CA PRO D 2361 -38.85 -50.74 18.00
C PRO D 2361 -38.69 -52.19 17.57
N GLU D 2362 -37.48 -52.67 17.31
CA GLU D 2362 -37.28 -54.06 16.92
C GLU D 2362 -37.60 -55.04 18.04
N CYS D 2363 -37.66 -54.57 19.29
CA CYS D 2363 -38.06 -55.41 20.41
C CYS D 2363 -39.50 -55.89 20.26
N PHE D 2364 -40.35 -55.15 19.56
CA PHE D 2364 -41.72 -55.57 19.34
C PHE D 2364 -41.82 -56.69 18.33
N GLY D 2365 -40.80 -56.88 17.48
CA GLY D 2365 -40.82 -57.97 16.53
C GLY D 2365 -40.93 -57.49 15.10
N PRO D 2366 -41.18 -58.43 14.17
CA PRO D 2366 -41.38 -58.02 12.78
C PRO D 2366 -42.66 -57.23 12.59
N ALA D 2367 -43.77 -57.66 13.19
CA ALA D 2367 -44.95 -56.83 13.27
C ALA D 2367 -44.68 -55.68 14.25
N LEU D 2368 -45.59 -54.70 14.22
CA LEU D 2368 -45.52 -53.46 15.01
C LEU D 2368 -44.25 -52.66 14.72
N ARG D 2369 -43.69 -52.84 13.51
CA ARG D 2369 -42.49 -52.13 13.10
CA ARG D 2369 -42.49 -52.14 13.11
C ARG D 2369 -42.80 -50.86 12.34
N GLY D 2370 -44.02 -50.70 11.85
CA GLY D 2370 -44.39 -49.55 11.06
C GLY D 2370 -44.25 -49.86 9.59
N GLU D 2371 -43.25 -49.27 8.94
CA GLU D 2371 -43.04 -49.46 7.50
C GLU D 2371 -42.76 -50.92 7.17
N GLY D 2372 -43.45 -51.44 6.17
CA GLY D 2372 -43.29 -52.80 5.71
C GLY D 2372 -43.73 -53.89 6.67
N GLY D 2373 -44.41 -53.54 7.76
CA GLY D 2373 -44.86 -54.52 8.74
C GLY D 2373 -46.37 -54.53 8.83
N SER D 2374 -46.93 -55.73 8.98
CA SER D 2374 -48.36 -55.88 9.11
C SER D 2374 -48.79 -55.54 10.54
N GLY D 2375 -50.09 -55.66 10.80
CA GLY D 2375 -50.60 -55.42 12.12
C GLY D 2375 -50.39 -56.60 13.05
N LEU D 2376 -50.66 -56.34 14.33
CA LEU D 2376 -50.53 -57.38 15.35
C LEU D 2376 -51.53 -58.49 15.08
N LEU D 2377 -52.75 -58.11 14.69
CA LEU D 2377 -53.77 -59.08 14.30
C LEU D 2377 -53.30 -59.91 13.11
N ALA D 2378 -52.81 -59.24 12.06
CA ALA D 2378 -52.35 -59.97 10.88
C ALA D 2378 -51.21 -60.93 11.23
N ALA D 2379 -50.42 -60.58 12.25
CA ALA D 2379 -49.38 -61.47 12.73
C ALA D 2379 -49.99 -62.64 13.49
N ILE D 2380 -51.20 -62.47 14.00
CA ILE D 2380 -51.80 -63.53 14.78
C ILE D 2380 -52.46 -64.53 13.85
N GLU D 2381 -53.33 -64.09 12.93
CA GLU D 2381 -53.90 -65.04 11.97
C GLU D 2381 -52.84 -65.70 11.10
N GLU D 2382 -51.75 -64.97 10.77
CA GLU D 2382 -50.61 -65.57 10.11
C GLU D 2382 -49.98 -66.67 10.95
N ALA D 2383 -49.83 -66.43 12.26
CA ALA D 2383 -49.25 -67.46 13.12
C ALA D 2383 -50.21 -68.62 13.33
N ILE D 2384 -51.51 -68.34 13.40
CA ILE D 2384 -52.51 -69.40 13.59
C ILE D 2384 -52.51 -70.33 12.38
N ARG D 2385 -52.46 -69.76 11.18
CA ARG D 2385 -52.36 -70.58 9.96
C ARG D 2385 -51.06 -71.37 9.92
N ILE D 2386 -49.93 -70.76 10.33
CA ILE D 2386 -48.67 -71.49 10.41
C ILE D 2386 -48.76 -72.62 11.44
N SER D 2387 -49.42 -72.36 12.57
CA SER D 2387 -49.57 -73.36 13.62
C SER D 2387 -50.39 -74.55 13.16
N GLU D 2388 -51.49 -74.30 12.45
CA GLU D 2388 -52.33 -75.37 11.96
C GLU D 2388 -51.82 -76.02 10.68
N ASP D 2389 -50.87 -75.40 9.99
CA ASP D 2389 -50.33 -75.94 8.76
C ASP D 2389 -48.94 -76.51 9.04
N PRO D 2390 -48.73 -77.83 8.99
CA PRO D 2390 -47.37 -78.35 9.16
C PRO D 2390 -46.44 -78.02 7.99
N ALA D 2391 -45.19 -78.49 8.06
CA ALA D 2391 -44.05 -78.23 7.17
C ALA D 2391 -43.54 -76.79 7.29
N ARG D 2392 -44.19 -75.94 8.09
CA ARG D 2392 -43.69 -74.62 8.48
C ARG D 2392 -43.70 -74.40 9.98
N ASP D 2393 -44.54 -75.12 10.73
CA ASP D 2393 -44.51 -75.04 12.19
C ASP D 2393 -43.22 -75.62 12.76
N GLY D 2394 -42.55 -76.50 12.01
CA GLY D 2394 -41.31 -77.09 12.42
C GLY D 2394 -40.74 -77.94 11.30
N PRO D 2395 -39.62 -78.63 11.57
CA PRO D 2395 -39.05 -79.52 10.55
C PRO D 2395 -39.97 -80.65 10.13
N GLY D 2396 -40.76 -81.20 11.07
CA GLY D 2396 -41.73 -82.25 10.79
C GLY D 2396 -41.12 -83.54 10.27
N VAL D 2397 -39.98 -83.96 10.81
CA VAL D 2397 -39.32 -85.17 10.36
C VAL D 2397 -38.96 -86.05 11.55
N PRO D 2410 -44.53 -84.19 22.57
CA PRO D 2410 -43.77 -83.67 21.43
C PRO D 2410 -42.84 -84.72 20.83
N PRO D 2411 -42.60 -84.66 19.51
CA PRO D 2411 -41.68 -85.63 18.87
C PRO D 2411 -40.27 -85.61 19.43
N GLU D 2412 -39.74 -84.44 19.78
CA GLU D 2412 -38.43 -84.33 20.42
C GLU D 2412 -38.55 -84.16 21.93
N GLU D 2413 -39.76 -84.34 22.48
CA GLU D 2413 -40.26 -84.21 23.86
C GLU D 2413 -40.04 -82.82 24.47
N ASN D 2414 -39.45 -81.89 23.71
CA ASN D 2414 -39.30 -80.48 24.01
C ASN D 2414 -39.45 -79.65 22.75
N ARG D 2415 -40.19 -80.20 21.77
CA ARG D 2415 -40.20 -79.71 20.39
C ARG D 2415 -40.68 -78.27 20.30
N VAL D 2416 -39.92 -77.45 19.59
CA VAL D 2416 -40.29 -76.07 19.37
C VAL D 2416 -41.28 -76.00 18.21
N HIS D 2417 -42.31 -75.18 18.36
CA HIS D 2417 -43.33 -74.98 17.34
C HIS D 2417 -43.35 -73.48 17.06
N LEU D 2418 -42.95 -73.09 15.85
CA LEU D 2418 -42.89 -71.67 15.48
C LEU D 2418 -44.28 -71.02 15.50
N GLY D 2419 -45.31 -71.79 15.14
CA GLY D 2419 -46.68 -71.30 15.23
C GLY D 2419 -47.06 -70.93 16.64
N HIS D 2420 -46.75 -71.79 17.61
CA HIS D 2420 -47.09 -71.48 19.00
C HIS D 2420 -46.16 -70.43 19.58
N ALA D 2421 -44.91 -70.45 19.13
CA ALA D 2421 -43.87 -69.55 19.64
C ALA D 2421 -44.20 -68.10 19.32
N ILE D 2422 -44.69 -67.82 18.10
CA ILE D 2422 -44.96 -66.44 17.70
C ILE D 2422 -46.11 -65.86 18.52
N MET D 2423 -47.20 -66.63 18.65
CA MET D 2423 -48.35 -66.19 19.44
C MET D 2423 -47.99 -66.03 20.90
N SER D 2424 -47.22 -66.97 21.47
CA SER D 2424 -46.87 -66.84 22.88
C SER D 2424 -45.93 -65.67 23.11
N PHE D 2425 -45.07 -65.36 22.12
CA PHE D 2425 -44.21 -64.17 22.22
C PHE D 2425 -45.06 -62.91 22.25
N TYR D 2426 -46.05 -62.82 21.36
CA TYR D 2426 -46.87 -61.62 21.32
C TYR D 2426 -47.76 -61.53 22.55
N ALA D 2427 -48.22 -62.67 23.06
CA ALA D 2427 -48.99 -62.70 24.30
C ALA D 2427 -48.17 -62.19 25.47
N ALA D 2428 -46.90 -62.61 25.57
CA ALA D 2428 -46.02 -62.09 26.62
C ALA D 2428 -45.74 -60.60 26.44
N LEU D 2429 -45.57 -60.15 25.20
CA LEU D 2429 -45.36 -58.72 24.92
C LEU D 2429 -46.56 -57.88 25.35
N ILE D 2430 -47.75 -58.36 25.02
CA ILE D 2430 -48.97 -57.64 25.39
C ILE D 2430 -49.17 -57.67 26.90
N ASP D 2431 -48.95 -58.84 27.53
CA ASP D 2431 -49.11 -58.96 28.97
C ASP D 2431 -48.12 -58.08 29.73
N LEU D 2432 -46.89 -57.96 29.21
CA LEU D 2432 -45.91 -57.04 29.77
C LEU D 2432 -46.37 -55.59 29.65
N LEU D 2433 -46.90 -55.20 28.49
CA LEU D 2433 -47.41 -53.83 28.34
C LEU D 2433 -48.62 -53.59 29.25
N GLY D 2434 -49.46 -54.62 29.41
CA GLY D 2434 -50.62 -54.50 30.28
C GLY D 2434 -50.19 -54.29 31.72
N ARG D 2435 -49.17 -55.00 32.16
CA ARG D 2435 -48.72 -54.79 33.53
C ARG D 2435 -47.83 -53.56 33.64
N CYS D 2436 -47.39 -53.00 32.51
CA CYS D 2436 -46.69 -51.74 32.51
C CYS D 2436 -47.65 -50.56 32.55
N ALA D 2437 -48.93 -50.80 32.30
CA ALA D 2437 -49.91 -49.72 32.31
C ALA D 2437 -50.06 -49.14 33.71
N PRO D 2438 -50.22 -47.82 33.83
CA PRO D 2438 -50.33 -47.19 35.16
C PRO D 2438 -51.59 -47.61 35.91
N GLU D 2439 -51.48 -47.57 37.24
CA GLU D 2439 -52.62 -47.88 38.10
C GLU D 2439 -53.75 -46.88 37.89
N MET D 2440 -54.97 -47.32 38.16
CA MET D 2440 -56.16 -46.50 37.92
C MET D 2440 -56.18 -45.24 38.77
N HIS D 2441 -55.63 -45.29 40.00
CA HIS D 2441 -55.67 -44.13 40.88
C HIS D 2441 -54.77 -43.01 40.38
N LEU D 2442 -53.70 -43.35 39.65
CA LEU D 2442 -52.88 -42.32 39.02
C LEU D 2442 -53.66 -41.59 37.93
N ILE D 2443 -54.48 -42.33 37.19
CA ILE D 2443 -55.30 -41.72 36.15
C ILE D 2443 -56.38 -40.83 36.79
N GLN D 2444 -56.96 -41.30 37.90
CA GLN D 2444 -57.95 -40.48 38.60
C GLN D 2444 -57.31 -39.21 39.13
N ALA D 2445 -56.10 -39.32 39.67
CA ALA D 2445 -55.34 -38.14 40.06
C ALA D 2445 -54.88 -37.31 38.86
N GLY D 2446 -54.97 -37.85 37.65
CA GLY D 2446 -54.63 -37.12 36.44
C GLY D 2446 -53.16 -36.77 36.29
N LYS D 2447 -52.26 -37.67 36.70
CA LYS D 2447 -50.83 -37.41 36.54
C LYS D 2447 -50.44 -37.39 35.07
N GLY D 2448 -49.53 -36.47 34.75
CA GLY D 2448 -49.13 -36.24 33.36
C GLY D 2448 -48.43 -37.45 32.77
N GLU D 2449 -47.49 -38.03 33.52
CA GLU D 2449 -46.72 -39.14 33.00
C GLU D 2449 -47.61 -40.36 32.82
N ALA D 2450 -48.54 -40.59 33.74
CA ALA D 2450 -49.45 -41.72 33.64
C ALA D 2450 -50.34 -41.60 32.41
N LEU D 2451 -50.85 -40.39 32.14
CA LEU D 2451 -51.65 -40.18 30.95
C LEU D 2451 -50.82 -40.35 29.68
N ARG D 2452 -49.60 -39.82 29.67
CA ARG D 2452 -48.74 -39.91 28.50
C ARG D 2452 -48.39 -41.36 28.19
N ILE D 2453 -48.05 -42.14 29.22
CA ILE D 2453 -47.69 -43.55 29.04
C ILE D 2453 -48.88 -44.35 28.54
N ARG D 2454 -50.06 -44.14 29.15
CA ARG D 2454 -51.24 -44.84 28.65
C ARG D 2454 -51.62 -44.40 27.24
N ALA D 2455 -51.30 -43.16 26.87
CA ALA D 2455 -51.53 -42.70 25.50
C ALA D 2455 -50.61 -43.41 24.54
N ILE D 2456 -49.37 -43.69 24.99
CA ILE D 2456 -48.41 -44.41 24.16
C ILE D 2456 -48.91 -45.83 23.95
N LEU D 2457 -49.33 -46.50 25.03
CA LEU D 2457 -49.77 -47.89 24.93
C LEU D 2457 -51.00 -48.00 24.03
N ARG D 2458 -51.88 -46.99 24.08
CA ARG D 2458 -53.04 -46.95 23.19
C ARG D 2458 -52.62 -46.80 21.74
N SER D 2459 -51.64 -45.93 21.47
CA SER D 2459 -51.15 -45.77 20.11
C SER D 2459 -50.47 -47.03 19.60
N LEU D 2460 -49.66 -47.66 20.43
CA LEU D 2460 -48.93 -48.87 20.03
C LEU D 2460 -49.88 -50.03 19.76
N VAL D 2461 -50.85 -50.26 20.62
CA VAL D 2461 -51.79 -51.37 20.48
C VAL D 2461 -53.20 -50.81 20.35
N PRO D 2462 -53.76 -50.76 19.16
CA PRO D 2462 -55.14 -50.29 19.00
C PRO D 2462 -56.15 -51.26 19.60
N LEU D 2463 -57.27 -50.68 20.06
CA LEU D 2463 -58.29 -51.43 20.79
C LEU D 2463 -58.99 -52.48 19.94
N ASP D 2464 -59.27 -52.14 18.67
CA ASP D 2464 -60.07 -53.02 17.80
C ASP D 2464 -59.37 -54.35 17.54
N ASP D 2465 -58.05 -54.33 17.33
CA ASP D 2465 -57.32 -55.56 17.07
C ASP D 2465 -57.31 -56.44 18.31
N LEU D 2466 -57.32 -55.80 19.49
CA LEU D 2466 -57.42 -56.54 20.75
C LEU D 2466 -58.74 -57.28 20.81
N VAL D 2467 -59.83 -56.58 20.46
CA VAL D 2467 -61.16 -57.19 20.57
C VAL D 2467 -61.27 -58.34 19.57
N GLY D 2468 -60.68 -58.16 18.38
CA GLY D 2468 -60.72 -59.21 17.37
C GLY D 2468 -60.01 -60.48 17.82
N ILE D 2469 -58.83 -60.32 18.44
CA ILE D 2469 -58.08 -61.48 18.93
C ILE D 2469 -58.81 -62.15 20.09
N ILE D 2470 -59.48 -61.36 20.95
CA ILE D 2470 -60.36 -61.96 21.96
C ILE D 2470 -61.49 -62.72 21.28
N SER D 2471 -61.98 -62.19 20.16
CA SER D 2471 -63.08 -62.77 19.41
C SER D 2471 -62.68 -64.01 18.62
N LEU D 2472 -61.37 -64.29 18.53
CA LEU D 2472 -60.90 -65.40 17.69
C LEU D 2472 -61.36 -66.74 18.25
N PRO D 2473 -61.66 -67.71 17.39
CA PRO D 2473 -62.11 -69.03 17.87
C PRO D 2473 -60.96 -69.86 18.44
N LEU D 2474 -61.36 -70.84 19.24
CA LEU D 2474 -60.44 -71.77 19.89
C LEU D 2474 -60.83 -73.19 19.52
N GLN D 2475 -59.83 -74.00 19.16
CA GLN D 2475 -60.05 -75.42 18.84
C GLN D 2475 -60.52 -76.15 20.09
N ILE D 2476 -61.76 -76.62 20.07
CA ILE D 2476 -62.39 -77.26 21.22
C ILE D 2476 -62.32 -78.78 21.03
N PRO D 2477 -61.96 -79.54 22.06
CA PRO D 2477 -61.96 -81.01 21.94
C PRO D 2477 -63.34 -81.55 21.61
N THR D 2478 -63.37 -82.56 20.74
CA THR D 2478 -64.62 -83.13 20.26
C THR D 2478 -64.75 -84.58 20.72
N LEU D 2479 -65.96 -84.95 21.13
CA LEU D 2479 -66.25 -86.30 21.57
C LEU D 2479 -66.72 -87.13 20.38
N GLY D 2480 -66.26 -88.38 20.32
CA GLY D 2480 -66.63 -89.27 19.25
C GLY D 2480 -65.59 -90.35 19.08
N LYS D 2481 -65.69 -91.03 17.94
CA LYS D 2481 -64.81 -92.14 17.54
C LYS D 2481 -64.74 -93.21 18.62
N ASP D 2482 -65.92 -93.74 18.95
CA ASP D 2482 -66.11 -94.79 19.97
C ASP D 2482 -65.58 -94.37 21.33
N GLY D 2483 -65.89 -93.14 21.72
CA GLY D 2483 -65.50 -92.63 23.03
C GLY D 2483 -64.10 -92.06 23.12
N ALA D 2484 -63.42 -91.85 21.99
CA ALA D 2484 -62.07 -91.30 22.01
C ALA D 2484 -62.15 -89.79 22.17
N LEU D 2485 -61.72 -89.29 23.33
CA LEU D 2485 -61.74 -87.85 23.61
C LEU D 2485 -60.56 -87.22 22.88
N VAL D 2486 -60.82 -86.75 21.66
CA VAL D 2486 -59.78 -86.17 20.82
C VAL D 2486 -59.52 -84.74 21.31
N GLN D 2487 -58.26 -84.43 21.57
CA GLN D 2487 -57.87 -83.14 22.12
C GLN D 2487 -56.80 -82.53 21.22
N PRO D 2488 -56.70 -81.20 21.18
CA PRO D 2488 -55.66 -80.57 20.34
C PRO D 2488 -54.30 -80.65 21.00
N LYS D 2489 -53.28 -80.27 20.23
CA LYS D 2489 -51.92 -80.13 20.74
C LYS D 2489 -51.74 -78.68 21.19
N MET D 2490 -52.00 -78.44 22.48
CA MET D 2490 -51.89 -77.12 23.07
C MET D 2490 -50.47 -76.59 23.10
N SER D 2491 -49.46 -77.44 22.88
CA SER D 2491 -48.09 -76.99 22.73
C SER D 2491 -47.80 -76.42 21.35
N ALA D 2492 -48.76 -76.52 20.41
CA ALA D 2492 -48.58 -76.03 19.07
C ALA D 2492 -49.83 -75.37 18.51
N SER D 2493 -50.64 -74.75 19.37
CA SER D 2493 -51.91 -74.19 18.92
C SER D 2493 -52.27 -73.00 19.79
N PHE D 2494 -53.38 -72.36 19.44
CA PHE D 2494 -53.90 -71.20 20.16
C PHE D 2494 -54.40 -71.64 21.53
N VAL D 2495 -53.97 -70.95 22.57
CA VAL D 2495 -54.29 -71.35 23.94
C VAL D 2495 -55.06 -70.22 24.61
N PRO D 2496 -55.85 -70.54 25.64
CA PRO D 2496 -56.55 -69.49 26.40
C PRO D 2496 -55.64 -68.46 27.06
N ASP D 2497 -54.41 -68.81 27.41
CA ASP D 2497 -53.50 -67.86 28.05
C ASP D 2497 -53.11 -66.71 27.14
N HIS D 2498 -53.15 -66.90 25.82
CA HIS D 2498 -52.93 -65.79 24.89
C HIS D 2498 -54.08 -64.80 24.96
N LYS D 2499 -55.30 -65.32 25.18
CA LYS D 2499 -56.43 -64.43 25.33
C LYS D 2499 -56.41 -63.76 26.68
N ALA D 2500 -56.01 -64.47 27.73
CA ALA D 2500 -55.92 -63.86 29.06
C ALA D 2500 -54.90 -62.73 29.07
N SER D 2501 -53.85 -62.87 28.26
CA SER D 2501 -52.89 -61.79 28.08
C SER D 2501 -53.49 -60.63 27.32
N MET D 2502 -54.43 -60.91 26.39
CA MET D 2502 -55.03 -59.79 25.66
C MET D 2502 -56.03 -59.06 26.53
N VAL D 2503 -56.81 -59.84 27.31
CA VAL D 2503 -57.85 -59.30 28.18
C VAL D 2503 -57.24 -58.40 29.24
N LEU D 2504 -56.06 -58.78 29.76
CA LEU D 2504 -55.44 -57.96 30.80
C LEU D 2504 -55.10 -56.56 30.28
N PHE D 2505 -54.56 -56.51 29.06
CA PHE D 2505 -54.19 -55.24 28.44
C PHE D 2505 -55.41 -54.38 28.20
N LEU D 2506 -56.51 -55.01 27.73
CA LEU D 2506 -57.76 -54.27 27.56
C LEU D 2506 -58.28 -53.75 28.90
N ASP D 2507 -58.18 -54.56 29.95
CA ASP D 2507 -58.65 -54.18 31.28
C ASP D 2507 -57.87 -52.99 31.82
N ARG D 2508 -56.56 -52.99 31.64
CA ARG D 2508 -55.71 -52.01 32.31
C ARG D 2508 -55.45 -50.76 31.48
N VAL D 2509 -55.48 -50.84 30.15
CA VAL D 2509 -55.17 -49.67 29.33
C VAL D 2509 -56.45 -48.97 28.93
N TYR D 2510 -57.31 -49.68 28.19
CA TYR D 2510 -58.54 -49.08 27.70
C TYR D 2510 -59.63 -49.14 28.75
N GLY D 2511 -59.81 -50.30 29.37
CA GLY D 2511 -60.84 -50.50 30.35
C GLY D 2511 -62.20 -50.58 29.70
N ILE D 2512 -63.22 -50.64 30.55
CA ILE D 2512 -64.61 -50.68 30.11
C ILE D 2512 -65.36 -49.53 30.78
N GLU D 2513 -65.92 -48.63 29.97
CA GLU D 2513 -66.57 -47.45 30.50
C GLU D 2513 -68.05 -47.40 30.18
N ASN D 2514 -68.43 -47.83 28.98
CA ASN D 2514 -69.81 -47.75 28.53
C ASN D 2514 -70.40 -49.12 28.17
N GLN D 2515 -71.73 -49.18 28.30
CA GLN D 2515 -72.45 -50.44 28.22
C GLN D 2515 -72.38 -51.05 26.83
N ASP D 2516 -72.55 -50.23 25.78
CA ASP D 2516 -72.67 -50.79 24.43
C ASP D 2516 -71.38 -51.48 24.00
N PHE D 2517 -70.23 -50.86 24.27
CA PHE D 2517 -68.94 -51.48 24.00
C PHE D 2517 -68.71 -52.69 24.89
N LEU D 2518 -69.18 -52.62 26.15
CA LEU D 2518 -69.07 -53.79 27.04
C LEU D 2518 -69.80 -55.00 26.47
N LEU D 2519 -71.03 -54.80 26.01
CA LEU D 2519 -71.79 -55.89 25.40
C LEU D 2519 -71.19 -56.30 24.07
N HIS D 2520 -70.57 -55.36 23.35
CA HIS D 2520 -69.97 -55.69 22.07
C HIS D 2520 -68.72 -56.54 22.29
N VAL D 2521 -67.99 -56.31 23.37
CA VAL D 2521 -66.85 -57.17 23.67
C VAL D 2521 -67.35 -58.56 24.06
N LEU D 2522 -68.46 -58.59 24.81
CA LEU D 2522 -69.02 -59.85 25.29
C LEU D 2522 -69.46 -60.78 24.16
N ASP D 2523 -70.42 -60.33 23.35
CA ASP D 2523 -71.09 -61.23 22.39
C ASP D 2523 -70.19 -61.80 21.30
N VAL D 2524 -69.00 -61.24 21.08
CA VAL D 2524 -68.05 -61.75 20.10
C VAL D 2524 -66.83 -62.38 20.76
N GLY D 2525 -66.37 -61.84 21.90
CA GLY D 2525 -65.13 -62.27 22.51
C GLY D 2525 -65.26 -63.16 23.73
N PHE D 2526 -66.22 -62.87 24.61
CA PHE D 2526 -66.36 -63.65 25.84
C PHE D 2526 -67.46 -64.69 25.74
N LEU D 2527 -68.66 -64.27 25.32
CA LEU D 2527 -69.83 -65.16 25.29
C LEU D 2527 -69.59 -66.49 24.55
N PRO D 2528 -68.90 -66.56 23.39
CA PRO D 2528 -68.51 -67.89 22.86
C PRO D 2528 -67.64 -68.66 23.82
N ASP D 2529 -66.79 -67.98 24.60
CA ASP D 2529 -65.87 -68.70 25.47
C ASP D 2529 -66.63 -69.34 26.63
N MET D 2530 -67.57 -68.59 27.24
CA MET D 2530 -68.39 -69.20 28.30
C MET D 2530 -69.25 -70.34 27.78
N ARG D 2531 -69.84 -70.21 26.58
CA ARG D 2531 -70.59 -71.37 26.06
C ARG D 2531 -69.67 -72.54 25.70
N ALA D 2532 -68.48 -72.27 25.18
CA ALA D 2532 -67.50 -73.32 24.91
C ALA D 2532 -67.08 -74.05 26.18
N ALA D 2533 -66.86 -73.32 27.28
CA ALA D 2533 -66.54 -74.03 28.51
C ALA D 2533 -67.77 -74.68 29.13
N ALA D 2534 -68.97 -74.17 28.79
CA ALA D 2534 -70.20 -74.76 29.27
C ALA D 2534 -70.36 -76.16 28.71
N SER D 2535 -70.08 -76.30 27.41
CA SER D 2535 -70.20 -77.61 26.79
C SER D 2535 -69.16 -78.57 27.36
N LEU D 2536 -67.92 -78.07 27.57
CA LEU D 2536 -66.82 -78.90 28.06
C LEU D 2536 -67.06 -79.39 29.48
N ASP D 2537 -67.81 -78.63 30.27
CA ASP D 2537 -68.13 -79.05 31.63
C ASP D 2537 -69.15 -80.18 31.57
N THR D 2538 -68.67 -81.42 31.68
CA THR D 2538 -69.51 -82.60 31.65
C THR D 2538 -68.75 -83.75 32.30
N ALA D 2539 -69.31 -84.96 32.22
CA ALA D 2539 -68.64 -86.12 32.82
C ALA D 2539 -67.41 -86.58 32.05
N THR D 2540 -67.16 -86.05 30.86
CA THR D 2540 -66.06 -86.52 30.02
C THR D 2540 -64.95 -85.48 29.86
N PHE D 2541 -65.28 -84.29 29.38
CA PHE D 2541 -64.28 -83.29 29.03
C PHE D 2541 -63.81 -82.42 30.18
N SER D 2542 -64.44 -82.49 31.36
CA SER D 2542 -64.16 -81.56 32.45
C SER D 2542 -62.72 -81.67 32.95
N THR D 2543 -62.18 -82.89 33.00
CA THR D 2543 -60.83 -83.09 33.49
C THR D 2543 -59.77 -82.93 32.41
N THR D 2544 -60.16 -82.62 31.17
CA THR D 2544 -59.18 -82.47 30.11
C THR D 2544 -58.39 -81.17 30.27
N GLU D 2545 -57.29 -81.09 29.51
CA GLU D 2545 -56.33 -79.99 29.65
C GLU D 2545 -56.91 -78.69 29.13
N MET D 2546 -57.63 -78.76 28.00
CA MET D 2546 -58.20 -77.56 27.41
C MET D 2546 -59.28 -76.99 28.32
N ALA D 2547 -60.07 -77.88 28.94
CA ALA D 2547 -61.11 -77.43 29.86
C ALA D 2547 -60.51 -76.76 31.09
N LEU D 2548 -59.42 -77.33 31.65
CA LEU D 2548 -58.76 -76.67 32.78
C LEU D 2548 -58.18 -75.32 32.38
N ALA D 2549 -57.63 -75.24 31.16
CA ALA D 2549 -57.09 -73.98 30.67
C ALA D 2549 -58.18 -72.93 30.56
N LEU D 2550 -59.35 -73.33 30.06
CA LEU D 2550 -60.47 -72.42 29.93
C LEU D 2550 -60.99 -72.01 31.31
N ASN D 2551 -61.01 -72.94 32.27
CA ASN D 2551 -61.46 -72.63 33.63
C ASN D 2551 -60.58 -71.55 34.26
N ARG D 2552 -59.25 -71.73 34.18
CA ARG D 2552 -58.33 -70.72 34.69
C ARG D 2552 -58.46 -69.40 33.94
N TYR D 2553 -58.65 -69.48 32.61
CA TYR D 2553 -58.79 -68.29 31.78
C TYR D 2553 -60.03 -67.49 32.14
N LEU D 2554 -61.14 -68.17 32.42
CA LEU D 2554 -62.35 -67.43 32.73
C LEU D 2554 -62.29 -66.90 34.14
N CYS D 2555 -61.94 -67.77 35.10
CA CYS D 2555 -61.98 -67.42 36.52
C CYS D 2555 -60.89 -66.45 36.93
N LEU D 2556 -59.92 -66.18 36.04
CA LEU D 2556 -58.83 -65.31 36.41
C LEU D 2556 -58.65 -64.17 35.42
N ALA D 2557 -59.35 -64.19 34.27
CA ALA D 2557 -59.15 -63.12 33.31
C ALA D 2557 -60.45 -62.45 32.89
N VAL D 2558 -61.54 -63.20 32.78
CA VAL D 2558 -62.78 -62.66 32.22
C VAL D 2558 -63.80 -62.38 33.30
N LEU D 2559 -64.10 -63.37 34.13
CA LEU D 2559 -65.13 -63.23 35.16
C LEU D 2559 -64.87 -62.12 36.19
N PRO D 2560 -63.67 -61.90 36.74
CA PRO D 2560 -63.48 -60.71 37.60
C PRO D 2560 -63.73 -59.40 36.87
N LEU D 2561 -63.42 -59.33 35.57
CA LEU D 2561 -63.73 -58.14 34.77
C LEU D 2561 -65.22 -57.92 34.68
N ILE D 2562 -65.99 -58.99 34.48
CA ILE D 2562 -67.45 -58.86 34.41
C ILE D 2562 -67.99 -58.42 35.77
N THR D 2563 -67.43 -58.99 36.86
CA THR D 2563 -67.85 -58.61 38.21
C THR D 2563 -67.57 -57.14 38.46
N LYS D 2564 -66.44 -56.63 37.92
CA LYS D 2564 -66.12 -55.22 38.03
C LYS D 2564 -67.13 -54.39 37.24
N CYS D 2565 -67.48 -54.84 36.04
CA CYS D 2565 -68.36 -54.09 35.14
C CYS D 2565 -69.82 -54.47 35.29
N ALA D 2566 -70.20 -54.99 36.45
CA ALA D 2566 -71.61 -55.31 36.71
C ALA D 2566 -72.59 -54.13 36.62
N PRO D 2567 -72.32 -52.91 37.17
CA PRO D 2567 -73.34 -51.85 37.10
C PRO D 2567 -73.76 -51.41 35.70
N LEU D 2568 -72.91 -51.58 34.68
CA LEU D 2568 -73.23 -51.13 33.33
C LEU D 2568 -74.34 -51.93 32.68
N PHE D 2569 -74.77 -53.05 33.25
CA PHE D 2569 -75.88 -53.84 32.75
C PHE D 2569 -77.24 -53.34 33.25
N ALA D 2570 -77.33 -52.10 33.71
CA ALA D 2570 -78.59 -51.58 34.24
C ALA D 2570 -79.64 -51.44 33.14
N GLY D 2571 -79.25 -50.88 32.00
CA GLY D 2571 -80.19 -50.60 30.92
C GLY D 2571 -80.04 -51.47 29.69
N THR D 2572 -79.79 -52.76 29.89
CA THR D 2572 -79.61 -53.71 28.81
C THR D 2572 -80.93 -54.37 28.37
N GLU D 2573 -82.06 -53.70 28.58
CA GLU D 2573 -83.38 -54.27 28.28
C GLU D 2573 -83.55 -54.62 26.81
N HIS D 2574 -82.88 -53.89 25.91
CA HIS D 2574 -82.94 -54.26 24.50
C HIS D 2574 -82.14 -55.50 24.17
N ARG D 2575 -81.31 -56.00 25.10
CA ARG D 2575 -80.53 -57.20 24.92
C ARG D 2575 -80.86 -58.23 26.01
N ALA D 2576 -82.15 -58.31 26.36
CA ALA D 2576 -82.58 -59.19 27.45
C ALA D 2576 -82.37 -60.66 27.12
N ILE D 2577 -82.46 -61.04 25.84
CA ILE D 2577 -82.31 -62.44 25.45
C ILE D 2577 -80.88 -62.92 25.66
N MET D 2578 -79.91 -62.11 25.23
CA MET D 2578 -78.52 -62.51 25.33
C MET D 2578 -78.03 -62.38 26.77
N VAL D 2579 -78.49 -61.37 27.51
CA VAL D 2579 -78.14 -61.26 28.92
C VAL D 2579 -78.69 -62.45 29.70
N ASP D 2580 -79.91 -62.89 29.35
CA ASP D 2580 -80.49 -64.07 29.96
C ASP D 2580 -79.68 -65.32 29.65
N SER D 2581 -79.19 -65.42 28.40
CA SER D 2581 -78.35 -66.56 28.03
C SER D 2581 -77.03 -66.53 28.78
N MET D 2582 -76.41 -65.36 28.92
CA MET D 2582 -75.11 -65.27 29.57
C MET D 2582 -75.21 -65.60 31.05
N LEU D 2583 -76.29 -65.15 31.71
CA LEU D 2583 -76.45 -65.48 33.13
C LEU D 2583 -76.80 -66.94 33.33
N HIS D 2584 -77.56 -67.53 32.39
CA HIS D 2584 -77.87 -68.95 32.50
CA HIS D 2584 -77.87 -68.95 32.49
C HIS D 2584 -76.62 -69.80 32.30
N THR D 2585 -75.77 -69.42 31.34
CA THR D 2585 -74.55 -70.16 31.08
C THR D 2585 -73.61 -70.09 32.28
N VAL D 2586 -73.44 -68.90 32.86
CA VAL D 2586 -72.54 -68.80 34.00
C VAL D 2586 -73.11 -69.52 35.22
N TYR D 2587 -74.45 -69.55 35.37
CA TYR D 2587 -75.05 -70.31 36.46
C TYR D 2587 -74.79 -71.80 36.30
N ARG D 2588 -74.92 -72.31 35.07
CA ARG D 2588 -74.62 -73.71 34.84
C ARG D 2588 -73.13 -73.99 35.06
N LEU D 2589 -72.27 -73.02 34.68
CA LEU D 2589 -70.85 -73.14 34.97
C LEU D 2589 -70.57 -73.17 36.47
N SER D 2590 -71.38 -72.44 37.26
CA SER D 2590 -71.26 -72.52 38.72
C SER D 2590 -71.61 -73.91 39.19
N ARG D 2591 -72.62 -74.52 38.58
CA ARG D 2591 -72.98 -75.89 38.91
C ARG D 2591 -72.16 -76.88 38.07
N GLY D 2592 -70.83 -76.74 38.12
CA GLY D 2592 -69.93 -77.55 37.33
C GLY D 2592 -68.99 -78.37 38.18
N ARG D 2593 -68.30 -79.31 37.52
CA ARG D 2593 -67.38 -80.22 38.17
C ARG D 2593 -65.95 -79.92 37.72
N SER D 2594 -64.99 -80.49 38.47
CA SER D 2594 -63.54 -80.27 38.31
C SER D 2594 -63.19 -78.79 38.41
N LEU D 2595 -63.88 -78.07 39.30
CA LEU D 2595 -63.65 -76.67 39.56
C LEU D 2595 -63.32 -76.48 41.03
N THR D 2596 -62.25 -75.74 41.30
CA THR D 2596 -61.82 -75.52 42.69
C THR D 2596 -62.78 -74.56 43.38
N LYS D 2597 -62.69 -74.54 44.71
CA LYS D 2597 -63.51 -73.62 45.51
C LYS D 2597 -63.18 -72.17 45.20
N ALA D 2598 -61.89 -71.86 45.02
CA ALA D 2598 -61.46 -70.52 44.66
C ALA D 2598 -61.99 -70.12 43.29
N GLN D 2599 -61.98 -71.04 42.33
CA GLN D 2599 -62.61 -70.76 41.05
C GLN D 2599 -64.11 -70.58 41.21
N ARG D 2600 -64.73 -71.40 42.07
CA ARG D 2600 -66.18 -71.43 42.26
C ARG D 2600 -66.72 -70.10 42.75
N ASP D 2601 -66.07 -69.52 43.75
CA ASP D 2601 -66.58 -68.27 44.31
C ASP D 2601 -66.41 -67.10 43.36
N VAL D 2602 -65.53 -67.21 42.35
CA VAL D 2602 -65.39 -66.15 41.35
C VAL D 2602 -66.68 -66.05 40.54
N ILE D 2603 -67.21 -67.21 40.10
CA ILE D 2603 -68.51 -67.25 39.42
C ILE D 2603 -69.61 -66.80 40.37
N GLU D 2604 -69.54 -67.23 41.64
CA GLU D 2604 -70.55 -66.83 42.62
C GLU D 2604 -70.63 -65.30 42.76
N ASP D 2605 -69.49 -64.67 43.04
CA ASP D 2605 -69.41 -63.22 43.21
C ASP D 2605 -69.82 -62.49 41.93
N CYS D 2606 -69.56 -63.10 40.77
CA CYS D 2606 -70.04 -62.55 39.51
C CYS D 2606 -71.56 -62.66 39.43
N LEU D 2607 -72.11 -63.75 39.96
CA LEU D 2607 -73.54 -64.00 39.81
C LEU D 2607 -74.34 -63.00 40.65
N MET D 2608 -73.96 -62.85 41.93
CA MET D 2608 -74.68 -61.87 42.76
C MET D 2608 -74.41 -60.44 42.30
N ALA D 2609 -73.19 -60.16 41.82
CA ALA D 2609 -72.89 -58.81 41.33
C ALA D 2609 -73.75 -58.49 40.12
N LEU D 2610 -73.90 -59.45 39.20
CA LEU D 2610 -74.73 -59.21 38.02
C LEU D 2610 -76.19 -59.03 38.42
N CYS D 2611 -76.70 -59.91 39.30
CA CYS D 2611 -78.12 -59.88 39.66
C CYS D 2611 -78.51 -58.59 40.36
N ARG D 2612 -77.60 -57.99 41.13
CA ARG D 2612 -77.92 -56.74 41.81
CA ARG D 2612 -77.93 -56.75 41.81
C ARG D 2612 -78.20 -55.62 40.82
N TYR D 2613 -77.40 -55.53 39.75
CA TYR D 2613 -77.57 -54.47 38.77
C TYR D 2613 -78.39 -54.90 37.55
N ILE D 2614 -78.97 -56.10 37.56
CA ILE D 2614 -79.83 -56.56 36.48
C ILE D 2614 -81.28 -56.43 36.95
N ARG D 2615 -82.10 -55.79 36.12
CA ARG D 2615 -83.51 -55.56 36.42
C ARG D 2615 -84.27 -56.88 36.50
N PRO D 2616 -85.31 -56.95 37.35
CA PRO D 2616 -86.04 -58.22 37.53
C PRO D 2616 -86.73 -58.74 36.28
N SER D 2617 -86.90 -57.90 35.24
CA SER D 2617 -87.52 -58.31 33.99
C SER D 2617 -86.70 -59.35 33.23
N MET D 2618 -85.44 -59.58 33.60
CA MET D 2618 -84.63 -60.63 33.02
C MET D 2618 -84.39 -61.81 33.95
N LEU D 2619 -84.77 -61.68 35.22
CA LEU D 2619 -84.44 -62.68 36.23
C LEU D 2619 -85.41 -63.85 36.31
N GLN D 2620 -86.52 -63.83 35.56
CA GLN D 2620 -87.51 -64.89 35.63
C GLN D 2620 -86.95 -66.25 35.20
N HIS D 2621 -86.13 -66.28 34.14
CA HIS D 2621 -85.51 -67.53 33.71
C HIS D 2621 -84.50 -68.06 34.73
N LEU D 2622 -83.74 -67.15 35.36
CA LEU D 2622 -82.83 -67.59 36.41
C LEU D 2622 -83.57 -68.17 37.60
N LEU D 2623 -84.67 -67.50 38.02
CA LEU D 2623 -85.56 -68.07 39.03
C LEU D 2623 -86.16 -69.39 38.55
N ARG D 2624 -86.39 -69.50 37.25
CA ARG D 2624 -87.05 -70.67 36.68
C ARG D 2624 -86.17 -71.89 36.81
N ARG D 2625 -84.86 -71.71 36.56
CA ARG D 2625 -83.93 -72.79 36.80
C ARG D 2625 -83.79 -73.07 38.30
N LEU D 2626 -83.91 -72.01 39.12
CA LEU D 2626 -83.90 -72.21 40.57
C LEU D 2626 -85.11 -72.96 41.08
N VAL D 2627 -86.22 -72.98 40.32
CA VAL D 2627 -87.45 -73.66 40.72
C VAL D 2627 -87.20 -75.15 40.88
N PHE D 2628 -86.27 -75.70 40.10
CA PHE D 2628 -85.93 -77.10 40.21
C PHE D 2628 -84.66 -77.29 41.03
N ASP D 2629 -83.64 -76.44 40.81
CA ASP D 2629 -82.35 -76.68 41.47
C ASP D 2629 -82.40 -76.45 42.98
N VAL D 2630 -83.04 -75.34 43.42
CA VAL D 2630 -83.07 -75.03 44.86
C VAL D 2630 -83.76 -76.07 45.74
N PRO D 2631 -84.92 -76.66 45.38
CA PRO D 2631 -85.53 -77.69 46.26
C PRO D 2631 -84.67 -78.92 46.54
N ILE D 2632 -83.70 -79.23 45.68
CA ILE D 2632 -82.79 -80.35 45.92
C ILE D 2632 -82.01 -80.14 47.20
N LEU D 2633 -81.59 -78.89 47.47
CA LEU D 2633 -80.86 -78.49 48.69
C LEU D 2633 -79.57 -79.28 48.90
N ASN D 2634 -78.81 -79.45 47.83
CA ASN D 2634 -77.53 -80.14 47.90
C ASN D 2634 -76.42 -79.13 48.18
N GLU D 2635 -75.17 -79.58 48.13
CA GLU D 2635 -74.03 -78.71 48.37
C GLU D 2635 -73.83 -77.67 47.27
N PHE D 2636 -74.40 -77.87 46.08
CA PHE D 2636 -74.38 -76.86 45.03
C PHE D 2636 -75.56 -75.91 45.13
N ALA D 2637 -76.49 -76.15 46.04
CA ALA D 2637 -77.65 -75.28 46.24
C ALA D 2637 -77.44 -74.28 47.37
N LYS D 2638 -76.27 -74.28 48.02
CA LYS D 2638 -76.01 -73.34 49.09
C LYS D 2638 -75.99 -71.89 48.59
N MET D 2639 -75.31 -71.66 47.47
CA MET D 2639 -75.24 -70.32 46.86
C MET D 2639 -76.58 -69.77 46.37
N PRO D 2640 -77.44 -70.52 45.65
CA PRO D 2640 -78.74 -69.92 45.23
C PRO D 2640 -79.62 -69.44 46.36
N LEU D 2641 -79.57 -70.05 47.55
CA LEU D 2641 -80.35 -69.54 48.68
C LEU D 2641 -79.91 -68.12 49.04
N LYS D 2642 -78.59 -67.88 49.03
CA LYS D 2642 -78.06 -66.54 49.27
C LYS D 2642 -78.49 -65.58 48.16
N LEU D 2643 -78.45 -66.05 46.91
CA LEU D 2643 -78.83 -65.20 45.78
C LEU D 2643 -80.30 -64.83 45.86
N LEU D 2644 -81.16 -65.80 46.20
CA LEU D 2644 -82.58 -65.53 46.34
C LEU D 2644 -82.85 -64.58 47.50
N THR D 2645 -82.09 -64.73 48.59
CA THR D 2645 -82.20 -63.83 49.74
C THR D 2645 -81.92 -62.39 49.33
N ASN D 2646 -80.83 -62.19 48.56
CA ASN D 2646 -80.49 -60.85 48.10
C ASN D 2646 -81.53 -60.33 47.12
N HIS D 2647 -81.97 -61.17 46.18
CA HIS D 2647 -82.87 -60.74 45.13
C HIS D 2647 -84.23 -60.33 45.70
N TYR D 2648 -84.76 -61.12 46.65
CA TYR D 2648 -86.07 -60.79 47.18
C TYR D 2648 -85.99 -59.64 48.18
N GLU D 2649 -84.93 -59.59 49.01
CA GLU D 2649 -84.74 -58.46 49.91
C GLU D 2649 -84.46 -57.16 49.17
N ARG D 2650 -84.06 -57.23 47.90
CA ARG D 2650 -83.88 -56.04 47.09
C ARG D 2650 -85.14 -55.69 46.31
N CYS D 2651 -85.80 -56.70 45.74
CA CYS D 2651 -86.93 -56.53 44.84
C CYS D 2651 -88.27 -56.87 45.48
N TRP D 2652 -88.41 -56.65 46.80
CA TRP D 2652 -89.64 -57.03 47.49
C TRP D 2652 -90.83 -56.21 47.03
N LYS D 2653 -90.61 -54.93 46.71
CA LYS D 2653 -91.69 -54.08 46.19
C LYS D 2653 -92.22 -54.58 44.86
N TYR D 2654 -91.33 -55.08 43.99
CA TYR D 2654 -91.73 -55.58 42.67
C TYR D 2654 -92.67 -56.78 42.76
N TYR D 2655 -92.58 -57.56 43.83
CA TYR D 2655 -93.40 -58.76 43.98
C TYR D 2655 -94.53 -58.62 44.98
N CYS D 2656 -94.40 -57.77 45.99
CA CYS D 2656 -95.42 -57.70 47.03
C CYS D 2656 -96.48 -56.65 46.76
N LEU D 2657 -96.08 -55.50 46.26
CA LEU D 2657 -97.00 -54.38 46.05
C LEU D 2657 -97.83 -54.61 44.78
N PRO D 2658 -99.16 -54.55 44.86
CA PRO D 2658 -99.98 -54.57 43.63
C PRO D 2658 -99.62 -53.48 42.64
N THR D 2659 -99.28 -52.29 43.13
CA THR D 2659 -98.79 -51.22 42.26
C THR D 2659 -97.41 -51.52 41.70
N GLY D 2660 -96.63 -52.40 42.35
CA GLY D 2660 -95.34 -52.79 41.85
C GLY D 2660 -94.26 -51.80 42.25
N TRP D 2661 -93.01 -52.19 41.99
CA TRP D 2661 -91.88 -51.32 42.27
C TRP D 2661 -91.87 -50.14 41.31
N ALA D 2662 -91.27 -49.03 41.76
CA ALA D 2662 -91.21 -47.81 40.99
C ALA D 2662 -90.39 -48.03 39.71
N ASN D 2663 -91.04 -47.80 38.56
CA ASN D 2663 -90.49 -47.86 37.19
C ASN D 2663 -89.68 -49.14 36.89
N PHE D 2664 -89.95 -50.23 37.60
CA PHE D 2664 -89.29 -51.51 37.38
C PHE D 2664 -90.25 -52.55 36.86
N GLY D 2665 -91.50 -52.20 36.68
CA GLY D 2665 -92.52 -53.12 36.19
C GLY D 2665 -93.31 -53.76 37.31
N VAL D 2666 -94.22 -54.62 36.90
CA VAL D 2666 -95.11 -55.37 37.79
C VAL D 2666 -95.04 -56.82 37.36
N THR D 2667 -94.99 -57.73 38.35
CA THR D 2667 -94.89 -59.18 38.12
C THR D 2667 -95.99 -59.69 37.20
N SER D 2668 -95.70 -60.77 36.51
CA SER D 2668 -96.58 -61.32 35.48
C SER D 2668 -97.54 -62.39 35.99
N GLU D 2669 -97.71 -62.52 37.32
CA GLU D 2669 -98.61 -63.44 38.03
C GLU D 2669 -98.12 -64.89 37.96
N GLU D 2670 -97.08 -65.13 37.17
CA GLU D 2670 -96.38 -66.40 37.05
C GLU D 2670 -95.10 -66.43 37.87
N GLU D 2671 -94.39 -65.30 37.95
CA GLU D 2671 -93.24 -65.19 38.84
C GLU D 2671 -93.64 -65.40 40.30
N LEU D 2672 -94.77 -64.82 40.70
CA LEU D 2672 -95.31 -65.06 42.04
C LEU D 2672 -95.70 -66.52 42.26
N HIS D 2673 -96.30 -67.15 41.25
CA HIS D 2673 -96.61 -68.59 41.32
C HIS D 2673 -95.36 -69.44 41.46
N LEU D 2674 -94.31 -69.10 40.70
CA LEU D 2674 -93.00 -69.74 40.84
C LEU D 2674 -92.41 -69.53 42.23
N THR D 2675 -92.52 -68.31 42.75
CA THR D 2675 -92.04 -68.02 44.10
C THR D 2675 -92.80 -68.81 45.16
N ARG D 2676 -94.12 -68.93 45.03
CA ARG D 2676 -94.91 -69.77 45.93
C ARG D 2676 -94.52 -71.25 45.81
N LYS D 2677 -94.26 -71.70 44.58
CA LYS D 2677 -93.77 -73.05 44.32
C LYS D 2677 -92.44 -73.29 45.04
N LEU D 2678 -91.52 -72.34 44.92
CA LEU D 2678 -90.21 -72.48 45.55
C LEU D 2678 -90.33 -72.41 47.06
N PHE D 2679 -91.24 -71.55 47.54
CA PHE D 2679 -91.47 -71.39 48.98
C PHE D 2679 -91.92 -72.69 49.60
N TRP D 2680 -92.94 -73.31 48.99
CA TRP D 2680 -93.44 -74.58 49.50
C TRP D 2680 -92.42 -75.70 49.35
N GLY D 2681 -91.72 -75.75 48.21
CA GLY D 2681 -90.73 -76.78 48.00
C GLY D 2681 -89.58 -76.73 49.00
N ILE D 2682 -89.13 -75.51 49.33
CA ILE D 2682 -88.10 -75.33 50.36
C ILE D 2682 -88.64 -75.62 51.74
N PHE D 2683 -89.88 -75.20 52.06
CA PHE D 2683 -90.42 -75.49 53.38
C PHE D 2683 -90.59 -76.99 53.60
N ASP D 2684 -91.10 -77.71 52.59
CA ASP D 2684 -91.22 -79.17 52.66
C ASP D 2684 -89.86 -79.85 52.75
N SER D 2685 -88.88 -79.37 51.96
CA SER D 2685 -87.56 -79.96 51.96
C SER D 2685 -86.86 -79.74 53.29
N LEU D 2686 -86.87 -78.50 53.80
CA LEU D 2686 -86.19 -78.22 55.06
C LEU D 2686 -86.93 -78.84 56.23
N ALA D 2687 -88.25 -79.07 56.08
CA ALA D 2687 -89.02 -79.81 57.07
C ALA D 2687 -88.55 -81.24 57.17
N HIS D 2688 -88.23 -81.87 56.04
CA HIS D 2688 -87.79 -83.26 56.14
C HIS D 2688 -86.28 -83.39 56.33
N LYS D 2689 -85.51 -82.41 55.85
CA LYS D 2689 -84.06 -82.38 56.02
C LYS D 2689 -83.68 -82.27 57.49
N LYS D 2690 -82.73 -83.09 57.91
CA LYS D 2690 -82.31 -83.12 59.30
C LYS D 2690 -81.61 -81.81 59.67
N TYR D 2691 -81.62 -81.51 60.97
CA TYR D 2691 -81.09 -80.24 61.48
C TYR D 2691 -79.60 -80.08 61.22
N ASP D 2692 -79.26 -79.16 60.32
CA ASP D 2692 -77.89 -78.75 60.04
C ASP D 2692 -77.81 -77.26 60.30
N GLN D 2693 -77.11 -76.88 61.38
CA GLN D 2693 -77.09 -75.50 61.85
C GLN D 2693 -76.47 -74.55 60.82
N GLU D 2694 -75.44 -75.02 60.10
CA GLU D 2694 -74.86 -74.25 59.00
C GLU D 2694 -75.90 -74.03 57.92
N LEU D 2695 -76.66 -75.07 57.57
CA LEU D 2695 -77.70 -74.94 56.56
C LEU D 2695 -78.83 -74.05 57.05
N TYR D 2696 -79.23 -74.20 58.31
CA TYR D 2696 -80.37 -73.47 58.85
C TYR D 2696 -80.10 -71.97 58.96
N ARG D 2697 -78.90 -71.57 59.41
CA ARG D 2697 -78.59 -70.15 59.58
C ARG D 2697 -78.52 -69.39 58.26
N MET D 2698 -78.35 -70.10 57.16
CA MET D 2698 -78.28 -69.50 55.84
C MET D 2698 -79.58 -69.66 55.06
N ALA D 2699 -80.35 -70.71 55.34
CA ALA D 2699 -81.61 -70.92 54.64
C ALA D 2699 -82.78 -70.19 55.26
N MET D 2700 -82.73 -69.88 56.56
CA MET D 2700 -83.81 -69.15 57.21
C MET D 2700 -84.07 -67.75 56.60
N PRO D 2701 -83.07 -66.88 56.37
CA PRO D 2701 -83.38 -65.59 55.72
C PRO D 2701 -83.97 -65.75 54.33
N CYS D 2702 -83.60 -66.81 53.61
CA CYS D 2702 -84.12 -67.01 52.25
C CYS D 2702 -85.62 -67.21 52.29
N LEU D 2703 -86.10 -68.05 53.22
CA LEU D 2703 -87.53 -68.28 53.39
C LEU D 2703 -88.24 -67.02 53.85
N CYS D 2704 -87.66 -66.31 54.82
CA CYS D 2704 -88.29 -65.08 55.30
C CYS D 2704 -88.37 -64.01 54.22
N ALA D 2705 -87.31 -63.87 53.42
CA ALA D 2705 -87.31 -62.95 52.28
C ALA D 2705 -88.34 -63.32 51.23
N ILE D 2706 -88.49 -64.64 50.96
CA ILE D 2706 -89.53 -65.09 50.04
C ILE D 2706 -90.91 -64.73 50.59
N ALA D 2707 -91.10 -64.96 51.90
CA ALA D 2707 -92.40 -64.71 52.53
C ALA D 2707 -92.77 -63.25 52.44
N GLY D 2708 -91.81 -62.36 52.73
CA GLY D 2708 -92.05 -60.94 52.62
C GLY D 2708 -92.31 -60.48 51.20
N ALA D 2709 -91.59 -61.10 50.24
CA ALA D 2709 -91.78 -60.76 48.83
C ALA D 2709 -93.15 -61.19 48.32
N LEU D 2710 -93.62 -62.34 48.75
CA LEU D 2710 -94.93 -62.84 48.30
C LEU D 2710 -96.05 -62.10 49.02
N PRO D 2711 -97.03 -61.56 48.28
CA PRO D 2711 -98.16 -60.91 48.92
C PRO D 2711 -98.95 -61.91 49.73
N PRO D 2712 -99.57 -61.48 50.84
CA PRO D 2712 -100.33 -62.42 51.68
C PRO D 2712 -101.52 -63.06 50.99
N ASP D 2713 -102.40 -62.26 50.40
CA ASP D 2713 -103.63 -62.75 49.78
C ASP D 2713 -103.43 -63.30 48.36
N TYR D 2714 -102.20 -63.65 48.00
CA TYR D 2714 -101.90 -64.12 46.64
C TYR D 2714 -102.66 -65.40 46.31
N VAL D 2715 -103.21 -65.45 45.10
CA VAL D 2715 -103.94 -66.60 44.61
C VAL D 2715 -103.29 -67.03 43.30
N ASP D 2716 -102.85 -68.29 43.25
CA ASP D 2716 -102.30 -68.85 42.03
C ASP D 2716 -103.42 -69.26 41.09
N ALA D 2717 -103.22 -68.96 39.80
CA ALA D 2717 -104.23 -69.27 38.79
C ALA D 2717 -104.45 -70.78 38.65
N SER D 2718 -103.37 -71.54 38.64
CA SER D 2718 -103.45 -73.00 38.49
C SER D 2718 -103.27 -73.63 39.87
N TYR D 2719 -104.39 -73.98 40.50
CA TYR D 2719 -104.37 -74.58 41.84
C TYR D 2719 -104.32 -76.10 41.76
N SER D 2720 -103.35 -76.62 41.03
CA SER D 2720 -103.14 -78.06 40.90
C SER D 2720 -101.66 -78.35 41.05
N SER D 2721 -101.33 -79.26 41.96
CA SER D 2721 -99.95 -79.66 42.21
C SER D 2721 -99.76 -81.11 41.75
N LYS D 2722 -98.80 -81.30 40.84
CA LYS D 2722 -98.52 -82.63 40.29
C LYS D 2722 -98.01 -83.59 41.38
N ALA D 2723 -97.33 -83.04 42.40
CA ALA D 2723 -96.70 -83.79 43.49
C ALA D 2723 -95.72 -84.83 42.95
N GLU D 2724 -94.73 -84.33 42.22
CA GLU D 2724 -93.69 -85.15 41.61
C GLU D 2724 -92.39 -84.99 42.38
N LYS D 2725 -91.63 -86.08 42.47
CA LYS D 2725 -90.40 -86.21 43.27
C LYS D 2725 -90.62 -85.85 44.74
N ASN D 2734 -79.90 -83.67 37.14
CA ASN D 2734 -80.43 -82.79 36.09
C ASN D 2734 -81.95 -82.85 36.03
N PHE D 2735 -82.51 -82.47 34.88
CA PHE D 2735 -83.95 -82.54 34.66
C PHE D 2735 -84.27 -83.81 33.89
N ASP D 2736 -84.91 -84.76 34.55
CA ASP D 2736 -85.31 -86.02 33.92
C ASP D 2736 -86.83 -86.15 33.88
N PRO D 2737 -87.46 -85.83 32.75
CA PRO D 2737 -88.91 -86.02 32.64
C PRO D 2737 -89.28 -87.48 32.47
N ARG D 2738 -90.32 -87.90 33.20
CA ARG D 2738 -90.75 -89.29 33.18
C ARG D 2738 -91.96 -89.38 32.26
N PRO D 2739 -91.85 -90.01 31.10
CA PRO D 2739 -93.04 -90.22 30.27
C PRO D 2739 -94.03 -91.18 30.91
N VAL D 2740 -95.31 -90.93 30.66
CA VAL D 2740 -96.36 -91.83 31.15
C VAL D 2740 -96.43 -93.00 30.18
N GLU D 2741 -96.17 -94.20 30.69
CA GLU D 2741 -96.09 -95.39 29.85
C GLU D 2741 -97.45 -95.77 29.28
N THR D 2742 -97.46 -96.10 27.99
CA THR D 2742 -98.69 -96.43 27.27
C THR D 2742 -98.69 -97.81 26.63
N LEU D 2743 -97.52 -98.43 26.45
CA LEU D 2743 -97.49 -99.73 25.79
C LEU D 2743 -98.03 -100.84 26.69
N ASN D 2744 -97.89 -100.67 28.01
CA ASN D 2744 -98.35 -101.70 28.95
C ASN D 2744 -99.87 -101.82 28.95
N VAL D 2745 -100.57 -100.72 28.72
CA VAL D 2745 -102.03 -100.75 28.60
C VAL D 2745 -102.38 -100.97 27.14
N ILE D 2746 -103.37 -101.83 26.89
CA ILE D 2746 -103.77 -102.18 25.54
C ILE D 2746 -104.83 -101.21 25.04
N ILE D 2747 -104.72 -100.83 23.77
CA ILE D 2747 -105.63 -99.85 23.17
C ILE D 2747 -107.04 -100.44 23.09
N PRO D 2748 -108.05 -99.74 23.60
CA PRO D 2748 -109.44 -100.19 23.40
C PRO D 2748 -109.88 -99.94 21.97
N GLU D 2749 -110.39 -100.98 21.32
CA GLU D 2749 -110.88 -100.85 19.96
C GLU D 2749 -112.40 -100.67 19.92
N LYS D 2750 -113.04 -100.55 21.08
CA LYS D 2750 -114.46 -100.27 21.15
C LYS D 2750 -114.77 -98.88 20.59
N LEU D 2751 -113.85 -97.93 20.74
CA LEU D 2751 -114.00 -96.58 20.23
C LEU D 2751 -113.15 -96.32 18.98
N ASP D 2752 -112.84 -97.40 18.23
CA ASP D 2752 -112.02 -97.28 17.03
C ASP D 2752 -112.69 -96.39 15.97
N SER D 2753 -114.02 -96.29 16.01
CA SER D 2753 -114.80 -95.42 15.15
C SER D 2753 -114.55 -93.95 15.48
N PHE D 2754 -113.95 -93.67 16.63
CA PHE D 2754 -113.58 -92.34 17.03
C PHE D 2754 -112.10 -92.10 16.80
N ILE D 2755 -111.28 -93.15 17.00
CA ILE D 2755 -109.84 -93.00 16.80
C ILE D 2755 -109.51 -92.68 15.34
N ASN D 2756 -110.12 -93.43 14.40
CA ASN D 2756 -109.90 -93.13 12.98
C ASN D 2756 -110.52 -91.80 12.59
N LYS D 2757 -111.70 -91.50 13.16
CA LYS D 2757 -112.37 -90.24 12.89
C LYS D 2757 -111.53 -89.05 13.34
N PHE D 2758 -110.97 -89.11 14.56
CA PHE D 2758 -110.08 -88.07 15.03
C PHE D 2758 -108.80 -88.00 14.20
N ALA D 2759 -108.36 -89.13 13.63
CA ALA D 2759 -107.16 -89.11 12.80
C ALA D 2759 -107.41 -88.34 11.50
N GLU D 2760 -108.51 -88.67 10.82
CA GLU D 2760 -108.84 -87.97 9.59
C GLU D 2760 -109.27 -86.54 9.88
N TYR D 2761 -109.87 -86.28 11.05
CA TYR D 2761 -110.23 -84.92 11.42
C TYR D 2761 -109.00 -84.07 11.72
N THR D 2762 -107.94 -84.66 12.30
CA THR D 2762 -106.67 -83.94 12.45
C THR D 2762 -106.07 -83.60 11.09
N HIS D 2763 -106.13 -84.53 10.15
CA HIS D 2763 -105.73 -84.24 8.76
C HIS D 2763 -106.61 -83.14 8.13
N GLU D 2764 -107.91 -83.18 8.40
CA GLU D 2764 -108.83 -82.16 7.91
C GLU D 2764 -108.55 -80.80 8.55
N LYS D 2765 -108.27 -80.79 9.86
CA LYS D 2765 -107.93 -79.56 10.56
C LYS D 2765 -106.61 -79.00 10.04
N TRP D 2766 -105.68 -79.89 9.65
CA TRP D 2766 -104.43 -79.43 9.04
C TRP D 2766 -104.73 -78.72 7.73
N ALA D 2767 -105.65 -79.27 6.93
CA ALA D 2767 -106.09 -78.58 5.73
C ALA D 2767 -106.83 -77.28 6.05
N PHE D 2768 -107.56 -77.25 7.17
CA PHE D 2768 -108.21 -76.03 7.64
C PHE D 2768 -107.19 -74.95 7.97
N ASP D 2769 -106.07 -75.34 8.59
CA ASP D 2769 -105.01 -74.38 8.85
C ASP D 2769 -104.37 -73.93 7.55
N LYS D 2770 -104.27 -74.82 6.57
CA LYS D 2770 -103.65 -74.42 5.30
C LYS D 2770 -104.52 -73.43 4.56
N ILE D 2771 -105.84 -73.68 4.47
CA ILE D 2771 -106.72 -72.71 3.83
C ILE D 2771 -106.85 -71.42 4.66
N GLN D 2772 -106.62 -71.48 5.98
CA GLN D 2772 -106.53 -70.28 6.80
C GLN D 2772 -105.13 -69.68 6.83
N ASN D 2773 -104.21 -70.22 6.04
CA ASN D 2773 -102.88 -69.64 5.89
C ASN D 2773 -102.80 -68.79 4.63
N ASN D 2774 -103.95 -68.56 3.97
CA ASN D 2774 -104.19 -67.79 2.74
C ASN D 2774 -103.60 -68.43 1.49
N TRP D 2775 -102.95 -69.59 1.59
CA TRP D 2775 -102.39 -70.29 0.46
C TRP D 2775 -103.04 -71.66 0.34
N SER D 2776 -103.40 -72.05 -0.87
CA SER D 2776 -104.04 -73.35 -1.10
C SER D 2776 -102.98 -74.46 -1.13
N TYR D 2777 -103.40 -75.65 -1.54
CA TYR D 2777 -102.52 -76.79 -1.62
C TYR D 2777 -102.07 -77.03 -3.06
N GLY D 2778 -101.37 -78.13 -3.29
CA GLY D 2778 -100.87 -78.49 -4.60
C GLY D 2778 -100.69 -79.99 -4.76
N GLU D 2779 -100.12 -80.40 -5.88
CA GLU D 2779 -99.87 -81.82 -6.14
C GLU D 2779 -98.39 -82.17 -6.05
N ASN D 2780 -97.53 -81.46 -6.80
CA ASN D 2780 -96.10 -81.72 -6.74
C ASN D 2780 -95.52 -81.28 -5.41
N VAL D 2781 -94.58 -82.06 -4.88
CA VAL D 2781 -93.98 -81.77 -3.59
C VAL D 2781 -92.85 -80.76 -3.79
N ASP D 2782 -92.99 -79.58 -3.20
CA ASP D 2782 -91.98 -78.54 -3.30
C ASP D 2782 -92.09 -77.61 -2.09
N GLU D 2783 -90.97 -77.03 -1.69
CA GLU D 2783 -90.94 -76.12 -0.56
C GLU D 2783 -91.26 -74.68 -0.93
N GLU D 2784 -91.47 -74.38 -2.21
CA GLU D 2784 -91.74 -73.02 -2.64
C GLU D 2784 -93.13 -72.53 -2.23
N LEU D 2785 -94.04 -73.45 -1.90
CA LEU D 2785 -95.40 -73.09 -1.50
C LEU D 2785 -95.49 -72.73 -0.01
N LYS D 2786 -94.40 -72.88 0.75
CA LYS D 2786 -94.28 -72.62 2.21
C LYS D 2786 -95.42 -73.22 3.04
N THR D 2787 -96.03 -74.30 2.55
CA THR D 2787 -97.07 -75.06 3.22
C THR D 2787 -96.81 -76.53 2.94
N HIS D 2788 -97.79 -77.38 3.22
CA HIS D 2788 -97.67 -78.80 2.87
C HIS D 2788 -98.04 -78.99 1.40
N PRO D 2789 -97.10 -79.39 0.54
CA PRO D 2789 -97.39 -79.47 -0.89
C PRO D 2789 -98.01 -80.77 -1.39
N MET D 2790 -98.03 -81.82 -0.60
CA MET D 2790 -98.55 -83.10 -1.05
C MET D 2790 -100.06 -83.25 -0.76
N LEU D 2791 -100.66 -82.30 -0.03
CA LEU D 2791 -102.09 -82.32 0.28
C LEU D 2791 -102.94 -82.26 -1.00
N ARG D 2792 -103.71 -83.31 -1.20
CA ARG D 2792 -104.62 -83.47 -2.34
C ARG D 2792 -106.00 -83.80 -1.81
N PRO D 2793 -107.06 -83.56 -2.60
CA PRO D 2793 -108.41 -83.93 -2.16
C PRO D 2793 -108.53 -85.42 -1.88
N TYR D 2794 -109.30 -85.76 -0.84
CA TYR D 2794 -109.41 -87.12 -0.32
C TYR D 2794 -109.99 -88.11 -1.33
N LYS D 2795 -110.64 -87.63 -2.40
CA LYS D 2795 -111.11 -88.52 -3.47
C LYS D 2795 -109.93 -89.19 -4.17
N THR D 2796 -108.85 -88.43 -4.40
CA THR D 2796 -107.64 -88.96 -5.04
C THR D 2796 -106.41 -88.68 -4.19
N PHE D 2797 -106.51 -88.90 -2.88
CA PHE D 2797 -105.40 -88.74 -1.96
C PHE D 2797 -104.91 -90.10 -1.50
N SER D 2798 -103.60 -90.31 -1.58
CA SER D 2798 -103.00 -91.59 -1.20
C SER D 2798 -103.22 -91.88 0.28
N GLU D 2799 -103.55 -93.13 0.59
CA GLU D 2799 -103.81 -93.54 1.97
C GLU D 2799 -102.59 -94.10 2.66
N LYS D 2800 -101.42 -94.07 2.00
CA LYS D 2800 -100.18 -94.57 2.61
C LYS D 2800 -99.79 -93.74 3.82
N ASP D 2801 -100.14 -92.46 3.85
CA ASP D 2801 -99.86 -91.65 5.02
C ASP D 2801 -101.09 -91.53 5.92
N LYS D 2802 -102.30 -91.77 5.38
CA LYS D 2802 -103.50 -91.81 6.20
C LYS D 2802 -103.51 -93.01 7.14
N GLU D 2803 -102.75 -94.05 6.82
CA GLU D 2803 -102.63 -95.21 7.72
C GLU D 2803 -101.49 -95.05 8.72
N ILE D 2804 -100.68 -94.00 8.62
CA ILE D 2804 -99.57 -93.78 9.55
C ILE D 2804 -99.68 -92.46 10.31
N TYR D 2805 -100.62 -91.60 9.95
CA TYR D 2805 -100.79 -90.33 10.66
C TYR D 2805 -101.63 -90.45 11.93
N ARG D 2806 -102.15 -91.64 12.23
CA ARG D 2806 -102.96 -91.84 13.42
C ARG D 2806 -102.13 -92.15 14.66
N TRP D 2807 -100.81 -92.29 14.52
CA TRP D 2807 -99.93 -92.56 15.67
C TRP D 2807 -100.00 -91.50 16.77
N PRO D 2808 -99.96 -90.17 16.50
CA PRO D 2808 -100.19 -89.22 17.62
C PRO D 2808 -101.55 -89.39 18.26
N ILE D 2809 -102.57 -89.71 17.46
CA ILE D 2809 -103.92 -89.93 17.98
C ILE D 2809 -103.97 -91.21 18.81
N LYS D 2810 -103.30 -92.26 18.32
CA LYS D 2810 -103.26 -93.54 19.03
C LYS D 2810 -102.58 -93.38 20.39
N GLU D 2811 -101.40 -92.74 20.41
CA GLU D 2811 -100.66 -92.61 21.66
C GLU D 2811 -101.37 -91.65 22.61
N SER D 2812 -101.98 -90.58 22.09
CA SER D 2812 -102.72 -89.64 22.93
C SER D 2812 -103.91 -90.31 23.60
N LEU D 2813 -104.63 -91.17 22.87
CA LEU D 2813 -105.74 -91.88 23.47
C LEU D 2813 -105.27 -93.01 24.39
N LYS D 2814 -104.10 -93.59 24.14
CA LYS D 2814 -103.53 -94.54 25.08
C LYS D 2814 -103.18 -93.85 26.40
N ALA D 2815 -102.60 -92.65 26.30
CA ALA D 2815 -102.14 -91.95 27.48
C ALA D 2815 -103.29 -91.35 28.27
N MET D 2816 -104.40 -91.01 27.62
CA MET D 2816 -105.51 -90.44 28.36
C MET D 2816 -106.36 -91.52 29.03
N ILE D 2817 -106.00 -92.79 28.88
CA ILE D 2817 -106.72 -93.89 29.53
C ILE D 2817 -105.79 -94.73 30.41
N ALA D 2818 -104.47 -94.56 30.29
CA ALA D 2818 -103.53 -95.34 31.10
C ALA D 2818 -103.66 -95.02 32.59
N TRP D 2819 -103.86 -93.74 32.94
CA TRP D 2819 -104.01 -93.35 34.34
C TRP D 2819 -105.45 -93.56 34.81
N GLU D 2820 -106.01 -94.77 34.63
CA GLU D 2820 -107.35 -95.25 35.01
C GLU D 2820 -108.49 -94.27 34.74
N TRP D 2821 -108.37 -93.49 33.66
CA TRP D 2821 -109.45 -92.62 33.19
C TRP D 2821 -110.28 -93.39 32.17
N THR D 2822 -111.37 -93.99 32.62
CA THR D 2822 -112.24 -94.71 31.69
C THR D 2822 -112.99 -93.73 30.80
N ILE D 2823 -113.29 -94.18 29.58
CA ILE D 2823 -114.00 -93.39 28.59
C ILE D 2823 -115.28 -94.11 28.22
N GLU D 2824 -116.39 -93.37 28.24
CA GLU D 2824 -117.71 -93.94 28.01
C GLU D 2824 -118.37 -93.26 26.82
N LYS D 2825 -119.08 -94.06 26.02
CA LYS D 2825 -119.77 -93.59 24.82
C LYS D 2825 -121.26 -93.46 25.14
N ALA D 2826 -121.61 -92.32 25.73
CA ALA D 2826 -123.01 -92.02 26.03
C ALA D 2826 -123.83 -91.89 24.76
N ARG D 2827 -123.28 -91.23 23.74
CA ARG D 2827 -123.93 -91.08 22.44
C ARG D 2827 -123.81 -92.38 21.63
N GLU D 2828 -124.61 -92.46 20.57
CA GLU D 2828 -124.57 -93.63 19.68
C GLU D 2828 -124.88 -93.12 18.27
N GLY D 2829 -123.81 -92.88 17.49
CA GLY D 2829 -123.95 -92.42 16.13
C GLY D 2829 -122.87 -92.99 15.26
N GLU D 2830 -123.06 -92.81 13.94
CA GLU D 2830 -122.14 -93.26 12.88
C GLU D 2830 -121.83 -94.76 12.94
N TYR D 2855 -113.90 -82.05 -0.63
CA TYR D 2855 -112.78 -81.89 0.30
C TYR D 2855 -112.75 -80.46 0.84
N ASN D 2856 -113.52 -80.22 1.90
CA ASN D 2856 -113.63 -78.90 2.51
C ASN D 2856 -113.73 -79.10 4.02
N PRO D 2857 -112.90 -78.42 4.82
CA PRO D 2857 -112.97 -78.60 6.29
C PRO D 2857 -114.17 -77.93 6.94
N GLN D 2858 -115.36 -78.48 6.70
CA GLN D 2858 -116.59 -77.90 7.25
C GLN D 2858 -116.69 -77.92 8.78
N PRO D 2859 -116.48 -79.04 9.50
CA PRO D 2859 -116.75 -79.03 10.96
C PRO D 2859 -115.74 -78.17 11.72
N PRO D 2860 -116.22 -77.16 12.46
CA PRO D 2860 -115.30 -76.31 13.24
C PRO D 2860 -115.03 -76.85 14.64
N ASP D 2861 -113.75 -76.90 15.01
CA ASP D 2861 -113.31 -77.35 16.33
C ASP D 2861 -112.54 -76.19 16.94
N LEU D 2862 -113.26 -75.30 17.60
CA LEU D 2862 -112.69 -74.11 18.22
C LEU D 2862 -112.54 -74.33 19.72
N SER D 2863 -111.36 -74.02 20.24
CA SER D 2863 -111.06 -74.17 21.65
C SER D 2863 -111.45 -72.97 22.50
N GLY D 2864 -112.07 -71.95 21.89
CA GLY D 2864 -112.43 -70.74 22.60
C GLY D 2864 -113.69 -70.78 23.42
N VAL D 2865 -114.40 -71.92 23.46
CA VAL D 2865 -115.60 -72.05 24.28
C VAL D 2865 -115.20 -72.53 25.67
N THR D 2866 -115.99 -72.14 26.67
CA THR D 2866 -115.72 -72.50 28.06
C THR D 2866 -115.94 -73.98 28.30
N LEU D 2867 -115.32 -74.49 29.36
CA LEU D 2867 -115.36 -75.90 29.67
C LEU D 2867 -115.09 -76.09 31.16
N SER D 2868 -115.60 -77.22 31.70
CA SER D 2868 -115.56 -77.50 33.12
C SER D 2868 -114.13 -77.66 33.65
N ARG D 2869 -113.95 -77.25 34.91
CA ARG D 2869 -112.63 -77.28 35.54
C ARG D 2869 -112.08 -78.69 35.69
N GLU D 2870 -112.93 -79.65 36.06
CA GLU D 2870 -112.50 -81.03 36.26
CA GLU D 2870 -112.50 -81.03 36.26
C GLU D 2870 -111.94 -81.64 34.98
N LEU D 2871 -112.61 -81.42 33.86
CA LEU D 2871 -112.13 -81.93 32.57
C LEU D 2871 -110.92 -81.12 32.07
N GLN D 2872 -110.93 -79.80 32.30
CA GLN D 2872 -109.82 -78.95 31.88
C GLN D 2872 -108.54 -79.31 32.64
N ALA D 2873 -108.65 -79.70 33.91
CA ALA D 2873 -107.48 -80.12 34.69
C ALA D 2873 -106.85 -81.36 34.05
N MET D 2874 -107.70 -82.29 33.59
CA MET D 2874 -107.24 -83.46 32.86
C MET D 2874 -106.52 -83.05 31.58
N ALA D 2875 -107.07 -82.05 30.88
CA ALA D 2875 -106.41 -81.55 29.67
C ALA D 2875 -105.04 -80.94 29.98
N GLU D 2876 -104.94 -80.25 31.12
CA GLU D 2876 -103.67 -79.72 31.59
C GLU D 2876 -102.67 -80.84 31.88
N GLN D 2877 -103.14 -81.91 32.53
CA GLN D 2877 -102.28 -83.08 32.78
C GLN D 2877 -101.84 -83.74 31.47
N LEU D 2878 -102.75 -83.85 30.50
CA LEU D 2878 -102.39 -84.38 29.18
C LEU D 2878 -101.36 -83.51 28.47
N ALA D 2879 -101.50 -82.18 28.59
CA ALA D 2879 -100.48 -81.26 28.09
C ALA D 2879 -99.15 -81.43 28.81
N GLU D 2880 -99.20 -81.69 30.12
CA GLU D 2880 -98.01 -82.02 30.89
C GLU D 2880 -97.37 -83.32 30.40
N ASN D 2881 -98.19 -84.33 30.10
CA ASN D 2881 -97.67 -85.59 29.59
C ASN D 2881 -97.04 -85.40 28.20
N TYR D 2882 -97.67 -84.58 27.35
CA TYR D 2882 -97.10 -84.30 26.03
C TYR D 2882 -95.76 -83.59 26.18
N HIS D 2883 -95.67 -82.69 27.17
CA HIS D 2883 -94.45 -81.94 27.42
C HIS D 2883 -93.34 -82.85 27.93
N ASN D 2884 -93.64 -83.73 28.89
CA ASN D 2884 -92.59 -84.55 29.47
C ASN D 2884 -92.15 -85.65 28.49
N THR D 2885 -93.08 -86.20 27.70
CA THR D 2885 -92.71 -87.14 26.65
C THR D 2885 -91.80 -86.48 25.61
N TRP D 2886 -92.13 -85.25 25.18
CA TRP D 2886 -91.25 -84.50 24.29
C TRP D 2886 -89.91 -84.21 24.96
N GLY D 2887 -89.93 -83.91 26.26
CA GLY D 2887 -88.70 -83.65 26.97
C GLY D 2887 -87.82 -84.88 27.05
N ARG D 2888 -88.44 -86.04 27.29
CA ARG D 2888 -87.71 -87.31 27.39
C ARG D 2888 -87.03 -87.65 26.06
N LYS D 2889 -87.76 -87.49 24.95
CA LYS D 2889 -87.11 -87.69 23.65
C LYS D 2889 -86.09 -86.60 23.33
N LYS D 2890 -86.25 -85.40 23.90
CA LYS D 2890 -85.25 -84.35 23.68
C LYS D 2890 -83.96 -84.69 24.44
N LYS D 2891 -84.10 -85.10 25.70
CA LYS D 2891 -82.92 -85.45 26.48
C LYS D 2891 -82.28 -86.74 25.98
N GLN D 2892 -82.99 -87.57 25.22
CA GLN D 2892 -82.33 -88.73 24.61
C GLN D 2892 -81.24 -88.26 23.65
N GLU D 2893 -81.55 -87.23 22.86
CA GLU D 2893 -80.58 -86.59 21.98
C GLU D 2893 -79.52 -85.83 22.77
N LEU D 2894 -79.92 -85.20 23.88
CA LEU D 2894 -79.01 -84.37 24.66
C LEU D 2894 -78.03 -85.19 25.50
N GLU D 2895 -78.43 -86.38 25.96
CA GLU D 2895 -77.62 -87.19 26.87
C GLU D 2895 -76.39 -87.81 26.21
N ALA D 2896 -76.26 -87.72 24.88
CA ALA D 2896 -75.08 -88.24 24.19
C ALA D 2896 -73.79 -87.53 24.63
N LYS D 2897 -73.89 -86.27 25.03
CA LYS D 2897 -72.72 -85.52 25.48
C LYS D 2897 -72.72 -85.20 26.96
N GLY D 2898 -73.90 -85.08 27.58
CA GLY D 2898 -73.98 -84.77 29.00
C GLY D 2898 -73.67 -83.34 29.35
N GLY D 2899 -73.87 -82.39 28.44
CA GLY D 2899 -73.57 -81.00 28.71
C GLY D 2899 -74.69 -80.08 28.25
N GLY D 2900 -74.86 -78.99 29.00
CA GLY D 2900 -75.87 -78.01 28.68
C GLY D 2900 -77.26 -78.50 29.06
N THR D 2901 -78.26 -77.73 28.61
CA THR D 2901 -79.65 -78.07 28.85
C THR D 2901 -80.51 -77.50 27.74
N HIS D 2902 -81.56 -78.23 27.40
CA HIS D 2902 -82.54 -77.86 26.39
C HIS D 2902 -83.49 -76.79 26.95
N PRO D 2903 -83.79 -75.75 26.16
CA PRO D 2903 -84.70 -74.68 26.64
C PRO D 2903 -86.10 -75.15 27.01
N LEU D 2904 -86.61 -76.19 26.35
CA LEU D 2904 -87.93 -76.72 26.64
C LEU D 2904 -87.92 -77.87 27.66
N LEU D 2905 -86.75 -78.21 28.21
CA LEU D 2905 -86.65 -79.19 29.30
C LEU D 2905 -87.00 -78.52 30.63
N VAL D 2906 -88.27 -78.12 30.74
CA VAL D 2906 -88.77 -77.29 31.84
C VAL D 2906 -90.10 -77.85 32.36
N PRO D 2907 -90.39 -77.68 33.66
CA PRO D 2907 -91.62 -78.26 34.22
C PRO D 2907 -92.88 -77.58 33.69
N TYR D 2908 -93.98 -78.34 33.67
CA TYR D 2908 -95.26 -77.80 33.19
C TYR D 2908 -95.83 -76.79 34.17
N ASP D 2909 -95.78 -77.08 35.48
CA ASP D 2909 -96.31 -76.15 36.47
C ASP D 2909 -95.47 -74.87 36.59
N THR D 2910 -94.30 -74.84 35.97
CA THR D 2910 -93.44 -73.67 35.95
C THR D 2910 -93.61 -72.86 34.66
N LEU D 2911 -93.93 -73.50 33.53
CA LEU D 2911 -93.97 -72.80 32.25
C LEU D 2911 -95.13 -71.82 32.16
N THR D 2912 -94.85 -70.67 31.56
CA THR D 2912 -95.83 -69.61 31.37
C THR D 2912 -96.57 -69.74 30.03
N ALA D 2913 -97.34 -68.69 29.71
CA ALA D 2913 -98.27 -68.76 28.60
C ALA D 2913 -97.58 -68.68 27.25
N LYS D 2914 -96.37 -68.11 27.18
CA LYS D 2914 -95.74 -67.88 25.88
C LYS D 2914 -95.41 -69.22 25.22
N GLU D 2915 -94.89 -70.18 25.99
CA GLU D 2915 -94.63 -71.51 25.49
C GLU D 2915 -95.72 -72.50 25.87
N LYS D 2916 -96.79 -72.04 26.55
CA LYS D 2916 -97.87 -72.97 26.90
C LYS D 2916 -98.83 -73.20 25.74
N ALA D 2917 -98.68 -72.44 24.66
CA ALA D 2917 -99.63 -72.45 23.55
C ALA D 2917 -99.64 -73.79 22.83
N ARG D 2918 -98.46 -74.39 22.60
CA ARG D 2918 -98.34 -75.59 21.78
C ARG D 2918 -99.09 -76.75 22.41
N ASP D 2919 -98.84 -77.02 23.68
CA ASP D 2919 -99.48 -78.16 24.32
C ASP D 2919 -100.93 -77.84 24.67
N ARG D 2920 -101.20 -76.60 25.13
CA ARG D 2920 -102.53 -76.22 25.57
C ARG D 2920 -103.53 -76.21 24.41
N GLU D 2921 -103.16 -75.65 23.26
CA GLU D 2921 -104.08 -75.50 22.14
C GLU D 2921 -104.51 -76.86 21.61
N LYS D 2922 -103.55 -77.77 21.43
CA LYS D 2922 -103.85 -79.11 20.95
C LYS D 2922 -104.68 -79.91 21.96
N ALA D 2923 -104.34 -79.82 23.25
CA ALA D 2923 -105.11 -80.54 24.27
C ALA D 2923 -106.52 -79.99 24.37
N GLN D 2924 -106.67 -78.65 24.34
CA GLN D 2924 -107.99 -78.04 24.42
C GLN D 2924 -108.83 -78.39 23.21
N GLU D 2925 -108.21 -78.45 22.01
CA GLU D 2925 -108.94 -78.82 20.80
C GLU D 2925 -109.43 -80.26 20.91
N LEU D 2926 -108.58 -81.14 21.47
CA LEU D 2926 -108.97 -82.54 21.65
C LEU D 2926 -110.17 -82.63 22.60
N LEU D 2927 -110.14 -81.83 23.67
CA LEU D 2927 -111.24 -81.84 24.64
C LEU D 2927 -112.52 -81.30 24.05
N LYS D 2928 -112.44 -80.28 23.18
CA LYS D 2928 -113.63 -79.83 22.44
C LYS D 2928 -114.17 -80.92 21.53
N PHE D 2929 -113.27 -81.66 20.87
CA PHE D 2929 -113.69 -82.75 20.00
C PHE D 2929 -114.41 -83.84 20.80
N LEU D 2930 -113.91 -84.12 22.02
CA LEU D 2930 -114.54 -85.08 22.90
C LEU D 2930 -115.91 -84.58 23.34
N GLN D 2931 -116.01 -83.31 23.73
CA GLN D 2931 -117.26 -82.79 24.27
C GLN D 2931 -118.32 -82.66 23.18
N MET D 2932 -117.92 -82.23 21.97
CA MET D 2932 -118.88 -82.11 20.87
C MET D 2932 -119.42 -83.48 20.48
N ASN D 2933 -118.57 -84.51 20.47
CA ASN D 2933 -119.10 -85.84 20.19
C ASN D 2933 -119.86 -86.42 21.38
N GLY D 2934 -119.60 -85.95 22.60
CA GLY D 2934 -120.28 -86.48 23.77
C GLY D 2934 -119.45 -87.49 24.53
N TYR D 2935 -118.18 -87.16 24.77
CA TYR D 2935 -117.26 -88.04 25.48
C TYR D 2935 -116.94 -87.43 26.84
N ALA D 2936 -117.51 -88.00 27.90
CA ALA D 2936 -117.24 -87.56 29.26
C ALA D 2936 -116.25 -88.53 29.88
N VAL D 2937 -115.08 -88.02 30.27
CA VAL D 2937 -114.01 -88.82 30.84
C VAL D 2937 -113.76 -88.32 32.26
N THR D 2938 -113.83 -89.20 33.24
CA THR D 2938 -113.67 -88.82 34.63
C THR D 2938 -112.79 -89.85 35.33
N ARG D 2939 -111.90 -89.37 36.20
CA ARG D 2939 -111.04 -90.23 37.00
C ARG D 2939 -111.83 -91.09 37.97
N LEU D 2946 -110.50 -80.09 44.68
CA LEU D 2946 -111.87 -80.43 44.30
C LEU D 2946 -112.82 -79.33 44.75
N ASP D 2947 -113.31 -78.56 43.77
CA ASP D 2947 -114.24 -77.44 43.97
C ASP D 2947 -113.69 -76.43 44.98
N THR D 2948 -112.40 -76.11 44.84
CA THR D 2948 -111.77 -75.16 45.74
C THR D 2948 -112.25 -73.74 45.47
N SER D 2949 -112.19 -72.91 46.51
CA SER D 2949 -112.60 -71.51 46.41
C SER D 2949 -111.38 -70.60 46.52
N SER D 2950 -111.61 -69.31 46.26
CA SER D 2950 -110.54 -68.32 46.23
C SER D 2950 -109.86 -68.18 47.58
N ILE D 2951 -110.65 -68.24 48.66
CA ILE D 2951 -110.10 -68.14 50.00
C ILE D 2951 -109.16 -69.31 50.25
N GLU D 2952 -109.57 -70.52 49.83
CA GLU D 2952 -108.69 -71.67 49.96
C GLU D 2952 -107.46 -71.53 49.07
N LYS D 2953 -107.56 -70.72 47.99
CA LYS D 2953 -106.42 -70.50 47.11
C LYS D 2953 -105.48 -69.43 47.62
N ARG D 2954 -105.87 -68.68 48.66
CA ARG D 2954 -105.05 -67.57 49.13
C ARG D 2954 -103.74 -68.08 49.73
N PHE D 2955 -102.65 -67.35 49.43
CA PHE D 2955 -101.33 -67.69 49.96
C PHE D 2955 -101.27 -67.59 51.47
N ALA D 2956 -101.84 -66.53 52.06
CA ALA D 2956 -101.91 -66.43 53.51
C ALA D 2956 -102.69 -67.57 54.13
N PHE D 2957 -103.83 -67.92 53.54
CA PHE D 2957 -104.64 -69.05 54.00
C PHE D 2957 -103.89 -70.37 53.87
N GLY D 2958 -103.18 -70.56 52.75
CA GLY D 2958 -102.30 -71.70 52.58
C GLY D 2958 -101.15 -71.77 53.56
N PHE D 2959 -100.63 -70.62 53.96
CA PHE D 2959 -99.58 -70.59 54.97
C PHE D 2959 -100.15 -70.84 56.37
N LEU D 2960 -101.33 -70.28 56.66
CA LEU D 2960 -101.94 -70.40 57.99
C LEU D 2960 -102.38 -71.83 58.28
N GLN D 2961 -102.89 -72.53 57.25
CA GLN D 2961 -103.30 -73.92 57.46
C GLN D 2961 -102.09 -74.75 57.85
N GLN D 2962 -100.94 -74.55 57.17
CA GLN D 2962 -99.74 -75.31 57.49
C GLN D 2962 -99.22 -74.92 58.87
N LEU D 2963 -99.44 -73.66 59.25
CA LEU D 2963 -99.05 -73.19 60.58
C LEU D 2963 -99.81 -73.94 61.65
N LEU D 2964 -101.12 -74.13 61.45
CA LEU D 2964 -101.91 -74.91 62.40
C LEU D 2964 -101.53 -76.39 62.40
N ARG D 2965 -101.20 -76.93 61.21
CA ARG D 2965 -100.76 -78.33 61.13
C ARG D 2965 -99.45 -78.56 61.88
N TRP D 2966 -98.51 -77.62 61.78
CA TRP D 2966 -97.31 -77.74 62.61
C TRP D 2966 -97.56 -77.32 64.05
N MET D 2967 -98.60 -76.53 64.29
CA MET D 2967 -98.95 -76.12 65.65
C MET D 2967 -99.41 -77.32 66.49
N ASP D 2968 -100.23 -78.19 65.91
CA ASP D 2968 -100.62 -79.40 66.64
C ASP D 2968 -99.43 -80.31 66.89
N ILE D 2969 -98.48 -80.38 65.97
CA ILE D 2969 -97.22 -81.11 66.20
C ILE D 2969 -96.44 -80.46 67.35
N SER D 2970 -96.48 -79.13 67.42
CA SER D 2970 -95.85 -78.43 68.55
C SER D 2970 -96.53 -78.82 69.85
N GLN D 2971 -97.86 -78.91 69.87
CA GLN D 2971 -98.54 -79.42 71.06
C GLN D 2971 -98.22 -80.89 71.30
N GLU D 2972 -97.81 -81.61 70.26
CA GLU D 2972 -97.60 -83.05 70.36
C GLU D 2972 -96.32 -83.35 71.13
N PHE D 2973 -95.24 -82.63 70.82
CA PHE D 2973 -93.98 -83.00 71.48
C PHE D 2973 -93.78 -82.36 72.86
N ILE D 2974 -94.41 -81.22 73.12
CA ILE D 2974 -94.25 -80.54 74.41
C ILE D 2974 -94.74 -81.41 75.57
N ALA D 2975 -95.83 -82.17 75.37
CA ALA D 2975 -96.32 -83.09 76.40
C ALA D 2975 -95.27 -84.15 76.71
N HIS D 2976 -94.59 -84.65 75.68
CA HIS D 2976 -93.52 -85.61 75.86
C HIS D 2976 -92.38 -85.01 76.66
N LEU D 2977 -91.95 -83.78 76.30
CA LEU D 2977 -90.83 -83.16 76.99
C LEU D 2977 -91.16 -82.88 78.46
N GLU D 2978 -92.40 -82.42 78.73
CA GLU D 2978 -92.85 -82.17 80.10
C GLU D 2978 -92.85 -83.44 80.91
N ALA D 2979 -93.26 -84.56 80.30
CA ALA D 2979 -93.32 -85.80 81.05
C ALA D 2979 -91.91 -86.32 81.33
N VAL D 2980 -91.05 -86.32 80.31
CA VAL D 2980 -89.74 -86.96 80.44
C VAL D 2980 -88.83 -86.19 81.39
N VAL D 2981 -88.90 -84.84 81.37
CA VAL D 2981 -87.99 -84.08 82.23
C VAL D 2981 -88.37 -84.27 83.70
N SER D 2982 -89.68 -84.37 84.00
CA SER D 2982 -90.11 -84.57 85.38
C SER D 2982 -89.85 -85.99 85.86
N SER D 2983 -90.16 -86.99 85.03
CA SER D 2983 -89.99 -88.38 85.44
C SER D 2983 -89.67 -89.25 84.23
N GLY D 2984 -88.90 -90.31 84.46
CA GLY D 2984 -88.47 -91.18 83.39
C GLY D 2984 -87.62 -90.49 82.36
N ARG D 2985 -86.43 -90.06 82.76
CA ARG D 2985 -85.56 -89.27 81.89
C ARG D 2985 -85.00 -90.13 80.77
N VAL D 2986 -85.42 -89.84 79.54
CA VAL D 2986 -84.88 -90.46 78.34
C VAL D 2986 -84.34 -89.35 77.45
N GLU D 2987 -83.11 -89.55 76.96
CA GLU D 2987 -82.40 -88.54 76.19
C GLU D 2987 -82.44 -88.81 74.69
N LYS D 2988 -83.29 -89.74 74.23
CA LYS D 2988 -83.39 -90.03 72.81
C LYS D 2988 -83.93 -88.83 72.03
N SER D 2989 -84.97 -88.16 72.58
CA SER D 2989 -85.67 -87.02 72.01
C SER D 2989 -86.13 -87.30 70.59
N PRO D 2990 -87.16 -88.13 70.38
CA PRO D 2990 -87.56 -88.52 69.01
C PRO D 2990 -88.00 -87.37 68.13
N HIS D 2991 -88.42 -86.24 68.70
CA HIS D 2991 -88.93 -85.12 67.94
C HIS D 2991 -87.89 -84.03 67.75
N GLU D 2992 -86.60 -84.40 67.71
CA GLU D 2992 -85.50 -83.43 67.67
C GLU D 2992 -85.54 -82.58 66.41
N GLN D 2993 -85.78 -83.22 65.26
CA GLN D 2993 -85.87 -82.48 64.00
C GLN D 2993 -87.04 -81.52 64.01
N GLU D 2994 -88.20 -81.97 64.54
CA GLU D 2994 -89.37 -81.11 64.60
C GLU D 2994 -89.15 -79.94 65.55
N ILE D 2995 -88.46 -80.18 66.68
CA ILE D 2995 -88.14 -79.12 67.64
C ILE D 2995 -87.24 -78.07 66.99
N LYS D 2996 -86.19 -78.53 66.31
CA LYS D 2996 -85.27 -77.62 65.64
C LYS D 2996 -85.94 -76.85 64.51
N PHE D 2997 -86.74 -77.53 63.69
CA PHE D 2997 -87.42 -76.87 62.58
C PHE D 2997 -88.43 -75.85 63.07
N PHE D 2998 -89.22 -76.20 64.10
CA PHE D 2998 -90.19 -75.26 64.65
C PHE D 2998 -89.52 -74.06 65.30
N ALA D 2999 -88.45 -74.30 66.06
CA ALA D 2999 -87.79 -73.24 66.82
C ALA D 2999 -86.99 -72.32 65.93
N LYS D 3000 -86.37 -72.86 64.89
CA LYS D 3000 -85.45 -72.10 64.09
C LYS D 3000 -86.04 -71.66 62.75
N ILE D 3001 -87.26 -72.12 62.42
CA ILE D 3001 -87.92 -71.72 61.18
C ILE D 3001 -89.24 -71.03 61.46
N LEU D 3002 -90.15 -71.71 62.18
CA LEU D 3002 -91.51 -71.19 62.37
C LEU D 3002 -91.52 -69.86 63.10
N LEU D 3003 -90.80 -69.75 64.22
CA LEU D 3003 -90.75 -68.50 64.96
C LEU D 3003 -90.14 -67.34 64.17
N PRO D 3004 -88.96 -67.45 63.51
CA PRO D 3004 -88.53 -66.34 62.64
C PRO D 3004 -89.46 -66.07 61.47
N LEU D 3005 -90.09 -67.11 60.89
CA LEU D 3005 -90.98 -66.89 59.76
C LEU D 3005 -92.22 -66.10 60.20
N ILE D 3006 -92.81 -66.47 61.33
CA ILE D 3006 -93.94 -65.71 61.87
C ILE D 3006 -93.50 -64.30 62.24
N ASN D 3007 -92.26 -64.17 62.72
CA ASN D 3007 -91.69 -62.88 63.12
C ASN D 3007 -91.64 -61.93 61.92
N GLN D 3008 -90.96 -62.33 60.85
CA GLN D 3008 -90.77 -61.43 59.72
C GLN D 3008 -92.05 -61.29 58.92
N TYR D 3009 -92.74 -62.41 58.67
CA TYR D 3009 -93.93 -62.41 57.82
C TYR D 3009 -95.02 -61.56 58.45
N PHE D 3010 -95.23 -61.71 59.76
CA PHE D 3010 -96.26 -60.93 60.43
C PHE D 3010 -95.82 -59.50 60.63
N THR D 3011 -94.50 -59.24 60.80
CA THR D 3011 -94.04 -57.87 60.92
C THR D 3011 -94.32 -57.08 59.65
N ASN D 3012 -94.03 -57.68 58.49
CA ASN D 3012 -94.30 -57.04 57.21
C ASN D 3012 -95.77 -57.09 56.80
N HIS D 3013 -96.57 -58.00 57.37
CA HIS D 3013 -97.96 -58.17 56.95
C HIS D 3013 -98.94 -57.97 58.10
N CYS D 3014 -98.55 -57.22 59.13
CA CYS D 3014 -99.45 -56.92 60.25
C CYS D 3014 -100.66 -56.11 59.79
N LEU D 3015 -100.44 -55.14 58.90
CA LEU D 3015 -101.52 -54.28 58.42
C LEU D 3015 -102.56 -55.07 57.62
N TYR D 3016 -102.12 -56.10 56.88
CA TYR D 3016 -103.04 -56.89 56.07
C TYR D 3016 -104.06 -57.63 56.94
N PHE D 3017 -103.58 -58.25 58.02
CA PHE D 3017 -104.48 -58.97 58.92
C PHE D 3017 -105.40 -58.01 59.67
N LEU D 3018 -104.92 -56.81 59.97
CA LEU D 3018 -105.78 -55.80 60.56
C LEU D 3018 -106.68 -55.13 59.54
N SER D 3019 -106.39 -55.27 58.26
CA SER D 3019 -107.18 -54.63 57.21
C SER D 3019 -108.56 -55.29 57.11
N THR D 3020 -109.58 -54.46 56.97
CA THR D 3020 -110.96 -54.83 56.79
C THR D 3020 -111.51 -54.06 55.59
N PRO D 3021 -112.51 -54.60 54.88
CA PRO D 3021 -113.06 -53.86 53.73
C PRO D 3021 -113.63 -52.50 54.08
N ALA D 3022 -114.15 -52.32 55.30
CA ALA D 3022 -114.70 -51.03 55.70
C ALA D 3022 -113.61 -50.00 56.02
N LYS D 3023 -112.37 -50.44 56.26
CA LYS D 3023 -111.30 -49.53 56.64
C LYS D 3023 -109.98 -50.20 56.28
N VAL D 3024 -109.27 -49.66 55.30
CA VAL D 3024 -108.04 -50.26 54.81
C VAL D 3024 -106.84 -49.56 55.45
N LEU D 3025 -105.80 -50.33 55.72
CA LEU D 3025 -104.54 -49.82 56.25
C LEU D 3025 -103.35 -50.22 55.41
N GLY D 3026 -103.33 -51.43 54.86
CA GLY D 3026 -102.22 -51.90 54.07
C GLY D 3026 -102.22 -51.36 52.66
N SER D 3027 -101.20 -51.76 51.89
CA SER D 3027 -101.06 -51.31 50.51
C SER D 3027 -102.22 -51.80 49.65
N GLY D 3028 -102.61 -53.07 49.81
CA GLY D 3028 -103.72 -53.62 49.05
C GLY D 3028 -104.20 -54.94 49.60
N GLY D 3029 -105.50 -55.18 49.54
CA GLY D 3029 -106.06 -56.42 50.02
C GLY D 3029 -106.26 -56.48 51.53
N HIS D 3030 -107.37 -57.07 51.95
CA HIS D 3030 -107.68 -57.23 53.36
C HIS D 3030 -107.87 -58.70 53.68
N ALA D 3031 -107.50 -59.08 54.91
CA ALA D 3031 -107.58 -60.46 55.34
C ALA D 3031 -109.02 -60.95 55.37
N SER D 3032 -109.21 -62.21 55.00
CA SER D 3032 -110.56 -62.76 55.04
C SER D 3032 -110.97 -63.06 56.48
N ASN D 3033 -112.25 -63.41 56.64
CA ASN D 3033 -112.78 -63.77 57.93
C ASN D 3033 -112.10 -65.03 58.46
N LYS D 3034 -111.88 -66.00 57.56
CA LYS D 3034 -111.25 -67.27 57.94
C LYS D 3034 -109.83 -67.01 58.43
N GLU D 3035 -109.09 -66.14 57.74
CA GLU D 3035 -107.71 -65.86 58.12
C GLU D 3035 -107.68 -65.17 59.48
N LYS D 3036 -108.58 -64.22 59.72
CA LYS D 3036 -108.60 -63.52 61.01
C LYS D 3036 -108.96 -64.48 62.15
N GLU D 3037 -109.79 -65.49 61.86
CA GLU D 3037 -110.11 -66.47 62.90
C GLU D 3037 -108.93 -67.39 63.12
N MET D 3038 -108.26 -67.82 62.05
CA MET D 3038 -107.13 -68.74 62.20
C MET D 3038 -105.98 -68.08 62.95
N ILE D 3039 -105.67 -66.80 62.66
CA ILE D 3039 -104.62 -66.12 63.41
C ILE D 3039 -105.00 -65.96 64.88
N THR D 3040 -106.29 -65.70 65.16
CA THR D 3040 -106.73 -65.63 66.57
C THR D 3040 -106.62 -66.97 67.27
N SER D 3041 -107.04 -68.05 66.61
CA SER D 3041 -106.94 -69.40 67.17
C SER D 3041 -105.49 -69.80 67.36
N LEU D 3042 -104.63 -69.48 66.39
CA LEU D 3042 -103.20 -69.75 66.50
C LEU D 3042 -102.59 -68.98 67.66
N PHE D 3043 -102.98 -67.71 67.86
CA PHE D 3043 -102.48 -66.94 68.99
C PHE D 3043 -102.86 -67.58 70.32
N CYS D 3044 -104.10 -68.05 70.43
CA CYS D 3044 -104.52 -68.77 71.63
C CYS D 3044 -103.74 -70.06 71.81
N LYS D 3045 -103.51 -70.79 70.70
CA LYS D 3045 -102.78 -72.04 70.75
C LYS D 3045 -101.34 -71.83 71.20
N LEU D 3046 -100.70 -70.77 70.69
CA LEU D 3046 -99.35 -70.41 71.16
C LEU D 3046 -99.35 -70.03 72.63
N ALA D 3047 -100.37 -69.31 73.08
CA ALA D 3047 -100.46 -68.92 74.48
C ALA D 3047 -100.55 -70.14 75.41
N ALA D 3048 -101.35 -71.13 75.01
CA ALA D 3048 -101.40 -72.37 75.78
C ALA D 3048 -100.15 -73.21 75.58
N LEU D 3049 -99.48 -73.04 74.43
CA LEU D 3049 -98.23 -73.74 74.17
C LEU D 3049 -97.14 -73.25 75.12
N VAL D 3050 -97.12 -71.94 75.40
CA VAL D 3050 -96.04 -71.36 76.20
C VAL D 3050 -96.40 -71.35 77.67
N ARG D 3051 -97.69 -71.57 78.04
CA ARG D 3051 -98.11 -71.55 79.43
C ARG D 3051 -97.36 -72.59 80.26
N HIS D 3052 -96.61 -72.13 81.27
CA HIS D 3052 -95.76 -72.91 82.17
C HIS D 3052 -94.62 -73.64 81.46
N ARG D 3053 -94.35 -73.32 80.19
CA ARG D 3053 -93.29 -73.95 79.41
C ARG D 3053 -92.23 -72.95 78.95
N VAL D 3054 -92.07 -71.85 79.69
CA VAL D 3054 -91.11 -70.81 79.33
C VAL D 3054 -89.66 -71.29 79.52
N SER D 3055 -89.36 -71.96 80.62
CA SER D 3055 -87.99 -72.41 80.84
C SER D 3055 -87.65 -73.67 80.06
N LEU D 3056 -88.65 -74.42 79.60
CA LEU D 3056 -88.38 -75.62 78.83
C LEU D 3056 -87.77 -75.30 77.47
N PHE D 3057 -88.25 -74.24 76.83
CA PHE D 3057 -87.76 -73.87 75.51
C PHE D 3057 -86.42 -73.15 75.55
N GLY D 3058 -86.01 -72.62 76.70
CA GLY D 3058 -84.72 -71.97 76.84
C GLY D 3058 -84.53 -70.73 76.00
N THR D 3059 -83.67 -70.84 74.98
CA THR D 3059 -83.35 -69.74 74.07
C THR D 3059 -84.41 -69.52 73.01
N ASP D 3060 -85.33 -70.46 72.82
CA ASP D 3060 -86.41 -70.29 71.86
C ASP D 3060 -87.57 -69.48 72.43
N ALA D 3061 -87.63 -69.35 73.76
CA ALA D 3061 -88.68 -68.54 74.39
C ALA D 3061 -88.67 -67.07 73.99
N PRO D 3062 -87.53 -66.32 73.92
CA PRO D 3062 -87.63 -64.93 73.42
C PRO D 3062 -88.22 -64.82 72.01
N ALA D 3063 -87.95 -65.79 71.15
CA ALA D 3063 -88.61 -65.85 69.84
C ALA D 3063 -90.10 -66.09 69.99
N VAL D 3064 -90.49 -66.95 70.94
CA VAL D 3064 -91.91 -67.22 71.15
C VAL D 3064 -92.63 -65.96 71.64
N VAL D 3065 -92.05 -65.26 72.62
CA VAL D 3065 -92.70 -64.07 73.17
C VAL D 3065 -92.74 -62.95 72.13
N ASN D 3066 -91.75 -62.89 71.22
CA ASN D 3066 -91.82 -61.90 70.14
C ASN D 3066 -92.92 -62.23 69.14
N CYS D 3067 -93.12 -63.53 68.87
CA CYS D 3067 -94.26 -63.93 68.03
C CYS D 3067 -95.58 -63.58 68.70
N LEU D 3068 -95.65 -63.77 70.03
CA LEU D 3068 -96.87 -63.43 70.77
C LEU D 3068 -97.14 -61.93 70.73
N HIS D 3069 -96.09 -61.11 70.84
CA HIS D 3069 -96.25 -59.66 70.79
C HIS D 3069 -96.76 -59.21 69.42
N ILE D 3070 -96.16 -59.75 68.36
CA ILE D 3070 -96.56 -59.37 67.01
C ILE D 3070 -97.99 -59.84 66.72
N LEU D 3071 -98.34 -61.06 67.16
CA LEU D 3071 -99.71 -61.55 67.00
C LEU D 3071 -100.72 -60.67 67.74
N ALA D 3072 -100.35 -60.22 68.96
CA ALA D 3072 -101.19 -59.31 69.72
C ALA D 3072 -101.39 -58.00 68.97
N ARG D 3073 -100.33 -57.47 68.38
CA ARG D 3073 -100.46 -56.25 67.60
C ARG D 3073 -101.10 -56.49 66.23
N SER D 3074 -101.28 -57.75 65.82
CA SER D 3074 -101.92 -58.08 64.55
C SER D 3074 -103.20 -58.90 64.74
N LEU D 3075 -103.90 -58.68 65.85
CA LEU D 3075 -105.13 -59.42 66.16
C LEU D 3075 -106.33 -58.57 65.75
N ASP D 3076 -107.14 -59.10 64.83
CA ASP D 3076 -108.43 -58.50 64.49
C ASP D 3076 -109.57 -59.19 65.25
N ALA D 3077 -109.41 -59.12 66.58
CA ALA D 3077 -110.34 -59.77 67.50
C ALA D 3077 -111.73 -59.17 67.43
N ARG D 3078 -111.87 -57.90 67.02
CA ARG D 3078 -113.20 -57.32 66.85
C ARG D 3078 -113.99 -58.04 65.78
N THR D 3079 -113.33 -58.33 64.64
CA THR D 3079 -113.95 -59.09 63.56
C THR D 3079 -114.24 -60.51 63.99
N VAL D 3080 -113.34 -61.11 64.77
CA VAL D 3080 -113.55 -62.48 65.20
C VAL D 3080 -114.72 -62.56 66.18
N MET D 3081 -114.79 -61.60 67.12
CA MET D 3081 -115.86 -61.60 68.12
C MET D 3081 -117.22 -61.34 67.47
N LYS D 3082 -117.29 -60.40 66.51
CA LYS D 3082 -118.54 -60.16 65.81
C LYS D 3082 -118.97 -61.38 64.99
N SER D 3083 -118.02 -62.02 64.30
CA SER D 3083 -118.35 -63.20 63.50
C SER D 3083 -117.14 -64.12 63.48
N GLY D 3084 -117.27 -65.29 64.10
CA GLY D 3084 -116.21 -66.25 64.16
C GLY D 3084 -116.66 -67.57 64.76
N PRO D 3085 -115.73 -68.50 64.92
CA PRO D 3085 -116.06 -69.79 65.53
C PRO D 3085 -116.19 -69.69 67.03
N GLU D 3086 -117.18 -70.42 67.56
CA GLU D 3086 -117.40 -70.46 68.99
C GLU D 3086 -116.21 -71.09 69.70
N ILE D 3087 -115.59 -72.09 69.07
CA ILE D 3087 -114.40 -72.73 69.64
C ILE D 3087 -113.25 -71.74 69.79
N VAL D 3088 -113.03 -70.90 68.76
CA VAL D 3088 -111.97 -69.90 68.79
C VAL D 3088 -112.26 -68.84 69.84
N LYS D 3089 -113.51 -68.36 69.88
CA LYS D 3089 -113.89 -67.33 70.85
C LYS D 3089 -113.80 -67.84 72.28
N ALA D 3090 -114.32 -69.06 72.52
CA ALA D 3090 -114.23 -69.67 73.84
C ALA D 3090 -112.79 -69.94 74.24
N GLY D 3091 -111.95 -70.37 73.29
CA GLY D 3091 -110.53 -70.53 73.57
C GLY D 3091 -109.86 -69.22 73.98
N LEU D 3092 -110.23 -68.13 73.31
CA LEU D 3092 -109.76 -66.80 73.71
C LEU D 3092 -110.22 -66.44 75.12
N ARG D 3093 -111.50 -66.71 75.44
CA ARG D 3093 -112.00 -66.40 76.78
C ARG D 3093 -111.33 -67.27 77.83
N SER D 3094 -111.10 -68.55 77.51
CA SER D 3094 -110.38 -69.44 78.42
C SER D 3094 -108.96 -68.94 78.67
N PHE D 3095 -108.35 -68.36 77.63
CA PHE D 3095 -107.04 -67.72 77.81
C PHE D 3095 -107.14 -66.53 78.76
N PHE D 3096 -108.24 -65.76 78.66
CA PHE D 3096 -108.44 -64.64 79.59
C PHE D 3096 -108.58 -65.13 81.03
N GLU D 3097 -109.31 -66.23 81.23
CA GLU D 3097 -109.42 -66.84 82.55
C GLU D 3097 -108.07 -67.36 83.03
N SER D 3098 -107.31 -67.99 82.13
CA SER D 3098 -106.01 -68.55 82.49
C SER D 3098 -105.05 -67.46 82.92
N ALA D 3099 -105.07 -66.34 82.19
CA ALA D 3099 -104.26 -65.17 82.54
C ALA D 3099 -104.69 -64.61 83.90
N SER D 3100 -106.00 -64.57 84.16
CA SER D 3100 -106.49 -64.10 85.44
C SER D 3100 -106.04 -65.02 86.59
N GLU D 3101 -106.08 -66.33 86.36
CA GLU D 3101 -105.63 -67.30 87.37
C GLU D 3101 -104.13 -67.13 87.65
N ASP D 3102 -103.33 -66.95 86.59
CA ASP D 3102 -101.90 -66.77 86.77
C ASP D 3102 -101.57 -65.48 87.51
N ILE D 3103 -102.25 -64.39 87.15
CA ILE D 3103 -101.94 -63.12 87.81
C ILE D 3103 -102.46 -63.14 89.24
N GLU D 3104 -103.57 -63.84 89.53
CA GLU D 3104 -104.04 -63.96 90.90
C GLU D 3104 -103.11 -64.85 91.73
N LYS D 3105 -102.45 -65.82 91.08
CA LYS D 3105 -101.40 -66.56 91.75
C LYS D 3105 -100.22 -65.64 92.05
N MET D 3106 -99.93 -64.71 91.14
CA MET D 3106 -98.83 -63.77 91.38
C MET D 3106 -99.15 -62.87 92.57
N VAL D 3107 -100.39 -62.38 92.66
CA VAL D 3107 -100.75 -61.46 93.73
C VAL D 3107 -100.76 -62.18 95.09
N GLU D 3108 -101.18 -63.45 95.14
CA GLU D 3108 -101.12 -64.15 96.42
C GLU D 3108 -99.69 -64.57 96.77
N ASN D 3109 -98.85 -64.86 95.77
CA ASN D 3109 -97.42 -65.04 96.05
C ASN D 3109 -96.77 -63.76 96.56
N LEU D 3110 -97.11 -62.62 95.97
CA LEU D 3110 -96.64 -61.32 96.42
C LEU D 3110 -97.25 -60.89 97.75
N ARG D 3111 -98.32 -61.56 98.20
CA ARG D 3111 -98.91 -61.33 99.52
C ARG D 3111 -98.13 -62.01 100.66
N LEU D 3112 -96.88 -62.43 100.38
CA LEU D 3112 -96.02 -63.24 101.25
C LEU D 3112 -96.61 -64.62 101.53
N GLY D 3113 -97.54 -65.08 100.68
CA GLY D 3113 -98.03 -66.45 100.78
C GLY D 3113 -96.94 -67.46 100.52
N LYS D 3114 -96.09 -67.20 99.54
CA LYS D 3114 -94.90 -68.00 99.30
C LYS D 3114 -93.76 -67.06 98.93
N VAL D 3115 -92.54 -67.44 99.33
CA VAL D 3115 -91.35 -66.63 99.08
C VAL D 3115 -91.08 -66.48 97.59
N SER D 3116 -91.48 -67.46 96.78
CA SER D 3116 -91.37 -67.52 95.32
C SER D 3116 -89.92 -67.43 94.85
N LYS D 3123 -90.98 -75.31 92.29
CA LYS D 3123 -92.25 -75.97 92.04
C LYS D 3123 -93.07 -75.17 91.04
N GLY D 3124 -94.41 -75.31 91.11
CA GLY D 3124 -95.28 -74.62 90.17
C GLY D 3124 -95.35 -73.13 90.39
N VAL D 3125 -95.05 -72.66 91.61
CA VAL D 3125 -95.06 -71.23 91.90
C VAL D 3125 -93.96 -70.52 91.12
N GLY D 3126 -92.76 -71.11 91.10
CA GLY D 3126 -91.65 -70.51 90.39
C GLY D 3126 -91.89 -70.44 88.90
N GLN D 3127 -92.41 -71.54 88.34
CA GLN D 3127 -92.73 -71.59 86.91
C GLN D 3127 -93.83 -70.60 86.54
N ASN D 3128 -94.87 -70.47 87.36
CA ASN D 3128 -95.91 -69.48 87.10
C ASN D 3128 -95.35 -68.06 87.18
N LEU D 3129 -94.47 -67.80 88.16
CA LEU D 3129 -93.87 -66.48 88.31
C LEU D 3129 -93.05 -66.11 87.08
N THR D 3130 -92.13 -67.00 86.68
CA THR D 3130 -91.30 -66.69 85.52
C THR D 3130 -92.09 -66.75 84.22
N TYR D 3131 -93.20 -67.48 84.19
CA TYR D 3131 -94.02 -67.50 83.00
C TYR D 3131 -94.73 -66.17 82.82
N THR D 3132 -95.35 -65.67 83.89
CA THR D 3132 -96.13 -64.47 83.74
C THR D 3132 -95.28 -63.22 83.61
N THR D 3133 -94.22 -63.08 84.44
CA THR D 3133 -93.44 -61.85 84.48
C THR D 3133 -92.59 -61.65 83.23
N VAL D 3134 -92.40 -62.70 82.45
CA VAL D 3134 -91.57 -62.66 81.25
C VAL D 3134 -92.45 -62.64 80.01
N ALA D 3135 -93.43 -63.54 79.93
CA ALA D 3135 -94.22 -63.67 78.73
C ALA D 3135 -95.63 -63.10 78.89
N LEU D 3136 -96.39 -63.56 79.89
CA LEU D 3136 -97.83 -63.26 79.93
C LEU D 3136 -98.12 -61.78 80.12
N LEU D 3137 -97.51 -61.15 81.13
CA LEU D 3137 -97.79 -59.75 81.43
C LEU D 3137 -97.38 -58.78 80.31
N PRO D 3138 -96.15 -58.80 79.75
CA PRO D 3138 -95.87 -57.90 78.61
C PRO D 3138 -96.74 -58.15 77.39
N VAL D 3139 -97.07 -59.41 77.09
CA VAL D 3139 -97.95 -59.70 75.96
C VAL D 3139 -99.37 -59.22 76.24
N LEU D 3140 -99.85 -59.39 77.47
CA LEU D 3140 -101.15 -58.86 77.86
C LEU D 3140 -101.19 -57.33 77.75
N THR D 3141 -100.11 -56.67 78.16
CA THR D 3141 -99.96 -55.23 77.95
C THR D 3141 -99.96 -54.86 76.47
N THR D 3142 -99.29 -55.67 75.64
CA THR D 3142 -99.25 -55.45 74.20
C THR D 3142 -100.66 -55.58 73.59
N LEU D 3143 -101.40 -56.60 74.03
CA LEU D 3143 -102.76 -56.81 73.56
C LEU D 3143 -103.67 -55.67 74.00
N PHE D 3144 -103.50 -55.20 75.24
CA PHE D 3144 -104.27 -54.06 75.73
C PHE D 3144 -103.98 -52.80 74.93
N GLN D 3145 -102.71 -52.54 74.61
CA GLN D 3145 -102.37 -51.39 73.76
C GLN D 3145 -102.99 -51.52 72.37
N HIS D 3146 -102.94 -52.71 71.79
CA HIS D 3146 -103.56 -52.95 70.49
C HIS D 3146 -105.07 -52.75 70.52
N ILE D 3147 -105.71 -53.23 71.59
CA ILE D 3147 -107.16 -53.12 71.73
C ILE D 3147 -107.55 -51.66 71.99
N ALA D 3148 -106.83 -50.98 72.88
CA ALA D 3148 -107.15 -49.60 73.24
C ALA D 3148 -106.98 -48.67 72.03
N GLN D 3149 -105.88 -48.83 71.29
CA GLN D 3149 -105.64 -48.03 70.10
C GLN D 3149 -106.67 -48.33 69.01
N HIS D 3150 -107.02 -49.60 68.81
CA HIS D 3150 -107.96 -49.98 67.78
C HIS D 3150 -109.42 -49.87 68.22
N GLN D 3151 -109.67 -49.46 69.47
CA GLN D 3151 -111.00 -49.35 70.08
C GLN D 3151 -111.74 -50.68 70.04
N PHE D 3152 -111.00 -51.76 70.27
CA PHE D 3152 -111.51 -53.12 70.24
C PHE D 3152 -112.21 -53.54 71.52
N GLY D 3153 -112.08 -52.76 72.60
CA GLY D 3153 -112.69 -53.13 73.87
C GLY D 3153 -114.20 -53.17 73.85
N ASP D 3154 -114.82 -52.26 73.09
CA ASP D 3154 -116.26 -52.20 72.96
C ASP D 3154 -116.86 -53.40 72.23
N ASP D 3155 -116.05 -54.22 71.54
CA ASP D 3155 -116.57 -55.34 70.77
C ASP D 3155 -116.01 -56.69 71.19
N VAL D 3156 -114.95 -56.74 72.00
CA VAL D 3156 -114.36 -57.99 72.44
C VAL D 3156 -114.58 -58.23 73.93
N ILE D 3157 -114.44 -57.20 74.74
CA ILE D 3157 -114.68 -57.31 76.19
C ILE D 3157 -116.16 -57.08 76.41
N LEU D 3158 -116.94 -58.15 76.21
CA LEU D 3158 -118.40 -58.04 76.22
C LEU D 3158 -119.07 -58.87 77.30
N ASP D 3159 -118.78 -60.16 77.40
CA ASP D 3159 -119.58 -61.06 78.23
C ASP D 3159 -118.85 -61.55 79.47
N ASP D 3160 -117.70 -62.22 79.31
CA ASP D 3160 -116.96 -62.78 80.43
C ASP D 3160 -115.56 -62.19 80.58
N VAL D 3161 -115.05 -61.55 79.53
CA VAL D 3161 -113.78 -60.86 79.61
C VAL D 3161 -113.88 -59.70 80.59
N GLN D 3162 -115.05 -59.05 80.67
CA GLN D 3162 -115.31 -58.02 81.68
C GLN D 3162 -115.17 -58.56 83.09
N VAL D 3163 -115.70 -59.76 83.33
CA VAL D 3163 -115.54 -60.45 84.61
C VAL D 3163 -114.07 -60.77 84.89
N SER D 3164 -113.35 -61.24 83.86
CA SER D 3164 -111.91 -61.49 84.00
C SER D 3164 -111.16 -60.22 84.34
N CYS D 3165 -111.57 -59.10 83.72
CA CYS D 3165 -111.00 -57.80 84.01
C CYS D 3165 -111.23 -57.42 85.46
N TYR D 3166 -112.47 -57.57 85.96
CA TYR D 3166 -112.78 -57.19 87.34
C TYR D 3166 -111.99 -58.03 88.34
N ARG D 3167 -111.87 -59.33 88.08
CA ARG D 3167 -111.06 -60.22 88.92
C ARG D 3167 -109.61 -59.77 88.96
N THR D 3168 -109.06 -59.42 87.78
CA THR D 3168 -107.70 -58.93 87.72
C THR D 3168 -107.57 -57.60 88.44
N LEU D 3169 -108.58 -56.71 88.32
CA LEU D 3169 -108.54 -55.39 88.92
C LEU D 3169 -108.43 -55.49 90.44
N CYS D 3170 -109.26 -56.36 91.02
CA CYS D 3170 -109.25 -56.56 92.47
C CYS D 3170 -107.92 -57.14 92.92
N SER D 3171 -107.40 -58.13 92.16
CA SER D 3171 -106.20 -58.81 92.60
C SER D 3171 -104.99 -57.88 92.55
N ILE D 3172 -104.82 -57.13 91.46
CA ILE D 3172 -103.60 -56.34 91.34
C ILE D 3172 -103.68 -55.08 92.21
N TYR D 3173 -104.89 -54.51 92.41
CA TYR D 3173 -104.95 -53.39 93.32
C TYR D 3173 -104.90 -53.82 94.78
N SER D 3174 -105.02 -55.12 95.07
CA SER D 3174 -104.92 -55.59 96.44
C SER D 3174 -103.52 -55.42 97.04
N LEU D 3175 -102.51 -55.09 96.21
CA LEU D 3175 -101.12 -54.89 96.59
C LEU D 3175 -100.85 -53.49 97.13
N GLY D 3176 -101.89 -52.66 97.29
CA GLY D 3176 -101.69 -51.30 97.78
C GLY D 3176 -101.10 -51.23 99.18
N THR D 3177 -101.59 -52.08 100.07
CA THR D 3177 -101.10 -52.13 101.44
C THR D 3177 -99.99 -53.15 101.63
N THR D 3178 -99.52 -53.78 100.55
CA THR D 3178 -98.52 -54.85 100.62
C THR D 3178 -97.18 -54.28 100.14
N LYS D 3179 -96.13 -54.48 100.95
CA LYS D 3179 -94.81 -53.93 100.67
C LYS D 3179 -93.77 -55.06 100.77
N ASN D 3180 -93.34 -55.55 99.61
CA ASN D 3180 -92.30 -56.57 99.51
C ASN D 3180 -91.35 -56.21 98.38
N THR D 3181 -90.18 -56.85 98.40
CA THR D 3181 -89.19 -56.65 97.34
C THR D 3181 -89.71 -57.12 95.98
N TYR D 3182 -90.41 -58.26 95.96
CA TYR D 3182 -91.02 -58.75 94.73
C TYR D 3182 -92.09 -57.78 94.23
N VAL D 3183 -92.83 -57.16 95.17
CA VAL D 3183 -93.80 -56.15 94.81
C VAL D 3183 -93.11 -54.96 94.19
N GLU D 3184 -91.99 -54.53 94.79
CA GLU D 3184 -91.27 -53.35 94.31
C GLU D 3184 -90.73 -53.60 92.91
N LYS D 3185 -90.13 -54.77 92.68
CA LYS D 3185 -89.59 -55.08 91.37
C LYS D 3185 -90.68 -55.30 90.33
N LEU D 3186 -91.94 -55.49 90.74
CA LEU D 3186 -93.01 -55.69 89.78
C LEU D 3186 -93.96 -54.50 89.66
N ARG D 3187 -93.78 -53.44 90.46
CA ARG D 3187 -94.67 -52.26 90.41
C ARG D 3187 -94.78 -51.60 89.04
N PRO D 3188 -93.70 -51.31 88.27
CA PRO D 3188 -93.91 -50.67 86.96
C PRO D 3188 -94.62 -51.56 85.97
N ALA D 3189 -94.30 -52.86 85.95
CA ALA D 3189 -94.88 -53.76 84.95
C ALA D 3189 -96.38 -53.90 85.17
N LEU D 3190 -96.80 -54.08 86.42
CA LEU D 3190 -98.22 -54.21 86.70
C LEU D 3190 -98.93 -52.88 86.50
N GLY D 3191 -98.25 -51.78 86.84
CA GLY D 3191 -98.86 -50.47 86.68
C GLY D 3191 -99.13 -50.14 85.23
N GLU D 3192 -98.15 -50.38 84.35
CA GLU D 3192 -98.35 -50.13 82.93
C GLU D 3192 -99.37 -51.10 82.34
N CYS D 3193 -99.39 -52.36 82.82
CA CYS D 3193 -100.36 -53.34 82.35
C CYS D 3193 -101.79 -52.93 82.69
N LEU D 3194 -102.01 -52.45 83.91
CA LEU D 3194 -103.33 -51.97 84.28
C LEU D 3194 -103.68 -50.65 83.61
N ALA D 3195 -102.71 -49.76 83.42
CA ALA D 3195 -102.94 -48.53 82.68
C ALA D 3195 -103.39 -48.80 81.24
N ARG D 3196 -102.73 -49.76 80.58
CA ARG D 3196 -103.20 -50.21 79.27
C ARG D 3196 -104.55 -50.91 79.36
N LEU D 3197 -104.82 -51.60 80.47
CA LEU D 3197 -106.11 -52.25 80.67
C LEU D 3197 -107.23 -51.24 80.78
N ALA D 3198 -106.99 -50.13 81.49
CA ALA D 3198 -108.03 -49.13 81.71
C ALA D 3198 -108.50 -48.51 80.40
N ALA D 3199 -107.55 -48.21 79.51
CA ALA D 3199 -107.89 -47.72 78.19
C ALA D 3199 -108.51 -48.80 77.31
N ALA D 3200 -108.10 -50.05 77.47
CA ALA D 3200 -108.65 -51.12 76.63
C ALA D 3200 -109.98 -51.66 77.13
N MET D 3201 -110.35 -51.38 78.36
CA MET D 3201 -111.53 -51.87 79.06
C MET D 3201 -112.72 -50.93 78.90
N PRO D 3202 -113.86 -51.43 78.46
CA PRO D 3202 -114.95 -50.57 77.95
C PRO D 3202 -116.00 -50.16 78.97
N VAL D 3203 -115.83 -50.40 80.27
CA VAL D 3203 -116.84 -50.02 81.25
C VAL D 3203 -116.23 -49.03 82.24
N ALA D 3204 -117.12 -48.30 82.90
CA ALA D 3204 -116.74 -47.31 83.89
C ALA D 3204 -116.65 -48.00 85.24
N PHE D 3205 -115.43 -48.12 85.79
CA PHE D 3205 -115.24 -48.76 87.08
C PHE D 3205 -115.07 -47.77 88.22
N LEU D 3206 -114.48 -46.61 87.95
CA LEU D 3206 -114.31 -45.58 88.98
C LEU D 3206 -115.63 -44.98 89.43
N GLU D 3207 -116.66 -45.03 88.59
CA GLU D 3207 -117.99 -44.50 88.92
C GLU D 3207 -119.05 -45.55 88.61
N PRO D 3208 -119.18 -46.58 89.43
CA PRO D 3208 -120.19 -47.63 89.17
C PRO D 3208 -121.63 -47.14 89.26
N GLN D 3209 -121.89 -46.01 89.93
CA GLN D 3209 -123.26 -45.53 90.07
C GLN D 3209 -123.90 -45.08 88.76
N LEU D 3210 -123.09 -44.86 87.72
CA LEU D 3210 -123.59 -44.50 86.39
C LEU D 3210 -123.47 -45.64 85.39
N ASN D 3211 -123.28 -46.88 85.88
CA ASN D 3211 -123.13 -48.04 85.00
C ASN D 3211 -124.40 -48.31 84.18
N GLU D 3212 -125.57 -47.92 84.70
CA GLU D 3212 -126.82 -48.05 83.95
C GLU D 3212 -126.85 -47.17 82.71
N TYR D 3213 -126.03 -46.12 82.66
CA TYR D 3213 -125.91 -45.26 81.49
C TYR D 3213 -124.90 -45.80 80.48
N ASN D 3214 -124.18 -46.86 80.83
CA ASN D 3214 -123.24 -47.53 79.95
C ASN D 3214 -123.97 -48.71 79.32
N ALA D 3215 -124.21 -48.62 78.01
CA ALA D 3215 -124.89 -49.71 77.31
C ALA D 3215 -124.02 -50.97 77.26
N CYS D 3216 -122.72 -50.80 77.04
CA CYS D 3216 -121.81 -51.96 76.92
C CYS D 3216 -121.34 -52.41 78.30
N SER D 3217 -122.29 -52.86 79.10
CA SER D 3217 -122.05 -53.38 80.44
C SER D 3217 -122.79 -54.71 80.58
N VAL D 3218 -122.20 -55.63 81.34
CA VAL D 3218 -122.80 -56.95 81.55
C VAL D 3218 -124.13 -56.84 82.31
N TYR D 3219 -124.24 -55.88 83.23
CA TYR D 3219 -125.47 -55.65 83.99
C TYR D 3219 -126.63 -55.16 83.14
N THR D 3220 -126.38 -54.59 81.97
CA THR D 3220 -127.46 -54.14 81.10
C THR D 3220 -127.65 -55.04 79.88
N THR D 3221 -126.55 -55.51 79.29
CA THR D 3221 -126.63 -56.44 78.16
C THR D 3221 -127.22 -57.78 78.59
N LYS D 3222 -126.82 -58.27 79.78
CA LYS D 3222 -127.26 -59.58 80.23
C LYS D 3222 -128.54 -59.46 81.06
N SER D 3223 -129.42 -60.45 80.88
CA SER D 3223 -130.70 -60.51 81.55
C SER D 3223 -130.52 -60.74 83.06
N PRO D 3224 -131.52 -60.35 83.89
CA PRO D 3224 -131.34 -60.48 85.34
C PRO D 3224 -131.16 -61.90 85.86
N ARG D 3225 -131.74 -62.92 85.21
CA ARG D 3225 -131.73 -64.26 85.80
C ARG D 3225 -130.38 -64.96 85.70
N GLU D 3226 -129.45 -64.46 84.88
CA GLU D 3226 -128.07 -64.91 84.93
C GLU D 3226 -127.32 -63.98 85.90
N ARG D 3227 -125.98 -64.05 85.87
CA ARG D 3227 -125.02 -63.33 86.74
C ARG D 3227 -125.03 -63.83 88.18
N ALA D 3228 -125.90 -64.76 88.54
CA ALA D 3228 -125.91 -65.40 89.84
C ALA D 3228 -125.43 -66.83 89.82
N ILE D 3229 -125.65 -67.55 88.70
CA ILE D 3229 -125.09 -68.88 88.53
C ILE D 3229 -123.56 -68.82 88.49
N LEU D 3230 -123.01 -67.77 87.91
CA LEU D 3230 -121.57 -67.53 87.94
C LEU D 3230 -121.26 -66.52 89.03
N GLY D 3231 -120.10 -66.67 89.65
CA GLY D 3231 -119.71 -65.86 90.80
C GLY D 3231 -119.67 -64.37 90.55
N LEU D 3232 -120.64 -63.64 91.11
CA LEU D 3232 -120.76 -62.21 90.97
C LEU D 3232 -121.66 -61.71 92.07
N PRO D 3233 -121.36 -60.57 92.72
CA PRO D 3233 -122.18 -60.11 93.84
C PRO D 3233 -123.54 -59.52 93.45
N ASN D 3234 -123.92 -59.56 92.16
CA ASN D 3234 -125.20 -59.09 91.62
C ASN D 3234 -125.40 -57.58 91.83
N SER D 3235 -124.32 -56.84 92.03
CA SER D 3235 -124.38 -55.39 92.16
C SER D 3235 -123.07 -54.82 91.63
N VAL D 3236 -123.17 -53.91 90.66
CA VAL D 3236 -122.00 -53.37 89.98
C VAL D 3236 -121.08 -52.61 90.94
N GLU D 3237 -121.65 -52.03 92.01
CA GLU D 3237 -120.85 -51.32 93.00
C GLU D 3237 -120.02 -52.24 93.86
N GLU D 3238 -120.22 -53.56 93.78
CA GLU D 3238 -119.50 -54.53 94.60
C GLU D 3238 -118.49 -55.35 93.81
N MET D 3239 -118.09 -54.88 92.63
CA MET D 3239 -117.06 -55.56 91.83
C MET D 3239 -115.73 -55.59 92.55
N CYS D 3240 -115.14 -54.42 92.79
CA CYS D 3240 -113.85 -54.31 93.49
C CYS D 3240 -114.01 -53.23 94.55
N PRO D 3241 -114.42 -53.61 95.77
CA PRO D 3241 -114.48 -52.63 96.87
C PRO D 3241 -113.11 -52.06 97.24
N ASP D 3242 -112.02 -52.75 96.85
CA ASP D 3242 -110.67 -52.25 97.07
C ASP D 3242 -110.46 -50.95 96.32
N ILE D 3243 -110.95 -50.88 95.08
CA ILE D 3243 -110.83 -49.72 94.20
C ILE D 3243 -111.69 -48.58 94.74
N PRO D 3244 -111.09 -47.45 95.11
CA PRO D 3244 -111.88 -46.30 95.52
C PRO D 3244 -112.62 -45.69 94.34
N VAL D 3245 -113.75 -45.03 94.63
CA VAL D 3245 -114.50 -44.32 93.59
C VAL D 3245 -113.67 -43.14 93.08
N LEU D 3246 -114.09 -42.59 91.93
CA LEU D 3246 -113.35 -41.48 91.31
C LEU D 3246 -113.29 -40.25 92.21
N ASP D 3247 -114.41 -39.92 92.87
CA ASP D 3247 -114.46 -38.79 93.80
C ASP D 3247 -113.54 -38.98 94.99
N ARG D 3248 -113.52 -40.20 95.56
CA ARG D 3248 -112.60 -40.44 96.67
C ARG D 3248 -111.16 -40.47 96.19
N LEU D 3249 -110.93 -40.98 94.98
CA LEU D 3249 -109.58 -41.07 94.44
C LEU D 3249 -108.98 -39.69 94.24
N MET D 3250 -109.77 -38.75 93.68
CA MET D 3250 -109.25 -37.42 93.49
C MET D 3250 -109.10 -36.70 94.82
N ALA D 3251 -109.98 -36.98 95.80
CA ALA D 3251 -109.79 -36.43 97.14
C ALA D 3251 -108.50 -36.92 97.79
N ASP D 3252 -108.19 -38.21 97.63
CA ASP D 3252 -106.95 -38.80 98.13
C ASP D 3252 -105.72 -38.15 97.50
N ILE D 3253 -105.70 -38.09 96.16
CA ILE D 3253 -104.54 -37.51 95.47
C ILE D 3253 -104.44 -36.02 95.74
N GLY D 3254 -105.58 -35.32 95.82
CA GLY D 3254 -105.58 -33.90 96.17
C GLY D 3254 -104.97 -33.61 97.53
N GLY D 3255 -105.30 -34.43 98.53
CA GLY D 3255 -104.63 -34.32 99.83
C GLY D 3255 -103.17 -34.74 99.79
N LEU D 3256 -102.85 -35.80 99.05
CA LEU D 3256 -101.48 -36.30 98.96
C LEU D 3256 -100.56 -35.29 98.28
N ALA D 3257 -101.07 -34.55 97.30
CA ALA D 3257 -100.25 -33.59 96.57
C ALA D 3257 -99.82 -32.47 97.50
N GLU D 3258 -100.77 -31.87 98.23
CA GLU D 3258 -100.43 -30.78 99.14
C GLU D 3258 -99.66 -31.28 100.36
N SER D 3259 -99.69 -32.60 100.64
CA SER D 3259 -98.94 -33.10 101.79
C SER D 3259 -97.43 -32.98 101.55
N GLY D 3260 -97.00 -33.07 100.29
CA GLY D 3260 -95.58 -33.02 99.97
C GLY D 3260 -94.80 -34.26 100.30
N ALA D 3261 -95.45 -35.42 100.35
CA ALA D 3261 -94.78 -36.66 100.69
C ALA D 3261 -93.81 -37.08 99.58
N ARG D 3262 -92.66 -37.62 99.98
CA ARG D 3262 -91.64 -38.02 99.02
C ARG D 3262 -91.97 -39.39 98.41
N TYR D 3263 -91.13 -39.82 97.46
CA TYR D 3263 -91.39 -41.06 96.73
C TYR D 3263 -91.28 -42.28 97.63
N THR D 3264 -90.37 -42.24 98.62
CA THR D 3264 -90.24 -43.35 99.56
C THR D 3264 -91.54 -43.58 100.32
N GLU D 3265 -92.17 -42.50 100.77
CA GLU D 3265 -93.50 -42.58 101.38
C GLU D 3265 -94.61 -42.43 100.33
N MET D 3266 -94.29 -42.63 99.05
CA MET D 3266 -95.28 -42.70 97.98
C MET D 3266 -95.08 -43.92 97.08
N PRO D 3267 -94.89 -45.16 97.65
CA PRO D 3267 -94.56 -46.30 96.77
C PRO D 3267 -95.71 -46.75 95.87
N HIS D 3268 -96.89 -47.00 96.46
CA HIS D 3268 -98.06 -47.44 95.72
C HIS D 3268 -98.74 -46.33 94.95
N VAL D 3269 -98.73 -45.10 95.49
CA VAL D 3269 -99.45 -43.99 94.86
C VAL D 3269 -98.81 -43.62 93.52
N ILE D 3270 -97.49 -43.49 93.50
CA ILE D 3270 -96.78 -43.04 92.30
C ILE D 3270 -96.74 -44.14 91.26
N GLU D 3271 -96.24 -45.31 91.66
CA GLU D 3271 -96.01 -46.39 90.70
C GLU D 3271 -97.31 -47.03 90.24
N ILE D 3272 -98.39 -46.89 91.00
CA ILE D 3272 -99.61 -47.62 90.68
C ILE D 3272 -100.83 -46.70 90.49
N THR D 3273 -101.13 -45.84 91.47
CA THR D 3273 -102.41 -45.13 91.49
C THR D 3273 -102.58 -44.15 90.34
N LEU D 3274 -101.54 -43.36 90.04
CA LEU D 3274 -101.65 -42.32 89.01
C LEU D 3274 -101.95 -42.84 87.59
N PRO D 3275 -101.31 -43.92 87.07
CA PRO D 3275 -101.60 -44.31 85.67
C PRO D 3275 -103.05 -44.61 85.35
N MET D 3276 -103.85 -45.17 86.29
CA MET D 3276 -105.24 -45.45 85.97
C MET D 3276 -105.99 -44.15 85.67
N LEU D 3277 -105.77 -43.12 86.49
CA LEU D 3277 -106.37 -41.81 86.21
C LEU D 3277 -105.87 -41.25 84.88
N CYS D 3278 -104.57 -41.39 84.63
CA CYS D 3278 -103.96 -40.97 83.36
C CYS D 3278 -104.46 -41.73 82.15
N SER D 3279 -105.09 -42.88 82.36
CA SER D 3279 -105.60 -43.70 81.26
C SER D 3279 -107.11 -43.74 81.18
N TYR D 3280 -107.80 -43.47 82.29
CA TYR D 3280 -109.26 -43.45 82.38
C TYR D 3280 -109.82 -42.09 81.99
N LEU D 3281 -109.22 -40.99 82.46
CA LEU D 3281 -109.75 -39.66 82.13
C LEU D 3281 -109.79 -39.38 80.61
N PRO D 3282 -108.71 -39.58 79.82
CA PRO D 3282 -108.86 -39.35 78.36
C PRO D 3282 -109.84 -40.29 77.69
N ARG D 3283 -109.97 -41.52 78.16
CA ARG D 3283 -110.85 -42.51 77.53
C ARG D 3283 -112.32 -42.16 77.71
N TRP D 3284 -112.67 -41.43 78.76
CA TRP D 3284 -114.07 -41.17 79.08
C TRP D 3284 -114.41 -39.69 79.10
N TRP D 3285 -113.42 -38.81 78.88
CA TRP D 3285 -113.69 -37.38 78.79
C TRP D 3285 -114.57 -37.06 77.59
N GLU D 3286 -114.30 -37.70 76.45
CA GLU D 3286 -115.13 -37.46 75.28
C GLU D 3286 -116.44 -38.23 75.35
N ARG D 3287 -116.55 -39.22 76.23
CA ARG D 3287 -117.78 -39.97 76.42
C ARG D 3287 -118.58 -39.49 77.61
N GLY D 3288 -118.17 -38.40 78.26
CA GLY D 3288 -118.87 -37.91 79.41
C GLY D 3288 -119.16 -36.43 79.35
N PRO D 3289 -119.01 -35.74 80.47
CA PRO D 3289 -119.33 -34.31 80.52
C PRO D 3289 -118.23 -33.47 79.89
N GLU D 3290 -118.61 -32.24 79.55
CA GLU D 3290 -117.81 -31.16 78.98
C GLU D 3290 -117.29 -31.45 77.57
N ALA D 3291 -117.57 -32.62 77.02
CA ALA D 3291 -117.21 -32.92 75.64
C ALA D 3291 -118.14 -32.21 74.69
N PRO D 3292 -117.67 -31.85 73.49
CA PRO D 3292 -118.56 -31.33 72.44
C PRO D 3292 -119.21 -32.46 71.65
N PRO D 3293 -120.35 -32.98 72.10
CA PRO D 3293 -120.85 -34.25 71.56
C PRO D 3293 -121.46 -34.10 70.18
N PRO D 3294 -120.89 -34.75 69.14
CA PRO D 3294 -121.49 -34.75 67.80
C PRO D 3294 -122.56 -35.84 67.65
N ALA D 3295 -123.46 -35.91 68.62
CA ALA D 3295 -124.41 -37.00 68.74
C ALA D 3295 -125.84 -36.50 68.68
N LEU D 3296 -126.17 -35.66 67.70
CA LEU D 3296 -127.55 -35.23 67.52
C LEU D 3296 -128.57 -36.36 67.27
N PRO D 3297 -128.23 -37.55 66.64
CA PRO D 3297 -129.20 -38.65 66.70
C PRO D 3297 -129.23 -39.34 68.05
N ALA D 3298 -128.07 -39.39 68.72
CA ALA D 3298 -127.88 -40.14 69.95
C ALA D 3298 -127.72 -39.20 71.15
N GLY D 3299 -128.54 -38.16 71.20
CA GLY D 3299 -128.57 -37.25 72.34
C GLY D 3299 -129.36 -37.76 73.52
N ALA D 3300 -130.11 -38.85 73.36
CA ALA D 3300 -130.93 -39.39 74.44
C ALA D 3300 -130.14 -39.86 75.66
N PRO D 3301 -129.13 -40.73 75.55
CA PRO D 3301 -128.49 -41.28 76.77
C PRO D 3301 -127.63 -40.26 77.50
N PRO D 3302 -127.73 -40.23 78.83
CA PRO D 3302 -126.93 -39.29 79.61
C PRO D 3302 -125.49 -39.79 79.75
N PRO D 3303 -124.54 -38.94 80.15
CA PRO D 3303 -123.16 -39.41 80.33
C PRO D 3303 -123.03 -40.49 81.39
N CYS D 3304 -122.17 -41.46 81.11
CA CYS D 3304 -121.91 -42.58 81.99
C CYS D 3304 -120.76 -42.31 82.96
N THR D 3305 -120.21 -41.10 82.95
CA THR D 3305 -119.13 -40.73 83.85
C THR D 3305 -119.24 -39.23 84.13
N ALA D 3306 -118.37 -38.74 85.01
CA ALA D 3306 -118.35 -37.34 85.41
C ALA D 3306 -116.94 -36.77 85.32
N VAL D 3307 -116.27 -37.02 84.20
CA VAL D 3307 -114.90 -36.55 84.00
C VAL D 3307 -114.96 -35.19 83.30
N THR D 3308 -114.66 -34.13 84.06
CA THR D 3308 -114.63 -32.77 83.55
C THR D 3308 -113.18 -32.33 83.32
N SER D 3309 -113.02 -31.10 82.82
CA SER D 3309 -111.68 -30.58 82.59
C SER D 3309 -111.00 -30.22 83.91
N ASP D 3310 -111.78 -29.85 84.93
CA ASP D 3310 -111.24 -29.47 86.23
C ASP D 3310 -110.50 -30.62 86.90
N HIS D 3311 -111.01 -31.86 86.77
CA HIS D 3311 -110.33 -33.04 87.29
C HIS D 3311 -108.97 -33.25 86.64
N LEU D 3312 -108.87 -33.08 85.32
CA LEU D 3312 -107.58 -33.14 84.64
C LEU D 3312 -106.67 -31.98 85.02
N ASN D 3313 -107.23 -30.78 85.16
CA ASN D 3313 -106.47 -29.60 85.57
C ASN D 3313 -105.85 -29.80 86.95
N SER D 3314 -106.66 -30.32 87.89
CA SER D 3314 -106.16 -30.58 89.22
C SER D 3314 -105.16 -31.72 89.22
N LEU D 3315 -105.41 -32.77 88.42
CA LEU D 3315 -104.47 -33.89 88.35
C LEU D 3315 -103.11 -33.44 87.84
N LEU D 3316 -103.10 -32.59 86.81
CA LEU D 3316 -101.85 -32.05 86.28
C LEU D 3316 -101.12 -31.19 87.31
N GLY D 3317 -101.88 -30.37 88.06
CA GLY D 3317 -101.26 -29.61 89.12
C GLY D 3317 -100.70 -30.48 90.23
N ASN D 3318 -101.42 -31.56 90.58
CA ASN D 3318 -100.95 -32.49 91.59
C ASN D 3318 -99.67 -33.19 91.16
N ILE D 3319 -99.61 -33.63 89.89
CA ILE D 3319 -98.42 -34.32 89.38
C ILE D 3319 -97.21 -33.38 89.38
N LEU D 3320 -97.43 -32.12 88.96
CA LEU D 3320 -96.33 -31.15 88.98
C LEU D 3320 -95.86 -30.88 90.40
N ARG D 3321 -96.80 -30.75 91.36
CA ARG D 3321 -96.43 -30.52 92.75
C ARG D 3321 -95.68 -31.72 93.33
N ILE D 3322 -96.06 -32.94 92.92
CA ILE D 3322 -95.38 -34.16 93.35
C ILE D 3322 -93.94 -34.15 92.87
N ILE D 3323 -93.73 -33.80 91.59
CA ILE D 3323 -92.39 -33.86 91.02
C ILE D 3323 -91.50 -32.79 91.65
N VAL D 3324 -92.00 -31.56 91.80
CA VAL D 3324 -91.20 -30.51 92.40
C VAL D 3324 -90.95 -30.73 93.89
N ASN D 3325 -91.82 -31.47 94.58
CA ASN D 3325 -91.51 -31.85 95.95
C ASN D 3325 -90.46 -32.96 95.99
N ASN D 3326 -90.49 -33.87 95.01
CA ASN D 3326 -89.44 -34.85 94.81
C ASN D 3326 -88.31 -34.34 93.91
N LEU D 3327 -88.15 -33.03 93.80
CA LEU D 3327 -87.12 -32.50 92.90
C LEU D 3327 -85.73 -32.66 93.48
N GLY D 3328 -85.58 -32.58 94.80
CA GLY D 3328 -84.29 -32.65 95.43
C GLY D 3328 -83.71 -34.02 95.68
N ILE D 3329 -84.41 -35.10 95.38
CA ILE D 3329 -83.90 -36.46 95.60
C ILE D 3329 -82.80 -36.78 94.60
N ASP D 3330 -82.08 -37.87 94.87
CA ASP D 3330 -80.90 -38.23 94.09
C ASP D 3330 -81.18 -39.24 92.99
N GLU D 3331 -82.11 -40.18 93.21
CA GLU D 3331 -82.40 -41.22 92.23
C GLU D 3331 -83.90 -41.42 92.13
N ALA D 3332 -84.39 -41.61 90.91
CA ALA D 3332 -85.81 -41.82 90.64
C ALA D 3332 -85.98 -42.45 89.28
N THR D 3333 -86.54 -43.67 89.25
CA THR D 3333 -86.90 -44.31 87.99
C THR D 3333 -88.36 -44.11 87.63
N TRP D 3334 -89.13 -43.44 88.48
CA TRP D 3334 -90.54 -43.22 88.21
C TRP D 3334 -90.80 -41.93 87.44
N MET D 3335 -89.79 -41.08 87.29
CA MET D 3335 -89.99 -39.81 86.61
C MET D 3335 -90.26 -40.02 85.12
N LYS D 3336 -89.53 -40.94 84.48
CA LYS D 3336 -89.71 -41.17 83.05
C LYS D 3336 -91.09 -41.75 82.75
N ARG D 3337 -91.52 -42.74 83.54
CA ARG D 3337 -92.83 -43.34 83.31
C ARG D 3337 -93.96 -42.37 83.65
N LEU D 3338 -93.76 -41.52 84.67
CA LEU D 3338 -94.74 -40.47 84.95
C LEU D 3338 -94.82 -39.47 83.80
N ALA D 3339 -93.66 -39.10 83.24
CA ALA D 3339 -93.62 -38.13 82.16
C ALA D 3339 -94.32 -38.68 80.91
N VAL D 3340 -94.05 -39.94 80.57
CA VAL D 3340 -94.71 -40.52 79.39
C VAL D 3340 -96.20 -40.73 79.64
N PHE D 3341 -96.61 -40.94 80.90
CA PHE D 3341 -98.02 -41.19 81.18
C PHE D 3341 -98.83 -39.92 81.35
N ALA D 3342 -98.19 -38.81 81.71
CA ALA D 3342 -98.88 -37.53 81.85
C ALA D 3342 -99.12 -36.82 80.53
N GLN D 3343 -98.50 -37.28 79.44
CA GLN D 3343 -98.72 -36.68 78.13
C GLN D 3343 -100.16 -36.82 77.60
N PRO D 3344 -100.87 -37.96 77.67
CA PRO D 3344 -102.27 -37.97 77.18
C PRO D 3344 -103.21 -37.00 77.88
N ILE D 3345 -103.05 -36.75 79.19
CA ILE D 3345 -104.01 -35.92 79.90
C ILE D 3345 -103.73 -34.43 79.72
N VAL D 3346 -102.48 -34.03 79.49
CA VAL D 3346 -102.11 -32.61 79.40
C VAL D 3346 -102.69 -31.92 78.18
N SER D 3347 -103.23 -32.67 77.21
CA SER D 3347 -103.84 -32.09 76.03
C SER D 3347 -105.11 -31.29 76.33
N ARG D 3348 -105.69 -31.45 77.52
CA ARG D 3348 -106.87 -30.70 77.95
C ARG D 3348 -106.53 -29.58 78.93
N ALA D 3349 -105.26 -29.20 79.01
CA ALA D 3349 -104.80 -28.23 80.00
C ALA D 3349 -105.40 -26.85 79.74
N ARG D 3350 -105.75 -26.16 80.82
CA ARG D 3350 -106.25 -24.80 80.77
C ARG D 3350 -105.07 -23.83 80.72
N PRO D 3351 -105.31 -22.56 80.36
CA PRO D 3351 -104.22 -21.56 80.44
C PRO D 3351 -103.72 -21.30 81.86
N GLU D 3352 -104.50 -21.65 82.90
CA GLU D 3352 -104.11 -21.38 84.27
C GLU D 3352 -102.90 -22.16 84.74
N LEU D 3353 -102.53 -23.26 84.04
CA LEU D 3353 -101.39 -24.07 84.44
C LEU D 3353 -100.09 -23.29 84.37
N LEU D 3354 -99.99 -22.35 83.43
CA LEU D 3354 -98.77 -21.57 83.23
C LEU D 3354 -98.48 -20.72 84.44
N HIS D 3355 -99.42 -19.82 84.78
CA HIS D 3355 -99.24 -18.90 85.90
C HIS D 3355 -99.20 -19.66 87.22
N SER D 3356 -100.09 -20.64 87.39
CA SER D 3356 -100.24 -21.34 88.66
C SER D 3356 -99.00 -22.16 89.00
N HIS D 3357 -98.52 -22.97 88.06
CA HIS D 3357 -97.42 -23.88 88.36
C HIS D 3357 -96.18 -23.65 87.51
N PHE D 3358 -96.31 -23.43 86.20
CA PHE D 3358 -95.15 -23.42 85.30
C PHE D 3358 -94.14 -22.32 85.61
N ILE D 3359 -94.61 -21.10 85.92
CA ILE D 3359 -93.66 -20.03 86.28
C ILE D 3359 -92.85 -20.33 87.54
N PRO D 3360 -93.45 -20.72 88.69
CA PRO D 3360 -92.57 -21.10 89.83
C PRO D 3360 -91.68 -22.30 89.57
N THR D 3361 -92.15 -23.31 88.82
CA THR D 3361 -91.32 -24.50 88.59
C THR D 3361 -90.10 -24.13 87.77
N ILE D 3362 -90.30 -23.47 86.63
CA ILE D 3362 -89.14 -23.14 85.80
C ILE D 3362 -88.26 -22.12 86.51
N GLY D 3363 -88.84 -21.34 87.45
CA GLY D 3363 -88.02 -20.44 88.25
C GLY D 3363 -87.07 -21.19 89.17
N ARG D 3364 -87.59 -22.20 89.91
CA ARG D 3364 -86.70 -22.94 90.81
C ARG D 3364 -85.72 -23.82 90.05
N LEU D 3365 -86.11 -24.39 88.91
CA LEU D 3365 -85.14 -25.09 88.06
C LEU D 3365 -84.08 -24.14 87.52
N ARG D 3366 -84.48 -22.91 87.17
CA ARG D 3366 -83.56 -21.89 86.68
C ARG D 3366 -82.51 -21.58 87.75
N LYS D 3367 -82.95 -21.32 88.97
CA LYS D 3367 -82.03 -21.02 90.06
C LYS D 3367 -81.16 -22.22 90.44
N ARG D 3368 -81.73 -23.43 90.44
CA ARG D 3368 -80.96 -24.64 90.71
C ARG D 3368 -79.88 -24.90 89.66
N ALA D 3369 -80.24 -24.75 88.37
CA ALA D 3369 -79.26 -24.84 87.30
C ALA D 3369 -78.21 -23.75 87.39
N GLY D 3370 -78.62 -22.52 87.72
CA GLY D 3370 -77.67 -21.43 87.85
C GLY D 3370 -76.67 -21.70 88.96
N LYS D 3371 -77.14 -22.25 90.07
CA LYS D 3371 -76.24 -22.61 91.17
C LYS D 3371 -75.30 -23.73 90.77
N VAL D 3372 -75.81 -24.76 90.07
CA VAL D 3372 -74.98 -25.90 89.68
C VAL D 3372 -73.87 -25.45 88.72
N VAL D 3373 -74.22 -24.67 87.70
CA VAL D 3373 -73.22 -24.16 86.78
C VAL D 3373 -72.29 -23.15 87.46
N ALA D 3374 -72.78 -22.43 88.47
CA ALA D 3374 -71.88 -21.55 89.22
C ALA D 3374 -70.82 -22.35 89.97
N GLU D 3375 -71.24 -23.43 90.68
CA GLU D 3375 -70.28 -24.30 91.34
C GLU D 3375 -69.30 -24.91 90.34
N GLU D 3376 -69.80 -25.19 89.12
CA GLU D 3376 -68.95 -25.68 88.06
C GLU D 3376 -67.88 -24.64 87.72
N GLU D 3377 -68.27 -23.37 87.58
CA GLU D 3377 -67.29 -22.42 87.07
C GLU D 3377 -66.37 -21.90 88.17
N GLN D 3378 -66.73 -22.06 89.46
CA GLN D 3378 -65.71 -21.98 90.50
C GLN D 3378 -64.71 -23.12 90.39
N LEU D 3379 -65.18 -24.33 90.07
CA LEU D 3379 -64.22 -25.43 90.02
C LEU D 3379 -63.34 -25.32 88.77
N ARG D 3380 -63.90 -24.84 87.66
CA ARG D 3380 -63.14 -24.69 86.42
C ARG D 3380 -62.18 -23.51 86.45
N LEU D 3381 -62.49 -22.42 87.20
CA LEU D 3381 -61.58 -21.28 87.21
C LEU D 3381 -60.25 -21.62 87.88
N GLU D 3382 -60.26 -22.55 88.83
CA GLU D 3382 -59.05 -22.95 89.53
C GLU D 3382 -58.49 -24.23 88.91
N ALA D 3383 -57.18 -24.24 88.71
CA ALA D 3383 -56.47 -25.42 88.22
C ALA D 3383 -55.67 -26.00 89.39
N LYS D 3384 -55.91 -27.28 89.68
CA LYS D 3384 -55.32 -27.94 90.84
C LYS D 3384 -55.58 -29.44 90.69
N ALA D 3385 -54.92 -30.22 91.55
CA ALA D 3385 -55.24 -31.63 91.73
C ALA D 3385 -56.57 -31.84 92.45
N GLU D 3386 -57.16 -30.78 93.00
CA GLU D 3386 -58.49 -30.81 93.59
C GLU D 3386 -59.59 -30.66 92.54
N ALA D 3387 -59.22 -30.43 91.27
CA ALA D 3387 -60.20 -30.25 90.20
C ALA D 3387 -61.09 -31.48 90.03
N GLU D 3388 -60.49 -32.67 90.02
CA GLU D 3388 -61.30 -33.88 89.97
C GLU D 3388 -62.01 -34.16 91.28
N GLU D 3389 -61.53 -33.59 92.38
CA GLU D 3389 -62.18 -33.70 93.70
C GLU D 3389 -63.35 -32.71 93.70
N GLY D 3390 -64.51 -33.16 93.23
CA GLY D 3390 -65.60 -32.25 93.04
C GLY D 3390 -66.15 -32.32 91.64
N GLU D 3391 -65.30 -32.76 90.70
CA GLU D 3391 -65.77 -33.01 89.34
C GLU D 3391 -66.82 -34.10 89.31
N LEU D 3392 -66.62 -35.18 90.09
CA LEU D 3392 -67.66 -36.21 90.17
C LEU D 3392 -68.91 -35.69 90.87
N LEU D 3393 -68.75 -34.71 91.77
CA LEU D 3393 -69.91 -34.14 92.45
C LEU D 3393 -70.73 -33.30 91.49
N VAL D 3394 -70.07 -32.44 90.71
CA VAL D 3394 -70.82 -31.65 89.73
C VAL D 3394 -71.35 -32.55 88.61
N ARG D 3395 -70.72 -33.70 88.33
CA ARG D 3395 -71.30 -34.70 87.44
C ARG D 3395 -72.62 -35.25 87.99
N ASP D 3396 -72.66 -35.54 89.29
CA ASP D 3396 -73.91 -35.92 89.93
C ASP D 3396 -74.95 -34.79 89.87
N GLU D 3397 -74.52 -33.55 90.10
CA GLU D 3397 -75.44 -32.41 90.05
C GLU D 3397 -75.97 -32.20 88.64
N PHE D 3398 -75.13 -32.43 87.63
CA PHE D 3398 -75.59 -32.43 86.24
C PHE D 3398 -76.57 -33.57 86.00
N SER D 3399 -76.29 -34.76 86.54
CA SER D 3399 -77.13 -35.91 86.26
C SER D 3399 -78.54 -35.73 86.84
N VAL D 3400 -78.63 -35.22 88.07
CA VAL D 3400 -79.94 -34.93 88.67
C VAL D 3400 -80.64 -33.79 87.93
N LEU D 3401 -79.89 -32.76 87.51
CA LEU D 3401 -80.48 -31.68 86.71
C LEU D 3401 -80.98 -32.19 85.35
N CYS D 3402 -80.23 -33.08 84.71
CA CYS D 3402 -80.66 -33.71 83.46
C CYS D 3402 -81.91 -34.55 83.66
N ARG D 3403 -81.97 -35.29 84.78
CA ARG D 3403 -83.13 -36.12 85.07
C ARG D 3403 -84.37 -35.26 85.27
N ASP D 3404 -84.22 -34.14 86.00
CA ASP D 3404 -85.38 -33.32 86.31
C ASP D 3404 -85.86 -32.60 85.07
N LEU D 3405 -84.93 -32.02 84.29
CA LEU D 3405 -85.29 -31.31 83.07
C LEU D 3405 -85.92 -32.27 82.07
N TYR D 3406 -85.37 -33.48 81.92
CA TYR D 3406 -85.96 -34.45 81.02
C TYR D 3406 -87.27 -35.03 81.55
N ALA D 3407 -87.56 -34.87 82.85
CA ALA D 3407 -88.84 -35.28 83.40
C ALA D 3407 -89.89 -34.19 83.33
N LEU D 3408 -89.49 -32.95 83.06
CA LEU D 3408 -90.42 -31.83 83.01
C LEU D 3408 -90.63 -31.25 81.63
N TYR D 3409 -89.56 -31.20 80.82
CA TYR D 3409 -89.66 -30.64 79.46
C TYR D 3409 -90.65 -31.33 78.53
N PRO D 3410 -90.78 -32.68 78.45
CA PRO D 3410 -91.82 -33.25 77.56
C PRO D 3410 -93.23 -32.78 77.87
N LEU D 3411 -93.56 -32.58 79.14
CA LEU D 3411 -94.86 -32.00 79.50
C LEU D 3411 -94.90 -30.51 79.19
N LEU D 3412 -93.78 -29.81 79.36
CA LEU D 3412 -93.72 -28.39 79.02
C LEU D 3412 -93.91 -28.15 77.52
N ILE D 3413 -93.33 -29.01 76.69
CA ILE D 3413 -93.47 -28.93 75.24
C ILE D 3413 -94.93 -29.13 74.83
N ARG D 3414 -95.59 -30.11 75.44
CA ARG D 3414 -96.99 -30.41 75.13
C ARG D 3414 -97.90 -29.24 75.50
N TYR D 3415 -97.64 -28.61 76.64
CA TYR D 3415 -98.45 -27.49 77.08
C TYR D 3415 -98.26 -26.27 76.19
N VAL D 3416 -96.99 -25.93 75.89
CA VAL D 3416 -96.67 -24.73 75.12
C VAL D 3416 -97.20 -24.84 73.69
N ASP D 3417 -97.02 -26.02 73.06
CA ASP D 3417 -97.45 -26.22 71.69
C ASP D 3417 -98.96 -26.11 71.53
N ASN D 3418 -99.71 -26.53 72.55
CA ASN D 3418 -101.17 -26.44 72.48
C ASN D 3418 -101.64 -25.00 72.66
N ASN D 3419 -100.82 -24.14 73.26
CA ASN D 3419 -101.20 -22.74 73.49
C ASN D 3419 -100.28 -21.75 72.80
N ARG D 3420 -99.44 -22.21 71.87
CA ARG D 3420 -98.56 -21.30 71.14
C ARG D 3420 -99.36 -20.37 70.24
N ALA D 3421 -100.46 -20.88 69.68
CA ALA D 3421 -101.30 -20.07 68.79
C ALA D 3421 -101.89 -18.89 69.56
N HIS D 3422 -102.41 -19.17 70.76
CA HIS D 3422 -102.98 -18.11 71.58
CA HIS D 3422 -102.98 -18.11 71.58
C HIS D 3422 -101.91 -17.13 72.04
N TRP D 3423 -100.74 -17.64 72.44
CA TRP D 3423 -99.69 -16.76 72.94
C TRP D 3423 -99.13 -15.87 71.83
N LEU D 3424 -99.18 -16.33 70.58
CA LEU D 3424 -98.77 -15.47 69.48
C LEU D 3424 -99.86 -14.48 69.08
N THR D 3425 -101.12 -14.91 69.04
CA THR D 3425 -102.21 -14.01 68.68
C THR D 3425 -102.39 -12.90 69.73
N GLU D 3426 -102.41 -13.28 71.00
CA GLU D 3426 -102.52 -12.35 72.11
C GLU D 3426 -101.24 -12.38 72.93
N PRO D 3427 -100.60 -11.24 73.18
CA PRO D 3427 -99.39 -11.23 74.01
C PRO D 3427 -99.65 -11.73 75.43
N ASN D 3428 -98.67 -12.49 75.95
CA ASN D 3428 -98.79 -13.13 77.26
C ASN D 3428 -97.46 -12.89 77.99
N ALA D 3429 -97.47 -11.95 78.94
CA ALA D 3429 -96.27 -11.64 79.72
C ALA D 3429 -95.76 -12.84 80.51
N ASN D 3430 -96.68 -13.73 80.93
CA ASN D 3430 -96.28 -14.96 81.60
C ASN D 3430 -95.43 -15.83 80.67
N ALA D 3431 -95.84 -15.93 79.40
CA ALA D 3431 -95.03 -16.65 78.43
C ALA D 3431 -93.72 -15.91 78.17
N GLU D 3432 -93.77 -14.57 78.16
CA GLU D 3432 -92.58 -13.77 77.93
C GLU D 3432 -91.52 -14.07 78.98
N GLU D 3433 -91.94 -14.12 80.25
CA GLU D 3433 -91.03 -14.48 81.33
C GLU D 3433 -90.58 -15.92 81.25
N LEU D 3434 -91.47 -16.83 80.80
CA LEU D 3434 -91.08 -18.23 80.63
C LEU D 3434 -89.97 -18.37 79.59
N PHE D 3435 -90.08 -17.61 78.49
CA PHE D 3435 -89.05 -17.55 77.47
C PHE D 3435 -87.77 -16.93 78.05
N ARG D 3436 -87.91 -15.96 78.95
CA ARG D 3436 -86.73 -15.39 79.59
C ARG D 3436 -86.01 -16.46 80.40
N MET D 3437 -86.77 -17.24 81.19
CA MET D 3437 -86.19 -18.26 82.07
C MET D 3437 -85.45 -19.32 81.27
N VAL D 3438 -86.10 -19.84 80.22
CA VAL D 3438 -85.40 -20.80 79.37
C VAL D 3438 -84.28 -20.15 78.57
N GLY D 3439 -84.24 -18.81 78.52
CA GLY D 3439 -83.15 -18.12 77.86
C GLY D 3439 -81.84 -18.39 78.56
N GLU D 3440 -81.80 -18.17 79.89
CA GLU D 3440 -80.56 -18.47 80.61
C GLU D 3440 -80.36 -19.96 80.76
N ILE D 3441 -81.44 -20.77 80.81
CA ILE D 3441 -81.27 -22.23 80.88
C ILE D 3441 -80.50 -22.73 79.65
N PHE D 3442 -80.89 -22.25 78.47
CA PHE D 3442 -80.19 -22.61 77.24
C PHE D 3442 -78.80 -21.99 77.19
N ILE D 3443 -78.64 -20.74 77.66
CA ILE D 3443 -77.33 -20.09 77.65
C ILE D 3443 -76.34 -20.86 78.53
N TYR D 3444 -76.76 -21.23 79.74
CA TYR D 3444 -75.90 -22.03 80.63
C TYR D 3444 -75.62 -23.41 80.07
N TRP D 3445 -76.59 -24.01 79.37
CA TRP D 3445 -76.33 -25.25 78.64
C TRP D 3445 -75.28 -25.06 77.54
N SER D 3446 -75.35 -23.94 76.82
CA SER D 3446 -74.35 -23.64 75.80
C SER D 3446 -72.98 -23.39 76.41
N LYS D 3447 -72.94 -22.70 77.55
CA LYS D 3447 -71.68 -22.36 78.20
C LYS D 3447 -71.01 -23.59 78.79
N SER D 3448 -71.80 -24.50 79.37
CA SER D 3448 -71.23 -25.63 80.09
C SER D 3448 -71.10 -26.81 79.13
N HIS D 3449 -69.87 -27.10 78.73
CA HIS D 3449 -69.60 -28.26 77.88
C HIS D 3449 -69.82 -29.56 78.64
N ASN D 3450 -69.56 -29.57 79.95
CA ASN D 3450 -69.80 -30.74 80.77
C ASN D 3450 -71.29 -31.07 80.86
N PHE D 3451 -72.13 -30.06 81.10
CA PHE D 3451 -73.58 -30.29 81.12
C PHE D 3451 -74.09 -30.83 79.79
N LYS D 3452 -73.44 -30.45 78.70
CA LYS D 3452 -73.69 -31.09 77.41
C LYS D 3452 -73.26 -32.55 77.47
N ARG D 3453 -72.10 -32.83 78.07
CA ARG D 3453 -71.53 -34.18 78.00
C ARG D 3453 -72.37 -35.19 78.76
N GLU D 3454 -72.81 -34.85 79.97
CA GLU D 3454 -73.75 -35.79 80.61
C GLU D 3454 -75.20 -35.57 80.22
N GLU D 3455 -75.51 -34.60 79.35
CA GLU D 3455 -76.86 -34.49 78.80
C GLU D 3455 -77.22 -35.74 77.99
N GLN D 3456 -76.31 -36.23 77.14
CA GLN D 3456 -76.63 -37.49 76.48
C GLN D 3456 -76.33 -38.69 77.34
N ASN D 3457 -75.46 -38.55 78.36
CA ASN D 3457 -75.17 -39.68 79.25
C ASN D 3457 -76.42 -40.14 79.98
N PHE D 3458 -77.22 -39.18 80.47
CA PHE D 3458 -78.52 -39.53 81.04
C PHE D 3458 -79.45 -40.17 80.00
N VAL D 3459 -79.39 -39.68 78.75
CA VAL D 3459 -80.22 -40.22 77.67
C VAL D 3459 -79.84 -41.67 77.38
N VAL D 3460 -78.55 -41.97 77.25
CA VAL D 3460 -78.12 -43.32 76.91
C VAL D 3460 -78.34 -44.26 78.09
N GLN D 3461 -78.12 -43.80 79.32
CA GLN D 3461 -78.29 -44.68 80.48
C GLN D 3461 -79.76 -44.99 80.75
N ASN D 3462 -80.66 -44.03 80.54
CA ASN D 3462 -82.09 -44.23 80.79
C ASN D 3462 -82.90 -44.52 79.55
N GLU D 3463 -82.24 -44.66 78.39
CA GLU D 3463 -82.83 -45.05 77.11
C GLU D 3463 -83.97 -44.11 76.68
N ILE D 3464 -83.68 -42.80 76.74
CA ILE D 3464 -84.61 -41.80 76.25
C ILE D 3464 -84.67 -41.88 74.74
N ASN D 3465 -85.85 -42.18 74.20
CA ASN D 3465 -86.01 -42.33 72.76
C ASN D 3465 -85.85 -41.00 72.03
N ASN D 3466 -86.37 -39.90 72.62
CA ASN D 3466 -86.33 -38.51 72.15
C ASN D 3466 -87.19 -38.27 70.90
N MET D 3467 -87.82 -39.29 70.34
CA MET D 3467 -88.65 -39.16 69.15
C MET D 3467 -90.14 -39.10 69.45
N SER D 3468 -90.61 -39.81 70.48
CA SER D 3468 -92.03 -39.79 70.82
C SER D 3468 -92.41 -38.48 71.51
N PHE D 3469 -91.49 -37.86 72.25
CA PHE D 3469 -91.77 -36.62 72.97
C PHE D 3469 -92.09 -35.45 72.05
N LEU D 3470 -91.76 -35.55 70.77
CA LEU D 3470 -92.04 -34.50 69.79
C LEU D 3470 -93.26 -34.78 68.95
N THR D 3471 -93.55 -36.04 68.65
CA THR D 3471 -94.68 -36.43 67.80
C THR D 3471 -95.82 -37.07 68.57
N ALA D 3472 -95.81 -36.99 69.91
CA ALA D 3472 -96.85 -37.61 70.73
C ALA D 3472 -98.23 -37.03 70.42
N ASP D 3473 -98.32 -35.70 70.35
CA ASP D 3473 -99.58 -35.07 69.96
C ASP D 3473 -99.97 -35.41 68.53
N SER D 3474 -98.98 -35.45 67.63
CA SER D 3474 -99.23 -35.80 66.23
C SER D 3474 -99.78 -37.22 66.11
N LYS D 3475 -99.18 -38.17 66.84
CA LYS D 3475 -99.72 -39.53 66.84
C LYS D 3475 -101.07 -39.59 67.54
N SER D 3476 -101.30 -38.69 68.52
CA SER D 3476 -102.63 -38.60 69.14
C SER D 3476 -103.68 -38.11 68.14
N LYS D 3477 -103.28 -37.37 67.11
CA LYS D 3477 -104.23 -36.97 66.07
C LYS D 3477 -104.44 -38.03 65.00
N MET D 3478 -103.98 -39.27 65.24
CA MET D 3478 -104.07 -40.40 64.30
C MET D 3478 -103.40 -40.09 62.96
N ALA D 3479 -102.19 -39.53 63.03
CA ALA D 3479 -101.43 -39.21 61.82
C ALA D 3479 -100.79 -40.47 61.24
N ARG D 3498 -81.59 -45.62 63.48
CA ARG D 3498 -80.86 -45.59 62.21
C ARG D 3498 -79.59 -44.75 62.36
N ARG D 3499 -79.76 -43.42 62.35
CA ARG D 3499 -78.64 -42.49 62.49
C ARG D 3499 -78.59 -41.86 63.88
N GLY D 3500 -79.67 -41.26 64.33
CA GLY D 3500 -79.71 -40.66 65.65
C GLY D 3500 -80.62 -41.37 66.62
N ASP D 3501 -80.77 -42.68 66.43
CA ASP D 3501 -81.64 -43.49 67.29
C ASP D 3501 -81.13 -43.50 68.73
N ARG D 3502 -79.82 -43.71 68.91
CA ARG D 3502 -79.23 -43.71 70.25
C ARG D 3502 -79.35 -42.32 70.88
N TYR D 3503 -78.88 -41.30 70.17
CA TYR D 3503 -78.89 -39.90 70.60
C TYR D 3503 -78.51 -39.03 69.41
N SER D 3504 -79.12 -37.85 69.35
CA SER D 3504 -78.80 -36.84 68.34
C SER D 3504 -79.08 -35.48 68.95
N VAL D 3505 -78.23 -34.51 68.61
CA VAL D 3505 -78.33 -33.16 69.16
C VAL D 3505 -79.63 -32.49 68.72
N GLN D 3506 -80.06 -32.77 67.48
CA GLN D 3506 -81.33 -32.23 66.96
C GLN D 3506 -82.53 -32.72 67.75
N THR D 3507 -82.44 -33.87 68.40
CA THR D 3507 -83.53 -34.42 69.20
C THR D 3507 -83.41 -34.09 70.67
N SER D 3508 -82.44 -33.26 71.07
CA SER D 3508 -82.32 -32.85 72.45
C SER D 3508 -83.53 -32.02 72.87
N LEU D 3509 -84.04 -32.30 74.07
CA LEU D 3509 -85.27 -31.68 74.50
C LEU D 3509 -85.08 -30.22 74.88
N ILE D 3510 -83.90 -29.83 75.39
CA ILE D 3510 -83.69 -28.45 75.76
C ILE D 3510 -83.66 -27.55 74.52
N VAL D 3511 -82.99 -28.01 73.45
CA VAL D 3511 -82.92 -27.20 72.24
C VAL D 3511 -84.26 -27.21 71.53
N ALA D 3512 -84.97 -28.36 71.55
CA ALA D 3512 -86.27 -28.44 70.89
C ALA D 3512 -87.27 -27.52 71.59
N THR D 3513 -87.23 -27.51 72.93
CA THR D 3513 -88.14 -26.67 73.70
C THR D 3513 -87.85 -25.20 73.45
N LEU D 3514 -86.57 -24.85 73.38
CA LEU D 3514 -86.20 -23.46 73.13
C LEU D 3514 -86.65 -23.00 71.75
N LYS D 3515 -86.46 -23.85 70.72
CA LYS D 3515 -86.92 -23.52 69.38
C LYS D 3515 -88.43 -23.38 69.30
N LYS D 3516 -89.17 -24.29 69.94
CA LYS D 3516 -90.63 -24.20 69.97
C LYS D 3516 -91.10 -22.95 70.70
N MET D 3517 -90.41 -22.57 71.77
CA MET D 3517 -90.82 -21.39 72.54
C MET D 3517 -90.30 -20.08 71.93
N LEU D 3518 -89.38 -20.17 70.95
CA LEU D 3518 -88.78 -19.00 70.33
C LEU D 3518 -89.75 -18.00 69.66
N PRO D 3519 -90.78 -18.41 68.87
CA PRO D 3519 -91.66 -17.38 68.26
C PRO D 3519 -92.36 -16.49 69.28
N ILE D 3520 -92.65 -17.02 70.47
CA ILE D 3520 -93.27 -16.23 71.53
C ILE D 3520 -92.34 -15.10 71.96
N GLY D 3521 -91.06 -15.41 72.14
CA GLY D 3521 -90.11 -14.39 72.51
C GLY D 3521 -89.90 -13.39 71.38
N LEU D 3522 -89.87 -13.88 70.14
CA LEU D 3522 -89.63 -12.99 69.01
C LEU D 3522 -90.81 -12.07 68.72
N ASN D 3523 -92.03 -12.45 69.15
CA ASN D 3523 -93.16 -11.55 69.05
C ASN D 3523 -92.97 -10.31 69.91
N MET D 3524 -92.22 -10.43 71.01
CA MET D 3524 -92.00 -9.33 71.94
C MET D 3524 -91.05 -8.29 71.38
N CYS D 3525 -90.23 -8.67 70.41
CA CYS D 3525 -89.35 -7.72 69.74
C CYS D 3525 -90.08 -6.96 68.64
N ALA D 3526 -89.82 -5.66 68.57
CA ALA D 3526 -90.38 -4.77 67.58
C ALA D 3526 -89.63 -4.91 66.25
N PRO D 3527 -90.28 -4.56 65.12
CA PRO D 3527 -89.57 -4.61 63.82
C PRO D 3527 -88.35 -3.71 63.72
N THR D 3528 -88.36 -2.55 64.38
CA THR D 3528 -87.20 -1.66 64.38
C THR D 3528 -85.98 -2.24 65.07
N ASP D 3529 -86.16 -3.23 65.95
CA ASP D 3529 -85.05 -3.78 66.73
C ASP D 3529 -84.12 -4.67 65.91
N GLN D 3530 -84.49 -4.99 64.66
CA GLN D 3530 -83.76 -5.95 63.83
C GLN D 3530 -82.31 -5.53 63.61
N ASP D 3531 -82.09 -4.24 63.32
CA ASP D 3531 -80.73 -3.72 63.13
C ASP D 3531 -79.90 -3.90 64.40
N LEU D 3532 -80.54 -3.82 65.56
CA LEU D 3532 -79.83 -4.01 66.82
C LEU D 3532 -79.54 -5.48 67.08
N ILE D 3533 -80.31 -6.40 66.47
CA ILE D 3533 -80.13 -7.83 66.74
C ILE D 3533 -78.79 -8.31 66.21
N MET D 3534 -78.47 -7.98 64.95
CA MET D 3534 -77.23 -8.50 64.39
C MET D 3534 -76.01 -7.84 65.03
N LEU D 3535 -76.13 -6.57 65.44
CA LEU D 3535 -75.03 -5.90 66.12
C LEU D 3535 -74.73 -6.57 67.45
N ALA D 3536 -75.77 -6.91 68.22
CA ALA D 3536 -75.55 -7.66 69.45
C ALA D 3536 -75.01 -9.06 69.16
N LYS D 3537 -75.44 -9.67 68.05
CA LYS D 3537 -74.91 -10.97 67.63
C LYS D 3537 -73.41 -10.90 67.37
N THR D 3538 -72.96 -9.83 66.71
CA THR D 3538 -71.53 -9.60 66.49
C THR D 3538 -70.78 -9.40 67.80
N ARG D 3539 -71.35 -8.65 68.74
CA ARG D 3539 -70.69 -8.47 70.04
C ARG D 3539 -70.61 -9.79 70.82
N TYR D 3540 -71.68 -10.59 70.77
CA TYR D 3540 -71.66 -11.91 71.39
C TYR D 3540 -70.63 -12.82 70.75
N ALA D 3541 -70.47 -12.73 69.43
CA ALA D 3541 -69.38 -13.45 68.79
C ALA D 3541 -68.03 -12.85 69.19
N LEU D 3542 -67.99 -11.55 69.49
CA LEU D 3542 -66.81 -10.85 69.97
C LEU D 3542 -66.56 -11.07 71.46
N LYS D 3543 -67.31 -12.00 72.07
CA LYS D 3543 -67.19 -12.41 73.48
C LYS D 3543 -67.41 -11.23 74.44
N ASP D 3544 -68.61 -10.66 74.40
CA ASP D 3544 -68.96 -9.55 75.25
C ASP D 3544 -70.07 -9.97 76.21
N THR D 3545 -69.95 -9.54 77.47
CA THR D 3545 -70.90 -9.93 78.49
C THR D 3545 -72.23 -9.21 78.29
N ASP D 3546 -73.24 -9.65 79.05
CA ASP D 3546 -74.58 -9.07 78.94
C ASP D 3546 -74.60 -7.60 79.33
N GLU D 3547 -73.74 -7.19 80.26
CA GLU D 3547 -73.66 -5.77 80.60
C GLU D 3547 -73.07 -4.99 79.44
N GLU D 3548 -72.08 -5.58 78.76
CA GLU D 3548 -71.43 -4.92 77.64
C GLU D 3548 -72.42 -4.72 76.51
N VAL D 3549 -73.16 -5.78 76.12
CA VAL D 3549 -74.09 -5.63 75.00
C VAL D 3549 -75.20 -4.65 75.36
N ARG D 3550 -75.65 -4.65 76.63
CA ARG D 3550 -76.69 -3.70 77.05
C ARG D 3550 -76.22 -2.25 76.93
N GLU D 3551 -74.98 -1.98 77.35
CA GLU D 3551 -74.51 -0.60 77.22
C GLU D 3551 -74.15 -0.25 75.77
N PHE D 3552 -73.70 -1.21 74.96
CA PHE D 3552 -73.49 -0.93 73.53
C PHE D 3552 -74.80 -0.57 72.85
N LEU D 3553 -75.88 -1.31 73.18
CA LEU D 3553 -77.20 -0.98 72.64
C LEU D 3553 -77.63 0.40 73.10
N GLN D 3554 -77.37 0.74 74.36
CA GLN D 3554 -77.68 2.07 74.88
C GLN D 3554 -76.89 3.14 74.13
N ASN D 3555 -75.68 2.81 73.67
CA ASN D 3555 -74.90 3.79 72.92
C ASN D 3555 -75.49 3.99 71.53
N ASN D 3556 -75.88 2.91 70.86
CA ASN D 3556 -76.30 3.02 69.46
C ASN D 3556 -77.81 2.80 69.30
N LEU D 3557 -78.62 3.30 70.24
CA LEU D 3557 -80.07 3.23 70.10
C LEU D 3557 -80.60 4.03 68.92
N HIS D 3558 -79.83 5.00 68.42
CA HIS D 3558 -80.30 5.93 67.39
C HIS D 3558 -80.49 5.25 66.04
N LEU D 3559 -79.73 4.20 65.76
CA LEU D 3559 -79.67 3.59 64.44
C LEU D 3559 -80.76 2.54 64.19
N GLN D 3560 -81.87 2.59 64.94
CA GLN D 3560 -82.99 1.66 64.77
C GLN D 3560 -83.58 1.75 63.36
N GLY D 3561 -84.39 0.74 63.02
CA GLY D 3561 -84.94 0.64 61.69
C GLY D 3561 -85.87 1.77 61.32
N LYS D 3562 -85.98 1.99 60.02
CA LYS D 3562 -86.82 3.04 59.44
C LYS D 3562 -87.98 2.38 58.70
N VAL D 3563 -89.20 2.75 59.08
CA VAL D 3563 -90.39 2.17 58.47
C VAL D 3563 -90.53 2.62 57.02
N GLU D 3564 -90.24 3.89 56.73
CA GLU D 3564 -90.38 4.39 55.37
C GLU D 3564 -89.23 3.95 54.46
N GLY D 3565 -88.04 3.74 55.02
CA GLY D 3565 -86.89 3.35 54.22
C GLY D 3565 -86.90 1.92 53.73
N SER D 3566 -87.78 1.08 54.26
CA SER D 3566 -87.88 -0.31 53.81
C SER D 3566 -89.35 -0.67 53.64
N PRO D 3567 -89.76 -1.07 52.43
CA PRO D 3567 -91.17 -1.48 52.24
C PRO D 3567 -91.57 -2.70 53.04
N SER D 3568 -90.62 -3.56 53.42
CA SER D 3568 -90.93 -4.70 54.29
C SER D 3568 -91.40 -4.22 55.66
N LEU D 3569 -90.73 -3.19 56.19
CA LEU D 3569 -91.05 -2.72 57.52
C LEU D 3569 -92.35 -1.94 57.54
N ARG D 3570 -92.83 -1.48 56.39
CA ARG D 3570 -94.06 -0.71 56.37
C ARG D 3570 -95.25 -1.59 56.69
N TRP D 3571 -95.33 -2.77 56.06
CA TRP D 3571 -96.42 -3.67 56.38
C TRP D 3571 -96.16 -4.39 57.70
N GLN D 3572 -94.88 -4.66 58.02
CA GLN D 3572 -94.57 -5.30 59.31
C GLN D 3572 -94.97 -4.42 60.48
N MET D 3573 -94.70 -3.11 60.40
CA MET D 3573 -95.02 -2.20 61.49
C MET D 3573 -96.52 -2.13 61.74
N ALA D 3574 -97.31 -2.05 60.65
CA ALA D 3574 -98.76 -2.06 60.75
C ALA D 3574 -99.29 -3.36 61.34
N LEU D 3575 -98.72 -4.50 60.91
CA LEU D 3575 -99.11 -5.79 61.50
C LEU D 3575 -98.73 -5.88 62.97
N TYR D 3576 -97.53 -5.41 63.33
CA TYR D 3576 -97.06 -5.44 64.71
C TYR D 3576 -97.91 -4.54 65.61
N ARG D 3577 -98.26 -3.34 65.14
CA ARG D 3577 -99.11 -2.45 65.90
C ARG D 3577 -100.58 -2.84 65.87
N GLY D 3578 -100.97 -3.76 64.99
CA GLY D 3578 -102.36 -4.19 64.97
C GLY D 3578 -102.76 -5.04 66.15
N LEU D 3579 -101.80 -5.50 66.95
CA LEU D 3579 -102.10 -6.29 68.14
C LEU D 3579 -102.74 -5.40 69.20
N PRO D 3580 -103.90 -5.79 69.74
CA PRO D 3580 -104.52 -5.00 70.82
C PRO D 3580 -103.70 -4.93 72.10
N GLY D 3581 -102.76 -5.84 72.32
CA GLY D 3581 -101.88 -5.82 73.46
C GLY D 3581 -100.63 -4.97 73.27
N ARG D 3582 -100.53 -4.25 72.16
CA ARG D 3582 -99.36 -3.42 71.87
C ARG D 3582 -99.60 -1.98 72.32
N GLU D 3583 -98.65 -1.44 73.05
CA GLU D 3583 -98.69 -0.06 73.53
C GLU D 3583 -97.60 0.73 72.84
N GLU D 3584 -97.94 1.95 72.43
CA GLU D 3584 -96.99 2.80 71.69
C GLU D 3584 -95.82 3.25 72.56
N ASP D 3585 -96.00 3.32 73.88
CA ASP D 3585 -94.93 3.70 74.78
C ASP D 3585 -94.23 2.50 75.41
N ALA D 3586 -94.63 1.28 75.05
CA ALA D 3586 -94.08 0.07 75.66
C ALA D 3586 -92.64 -0.22 75.25
N ASP D 3587 -92.12 0.47 74.24
CA ASP D 3587 -90.75 0.27 73.77
C ASP D 3587 -89.77 1.21 74.49
N ASP D 3588 -89.74 1.10 75.82
CA ASP D 3588 -88.86 1.90 76.63
C ASP D 3588 -87.40 1.48 76.38
N PRO D 3589 -86.43 2.40 76.56
CA PRO D 3589 -85.02 2.07 76.27
C PRO D 3589 -84.46 0.87 77.04
N GLU D 3590 -84.82 0.73 78.31
CA GLU D 3590 -84.33 -0.41 79.07
C GLU D 3590 -85.05 -1.69 78.66
N LYS D 3591 -86.32 -1.58 78.28
CA LYS D 3591 -87.09 -2.74 77.85
C LYS D 3591 -86.54 -3.29 76.55
N ILE D 3592 -86.24 -2.37 75.60
CA ILE D 3592 -85.78 -2.82 74.29
C ILE D 3592 -84.37 -3.39 74.41
N VAL D 3593 -83.47 -2.74 75.17
CA VAL D 3593 -82.10 -3.26 75.27
C VAL D 3593 -82.10 -4.61 75.98
N ARG D 3594 -83.01 -4.81 76.94
CA ARG D 3594 -83.11 -6.11 77.61
C ARG D 3594 -83.62 -7.19 76.65
N ARG D 3595 -84.72 -6.92 75.93
CA ARG D 3595 -85.29 -7.94 75.06
C ARG D 3595 -84.36 -8.27 73.89
N VAL D 3596 -83.69 -7.26 73.30
CA VAL D 3596 -82.68 -7.48 72.27
C VAL D 3596 -81.51 -8.31 72.80
N GLN D 3597 -81.03 -7.99 74.01
CA GLN D 3597 -79.92 -8.76 74.58
C GLN D 3597 -80.30 -10.22 74.82
N GLU D 3598 -81.52 -10.45 75.33
CA GLU D 3598 -81.99 -11.81 75.60
C GLU D 3598 -82.13 -12.62 74.30
N VAL D 3599 -82.81 -12.05 73.31
CA VAL D 3599 -83.06 -12.81 72.08
C VAL D 3599 -81.76 -12.99 71.32
N SER D 3600 -80.90 -11.97 71.27
CA SER D 3600 -79.67 -12.03 70.50
C SER D 3600 -78.76 -13.11 71.06
N ALA D 3601 -78.68 -13.21 72.40
CA ALA D 3601 -77.91 -14.29 73.01
C ALA D 3601 -78.50 -15.65 72.70
N VAL D 3602 -79.84 -15.75 72.67
CA VAL D 3602 -80.50 -17.03 72.35
C VAL D 3602 -80.18 -17.47 70.92
N LEU D 3603 -80.36 -16.57 69.95
CA LEU D 3603 -80.12 -16.93 68.55
C LEU D 3603 -78.65 -17.18 68.30
N TYR D 3604 -77.77 -16.36 68.92
CA TYR D 3604 -76.34 -16.49 68.71
C TYR D 3604 -75.84 -17.85 69.16
N HIS D 3605 -76.27 -18.30 70.34
CA HIS D 3605 -75.88 -19.65 70.76
C HIS D 3605 -76.62 -20.72 69.96
N LEU D 3606 -77.82 -20.38 69.46
CA LEU D 3606 -78.61 -21.33 68.68
C LEU D 3606 -77.89 -21.70 67.39
N GLU D 3607 -77.44 -20.70 66.64
CA GLU D 3607 -76.75 -20.99 65.37
C GLU D 3607 -75.44 -21.73 65.62
N GLN D 3608 -74.83 -21.53 66.82
CA GLN D 3608 -73.65 -22.31 67.20
C GLN D 3608 -74.03 -23.77 67.40
N THR D 3609 -75.30 -24.02 67.73
CA THR D 3609 -75.69 -25.41 67.96
C THR D 3609 -75.97 -26.06 66.62
N GLU D 3610 -76.90 -25.49 65.83
CA GLU D 3610 -77.20 -26.06 64.51
C GLU D 3610 -76.05 -25.96 63.49
N HIS D 3611 -74.89 -25.37 63.83
CA HIS D 3611 -73.72 -25.33 62.94
C HIS D 3611 -72.47 -25.35 63.81
N PRO D 3612 -72.14 -26.53 64.37
CA PRO D 3612 -70.98 -26.60 65.30
C PRO D 3612 -69.61 -26.29 64.70
N TYR D 3613 -69.30 -26.80 63.50
CA TYR D 3613 -68.04 -26.57 62.75
C TYR D 3613 -66.81 -26.95 63.58
N LYS D 3614 -66.94 -28.05 64.32
CA LYS D 3614 -65.94 -28.47 65.30
C LYS D 3614 -64.59 -28.84 64.68
N SER D 3615 -64.59 -29.50 63.51
CA SER D 3615 -63.42 -30.12 62.87
C SER D 3615 -62.18 -29.24 62.62
N LYS D 3616 -61.16 -29.81 61.92
CA LYS D 3616 -59.88 -29.26 61.45
C LYS D 3616 -58.75 -29.56 62.44
N LYS D 3617 -59.02 -30.38 63.45
CA LYS D 3617 -58.02 -30.72 64.46
C LYS D 3617 -57.62 -32.19 64.47
N ALA D 3618 -58.57 -33.11 64.54
CA ALA D 3618 -58.24 -34.53 64.57
C ALA D 3618 -58.88 -35.21 63.37
N VAL D 3619 -58.15 -35.19 62.26
CA VAL D 3619 -58.58 -35.77 60.99
C VAL D 3619 -57.75 -37.02 60.74
N TRP D 3620 -58.36 -38.01 60.05
CA TRP D 3620 -57.74 -39.26 59.66
C TRP D 3620 -56.49 -39.02 58.82
N HIS D 3621 -55.31 -39.33 59.36
CA HIS D 3621 -54.05 -39.02 58.70
C HIS D 3621 -53.25 -40.23 58.27
N LYS D 3622 -53.50 -41.41 58.86
CA LYS D 3622 -52.87 -42.71 58.55
C LYS D 3622 -51.34 -42.64 58.39
N LEU D 3623 -50.71 -42.17 59.47
CA LEU D 3623 -49.25 -42.04 59.53
C LEU D 3623 -48.54 -43.37 59.30
N LEU D 3624 -48.93 -44.41 60.04
CA LEU D 3624 -48.33 -45.72 59.85
C LEU D 3624 -49.35 -46.86 59.98
N SER D 3625 -50.65 -46.55 60.06
CA SER D 3625 -51.66 -47.59 60.24
C SER D 3625 -51.79 -48.49 59.01
N LYS D 3626 -51.77 -47.89 57.81
CA LYS D 3626 -51.96 -48.67 56.59
C LYS D 3626 -50.78 -49.58 56.28
N GLN D 3627 -49.58 -49.29 56.80
CA GLN D 3627 -48.39 -50.04 56.47
C GLN D 3627 -47.72 -50.73 57.66
N ARG D 3628 -48.12 -50.43 58.90
CA ARG D 3628 -47.43 -51.01 60.03
C ARG D 3628 -48.45 -51.45 61.11
N ARG D 3629 -49.63 -51.89 60.69
CA ARG D 3629 -50.58 -52.47 61.64
C ARG D 3629 -50.22 -53.89 62.04
N ARG D 3630 -49.28 -54.53 61.34
CA ARG D 3630 -48.82 -55.86 61.74
C ARG D 3630 -48.00 -55.78 63.02
N ALA D 3631 -47.08 -54.82 63.09
CA ALA D 3631 -46.17 -54.70 64.24
C ALA D 3631 -46.91 -54.39 65.53
N VAL D 3632 -47.88 -53.45 65.48
CA VAL D 3632 -48.58 -53.06 66.70
C VAL D 3632 -49.39 -54.22 67.26
N VAL D 3633 -49.95 -55.06 66.38
CA VAL D 3633 -50.67 -56.26 66.80
C VAL D 3633 -49.70 -57.30 67.38
N ALA D 3634 -48.57 -57.52 66.70
CA ALA D 3634 -47.67 -58.58 67.10
C ALA D 3634 -46.87 -58.26 68.36
N CYS D 3635 -46.33 -57.04 68.48
CA CYS D 3635 -45.36 -56.69 69.53
C CYS D 3635 -45.92 -56.83 70.95
N PHE D 3636 -47.22 -56.62 71.14
CA PHE D 3636 -47.81 -56.81 72.47
C PHE D 3636 -47.82 -58.28 72.90
N ARG D 3637 -47.90 -59.21 71.95
CA ARG D 3637 -48.09 -60.62 72.24
C ARG D 3637 -46.94 -61.54 71.84
N MET D 3638 -45.96 -61.06 71.08
CA MET D 3638 -44.95 -61.91 70.49
C MET D 3638 -43.93 -62.37 71.53
N THR D 3639 -43.01 -63.21 71.07
CA THR D 3639 -42.14 -63.96 71.96
C THR D 3639 -41.14 -63.05 72.67
N PRO D 3640 -41.08 -63.10 73.99
CA PRO D 3640 -40.00 -62.39 74.72
C PRO D 3640 -38.66 -63.06 74.50
N LEU D 3641 -37.62 -62.38 74.98
CA LEU D 3641 -36.24 -62.84 74.77
C LEU D 3641 -35.99 -64.20 75.41
N TYR D 3642 -36.50 -64.41 76.63
CA TYR D 3642 -36.15 -65.62 77.38
C TYR D 3642 -36.73 -66.90 76.80
N ASN D 3643 -37.65 -66.81 75.84
CA ASN D 3643 -38.26 -67.98 75.24
C ASN D 3643 -37.62 -68.39 73.92
N LEU D 3644 -36.56 -67.71 73.48
CA LEU D 3644 -35.88 -68.08 72.25
C LEU D 3644 -35.06 -69.35 72.45
N PRO D 3645 -34.79 -70.10 71.37
CA PRO D 3645 -33.83 -71.19 71.46
C PRO D 3645 -32.45 -70.66 71.82
N THR D 3646 -31.69 -71.49 72.54
CA THR D 3646 -30.39 -71.08 73.07
C THR D 3646 -29.41 -70.70 71.98
N HIS D 3647 -29.34 -71.52 70.91
CA HIS D 3647 -28.40 -71.25 69.82
C HIS D 3647 -28.75 -69.97 69.07
N ARG D 3648 -30.05 -69.74 68.80
CA ARG D 3648 -30.45 -68.52 68.11
C ARG D 3648 -30.17 -67.29 68.96
N ALA D 3649 -30.44 -67.40 70.27
CA ALA D 3649 -30.18 -66.30 71.18
C ALA D 3649 -28.69 -66.01 71.25
N CYS D 3650 -27.87 -67.07 71.22
CA CYS D 3650 -26.42 -66.88 71.24
C CYS D 3650 -25.96 -66.17 69.98
N ASN D 3651 -26.58 -66.49 68.83
CA ASN D 3651 -26.23 -65.82 67.58
C ASN D 3651 -26.53 -64.32 67.66
N MET D 3652 -27.69 -63.97 68.25
CA MET D 3652 -28.02 -62.56 68.45
C MET D 3652 -27.02 -61.90 69.39
N PHE D 3653 -26.61 -62.61 70.44
CA PHE D 3653 -25.64 -62.06 71.39
C PHE D 3653 -24.31 -61.82 70.71
N LEU D 3654 -23.90 -62.73 69.83
CA LEU D 3654 -22.62 -62.61 69.13
C LEU D 3654 -22.60 -61.38 68.24
N GLU D 3655 -23.64 -61.23 67.40
CA GLU D 3655 -23.66 -60.06 66.52
C GLU D 3655 -23.83 -58.76 67.29
N SER D 3656 -24.57 -58.78 68.41
CA SER D 3656 -24.72 -57.58 69.21
C SER D 3656 -23.40 -57.24 69.90
N TYR D 3657 -22.67 -58.28 70.36
CA TYR D 3657 -21.42 -58.05 71.07
C TYR D 3657 -20.39 -57.45 70.15
N LYS D 3658 -20.25 -58.01 68.94
CA LYS D 3658 -19.23 -57.49 68.02
C LYS D 3658 -19.58 -56.07 67.60
N ALA D 3659 -20.87 -55.80 67.35
CA ALA D 3659 -21.24 -54.45 66.94
C ALA D 3659 -21.15 -53.43 68.06
N ALA D 3660 -21.27 -53.86 69.33
CA ALA D 3660 -21.29 -52.93 70.45
C ALA D 3660 -19.98 -52.81 71.22
N TRP D 3661 -19.12 -53.82 71.18
CA TRP D 3661 -17.90 -53.83 71.99
C TRP D 3661 -16.62 -54.03 71.22
N ILE D 3662 -16.66 -54.61 70.02
CA ILE D 3662 -15.46 -54.87 69.24
C ILE D 3662 -15.23 -53.79 68.19
N LEU D 3663 -16.27 -53.47 67.41
CA LEU D 3663 -16.18 -52.37 66.45
C LEU D 3663 -15.92 -51.04 67.15
N THR D 3664 -16.59 -50.82 68.29
CA THR D 3664 -16.41 -49.60 69.06
C THR D 3664 -15.03 -49.49 69.69
N GLU D 3665 -14.34 -50.61 69.90
CA GLU D 3665 -13.03 -50.61 70.53
C GLU D 3665 -12.01 -49.88 69.67
N ASP D 3666 -11.08 -49.18 70.34
CA ASP D 3666 -10.03 -48.42 69.69
C ASP D 3666 -8.69 -49.10 69.97
N HIS D 3667 -7.87 -49.25 68.92
CA HIS D 3667 -6.56 -49.87 69.07
C HIS D 3667 -5.60 -49.18 68.11
N SER D 3668 -4.75 -48.32 68.64
CA SER D 3668 -3.78 -47.57 67.83
C SER D 3668 -2.45 -48.34 67.83
N PHE D 3669 -2.23 -49.13 66.79
CA PHE D 3669 -1.03 -49.93 66.64
C PHE D 3669 -0.16 -49.53 65.46
N GLU D 3670 -0.64 -48.60 64.62
CA GLU D 3670 0.09 -48.20 63.42
C GLU D 3670 1.43 -47.55 63.76
N ASP D 3671 1.46 -46.71 64.79
CA ASP D 3671 2.68 -46.01 65.16
C ASP D 3671 3.76 -47.00 65.61
N ARG D 3672 3.36 -48.00 66.38
CA ARG D 3672 4.31 -48.98 66.87
C ARG D 3672 4.57 -50.05 65.83
N MET D 3673 3.82 -50.07 64.73
CA MET D 3673 4.17 -50.95 63.63
C MET D 3673 5.28 -50.31 62.79
N ILE D 3674 5.01 -49.10 62.29
CA ILE D 3674 6.00 -48.39 61.45
C ILE D 3674 7.27 -48.08 62.23
N ASP D 3675 7.17 -47.88 63.55
CA ASP D 3675 8.35 -47.67 64.37
C ASP D 3675 9.25 -48.90 64.34
N ASP D 3676 8.68 -50.09 64.45
CA ASP D 3676 9.49 -51.30 64.42
C ASP D 3676 10.01 -51.54 63.01
N LEU D 3677 9.16 -51.32 61.99
CA LEU D 3677 9.54 -51.58 60.61
C LEU D 3677 10.58 -50.62 60.07
N SER D 3678 10.81 -49.49 60.73
CA SER D 3678 11.73 -48.49 60.22
C SER D 3678 13.09 -48.53 60.92
N LYS D 3679 13.42 -49.65 61.55
CA LYS D 3679 14.69 -49.82 62.25
C LYS D 3679 15.49 -50.95 61.60
N ALA D 3680 16.71 -50.65 61.19
CA ALA D 3680 17.63 -51.66 60.69
C ALA D 3680 18.80 -51.68 61.67
N GLY D 3681 18.70 -52.55 62.68
CA GLY D 3681 19.65 -52.56 63.77
C GLY D 3681 20.54 -53.78 63.79
N GLU D 3682 21.72 -53.64 64.41
CA GLU D 3682 22.71 -54.72 64.62
C GLU D 3682 23.24 -55.29 63.31
N GLN D 3683 23.27 -54.47 62.26
CA GLN D 3683 23.89 -54.85 60.99
C GLN D 3683 24.99 -53.89 60.59
N GLU D 3684 25.42 -53.01 61.49
CA GLU D 3684 26.46 -52.03 61.22
C GLU D 3684 27.81 -52.41 61.84
N GLU D 3685 27.96 -53.65 62.29
CA GLU D 3685 29.23 -54.09 62.88
C GLU D 3685 30.36 -54.10 61.85
N GLU D 3686 30.07 -54.48 60.61
CA GLU D 3686 31.09 -54.47 59.57
C GLU D 3686 31.25 -53.11 58.90
N GLU D 3687 30.31 -52.19 59.15
CA GLU D 3687 30.24 -50.81 58.60
C GLU D 3687 30.65 -50.72 57.13
N GLU D 3688 30.07 -51.60 56.32
CA GLU D 3688 30.36 -51.67 54.89
C GLU D 3688 29.94 -50.38 54.18
N GLU D 3689 30.63 -50.08 53.09
CA GLU D 3689 30.41 -48.84 52.34
C GLU D 3689 29.44 -48.96 51.17
N VAL D 3690 28.85 -50.14 50.93
CA VAL D 3690 28.00 -50.34 49.75
C VAL D 3690 26.78 -49.42 49.83
N GLU D 3691 26.43 -48.82 48.69
CA GLU D 3691 25.40 -47.78 48.65
C GLU D 3691 24.02 -48.32 49.03
N GLU D 3692 23.69 -49.54 48.59
CA GLU D 3692 22.35 -50.06 48.81
C GLU D 3692 22.17 -50.65 50.21
N LYS D 3693 23.27 -51.09 50.84
CA LYS D 3693 23.31 -51.78 52.15
C LYS D 3693 22.26 -52.89 52.13
N LYS D 3694 21.34 -52.94 53.09
CA LYS D 3694 20.19 -53.81 53.01
C LYS D 3694 19.00 -52.93 53.38
N PRO D 3695 17.96 -52.90 52.54
CA PRO D 3695 16.75 -52.15 52.88
C PRO D 3695 16.10 -52.62 54.18
N ASP D 3696 15.69 -51.65 54.99
CA ASP D 3696 14.98 -51.94 56.23
C ASP D 3696 13.59 -52.51 55.90
N PRO D 3697 12.96 -53.25 56.86
CA PRO D 3697 11.71 -54.00 56.55
C PRO D 3697 10.60 -53.20 55.89
N LEU D 3698 10.44 -51.93 56.26
CA LEU D 3698 9.43 -51.10 55.63
C LEU D 3698 9.76 -50.89 54.16
N HIS D 3699 11.04 -50.65 53.84
CA HIS D 3699 11.44 -50.48 52.45
C HIS D 3699 11.22 -51.75 51.67
N GLN D 3700 11.53 -52.90 52.27
CA GLN D 3700 11.34 -54.18 51.59
C GLN D 3700 9.86 -54.41 51.30
N LEU D 3701 8.99 -54.04 52.25
CA LEU D 3701 7.55 -54.18 52.05
C LEU D 3701 7.06 -53.30 50.91
N VAL D 3702 7.55 -52.05 50.86
CA VAL D 3702 7.15 -51.12 49.80
C VAL D 3702 7.67 -51.61 48.46
N LEU D 3703 8.89 -52.16 48.43
CA LEU D 3703 9.44 -52.71 47.19
C LEU D 3703 8.59 -53.89 46.71
N HIS D 3704 8.13 -54.73 47.63
CA HIS D 3704 7.30 -55.87 47.27
C HIS D 3704 5.99 -55.41 46.65
N PHE D 3705 5.35 -54.42 47.25
CA PHE D 3705 4.09 -53.91 46.70
C PHE D 3705 4.30 -53.17 45.39
N SER D 3706 5.43 -52.49 45.23
CA SER D 3706 5.77 -51.91 43.93
C SER D 3706 5.99 -53.00 42.89
N ARG D 3707 6.61 -54.11 43.28
CA ARG D 3707 6.84 -55.21 42.35
C ARG D 3707 5.50 -55.80 41.89
N THR D 3708 4.59 -56.03 42.85
CA THR D 3708 3.31 -56.61 42.46
C THR D 3708 2.41 -55.60 41.76
N ALA D 3709 2.78 -54.32 41.76
CA ALA D 3709 2.04 -53.35 40.97
C ALA D 3709 2.65 -53.19 39.59
N LEU D 3710 3.96 -53.38 39.48
CA LEU D 3710 4.66 -53.30 38.21
C LEU D 3710 4.52 -54.56 37.38
N THR D 3711 4.08 -55.67 37.97
CA THR D 3711 3.89 -56.89 37.19
C THR D 3711 2.78 -56.70 36.16
N GLU D 3712 2.88 -57.45 35.07
CA GLU D 3712 1.96 -57.30 33.94
C GLU D 3712 0.74 -58.20 34.12
N LYS D 3713 -0.41 -57.58 34.36
CA LYS D 3713 -1.66 -58.28 34.61
C LYS D 3713 -2.78 -57.43 34.05
N SER D 3714 -3.76 -58.09 33.43
CA SER D 3714 -4.86 -57.39 32.78
C SER D 3714 -5.72 -56.65 33.79
N LYS D 3715 -5.98 -57.27 34.94
CA LYS D 3715 -6.84 -56.68 35.95
C LYS D 3715 -6.13 -56.72 37.30
N LEU D 3716 -6.32 -55.68 38.09
CA LEU D 3716 -5.71 -55.58 39.41
C LEU D 3716 -6.55 -56.34 40.42
N ASP D 3717 -6.04 -57.47 40.90
CA ASP D 3717 -6.76 -58.24 41.90
C ASP D 3717 -6.67 -57.55 43.27
N GLU D 3718 -7.63 -57.84 44.13
CA GLU D 3718 -7.68 -57.22 45.44
C GLU D 3718 -6.75 -57.96 46.40
N ASP D 3719 -5.70 -57.29 46.86
CA ASP D 3719 -4.82 -57.82 47.88
C ASP D 3719 -5.26 -57.27 49.23
N TYR D 3720 -5.87 -58.14 50.05
CA TYR D 3720 -6.41 -57.71 51.33
C TYR D 3720 -5.31 -57.22 52.26
N LEU D 3721 -4.11 -57.77 52.13
CA LEU D 3721 -3.02 -57.34 52.98
C LEU D 3721 -2.49 -56.00 52.51
N TYR D 3722 -2.45 -55.76 51.18
CA TYR D 3722 -2.06 -54.45 50.70
C TYR D 3722 -3.05 -53.39 51.14
N MET D 3723 -4.34 -53.73 51.10
CA MET D 3723 -5.39 -52.84 51.61
C MET D 3723 -5.20 -52.53 53.09
N ALA D 3724 -4.75 -53.53 53.86
CA ALA D 3724 -4.54 -53.31 55.28
C ALA D 3724 -3.26 -52.53 55.54
N TYR D 3725 -2.22 -52.77 54.77
CA TYR D 3725 -0.96 -52.10 55.02
C TYR D 3725 -1.01 -50.67 54.50
N ALA D 3726 -1.73 -50.44 53.41
CA ALA D 3726 -1.97 -49.09 52.92
C ALA D 3726 -2.78 -48.29 53.92
N ASP D 3727 -3.82 -48.90 54.52
CA ASP D 3727 -4.59 -48.20 55.54
C ASP D 3727 -3.76 -47.92 56.78
N ILE D 3728 -2.90 -48.86 57.15
CA ILE D 3728 -2.00 -48.69 58.30
C ILE D 3728 -1.02 -47.55 58.06
N MET D 3729 -0.44 -47.51 56.86
CA MET D 3729 0.51 -46.47 56.51
C MET D 3729 -0.18 -45.12 56.46
N ALA D 3730 -1.39 -45.07 55.88
CA ALA D 3730 -2.12 -43.81 55.80
C ALA D 3730 -2.47 -43.31 57.20
N LYS D 3731 -2.91 -44.21 58.07
CA LYS D 3731 -3.26 -43.82 59.43
C LYS D 3731 -2.04 -43.52 60.29
N SER D 3732 -0.83 -43.84 59.82
CA SER D 3732 0.37 -43.67 60.61
C SER D 3732 1.13 -42.39 60.26
N CYS D 3733 0.48 -41.44 59.57
CA CYS D 3733 1.10 -40.17 59.26
C CYS D 3733 0.40 -39.00 59.93
N HIS D 3734 -0.91 -38.83 59.71
CA HIS D 3734 -1.60 -37.63 60.17
C HIS D 3734 -1.67 -37.56 61.70
N LEU D 3735 -2.12 -38.66 62.35
CA LEU D 3735 -2.34 -38.75 63.80
C LEU D 3735 -3.23 -37.63 64.34
N GLU D 3736 -4.18 -37.17 63.52
CA GLU D 3736 -5.02 -36.05 63.88
C GLU D 3736 -6.37 -36.12 63.15
N VAL D 3749 -8.03 -21.48 72.64
CA VAL D 3749 -7.70 -22.36 71.52
C VAL D 3749 -6.75 -21.66 70.54
N GLU D 3750 -5.96 -20.73 71.04
CA GLU D 3750 -5.00 -19.99 70.22
C GLU D 3750 -3.61 -20.63 70.38
N VAL D 3751 -3.32 -21.56 69.47
CA VAL D 3751 -2.01 -22.17 69.39
C VAL D 3751 -0.97 -21.16 68.93
N SER D 3752 0.13 -21.05 69.67
CA SER D 3752 1.15 -20.06 69.36
C SER D 3752 1.87 -20.52 68.10
N PHE D 3753 2.22 -19.57 67.24
CA PHE D 3753 2.82 -19.83 65.93
C PHE D 3753 4.10 -20.66 65.99
N GLU D 3754 4.86 -20.54 67.09
CA GLU D 3754 6.06 -21.36 67.24
C GLU D 3754 5.72 -22.80 67.57
N GLU D 3755 4.73 -23.03 68.44
CA GLU D 3755 4.39 -24.42 68.70
C GLU D 3755 3.50 -24.99 67.60
N LYS D 3756 2.78 -24.12 66.87
CA LYS D 3756 2.12 -24.48 65.63
C LYS D 3756 3.11 -25.09 64.65
N GLU D 3757 4.32 -24.51 64.58
CA GLU D 3757 5.34 -25.02 63.67
C GLU D 3757 5.87 -26.39 64.10
N MET D 3758 5.66 -26.78 65.37
CA MET D 3758 6.15 -28.06 65.86
C MET D 3758 5.36 -29.22 65.27
N GLU D 3759 4.02 -29.15 65.32
CA GLU D 3759 3.20 -30.25 64.81
C GLU D 3759 3.39 -30.45 63.32
N LYS D 3760 3.50 -29.35 62.56
CA LYS D 3760 3.82 -29.45 61.14
C LYS D 3760 5.19 -30.08 60.93
N GLN D 3761 6.23 -29.55 61.60
CA GLN D 3761 7.58 -30.04 61.36
C GLN D 3761 7.77 -31.47 61.88
N ARG D 3762 6.88 -31.95 62.75
CA ARG D 3762 6.78 -33.35 63.10
C ARG D 3762 6.07 -34.15 62.00
N LEU D 3763 5.04 -33.55 61.40
CA LEU D 3763 4.32 -34.23 60.32
C LEU D 3763 5.22 -34.46 59.12
N LEU D 3764 6.06 -33.48 58.80
CA LEU D 3764 6.97 -33.62 57.66
C LEU D 3764 7.93 -34.79 57.88
N TYR D 3765 8.46 -34.92 59.10
CA TYR D 3765 9.27 -36.08 59.45
C TYR D 3765 8.48 -37.38 59.33
N GLN D 3766 7.25 -37.37 59.82
CA GLN D 3766 6.44 -38.59 59.83
C GLN D 3766 6.09 -39.04 58.41
N GLN D 3767 5.87 -38.08 57.51
CA GLN D 3767 5.75 -38.40 56.09
C GLN D 3767 7.08 -38.84 55.51
N SER D 3768 8.18 -38.18 55.92
CA SER D 3768 9.51 -38.52 55.41
C SER D 3768 9.96 -39.90 55.84
N ARG D 3769 9.31 -40.48 56.84
CA ARG D 3769 9.60 -41.86 57.19
C ARG D 3769 9.13 -42.81 56.09
N LEU D 3770 8.12 -42.40 55.31
CA LEU D 3770 7.54 -43.22 54.26
C LEU D 3770 8.06 -42.86 52.88
N HIS D 3771 7.93 -41.58 52.48
CA HIS D 3771 8.24 -41.20 51.10
C HIS D 3771 9.72 -41.35 50.74
N THR D 3772 10.61 -41.38 51.73
CA THR D 3772 12.00 -41.70 51.40
C THR D 3772 12.18 -43.17 51.05
N ARG D 3773 11.16 -44.00 51.25
CA ARG D 3773 11.26 -45.43 51.02
C ARG D 3773 10.46 -45.89 49.81
N GLY D 3774 10.18 -45.01 48.85
CA GLY D 3774 9.50 -45.38 47.64
C GLY D 3774 7.98 -45.41 47.68
N ALA D 3775 7.35 -45.02 48.79
CA ALA D 3775 5.89 -45.03 48.86
C ALA D 3775 5.27 -44.03 47.90
N ALA D 3776 5.96 -42.92 47.60
CA ALA D 3776 5.46 -41.94 46.65
C ALA D 3776 5.37 -42.53 45.25
N GLU D 3777 6.38 -43.32 44.86
CA GLU D 3777 6.34 -43.93 43.55
C GLU D 3777 5.36 -45.09 43.53
N MET D 3778 5.23 -45.76 44.68
CA MET D 3778 4.32 -46.89 44.82
C MET D 3778 2.88 -46.45 44.58
N VAL D 3779 2.51 -45.28 45.12
CA VAL D 3779 1.15 -44.77 44.96
C VAL D 3779 0.85 -44.53 43.49
N LEU D 3780 1.82 -43.92 42.78
CA LEU D 3780 1.67 -43.63 41.36
C LEU D 3780 1.54 -44.91 40.56
N GLN D 3781 2.26 -45.95 40.98
CA GLN D 3781 2.20 -47.22 40.26
C GLN D 3781 0.86 -47.89 40.48
N MET D 3782 0.34 -47.88 41.71
CA MET D 3782 -0.96 -48.51 41.94
C MET D 3782 -2.08 -47.76 41.22
N ILE D 3783 -1.98 -46.43 41.14
CA ILE D 3783 -2.95 -45.64 40.38
C ILE D 3783 -2.89 -46.01 38.91
N SER D 3784 -1.68 -46.16 38.35
CA SER D 3784 -1.61 -46.55 36.95
C SER D 3784 -2.05 -47.99 36.75
N ALA D 3785 -1.82 -48.84 37.75
CA ALA D 3785 -2.13 -50.26 37.62
C ALA D 3785 -3.63 -50.53 37.70
N CYS D 3786 -4.38 -49.68 38.40
CA CYS D 3786 -5.82 -49.96 38.55
C CYS D 3786 -6.62 -49.77 37.28
N LYS D 3787 -6.05 -49.14 36.23
CA LYS D 3787 -6.65 -48.98 34.90
C LYS D 3787 -7.97 -48.24 34.90
N GLY D 3788 -8.27 -47.47 35.95
CA GLY D 3788 -9.54 -46.76 36.01
C GLY D 3788 -10.70 -47.56 36.51
N GLU D 3789 -10.46 -48.62 37.28
CA GLU D 3789 -11.52 -49.45 37.85
C GLU D 3789 -11.73 -49.00 39.29
N THR D 3790 -12.88 -48.38 39.55
CA THR D 3790 -13.20 -47.91 40.89
C THR D 3790 -13.31 -49.07 41.88
N GLY D 3791 -12.80 -48.85 43.09
CA GLY D 3791 -12.88 -49.86 44.12
C GLY D 3791 -12.16 -49.41 45.36
N ALA D 3792 -12.25 -50.25 46.40
CA ALA D 3792 -11.54 -49.95 47.63
C ALA D 3792 -10.03 -50.11 47.48
N MET D 3793 -9.61 -50.77 46.40
CA MET D 3793 -8.19 -50.91 46.09
C MET D 3793 -7.60 -49.57 45.68
N VAL D 3794 -8.27 -48.87 44.77
CA VAL D 3794 -7.76 -47.58 44.35
C VAL D 3794 -8.02 -46.55 45.46
N SER D 3795 -9.12 -46.73 46.22
CA SER D 3795 -9.44 -45.77 47.28
C SER D 3795 -8.37 -45.74 48.36
N SER D 3796 -7.90 -46.93 48.78
CA SER D 3796 -6.84 -46.96 49.79
C SER D 3796 -5.52 -46.42 49.26
N THR D 3797 -5.33 -46.43 47.94
CA THR D 3797 -4.14 -45.83 47.37
C THR D 3797 -4.24 -44.32 47.42
N LEU D 3798 -5.44 -43.79 47.11
CA LEU D 3798 -5.65 -42.35 47.17
C LEU D 3798 -5.50 -41.84 48.59
N LYS D 3799 -6.04 -42.59 49.55
CA LYS D 3799 -5.92 -42.21 50.96
C LYS D 3799 -4.47 -42.21 51.42
N LEU D 3800 -3.68 -43.20 50.99
CA LEU D 3800 -2.25 -43.19 51.30
C LEU D 3800 -1.53 -42.01 50.64
N GLY D 3801 -1.89 -41.69 49.39
CA GLY D 3801 -1.29 -40.56 48.71
C GLY D 3801 -1.59 -39.25 49.39
N ILE D 3802 -2.81 -39.10 49.90
CA ILE D 3802 -3.14 -37.88 50.63
C ILE D 3802 -2.40 -37.85 51.96
N SER D 3803 -2.32 -39.00 52.64
CA SER D 3803 -1.66 -39.04 53.94
C SER D 3803 -0.19 -38.68 53.83
N ILE D 3804 0.44 -38.99 52.69
CA ILE D 3804 1.82 -38.56 52.47
C ILE D 3804 1.90 -37.24 51.73
N LEU D 3805 0.76 -36.63 51.37
CA LEU D 3805 0.74 -35.34 50.68
C LEU D 3805 0.07 -34.23 51.47
N ASN D 3806 -0.30 -34.47 52.72
CA ASN D 3806 -0.94 -33.45 53.53
C ASN D 3806 0.01 -32.29 53.79
N GLY D 3807 -0.52 -31.07 53.71
CA GLY D 3807 0.27 -29.87 53.84
C GLY D 3807 1.06 -29.50 52.60
N GLY D 3808 0.83 -30.18 51.47
CA GLY D 3808 1.54 -29.91 50.24
C GLY D 3808 3.04 -30.12 50.34
N ASN D 3809 3.46 -31.35 50.62
CA ASN D 3809 4.89 -31.64 50.75
C ASN D 3809 5.63 -31.39 49.44
N ALA D 3810 6.71 -30.60 49.54
CA ALA D 3810 7.44 -30.20 48.36
C ALA D 3810 8.27 -31.36 47.83
N GLU D 3811 8.88 -32.12 48.75
CA GLU D 3811 9.70 -33.25 48.36
C GLU D 3811 8.86 -34.32 47.67
N VAL D 3812 7.67 -34.60 48.22
CA VAL D 3812 6.80 -35.61 47.64
C VAL D 3812 6.33 -35.18 46.26
N GLN D 3813 5.93 -33.90 46.12
CA GLN D 3813 5.53 -33.39 44.81
C GLN D 3813 6.68 -33.40 43.80
N GLN D 3814 7.91 -33.21 44.26
CA GLN D 3814 9.05 -33.25 43.37
C GLN D 3814 9.38 -34.67 42.96
N LYS D 3815 9.31 -35.62 43.89
CA LYS D 3815 9.59 -37.02 43.57
C LYS D 3815 8.54 -37.56 42.61
N MET D 3816 7.27 -37.24 42.86
CA MET D 3816 6.19 -37.71 41.98
C MET D 3816 6.33 -37.12 40.59
N LEU D 3817 6.68 -35.83 40.49
CA LEU D 3817 6.88 -35.21 39.19
C LEU D 3817 8.06 -35.84 38.46
N ASP D 3818 9.14 -36.14 39.19
CA ASP D 3818 10.31 -36.77 38.60
C ASP D 3818 9.97 -38.15 38.07
N TYR D 3819 9.22 -38.94 38.85
CA TYR D 3819 8.87 -40.29 38.41
C TYR D 3819 7.98 -40.27 37.18
N LEU D 3820 7.03 -39.33 37.13
CA LEU D 3820 6.18 -39.30 35.94
C LEU D 3820 6.96 -38.79 34.73
N LYS D 3821 7.91 -37.90 34.95
CA LYS D 3821 8.60 -37.29 33.83
C LYS D 3821 9.64 -38.23 33.25
N ASP D 3822 10.29 -39.03 34.10
CA ASP D 3822 11.29 -39.92 33.51
C ASP D 3822 10.65 -41.20 32.99
N LYS D 3823 9.61 -41.72 33.67
CA LYS D 3823 8.95 -42.92 33.16
C LYS D 3823 8.21 -42.66 31.85
N LYS D 3824 7.59 -41.48 31.69
CA LYS D 3824 6.87 -41.08 30.47
C LYS D 3824 5.78 -42.07 30.07
N GLU D 3825 5.04 -42.59 31.03
CA GLU D 3825 3.94 -43.49 30.74
C GLU D 3825 2.61 -42.74 30.80
N VAL D 3826 1.68 -43.15 29.93
CA VAL D 3826 0.38 -42.52 29.86
C VAL D 3826 -0.68 -43.26 30.66
N GLY D 3827 -0.31 -44.36 31.32
CA GLY D 3827 -1.28 -45.15 32.07
C GLY D 3827 -1.83 -44.40 33.27
N PHE D 3828 -1.01 -43.52 33.85
CA PHE D 3828 -1.39 -42.80 35.06
C PHE D 3828 -2.52 -41.83 34.75
N PHE D 3829 -2.36 -41.02 33.72
CA PHE D 3829 -3.38 -40.05 33.40
C PHE D 3829 -4.57 -40.69 32.70
N GLN D 3830 -4.36 -41.81 32.00
CA GLN D 3830 -5.50 -42.52 31.43
C GLN D 3830 -6.38 -43.10 32.54
N SER D 3831 -5.77 -43.62 33.59
CA SER D 3831 -6.54 -44.18 34.70
C SER D 3831 -7.19 -43.08 35.50
N ILE D 3832 -6.51 -41.94 35.66
CA ILE D 3832 -7.07 -40.79 36.37
C ILE D 3832 -8.31 -40.27 35.63
N GLN D 3833 -8.19 -40.11 34.31
CA GLN D 3833 -9.31 -39.66 33.48
C GLN D 3833 -10.49 -40.61 33.53
N ALA D 3834 -10.22 -41.93 33.45
CA ALA D 3834 -11.31 -42.91 33.52
C ALA D 3834 -11.97 -42.90 34.90
N LEU D 3835 -11.16 -42.75 35.96
CA LEU D 3835 -11.70 -42.68 37.31
C LEU D 3835 -12.61 -41.47 37.45
N MET D 3836 -12.18 -40.33 36.90
CA MET D 3836 -12.95 -39.11 37.06
C MET D 3836 -14.23 -39.18 36.23
N GLN D 3837 -14.18 -39.86 35.07
CA GLN D 3837 -15.37 -39.99 34.25
C GLN D 3837 -16.35 -41.01 34.81
N THR D 3838 -15.92 -41.85 35.75
CA THR D 3838 -16.84 -42.79 36.37
C THR D 3838 -17.44 -42.28 37.67
N CYS D 3839 -17.07 -41.07 38.12
CA CYS D 3839 -17.67 -40.49 39.31
C CYS D 3839 -19.13 -40.13 39.07
N SER D 3840 -19.96 -40.36 40.09
CA SER D 3840 -21.40 -40.24 39.99
C SER D 3840 -21.87 -38.85 40.39
N VAL D 3841 -23.09 -38.51 39.95
CA VAL D 3841 -23.73 -37.25 40.29
C VAL D 3841 -25.07 -37.56 40.96
N LEU D 3842 -25.82 -36.53 41.34
CA LEU D 3842 -27.14 -36.70 41.94
C LEU D 3842 -28.11 -37.30 40.93
N ASP D 3843 -28.92 -38.25 41.38
CA ASP D 3843 -29.88 -38.94 40.52
C ASP D 3843 -31.27 -38.84 41.13
N LEU D 3844 -32.17 -38.15 40.42
CA LEU D 3844 -33.55 -38.00 40.87
C LEU D 3844 -34.29 -39.32 40.87
N ASN D 3845 -34.11 -40.14 39.83
CA ASN D 3845 -34.79 -41.44 39.76
C ASN D 3845 -34.37 -42.33 40.92
N ALA D 3846 -33.06 -42.35 41.22
CA ALA D 3846 -32.56 -43.12 42.35
C ALA D 3846 -33.10 -42.56 43.66
N PHE D 3847 -33.22 -41.23 43.75
CA PHE D 3847 -33.71 -40.62 44.97
C PHE D 3847 -35.17 -40.99 45.21
N GLU D 3848 -35.99 -40.93 44.16
CA GLU D 3848 -37.40 -41.27 44.28
C GLU D 3848 -37.58 -42.73 44.65
N ARG D 3849 -36.73 -43.62 44.09
CA ARG D 3849 -36.74 -45.02 44.51
C ARG D 3849 -36.36 -45.16 45.97
N GLN D 3850 -35.38 -44.37 46.43
CA GLN D 3850 -35.00 -44.38 47.84
C GLN D 3850 -36.14 -43.93 48.73
N ASN D 3851 -36.86 -42.89 48.29
CA ASN D 3851 -37.97 -42.35 49.05
C ASN D 3851 -39.10 -43.37 49.17
N LYS D 3852 -39.44 -44.02 48.06
CA LYS D 3852 -40.49 -45.05 48.13
C LYS D 3852 -40.03 -46.27 48.92
N ALA D 3853 -38.74 -46.60 48.85
CA ALA D 3853 -38.21 -47.71 49.64
C ALA D 3853 -38.34 -47.41 51.13
N GLU D 3854 -38.02 -46.18 51.54
CA GLU D 3854 -38.26 -45.81 52.92
C GLU D 3854 -39.75 -45.67 53.22
N GLY D 3855 -40.58 -45.46 52.19
CA GLY D 3855 -42.01 -45.44 52.39
C GLY D 3855 -42.53 -46.79 52.83
N LEU D 3856 -41.94 -47.86 52.28
CA LEU D 3856 -42.30 -49.20 52.71
C LEU D 3856 -41.87 -49.45 54.15
N GLY D 3857 -40.64 -49.08 54.48
CA GLY D 3857 -40.08 -49.31 55.81
C GLY D 3857 -40.03 -50.76 56.25
N MET D 3858 -39.65 -51.68 55.37
CA MET D 3858 -39.75 -53.10 55.63
C MET D 3858 -38.79 -53.54 56.75
N VAL D 3859 -39.14 -54.67 57.38
CA VAL D 3859 -38.43 -55.18 58.54
C VAL D 3859 -38.04 -56.63 58.29
N ASN D 3860 -36.99 -57.06 59.01
CA ASN D 3860 -36.47 -58.41 58.88
C ASN D 3860 -37.11 -59.33 59.93
N GLU D 3861 -36.60 -60.56 60.03
CA GLU D 3861 -37.20 -61.63 60.84
C GLU D 3861 -36.49 -61.84 62.17
N ASP D 3862 -35.15 -61.95 62.15
CA ASP D 3862 -34.36 -62.16 63.36
C ASP D 3862 -34.33 -60.86 64.16
N GLY D 3863 -35.38 -60.65 64.94
CA GLY D 3863 -35.59 -59.38 65.61
C GLY D 3863 -36.20 -58.40 64.63
N THR D 3864 -35.84 -57.12 64.74
CA THR D 3864 -36.36 -56.10 63.84
C THR D 3864 -35.41 -54.92 63.81
N VAL D 3865 -35.04 -54.46 62.62
CA VAL D 3865 -34.33 -53.20 62.45
C VAL D 3865 -35.34 -52.14 62.02
N ILE D 3866 -35.32 -51.01 62.70
CA ILE D 3866 -36.25 -49.91 62.43
C ILE D 3866 -35.45 -48.79 61.77
N ASN D 3867 -35.87 -48.39 60.57
CA ASN D 3867 -35.21 -47.36 59.76
C ASN D 3867 -33.74 -47.71 59.52
N ARG D 3868 -33.55 -48.81 58.79
CA ARG D 3868 -32.22 -49.33 58.51
C ARG D 3868 -31.38 -48.32 57.72
N GLN D 3869 -30.09 -48.27 58.06
CA GLN D 3869 -29.17 -47.28 57.51
C GLN D 3869 -28.24 -47.89 56.45
N ASN D 3870 -28.78 -48.74 55.59
CA ASN D 3870 -28.01 -49.36 54.51
C ASN D 3870 -27.51 -48.31 53.51
N GLY D 3871 -26.65 -48.76 52.59
CA GLY D 3871 -25.97 -47.89 51.64
C GLY D 3871 -26.87 -47.04 50.77
N GLU D 3872 -26.60 -45.73 50.75
CA GLU D 3872 -27.40 -44.83 49.94
C GLU D 3872 -27.07 -44.99 48.48
N LYS D 3873 -28.09 -44.93 47.64
CA LYS D 3873 -27.90 -45.19 46.21
C LYS D 3873 -27.68 -43.92 45.41
N VAL D 3874 -27.65 -42.77 46.08
CA VAL D 3874 -27.35 -41.49 45.45
C VAL D 3874 -26.06 -40.97 46.07
N MET D 3875 -25.06 -40.70 45.21
CA MET D 3875 -23.71 -40.28 45.62
C MET D 3875 -23.08 -41.23 46.62
N ALA D 3876 -23.10 -42.52 46.30
CA ALA D 3876 -22.45 -43.51 47.17
C ALA D 3876 -20.94 -43.31 47.20
N ASP D 3877 -20.35 -43.00 46.04
CA ASP D 3877 -18.92 -42.79 45.91
C ASP D 3877 -18.51 -41.34 46.15
N ASP D 3878 -19.31 -40.58 46.90
CA ASP D 3878 -19.01 -39.17 47.16
C ASP D 3878 -17.71 -39.00 47.93
N GLU D 3879 -17.44 -39.89 48.88
CA GLU D 3879 -16.19 -39.85 49.63
C GLU D 3879 -15.00 -40.14 48.73
N PHE D 3880 -15.20 -41.04 47.76
CA PHE D 3880 -14.13 -41.35 46.83
C PHE D 3880 -13.89 -40.22 45.85
N THR D 3881 -14.94 -39.49 45.48
CA THR D 3881 -14.74 -38.35 44.59
C THR D 3881 -14.07 -37.21 45.35
N GLN D 3882 -14.39 -37.11 46.65
CA GLN D 3882 -13.82 -36.07 47.49
C GLN D 3882 -12.33 -36.28 47.64
N ASP D 3883 -11.89 -37.49 48.01
CA ASP D 3883 -10.46 -37.59 48.20
C ASP D 3883 -9.71 -37.80 46.89
N LEU D 3884 -10.42 -38.03 45.78
CA LEU D 3884 -9.75 -37.99 44.47
C LEU D 3884 -9.39 -36.55 44.13
N PHE D 3885 -10.33 -35.63 44.32
CA PHE D 3885 -10.00 -34.24 44.03
C PHE D 3885 -9.09 -33.66 45.09
N ARG D 3886 -9.23 -34.07 46.35
CA ARG D 3886 -8.29 -33.65 47.38
C ARG D 3886 -6.86 -34.09 47.06
N PHE D 3887 -6.70 -35.30 46.49
CA PHE D 3887 -5.40 -35.75 46.02
C PHE D 3887 -4.88 -34.87 44.89
N LEU D 3888 -5.76 -34.54 43.93
CA LEU D 3888 -5.36 -33.67 42.82
C LEU D 3888 -4.99 -32.28 43.33
N GLN D 3889 -5.75 -31.75 44.29
CA GLN D 3889 -5.48 -30.44 44.84
C GLN D 3889 -4.14 -30.43 45.56
N LEU D 3890 -3.87 -31.46 46.39
CA LEU D 3890 -2.62 -31.54 47.12
C LEU D 3890 -1.43 -31.65 46.19
N LEU D 3891 -1.64 -32.24 45.00
CA LEU D 3891 -0.57 -32.32 44.02
C LEU D 3891 -0.13 -30.94 43.57
N CYS D 3892 -1.07 -30.04 43.31
CA CYS D 3892 -0.78 -28.70 42.85
C CYS D 3892 -0.62 -27.70 43.97
N GLU D 3893 -0.75 -28.11 45.23
CA GLU D 3893 -0.71 -27.15 46.33
C GLU D 3893 0.68 -26.57 46.50
N GLY D 3894 0.73 -25.37 47.06
CA GLY D 3894 2.00 -24.68 47.27
C GLY D 3894 2.53 -23.97 46.06
N HIS D 3895 1.67 -23.71 45.06
CA HIS D 3895 2.00 -23.03 43.80
C HIS D 3895 3.13 -23.73 43.06
N ASN D 3896 2.93 -25.02 42.79
CA ASN D 3896 3.92 -25.83 42.09
C ASN D 3896 3.65 -25.71 40.60
N ASN D 3897 4.16 -24.62 40.03
CA ASN D 3897 3.95 -24.30 38.62
C ASN D 3897 4.59 -25.33 37.69
N ASP D 3898 5.62 -26.04 38.16
CA ASP D 3898 6.23 -27.11 37.40
C ASP D 3898 5.24 -28.24 37.14
N PHE D 3899 4.43 -28.58 38.15
CA PHE D 3899 3.53 -29.70 38.00
C PHE D 3899 2.17 -29.24 37.46
N GLN D 3900 1.82 -27.98 37.71
CA GLN D 3900 0.56 -27.43 37.19
C GLN D 3900 0.55 -27.47 35.67
N ASN D 3901 1.70 -27.15 35.04
CA ASN D 3901 1.76 -27.26 33.59
C ASN D 3901 1.73 -28.70 33.15
N TYR D 3902 2.22 -29.61 34.01
CA TYR D 3902 2.27 -31.02 33.66
C TYR D 3902 0.87 -31.61 33.57
N LEU D 3903 -0.02 -31.18 34.48
CA LEU D 3903 -1.40 -31.65 34.40
C LEU D 3903 -2.08 -31.16 33.13
N ARG D 3904 -1.84 -29.89 32.75
CA ARG D 3904 -2.46 -29.35 31.55
C ARG D 3904 -1.97 -30.04 30.29
N THR D 3905 -0.67 -30.32 30.23
CA THR D 3905 -0.12 -31.01 29.07
C THR D 3905 1.09 -31.82 29.49
N GLN D 3906 1.28 -32.94 28.82
CA GLN D 3906 2.40 -33.84 29.08
C GLN D 3906 3.41 -33.75 27.95
N THR D 3907 4.55 -33.14 28.24
CA THR D 3907 5.56 -32.91 27.22
C THR D 3907 6.20 -34.23 26.78
N GLY D 3908 6.64 -35.04 27.75
CA GLY D 3908 7.33 -36.27 27.41
C GLY D 3908 6.44 -37.31 26.77
N ASN D 3909 5.20 -37.43 27.25
CA ASN D 3909 4.31 -38.52 26.87
C ASN D 3909 3.91 -38.43 25.40
N THR D 3910 3.51 -39.57 24.86
CA THR D 3910 3.03 -39.62 23.49
C THR D 3910 1.62 -39.07 23.35
N THR D 3911 0.80 -39.24 24.39
CA THR D 3911 -0.59 -38.77 24.39
C THR D 3911 -0.81 -37.81 25.54
N THR D 3912 -1.46 -36.68 25.26
CA THR D 3912 -1.69 -35.63 26.24
C THR D 3912 -3.15 -35.66 26.66
N ILE D 3913 -3.38 -35.66 27.99
CA ILE D 3913 -4.71 -35.66 28.57
C ILE D 3913 -4.88 -34.40 29.42
N ASN D 3914 -5.91 -33.62 29.11
CA ASN D 3914 -6.16 -32.36 29.82
C ASN D 3914 -7.04 -32.65 31.04
N ILE D 3915 -6.37 -32.73 32.20
CA ILE D 3915 -7.06 -32.99 33.46
C ILE D 3915 -7.96 -31.81 33.81
N ILE D 3916 -7.52 -30.60 33.47
CA ILE D 3916 -8.28 -29.38 33.78
C ILE D 3916 -9.63 -29.40 33.08
N ILE D 3917 -9.62 -29.75 31.79
CA ILE D 3917 -10.85 -29.87 31.00
C ILE D 3917 -11.73 -30.98 31.56
N CYS D 3918 -11.13 -32.13 31.88
CA CYS D 3918 -11.95 -33.24 32.40
C CYS D 3918 -12.57 -32.89 33.75
N THR D 3919 -11.85 -32.11 34.56
CA THR D 3919 -12.36 -31.60 35.83
C THR D 3919 -13.55 -30.69 35.60
N VAL D 3920 -13.47 -29.85 34.56
CA VAL D 3920 -14.58 -28.97 34.22
C VAL D 3920 -15.79 -29.80 33.81
N ASP D 3921 -15.54 -30.84 32.99
CA ASP D 3921 -16.65 -31.66 32.49
C ASP D 3921 -17.37 -32.39 33.62
N TYR D 3922 -16.61 -32.80 34.65
CA TYR D 3922 -17.26 -33.38 35.83
C TYR D 3922 -18.03 -32.31 36.59
N LEU D 3923 -17.49 -31.08 36.62
CA LEU D 3923 -18.14 -29.99 37.33
C LEU D 3923 -19.49 -29.69 36.69
N LEU D 3924 -19.53 -29.68 35.36
CA LEU D 3924 -20.79 -29.50 34.64
C LEU D 3924 -21.77 -30.62 34.96
N ARG D 3925 -21.29 -31.87 34.99
CA ARG D 3925 -22.21 -32.98 35.32
C ARG D 3925 -22.76 -32.86 36.74
N LEU D 3926 -21.96 -32.29 37.64
CA LEU D 3926 -22.41 -32.10 39.02
C LEU D 3926 -23.43 -30.97 39.10
N GLN D 3927 -23.17 -29.87 38.40
CA GLN D 3927 -24.10 -28.76 38.50
C GLN D 3927 -25.39 -29.07 37.76
N GLU D 3928 -25.32 -29.85 36.67
CA GLU D 3928 -26.52 -30.33 36.01
C GLU D 3928 -27.37 -31.15 36.97
N SER D 3929 -26.72 -32.01 37.76
CA SER D 3929 -27.44 -32.79 38.76
C SER D 3929 -28.09 -31.89 39.81
N ILE D 3930 -27.36 -30.90 40.29
CA ILE D 3930 -27.87 -30.00 41.32
C ILE D 3930 -29.01 -29.14 40.78
N SER D 3931 -28.85 -28.60 39.56
CA SER D 3931 -29.89 -27.82 38.90
C SER D 3931 -31.15 -28.64 38.66
N ASP D 3932 -31.00 -29.89 38.23
CA ASP D 3932 -32.17 -30.76 38.10
C ASP D 3932 -32.70 -31.23 39.43
N PHE D 3933 -31.94 -31.07 40.51
CA PHE D 3933 -32.43 -31.40 41.83
C PHE D 3933 -33.22 -30.23 42.41
N TYR D 3934 -32.89 -29.01 41.98
CA TYR D 3934 -33.68 -27.84 42.35
C TYR D 3934 -35.12 -27.94 41.88
N TRP D 3935 -35.33 -28.22 40.59
CA TRP D 3935 -36.68 -28.21 40.02
C TRP D 3935 -37.61 -29.22 40.68
N TYR D 3936 -37.06 -30.31 41.23
CA TYR D 3936 -37.88 -31.26 41.98
C TYR D 3936 -38.37 -30.67 43.29
N TYR D 3937 -37.61 -29.76 43.88
CA TYR D 3937 -37.99 -29.10 45.11
C TYR D 3937 -38.53 -27.69 44.88
N SER D 3938 -38.69 -27.31 43.61
CA SER D 3938 -39.25 -25.99 43.30
C SER D 3938 -40.71 -25.91 43.74
N GLY D 3939 -41.48 -26.95 43.44
CA GLY D 3939 -42.88 -26.97 43.88
C GLY D 3939 -43.00 -27.06 45.39
N LYS D 3940 -42.19 -27.91 46.01
CA LYS D 3940 -42.21 -28.09 47.46
C LYS D 3940 -41.67 -26.85 48.17
N ASP D 3941 -42.16 -26.64 49.39
CA ASP D 3941 -41.70 -25.54 50.21
C ASP D 3941 -40.67 -25.93 51.26
N VAL D 3942 -40.76 -27.15 51.80
CA VAL D 3942 -39.86 -27.62 52.83
C VAL D 3942 -39.04 -28.79 52.27
N ILE D 3943 -37.74 -28.80 52.58
CA ILE D 3943 -36.83 -29.83 52.13
C ILE D 3943 -36.59 -30.81 53.27
N GLU D 3944 -36.89 -32.08 53.01
CA GLU D 3944 -36.83 -33.12 54.05
C GLU D 3944 -35.38 -33.47 54.40
N GLU D 3945 -35.24 -34.44 55.31
CA GLU D 3945 -33.95 -34.78 55.90
C GLU D 3945 -32.99 -35.41 54.87
N GLN D 3946 -33.49 -36.38 54.09
CA GLN D 3946 -32.61 -37.03 53.12
C GLN D 3946 -32.17 -36.04 52.05
N GLY D 3947 -33.09 -35.16 51.63
CA GLY D 3947 -32.72 -34.11 50.69
C GLY D 3947 -31.67 -33.17 51.26
N LYS D 3948 -31.73 -32.93 52.58
CA LYS D 3948 -30.67 -32.16 53.24
C LYS D 3948 -29.34 -32.87 53.16
N ARG D 3949 -29.34 -34.18 53.46
CA ARG D 3949 -28.08 -34.91 53.50
C ARG D 3949 -27.49 -35.06 52.09
N ASN D 3950 -28.36 -35.08 51.08
CA ASN D 3950 -27.92 -35.05 49.69
C ASN D 3950 -27.29 -33.73 49.33
N PHE D 3951 -27.90 -32.63 49.75
CA PHE D 3951 -27.32 -31.32 49.43
C PHE D 3951 -26.00 -31.13 50.16
N SER D 3952 -25.90 -31.63 51.40
CA SER D 3952 -24.68 -31.48 52.19
C SER D 3952 -23.51 -32.19 51.52
N LYS D 3953 -23.74 -33.42 51.03
CA LYS D 3953 -22.63 -34.13 50.40
C LYS D 3953 -22.36 -33.59 49.00
N ALA D 3954 -23.39 -33.17 48.27
CA ALA D 3954 -23.20 -32.65 46.91
C ALA D 3954 -22.41 -31.35 46.95
N MET D 3955 -22.69 -30.50 47.94
CA MET D 3955 -21.99 -29.24 48.02
C MET D 3955 -20.58 -29.43 48.56
N SER D 3956 -20.38 -30.38 49.50
CA SER D 3956 -19.01 -30.67 49.94
C SER D 3956 -18.14 -31.18 48.79
N VAL D 3957 -18.74 -31.95 47.87
CA VAL D 3957 -18.01 -32.36 46.66
C VAL D 3957 -17.76 -31.17 45.75
N ALA D 3958 -18.75 -30.27 45.61
CA ALA D 3958 -18.55 -29.08 44.79
C ALA D 3958 -17.48 -28.16 45.39
N LYS D 3959 -17.37 -28.14 46.72
CA LYS D 3959 -16.30 -27.40 47.39
C LYS D 3959 -14.95 -27.96 47.02
N GLN D 3960 -14.82 -29.30 47.08
CA GLN D 3960 -13.52 -29.90 46.77
C GLN D 3960 -13.13 -29.68 45.32
N VAL D 3961 -14.12 -29.67 44.42
CA VAL D 3961 -13.86 -29.37 43.01
C VAL D 3961 -13.41 -27.93 42.84
N PHE D 3962 -14.09 -26.99 43.52
CA PHE D 3962 -13.74 -25.59 43.35
C PHE D 3962 -12.38 -25.27 43.95
N ASN D 3963 -12.05 -25.90 45.08
CA ASN D 3963 -10.71 -25.73 45.65
C ASN D 3963 -9.63 -26.28 44.73
N SER D 3964 -9.90 -27.43 44.09
CA SER D 3964 -8.93 -27.99 43.14
C SER D 3964 -8.76 -27.07 41.93
N LEU D 3965 -9.87 -26.54 41.42
CA LEU D 3965 -9.78 -25.60 40.30
C LEU D 3965 -9.09 -24.30 40.68
N THR D 3966 -9.18 -23.91 41.96
CA THR D 3966 -8.43 -22.75 42.44
C THR D 3966 -6.94 -23.05 42.40
N GLU D 3967 -6.55 -24.23 42.90
CA GLU D 3967 -5.15 -24.59 42.97
C GLU D 3967 -4.53 -24.77 41.59
N TYR D 3968 -5.36 -25.15 40.60
CA TYR D 3968 -4.84 -25.33 39.24
C TYR D 3968 -4.36 -24.03 38.63
N ILE D 3969 -4.90 -22.90 39.07
CA ILE D 3969 -4.64 -21.61 38.45
C ILE D 3969 -3.90 -20.64 39.35
N GLN D 3970 -3.82 -20.90 40.65
CA GLN D 3970 -3.12 -19.96 41.52
C GLN D 3970 -1.63 -20.02 41.26
N GLY D 3971 -0.96 -18.89 41.46
CA GLY D 3971 0.47 -18.77 41.25
C GLY D 3971 0.99 -17.59 40.43
N PRO D 3972 0.35 -17.21 39.29
CA PRO D 3972 -0.69 -17.85 38.46
C PRO D 3972 -0.14 -18.67 37.29
N CYS D 3973 -0.88 -19.67 36.85
CA CYS D 3973 -0.51 -20.47 35.69
C CYS D 3973 -1.27 -19.94 34.48
N THR D 3974 -0.56 -19.26 33.58
CA THR D 3974 -1.19 -18.62 32.43
C THR D 3974 -1.86 -19.64 31.52
N GLY D 3975 -1.21 -20.79 31.31
CA GLY D 3975 -1.77 -21.82 30.46
C GLY D 3975 -3.09 -22.36 31.00
N ASN D 3976 -3.14 -22.60 32.31
CA ASN D 3976 -4.37 -23.06 32.93
C ASN D 3976 -5.46 -21.99 32.83
N GLN D 3977 -5.08 -20.72 33.00
CA GLN D 3977 -6.06 -19.64 32.86
C GLN D 3977 -6.62 -19.58 31.44
N GLN D 3978 -5.78 -19.86 30.44
CA GLN D 3978 -6.27 -19.88 29.06
C GLN D 3978 -7.19 -21.07 28.82
N SER D 3979 -6.84 -22.22 29.38
CA SER D 3979 -7.69 -23.41 29.23
C SER D 3979 -9.05 -23.19 29.86
N LEU D 3980 -9.08 -22.62 31.08
CA LEU D 3980 -10.36 -22.31 31.71
C LEU D 3980 -11.09 -21.20 30.96
N ALA D 3981 -10.36 -20.31 30.29
CA ALA D 3981 -10.98 -19.24 29.53
C ALA D 3981 -11.74 -19.80 28.35
N HIS D 3982 -11.12 -20.73 27.62
CA HIS D 3982 -11.79 -21.35 26.49
C HIS D 3982 -12.69 -22.52 26.90
N SER D 3983 -12.72 -22.90 28.18
CA SER D 3983 -13.47 -24.08 28.58
C SER D 3983 -14.97 -23.76 28.67
N ARG D 3984 -15.71 -24.72 29.24
CA ARG D 3984 -17.15 -24.67 29.43
C ARG D 3984 -17.50 -24.15 30.83
N LEU D 3985 -16.47 -23.65 31.53
CA LEU D 3985 -16.58 -23.23 32.92
C LEU D 3985 -17.58 -22.09 33.08
N TRP D 3986 -17.65 -21.19 32.10
CA TRP D 3986 -18.59 -20.07 32.15
C TRP D 3986 -20.03 -20.58 32.18
N ASP D 3987 -20.33 -21.59 31.37
CA ASP D 3987 -21.67 -22.19 31.36
C ASP D 3987 -21.98 -22.88 32.68
N ALA D 3988 -20.96 -23.45 33.32
CA ALA D 3988 -21.20 -24.04 34.62
C ALA D 3988 -21.38 -22.98 35.70
N VAL D 3989 -20.66 -21.86 35.58
CA VAL D 3989 -20.78 -20.76 36.52
C VAL D 3989 -22.17 -20.15 36.44
N VAL D 3990 -22.67 -19.93 35.22
CA VAL D 3990 -24.00 -19.36 35.01
C VAL D 3990 -25.06 -20.26 35.64
N GLY D 3991 -24.95 -21.59 35.40
CA GLY D 3991 -25.92 -22.51 35.97
C GLY D 3991 -25.88 -22.53 37.49
N PHE D 3992 -24.65 -22.46 38.06
CA PHE D 3992 -24.52 -22.39 39.51
C PHE D 3992 -25.16 -21.15 40.07
N LEU D 3993 -24.92 -20.00 39.43
CA LEU D 3993 -25.45 -18.72 39.92
C LEU D 3993 -26.98 -18.72 39.89
N HIS D 3994 -27.56 -19.28 38.82
CA HIS D 3994 -29.00 -19.38 38.70
C HIS D 3994 -29.60 -20.24 39.80
N VAL D 3995 -28.95 -21.36 40.14
CA VAL D 3995 -29.52 -22.14 41.24
C VAL D 3995 -29.14 -21.59 42.62
N PHE D 3996 -28.04 -20.83 42.70
CA PHE D 3996 -27.64 -20.20 43.96
C PHE D 3996 -28.65 -19.15 44.38
N ALA D 3997 -29.14 -18.38 43.41
CA ALA D 3997 -30.04 -17.28 43.71
C ALA D 3997 -31.33 -17.82 44.31
N HIS D 3998 -31.91 -18.83 43.67
CA HIS D 3998 -33.20 -19.32 44.12
C HIS D 3998 -33.06 -20.09 45.43
N MET D 3999 -31.87 -20.65 45.71
CA MET D 3999 -31.66 -21.23 47.03
C MET D 3999 -31.55 -20.16 48.11
N MET D 4000 -31.02 -18.97 47.77
CA MET D 4000 -30.93 -17.88 48.74
C MET D 4000 -32.31 -17.53 49.26
N MET D 4001 -33.25 -17.31 48.36
CA MET D 4001 -34.58 -16.88 48.76
C MET D 4001 -35.34 -18.00 49.44
N LYS D 4002 -35.34 -19.21 48.84
CA LYS D 4002 -36.13 -20.30 49.39
C LYS D 4002 -35.65 -20.75 50.76
N LEU D 4003 -34.34 -20.92 50.93
CA LEU D 4003 -33.79 -21.43 52.18
C LEU D 4003 -33.74 -20.42 53.32
N ALA D 4004 -33.94 -19.14 53.05
CA ALA D 4004 -33.97 -18.14 54.10
C ALA D 4004 -35.36 -17.89 54.67
N GLN D 4005 -36.40 -18.49 54.09
CA GLN D 4005 -37.76 -18.31 54.60
C GLN D 4005 -37.96 -18.90 55.99
N ASP D 4006 -37.14 -19.85 56.41
CA ASP D 4006 -37.30 -20.51 57.69
C ASP D 4006 -35.96 -20.61 58.40
N SER D 4007 -36.02 -20.78 59.72
CA SER D 4007 -34.85 -20.92 60.55
C SER D 4007 -34.43 -22.37 60.73
N SER D 4008 -35.14 -23.30 60.10
CA SER D 4008 -34.81 -24.71 60.15
C SER D 4008 -33.73 -25.12 59.16
N GLN D 4009 -33.38 -24.24 58.21
CA GLN D 4009 -32.42 -24.58 57.17
C GLN D 4009 -31.17 -23.72 57.25
N ILE D 4010 -30.85 -23.24 58.45
CA ILE D 4010 -29.68 -22.37 58.63
C ILE D 4010 -28.38 -23.15 58.40
N GLU D 4011 -28.31 -24.40 58.86
CA GLU D 4011 -27.08 -25.19 58.69
C GLU D 4011 -26.77 -25.41 57.21
N LEU D 4012 -27.75 -25.95 56.47
CA LEU D 4012 -27.59 -26.18 55.05
C LEU D 4012 -27.37 -24.87 54.30
N LEU D 4013 -27.89 -23.76 54.84
CA LEU D 4013 -27.65 -22.48 54.19
C LEU D 4013 -26.22 -22.01 54.43
N LYS D 4014 -25.65 -22.25 55.61
CA LYS D 4014 -24.28 -21.79 55.85
C LYS D 4014 -23.26 -22.65 55.08
N GLU D 4015 -23.53 -23.95 54.95
CA GLU D 4015 -22.75 -24.77 54.03
C GLU D 4015 -22.95 -24.34 52.59
N LEU D 4016 -24.15 -23.89 52.24
CA LEU D 4016 -24.32 -23.30 50.92
C LEU D 4016 -23.54 -22.00 50.79
N LEU D 4017 -23.45 -21.21 51.86
CA LEU D 4017 -22.80 -19.90 51.83
C LEU D 4017 -21.31 -20.04 51.51
N ASP D 4018 -20.64 -20.97 52.20
CA ASP D 4018 -19.23 -21.14 51.88
C ASP D 4018 -19.00 -21.68 50.47
N LEU D 4019 -20.03 -22.28 49.83
CA LEU D 4019 -19.87 -22.73 48.46
C LEU D 4019 -19.72 -21.54 47.51
N GLN D 4020 -20.54 -20.48 47.71
CA GLN D 4020 -20.33 -19.26 46.92
C GLN D 4020 -18.98 -18.66 47.24
N LYS D 4021 -18.59 -18.69 48.52
CA LYS D 4021 -17.30 -18.09 48.90
C LYS D 4021 -16.13 -18.76 48.20
N ASP D 4022 -16.14 -20.10 48.13
CA ASP D 4022 -15.10 -20.82 47.40
C ASP D 4022 -15.22 -20.60 45.89
N MET D 4023 -16.45 -20.43 45.40
CA MET D 4023 -16.67 -20.14 43.99
C MET D 4023 -16.06 -18.79 43.62
N VAL D 4024 -16.41 -17.74 44.37
CA VAL D 4024 -15.96 -16.40 44.04
C VAL D 4024 -14.45 -16.31 44.21
N VAL D 4025 -13.88 -17.02 45.19
CA VAL D 4025 -12.43 -17.08 45.32
C VAL D 4025 -11.80 -17.68 44.07
N MET D 4026 -12.44 -18.72 43.49
CA MET D 4026 -11.96 -19.28 42.22
C MET D 4026 -12.05 -18.26 41.08
N LEU D 4027 -13.17 -17.52 41.01
CA LEU D 4027 -13.30 -16.48 39.98
C LEU D 4027 -12.27 -15.37 40.13
N LEU D 4028 -11.99 -14.94 41.37
CA LEU D 4028 -10.94 -13.94 41.57
C LEU D 4028 -9.59 -14.49 41.16
N SER D 4029 -9.30 -15.75 41.52
CA SER D 4029 -8.03 -16.39 41.16
C SER D 4029 -7.89 -16.55 39.65
N LEU D 4030 -9.00 -16.55 38.91
CA LEU D 4030 -8.91 -16.54 37.46
C LEU D 4030 -8.42 -15.20 36.93
N LEU D 4031 -8.60 -14.13 37.69
CA LEU D 4031 -8.31 -12.77 37.23
C LEU D 4031 -6.93 -12.27 37.61
N GLU D 4032 -6.09 -13.08 38.26
CA GLU D 4032 -4.73 -12.66 38.59
C GLU D 4032 -3.92 -12.38 37.33
N GLY D 4033 -3.23 -11.24 37.33
CA GLY D 4033 -2.39 -10.82 36.22
C GLY D 4033 -3.12 -10.62 34.92
N ASN D 4034 -4.29 -9.96 34.96
CA ASN D 4034 -5.08 -9.71 33.77
C ASN D 4034 -4.78 -8.34 33.20
N VAL D 4035 -4.56 -8.28 31.89
CA VAL D 4035 -4.39 -6.99 31.24
C VAL D 4035 -5.76 -6.41 30.93
N VAL D 4036 -5.80 -5.07 30.74
CA VAL D 4036 -7.04 -4.42 30.39
C VAL D 4036 -7.54 -4.91 29.04
N ASN D 4037 -8.86 -5.02 28.91
CA ASN D 4037 -9.57 -5.55 27.73
C ASN D 4037 -9.08 -6.95 27.36
N GLY D 4038 -8.65 -7.71 28.35
CA GLY D 4038 -8.20 -9.07 28.12
C GLY D 4038 -9.33 -10.00 27.72
N MET D 4039 -8.92 -11.12 27.11
CA MET D 4039 -9.87 -12.10 26.61
C MET D 4039 -10.70 -12.68 27.74
N ILE D 4040 -10.03 -13.17 28.80
CA ILE D 4040 -10.70 -13.84 29.90
C ILE D 4040 -11.66 -12.88 30.60
N ALA D 4041 -11.24 -11.61 30.72
CA ALA D 4041 -12.10 -10.60 31.33
C ALA D 4041 -13.33 -10.37 30.47
N ARG D 4042 -13.15 -10.38 29.15
CA ARG D 4042 -14.25 -10.13 28.22
C ARG D 4042 -15.30 -11.24 28.29
N GLN D 4043 -14.86 -12.50 28.28
CA GLN D 4043 -15.82 -13.60 28.47
C GLN D 4043 -16.44 -13.55 29.86
N MET D 4044 -15.66 -13.18 30.88
CA MET D 4044 -16.18 -13.10 32.24
C MET D 4044 -17.28 -12.05 32.36
N VAL D 4045 -17.12 -10.94 31.62
CA VAL D 4045 -18.15 -9.92 31.56
C VAL D 4045 -19.37 -10.46 30.82
N ASP D 4046 -19.16 -11.14 29.68
CA ASP D 4046 -20.29 -11.70 28.94
C ASP D 4046 -21.04 -12.73 29.77
N MET D 4047 -20.31 -13.48 30.61
CA MET D 4047 -20.91 -14.41 31.55
C MET D 4047 -21.79 -13.69 32.54
N LEU D 4048 -21.32 -12.56 33.07
CA LEU D 4048 -22.15 -11.79 33.98
C LEU D 4048 -23.36 -11.20 33.27
N VAL D 4049 -23.20 -10.87 31.98
CA VAL D 4049 -24.31 -10.35 31.19
C VAL D 4049 -25.42 -11.39 31.09
N GLU D 4050 -25.04 -12.64 30.78
CA GLU D 4050 -26.05 -13.68 30.68
C GLU D 4050 -26.66 -14.00 32.04
N SER D 4051 -25.85 -14.01 33.10
CA SER D 4051 -26.34 -14.25 34.44
C SER D 4051 -26.73 -12.97 35.17
N SER D 4052 -27.12 -11.92 34.44
CA SER D 4052 -27.39 -10.60 35.01
C SER D 4052 -28.49 -10.61 36.07
N SER D 4053 -29.61 -11.28 35.76
CA SER D 4053 -30.75 -11.31 36.67
C SER D 4053 -30.42 -12.02 37.97
N ASN D 4054 -29.66 -13.12 37.87
CA ASN D 4054 -29.36 -13.93 39.04
C ASN D 4054 -28.38 -13.22 39.96
N VAL D 4055 -27.32 -12.64 39.40
CA VAL D 4055 -26.32 -11.96 40.23
C VAL D 4055 -26.92 -10.70 40.87
N GLU D 4056 -27.81 -10.00 40.15
CA GLU D 4056 -28.56 -8.90 40.75
C GLU D 4056 -29.44 -9.38 41.90
N MET D 4057 -30.08 -10.53 41.72
CA MET D 4057 -30.86 -11.14 42.80
C MET D 4057 -30.00 -11.53 44.00
N ILE D 4058 -28.74 -11.92 43.76
CA ILE D 4058 -27.75 -12.12 44.83
C ILE D 4058 -27.47 -10.81 45.56
N LEU D 4059 -27.19 -9.75 44.81
CA LEU D 4059 -26.84 -8.47 45.41
C LEU D 4059 -28.03 -7.91 46.17
N LYS D 4060 -29.24 -8.08 45.63
CA LYS D 4060 -30.43 -7.63 46.33
C LYS D 4060 -30.62 -8.41 47.62
N PHE D 4061 -30.20 -9.69 47.64
CA PHE D 4061 -30.25 -10.45 48.88
C PHE D 4061 -29.29 -9.88 49.90
N PHE D 4062 -28.07 -9.55 49.45
CA PHE D 4062 -27.05 -9.12 50.40
C PHE D 4062 -27.39 -7.76 50.98
N ASP D 4063 -27.74 -6.80 50.12
CA ASP D 4063 -27.98 -5.45 50.64
C ASP D 4063 -29.27 -5.41 51.46
N MET D 4064 -30.23 -6.33 51.26
CA MET D 4064 -31.42 -6.18 52.09
C MET D 4064 -31.18 -6.64 53.54
N PHE D 4065 -30.15 -7.46 53.81
CA PHE D 4065 -29.61 -7.56 55.18
C PHE D 4065 -28.66 -6.45 55.58
N LEU D 4066 -27.94 -5.86 54.62
CA LEU D 4066 -26.97 -4.83 55.00
C LEU D 4066 -27.61 -3.47 55.24
N LYS D 4067 -28.43 -3.01 54.31
CA LYS D 4067 -29.10 -1.73 54.46
C LYS D 4067 -30.05 -1.76 55.65
N LEU D 4068 -30.80 -2.86 55.81
CA LEU D 4068 -31.71 -2.96 56.94
C LEU D 4068 -30.96 -3.16 58.27
N LYS D 4069 -29.67 -3.56 58.24
CA LYS D 4069 -28.87 -3.65 59.45
C LYS D 4069 -28.72 -2.29 60.13
N ASP D 4070 -28.75 -1.22 59.34
CA ASP D 4070 -28.67 0.14 59.86
C ASP D 4070 -30.02 0.81 59.87
N ILE D 4071 -30.92 0.44 58.94
CA ILE D 4071 -32.26 1.02 58.88
C ILE D 4071 -33.04 0.67 60.15
N VAL D 4072 -32.79 -0.49 60.76
CA VAL D 4072 -33.43 -0.81 62.04
C VAL D 4072 -32.98 0.19 63.12
N GLY D 4073 -31.73 0.66 63.05
CA GLY D 4073 -31.20 1.67 63.92
C GLY D 4073 -31.56 3.10 63.57
N SER D 4074 -32.27 3.32 62.46
CA SER D 4074 -32.71 4.66 62.08
C SER D 4074 -33.77 5.16 63.06
N GLU D 4075 -33.81 6.49 63.22
CA GLU D 4075 -34.70 7.11 64.19
C GLU D 4075 -36.17 6.89 63.87
N ALA D 4076 -36.56 6.97 62.59
CA ALA D 4076 -37.96 6.75 62.19
C ALA D 4076 -38.43 5.34 62.53
N PHE D 4077 -37.58 4.34 62.29
CA PHE D 4077 -37.91 2.98 62.67
C PHE D 4077 -37.86 2.79 64.18
N GLN D 4078 -36.87 3.39 64.86
CA GLN D 4078 -36.79 3.24 66.31
C GLN D 4078 -37.99 3.87 67.01
N ASP D 4079 -38.45 5.03 66.52
CA ASP D 4079 -39.67 5.63 67.02
C ASP D 4079 -40.88 4.75 66.77
N TYR D 4080 -40.91 4.07 65.61
CA TYR D 4080 -42.00 3.12 65.39
C TYR D 4080 -41.89 1.93 66.34
N VAL D 4081 -40.68 1.55 66.72
CA VAL D 4081 -40.44 0.45 67.67
C VAL D 4081 -40.98 0.86 69.04
N THR D 4082 -41.86 0.04 69.60
CA THR D 4082 -42.52 0.36 70.85
C THR D 4082 -42.33 -0.68 71.95
N ASP D 4083 -42.02 -1.93 71.60
CA ASP D 4083 -41.99 -2.99 72.59
C ASP D 4083 -40.71 -2.90 73.41
N PRO D 4084 -40.79 -2.95 74.74
CA PRO D 4084 -39.57 -2.96 75.58
C PRO D 4084 -38.80 -4.26 75.53
N ARG D 4085 -39.38 -5.36 75.03
CA ARG D 4085 -38.67 -6.63 74.93
C ARG D 4085 -37.72 -6.68 73.75
N GLY D 4086 -37.74 -5.68 72.88
CA GLY D 4086 -36.91 -5.70 71.69
C GLY D 4086 -37.58 -6.39 70.52
N LEU D 4087 -38.87 -6.15 70.36
CA LEU D 4087 -39.65 -6.81 69.32
C LEU D 4087 -40.41 -5.75 68.54
N ILE D 4088 -41.09 -6.18 67.48
CA ILE D 4088 -41.93 -5.31 66.66
C ILE D 4088 -42.96 -6.20 65.98
N SER D 4089 -44.20 -5.72 65.89
CA SER D 4089 -45.22 -6.53 65.25
C SER D 4089 -45.04 -6.47 63.73
N LYS D 4090 -45.64 -7.44 63.04
CA LYS D 4090 -45.57 -7.47 61.57
C LYS D 4090 -46.21 -6.25 60.92
N LYS D 4091 -47.37 -5.82 61.43
CA LYS D 4091 -48.02 -4.61 60.93
C LYS D 4091 -47.14 -3.38 61.15
N ASP D 4092 -46.54 -3.27 62.33
CA ASP D 4092 -45.63 -2.17 62.65
C ASP D 4092 -44.40 -2.20 61.76
N PHE D 4093 -43.88 -3.41 61.49
CA PHE D 4093 -42.72 -3.55 60.62
C PHE D 4093 -43.07 -3.11 59.22
N GLN D 4094 -44.27 -3.47 58.76
CA GLN D 4094 -44.71 -3.12 57.41
C GLN D 4094 -44.82 -1.62 57.27
N LYS D 4095 -45.48 -0.96 58.22
CA LYS D 4095 -45.70 0.48 58.10
C LYS D 4095 -44.48 1.30 58.48
N ALA D 4096 -43.44 0.67 59.06
CA ALA D 4096 -42.20 1.38 59.35
C ALA D 4096 -41.17 1.24 58.25
N MET D 4097 -41.10 0.06 57.61
CA MET D 4097 -40.07 -0.20 56.61
C MET D 4097 -40.21 0.69 55.38
N ASP D 4098 -41.45 0.90 54.92
CA ASP D 4098 -41.71 1.70 53.72
C ASP D 4098 -41.55 3.21 53.95
N SER D 4099 -41.39 3.63 55.22
CA SER D 4099 -41.21 5.05 55.52
C SER D 4099 -39.92 5.60 54.94
N GLN D 4100 -38.90 4.75 54.79
CA GLN D 4100 -37.62 5.16 54.22
C GLN D 4100 -37.70 5.47 52.73
N LYS D 4101 -38.81 5.11 52.06
CA LYS D 4101 -39.04 5.31 50.62
C LYS D 4101 -37.93 4.70 49.77
N GLN D 4102 -37.50 3.49 50.13
CA GLN D 4102 -36.45 2.79 49.42
C GLN D 4102 -36.83 1.41 48.94
N PHE D 4103 -37.66 0.68 49.68
CA PHE D 4103 -38.03 -0.68 49.33
C PHE D 4103 -39.38 -0.70 48.61
N THR D 4104 -39.47 -1.49 47.55
CA THR D 4104 -40.71 -1.58 46.79
C THR D 4104 -41.54 -2.74 47.36
N GLY D 4105 -42.76 -2.90 46.84
CA GLY D 4105 -43.71 -3.91 47.31
C GLY D 4105 -43.27 -5.36 47.31
N PRO D 4106 -42.67 -5.86 46.20
CA PRO D 4106 -42.07 -7.21 46.24
C PRO D 4106 -41.01 -7.35 47.32
N GLU D 4107 -40.22 -6.30 47.56
CA GLU D 4107 -39.15 -6.40 48.55
C GLU D 4107 -39.76 -6.40 49.95
N ILE D 4108 -40.75 -5.53 50.19
CA ILE D 4108 -41.35 -5.40 51.52
C ILE D 4108 -42.01 -6.71 51.90
N GLN D 4109 -42.81 -7.27 50.98
CA GLN D 4109 -43.47 -8.55 51.21
C GLN D 4109 -42.46 -9.69 51.40
N PHE D 4110 -41.43 -9.73 50.54
CA PHE D 4110 -40.43 -10.77 50.62
C PHE D 4110 -39.66 -10.71 51.95
N LEU D 4111 -39.26 -9.51 52.36
CA LEU D 4111 -38.52 -9.37 53.61
C LEU D 4111 -39.39 -9.70 54.81
N LEU D 4112 -40.69 -9.35 54.73
CA LEU D 4112 -41.62 -9.73 55.79
C LEU D 4112 -41.74 -11.24 55.88
N SER D 4113 -41.78 -11.92 54.74
CA SER D 4113 -41.85 -13.38 54.75
C SER D 4113 -40.58 -13.96 55.36
N CYS D 4114 -39.43 -13.37 55.00
CA CYS D 4114 -38.15 -13.82 55.53
C CYS D 4114 -38.03 -13.61 57.04
N SER D 4115 -38.75 -12.62 57.58
CA SER D 4115 -38.67 -12.31 59.00
C SER D 4115 -39.20 -13.48 59.84
N GLU D 4116 -38.55 -13.70 60.99
CA GLU D 4116 -38.92 -14.79 61.89
C GLU D 4116 -40.09 -14.35 62.78
N ALA D 4117 -41.26 -14.31 62.16
CA ALA D 4117 -42.49 -14.01 62.88
C ALA D 4117 -42.83 -15.17 63.81
N ASP D 4118 -43.04 -14.85 65.09
CA ASP D 4118 -43.35 -15.87 66.09
C ASP D 4118 -44.83 -16.23 65.99
N GLU D 4119 -45.33 -16.98 66.99
CA GLU D 4119 -46.76 -17.30 67.05
C GLU D 4119 -47.64 -16.07 67.29
N ASN D 4120 -47.07 -14.96 67.77
CA ASN D 4120 -47.81 -13.73 67.98
C ASN D 4120 -47.62 -12.73 66.86
N GLU D 4121 -46.95 -13.13 65.76
CA GLU D 4121 -46.60 -12.29 64.61
C GLU D 4121 -45.82 -11.06 65.06
N MET D 4122 -44.97 -11.26 66.05
CA MET D 4122 -44.26 -10.20 66.76
C MET D 4122 -42.79 -10.42 66.39
N ILE D 4123 -42.33 -9.72 65.35
CA ILE D 4123 -41.03 -9.98 64.74
C ILE D 4123 -39.91 -9.66 65.72
N ASN D 4124 -39.10 -10.68 66.03
CA ASN D 4124 -37.93 -10.52 66.88
C ASN D 4124 -36.79 -10.05 65.98
N PHE D 4125 -36.78 -8.74 65.70
CA PHE D 4125 -35.81 -8.14 64.79
C PHE D 4125 -34.40 -8.06 65.38
N GLU D 4126 -34.20 -8.49 66.63
CA GLU D 4126 -32.86 -8.50 67.23
C GLU D 4126 -31.93 -9.45 66.48
N GLU D 4127 -32.42 -10.62 66.08
CA GLU D 4127 -31.59 -11.59 65.38
C GLU D 4127 -31.92 -11.71 63.90
N PHE D 4128 -33.01 -11.11 63.43
CA PHE D 4128 -33.36 -11.14 62.01
C PHE D 4128 -32.26 -10.47 61.18
N ALA D 4129 -31.79 -9.31 61.61
CA ALA D 4129 -30.72 -8.65 60.88
C ALA D 4129 -29.37 -9.31 61.15
N ASN D 4130 -29.14 -9.78 62.37
CA ASN D 4130 -27.82 -10.24 62.80
C ASN D 4130 -27.59 -11.74 62.56
N ARG D 4131 -28.52 -12.43 61.92
CA ARG D 4131 -28.39 -13.88 61.75
C ARG D 4131 -27.26 -14.24 60.80
N PHE D 4132 -27.22 -13.62 59.62
CA PHE D 4132 -26.27 -13.98 58.56
C PHE D 4132 -25.28 -12.88 58.22
N GLN D 4133 -25.15 -11.83 59.06
CA GLN D 4133 -24.29 -10.69 58.72
C GLN D 4133 -22.82 -11.11 58.57
N GLU D 4134 -22.34 -11.95 59.48
CA GLU D 4134 -20.94 -12.39 59.41
C GLU D 4134 -20.63 -13.22 58.16
N PRO D 4135 -21.33 -14.34 57.85
CA PRO D 4135 -20.95 -15.08 56.63
C PRO D 4135 -21.17 -14.32 55.33
N ALA D 4136 -22.26 -13.52 55.24
CA ALA D 4136 -22.54 -12.80 54.01
C ALA D 4136 -21.63 -11.61 53.79
N ARG D 4137 -20.82 -11.24 54.79
CA ARG D 4137 -19.86 -10.16 54.64
C ARG D 4137 -18.77 -10.54 53.66
N ASP D 4138 -18.26 -11.76 53.76
CA ASP D 4138 -17.13 -12.18 52.96
C ASP D 4138 -17.51 -12.27 51.49
N ILE D 4139 -18.63 -12.93 51.21
CA ILE D 4139 -19.09 -13.08 49.83
C ILE D 4139 -19.44 -11.72 49.23
N GLY D 4140 -20.11 -10.84 49.99
CA GLY D 4140 -20.40 -9.50 49.49
C GLY D 4140 -19.14 -8.71 49.19
N PHE D 4141 -18.11 -8.90 50.02
CA PHE D 4141 -16.83 -8.23 49.79
C PHE D 4141 -16.17 -8.77 48.53
N ASN D 4142 -16.22 -10.07 48.33
CA ASN D 4142 -15.51 -10.66 47.22
C ASN D 4142 -16.19 -10.33 45.89
N VAL D 4143 -17.53 -10.31 45.87
CA VAL D 4143 -18.22 -9.91 44.64
C VAL D 4143 -17.98 -8.43 44.38
N ALA D 4144 -17.80 -7.62 45.44
CA ALA D 4144 -17.40 -6.23 45.26
C ALA D 4144 -16.01 -6.13 44.63
N VAL D 4145 -15.07 -6.95 45.09
CA VAL D 4145 -13.73 -6.99 44.52
C VAL D 4145 -13.77 -7.40 43.06
N LEU D 4146 -14.59 -8.41 42.76
CA LEU D 4146 -14.73 -8.89 41.39
C LEU D 4146 -15.30 -7.82 40.48
N LEU D 4147 -16.32 -7.12 40.94
CA LEU D 4147 -16.94 -6.08 40.12
C LEU D 4147 -16.02 -4.88 39.95
N THR D 4148 -15.26 -4.52 40.99
CA THR D 4148 -14.28 -3.45 40.87
C THR D 4148 -13.19 -3.82 39.88
N ASN D 4149 -12.71 -5.06 39.94
CA ASN D 4149 -11.65 -5.55 39.07
C ASN D 4149 -12.10 -5.54 37.62
N LEU D 4150 -13.32 -6.03 37.37
CA LEU D 4150 -13.83 -6.07 36.00
C LEU D 4150 -14.07 -4.67 35.47
N SER D 4151 -14.59 -3.77 36.32
CA SER D 4151 -14.89 -2.41 35.88
C SER D 4151 -13.61 -1.69 35.48
N GLU D 4152 -12.53 -1.88 36.27
CA GLU D 4152 -11.28 -1.19 35.96
C GLU D 4152 -10.59 -1.80 34.75
N HIS D 4153 -10.64 -3.13 34.59
CA HIS D 4153 -9.94 -3.76 33.48
C HIS D 4153 -10.75 -3.85 32.21
N VAL D 4154 -12.04 -3.54 32.22
CA VAL D 4154 -12.81 -3.45 30.99
C VAL D 4154 -13.53 -2.10 31.08
N PRO D 4155 -12.87 -1.01 30.69
CA PRO D 4155 -13.41 0.32 31.02
C PRO D 4155 -14.54 0.79 30.14
N HIS D 4156 -14.63 0.32 28.89
CA HIS D 4156 -15.57 0.88 27.92
C HIS D 4156 -16.66 -0.11 27.54
N ASP D 4157 -17.22 -0.81 28.53
CA ASP D 4157 -18.31 -1.75 28.29
C ASP D 4157 -19.59 -1.23 28.92
N PRO D 4158 -20.53 -0.70 28.12
CA PRO D 4158 -21.83 -0.25 28.69
C PRO D 4158 -22.62 -1.34 29.38
N ARG D 4159 -22.50 -2.58 28.87
CA ARG D 4159 -23.18 -3.70 29.52
C ARG D 4159 -22.64 -3.89 30.91
N LEU D 4160 -21.32 -3.76 31.08
CA LEU D 4160 -20.70 -3.79 32.39
C LEU D 4160 -21.15 -2.61 33.22
N ARG D 4161 -21.30 -1.44 32.58
CA ARG D 4161 -21.68 -0.21 33.27
C ARG D 4161 -23.01 -0.36 33.97
N ASN D 4162 -23.98 -1.02 33.33
CA ASN D 4162 -25.31 -1.21 33.92
C ASN D 4162 -25.25 -1.95 35.25
N PHE D 4163 -24.28 -2.87 35.38
CA PHE D 4163 -24.11 -3.58 36.64
C PHE D 4163 -23.65 -2.65 37.75
N LEU D 4164 -22.93 -1.57 37.39
CA LEU D 4164 -22.41 -0.68 38.43
C LEU D 4164 -23.57 -0.01 39.18
N GLU D 4165 -24.60 0.45 38.46
CA GLU D 4165 -25.79 0.95 39.13
C GLU D 4165 -26.58 -0.17 39.80
N LEU D 4166 -26.55 -1.39 39.25
CA LEU D 4166 -27.21 -2.48 39.97
C LEU D 4166 -26.49 -2.88 41.25
N ALA D 4167 -25.17 -2.67 41.31
CA ALA D 4167 -24.33 -3.03 42.44
C ALA D 4167 -23.87 -1.86 43.29
N GLU D 4168 -24.44 -0.66 43.07
CA GLU D 4168 -23.97 0.55 43.75
C GLU D 4168 -24.17 0.53 45.27
N SER D 4169 -25.13 -0.24 45.78
CA SER D 4169 -25.34 -0.27 47.23
C SER D 4169 -24.20 -0.99 47.94
N ILE D 4170 -23.80 -2.15 47.39
CA ILE D 4170 -22.74 -2.94 47.99
C ILE D 4170 -21.40 -2.22 47.87
N LEU D 4171 -21.13 -1.66 46.68
CA LEU D 4171 -19.86 -0.99 46.43
C LEU D 4171 -19.70 0.21 47.34
N GLU D 4172 -20.79 0.95 47.56
CA GLU D 4172 -20.77 2.08 48.49
C GLU D 4172 -20.52 1.59 49.91
N TYR D 4173 -21.13 0.46 50.29
CA TYR D 4173 -20.94 -0.06 51.65
C TYR D 4173 -19.50 -0.50 51.87
N PHE D 4174 -18.89 -1.14 50.87
CA PHE D 4174 -17.55 -1.68 51.04
C PHE D 4174 -16.46 -0.75 50.55
N ARG D 4175 -16.83 0.45 50.11
CA ARG D 4175 -15.84 1.45 49.72
C ARG D 4175 -14.83 1.80 50.81
N PRO D 4176 -15.18 2.02 52.10
CA PRO D 4176 -14.13 2.37 53.08
C PRO D 4176 -13.13 1.24 53.39
N TYR D 4177 -13.43 -0.02 53.04
CA TYR D 4177 -12.58 -1.13 53.47
C TYR D 4177 -11.82 -1.78 52.33
N LEU D 4178 -12.18 -1.50 51.09
CA LEU D 4178 -11.51 -2.09 49.94
C LEU D 4178 -10.24 -1.32 49.65
N GLY D 4179 -9.10 -2.00 49.59
CA GLY D 4179 -7.82 -1.34 49.34
C GLY D 4179 -7.20 -1.88 48.07
N ARG D 4180 -6.61 -0.99 47.29
CA ARG D 4180 -6.01 -1.39 46.03
C ARG D 4180 -4.59 -0.85 46.02
N ILE D 4181 -3.64 -1.68 45.60
CA ILE D 4181 -2.26 -1.28 45.47
C ILE D 4181 -1.75 -1.73 44.11
N GLU D 4182 -0.72 -1.06 43.62
CA GLU D 4182 -0.09 -1.47 42.37
C GLU D 4182 1.32 -1.96 42.66
N ILE D 4183 1.66 -3.10 42.08
CA ILE D 4183 2.99 -3.68 42.21
C ILE D 4183 3.56 -3.97 40.84
N MET D 4184 4.89 -4.06 40.78
CA MET D 4184 5.52 -4.53 39.56
C MET D 4184 5.49 -6.05 39.64
N GLY D 4185 4.70 -6.68 38.81
CA GLY D 4185 4.48 -8.11 38.95
C GLY D 4185 5.60 -8.93 38.36
N ALA D 4186 5.50 -10.25 38.61
CA ALA D 4186 6.50 -11.19 38.09
C ALA D 4186 6.51 -11.22 36.58
N SER D 4187 5.37 -10.87 35.97
CA SER D 4187 5.16 -10.85 34.53
C SER D 4187 5.94 -9.73 33.84
N ARG D 4188 6.52 -8.80 34.64
CA ARG D 4188 7.26 -7.59 34.25
C ARG D 4188 6.31 -6.48 33.83
N ARG D 4189 5.08 -6.53 34.33
CA ARG D 4189 4.10 -5.49 34.12
C ARG D 4189 3.40 -5.17 35.43
N ILE D 4190 2.96 -3.92 35.55
CA ILE D 4190 2.26 -3.45 36.74
C ILE D 4190 0.92 -4.17 36.88
N GLU D 4191 0.62 -4.60 38.12
CA GLU D 4191 -0.61 -5.33 38.43
C GLU D 4191 -1.26 -4.76 39.68
N ARG D 4192 -2.59 -4.75 39.69
CA ARG D 4192 -3.35 -4.19 40.81
C ARG D 4192 -3.83 -5.30 41.74
N ILE D 4193 -3.59 -5.12 43.04
CA ILE D 4193 -3.94 -6.09 44.07
C ILE D 4193 -5.03 -5.49 44.95
N TYR D 4194 -6.09 -6.25 45.22
CA TYR D 4194 -7.19 -5.80 46.05
C TYR D 4194 -7.19 -6.58 47.36
N PHE D 4195 -7.27 -5.87 48.49
CA PHE D 4195 -7.18 -6.45 49.82
C PHE D 4195 -8.21 -5.83 50.75
N GLU D 4196 -8.29 -6.41 51.96
CA GLU D 4196 -9.21 -5.94 53.00
C GLU D 4196 -8.51 -5.12 54.07
N ILE D 4197 -9.02 -3.92 54.34
CA ILE D 4197 -8.52 -3.08 55.43
C ILE D 4197 -9.47 -3.23 56.62
N SER D 4198 -8.93 -3.64 57.77
CA SER D 4198 -9.83 -3.84 58.91
C SER D 4198 -10.29 -2.49 59.45
N GLU D 4199 -11.45 -2.51 60.12
CA GLU D 4199 -12.03 -1.28 60.67
C GLU D 4199 -11.10 -0.72 61.73
N THR D 4200 -10.56 -1.61 62.57
CA THR D 4200 -9.70 -1.20 63.67
C THR D 4200 -8.46 -0.54 63.12
N ASN D 4201 -7.87 -1.13 62.05
CA ASN D 4201 -6.65 -0.59 61.47
C ASN D 4201 -6.93 0.78 60.91
N ARG D 4202 -8.10 0.94 60.26
CA ARG D 4202 -8.44 2.22 59.62
C ARG D 4202 -8.53 3.31 60.68
N ALA D 4203 -9.20 2.99 61.81
CA ALA D 4203 -9.35 3.97 62.88
C ALA D 4203 -8.01 4.33 63.50
N GLN D 4204 -7.18 3.31 63.76
CA GLN D 4204 -5.86 3.55 64.37
C GLN D 4204 -5.01 4.38 63.42
N TRP D 4205 -5.16 4.14 62.12
CA TRP D 4205 -4.40 4.89 61.14
C TRP D 4205 -4.81 6.34 61.19
N GLU D 4206 -6.11 6.60 61.38
CA GLU D 4206 -6.56 7.98 61.32
C GLU D 4206 -6.41 8.67 62.67
N MET D 4207 -5.89 7.96 63.67
CA MET D 4207 -5.62 8.56 64.98
C MET D 4207 -4.57 9.67 64.83
N PRO D 4208 -4.66 10.74 65.64
CA PRO D 4208 -3.75 11.89 65.47
C PRO D 4208 -2.27 11.61 65.65
N GLN D 4209 -1.91 10.72 66.59
CA GLN D 4209 -0.50 10.38 66.82
C GLN D 4209 0.13 9.76 65.59
N VAL D 4210 -0.58 8.84 64.93
CA VAL D 4210 -0.05 8.17 63.76
C VAL D 4210 0.12 9.20 62.65
N LYS D 4211 -0.77 10.18 62.58
CA LYS D 4211 -0.72 11.19 61.52
C LYS D 4211 0.51 12.06 61.70
N GLU D 4212 0.83 12.39 62.95
CA GLU D 4212 2.03 13.17 63.23
C GLU D 4212 3.27 12.34 62.91
N SER D 4213 3.22 11.05 63.22
CA SER D 4213 4.32 10.13 62.94
C SER D 4213 4.58 10.07 61.44
N LYS D 4214 3.51 10.02 60.65
CA LYS D 4214 3.61 10.02 59.20
C LYS D 4214 4.23 11.31 58.71
N ARG D 4215 3.80 12.46 59.24
CA ARG D 4215 4.29 13.73 58.74
C ARG D 4215 5.76 13.90 59.07
N GLN D 4216 6.15 13.41 60.25
CA GLN D 4216 7.55 13.41 60.68
C GLN D 4216 8.39 12.57 59.73
N PHE D 4217 7.88 11.37 59.39
CA PHE D 4217 8.62 10.46 58.51
C PHE D 4217 8.80 11.09 57.14
N ILE D 4218 7.73 11.69 56.61
CA ILE D 4218 7.78 12.27 55.26
C ILE D 4218 8.80 13.39 55.23
N PHE D 4219 8.82 14.21 56.30
CA PHE D 4219 9.76 15.32 56.37
C PHE D 4219 11.19 14.82 56.39
N ASP D 4220 11.47 13.79 57.21
CA ASP D 4220 12.83 13.27 57.31
C ASP D 4220 13.28 12.63 56.01
N VAL D 4221 12.39 11.85 55.38
CA VAL D 4221 12.73 11.12 54.16
C VAL D 4221 12.98 12.08 52.99
N VAL D 4222 12.17 13.14 52.83
CA VAL D 4222 12.45 14.10 51.77
C VAL D 4222 13.66 14.97 52.11
N ASN D 4223 13.72 15.50 53.33
CA ASN D 4223 14.78 16.44 53.67
C ASN D 4223 16.13 15.76 53.82
N GLU D 4224 16.19 14.62 54.51
CA GLU D 4224 17.46 13.97 54.82
C GLU D 4224 17.39 12.49 54.39
N GLY D 4225 17.24 12.27 53.09
CA GLY D 4225 17.08 10.91 52.60
C GLY D 4225 17.42 10.82 51.14
N GLY D 4226 17.73 9.59 50.71
CA GLY D 4226 18.03 9.30 49.32
C GLY D 4226 16.92 8.53 48.64
N GLU D 4227 16.85 8.67 47.32
CA GLU D 4227 15.85 7.96 46.53
C GLU D 4227 16.08 6.45 46.61
N ALA D 4228 17.37 6.05 46.64
CA ALA D 4228 17.72 4.64 46.63
C ALA D 4228 17.20 3.96 47.89
N GLU D 4229 17.32 4.62 49.03
CA GLU D 4229 16.94 4.03 50.31
C GLU D 4229 15.53 4.42 50.71
N LYS D 4230 14.84 5.18 49.86
CA LYS D 4230 13.50 5.69 50.19
C LYS D 4230 12.52 4.55 50.45
N MET D 4231 12.57 3.51 49.62
CA MET D 4231 11.63 2.39 49.74
C MET D 4231 11.92 1.57 50.98
N GLU D 4232 13.20 1.40 51.32
CA GLU D 4232 13.57 0.67 52.53
C GLU D 4232 13.12 1.43 53.76
N LEU D 4233 13.33 2.76 53.76
CA LEU D 4233 12.93 3.57 54.90
C LEU D 4233 11.41 3.55 55.05
N PHE D 4234 10.70 3.58 53.93
CA PHE D 4234 9.25 3.52 53.95
C PHE D 4234 8.75 2.20 54.51
N VAL D 4235 9.42 1.09 54.20
CA VAL D 4235 8.98 -0.19 54.75
C VAL D 4235 9.31 -0.26 56.24
N SER D 4236 10.43 0.36 56.65
CA SER D 4236 10.76 0.41 58.08
C SER D 4236 9.71 1.20 58.85
N PHE D 4237 9.29 2.34 58.28
CA PHE D 4237 8.21 3.13 58.85
C PHE D 4237 6.91 2.34 58.95
N CYS D 4238 6.59 1.58 57.89
CA CYS D 4238 5.39 0.76 57.90
C CYS D 4238 5.43 -0.28 59.01
N GLU D 4239 6.57 -0.95 59.18
CA GLU D 4239 6.69 -1.97 60.22
C GLU D 4239 6.55 -1.36 61.62
N ASP D 4240 7.18 -0.20 61.83
CA ASP D 4240 7.02 0.49 63.10
C ASP D 4240 5.58 0.88 63.36
N THR D 4241 4.87 1.35 62.33
CA THR D 4241 3.47 1.72 62.50
C THR D 4241 2.59 0.51 62.79
N ILE D 4242 2.88 -0.63 62.16
CA ILE D 4242 2.12 -1.85 62.46
C ILE D 4242 2.33 -2.28 63.89
N PHE D 4243 3.58 -2.25 64.38
CA PHE D 4243 3.83 -2.63 65.77
C PHE D 4243 3.18 -1.65 66.74
N GLU D 4244 3.19 -0.35 66.40
CA GLU D 4244 2.48 0.65 67.19
C GLU D 4244 0.99 0.35 67.27
N MET D 4245 0.39 -0.02 66.14
CA MET D 4245 -1.03 -0.37 66.11
C MET D 4245 -1.33 -1.59 66.95
N GLN D 4246 -0.46 -2.60 66.89
CA GLN D 4246 -0.65 -3.80 67.72
C GLN D 4246 -0.56 -3.46 69.21
N ILE D 4247 0.39 -2.61 69.59
CA ILE D 4247 0.53 -2.20 70.99
C ILE D 4247 -0.69 -1.40 71.44
N ALA D 4248 -1.18 -0.51 70.57
CA ALA D 4248 -2.37 0.28 70.88
C ALA D 4248 -3.61 -0.58 71.04
N ALA D 4249 -3.76 -1.59 70.16
CA ALA D 4249 -4.87 -2.52 70.27
C ALA D 4249 -4.78 -3.34 71.54
N GLN D 4250 -3.57 -3.75 71.92
CA GLN D 4250 -3.38 -4.49 73.17
C GLN D 4250 -3.76 -3.65 74.38
N ILE D 4251 -3.34 -2.38 74.41
CA ILE D 4251 -3.63 -1.55 75.58
C ILE D 4251 -5.04 -0.99 75.57
N SER D 4252 -5.74 -1.05 74.44
CA SER D 4252 -7.11 -0.56 74.38
C SER D 4252 -8.03 -1.43 75.22
N GLU D 4253 -9.09 -0.81 75.73
CA GLU D 4253 -10.04 -1.50 76.58
C GLU D 4253 -11.45 -1.42 75.99
N PRO D 4254 -12.26 -2.48 76.14
CA PRO D 4254 -13.62 -2.47 75.61
C PRO D 4254 -14.55 -1.57 76.41
N PHE D 4540 -5.49 -16.07 94.34
CA PHE D 4540 -5.72 -14.63 94.23
C PHE D 4540 -4.62 -13.92 93.44
N TRP D 4541 -3.60 -14.71 93.07
CA TRP D 4541 -2.53 -14.20 92.22
C TRP D 4541 -3.07 -13.79 90.86
N GLY D 4542 -4.02 -14.57 90.33
CA GLY D 4542 -4.67 -14.17 89.09
C GLY D 4542 -5.45 -12.88 89.24
N GLU D 4543 -6.08 -12.69 90.40
CA GLU D 4543 -6.91 -11.51 90.67
C GLU D 4543 -6.04 -10.25 90.65
N LEU D 4544 -4.93 -10.28 91.41
CA LEU D 4544 -4.03 -9.14 91.40
C LEU D 4544 -3.44 -8.94 90.01
N GLU D 4545 -3.08 -10.04 89.32
CA GLU D 4545 -2.48 -9.92 87.99
C GLU D 4545 -3.44 -9.20 87.04
N VAL D 4546 -4.74 -9.55 87.13
CA VAL D 4546 -5.83 -8.95 86.34
C VAL D 4546 -5.85 -7.44 86.55
N GLN D 4547 -5.92 -7.05 87.84
CA GLN D 4547 -6.01 -5.62 88.15
C GLN D 4547 -4.74 -4.92 87.70
N ARG D 4548 -3.60 -5.61 87.79
CA ARG D 4548 -2.32 -5.05 87.37
C ARG D 4548 -2.33 -4.71 85.89
N VAL D 4549 -2.83 -5.62 85.02
CA VAL D 4549 -2.93 -5.27 83.59
C VAL D 4549 -3.90 -4.13 83.40
N LYS D 4550 -5.00 -4.11 84.17
CA LYS D 4550 -6.01 -3.07 84.00
C LYS D 4550 -5.42 -1.69 84.30
N PHE D 4551 -4.61 -1.64 85.37
CA PHE D 4551 -3.93 -0.41 85.77
C PHE D 4551 -2.92 -0.01 84.71
N LEU D 4552 -2.11 -0.99 84.26
CA LEU D 4552 -1.05 -0.71 83.29
C LEU D 4552 -1.65 -0.19 81.98
N ASN D 4553 -2.80 -0.75 81.57
CA ASN D 4553 -3.48 -0.26 80.38
C ASN D 4553 -3.98 1.16 80.60
N TYR D 4554 -4.43 1.45 81.83
CA TYR D 4554 -4.97 2.79 82.11
C TYR D 4554 -3.86 3.81 81.99
N LEU D 4555 -2.71 3.49 82.57
CA LEU D 4555 -1.54 4.38 82.55
C LEU D 4555 -1.08 4.61 81.12
N SER D 4556 -1.01 3.52 80.33
CA SER D 4556 -0.53 3.62 78.96
C SER D 4556 -1.50 4.44 78.11
N ARG D 4557 -2.81 4.23 78.32
CA ARG D 4557 -3.82 4.98 77.58
C ARG D 4557 -3.78 6.46 77.93
N ASN D 4558 -3.44 6.80 79.17
CA ASN D 4558 -3.47 8.18 79.62
C ASN D 4558 -2.08 8.70 79.97
N PHE D 4559 -1.06 8.23 79.24
CA PHE D 4559 0.31 8.68 79.46
C PHE D 4559 0.49 10.17 79.13
N TYR D 4560 -0.09 10.63 78.03
CA TYR D 4560 0.10 12.02 77.61
C TYR D 4560 -0.61 12.98 78.55
N THR D 4561 -1.79 12.57 79.04
CA THR D 4561 -2.52 13.36 80.02
C THR D 4561 -1.74 13.45 81.33
N LEU D 4562 -1.08 12.36 81.72
CA LEU D 4562 -0.25 12.36 82.92
C LEU D 4562 0.91 13.34 82.78
N ARG D 4563 1.57 13.35 81.61
CA ARG D 4563 2.68 14.27 81.36
C ARG D 4563 2.22 15.73 81.38
N PHE D 4564 1.04 15.99 80.83
CA PHE D 4564 0.46 17.33 80.88
C PHE D 4564 0.13 17.74 82.32
N LEU D 4565 -0.38 16.78 83.10
CA LEU D 4565 -0.66 17.06 84.51
C LEU D 4565 0.63 17.38 85.25
N ALA D 4566 1.71 16.66 84.91
CA ALA D 4566 2.98 16.86 85.58
C ALA D 4566 3.51 18.26 85.31
N LEU D 4567 3.31 18.74 84.08
CA LEU D 4567 3.68 20.11 83.73
C LEU D 4567 2.86 21.13 84.50
N PHE D 4568 1.54 20.87 84.62
CA PHE D 4568 0.68 21.76 85.40
C PHE D 4568 1.13 21.79 86.85
N LEU D 4569 1.48 20.61 87.39
CA LEU D 4569 1.84 20.48 88.79
C LEU D 4569 3.13 21.23 89.08
N ALA D 4570 4.06 21.20 88.13
CA ALA D 4570 5.30 21.98 88.28
C ALA D 4570 5.00 23.46 88.24
N PHE D 4571 4.08 23.90 87.36
CA PHE D 4571 3.75 25.32 87.27
C PHE D 4571 3.11 25.80 88.56
N ALA D 4572 2.28 24.96 89.17
CA ALA D 4572 1.58 25.36 90.38
C ALA D 4572 2.51 25.36 91.59
N ILE D 4573 3.44 24.39 91.66
CA ILE D 4573 4.43 24.41 92.73
C ILE D 4573 5.31 25.65 92.62
N ASN D 4574 5.72 26.01 91.39
CA ASN D 4574 6.55 27.18 91.19
C ASN D 4574 5.82 28.47 91.58
N PHE D 4575 4.52 28.53 91.26
CA PHE D 4575 3.70 29.67 91.68
C PHE D 4575 3.66 29.76 93.19
N ILE D 4576 3.52 28.62 93.87
CA ILE D 4576 3.52 28.64 95.34
C ILE D 4576 4.90 29.08 95.83
N LEU D 4577 5.96 28.69 95.12
CA LEU D 4577 7.34 28.98 95.49
C LEU D 4577 7.70 30.44 95.27
N LEU D 4578 6.82 31.21 94.64
CA LEU D 4578 7.12 32.61 94.38
C LEU D 4578 6.74 33.47 95.57
N PHE D 4579 6.29 32.86 96.67
CA PHE D 4579 5.89 33.54 97.89
C PHE D 4579 6.87 33.29 99.02
N TYR D 4580 7.99 32.62 98.76
CA TYR D 4580 8.96 32.30 99.79
C TYR D 4580 9.74 33.53 100.24
N LYS D 4581 9.96 33.62 101.54
CA LYS D 4581 10.73 34.71 102.13
C LYS D 4581 11.81 34.09 103.01
N VAL D 4582 12.89 34.84 103.24
CA VAL D 4582 13.97 34.43 104.12
C VAL D 4582 14.09 35.40 105.28
N SER D 4583 14.25 34.87 106.49
CA SER D 4583 14.40 35.72 107.67
C SER D 4583 15.48 35.15 108.57
N ASP D 4584 16.19 36.04 109.26
CA ASP D 4584 17.14 35.58 110.26
C ASP D 4584 16.42 34.93 111.44
N SER D 4585 15.33 35.54 111.90
CA SER D 4585 14.56 35.00 113.00
C SER D 4585 13.74 33.80 112.54
N PRO D 4586 13.41 32.87 113.45
CA PRO D 4586 12.52 31.77 113.09
C PRO D 4586 11.12 32.31 112.85
N PRO D 4587 10.30 31.65 111.97
CA PRO D 4587 8.96 31.99 111.46
C PRO D 4587 8.09 33.05 112.15
N ASN D 4626 25.67 30.95 111.96
CA ASN D 4626 24.42 31.63 111.69
C ASN D 4626 23.48 30.74 110.88
N MET D 4627 22.19 31.01 110.97
CA MET D 4627 21.18 30.23 110.26
C MET D 4627 20.06 31.15 109.80
N VAL D 4628 19.59 30.93 108.58
CA VAL D 4628 18.47 31.67 108.01
C VAL D 4628 17.30 30.70 107.84
N TYR D 4629 16.09 31.19 108.08
CA TYR D 4629 14.88 30.40 108.04
C TYR D 4629 14.10 30.77 106.78
N TYR D 4630 13.93 29.80 105.89
CA TYR D 4630 13.13 29.98 104.69
C TYR D 4630 11.69 29.59 105.02
N PHE D 4631 10.74 30.48 104.75
CA PHE D 4631 9.36 30.10 104.99
C PHE D 4631 8.43 30.81 104.03
N LEU D 4632 7.29 30.18 103.77
CA LEU D 4632 6.28 30.81 102.95
C LEU D 4632 5.65 31.95 103.74
N GLU D 4633 5.25 33.00 103.04
CA GLU D 4633 4.51 34.09 103.67
C GLU D 4633 3.30 34.42 102.82
N GLU D 4634 2.13 33.92 103.22
CA GLU D 4634 0.87 34.24 102.57
C GLU D 4634 -0.19 34.48 103.63
N SER D 4635 -1.06 35.45 103.37
CA SER D 4635 -2.12 35.78 104.32
C SER D 4635 -3.17 34.68 104.43
N THR D 4636 -3.56 34.09 103.30
CA THR D 4636 -4.64 33.10 103.27
C THR D 4636 -4.37 31.87 104.12
N GLY D 4637 -3.14 31.35 104.12
CA GLY D 4637 -2.83 30.16 104.87
C GLY D 4637 -3.01 28.88 104.10
N TYR D 4638 -3.66 28.96 102.93
CA TYR D 4638 -3.95 27.80 102.09
C TYR D 4638 -2.71 27.22 101.44
N MET D 4639 -1.78 28.10 101.02
CA MET D 4639 -0.63 27.69 100.20
C MET D 4639 0.28 26.68 100.89
N GLU D 4640 0.50 26.81 102.21
CA GLU D 4640 1.40 25.88 102.89
C GLU D 4640 0.87 24.44 102.84
N PRO D 4641 -0.42 24.13 103.17
CA PRO D 4641 -0.95 22.78 102.90
C PRO D 4641 -0.76 22.29 101.47
N ALA D 4642 -1.14 23.15 100.52
CA ALA D 4642 -1.12 22.83 99.10
C ALA D 4642 0.28 22.48 98.62
N LEU D 4643 1.31 23.17 99.12
CA LEU D 4643 2.66 22.92 98.65
C LEU D 4643 3.09 21.48 98.93
N TRP D 4644 2.70 20.97 100.10
CA TRP D 4644 2.99 19.60 100.50
C TRP D 4644 2.16 18.59 99.70
N CYS D 4645 0.87 18.89 99.51
CA CYS D 4645 0.03 18.01 98.70
C CYS D 4645 0.47 17.98 97.24
N LEU D 4646 0.71 19.15 96.65
CA LEU D 4646 1.14 19.22 95.25
C LEU D 4646 2.51 18.57 95.05
N SER D 4647 3.41 18.68 96.04
CA SER D 4647 4.73 18.06 95.90
C SER D 4647 4.63 16.54 95.93
N LEU D 4648 3.76 16.01 96.81
CA LEU D 4648 3.55 14.56 96.84
C LEU D 4648 2.87 14.10 95.56
N LEU D 4649 1.91 14.90 95.07
CA LEU D 4649 1.19 14.54 93.86
C LEU D 4649 2.12 14.58 92.65
N HIS D 4650 3.10 15.48 92.67
CA HIS D 4650 4.09 15.57 91.61
C HIS D 4650 4.93 14.31 91.56
N THR D 4651 5.41 13.87 92.72
CA THR D 4651 6.24 12.68 92.77
C THR D 4651 5.46 11.44 92.32
N LEU D 4652 4.17 11.39 92.70
CA LEU D 4652 3.31 10.29 92.25
C LEU D 4652 3.11 10.30 90.74
N VAL D 4653 2.83 11.47 90.16
CA VAL D 4653 2.64 11.58 88.72
C VAL D 4653 3.93 11.22 87.98
N ALA D 4654 5.09 11.60 88.54
CA ALA D 4654 6.37 11.25 87.93
C ALA D 4654 6.58 9.74 87.91
N PHE D 4655 6.19 9.06 88.99
CA PHE D 4655 6.28 7.60 89.00
C PHE D 4655 5.33 7.00 87.98
N LEU D 4656 4.09 7.52 87.93
CA LEU D 4656 3.09 7.00 87.00
C LEU D 4656 3.54 7.18 85.55
N CYS D 4657 4.29 8.26 85.27
CA CYS D 4657 4.77 8.51 83.93
C CYS D 4657 5.94 7.60 83.57
N ILE D 4658 6.78 7.25 84.55
CA ILE D 4658 7.84 6.27 84.28
C ILE D 4658 7.24 4.90 83.98
N ILE D 4659 6.21 4.51 84.75
CA ILE D 4659 5.53 3.23 84.53
C ILE D 4659 4.84 3.23 83.17
N GLY D 4660 4.16 4.34 82.83
CA GLY D 4660 3.47 4.44 81.57
C GLY D 4660 4.42 4.36 80.40
N TYR D 4661 5.59 5.02 80.52
CA TYR D 4661 6.56 4.99 79.43
C TYR D 4661 7.05 3.57 79.22
N ASN D 4662 7.37 2.87 80.33
CA ASN D 4662 7.93 1.52 80.24
C ASN D 4662 6.94 0.58 79.56
N CYS D 4663 5.65 0.69 79.91
CA CYS D 4663 4.61 -0.12 79.29
C CYS D 4663 4.35 0.25 77.83
N LEU D 4664 4.33 1.54 77.49
CA LEU D 4664 3.93 1.93 76.14
C LEU D 4664 5.04 2.14 75.12
N LYS D 4665 6.10 2.87 75.44
CA LYS D 4665 7.05 3.24 74.40
C LYS D 4665 8.36 2.47 74.44
N VAL D 4666 8.61 1.71 75.49
CA VAL D 4666 9.77 0.80 75.55
C VAL D 4666 9.60 -0.38 74.59
N PRO D 4667 8.40 -1.00 74.39
CA PRO D 4667 8.30 -2.11 73.41
C PRO D 4667 8.76 -1.72 72.02
N LEU D 4668 8.43 -0.52 71.54
CA LEU D 4668 8.81 -0.18 70.18
C LEU D 4668 10.33 -0.06 70.04
N VAL D 4669 11.01 0.40 71.10
CA VAL D 4669 12.48 0.45 71.10
C VAL D 4669 13.04 -0.96 71.01
N ILE D 4670 12.46 -1.89 71.79
CA ILE D 4670 12.90 -3.28 71.75
C ILE D 4670 12.65 -3.88 70.37
N PHE D 4671 11.48 -3.57 69.80
CA PHE D 4671 11.10 -4.09 68.49
C PHE D 4671 12.09 -3.63 67.43
N LYS D 4672 12.43 -2.33 67.44
CA LYS D 4672 13.36 -1.80 66.45
C LYS D 4672 14.73 -2.41 66.62
N ARG D 4673 15.17 -2.61 67.87
CA ARG D 4673 16.51 -3.12 68.11
C ARG D 4673 16.61 -4.56 67.65
N GLU D 4674 15.61 -5.39 68.01
CA GLU D 4674 15.60 -6.79 67.60
C GLU D 4674 15.51 -6.91 66.10
N LYS D 4675 14.66 -6.08 65.47
CA LYS D 4675 14.49 -6.16 64.03
C LYS D 4675 15.80 -5.81 63.33
N GLU D 4676 16.48 -4.74 63.78
CA GLU D 4676 17.72 -4.30 63.16
C GLU D 4676 18.82 -5.33 63.36
N LEU D 4677 18.69 -6.12 64.42
CA LEU D 4677 19.71 -7.11 64.72
C LEU D 4677 19.46 -8.32 63.84
N ALA D 4678 18.20 -8.74 63.71
CA ALA D 4678 17.87 -9.87 62.84
C ALA D 4678 18.31 -9.58 61.41
N ARG D 4679 18.04 -8.35 60.91
CA ARG D 4679 18.40 -8.03 59.53
C ARG D 4679 19.91 -8.06 59.36
N LYS D 4680 20.64 -7.50 60.34
CA LYS D 4680 22.10 -7.47 60.26
C LYS D 4680 22.68 -8.88 60.30
N LEU D 4681 22.12 -9.75 61.14
CA LEU D 4681 22.54 -11.14 61.21
C LEU D 4681 22.30 -11.89 59.91
N GLU D 4682 21.08 -11.78 59.37
CA GLU D 4682 20.74 -12.54 58.17
C GLU D 4682 21.41 -12.01 56.90
N PHE D 4683 21.41 -10.71 56.71
CA PHE D 4683 21.87 -10.15 55.44
C PHE D 4683 23.27 -9.59 55.45
N ASP D 4684 23.92 -9.49 56.61
CA ASP D 4684 25.23 -8.87 56.66
C ASP D 4684 26.28 -9.70 57.37
N GLY D 4685 25.91 -10.81 58.01
CA GLY D 4685 26.83 -11.62 58.78
C GLY D 4685 27.60 -10.85 59.83
N LEU D 4686 26.90 -10.01 60.61
CA LEU D 4686 27.56 -9.08 61.52
C LEU D 4686 28.39 -9.80 62.55
N TYR D 4687 27.89 -10.88 63.13
CA TYR D 4687 28.65 -11.60 64.15
C TYR D 4687 29.15 -12.94 63.65
N ILE D 4688 28.95 -13.24 62.36
CA ILE D 4688 29.47 -14.45 61.74
C ILE D 4688 30.59 -14.11 60.78
N THR D 4689 30.21 -13.44 59.69
CA THR D 4689 31.15 -13.08 58.63
C THR D 4689 32.16 -12.02 59.05
N GLU D 4690 31.74 -11.00 59.81
CA GLU D 4690 32.65 -9.87 60.01
C GLU D 4690 33.20 -9.69 61.41
N GLN D 4691 32.33 -9.63 62.46
CA GLN D 4691 32.53 -9.34 63.89
C GLN D 4691 32.48 -7.82 64.02
N PRO D 4692 31.87 -7.28 65.09
CA PRO D 4692 31.65 -5.83 65.20
C PRO D 4692 32.89 -4.94 65.26
N GLY D 4693 32.61 -3.64 65.40
CA GLY D 4693 33.65 -2.63 65.46
C GLY D 4693 34.60 -2.80 66.63
N ASP D 4694 34.10 -3.30 67.77
CA ASP D 4694 34.72 -3.60 69.07
C ASP D 4694 34.64 -2.39 69.97
N ASP D 4695 34.45 -1.22 69.38
CA ASP D 4695 34.20 0.02 70.11
C ASP D 4695 32.74 0.44 69.99
N ASP D 4696 31.91 -0.37 69.37
CA ASP D 4696 30.50 -0.07 69.19
C ASP D 4696 29.78 -0.60 70.42
N VAL D 4697 29.26 0.33 71.24
CA VAL D 4697 28.62 0.00 72.51
C VAL D 4697 27.39 -0.85 72.25
N LYS D 4698 26.64 -0.49 71.19
CA LYS D 4698 25.41 -1.20 70.86
C LYS D 4698 25.74 -2.63 70.49
N GLY D 4699 26.77 -2.82 69.65
CA GLY D 4699 27.13 -4.16 69.19
C GLY D 4699 27.55 -5.04 70.36
N GLN D 4700 28.38 -4.48 71.26
CA GLN D 4700 28.89 -5.26 72.38
C GLN D 4700 27.74 -5.68 73.28
N TRP D 4701 26.82 -4.74 73.56
CA TRP D 4701 25.69 -5.09 74.41
C TRP D 4701 24.82 -6.13 73.72
N ASP D 4702 24.66 -5.99 72.40
CA ASP D 4702 23.80 -6.86 71.61
C ASP D 4702 24.30 -8.29 71.60
N ARG D 4703 25.60 -8.50 71.87
CA ARG D 4703 26.16 -9.85 71.82
C ARG D 4703 25.46 -10.78 72.81
N LEU D 4704 25.04 -10.23 73.95
CA LEU D 4704 24.44 -10.99 75.05
C LEU D 4704 23.12 -11.66 74.66
N VAL D 4705 22.35 -11.03 73.78
CA VAL D 4705 21.00 -11.52 73.48
C VAL D 4705 20.97 -12.60 72.41
N LEU D 4706 22.08 -12.79 71.67
CA LEU D 4706 22.10 -13.70 70.52
C LEU D 4706 21.78 -15.14 70.90
N ASN D 4707 22.32 -15.61 72.03
CA ASN D 4707 22.14 -17.01 72.39
C ASN D 4707 20.86 -17.29 73.17
N THR D 4708 20.12 -16.26 73.57
CA THR D 4708 18.98 -16.47 74.44
C THR D 4708 17.84 -17.17 73.70
N PRO D 4709 17.05 -17.99 74.40
CA PRO D 4709 15.86 -18.60 73.77
C PRO D 4709 14.79 -17.62 73.32
N SER D 4710 14.74 -16.41 73.89
CA SER D 4710 13.66 -15.48 73.59
C SER D 4710 14.10 -14.29 72.73
N PHE D 4711 15.08 -14.51 71.86
CA PHE D 4711 15.65 -13.43 71.05
C PHE D 4711 14.61 -12.67 70.22
N PRO D 4712 13.61 -13.31 69.53
CA PRO D 4712 12.58 -12.49 68.90
C PRO D 4712 11.31 -12.47 69.75
N SER D 4713 11.40 -11.82 70.91
CA SER D 4713 10.25 -11.70 71.79
C SER D 4713 9.20 -10.74 71.22
N ASN D 4714 9.63 -9.60 70.70
CA ASN D 4714 8.68 -8.64 70.15
C ASN D 4714 8.57 -8.67 68.63
N TYR D 4715 9.70 -8.82 67.93
CA TYR D 4715 9.69 -8.83 66.46
C TYR D 4715 8.84 -10.01 66.00
N TRP D 4716 8.08 -9.81 64.91
CA TRP D 4716 7.11 -10.82 64.48
C TRP D 4716 7.78 -12.12 64.02
N ASP D 4717 8.86 -12.03 63.24
CA ASP D 4717 9.47 -13.21 62.66
C ASP D 4717 10.05 -14.12 63.74
N LYS D 4718 9.65 -15.39 63.73
CA LYS D 4718 10.18 -16.37 64.66
C LYS D 4718 11.19 -17.30 64.00
N PHE D 4719 11.44 -17.12 62.71
CA PHE D 4719 12.31 -18.00 61.95
C PHE D 4719 13.69 -17.41 61.72
N VAL D 4720 14.03 -16.32 62.42
CA VAL D 4720 15.28 -15.59 62.18
C VAL D 4720 16.49 -16.51 62.35
N LYS D 4721 16.48 -17.30 63.43
CA LYS D 4721 17.63 -18.16 63.74
C LYS D 4721 17.79 -19.21 62.65
N ARG D 4722 16.67 -19.79 62.22
CA ARG D 4722 16.71 -20.85 61.22
C ARG D 4722 17.21 -20.29 59.89
N LYS D 4723 16.73 -19.08 59.52
CA LYS D 4723 17.15 -18.47 58.26
C LYS D 4723 18.64 -18.18 58.28
N VAL D 4724 19.17 -17.70 59.42
CA VAL D 4724 20.58 -17.39 59.52
C VAL D 4724 21.39 -18.67 59.42
N LEU D 4725 20.90 -19.74 60.05
CA LEU D 4725 21.54 -21.05 60.00
C LEU D 4725 21.56 -21.61 58.59
N ASP D 4726 20.46 -21.46 57.85
CA ASP D 4726 20.43 -21.92 56.47
C ASP D 4726 21.37 -21.11 55.59
N LYS D 4727 21.31 -19.78 55.69
CA LYS D 4727 22.08 -18.90 54.81
C LYS D 4727 23.59 -18.96 55.07
N HIS D 4728 24.00 -18.99 56.33
CA HIS D 4728 25.42 -18.91 56.69
C HIS D 4728 26.01 -20.18 57.27
N GLY D 4729 25.18 -21.12 57.74
CA GLY D 4729 25.67 -22.28 58.48
C GLY D 4729 26.55 -23.21 57.68
N ASP D 4730 26.19 -23.46 56.41
CA ASP D 4730 26.93 -24.44 55.60
C ASP D 4730 28.37 -24.00 55.36
N ILE D 4731 28.58 -22.76 54.94
CA ILE D 4731 29.94 -22.29 54.68
C ILE D 4731 30.73 -22.12 55.99
N PHE D 4732 30.11 -21.50 56.99
CA PHE D 4732 30.79 -21.16 58.24
C PHE D 4732 30.70 -22.21 59.34
N GLY D 4733 30.00 -23.32 59.16
CA GLY D 4733 30.01 -24.37 60.16
C GLY D 4733 28.69 -24.32 60.92
N ARG D 4734 27.85 -25.33 60.67
CA ARG D 4734 26.52 -25.42 61.30
C ARG D 4734 26.62 -25.50 62.81
N GLU D 4735 27.56 -26.30 63.32
CA GLU D 4735 27.69 -26.48 64.76
C GLU D 4735 28.09 -25.17 65.42
N ARG D 4736 28.98 -24.42 64.76
CA ARG D 4736 29.41 -23.11 65.26
C ARG D 4736 28.23 -22.14 65.25
N ILE D 4737 27.42 -22.16 64.18
CA ILE D 4737 26.30 -21.23 64.10
C ILE D 4737 25.29 -21.55 65.20
N ALA D 4738 25.02 -22.84 65.41
CA ALA D 4738 24.01 -23.24 66.40
C ALA D 4738 24.47 -22.93 67.82
N GLU D 4739 25.77 -23.11 68.11
CA GLU D 4739 26.27 -22.74 69.43
C GLU D 4739 26.20 -21.23 69.64
N LEU D 4740 26.52 -20.45 68.60
CA LEU D 4740 26.44 -19.00 68.70
C LEU D 4740 25.00 -18.53 68.92
N LEU D 4741 24.05 -19.12 68.20
CA LEU D 4741 22.66 -18.69 68.27
C LEU D 4741 21.84 -19.51 69.24
N GLY D 4742 22.49 -20.30 70.09
CA GLY D 4742 21.88 -21.07 71.17
C GLY D 4742 20.70 -21.94 70.80
N MET D 4743 20.89 -22.83 69.83
CA MET D 4743 19.80 -23.67 69.34
C MET D 4743 20.22 -25.12 69.38
N ASP D 4744 19.23 -26.01 69.41
CA ASP D 4744 19.45 -27.44 69.43
C ASP D 4744 19.36 -28.02 68.02
N LEU D 4745 20.40 -28.70 67.60
CA LEU D 4745 20.48 -29.22 66.23
C LEU D 4745 19.78 -30.57 66.09
N ALA D 4746 19.23 -31.10 67.18
CA ALA D 4746 18.45 -32.34 67.18
C ALA D 4746 16.98 -32.04 67.46
N SER D 4747 16.46 -30.98 66.84
CA SER D 4747 15.11 -30.50 67.11
C SER D 4747 14.17 -30.69 65.93
N LEU D 4748 14.47 -31.65 65.05
CA LEU D 4748 13.71 -31.86 63.84
C LEU D 4748 12.59 -32.88 63.98
N GLU D 4749 12.43 -33.51 65.14
CA GLU D 4749 11.44 -34.56 65.33
C GLU D 4749 10.00 -34.03 65.28
N ASP D 4772 14.31 -15.80 81.72
CA ASP D 4772 15.48 -15.57 80.88
C ASP D 4772 16.30 -14.41 81.42
N VAL D 4773 17.28 -14.73 82.26
CA VAL D 4773 18.07 -13.72 82.95
C VAL D 4773 18.87 -12.88 81.95
N LYS D 4774 19.50 -13.55 80.97
CA LYS D 4774 20.35 -12.86 80.00
C LYS D 4774 19.53 -11.90 79.15
N TYR D 4775 18.31 -12.32 78.80
CA TYR D 4775 17.40 -11.47 78.04
C TYR D 4775 17.02 -10.25 78.85
N GLN D 4776 16.56 -10.46 80.10
CA GLN D 4776 16.12 -9.33 80.92
C GLN D 4776 17.25 -8.34 81.17
N ILE D 4777 18.48 -8.84 81.33
CA ILE D 4777 19.65 -7.99 81.48
C ILE D 4777 19.88 -7.14 80.23
N TRP D 4778 19.77 -7.75 79.05
CA TRP D 4778 19.91 -6.99 77.81
C TRP D 4778 18.79 -5.97 77.66
N LYS D 4779 17.55 -6.39 77.96
CA LYS D 4779 16.38 -5.54 77.82
C LYS D 4779 16.51 -4.31 78.71
N PHE D 4780 16.96 -4.54 79.95
CA PHE D 4780 17.19 -3.46 80.89
C PHE D 4780 18.28 -2.53 80.38
N GLY D 4781 19.35 -3.10 79.80
CA GLY D 4781 20.45 -2.27 79.33
C GLY D 4781 19.99 -1.33 78.23
N VAL D 4782 19.14 -1.83 77.33
CA VAL D 4782 18.60 -1.02 76.24
C VAL D 4782 17.68 0.06 76.80
N ILE D 4783 16.90 -0.28 77.83
CA ILE D 4783 16.04 0.71 78.47
C ILE D 4783 16.90 1.77 79.15
N PHE D 4784 17.94 1.35 79.87
CA PHE D 4784 18.78 2.28 80.61
C PHE D 4784 19.61 3.13 79.67
N THR D 4785 19.72 2.75 78.39
CA THR D 4785 20.41 3.59 77.44
C THR D 4785 19.42 4.37 76.57
N ASP D 4786 18.12 4.23 76.81
CA ASP D 4786 17.13 4.98 76.05
C ASP D 4786 17.14 6.43 76.53
N ASN D 4787 17.18 7.38 75.57
CA ASN D 4787 17.28 8.80 75.93
C ASN D 4787 16.05 9.30 76.70
N SER D 4788 14.85 8.94 76.25
CA SER D 4788 13.64 9.46 76.89
C SER D 4788 13.44 8.81 78.25
N PHE D 4789 13.91 7.57 78.41
CA PHE D 4789 13.83 6.92 79.72
C PHE D 4789 14.72 7.65 80.69
N LEU D 4790 15.90 8.08 80.22
CA LEU D 4790 16.88 8.73 81.09
C LEU D 4790 16.36 10.10 81.49
N TYR D 4791 15.66 10.77 80.56
CA TYR D 4791 15.02 12.04 80.89
C TYR D 4791 13.93 11.85 81.94
N LEU D 4792 13.09 10.82 81.78
CA LEU D 4792 11.99 10.63 82.73
C LEU D 4792 12.53 10.23 84.10
N GLY D 4793 13.65 9.50 84.10
CA GLY D 4793 14.29 9.12 85.34
C GLY D 4793 14.88 10.31 86.07
N TRP D 4794 15.56 11.20 85.32
CA TRP D 4794 16.08 12.42 85.92
C TRP D 4794 14.94 13.30 86.44
N TYR D 4795 13.81 13.30 85.73
CA TYR D 4795 12.61 14.02 86.18
C TYR D 4795 12.13 13.47 87.52
N MET D 4796 12.18 12.15 87.67
CA MET D 4796 11.83 11.52 88.95
C MET D 4796 12.83 11.91 90.03
N VAL D 4797 14.14 11.89 89.71
CA VAL D 4797 15.16 12.16 90.71
C VAL D 4797 15.01 13.58 91.23
N MET D 4798 14.78 14.53 90.32
CA MET D 4798 14.59 15.93 90.73
C MET D 4798 13.31 16.10 91.54
N SER D 4799 12.26 15.33 91.21
CA SER D 4799 11.04 15.33 92.02
C SER D 4799 11.29 14.81 93.43
N LEU D 4800 12.14 13.79 93.54
CA LEU D 4800 12.48 13.23 94.84
C LEU D 4800 13.33 14.20 95.64
N LEU D 4801 14.28 14.87 94.98
CA LEU D 4801 15.10 15.89 95.66
C LEU D 4801 14.27 17.10 96.07
N GLY D 4802 13.17 17.37 95.37
CA GLY D 4802 12.34 18.49 95.75
C GLY D 4802 11.70 18.35 97.11
N HIS D 4803 11.55 17.10 97.59
CA HIS D 4803 11.07 16.88 98.95
C HIS D 4803 12.12 17.30 99.97
N TYR D 4804 13.39 17.03 99.66
CA TYR D 4804 14.53 17.46 100.46
C TYR D 4804 14.60 18.98 100.54
N ASN D 4805 14.95 19.61 99.41
CA ASN D 4805 14.95 21.06 99.33
C ASN D 4805 13.83 21.48 98.38
N ASN D 4806 13.00 22.43 98.81
CA ASN D 4806 11.82 22.76 98.03
C ASN D 4806 12.16 23.53 96.76
N PHE D 4807 13.40 23.98 96.60
CA PHE D 4807 13.77 24.82 95.48
C PHE D 4807 14.31 24.00 94.34
N PHE D 4808 14.20 22.68 94.45
CA PHE D 4808 14.58 21.72 93.43
C PHE D 4808 13.41 21.41 92.53
N PHE D 4809 12.28 22.07 92.76
CA PHE D 4809 11.08 21.87 91.97
C PHE D 4809 11.02 22.87 90.83
N ALA D 4810 12.12 23.57 90.60
CA ALA D 4810 12.23 24.56 89.54
C ALA D 4810 13.00 23.98 88.37
N ALA D 4811 13.46 22.74 88.51
CA ALA D 4811 14.13 22.03 87.43
C ALA D 4811 13.12 21.32 86.55
N HIS D 4812 11.85 21.44 86.89
CA HIS D 4812 10.76 20.78 86.22
C HIS D 4812 10.08 21.75 85.27
N LEU D 4813 10.52 23.00 85.29
CA LEU D 4813 9.97 24.04 84.45
C LEU D 4813 10.70 24.08 83.13
N LEU D 4814 11.72 23.23 82.98
CA LEU D 4814 12.48 23.12 81.75
C LEU D 4814 11.91 22.01 80.89
N ASP D 4815 10.78 21.46 81.29
CA ASP D 4815 10.13 20.40 80.56
C ASP D 4815 9.14 20.97 79.55
N ILE D 4816 8.99 22.30 79.56
CA ILE D 4816 8.13 22.99 78.61
C ILE D 4816 8.63 22.81 77.18
N ALA D 4817 9.96 22.76 77.01
CA ALA D 4817 10.56 22.59 75.69
C ALA D 4817 10.15 21.28 75.06
N MET D 4818 10.26 20.19 75.82
CA MET D 4818 9.76 18.91 75.37
C MET D 4818 8.24 18.87 75.24
N GLY D 4819 7.51 19.43 76.22
CA GLY D 4819 6.06 19.30 76.23
C GLY D 4819 5.33 20.03 75.12
N VAL D 4820 5.66 21.30 74.86
CA VAL D 4820 4.95 22.04 73.81
C VAL D 4820 5.79 21.99 72.54
N LYS D 4821 5.13 21.66 71.42
CA LYS D 4821 5.82 21.49 70.15
C LYS D 4821 6.35 22.80 69.59
N THR D 4822 5.59 23.89 69.74
CA THR D 4822 6.01 25.18 69.19
C THR D 4822 7.29 25.69 69.83
N LEU D 4823 7.49 25.40 71.12
CA LEU D 4823 8.68 25.89 71.78
C LEU D 4823 9.88 25.08 71.30
N ARG D 4824 9.63 23.82 70.91
CA ARG D 4824 10.69 23.01 70.32
C ARG D 4824 11.05 23.57 68.94
N THR D 4825 10.04 24.02 68.18
CA THR D 4825 10.33 24.65 66.88
C THR D 4825 11.13 25.94 67.04
N ILE D 4826 10.78 26.76 68.04
CA ILE D 4826 11.57 27.97 68.28
C ILE D 4826 12.98 27.63 68.73
N LEU D 4827 13.12 26.64 69.63
CA LEU D 4827 14.43 26.29 70.16
C LEU D 4827 15.30 25.60 69.13
N SER D 4828 14.68 24.90 68.17
CA SER D 4828 15.41 24.28 67.08
C SER D 4828 16.15 25.29 66.23
N SER D 4829 15.67 26.53 66.17
CA SER D 4829 16.44 27.57 65.50
C SER D 4829 17.74 27.84 66.25
N VAL D 4830 17.67 27.87 67.59
CA VAL D 4830 18.86 28.06 68.42
C VAL D 4830 19.82 26.90 68.28
N THR D 4831 19.29 25.69 68.19
CA THR D 4831 20.13 24.49 68.20
C THR D 4831 20.45 23.94 66.82
N HIS D 4832 19.93 24.55 65.76
CA HIS D 4832 20.29 24.13 64.42
C HIS D 4832 21.76 24.44 64.15
N ASN D 4833 22.19 25.63 64.51
CA ASN D 4833 23.54 26.11 64.25
C ASN D 4833 24.30 26.20 65.56
N GLY D 4834 24.03 25.25 66.46
CA GLY D 4834 24.61 25.28 67.80
C GLY D 4834 26.10 25.10 67.83
N LYS D 4835 26.63 24.20 67.00
CA LYS D 4835 28.08 24.00 66.96
C LYS D 4835 28.79 25.26 66.49
N GLN D 4836 28.20 25.94 65.51
CA GLN D 4836 28.76 27.19 65.01
C GLN D 4836 28.70 28.28 66.07
N LEU D 4837 27.60 28.29 66.85
CA LEU D 4837 27.49 29.23 67.96
C LEU D 4837 28.55 28.98 69.02
N VAL D 4838 28.82 27.72 69.32
CA VAL D 4838 29.87 27.39 70.29
C VAL D 4838 31.24 27.83 69.79
N MET D 4839 31.51 27.62 68.50
CA MET D 4839 32.76 28.09 67.93
C MET D 4839 32.89 29.60 67.87
N THR D 4840 31.83 30.35 67.56
CA THR D 4840 31.96 31.81 67.60
C THR D 4840 32.13 32.31 69.04
N VAL D 4841 31.54 31.63 70.02
CA VAL D 4841 31.72 32.01 71.43
C VAL D 4841 33.05 31.51 71.95
N GLY D 4842 33.76 30.70 71.16
CA GLY D 4842 35.09 30.30 71.56
C GLY D 4842 36.12 31.01 70.71
N LEU D 4843 35.63 31.79 69.75
CA LEU D 4843 36.48 32.69 68.97
C LEU D 4843 36.50 34.07 69.60
N LEU D 4844 35.40 34.42 70.27
CA LEU D 4844 35.32 35.67 71.02
C LEU D 4844 36.34 35.67 72.14
N ALA D 4845 36.50 34.54 72.81
CA ALA D 4845 37.46 34.38 73.90
C ALA D 4845 38.90 34.58 73.42
N VAL D 4846 39.22 34.08 72.23
CA VAL D 4846 40.54 34.27 71.65
C VAL D 4846 40.77 35.74 71.28
N VAL D 4847 39.77 36.41 70.72
CA VAL D 4847 39.96 37.81 70.35
C VAL D 4847 40.11 38.68 71.61
N VAL D 4848 39.32 38.38 72.65
CA VAL D 4848 39.45 39.09 73.92
C VAL D 4848 40.79 38.76 74.57
N TYR D 4849 41.34 37.57 74.27
CA TYR D 4849 42.68 37.24 74.76
C TYR D 4849 43.73 38.10 74.09
N LEU D 4850 43.60 38.35 72.78
CA LEU D 4850 44.62 39.15 72.11
C LEU D 4850 44.54 40.61 72.54
N TYR D 4851 43.35 41.03 72.98
CA TYR D 4851 43.22 42.40 73.48
C TYR D 4851 43.76 42.48 74.88
N THR D 4852 43.61 41.39 75.65
CA THR D 4852 44.22 41.33 76.97
C THR D 4852 45.74 41.38 76.87
N VAL D 4853 46.32 40.68 75.89
CA VAL D 4853 47.79 40.67 75.74
C VAL D 4853 48.28 42.07 75.42
N VAL D 4854 47.56 42.78 74.53
CA VAL D 4854 47.97 44.13 74.14
C VAL D 4854 47.80 45.11 75.30
N ALA D 4855 46.70 44.99 76.05
CA ALA D 4855 46.50 45.85 77.21
C ALA D 4855 47.53 45.60 78.30
N PHE D 4856 47.83 44.33 78.57
CA PHE D 4856 48.76 43.97 79.64
C PHE D 4856 50.16 44.47 79.32
N ASN D 4857 50.59 44.31 78.07
CA ASN D 4857 51.91 44.75 77.68
C ASN D 4857 52.02 46.27 77.60
N PHE D 4858 51.00 46.97 77.10
CA PHE D 4858 51.15 48.39 76.79
C PHE D 4858 50.21 49.36 77.50
N PHE D 4859 49.11 48.92 78.09
CA PHE D 4859 48.14 49.89 78.60
C PHE D 4859 47.74 49.63 80.04
N ARG D 4860 48.64 49.03 80.82
CA ARG D 4860 48.36 48.67 82.22
C ARG D 4860 48.05 49.86 83.11
N LYS D 4861 48.36 51.09 82.68
CA LYS D 4861 48.23 52.24 83.55
C LYS D 4861 46.80 52.78 83.62
N PHE D 4862 45.92 52.27 82.78
CA PHE D 4862 44.57 52.78 82.69
C PHE D 4862 43.55 51.90 83.40
N TYR D 4863 44.01 50.85 84.07
CA TYR D 4863 43.10 49.84 84.61
C TYR D 4863 43.00 49.91 86.13
N ASN D 4864 43.13 51.11 86.70
CA ASN D 4864 42.90 51.29 88.12
C ASN D 4864 41.41 51.51 88.35
N LYS D 4865 40.78 50.59 89.07
CA LYS D 4865 39.34 50.62 89.30
C LYS D 4865 39.00 51.02 90.72
N SER D 4866 39.93 51.65 91.43
CA SER D 4866 39.70 52.15 92.79
C SER D 4866 39.66 53.66 92.78
N GLU D 4867 38.55 54.22 93.27
CA GLU D 4867 38.43 55.67 93.37
C GLU D 4867 39.34 56.19 94.47
N ASP D 4868 39.61 55.37 95.48
CA ASP D 4868 40.47 55.72 96.61
C ASP D 4868 41.87 56.08 96.11
N GLU D 4869 42.38 57.24 96.56
CA GLU D 4869 43.66 57.72 96.07
C GLU D 4869 44.83 56.85 96.52
N ASP D 4870 44.91 56.55 97.82
CA ASP D 4870 46.06 55.79 98.31
C ASP D 4870 45.99 54.33 97.89
N GLU D 4871 44.81 53.70 97.99
CA GLU D 4871 44.82 52.28 97.70
C GLU D 4871 44.42 52.03 96.25
N PRO D 4872 45.23 51.32 95.48
CA PRO D 4872 44.85 51.03 94.09
C PRO D 4872 44.37 49.61 93.82
N ASP D 4873 43.24 49.50 93.15
CA ASP D 4873 42.73 48.22 92.67
C ASP D 4873 43.12 48.17 91.21
N MET D 4874 44.22 47.48 90.91
CA MET D 4874 44.75 47.44 89.56
C MET D 4874 44.28 46.14 88.93
N LYS D 4875 43.48 46.26 87.88
CA LYS D 4875 42.83 45.11 87.30
C LYS D 4875 43.62 44.50 86.16
N CYS D 4876 44.85 44.95 85.96
CA CYS D 4876 45.70 44.35 84.95
C CYS D 4876 47.13 44.21 85.46
N ASP D 4877 47.29 43.77 86.70
CA ASP D 4877 48.62 43.48 87.20
C ASP D 4877 48.86 41.99 87.24
N ASP D 4878 47.88 41.22 86.77
CA ASP D 4878 47.94 39.78 86.65
C ASP D 4878 47.18 39.49 85.37
N MET D 4879 47.68 38.54 84.58
CA MET D 4879 47.06 38.27 83.30
C MET D 4879 45.67 37.66 83.45
N MET D 4880 45.48 36.82 84.47
CA MET D 4880 44.15 36.25 84.70
C MET D 4880 43.15 37.31 85.15
N THR D 4881 43.59 38.25 85.98
CA THR D 4881 42.71 39.34 86.39
C THR D 4881 42.35 40.24 85.22
N CYS D 4882 43.32 40.52 84.34
CA CYS D 4882 43.02 41.30 83.14
C CYS D 4882 42.06 40.56 82.21
N TYR D 4883 42.27 39.25 82.05
CA TYR D 4883 41.42 38.47 81.14
C TYR D 4883 40.00 38.39 81.67
N LEU D 4884 39.86 38.24 82.99
CA LEU D 4884 38.54 38.23 83.60
C LEU D 4884 37.87 39.58 83.51
N PHE D 4885 38.68 40.65 83.59
CA PHE D 4885 38.16 42.01 83.43
C PHE D 4885 37.59 42.20 82.03
N HIS D 4886 38.39 41.90 81.01
CA HIS D 4886 38.00 42.10 79.63
C HIS D 4886 36.78 41.25 79.26
N MET D 4887 36.78 39.98 79.69
CA MET D 4887 35.69 39.07 79.39
C MET D 4887 34.41 39.45 80.12
N TYR D 4888 34.53 39.96 81.34
CA TYR D 4888 33.34 40.28 82.11
C TYR D 4888 32.85 41.67 81.75
N VAL D 4889 33.57 42.71 82.19
CA VAL D 4889 33.14 44.09 81.97
C VAL D 4889 33.10 44.49 80.49
N GLY D 4890 34.10 44.12 79.68
CA GLY D 4890 34.15 44.62 78.31
C GLY D 4890 33.06 44.07 77.40
N VAL D 4891 32.85 42.76 77.43
CA VAL D 4891 31.84 42.16 76.55
C VAL D 4891 30.45 42.64 76.96
N ARG D 4892 30.23 42.78 78.26
CA ARG D 4892 28.95 43.22 78.79
C ARG D 4892 28.77 44.73 78.75
N ALA D 4893 29.74 45.48 78.25
CA ALA D 4893 29.59 46.92 78.14
C ALA D 4893 29.26 47.31 76.71
N GLY D 4894 28.44 48.36 76.57
CA GLY D 4894 27.95 48.75 75.26
C GLY D 4894 29.04 49.38 74.40
N GLY D 4895 29.93 50.14 75.02
CA GLY D 4895 31.05 50.72 74.33
C GLY D 4895 32.31 49.88 74.40
N GLY D 4896 32.23 48.71 75.01
CA GLY D 4896 33.40 47.87 75.15
C GLY D 4896 34.24 48.27 76.35
N ILE D 4897 35.55 48.00 76.25
CA ILE D 4897 36.43 48.21 77.39
C ILE D 4897 36.68 49.69 77.65
N GLY D 4898 36.54 50.54 76.63
CA GLY D 4898 36.84 51.95 76.77
C GLY D 4898 35.96 52.65 77.78
N ASP D 4899 34.69 52.22 77.85
CA ASP D 4899 33.72 52.86 78.75
C ASP D 4899 34.13 52.68 80.19
N GLU D 4900 34.52 51.45 80.54
CA GLU D 4900 34.91 51.15 81.91
C GLU D 4900 36.29 51.71 82.28
N ILE D 4901 37.28 51.61 81.39
CA ILE D 4901 38.62 52.00 81.83
C ILE D 4901 38.79 53.52 81.75
N GLU D 4902 39.86 54.01 82.38
CA GLU D 4902 40.13 55.43 82.53
C GLU D 4902 40.36 56.14 81.20
N ASP D 4903 39.95 57.42 81.16
CA ASP D 4903 39.96 58.23 79.95
C ASP D 4903 41.38 58.44 79.42
N PRO D 4904 41.60 58.31 78.12
CA PRO D 4904 42.96 58.36 77.55
C PRO D 4904 43.52 59.74 77.27
N ALA D 4905 42.75 60.82 77.46
CA ALA D 4905 43.19 62.15 77.05
C ALA D 4905 44.42 62.61 77.81
N GLY D 4906 45.23 63.43 77.14
CA GLY D 4906 46.46 63.95 77.69
C GLY D 4906 47.51 62.92 78.05
N ASP D 4907 47.66 61.88 77.23
CA ASP D 4907 48.67 60.87 77.45
C ASP D 4907 49.47 60.63 76.16
N GLU D 4908 50.69 60.12 76.32
CA GLU D 4908 51.56 59.82 75.19
C GLU D 4908 50.99 58.75 74.28
N TYR D 4909 50.28 57.78 74.85
CA TYR D 4909 49.77 56.63 74.10
C TYR D 4909 48.29 56.78 73.79
N GLU D 4910 47.79 58.02 73.80
CA GLU D 4910 46.37 58.29 73.62
C GLU D 4910 45.86 57.75 72.30
N LEU D 4911 46.60 58.00 71.20
CA LEU D 4911 46.10 57.60 69.88
C LEU D 4911 46.10 56.09 69.73
N TYR D 4912 47.07 55.42 70.39
CA TYR D 4912 47.08 53.97 70.38
C TYR D 4912 45.89 53.45 71.15
N ARG D 4913 45.50 54.17 72.21
CA ARG D 4913 44.39 53.69 73.01
C ARG D 4913 43.03 53.95 72.36
N VAL D 4914 42.91 55.02 71.57
CA VAL D 4914 41.68 55.21 70.78
C VAL D 4914 41.55 54.13 69.72
N VAL D 4915 42.66 53.78 69.05
CA VAL D 4915 42.61 52.68 68.08
C VAL D 4915 42.29 51.36 68.78
N PHE D 4916 42.82 51.16 69.99
CA PHE D 4916 42.54 49.96 70.77
C PHE D 4916 41.05 49.83 71.10
N ASP D 4917 40.44 50.93 71.54
CA ASP D 4917 39.01 50.90 71.89
C ASP D 4917 38.12 50.76 70.67
N ILE D 4918 38.40 51.50 69.58
CA ILE D 4918 37.57 51.43 68.39
C ILE D 4918 37.64 50.04 67.74
N THR D 4919 38.83 49.44 67.67
CA THR D 4919 38.94 48.09 67.12
C THR D 4919 38.28 47.06 68.03
N PHE D 4920 38.39 47.23 69.35
CA PHE D 4920 37.70 46.35 70.28
C PHE D 4920 36.18 46.44 70.08
N PHE D 4921 35.68 47.67 69.95
CA PHE D 4921 34.25 47.89 69.79
C PHE D 4921 33.75 47.24 68.50
N PHE D 4922 34.42 47.53 67.37
CA PHE D 4922 33.95 47.02 66.09
C PHE D 4922 34.06 45.50 66.00
N PHE D 4923 35.21 44.94 66.36
CA PHE D 4923 35.43 43.51 66.22
C PHE D 4923 34.64 42.69 67.22
N VAL D 4924 34.51 43.13 68.46
CA VAL D 4924 33.86 42.29 69.45
C VAL D 4924 32.39 42.63 69.62
N ILE D 4925 32.10 43.86 70.03
CA ILE D 4925 30.74 44.28 70.33
C ILE D 4925 29.84 44.25 69.10
N VAL D 4926 30.37 44.69 67.96
CA VAL D 4926 29.55 44.83 66.76
C VAL D 4926 29.54 43.62 65.84
N ILE D 4927 30.70 43.19 65.34
CA ILE D 4927 30.77 42.10 64.38
C ILE D 4927 30.43 40.75 65.00
N LEU D 4928 30.99 40.42 66.16
CA LEU D 4928 30.81 39.08 66.72
C LEU D 4928 29.39 38.85 67.22
N LEU D 4929 28.76 39.88 67.78
CA LEU D 4929 27.38 39.72 68.19
C LEU D 4929 26.46 39.68 66.97
N ALA D 4930 26.88 40.31 65.88
CA ALA D 4930 26.12 40.20 64.64
C ALA D 4930 26.23 38.79 64.09
N ILE D 4931 27.38 38.15 64.25
CA ILE D 4931 27.51 36.75 63.85
C ILE D 4931 26.62 35.86 64.70
N ILE D 4932 26.54 36.16 66.00
CA ILE D 4932 25.69 35.40 66.94
C ILE D 4932 24.20 35.58 66.62
N GLN D 4933 23.85 36.67 65.95
CA GLN D 4933 22.44 36.91 65.65
C GLN D 4933 22.08 36.56 64.23
N GLY D 4934 23.03 36.73 63.31
CA GLY D 4934 22.90 36.24 61.95
C GLY D 4934 22.82 34.74 61.84
N LEU D 4935 23.37 34.02 62.81
CA LEU D 4935 23.25 32.56 62.78
C LEU D 4935 21.82 32.12 63.13
N ILE D 4936 21.22 32.75 64.15
CA ILE D 4936 19.81 32.52 64.46
C ILE D 4936 18.90 32.95 63.31
N ILE D 4937 19.16 34.12 62.73
CA ILE D 4937 18.33 34.64 61.65
C ILE D 4937 18.43 33.74 60.43
N ASP D 4938 19.63 33.25 60.12
CA ASP D 4938 19.80 32.29 59.03
C ASP D 4938 19.07 31.00 59.32
N ALA D 4939 19.13 30.51 60.58
CA ALA D 4939 18.53 29.23 60.91
C ALA D 4939 17.02 29.26 60.71
N PHE D 4940 16.39 30.39 61.03
CA PHE D 4940 14.95 30.55 60.84
C PHE D 4940 14.56 30.40 59.37
N GLY D 4941 15.36 31.03 58.49
CA GLY D 4941 15.12 30.95 57.06
C GLY D 4941 15.39 29.57 56.51
N GLU D 4942 16.42 28.90 57.02
CA GLU D 4942 16.71 27.54 56.58
C GLU D 4942 15.57 26.61 56.96
N LEU D 4943 15.04 26.73 58.17
CA LEU D 4943 13.98 25.83 58.61
C LEU D 4943 12.71 26.06 57.79
N ARG D 4944 12.46 27.33 57.42
CA ARG D 4944 11.33 27.64 56.55
C ARG D 4944 11.53 27.01 55.17
N ASP D 4945 12.74 27.13 54.63
CA ASP D 4945 13.02 26.59 53.30
C ASP D 4945 12.88 25.09 53.28
N GLN D 4946 13.26 24.42 54.38
CA GLN D 4946 13.10 22.97 54.49
C GLN D 4946 11.63 22.57 54.45
N GLN D 4947 10.77 23.27 55.21
CA GLN D 4947 9.34 22.96 55.15
C GLN D 4947 8.78 23.21 53.76
N GLU D 4948 9.15 24.34 53.14
CA GLU D 4948 8.62 24.68 51.82
C GLU D 4948 9.04 23.64 50.79
N GLN D 4949 10.31 23.23 50.83
CA GLN D 4949 10.83 22.24 49.88
C GLN D 4949 10.12 20.90 50.04
N VAL D 4950 9.84 20.50 51.29
CA VAL D 4950 9.09 19.27 51.54
C VAL D 4950 7.67 19.37 50.95
N LYS D 4951 7.01 20.52 51.17
CA LYS D 4951 5.65 20.71 50.68
C LYS D 4951 5.62 20.71 49.15
N GLU D 4952 6.59 21.37 48.53
CA GLU D 4952 6.69 21.45 47.08
C GLU D 4952 6.95 20.07 46.47
N ASP D 4953 7.84 19.28 47.09
CA ASP D 4953 8.07 17.94 46.58
C ASP D 4953 6.82 17.08 46.73
N MET D 4954 6.11 17.24 47.84
CA MET D 4954 4.94 16.39 48.09
C MET D 4954 3.71 16.88 47.35
N GLU D 4955 3.81 18.00 46.61
CA GLU D 4955 2.70 18.44 45.80
C GLU D 4955 3.10 18.54 44.33
N THR D 4956 4.33 18.14 43.99
CA THR D 4956 4.78 18.12 42.60
C THR D 4956 5.28 16.76 42.16
N LYS D 4957 5.38 15.79 43.07
CA LYS D 4957 5.90 14.47 42.72
C LYS D 4957 5.13 13.43 43.49
N CYS D 4958 5.12 12.20 42.96
CA CYS D 4958 4.48 11.10 43.64
C CYS D 4958 5.54 10.38 44.45
N PHE D 4959 5.20 10.07 45.70
CA PHE D 4959 6.18 9.45 46.61
C PHE D 4959 6.56 8.05 46.11
N ILE D 4960 5.55 7.22 45.84
CA ILE D 4960 5.79 5.82 45.49
C ILE D 4960 6.51 5.66 44.17
N CYS D 4961 6.13 6.42 43.14
CA CYS D 4961 6.67 6.16 41.81
C CYS D 4961 7.49 7.29 41.20
N GLY D 4962 7.59 8.44 41.84
CA GLY D 4962 8.43 9.55 41.38
C GLY D 4962 8.13 10.05 39.99
N ILE D 4963 6.85 10.12 39.63
CA ILE D 4963 6.42 10.71 38.37
C ILE D 4963 5.76 12.04 38.68
N GLY D 4964 6.09 13.06 37.89
CA GLY D 4964 5.63 14.40 38.18
C GLY D 4964 4.13 14.57 37.99
N SER D 4965 3.59 15.60 38.65
CA SER D 4965 2.17 15.91 38.58
C SER D 4965 1.71 16.30 37.17
N ASP D 4966 2.64 16.73 36.32
CA ASP D 4966 2.31 17.20 34.97
C ASP D 4966 1.65 16.10 34.15
N TYR D 4967 2.22 14.89 34.19
CA TYR D 4967 1.67 13.77 33.41
C TYR D 4967 0.28 13.40 33.91
N PHE D 4968 0.11 13.32 35.23
CA PHE D 4968 -1.15 12.86 35.79
C PHE D 4968 -2.23 13.91 35.66
N ASP D 4969 -1.85 15.19 35.59
CA ASP D 4969 -2.82 16.25 35.64
C ASP D 4969 -3.49 16.57 34.30
N THR D 4970 -3.17 15.83 33.23
CA THR D 4970 -3.91 16.02 31.98
C THR D 4970 -5.38 15.71 32.18
N THR D 4971 -5.67 14.63 32.89
CA THR D 4971 -7.02 14.32 33.31
C THR D 4971 -7.36 15.24 34.47
N PRO D 4972 -8.61 15.72 34.59
CA PRO D 4972 -8.98 16.55 35.74
C PRO D 4972 -8.81 15.82 37.07
N HIS D 4973 -8.11 16.47 38.00
CA HIS D 4973 -7.81 15.96 39.35
C HIS D 4973 -7.00 14.67 39.30
N GLY D 4974 -6.17 14.53 38.26
CA GLY D 4974 -5.42 13.30 38.05
C GLY D 4974 -4.42 13.04 39.14
N PHE D 4975 -3.68 14.06 39.56
CA PHE D 4975 -2.64 13.87 40.57
C PHE D 4975 -3.29 13.46 41.88
N GLU D 4976 -4.47 14.05 42.17
CA GLU D 4976 -5.19 13.75 43.40
C GLU D 4976 -5.63 12.29 43.40
N THR D 4977 -6.11 11.80 42.25
CA THR D 4977 -6.54 10.41 42.15
C THR D 4977 -5.35 9.48 42.30
N HIS D 4978 -4.21 9.83 41.67
CA HIS D 4978 -3.02 9.01 41.76
C HIS D 4978 -2.51 8.92 43.19
N THR D 4979 -2.54 10.04 43.91
CA THR D 4979 -1.96 10.06 45.24
C THR D 4979 -2.95 9.60 46.31
N LEU D 4980 -4.22 9.43 45.95
CA LEU D 4980 -5.23 9.02 46.91
C LEU D 4980 -5.72 7.60 46.72
N GLU D 4981 -5.69 7.09 45.49
CA GLU D 4981 -6.19 5.75 45.19
C GLU D 4981 -5.09 4.84 44.65
N GLU D 4982 -4.52 5.17 43.49
CA GLU D 4982 -3.57 4.29 42.80
C GLU D 4982 -2.30 4.05 43.60
N HIS D 4983 -1.69 5.11 44.14
CA HIS D 4983 -0.41 4.96 44.85
C HIS D 4983 -0.52 5.61 46.22
N ASN D 4984 -1.24 4.97 47.14
CA ASN D 4984 -1.48 5.56 48.45
C ASN D 4984 -0.56 4.91 49.48
N LEU D 4985 0.22 5.75 50.18
CA LEU D 4985 1.22 5.24 51.11
C LEU D 4985 0.55 4.52 52.27
N ALA D 4986 -0.67 4.95 52.64
CA ALA D 4986 -1.42 4.24 53.67
C ALA D 4986 -1.77 2.85 53.17
N ASN D 4987 -2.15 2.75 51.89
CA ASN D 4987 -2.60 1.49 51.32
C ASN D 4987 -1.47 0.48 51.31
N TYR D 4988 -0.24 0.93 51.06
CA TYR D 4988 0.87 -0.02 51.06
C TYR D 4988 1.16 -0.54 52.46
N MET D 4989 0.88 0.26 53.49
CA MET D 4989 1.05 -0.21 54.86
C MET D 4989 -0.05 -1.20 55.20
N PHE D 4990 -1.27 -0.94 54.68
CA PHE D 4990 -2.39 -1.80 55.01
C PHE D 4990 -2.20 -3.15 54.33
N PHE D 4991 -1.61 -3.13 53.12
CA PHE D 4991 -1.27 -4.36 52.43
C PHE D 4991 -0.22 -5.14 53.22
N LEU D 4992 0.82 -4.45 53.71
CA LEU D 4992 1.88 -5.17 54.43
C LEU D 4992 1.32 -5.78 55.71
N MET D 4993 0.40 -5.07 56.36
CA MET D 4993 -0.25 -5.57 57.56
C MET D 4993 -1.10 -6.79 57.22
N TYR D 4994 -1.74 -6.75 56.06
CA TYR D 4994 -2.55 -7.86 55.57
C TYR D 4994 -1.71 -9.09 55.35
N LEU D 4995 -0.56 -8.92 54.69
CA LEU D 4995 0.32 -10.07 54.41
C LEU D 4995 0.86 -10.65 55.71
N ILE D 4996 1.34 -9.79 56.61
CA ILE D 4996 1.95 -10.24 57.87
C ILE D 4996 0.92 -11.00 58.71
N ASN D 4997 -0.29 -10.45 58.81
CA ASN D 4997 -1.32 -11.10 59.61
C ASN D 4997 -1.81 -12.39 58.96
N LYS D 4998 -1.94 -12.39 57.63
CA LYS D 4998 -2.47 -13.54 56.91
C LYS D 4998 -1.55 -14.76 57.01
N ASP D 4999 -2.15 -15.93 57.16
CA ASP D 4999 -1.41 -17.17 57.23
C ASP D 4999 -0.73 -17.44 55.89
N GLU D 5000 0.52 -17.89 55.95
CA GLU D 5000 1.35 -18.04 54.73
C GLU D 5000 0.76 -19.05 53.76
N THR D 5001 0.16 -20.13 54.27
CA THR D 5001 -0.45 -21.16 53.43
C THR D 5001 -1.60 -20.62 52.59
N GLU D 5002 -2.36 -19.67 53.12
CA GLU D 5002 -3.55 -19.19 52.45
C GLU D 5002 -3.26 -18.13 51.40
N HIS D 5003 -2.00 -17.72 51.24
CA HIS D 5003 -1.64 -16.64 50.33
C HIS D 5003 -1.91 -17.01 48.88
N THR D 5004 -2.32 -16.01 48.09
CA THR D 5004 -2.51 -16.20 46.66
C THR D 5004 -1.16 -16.06 45.96
N GLY D 5005 -1.15 -16.24 44.64
CA GLY D 5005 0.11 -16.26 43.91
C GLY D 5005 0.83 -14.92 43.93
N GLN D 5006 0.09 -13.84 43.72
CA GLN D 5006 0.68 -12.50 43.75
C GLN D 5006 1.09 -12.15 45.18
N GLU D 5007 0.27 -12.54 46.15
CA GLU D 5007 0.59 -12.27 47.54
C GLU D 5007 1.85 -13.02 47.94
N SER D 5008 2.03 -14.24 47.43
CA SER D 5008 3.21 -15.02 47.75
C SER D 5008 4.43 -14.44 47.06
N TYR D 5009 4.22 -13.81 45.91
CA TYR D 5009 5.31 -13.12 45.20
C TYR D 5009 5.80 -11.95 46.03
N VAL D 5010 4.86 -11.15 46.55
CA VAL D 5010 5.24 -10.00 47.35
C VAL D 5010 5.83 -10.48 48.67
N TRP D 5011 5.24 -11.54 49.25
CA TRP D 5011 5.71 -12.07 50.53
C TRP D 5011 7.15 -12.53 50.43
N LYS D 5012 7.48 -13.23 49.33
CA LYS D 5012 8.82 -13.77 49.15
C LYS D 5012 9.80 -12.62 48.98
N MET D 5013 9.41 -11.61 48.18
CA MET D 5013 10.31 -10.48 47.94
C MET D 5013 10.52 -9.70 49.22
N TYR D 5014 9.48 -9.60 50.06
CA TYR D 5014 9.62 -8.90 51.34
C TYR D 5014 10.55 -9.68 52.26
N GLN D 5015 10.34 -11.00 52.37
CA GLN D 5015 11.16 -11.82 53.27
C GLN D 5015 12.62 -11.84 52.83
N GLU D 5016 12.89 -11.57 51.56
CA GLU D 5016 14.25 -11.52 51.07
C GLU D 5016 14.72 -10.09 50.85
N ARG D 5017 13.92 -9.10 51.28
CA ARG D 5017 14.23 -7.67 51.25
C ARG D 5017 14.62 -7.19 49.86
N CYS D 5018 13.83 -7.61 48.86
CA CYS D 5018 14.00 -7.13 47.50
C CYS D 5018 12.88 -6.14 47.22
N TRP D 5019 13.21 -4.86 47.20
CA TRP D 5019 12.22 -3.81 47.01
C TRP D 5019 12.03 -3.46 45.54
N ASP D 5020 11.75 -4.48 44.74
CA ASP D 5020 11.59 -4.31 43.31
C ASP D 5020 10.14 -4.41 42.89
N PHE D 5021 9.25 -4.73 43.83
CA PHE D 5021 7.83 -4.74 43.49
C PHE D 5021 7.22 -3.36 43.54
N PHE D 5022 7.96 -2.36 44.03
CA PHE D 5022 7.41 -1.03 44.19
C PHE D 5022 7.56 -0.31 42.87
N PRO D 5023 6.48 0.17 42.26
CA PRO D 5023 6.57 0.81 40.94
C PRO D 5023 7.48 2.03 40.97
N ALA D 5024 8.45 2.06 40.07
CA ALA D 5024 9.32 3.23 39.93
C ALA D 5024 9.38 3.60 38.47
N GLY D 5025 8.95 4.82 38.15
CA GLY D 5025 8.93 5.27 36.78
C GLY D 5025 7.73 4.82 35.98
N ASP D 5026 6.85 4.01 36.57
CA ASP D 5026 5.72 3.47 35.84
C ASP D 5026 4.49 3.43 36.73
N CYS D 5027 3.34 3.50 36.07
CA CYS D 5027 2.04 3.41 36.72
C CYS D 5027 1.13 2.62 35.81
N PHE D 5028 -0.01 2.19 36.37
CA PHE D 5028 -1.01 1.44 35.60
C PHE D 5028 -1.50 2.26 34.43
N ARG D 5029 -1.69 3.57 34.65
CA ARG D 5029 -2.16 4.50 33.64
C ARG D 5029 -1.16 4.57 32.48
N LYS D 5030 0.13 4.66 32.83
CA LYS D 5030 1.17 4.80 31.82
C LYS D 5030 1.31 3.52 31.03
N GLN D 5031 1.25 2.38 31.72
CA GLN D 5031 1.47 1.11 31.03
C GLN D 5031 0.32 0.84 30.06
N TYR D 5032 -0.92 1.05 30.50
CA TYR D 5032 -2.07 0.74 29.67
C TYR D 5032 -2.70 1.99 29.08
N GLU D 5033 -1.91 3.03 28.80
CA GLU D 5033 -2.46 4.32 28.37
C GLU D 5033 -3.18 4.23 27.02
N ASP D 5034 -2.60 3.52 26.06
CA ASP D 5034 -3.17 3.45 24.70
C ASP D 5034 -4.51 2.75 24.70
N GLN D 5035 -4.60 1.61 25.38
CA GLN D 5035 -5.85 0.87 25.47
C GLN D 5035 -6.88 1.62 26.30
N LEU D 5036 -6.48 2.16 27.46
CA LEU D 5036 -7.43 2.85 28.33
C LEU D 5036 -7.94 4.12 27.69
N SER D 5037 -7.07 4.86 27.02
CA SER D 5037 -7.41 6.14 26.42
C SER D 5037 -6.87 6.24 25.00
N GLY E 244 -126.22 -4.23 -8.29
CA GLY E 244 -126.49 -5.41 -7.50
C GLY E 244 -126.25 -5.22 -6.02
N VAL E 245 -127.34 -5.17 -5.24
CA VAL E 245 -127.25 -5.00 -3.80
C VAL E 245 -128.36 -5.85 -3.17
N GLU E 246 -128.05 -6.40 -1.99
CA GLU E 246 -129.04 -7.14 -1.21
C GLU E 246 -129.08 -6.55 0.18
N ILE E 247 -130.29 -6.25 0.65
CA ILE E 247 -130.52 -5.64 1.95
C ILE E 247 -131.45 -6.53 2.76
N GLU E 248 -130.98 -6.97 3.93
CA GLU E 248 -131.79 -7.75 4.86
C GLU E 248 -131.97 -6.95 6.14
N THR E 249 -133.21 -6.79 6.59
CA THR E 249 -133.47 -6.07 7.83
C THR E 249 -132.99 -6.90 9.02
N ILE E 250 -132.27 -6.27 9.93
CA ILE E 250 -131.87 -6.87 11.19
C ILE E 250 -132.81 -6.47 12.31
N SER E 251 -133.21 -5.20 12.34
CA SER E 251 -134.20 -4.68 13.26
C SER E 251 -134.93 -3.51 12.63
N PRO E 252 -136.23 -3.66 12.33
CA PRO E 252 -136.97 -2.60 11.63
C PRO E 252 -137.08 -1.33 12.46
N GLY E 253 -137.17 -0.21 11.75
CA GLY E 253 -137.26 1.08 12.40
C GLY E 253 -138.63 1.72 12.29
N ASP E 254 -138.75 2.68 11.37
CA ASP E 254 -140.01 3.41 11.17
C ASP E 254 -140.76 2.96 9.93
N GLY E 255 -140.10 2.99 8.78
CA GLY E 255 -140.69 2.53 7.54
C GLY E 255 -141.55 3.53 6.82
N ARG E 256 -141.63 4.77 7.30
CA ARG E 256 -142.39 5.81 6.63
C ARG E 256 -141.57 7.03 6.27
N THR E 257 -140.46 7.29 6.96
CA THR E 257 -139.57 8.40 6.65
C THR E 257 -138.36 7.84 5.93
N PHE E 258 -138.23 8.16 4.67
CA PHE E 258 -137.16 7.61 3.86
C PHE E 258 -136.16 8.71 3.54
N PRO E 259 -134.87 8.37 3.37
CA PRO E 259 -133.87 9.41 3.09
C PRO E 259 -134.04 10.04 1.71
N LYS E 260 -134.41 11.31 1.69
CA LYS E 260 -134.58 12.07 0.46
C LYS E 260 -133.42 13.02 0.27
N LYS E 261 -133.30 13.54 -0.95
CA LYS E 261 -132.27 14.51 -1.28
C LYS E 261 -132.52 15.81 -0.54
N GLY E 262 -131.45 16.39 0.01
CA GLY E 262 -131.51 17.64 0.73
C GLY E 262 -131.06 17.53 2.18
N GLN E 263 -131.32 16.39 2.81
CA GLN E 263 -130.90 16.16 4.20
C GLN E 263 -129.79 15.11 4.24
N THR E 264 -128.74 15.39 5.00
CA THR E 264 -127.64 14.45 5.16
C THR E 264 -128.09 13.25 5.95
N CYS E 265 -127.44 12.10 5.73
CA CYS E 265 -127.77 10.87 6.42
C CYS E 265 -126.70 10.57 7.46
N VAL E 266 -127.13 10.33 8.69
CA VAL E 266 -126.24 10.08 9.82
C VAL E 266 -126.34 8.61 10.21
N VAL E 267 -125.21 7.88 10.11
CA VAL E 267 -125.24 6.44 10.29
C VAL E 267 -124.12 5.98 11.21
N HIS E 268 -124.30 4.79 11.76
CA HIS E 268 -123.25 3.97 12.36
C HIS E 268 -123.23 2.65 11.61
N TYR E 269 -122.19 2.45 10.82
CA TYR E 269 -122.04 1.24 10.03
C TYR E 269 -120.92 0.39 10.62
N THR E 270 -120.83 -0.84 10.11
CA THR E 270 -119.78 -1.77 10.50
C THR E 270 -119.49 -2.64 9.28
N GLY E 271 -118.49 -2.26 8.52
CA GLY E 271 -118.16 -2.97 7.30
C GLY E 271 -117.34 -4.21 7.59
N MET E 272 -117.68 -5.31 6.92
CA MET E 272 -116.96 -6.55 7.07
C MET E 272 -116.65 -7.13 5.70
N LEU E 273 -115.50 -7.79 5.59
CA LEU E 273 -115.17 -8.52 4.38
C LEU E 273 -116.04 -9.77 4.30
N GLN E 274 -116.08 -10.38 3.10
CA GLN E 274 -116.96 -11.52 2.87
C GLN E 274 -116.53 -12.74 3.67
N ASN E 275 -115.24 -12.85 3.98
CA ASN E 275 -114.74 -13.94 4.81
C ASN E 275 -115.13 -13.82 6.28
N GLY E 276 -115.68 -12.69 6.69
CA GLY E 276 -116.06 -12.47 8.07
C GLY E 276 -115.08 -11.67 8.89
N LYS E 277 -114.04 -11.10 8.27
CA LYS E 277 -113.04 -10.32 8.98
C LYS E 277 -113.43 -8.85 8.86
N LYS E 278 -113.76 -8.24 10.01
CA LYS E 278 -114.17 -6.84 10.04
C LYS E 278 -113.01 -5.95 9.61
N PHE E 279 -113.29 -4.99 8.73
CA PHE E 279 -112.28 -4.06 8.26
C PHE E 279 -112.57 -2.63 8.64
N ASP E 280 -113.83 -2.24 8.80
CA ASP E 280 -114.14 -0.86 9.15
C ASP E 280 -115.37 -0.84 10.05
N SER E 281 -115.42 0.16 10.91
CA SER E 281 -116.54 0.41 11.79
C SER E 281 -116.50 1.86 12.25
N SER E 282 -117.63 2.34 12.73
CA SER E 282 -117.73 3.70 13.26
C SER E 282 -117.86 3.76 14.76
N ARG E 283 -118.27 2.68 15.41
CA ARG E 283 -118.42 2.70 16.85
C ARG E 283 -117.07 2.64 17.57
N ASP E 284 -116.06 2.03 16.94
CA ASP E 284 -114.71 2.09 17.48
C ASP E 284 -114.18 3.51 17.48
N ARG E 285 -114.41 4.26 16.41
CA ARG E 285 -114.09 5.67 16.41
C ARG E 285 -115.06 6.48 17.28
N ASN E 286 -116.22 5.89 17.62
CA ASN E 286 -117.22 6.46 18.53
C ASN E 286 -117.70 7.82 18.04
N LYS E 287 -117.99 7.90 16.74
CA LYS E 287 -118.49 9.12 16.18
C LYS E 287 -119.40 8.78 15.00
N PRO E 288 -120.60 9.35 14.95
CA PRO E 288 -121.50 9.10 13.82
C PRO E 288 -120.92 9.56 12.49
N PHE E 289 -121.16 8.79 11.45
CA PHE E 289 -120.65 9.05 10.11
C PHE E 289 -121.77 9.73 9.33
N LYS E 290 -121.71 11.06 9.26
CA LYS E 290 -122.70 11.84 8.54
C LYS E 290 -122.23 12.00 7.10
N PHE E 291 -122.96 11.44 6.15
CA PHE E 291 -122.61 11.56 4.75
C PHE E 291 -123.72 12.22 3.95
N ARG E 292 -123.31 13.10 3.05
CA ARG E 292 -124.19 13.97 2.28
C ARG E 292 -124.76 13.17 1.10
N ILE E 293 -125.99 12.67 1.24
CA ILE E 293 -126.56 11.77 0.24
C ILE E 293 -126.81 12.51 -1.06
N GLY E 294 -126.57 11.83 -2.19
CA GLY E 294 -126.80 12.37 -3.51
C GLY E 294 -125.58 12.95 -4.20
N LYS E 295 -124.53 13.28 -3.45
CA LYS E 295 -123.34 13.87 -4.05
C LYS E 295 -122.26 12.85 -4.40
N GLN E 296 -122.52 11.56 -4.16
CA GLN E 296 -121.66 10.45 -4.58
C GLN E 296 -120.25 10.51 -3.98
N GLU E 297 -120.13 11.02 -2.75
CA GLU E 297 -118.83 11.06 -2.09
C GLU E 297 -118.52 9.75 -1.38
N VAL E 298 -119.50 8.87 -1.21
CA VAL E 298 -119.27 7.56 -0.63
C VAL E 298 -119.38 6.54 -1.76
N ILE E 299 -119.03 5.30 -1.44
CA ILE E 299 -119.12 4.22 -2.42
C ILE E 299 -120.59 4.02 -2.85
N LYS E 300 -120.75 3.62 -4.12
CA LYS E 300 -122.06 3.56 -4.75
C LYS E 300 -122.99 2.57 -4.05
N GLY E 301 -122.47 1.39 -3.70
CA GLY E 301 -123.28 0.37 -3.06
C GLY E 301 -123.89 0.85 -1.75
N PHE E 302 -123.06 1.48 -0.90
CA PHE E 302 -123.53 2.06 0.35
C PHE E 302 -124.56 3.14 0.08
N GLU E 303 -124.29 4.00 -0.91
CA GLU E 303 -125.19 5.11 -1.21
C GLU E 303 -126.57 4.64 -1.62
N GLU E 304 -126.64 3.74 -2.61
CA GLU E 304 -127.96 3.31 -3.07
C GLU E 304 -128.56 2.20 -2.21
N GLY E 305 -127.82 1.66 -1.24
CA GLY E 305 -128.43 0.79 -0.27
C GLY E 305 -128.98 1.54 0.93
N ALA E 306 -128.42 2.72 1.21
CA ALA E 306 -128.96 3.53 2.30
C ALA E 306 -130.30 4.14 1.95
N ALA E 307 -130.59 4.33 0.65
CA ALA E 307 -131.85 4.93 0.23
C ALA E 307 -133.06 4.07 0.59
N GLN E 308 -132.94 2.75 0.39
CA GLN E 308 -134.07 1.85 0.58
C GLN E 308 -134.50 1.77 2.04
N MET E 309 -133.53 1.60 2.95
CA MET E 309 -133.84 1.44 4.36
C MET E 309 -134.23 2.79 4.98
N SER E 310 -135.05 2.71 6.02
CA SER E 310 -135.71 3.87 6.61
C SER E 310 -135.05 4.26 7.93
N LEU E 311 -135.65 5.25 8.60
CA LEU E 311 -135.14 5.76 9.86
C LEU E 311 -135.18 4.70 10.96
N GLY E 312 -134.16 4.70 11.80
CA GLY E 312 -134.10 3.81 12.94
C GLY E 312 -133.95 2.35 12.60
N GLN E 313 -133.54 2.03 11.39
CA GLN E 313 -133.48 0.65 10.91
C GLN E 313 -132.03 0.16 10.87
N ARG E 314 -131.78 -0.98 11.49
CA ARG E 314 -130.52 -1.70 11.37
C ARG E 314 -130.62 -2.65 10.18
N ALA E 315 -129.86 -2.38 9.14
CA ALA E 315 -129.97 -3.14 7.91
C ALA E 315 -128.60 -3.69 7.52
N LYS E 316 -128.61 -4.88 6.94
CA LYS E 316 -127.41 -5.55 6.47
C LYS E 316 -127.39 -5.42 4.96
N LEU E 317 -126.27 -4.96 4.43
CA LEU E 317 -126.11 -4.81 2.99
C LEU E 317 -125.19 -5.89 2.46
N THR E 318 -125.12 -5.97 1.13
CA THR E 318 -124.17 -6.87 0.47
C THR E 318 -123.82 -6.22 -0.87
N CYS E 319 -122.70 -5.51 -0.88
CA CYS E 319 -122.29 -4.72 -2.03
C CYS E 319 -121.34 -5.55 -2.90
N THR E 320 -121.71 -5.73 -4.16
CA THR E 320 -120.88 -6.42 -5.13
C THR E 320 -119.66 -5.53 -5.47
N PRO E 321 -118.56 -6.13 -5.95
CA PRO E 321 -117.41 -5.30 -6.37
C PRO E 321 -117.74 -4.28 -7.45
N ASP E 322 -118.74 -4.54 -8.30
CA ASP E 322 -119.13 -3.57 -9.32
C ASP E 322 -119.65 -2.29 -8.68
N VAL E 323 -120.44 -2.42 -7.60
CA VAL E 323 -120.94 -1.24 -6.88
C VAL E 323 -119.99 -0.90 -5.75
N ALA E 324 -118.83 -1.56 -5.72
CA ALA E 324 -117.79 -1.35 -4.72
C ALA E 324 -116.49 -0.99 -5.42
N TYR E 325 -115.38 -0.99 -4.67
CA TYR E 325 -114.08 -0.59 -5.19
C TYR E 325 -113.60 -1.43 -6.38
N GLY E 326 -114.07 -2.67 -6.52
CA GLY E 326 -113.79 -3.42 -7.73
C GLY E 326 -112.36 -3.92 -7.86
N ALA E 327 -111.91 -3.99 -9.12
CA ALA E 327 -110.61 -4.56 -9.45
C ALA E 327 -109.47 -3.74 -8.87
N THR E 328 -109.60 -2.42 -8.88
CA THR E 328 -108.53 -1.59 -8.30
C THR E 328 -108.48 -1.72 -6.79
N GLY E 329 -109.62 -1.97 -6.14
CA GLY E 329 -109.71 -2.16 -4.70
C GLY E 329 -109.27 -0.98 -3.86
N HIS E 330 -109.26 -1.16 -2.56
CA HIS E 330 -108.71 -0.08 -1.74
C HIS E 330 -107.30 -0.45 -1.33
N PRO E 331 -106.33 0.44 -1.49
CA PRO E 331 -104.92 0.06 -1.25
C PRO E 331 -104.64 -0.26 0.21
N GLY E 332 -104.30 -1.51 0.48
CA GLY E 332 -103.90 -1.93 1.80
C GLY E 332 -105.03 -2.08 2.79
N VAL E 333 -106.29 -2.01 2.34
CA VAL E 333 -107.46 -2.16 3.19
C VAL E 333 -108.37 -3.26 2.70
N ILE E 334 -108.76 -3.21 1.43
CA ILE E 334 -109.72 -4.14 0.85
C ILE E 334 -109.04 -4.86 -0.32
N PRO E 335 -109.10 -6.20 -0.37
CA PRO E 335 -108.48 -6.90 -1.49
C PRO E 335 -109.24 -6.65 -2.78
N PRO E 336 -108.57 -6.75 -3.93
CA PRO E 336 -109.26 -6.51 -5.21
C PRO E 336 -110.39 -7.50 -5.47
N ASN E 337 -111.46 -6.99 -6.10
CA ASN E 337 -112.64 -7.76 -6.50
C ASN E 337 -113.27 -8.51 -5.33
N ALA E 338 -113.72 -7.75 -4.34
CA ALA E 338 -114.29 -8.30 -3.12
C ALA E 338 -115.71 -7.81 -2.91
N THR E 339 -116.53 -8.66 -2.32
CA THR E 339 -117.90 -8.34 -1.96
C THR E 339 -117.92 -7.94 -0.50
N LEU E 340 -118.60 -6.83 -0.19
CA LEU E 340 -118.58 -6.26 1.14
C LEU E 340 -119.93 -6.41 1.82
N ILE E 341 -119.91 -6.43 3.16
CA ILE E 341 -121.11 -6.50 3.98
C ILE E 341 -121.06 -5.39 5.01
N PHE E 342 -122.16 -4.67 5.15
CA PHE E 342 -122.25 -3.52 6.04
C PHE E 342 -123.41 -3.68 7.01
N ASP E 343 -123.14 -3.46 8.29
CA ASP E 343 -124.18 -3.45 9.33
C ASP E 343 -124.59 -2.00 9.61
N VAL E 344 -125.31 -1.41 8.66
CA VAL E 344 -125.65 0.00 8.72
C VAL E 344 -126.80 0.22 9.68
N GLU E 345 -126.75 1.31 10.45
CA GLU E 345 -127.91 1.74 11.23
C GLU E 345 -127.99 3.26 11.08
N LEU E 346 -129.14 3.74 10.62
CA LEU E 346 -129.37 5.18 10.48
C LEU E 346 -130.11 5.62 11.74
N LEU E 347 -129.34 6.03 12.74
CA LEU E 347 -129.93 6.40 14.02
C LEU E 347 -130.76 7.68 13.93
N ASN E 348 -130.47 8.55 12.97
CA ASN E 348 -131.14 9.83 12.87
C ASN E 348 -130.87 10.43 11.50
N LEU E 349 -131.81 11.25 11.03
CA LEU E 349 -131.61 12.14 9.89
C LEU E 349 -131.44 13.53 10.50
N GLU E 350 -130.18 13.97 10.57
CA GLU E 350 -129.75 15.17 11.32
C GLU E 350 -130.21 15.11 12.78
N GLY F 244 -8.99 78.27 -99.06
CA GLY F 244 -10.39 78.65 -98.96
C GLY F 244 -10.69 79.55 -97.78
N VAL F 245 -10.97 80.83 -98.07
CA VAL F 245 -11.28 81.80 -97.03
C VAL F 245 -12.36 82.74 -97.59
N GLU F 246 -13.25 83.17 -96.70
CA GLU F 246 -14.27 84.16 -97.05
C GLU F 246 -14.18 85.30 -96.06
N ILE F 247 -14.13 86.53 -96.59
CA ILE F 247 -14.01 87.74 -95.80
C ILE F 247 -15.17 88.66 -96.12
N GLU F 248 -15.95 89.02 -95.10
CA GLU F 248 -17.04 89.97 -95.23
C GLU F 248 -16.73 91.19 -94.38
N THR F 249 -16.81 92.38 -94.97
CA THR F 249 -16.57 93.60 -94.22
C THR F 249 -17.71 93.85 -93.24
N ILE F 250 -17.38 94.16 -92.00
CA ILE F 250 -18.34 94.58 -90.99
C ILE F 250 -18.40 96.09 -90.89
N SER F 251 -17.24 96.75 -90.93
CA SER F 251 -17.12 98.19 -90.96
C SER F 251 -15.85 98.59 -91.70
N PRO F 252 -15.98 99.22 -92.88
CA PRO F 252 -14.79 99.55 -93.68
C PRO F 252 -13.88 100.55 -92.99
N GLY F 253 -12.59 100.45 -93.31
CA GLY F 253 -11.60 101.32 -92.72
C GLY F 253 -11.04 102.35 -93.68
N ASP F 254 -9.84 102.08 -94.19
CA ASP F 254 -9.17 103.01 -95.11
C ASP F 254 -9.23 102.53 -96.55
N GLY F 255 -8.77 101.31 -96.81
CA GLY F 255 -8.83 100.74 -98.15
C GLY F 255 -7.69 101.12 -99.06
N ARG F 256 -6.69 101.86 -98.58
CA ARG F 256 -5.54 102.21 -99.38
C ARG F 256 -4.22 101.75 -98.79
N THR F 257 -4.14 101.55 -97.48
CA THR F 257 -2.94 101.07 -96.82
C THR F 257 -3.15 99.59 -96.50
N PHE F 258 -2.42 98.74 -97.17
CA PHE F 258 -2.60 97.31 -97.01
C PHE F 258 -1.39 96.73 -96.28
N PRO F 259 -1.58 95.64 -95.50
CA PRO F 259 -0.45 95.08 -94.76
C PRO F 259 0.60 94.44 -95.67
N LYS F 260 1.77 95.03 -95.72
CA LYS F 260 2.89 94.53 -96.51
C LYS F 260 3.92 93.89 -95.60
N LYS F 261 4.82 93.14 -96.22
CA LYS F 261 5.91 92.49 -95.50
C LYS F 261 6.87 93.53 -94.96
N GLY F 262 7.30 93.35 -93.71
CA GLY F 262 8.23 94.24 -93.05
C GLY F 262 7.67 94.89 -91.79
N GLN F 263 6.37 95.18 -91.78
CA GLN F 263 5.72 95.77 -90.61
C GLN F 263 4.78 94.75 -89.97
N THR F 264 4.85 94.64 -88.64
CA THR F 264 3.99 93.74 -87.90
C THR F 264 2.56 94.24 -87.94
N CYS F 265 1.60 93.31 -87.81
CA CYS F 265 0.19 93.66 -87.83
C CYS F 265 -0.37 93.55 -86.42
N VAL F 266 -1.04 94.61 -85.98
CA VAL F 266 -1.59 94.71 -84.63
C VAL F 266 -3.11 94.62 -84.73
N VAL F 267 -3.69 93.58 -84.10
CA VAL F 267 -5.11 93.32 -84.26
C VAL F 267 -5.79 93.05 -82.92
N HIS F 268 -7.10 93.21 -82.91
CA HIS F 268 -8.00 92.67 -81.91
C HIS F 268 -9.00 91.77 -82.61
N TYR F 269 -8.85 90.47 -82.41
CA TYR F 269 -9.72 89.48 -83.03
C TYR F 269 -10.65 88.89 -81.98
N THR F 270 -11.63 88.12 -82.47
CA THR F 270 -12.56 87.42 -81.62
C THR F 270 -12.96 86.15 -82.36
N GLY F 271 -12.28 85.06 -82.05
CA GLY F 271 -12.53 83.81 -82.74
C GLY F 271 -13.74 83.10 -82.17
N MET F 272 -14.57 82.56 -83.05
CA MET F 272 -15.74 81.81 -82.65
C MET F 272 -15.81 80.50 -83.43
N LEU F 273 -16.32 79.47 -82.77
CA LEU F 273 -16.58 78.22 -83.46
C LEU F 273 -17.79 78.39 -84.38
N GLN F 274 -17.96 77.43 -85.30
CA GLN F 274 -19.01 77.53 -86.31
C GLN F 274 -20.39 77.44 -85.69
N ASN F 275 -20.52 76.75 -84.55
CA ASN F 275 -21.80 76.66 -83.86
C ASN F 275 -22.20 77.96 -83.16
N GLY F 276 -21.31 78.93 -83.09
CA GLY F 276 -21.59 80.19 -82.44
C GLY F 276 -21.05 80.32 -81.02
N LYS F 277 -20.24 79.36 -80.56
CA LYS F 277 -19.68 79.39 -79.22
C LYS F 277 -18.28 80.00 -79.31
N LYS F 278 -18.12 81.18 -78.69
CA LYS F 278 -16.84 81.87 -78.72
C LYS F 278 -15.78 81.05 -77.98
N PHE F 279 -14.61 80.92 -78.59
CA PHE F 279 -13.51 80.19 -77.98
C PHE F 279 -12.31 81.04 -77.68
N ASP F 280 -12.07 82.12 -78.43
CA ASP F 280 -10.91 82.96 -78.18
C ASP F 280 -11.27 84.41 -78.50
N SER F 281 -10.62 85.31 -77.78
CA SER F 281 -10.75 86.74 -78.00
C SER F 281 -9.54 87.44 -77.40
N SER F 282 -9.32 88.67 -77.82
CA SER F 282 -8.23 89.48 -77.31
C SER F 282 -8.67 90.61 -76.41
N ARG F 283 -9.93 91.02 -76.49
CA ARG F 283 -10.41 92.11 -75.65
C ARG F 283 -10.62 91.67 -74.21
N ASP F 284 -10.92 90.39 -73.98
CA ASP F 284 -10.97 89.86 -72.63
C ASP F 284 -9.59 89.91 -71.97
N ARG F 285 -8.55 89.55 -72.71
CA ARG F 285 -7.20 89.74 -72.21
C ARG F 285 -6.79 91.22 -72.21
N ASN F 286 -7.53 92.06 -72.95
CA ASN F 286 -7.36 93.51 -72.99
C ASN F 286 -5.94 93.90 -73.41
N LYS F 287 -5.45 93.23 -74.46
CA LYS F 287 -4.15 93.53 -74.97
C LYS F 287 -4.13 93.25 -76.46
N PRO F 288 -3.65 94.19 -77.28
CA PRO F 288 -3.57 93.96 -78.72
C PRO F 288 -2.65 92.79 -79.07
N PHE F 289 -3.05 92.03 -80.08
CA PHE F 289 -2.32 90.84 -80.52
C PHE F 289 -1.48 91.27 -81.73
N LYS F 290 -0.21 91.56 -81.49
CA LYS F 290 0.70 91.96 -82.54
C LYS F 290 1.37 90.70 -83.10
N PHE F 291 1.11 90.39 -84.37
CA PHE F 291 1.72 89.23 -85.00
C PHE F 291 2.53 89.63 -86.22
N ARG F 292 3.69 88.99 -86.34
CA ARG F 292 4.71 89.31 -87.33
C ARG F 292 4.32 88.66 -88.66
N ILE F 293 3.73 89.44 -89.57
CA ILE F 293 3.18 88.89 -90.81
C ILE F 293 4.30 88.38 -91.70
N GLY F 294 4.05 87.26 -92.38
CA GLY F 294 4.98 86.67 -93.32
C GLY F 294 5.83 85.54 -92.76
N LYS F 295 5.96 85.44 -91.44
CA LYS F 295 6.79 84.40 -90.85
C LYS F 295 6.02 83.14 -90.47
N GLN F 296 4.71 83.11 -90.74
CA GLN F 296 3.85 81.93 -90.58
C GLN F 296 3.80 81.40 -89.14
N GLU F 297 3.87 82.31 -88.17
CA GLU F 297 3.76 81.89 -86.77
C GLU F 297 2.32 81.79 -86.31
N VAL F 298 1.38 82.31 -87.09
CA VAL F 298 -0.04 82.17 -86.79
C VAL F 298 -0.62 81.19 -87.79
N ILE F 299 -1.88 80.82 -87.55
CA ILE F 299 -2.57 79.90 -88.45
C ILE F 299 -2.71 80.54 -89.85
N LYS F 300 -2.67 79.67 -90.87
CA LYS F 300 -2.60 80.11 -92.26
C LYS F 300 -3.81 80.92 -92.66
N GLY F 301 -5.01 80.47 -92.27
CA GLY F 301 -6.24 81.17 -92.64
C GLY F 301 -6.26 82.61 -92.14
N PHE F 302 -5.89 82.80 -90.87
CA PHE F 302 -5.80 84.14 -90.29
C PHE F 302 -4.76 84.96 -91.02
N GLU F 303 -3.60 84.36 -91.31
CA GLU F 303 -2.51 85.07 -91.96
C GLU F 303 -2.90 85.59 -93.34
N GLU F 304 -3.43 84.71 -94.20
CA GLU F 304 -3.76 85.16 -95.55
C GLU F 304 -5.13 85.83 -95.63
N GLY F 305 -5.91 85.83 -94.56
CA GLY F 305 -7.09 86.66 -94.53
C GLY F 305 -6.82 88.06 -94.02
N ALA F 306 -5.77 88.22 -93.20
CA ALA F 306 -5.40 89.55 -92.74
C ALA F 306 -4.80 90.39 -93.84
N ALA F 307 -4.20 89.76 -94.87
CA ALA F 307 -3.57 90.49 -95.96
C ALA F 307 -4.58 91.31 -96.77
N GLN F 308 -5.75 90.71 -97.06
CA GLN F 308 -6.72 91.35 -97.93
C GLN F 308 -7.32 92.60 -97.31
N MET F 309 -7.72 92.52 -96.04
CA MET F 309 -8.36 93.65 -95.38
C MET F 309 -7.33 94.71 -95.01
N SER F 310 -7.80 95.96 -94.95
CA SER F 310 -6.94 97.13 -94.84
C SER F 310 -6.99 97.70 -93.42
N LEU F 311 -6.31 98.84 -93.24
CA LEU F 311 -6.22 99.50 -91.95
C LEU F 311 -7.59 99.98 -91.46
N GLY F 312 -7.81 99.85 -90.16
CA GLY F 312 -9.02 100.34 -89.54
C GLY F 312 -10.27 99.58 -89.91
N GLN F 313 -10.14 98.39 -90.47
CA GLN F 313 -11.27 97.63 -90.98
C GLN F 313 -11.63 96.49 -90.03
N ARG F 314 -12.90 96.42 -89.66
CA ARG F 314 -13.45 95.28 -88.94
C ARG F 314 -13.95 94.27 -89.96
N ALA F 315 -13.31 93.11 -90.03
CA ALA F 315 -13.62 92.13 -91.06
C ALA F 315 -13.92 90.79 -90.40
N LYS F 316 -14.85 90.07 -91.01
CA LYS F 316 -15.24 88.74 -90.55
C LYS F 316 -14.62 87.73 -91.50
N LEU F 317 -13.93 86.75 -90.93
CA LEU F 317 -13.30 85.71 -91.72
C LEU F 317 -14.09 84.41 -91.59
N THR F 318 -13.71 83.44 -92.43
CA THR F 318 -14.28 82.10 -92.33
C THR F 318 -13.20 81.13 -92.81
N CYS F 319 -12.45 80.58 -91.87
CA CYS F 319 -11.30 79.74 -92.17
C CYS F 319 -11.74 78.27 -92.19
N THR F 320 -11.51 77.61 -93.32
CA THR F 320 -11.77 76.19 -93.47
C THR F 320 -10.75 75.39 -92.63
N PRO F 321 -11.09 74.15 -92.24
CA PRO F 321 -10.10 73.33 -91.52
C PRO F 321 -8.79 73.10 -92.28
N ASP F 322 -8.82 73.13 -93.61
CA ASP F 322 -7.59 72.98 -94.38
C ASP F 322 -6.63 74.13 -94.12
N VAL F 323 -7.16 75.36 -94.02
CA VAL F 323 -6.32 76.53 -93.71
C VAL F 323 -6.32 76.75 -92.20
N ALA F 324 -6.88 75.80 -91.46
CA ALA F 324 -6.96 75.84 -90.00
C ALA F 324 -6.30 74.59 -89.43
N TYR F 325 -6.49 74.35 -88.13
CA TYR F 325 -5.85 73.23 -87.43
C TYR F 325 -6.22 71.86 -88.01
N GLY F 326 -7.36 71.73 -88.67
CA GLY F 326 -7.65 70.51 -89.39
C GLY F 326 -7.99 69.31 -88.52
N ALA F 327 -7.60 68.13 -89.02
CA ALA F 327 -7.95 66.87 -88.39
C ALA F 327 -7.30 66.72 -87.02
N THR F 328 -6.06 67.18 -86.87
CA THR F 328 -5.41 67.09 -85.56
C THR F 328 -6.04 68.05 -84.56
N GLY F 329 -6.56 69.19 -85.03
CA GLY F 329 -7.22 70.17 -84.19
C GLY F 329 -6.37 70.79 -83.09
N HIS F 330 -6.97 71.61 -82.27
CA HIS F 330 -6.20 72.11 -81.14
C HIS F 330 -6.60 71.33 -79.91
N PRO F 331 -5.65 70.82 -79.12
CA PRO F 331 -6.00 69.92 -78.01
C PRO F 331 -6.77 70.63 -76.91
N GLY F 332 -8.02 70.24 -76.72
CA GLY F 332 -8.83 70.74 -75.64
C GLY F 332 -9.37 72.13 -75.85
N VAL F 333 -9.23 72.69 -77.06
CA VAL F 333 -9.72 74.02 -77.39
C VAL F 333 -10.66 73.99 -78.58
N ILE F 334 -10.21 73.40 -79.69
CA ILE F 334 -10.95 73.39 -80.94
C ILE F 334 -11.19 71.94 -81.33
N PRO F 335 -12.44 71.55 -81.65
CA PRO F 335 -12.68 70.17 -82.06
C PRO F 335 -12.06 69.88 -83.41
N PRO F 336 -11.72 68.61 -83.69
CA PRO F 336 -11.12 68.28 -84.99
C PRO F 336 -12.03 68.57 -86.17
N ASN F 337 -11.41 69.01 -87.27
CA ASN F 337 -12.07 69.32 -88.55
C ASN F 337 -13.21 70.33 -88.38
N ALA F 338 -12.85 71.52 -87.94
CA ALA F 338 -13.81 72.58 -87.65
C ALA F 338 -13.51 73.82 -88.47
N THR F 339 -14.56 74.53 -88.85
CA THR F 339 -14.46 75.79 -89.57
C THR F 339 -14.57 76.91 -88.55
N LEU F 340 -13.68 77.89 -88.65
CA LEU F 340 -13.58 78.95 -87.66
C LEU F 340 -14.04 80.29 -88.24
N ILE F 341 -14.50 81.18 -87.35
CA ILE F 341 -14.92 82.52 -87.72
C ILE F 341 -14.21 83.51 -86.80
N PHE F 342 -13.65 84.56 -87.39
CA PHE F 342 -12.87 85.55 -86.66
C PHE F 342 -13.42 86.95 -86.91
N ASP F 343 -13.62 87.70 -85.84
CA ASP F 343 -14.03 89.11 -85.93
C ASP F 343 -12.79 89.99 -85.78
N VAL F 344 -11.96 90.00 -86.82
CA VAL F 344 -10.67 90.67 -86.77
C VAL F 344 -10.86 92.17 -86.95
N GLU F 345 -10.09 92.98 -86.21
CA GLU F 345 -10.01 94.41 -86.48
C GLU F 345 -8.54 94.80 -86.36
N LEU F 346 -8.00 95.39 -87.41
CA LEU F 346 -6.61 95.86 -87.41
C LEU F 346 -6.67 97.34 -87.05
N LEU F 347 -6.58 97.63 -85.76
CA LEU F 347 -6.69 99.00 -85.28
C LEU F 347 -5.51 99.86 -85.72
N ASN F 348 -4.35 99.26 -85.98
CA ASN F 348 -3.15 100.02 -86.30
C ASN F 348 -2.12 99.07 -86.88
N LEU F 349 -1.25 99.62 -87.73
CA LEU F 349 -0.02 98.97 -88.17
C LEU F 349 1.10 99.66 -87.39
N GLU F 350 1.57 99.00 -86.33
CA GLU F 350 2.47 99.56 -85.31
C GLU F 350 1.90 100.85 -84.70
N GLY G 244 106.19 -38.92 -56.81
CA GLY G 244 106.43 -37.81 -57.70
C GLY G 244 106.87 -36.54 -56.99
N VAL G 245 108.15 -36.18 -57.15
CA VAL G 245 108.70 -34.99 -56.53
C VAL G 245 109.69 -34.37 -57.51
N GLU G 246 109.75 -33.04 -57.51
CA GLU G 246 110.74 -32.32 -58.30
C GLU G 246 111.48 -31.37 -57.39
N ILE G 247 112.82 -31.41 -57.47
CA ILE G 247 113.70 -30.61 -56.64
C ILE G 247 114.61 -29.78 -57.53
N GLU G 248 114.55 -28.46 -57.38
CA GLU G 248 115.42 -27.54 -58.09
C GLU G 248 116.30 -26.82 -57.08
N THR G 249 117.62 -26.83 -57.31
CA THR G 249 118.52 -26.13 -56.42
C THR G 249 118.36 -24.62 -56.58
N ILE G 250 118.26 -23.91 -55.47
CA ILE G 250 118.26 -22.46 -55.44
C ILE G 250 119.64 -21.91 -55.13
N SER G 251 120.34 -22.54 -54.19
CA SER G 251 121.72 -22.22 -53.86
C SER G 251 122.41 -23.47 -53.33
N PRO G 252 123.40 -24.00 -54.07
CA PRO G 252 124.05 -25.26 -53.66
C PRO G 252 124.81 -25.12 -52.36
N GLY G 253 124.91 -26.23 -51.64
CA GLY G 253 125.59 -26.25 -50.36
C GLY G 253 126.91 -26.98 -50.39
N ASP G 254 126.91 -28.22 -49.89
CA ASP G 254 128.12 -29.03 -49.83
C ASP G 254 128.16 -30.11 -50.90
N GLY G 255 127.13 -30.95 -50.95
CA GLY G 255 127.03 -31.98 -51.97
C GLY G 255 127.76 -33.26 -51.66
N ARG G 256 128.36 -33.39 -50.48
CA ARG G 256 129.03 -34.62 -50.08
C ARG G 256 128.48 -35.24 -48.81
N THR G 257 127.86 -34.45 -47.94
CA THR G 257 127.26 -34.95 -46.72
C THR G 257 125.75 -35.02 -46.93
N PHE G 258 125.22 -36.21 -46.99
CA PHE G 258 123.81 -36.39 -47.28
C PHE G 258 123.09 -36.87 -46.02
N PRO G 259 121.80 -36.53 -45.85
CA PRO G 259 121.09 -36.95 -44.63
C PRO G 259 120.85 -38.45 -44.58
N LYS G 260 121.51 -39.11 -43.64
CA LYS G 260 121.37 -40.55 -43.42
C LYS G 260 120.53 -40.81 -42.19
N LYS G 261 120.08 -42.05 -42.07
CA LYS G 261 119.30 -42.47 -40.91
C LYS G 261 120.16 -42.46 -39.67
N GLY G 262 119.59 -41.95 -38.57
CA GLY G 262 120.27 -41.87 -37.29
C GLY G 262 120.42 -40.45 -36.76
N GLN G 263 120.61 -39.49 -37.66
CA GLN G 263 120.74 -38.08 -37.27
C GLN G 263 119.50 -37.31 -37.72
N THR G 264 118.96 -36.49 -36.83
CA THR G 264 117.81 -35.65 -37.15
C THR G 264 118.20 -34.58 -38.13
N CYS G 265 117.23 -34.11 -38.93
CA CYS G 265 117.48 -33.07 -39.91
C CYS G 265 116.87 -31.76 -39.43
N VAL G 266 117.67 -30.71 -39.43
CA VAL G 266 117.28 -29.39 -38.95
C VAL G 266 117.13 -28.46 -40.14
N VAL G 267 115.92 -27.93 -40.35
CA VAL G 267 115.63 -27.16 -41.55
C VAL G 267 114.89 -25.87 -41.22
N HIS G 268 114.96 -24.93 -42.15
CA HIS G 268 114.06 -23.79 -42.26
C HIS G 268 113.39 -23.86 -43.62
N TYR G 269 112.11 -24.19 -43.61
CA TYR G 269 111.33 -24.31 -44.84
C TYR G 269 110.36 -23.14 -44.95
N THR G 270 109.75 -23.04 -46.13
CA THR G 270 108.74 -22.03 -46.39
C THR G 270 107.77 -22.63 -47.40
N GLY G 271 106.68 -23.18 -46.90
CA GLY G 271 105.72 -23.85 -47.76
C GLY G 271 104.79 -22.84 -48.41
N MET G 272 104.53 -23.04 -49.70
CA MET G 272 103.62 -22.19 -50.44
C MET G 272 102.64 -23.05 -51.23
N LEU G 273 101.42 -22.56 -51.37
CA LEU G 273 100.46 -23.20 -52.24
C LEU G 273 100.85 -22.97 -53.69
N GLN G 274 100.25 -23.76 -54.60
CA GLN G 274 100.62 -23.71 -56.01
C GLN G 274 100.24 -22.38 -56.64
N ASN G 275 99.20 -21.71 -56.12
CA ASN G 275 98.81 -20.40 -56.62
C ASN G 275 99.77 -19.29 -56.22
N GLY G 276 100.71 -19.56 -55.34
CA GLY G 276 101.66 -18.57 -54.89
C GLY G 276 101.34 -17.93 -53.55
N LYS G 277 100.34 -18.44 -52.83
CA LYS G 277 99.95 -17.89 -51.54
C LYS G 277 100.63 -18.72 -50.46
N LYS G 278 101.55 -18.08 -49.72
CA LYS G 278 102.29 -18.76 -48.67
C LYS G 278 101.34 -19.20 -47.56
N PHE G 279 101.49 -20.45 -47.11
CA PHE G 279 100.66 -20.98 -46.05
C PHE G 279 101.44 -21.35 -44.81
N ASP G 280 102.72 -21.71 -44.92
CA ASP G 280 103.50 -22.08 -43.75
C ASP G 280 104.94 -21.64 -43.95
N SER G 281 105.60 -21.33 -42.85
CA SER G 281 107.00 -20.98 -42.82
C SER G 281 107.53 -21.19 -41.41
N SER G 282 108.85 -21.28 -41.30
CA SER G 282 109.51 -21.43 -40.01
C SER G 282 110.24 -20.19 -39.55
N ARG G 283 110.58 -19.28 -40.45
CA ARG G 283 111.29 -18.08 -40.06
C ARG G 283 110.38 -17.08 -39.35
N ASP G 284 109.08 -17.09 -39.66
CA ASP G 284 108.13 -16.29 -38.91
C ASP G 284 108.04 -16.75 -37.46
N ARG G 285 108.01 -18.06 -37.24
CA ARG G 285 108.11 -18.58 -35.88
C ARG G 285 109.52 -18.43 -35.31
N ASN G 286 110.51 -18.20 -36.18
CA ASN G 286 111.91 -17.92 -35.82
C ASN G 286 112.49 -19.05 -34.98
N LYS G 287 112.25 -20.28 -35.42
CA LYS G 287 112.78 -21.42 -34.75
C LYS G 287 113.02 -22.54 -35.75
N PRO G 288 114.21 -23.14 -35.76
CA PRO G 288 114.48 -24.25 -36.69
C PRO G 288 113.55 -25.44 -36.45
N PHE G 289 113.14 -26.08 -37.54
CA PHE G 289 112.23 -27.21 -37.51
C PHE G 289 113.08 -28.47 -37.61
N LYS G 290 113.35 -29.08 -36.45
CA LYS G 290 114.14 -30.30 -36.40
C LYS G 290 113.19 -31.49 -36.50
N PHE G 291 113.30 -32.27 -37.57
CA PHE G 291 112.46 -33.44 -37.75
C PHE G 291 113.29 -34.70 -37.88
N ARG G 292 112.81 -35.75 -37.22
CA ARG G 292 113.50 -37.02 -37.06
C ARG G 292 113.31 -37.85 -38.33
N ILE G 293 114.31 -37.85 -39.21
CA ILE G 293 114.17 -38.47 -40.53
C ILE G 293 114.06 -39.99 -40.38
N GLY G 294 113.22 -40.60 -41.22
CA GLY G 294 113.03 -42.04 -41.25
C GLY G 294 111.84 -42.55 -40.46
N LYS G 295 111.31 -41.77 -39.53
CA LYS G 295 110.19 -42.22 -38.72
C LYS G 295 108.83 -41.81 -39.28
N GLN G 296 108.81 -41.11 -40.42
CA GLN G 296 107.59 -40.77 -41.17
C GLN G 296 106.61 -39.91 -40.36
N GLU G 297 107.14 -39.03 -39.50
CA GLU G 297 106.28 -38.13 -38.75
C GLU G 297 105.93 -36.87 -39.54
N VAL G 298 106.62 -36.61 -40.64
CA VAL G 298 106.31 -35.49 -41.51
C VAL G 298 105.68 -36.06 -42.77
N ILE G 299 105.18 -35.16 -43.61
CA ILE G 299 104.57 -35.57 -44.87
C ILE G 299 105.63 -36.25 -45.77
N LYS G 300 105.17 -37.22 -46.57
CA LYS G 300 106.04 -38.09 -47.34
C LYS G 300 106.87 -37.31 -48.34
N GLY G 301 106.24 -36.36 -49.05
CA GLY G 301 106.95 -35.58 -50.07
C GLY G 301 108.13 -34.82 -49.50
N PHE G 302 107.91 -34.14 -48.36
CA PHE G 302 108.97 -33.43 -47.67
C PHE G 302 110.06 -34.40 -47.23
N GLU G 303 109.66 -35.54 -46.68
CA GLU G 303 110.62 -36.52 -46.17
C GLU G 303 111.54 -37.04 -47.26
N GLU G 304 110.96 -37.53 -48.37
CA GLU G 304 111.82 -38.09 -49.41
C GLU G 304 112.39 -37.03 -50.35
N GLY G 305 111.99 -35.78 -50.22
CA GLY G 305 112.68 -34.72 -50.92
C GLY G 305 113.85 -34.16 -50.13
N ALA G 306 113.79 -34.26 -48.80
CA ALA G 306 114.91 -33.81 -47.98
C ALA G 306 116.11 -34.73 -48.10
N ALA G 307 115.89 -36.01 -48.45
CA ALA G 307 116.98 -36.97 -48.56
C ALA G 307 117.96 -36.61 -49.68
N GLN G 308 117.42 -36.19 -50.83
CA GLN G 308 118.26 -35.94 -52.01
C GLN G 308 119.19 -34.76 -51.81
N MET G 309 118.66 -33.65 -51.29
CA MET G 309 119.46 -32.44 -51.12
C MET G 309 120.40 -32.58 -49.93
N SER G 310 121.52 -31.87 -50.01
CA SER G 310 122.64 -32.03 -49.09
C SER G 310 122.71 -30.88 -48.09
N LEU G 311 123.76 -30.88 -47.27
CA LEU G 311 123.96 -29.87 -46.24
C LEU G 311 124.15 -28.48 -46.84
N GLY G 312 123.59 -27.48 -46.18
CA GLY G 312 123.76 -26.10 -46.58
C GLY G 312 123.10 -25.73 -47.88
N GLN G 313 122.17 -26.54 -48.36
CA GLN G 313 121.56 -26.34 -49.67
C GLN G 313 120.14 -25.79 -49.52
N ARG G 314 119.87 -24.70 -50.22
CA ARG G 314 118.53 -24.16 -50.38
C ARG G 314 117.89 -24.81 -51.60
N ALA G 315 116.87 -25.62 -51.38
CA ALA G 315 116.27 -26.39 -52.45
C ALA G 315 114.77 -26.12 -52.49
N LYS G 316 114.23 -26.12 -53.71
CA LYS G 316 112.81 -25.92 -53.94
C LYS G 316 112.22 -27.28 -54.28
N LEU G 317 111.15 -27.64 -53.59
CA LEU G 317 110.47 -28.90 -53.84
C LEU G 317 109.16 -28.65 -54.57
N THR G 318 108.55 -29.75 -55.01
CA THR G 318 107.21 -29.68 -55.61
C THR G 318 106.54 -31.02 -55.31
N CYS G 319 105.75 -31.04 -54.25
CA CYS G 319 105.13 -32.26 -53.75
C CYS G 319 103.73 -32.40 -54.36
N THR G 320 103.50 -33.52 -55.05
CA THR G 320 102.20 -33.84 -55.60
C THR G 320 101.23 -34.19 -54.45
N PRO G 321 99.91 -34.05 -54.66
CA PRO G 321 98.96 -34.46 -53.62
C PRO G 321 99.08 -35.92 -53.19
N ASP G 322 99.55 -36.81 -54.08
CA ASP G 322 99.74 -38.20 -53.71
C ASP G 322 100.80 -38.34 -52.62
N VAL G 323 101.89 -37.56 -52.71
CA VAL G 323 102.93 -37.58 -51.68
C VAL G 323 102.64 -36.49 -50.65
N ALA G 324 101.46 -35.88 -50.76
CA ALA G 324 101.01 -34.83 -49.86
C ALA G 324 99.68 -35.25 -49.23
N TYR G 325 99.01 -34.30 -48.56
CA TYR G 325 97.76 -34.57 -47.85
C TYR G 325 96.64 -35.11 -48.74
N GLY G 326 96.67 -34.83 -50.04
CA GLY G 326 95.74 -35.48 -50.95
C GLY G 326 94.30 -35.00 -50.85
N ALA G 327 93.39 -35.94 -51.11
CA ALA G 327 91.96 -35.63 -51.19
C ALA G 327 91.41 -35.18 -49.84
N THR G 328 91.87 -35.78 -48.75
CA THR G 328 91.39 -35.36 -47.44
C THR G 328 91.91 -33.98 -47.06
N GLY G 329 93.11 -33.62 -47.55
CA GLY G 329 93.71 -32.32 -47.31
C GLY G 329 93.98 -31.97 -45.85
N HIS G 330 94.44 -30.77 -45.61
CA HIS G 330 94.58 -30.38 -44.21
C HIS G 330 93.41 -29.49 -43.85
N PRO G 331 92.73 -29.75 -42.72
CA PRO G 331 91.49 -29.01 -42.42
C PRO G 331 91.74 -27.54 -42.14
N GLY G 332 91.23 -26.68 -43.01
CA GLY G 332 91.29 -25.25 -42.81
C GLY G 332 92.64 -24.63 -43.09
N VAL G 333 93.57 -25.39 -43.67
CA VAL G 333 94.90 -24.90 -44.00
C VAL G 333 95.22 -25.09 -45.47
N ILE G 334 95.06 -26.32 -45.97
CA ILE G 334 95.42 -26.67 -47.34
C ILE G 334 94.17 -27.19 -48.03
N PRO G 335 93.84 -26.68 -49.23
CA PRO G 335 92.67 -27.19 -49.94
C PRO G 335 92.87 -28.61 -50.41
N PRO G 336 91.80 -29.39 -50.58
CA PRO G 336 91.96 -30.78 -51.04
C PRO G 336 92.58 -30.88 -52.43
N ASN G 337 93.40 -31.92 -52.61
CA ASN G 337 94.07 -32.26 -53.87
C ASN G 337 94.89 -31.09 -54.41
N ALA G 338 95.89 -30.69 -53.64
CA ALA G 338 96.73 -29.54 -53.96
C ALA G 338 98.19 -29.95 -54.05
N THR G 339 98.92 -29.29 -54.94
CA THR G 339 100.35 -29.49 -55.10
C THR G 339 101.06 -28.40 -54.32
N LEU G 340 102.07 -28.79 -53.54
CA LEU G 340 102.74 -27.88 -52.63
C LEU G 340 104.16 -27.58 -53.10
N ILE G 341 104.67 -26.41 -52.70
CA ILE G 341 106.03 -25.99 -53.00
C ILE G 341 106.70 -25.56 -51.70
N PHE G 342 107.92 -26.04 -51.48
CA PHE G 342 108.66 -25.79 -50.25
C PHE G 342 110.02 -25.19 -50.56
N ASP G 343 110.36 -24.10 -49.87
CA ASP G 343 111.68 -23.49 -49.97
C ASP G 343 112.54 -23.97 -48.80
N VAL G 344 112.94 -25.24 -48.86
CA VAL G 344 113.64 -25.88 -47.76
C VAL G 344 115.10 -25.44 -47.74
N GLU G 345 115.66 -25.23 -46.54
CA GLU G 345 117.10 -25.05 -46.40
C GLU G 345 117.51 -25.85 -45.17
N LEU G 346 118.46 -26.77 -45.35
CA LEU G 346 118.99 -27.56 -44.24
C LEU G 346 120.26 -26.86 -43.77
N LEU G 347 120.10 -25.96 -42.81
CA LEU G 347 121.22 -25.17 -42.33
C LEU G 347 122.25 -26.01 -41.59
N ASN G 348 121.84 -27.14 -41.01
CA ASN G 348 122.74 -27.95 -40.20
C ASN G 348 122.11 -29.32 -40.00
N LEU G 349 122.96 -30.32 -39.81
CA LEU G 349 122.57 -31.64 -39.31
C LEU G 349 123.03 -31.66 -37.85
N GLU G 350 122.08 -31.45 -36.94
CA GLU G 350 122.32 -31.20 -35.51
C GLU G 350 123.29 -30.03 -35.29
N GLY H 244 -11.03 -121.43 33.95
CA GLY H 244 -9.67 -121.87 33.76
C GLY H 244 -8.69 -121.32 34.77
N VAL H 245 -8.22 -122.19 35.67
CA VAL H 245 -7.27 -121.79 36.71
C VAL H 245 -6.30 -122.96 36.91
N GLU H 246 -5.05 -122.61 37.20
CA GLU H 246 -4.04 -123.61 37.54
C GLU H 246 -3.41 -123.22 38.85
N ILE H 247 -3.34 -124.19 39.77
CA ILE H 247 -2.81 -123.99 41.11
C ILE H 247 -1.67 -124.97 41.35
N GLU H 248 -0.49 -124.44 41.65
CA GLU H 248 0.67 -125.26 42.00
C GLU H 248 1.06 -124.96 43.43
N THR H 249 1.21 -126.00 44.25
CA THR H 249 1.62 -125.81 45.63
C THR H 249 3.09 -125.37 45.69
N ILE H 250 3.38 -124.34 46.46
CA ILE H 250 4.73 -123.91 46.75
C ILE H 250 5.23 -124.48 48.06
N SER H 251 4.37 -124.49 49.08
CA SER H 251 4.64 -125.10 50.37
C SER H 251 3.34 -125.57 50.99
N PRO H 252 3.14 -126.89 51.14
CA PRO H 252 1.87 -127.41 51.65
C PRO H 252 1.61 -126.99 53.09
N GLY H 253 0.33 -126.89 53.42
CA GLY H 253 -0.07 -126.48 54.75
C GLY H 253 -0.67 -127.61 55.57
N ASP H 254 -2.01 -127.62 55.67
CA ASP H 254 -2.71 -128.63 56.46
C ASP H 254 -3.37 -129.69 55.59
N GLY H 255 -4.20 -129.27 54.64
CA GLY H 255 -4.84 -130.19 53.71
C GLY H 255 -6.10 -130.84 54.22
N ARG H 256 -6.59 -130.48 55.40
CA ARG H 256 -7.82 -131.01 55.93
C ARG H 256 -8.87 -129.96 56.24
N THR H 257 -8.46 -128.72 56.50
CA THR H 257 -9.38 -127.62 56.76
C THR H 257 -9.46 -126.77 55.50
N PHE H 258 -10.60 -126.79 54.85
CA PHE H 258 -10.76 -126.09 53.59
C PHE H 258 -11.67 -124.89 53.80
N PRO H 259 -11.49 -123.80 53.02
CA PRO H 259 -12.33 -122.62 53.21
C PRO H 259 -13.78 -122.85 52.80
N LYS H 260 -14.67 -122.84 53.77
CA LYS H 260 -16.10 -123.01 53.55
C LYS H 260 -16.81 -121.68 53.69
N LYS H 261 -18.05 -121.65 53.20
CA LYS H 261 -18.88 -120.46 53.30
C LYS H 261 -19.23 -120.19 54.75
N GLY H 262 -19.15 -118.91 55.15
CA GLY H 262 -19.47 -118.48 56.49
C GLY H 262 -18.30 -117.82 57.21
N GLN H 263 -17.08 -118.27 56.94
CA GLN H 263 -15.88 -117.69 57.55
C GLN H 263 -15.08 -116.94 56.48
N THR H 264 -14.64 -115.74 56.82
CA THR H 264 -13.82 -114.94 55.91
C THR H 264 -12.45 -115.57 55.76
N CYS H 265 -11.81 -115.32 54.62
CA CYS H 265 -10.49 -115.86 54.35
C CYS H 265 -9.46 -114.74 54.45
N VAL H 266 -8.41 -114.99 55.24
CA VAL H 266 -7.36 -114.01 55.51
C VAL H 266 -6.09 -114.46 54.79
N VAL H 267 -5.60 -113.63 53.86
CA VAL H 267 -4.50 -114.04 53.01
C VAL H 267 -3.44 -112.94 52.91
N HIS H 268 -2.24 -113.35 52.53
CA HIS H 268 -1.19 -112.49 52.00
C HIS H 268 -0.84 -112.98 50.61
N TYR H 269 -1.23 -112.21 49.61
CA TYR H 269 -0.98 -112.56 48.22
C TYR H 269 0.10 -111.64 47.65
N THR H 270 0.55 -112.00 46.45
CA THR H 270 1.53 -111.21 45.72
C THR H 270 1.24 -111.42 44.24
N GLY H 271 0.48 -110.50 43.67
CA GLY H 271 0.08 -110.63 42.27
C GLY H 271 1.19 -110.16 41.35
N MET H 272 1.42 -110.91 40.28
CA MET H 272 2.41 -110.56 39.28
C MET H 272 1.81 -110.69 37.89
N LEU H 273 2.24 -109.81 36.99
CA LEU H 273 1.87 -109.94 35.60
C LEU H 273 2.60 -111.13 34.98
N GLN H 274 2.12 -111.56 33.81
CA GLN H 274 2.66 -112.76 33.17
C GLN H 274 4.10 -112.55 32.72
N ASN H 275 4.49 -111.31 32.42
CA ASN H 275 5.86 -111.01 32.04
C ASN H 275 6.84 -111.06 33.22
N GLY H 276 6.34 -111.18 34.44
CA GLY H 276 7.19 -111.23 35.61
C GLY H 276 7.31 -109.92 36.36
N LYS H 277 6.54 -108.90 36.00
CA LYS H 277 6.59 -107.61 36.66
C LYS H 277 5.49 -107.57 37.71
N LYS H 278 5.91 -107.50 38.99
CA LYS H 278 4.96 -107.48 40.10
C LYS H 278 4.12 -106.21 40.03
N PHE H 279 2.80 -106.36 40.21
CA PHE H 279 1.89 -105.23 40.20
C PHE H 279 1.19 -105.02 41.51
N ASP H 280 0.96 -106.06 42.31
CA ASP H 280 0.27 -105.90 43.58
C ASP H 280 0.84 -106.88 44.59
N SER H 281 0.80 -106.48 45.85
CA SER H 281 1.21 -107.31 46.96
C SER H 281 0.57 -106.77 48.23
N SER H 282 0.53 -107.60 49.26
CA SER H 282 0.00 -107.21 50.55
C SER H 282 1.05 -107.04 51.63
N ARG H 283 2.23 -107.62 51.45
CA ARG H 283 3.28 -107.49 52.45
C ARG H 283 3.92 -106.11 52.43
N ASP H 284 3.94 -105.45 51.27
CA ASP H 284 4.38 -104.06 51.20
C ASP H 284 3.45 -103.15 52.00
N ARG H 285 2.15 -103.36 51.88
CA ARG H 285 1.21 -102.65 52.74
C ARG H 285 1.25 -103.17 54.18
N ASN H 286 1.82 -104.36 54.38
CA ASN H 286 2.05 -104.97 55.70
C ASN H 286 0.74 -105.12 56.47
N LYS H 287 -0.29 -105.61 55.77
CA LYS H 287 -1.55 -105.84 56.40
C LYS H 287 -2.25 -107.00 55.71
N PRO H 288 -2.74 -107.99 56.47
CA PRO H 288 -3.46 -109.11 55.86
C PRO H 288 -4.71 -108.67 55.11
N PHE H 289 -4.98 -109.32 53.99
CA PHE H 289 -6.10 -109.01 53.12
C PHE H 289 -7.21 -110.01 53.46
N LYS H 290 -8.15 -109.58 54.30
CA LYS H 290 -9.27 -110.42 54.69
C LYS H 290 -10.41 -110.19 53.70
N PHE H 291 -10.77 -111.22 52.95
CA PHE H 291 -11.87 -111.11 51.99
C PHE H 291 -12.96 -112.12 52.29
N ARG H 292 -14.20 -111.64 52.17
CA ARG H 292 -15.40 -112.37 52.55
C ARG H 292 -15.77 -113.34 51.43
N ILE H 293 -15.41 -114.61 51.59
CA ILE H 293 -15.57 -115.60 50.52
C ILE H 293 -17.04 -115.86 50.26
N GLY H 294 -17.39 -116.03 48.98
CA GLY H 294 -18.75 -116.34 48.56
C GLY H 294 -19.57 -115.15 48.10
N LYS H 295 -19.18 -113.93 48.46
CA LYS H 295 -19.94 -112.75 48.07
C LYS H 295 -19.45 -112.10 46.79
N GLN H 296 -18.42 -112.66 46.16
CA GLN H 296 -17.92 -112.25 44.84
C GLN H 296 -17.43 -110.80 44.80
N GLU H 297 -16.87 -110.32 45.91
CA GLU H 297 -16.32 -108.96 45.93
C GLU H 297 -14.90 -108.91 45.40
N VAL H 298 -14.25 -110.05 45.24
CA VAL H 298 -12.92 -110.11 44.64
C VAL H 298 -13.07 -110.70 43.25
N ILE H 299 -11.97 -110.68 42.50
CA ILE H 299 -11.98 -111.25 41.16
C ILE H 299 -12.24 -112.76 41.23
N LYS H 300 -12.92 -113.27 40.19
CA LYS H 300 -13.42 -114.64 40.17
C LYS H 300 -12.30 -115.66 40.27
N GLY H 301 -11.21 -115.44 39.52
CA GLY H 301 -10.10 -116.39 39.52
C GLY H 301 -9.50 -116.58 40.89
N PHE H 302 -9.26 -115.46 41.60
CA PHE H 302 -8.75 -115.51 42.96
C PHE H 302 -9.74 -116.22 43.88
N GLU H 303 -11.03 -115.90 43.73
CA GLU H 303 -12.06 -116.48 44.59
C GLU H 303 -12.13 -117.99 44.46
N GLU H 304 -12.25 -118.50 43.22
CA GLU H 304 -12.38 -119.94 43.07
C GLU H 304 -11.04 -120.67 43.07
N GLY H 305 -9.92 -119.95 43.10
CA GLY H 305 -8.65 -120.59 43.34
C GLY H 305 -8.31 -120.67 44.82
N ALA H 306 -8.86 -119.76 45.62
CA ALA H 306 -8.64 -119.83 47.06
C ALA H 306 -9.40 -120.98 47.70
N ALA H 307 -10.49 -121.44 47.07
CA ALA H 307 -11.28 -122.53 47.63
C ALA H 307 -10.51 -123.84 47.68
N GLN H 308 -9.77 -124.15 46.61
CA GLN H 308 -9.09 -125.44 46.51
C GLN H 308 -7.99 -125.59 47.54
N MET H 309 -7.15 -124.57 47.70
CA MET H 309 -6.02 -124.65 48.61
C MET H 309 -6.50 -124.51 50.06
N SER H 310 -5.73 -125.11 50.96
CA SER H 310 -6.12 -125.29 52.35
C SER H 310 -5.36 -124.32 53.26
N LEU H 311 -5.58 -124.48 54.57
CA LEU H 311 -4.96 -123.62 55.57
C LEU H 311 -3.44 -123.76 55.58
N GLY H 312 -2.76 -122.64 55.78
CA GLY H 312 -1.32 -122.63 55.90
C GLY H 312 -0.57 -122.97 54.63
N GLN H 313 -1.23 -122.90 53.49
CA GLN H 313 -0.64 -123.32 52.23
C GLN H 313 -0.26 -122.11 51.38
N ARG H 314 0.98 -122.09 50.92
CA ARG H 314 1.45 -121.13 49.93
C ARG H 314 1.22 -121.72 48.55
N ALA H 315 0.32 -121.11 47.79
CA ALA H 315 -0.08 -121.66 46.51
C ALA H 315 0.09 -120.60 45.43
N LYS H 316 0.47 -121.06 44.24
CA LYS H 316 0.64 -120.21 43.08
C LYS H 316 -0.56 -120.43 42.17
N LEU H 317 -1.19 -119.34 41.77
CA LEU H 317 -2.34 -119.41 40.88
C LEU H 317 -1.94 -118.95 39.49
N THR H 318 -2.86 -119.16 38.54
CA THR H 318 -2.68 -118.65 37.18
C THR H 318 -4.08 -118.37 36.64
N CYS H 319 -4.50 -117.12 36.74
CA CYS H 319 -5.85 -116.72 36.38
C CYS H 319 -5.87 -116.23 34.94
N THR H 320 -6.70 -116.86 34.11
CA THR H 320 -6.90 -116.45 32.74
C THR H 320 -7.68 -115.12 32.71
N PRO H 321 -7.56 -114.33 31.63
CA PRO H 321 -8.35 -113.10 31.53
C PRO H 321 -9.86 -113.31 31.63
N ASP H 322 -10.37 -114.48 31.24
CA ASP H 322 -11.79 -114.75 31.36
C ASP H 322 -12.22 -114.76 32.82
N VAL H 323 -11.39 -115.34 33.71
CA VAL H 323 -11.69 -115.35 35.14
C VAL H 323 -11.03 -114.14 35.80
N ALA H 324 -10.49 -113.24 34.97
CA ALA H 324 -9.83 -112.02 35.42
C ALA H 324 -10.51 -110.82 34.78
N TYR H 325 -9.89 -109.64 34.89
CA TYR H 325 -10.46 -108.40 34.39
C TYR H 325 -10.74 -108.40 32.88
N GLY H 326 -10.03 -109.23 32.11
CA GLY H 326 -10.40 -109.40 30.72
C GLY H 326 -10.07 -108.23 29.81
N ALA H 327 -10.92 -108.05 28.79
CA ALA H 327 -10.70 -107.06 27.75
C ALA H 327 -10.75 -105.64 28.31
N THR H 328 -11.66 -105.38 29.25
CA THR H 328 -11.73 -104.04 29.82
C THR H 328 -10.52 -103.74 30.71
N GLY H 329 -9.95 -104.78 31.34
CA GLY H 329 -8.77 -104.65 32.18
C GLY H 329 -8.92 -103.74 33.39
N HIS H 330 -7.84 -103.54 34.11
CA HIS H 330 -7.94 -102.57 35.19
C HIS H 330 -7.29 -101.28 34.73
N PRO H 331 -7.95 -100.13 34.91
CA PRO H 331 -7.43 -98.88 34.33
C PRO H 331 -6.13 -98.43 34.97
N GLY H 332 -5.06 -98.43 34.19
CA GLY H 332 -3.78 -97.93 34.63
C GLY H 332 -3.02 -98.85 35.55
N VAL H 333 -3.48 -100.09 35.72
CA VAL H 333 -2.83 -101.08 36.57
C VAL H 333 -2.50 -102.35 35.81
N ILE H 334 -3.49 -102.93 35.14
CA ILE H 334 -3.35 -104.20 34.45
C ILE H 334 -3.68 -103.98 32.98
N PRO H 335 -2.82 -104.43 32.05
CA PRO H 335 -3.13 -104.26 30.64
C PRO H 335 -4.30 -105.14 30.22
N PRO H 336 -5.04 -104.75 29.18
CA PRO H 336 -6.18 -105.57 28.73
C PRO H 336 -5.78 -106.95 28.27
N ASN H 337 -6.65 -107.93 28.56
CA ASN H 337 -6.50 -109.34 28.18
C ASN H 337 -5.17 -109.93 28.64
N ALA H 338 -4.99 -109.96 29.95
CA ALA H 338 -3.75 -110.42 30.57
C ALA H 338 -4.02 -111.58 31.51
N THR H 339 -3.05 -112.49 31.59
CA THR H 339 -3.09 -113.62 32.50
C THR H 339 -2.29 -113.25 33.73
N LEU H 340 -2.85 -113.51 34.91
CA LEU H 340 -2.26 -113.09 36.17
C LEU H 340 -1.73 -114.28 36.96
N ILE H 341 -0.74 -114.01 37.81
CA ILE H 341 -0.16 -115.02 38.69
C ILE H 341 -0.15 -114.46 40.11
N PHE H 342 -0.60 -115.27 41.06
CA PHE H 342 -0.73 -114.86 42.45
C PHE H 342 0.03 -115.81 43.36
N ASP H 343 0.84 -115.26 44.26
CA ASP H 343 1.53 -116.05 45.29
C ASP H 343 0.74 -115.97 46.59
N VAL H 344 -0.41 -116.65 46.61
CA VAL H 344 -1.34 -116.55 47.73
C VAL H 344 -0.84 -117.40 48.89
N GLU H 345 -1.01 -116.90 50.12
CA GLU H 345 -0.80 -117.72 51.31
C GLU H 345 -1.94 -117.39 52.27
N LEU H 346 -2.68 -118.41 52.68
CA LEU H 346 -3.77 -118.24 53.65
C LEU H 346 -3.18 -118.58 55.02
N LEU H 347 -2.67 -117.56 55.69
CA LEU H 347 -2.01 -117.76 56.98
C LEU H 347 -3.00 -118.20 58.06
N ASN H 348 -4.28 -117.85 57.93
CA ASN H 348 -5.25 -118.14 58.97
C ASN H 348 -6.64 -117.96 58.39
N LEU H 349 -7.60 -118.70 58.96
CA LEU H 349 -9.03 -118.47 58.75
C LEU H 349 -9.50 -117.79 60.03
N GLU H 350 -9.68 -116.47 59.97
CA GLU H 350 -9.90 -115.59 61.12
C GLU H 350 -8.82 -115.76 62.19
#